data_7RS5
#
_entry.id   7RS5
#
loop_
_entity.id
_entity.type
_entity.pdbx_description
1 polymer 'Tubulin alpha-1A chain'
2 polymer 'Tubulin beta chain'
3 polymer 'yeast kinesin-8/ Kip3'
4 non-polymer "GUANOSINE-5'-TRIPHOSPHATE"
5 non-polymer 'MAGNESIUM ION'
6 non-polymer "GUANOSINE-5'-DIPHOSPHATE"
7 non-polymer TAXOL
8 non-polymer 'PHOSPHOAMINOPHOSPHONIC ACID-ADENYLATE ESTER'
#
loop_
_entity_poly.entity_id
_entity_poly.type
_entity_poly.pdbx_seq_one_letter_code
_entity_poly.pdbx_strand_id
1 'polypeptide(L)'
;MRECISIHVGQAGVQIGNACWELYCLEHGIQPDGQMPSDKTIGGGDDSFNTFFSETGAGKHVPRAVFVDLEPTVIDEVRT
GTYRQLFHPEQLITGKEDAANNYARGHYTIGKEIIDLVLDRIRKLADQCTGLQGFSVFHSFGGGTGSGFTSLLMERLSVD
YGKKSKLEFSIYPAPQVSTAVVEPYNSILTTHTTLEHSDCAFMVDNEAIYDICRRNLDIERPTYTNLNRLIGQIVSSITA
SLRFDGALNVDLTEFQTNLVPYPRGHFPLATYAPVISAEKAYHEQLSVAEITNACFEPANQMVKCDPRHGKYMACCLLYR
GDVVPKDVNAAIATIKTKRTIQFVDWCPTGFKVGINYEPPTVVPGGDLAKVQRAVCMLSNTTAIAEAWARLDHKFDLMYA
KRAFVHWYVGEGMEEGEFSEAREDMAALEKDYEEVGVDSVEGEGEEEGEEY
;
A,C,E,G,I,L,N,P,R
2 'polypeptide(L)'
;MREIVHIQAGQCGNQIGAKFWEVISDEHGIDPTGSYHGDSDLQLERINVYYNEAAGNKYVPRAILVDLEPGTMDSVRSGP
FGQIFRPDNFVFGQSGAGNNWAKGHYTEGAELVDSVLDVVRKESESCDCLQGFQLTHSLGGGTGSGMGTLLISKIREEYP
DRIMNTFSVVPSPKVSDTVVEPYNATLSVHQLVENTDETYCIDNEALYDICFRTLKLTTPTYGDLNHLVSATMSGVTTCL
RFPGQLNADLRKLAVNMVPFPRLHFFMPGFAPLTSRGSQQYRALTVPELTQQMFDAKNMMAACDPRHGRYLTVAAVFRGR
MSMKEVDEQMLNVQNKNSSYFVEWIPNNVKTAVCDIPPRGLKMSATFIGNSTAIQELFKRISEQFTAMFRRKAFLHWYTG
EGMDEMEFTEAESNMNDLVSEYQQYQDATADEQGEFEEEGEEDEA
;
B,D,F,H,J,M,O,Q,S
3 'polypeptide(L)'
;MNVPETRQSSIVVAIRVRPFTSMEKTRLVIRKIVDCVDDRMLIFDPADRNSNATNKFSSQRRRHGGEIKFVFDKLFDETS
SQARVYKETTSPLLDSVLDGFNSTVFAYGATGCGKTYTVSGTPSQPGIIFLAMEELFNKITDLKDEKDFEISLSYLEIYN
ERIRDLLKPETPSKRLVIREDTQNHIKVANLSYHHPNTVEDVMDLVVQGNINRTTSPTEANEVSSRSHAVLQIHIMQTNK
LVDLTSQHTFATLSIIDLAGSERAAATRNRGIRLHEGANINRSLLALGNCINALCLNDGSRSCHIPYRDSKLTRLLKFSL
GGNCKTVMIVCISPSSSHYDETLNTLKYANRAKEI
;
K,a,b,c,d,e,f,g,h
#
# COMPACT_ATOMS: atom_id res chain seq x y z
N ARG A 2 23.17 -23.25 20.13
CA ARG A 2 22.83 -21.98 20.75
C ARG A 2 22.59 -20.88 19.70
N GLU A 3 22.32 -21.28 18.47
CA GLU A 3 22.23 -20.34 17.35
C GLU A 3 20.78 -20.02 16.99
N CYS A 4 20.56 -18.90 16.30
CA CYS A 4 19.20 -18.48 15.96
C CYS A 4 19.11 -17.84 14.57
N ILE A 5 17.89 -17.73 14.06
CA ILE A 5 17.64 -17.14 12.74
C ILE A 5 16.66 -15.98 12.80
N SER A 6 17.02 -14.86 12.19
CA SER A 6 16.18 -13.67 12.21
C SER A 6 15.39 -13.50 10.91
N ILE A 7 14.16 -13.02 11.01
CA ILE A 7 13.30 -12.85 9.84
C ILE A 7 12.68 -11.45 9.80
N HIS A 8 12.72 -10.84 8.62
CA HIS A 8 12.27 -9.45 8.46
C HIS A 8 11.29 -9.33 7.30
N VAL A 9 10.12 -8.70 7.55
CA VAL A 9 9.09 -8.59 6.52
C VAL A 9 8.58 -7.15 6.30
N GLY A 10 8.02 -6.90 5.10
CA GLY A 10 7.51 -5.57 4.71
C GLY A 10 8.65 -4.56 4.73
N GLN A 11 8.34 -3.36 5.19
CA GLN A 11 9.35 -2.32 5.37
C GLN A 11 9.80 -2.22 6.83
N ALA A 12 8.83 -2.27 7.74
CA ALA A 12 9.10 -2.11 9.17
C ALA A 12 10.05 -3.16 9.70
N GLY A 13 9.80 -4.41 9.33
CA GLY A 13 10.63 -5.50 9.81
C GLY A 13 12.05 -5.32 9.36
N VAL A 14 12.22 -4.80 8.15
CA VAL A 14 13.52 -4.59 7.57
C VAL A 14 14.24 -3.44 8.24
N GLN A 15 13.54 -2.33 8.42
CA GLN A 15 14.13 -1.15 9.04
C GLN A 15 14.54 -1.42 10.48
N ILE A 16 13.71 -2.16 11.20
CA ILE A 16 14.06 -2.59 12.53
C ILE A 16 15.27 -3.49 12.49
N GLY A 17 15.29 -4.39 11.53
CA GLY A 17 16.41 -5.29 11.33
C GLY A 17 17.70 -4.52 11.12
N ASN A 18 17.63 -3.43 10.36
CA ASN A 18 18.80 -2.63 10.11
C ASN A 18 19.43 -2.20 11.41
N ALA A 19 18.60 -1.71 12.33
CA ALA A 19 19.10 -1.30 13.64
C ALA A 19 19.69 -2.47 14.40
N CYS A 20 19.02 -3.62 14.35
CA CYS A 20 19.47 -4.81 15.08
C CYS A 20 20.83 -5.26 14.62
N TRP A 21 21.01 -5.35 13.31
CA TRP A 21 22.25 -5.88 12.76
C TRP A 21 23.37 -4.86 12.85
N GLU A 22 23.02 -3.57 12.89
CA GLU A 22 24.00 -2.55 13.22
C GLU A 22 24.53 -2.77 14.63
N LEU A 23 23.63 -3.04 15.57
CA LEU A 23 24.03 -3.27 16.96
C LEU A 23 24.93 -4.48 17.09
N TYR A 24 24.55 -5.56 16.42
CA TYR A 24 25.30 -6.79 16.52
C TYR A 24 26.70 -6.60 15.97
N CYS A 25 26.80 -5.84 14.87
CA CYS A 25 28.10 -5.49 14.32
C CYS A 25 28.92 -4.70 15.32
N LEU A 26 28.30 -3.71 15.95
CA LEU A 26 28.97 -2.90 16.95
C LEU A 26 29.47 -3.75 18.10
N GLU A 27 28.65 -4.71 18.51
CA GLU A 27 28.96 -5.57 19.63
C GLU A 27 30.12 -6.49 19.35
N HIS A 28 30.20 -7.00 18.14
CA HIS A 28 31.21 -7.98 17.80
C HIS A 28 32.36 -7.37 17.00
N GLY A 29 32.25 -6.08 16.68
CA GLY A 29 33.31 -5.38 15.96
C GLY A 29 33.28 -5.71 14.47
N ILE A 30 32.15 -6.21 14.00
CA ILE A 30 32.01 -6.66 12.63
C ILE A 30 31.78 -5.51 11.67
N GLN A 31 32.51 -5.51 10.59
CA GLN A 31 32.48 -4.43 9.62
C GLN A 31 31.32 -4.57 8.66
N PRO A 32 31.10 -3.54 7.84
CA PRO A 32 29.99 -3.47 6.91
C PRO A 32 30.07 -4.51 5.79
N ASP A 33 31.26 -5.04 5.56
CA ASP A 33 31.42 -6.12 4.60
C ASP A 33 31.49 -7.49 5.28
N GLY A 34 31.14 -7.53 6.57
CA GLY A 34 31.11 -8.79 7.32
C GLY A 34 32.43 -9.10 8.01
N GLN A 35 33.49 -8.37 7.65
CA GLN A 35 34.81 -8.67 8.16
C GLN A 35 34.89 -8.43 9.65
N MET A 36 35.40 -9.41 10.39
CA MET A 36 35.72 -9.19 11.78
C MET A 36 37.20 -8.92 11.96
N PRO A 37 37.53 -7.84 12.66
CA PRO A 37 38.93 -7.58 13.05
C PRO A 37 39.09 -7.57 14.56
N PHE A 49 29.45 -15.07 18.77
CA PHE A 49 28.96 -14.27 17.64
C PHE A 49 28.35 -15.17 16.58
N ASN A 50 28.69 -16.45 16.63
CA ASN A 50 28.29 -17.41 15.61
C ASN A 50 26.80 -17.71 15.63
N THR A 51 26.11 -17.20 16.64
CA THR A 51 24.68 -17.41 16.78
C THR A 51 23.90 -16.40 15.95
N PHE A 52 24.59 -15.37 15.49
CA PHE A 52 24.00 -14.39 14.59
C PHE A 52 24.71 -14.37 13.26
N PHE A 53 26.00 -14.67 13.27
CA PHE A 53 26.77 -14.62 12.05
C PHE A 53 27.36 -15.98 11.70
N SER A 54 27.04 -16.47 10.52
CA SER A 54 27.63 -17.69 10.04
C SER A 54 29.12 -17.51 9.83
N GLU A 55 29.90 -18.43 10.35
CA GLU A 55 31.34 -18.32 10.29
C GLU A 55 31.84 -18.40 8.86
N THR A 56 32.66 -17.42 8.47
CA THR A 56 33.26 -17.38 7.15
C THR A 56 34.77 -17.48 7.26
N GLY A 57 35.36 -18.35 6.44
CA GLY A 57 36.80 -18.62 6.48
C GLY A 57 37.64 -17.38 6.16
N ALA A 58 37.11 -16.50 5.33
CA ALA A 58 37.77 -15.24 4.98
C ALA A 58 37.67 -14.22 6.11
N GLY A 59 36.82 -14.49 7.11
CA GLY A 59 36.61 -13.57 8.21
C GLY A 59 35.33 -12.75 8.03
N LYS A 60 34.74 -12.87 6.85
CA LYS A 60 33.55 -12.09 6.52
C LYS A 60 32.29 -12.79 6.95
N HIS A 61 32.02 -12.73 8.25
CA HIS A 61 30.90 -13.47 8.83
C HIS A 61 29.57 -12.85 8.41
N VAL A 62 28.61 -13.71 8.08
CA VAL A 62 27.38 -13.24 7.44
C VAL A 62 26.15 -13.52 8.30
N PRO A 63 25.22 -12.57 8.35
CA PRO A 63 24.04 -12.59 9.20
C PRO A 63 23.12 -13.74 8.89
N ARG A 64 22.65 -14.40 9.93
CA ARG A 64 21.66 -15.44 9.79
C ARG A 64 20.27 -14.82 9.71
N ALA A 65 19.91 -14.30 8.54
CA ALA A 65 18.69 -13.52 8.41
C ALA A 65 18.00 -13.73 7.08
N VAL A 66 16.68 -13.62 7.09
CA VAL A 66 15.88 -13.64 5.88
C VAL A 66 15.10 -12.34 5.74
N PHE A 67 15.30 -11.65 4.63
CA PHE A 67 14.60 -10.40 4.38
C PHE A 67 13.56 -10.57 3.30
N VAL A 68 12.34 -10.19 3.61
CA VAL A 68 11.23 -10.30 2.66
C VAL A 68 10.51 -8.99 2.45
N ASP A 69 10.38 -8.58 1.20
CA ASP A 69 9.49 -7.48 0.86
C ASP A 69 8.96 -7.61 -0.56
N LEU A 70 7.65 -7.65 -0.68
CA LEU A 70 6.98 -7.88 -1.94
C LEU A 70 7.15 -6.70 -2.92
N GLU A 71 7.65 -5.58 -2.41
CA GLU A 71 8.14 -4.49 -3.25
C GLU A 71 9.53 -4.07 -2.81
N PRO A 72 10.54 -4.49 -3.55
CA PRO A 72 11.96 -4.48 -3.16
C PRO A 72 12.45 -3.16 -2.55
N THR A 73 11.80 -2.05 -2.87
CA THR A 73 12.11 -0.72 -2.33
C THR A 73 13.02 -0.73 -1.08
N VAL A 74 12.49 -1.08 0.09
CA VAL A 74 13.29 -1.02 1.32
C VAL A 74 14.49 -1.96 1.27
N ILE A 75 14.35 -3.05 0.55
CA ILE A 75 15.45 -3.97 0.38
C ILE A 75 16.48 -3.40 -0.55
N ASP A 76 16.02 -2.65 -1.54
CA ASP A 76 16.91 -1.95 -2.44
C ASP A 76 17.73 -0.91 -1.68
N GLU A 77 17.11 -0.30 -0.68
CA GLU A 77 17.83 0.60 0.20
C GLU A 77 18.97 -0.13 0.89
N VAL A 78 18.70 -1.36 1.33
CA VAL A 78 19.72 -2.21 1.91
C VAL A 78 20.75 -2.63 0.87
N ARG A 79 20.28 -2.99 -0.32
CA ARG A 79 21.14 -3.47 -1.39
C ARG A 79 22.09 -2.39 -1.87
N THR A 80 21.66 -1.14 -1.79
CA THR A 80 22.48 -0.04 -2.28
C THR A 80 23.16 0.71 -1.15
N GLY A 81 22.64 0.57 0.07
CA GLY A 81 23.19 1.29 1.20
C GLY A 81 24.26 0.48 1.91
N THR A 82 24.63 0.94 3.10
CA THR A 82 25.64 0.29 3.91
C THR A 82 25.13 -1.06 4.40
N TYR A 83 26.03 -2.03 4.49
CA TYR A 83 25.71 -3.40 4.88
C TYR A 83 25.10 -4.21 3.74
N ARG A 84 25.16 -3.66 2.52
CA ARG A 84 24.89 -4.46 1.35
C ARG A 84 25.97 -5.52 1.19
N GLN A 85 27.16 -5.21 1.71
CA GLN A 85 28.26 -6.15 1.68
C GLN A 85 28.19 -7.12 2.84
N LEU A 86 27.53 -6.72 3.91
CA LEU A 86 27.32 -7.58 5.07
C LEU A 86 26.41 -8.75 4.77
N PHE A 87 25.23 -8.42 4.25
CA PHE A 87 24.21 -9.44 4.03
C PHE A 87 24.48 -10.23 2.76
N HIS A 88 24.07 -11.49 2.76
CA HIS A 88 24.19 -12.31 1.56
C HIS A 88 23.05 -11.99 0.61
N PRO A 89 23.33 -11.96 -0.69
CA PRO A 89 22.36 -11.59 -1.69
C PRO A 89 21.20 -12.57 -1.75
N GLU A 90 21.47 -13.82 -1.42
CA GLU A 90 20.45 -14.87 -1.41
C GLU A 90 19.37 -14.61 -0.37
N GLN A 91 19.71 -13.81 0.65
CA GLN A 91 18.83 -13.56 1.76
C GLN A 91 17.84 -12.45 1.47
N LEU A 92 18.16 -11.65 0.47
CA LEU A 92 17.38 -10.46 0.18
C LEU A 92 16.24 -10.77 -0.77
N ILE A 93 15.20 -11.42 -0.24
CA ILE A 93 14.08 -11.88 -1.04
C ILE A 93 13.09 -10.76 -1.30
N THR A 94 12.78 -10.54 -2.56
CA THR A 94 11.83 -9.52 -2.92
C THR A 94 10.80 -9.99 -3.93
N GLY A 95 9.68 -9.30 -3.98
CA GLY A 95 8.64 -9.58 -4.96
C GLY A 95 8.64 -8.53 -6.06
N LYS A 96 7.52 -8.42 -6.76
CA LYS A 96 7.35 -7.41 -7.80
C LYS A 96 6.22 -6.46 -7.45
N GLU A 97 5.09 -7.03 -7.06
CA GLU A 97 3.92 -6.26 -6.65
C GLU A 97 3.68 -6.42 -5.16
N ASP A 98 3.47 -5.30 -4.47
CA ASP A 98 3.31 -5.31 -3.02
C ASP A 98 1.91 -5.79 -2.61
N ALA A 99 1.78 -6.20 -1.35
CA ALA A 99 0.49 -6.62 -0.80
C ALA A 99 -0.42 -5.43 -0.59
N ALA A 100 0.18 -4.28 -0.32
CA ALA A 100 -0.54 -3.02 -0.19
C ALA A 100 -1.55 -3.01 0.94
N ASN A 101 -1.08 -3.27 2.17
CA ASN A 101 -1.92 -3.13 3.35
C ASN A 101 -3.12 -4.06 3.30
N ASN A 102 -2.92 -5.23 2.71
CA ASN A 102 -3.99 -6.19 2.61
C ASN A 102 -3.53 -7.54 3.07
N TYR A 103 -3.91 -7.89 4.30
CA TYR A 103 -3.53 -9.16 4.90
C TYR A 103 -3.81 -10.31 3.96
N ALA A 104 -4.94 -10.26 3.26
CA ALA A 104 -5.37 -11.39 2.46
C ALA A 104 -4.44 -11.60 1.27
N ARG A 105 -4.00 -10.51 0.66
CA ARG A 105 -3.07 -10.58 -0.47
C ARG A 105 -1.70 -11.05 -0.04
N GLY A 106 -1.26 -10.57 1.12
CA GLY A 106 0.00 -11.00 1.69
C GLY A 106 -0.08 -12.46 2.12
N HIS A 107 -1.25 -12.86 2.61
CA HIS A 107 -1.48 -14.24 3.03
C HIS A 107 -1.56 -15.17 1.84
N TYR A 108 -2.13 -14.70 0.74
CA TYR A 108 -2.41 -15.61 -0.36
C TYR A 108 -1.77 -15.17 -1.69
N THR A 109 -2.54 -14.47 -2.53
CA THR A 109 -2.16 -14.29 -3.94
C THR A 109 -0.73 -13.85 -4.14
N ILE A 110 -0.27 -12.87 -3.38
CA ILE A 110 1.03 -12.32 -3.62
C ILE A 110 2.10 -13.07 -2.84
N GLY A 111 1.88 -13.21 -1.53
CA GLY A 111 2.87 -13.82 -0.63
C GLY A 111 3.22 -15.25 -1.02
N LYS A 112 2.21 -16.03 -1.43
CA LYS A 112 2.41 -17.44 -1.73
C LYS A 112 3.33 -17.67 -2.92
N GLU A 113 3.59 -16.61 -3.69
CA GLU A 113 4.43 -16.75 -4.86
C GLU A 113 5.91 -16.79 -4.50
N ILE A 114 6.26 -16.33 -3.30
CA ILE A 114 7.65 -16.33 -2.89
C ILE A 114 7.87 -17.18 -1.66
N ILE A 115 6.79 -17.59 -0.99
CA ILE A 115 6.92 -18.34 0.25
C ILE A 115 7.75 -19.61 0.07
N ASP A 116 7.69 -20.21 -1.12
CA ASP A 116 8.48 -21.39 -1.40
C ASP A 116 9.96 -21.08 -1.33
N LEU A 117 10.36 -19.99 -1.97
CA LEU A 117 11.73 -19.51 -1.92
C LEU A 117 12.15 -19.19 -0.49
N VAL A 118 11.27 -18.52 0.23
CA VAL A 118 11.55 -18.12 1.59
C VAL A 118 11.84 -19.32 2.47
N LEU A 119 11.01 -20.34 2.37
CA LEU A 119 11.18 -21.55 3.15
C LEU A 119 12.45 -22.28 2.75
N ASP A 120 12.78 -22.24 1.46
CA ASP A 120 14.00 -22.87 0.98
C ASP A 120 15.23 -22.18 1.54
N ARG A 121 15.19 -20.86 1.61
CA ARG A 121 16.31 -20.11 2.18
C ARG A 121 16.44 -20.38 3.66
N ILE A 122 15.29 -20.48 4.35
CA ILE A 122 15.29 -20.85 5.75
C ILE A 122 15.88 -22.21 5.97
N ARG A 123 15.48 -23.17 5.13
CA ARG A 123 15.99 -24.53 5.22
C ARG A 123 17.49 -24.57 5.10
N LYS A 124 18.03 -23.84 4.14
CA LYS A 124 19.47 -23.74 3.99
C LYS A 124 20.13 -23.24 5.26
N LEU A 125 19.58 -22.18 5.83
CA LEU A 125 20.11 -21.63 7.07
C LEU A 125 20.02 -22.64 8.19
N ALA A 126 18.90 -23.35 8.26
CA ALA A 126 18.68 -24.35 9.31
C ALA A 126 19.59 -25.56 9.12
N ASP A 127 19.91 -25.88 7.88
CA ASP A 127 20.83 -26.96 7.60
C ASP A 127 22.26 -26.58 7.96
N GLN A 128 22.59 -25.30 7.78
CA GLN A 128 23.89 -24.78 8.20
C GLN A 128 23.97 -24.73 9.71
N CYS A 129 22.88 -24.32 10.35
CA CYS A 129 22.82 -24.16 11.79
C CYS A 129 22.82 -25.50 12.51
N THR A 130 23.78 -25.68 13.42
CA THR A 130 23.81 -26.85 14.27
C THR A 130 22.75 -26.78 15.37
N GLY A 131 23.10 -26.16 16.49
CA GLY A 131 22.21 -26.06 17.63
C GLY A 131 21.20 -24.93 17.47
N LEU A 132 20.24 -25.10 16.58
CA LEU A 132 19.20 -24.10 16.40
C LEU A 132 18.29 -24.02 17.61
N GLN A 133 18.23 -22.84 18.21
CA GLN A 133 17.32 -22.61 19.32
C GLN A 133 15.95 -22.18 18.83
N GLY A 134 15.92 -21.27 17.87
CA GLY A 134 14.66 -20.75 17.39
C GLY A 134 14.83 -19.56 16.44
N PHE A 135 13.73 -18.86 16.22
CA PHE A 135 13.66 -17.78 15.25
C PHE A 135 13.22 -16.47 15.90
N SER A 136 13.54 -15.37 15.24
CA SER A 136 13.13 -14.05 15.72
C SER A 136 12.55 -13.23 14.58
N VAL A 137 11.22 -13.11 14.57
CA VAL A 137 10.50 -12.47 13.47
C VAL A 137 10.19 -11.01 13.77
N PHE A 138 10.52 -10.15 12.83
CA PHE A 138 10.21 -8.72 12.97
C PHE A 138 9.17 -8.29 11.97
N HIS A 139 8.01 -7.90 12.47
CA HIS A 139 6.89 -7.59 11.60
C HIS A 139 5.98 -6.55 12.21
N SER A 140 5.00 -6.11 11.44
CA SER A 140 3.99 -5.19 11.92
C SER A 140 2.62 -5.83 11.91
N PHE A 141 1.60 -5.02 12.11
CA PHE A 141 0.22 -5.46 11.92
C PHE A 141 -0.45 -4.62 10.85
N GLY A 142 0.19 -3.51 10.48
CA GLY A 142 -0.39 -2.55 9.55
C GLY A 142 -0.40 -3.09 8.12
N GLY A 143 0.78 -3.34 7.58
CA GLY A 143 0.89 -3.74 6.20
C GLY A 143 0.52 -5.20 6.02
N GLY A 144 0.13 -5.56 4.81
CA GLY A 144 -0.23 -6.94 4.50
C GLY A 144 1.02 -7.78 4.28
N THR A 145 2.06 -7.13 3.76
CA THR A 145 3.34 -7.79 3.53
C THR A 145 4.01 -8.15 4.83
N GLY A 146 3.66 -7.43 5.88
CA GLY A 146 4.11 -7.80 7.20
C GLY A 146 3.11 -8.75 7.84
N SER A 147 1.87 -8.30 7.96
CA SER A 147 0.83 -9.03 8.67
C SER A 147 0.45 -10.34 7.98
N GLY A 148 0.01 -10.24 6.74
CA GLY A 148 -0.50 -11.38 5.99
C GLY A 148 0.59 -12.37 5.66
N PHE A 149 1.70 -11.87 5.15
CA PHE A 149 2.80 -12.74 4.80
C PHE A 149 3.33 -13.47 6.02
N THR A 150 3.48 -12.77 7.13
CA THR A 150 3.96 -13.41 8.34
C THR A 150 3.03 -14.53 8.75
N SER A 151 1.73 -14.29 8.66
CA SER A 151 0.76 -15.33 8.97
C SER A 151 1.01 -16.59 8.14
N LEU A 152 1.21 -16.40 6.85
CA LEU A 152 1.55 -17.50 5.96
C LEU A 152 2.83 -18.20 6.39
N LEU A 153 3.88 -17.41 6.58
CA LEU A 153 5.20 -17.95 6.89
C LEU A 153 5.22 -18.68 8.21
N MET A 154 4.60 -18.12 9.24
CA MET A 154 4.62 -18.73 10.55
C MET A 154 3.94 -20.08 10.55
N GLU A 155 2.85 -20.20 9.80
CA GLU A 155 2.21 -21.48 9.65
C GLU A 155 3.15 -22.50 9.02
N ARG A 156 3.80 -22.09 7.93
CA ARG A 156 4.71 -22.99 7.21
C ARG A 156 5.92 -23.36 8.07
N LEU A 157 6.45 -22.36 8.77
CA LEU A 157 7.64 -22.54 9.58
C LEU A 157 7.33 -23.44 10.77
N SER A 158 6.14 -23.26 11.33
CA SER A 158 5.66 -24.07 12.45
C SER A 158 5.60 -25.54 12.08
N VAL A 159 5.13 -25.83 10.87
CA VAL A 159 5.10 -27.20 10.38
C VAL A 159 6.49 -27.79 10.28
N ASP A 160 7.43 -27.05 9.71
CA ASP A 160 8.77 -27.56 9.51
C ASP A 160 9.55 -27.69 10.82
N TYR A 161 9.39 -26.72 11.71
CA TYR A 161 10.15 -26.71 12.95
C TYR A 161 9.25 -26.60 14.17
N GLY A 162 8.48 -27.65 14.42
CA GLY A 162 7.58 -27.69 15.57
C GLY A 162 8.34 -27.70 16.89
N LYS A 163 9.61 -28.07 16.85
CA LYS A 163 10.42 -28.17 18.05
C LYS A 163 11.30 -26.94 18.31
N LYS A 164 11.19 -25.92 17.45
CA LYS A 164 12.03 -24.75 17.60
C LYS A 164 11.24 -23.54 18.07
N SER A 165 11.89 -22.70 18.87
CA SER A 165 11.22 -21.55 19.48
C SER A 165 10.97 -20.44 18.46
N LYS A 166 9.76 -19.94 18.43
CA LYS A 166 9.41 -18.88 17.50
C LYS A 166 9.04 -17.59 18.22
N LEU A 167 9.96 -16.62 18.19
CA LEU A 167 9.72 -15.31 18.76
C LEU A 167 9.16 -14.36 17.73
N GLU A 168 8.18 -13.57 18.11
CA GLU A 168 7.63 -12.57 17.21
C GLU A 168 7.67 -11.20 17.84
N PHE A 169 8.43 -10.30 17.24
CA PHE A 169 8.49 -8.93 17.68
C PHE A 169 7.67 -8.06 16.77
N SER A 170 6.50 -7.67 17.24
CA SER A 170 5.53 -7.02 16.39
C SER A 170 5.34 -5.56 16.76
N ILE A 171 5.04 -4.74 15.76
CA ILE A 171 4.69 -3.36 16.00
C ILE A 171 3.18 -3.21 16.13
N TYR A 172 2.74 -3.06 17.36
CA TYR A 172 1.33 -3.04 17.71
C TYR A 172 0.63 -1.80 17.13
N PRO A 173 -0.40 -2.01 16.28
CA PRO A 173 -1.32 -0.94 15.89
C PRO A 173 -1.65 -0.05 17.08
N ALA A 174 -1.02 1.12 17.13
CA ALA A 174 -1.17 2.01 18.27
C ALA A 174 -2.62 2.47 18.43
N PRO A 175 -3.06 2.63 19.67
CA PRO A 175 -4.44 3.00 19.96
C PRO A 175 -4.73 4.46 19.65
N GLN A 176 -3.76 5.33 19.87
CA GLN A 176 -3.98 6.74 19.67
C GLN A 176 -3.90 7.14 18.21
N VAL A 177 -2.85 6.70 17.53
CA VAL A 177 -2.58 7.17 16.17
C VAL A 177 -2.01 6.07 15.30
N SER A 178 -2.32 6.10 14.02
CA SER A 178 -1.79 5.13 13.10
C SER A 178 -1.58 5.76 11.73
N THR A 179 -1.20 4.96 10.74
CA THR A 179 -0.88 5.52 9.43
C THR A 179 -1.74 4.92 8.33
N ALA A 180 -2.29 3.73 8.57
CA ALA A 180 -3.23 3.13 7.64
C ALA A 180 -4.59 3.00 8.30
N VAL A 181 -5.64 2.97 7.50
CA VAL A 181 -6.98 3.00 8.06
C VAL A 181 -7.58 1.61 8.12
N VAL A 182 -6.92 0.64 7.50
CA VAL A 182 -7.40 -0.74 7.49
C VAL A 182 -6.55 -1.62 8.39
N GLU A 183 -5.88 -1.01 9.35
CA GLU A 183 -5.02 -1.74 10.27
C GLU A 183 -5.80 -2.74 11.13
N PRO A 184 -6.84 -2.31 11.88
CA PRO A 184 -7.75 -3.17 12.65
C PRO A 184 -7.97 -4.53 11.99
N TYR A 185 -8.25 -4.52 10.69
CA TYR A 185 -8.49 -5.75 9.95
C TYR A 185 -7.25 -6.62 9.91
N ASN A 186 -6.13 -6.04 9.50
CA ASN A 186 -4.91 -6.80 9.35
C ASN A 186 -4.42 -7.31 10.71
N SER A 187 -4.63 -6.49 11.74
CA SER A 187 -4.24 -6.84 13.09
C SER A 187 -5.04 -8.02 13.63
N ILE A 188 -6.35 -7.97 13.46
CA ILE A 188 -7.21 -8.99 14.05
C ILE A 188 -7.05 -10.32 13.32
N LEU A 189 -6.75 -10.25 12.03
CA LEU A 189 -6.51 -11.45 11.25
C LEU A 189 -5.18 -12.10 11.65
N THR A 190 -4.20 -11.28 11.99
CA THR A 190 -2.92 -11.80 12.42
C THR A 190 -3.03 -12.55 13.74
N THR A 191 -3.81 -11.99 14.66
CA THR A 191 -3.89 -12.48 16.03
C THR A 191 -4.08 -13.99 16.14
N HIS A 192 -5.00 -14.54 15.36
CA HIS A 192 -5.32 -15.96 15.49
C HIS A 192 -4.25 -16.87 14.90
N THR A 193 -3.29 -16.29 14.19
CA THR A 193 -2.14 -17.06 13.71
C THR A 193 -1.02 -17.00 14.73
N THR A 194 -0.71 -15.80 15.20
CA THR A 194 0.34 -15.62 16.21
C THR A 194 0.03 -16.39 17.47
N LEU A 195 -1.18 -16.23 17.97
CA LEU A 195 -1.60 -16.94 19.17
C LEU A 195 -1.52 -18.46 18.97
N GLU A 196 -1.76 -18.91 17.76
CA GLU A 196 -1.73 -20.33 17.42
C GLU A 196 -0.31 -20.88 17.30
N HIS A 197 0.54 -20.19 16.55
CA HIS A 197 1.81 -20.78 16.12
C HIS A 197 3.03 -20.24 16.87
N SER A 198 2.94 -19.03 17.42
CA SER A 198 4.10 -18.43 18.07
C SER A 198 4.37 -19.06 19.43
N ASP A 199 5.60 -18.95 19.89
CA ASP A 199 5.96 -19.39 21.23
C ASP A 199 6.03 -18.22 22.19
N CYS A 200 6.39 -17.05 21.67
CA CYS A 200 6.38 -15.85 22.47
C CYS A 200 6.34 -14.60 21.60
N ALA A 201 5.35 -13.74 21.85
CA ALA A 201 5.17 -12.55 21.05
C ALA A 201 5.36 -11.29 21.87
N PHE A 202 5.86 -10.25 21.22
CA PHE A 202 6.02 -8.95 21.84
C PHE A 202 5.24 -7.91 21.08
N MET A 203 4.60 -7.00 21.80
CA MET A 203 3.81 -5.95 21.17
C MET A 203 4.35 -4.58 21.53
N VAL A 204 4.70 -3.81 20.52
CA VAL A 204 5.33 -2.52 20.75
C VAL A 204 4.55 -1.38 20.10
N ASP A 205 4.31 -0.33 20.86
CA ASP A 205 3.57 0.82 20.34
C ASP A 205 4.50 1.97 20.01
N ASN A 206 4.52 2.35 18.73
CA ASN A 206 5.37 3.45 18.26
C ASN A 206 5.13 4.73 19.04
N GLU A 207 3.88 4.96 19.39
CA GLU A 207 3.47 6.18 20.04
C GLU A 207 3.98 6.22 21.46
N ALA A 208 3.94 5.06 22.12
CA ALA A 208 4.52 4.96 23.45
C ALA A 208 6.01 5.24 23.39
N ILE A 209 6.66 4.81 22.32
CA ILE A 209 8.08 5.07 22.19
C ILE A 209 8.36 6.53 21.94
N TYR A 210 7.60 7.14 21.04
CA TYR A 210 7.78 8.54 20.75
C TYR A 210 7.64 9.36 22.02
N ASP A 211 6.68 8.96 22.84
CA ASP A 211 6.49 9.57 24.14
C ASP A 211 7.71 9.40 25.05
N ILE A 212 8.29 8.20 25.03
CA ILE A 212 9.53 7.94 25.78
C ILE A 212 10.68 8.80 25.27
N CYS A 213 10.78 8.96 23.96
CA CYS A 213 11.80 9.81 23.37
C CYS A 213 11.66 11.24 23.86
N ARG A 214 10.43 11.74 23.91
CA ARG A 214 10.15 13.07 24.41
C ARG A 214 10.52 13.25 25.88
N ARG A 215 10.10 12.30 26.71
CA ARG A 215 10.25 12.44 28.16
C ARG A 215 11.64 12.09 28.67
N ASN A 216 12.19 11.00 28.18
CA ASN A 216 13.44 10.50 28.72
C ASN A 216 14.64 10.96 27.91
N LEU A 217 14.56 10.82 26.59
CA LEU A 217 15.65 11.25 25.72
C LEU A 217 15.57 12.74 25.40
N ASP A 218 14.48 13.38 25.80
CA ASP A 218 14.29 14.81 25.58
C ASP A 218 14.29 15.18 24.10
N ILE A 219 13.56 14.40 23.31
CA ILE A 219 13.52 14.62 21.87
C ILE A 219 12.17 15.15 21.42
N GLU A 220 12.17 16.37 20.87
CA GLU A 220 10.94 17.00 20.39
C GLU A 220 10.53 16.48 19.02
N ARG A 221 11.49 15.96 18.28
CA ARG A 221 11.24 15.49 16.92
C ARG A 221 11.83 14.10 16.71
N PRO A 222 11.04 13.07 17.01
CA PRO A 222 11.54 11.69 16.93
C PRO A 222 11.02 11.00 15.70
N THR A 223 11.80 10.07 15.20
CA THR A 223 11.49 9.36 13.97
C THR A 223 11.79 7.89 14.10
N TYR A 224 11.57 7.16 13.01
CA TYR A 224 11.71 5.72 13.01
C TYR A 224 13.13 5.28 13.28
N THR A 225 14.09 6.07 12.82
CA THR A 225 15.50 5.75 13.04
C THR A 225 15.81 5.52 14.51
N ASN A 226 15.52 6.50 15.34
CA ASN A 226 15.81 6.41 16.76
C ASN A 226 14.87 5.45 17.45
N LEU A 227 13.63 5.45 17.02
CA LEU A 227 12.62 4.55 17.55
C LEU A 227 13.04 3.10 17.39
N ASN A 228 13.51 2.76 16.19
CA ASN A 228 13.94 1.40 15.90
C ASN A 228 15.16 1.02 16.71
N ARG A 229 16.08 1.97 16.88
CA ARG A 229 17.29 1.71 17.65
C ARG A 229 16.97 1.29 19.06
N LEU A 230 15.97 1.92 19.67
CA LEU A 230 15.54 1.52 21.00
C LEU A 230 15.00 0.10 21.01
N ILE A 231 14.16 -0.22 20.04
CA ILE A 231 13.59 -1.56 19.94
C ILE A 231 14.68 -2.60 19.76
N GLY A 232 15.63 -2.32 18.88
CA GLY A 232 16.73 -3.22 18.63
C GLY A 232 17.57 -3.42 19.88
N GLN A 233 17.77 -2.34 20.64
CA GLN A 233 18.55 -2.41 21.85
C GLN A 233 17.93 -3.36 22.86
N ILE A 234 16.60 -3.36 22.91
CA ILE A 234 15.89 -4.29 23.76
C ILE A 234 16.15 -5.73 23.34
N VAL A 235 16.07 -5.99 22.04
CA VAL A 235 16.26 -7.33 21.52
C VAL A 235 17.67 -7.83 21.82
N SER A 236 18.65 -6.95 21.69
CA SER A 236 20.01 -7.29 22.06
C SER A 236 20.11 -7.77 23.50
N SER A 237 19.46 -7.05 24.40
CA SER A 237 19.45 -7.45 25.80
C SER A 237 18.70 -8.76 26.04
N ILE A 238 17.66 -9.01 25.25
CA ILE A 238 16.93 -10.26 25.36
C ILE A 238 17.74 -11.45 24.90
N THR A 239 18.42 -11.30 23.78
CA THR A 239 19.03 -12.42 23.09
C THR A 239 20.54 -12.39 23.16
N ALA A 240 21.14 -11.50 22.38
CA ALA A 240 22.59 -11.41 22.26
C ALA A 240 23.25 -11.38 23.63
N SER A 241 22.63 -10.69 24.58
CA SER A 241 23.13 -10.62 25.94
C SER A 241 23.51 -11.99 26.48
N LEU A 242 22.65 -12.96 26.24
CA LEU A 242 22.84 -14.31 26.73
C LEU A 242 24.09 -14.92 26.12
N ARG A 243 24.34 -14.56 24.88
CA ARG A 243 25.44 -15.13 24.12
C ARG A 243 26.78 -14.50 24.42
N PHE A 244 26.85 -13.63 25.41
CA PHE A 244 28.12 -13.08 25.84
C PHE A 244 28.63 -13.73 27.11
N ASP A 245 27.87 -14.66 27.66
CA ASP A 245 28.27 -15.39 28.87
C ASP A 245 28.26 -14.51 30.11
N GLY A 246 27.12 -14.48 30.79
CA GLY A 246 26.97 -13.70 32.01
C GLY A 246 26.91 -14.60 33.24
N ALA A 247 26.56 -14.00 34.38
CA ALA A 247 26.42 -14.76 35.61
C ALA A 247 25.23 -15.68 35.55
N LEU A 248 24.14 -15.19 34.97
CA LEU A 248 22.93 -15.99 34.86
C LEU A 248 22.45 -16.03 33.42
N ASN A 249 22.88 -17.05 32.69
CA ASN A 249 22.55 -17.17 31.27
C ASN A 249 21.20 -17.81 31.08
N VAL A 250 20.15 -17.02 31.25
CA VAL A 250 18.80 -17.53 31.12
C VAL A 250 18.47 -17.87 29.68
N ASP A 251 18.20 -19.14 29.41
CA ASP A 251 17.93 -19.59 28.05
C ASP A 251 16.64 -18.99 27.51
N LEU A 252 16.50 -18.97 26.19
CA LEU A 252 15.29 -18.49 25.54
C LEU A 252 14.10 -19.35 25.90
N THR A 253 14.32 -20.65 26.07
CA THR A 253 13.26 -21.55 26.48
C THR A 253 13.08 -21.48 27.97
N GLU A 254 14.13 -21.06 28.68
CA GLU A 254 14.07 -20.82 30.11
C GLU A 254 13.21 -19.59 30.40
N PHE A 255 13.27 -18.60 29.51
CA PHE A 255 12.36 -17.47 29.57
C PHE A 255 10.94 -17.97 29.54
N GLN A 256 10.66 -18.83 28.58
CA GLN A 256 9.33 -19.38 28.41
C GLN A 256 8.91 -20.22 29.60
N THR A 257 9.85 -20.99 30.14
CA THR A 257 9.59 -21.79 31.33
C THR A 257 9.00 -20.95 32.45
N ASN A 258 9.58 -19.78 32.69
CA ASN A 258 9.20 -18.98 33.83
C ASN A 258 8.19 -17.88 33.50
N LEU A 259 8.25 -17.36 32.29
CA LEU A 259 7.36 -16.28 31.90
C LEU A 259 5.97 -16.77 31.56
N VAL A 260 5.87 -17.96 30.99
CA VAL A 260 4.60 -18.46 30.51
C VAL A 260 4.04 -19.56 31.42
N PRO A 261 2.85 -19.34 31.99
CA PRO A 261 2.23 -20.28 32.95
C PRO A 261 1.25 -21.21 32.27
N TYR A 262 0.77 -20.80 31.10
CA TYR A 262 -0.24 -21.56 30.40
C TYR A 262 0.21 -21.91 28.99
N PRO A 263 -0.65 -22.59 28.25
CA PRO A 263 -0.43 -22.85 26.84
C PRO A 263 -0.55 -21.58 26.01
N ARG A 264 -1.28 -20.60 26.54
CA ARG A 264 -1.37 -19.29 25.93
C ARG A 264 -0.84 -18.20 26.85
N GLY A 265 -1.11 -16.95 26.52
CA GLY A 265 -0.61 -15.83 27.31
C GLY A 265 0.80 -15.44 26.87
N HIS A 266 1.06 -15.54 25.58
CA HIS A 266 2.40 -15.33 25.03
C HIS A 266 2.65 -13.88 24.69
N PHE A 267 2.37 -12.99 25.64
CA PHE A 267 2.44 -11.56 25.35
C PHE A 267 3.12 -10.78 26.46
N PRO A 268 4.45 -10.83 26.51
CA PRO A 268 5.27 -10.08 27.44
C PRO A 268 5.58 -8.70 26.91
N LEU A 269 5.68 -7.75 27.81
CA LEU A 269 6.07 -6.41 27.45
C LEU A 269 7.54 -6.23 27.72
N ALA A 270 8.23 -5.63 26.78
CA ALA A 270 9.68 -5.51 26.88
C ALA A 270 10.07 -4.06 27.06
N THR A 271 10.60 -3.73 28.24
CA THR A 271 10.96 -2.35 28.54
C THR A 271 12.45 -2.19 28.72
N TYR A 272 12.91 -0.96 28.60
CA TYR A 272 14.32 -0.64 28.79
C TYR A 272 14.44 0.58 29.68
N ALA A 273 15.06 0.42 30.83
CA ALA A 273 14.98 1.41 31.88
C ALA A 273 16.22 2.32 32.02
N PRO A 274 17.21 2.15 31.17
CA PRO A 274 18.33 3.11 31.15
C PRO A 274 18.20 4.16 30.07
N VAL A 275 16.98 4.43 29.63
CA VAL A 275 16.79 5.44 28.60
C VAL A 275 17.17 6.80 29.14
N ILE A 276 18.15 7.44 28.51
CA ILE A 276 18.77 8.60 29.09
C ILE A 276 19.46 9.47 28.05
N SER A 277 19.38 10.78 28.24
CA SER A 277 20.04 11.72 27.35
C SER A 277 21.49 11.92 27.72
N ALA A 278 22.25 12.51 26.80
CA ALA A 278 23.67 12.77 27.03
C ALA A 278 23.87 13.74 28.19
N GLU A 279 22.99 14.72 28.31
CA GLU A 279 23.05 15.66 29.42
C GLU A 279 22.81 14.95 30.75
N LYS A 280 21.76 14.14 30.79
CA LYS A 280 21.41 13.42 31.99
C LYS A 280 22.50 12.45 32.39
N ALA A 281 23.23 11.93 31.41
CA ALA A 281 24.32 11.00 31.68
C ALA A 281 25.38 11.60 32.61
N TYR A 282 25.43 12.93 32.70
CA TYR A 282 26.40 13.58 33.55
C TYR A 282 25.82 13.85 34.94
N HIS A 283 24.58 14.31 34.98
CA HIS A 283 23.98 14.67 36.26
C HIS A 283 23.40 13.46 36.97
N GLU A 284 22.74 12.59 36.22
CA GLU A 284 22.10 11.41 36.78
C GLU A 284 23.11 10.39 37.25
N GLN A 285 22.93 9.92 38.48
CA GLN A 285 23.70 8.80 38.97
C GLN A 285 22.82 7.57 39.13
N LEU A 286 22.95 6.64 38.19
CA LEU A 286 22.15 5.44 38.17
C LEU A 286 22.80 4.31 38.92
N SER A 287 21.96 3.36 39.35
CA SER A 287 22.43 2.12 39.92
C SER A 287 21.34 1.07 39.81
N VAL A 288 21.59 -0.09 40.39
CA VAL A 288 20.73 -1.25 40.20
C VAL A 288 19.30 -0.97 40.61
N ALA A 289 19.13 -0.45 41.81
CA ALA A 289 17.80 -0.20 42.35
C ALA A 289 17.09 0.91 41.57
N GLU A 290 17.82 1.97 41.26
CA GLU A 290 17.24 3.11 40.56
C GLU A 290 16.68 2.70 39.22
N ILE A 291 17.48 1.99 38.45
CA ILE A 291 17.08 1.57 37.13
C ILE A 291 15.95 0.55 37.21
N THR A 292 16.10 -0.41 38.13
CA THR A 292 15.08 -1.43 38.32
C THR A 292 13.75 -0.81 38.69
N ASN A 293 13.78 0.20 39.54
CA ASN A 293 12.56 0.88 39.93
C ASN A 293 11.91 1.56 38.73
N ALA A 294 12.74 2.18 37.89
CA ALA A 294 12.24 2.90 36.72
C ALA A 294 11.44 2.00 35.80
N CYS A 295 11.84 0.73 35.68
CA CYS A 295 11.19 -0.17 34.74
C CYS A 295 9.79 -0.57 35.17
N PHE A 296 9.44 -0.32 36.43
CA PHE A 296 8.09 -0.60 36.90
C PHE A 296 7.23 0.65 36.96
N GLU A 297 7.75 1.75 36.43
CA GLU A 297 6.96 2.96 36.33
C GLU A 297 6.25 3.03 34.98
N PRO A 298 4.92 3.18 35.02
CA PRO A 298 4.01 3.24 33.87
C PRO A 298 4.33 4.41 32.93
N ALA A 299 5.52 4.39 32.36
CA ALA A 299 6.02 5.47 31.56
C ALA A 299 6.96 4.93 30.51
N ASN A 300 7.72 3.91 30.88
CA ASN A 300 8.64 3.26 29.97
C ASN A 300 8.11 1.92 29.52
N GLN A 301 6.79 1.80 29.41
CA GLN A 301 6.14 0.53 29.13
C GLN A 301 6.37 0.08 27.69
N MET A 302 6.74 1.00 26.80
CA MET A 302 6.92 0.70 25.38
C MET A 302 5.59 0.34 24.71
N VAL A 303 4.49 0.56 25.41
CA VAL A 303 3.17 0.28 24.90
C VAL A 303 2.13 1.08 25.67
N LYS A 304 1.06 1.48 25.00
CA LYS A 304 -0.01 2.24 25.65
C LYS A 304 -0.76 1.37 26.65
N CYS A 305 -0.16 1.18 27.82
CA CYS A 305 -0.73 0.36 28.86
C CYS A 305 -0.26 0.82 30.22
N ASP A 306 -1.16 0.81 31.20
CA ASP A 306 -0.83 1.22 32.55
C ASP A 306 -0.98 0.07 33.53
N PRO A 307 0.12 -0.67 33.78
CA PRO A 307 0.24 -1.84 34.66
C PRO A 307 -0.54 -1.73 35.95
N ARG A 308 -0.75 -0.50 36.44
CA ARG A 308 -1.37 -0.30 37.74
C ARG A 308 -2.83 -0.69 37.74
N HIS A 309 -3.40 -0.88 36.56
CA HIS A 309 -4.79 -1.29 36.46
C HIS A 309 -4.94 -2.78 36.13
N GLY A 310 -3.85 -3.54 36.27
CA GLY A 310 -3.91 -4.99 36.10
C GLY A 310 -3.04 -5.70 37.12
N LYS A 311 -2.63 -6.93 36.81
CA LYS A 311 -1.75 -7.68 37.69
C LYS A 311 -0.56 -8.24 36.94
N TYR A 312 0.53 -8.45 37.67
CA TYR A 312 1.73 -9.05 37.11
C TYR A 312 1.69 -10.56 37.20
N MET A 313 1.78 -11.21 36.06
CA MET A 313 1.81 -12.66 35.99
C MET A 313 3.23 -13.18 36.16
N ALA A 314 4.16 -12.53 35.48
CA ALA A 314 5.57 -12.91 35.54
C ALA A 314 6.44 -11.76 35.07
N CYS A 315 7.66 -11.72 35.57
CA CYS A 315 8.56 -10.62 35.28
C CYS A 315 10.02 -11.05 35.30
N CYS A 316 10.62 -11.10 34.12
CA CYS A 316 12.04 -11.39 34.02
C CYS A 316 12.86 -10.12 33.87
N LEU A 317 13.83 -9.95 34.73
CA LEU A 317 14.69 -8.77 34.71
C LEU A 317 16.07 -9.14 34.22
N LEU A 318 16.49 -8.51 33.13
CA LEU A 318 17.78 -8.81 32.52
C LEU A 318 18.76 -7.68 32.73
N TYR A 319 19.86 -7.98 33.39
CA TYR A 319 20.83 -6.97 33.73
C TYR A 319 22.08 -7.07 32.87
N ARG A 320 22.69 -5.93 32.59
CA ARG A 320 23.92 -5.89 31.84
C ARG A 320 24.96 -5.03 32.53
N GLY A 321 26.23 -5.28 32.21
CA GLY A 321 27.33 -4.49 32.74
C GLY A 321 27.52 -4.63 34.25
N ASP A 322 27.73 -3.50 34.92
CA ASP A 322 28.20 -3.49 36.30
C ASP A 322 27.07 -3.67 37.31
N VAL A 323 26.63 -4.90 37.47
CA VAL A 323 25.61 -5.23 38.45
C VAL A 323 26.05 -6.37 39.35
N VAL A 324 25.44 -6.44 40.53
CA VAL A 324 25.65 -7.59 41.41
C VAL A 324 24.31 -8.14 41.88
N PRO A 325 24.27 -9.43 42.20
CA PRO A 325 23.03 -10.13 42.51
C PRO A 325 22.40 -9.64 43.80
N LYS A 326 23.25 -9.20 44.73
CA LYS A 326 22.78 -8.73 46.02
C LYS A 326 21.86 -7.53 45.87
N ASP A 327 22.29 -6.57 45.07
CA ASP A 327 21.52 -5.36 44.85
C ASP A 327 20.27 -5.64 44.08
N VAL A 328 20.35 -6.58 43.13
CA VAL A 328 19.19 -6.97 42.36
C VAL A 328 18.12 -7.56 43.25
N ASN A 329 18.53 -8.45 44.13
CA ASN A 329 17.61 -9.08 45.06
C ASN A 329 16.98 -8.06 45.97
N ALA A 330 17.80 -7.12 46.45
CA ALA A 330 17.33 -6.08 47.34
C ALA A 330 16.30 -5.19 46.66
N ALA A 331 16.56 -4.84 45.41
CA ALA A 331 15.63 -4.02 44.64
C ALA A 331 14.30 -4.73 44.49
N ILE A 332 14.34 -6.03 44.21
CA ILE A 332 13.13 -6.81 44.06
C ILE A 332 12.36 -6.89 45.37
N ALA A 333 13.07 -7.07 46.47
CA ALA A 333 12.45 -7.10 47.77
C ALA A 333 11.74 -5.78 48.05
N THR A 334 12.38 -4.68 47.66
CA THR A 334 11.79 -3.37 47.79
C THR A 334 10.51 -3.25 46.98
N ILE A 335 10.52 -3.80 45.78
CA ILE A 335 9.35 -3.79 44.91
C ILE A 335 8.19 -4.53 45.54
N LYS A 336 8.48 -5.73 46.05
CA LYS A 336 7.46 -6.53 46.72
C LYS A 336 7.00 -5.86 48.00
N THR A 337 7.89 -5.11 48.63
CA THR A 337 7.55 -4.31 49.80
C THR A 337 6.65 -3.14 49.43
N LYS A 338 6.95 -2.51 48.30
CA LYS A 338 6.15 -1.38 47.81
C LYS A 338 4.68 -1.75 47.71
N ARG A 339 4.40 -2.90 47.10
CA ARG A 339 3.05 -3.45 47.04
C ARG A 339 2.05 -2.56 46.29
N THR A 340 2.53 -1.53 45.60
CA THR A 340 1.66 -0.67 44.82
C THR A 340 1.16 -1.41 43.60
N ILE A 341 2.07 -2.08 42.91
CA ILE A 341 1.72 -2.91 41.78
C ILE A 341 1.25 -4.26 42.26
N GLN A 342 0.24 -4.79 41.61
CA GLN A 342 -0.39 -6.01 42.05
C GLN A 342 0.12 -7.20 41.27
N PHE A 343 0.21 -8.33 41.95
CA PHE A 343 0.65 -9.57 41.34
C PHE A 343 -0.43 -10.59 41.41
N VAL A 344 -0.38 -11.55 40.51
CA VAL A 344 -1.36 -12.61 40.51
C VAL A 344 -1.32 -13.40 41.81
N ASP A 345 -2.48 -13.53 42.43
CA ASP A 345 -2.60 -14.04 43.80
C ASP A 345 -2.10 -15.47 43.93
N TRP A 346 -2.27 -16.25 42.87
CA TRP A 346 -1.83 -17.63 42.88
C TRP A 346 -0.45 -17.80 42.25
N CYS A 347 0.31 -16.71 42.16
CA CYS A 347 1.69 -16.77 41.72
C CYS A 347 2.63 -16.29 42.82
N PRO A 348 2.91 -17.16 43.81
CA PRO A 348 3.86 -16.92 44.93
C PRO A 348 4.90 -15.86 44.61
N THR A 349 5.62 -16.09 43.53
CA THR A 349 6.54 -15.10 43.01
C THR A 349 6.40 -14.98 41.52
N GLY A 350 7.11 -14.04 40.96
CA GLY A 350 7.06 -13.82 39.53
C GLY A 350 8.37 -13.23 39.03
N PHE A 351 9.37 -13.18 39.90
CA PHE A 351 10.62 -12.53 39.54
C PHE A 351 11.69 -13.51 39.13
N LYS A 352 12.26 -13.25 37.97
CA LYS A 352 13.41 -14.00 37.50
C LYS A 352 14.49 -13.07 37.03
N VAL A 353 15.74 -13.46 37.21
CA VAL A 353 16.84 -12.55 36.93
C VAL A 353 17.86 -13.14 35.98
N GLY A 354 18.20 -12.37 34.95
CA GLY A 354 19.33 -12.70 34.10
C GLY A 354 20.41 -11.65 34.28
N ILE A 355 21.66 -12.06 34.24
CA ILE A 355 22.76 -11.13 34.47
C ILE A 355 23.90 -11.33 33.49
N ASN A 356 24.28 -10.25 32.82
CA ASN A 356 25.44 -10.26 31.94
C ASN A 356 26.67 -9.71 32.65
N TYR A 357 27.81 -9.87 32.00
CA TYR A 357 29.04 -9.21 32.42
C TYR A 357 29.38 -8.12 31.41
N GLU A 358 28.95 -8.31 30.18
CA GLU A 358 29.20 -7.32 29.13
C GLU A 358 28.29 -6.12 29.32
N PRO A 359 28.87 -4.93 29.16
CA PRO A 359 28.16 -3.68 29.20
C PRO A 359 27.09 -3.59 28.11
N PRO A 360 26.21 -2.61 28.24
CA PRO A 360 25.23 -2.09 27.28
C PRO A 360 25.90 -1.65 25.98
N THR A 361 25.16 -1.80 24.88
CA THR A 361 25.67 -1.45 23.56
C THR A 361 25.44 0.01 23.25
N VAL A 362 26.46 0.67 22.71
CA VAL A 362 26.37 2.09 22.38
C VAL A 362 26.37 2.32 20.87
N VAL A 363 25.40 3.09 20.41
CA VAL A 363 25.28 3.42 18.99
C VAL A 363 25.93 4.76 18.67
N PRO A 364 27.09 4.75 18.01
CA PRO A 364 27.68 5.95 17.44
C PRO A 364 26.67 6.62 16.51
N GLY A 365 26.37 7.87 16.79
CA GLY A 365 25.38 8.60 16.00
C GLY A 365 23.98 8.42 16.57
N GLY A 366 23.88 7.84 17.77
CA GLY A 366 22.60 7.64 18.44
C GLY A 366 22.35 8.73 19.47
N ASP A 367 21.55 8.42 20.48
CA ASP A 367 21.22 9.37 21.53
C ASP A 367 21.35 8.73 22.90
N LEU A 368 20.67 7.61 23.09
CA LEU A 368 20.85 6.75 24.26
C LEU A 368 22.28 6.77 24.77
N ALA A 369 22.54 7.59 25.75
CA ALA A 369 23.90 7.82 26.22
C ALA A 369 24.50 6.59 26.86
N LYS A 370 25.82 6.47 26.78
CA LYS A 370 26.54 5.34 27.33
C LYS A 370 26.37 5.25 28.84
N VAL A 371 25.99 4.07 29.31
CA VAL A 371 25.86 3.79 30.73
C VAL A 371 26.66 2.55 31.12
N GLN A 372 26.89 2.39 32.42
CA GLN A 372 27.74 1.30 32.91
C GLN A 372 26.95 0.03 33.18
N ARG A 373 25.64 0.10 33.05
CA ARG A 373 24.78 -1.03 33.31
C ARG A 373 23.42 -0.83 32.69
N ALA A 374 22.67 -1.90 32.50
CA ALA A 374 21.36 -1.76 31.90
C ALA A 374 20.40 -2.81 32.36
N VAL A 375 19.11 -2.48 32.29
CA VAL A 375 18.05 -3.40 32.68
C VAL A 375 16.97 -3.51 31.64
N CYS A 376 16.64 -4.72 31.26
CA CYS A 376 15.47 -4.98 30.45
C CYS A 376 14.45 -5.77 31.24
N MET A 377 13.18 -5.47 31.03
CA MET A 377 12.14 -6.21 31.72
C MET A 377 11.22 -6.88 30.74
N LEU A 378 11.04 -8.17 30.91
CA LEU A 378 10.08 -8.92 30.12
C LEU A 378 8.93 -9.36 31.00
N SER A 379 7.81 -8.65 30.90
CA SER A 379 6.75 -8.84 31.87
C SER A 379 5.43 -9.27 31.26
N ASN A 380 4.84 -10.29 31.84
CA ASN A 380 3.48 -10.70 31.50
C ASN A 380 2.51 -10.11 32.49
N THR A 381 1.44 -9.53 31.98
CA THR A 381 0.46 -8.84 32.81
C THR A 381 -0.92 -8.93 32.23
N THR A 382 -1.92 -8.71 33.07
CA THR A 382 -3.30 -8.71 32.61
C THR A 382 -3.71 -7.34 32.13
N ALA A 383 -2.91 -6.32 32.45
CA ALA A 383 -3.23 -4.95 32.06
C ALA A 383 -3.21 -4.79 30.54
N ILE A 384 -2.27 -5.46 29.87
CA ILE A 384 -2.08 -5.30 28.44
C ILE A 384 -3.30 -5.75 27.65
N ALA A 385 -4.07 -6.68 28.22
CA ALA A 385 -5.23 -7.21 27.56
C ALA A 385 -6.23 -6.12 27.19
N GLU A 386 -6.23 -5.03 27.96
CA GLU A 386 -7.17 -3.93 27.74
C GLU A 386 -6.93 -3.26 26.38
N ALA A 387 -5.70 -3.34 25.88
CA ALA A 387 -5.33 -2.72 24.63
C ALA A 387 -6.09 -3.34 23.45
N TRP A 388 -6.44 -4.62 23.58
CA TRP A 388 -7.11 -5.33 22.51
C TRP A 388 -8.55 -4.92 22.41
N ALA A 389 -9.11 -4.50 23.54
CA ALA A 389 -10.48 -4.00 23.56
C ALA A 389 -10.59 -2.79 22.65
N ARG A 390 -9.58 -1.93 22.72
CA ARG A 390 -9.55 -0.74 21.86
C ARG A 390 -9.54 -1.14 20.40
N LEU A 391 -8.74 -2.14 20.07
CA LEU A 391 -8.72 -2.67 18.71
C LEU A 391 -10.04 -3.29 18.34
N ASP A 392 -10.66 -3.97 19.30
CA ASP A 392 -11.94 -4.60 19.05
C ASP A 392 -12.96 -3.58 18.63
N HIS A 393 -12.99 -2.43 19.30
CA HIS A 393 -13.92 -1.38 18.98
C HIS A 393 -13.69 -0.84 17.58
N LYS A 394 -12.42 -0.63 17.24
CA LYS A 394 -12.07 -0.13 15.93
C LYS A 394 -12.49 -1.10 14.85
N PHE A 395 -12.21 -2.37 15.08
CA PHE A 395 -12.61 -3.42 14.18
C PHE A 395 -14.12 -3.52 14.07
N ASP A 396 -14.79 -3.61 15.22
CA ASP A 396 -16.23 -3.79 15.24
C ASP A 396 -16.93 -2.71 14.46
N LEU A 397 -16.45 -1.49 14.62
CA LEU A 397 -17.04 -0.34 13.97
C LEU A 397 -16.95 -0.42 12.46
N MET A 398 -15.73 -0.58 11.96
CA MET A 398 -15.51 -0.67 10.53
C MET A 398 -16.15 -1.92 9.96
N TYR A 399 -16.08 -2.99 10.73
CA TYR A 399 -16.68 -4.26 10.34
C TYR A 399 -18.18 -4.12 10.21
N ALA A 400 -18.81 -3.44 11.16
CA ALA A 400 -20.26 -3.24 11.12
C ALA A 400 -20.69 -2.60 9.80
N LYS A 401 -19.90 -1.67 9.30
CA LYS A 401 -20.19 -1.03 8.02
C LYS A 401 -19.59 -1.79 6.85
N ARG A 402 -18.84 -2.85 7.14
CA ARG A 402 -18.11 -3.60 6.14
C ARG A 402 -17.22 -2.70 5.31
N ALA A 403 -16.66 -1.68 5.95
CA ALA A 403 -15.82 -0.74 5.26
C ALA A 403 -14.58 -1.43 4.78
N PHE A 404 -14.24 -1.20 3.51
CA PHE A 404 -13.04 -1.78 2.91
C PHE A 404 -13.08 -3.30 2.80
N VAL A 405 -14.22 -3.91 3.11
CA VAL A 405 -14.32 -5.36 3.12
C VAL A 405 -14.05 -5.95 1.75
N HIS A 406 -14.35 -5.17 0.71
CA HIS A 406 -14.24 -5.66 -0.66
C HIS A 406 -12.81 -5.85 -1.10
N TRP A 407 -11.86 -5.31 -0.36
CA TRP A 407 -10.46 -5.51 -0.67
C TRP A 407 -9.99 -6.87 -0.21
N TYR A 408 -10.69 -7.44 0.76
CA TYR A 408 -10.34 -8.74 1.27
C TYR A 408 -11.18 -9.80 0.57
N VAL A 409 -12.42 -9.46 0.29
CA VAL A 409 -13.29 -10.30 -0.51
C VAL A 409 -12.77 -10.45 -1.92
N GLY A 410 -12.21 -9.38 -2.46
CA GLY A 410 -11.58 -9.41 -3.78
C GLY A 410 -10.46 -10.45 -3.83
N GLU A 411 -9.78 -10.64 -2.71
CA GLU A 411 -8.82 -11.73 -2.59
C GLU A 411 -9.55 -13.07 -2.48
N GLY A 412 -10.65 -13.06 -1.72
CA GLY A 412 -11.42 -14.26 -1.50
C GLY A 412 -11.53 -14.56 -0.01
N MET A 413 -10.98 -13.66 0.82
CA MET A 413 -11.02 -13.85 2.25
C MET A 413 -12.44 -13.97 2.74
N GLU A 414 -12.77 -15.12 3.30
CA GLU A 414 -14.10 -15.39 3.80
C GLU A 414 -14.53 -14.40 4.86
N GLU A 415 -15.68 -13.80 4.68
CA GLU A 415 -16.24 -12.85 5.65
C GLU A 415 -16.28 -13.44 7.05
N GLY A 416 -16.67 -14.71 7.13
CA GLY A 416 -16.73 -15.44 8.39
C GLY A 416 -15.37 -15.51 9.09
N GLU A 417 -14.28 -15.44 8.33
CA GLU A 417 -12.94 -15.45 8.90
C GLU A 417 -12.72 -14.27 9.80
N PHE A 418 -13.34 -13.14 9.48
CA PHE A 418 -13.22 -11.94 10.28
C PHE A 418 -13.93 -12.11 11.61
N SER A 419 -15.10 -12.74 11.55
CA SER A 419 -15.84 -12.99 12.78
C SER A 419 -15.10 -14.01 13.64
N GLU A 420 -14.47 -14.99 13.00
CA GLU A 420 -13.70 -15.99 13.72
C GLU A 420 -12.47 -15.38 14.36
N ALA A 421 -11.82 -14.48 13.63
CA ALA A 421 -10.63 -13.81 14.14
C ALA A 421 -10.95 -13.04 15.40
N ARG A 422 -12.08 -12.34 15.39
CA ARG A 422 -12.53 -11.61 16.55
C ARG A 422 -12.76 -12.50 17.74
N GLU A 423 -13.41 -13.64 17.51
CA GLU A 423 -13.74 -14.54 18.60
C GLU A 423 -12.48 -15.07 19.26
N ASP A 424 -11.45 -15.33 18.45
CA ASP A 424 -10.18 -15.80 18.98
C ASP A 424 -9.49 -14.71 19.81
N MET A 425 -9.55 -13.48 19.33
CA MET A 425 -9.04 -12.35 20.10
C MET A 425 -9.79 -12.19 21.41
N ALA A 426 -11.11 -12.30 21.34
CA ALA A 426 -11.96 -12.17 22.51
C ALA A 426 -11.67 -13.27 23.52
N ALA A 427 -11.38 -14.48 23.02
CA ALA A 427 -11.00 -15.58 23.90
C ALA A 427 -9.76 -15.24 24.68
N LEU A 428 -8.79 -14.67 23.98
CA LEU A 428 -7.53 -14.27 24.58
C LEU A 428 -7.75 -13.25 25.69
N GLU A 429 -8.59 -12.25 25.41
CA GLU A 429 -8.96 -11.26 26.40
C GLU A 429 -9.58 -11.91 27.62
N LYS A 430 -10.50 -12.85 27.38
CA LYS A 430 -11.19 -13.56 28.45
C LYS A 430 -10.22 -14.31 29.35
N ASP A 431 -9.23 -14.96 28.75
CA ASP A 431 -8.24 -15.72 29.51
C ASP A 431 -7.52 -14.84 30.52
N TYR A 432 -7.12 -13.65 30.09
CA TYR A 432 -6.42 -12.73 30.99
C TYR A 432 -7.32 -12.26 32.12
N GLU A 433 -8.60 -12.06 31.82
CA GLU A 433 -9.57 -11.70 32.86
C GLU A 433 -9.63 -12.78 33.94
N GLU A 434 -9.67 -14.04 33.51
CA GLU A 434 -9.75 -15.15 34.44
C GLU A 434 -8.49 -15.27 35.29
N VAL A 435 -7.33 -15.04 34.68
CA VAL A 435 -6.07 -15.08 35.41
C VAL A 435 -6.07 -14.14 36.60
N GLY A 436 -6.48 -12.90 36.36
CA GLY A 436 -6.47 -11.88 37.41
C GLY A 436 -7.49 -12.15 38.51
N VAL A 437 -8.68 -12.59 38.11
CA VAL A 437 -9.77 -12.79 39.06
C VAL A 437 -9.62 -14.05 39.91
N ASP A 438 -9.34 -15.17 39.26
CA ASP A 438 -9.29 -16.46 39.94
C ASP A 438 -8.17 -16.52 40.98
N SER A 439 -8.39 -17.34 42.02
CA SER A 439 -7.39 -17.56 43.05
C SER A 439 -7.69 -18.84 43.82
N ARG B 2 8.31 -1.33 -11.06
CA ARG B 2 7.17 -1.55 -11.94
C ARG B 2 6.98 -0.39 -12.89
N GLU B 3 5.99 -0.50 -13.76
CA GLU B 3 5.74 0.54 -14.77
C GLU B 3 4.27 0.95 -14.81
N ILE B 4 4.05 2.22 -15.13
CA ILE B 4 2.70 2.76 -15.25
C ILE B 4 2.50 3.46 -16.58
N VAL B 5 1.39 3.17 -17.23
CA VAL B 5 1.08 3.76 -18.53
C VAL B 5 0.28 5.05 -18.38
N HIS B 6 0.74 6.11 -19.03
CA HIS B 6 0.04 7.39 -18.96
C HIS B 6 -0.60 7.76 -20.30
N ILE B 7 -1.92 7.77 -20.33
CA ILE B 7 -2.63 8.09 -21.54
C ILE B 7 -3.29 9.45 -21.44
N GLN B 8 -3.09 10.26 -22.46
CA GLN B 8 -3.71 11.59 -22.51
C GLN B 8 -4.78 11.61 -23.57
N ALA B 9 -5.92 12.22 -23.25
CA ALA B 9 -7.05 12.22 -24.17
C ALA B 9 -7.68 13.60 -24.27
N GLY B 10 -7.62 14.20 -25.45
CA GLY B 10 -8.23 15.50 -25.70
C GLY B 10 -7.26 16.64 -25.41
N GLN B 11 -7.56 17.83 -25.92
CA GLN B 11 -6.69 18.99 -25.76
C GLN B 11 -6.40 19.29 -24.31
N CYS B 12 -7.45 19.34 -23.51
CA CYS B 12 -7.32 19.56 -22.08
C CYS B 12 -6.34 18.59 -21.47
N GLY B 13 -6.59 17.30 -21.67
CA GLY B 13 -5.75 16.27 -21.09
C GLY B 13 -4.33 16.35 -21.62
N ASN B 14 -4.19 16.71 -22.90
CA ASN B 14 -2.90 16.79 -23.51
C ASN B 14 -2.08 17.94 -22.96
N GLN B 15 -2.73 19.07 -22.73
CA GLN B 15 -2.06 20.23 -22.19
C GLN B 15 -1.63 20.00 -20.76
N ILE B 16 -2.50 19.36 -19.98
CA ILE B 16 -2.16 19.00 -18.61
C ILE B 16 -1.01 18.02 -18.58
N GLY B 17 -1.10 17.00 -19.43
CA GLY B 17 -0.08 15.98 -19.50
C GLY B 17 1.26 16.57 -19.94
N ALA B 18 1.23 17.47 -20.89
CA ALA B 18 2.45 18.11 -21.36
C ALA B 18 3.16 18.79 -20.21
N LYS B 19 2.40 19.47 -19.36
CA LYS B 19 2.95 20.12 -18.19
C LYS B 19 3.43 19.07 -17.18
N PHE B 20 2.66 18.00 -17.03
CA PHE B 20 3.02 16.90 -16.15
C PHE B 20 4.36 16.31 -16.50
N TRP B 21 4.57 16.03 -17.77
CA TRP B 21 5.80 15.42 -18.21
C TRP B 21 6.97 16.39 -18.13
N GLU B 22 6.69 17.69 -18.25
CA GLU B 22 7.69 18.69 -17.93
C GLU B 22 8.16 18.54 -16.49
N VAL B 23 7.20 18.46 -15.59
CA VAL B 23 7.48 18.43 -14.17
C VAL B 23 8.28 17.22 -13.76
N ILE B 24 7.83 16.04 -14.15
CA ILE B 24 8.48 14.83 -13.68
C ILE B 24 9.77 14.55 -14.43
N SER B 25 9.89 15.05 -15.65
CA SER B 25 11.16 14.96 -16.35
C SER B 25 12.19 15.81 -15.66
N ASP B 26 11.78 16.99 -15.21
CA ASP B 26 12.65 17.84 -14.42
C ASP B 26 12.99 17.16 -13.11
N GLU B 27 11.98 16.58 -12.46
CA GLU B 27 12.17 15.85 -11.22
C GLU B 27 13.23 14.77 -11.35
N HIS B 28 13.23 14.07 -12.48
CA HIS B 28 14.16 12.97 -12.70
C HIS B 28 15.37 13.35 -13.55
N GLY B 29 15.65 14.64 -13.68
CA GLY B 29 16.92 15.08 -14.27
C GLY B 29 17.00 14.86 -15.77
N ILE B 30 15.86 14.84 -16.44
CA ILE B 30 15.82 14.55 -17.86
C ILE B 30 15.69 15.82 -18.69
N ASP B 31 16.60 16.00 -19.63
CA ASP B 31 16.59 17.20 -20.46
C ASP B 31 15.71 16.98 -21.69
N PRO B 32 15.65 17.99 -22.57
CA PRO B 32 14.76 17.97 -23.73
C PRO B 32 15.24 17.08 -24.88
N THR B 33 16.29 16.29 -24.66
CA THR B 33 16.68 15.29 -25.62
C THR B 33 16.27 13.91 -25.14
N GLY B 34 15.94 13.82 -23.86
CA GLY B 34 15.67 12.54 -23.22
C GLY B 34 16.89 12.02 -22.49
N SER B 35 17.97 12.79 -22.50
CA SER B 35 19.19 12.39 -21.81
C SER B 35 19.11 12.71 -20.32
N TYR B 36 19.72 11.85 -19.52
CA TYR B 36 19.74 12.06 -18.08
C TYR B 36 20.96 12.85 -17.65
N HIS B 37 20.73 13.95 -16.95
CA HIS B 37 21.81 14.75 -16.40
C HIS B 37 21.48 15.21 -15.00
N GLY B 38 20.86 14.32 -14.23
CA GLY B 38 20.49 14.62 -12.86
C GLY B 38 21.67 14.41 -11.92
N ASP B 39 21.51 14.85 -10.68
CA ASP B 39 22.60 14.81 -9.71
C ASP B 39 22.47 13.65 -8.72
N SER B 40 21.28 13.06 -8.65
CA SER B 40 21.07 11.96 -7.72
C SER B 40 21.08 10.63 -8.44
N ASP B 41 21.19 9.56 -7.67
CA ASP B 41 21.14 8.22 -8.21
C ASP B 41 19.72 7.67 -8.12
N LEU B 42 18.93 8.24 -7.22
CA LEU B 42 17.58 7.76 -6.98
C LEU B 42 16.64 8.18 -8.09
N GLN B 43 17.05 9.19 -8.87
CA GLN B 43 16.30 9.59 -10.04
C GLN B 43 16.27 8.48 -11.10
N LEU B 44 17.28 7.61 -11.08
CA LEU B 44 17.33 6.48 -12.00
C LEU B 44 16.85 5.18 -11.35
N GLU B 45 16.53 5.24 -10.06
CA GLU B 45 16.14 4.04 -9.33
C GLU B 45 14.79 3.53 -9.78
N ARG B 46 13.91 4.45 -10.13
CA ARG B 46 12.59 4.09 -10.60
C ARG B 46 12.21 4.84 -11.86
N ILE B 47 13.21 5.25 -12.64
CA ILE B 47 12.95 5.95 -13.89
C ILE B 47 12.15 5.09 -14.86
N ASN B 48 12.28 3.77 -14.72
CA ASN B 48 11.55 2.83 -15.55
C ASN B 48 10.04 2.97 -15.41
N VAL B 49 9.58 3.53 -14.29
CA VAL B 49 8.15 3.69 -14.05
C VAL B 49 7.49 4.49 -15.16
N TYR B 50 8.16 5.52 -15.62
CA TYR B 50 7.58 6.42 -16.59
C TYR B 50 8.38 6.53 -17.88
N TYR B 51 9.52 5.86 -17.95
CA TYR B 51 10.34 5.99 -19.15
C TYR B 51 10.87 4.67 -19.66
N ASN B 52 10.80 4.49 -20.96
CA ASN B 52 11.55 3.46 -21.63
C ASN B 52 13.00 3.90 -21.76
N GLU B 53 13.93 2.98 -21.59
CA GLU B 53 15.34 3.32 -21.77
C GLU B 53 15.80 2.89 -23.15
N ALA B 54 15.75 3.80 -24.10
CA ALA B 54 16.10 3.51 -25.47
C ALA B 54 17.60 3.61 -25.66
N ALA B 55 18.09 3.00 -26.74
CA ALA B 55 19.52 2.96 -27.01
C ALA B 55 20.10 4.37 -26.99
N GLY B 56 21.21 4.52 -26.27
CA GLY B 56 21.83 5.81 -26.09
C GLY B 56 21.36 6.46 -24.78
N ASN B 57 20.60 5.71 -23.99
CA ASN B 57 20.07 6.19 -22.72
C ASN B 57 19.09 7.32 -22.94
N LYS B 58 18.25 7.17 -23.95
CA LYS B 58 17.22 8.14 -24.23
C LYS B 58 15.95 7.71 -23.55
N TYR B 59 15.48 8.52 -22.61
CA TYR B 59 14.36 8.11 -21.80
C TYR B 59 13.05 8.57 -22.39
N VAL B 60 12.19 7.61 -22.68
CA VAL B 60 11.00 7.86 -23.47
C VAL B 60 9.72 7.61 -22.70
N PRO B 61 9.05 8.70 -22.26
CA PRO B 61 7.68 8.68 -21.71
C PRO B 61 6.90 7.45 -22.07
N ARG B 62 6.58 6.66 -21.07
CA ARG B 62 5.64 5.56 -21.21
C ARG B 62 4.22 6.08 -21.31
N ALA B 63 3.94 6.76 -22.42
CA ALA B 63 2.70 7.51 -22.54
C ALA B 63 2.13 7.43 -23.93
N ILE B 64 0.81 7.52 -24.00
CA ILE B 64 0.11 7.48 -25.28
C ILE B 64 -0.68 8.74 -25.48
N LEU B 65 -0.47 9.38 -26.61
CA LEU B 65 -1.09 10.67 -26.87
C LEU B 65 -2.27 10.52 -27.82
N VAL B 66 -3.47 10.65 -27.27
CA VAL B 66 -4.68 10.41 -28.05
C VAL B 66 -5.47 11.69 -28.29
N ASP B 67 -5.78 11.96 -29.53
CA ASP B 67 -6.62 13.09 -29.88
C ASP B 67 -7.31 12.87 -31.20
N LEU B 68 -8.40 13.57 -31.42
CA LEU B 68 -9.10 13.51 -32.68
C LEU B 68 -9.01 14.82 -33.41
N GLU B 69 -8.25 15.76 -32.87
CA GLU B 69 -8.10 17.04 -33.55
C GLU B 69 -6.64 17.38 -33.81
N PRO B 70 -6.06 16.78 -34.86
CA PRO B 70 -4.82 17.24 -35.48
C PRO B 70 -4.70 18.75 -35.33
N GLY B 71 -3.52 19.21 -34.92
CA GLY B 71 -3.33 20.63 -34.65
C GLY B 71 -2.93 20.81 -33.19
N THR B 72 -3.71 20.21 -32.30
CA THR B 72 -3.31 20.13 -30.91
C THR B 72 -2.13 19.21 -30.77
N MET B 73 -2.21 18.10 -31.48
CA MET B 73 -1.13 17.13 -31.54
C MET B 73 0.10 17.76 -32.19
N ASP B 74 -0.14 18.66 -33.14
CA ASP B 74 0.93 19.37 -33.80
C ASP B 74 1.63 20.30 -32.82
N SER B 75 0.85 20.97 -31.96
CA SER B 75 1.41 21.88 -30.97
C SER B 75 2.25 21.13 -29.96
N VAL B 76 1.89 19.88 -29.72
CA VAL B 76 2.71 19.03 -28.86
C VAL B 76 4.03 18.72 -29.51
N ARG B 77 4.00 18.33 -30.78
CA ARG B 77 5.23 18.03 -31.50
C ARG B 77 6.11 19.26 -31.67
N SER B 78 5.48 20.43 -31.80
CA SER B 78 6.21 21.68 -31.95
C SER B 78 6.72 22.22 -30.61
N GLY B 79 6.26 21.63 -29.51
CA GLY B 79 6.69 22.08 -28.20
C GLY B 79 7.99 21.39 -27.81
N PRO B 80 8.55 21.77 -26.66
CA PRO B 80 9.83 21.32 -26.11
C PRO B 80 9.95 19.79 -25.98
N PHE B 81 8.81 19.10 -25.97
CA PHE B 81 8.81 17.66 -25.78
C PHE B 81 8.50 16.92 -27.06
N GLY B 82 8.58 17.61 -28.19
CA GLY B 82 8.54 16.95 -29.49
C GLY B 82 9.76 16.06 -29.70
N GLN B 83 10.84 16.36 -28.96
CA GLN B 83 12.05 15.56 -28.99
C GLN B 83 12.03 14.47 -27.91
N ILE B 84 10.98 14.46 -27.11
CA ILE B 84 10.84 13.55 -25.99
C ILE B 84 9.88 12.42 -26.26
N PHE B 85 8.67 12.77 -26.67
CA PHE B 85 7.65 11.76 -26.93
C PHE B 85 7.94 10.99 -28.19
N ARG B 86 7.60 9.70 -28.18
CA ARG B 86 7.82 8.83 -29.33
C ARG B 86 6.73 9.02 -30.39
N PRO B 87 7.10 9.06 -31.67
CA PRO B 87 6.24 9.45 -32.76
C PRO B 87 5.08 8.50 -32.97
N ASP B 88 5.30 7.23 -32.66
CA ASP B 88 4.25 6.24 -32.84
C ASP B 88 3.28 6.23 -31.68
N ASN B 89 3.50 7.10 -30.70
CA ASN B 89 2.54 7.28 -29.62
C ASN B 89 1.62 8.46 -29.90
N PHE B 90 1.82 9.13 -31.04
CA PHE B 90 0.93 10.21 -31.45
C PHE B 90 -0.22 9.69 -32.27
N VAL B 91 -1.35 9.45 -31.62
CA VAL B 91 -2.49 8.85 -32.29
C VAL B 91 -3.57 9.87 -32.58
N PHE B 92 -3.80 10.15 -33.86
CA PHE B 92 -4.86 11.06 -34.28
C PHE B 92 -5.24 10.81 -35.73
N GLY B 93 -6.45 11.23 -36.11
CA GLY B 93 -6.92 11.03 -37.48
C GLY B 93 -7.97 12.05 -37.88
N GLN B 94 -9.17 11.56 -38.20
CA GLN B 94 -10.32 12.40 -38.53
C GLN B 94 -10.53 13.47 -37.47
N SER B 95 -11.08 14.61 -37.90
CA SER B 95 -11.34 15.76 -37.05
C SER B 95 -12.15 15.42 -35.80
N GLY B 96 -12.06 16.30 -34.80
CA GLY B 96 -12.55 16.02 -33.46
C GLY B 96 -14.06 16.01 -33.34
N ALA B 97 -14.54 15.59 -32.18
CA ALA B 97 -15.97 15.44 -31.94
C ALA B 97 -16.72 16.76 -32.01
N GLY B 98 -16.08 17.83 -31.56
CA GLY B 98 -16.76 19.12 -31.51
C GLY B 98 -17.72 19.15 -30.33
N ASN B 99 -17.24 18.68 -29.18
CA ASN B 99 -18.07 18.56 -27.98
C ASN B 99 -19.21 17.57 -28.15
N ASN B 100 -19.01 16.57 -29.00
CA ASN B 100 -20.03 15.56 -29.19
C ASN B 100 -19.57 14.22 -28.62
N TRP B 101 -20.01 13.92 -27.41
CA TRP B 101 -19.58 12.70 -26.71
C TRP B 101 -19.76 11.46 -27.55
N ALA B 102 -20.87 11.38 -28.27
CA ALA B 102 -21.16 10.21 -29.09
C ALA B 102 -20.12 10.06 -30.20
N LYS B 103 -19.71 11.17 -30.80
CA LYS B 103 -18.63 11.11 -31.78
C LYS B 103 -17.34 10.62 -31.15
N GLY B 104 -17.04 11.09 -29.94
CA GLY B 104 -15.81 10.72 -29.26
C GLY B 104 -15.81 9.25 -28.82
N HIS B 105 -16.92 8.78 -28.27
CA HIS B 105 -16.99 7.45 -27.71
C HIS B 105 -17.63 6.46 -28.66
N TYR B 106 -18.80 6.81 -29.17
CA TYR B 106 -19.68 5.85 -29.80
C TYR B 106 -19.33 5.57 -31.25
N THR B 107 -19.00 6.62 -32.01
CA THR B 107 -18.81 6.45 -33.45
C THR B 107 -17.38 6.78 -33.91
N GLU B 108 -17.15 8.05 -34.26
CA GLU B 108 -15.92 8.45 -34.94
C GLU B 108 -14.67 8.02 -34.17
N GLY B 109 -14.69 8.23 -32.86
CA GLY B 109 -13.59 7.84 -32.01
C GLY B 109 -13.45 6.32 -31.93
N ALA B 110 -14.60 5.62 -31.95
CA ALA B 110 -14.61 4.18 -31.86
C ALA B 110 -13.82 3.56 -33.01
N GLU B 111 -13.89 4.20 -34.16
CA GLU B 111 -13.18 3.71 -35.35
C GLU B 111 -11.67 3.64 -35.15
N LEU B 112 -11.13 4.48 -34.26
CA LEU B 112 -9.69 4.58 -34.09
C LEU B 112 -9.19 3.93 -32.80
N VAL B 113 -10.06 3.18 -32.11
CA VAL B 113 -9.69 2.55 -30.86
C VAL B 113 -8.50 1.62 -31.01
N ASP B 114 -8.52 0.79 -32.03
CA ASP B 114 -7.48 -0.20 -32.23
C ASP B 114 -6.11 0.43 -32.42
N SER B 115 -6.08 1.62 -33.04
CA SER B 115 -4.82 2.31 -33.27
C SER B 115 -4.21 2.77 -31.95
N VAL B 116 -5.03 2.89 -30.92
CA VAL B 116 -4.54 3.18 -29.59
C VAL B 116 -4.13 1.91 -28.89
N LEU B 117 -4.99 0.91 -28.93
CA LEU B 117 -4.80 -0.32 -28.18
C LEU B 117 -3.56 -1.07 -28.66
N ASP B 118 -3.25 -0.97 -29.94
CA ASP B 118 -2.02 -1.56 -30.44
C ASP B 118 -0.82 -0.96 -29.75
N VAL B 119 -0.84 0.36 -29.57
CA VAL B 119 0.23 1.04 -28.86
C VAL B 119 0.25 0.64 -27.40
N VAL B 120 -0.93 0.47 -26.81
CA VAL B 120 -1.06 0.02 -25.44
C VAL B 120 -0.35 -1.31 -25.26
N ARG B 121 -0.59 -2.24 -26.17
CA ARG B 121 0.04 -3.54 -26.13
C ARG B 121 1.54 -3.44 -26.27
N LYS B 122 1.99 -2.60 -27.20
CA LYS B 122 3.42 -2.40 -27.41
C LYS B 122 4.07 -1.88 -26.16
N GLU B 123 3.38 -0.97 -25.48
CA GLU B 123 3.89 -0.43 -24.23
C GLU B 123 3.90 -1.50 -23.15
N SER B 124 2.82 -2.25 -23.05
CA SER B 124 2.71 -3.31 -22.05
C SER B 124 3.83 -4.33 -22.16
N GLU B 125 4.17 -4.72 -23.38
CA GLU B 125 5.17 -5.76 -23.60
C GLU B 125 6.60 -5.25 -23.44
N SER B 126 6.77 -3.93 -23.28
CA SER B 126 8.08 -3.36 -22.98
C SER B 126 8.30 -3.25 -21.48
N CYS B 127 7.27 -3.61 -20.72
CA CYS B 127 7.30 -3.46 -19.27
C CYS B 127 7.74 -4.75 -18.60
N ASP B 128 8.28 -4.63 -17.40
CA ASP B 128 8.66 -5.78 -16.61
C ASP B 128 7.52 -6.16 -15.68
N CYS B 129 6.79 -5.16 -15.23
CA CYS B 129 5.57 -5.37 -14.46
C CYS B 129 4.65 -4.18 -14.55
N LEU B 130 3.58 -4.32 -15.30
CA LEU B 130 2.58 -3.27 -15.42
C LEU B 130 1.73 -3.18 -14.18
N GLN B 131 1.71 -2.01 -13.57
CA GLN B 131 0.90 -1.80 -12.39
C GLN B 131 -0.50 -1.31 -12.72
N GLY B 132 -0.59 -0.35 -13.63
CA GLY B 132 -1.88 0.22 -13.98
C GLY B 132 -1.76 1.34 -14.99
N PHE B 133 -2.88 2.03 -15.21
CA PHE B 133 -2.98 3.09 -16.19
C PHE B 133 -3.41 4.39 -15.57
N GLN B 134 -2.91 5.49 -16.10
CA GLN B 134 -3.37 6.80 -15.72
C GLN B 134 -3.92 7.52 -16.91
N LEU B 135 -5.16 7.96 -16.82
CA LEU B 135 -5.77 8.70 -17.91
C LEU B 135 -5.93 10.17 -17.54
N THR B 136 -5.53 11.06 -18.44
CA THR B 136 -5.70 12.48 -18.21
C THR B 136 -6.63 13.07 -19.26
N HIS B 137 -7.73 13.68 -18.82
CA HIS B 137 -8.75 14.14 -19.75
C HIS B 137 -9.72 15.11 -19.10
N SER B 138 -10.59 15.72 -19.91
CA SER B 138 -11.67 16.53 -19.39
C SER B 138 -12.96 15.73 -19.29
N LEU B 139 -13.91 16.24 -18.51
CA LEU B 139 -15.20 15.59 -18.33
C LEU B 139 -16.33 16.42 -18.92
N GLY B 140 -16.24 16.67 -20.20
CA GLY B 140 -17.23 17.51 -20.88
C GLY B 140 -16.75 17.92 -22.26
N GLY B 141 -15.47 17.70 -22.53
CA GLY B 141 -14.86 18.11 -23.78
C GLY B 141 -15.49 17.45 -25.00
N GLY B 142 -15.87 16.17 -24.87
CA GLY B 142 -16.43 15.45 -26.00
C GLY B 142 -15.50 14.33 -26.43
N THR B 143 -14.35 14.71 -26.99
CA THR B 143 -13.32 13.75 -27.37
C THR B 143 -12.59 13.20 -26.16
N GLY B 144 -12.14 14.09 -25.30
CA GLY B 144 -11.44 13.67 -24.09
C GLY B 144 -12.33 12.85 -23.18
N SER B 145 -13.60 13.23 -23.11
CA SER B 145 -14.57 12.52 -22.29
C SER B 145 -15.14 11.29 -23.01
N GLY B 146 -15.25 11.39 -24.33
CA GLY B 146 -15.74 10.29 -25.16
C GLY B 146 -14.70 9.19 -25.29
N MET B 147 -13.54 9.53 -25.87
CA MET B 147 -12.44 8.59 -26.00
C MET B 147 -11.97 8.13 -24.65
N GLY B 148 -12.12 8.99 -23.65
CA GLY B 148 -11.73 8.65 -22.29
C GLY B 148 -12.39 7.37 -21.82
N THR B 149 -13.72 7.39 -21.69
CA THR B 149 -14.44 6.23 -21.18
C THR B 149 -14.45 5.08 -22.18
N LEU B 150 -14.34 5.40 -23.45
CA LEU B 150 -14.20 4.41 -24.47
C LEU B 150 -12.96 3.57 -24.26
N LEU B 151 -11.83 4.24 -24.10
CA LEU B 151 -10.57 3.56 -23.90
C LEU B 151 -10.49 2.89 -22.55
N ILE B 152 -11.08 3.53 -21.53
CA ILE B 152 -11.11 2.92 -20.19
C ILE B 152 -11.77 1.55 -20.23
N SER B 153 -12.91 1.47 -20.90
CA SER B 153 -13.59 0.19 -21.05
C SER B 153 -12.71 -0.81 -21.74
N LYS B 154 -12.12 -0.40 -22.86
CA LYS B 154 -11.30 -1.29 -23.66
C LYS B 154 -10.09 -1.78 -22.89
N ILE B 155 -9.44 -0.88 -22.19
CA ILE B 155 -8.25 -1.20 -21.44
C ILE B 155 -8.52 -2.15 -20.31
N ARG B 156 -9.61 -1.93 -19.58
CA ARG B 156 -9.98 -2.84 -18.50
C ARG B 156 -10.30 -4.22 -19.02
N GLU B 157 -10.89 -4.30 -20.20
CA GLU B 157 -11.15 -5.61 -20.80
C GLU B 157 -9.85 -6.36 -21.03
N GLU B 158 -8.80 -5.62 -21.39
CA GLU B 158 -7.47 -6.22 -21.56
C GLU B 158 -6.80 -6.47 -20.20
N TYR B 159 -6.93 -5.52 -19.28
CA TYR B 159 -6.22 -5.59 -18.01
C TYR B 159 -7.15 -5.36 -16.82
N PRO B 160 -8.14 -6.22 -16.68
CA PRO B 160 -9.16 -6.17 -15.64
C PRO B 160 -8.59 -6.15 -14.21
N ASP B 161 -7.37 -6.66 -14.04
CA ASP B 161 -6.79 -6.79 -12.72
C ASP B 161 -5.77 -5.68 -12.43
N ARG B 162 -5.61 -4.74 -13.37
CA ARG B 162 -4.70 -3.62 -13.16
C ARG B 162 -5.45 -2.40 -12.68
N ILE B 163 -4.72 -1.38 -12.24
CA ILE B 163 -5.33 -0.21 -11.63
C ILE B 163 -5.73 0.84 -12.65
N MET B 164 -7.01 1.19 -12.70
CA MET B 164 -7.47 2.27 -13.56
C MET B 164 -7.58 3.57 -12.81
N ASN B 165 -6.62 4.44 -13.02
CA ASN B 165 -6.62 5.77 -12.43
C ASN B 165 -6.88 6.84 -13.47
N THR B 166 -7.64 7.86 -13.11
CA THR B 166 -7.84 8.98 -14.01
C THR B 166 -7.90 10.31 -13.29
N PHE B 167 -7.41 11.34 -13.97
CA PHE B 167 -7.52 12.71 -13.52
C PHE B 167 -8.46 13.47 -14.43
N SER B 168 -9.65 13.75 -13.94
CA SER B 168 -10.71 14.28 -14.76
C SER B 168 -11.05 15.73 -14.41
N VAL B 169 -11.06 16.59 -15.42
CA VAL B 169 -11.44 17.98 -15.22
C VAL B 169 -12.95 18.15 -15.26
N VAL B 170 -13.50 18.55 -14.14
CA VAL B 170 -14.93 18.58 -13.93
C VAL B 170 -15.54 19.93 -14.30
N PRO B 171 -16.49 19.96 -15.26
CA PRO B 171 -17.48 21.04 -15.41
C PRO B 171 -17.61 21.90 -14.17
N SER B 172 -17.23 23.16 -14.28
CA SER B 172 -17.28 24.08 -13.15
C SER B 172 -18.46 25.05 -13.26
N PRO B 173 -19.30 25.12 -12.22
CA PRO B 173 -20.41 26.10 -12.07
C PRO B 173 -20.26 27.36 -12.93
N LYS B 174 -19.15 28.07 -12.75
CA LYS B 174 -18.98 29.41 -13.33
C LYS B 174 -17.90 29.48 -14.40
N VAL B 175 -17.31 28.35 -14.75
CA VAL B 175 -16.31 28.34 -15.80
C VAL B 175 -16.71 27.36 -16.87
N SER B 176 -17.18 27.90 -17.98
CA SER B 176 -17.72 27.07 -19.04
C SER B 176 -17.00 27.30 -20.34
N ASP B 177 -17.66 26.94 -21.43
CA ASP B 177 -17.16 26.95 -22.80
C ASP B 177 -17.94 25.96 -23.66
N THR B 178 -19.10 25.52 -23.15
CA THR B 178 -19.97 24.63 -23.87
C THR B 178 -21.29 24.51 -23.14
N VAL B 179 -22.35 24.31 -23.89
CA VAL B 179 -23.68 24.26 -23.31
C VAL B 179 -24.17 22.84 -23.19
N VAL B 180 -23.37 21.88 -23.66
CA VAL B 180 -23.71 20.47 -23.54
C VAL B 180 -22.76 19.79 -22.57
N GLU B 181 -22.16 20.60 -21.71
CA GLU B 181 -21.22 20.12 -20.71
C GLU B 181 -21.84 19.07 -19.80
N PRO B 182 -23.16 19.16 -19.54
CA PRO B 182 -23.87 18.19 -18.71
C PRO B 182 -24.15 16.92 -19.46
N TYR B 183 -24.44 17.03 -20.75
CA TYR B 183 -24.67 15.86 -21.56
C TYR B 183 -23.42 15.02 -21.65
N ASN B 184 -22.31 15.67 -21.93
CA ASN B 184 -21.06 14.97 -22.10
C ASN B 184 -20.57 14.39 -20.78
N ALA B 185 -20.69 15.17 -19.72
CA ALA B 185 -20.28 14.71 -18.40
C ALA B 185 -21.12 13.53 -17.94
N THR B 186 -22.43 13.63 -18.13
CA THR B 186 -23.34 12.59 -17.65
C THR B 186 -23.13 11.28 -18.39
N LEU B 187 -23.01 11.37 -19.71
CA LEU B 187 -22.75 10.19 -20.52
C LEU B 187 -21.40 9.59 -20.17
N SER B 188 -20.42 10.44 -19.90
CA SER B 188 -19.10 9.98 -19.52
C SER B 188 -19.09 9.28 -18.17
N VAL B 189 -19.54 9.98 -17.12
CA VAL B 189 -19.45 9.42 -15.77
C VAL B 189 -20.22 8.11 -15.65
N HIS B 190 -21.30 7.98 -16.44
CA HIS B 190 -22.08 6.76 -16.47
C HIS B 190 -21.20 5.54 -16.69
N GLN B 191 -20.22 5.66 -17.58
CA GLN B 191 -19.32 4.56 -17.88
C GLN B 191 -18.05 4.64 -17.06
N LEU B 192 -17.73 5.84 -16.58
CA LEU B 192 -16.54 6.06 -15.78
C LEU B 192 -16.57 5.24 -14.51
N VAL B 193 -17.65 5.40 -13.73
CA VAL B 193 -17.77 4.74 -12.44
C VAL B 193 -17.56 3.25 -12.54
N GLU B 194 -18.25 2.65 -13.49
CA GLU B 194 -18.31 1.21 -13.61
C GLU B 194 -16.96 0.61 -13.96
N ASN B 195 -16.10 1.40 -14.59
CA ASN B 195 -14.87 0.86 -15.13
C ASN B 195 -13.63 1.53 -14.54
N THR B 196 -13.79 2.24 -13.44
CA THR B 196 -12.66 2.98 -12.87
C THR B 196 -12.40 2.60 -11.40
N ASP B 197 -11.12 2.52 -11.03
CA ASP B 197 -10.73 2.16 -9.67
C ASP B 197 -10.53 3.40 -8.80
N GLU B 198 -10.00 4.45 -9.39
CA GLU B 198 -9.92 5.73 -8.71
C GLU B 198 -9.98 6.89 -9.68
N THR B 199 -10.68 7.94 -9.32
CA THR B 199 -10.78 9.12 -10.16
C THR B 199 -10.67 10.39 -9.35
N TYR B 200 -9.99 11.37 -9.92
CA TYR B 200 -9.81 12.64 -9.26
C TYR B 200 -10.62 13.73 -9.93
N CYS B 201 -11.29 14.53 -9.13
CA CYS B 201 -12.16 15.57 -9.64
C CYS B 201 -11.55 16.94 -9.45
N ILE B 202 -11.22 17.58 -10.55
CA ILE B 202 -10.60 18.89 -10.51
C ILE B 202 -11.43 19.93 -11.24
N ASP B 203 -11.72 21.02 -10.56
CA ASP B 203 -12.47 22.12 -11.15
C ASP B 203 -11.57 23.26 -11.56
N ASN B 204 -11.75 23.74 -12.78
CA ASN B 204 -11.00 24.90 -13.26
C ASN B 204 -11.35 26.13 -12.44
N GLU B 205 -12.60 26.22 -12.03
CA GLU B 205 -13.04 27.33 -11.17
C GLU B 205 -12.30 27.34 -9.85
N ALA B 206 -12.17 26.16 -9.24
CA ALA B 206 -11.46 26.05 -7.98
C ALA B 206 -10.01 26.45 -8.13
N LEU B 207 -9.41 26.02 -9.24
CA LEU B 207 -8.03 26.39 -9.51
C LEU B 207 -7.90 27.87 -9.78
N TYR B 208 -8.89 28.44 -10.48
CA TYR B 208 -8.91 29.87 -10.72
C TYR B 208 -8.94 30.65 -9.42
N ASP B 209 -9.65 30.13 -8.43
CA ASP B 209 -9.69 30.74 -7.12
C ASP B 209 -8.34 30.59 -6.41
N ILE B 210 -7.81 29.37 -6.39
CA ILE B 210 -6.54 29.09 -5.72
C ILE B 210 -5.40 29.90 -6.28
N CYS B 211 -5.32 29.96 -7.60
CA CYS B 211 -4.22 30.61 -8.28
C CYS B 211 -4.22 32.12 -8.08
N PHE B 212 -5.30 32.66 -7.55
CA PHE B 212 -5.30 34.05 -7.18
C PHE B 212 -5.29 34.22 -5.67
N ARG B 213 -6.21 33.55 -5.00
CA ARG B 213 -6.34 33.68 -3.55
C ARG B 213 -5.03 33.38 -2.82
N THR B 214 -4.30 32.37 -3.29
CA THR B 214 -3.07 31.98 -2.62
C THR B 214 -1.83 32.39 -3.41
N LEU B 215 -1.90 32.29 -4.73
CA LEU B 215 -0.73 32.58 -5.55
C LEU B 215 -0.74 34.00 -6.11
N LYS B 216 -1.85 34.70 -5.93
CA LYS B 216 -1.95 36.12 -6.32
C LYS B 216 -1.53 36.37 -7.76
N LEU B 217 -1.91 35.48 -8.67
CA LEU B 217 -1.55 35.65 -10.06
C LEU B 217 -2.43 36.66 -10.75
N THR B 218 -1.81 37.64 -11.39
CA THR B 218 -2.54 38.67 -12.11
C THR B 218 -3.27 38.08 -13.32
N THR B 219 -2.57 37.24 -14.07
CA THR B 219 -3.13 36.59 -15.25
C THR B 219 -2.97 35.08 -15.20
N PRO B 220 -3.73 34.41 -14.35
CA PRO B 220 -3.79 32.98 -14.31
C PRO B 220 -4.18 32.41 -15.66
N THR B 221 -3.24 31.71 -16.30
CA THR B 221 -3.51 31.08 -17.59
C THR B 221 -3.74 29.59 -17.41
N TYR B 222 -4.18 28.92 -18.47
CA TYR B 222 -4.37 27.49 -18.43
C TYR B 222 -3.08 26.77 -18.08
N GLY B 223 -1.95 27.30 -18.56
CA GLY B 223 -0.65 26.72 -18.26
C GLY B 223 -0.32 26.76 -16.77
N ASP B 224 -0.98 27.66 -16.04
CA ASP B 224 -0.76 27.79 -14.61
C ASP B 224 -1.71 26.89 -13.85
N LEU B 225 -2.91 26.71 -14.41
CA LEU B 225 -3.90 25.85 -13.78
C LEU B 225 -3.49 24.39 -13.95
N ASN B 226 -2.96 24.08 -15.14
CA ASN B 226 -2.48 22.75 -15.44
C ASN B 226 -1.25 22.43 -14.60
N HIS B 227 -0.48 23.46 -14.30
CA HIS B 227 0.69 23.35 -13.47
C HIS B 227 0.31 22.91 -12.06
N LEU B 228 -0.73 23.53 -11.51
CA LEU B 228 -1.27 23.11 -10.22
C LEU B 228 -1.69 21.64 -10.25
N VAL B 229 -2.36 21.25 -11.33
CA VAL B 229 -2.81 19.87 -11.48
C VAL B 229 -1.64 18.91 -11.52
N SER B 230 -0.62 19.25 -12.30
CA SER B 230 0.53 18.39 -12.49
C SER B 230 1.26 18.14 -11.20
N ALA B 231 1.27 19.13 -10.31
CA ALA B 231 1.92 18.98 -9.02
C ALA B 231 1.25 17.87 -8.22
N THR B 232 -0.08 17.83 -8.24
CA THR B 232 -0.80 16.81 -7.51
C THR B 232 -0.70 15.46 -8.19
N MET B 233 -0.66 15.46 -9.52
CA MET B 233 -0.50 14.22 -10.27
C MET B 233 0.79 13.53 -9.89
N SER B 234 1.86 14.31 -9.80
CA SER B 234 3.14 13.76 -9.40
C SER B 234 3.06 13.17 -8.01
N GLY B 235 2.49 13.92 -7.08
CA GLY B 235 2.40 13.51 -5.68
C GLY B 235 1.73 12.16 -5.51
N VAL B 236 0.69 11.91 -6.31
CA VAL B 236 -0.03 10.64 -6.24
C VAL B 236 0.88 9.43 -6.41
N THR B 237 1.88 9.54 -7.28
CA THR B 237 2.74 8.40 -7.60
C THR B 237 4.20 8.62 -7.23
N THR B 238 4.50 9.78 -6.66
CA THR B 238 5.88 10.14 -6.34
C THR B 238 6.51 9.18 -5.35
N CYS B 239 5.67 8.61 -4.49
CA CYS B 239 6.10 7.63 -3.51
C CYS B 239 6.65 6.36 -4.14
N LEU B 240 6.32 6.12 -5.40
CA LEU B 240 6.74 4.93 -6.09
C LEU B 240 8.09 5.09 -6.73
N ARG B 241 8.61 6.31 -6.72
CA ARG B 241 9.78 6.59 -7.51
C ARG B 241 11.02 6.88 -6.70
N PHE B 242 10.91 6.77 -5.37
CA PHE B 242 12.08 6.90 -4.51
C PHE B 242 11.76 6.49 -3.06
N PRO B 243 12.79 6.47 -2.21
CA PRO B 243 12.72 6.01 -0.83
C PRO B 243 11.87 6.91 0.06
N GLY B 244 11.38 6.35 1.16
CA GLY B 244 10.54 7.09 2.09
C GLY B 244 10.32 6.31 3.38
N GLN B 245 9.93 7.01 4.43
CA GLN B 245 9.70 6.40 5.74
C GLN B 245 8.47 5.53 5.71
N LEU B 246 7.45 6.01 5.02
CA LEU B 246 6.27 5.21 4.74
C LEU B 246 5.99 5.22 3.27
N ASN B 247 6.04 4.06 2.65
CA ASN B 247 5.77 3.93 1.24
C ASN B 247 4.29 4.10 0.97
N ALA B 248 3.96 4.25 -0.30
CA ALA B 248 2.58 4.37 -0.71
C ALA B 248 2.45 3.90 -2.14
N ASP B 249 1.22 3.77 -2.59
CA ASP B 249 0.96 3.20 -3.89
C ASP B 249 -0.45 3.48 -4.32
N LEU B 250 -0.71 3.35 -5.60
CA LEU B 250 -2.06 3.52 -6.13
C LEU B 250 -2.97 2.47 -5.53
N ARG B 251 -2.45 1.25 -5.39
CA ARG B 251 -3.19 0.18 -4.77
C ARG B 251 -3.37 0.45 -3.29
N LYS B 252 -2.29 0.87 -2.63
CA LYS B 252 -2.31 1.15 -1.21
C LYS B 252 -3.30 2.23 -0.90
N LEU B 253 -3.32 3.26 -1.73
CA LEU B 253 -4.26 4.33 -1.57
C LEU B 253 -5.66 3.81 -1.73
N ALA B 254 -5.91 3.09 -2.81
CA ALA B 254 -7.23 2.55 -3.05
C ALA B 254 -7.71 1.72 -1.87
N VAL B 255 -6.82 0.87 -1.36
CA VAL B 255 -7.14 0.05 -0.20
C VAL B 255 -7.51 0.89 1.02
N ASN B 256 -6.89 2.06 1.17
CA ASN B 256 -7.17 2.92 2.30
C ASN B 256 -8.05 4.13 1.96
N MET B 257 -8.49 4.23 0.71
CA MET B 257 -9.24 5.39 0.27
C MET B 257 -10.63 5.04 -0.22
N VAL B 258 -10.82 3.81 -0.65
CA VAL B 258 -12.15 3.35 -1.01
C VAL B 258 -12.69 2.37 0.01
N PRO B 259 -13.69 2.79 0.80
CA PRO B 259 -14.32 1.94 1.81
C PRO B 259 -15.53 1.27 1.23
N PHE B 260 -16.11 1.91 0.25
CA PHE B 260 -17.24 1.37 -0.44
C PHE B 260 -17.00 1.39 -1.93
N PRO B 261 -16.83 0.21 -2.53
CA PRO B 261 -16.38 0.02 -3.93
C PRO B 261 -16.56 1.25 -4.82
N ARG B 262 -17.79 1.77 -4.86
CA ARG B 262 -18.18 2.74 -5.87
C ARG B 262 -17.72 4.16 -5.55
N LEU B 263 -17.50 4.44 -4.28
CA LEU B 263 -17.17 5.79 -3.85
C LEU B 263 -15.69 6.04 -3.97
N HIS B 264 -15.22 6.18 -5.20
CA HIS B 264 -13.80 6.35 -5.45
C HIS B 264 -13.53 7.65 -6.19
N PHE B 265 -14.24 8.69 -5.79
CA PHE B 265 -14.02 10.03 -6.31
C PHE B 265 -13.29 10.86 -5.30
N PHE B 266 -12.20 11.50 -5.71
CA PHE B 266 -11.36 12.16 -4.75
C PHE B 266 -11.13 13.62 -5.07
N MET B 267 -11.00 14.41 -4.03
CA MET B 267 -10.57 15.79 -4.17
C MET B 267 -9.07 15.86 -3.97
N PRO B 268 -8.37 16.59 -4.83
CA PRO B 268 -6.92 16.72 -4.70
C PRO B 268 -6.52 18.07 -4.16
N GLY B 269 -5.41 18.10 -3.42
CA GLY B 269 -4.85 19.34 -2.94
C GLY B 269 -3.33 19.27 -2.90
N PHE B 270 -2.71 20.41 -2.71
CA PHE B 270 -1.26 20.51 -2.65
C PHE B 270 -0.85 21.43 -1.54
N ALA B 271 0.16 21.04 -0.78
CA ALA B 271 0.72 21.89 0.25
C ALA B 271 1.37 23.15 -0.34
N PRO B 272 2.50 23.57 0.22
CA PRO B 272 2.85 25.01 0.26
C PRO B 272 2.32 25.78 -0.96
N LEU B 273 1.20 26.46 -0.76
CA LEU B 273 0.64 27.39 -1.75
C LEU B 273 0.81 28.81 -1.28
N THR B 274 1.79 29.51 -1.84
CA THR B 274 2.07 30.87 -1.40
C THR B 274 2.71 31.66 -2.53
N SER B 275 2.44 32.96 -2.58
CA SER B 275 3.00 33.81 -3.62
C SER B 275 4.49 34.03 -3.38
N ARG B 276 5.20 34.44 -4.42
CA ARG B 276 6.64 34.59 -4.35
C ARG B 276 7.10 35.72 -3.43
N GLY B 277 6.19 36.65 -3.13
CA GLY B 277 6.50 37.71 -2.18
C GLY B 277 6.15 37.31 -0.75
N SER B 278 5.37 36.25 -0.59
CA SER B 278 4.94 35.81 0.71
C SER B 278 5.70 34.58 1.19
N GLN B 279 6.48 33.97 0.29
CA GLN B 279 7.25 32.78 0.63
C GLN B 279 8.25 33.05 1.76
N GLN B 280 8.71 34.29 1.87
CA GLN B 280 9.68 34.66 2.90
C GLN B 280 9.08 34.66 4.30
N TYR B 281 7.75 34.59 4.38
CA TYR B 281 7.07 34.58 5.67
C TYR B 281 6.66 33.17 6.06
N ARG B 282 7.06 32.17 5.27
CA ARG B 282 6.68 30.80 5.53
C ARG B 282 7.54 30.16 6.61
N ALA B 283 6.91 29.32 7.42
CA ALA B 283 7.60 28.60 8.47
C ALA B 283 8.17 27.29 7.95
N LEU B 284 7.50 26.70 6.94
CA LEU B 284 7.91 25.43 6.36
C LEU B 284 7.92 24.30 7.39
N THR B 285 6.87 24.24 8.21
CA THR B 285 6.76 23.20 9.22
C THR B 285 5.60 22.29 8.88
N VAL B 286 5.61 21.08 9.46
CA VAL B 286 4.55 20.13 9.22
C VAL B 286 3.16 20.68 9.62
N PRO B 287 3.02 21.32 10.80
CA PRO B 287 1.87 22.09 11.23
C PRO B 287 1.38 23.02 10.13
N GLU B 288 2.27 23.86 9.61
CA GLU B 288 1.92 24.79 8.54
C GLU B 288 1.36 24.07 7.34
N LEU B 289 2.00 22.98 6.94
CA LEU B 289 1.57 22.24 5.77
C LEU B 289 0.17 21.69 5.95
N THR B 290 -0.12 21.15 7.13
CA THR B 290 -1.42 20.55 7.39
C THR B 290 -2.52 21.59 7.50
N GLN B 291 -2.15 22.79 7.94
CA GLN B 291 -3.10 23.89 7.94
C GLN B 291 -3.57 24.18 6.53
N GLN B 292 -2.64 24.13 5.58
CA GLN B 292 -2.98 24.33 4.19
C GLN B 292 -3.70 23.12 3.60
N MET B 293 -3.21 21.92 3.91
CA MET B 293 -3.77 20.70 3.33
C MET B 293 -5.21 20.48 3.72
N PHE B 294 -5.56 20.86 4.94
CA PHE B 294 -6.92 20.72 5.41
C PHE B 294 -7.70 22.03 5.32
N ASP B 295 -7.19 22.98 4.54
CA ASP B 295 -7.92 24.20 4.25
C ASP B 295 -8.82 24.01 3.05
N ALA B 296 -10.12 24.17 3.25
CA ALA B 296 -11.11 23.99 2.19
C ALA B 296 -10.80 24.83 0.97
N LYS B 297 -10.22 26.00 1.19
CA LYS B 297 -9.96 26.94 0.11
C LYS B 297 -8.84 26.46 -0.81
N ASN B 298 -8.05 25.50 -0.35
CA ASN B 298 -6.94 24.99 -1.13
C ASN B 298 -7.30 23.69 -1.84
N MET B 299 -8.58 23.33 -1.82
CA MET B 299 -9.02 22.13 -2.52
C MET B 299 -9.28 22.42 -3.98
N MET B 300 -8.85 21.52 -4.85
CA MET B 300 -8.92 21.75 -6.29
C MET B 300 -10.24 21.30 -6.88
N ALA B 301 -11.11 20.73 -6.05
CA ALA B 301 -12.51 20.58 -6.40
C ALA B 301 -13.30 21.80 -5.94
N ALA B 302 -14.29 22.19 -6.72
CA ALA B 302 -15.05 23.40 -6.41
C ALA B 302 -15.85 23.27 -5.13
N CYS B 303 -16.35 22.07 -4.86
CA CYS B 303 -17.18 21.87 -3.68
C CYS B 303 -16.37 22.01 -2.41
N ASP B 304 -16.89 22.80 -1.48
CA ASP B 304 -16.23 23.04 -0.22
C ASP B 304 -16.52 21.91 0.79
N PRO B 305 -15.52 21.05 1.06
CA PRO B 305 -15.55 19.85 1.91
C PRO B 305 -16.36 20.00 3.19
N ARG B 306 -16.47 21.23 3.71
CA ARG B 306 -17.07 21.45 5.01
C ARG B 306 -18.60 21.39 4.97
N HIS B 307 -19.15 21.19 3.78
CA HIS B 307 -20.57 20.91 3.63
C HIS B 307 -20.85 19.41 3.68
N GLY B 308 -19.78 18.61 3.79
CA GLY B 308 -19.92 17.16 3.84
C GLY B 308 -19.02 16.59 4.93
N ARG B 309 -18.65 15.33 4.78
CA ARG B 309 -17.78 14.67 5.76
C ARG B 309 -16.67 13.90 5.07
N TYR B 310 -15.63 13.58 5.81
CA TYR B 310 -14.50 12.86 5.25
C TYR B 310 -14.62 11.37 5.51
N LEU B 311 -14.86 10.61 4.45
CA LEU B 311 -14.89 9.16 4.56
C LEU B 311 -13.50 8.63 4.83
N THR B 312 -12.52 9.23 4.17
CA THR B 312 -11.11 8.91 4.40
C THR B 312 -10.20 9.90 3.69
N VAL B 313 -9.05 10.16 4.30
CA VAL B 313 -8.09 11.15 3.79
C VAL B 313 -6.71 10.55 3.63
N ALA B 314 -6.05 10.85 2.52
CA ALA B 314 -4.65 10.49 2.37
C ALA B 314 -3.78 11.73 2.43
N ALA B 315 -2.75 11.67 3.26
CA ALA B 315 -1.82 12.77 3.40
C ALA B 315 -0.41 12.30 3.10
N VAL B 316 0.07 12.61 1.91
CA VAL B 316 1.39 12.16 1.49
C VAL B 316 2.39 13.28 1.57
N PHE B 317 3.42 13.09 2.38
CA PHE B 317 4.36 14.15 2.67
C PHE B 317 5.69 13.93 1.96
N ARG B 318 6.41 15.02 1.76
CA ARG B 318 7.65 14.99 1.00
C ARG B 318 8.81 15.63 1.74
N GLY B 319 9.89 14.89 1.92
CA GLY B 319 11.10 15.45 2.48
C GLY B 319 11.36 14.96 3.89
N ARG B 320 12.51 15.34 4.45
CA ARG B 320 12.86 14.94 5.80
C ARG B 320 11.94 15.56 6.82
N MET B 321 11.39 14.73 7.71
CA MET B 321 10.54 15.23 8.78
C MET B 321 10.35 14.18 9.86
N SER B 322 9.94 14.63 11.04
CA SER B 322 9.65 13.72 12.14
C SER B 322 8.35 12.98 11.93
N MET B 323 8.39 11.68 12.12
CA MET B 323 7.19 10.86 11.98
C MET B 323 6.21 11.17 13.08
N LYS B 324 6.72 11.41 14.29
CA LYS B 324 5.90 11.82 15.41
C LYS B 324 5.23 13.14 15.15
N GLU B 325 6.00 14.10 14.66
CA GLU B 325 5.47 15.42 14.35
C GLU B 325 4.27 15.32 13.43
N VAL B 326 4.40 14.52 12.38
CA VAL B 326 3.30 14.31 11.46
C VAL B 326 2.11 13.70 12.16
N ASP B 327 2.36 12.62 12.89
CA ASP B 327 1.29 11.91 13.59
C ASP B 327 0.54 12.83 14.54
N GLU B 328 1.29 13.68 15.25
CA GLU B 328 0.69 14.65 16.16
C GLU B 328 -0.28 15.57 15.44
N GLN B 329 0.14 16.07 14.28
CA GLN B 329 -0.71 16.97 13.52
C GLN B 329 -1.95 16.29 13.01
N MET B 330 -1.82 15.03 12.61
CA MET B 330 -2.98 14.27 12.14
C MET B 330 -4.00 14.12 13.26
N LEU B 331 -3.50 13.87 14.47
CA LEU B 331 -4.35 13.74 15.63
C LEU B 331 -5.04 15.06 15.94
N ASN B 332 -4.28 16.14 15.91
CA ASN B 332 -4.82 17.46 16.18
C ASN B 332 -5.94 17.82 15.23
N VAL B 333 -5.76 17.48 13.96
CA VAL B 333 -6.76 17.76 12.94
C VAL B 333 -8.06 17.01 13.18
N GLN B 334 -7.97 15.73 13.46
CA GLN B 334 -9.16 14.92 13.68
C GLN B 334 -9.86 15.31 14.97
N ASN B 335 -9.08 15.75 15.95
CA ASN B 335 -9.64 16.27 17.19
C ASN B 335 -10.32 17.61 16.97
N LYS B 336 -9.70 18.45 16.13
CA LYS B 336 -10.22 19.78 15.84
C LYS B 336 -11.58 19.72 15.16
N ASN B 337 -11.72 18.85 14.17
CA ASN B 337 -12.95 18.78 13.40
C ASN B 337 -13.55 17.39 13.41
N SER B 338 -13.86 16.88 14.59
CA SER B 338 -14.45 15.57 14.72
C SER B 338 -15.80 15.48 14.03
N SER B 339 -16.47 16.62 13.87
CA SER B 339 -17.75 16.67 13.18
C SER B 339 -17.59 16.53 11.67
N TYR B 340 -16.39 16.80 11.16
CA TYR B 340 -16.17 16.73 9.73
C TYR B 340 -15.80 15.32 9.32
N PHE B 341 -15.02 14.66 10.16
CA PHE B 341 -14.60 13.31 9.84
C PHE B 341 -15.69 12.30 10.14
N VAL B 342 -15.82 11.30 9.27
CA VAL B 342 -16.79 10.25 9.46
C VAL B 342 -16.40 9.32 10.59
N GLU B 343 -17.24 9.28 11.61
CA GLU B 343 -16.96 8.58 12.85
C GLU B 343 -16.83 7.08 12.69
N TRP B 344 -17.40 6.55 11.62
CA TRP B 344 -17.32 5.12 11.33
C TRP B 344 -15.90 4.64 11.09
N ILE B 345 -15.00 5.56 10.81
CA ILE B 345 -13.60 5.24 10.66
C ILE B 345 -12.81 5.70 11.87
N PRO B 346 -11.97 4.83 12.41
CA PRO B 346 -11.21 5.09 13.62
C PRO B 346 -10.12 6.09 13.34
N ASN B 347 -9.17 5.72 12.50
CA ASN B 347 -8.22 6.68 11.99
C ASN B 347 -8.64 7.12 10.62
N ASN B 348 -9.10 8.36 10.51
CA ASN B 348 -9.65 8.84 9.26
C ASN B 348 -8.58 9.23 8.27
N VAL B 349 -7.33 9.32 8.73
CA VAL B 349 -6.28 9.80 7.85
C VAL B 349 -5.19 8.76 7.62
N LYS B 350 -4.99 8.43 6.36
CA LYS B 350 -3.88 7.61 5.93
C LYS B 350 -2.69 8.48 5.60
N THR B 351 -1.53 8.15 6.13
CA THR B 351 -0.37 8.98 5.88
C THR B 351 0.73 8.24 5.15
N ALA B 352 1.60 9.02 4.51
CA ALA B 352 2.81 8.49 3.91
C ALA B 352 3.86 9.57 3.89
N VAL B 353 5.12 9.17 4.00
CA VAL B 353 6.20 10.13 4.04
C VAL B 353 7.34 9.70 3.17
N CYS B 354 7.67 10.51 2.18
CA CYS B 354 8.77 10.20 1.29
C CYS B 354 9.98 11.05 1.63
N ASP B 355 11.16 10.52 1.38
CA ASP B 355 12.39 11.17 1.83
C ASP B 355 12.81 12.36 0.97
N ILE B 356 12.21 12.49 -0.21
CA ILE B 356 12.63 13.54 -1.12
C ILE B 356 11.50 14.53 -1.42
N PRO B 357 11.62 15.77 -0.92
CA PRO B 357 10.83 16.91 -1.32
C PRO B 357 11.03 17.22 -2.80
N PRO B 358 10.06 17.88 -3.42
CA PRO B 358 10.10 18.48 -4.74
C PRO B 358 11.32 19.37 -4.84
N ARG B 359 12.10 19.21 -5.89
CA ARG B 359 13.32 19.97 -6.06
C ARG B 359 13.06 21.46 -5.87
N GLY B 360 13.75 22.06 -4.92
CA GLY B 360 13.59 23.50 -4.65
C GLY B 360 12.78 23.76 -3.39
N LEU B 361 11.98 22.78 -2.97
CA LEU B 361 11.26 22.89 -1.71
C LEU B 361 11.98 22.13 -0.61
N LYS B 362 11.93 22.66 0.60
CA LYS B 362 12.53 22.00 1.73
C LYS B 362 11.63 20.88 2.25
N MET B 363 10.32 21.04 2.05
CA MET B 363 9.36 20.09 2.54
C MET B 363 7.97 20.37 1.99
N SER B 364 7.32 19.35 1.47
CA SER B 364 6.02 19.52 0.82
C SER B 364 5.07 18.39 1.15
N ALA B 365 3.95 18.35 0.46
CA ALA B 365 2.94 17.32 0.66
C ALA B 365 1.83 17.43 -0.36
N THR B 366 1.01 16.40 -0.45
CA THR B 366 -0.18 16.42 -1.28
C THR B 366 -1.35 15.75 -0.59
N PHE B 367 -2.54 16.20 -0.93
CA PHE B 367 -3.73 15.83 -0.20
C PHE B 367 -4.75 15.14 -1.09
N ILE B 368 -5.23 13.99 -0.66
CA ILE B 368 -6.30 13.31 -1.37
C ILE B 368 -7.47 13.04 -0.43
N GLY B 369 -8.62 13.62 -0.71
CA GLY B 369 -9.74 13.51 0.19
C GLY B 369 -10.90 12.75 -0.43
N ASN B 370 -11.39 11.76 0.29
CA ASN B 370 -12.65 11.13 -0.07
C ASN B 370 -13.76 11.71 0.79
N SER B 371 -14.30 12.83 0.36
CA SER B 371 -15.36 13.50 1.10
C SER B 371 -16.72 13.21 0.50
N THR B 372 -17.76 13.34 1.32
CA THR B 372 -19.11 13.15 0.87
C THR B 372 -19.65 14.42 0.21
N ALA B 373 -18.95 15.53 0.44
CA ALA B 373 -19.34 16.84 -0.08
C ALA B 373 -19.39 16.86 -1.60
N ILE B 374 -18.54 16.05 -2.23
CA ILE B 374 -18.42 16.01 -3.68
C ILE B 374 -19.74 15.71 -4.38
N GLN B 375 -20.67 15.08 -3.66
CA GLN B 375 -21.99 14.78 -4.18
C GLN B 375 -22.68 16.01 -4.75
N GLU B 376 -22.34 17.18 -4.20
CA GLU B 376 -22.98 18.42 -4.58
C GLU B 376 -22.60 18.84 -5.98
N LEU B 377 -21.40 18.46 -6.42
CA LEU B 377 -20.97 18.75 -7.78
C LEU B 377 -21.77 17.94 -8.76
N PHE B 378 -22.01 16.69 -8.38
CA PHE B 378 -22.80 15.79 -9.18
C PHE B 378 -24.23 16.27 -9.27
N LYS B 379 -24.76 16.77 -8.16
CA LYS B 379 -26.10 17.32 -8.12
C LYS B 379 -26.26 18.47 -9.07
N ARG B 380 -25.34 19.43 -8.97
CA ARG B 380 -25.39 20.62 -9.81
C ARG B 380 -25.42 20.27 -11.27
N ILE B 381 -24.49 19.40 -11.69
CA ILE B 381 -24.43 18.97 -13.07
C ILE B 381 -25.69 18.25 -13.48
N SER B 382 -26.18 17.38 -12.60
CA SER B 382 -27.40 16.62 -12.87
C SER B 382 -28.58 17.53 -13.11
N GLU B 383 -28.66 18.60 -12.31
CA GLU B 383 -29.74 19.58 -12.47
C GLU B 383 -29.67 20.28 -13.81
N GLN B 384 -28.47 20.66 -14.22
CA GLN B 384 -28.28 21.30 -15.51
C GLN B 384 -28.66 20.37 -16.63
N PHE B 385 -28.23 19.12 -16.49
CA PHE B 385 -28.57 18.07 -17.43
C PHE B 385 -30.05 17.91 -17.54
N THR B 386 -30.71 17.80 -16.39
CA THR B 386 -32.14 17.62 -16.33
C THR B 386 -32.86 18.72 -17.08
N ALA B 387 -32.52 19.97 -16.75
CA ALA B 387 -33.22 21.12 -17.31
C ALA B 387 -33.21 21.09 -18.83
N MET B 388 -32.06 20.74 -19.40
CA MET B 388 -31.94 20.61 -20.84
C MET B 388 -32.66 19.38 -21.35
N PHE B 389 -32.45 18.26 -20.66
CA PHE B 389 -32.99 16.99 -21.09
C PHE B 389 -34.50 16.97 -21.12
N ARG B 390 -35.12 17.71 -20.20
CA ARG B 390 -36.57 17.81 -20.17
C ARG B 390 -37.14 18.38 -21.47
N ARG B 391 -36.32 19.13 -22.20
CA ARG B 391 -36.74 19.68 -23.48
C ARG B 391 -36.08 18.97 -24.65
N LYS B 392 -35.38 17.88 -24.35
CA LYS B 392 -34.57 17.17 -25.33
C LYS B 392 -33.64 18.11 -26.07
N ALA B 393 -33.11 19.09 -25.35
CA ALA B 393 -32.26 20.09 -25.94
C ALA B 393 -30.99 19.49 -26.46
N PHE B 394 -30.59 19.89 -27.67
CA PHE B 394 -29.36 19.41 -28.29
C PHE B 394 -29.32 17.90 -28.51
N LEU B 395 -30.43 17.21 -28.27
CA LEU B 395 -30.44 15.76 -28.29
C LEU B 395 -30.14 15.22 -29.67
N HIS B 396 -30.53 15.97 -30.69
CA HIS B 396 -30.39 15.52 -32.07
C HIS B 396 -28.93 15.38 -32.48
N TRP B 397 -28.02 16.01 -31.74
CA TRP B 397 -26.61 15.88 -32.01
C TRP B 397 -26.11 14.49 -31.65
N TYR B 398 -26.80 13.85 -30.72
CA TYR B 398 -26.43 12.52 -30.30
C TYR B 398 -27.33 11.49 -30.95
N THR B 399 -28.57 11.90 -31.22
CA THR B 399 -29.50 11.07 -31.97
C THR B 399 -28.94 10.74 -33.34
N GLY B 400 -28.33 11.73 -33.98
CA GLY B 400 -27.74 11.54 -35.30
C GLY B 400 -26.55 10.57 -35.27
N GLU B 401 -26.00 10.33 -34.09
CA GLU B 401 -24.90 9.39 -33.94
C GLU B 401 -25.40 8.01 -33.54
N GLY B 402 -26.71 7.88 -33.33
CA GLY B 402 -27.30 6.60 -32.98
C GLY B 402 -27.58 6.48 -31.47
N MET B 403 -27.48 7.58 -30.74
CA MET B 403 -27.76 7.55 -29.32
C MET B 403 -29.23 7.79 -29.04
N ASP B 404 -29.81 6.95 -28.21
CA ASP B 404 -31.23 7.07 -27.88
C ASP B 404 -31.43 7.85 -26.58
N GLU B 405 -32.69 8.04 -26.21
CA GLU B 405 -33.04 8.70 -24.95
C GLU B 405 -32.76 7.80 -23.76
N MET B 406 -32.89 6.50 -23.96
CA MET B 406 -32.80 5.54 -22.87
C MET B 406 -31.46 5.64 -22.17
N GLU B 407 -30.39 5.78 -22.96
CA GLU B 407 -29.06 5.97 -22.40
C GLU B 407 -29.01 7.16 -21.47
N PHE B 408 -29.61 8.26 -21.88
CA PHE B 408 -29.55 9.49 -21.12
C PHE B 408 -30.33 9.36 -19.80
N THR B 409 -31.49 8.72 -19.84
CA THR B 409 -32.28 8.53 -18.64
C THR B 409 -31.63 7.53 -17.72
N GLU B 410 -31.00 6.52 -18.30
CA GLU B 410 -30.31 5.51 -17.54
C GLU B 410 -29.10 6.08 -16.86
N ALA B 411 -28.36 6.93 -17.58
CA ALA B 411 -27.18 7.55 -17.03
C ALA B 411 -27.54 8.42 -15.84
N GLU B 412 -28.56 9.26 -16.00
CA GLU B 412 -28.99 10.15 -14.93
C GLU B 412 -29.47 9.37 -13.71
N SER B 413 -30.24 8.31 -13.96
CA SER B 413 -30.69 7.45 -12.88
C SER B 413 -29.50 6.90 -12.12
N ASN B 414 -28.48 6.49 -12.86
CA ASN B 414 -27.29 5.94 -12.26
C ASN B 414 -26.42 7.02 -11.61
N MET B 415 -26.50 8.25 -12.11
CA MET B 415 -25.84 9.39 -11.46
C MET B 415 -26.48 9.70 -10.12
N ASN B 416 -27.80 9.56 -10.06
CA ASN B 416 -28.52 9.78 -8.82
C ASN B 416 -28.11 8.79 -7.77
N ASP B 417 -27.89 7.54 -8.17
CA ASP B 417 -27.42 6.51 -7.27
C ASP B 417 -26.11 6.90 -6.61
N LEU B 418 -25.19 7.43 -7.41
CA LEU B 418 -23.89 7.87 -6.91
C LEU B 418 -24.05 8.92 -5.81
N VAL B 419 -24.85 9.94 -6.08
CA VAL B 419 -25.10 10.98 -5.11
C VAL B 419 -25.76 10.43 -3.87
N SER B 420 -26.75 9.58 -4.09
CA SER B 420 -27.50 8.97 -3.01
C SER B 420 -26.60 8.20 -2.08
N GLU B 421 -25.64 7.48 -2.65
CA GLU B 421 -24.68 6.70 -1.87
C GLU B 421 -23.80 7.60 -1.00
N TYR B 422 -23.31 8.70 -1.56
CA TYR B 422 -22.54 9.65 -0.77
C TYR B 422 -23.38 10.26 0.34
N GLN B 423 -24.64 10.54 0.05
CA GLN B 423 -25.57 11.02 1.06
C GLN B 423 -25.88 9.97 2.11
N GLN B 424 -25.97 8.70 1.69
CA GLN B 424 -26.18 7.61 2.61
C GLN B 424 -25.12 7.59 3.69
N TYR B 425 -23.90 7.90 3.29
CA TYR B 425 -22.79 7.86 4.21
C TYR B 425 -22.41 9.25 4.74
N GLN B 426 -23.40 10.16 4.78
CA GLN B 426 -23.23 11.45 5.43
C GLN B 426 -24.38 11.73 6.40
N ASP B 427 -24.07 12.37 7.51
CA ASP B 427 -25.12 12.80 8.45
C ASP B 427 -25.46 14.27 8.24
N SER C 9 -43.22 -9.55 2.66
CA SER C 9 -42.45 -8.68 3.55
C SER C 9 -41.15 -9.34 4.02
N SER C 10 -41.22 -10.05 5.15
CA SER C 10 -40.05 -10.71 5.70
C SER C 10 -39.66 -11.94 4.90
N ILE C 11 -38.37 -12.21 4.81
CA ILE C 11 -37.86 -13.32 4.03
C ILE C 11 -37.78 -14.59 4.87
N VAL C 12 -37.68 -15.74 4.19
CA VAL C 12 -37.59 -17.03 4.85
C VAL C 12 -36.29 -17.74 4.54
N VAL C 13 -35.59 -18.22 5.56
CA VAL C 13 -34.36 -18.97 5.35
C VAL C 13 -34.55 -20.47 5.54
N ALA C 14 -34.27 -21.22 4.48
CA ALA C 14 -34.43 -22.68 4.48
C ALA C 14 -33.13 -23.37 4.06
N ILE C 15 -32.90 -24.56 4.61
CA ILE C 15 -31.60 -25.22 4.45
C ILE C 15 -31.69 -26.73 4.28
N ARG C 16 -30.80 -27.30 3.47
CA ARG C 16 -30.76 -28.75 3.25
C ARG C 16 -29.34 -29.21 2.86
N VAL C 17 -29.06 -30.51 3.03
CA VAL C 17 -27.75 -31.08 2.70
C VAL C 17 -27.78 -31.94 1.45
N ARG C 18 -26.61 -32.13 0.80
CA ARG C 18 -26.38 -33.25 -0.13
C ARG C 18 -26.58 -34.61 0.63
N PRO C 19 -25.70 -35.58 0.45
CA PRO C 19 -25.61 -36.63 1.46
C PRO C 19 -24.18 -36.97 1.76
N PHE C 20 -24.00 -38.05 2.48
CA PHE C 20 -22.70 -38.65 2.57
C PHE C 20 -22.71 -39.95 1.81
N THR C 21 -21.64 -40.21 1.09
CA THR C 21 -21.57 -41.33 0.16
C THR C 21 -20.58 -42.33 0.66
N SER C 22 -20.22 -43.27 -0.19
CA SER C 22 -19.21 -44.28 0.15
C SER C 22 -17.85 -43.64 0.39
N MET C 23 -17.65 -42.43 -0.13
CA MET C 23 -16.41 -41.69 0.13
C MET C 23 -16.33 -41.24 1.58
N GLU C 24 -17.50 -41.00 2.19
CA GLU C 24 -17.59 -40.59 3.58
C GLU C 24 -17.80 -41.79 4.48
N LYS C 25 -18.49 -42.81 3.97
CA LYS C 25 -18.71 -44.05 4.72
C LYS C 25 -17.42 -44.82 4.91
N THR C 26 -16.57 -44.81 3.88
CA THR C 26 -15.25 -45.41 3.96
C THR C 26 -14.43 -44.77 5.07
N ARG C 27 -14.59 -43.47 5.23
CA ARG C 27 -13.91 -42.73 6.27
C ARG C 27 -14.55 -42.96 7.63
N LEU C 28 -14.34 -44.15 8.17
CA LEU C 28 -14.93 -44.52 9.45
C LEU C 28 -14.44 -43.61 10.56
N VAL C 29 -13.16 -43.30 10.54
CA VAL C 29 -12.57 -42.44 11.54
C VAL C 29 -12.80 -40.96 11.22
N ILE C 30 -14.02 -40.49 11.50
CA ILE C 30 -14.35 -39.08 11.39
C ILE C 30 -15.59 -38.75 12.19
N ARG C 31 -15.60 -37.57 12.77
CA ARG C 31 -16.76 -37.10 13.50
C ARG C 31 -17.54 -36.06 12.69
N LYS C 32 -18.83 -36.30 12.52
CA LYS C 32 -19.69 -35.40 11.76
C LYS C 32 -19.76 -34.03 12.40
N ILE C 33 -19.91 -32.99 11.57
CA ILE C 33 -20.00 -31.62 12.06
C ILE C 33 -21.41 -31.05 11.92
N VAL C 34 -22.27 -31.75 11.19
CA VAL C 34 -23.65 -31.32 11.02
C VAL C 34 -24.62 -32.28 11.67
N ASP C 35 -25.50 -31.74 12.51
CA ASP C 35 -26.52 -32.55 13.14
C ASP C 35 -27.81 -31.77 13.34
N CYS C 36 -28.74 -31.95 12.41
CA CYS C 36 -30.08 -31.39 12.57
C CYS C 36 -30.83 -32.16 13.63
N VAL C 37 -31.15 -31.49 14.74
CA VAL C 37 -31.77 -32.17 15.86
C VAL C 37 -33.29 -32.00 15.87
N ASP C 38 -33.77 -30.97 15.21
CA ASP C 38 -35.19 -30.78 15.05
C ASP C 38 -35.48 -29.90 13.85
N ASP C 39 -36.75 -29.76 13.50
CA ASP C 39 -37.13 -28.84 12.46
C ASP C 39 -36.74 -27.44 12.86
N ARG C 40 -36.03 -26.75 11.97
CA ARG C 40 -35.51 -25.40 12.22
C ARG C 40 -34.37 -25.34 13.23
N MET C 41 -33.88 -26.52 13.68
CA MET C 41 -32.84 -26.54 14.72
C MET C 41 -31.61 -27.32 14.28
N LEU C 42 -30.55 -26.58 13.95
CA LEU C 42 -29.29 -27.20 13.56
C LEU C 42 -28.24 -27.05 14.64
N ILE C 43 -27.65 -28.17 15.02
CA ILE C 43 -26.53 -28.13 15.92
C ILE C 43 -25.22 -28.39 15.19
N PHE C 44 -24.27 -27.48 15.36
CA PHE C 44 -22.97 -27.69 14.78
C PHE C 44 -22.11 -28.53 15.69
N ASP C 45 -21.80 -29.72 15.22
CA ASP C 45 -20.97 -30.67 15.94
C ASP C 45 -19.48 -30.36 15.70
N PRO C 46 -18.60 -30.92 16.53
CA PRO C 46 -18.90 -31.89 17.59
C PRO C 46 -18.46 -31.41 18.95
N ALA C 47 -17.94 -30.18 19.00
CA ALA C 47 -17.32 -29.57 20.18
C ALA C 47 -15.81 -29.81 20.14
N ASP C 48 -15.28 -30.50 21.16
CA ASP C 48 -13.88 -30.87 21.18
C ASP C 48 -13.57 -31.84 22.31
N ARG C 49 -13.54 -33.12 21.97
CA ARG C 49 -13.10 -34.16 22.88
C ARG C 49 -11.93 -34.90 22.25
N ASN C 50 -11.07 -34.14 21.57
CA ASN C 50 -10.03 -34.71 20.72
C ASN C 50 -8.94 -35.41 21.51
N SER C 51 -8.35 -36.43 20.90
CA SER C 51 -7.19 -37.12 21.44
C SER C 51 -5.89 -36.53 20.90
N ASN C 52 -6.01 -35.41 20.20
CA ASN C 52 -4.86 -34.74 19.60
C ASN C 52 -4.34 -33.59 20.47
N ALA C 53 -4.78 -33.55 21.73
CA ALA C 53 -4.39 -32.49 22.65
C ALA C 53 -4.64 -32.94 24.10
N THR C 54 -5.39 -32.13 24.87
CA THR C 54 -5.75 -32.51 26.23
C THR C 54 -7.25 -32.37 26.46
N ASN C 55 -7.67 -31.18 26.89
CA ASN C 55 -9.09 -30.88 27.12
C ASN C 55 -9.73 -31.86 28.11
N LYS C 56 -9.07 -32.06 29.25
CA LYS C 56 -9.58 -32.95 30.30
C LYS C 56 -9.81 -32.17 31.58
N PHE C 57 -10.37 -30.98 31.43
CA PHE C 57 -10.57 -30.05 32.54
C PHE C 57 -11.56 -28.98 32.14
N SER C 58 -11.94 -28.13 33.09
CA SER C 58 -12.93 -27.08 32.84
C SER C 58 -12.50 -26.24 31.64
N SER C 59 -13.35 -26.20 30.62
CA SER C 59 -13.00 -25.63 29.34
C SER C 59 -12.68 -24.16 29.42
N GLN C 60 -11.57 -23.78 28.79
CA GLN C 60 -11.23 -22.38 28.59
C GLN C 60 -11.22 -22.04 27.10
N ARG C 61 -11.92 -22.86 26.32
CA ARG C 61 -11.96 -22.68 24.87
C ARG C 61 -13.09 -21.75 24.47
N ARG C 62 -12.92 -21.06 23.34
CA ARG C 62 -13.92 -20.11 22.88
C ARG C 62 -15.18 -20.81 22.39
N ARG C 63 -15.00 -21.73 21.45
CA ARG C 63 -16.11 -22.53 20.97
C ARG C 63 -15.71 -23.98 20.75
N HIS C 64 -14.41 -24.25 20.79
CA HIS C 64 -13.93 -25.61 20.64
C HIS C 64 -14.11 -26.37 21.94
N GLY C 65 -15.31 -26.90 22.13
CA GLY C 65 -15.70 -27.46 23.41
C GLY C 65 -17.21 -27.37 23.59
N GLY C 66 -17.83 -26.39 22.95
CA GLY C 66 -19.28 -26.28 22.95
C GLY C 66 -19.85 -26.60 21.57
N GLU C 67 -21.16 -26.42 21.42
CA GLU C 67 -21.81 -26.65 20.14
C GLU C 67 -22.49 -25.37 19.68
N ILE C 68 -22.58 -25.18 18.37
CA ILE C 68 -23.15 -23.94 17.86
C ILE C 68 -24.58 -24.17 17.38
N LYS C 69 -25.51 -23.43 17.96
CA LYS C 69 -26.92 -23.60 17.64
C LYS C 69 -27.37 -22.62 16.58
N PHE C 70 -27.79 -23.14 15.44
CA PHE C 70 -28.34 -22.33 14.37
C PHE C 70 -29.83 -22.57 14.23
N VAL C 71 -30.61 -21.49 14.26
CA VAL C 71 -32.06 -21.61 14.13
C VAL C 71 -32.57 -20.87 12.91
N PHE C 72 -33.32 -21.57 12.08
CA PHE C 72 -33.78 -21.04 10.80
C PHE C 72 -35.29 -21.06 10.73
N ASP C 73 -35.82 -20.63 9.59
CA ASP C 73 -37.26 -20.59 9.42
C ASP C 73 -37.78 -21.94 8.95
N LYS C 74 -37.03 -22.59 8.08
CA LYS C 74 -37.34 -23.95 7.65
C LYS C 74 -36.08 -24.76 7.38
N LEU C 75 -35.51 -25.33 8.42
CA LEU C 75 -34.36 -26.20 8.26
C LEU C 75 -34.77 -27.61 7.93
N PHE C 76 -34.20 -28.13 6.86
CA PHE C 76 -34.43 -29.50 6.43
C PHE C 76 -33.12 -30.29 6.45
N ASP C 77 -33.20 -31.54 6.07
CA ASP C 77 -32.02 -32.38 5.98
C ASP C 77 -32.17 -33.42 4.88
N GLU C 78 -31.26 -34.40 4.83
CA GLU C 78 -31.26 -35.43 3.80
C GLU C 78 -32.53 -36.30 3.85
N THR C 79 -33.19 -36.33 5.00
CA THR C 79 -34.41 -37.10 5.17
C THR C 79 -35.55 -36.55 4.33
N SER C 80 -35.64 -35.23 4.25
CA SER C 80 -36.78 -34.60 3.58
C SER C 80 -36.56 -34.53 2.07
N SER C 81 -37.54 -35.02 1.31
CA SER C 81 -37.48 -34.99 -0.14
C SER C 81 -37.62 -33.59 -0.68
N GLN C 82 -36.92 -33.31 -1.77
CA GLN C 82 -37.00 -32.01 -2.42
C GLN C 82 -38.38 -31.73 -2.98
N ALA C 83 -39.18 -32.79 -3.17
CA ALA C 83 -40.54 -32.64 -3.63
C ALA C 83 -41.36 -31.85 -2.61
N ARG C 84 -41.03 -32.01 -1.34
CA ARG C 84 -41.70 -31.27 -0.29
C ARG C 84 -40.91 -30.04 0.11
N VAL C 85 -39.59 -30.16 0.20
CA VAL C 85 -38.75 -29.04 0.60
C VAL C 85 -38.96 -27.84 -0.32
N TYR C 86 -38.99 -28.12 -1.62
CA TYR C 86 -39.24 -27.09 -2.59
C TYR C 86 -40.62 -26.49 -2.41
N LYS C 87 -41.65 -27.32 -2.49
CA LYS C 87 -43.03 -26.83 -2.48
C LYS C 87 -43.40 -26.20 -1.14
N GLU C 88 -42.94 -26.80 -0.05
CA GLU C 88 -43.09 -26.23 1.29
C GLU C 88 -42.65 -24.77 1.35
N THR C 89 -41.64 -24.43 0.57
CA THR C 89 -41.02 -23.13 0.65
C THR C 89 -41.40 -22.21 -0.52
N THR C 90 -41.62 -22.80 -1.70
CA THR C 90 -41.76 -22.00 -2.91
C THR C 90 -43.15 -22.06 -3.52
N SER C 91 -43.96 -23.02 -3.10
CA SER C 91 -45.34 -23.09 -3.56
C SER C 91 -46.08 -21.78 -3.26
N PRO C 92 -45.77 -21.15 -2.11
CA PRO C 92 -46.31 -19.84 -1.74
C PRO C 92 -45.61 -18.72 -2.46
N LEU C 93 -44.35 -18.92 -2.83
CA LEU C 93 -43.65 -17.91 -3.62
C LEU C 93 -44.28 -17.80 -5.01
N LEU C 94 -44.64 -18.95 -5.57
CA LEU C 94 -45.31 -18.99 -6.85
C LEU C 94 -46.69 -18.33 -6.76
N ASP C 95 -47.40 -18.60 -5.68
CA ASP C 95 -48.67 -17.94 -5.43
C ASP C 95 -48.47 -16.45 -5.14
N SER C 96 -47.38 -16.11 -4.47
CA SER C 96 -47.05 -14.72 -4.15
C SER C 96 -46.89 -13.91 -5.43
N VAL C 97 -46.26 -14.51 -6.44
CA VAL C 97 -46.15 -13.88 -7.77
C VAL C 97 -47.50 -13.41 -8.29
N LEU C 98 -48.56 -14.16 -7.98
CA LEU C 98 -49.87 -13.89 -8.52
C LEU C 98 -50.74 -13.12 -7.53
N ASP C 99 -50.13 -12.58 -6.48
CA ASP C 99 -50.83 -11.78 -5.48
C ASP C 99 -50.64 -10.27 -5.70
N GLY C 100 -50.14 -9.89 -6.87
CA GLY C 100 -49.99 -8.48 -7.21
C GLY C 100 -48.53 -7.99 -7.11
N PHE C 101 -47.62 -8.91 -6.84
CA PHE C 101 -46.20 -8.57 -6.71
C PHE C 101 -45.35 -9.79 -7.05
N ASN C 102 -44.09 -9.56 -7.37
CA ASN C 102 -43.23 -10.64 -7.86
C ASN C 102 -42.59 -11.46 -6.74
N SER C 103 -41.78 -12.45 -7.11
CA SER C 103 -41.03 -13.24 -6.14
C SER C 103 -39.74 -13.80 -6.71
N THR C 104 -39.04 -14.61 -5.92
CA THR C 104 -37.74 -15.12 -6.31
C THR C 104 -37.22 -16.25 -5.41
N VAL C 105 -36.38 -17.12 -5.99
CA VAL C 105 -35.78 -18.26 -5.29
C VAL C 105 -34.25 -18.17 -5.24
N PHE C 106 -33.66 -18.35 -4.05
CA PHE C 106 -32.21 -18.25 -3.86
C PHE C 106 -31.51 -19.60 -3.67
N ALA C 107 -30.18 -19.56 -3.65
CA ALA C 107 -29.33 -20.74 -3.40
C ALA C 107 -27.98 -20.28 -2.81
N TYR C 108 -27.20 -21.22 -2.23
CA TYR C 108 -25.92 -20.86 -1.60
C TYR C 108 -25.06 -22.10 -1.30
N GLY C 109 -23.72 -21.94 -1.41
CA GLY C 109 -22.81 -23.02 -0.99
C GLY C 109 -21.43 -22.95 -1.68
N ALA C 110 -20.53 -23.83 -1.25
CA ALA C 110 -19.20 -23.97 -1.84
C ALA C 110 -19.26 -24.90 -3.07
N THR C 111 -18.23 -24.84 -3.92
CA THR C 111 -18.22 -25.67 -5.12
C THR C 111 -18.22 -27.14 -4.81
N GLY C 112 -19.24 -27.80 -5.29
CA GLY C 112 -19.40 -29.23 -5.26
C GLY C 112 -20.56 -29.55 -4.32
N CYS C 113 -21.10 -28.51 -3.67
CA CYS C 113 -22.20 -28.68 -2.72
C CYS C 113 -23.58 -28.58 -3.37
N GLY C 114 -23.79 -29.33 -4.45
CA GLY C 114 -25.15 -29.69 -4.80
C GLY C 114 -25.98 -28.66 -5.55
N LYS C 115 -25.43 -27.53 -5.87
CA LYS C 115 -26.13 -26.67 -6.80
C LYS C 115 -25.96 -27.37 -8.14
N THR C 116 -26.77 -27.09 -9.13
CA THR C 116 -26.82 -27.96 -10.32
C THR C 116 -27.56 -29.32 -10.02
N TYR C 117 -27.10 -30.09 -9.01
CA TYR C 117 -27.85 -31.29 -8.59
C TYR C 117 -29.22 -30.92 -7.95
N THR C 118 -29.24 -29.95 -7.03
CA THR C 118 -30.48 -29.63 -6.29
C THR C 118 -31.51 -28.86 -7.12
N VAL C 119 -31.04 -28.16 -8.14
CA VAL C 119 -31.95 -27.44 -9.04
C VAL C 119 -32.71 -28.42 -9.95
N SER C 120 -32.18 -29.64 -10.08
CA SER C 120 -32.73 -30.65 -10.97
C SER C 120 -32.24 -32.04 -10.57
N GLY C 121 -30.93 -32.25 -10.65
CA GLY C 121 -30.34 -33.52 -10.27
C GLY C 121 -30.26 -34.47 -11.43
N THR C 122 -30.13 -35.75 -11.12
CA THR C 122 -30.12 -36.77 -12.15
C THR C 122 -31.48 -36.77 -12.84
N PRO C 123 -31.48 -36.83 -14.18
CA PRO C 123 -32.63 -36.67 -15.08
C PRO C 123 -33.73 -37.74 -14.90
N SER C 124 -34.22 -37.86 -13.68
CA SER C 124 -35.35 -38.71 -13.35
C SER C 124 -36.01 -38.22 -12.06
N GLN C 125 -35.47 -37.15 -11.49
CA GLN C 125 -35.93 -36.63 -10.22
C GLN C 125 -36.46 -35.20 -10.36
N PRO C 126 -37.21 -34.75 -9.36
CA PRO C 126 -37.75 -33.40 -9.25
C PRO C 126 -36.72 -32.46 -8.65
N GLY C 127 -36.92 -31.16 -8.87
CA GLY C 127 -36.01 -30.15 -8.36
C GLY C 127 -36.62 -28.77 -8.49
N ILE C 128 -35.81 -27.75 -8.28
CA ILE C 128 -36.30 -26.38 -8.27
C ILE C 128 -37.05 -26.02 -9.55
N ILE C 129 -36.41 -26.20 -10.70
CA ILE C 129 -37.00 -25.77 -11.97
C ILE C 129 -38.13 -26.69 -12.40
N PHE C 130 -37.91 -27.99 -12.27
CA PHE C 130 -38.88 -28.97 -12.69
C PHE C 130 -40.20 -28.80 -11.95
N LEU C 131 -40.13 -28.70 -10.63
CA LEU C 131 -41.31 -28.58 -9.80
C LEU C 131 -41.98 -27.22 -9.99
N ALA C 132 -41.17 -26.19 -10.28
CA ALA C 132 -41.72 -24.88 -10.60
C ALA C 132 -42.68 -24.97 -11.76
N MET C 133 -42.24 -25.64 -12.83
CA MET C 133 -43.05 -25.78 -14.02
C MET C 133 -44.15 -26.80 -13.82
N GLU C 134 -43.84 -27.90 -13.13
CA GLU C 134 -44.86 -28.92 -12.88
C GLU C 134 -46.07 -28.33 -12.18
N GLU C 135 -45.81 -27.65 -11.07
CA GLU C 135 -46.88 -27.03 -10.28
C GLU C 135 -47.58 -25.92 -11.05
N LEU C 136 -46.81 -25.03 -11.65
CA LEU C 136 -47.36 -23.91 -12.37
C LEU C 136 -48.21 -24.37 -13.53
N PHE C 137 -47.70 -25.31 -14.31
CA PHE C 137 -48.41 -25.79 -15.49
C PHE C 137 -49.73 -26.43 -15.13
N ASN C 138 -49.75 -27.17 -14.02
CA ASN C 138 -51.00 -27.74 -13.55
C ASN C 138 -51.99 -26.64 -13.19
N LYS C 139 -51.49 -25.59 -12.54
CA LYS C 139 -52.30 -24.43 -12.22
C LYS C 139 -52.76 -23.71 -13.48
N ILE C 140 -51.90 -23.67 -14.48
CA ILE C 140 -52.24 -23.03 -15.75
C ILE C 140 -53.39 -23.73 -16.44
N THR C 141 -53.31 -25.05 -16.55
CA THR C 141 -54.32 -25.82 -17.26
C THR C 141 -55.60 -25.96 -16.44
N ASP C 142 -55.50 -25.83 -15.13
CA ASP C 142 -56.68 -25.81 -14.28
C ASP C 142 -57.38 -24.46 -14.36
N LEU C 143 -56.59 -23.40 -14.44
CA LEU C 143 -57.13 -22.04 -14.45
C LEU C 143 -57.20 -21.45 -15.86
N LYS C 144 -56.90 -22.27 -16.88
CA LYS C 144 -56.94 -21.83 -18.28
C LYS C 144 -58.34 -21.42 -18.71
N ASP C 145 -59.35 -21.89 -18.00
CA ASP C 145 -60.73 -21.57 -18.32
C ASP C 145 -61.17 -20.29 -17.63
N GLU C 146 -60.32 -19.72 -16.79
CA GLU C 146 -60.64 -18.50 -16.07
C GLU C 146 -59.85 -17.31 -16.57
N LYS C 147 -58.55 -17.51 -16.77
CA LYS C 147 -57.66 -16.43 -17.18
C LYS C 147 -56.86 -16.79 -18.42
N ASP C 148 -56.41 -15.79 -19.16
CA ASP C 148 -55.52 -16.00 -20.30
C ASP C 148 -54.08 -16.01 -19.81
N PHE C 149 -53.28 -16.93 -20.32
CA PHE C 149 -51.90 -17.06 -19.86
C PHE C 149 -50.90 -16.66 -20.92
N GLU C 150 -50.22 -15.54 -20.69
CA GLU C 150 -49.09 -15.14 -21.52
C GLU C 150 -47.82 -15.09 -20.69
N ILE C 151 -47.15 -16.22 -20.61
CA ILE C 151 -45.96 -16.34 -19.79
C ILE C 151 -44.71 -16.47 -20.65
N SER C 152 -43.67 -15.73 -20.27
CA SER C 152 -42.41 -15.77 -21.00
C SER C 152 -41.24 -16.08 -20.08
N LEU C 153 -40.14 -16.54 -20.67
CA LEU C 153 -38.99 -16.96 -19.91
C LEU C 153 -37.75 -16.15 -20.28
N SER C 154 -37.07 -15.66 -19.25
CA SER C 154 -35.82 -14.92 -19.44
C SER C 154 -34.65 -15.70 -18.89
N TYR C 155 -33.59 -15.79 -19.70
CA TYR C 155 -32.43 -16.58 -19.34
C TYR C 155 -31.20 -15.70 -19.20
N LEU C 156 -30.34 -16.01 -18.23
CA LEU C 156 -29.23 -15.12 -17.90
C LEU C 156 -28.10 -15.83 -17.17
N GLU C 157 -26.86 -15.55 -17.57
CA GLU C 157 -25.67 -16.01 -16.84
C GLU C 157 -24.79 -14.85 -16.44
N ILE C 158 -24.16 -14.93 -15.27
CA ILE C 158 -23.18 -13.93 -14.87
C ILE C 158 -21.81 -14.56 -14.69
N TYR C 159 -20.84 -14.09 -15.49
CA TYR C 159 -19.50 -14.62 -15.45
C TYR C 159 -18.49 -13.50 -15.67
N ASN C 160 -17.53 -13.37 -14.77
CA ASN C 160 -16.59 -12.23 -14.82
C ASN C 160 -17.31 -10.89 -14.81
N GLU C 161 -18.37 -10.76 -14.01
CA GLU C 161 -19.18 -9.55 -13.95
C GLU C 161 -19.81 -9.22 -15.31
N ARG C 162 -19.93 -10.23 -16.17
CA ARG C 162 -20.49 -10.04 -17.50
C ARG C 162 -21.80 -10.78 -17.64
N ILE C 163 -22.78 -10.14 -18.24
CA ILE C 163 -24.05 -10.78 -18.47
C ILE C 163 -24.03 -11.50 -19.79
N ARG C 164 -24.32 -12.79 -19.75
CA ARG C 164 -24.33 -13.58 -20.97
C ARG C 164 -25.72 -14.08 -21.26
N ASP C 165 -26.06 -14.13 -22.54
CA ASP C 165 -27.28 -14.78 -22.96
C ASP C 165 -27.12 -16.27 -22.82
N LEU C 166 -27.80 -16.82 -21.83
CA LEU C 166 -27.62 -18.20 -21.43
C LEU C 166 -27.84 -19.19 -22.57
N LEU C 167 -28.77 -18.86 -23.46
CA LEU C 167 -29.17 -19.79 -24.51
C LEU C 167 -28.51 -19.48 -25.83
N LYS C 168 -28.22 -18.20 -26.06
CA LYS C 168 -27.53 -17.79 -27.27
C LYS C 168 -26.31 -16.92 -26.97
N PRO C 169 -25.15 -17.53 -26.68
CA PRO C 169 -23.88 -16.86 -26.43
C PRO C 169 -23.33 -16.18 -27.68
N GLU C 170 -23.94 -16.48 -28.82
CA GLU C 170 -23.63 -15.83 -30.08
C GLU C 170 -23.88 -14.32 -30.03
N THR C 171 -24.79 -13.88 -29.16
CA THR C 171 -25.03 -12.45 -28.96
C THR C 171 -24.05 -11.88 -27.93
N PRO C 172 -23.45 -10.72 -28.23
CA PRO C 172 -22.46 -10.08 -27.39
C PRO C 172 -23.07 -9.55 -26.09
N SER C 173 -22.27 -9.53 -25.04
CA SER C 173 -22.72 -9.11 -23.71
C SER C 173 -23.11 -7.64 -23.67
N LYS C 174 -22.59 -6.87 -24.62
CA LYS C 174 -22.95 -5.46 -24.75
C LYS C 174 -24.43 -5.28 -25.05
N ARG C 175 -25.07 -6.34 -25.54
CA ARG C 175 -26.48 -6.29 -25.91
C ARG C 175 -27.39 -6.62 -24.74
N LEU C 176 -26.80 -6.86 -23.57
CA LEU C 176 -27.57 -7.17 -22.38
C LEU C 176 -27.40 -6.11 -21.32
N VAL C 177 -28.45 -5.33 -21.11
CA VAL C 177 -28.44 -4.28 -20.11
C VAL C 177 -29.54 -4.51 -19.11
N ILE C 178 -29.19 -4.47 -17.83
CA ILE C 178 -30.16 -4.76 -16.80
C ILE C 178 -30.73 -3.49 -16.18
N ARG C 179 -32.02 -3.26 -16.46
CA ARG C 179 -32.75 -2.13 -15.91
C ARG C 179 -34.04 -2.60 -15.25
N GLU C 180 -34.66 -1.73 -14.46
CA GLU C 180 -35.96 -2.02 -13.86
C GLU C 180 -36.86 -0.78 -13.94
N ASP C 181 -38.16 -1.00 -13.93
CA ASP C 181 -39.13 0.09 -14.01
C ASP C 181 -39.54 0.60 -12.63
N THR C 182 -40.31 1.69 -12.63
CA THR C 182 -41.00 2.17 -11.43
C THR C 182 -42.21 1.29 -11.14
N GLN C 183 -42.62 0.53 -12.16
CA GLN C 183 -43.65 -0.49 -12.01
C GLN C 183 -43.05 -1.84 -11.63
N ASN C 184 -41.73 -1.88 -11.45
CA ASN C 184 -41.00 -3.10 -11.15
C ASN C 184 -41.04 -4.09 -12.32
N HIS C 185 -41.11 -3.54 -13.53
CA HIS C 185 -40.99 -4.35 -14.73
C HIS C 185 -39.53 -4.63 -15.04
N ILE C 186 -39.24 -5.86 -15.46
CA ILE C 186 -37.87 -6.27 -15.76
C ILE C 186 -37.46 -5.79 -17.14
N LYS C 187 -36.53 -4.86 -17.17
CA LYS C 187 -36.13 -4.26 -18.44
C LYS C 187 -34.73 -4.71 -18.85
N VAL C 188 -34.66 -5.86 -19.52
CA VAL C 188 -33.39 -6.35 -20.04
C VAL C 188 -33.35 -6.25 -21.55
N ALA C 189 -32.21 -5.78 -22.06
CA ALA C 189 -32.04 -5.54 -23.50
C ALA C 189 -32.03 -6.86 -24.31
N ASN C 190 -31.61 -6.77 -25.58
CA ASN C 190 -31.77 -7.86 -26.54
C ASN C 190 -31.35 -9.20 -25.96
N LEU C 191 -32.33 -10.06 -25.74
CA LEU C 191 -32.10 -11.36 -25.13
C LEU C 191 -32.99 -12.41 -25.78
N SER C 192 -32.46 -13.63 -25.94
CA SER C 192 -33.26 -14.69 -26.53
C SER C 192 -34.34 -15.15 -25.54
N TYR C 193 -35.50 -14.50 -25.62
CA TYR C 193 -36.65 -14.85 -24.77
C TYR C 193 -37.42 -16.01 -25.37
N HIS C 194 -38.00 -16.82 -24.49
CA HIS C 194 -38.76 -18.00 -24.93
C HIS C 194 -40.03 -18.15 -24.12
N HIS C 195 -40.81 -19.19 -24.42
CA HIS C 195 -42.06 -19.41 -23.73
C HIS C 195 -42.17 -20.86 -23.25
N PRO C 196 -42.80 -21.07 -22.09
CA PRO C 196 -42.97 -22.32 -21.36
C PRO C 196 -44.06 -23.18 -21.98
N ASN C 197 -43.84 -23.59 -23.21
CA ASN C 197 -44.81 -24.40 -23.94
C ASN C 197 -44.99 -25.76 -23.28
N THR C 198 -43.89 -26.33 -22.79
CA THR C 198 -43.92 -27.56 -22.03
C THR C 198 -42.60 -27.76 -21.31
N VAL C 199 -42.65 -28.47 -20.18
CA VAL C 199 -41.53 -28.55 -19.26
C VAL C 199 -40.35 -29.25 -19.90
N GLU C 200 -40.65 -30.11 -20.86
CA GLU C 200 -39.61 -30.80 -21.60
C GLU C 200 -38.72 -29.81 -22.34
N ASP C 201 -39.34 -28.94 -23.12
CA ASP C 201 -38.63 -27.91 -23.86
C ASP C 201 -37.99 -26.90 -22.92
N VAL C 202 -38.69 -26.58 -21.82
CA VAL C 202 -38.14 -25.68 -20.82
C VAL C 202 -36.85 -26.22 -20.25
N MET C 203 -36.89 -27.49 -19.82
CA MET C 203 -35.73 -28.14 -19.24
C MET C 203 -34.63 -28.36 -20.29
N ASP C 204 -35.01 -28.58 -21.54
CA ASP C 204 -34.04 -28.70 -22.62
C ASP C 204 -33.27 -27.40 -22.79
N LEU C 205 -33.97 -26.27 -22.67
CA LEU C 205 -33.32 -24.97 -22.71
C LEU C 205 -32.44 -24.76 -21.48
N VAL C 206 -32.92 -25.22 -20.32
CA VAL C 206 -32.10 -25.18 -19.10
C VAL C 206 -30.80 -25.95 -19.27
N VAL C 207 -30.88 -27.14 -19.87
CA VAL C 207 -29.70 -27.93 -20.17
C VAL C 207 -28.80 -27.22 -21.18
N GLN C 208 -29.41 -26.67 -22.22
CA GLN C 208 -28.67 -25.87 -23.22
C GLN C 208 -27.95 -24.72 -22.54
N GLY C 209 -28.61 -24.11 -21.58
CA GLY C 209 -28.01 -23.06 -20.79
C GLY C 209 -26.83 -23.58 -20.00
N ASN C 210 -27.04 -24.71 -19.31
CA ASN C 210 -25.99 -25.30 -18.48
C ASN C 210 -24.79 -25.72 -19.31
N ILE C 211 -25.03 -26.13 -20.55
CA ILE C 211 -23.97 -26.38 -21.51
C ILE C 211 -23.19 -25.12 -21.82
N ASN C 212 -23.92 -24.01 -22.00
CA ASN C 212 -23.33 -22.74 -22.37
C ASN C 212 -22.62 -22.04 -21.20
N ARG C 213 -22.96 -22.43 -19.97
CA ARG C 213 -22.30 -21.85 -18.80
C ARG C 213 -20.80 -22.14 -18.81
N THR C 214 -20.01 -21.12 -18.49
CA THR C 214 -18.54 -21.24 -18.56
C THR C 214 -17.97 -21.78 -17.25
N THR C 215 -17.32 -22.94 -17.32
CA THR C 215 -17.01 -23.73 -16.14
C THR C 215 -15.54 -23.77 -15.76
N SER C 216 -15.27 -24.32 -14.58
CA SER C 216 -13.93 -24.65 -14.11
C SER C 216 -13.39 -25.88 -14.81
N PRO C 217 -12.08 -25.89 -15.09
CA PRO C 217 -11.41 -27.13 -15.51
C PRO C 217 -10.33 -27.51 -14.52
N THR C 218 -10.59 -27.31 -13.22
CA THR C 218 -9.53 -27.47 -12.22
C THR C 218 -9.82 -28.57 -11.19
N GLU C 219 -10.75 -28.28 -10.27
CA GLU C 219 -11.01 -29.16 -9.13
C GLU C 219 -11.73 -30.45 -9.50
N ALA C 220 -11.99 -31.27 -8.48
CA ALA C 220 -12.72 -32.53 -8.65
C ALA C 220 -14.12 -32.29 -9.21
N ASN C 221 -14.76 -31.22 -8.77
CA ASN C 221 -15.89 -30.69 -9.53
C ASN C 221 -15.28 -29.96 -10.70
N GLU C 222 -15.24 -30.64 -11.85
CA GLU C 222 -14.67 -30.08 -13.07
C GLU C 222 -15.75 -29.87 -14.11
N VAL C 223 -16.95 -30.30 -13.79
CA VAL C 223 -18.11 -29.81 -14.46
C VAL C 223 -18.39 -28.43 -13.90
N SER C 224 -18.37 -28.33 -12.56
CA SER C 224 -18.17 -27.08 -11.83
C SER C 224 -18.56 -25.83 -12.59
N SER C 225 -19.84 -25.72 -12.83
CA SER C 225 -20.49 -24.54 -13.37
C SER C 225 -19.66 -23.26 -13.33
N ARG C 226 -19.25 -22.85 -12.12
CA ARG C 226 -18.42 -21.65 -11.94
C ARG C 226 -19.01 -20.39 -12.56
N SER C 227 -20.32 -20.25 -12.52
CA SER C 227 -20.96 -19.02 -12.95
C SER C 227 -22.35 -18.90 -12.35
N HIS C 228 -22.84 -17.67 -12.26
CA HIS C 228 -24.16 -17.45 -11.73
C HIS C 228 -25.17 -17.51 -12.84
N ALA C 229 -26.42 -17.64 -12.51
CA ALA C 229 -27.45 -17.65 -13.53
C ALA C 229 -28.80 -17.30 -12.95
N VAL C 230 -29.62 -16.62 -13.72
CA VAL C 230 -30.95 -16.29 -13.28
C VAL C 230 -31.99 -16.59 -14.35
N LEU C 231 -32.98 -17.39 -13.97
CA LEU C 231 -34.07 -17.73 -14.86
C LEU C 231 -35.35 -17.08 -14.38
N GLN C 232 -35.90 -16.18 -15.19
CA GLN C 232 -37.02 -15.40 -14.72
C GLN C 232 -38.28 -15.71 -15.50
N ILE C 233 -39.34 -16.03 -14.77
CA ILE C 233 -40.63 -16.32 -15.38
C ILE C 233 -41.50 -15.08 -15.33
N HIS C 234 -41.85 -14.56 -16.49
CA HIS C 234 -42.66 -13.34 -16.54
C HIS C 234 -44.10 -13.66 -16.89
N ILE C 235 -44.97 -13.56 -15.91
CA ILE C 235 -46.35 -14.00 -16.07
C ILE C 235 -47.27 -12.81 -16.35
N MET C 236 -47.78 -12.75 -17.58
CA MET C 236 -48.75 -11.72 -17.95
C MET C 236 -50.10 -12.32 -18.27
N GLN C 237 -50.86 -12.65 -17.23
CA GLN C 237 -52.19 -13.17 -17.45
C GLN C 237 -53.16 -12.03 -17.67
N THR C 238 -54.25 -12.32 -18.39
CA THR C 238 -55.27 -11.30 -18.62
C THR C 238 -56.66 -11.86 -18.36
N ASN C 239 -57.64 -10.97 -18.31
CA ASN C 239 -59.01 -11.36 -17.99
C ASN C 239 -59.76 -11.84 -19.22
N LYS C 240 -60.71 -12.75 -19.00
CA LYS C 240 -61.60 -13.20 -20.06
C LYS C 240 -62.94 -12.47 -19.99
N LEU C 241 -63.13 -11.67 -18.94
CA LEU C 241 -64.39 -10.97 -18.73
C LEU C 241 -64.23 -9.46 -18.87
N VAL C 242 -65.33 -8.79 -19.22
CA VAL C 242 -65.33 -7.34 -19.34
C VAL C 242 -66.09 -6.70 -18.19
N ASP C 243 -65.41 -5.87 -17.42
CA ASP C 243 -66.03 -5.15 -16.32
C ASP C 243 -65.24 -3.89 -15.97
N LEU C 244 -65.75 -3.15 -14.99
CA LEU C 244 -65.19 -1.85 -14.63
C LEU C 244 -63.76 -1.95 -14.09
N THR C 245 -63.36 -3.12 -13.61
CA THR C 245 -62.05 -3.27 -12.99
C THR C 245 -61.14 -4.18 -13.81
N SER C 246 -61.59 -4.57 -15.01
CA SER C 246 -60.82 -5.49 -15.85
C SER C 246 -59.44 -4.94 -16.25
N GLN C 247 -58.49 -4.99 -15.32
CA GLN C 247 -57.12 -4.58 -15.59
C GLN C 247 -56.14 -5.52 -14.91
N HIS C 248 -55.97 -6.71 -15.48
CA HIS C 248 -55.11 -7.72 -14.89
C HIS C 248 -53.65 -7.28 -14.93
N THR C 249 -52.99 -7.32 -13.77
CA THR C 249 -51.58 -6.94 -13.67
C THR C 249 -50.66 -8.10 -13.98
N PHE C 250 -49.36 -7.83 -14.00
CA PHE C 250 -48.36 -8.85 -14.31
C PHE C 250 -47.30 -8.92 -13.21
N ALA C 251 -46.57 -10.03 -13.16
CA ALA C 251 -45.51 -10.21 -12.17
C ALA C 251 -44.59 -11.36 -12.57
N THR C 252 -43.46 -11.48 -11.88
CA THR C 252 -42.44 -12.43 -12.31
C THR C 252 -41.91 -13.32 -11.18
N LEU C 253 -41.19 -14.37 -11.56
CA LEU C 253 -40.50 -15.24 -10.60
C LEU C 253 -39.05 -15.45 -10.99
N SER C 254 -38.13 -14.95 -10.17
CA SER C 254 -36.70 -15.08 -10.48
C SER C 254 -36.10 -16.34 -9.84
N ILE C 255 -35.41 -17.14 -10.64
CA ILE C 255 -34.69 -18.30 -10.13
C ILE C 255 -33.20 -18.01 -10.07
N ILE C 256 -32.68 -17.84 -8.87
CA ILE C 256 -31.31 -17.35 -8.70
C ILE C 256 -30.32 -18.47 -8.51
N ASP C 257 -29.25 -18.43 -9.29
CA ASP C 257 -28.18 -19.42 -9.18
C ASP C 257 -26.83 -18.73 -8.99
N LEU C 258 -25.93 -19.42 -8.31
CA LEU C 258 -24.61 -18.90 -7.98
C LEU C 258 -23.51 -19.83 -8.49
N ALA C 259 -22.33 -19.24 -8.73
CA ALA C 259 -21.18 -19.96 -9.25
C ALA C 259 -20.67 -21.03 -8.30
N GLY C 260 -20.67 -20.72 -7.02
CA GLY C 260 -20.02 -21.57 -6.04
C GLY C 260 -18.68 -20.97 -5.65
N SER C 261 -18.33 -21.07 -4.37
CA SER C 261 -17.08 -20.47 -3.91
C SER C 261 -16.25 -21.40 -3.03
N GLU C 262 -15.01 -21.61 -3.44
CA GLU C 262 -14.06 -22.43 -2.71
C GLU C 262 -13.37 -21.62 -1.60
N ARG C 263 -12.58 -22.31 -0.77
CA ARG C 263 -11.78 -21.66 0.26
C ARG C 263 -10.99 -20.50 -0.31
N ALA C 264 -10.85 -19.44 0.49
CA ALA C 264 -10.20 -18.18 0.08
C ALA C 264 -9.11 -18.37 -0.97
N ALA C 265 -8.22 -19.33 -0.76
CA ALA C 265 -7.20 -19.62 -1.75
C ALA C 265 -6.98 -21.13 -1.88
N ALA C 266 -7.17 -21.63 -3.09
CA ALA C 266 -6.93 -23.02 -3.40
C ALA C 266 -5.47 -23.25 -3.74
N THR C 267 -5.06 -24.52 -3.73
CA THR C 267 -3.67 -24.90 -3.89
C THR C 267 -3.15 -24.63 -5.32
N ARG C 268 -4.06 -24.45 -6.26
CA ARG C 268 -3.68 -24.14 -7.63
C ARG C 268 -4.42 -22.91 -8.15
N ASN C 269 -4.77 -22.00 -7.24
CA ASN C 269 -5.55 -20.84 -7.62
C ASN C 269 -4.69 -19.81 -8.37
N ARG C 270 -4.61 -19.94 -9.69
CA ARG C 270 -3.80 -19.05 -10.52
C ARG C 270 -4.58 -18.44 -11.69
N GLY C 271 -4.18 -17.22 -12.08
CA GLY C 271 -4.64 -16.60 -13.33
C GLY C 271 -6.13 -16.32 -13.33
N ILE C 272 -6.81 -16.91 -14.31
CA ILE C 272 -8.26 -16.74 -14.46
C ILE C 272 -9.01 -17.30 -13.27
N ARG C 273 -8.40 -18.26 -12.57
CA ARG C 273 -9.03 -18.83 -11.40
C ARG C 273 -9.11 -17.80 -10.28
N LEU C 274 -8.05 -17.03 -10.13
CA LEU C 274 -8.05 -15.90 -9.21
C LEU C 274 -9.05 -14.83 -9.64
N HIS C 275 -9.08 -14.57 -10.94
CA HIS C 275 -9.88 -13.49 -11.48
C HIS C 275 -11.36 -13.75 -11.33
N GLU C 276 -11.82 -14.91 -11.81
CA GLU C 276 -13.23 -15.25 -11.69
C GLU C 276 -13.59 -15.50 -10.24
N GLY C 277 -12.69 -16.12 -9.50
CA GLY C 277 -12.94 -16.38 -8.08
C GLY C 277 -13.21 -15.08 -7.33
N ALA C 278 -12.44 -14.04 -7.64
CA ALA C 278 -12.68 -12.72 -7.09
C ALA C 278 -14.04 -12.20 -7.51
N ASN C 279 -14.34 -12.32 -8.79
CA ASN C 279 -15.60 -11.84 -9.33
C ASN C 279 -16.80 -12.55 -8.70
N ILE C 280 -16.64 -13.84 -8.41
CA ILE C 280 -17.67 -14.60 -7.72
C ILE C 280 -17.87 -14.11 -6.31
N ASN C 281 -16.77 -13.98 -5.58
CA ASN C 281 -16.84 -13.56 -4.19
C ASN C 281 -17.35 -12.13 -4.06
N ARG C 282 -16.99 -11.28 -5.01
CA ARG C 282 -17.50 -9.92 -5.03
C ARG C 282 -19.00 -9.92 -5.26
N SER C 283 -19.47 -10.80 -6.14
CA SER C 283 -20.89 -10.93 -6.40
C SER C 283 -21.63 -11.43 -5.16
N LEU C 284 -21.02 -12.39 -4.47
CA LEU C 284 -21.60 -12.92 -3.25
C LEU C 284 -21.62 -11.87 -2.15
N LEU C 285 -20.57 -11.07 -2.09
CA LEU C 285 -20.51 -9.93 -1.18
C LEU C 285 -21.63 -8.95 -1.46
N ALA C 286 -21.84 -8.65 -2.74
CA ALA C 286 -22.87 -7.73 -3.15
C ALA C 286 -24.23 -8.19 -2.68
N LEU C 287 -24.49 -9.49 -2.80
CA LEU C 287 -25.73 -10.06 -2.30
C LEU C 287 -25.81 -9.91 -0.79
N GLY C 288 -24.72 -10.22 -0.11
CA GLY C 288 -24.66 -10.10 1.33
C GLY C 288 -24.95 -8.67 1.77
N ASN C 289 -24.38 -7.71 1.06
CA ASN C 289 -24.59 -6.30 1.37
C ASN C 289 -26.05 -5.93 1.24
N CYS C 290 -26.66 -6.33 0.12
CA CYS C 290 -28.05 -5.97 -0.14
C CYS C 290 -29.01 -6.67 0.80
N ILE C 291 -28.75 -7.95 1.06
CA ILE C 291 -29.60 -8.73 1.95
C ILE C 291 -29.55 -8.19 3.37
N ASN C 292 -28.34 -7.93 3.85
CA ASN C 292 -28.16 -7.42 5.19
C ASN C 292 -28.71 -6.02 5.33
N ALA C 293 -28.47 -5.18 4.32
CA ALA C 293 -29.02 -3.85 4.31
C ALA C 293 -30.53 -3.89 4.33
N LEU C 294 -31.11 -4.76 3.49
CA LEU C 294 -32.55 -4.89 3.39
C LEU C 294 -33.18 -5.27 4.72
N CYS C 295 -32.68 -6.34 5.32
CA CYS C 295 -33.25 -6.85 6.57
C CYS C 295 -33.08 -5.86 7.71
N LEU C 296 -31.89 -5.30 7.84
CA LEU C 296 -31.62 -4.36 8.90
C LEU C 296 -32.43 -3.07 8.72
N ASN C 297 -32.61 -2.66 7.47
CA ASN C 297 -33.36 -1.45 7.18
C ASN C 297 -34.86 -1.68 7.22
N ASP C 298 -35.28 -2.94 7.13
CA ASP C 298 -36.66 -3.29 7.43
C ASP C 298 -36.93 -3.16 8.94
N GLY C 299 -35.90 -3.45 9.74
CA GLY C 299 -35.96 -3.18 11.17
C GLY C 299 -35.98 -1.68 11.45
N SER C 300 -35.31 -0.91 10.58
CA SER C 300 -35.28 0.55 10.70
C SER C 300 -36.40 1.21 9.89
N ARG C 301 -36.22 2.49 9.58
CA ARG C 301 -37.23 3.25 8.87
C ARG C 301 -36.85 3.54 7.41
N SER C 302 -35.55 3.69 7.16
CA SER C 302 -35.07 4.06 5.83
C SER C 302 -34.24 2.94 5.21
N CYS C 303 -34.50 2.67 3.94
CA CYS C 303 -33.88 1.53 3.26
C CYS C 303 -33.02 1.94 2.09
N HIS C 304 -31.77 2.32 2.36
CA HIS C 304 -30.81 2.54 1.29
C HIS C 304 -30.03 1.27 1.05
N ILE C 305 -30.28 0.64 -0.09
CA ILE C 305 -29.68 -0.65 -0.40
C ILE C 305 -28.76 -0.53 -1.62
N PRO C 306 -27.56 -1.12 -1.52
CA PRO C 306 -26.45 -0.97 -2.48
C PRO C 306 -26.63 -1.89 -3.67
N TYR C 307 -27.66 -1.61 -4.45
CA TYR C 307 -28.02 -2.42 -5.63
C TYR C 307 -27.02 -2.25 -6.77
N ARG C 308 -26.09 -1.32 -6.63
CA ARG C 308 -25.12 -1.07 -7.67
C ARG C 308 -23.80 -1.80 -7.44
N ASP C 309 -23.72 -2.60 -6.37
CA ASP C 309 -22.53 -3.38 -6.11
C ASP C 309 -22.31 -4.45 -7.18
N SER C 310 -23.40 -5.03 -7.67
CA SER C 310 -23.32 -6.02 -8.73
C SER C 310 -24.47 -5.90 -9.70
N LYS C 311 -24.26 -6.41 -10.91
CA LYS C 311 -25.32 -6.47 -11.90
C LYS C 311 -26.42 -7.40 -11.45
N LEU C 312 -26.07 -8.37 -10.58
CA LEU C 312 -27.06 -9.25 -10.00
C LEU C 312 -27.96 -8.50 -9.05
N THR C 313 -27.38 -7.59 -8.28
CA THR C 313 -28.16 -6.80 -7.35
C THR C 313 -29.03 -5.77 -8.09
N ARG C 314 -28.58 -5.35 -9.27
CA ARG C 314 -29.46 -4.60 -10.17
C ARG C 314 -30.59 -5.48 -10.67
N LEU C 315 -30.23 -6.70 -11.05
CA LEU C 315 -31.20 -7.67 -11.55
C LEU C 315 -32.23 -8.02 -10.49
N LEU C 316 -31.80 -8.05 -9.24
CA LEU C 316 -32.66 -8.36 -8.12
C LEU C 316 -33.10 -7.10 -7.39
N LYS C 317 -33.01 -5.95 -8.05
CA LYS C 317 -33.32 -4.66 -7.45
C LYS C 317 -34.69 -4.65 -6.78
N PHE C 318 -35.65 -5.36 -7.36
CA PHE C 318 -36.98 -5.41 -6.79
C PHE C 318 -37.37 -6.82 -6.39
N SER C 319 -36.86 -7.81 -7.12
CA SER C 319 -37.07 -9.21 -6.74
C SER C 319 -36.59 -9.45 -5.31
N LEU C 320 -35.47 -8.83 -4.94
CA LEU C 320 -35.03 -8.80 -3.55
C LEU C 320 -35.04 -7.38 -3.00
N GLY C 321 -36.17 -6.96 -2.45
CA GLY C 321 -36.22 -5.67 -1.77
C GLY C 321 -37.57 -5.01 -1.80
N GLY C 322 -38.36 -5.28 -2.84
CA GLY C 322 -39.65 -4.63 -2.99
C GLY C 322 -40.70 -5.28 -2.08
N ASN C 323 -41.96 -4.94 -2.32
CA ASN C 323 -43.05 -5.51 -1.52
C ASN C 323 -43.29 -6.96 -1.93
N CYS C 324 -42.39 -7.83 -1.52
CA CYS C 324 -42.39 -9.20 -2.01
C CYS C 324 -41.74 -10.17 -1.04
N LYS C 325 -41.82 -11.45 -1.37
CA LYS C 325 -41.33 -12.50 -0.50
C LYS C 325 -40.37 -13.42 -1.24
N THR C 326 -39.44 -14.00 -0.49
CA THR C 326 -38.46 -14.92 -1.05
C THR C 326 -37.94 -15.92 -0.02
N VAL C 327 -37.38 -17.01 -0.52
CA VAL C 327 -36.77 -18.01 0.33
C VAL C 327 -35.29 -18.17 0.03
N MET C 328 -34.47 -18.09 1.07
CA MET C 328 -33.05 -18.33 0.98
C MET C 328 -32.80 -19.83 1.10
N ILE C 329 -32.03 -20.38 0.16
CA ILE C 329 -31.69 -21.80 0.23
C ILE C 329 -30.19 -21.98 0.38
N VAL C 330 -29.79 -22.76 1.36
CA VAL C 330 -28.37 -23.01 1.57
C VAL C 330 -28.08 -24.49 1.59
N CYS C 331 -27.07 -24.90 0.82
CA CYS C 331 -26.63 -26.28 0.79
C CYS C 331 -25.54 -26.53 1.80
N ILE C 332 -25.73 -27.55 2.63
CA ILE C 332 -24.86 -27.82 3.76
C ILE C 332 -24.12 -29.16 3.63
N SER C 333 -22.84 -29.17 3.99
CA SER C 333 -22.05 -30.41 4.03
C SER C 333 -21.82 -30.85 5.48
N PRO C 334 -21.97 -32.15 5.73
CA PRO C 334 -21.72 -32.73 7.07
C PRO C 334 -20.27 -33.13 7.29
N SER C 335 -19.44 -32.95 6.26
CA SER C 335 -18.04 -33.33 6.37
C SER C 335 -17.20 -32.24 7.00
N SER C 336 -16.23 -32.64 7.82
CA SER C 336 -15.29 -31.71 8.42
C SER C 336 -14.30 -31.17 7.38
N SER C 337 -14.28 -31.78 6.19
CA SER C 337 -13.51 -31.23 5.07
C SER C 337 -14.12 -29.93 4.58
N HIS C 338 -15.37 -29.67 4.95
CA HIS C 338 -16.02 -28.42 4.66
C HIS C 338 -16.35 -27.67 5.95
N TYR C 339 -15.57 -27.94 7.00
CA TYR C 339 -15.83 -27.41 8.34
C TYR C 339 -15.94 -25.90 8.33
N ASP C 340 -14.93 -25.24 7.76
CA ASP C 340 -14.90 -23.79 7.75
C ASP C 340 -15.93 -23.23 6.80
N GLU C 341 -16.00 -23.83 5.62
CA GLU C 341 -16.89 -23.34 4.58
C GLU C 341 -18.34 -23.44 5.01
N THR C 342 -18.73 -24.62 5.48
CA THR C 342 -20.08 -24.86 5.93
C THR C 342 -20.46 -23.99 7.10
N LEU C 343 -19.56 -23.92 8.09
CA LEU C 343 -19.81 -23.13 9.28
C LEU C 343 -20.00 -21.66 8.94
N ASN C 344 -19.14 -21.14 8.07
CA ASN C 344 -19.20 -19.74 7.70
C ASN C 344 -20.45 -19.41 6.88
N THR C 345 -20.84 -20.32 6.00
CA THR C 345 -22.05 -20.13 5.20
C THR C 345 -23.31 -20.31 6.04
N LEU C 346 -23.23 -21.11 7.10
CA LEU C 346 -24.33 -21.19 8.07
C LEU C 346 -24.52 -19.87 8.81
N LYS C 347 -23.42 -19.27 9.25
CA LYS C 347 -23.48 -17.98 9.91
C LYS C 347 -24.02 -16.92 8.97
N TYR C 348 -23.60 -16.98 7.70
CA TYR C 348 -24.11 -16.08 6.67
C TYR C 348 -25.62 -16.14 6.58
N ALA C 349 -26.16 -17.36 6.50
CA ALA C 349 -27.59 -17.57 6.40
C ALA C 349 -28.31 -17.00 7.61
N ASN C 350 -27.72 -17.19 8.79
CA ASN C 350 -28.30 -16.68 10.02
C ASN C 350 -28.29 -15.15 10.05
N ARG C 351 -27.21 -14.55 9.55
CA ARG C 351 -27.14 -13.10 9.45
C ARG C 351 -28.14 -12.57 8.46
N ALA C 352 -28.32 -13.30 7.36
CA ALA C 352 -29.33 -12.96 6.35
C ALA C 352 -30.73 -13.04 6.96
N LYS C 353 -30.94 -14.03 7.83
CA LYS C 353 -32.21 -14.18 8.53
C LYS C 353 -32.53 -12.97 9.40
N GLU C 354 -31.51 -12.51 10.14
CA GLU C 354 -31.66 -11.35 11.00
C GLU C 354 -31.14 -10.08 10.32
N ARG D 2 20.50 11.30 57.88
CA ARG D 2 20.73 12.68 58.27
C ARG D 2 20.57 13.65 57.09
N GLU D 3 19.88 13.20 56.04
CA GLU D 3 19.79 13.95 54.79
C GLU D 3 18.46 14.69 54.68
N CYS D 4 18.41 15.71 53.82
CA CYS D 4 17.19 16.52 53.68
C CYS D 4 16.94 16.95 52.23
N ILE D 5 15.72 17.41 51.97
CA ILE D 5 15.32 17.85 50.64
C ILE D 5 14.79 19.29 50.64
N SER D 6 15.30 20.12 49.75
CA SER D 6 14.89 21.52 49.68
C SER D 6 13.88 21.77 48.56
N ILE D 7 12.93 22.65 48.81
CA ILE D 7 11.88 22.94 47.83
C ILE D 7 11.71 24.45 47.62
N HIS D 8 11.63 24.86 46.35
CA HIS D 8 11.59 26.27 45.99
C HIS D 8 10.41 26.57 45.06
N VAL D 9 9.61 27.59 45.40
CA VAL D 9 8.42 27.90 44.59
C VAL D 9 8.33 29.38 44.17
N GLY D 10 7.57 29.65 43.10
CA GLY D 10 7.40 31.01 42.54
C GLY D 10 8.74 31.56 42.11
N GLN D 11 8.95 32.84 42.35
CA GLN D 11 10.23 33.48 42.09
C GLN D 11 11.06 33.61 43.37
N ALA D 12 10.41 34.02 44.45
CA ALA D 12 11.07 34.27 45.73
C ALA D 12 11.76 33.05 46.26
N GLY D 13 11.07 31.92 46.23
CA GLY D 13 11.62 30.69 46.75
C GLY D 13 12.87 30.30 46.00
N VAL D 14 12.85 30.56 44.70
CA VAL D 14 13.96 30.23 43.83
C VAL D 14 15.14 31.16 44.08
N GLN D 15 14.88 32.45 44.16
CA GLN D 15 15.93 33.43 44.37
C GLN D 15 16.61 33.23 45.72
N ILE D 16 15.81 32.93 46.73
CA ILE D 16 16.36 32.59 48.03
C ILE D 16 17.20 31.33 47.94
N GLY D 17 16.68 30.35 47.21
CA GLY D 17 17.39 29.11 46.98
C GLY D 17 18.74 29.35 46.36
N ASN D 18 18.80 30.28 45.41
CA ASN D 18 20.06 30.59 44.76
C ASN D 18 21.11 30.95 45.78
N ALA D 19 20.74 31.81 46.72
CA ALA D 19 21.65 32.21 47.78
C ALA D 19 22.05 31.01 48.65
N CYS D 20 21.07 30.17 48.98
CA CYS D 20 21.33 29.02 49.84
C CYS D 20 22.32 28.06 49.22
N TRP D 21 22.12 27.74 47.96
CA TRP D 21 22.95 26.75 47.29
C TRP D 21 24.30 27.32 46.94
N GLU D 22 24.38 28.64 46.76
CA GLU D 22 25.67 29.30 46.66
C GLU D 22 26.46 29.10 47.94
N LEU D 23 25.80 29.30 49.09
CA LEU D 23 26.45 29.14 50.37
C LEU D 23 26.95 27.72 50.57
N TYR D 24 26.10 26.76 50.24
CA TYR D 24 26.45 25.37 50.45
C TYR D 24 27.65 24.99 49.60
N CYS D 25 27.68 25.51 48.38
CA CYS D 25 28.83 25.32 47.51
C CYS D 25 30.08 25.90 48.12
N LEU D 26 29.97 27.12 48.64
CA LEU D 26 31.10 27.78 49.28
C LEU D 26 31.60 26.98 50.47
N GLU D 27 30.67 26.42 51.23
CA GLU D 27 30.99 25.67 52.42
C GLU D 27 31.71 24.37 52.11
N HIS D 28 31.30 23.71 51.05
CA HIS D 28 31.85 22.40 50.73
C HIS D 28 32.87 22.46 49.60
N GLY D 29 33.08 23.65 49.03
CA GLY D 29 34.07 23.85 47.98
C GLY D 29 33.56 23.34 46.64
N ILE D 30 32.25 23.21 46.53
CA ILE D 30 31.62 22.64 45.35
C ILE D 30 31.50 23.66 44.24
N GLN D 31 31.89 23.26 43.04
CA GLN D 31 31.93 24.15 41.90
C GLN D 31 30.57 24.28 41.24
N PRO D 32 30.46 25.20 40.28
CA PRO D 32 29.22 25.52 39.60
C PRO D 32 28.69 24.38 38.74
N ASP D 33 29.56 23.44 38.39
CA ASP D 33 29.13 22.26 37.68
C ASP D 33 28.94 21.06 38.61
N GLY D 34 28.96 21.31 39.92
CA GLY D 34 28.75 20.26 40.92
C GLY D 34 30.05 19.61 41.37
N GLN D 35 31.15 19.87 40.65
CA GLN D 35 32.40 19.21 40.94
C GLN D 35 32.95 19.62 42.29
N MET D 36 33.30 18.63 43.10
CA MET D 36 34.04 18.90 44.33
C MET D 36 35.52 18.68 44.13
N PRO D 37 36.33 19.67 44.50
CA PRO D 37 37.80 19.48 44.53
C PRO D 37 38.33 19.64 45.94
N PHE D 49 28.36 16.56 53.53
CA PHE D 49 27.86 17.30 52.38
C PHE D 49 26.75 16.54 51.69
N ASN D 50 26.69 15.23 51.95
CA ASN D 50 25.77 14.34 51.27
C ASN D 50 24.32 14.59 51.65
N THR D 51 24.10 15.43 52.65
CA THR D 51 22.77 15.75 53.11
C THR D 51 22.14 16.84 52.27
N PHE D 52 22.96 17.49 51.47
CA PHE D 52 22.47 18.49 50.52
C PHE D 52 22.78 18.08 49.09
N PHE D 53 23.87 17.37 48.90
CA PHE D 53 24.27 16.98 47.57
C PHE D 53 24.31 15.47 47.41
N SER D 54 23.56 14.96 46.45
CA SER D 54 23.61 13.55 46.14
C SER D 54 24.98 13.19 45.59
N GLU D 55 25.55 12.13 46.13
CA GLU D 55 26.89 11.72 45.75
C GLU D 55 26.95 11.29 44.30
N THR D 56 27.89 11.87 43.56
CA THR D 56 28.09 11.51 42.17
C THR D 56 29.48 10.91 41.98
N GLY D 57 29.54 9.79 41.27
CA GLY D 57 30.79 9.06 41.07
C GLY D 57 31.86 9.87 40.33
N ALA D 58 31.41 10.76 39.45
CA ALA D 58 32.31 11.65 38.71
C ALA D 58 32.82 12.80 39.59
N GLY D 59 32.23 12.96 40.78
CA GLY D 59 32.60 14.05 41.68
C GLY D 59 31.63 15.22 41.58
N LYS D 60 30.72 15.15 40.60
CA LYS D 60 29.79 16.24 40.37
C LYS D 60 28.53 16.08 41.19
N HIS D 61 28.64 16.40 42.47
CA HIS D 61 27.55 16.18 43.41
C HIS D 61 26.41 17.16 43.15
N VAL D 62 25.19 16.65 43.21
CA VAL D 62 24.03 17.41 42.75
C VAL D 62 23.04 17.69 43.88
N PRO D 63 22.49 18.91 43.91
CA PRO D 63 21.63 19.41 44.97
C PRO D 63 20.36 18.61 45.11
N ARG D 64 20.00 18.31 46.34
CA ARG D 64 18.74 17.66 46.64
C ARG D 64 17.63 18.70 46.71
N ALA D 65 17.17 19.15 45.55
CA ALA D 65 16.24 20.27 45.51
C ALA D 65 15.19 20.14 44.42
N VAL D 66 14.02 20.69 44.68
CA VAL D 66 12.96 20.79 43.69
C VAL D 66 12.60 22.24 43.44
N PHE D 67 12.70 22.66 42.18
CA PHE D 67 12.37 24.03 41.82
C PHE D 67 11.08 24.09 41.04
N VAL D 68 10.14 24.90 41.50
CA VAL D 68 8.85 25.05 40.85
C VAL D 68 8.52 26.49 40.51
N ASP D 69 8.20 26.75 39.26
CA ASP D 69 7.62 28.03 38.87
C ASP D 69 6.74 27.88 37.65
N LEU D 70 5.48 28.28 37.81
CA LEU D 70 4.46 28.13 36.79
C LEU D 70 4.72 29.04 35.58
N GLU D 71 5.66 29.98 35.71
CA GLU D 71 6.21 30.70 34.58
C GLU D 71 7.72 30.68 34.62
N PRO D 72 8.33 29.84 33.80
CA PRO D 72 9.73 29.42 33.88
C PRO D 72 10.74 30.55 34.09
N THR D 73 10.39 31.77 33.66
CA THR D 73 11.22 32.97 33.84
C THR D 73 12.39 32.82 34.83
N VAL D 74 12.10 32.83 36.14
CA VAL D 74 13.18 32.78 37.15
C VAL D 74 13.98 31.50 37.06
N ILE D 75 13.34 30.42 36.63
CA ILE D 75 14.01 29.16 36.44
C ILE D 75 14.89 29.22 35.21
N ASP D 76 14.44 29.94 34.20
CA ASP D 76 15.23 30.16 33.01
C ASP D 76 16.48 30.95 33.35
N GLU D 77 16.37 31.87 34.31
CA GLU D 77 17.53 32.58 34.80
C GLU D 77 18.54 31.60 35.38
N VAL D 78 18.03 30.61 36.13
CA VAL D 78 18.86 29.55 36.65
C VAL D 78 19.41 28.66 35.54
N ARG D 79 18.56 28.33 34.58
CA ARG D 79 18.92 27.44 33.48
C ARG D 79 20.00 28.04 32.60
N THR D 80 20.00 29.37 32.49
CA THR D 80 20.94 30.05 31.63
C THR D 80 22.09 30.67 32.40
N GLY D 81 21.89 30.87 33.70
CA GLY D 81 22.92 31.50 34.51
C GLY D 81 23.85 30.49 35.15
N THR D 82 24.63 30.95 36.12
CA THR D 82 25.57 30.10 36.82
C THR D 82 24.83 29.10 37.68
N TYR D 83 25.39 27.90 37.78
CA TYR D 83 24.78 26.79 38.52
C TYR D 83 23.68 26.09 37.73
N ARG D 84 23.58 26.42 36.45
CA ARG D 84 22.78 25.59 35.55
C ARG D 84 23.41 24.22 35.41
N GLN D 85 24.72 24.17 35.59
CA GLN D 85 25.45 22.93 35.54
C GLN D 85 25.41 22.20 36.87
N LEU D 86 25.20 22.95 37.94
CA LEU D 86 25.06 22.38 39.28
C LEU D 86 23.78 21.57 39.43
N PHE D 87 22.66 22.20 39.11
CA PHE D 87 21.36 21.57 39.32
C PHE D 87 21.04 20.58 38.23
N HIS D 88 20.29 19.55 38.57
CA HIS D 88 19.84 18.58 37.58
C HIS D 88 18.64 19.13 36.84
N PRO D 89 18.56 18.89 35.53
CA PRO D 89 17.52 19.44 34.69
C PRO D 89 16.15 18.92 35.08
N GLU D 90 16.11 17.70 35.62
CA GLU D 90 14.86 17.09 36.06
C GLU D 90 14.22 17.84 37.22
N GLN D 91 15.04 18.60 37.94
CA GLN D 91 14.60 19.28 39.14
C GLN D 91 13.95 20.62 38.82
N LEU D 92 14.22 21.13 37.62
CA LEU D 92 13.79 22.45 37.26
C LEU D 92 12.40 22.43 36.64
N ILE D 93 11.40 22.25 37.51
CA ILE D 93 10.02 22.11 37.06
C ILE D 93 9.37 23.44 36.78
N THR D 94 8.82 23.58 35.59
CA THR D 94 8.16 24.82 35.22
C THR D 94 6.82 24.59 34.56
N GLY D 95 5.98 25.61 34.61
CA GLY D 95 4.69 25.57 33.93
C GLY D 95 4.71 26.40 32.66
N LYS D 96 3.53 26.78 32.19
CA LYS D 96 3.41 27.64 31.02
C LYS D 96 2.74 28.96 31.38
N GLU D 97 1.63 28.87 32.11
CA GLU D 97 0.90 30.05 32.57
C GLU D 97 1.04 30.19 34.08
N ASP D 98 1.36 31.39 34.54
CA ASP D 98 1.60 31.63 35.96
C ASP D 98 0.27 31.72 36.73
N ALA D 99 0.37 31.56 38.06
CA ALA D 99 -0.80 31.69 38.93
C ALA D 99 -1.23 33.14 39.07
N ALA D 100 -0.26 34.04 38.96
CA ALA D 100 -0.50 35.48 38.95
C ALA D 100 -1.13 35.99 40.23
N ASN D 101 -0.45 35.74 41.37
CA ASN D 101 -0.87 36.32 42.63
C ASN D 101 -2.27 35.87 43.02
N ASN D 102 -2.58 34.63 42.68
CA ASN D 102 -3.88 34.09 43.01
C ASN D 102 -3.75 32.74 43.65
N TYR D 103 -3.86 32.72 44.98
CA TYR D 103 -3.76 31.48 45.74
C TYR D 103 -4.61 30.38 45.15
N ALA D 104 -5.80 30.73 44.70
CA ALA D 104 -6.75 29.72 44.26
C ALA D 104 -6.27 29.04 43.00
N ARG D 105 -5.70 29.82 42.08
CA ARG D 105 -5.17 29.28 40.84
C ARG D 105 -3.93 28.44 41.06
N GLY D 106 -3.09 28.88 41.98
CA GLY D 106 -1.91 28.12 42.36
C GLY D 106 -2.31 26.86 43.10
N HIS D 107 -3.37 26.95 43.89
CA HIS D 107 -3.89 25.81 44.63
C HIS D 107 -4.55 24.80 43.71
N TYR D 108 -5.22 25.29 42.68
CA TYR D 108 -6.05 24.40 41.88
C TYR D 108 -5.68 24.41 40.38
N THR D 109 -6.39 25.20 39.59
CA THR D 109 -6.36 25.05 38.13
C THR D 109 -4.97 24.93 37.55
N ILE D 110 -4.06 25.79 37.98
CA ILE D 110 -2.76 25.82 37.35
C ILE D 110 -1.80 24.87 38.05
N GLY D 111 -1.70 24.99 39.38
CA GLY D 111 -0.74 24.21 40.16
C GLY D 111 -0.95 22.70 40.03
N LYS D 112 -2.22 22.28 40.01
CA LYS D 112 -2.54 20.85 39.98
C LYS D 112 -2.07 20.16 38.71
N GLU D 113 -1.72 20.94 37.69
CA GLU D 113 -1.30 20.37 36.44
C GLU D 113 0.14 19.87 36.48
N ILE D 114 0.91 20.35 37.46
CA ILE D 114 2.29 19.92 37.57
C ILE D 114 2.57 19.21 38.89
N ILE D 115 1.63 19.30 39.82
CA ILE D 115 1.85 18.73 41.15
C ILE D 115 2.18 17.24 41.08
N ASP D 116 1.63 16.55 40.08
CA ASP D 116 1.93 15.13 39.91
C ASP D 116 3.40 14.93 39.61
N LEU D 117 3.93 15.72 38.69
CA LEU D 117 5.34 15.70 38.36
C LEU D 117 6.19 16.04 39.55
N VAL D 118 5.78 17.07 40.28
CA VAL D 118 6.51 17.53 41.45
C VAL D 118 6.65 16.44 42.48
N LEU D 119 5.55 15.76 42.78
CA LEU D 119 5.56 14.68 43.73
C LEU D 119 6.39 13.51 43.26
N ASP D 120 6.37 13.26 41.96
CA ASP D 120 7.16 12.19 41.38
C ASP D 120 8.66 12.48 41.51
N ARG D 121 9.04 13.74 41.31
CA ARG D 121 10.43 14.13 41.46
C ARG D 121 10.86 14.03 42.91
N ILE D 122 9.96 14.42 43.82
CA ILE D 122 10.22 14.28 45.23
C ILE D 122 10.41 12.83 45.62
N ARG D 123 9.53 11.97 45.11
CA ARG D 123 9.61 10.55 45.39
C ARG D 123 10.95 9.98 44.98
N LYS D 124 11.40 10.33 43.79
CA LYS D 124 12.71 9.91 43.32
C LYS D 124 13.80 10.32 44.29
N LEU D 125 13.77 11.58 44.73
CA LEU D 125 14.74 12.07 45.69
C LEU D 125 14.66 11.31 46.99
N ALA D 126 13.44 11.05 47.45
CA ALA D 126 13.22 10.35 48.70
C ALA D 126 13.63 8.89 48.60
N ASP D 127 13.50 8.30 47.41
CA ASP D 127 13.95 6.94 47.19
C ASP D 127 15.47 6.86 47.16
N GLN D 128 16.10 7.90 46.64
CA GLN D 128 17.56 8.00 46.68
C GLN D 128 18.05 8.23 48.09
N CYS D 129 17.34 9.07 48.83
CA CYS D 129 17.71 9.43 50.18
C CYS D 129 17.50 8.29 51.16
N THR D 130 18.56 7.92 51.86
CA THR D 130 18.47 6.92 52.92
C THR D 130 17.80 7.51 54.17
N GLY D 131 18.60 8.12 55.04
CA GLY D 131 18.12 8.67 56.31
C GLY D 131 17.50 10.05 56.11
N LEU D 132 16.33 10.10 55.49
CA LEU D 132 15.63 11.36 55.31
C LEU D 132 15.13 11.92 56.63
N GLN D 133 15.59 13.12 56.97
CA GLN D 133 15.11 13.79 58.16
C GLN D 133 13.86 14.59 57.89
N GLY D 134 13.86 15.31 56.77
CA GLY D 134 12.74 16.17 56.46
C GLY D 134 12.99 17.09 55.26
N PHE D 135 12.13 18.09 55.12
CA PHE D 135 12.14 18.97 53.98
C PHE D 135 12.31 20.43 54.41
N SER D 136 12.76 21.26 53.49
CA SER D 136 12.90 22.68 53.73
C SER D 136 12.31 23.50 52.58
N VAL D 137 11.13 24.07 52.83
CA VAL D 137 10.38 24.75 51.78
C VAL D 137 10.60 26.26 51.82
N PHE D 138 10.92 26.82 50.67
CA PHE D 138 11.11 28.26 50.56
C PHE D 138 10.01 28.89 49.72
N HIS D 139 9.21 29.72 50.35
CA HIS D 139 8.04 30.28 49.68
C HIS D 139 7.69 31.64 50.23
N SER D 140 6.70 32.28 49.60
CA SER D 140 6.19 33.55 50.06
C SER D 140 4.74 33.42 50.47
N PHE D 141 4.09 34.55 50.70
CA PHE D 141 2.66 34.59 50.88
C PHE D 141 2.01 35.46 49.83
N GLY D 142 2.83 36.21 49.10
CA GLY D 142 2.33 37.18 48.12
C GLY D 142 1.79 36.49 46.88
N GLY D 143 2.65 35.78 46.17
CA GLY D 143 2.27 35.17 44.92
C GLY D 143 1.45 33.92 45.14
N GLY D 144 0.66 33.56 44.14
CA GLY D 144 -0.16 32.36 44.21
C GLY D 144 0.67 31.13 43.92
N THR D 145 1.69 31.29 43.08
CA THR D 145 2.61 30.21 42.74
C THR D 145 3.45 29.83 43.92
N GLY D 146 3.62 30.76 44.85
CA GLY D 146 4.27 30.44 46.09
C GLY D 146 3.24 29.98 47.11
N SER D 147 2.27 30.85 47.38
CA SER D 147 1.28 30.62 48.43
C SER D 147 0.35 29.44 48.12
N GLY D 148 -0.35 29.52 47.00
CA GLY D 148 -1.35 28.52 46.64
C GLY D 148 -0.73 27.19 46.32
N PHE D 149 0.30 27.21 45.51
CA PHE D 149 0.96 25.97 45.13
C PHE D 149 1.54 25.27 46.34
N THR D 150 2.19 26.02 47.22
CA THR D 150 2.75 25.44 48.43
C THR D 150 1.67 24.77 49.25
N SER D 151 0.53 25.42 49.36
CA SER D 151 -0.60 24.84 50.08
C SER D 151 -0.96 23.48 49.51
N LEU D 152 -1.07 23.40 48.19
CA LEU D 152 -1.32 22.14 47.52
C LEU D 152 -0.24 21.10 47.81
N LEU D 153 1.01 21.51 47.61
CA LEU D 153 2.13 20.60 47.76
C LEU D 153 2.29 20.08 49.17
N MET D 154 2.16 20.96 50.16
CA MET D 154 2.34 20.57 51.55
C MET D 154 1.31 19.55 51.97
N GLU D 155 0.08 19.71 51.49
CA GLU D 155 -0.94 18.71 51.77
C GLU D 155 -0.55 17.36 51.19
N ARG D 156 -0.11 17.36 49.93
CA ARG D 156 0.26 16.12 49.26
C ARG D 156 1.49 15.48 49.90
N LEU D 157 2.46 16.31 50.24
CA LEU D 157 3.70 15.85 50.82
C LEU D 157 3.46 15.29 52.21
N SER D 158 2.58 15.94 52.95
CA SER D 158 2.18 15.51 54.29
C SER D 158 1.59 14.11 54.27
N VAL D 159 0.76 13.83 53.26
CA VAL D 159 0.19 12.50 53.10
C VAL D 159 1.26 11.46 52.86
N ASP D 160 2.19 11.75 51.96
CA ASP D 160 3.22 10.79 51.61
C ASP D 160 4.23 10.58 52.72
N TYR D 161 4.62 11.66 53.40
CA TYR D 161 5.64 11.58 54.43
C TYR D 161 5.17 12.16 55.75
N GLY D 162 4.22 11.47 56.37
CA GLY D 162 3.68 11.90 57.66
C GLY D 162 4.72 11.82 58.78
N LYS D 163 5.77 11.03 58.55
CA LYS D 163 6.79 10.82 59.56
C LYS D 163 8.03 11.69 59.36
N LYS D 164 8.01 12.56 58.35
CA LYS D 164 9.19 13.38 58.06
C LYS D 164 8.94 14.84 58.41
N SER D 165 10.00 15.51 58.86
CA SER D 165 9.89 16.89 59.33
C SER D 165 9.73 17.86 58.17
N LYS D 166 8.76 18.75 58.28
CA LYS D 166 8.52 19.73 57.23
C LYS D 166 8.76 21.15 57.72
N LEU D 167 9.87 21.73 57.29
CA LEU D 167 10.21 23.11 57.61
C LEU D 167 9.70 24.03 56.52
N GLU D 168 9.14 25.16 56.93
CA GLU D 168 8.70 26.16 55.96
C GLU D 168 9.31 27.51 56.26
N PHE D 169 10.13 27.99 55.34
CA PHE D 169 10.71 29.32 55.45
C PHE D 169 9.97 30.27 54.56
N SER D 170 9.13 31.10 55.16
CA SER D 170 8.22 31.93 54.41
C SER D 170 8.58 33.40 54.49
N ILE D 171 8.29 34.12 53.42
CA ILE D 171 8.45 35.57 53.42
C ILE D 171 7.15 36.24 53.81
N TYR D 172 7.12 36.70 55.05
CA TYR D 172 5.92 37.25 55.67
C TYR D 172 5.50 38.55 54.99
N PRO D 173 4.27 38.61 54.43
CA PRO D 173 3.64 39.86 54.02
C PRO D 173 3.93 40.96 55.04
N ALA D 174 4.86 41.84 54.70
CA ALA D 174 5.29 42.88 55.62
C ALA D 174 4.14 43.82 55.97
N PRO D 175 4.11 44.30 57.23
CA PRO D 175 3.04 45.15 57.69
C PRO D 175 3.13 46.56 57.14
N GLN D 176 4.34 47.06 56.97
CA GLN D 176 4.51 48.43 56.52
C GLN D 176 4.31 48.56 55.01
N VAL D 177 4.97 47.70 54.25
CA VAL D 177 4.99 47.86 52.80
C VAL D 177 4.96 46.53 52.09
N SER D 178 4.34 46.50 50.93
CA SER D 178 4.31 45.28 50.14
C SER D 178 4.32 45.61 48.66
N THR D 179 4.16 44.60 47.81
CA THR D 179 4.28 44.84 46.37
C THR D 179 3.03 44.42 45.62
N ALA D 180 2.23 43.54 46.22
CA ALA D 180 0.94 43.18 45.65
C ALA D 180 -0.16 43.62 46.59
N VAL D 181 -1.36 43.84 46.06
CA VAL D 181 -2.42 44.40 46.85
C VAL D 181 -3.39 43.32 47.32
N VAL D 182 -3.23 42.11 46.81
CA VAL D 182 -4.08 41.00 47.20
C VAL D 182 -3.34 40.01 48.07
N GLU D 183 -2.27 40.48 48.72
CA GLU D 183 -1.48 39.63 49.57
C GLU D 183 -2.26 39.07 50.78
N PRO D 184 -2.89 39.95 51.61
CA PRO D 184 -3.78 39.56 52.72
C PRO D 184 -4.56 38.28 52.42
N TYR D 185 -5.15 38.22 51.23
CA TYR D 185 -5.94 37.04 50.84
C TYR D 185 -5.08 35.81 50.74
N ASN D 186 -3.98 35.91 50.00
CA ASN D 186 -3.13 34.76 49.77
C ASN D 186 -2.49 34.31 51.08
N SER D 187 -2.15 35.27 51.92
CA SER D 187 -1.55 35.01 53.22
C SER D 187 -2.48 34.26 54.14
N ILE D 188 -3.73 34.72 54.24
CA ILE D 188 -4.66 34.15 55.19
C ILE D 188 -5.11 32.77 54.75
N LEU D 189 -5.15 32.55 53.44
CA LEU D 189 -5.49 31.25 52.91
C LEU D 189 -4.37 30.24 53.16
N THR D 190 -3.13 30.72 53.11
CA THR D 190 -2.00 29.84 53.38
C THR D 190 -1.99 29.37 54.82
N THR D 191 -2.29 30.28 55.73
CA THR D 191 -2.15 30.04 57.16
C THR D 191 -2.75 28.72 57.62
N HIS D 192 -3.97 28.42 57.19
CA HIS D 192 -4.64 27.24 57.69
C HIS D 192 -4.08 25.94 57.10
N THR D 193 -3.22 26.05 56.10
CA THR D 193 -2.52 24.88 55.58
C THR D 193 -1.22 24.68 56.30
N THR D 194 -0.45 25.75 56.44
CA THR D 194 0.83 25.69 57.14
C THR D 194 0.65 25.27 58.58
N LEU D 195 -0.28 25.89 59.28
CA LEU D 195 -0.56 25.53 60.66
C LEU D 195 -0.99 24.07 60.77
N GLU D 196 -1.68 23.57 59.76
CA GLU D 196 -2.15 22.20 59.75
C GLU D 196 -1.05 21.18 59.46
N HIS D 197 -0.27 21.43 58.41
CA HIS D 197 0.62 20.38 57.88
C HIS D 197 2.09 20.57 58.22
N SER D 198 2.51 21.80 58.52
CA SER D 198 3.93 22.05 58.76
C SER D 198 4.34 21.56 60.14
N ASP D 199 5.63 21.30 60.31
CA ASP D 199 6.18 20.94 61.61
C ASP D 199 6.85 22.14 62.25
N CYS D 200 7.40 23.03 61.43
CA CYS D 200 7.95 24.26 61.94
C CYS D 200 8.06 25.32 60.85
N ALA D 201 7.48 26.49 61.11
CA ALA D 201 7.46 27.55 60.12
C ALA D 201 8.22 28.77 60.60
N PHE D 202 8.83 29.47 59.65
CA PHE D 202 9.52 30.70 59.93
C PHE D 202 8.92 31.84 59.14
N MET D 203 8.80 33.00 59.76
CA MET D 203 8.23 34.15 59.09
C MET D 203 9.22 35.30 59.04
N VAL D 204 9.53 35.76 57.83
CA VAL D 204 10.55 36.78 57.64
C VAL D 204 10.00 38.01 56.94
N ASP D 205 10.29 39.18 57.49
CA ASP D 205 9.83 40.42 56.90
C ASP D 205 10.94 41.13 56.14
N ASN D 206 10.74 41.30 54.83
CA ASN D 206 11.72 41.96 53.98
C ASN D 206 12.08 43.34 54.49
N GLU D 207 11.10 44.03 55.04
CA GLU D 207 11.27 45.40 55.47
C GLU D 207 12.11 45.45 56.72
N ALA D 208 11.91 44.48 57.62
CA ALA D 208 12.75 44.36 58.78
C ALA D 208 14.20 44.11 58.36
N ILE D 209 14.38 43.33 57.30
CA ILE D 209 15.73 43.07 56.82
C ILE D 209 16.36 44.30 56.22
N TYR D 210 15.60 44.99 55.38
CA TYR D 210 16.11 46.21 54.76
C TYR D 210 16.56 47.19 55.83
N ASP D 211 15.78 47.27 56.90
CA ASP D 211 16.13 48.06 58.04
C ASP D 211 17.44 47.61 58.70
N ILE D 212 17.61 46.30 58.83
CA ILE D 212 18.85 45.73 59.33
C ILE D 212 20.04 46.07 58.44
N CYS D 213 19.83 46.00 57.13
CA CYS D 213 20.87 46.37 56.18
C CYS D 213 21.30 47.81 56.36
N ARG D 214 20.34 48.70 56.56
CA ARG D 214 20.61 50.10 56.80
C ARG D 214 21.39 50.34 58.10
N ARG D 215 20.94 49.72 59.18
CA ARG D 215 21.49 50.00 60.50
C ARG D 215 22.80 49.26 60.78
N ASN D 216 22.85 47.98 60.44
CA ASN D 216 23.99 47.17 60.80
C ASN D 216 25.02 47.07 59.68
N LEU D 217 24.55 46.79 58.47
CA LEU D 217 25.45 46.70 57.33
C LEU D 217 25.74 48.07 56.71
N ASP D 218 25.04 49.10 57.18
CA ASP D 218 25.25 50.46 56.70
C ASP D 218 24.96 50.59 55.21
N ILE D 219 23.85 50.02 54.77
CA ILE D 219 23.49 50.03 53.36
C ILE D 219 22.29 50.94 53.09
N GLU D 220 22.52 51.98 52.31
CA GLU D 220 21.46 52.93 51.95
C GLU D 220 20.56 52.40 50.84
N ARG D 221 21.10 51.49 50.05
CA ARG D 221 20.37 50.95 48.90
C ARG D 221 20.42 49.43 48.88
N PRO D 222 19.48 48.77 49.55
CA PRO D 222 19.50 47.32 49.68
C PRO D 222 18.49 46.69 48.75
N THR D 223 18.80 45.49 48.31
CA THR D 223 17.97 44.77 47.37
C THR D 223 17.84 43.31 47.73
N TYR D 224 17.14 42.57 46.90
CA TYR D 224 16.82 41.17 47.18
C TYR D 224 18.07 40.31 47.24
N THR D 225 19.07 40.65 46.44
CA THR D 225 20.32 39.91 46.42
C THR D 225 20.92 39.78 47.82
N ASN D 226 21.17 40.91 48.45
CA ASN D 226 21.78 40.92 49.77
C ASN D 226 20.82 40.45 50.83
N LEU D 227 19.56 40.83 50.68
CA LEU D 227 18.51 40.40 51.58
C LEU D 227 18.43 38.88 51.66
N ASN D 228 18.43 38.24 50.50
CA ASN D 228 18.34 36.80 50.41
C ASN D 228 19.55 36.13 51.01
N ARG D 229 20.73 36.73 50.80
CA ARG D 229 21.96 36.17 51.33
C ARG D 229 21.92 36.08 52.84
N LEU D 230 21.35 37.09 53.48
CA LEU D 230 21.18 37.05 54.94
C LEU D 230 20.26 35.92 55.36
N ILE D 231 19.14 35.78 54.67
CA ILE D 231 18.19 34.72 54.97
C ILE D 231 18.83 33.34 54.81
N GLY D 232 19.55 33.16 53.72
CA GLY D 232 20.23 31.91 53.45
C GLY D 232 21.26 31.62 54.52
N GLN D 233 21.97 32.65 54.96
CA GLN D 233 22.99 32.48 55.98
C GLN D 233 22.39 31.94 57.27
N ILE D 234 21.20 32.42 57.60
CA ILE D 234 20.48 31.90 58.75
C ILE D 234 20.18 30.42 58.60
N VAL D 235 19.68 30.04 57.44
CA VAL D 235 19.33 28.65 57.19
C VAL D 235 20.54 27.74 57.29
N SER D 236 21.67 28.20 56.79
CA SER D 236 22.92 27.47 56.93
C SER D 236 23.24 27.19 58.39
N SER D 237 23.09 28.20 59.23
CA SER D 237 23.34 28.03 60.66
C SER D 237 22.32 27.10 61.31
N ILE D 238 21.08 27.12 60.82
CA ILE D 238 20.05 26.22 61.36
C ILE D 238 20.33 24.77 61.02
N THR D 239 20.69 24.53 59.77
CA THR D 239 20.74 23.18 59.22
C THR D 239 22.16 22.70 58.98
N ALA D 240 22.76 23.21 57.91
CA ALA D 240 24.09 22.79 57.49
C ALA D 240 25.07 22.77 58.65
N SER D 241 24.96 23.76 59.53
CA SER D 241 25.79 23.84 60.72
C SER D 241 25.87 22.50 61.45
N LEU D 242 24.72 21.86 61.61
CA LEU D 242 24.63 20.61 62.33
C LEU D 242 25.43 19.54 61.63
N ARG D 243 25.44 19.61 60.31
CA ARG D 243 26.07 18.59 59.48
C ARG D 243 27.58 18.76 59.35
N PHE D 244 28.16 19.68 60.11
CA PHE D 244 29.60 19.82 60.13
C PHE D 244 30.22 19.21 61.38
N ASP D 245 29.38 18.69 62.27
CA ASP D 245 29.84 18.03 63.49
C ASP D 245 30.42 19.03 64.50
N GLY D 246 29.57 19.54 65.37
CA GLY D 246 29.99 20.47 66.39
C GLY D 246 29.99 19.83 67.77
N ALA D 247 30.14 20.66 68.80
CA ALA D 247 30.11 20.18 70.18
C ALA D 247 28.73 19.72 70.55
N LEU D 248 27.72 20.46 70.13
CA LEU D 248 26.35 20.14 70.43
C LEU D 248 25.52 20.06 69.16
N ASN D 249 25.41 18.87 68.60
CA ASN D 249 24.70 18.68 67.35
C ASN D 249 23.22 18.52 67.57
N VAL D 250 22.54 19.64 67.77
CA VAL D 250 21.11 19.61 68.03
C VAL D 250 20.32 19.21 66.80
N ASP D 251 19.63 18.09 66.87
CA ASP D 251 18.88 17.58 65.73
C ASP D 251 17.73 18.50 65.34
N LEU D 252 17.27 18.39 64.11
CA LEU D 252 16.14 19.16 63.63
C LEU D 252 14.88 18.82 64.40
N THR D 253 14.74 17.56 64.78
CA THR D 253 13.60 17.15 65.59
C THR D 253 13.85 17.48 67.05
N GLU D 254 15.12 17.59 67.42
CA GLU D 254 15.51 18.04 68.74
C GLU D 254 15.18 19.52 68.93
N PHE D 255 15.30 20.30 67.85
CA PHE D 255 14.81 21.66 67.85
C PHE D 255 13.36 21.68 68.22
N GLN D 256 12.59 20.85 67.54
CA GLN D 256 11.16 20.77 67.77
C GLN D 256 10.85 20.31 69.18
N THR D 257 11.61 19.34 69.67
CA THR D 257 11.46 18.84 71.03
C THR D 257 11.45 19.98 72.03
N ASN D 258 12.40 20.89 71.89
CA ASN D 258 12.59 21.93 72.89
C ASN D 258 11.91 23.25 72.54
N LEU D 259 11.80 23.55 71.27
CA LEU D 259 11.20 24.81 70.85
C LEU D 259 9.68 24.78 70.90
N VAL D 260 9.10 23.63 70.63
CA VAL D 260 7.65 23.53 70.55
C VAL D 260 7.05 22.83 71.77
N PRO D 261 6.18 23.53 72.52
CA PRO D 261 5.58 23.00 73.75
C PRO D 261 4.22 22.38 73.49
N TYR D 262 3.59 22.76 72.40
CA TYR D 262 2.26 22.31 72.09
C TYR D 262 2.18 21.63 70.73
N PRO D 263 1.00 21.21 70.34
CA PRO D 263 0.75 20.69 69.02
C PRO D 263 0.80 21.79 67.98
N ARG D 264 0.58 23.03 68.42
CA ARG D 264 0.72 24.20 67.56
C ARG D 264 1.78 25.15 68.12
N GLY D 265 1.82 26.36 67.57
CA GLY D 265 2.82 27.34 67.98
C GLY D 265 4.12 27.16 67.20
N HIS D 266 3.98 26.80 65.93
CA HIS D 266 5.13 26.46 65.09
C HIS D 266 5.71 27.68 64.41
N PHE D 267 5.98 28.72 65.17
CA PHE D 267 6.40 29.99 64.58
C PHE D 267 7.55 30.63 65.33
N PRO D 268 8.76 30.14 65.11
CA PRO D 268 9.98 30.68 65.67
C PRO D 268 10.53 31.78 64.81
N LEU D 269 11.15 32.76 65.44
CA LEU D 269 11.82 33.82 64.74
C LEU D 269 13.28 33.52 64.66
N ALA D 270 13.86 33.71 63.49
CA ALA D 270 15.24 33.33 63.26
C ALA D 270 16.09 34.57 63.04
N THR D 271 16.99 34.85 63.99
CA THR D 271 17.80 36.05 63.91
C THR D 271 19.27 35.71 63.74
N TYR D 272 20.03 36.68 63.27
CA TYR D 272 21.47 36.52 63.08
C TYR D 272 22.18 37.74 63.64
N ALA D 273 23.01 37.52 64.65
CA ALA D 273 23.50 38.62 65.47
C ALA D 273 24.93 39.06 65.14
N PRO D 274 25.58 38.44 64.16
CA PRO D 274 26.90 38.94 63.72
C PRO D 274 26.80 39.82 62.48
N VAL D 275 25.65 40.44 62.25
CA VAL D 275 25.51 41.30 61.09
C VAL D 275 26.41 42.51 61.24
N ILE D 276 27.33 42.68 60.30
CA ILE D 276 28.41 43.62 60.49
C ILE D 276 29.02 44.04 59.17
N SER D 277 29.40 45.32 59.07
CA SER D 277 30.04 45.84 57.87
C SER D 277 31.54 45.59 57.90
N ALA D 278 32.16 45.74 56.74
CA ALA D 278 33.60 45.53 56.62
C ALA D 278 34.38 46.51 57.47
N GLU D 279 33.90 47.75 57.56
CA GLU D 279 34.53 48.75 58.41
C GLU D 279 34.45 48.36 59.87
N LYS D 280 33.25 47.97 60.29
CA LYS D 280 33.03 47.59 61.67
C LYS D 280 33.84 46.36 62.04
N ALA D 281 34.10 45.49 61.07
CA ALA D 281 34.90 44.29 61.30
C ALA D 281 36.29 44.62 61.84
N TYR D 282 36.76 45.84 61.63
CA TYR D 282 38.07 46.24 62.12
C TYR D 282 37.98 46.87 63.49
N HIS D 283 37.00 47.73 63.70
CA HIS D 283 36.89 48.44 64.96
C HIS D 283 36.18 47.62 66.02
N GLU D 284 35.12 46.93 65.61
CA GLU D 284 34.33 46.13 66.53
C GLU D 284 35.08 44.90 67.00
N GLN D 285 35.09 44.69 68.32
CA GLN D 285 35.58 43.45 68.87
C GLN D 285 34.44 42.63 69.45
N LEU D 286 34.04 41.60 68.73
CA LEU D 286 32.93 40.77 69.14
C LEU D 286 33.39 39.59 69.97
N SER D 287 32.46 39.05 70.75
CA SER D 287 32.65 37.82 71.47
C SER D 287 31.31 37.19 71.81
N VAL D 288 31.35 36.12 72.57
CA VAL D 288 30.17 35.31 72.80
C VAL D 288 29.04 36.10 73.44
N ALA D 289 29.36 36.83 74.51
CA ALA D 289 28.36 37.59 75.23
C ALA D 289 27.84 38.75 74.40
N GLU D 290 28.74 39.45 73.72
CA GLU D 290 28.38 40.61 72.93
C GLU D 290 27.38 40.24 71.85
N ILE D 291 27.69 39.20 71.11
CA ILE D 291 26.85 38.77 70.01
C ILE D 291 25.54 38.20 70.54
N THR D 292 25.63 37.39 71.60
CA THR D 292 24.44 36.82 72.21
C THR D 292 23.50 37.91 72.70
N ASN D 293 24.06 38.95 73.29
CA ASN D 293 23.24 40.06 73.76
C ASN D 293 22.54 40.75 72.60
N ALA D 294 23.26 40.93 71.50
CA ALA D 294 22.71 41.61 70.33
C ALA D 294 21.46 40.92 69.79
N CYS D 295 21.42 39.59 69.87
CA CYS D 295 20.30 38.84 69.30
C CYS D 295 19.01 39.02 70.09
N PHE D 296 19.10 39.53 71.31
CA PHE D 296 17.91 39.80 72.09
C PHE D 296 17.51 41.27 72.05
N GLU D 297 18.17 42.05 71.20
CA GLU D 297 17.79 43.42 71.00
C GLU D 297 16.80 43.54 69.85
N PRO D 298 15.63 44.14 70.13
CA PRO D 298 14.51 44.37 69.20
C PRO D 298 14.91 45.22 67.99
N ALA D 299 15.84 44.71 67.21
CA ALA D 299 16.42 45.43 66.10
C ALA D 299 16.85 44.47 65.02
N ASN D 300 17.33 43.30 65.45
CA ASN D 300 17.75 42.26 64.53
C ASN D 300 16.74 41.13 64.49
N GLN D 301 15.46 41.46 64.70
CA GLN D 301 14.41 40.47 64.82
C GLN D 301 14.11 39.77 63.51
N MET D 302 14.49 40.38 62.38
CA MET D 302 14.18 39.85 61.05
C MET D 302 12.68 39.88 60.75
N VAL D 303 11.92 40.56 61.61
CA VAL D 303 10.49 40.68 61.44
C VAL D 303 9.99 41.89 62.23
N LYS D 304 8.95 42.54 61.71
CA LYS D 304 8.37 43.69 62.39
C LYS D 304 7.68 43.28 63.68
N CYS D 305 8.48 43.06 64.71
CA CYS D 305 7.99 42.63 66.01
C CYS D 305 8.92 43.09 67.12
N ASP D 306 8.34 43.51 68.23
CA ASP D 306 9.12 43.98 69.36
C ASP D 306 8.90 43.08 70.58
N PRO D 307 9.75 42.06 70.76
CA PRO D 307 9.75 41.05 71.82
C PRO D 307 9.41 41.60 73.20
N ARG D 308 9.71 42.87 73.44
CA ARG D 308 9.55 43.44 74.76
C ARG D 308 8.08 43.60 75.14
N HIS D 309 7.19 43.45 74.17
CA HIS D 309 5.77 43.52 74.44
C HIS D 309 5.10 42.15 74.48
N GLY D 310 5.91 41.09 74.56
CA GLY D 310 5.37 39.74 74.72
C GLY D 310 6.23 38.92 75.66
N LYS D 311 6.14 37.60 75.55
CA LYS D 311 6.96 36.72 76.37
C LYS D 311 7.70 35.69 75.54
N TYR D 312 8.82 35.21 76.06
CA TYR D 312 9.59 34.17 75.41
C TYR D 312 9.12 32.79 75.83
N MET D 313 8.71 32.00 74.86
CA MET D 313 8.29 30.63 75.10
C MET D 313 9.47 29.69 75.09
N ALA D 314 10.35 29.88 74.10
CA ALA D 314 11.54 29.05 73.97
C ALA D 314 12.56 29.74 73.09
N CYS D 315 13.82 29.43 73.31
CA CYS D 315 14.89 30.10 72.61
C CYS D 315 16.11 29.22 72.42
N CYS D 316 16.34 28.80 71.18
CA CYS D 316 17.52 28.03 70.87
C CYS D 316 18.61 28.91 70.28
N LEU D 317 19.78 28.85 70.87
CA LEU D 317 20.91 29.64 70.42
C LEU D 317 21.95 28.77 69.74
N LEU D 318 22.23 29.05 68.49
CA LEU D 318 23.17 28.25 67.72
C LEU D 318 24.46 28.99 67.47
N TYR D 319 25.56 28.42 67.93
CA TYR D 319 26.84 29.08 67.84
C TYR D 319 27.72 28.44 66.79
N ARG D 320 28.55 29.25 66.15
CA ARG D 320 29.50 28.77 65.17
C ARG D 320 30.89 29.30 65.43
N GLY D 321 31.89 28.59 64.93
CA GLY D 321 33.28 29.01 65.04
C GLY D 321 33.80 29.01 66.47
N ASP D 322 34.51 30.09 66.82
CA ASP D 322 35.31 30.13 68.04
C ASP D 322 34.49 30.49 69.27
N VAL D 323 33.75 29.51 69.78
CA VAL D 323 32.98 29.70 71.00
C VAL D 323 33.27 28.61 72.02
N VAL D 324 33.01 28.90 73.28
CA VAL D 324 33.09 27.89 74.33
C VAL D 324 31.83 27.90 75.17
N PRO D 325 31.47 26.76 75.76
CA PRO D 325 30.21 26.58 76.46
C PRO D 325 30.12 27.42 77.72
N LYS D 326 31.28 27.67 78.33
CA LYS D 326 31.33 28.45 79.55
C LYS D 326 30.80 29.85 79.35
N ASP D 327 31.28 30.49 78.29
CA ASP D 327 30.88 31.84 77.97
C ASP D 327 29.44 31.91 77.55
N VAL D 328 28.99 30.89 76.84
CA VAL D 328 27.61 30.82 76.42
C VAL D 328 26.68 30.76 77.61
N ASN D 329 27.01 29.90 78.56
CA ASN D 329 26.22 29.76 79.77
C ASN D 329 26.20 31.06 80.56
N ALA D 330 27.36 31.71 80.63
CA ALA D 330 27.48 32.96 81.36
C ALA D 330 26.61 34.05 80.73
N ALA D 331 26.63 34.11 79.41
CA ALA D 331 25.83 35.09 78.69
C ALA D 331 24.35 34.86 78.97
N ILE D 332 23.93 33.61 78.96
CA ILE D 332 22.54 33.28 79.24
C ILE D 332 22.15 33.66 80.66
N ALA D 333 23.04 33.38 81.61
CA ALA D 333 22.81 33.75 82.98
C ALA D 333 22.63 35.26 83.11
N THR D 334 23.44 36.01 82.37
CA THR D 334 23.33 37.45 82.33
C THR D 334 21.98 37.89 81.79
N ILE D 335 21.51 37.20 80.77
CA ILE D 335 20.21 37.50 80.18
C ILE D 335 19.09 37.28 81.17
N LYS D 336 19.13 36.16 81.86
CA LYS D 336 18.14 35.85 82.87
C LYS D 336 18.24 36.81 84.05
N THR D 337 19.46 37.28 84.31
CA THR D 337 19.69 38.31 85.32
C THR D 337 19.12 39.64 84.90
N LYS D 338 19.28 39.98 83.62
CA LYS D 338 18.77 41.23 83.07
C LYS D 338 17.28 41.38 83.35
N ARG D 339 16.52 40.33 83.08
CA ARG D 339 15.09 40.27 83.42
C ARG D 339 14.24 41.34 82.72
N THR D 340 14.82 42.04 81.74
CA THR D 340 14.06 43.03 80.98
C THR D 340 13.06 42.34 80.08
N ILE D 341 13.53 41.31 79.38
CA ILE D 341 12.66 40.52 78.55
C ILE D 341 11.95 39.48 79.40
N GLN D 342 10.68 39.25 79.09
CA GLN D 342 9.86 38.39 79.90
C GLN D 342 9.77 37.00 79.31
N PHE D 343 9.68 36.02 80.18
CA PHE D 343 9.57 34.64 79.78
C PHE D 343 8.28 34.07 80.29
N VAL D 344 7.80 33.03 79.63
CA VAL D 344 6.58 32.38 80.05
C VAL D 344 6.73 31.82 81.46
N ASP D 345 5.78 32.17 82.31
CA ASP D 345 5.89 31.92 83.75
C ASP D 345 5.94 30.45 84.08
N TRP D 346 5.28 29.63 83.28
CA TRP D 346 5.27 28.20 83.49
C TRP D 346 6.31 27.48 82.65
N CYS D 347 7.31 28.23 82.18
CA CYS D 347 8.44 27.64 81.49
C CYS D 347 9.75 27.90 82.24
N PRO D 348 10.00 27.14 83.31
CA PRO D 348 11.23 27.18 84.14
C PRO D 348 12.42 27.77 83.39
N THR D 349 12.74 27.17 82.26
CA THR D 349 13.74 27.70 81.36
C THR D 349 13.24 27.65 79.95
N GLY D 350 14.04 28.20 79.05
CA GLY D 350 13.69 28.23 77.66
C GLY D 350 14.93 28.27 76.79
N PHE D 351 16.08 28.09 77.41
CA PHE D 351 17.33 28.22 76.67
C PHE D 351 17.91 26.89 76.27
N LYS D 352 18.21 26.76 75.00
CA LYS D 352 18.92 25.60 74.47
C LYS D 352 20.06 26.04 73.59
N VAL D 353 21.14 25.27 73.60
CA VAL D 353 22.34 25.70 72.91
C VAL D 353 22.85 24.68 71.92
N GLY D 354 23.12 25.13 70.71
CA GLY D 354 23.83 24.32 69.73
C GLY D 354 25.18 24.95 69.45
N ILE D 355 26.20 24.13 69.25
CA ILE D 355 27.54 24.66 69.04
C ILE D 355 28.28 23.94 67.93
N ASN D 356 28.77 24.71 66.97
CA ASN D 356 29.60 24.20 65.90
C ASN D 356 31.08 24.37 66.21
N TYR D 357 31.91 23.75 65.39
CA TYR D 357 33.34 24.00 65.40
C TYR D 357 33.72 24.76 64.14
N GLU D 358 32.94 24.56 63.08
CA GLU D 358 33.18 25.25 61.83
C GLU D 358 32.76 26.70 61.92
N PRO D 359 33.60 27.59 61.40
CA PRO D 359 33.35 29.01 61.31
C PRO D 359 32.11 29.29 60.47
N PRO D 360 31.63 30.53 60.55
CA PRO D 360 30.63 31.21 59.74
C PRO D 360 31.04 31.23 58.26
N THR D 361 30.04 31.18 57.39
CA THR D 361 30.25 31.15 55.96
C THR D 361 30.40 32.56 55.38
N VAL D 362 31.39 32.74 54.52
CA VAL D 362 31.65 34.04 53.91
C VAL D 362 31.32 34.06 52.43
N VAL D 363 30.53 35.05 52.02
CA VAL D 363 30.16 35.19 50.62
C VAL D 363 31.06 36.17 49.90
N PRO D 364 31.96 35.67 49.04
CA PRO D 364 32.70 36.51 48.11
C PRO D 364 31.74 37.35 47.28
N GLY D 365 31.91 38.66 47.34
CA GLY D 365 31.01 39.57 46.63
C GLY D 365 29.82 39.96 47.50
N GLY D 366 29.87 39.61 48.78
CA GLY D 366 28.83 39.96 49.73
C GLY D 366 29.19 41.21 50.52
N ASP D 367 28.63 41.32 51.72
CA ASP D 367 28.89 42.46 52.59
C ASP D 367 29.18 42.00 54.01
N LEU D 368 28.25 41.23 54.57
CA LEU D 368 28.48 40.53 55.84
C LEU D 368 29.93 40.12 56.03
N ALA D 369 30.68 40.93 56.74
CA ALA D 369 32.12 40.75 56.86
C ALA D 369 32.46 39.48 57.61
N LYS D 370 33.62 38.91 57.29
CA LYS D 370 34.08 37.69 57.93
C LYS D 370 34.29 37.86 59.41
N VAL D 371 33.71 36.96 60.20
CA VAL D 371 33.88 36.94 61.64
C VAL D 371 34.36 35.57 62.10
N GLN D 372 34.86 35.51 63.34
CA GLN D 372 35.44 34.28 63.88
C GLN D 372 34.40 33.40 64.55
N ARG D 373 33.19 33.91 64.69
CA ARG D 373 32.12 33.18 65.36
C ARG D 373 30.78 33.76 64.99
N ALA D 374 29.73 32.98 65.20
CA ALA D 374 28.40 33.48 64.86
C ALA D 374 27.32 32.90 65.73
N VAL D 375 26.22 33.64 65.86
CA VAL D 375 25.09 33.21 66.64
C VAL D 375 23.79 33.34 65.88
N CYS D 376 23.02 32.27 65.86
CA CYS D 376 21.65 32.33 65.38
C CYS D 376 20.69 32.04 66.51
N MET D 377 19.57 32.73 66.50
CA MET D 377 18.57 32.49 67.53
C MET D 377 17.26 32.06 66.92
N LEU D 378 16.74 30.94 67.41
CA LEU D 378 15.44 30.46 67.00
C LEU D 378 14.48 30.57 68.17
N SER D 379 13.65 31.60 68.15
CA SER D 379 12.87 31.92 69.34
C SER D 379 11.37 31.90 69.11
N ASN D 380 10.68 31.23 70.02
CA ASN D 380 9.22 31.28 70.05
C ASN D 380 8.77 32.29 71.08
N THR D 381 7.83 33.12 70.67
CA THR D 381 7.36 34.21 71.51
C THR D 381 5.91 34.53 71.26
N THR D 382 5.28 35.19 72.21
CA THR D 382 3.89 35.60 72.07
C THR D 382 3.80 36.95 71.39
N ALA D 383 4.92 37.66 71.31
CA ALA D 383 4.94 38.99 70.71
C ALA D 383 4.61 38.94 69.23
N ILE D 384 5.09 37.90 68.54
CA ILE D 384 4.92 37.79 67.10
C ILE D 384 3.47 37.66 66.69
N ALA D 385 2.64 37.15 67.59
CA ALA D 385 1.24 36.96 67.31
C ALA D 385 0.56 38.28 66.93
N GLU D 386 1.08 39.39 67.44
CA GLU D 386 0.50 40.70 67.16
C GLU D 386 0.56 41.07 65.68
N ALA D 387 1.54 40.49 64.97
CA ALA D 387 1.73 40.78 63.56
C ALA D 387 0.54 40.30 62.74
N TRP D 388 -0.13 39.26 63.20
CA TRP D 388 -1.24 38.67 62.46
C TRP D 388 -2.47 39.54 62.59
N ALA D 389 -2.56 40.28 63.68
CA ALA D 389 -3.66 41.21 63.86
C ALA D 389 -3.63 42.25 62.77
N ARG D 390 -2.44 42.71 62.43
CA ARG D 390 -2.27 43.69 61.36
C ARG D 390 -2.77 43.11 60.05
N LEU D 391 -2.43 41.87 59.79
CA LEU D 391 -2.91 41.19 58.59
C LEU D 391 -4.41 40.99 58.64
N ASP D 392 -4.94 40.72 59.82
CA ASP D 392 -6.36 40.55 59.98
C ASP D 392 -7.11 41.79 59.57
N HIS D 393 -6.60 42.95 59.97
CA HIS D 393 -7.24 44.20 59.63
C HIS D 393 -7.22 44.44 58.13
N LYS D 394 -6.08 44.14 57.51
CA LYS D 394 -5.95 44.32 56.07
C LYS D 394 -6.92 43.41 55.34
N PHE D 395 -6.98 42.16 55.78
CA PHE D 395 -7.91 41.21 55.23
C PHE D 395 -9.34 41.62 55.44
N ASP D 396 -9.68 41.91 56.70
CA ASP D 396 -11.05 42.25 57.05
C ASP D 396 -11.57 43.39 56.22
N LEU D 397 -10.73 44.38 56.01
CA LEU D 397 -11.10 45.56 55.26
C LEU D 397 -11.43 45.25 53.81
N MET D 398 -10.49 44.60 53.13
CA MET D 398 -10.70 44.26 51.74
C MET D 398 -11.81 43.23 51.59
N TYR D 399 -11.87 42.33 52.55
CA TYR D 399 -12.90 41.31 52.57
C TYR D 399 -14.27 41.93 52.71
N ALA D 400 -14.40 42.91 53.60
CA ALA D 400 -15.66 43.59 53.81
C ALA D 400 -16.22 44.14 52.51
N LYS D 401 -15.34 44.68 51.67
CA LYS D 401 -15.75 45.20 50.37
C LYS D 401 -15.74 44.12 49.29
N ARG D 402 -15.31 42.92 49.65
CA ARG D 402 -15.12 41.83 48.71
C ARG D 402 -14.26 42.25 47.54
N ALA D 403 -13.27 43.09 47.81
CA ALA D 403 -12.39 43.59 46.78
C ALA D 403 -11.58 42.46 46.21
N PHE D 404 -11.54 42.36 44.89
CA PHE D 404 -10.77 41.35 44.18
C PHE D 404 -11.29 39.93 44.42
N VAL D 405 -12.45 39.80 45.08
CA VAL D 405 -12.96 38.49 45.42
C VAL D 405 -13.25 37.66 44.19
N HIS D 406 -13.57 38.33 43.08
CA HIS D 406 -13.99 37.67 41.87
C HIS D 406 -12.84 36.93 41.19
N TRP D 407 -11.61 37.21 41.59
CA TRP D 407 -10.46 36.51 41.05
C TRP D 407 -10.33 35.13 41.68
N TYR D 408 -10.88 34.98 42.88
CA TYR D 408 -10.83 33.72 43.58
C TYR D 408 -12.09 32.93 43.31
N VAL D 409 -13.20 33.64 43.21
CA VAL D 409 -14.47 33.04 42.81
C VAL D 409 -14.41 32.54 41.40
N GLY D 410 -13.70 33.26 40.53
CA GLY D 410 -13.49 32.84 39.15
C GLY D 410 -12.78 31.49 39.08
N GLU D 411 -11.93 31.22 40.07
CA GLU D 411 -11.35 29.89 40.21
C GLU D 411 -12.39 28.93 40.77
N GLY D 412 -13.19 29.41 41.71
CA GLY D 412 -14.20 28.59 42.35
C GLY D 412 -14.00 28.56 43.86
N MET D 413 -13.02 29.31 44.33
CA MET D 413 -12.73 29.34 45.75
C MET D 413 -13.93 29.79 46.53
N GLU D 414 -14.43 28.90 47.38
CA GLU D 414 -15.61 29.17 48.18
C GLU D 414 -15.41 30.38 49.08
N GLU D 415 -16.34 31.33 49.01
CA GLU D 415 -16.31 32.53 49.85
C GLU D 415 -16.15 32.18 51.32
N GLY D 416 -16.88 31.15 51.75
CA GLY D 416 -16.81 30.67 53.12
C GLY D 416 -15.40 30.24 53.53
N GLU D 417 -14.59 29.81 52.56
CA GLU D 417 -13.22 29.42 52.83
C GLU D 417 -12.41 30.57 53.40
N PHE D 418 -12.74 31.78 52.97
CA PHE D 418 -12.05 32.96 53.45
C PHE D 418 -12.41 33.23 54.90
N SER D 419 -13.68 33.05 55.24
CA SER D 419 -14.11 33.22 56.61
C SER D 419 -13.51 32.16 57.50
N GLU D 420 -13.40 30.94 56.96
CA GLU D 420 -12.80 29.84 57.71
C GLU D 420 -11.32 30.06 57.93
N ALA D 421 -10.64 30.58 56.92
CA ALA D 421 -9.22 30.87 57.01
C ALA D 421 -8.96 31.86 58.13
N ARG D 422 -9.78 32.89 58.18
CA ARG D 422 -9.67 33.89 59.23
C ARG D 422 -9.84 33.30 60.60
N GLU D 423 -10.83 32.44 60.76
CA GLU D 423 -11.12 31.86 62.07
C GLU D 423 -9.95 31.02 62.55
N ASP D 424 -9.29 30.33 61.63
CA ASP D 424 -8.12 29.53 61.98
C ASP D 424 -6.96 30.41 62.39
N MET D 425 -6.76 31.51 61.69
CA MET D 425 -5.76 32.49 62.06
C MET D 425 -6.05 33.08 63.44
N ALA D 426 -7.31 33.41 63.67
CA ALA D 426 -7.75 33.98 64.93
C ALA D 426 -7.55 33.00 66.08
N ALA D 427 -7.77 31.72 65.80
CA ALA D 427 -7.52 30.68 66.79
C ALA D 427 -6.08 30.66 67.21
N LEU D 428 -5.19 30.77 66.22
CA LEU D 428 -3.77 30.80 66.46
C LEU D 428 -3.37 31.96 67.34
N GLU D 429 -3.91 33.14 67.03
CA GLU D 429 -3.69 34.34 67.83
C GLU D 429 -4.14 34.10 69.27
N LYS D 430 -5.32 33.52 69.43
CA LYS D 430 -5.88 33.24 70.74
C LYS D 430 -4.99 32.32 71.57
N ASP D 431 -4.44 31.30 70.93
CA ASP D 431 -3.56 30.37 71.61
C ASP D 431 -2.37 31.07 72.25
N TYR D 432 -1.75 31.98 71.50
CA TYR D 432 -0.60 32.71 72.02
C TYR D 432 -0.99 33.61 73.18
N GLU D 433 -2.18 34.20 73.12
CA GLU D 433 -2.68 35.00 74.23
C GLU D 433 -2.78 34.18 75.50
N GLU D 434 -3.31 32.97 75.37
CA GLU D 434 -3.47 32.08 76.51
C GLU D 434 -2.14 31.65 77.10
N VAL D 435 -1.17 31.38 76.23
CA VAL D 435 0.17 31.01 76.68
C VAL D 435 0.78 32.06 77.60
N GLY D 436 0.71 33.32 77.19
CA GLY D 436 1.31 34.40 77.97
C GLY D 436 0.58 34.64 79.29
N VAL D 437 -0.76 34.59 79.25
CA VAL D 437 -1.57 34.91 80.42
C VAL D 437 -1.58 33.80 81.46
N ASP D 438 -1.82 32.57 81.03
CA ASP D 438 -1.99 31.47 81.96
C ASP D 438 -0.71 31.15 82.74
N SER D 439 -0.89 30.62 83.94
CA SER D 439 0.23 30.21 84.77
C SER D 439 -0.22 29.23 85.84
N ARG E 2 5.25 32.52 26.40
CA ARG E 2 3.91 32.59 25.85
C ARG E 2 3.83 33.61 24.73
N GLU E 3 2.66 33.73 24.11
CA GLU E 3 2.49 34.64 22.99
C GLU E 3 1.25 35.52 23.15
N ILE E 4 1.35 36.73 22.62
CA ILE E 4 0.24 37.68 22.66
C ILE E 4 -0.09 38.22 21.28
N VAL E 5 -1.37 38.24 20.94
CA VAL E 5 -1.81 38.72 19.64
C VAL E 5 -2.11 40.21 19.68
N HIS E 6 -1.55 40.95 18.72
CA HIS E 6 -1.79 42.39 18.66
C HIS E 6 -2.62 42.77 17.44
N ILE E 7 -3.83 43.22 17.67
CA ILE E 7 -4.71 43.61 16.60
C ILE E 7 -4.87 45.11 16.53
N GLN E 8 -4.71 45.66 15.34
CA GLN E 8 -4.89 47.09 15.14
C GLN E 8 -6.15 47.34 14.33
N ALA E 9 -6.93 48.34 14.74
CA ALA E 9 -8.21 48.61 14.09
C ALA E 9 -8.40 50.09 13.84
N GLY E 10 -8.47 50.46 12.56
CA GLY E 10 -8.71 51.84 12.16
C GLY E 10 -7.40 52.61 12.01
N GLN E 11 -7.45 53.75 11.32
CA GLN E 11 -6.26 54.55 11.04
C GLN E 11 -5.53 54.93 12.30
N CYS E 12 -6.26 55.44 13.27
CA CYS E 12 -5.69 55.80 14.56
C CYS E 12 -4.93 54.64 15.16
N GLY E 13 -5.60 53.51 15.30
CA GLY E 13 -5.00 52.35 15.89
C GLY E 13 -3.80 51.86 15.09
N ASN E 14 -3.90 51.96 13.77
CA ASN E 14 -2.84 51.51 12.89
C ASN E 14 -1.61 52.38 13.00
N GLN E 15 -1.82 53.69 13.11
CA GLN E 15 -0.70 54.61 13.24
C GLN E 15 0.00 54.43 14.58
N ILE E 16 -0.78 54.24 15.63
CA ILE E 16 -0.22 53.98 16.94
C ILE E 16 0.55 52.68 16.95
N GLY E 17 -0.06 51.64 16.38
CA GLY E 17 0.55 50.33 16.32
C GLY E 17 1.82 50.36 15.52
N ALA E 18 1.82 51.09 14.40
CA ALA E 18 3.01 51.19 13.58
C ALA E 18 4.18 51.73 14.39
N LYS E 19 3.90 52.75 15.20
CA LYS E 19 4.91 53.32 16.07
C LYS E 19 5.30 52.32 17.16
N PHE E 20 4.32 51.61 17.68
CA PHE E 20 4.55 50.58 18.69
C PHE E 20 5.50 49.52 18.22
N TRP E 21 5.27 49.02 17.02
CA TRP E 21 6.10 47.97 16.47
C TRP E 21 7.49 48.49 16.11
N GLU E 22 7.58 49.77 15.77
CA GLU E 22 8.89 50.41 15.66
C GLU E 22 9.65 50.30 16.97
N VAL E 23 8.99 50.68 18.04
CA VAL E 23 9.60 50.75 19.35
C VAL E 23 10.10 49.40 19.83
N ILE E 24 9.22 48.41 19.81
CA ILE E 24 9.57 47.12 20.39
C ILE E 24 10.48 46.31 19.47
N SER E 25 10.42 46.58 18.17
CA SER E 25 11.36 45.95 17.26
C SER E 25 12.75 46.48 17.52
N ASP E 26 12.84 47.79 17.78
CA ASP E 26 14.11 48.39 18.18
C ASP E 26 14.57 47.82 19.51
N GLU E 27 13.63 47.70 20.45
CA GLU E 27 13.92 47.13 21.76
C GLU E 27 14.53 45.75 21.66
N HIS E 28 14.02 44.94 20.73
CA HIS E 28 14.48 43.58 20.57
C HIS E 28 15.48 43.38 19.42
N GLY E 29 16.10 44.47 18.96
CA GLY E 29 17.24 44.38 18.05
C GLY E 29 16.85 43.93 16.65
N ILE E 30 15.62 44.21 16.25
CA ILE E 30 15.12 43.77 14.96
C ILE E 30 15.16 44.87 13.93
N ASP E 31 15.81 44.61 12.80
CA ASP E 31 15.94 45.60 11.74
C ASP E 31 14.74 45.55 10.80
N PRO E 32 14.75 46.38 9.76
CA PRO E 32 13.63 46.51 8.83
C PRO E 32 13.50 45.37 7.82
N THR E 33 14.29 44.30 8.00
CA THR E 33 14.09 43.10 7.21
C THR E 33 13.43 42.03 8.04
N GLY E 34 13.43 42.23 9.37
CA GLY E 34 12.96 41.22 10.30
C GLY E 34 14.11 40.41 10.86
N SER E 35 15.34 40.76 10.47
CA SER E 35 16.52 40.07 10.96
C SER E 35 16.93 40.59 12.33
N TYR E 36 17.45 39.69 13.17
CA TYR E 36 17.92 40.08 14.48
C TYR E 36 19.38 40.45 14.47
N HIS E 37 19.68 41.64 14.95
CA HIS E 37 21.06 42.09 15.08
C HIS E 37 21.26 42.82 16.40
N GLY E 38 20.62 42.32 17.45
CA GLY E 38 20.74 42.91 18.77
C GLY E 38 22.01 42.44 19.46
N ASP E 39 22.32 43.08 20.59
CA ASP E 39 23.57 42.78 21.31
C ASP E 39 23.35 41.90 22.53
N SER E 40 22.10 41.76 22.96
CA SER E 40 21.82 40.93 24.13
C SER E 40 21.24 39.60 23.73
N ASP E 41 21.23 38.67 24.67
CA ASP E 41 20.64 37.38 24.45
C ASP E 41 19.19 37.36 24.94
N LEU E 42 18.88 38.29 25.85
CA LEU E 42 17.56 38.35 26.45
C LEU E 42 16.53 38.90 25.48
N GLN E 43 17.00 39.58 24.46
CA GLN E 43 16.13 40.06 23.39
C GLN E 43 15.48 38.89 22.64
N LEU E 44 16.16 37.74 22.62
CA LEU E 44 15.61 36.55 21.99
C LEU E 44 14.97 35.59 22.98
N GLU E 45 15.03 35.94 24.26
CA GLU E 45 14.51 35.06 25.31
C GLU E 45 13.00 34.99 25.25
N ARG E 46 12.36 36.10 24.90
CA ARG E 46 10.92 36.16 24.80
C ARG E 46 10.48 36.80 23.51
N ILE E 47 11.30 36.73 22.48
CA ILE E 47 10.95 37.30 21.18
C ILE E 47 9.70 36.65 20.61
N ASN E 48 9.45 35.40 21.00
CA ASN E 48 8.29 34.66 20.56
C ASN E 48 6.98 35.33 20.97
N VAL E 49 7.02 36.16 22.02
CA VAL E 49 5.83 36.83 22.50
C VAL E 49 5.17 37.65 21.40
N TYR E 50 5.98 38.32 20.60
CA TYR E 50 5.46 39.22 19.60
C TYR E 50 5.89 38.88 18.18
N TYR E 51 6.70 37.85 18.02
CA TYR E 51 7.18 37.52 16.69
C TYR E 51 7.14 36.05 16.38
N ASN E 52 6.68 35.72 15.18
CA ASN E 52 6.89 34.41 14.61
C ASN E 52 8.31 34.32 14.10
N GLU E 53 8.93 33.17 14.27
CA GLU E 53 10.27 32.96 13.73
C GLU E 53 10.20 32.22 12.42
N ALA E 54 10.18 32.97 11.33
CA ALA E 54 10.06 32.38 10.00
C ALA E 54 11.41 31.92 9.51
N ALA E 55 11.39 31.05 8.49
CA ALA E 55 12.62 30.49 7.96
C ALA E 55 13.59 31.59 7.57
N GLY E 56 14.83 31.45 7.99
CA GLY E 56 15.83 32.47 7.76
C GLY E 56 15.94 33.41 8.95
N ASN E 57 15.23 33.08 10.04
CA ASN E 57 15.24 33.88 11.25
C ASN E 57 14.61 35.24 10.99
N LYS E 58 13.53 35.25 10.24
CA LYS E 58 12.80 36.47 9.97
C LYS E 58 11.69 36.60 10.96
N TYR E 59 11.74 37.63 11.79
CA TYR E 59 10.81 37.75 12.88
C TYR E 59 9.59 38.54 12.48
N VAL E 60 8.44 37.90 12.59
CA VAL E 60 7.22 38.45 12.01
C VAL E 60 6.17 38.77 13.08
N PRO E 61 6.00 40.05 13.40
CA PRO E 61 4.88 40.58 14.20
C PRO E 61 3.71 39.65 14.28
N ARG E 62 3.43 39.18 15.48
CA ARG E 62 2.21 38.46 15.77
C ARG E 62 1.04 39.42 15.85
N ALA E 63 0.68 40.00 14.70
CA ALA E 63 -0.25 41.10 14.68
C ALA E 63 -1.16 41.03 13.48
N ILE E 64 -2.37 41.56 13.66
CA ILE E 64 -3.36 41.58 12.60
C ILE E 64 -3.76 43.01 12.29
N LEU E 65 -3.67 43.38 11.03
CA LEU E 65 -3.92 44.75 10.63
C LEU E 65 -5.29 44.89 10.00
N VAL E 66 -6.22 45.49 10.74
CA VAL E 66 -7.60 45.59 10.30
C VAL E 66 -7.99 47.01 9.95
N ASP E 67 -8.53 47.19 8.76
CA ASP E 67 -9.06 48.49 8.37
C ASP E 67 -10.10 48.34 7.29
N LEU E 68 -10.95 49.34 7.16
CA LEU E 68 -11.94 49.34 6.11
C LEU E 68 -11.66 50.43 5.11
N GLU E 69 -10.54 51.12 5.27
CA GLU E 69 -10.19 52.17 4.32
C GLU E 69 -8.82 51.95 3.69
N PRO E 70 -8.76 51.04 2.70
CA PRO E 70 -7.62 50.96 1.76
C PRO E 70 -7.03 52.34 1.55
N GLY E 71 -5.71 52.43 1.61
CA GLY E 71 -5.03 53.71 1.52
C GLY E 71 -4.22 53.94 2.78
N THR E 72 -4.88 53.77 3.93
CA THR E 72 -4.18 53.75 5.20
C THR E 72 -3.34 52.51 5.27
N MET E 73 -3.93 51.40 4.86
CA MET E 73 -3.24 50.12 4.78
C MET E 73 -2.10 50.20 3.79
N ASP E 74 -2.30 51.00 2.73
CA ASP E 74 -1.28 51.20 1.73
C ASP E 74 -0.10 51.96 2.32
N SER E 75 -0.39 52.95 3.15
CA SER E 75 0.66 53.75 3.79
C SER E 75 1.47 52.91 4.75
N VAL E 76 0.83 51.89 5.32
CA VAL E 76 1.55 50.95 6.16
C VAL E 76 2.51 50.11 5.33
N ARG E 77 2.03 49.58 4.21
CA ARG E 77 2.87 48.78 3.34
C ARG E 77 4.00 49.61 2.73
N SER E 78 3.73 50.88 2.49
CA SER E 78 4.75 51.77 1.92
C SER E 78 5.73 52.28 2.98
N GLY E 79 5.42 52.05 4.25
CA GLY E 79 6.30 52.48 5.32
C GLY E 79 7.38 51.45 5.58
N PRO E 80 8.32 51.78 6.48
CA PRO E 80 9.49 50.99 6.84
C PRO E 80 9.17 49.55 7.26
N PHE E 81 7.92 49.30 7.66
CA PHE E 81 7.54 47.99 8.15
C PHE E 81 6.70 47.22 7.15
N GLY E 82 6.68 47.70 5.90
CA GLY E 82 6.10 46.92 4.81
C GLY E 82 6.91 45.64 4.57
N GLN E 83 8.17 45.65 4.98
CA GLN E 83 9.03 44.48 4.88
C GLN E 83 8.98 43.63 6.15
N ILE E 84 8.22 44.08 7.13
CA ILE E 84 8.12 43.44 8.42
C ILE E 84 6.81 42.68 8.60
N PHE E 85 5.71 43.37 8.38
CA PHE E 85 4.40 42.76 8.57
C PHE E 85 4.10 41.77 7.47
N ARG E 86 3.41 40.68 7.82
CA ARG E 86 3.04 39.64 6.86
C ARG E 86 1.83 40.05 6.04
N PRO E 87 1.84 39.77 4.73
CA PRO E 87 0.88 40.30 3.78
C PRO E 87 -0.52 39.78 4.02
N ASP E 88 -0.63 38.57 4.55
CA ASP E 88 -1.93 37.98 4.79
C ASP E 88 -2.51 38.46 6.12
N ASN E 89 -1.80 39.34 6.81
CA ASN E 89 -2.33 39.98 8.00
C ASN E 89 -2.90 41.35 7.67
N PHE E 90 -2.82 41.75 6.39
CA PHE E 90 -3.41 43.01 5.96
C PHE E 90 -4.84 42.80 5.51
N VAL E 91 -5.78 43.06 6.41
CA VAL E 91 -7.18 42.80 6.14
C VAL E 91 -7.94 44.08 5.86
N PHE E 92 -8.39 44.24 4.63
CA PHE E 92 -9.21 45.39 4.24
C PHE E 92 -10.02 45.10 2.99
N GLY E 93 -11.10 45.85 2.78
CA GLY E 93 -11.95 45.63 1.62
C GLY E 93 -12.71 46.90 1.22
N GLN E 94 -14.04 46.81 1.26
CA GLN E 94 -14.93 47.95 1.01
C GLN E 94 -14.53 49.15 1.82
N SER E 95 -14.80 50.34 1.28
CA SER E 95 -14.46 51.62 1.90
C SER E 95 -14.98 51.74 3.34
N GLY E 96 -14.38 52.68 4.09
CA GLY E 96 -14.56 52.75 5.53
C GLY E 96 -15.91 53.28 5.95
N ALA E 97 -16.18 53.22 7.25
CA ALA E 97 -17.47 53.60 7.80
C ALA E 97 -17.77 55.08 7.60
N GLY E 98 -16.75 55.92 7.66
CA GLY E 98 -16.97 57.35 7.57
C GLY E 98 -17.53 57.88 8.88
N ASN E 99 -16.94 57.43 9.99
CA ASN E 99 -17.41 57.76 11.33
C ASN E 99 -18.80 57.22 11.61
N ASN E 100 -19.14 56.10 10.98
CA ASN E 100 -20.42 55.48 11.22
C ASN E 100 -20.25 54.15 11.96
N TRP E 101 -20.43 54.19 13.28
CA TRP E 101 -20.22 53.02 14.12
C TRP E 101 -20.97 51.80 13.62
N ALA E 102 -22.21 52.01 13.17
CA ALA E 102 -23.04 50.92 12.70
C ALA E 102 -22.43 50.27 11.46
N LYS E 103 -21.88 51.08 10.56
CA LYS E 103 -21.17 50.52 9.43
C LYS E 103 -19.96 49.70 9.88
N GLY E 104 -19.23 50.20 10.85
CA GLY E 104 -18.03 49.53 11.34
C GLY E 104 -18.34 48.22 12.07
N HIS E 105 -19.36 48.24 12.92
CA HIS E 105 -19.69 47.10 13.76
C HIS E 105 -20.83 46.28 13.20
N TYR E 106 -21.92 46.93 12.88
CA TYR E 106 -23.19 46.27 12.66
C TYR E 106 -23.33 45.69 11.26
N THR E 107 -22.91 46.43 10.24
CA THR E 107 -23.16 46.03 8.86
C THR E 107 -21.88 45.78 8.07
N GLU E 108 -21.37 46.82 7.41
CA GLU E 108 -20.30 46.67 6.42
C GLU E 108 -19.08 45.97 6.99
N GLY E 109 -18.70 46.34 8.21
CA GLY E 109 -17.58 45.71 8.88
C GLY E 109 -17.89 44.27 9.26
N ALA E 110 -19.15 44.01 9.62
CA ALA E 110 -19.57 42.68 10.02
C ALA E 110 -19.35 41.68 8.90
N GLU E 111 -19.51 42.14 7.67
CA GLU E 111 -19.33 41.28 6.50
C GLU E 111 -17.91 40.73 6.40
N LEU E 112 -16.93 41.44 6.96
CA LEU E 112 -15.53 41.05 6.80
C LEU E 112 -14.93 40.46 8.07
N VAL E 113 -15.78 40.16 9.06
CA VAL E 113 -15.29 39.61 10.32
C VAL E 113 -14.51 38.33 10.14
N ASP E 114 -15.06 37.42 9.34
CA ASP E 114 -14.45 36.12 9.15
C ASP E 114 -13.06 36.21 8.56
N SER E 115 -12.84 37.20 7.71
CA SER E 115 -11.54 37.39 7.09
C SER E 115 -10.49 37.78 8.12
N VAL E 116 -10.94 38.32 9.24
CA VAL E 116 -10.05 38.60 10.36
C VAL E 116 -9.87 37.37 11.21
N LEU E 117 -10.98 36.74 11.57
CA LEU E 117 -10.97 35.62 12.50
C LEU E 117 -10.18 34.45 11.96
N ASP E 118 -10.21 34.25 10.64
CA ASP E 118 -9.39 33.23 10.04
C ASP E 118 -7.92 33.45 10.33
N VAL E 119 -7.50 34.71 10.23
CA VAL E 119 -6.14 35.08 10.53
C VAL E 119 -5.85 34.89 12.01
N VAL E 120 -6.83 35.22 12.85
CA VAL E 120 -6.71 35.02 14.29
C VAL E 120 -6.42 33.58 14.60
N ARG E 121 -7.17 32.67 13.98
CA ARG E 121 -6.96 31.25 14.18
C ARG E 121 -5.59 30.82 13.71
N LYS E 122 -5.18 31.31 12.55
CA LYS E 122 -3.86 30.98 12.01
C LYS E 122 -2.77 31.42 12.95
N GLU E 123 -2.95 32.58 13.56
CA GLU E 123 -1.99 33.07 14.53
C GLU E 123 -2.01 32.23 15.79
N SER E 124 -3.20 31.91 16.27
CA SER E 124 -3.38 31.12 17.47
C SER E 124 -2.68 29.76 17.36
N GLU E 125 -2.80 29.11 16.20
CA GLU E 125 -2.25 27.78 16.03
C GLU E 125 -0.75 27.79 15.78
N SER E 126 -0.16 28.97 15.60
CA SER E 126 1.29 29.08 15.50
C SER E 126 1.92 29.32 16.86
N CYS E 127 1.07 29.44 17.89
CA CYS E 127 1.53 29.76 19.22
C CYS E 127 1.72 28.51 20.05
N ASP E 128 2.56 28.60 21.07
CA ASP E 128 2.77 27.51 22.00
C ASP E 128 1.85 27.68 23.19
N CYS E 129 1.61 28.93 23.56
CA CYS E 129 0.64 29.23 24.58
C CYS E 129 0.13 30.66 24.43
N LEU E 130 -1.10 30.79 23.95
CA LEU E 130 -1.73 32.09 23.82
C LEU E 130 -2.15 32.63 25.16
N GLN E 131 -1.66 33.81 25.49
CA GLN E 131 -2.03 34.44 26.74
C GLN E 131 -3.25 35.35 26.60
N GLY E 132 -3.29 36.13 25.55
CA GLY E 132 -4.39 37.07 25.35
C GLY E 132 -4.21 37.93 24.12
N PHE E 133 -5.08 38.92 24.00
CA PHE E 133 -5.12 39.80 22.85
C PHE E 133 -4.96 41.25 23.27
N GLN E 134 -4.31 42.02 22.41
CA GLN E 134 -4.24 43.46 22.59
C GLN E 134 -4.84 44.15 21.39
N LEU E 135 -5.82 44.99 21.64
CA LEU E 135 -6.44 45.75 20.57
C LEU E 135 -6.06 47.22 20.64
N THR E 136 -5.65 47.79 19.51
CA THR E 136 -5.33 49.20 19.45
C THR E 136 -6.27 49.93 18.51
N HIS E 137 -6.99 50.91 19.03
CA HIS E 137 -8.02 51.58 18.25
C HIS E 137 -8.45 52.90 18.86
N SER E 138 -9.27 53.65 18.13
CA SER E 138 -9.89 54.86 18.67
C SER E 138 -11.29 54.56 19.21
N LEU E 139 -11.80 55.46 20.04
CA LEU E 139 -13.12 55.34 20.60
C LEU E 139 -14.06 56.40 20.09
N GLY E 140 -14.25 56.44 18.79
CA GLY E 140 -15.09 57.46 18.17
C GLY E 140 -14.88 57.49 16.66
N GLY E 141 -13.84 56.81 16.19
CA GLY E 141 -13.49 56.81 14.78
C GLY E 141 -14.59 56.24 13.89
N GLY E 142 -15.29 55.22 14.37
CA GLY E 142 -16.32 54.58 13.56
C GLY E 142 -15.91 53.16 13.20
N THR E 143 -14.89 53.04 12.35
CA THR E 143 -14.34 51.74 11.99
C THR E 143 -13.52 51.15 13.11
N GLY E 144 -12.60 51.94 13.65
CA GLY E 144 -11.76 51.48 14.75
C GLY E 144 -12.60 51.14 15.98
N SER E 145 -13.63 51.93 16.22
CA SER E 145 -14.50 51.71 17.35
C SER E 145 -15.59 50.68 17.05
N GLY E 146 -16.02 50.63 15.78
CA GLY E 146 -17.01 49.66 15.33
C GLY E 146 -16.42 48.27 15.24
N MET E 147 -15.42 48.11 14.37
CA MET E 147 -14.72 46.84 14.22
C MET E 147 -14.08 46.42 15.52
N GLY E 148 -13.68 47.42 16.32
CA GLY E 148 -13.07 47.16 17.61
C GLY E 148 -13.94 46.25 18.47
N THR E 149 -15.12 46.74 18.86
CA THR E 149 -15.99 45.98 19.74
C THR E 149 -16.60 44.79 19.05
N LEU E 150 -16.75 44.88 17.74
CA LEU E 150 -17.19 43.77 16.94
C LEU E 150 -16.24 42.59 17.07
N LEU E 151 -14.96 42.84 16.84
CA LEU E 151 -13.96 41.81 16.93
C LEU E 151 -13.73 41.34 18.36
N ILE E 152 -13.82 42.27 19.31
CA ILE E 152 -13.68 41.90 20.72
C ILE E 152 -14.70 40.86 21.13
N SER E 153 -15.95 41.07 20.72
CA SER E 153 -16.99 40.10 21.00
C SER E 153 -16.68 38.77 20.37
N LYS E 154 -16.30 38.79 19.09
CA LYS E 154 -16.03 37.58 18.35
C LYS E 154 -14.86 36.81 18.95
N ILE E 155 -13.80 37.53 19.30
CA ILE E 155 -12.62 36.91 19.83
C ILE E 155 -12.86 36.28 21.18
N ARG E 156 -13.60 36.96 22.05
CA ARG E 156 -13.93 36.40 23.35
C ARG E 156 -14.77 35.14 23.22
N GLU E 157 -15.64 35.10 22.23
CA GLU E 157 -16.42 33.90 21.99
C GLU E 157 -15.52 32.73 21.66
N GLU E 158 -14.43 33.00 20.94
CA GLU E 158 -13.44 31.97 20.65
C GLU E 158 -12.55 31.69 21.86
N TYR E 159 -12.14 32.74 22.55
CA TYR E 159 -11.18 32.62 23.64
C TYR E 159 -11.64 33.30 24.91
N PRO E 160 -12.78 32.86 25.45
CA PRO E 160 -13.42 33.41 26.63
C PRO E 160 -12.52 33.42 27.87
N ASP E 161 -11.51 32.56 27.89
CA ASP E 161 -10.66 32.42 29.06
C ASP E 161 -9.32 33.13 28.89
N ARG E 162 -9.13 33.83 27.77
CA ARG E 162 -7.91 34.57 27.54
C ARG E 162 -8.12 36.04 27.89
N ILE E 163 -7.02 36.79 27.94
CA ILE E 163 -7.08 38.17 28.39
C ILE E 163 -7.38 39.15 27.27
N MET E 164 -8.47 39.90 27.42
CA MET E 164 -8.79 40.94 26.45
C MET E 164 -8.30 42.29 26.92
N ASN E 165 -7.21 42.75 26.33
CA ASN E 165 -6.65 44.05 26.61
C ASN E 165 -6.85 45.00 25.44
N THR E 166 -7.15 46.26 25.72
CA THR E 166 -7.23 47.25 24.66
C THR E 166 -6.70 48.60 25.06
N PHE E 167 -6.12 49.29 24.09
CA PHE E 167 -5.68 50.67 24.25
C PHE E 167 -6.55 51.57 23.41
N SER E 168 -7.43 52.32 24.07
CA SER E 168 -8.46 53.07 23.38
C SER E 168 -8.25 54.57 23.47
N VAL E 169 -8.26 55.23 22.32
CA VAL E 169 -8.14 56.68 22.29
C VAL E 169 -9.49 57.36 22.53
N VAL E 170 -9.57 58.07 23.62
CA VAL E 170 -10.83 58.62 24.11
C VAL E 170 -11.07 60.04 23.58
N PRO E 171 -12.19 60.26 22.86
CA PRO E 171 -12.81 61.58 22.68
C PRO E 171 -12.35 62.59 23.72
N SER E 172 -11.64 63.62 23.26
CA SER E 172 -11.11 64.64 24.15
C SER E 172 -11.93 65.94 24.07
N PRO E 173 -12.41 66.43 25.22
CA PRO E 173 -13.10 67.73 25.39
C PRO E 173 -12.81 68.74 24.26
N LYS E 174 -11.53 69.05 24.05
CA LYS E 174 -11.13 70.15 23.19
C LYS E 174 -10.40 69.71 21.92
N VAL E 175 -10.29 68.41 21.71
CA VAL E 175 -9.65 67.91 20.51
C VAL E 175 -10.59 66.99 19.77
N SER E 176 -11.16 67.49 18.69
CA SER E 176 -12.17 66.77 17.97
C SER E 176 -11.79 66.54 16.52
N ASP E 177 -12.79 66.31 15.70
CA ASP E 177 -12.69 65.95 14.29
C ASP E 177 -13.93 65.19 13.84
N THR E 178 -14.99 65.24 14.66
CA THR E 178 -16.25 64.62 14.34
C THR E 178 -17.30 65.06 15.33
N VAL E 179 -18.53 65.14 14.87
CA VAL E 179 -19.61 65.62 15.70
C VAL E 179 -20.46 64.49 16.23
N VAL E 180 -20.14 63.26 15.82
CA VAL E 180 -20.84 62.09 16.32
C VAL E 180 -19.91 61.26 17.18
N GLU E 181 -18.89 61.92 17.72
CA GLU E 181 -17.91 61.29 18.58
C GLU E 181 -18.57 60.64 19.81
N PRO E 182 -19.67 61.23 20.31
CA PRO E 182 -20.39 60.68 21.45
C PRO E 182 -21.23 59.49 21.07
N TYR E 183 -21.79 59.51 19.87
CA TYR E 183 -22.58 58.40 19.39
C TYR E 183 -21.71 57.18 19.23
N ASN E 184 -20.56 57.36 18.60
CA ASN E 184 -19.68 56.26 18.33
C ASN E 184 -19.05 55.72 19.61
N ALA E 185 -18.66 56.64 20.49
CA ALA E 185 -18.07 56.25 21.76
C ALA E 185 -19.07 55.51 22.63
N THR E 186 -20.30 56.02 22.70
CA THR E 186 -21.31 55.44 23.56
C THR E 186 -21.70 54.04 23.09
N LEU E 187 -21.91 53.91 21.79
CA LEU E 187 -22.24 52.61 21.21
C LEU E 187 -21.11 51.63 21.40
N SER E 188 -19.88 52.13 21.29
CA SER E 188 -18.71 51.30 21.47
C SER E 188 -18.55 50.83 22.91
N VAL E 189 -18.47 51.76 23.86
CA VAL E 189 -18.21 51.41 25.24
C VAL E 189 -19.27 50.47 25.79
N HIS E 190 -20.50 50.62 25.29
CA HIS E 190 -21.59 49.74 25.68
C HIS E 190 -21.21 48.27 25.55
N GLN E 191 -20.51 47.93 24.49
CA GLN E 191 -20.10 46.56 24.25
C GLN E 191 -18.69 46.31 24.76
N LEU E 192 -17.93 47.38 24.90
CA LEU E 192 -16.55 47.28 25.36
C LEU E 192 -16.49 46.71 26.76
N VAL E 193 -17.22 47.33 27.68
CA VAL E 193 -17.18 46.93 29.09
C VAL E 193 -17.47 45.47 29.27
N GLU E 194 -18.54 45.01 28.64
CA GLU E 194 -19.05 43.68 28.84
C GLU E 194 -18.09 42.61 28.36
N ASN E 195 -17.24 42.96 27.42
CA ASN E 195 -16.41 41.97 26.77
C ASN E 195 -14.92 42.24 26.93
N THR E 196 -14.56 43.11 27.87
CA THR E 196 -13.15 43.49 28.02
C THR E 196 -12.64 43.24 29.45
N ASP E 197 -11.39 42.78 29.55
CA ASP E 197 -10.78 42.50 30.85
C ASP E 197 -10.00 43.69 31.38
N GLU E 198 -9.36 44.41 30.48
CA GLU E 198 -8.72 45.67 30.84
C GLU E 198 -8.67 46.63 29.67
N THR E 199 -8.91 47.90 29.94
CA THR E 199 -8.86 48.91 28.91
C THR E 199 -8.17 50.16 29.38
N TYR E 200 -7.41 50.77 28.49
CA TYR E 200 -6.67 51.98 28.81
C TYR E 200 -7.27 53.16 28.09
N CYS E 201 -7.44 54.25 28.83
CA CYS E 201 -8.06 55.45 28.30
C CYS E 201 -7.04 56.54 28.05
N ILE E 202 -6.83 56.87 26.80
CA ILE E 202 -5.86 57.88 26.43
C ILE E 202 -6.50 59.03 25.68
N ASP E 203 -6.27 60.24 26.15
CA ASP E 203 -6.78 61.44 25.49
C ASP E 203 -5.71 62.13 24.68
N ASN E 204 -6.05 62.48 23.44
CA ASN E 204 -5.15 63.23 22.59
C ASN E 204 -4.88 64.60 23.17
N GLU E 205 -5.89 65.18 23.81
CA GLU E 205 -5.74 66.46 24.48
C GLU E 205 -4.71 66.40 25.58
N ALA E 206 -4.77 65.35 26.39
CA ALA E 206 -3.83 65.17 27.48
C ALA E 206 -2.43 65.02 26.94
N LEU E 207 -2.29 64.27 25.87
CA LEU E 207 -0.99 64.10 25.24
C LEU E 207 -0.50 65.39 24.64
N TYR E 208 -1.40 66.17 24.05
CA TYR E 208 -1.06 67.48 23.51
C TYR E 208 -0.51 68.38 24.60
N ASP E 209 -1.07 68.27 25.80
CA ASP E 209 -0.57 69.04 26.92
C ASP E 209 0.80 68.53 27.36
N ILE E 210 0.93 67.22 27.53
CA ILE E 210 2.18 66.61 27.98
C ILE E 210 3.33 66.90 27.04
N CYS E 211 3.07 66.75 25.75
CA CYS E 211 4.10 66.89 24.73
C CYS E 211 4.61 68.31 24.59
N PHE E 212 3.92 69.26 25.21
CA PHE E 212 4.44 70.60 25.26
C PHE E 212 4.89 70.95 26.66
N ARG E 213 4.02 70.74 27.64
CA ARG E 213 4.33 71.11 29.02
C ARG E 213 5.62 70.48 29.51
N THR E 214 5.86 69.22 29.13
CA THR E 214 7.06 68.53 29.61
C THR E 214 8.10 68.38 28.52
N LEU E 215 7.66 68.13 27.29
CA LEU E 215 8.61 67.90 26.20
C LEU E 215 8.88 69.14 25.37
N LYS E 216 8.11 70.20 25.61
CA LYS E 216 8.34 71.49 24.96
C LYS E 216 8.44 71.37 23.43
N LEU E 217 7.57 70.56 22.84
CA LEU E 217 7.60 70.39 21.40
C LEU E 217 6.90 71.56 20.71
N THR E 218 7.60 72.17 19.75
CA THR E 218 7.04 73.27 18.99
C THR E 218 5.88 72.81 18.12
N THR E 219 6.08 71.68 17.44
CA THR E 219 5.05 71.13 16.56
C THR E 219 4.77 69.67 16.91
N PRO E 220 4.09 69.43 18.02
CA PRO E 220 3.61 68.11 18.38
C PRO E 220 2.73 67.53 17.28
N THR E 221 3.21 66.47 16.64
CA THR E 221 2.44 65.80 15.59
C THR E 221 1.83 64.53 16.14
N TYR E 222 0.95 63.92 15.35
CA TYR E 222 0.35 62.65 15.74
C TYR E 222 1.41 61.59 15.96
N GLY E 223 2.47 61.63 15.17
CA GLY E 223 3.57 60.68 15.31
C GLY E 223 4.28 60.82 16.66
N ASP E 224 4.14 61.98 17.30
CA ASP E 224 4.76 62.21 18.59
C ASP E 224 3.81 61.81 19.71
N LEU E 225 2.52 61.97 19.46
CA LEU E 225 1.51 61.60 20.43
C LEU E 225 1.40 60.09 20.50
N ASN E 226 1.48 59.45 19.34
CA ASN E 226 1.45 58.00 19.23
C ASN E 226 2.69 57.40 19.85
N HIS E 227 3.80 58.14 19.76
CA HIS E 227 5.05 57.74 20.34
C HIS E 227 4.94 57.66 21.86
N LEU E 228 4.32 58.67 22.47
CA LEU E 228 4.04 58.63 23.89
C LEU E 228 3.21 57.42 24.26
N VAL E 229 2.19 57.13 23.46
CA VAL E 229 1.33 55.99 23.71
C VAL E 229 2.10 54.69 23.64
N SER E 230 2.93 54.55 22.60
CA SER E 230 3.67 53.32 22.37
C SER E 230 4.62 53.02 23.52
N ALA E 231 5.16 54.05 24.14
CA ALA E 231 6.03 53.87 25.29
C ALA E 231 5.30 53.17 26.42
N THR E 232 4.07 53.59 26.67
CA THR E 232 3.29 52.99 27.74
C THR E 232 2.79 51.61 27.37
N MET E 233 2.48 51.42 26.09
CA MET E 233 2.06 50.10 25.60
C MET E 233 3.13 49.07 25.85
N SER E 234 4.37 49.43 25.55
CA SER E 234 5.49 48.55 25.79
C SER E 234 5.61 48.21 27.26
N GLY E 235 5.55 49.24 28.11
CA GLY E 235 5.71 49.08 29.54
C GLY E 235 4.74 48.07 30.14
N VAL E 236 3.50 48.09 29.65
CA VAL E 236 2.47 47.17 30.13
C VAL E 236 2.90 45.70 30.05
N THR E 237 3.62 45.35 28.98
CA THR E 237 3.97 43.95 28.75
C THR E 237 5.49 43.70 28.75
N THR E 238 6.26 44.75 29.00
CA THR E 238 7.72 44.65 28.93
C THR E 238 8.27 43.68 29.96
N CYS E 239 7.56 43.56 31.07
CA CYS E 239 7.90 42.62 32.14
C CYS E 239 7.87 41.18 31.70
N LEU E 240 7.16 40.90 30.61
CA LEU E 240 7.00 39.55 30.12
C LEU E 240 8.13 39.15 29.21
N ARG E 241 8.98 40.11 28.84
CA ARG E 241 9.91 39.86 27.78
C ARG E 241 11.36 39.80 28.25
N PHE E 242 11.57 39.93 29.56
CA PHE E 242 12.90 39.76 30.12
C PHE E 242 12.86 39.69 31.65
N PRO E 243 14.03 39.43 32.26
CA PRO E 243 14.19 39.22 33.70
C PRO E 243 13.93 40.47 34.52
N GLY E 244 13.59 40.26 35.79
CA GLY E 244 13.30 41.36 36.70
C GLY E 244 13.19 40.89 38.14
N GLN E 245 13.33 41.83 39.08
CA GLN E 245 13.28 41.52 40.50
C GLN E 245 11.88 41.13 40.90
N LEU E 246 10.91 41.82 40.35
CA LEU E 246 9.52 41.45 40.50
C LEU E 246 8.87 41.36 39.15
N ASN E 247 8.41 40.17 38.80
CA ASN E 247 7.75 39.96 37.53
C ASN E 247 6.38 40.58 37.54
N ALA E 248 5.78 40.66 36.37
CA ALA E 248 4.43 41.19 36.23
C ALA E 248 3.80 40.61 35.00
N ASP E 249 2.52 40.85 34.84
CA ASP E 249 1.76 40.24 33.77
C ASP E 249 0.44 40.92 33.59
N LEU E 250 -0.17 40.71 32.44
CA LEU E 250 -1.50 41.26 32.18
C LEU E 250 -2.49 40.68 33.17
N ARG E 251 -2.35 39.39 33.44
CA ARG E 251 -3.18 38.73 34.43
C ARG E 251 -2.87 39.24 35.81
N LYS E 252 -1.58 39.35 36.13
CA LYS E 252 -1.14 39.81 37.43
C LYS E 252 -1.64 41.20 37.71
N LEU E 253 -1.57 42.05 36.69
CA LEU E 253 -2.07 43.40 36.81
C LEU E 253 -3.56 43.37 37.05
N ALA E 254 -4.28 42.63 36.22
CA ALA E 254 -5.72 42.55 36.38
C ALA E 254 -6.10 42.11 37.79
N VAL E 255 -5.40 41.09 38.27
CA VAL E 255 -5.63 40.59 39.62
C VAL E 255 -5.40 41.66 40.68
N ASN E 256 -4.44 42.55 40.44
CA ASN E 256 -4.14 43.61 41.40
C ASN E 256 -4.67 44.99 40.99
N MET E 257 -5.37 45.06 39.86
CA MET E 257 -5.83 46.35 39.35
C MET E 257 -7.34 46.43 39.24
N VAL E 258 -8.00 45.29 39.14
CA VAL E 258 -9.45 45.27 39.16
C VAL E 258 -9.97 44.68 40.46
N PRO E 259 -10.55 45.52 41.32
CA PRO E 259 -11.12 45.09 42.60
C PRO E 259 -12.58 44.80 42.44
N PHE E 260 -13.18 45.46 41.47
CA PHE E 260 -14.57 45.25 41.17
C PHE E 260 -14.73 44.99 39.70
N PRO E 261 -15.08 43.75 39.34
CA PRO E 261 -15.09 43.24 37.95
C PRO E 261 -15.13 44.32 36.87
N ARG E 262 -16.11 45.21 36.97
CA ARG E 262 -16.44 46.12 35.89
C ARG E 262 -15.51 47.32 35.78
N LEU E 263 -14.88 47.68 36.89
CA LEU E 263 -14.06 48.87 36.94
C LEU E 263 -12.66 48.58 36.48
N HIS E 264 -12.51 48.38 35.18
CA HIS E 264 -11.22 48.02 34.61
C HIS E 264 -10.79 49.03 33.57
N PHE E 265 -11.02 50.31 33.87
CA PHE E 265 -10.55 51.39 33.04
C PHE E 265 -9.37 52.06 33.68
N PHE E 266 -8.29 52.21 32.93
CA PHE E 266 -7.06 52.67 33.53
C PHE E 266 -6.50 53.90 32.86
N MET E 267 -5.86 54.74 33.66
CA MET E 267 -5.10 55.85 33.14
C MET E 267 -3.64 55.43 33.02
N PRO E 268 -3.00 55.75 31.90
CA PRO E 268 -1.60 55.39 31.69
C PRO E 268 -0.69 56.59 31.84
N GLY E 269 0.52 56.32 32.30
CA GLY E 269 1.54 57.35 32.39
C GLY E 269 2.93 56.77 32.12
N PHE E 270 3.89 57.65 31.95
CA PHE E 270 5.25 57.24 31.68
C PHE E 270 6.20 58.12 32.45
N ALA E 271 7.20 57.51 33.06
CA ALA E 271 8.25 58.24 33.75
C ALA E 271 9.07 59.11 32.77
N PRO E 272 10.38 59.19 32.99
CA PRO E 272 11.15 60.41 32.65
C PRO E 272 10.58 61.14 31.43
N LEU E 273 9.80 62.19 31.70
CA LEU E 273 9.31 63.10 30.68
C LEU E 273 10.01 64.43 30.78
N THR E 274 10.98 64.67 29.90
CA THR E 274 11.76 65.91 29.97
C THR E 274 12.28 66.26 28.59
N SER E 275 12.42 67.55 28.32
CA SER E 275 12.90 68.01 27.02
C SER E 275 14.40 67.74 26.90
N ARG E 276 14.89 67.73 25.67
CA ARG E 276 16.28 67.38 25.41
C ARG E 276 17.28 68.40 25.97
N GLY E 277 16.81 69.62 26.23
CA GLY E 277 17.67 70.63 26.84
C GLY E 277 17.60 70.58 28.37
N SER E 278 16.60 69.87 28.90
CA SER E 278 16.42 69.78 30.34
C SER E 278 16.89 68.46 30.90
N GLN E 279 17.17 67.49 30.02
CA GLN E 279 17.61 66.17 30.43
C GLN E 279 18.91 66.22 31.25
N GLN E 280 19.73 67.24 31.00
CA GLN E 280 21.00 67.39 31.70
C GLN E 280 20.83 67.79 33.17
N TYR E 281 19.60 68.19 33.53
CA TYR E 281 19.31 68.59 34.90
C TYR E 281 18.61 67.47 35.66
N ARG E 282 18.48 66.31 35.03
CA ARG E 282 17.79 65.19 35.66
C ARG E 282 18.66 64.45 36.64
N ALA E 283 18.04 64.00 37.74
CA ALA E 283 18.74 63.23 38.76
C ALA E 283 18.73 61.75 38.41
N LEU E 284 17.67 61.29 37.73
CA LEU E 284 17.52 59.89 37.36
C LEU E 284 17.46 58.98 38.58
N THR E 285 16.70 59.40 39.59
CA THR E 285 16.54 58.60 40.80
C THR E 285 15.12 58.10 40.92
N VAL E 286 14.91 57.07 41.73
CA VAL E 286 13.59 56.52 41.91
C VAL E 286 12.59 57.54 42.46
N PRO E 287 12.96 58.35 43.47
CA PRO E 287 12.26 59.53 43.96
C PRO E 287 11.80 60.41 42.81
N GLU E 288 12.74 60.82 41.95
CA GLU E 288 12.41 61.66 40.80
C GLU E 288 11.36 61.02 39.91
N LEU E 289 11.51 59.73 39.65
CA LEU E 289 10.60 59.02 38.78
C LEU E 289 9.19 59.02 39.35
N THR E 290 9.08 58.79 40.65
CA THR E 290 7.76 58.70 41.29
C THR E 290 7.11 60.06 41.39
N GLN E 291 7.91 61.11 41.48
CA GLN E 291 7.37 62.46 41.44
C GLN E 291 6.66 62.70 40.13
N GLN E 292 7.24 62.20 39.05
CA GLN E 292 6.63 62.31 37.74
C GLN E 292 5.45 61.36 37.58
N MET E 293 5.62 60.13 38.03
CA MET E 293 4.59 59.11 37.86
C MET E 293 3.30 59.45 38.58
N PHE E 294 3.42 60.09 39.73
CA PHE E 294 2.24 60.48 40.48
C PHE E 294 1.91 61.96 40.29
N ASP E 295 2.46 62.56 39.23
CA ASP E 295 2.08 63.91 38.83
C ASP E 295 0.89 63.87 37.91
N ALA E 296 -0.20 64.50 38.33
CA ALA E 296 -1.45 64.52 37.57
C ALA E 296 -1.24 65.03 36.15
N LYS E 297 -0.29 65.95 35.99
CA LYS E 297 -0.05 66.59 34.71
C LYS E 297 0.59 65.64 33.71
N ASN E 298 1.14 64.53 34.20
CA ASN E 298 1.79 63.57 33.33
C ASN E 298 0.89 62.39 33.00
N MET E 299 -0.38 62.49 33.35
CA MET E 299 -1.34 61.44 33.04
C MET E 299 -1.88 61.60 31.63
N MET E 300 -1.97 60.49 30.91
CA MET E 300 -2.35 60.54 29.50
C MET E 300 -3.85 60.49 29.30
N ALA E 301 -4.59 60.38 30.40
CA ALA E 301 -6.03 60.67 30.37
C ALA E 301 -6.26 62.12 30.72
N ALA E 302 -7.26 62.74 30.09
CA ALA E 302 -7.50 64.16 30.28
C ALA E 302 -7.94 64.48 31.70
N CYS E 303 -8.69 63.58 32.31
CA CYS E 303 -9.19 63.84 33.64
C CYS E 303 -8.07 63.87 34.67
N ASP E 304 -8.07 64.91 35.49
CA ASP E 304 -7.06 65.07 36.52
C ASP E 304 -7.40 64.26 37.77
N PRO E 305 -6.67 63.15 38.01
CA PRO E 305 -6.84 62.17 39.09
C PRO E 305 -7.20 62.76 40.45
N ARG E 306 -6.80 64.00 40.70
CA ARG E 306 -6.94 64.59 42.02
C ARG E 306 -8.37 65.06 42.31
N HIS E 307 -9.25 64.90 41.32
CA HIS E 307 -10.67 65.11 41.53
C HIS E 307 -11.37 63.82 41.95
N GLY E 308 -10.59 62.73 42.01
CA GLY E 308 -11.13 61.44 42.40
C GLY E 308 -10.20 60.74 43.39
N ARG E 309 -10.29 59.42 43.44
CA ARG E 309 -9.43 58.65 44.33
C ARG E 309 -8.83 57.45 43.62
N TYR E 310 -7.76 56.91 44.18
CA TYR E 310 -7.10 55.76 43.58
C TYR E 310 -7.58 54.45 44.17
N LEU E 311 -8.32 53.69 43.37
CA LEU E 311 -8.75 52.36 43.78
C LEU E 311 -7.55 51.44 43.87
N THR E 312 -6.66 51.56 42.91
CA THR E 312 -5.41 50.82 42.91
C THR E 312 -4.45 51.32 41.84
N VAL E 313 -3.16 51.26 42.12
CA VAL E 313 -2.13 51.77 41.23
C VAL E 313 -1.08 50.72 40.93
N ALA E 314 -0.67 50.63 39.67
CA ALA E 314 0.46 49.79 39.33
C ALA E 314 1.65 50.64 38.93
N ALA E 315 2.79 50.35 39.53
CA ALA E 315 4.02 51.07 39.24
C ALA E 315 5.08 50.11 38.77
N VAL E 316 5.31 50.08 37.47
CA VAL E 316 6.26 49.15 36.89
C VAL E 316 7.55 49.86 36.53
N PHE E 317 8.64 49.43 37.13
CA PHE E 317 9.90 50.13 36.99
C PHE E 317 10.87 49.38 36.09
N ARG E 318 11.81 50.11 35.50
CA ARG E 318 12.73 49.55 34.54
C ARG E 318 14.18 49.86 34.87
N GLY E 319 15.00 48.82 34.99
CA GLY E 319 16.43 49.00 35.15
C GLY E 319 16.88 48.65 36.56
N ARG E 320 18.19 48.68 36.77
CA ARG E 320 18.75 48.37 38.07
C ARG E 320 18.36 49.41 39.10
N MET E 321 17.84 48.94 40.24
CA MET E 321 17.49 49.84 41.33
C MET E 321 17.29 49.08 42.62
N SER E 322 17.36 49.79 43.74
CA SER E 322 17.12 49.19 45.04
C SER E 322 15.65 48.93 45.27
N MET E 323 15.34 47.74 45.73
CA MET E 323 13.97 47.37 46.01
C MET E 323 13.44 48.14 47.20
N LYS E 324 14.30 48.36 48.19
CA LYS E 324 13.97 49.16 49.35
C LYS E 324 13.68 50.60 48.96
N GLU E 325 14.54 51.15 48.11
CA GLU E 325 14.37 52.52 47.65
C GLU E 325 13.00 52.72 47.03
N VAL E 326 12.60 51.78 46.18
CA VAL E 326 11.29 51.84 45.56
C VAL E 326 10.20 51.77 46.61
N ASP E 327 10.30 50.79 47.49
CA ASP E 327 9.29 50.60 48.52
C ASP E 327 9.13 51.83 49.39
N GLU E 328 10.26 52.46 49.73
CA GLU E 328 10.24 53.70 50.51
C GLU E 328 9.44 54.78 49.82
N GLN E 329 9.66 54.94 48.52
CA GLN E 329 8.96 55.98 47.78
C GLN E 329 7.47 55.70 47.69
N MET E 330 7.12 54.43 47.55
CA MET E 330 5.71 54.05 47.51
C MET E 330 5.02 54.42 48.81
N LEU E 331 5.71 54.17 49.91
CA LEU E 331 5.21 54.51 51.22
C LEU E 331 5.05 56.01 51.38
N ASN E 332 6.06 56.75 50.95
CA ASN E 332 6.05 58.20 51.05
C ASN E 332 4.87 58.78 50.30
N VAL E 333 4.60 58.24 49.11
CA VAL E 333 3.50 58.71 48.28
C VAL E 333 2.15 58.50 48.94
N GLN E 334 1.92 57.30 49.46
CA GLN E 334 0.63 57.00 50.10
C GLN E 334 0.45 57.77 51.38
N ASN E 335 1.56 58.05 52.06
CA ASN E 335 1.52 58.90 53.25
C ASN E 335 1.25 60.34 52.89
N LYS E 336 1.85 60.79 51.78
CA LYS E 336 1.69 62.16 51.32
C LYS E 336 0.25 62.49 50.97
N ASN E 337 -0.40 61.60 50.23
CA ASN E 337 -1.75 61.85 49.77
C ASN E 337 -2.71 60.77 50.18
N SER E 338 -2.84 60.56 51.49
CA SER E 338 -3.75 59.55 52.03
C SER E 338 -5.20 59.84 51.66
N SER E 339 -5.50 61.11 51.39
CA SER E 339 -6.84 61.51 50.99
C SER E 339 -7.13 61.11 49.54
N TYR E 340 -6.10 60.89 48.75
CA TYR E 340 -6.28 60.54 47.35
C TYR E 340 -6.47 59.05 47.19
N PHE E 341 -5.75 58.28 47.97
CA PHE E 341 -5.85 56.84 47.88
C PHE E 341 -7.07 56.32 48.60
N VAL E 342 -7.71 55.31 48.02
CA VAL E 342 -8.87 54.69 48.62
C VAL E 342 -8.50 53.85 49.81
N GLU E 343 -9.00 54.25 50.98
CA GLU E 343 -8.63 53.67 52.25
C GLU E 343 -9.00 52.21 52.40
N TRP E 344 -9.97 51.76 51.61
CA TRP E 344 -10.41 50.37 51.62
C TRP E 344 -9.31 49.40 51.21
N ILE E 345 -8.28 49.92 50.56
CA ILE E 345 -7.14 49.11 50.19
C ILE E 345 -5.95 49.43 51.09
N PRO E 346 -5.31 48.40 51.62
CA PRO E 346 -4.20 48.55 52.56
C PRO E 346 -2.98 49.07 51.86
N ASN E 347 -2.44 48.29 50.95
CA ASN E 347 -1.42 48.78 50.06
C ASN E 347 -2.04 49.15 48.74
N ASN E 348 -2.11 50.44 48.47
CA ASN E 348 -2.80 50.90 47.29
C ASN E 348 -1.96 50.77 46.03
N VAL E 349 -0.67 50.49 46.19
CA VAL E 349 0.21 50.45 45.04
C VAL E 349 0.82 49.08 44.83
N LYS E 350 0.58 48.53 43.65
CA LYS E 350 1.23 47.33 43.19
C LYS E 350 2.51 47.69 42.45
N THR E 351 3.61 47.05 42.78
CA THR E 351 4.87 47.38 42.13
C THR E 351 5.45 46.23 41.37
N ALA E 352 6.31 46.56 40.41
CA ALA E 352 7.10 45.58 39.70
C ALA E 352 8.39 46.22 39.24
N VAL E 353 9.44 45.42 39.17
CA VAL E 353 10.74 45.95 38.79
C VAL E 353 11.42 45.03 37.81
N CYS E 354 11.72 45.54 36.63
CA CYS E 354 12.40 44.76 35.62
C CYS E 354 13.84 45.18 35.52
N ASP E 355 14.71 44.24 35.15
CA ASP E 355 16.15 44.49 35.19
C ASP E 355 16.66 45.33 34.03
N ILE E 356 15.85 45.50 32.99
CA ILE E 356 16.30 46.21 31.81
C ILE E 356 15.49 47.48 31.54
N PRO E 357 16.10 48.66 31.74
CA PRO E 357 15.61 49.94 31.26
C PRO E 357 15.49 49.95 29.75
N PRO E 358 14.64 50.81 29.20
CA PRO E 358 14.51 51.16 27.81
C PRO E 358 15.87 51.58 27.28
N ARG E 359 16.25 51.01 26.14
CA ARG E 359 17.56 51.27 25.58
C ARG E 359 17.82 52.77 25.48
N GLY E 360 18.89 53.23 26.13
CA GLY E 360 19.24 54.65 26.10
C GLY E 360 18.91 55.35 27.42
N LEU E 361 17.99 54.77 28.19
CA LEU E 361 17.70 55.28 29.52
C LEU E 361 18.42 54.48 30.57
N LYS E 362 18.85 55.16 31.63
CA LYS E 362 19.50 54.49 32.74
C LYS E 362 18.48 53.83 33.65
N MET E 363 17.27 54.40 33.69
CA MET E 363 16.23 53.91 34.57
C MET E 363 14.90 54.59 34.26
N SER E 364 13.86 53.78 34.11
CA SER E 364 12.55 54.30 33.72
C SER E 364 11.42 53.62 34.48
N ALA E 365 10.20 53.87 34.04
CA ALA E 365 9.03 53.30 34.67
C ALA E 365 7.76 53.63 33.90
N THR E 366 6.68 52.94 34.21
CA THR E 366 5.38 53.27 33.64
C THR E 366 4.29 53.13 34.69
N PHE E 367 3.24 53.92 34.51
CA PHE E 367 2.23 54.08 35.54
C PHE E 367 0.86 53.67 35.03
N ILE E 368 0.18 52.83 35.80
CA ILE E 368 -1.19 52.47 35.49
C ILE E 368 -2.09 52.73 36.68
N GLY E 369 -3.04 53.64 36.52
CA GLY E 369 -3.87 54.05 37.63
C GLY E 369 -5.32 53.66 37.44
N ASN E 370 -5.88 52.99 38.44
CA ASN E 370 -7.32 52.80 38.48
C ASN E 370 -7.94 53.83 39.41
N SER E 371 -8.21 55.01 38.86
CA SER E 371 -8.78 56.09 39.64
C SER E 371 -10.28 56.20 39.42
N THR E 372 -10.97 56.79 40.37
CA THR E 372 -12.40 57.02 40.26
C THR E 372 -12.67 58.31 39.47
N ALA E 373 -11.64 59.13 39.31
CA ALA E 373 -11.75 60.40 38.61
C ALA E 373 -12.19 60.22 37.16
N ILE E 374 -11.81 59.09 36.56
CA ILE E 374 -12.09 58.83 35.16
C ILE E 374 -13.58 58.89 34.83
N GLN E 375 -14.43 58.73 35.85
CA GLN E 375 -15.87 58.83 35.68
C GLN E 375 -16.28 60.14 35.01
N GLU E 376 -15.48 61.19 35.22
CA GLU E 376 -15.80 62.51 34.72
C GLU E 376 -15.68 62.57 33.20
N LEU E 377 -14.81 61.75 32.62
CA LEU E 377 -14.69 61.70 31.18
C LEU E 377 -15.92 61.07 30.59
N PHE E 378 -16.42 60.04 31.26
CA PHE E 378 -17.62 59.37 30.85
C PHE E 378 -18.82 60.31 30.95
N LYS E 379 -18.86 61.10 32.02
CA LYS E 379 -19.92 62.07 32.20
C LYS E 379 -19.96 63.08 31.08
N ARG E 380 -18.80 63.67 30.78
CA ARG E 380 -18.71 64.67 29.74
C ARG E 380 -19.23 64.14 28.42
N ILE E 381 -18.76 62.97 28.02
CA ILE E 381 -19.18 62.36 26.78
C ILE E 381 -20.67 62.07 26.80
N SER E 382 -21.16 61.55 27.93
CA SER E 382 -22.56 61.22 28.08
C SER E 382 -23.44 62.45 27.91
N GLU E 383 -22.98 63.57 28.45
CA GLU E 383 -23.72 64.83 28.31
C GLU E 383 -23.79 65.28 26.86
N GLN E 384 -22.68 65.16 26.14
CA GLN E 384 -22.65 65.52 24.73
C GLN E 384 -23.58 64.62 23.94
N PHE E 385 -23.53 63.34 24.25
CA PHE E 385 -24.40 62.36 23.65
C PHE E 385 -25.84 62.70 23.89
N THR E 386 -26.17 62.98 25.14
CA THR E 386 -27.53 63.31 25.54
C THR E 386 -28.05 64.49 24.73
N ALA E 387 -27.28 65.57 24.70
CA ALA E 387 -27.72 66.80 24.05
C ALA E 387 -28.12 66.56 22.61
N MET E 388 -27.32 65.77 21.91
CA MET E 388 -27.63 65.41 20.54
C MET E 388 -28.78 64.45 20.47
N PHE E 389 -28.75 63.43 21.32
CA PHE E 389 -29.74 62.37 21.30
C PHE E 389 -31.14 62.87 21.59
N ARG E 390 -31.24 63.89 22.41
CA ARG E 390 -32.53 64.49 22.73
C ARG E 390 -33.24 65.03 21.48
N ARG E 391 -32.45 65.34 20.45
CA ARG E 391 -33.00 65.84 19.20
C ARG E 391 -32.92 64.79 18.11
N LYS E 392 -32.52 63.57 18.48
CA LYS E 392 -32.26 62.50 17.53
C LYS E 392 -31.32 62.96 16.43
N ALA E 393 -30.34 63.77 16.80
CA ALA E 393 -29.42 64.34 15.84
C ALA E 393 -28.58 63.27 15.22
N PHE E 394 -28.41 63.34 13.89
CA PHE E 394 -27.59 62.40 13.15
C PHE E 394 -28.06 60.93 13.25
N LEU E 395 -29.21 60.71 13.86
CA LEU E 395 -29.67 59.38 14.16
C LEU E 395 -29.93 58.57 12.90
N HIS E 396 -30.34 59.27 11.84
CA HIS E 396 -30.68 58.62 10.59
C HIS E 396 -29.50 57.92 9.93
N TRP E 397 -28.29 58.31 10.32
CA TRP E 397 -27.09 57.66 9.80
C TRP E 397 -26.97 56.25 10.34
N TYR E 398 -27.55 56.01 11.51
CA TYR E 398 -27.49 54.71 12.13
C TYR E 398 -28.81 53.98 11.91
N THR E 399 -29.89 54.74 11.82
CA THR E 399 -31.19 54.19 11.47
C THR E 399 -31.14 53.49 10.12
N GLY E 400 -30.45 54.12 9.17
CA GLY E 400 -30.30 53.56 7.83
C GLY E 400 -29.50 52.27 7.82
N GLU E 401 -28.75 52.01 8.89
CA GLU E 401 -27.99 50.78 9.01
C GLU E 401 -28.76 49.71 9.79
N GLY E 402 -29.95 50.08 10.28
CA GLY E 402 -30.78 49.14 11.02
C GLY E 402 -30.68 49.32 12.54
N MET E 403 -30.07 50.42 12.97
CA MET E 403 -29.95 50.69 14.40
C MET E 403 -31.15 51.45 14.91
N ASP E 404 -31.73 50.98 16.00
CA ASP E 404 -32.89 51.63 16.58
C ASP E 404 -32.50 52.59 17.69
N GLU E 405 -33.50 53.25 18.28
CA GLU E 405 -33.30 54.15 19.39
C GLU E 405 -33.00 53.40 20.68
N MET E 406 -33.57 52.20 20.79
CA MET E 406 -33.47 51.42 22.02
C MET E 406 -32.03 51.15 22.39
N GLU E 407 -31.22 50.81 21.39
CA GLU E 407 -29.80 50.60 21.62
C GLU E 407 -29.15 51.81 22.23
N PHE E 408 -29.48 52.99 21.73
CA PHE E 408 -28.86 54.21 22.18
C PHE E 408 -29.25 54.55 23.61
N THR E 409 -30.52 54.33 23.95
CA THR E 409 -30.98 54.60 25.31
C THR E 409 -30.45 53.57 26.28
N GLU E 410 -30.33 52.34 25.81
CA GLU E 410 -29.80 51.26 26.61
C GLU E 410 -28.33 51.48 26.89
N ALA E 411 -27.60 51.90 25.87
CA ALA E 411 -26.19 52.16 26.02
C ALA E 411 -25.94 53.25 27.04
N GLU E 412 -26.66 54.36 26.92
CA GLU E 412 -26.51 55.47 27.84
C GLU E 412 -26.87 55.09 29.26
N SER E 413 -27.95 54.33 29.41
CA SER E 413 -28.34 53.83 30.71
C SER E 413 -27.22 53.02 31.33
N ASN E 414 -26.60 52.19 30.51
CA ASN E 414 -25.52 51.35 30.94
C ASN E 414 -24.22 52.14 31.15
N MET E 415 -24.05 53.25 30.43
CA MET E 415 -22.94 54.16 30.68
C MET E 415 -23.08 54.85 32.01
N ASN E 416 -24.31 55.18 32.37
CA ASN E 416 -24.58 55.81 33.65
C ASN E 416 -24.23 54.89 34.80
N ASP E 417 -24.51 53.59 34.63
CA ASP E 417 -24.15 52.60 35.62
C ASP E 417 -22.65 52.60 35.89
N LEU E 418 -21.85 52.67 34.82
CA LEU E 418 -20.41 52.70 34.95
C LEU E 418 -19.94 53.88 35.81
N VAL E 419 -20.44 55.06 35.49
CA VAL E 419 -20.11 56.25 36.25
C VAL E 419 -20.55 56.14 37.68
N SER E 420 -21.78 55.66 37.86
CA SER E 420 -22.36 55.49 39.17
C SER E 420 -21.52 54.59 40.04
N GLU E 421 -21.00 53.52 39.46
CA GLU E 421 -20.16 52.58 40.17
C GLU E 421 -18.84 53.22 40.63
N TYR E 422 -18.22 54.00 39.75
CA TYR E 422 -17.01 54.73 40.15
C TYR E 422 -17.31 55.73 41.26
N GLN E 423 -18.46 56.38 41.18
CA GLN E 423 -18.90 57.30 42.23
C GLN E 423 -19.22 56.55 43.52
N GLN E 424 -19.80 55.36 43.40
CA GLN E 424 -20.08 54.53 44.56
C GLN E 424 -18.83 54.32 45.37
N TYR E 425 -17.72 54.12 44.68
CA TYR E 425 -16.47 53.82 45.34
C TYR E 425 -15.56 55.06 45.47
N GLN E 426 -16.19 56.25 45.52
CA GLN E 426 -15.48 57.49 45.83
C GLN E 426 -16.19 58.27 46.93
N ASP E 427 -15.42 58.91 47.79
CA ASP E 427 -16.01 59.79 48.80
C ASP E 427 -15.94 61.25 48.35
N SER F 9 -40.83 44.46 51.77
CA SER F 9 -39.64 45.13 52.28
C SER F 9 -38.53 44.13 52.61
N SER F 10 -38.51 43.65 53.85
CA SER F 10 -37.49 42.70 54.29
C SER F 10 -37.71 41.32 53.71
N ILE F 11 -36.62 40.62 53.42
CA ILE F 11 -36.70 39.30 52.80
C ILE F 11 -36.79 38.20 53.86
N VAL F 12 -37.21 37.02 53.44
CA VAL F 12 -37.35 35.87 54.33
C VAL F 12 -36.45 34.72 53.92
N VAL F 13 -35.70 34.18 54.87
CA VAL F 13 -34.83 33.03 54.56
C VAL F 13 -35.41 31.73 55.11
N ALA F 14 -35.66 30.79 54.20
CA ALA F 14 -36.24 29.49 54.55
C ALA F 14 -35.37 28.34 54.04
N ILE F 15 -35.37 27.23 54.76
CA ILE F 15 -34.42 26.16 54.49
C ILE F 15 -35.02 24.76 54.67
N ARG F 16 -34.58 23.81 53.83
CA ARG F 16 -35.03 22.42 53.94
C ARG F 16 -33.98 21.45 53.38
N VAL F 17 -34.06 20.17 53.75
CA VAL F 17 -33.11 19.14 53.30
C VAL F 17 -33.74 18.18 52.29
N ARG F 18 -32.89 17.53 51.47
CA ARG F 18 -33.26 16.27 50.78
C ARG F 18 -33.64 15.18 51.84
N PRO F 19 -33.18 13.95 51.70
CA PRO F 19 -33.15 13.08 52.88
C PRO F 19 -31.87 12.33 52.95
N PHE F 20 -31.83 11.35 53.82
CA PHE F 20 -30.79 10.36 53.78
C PHE F 20 -31.40 9.05 53.33
N THR F 21 -30.68 8.34 52.48
CA THR F 21 -31.20 7.15 51.82
C THR F 21 -30.45 5.95 52.32
N SER F 22 -30.64 4.82 51.62
CA SER F 22 -29.93 3.60 51.96
C SER F 22 -28.42 3.75 51.78
N MET F 23 -28.01 4.75 50.98
CA MET F 23 -26.59 5.04 50.82
C MET F 23 -26.00 5.63 52.09
N GLU F 24 -26.83 6.34 52.85
CA GLU F 24 -26.42 6.94 54.10
C GLU F 24 -26.74 6.02 55.28
N LYS F 25 -27.82 5.23 55.15
CA LYS F 25 -28.20 4.26 56.17
C LYS F 25 -27.19 3.13 56.26
N THR F 26 -26.68 2.71 55.10
CA THR F 26 -25.62 1.70 55.03
C THR F 26 -24.40 2.17 55.79
N ARG F 27 -24.11 3.45 55.70
CA ARG F 27 -22.99 4.05 56.40
C ARG F 27 -23.30 4.24 57.87
N LEU F 28 -23.32 3.13 58.60
CA LEU F 28 -23.63 3.18 60.03
C LEU F 28 -22.62 4.00 60.79
N VAL F 29 -21.35 3.84 60.44
CA VAL F 29 -20.28 4.58 61.08
C VAL F 29 -20.14 5.98 60.52
N ILE F 30 -21.04 6.87 60.93
CA ILE F 30 -20.95 8.29 60.59
C ILE F 30 -21.78 9.12 61.53
N ARG F 31 -21.28 10.31 61.84
CA ARG F 31 -22.01 11.24 62.67
C ARG F 31 -22.62 12.36 61.83
N LYS F 32 -23.93 12.57 61.99
CA LYS F 32 -24.64 13.60 61.24
C LYS F 32 -24.12 14.98 61.57
N ILE F 33 -24.17 15.89 60.59
CA ILE F 33 -23.71 17.25 60.77
C ILE F 33 -24.88 18.25 60.80
N VAL F 34 -26.06 17.80 60.43
CA VAL F 34 -27.25 18.65 60.46
C VAL F 34 -28.24 18.17 61.49
N ASP F 35 -28.67 19.09 62.35
CA ASP F 35 -29.69 18.77 63.33
C ASP F 35 -30.58 19.98 63.62
N CYS F 36 -31.73 20.00 62.96
CA CYS F 36 -32.74 21.01 63.27
C CYS F 36 -33.38 20.69 64.60
N VAL F 37 -33.19 21.57 65.57
CA VAL F 37 -33.67 21.31 66.93
C VAL F 37 -35.00 21.98 67.20
N ASP F 38 -35.31 23.02 66.45
CA ASP F 38 -36.61 23.66 66.53
C ASP F 38 -36.92 24.41 65.27
N ASP F 39 -38.13 24.94 65.16
CA ASP F 39 -38.48 25.78 64.05
C ASP F 39 -37.59 27.00 64.05
N ARG F 40 -36.97 27.27 62.90
CA ARG F 40 -36.03 28.39 62.75
C ARG F 40 -34.69 28.17 63.47
N MET F 41 -34.47 26.99 64.06
CA MET F 41 -33.26 26.75 64.83
C MET F 41 -32.47 25.54 64.33
N LEU F 42 -31.37 25.82 63.64
CA LEU F 42 -30.50 24.76 63.15
C LEU F 42 -29.22 24.68 63.93
N ILE F 43 -28.90 23.49 64.42
CA ILE F 43 -27.63 23.26 65.05
C ILE F 43 -26.71 22.48 64.13
N PHE F 44 -25.52 23.01 63.91
CA PHE F 44 -24.54 22.30 63.13
C PHE F 44 -23.76 21.34 64.00
N ASP F 45 -23.95 20.07 63.75
CA ASP F 45 -23.28 19.00 64.47
C ASP F 45 -21.90 18.74 63.87
N PRO F 46 -21.03 18.04 64.60
CA PRO F 46 -21.33 17.38 65.89
C PRO F 46 -20.42 17.86 67.00
N ALA F 47 -19.56 18.83 66.67
CA ALA F 47 -18.50 19.33 67.55
C ALA F 47 -17.20 18.59 67.25
N ASP F 48 -16.65 17.92 68.26
CA ASP F 48 -15.48 17.09 68.07
C ASP F 48 -15.19 16.24 69.30
N ARG F 49 -15.63 14.99 69.24
CA ARG F 49 -15.29 14.00 70.24
C ARG F 49 -14.61 12.82 69.57
N ASN F 50 -13.78 13.14 68.58
CA ASN F 50 -13.23 12.14 67.68
C ASN F 50 -12.22 11.22 68.36
N SER F 51 -12.16 9.98 67.88
CA SER F 51 -11.16 9.02 68.32
C SER F 51 -9.93 9.04 67.40
N ASN F 52 -9.88 10.03 66.51
CA ASN F 52 -8.79 10.19 65.56
C ASN F 52 -7.74 11.18 66.04
N ALA F 53 -7.80 11.55 67.33
CA ALA F 53 -6.88 12.53 67.90
C ALA F 53 -6.86 12.39 69.42
N THR F 54 -7.10 13.49 70.14
CA THR F 54 -7.17 13.46 71.59
C THR F 54 -8.45 14.13 72.10
N ASN F 55 -8.38 15.44 72.33
CA ASN F 55 -9.53 16.24 72.78
C ASN F 55 -10.13 15.69 74.07
N LYS F 56 -9.29 15.43 75.06
CA LYS F 56 -9.74 14.92 76.36
C LYS F 56 -9.40 15.90 77.45
N PHE F 57 -9.59 17.18 77.17
CA PHE F 57 -9.20 18.26 78.07
C PHE F 57 -9.90 19.54 77.67
N SER F 58 -9.74 20.59 78.47
CA SER F 58 -10.39 21.87 78.19
C SER F 58 -10.06 22.34 76.79
N SER F 59 -11.10 22.53 75.98
CA SER F 59 -10.94 22.76 74.56
C SER F 59 -10.18 24.03 74.25
N GLN F 60 -9.22 23.92 73.35
CA GLN F 60 -8.54 25.08 72.79
C GLN F 60 -8.82 25.18 71.29
N ARG F 61 -9.92 24.56 70.86
CA ARG F 61 -10.28 24.54 69.45
C ARG F 61 -11.15 25.74 69.09
N ARG F 62 -11.08 26.16 67.83
CA ARG F 62 -11.83 27.33 67.39
C ARG F 62 -13.32 27.04 67.34
N ARG F 63 -13.68 26.01 66.59
CA ARG F 63 -15.07 25.58 66.53
C ARG F 63 -15.19 24.06 66.56
N HIS F 64 -14.06 23.38 66.39
CA HIS F 64 -14.07 21.91 66.44
C HIS F 64 -14.13 21.46 67.89
N GLY F 65 -15.34 21.40 68.41
CA GLY F 65 -15.53 21.18 69.84
C GLY F 65 -16.83 21.81 70.31
N GLY F 66 -17.28 22.85 69.60
CA GLY F 66 -18.58 23.46 69.88
C GLY F 66 -19.56 23.16 68.75
N GLU F 67 -20.74 23.76 68.83
CA GLU F 67 -21.75 23.59 67.78
C GLU F 67 -22.12 24.95 67.21
N ILE F 68 -22.47 24.99 65.94
CA ILE F 68 -22.77 26.26 65.30
C ILE F 68 -24.27 26.47 65.19
N LYS F 69 -24.74 27.56 65.77
CA LYS F 69 -26.17 27.84 65.79
C LYS F 69 -26.57 28.76 64.66
N PHE F 70 -27.41 28.26 63.77
CA PHE F 70 -27.95 29.07 62.68
C PHE F 70 -29.44 29.34 62.89
N VAL F 71 -29.81 30.62 62.85
CA VAL F 71 -31.21 30.97 63.05
C VAL F 71 -31.78 31.68 61.83
N PHE F 72 -32.89 31.16 61.33
CA PHE F 72 -33.49 31.65 60.11
C PHE F 72 -34.90 32.13 60.33
N ASP F 73 -35.57 32.57 59.27
CA ASP F 73 -36.91 33.07 59.39
C ASP F 73 -37.92 31.94 59.34
N LYS F 74 -37.65 30.94 58.49
CA LYS F 74 -38.47 29.74 58.45
C LYS F 74 -37.63 28.51 58.10
N LEU F 75 -36.99 27.93 59.10
CA LEU F 75 -36.24 26.70 58.90
C LEU F 75 -37.13 25.49 58.97
N PHE F 76 -37.04 24.67 57.95
CA PHE F 76 -37.78 23.42 57.88
C PHE F 76 -36.81 22.24 57.81
N ASP F 77 -37.36 21.04 57.71
CA ASP F 77 -36.56 19.84 57.59
C ASP F 77 -37.30 18.79 56.78
N GLU F 78 -36.77 17.56 56.77
CA GLU F 78 -37.35 16.46 56.00
C GLU F 78 -38.75 16.09 56.50
N THR F 79 -39.08 16.44 57.73
CA THR F 79 -40.38 16.17 58.31
C THR F 79 -41.48 16.97 57.63
N SER F 80 -41.19 18.21 57.28
CA SER F 80 -42.22 19.10 56.74
C SER F 80 -42.39 18.88 55.24
N SER F 81 -43.64 18.67 54.82
CA SER F 81 -43.96 18.46 53.41
C SER F 81 -43.81 19.74 52.63
N GLN F 82 -43.38 19.62 51.37
CA GLN F 82 -43.22 20.77 50.50
C GLN F 82 -44.56 21.42 50.18
N ALA F 83 -45.65 20.69 50.39
CA ALA F 83 -46.98 21.23 50.20
C ALA F 83 -47.23 22.39 51.16
N ARG F 84 -46.62 22.29 52.35
CA ARG F 84 -46.75 23.35 53.33
C ARG F 84 -45.55 24.28 53.28
N VAL F 85 -44.36 23.73 53.12
CA VAL F 85 -43.15 24.54 53.09
C VAL F 85 -43.21 25.58 52.01
N TYR F 86 -43.68 25.17 50.83
CA TYR F 86 -43.84 26.08 49.73
C TYR F 86 -44.88 27.14 50.05
N LYS F 87 -46.10 26.71 50.36
CA LYS F 87 -47.21 27.64 50.56
C LYS F 87 -47.00 28.54 51.77
N GLU F 88 -46.48 27.97 52.84
CA GLU F 88 -46.09 28.73 54.03
C GLU F 88 -45.24 29.95 53.68
N THR F 89 -44.41 29.80 52.66
CA THR F 89 -43.44 30.82 52.33
C THR F 89 -43.81 31.63 51.09
N THR F 90 -44.50 31.00 50.13
CA THR F 90 -44.71 31.62 48.83
C THR F 90 -46.16 31.97 48.55
N SER F 91 -47.08 31.40 49.33
CA SER F 91 -48.49 31.75 49.19
C SER F 91 -48.70 33.27 49.34
N PRO F 92 -47.92 33.92 50.24
CA PRO F 92 -47.93 35.36 50.42
C PRO F 92 -47.14 36.06 49.36
N LEU F 93 -46.14 35.39 48.77
CA LEU F 93 -45.40 35.99 47.67
C LEU F 93 -46.31 36.11 46.45
N LEU F 94 -47.14 35.10 46.23
CA LEU F 94 -48.11 35.12 45.15
C LEU F 94 -49.14 36.21 45.37
N ASP F 95 -49.59 36.35 46.62
CA ASP F 95 -50.48 37.44 46.97
C ASP F 95 -49.78 38.79 46.88
N SER F 96 -48.50 38.82 47.24
CA SER F 96 -47.69 40.04 47.15
C SER F 96 -47.64 40.58 45.73
N VAL F 97 -47.51 39.66 44.77
CA VAL F 97 -47.58 40.01 43.35
C VAL F 97 -48.81 40.85 43.03
N LEU F 98 -49.91 40.56 43.70
CA LEU F 98 -51.18 41.20 43.38
C LEU F 98 -51.49 42.34 44.34
N ASP F 99 -50.49 42.78 45.12
CA ASP F 99 -50.64 43.90 46.03
C ASP F 99 -50.07 45.21 45.47
N GLY F 100 -49.78 45.22 44.16
CA GLY F 100 -49.32 46.44 43.50
C GLY F 100 -47.82 46.41 43.19
N PHE F 101 -47.18 45.28 43.46
CA PHE F 101 -45.75 45.11 43.22
C PHE F 101 -45.42 43.66 42.99
N ASN F 102 -44.28 43.38 42.38
CA ASN F 102 -43.94 42.02 41.96
C ASN F 102 -43.32 41.19 43.09
N SER F 103 -42.96 39.95 42.78
CA SER F 103 -42.26 39.09 43.72
C SER F 103 -41.40 38.03 43.03
N THR F 104 -40.80 37.15 43.82
CA THR F 104 -39.85 36.17 43.29
C THR F 104 -39.47 35.07 44.28
N VAL F 105 -39.12 33.90 43.75
CA VAL F 105 -38.73 32.72 44.54
C VAL F 105 -37.28 32.28 44.26
N PHE F 106 -36.49 32.08 45.31
CA PHE F 106 -35.07 31.70 45.17
C PHE F 106 -34.79 30.23 45.51
N ALA F 107 -33.55 29.82 45.25
CA ALA F 107 -33.06 28.47 45.57
C ALA F 107 -31.53 28.50 45.77
N TYR F 108 -30.95 27.44 46.35
CA TYR F 108 -29.50 27.42 46.62
C TYR F 108 -29.01 26.02 46.99
N GLY F 109 -27.77 25.69 46.58
CA GLY F 109 -27.14 24.43 47.03
C GLY F 109 -26.03 23.93 46.08
N ALA F 110 -25.35 22.86 46.50
CA ALA F 110 -24.34 22.19 45.69
C ALA F 110 -24.99 21.19 44.73
N THR F 111 -24.25 20.77 43.69
CA THR F 111 -24.82 19.84 42.73
C THR F 111 -25.17 18.51 43.33
N GLY F 112 -26.43 18.19 43.22
CA GLY F 112 -27.00 16.91 43.60
C GLY F 112 -27.91 17.14 44.81
N CYS F 113 -27.92 18.37 45.31
CA CYS F 113 -28.72 18.73 46.47
C CYS F 113 -30.14 19.20 46.11
N GLY F 114 -30.85 18.44 45.29
CA GLY F 114 -32.29 18.52 45.30
C GLY F 114 -32.94 19.66 44.53
N LYS F 115 -32.18 20.48 43.87
CA LYS F 115 -32.80 21.39 42.94
C LYS F 115 -33.21 20.50 41.78
N THR F 116 -34.13 20.90 40.94
CA THR F 116 -34.76 19.95 40.00
C THR F 116 -35.76 18.98 40.73
N TYR F 117 -35.30 18.25 41.76
CA TYR F 117 -36.24 17.45 42.58
C TYR F 117 -37.22 18.35 43.39
N THR F 118 -36.71 19.37 44.07
CA THR F 118 -37.55 20.20 44.96
C THR F 118 -38.47 21.17 44.20
N VAL F 119 -38.11 21.51 42.98
CA VAL F 119 -38.97 22.37 42.15
C VAL F 119 -40.19 21.60 41.66
N SER F 120 -40.10 20.26 41.69
CA SER F 120 -41.15 19.39 41.17
C SER F 120 -41.02 17.99 41.75
N GLY F 121 -39.89 17.34 41.44
CA GLY F 121 -39.63 16.00 41.97
C GLY F 121 -40.16 14.93 41.05
N THR F 122 -40.34 13.74 41.59
CA THR F 122 -40.92 12.65 40.83
C THR F 122 -42.34 13.02 40.45
N PRO F 123 -42.72 12.79 39.18
CA PRO F 123 -43.96 13.20 38.51
C PRO F 123 -45.23 12.61 39.14
N SER F 124 -45.40 12.82 40.43
CA SER F 124 -46.60 12.48 41.16
C SER F 124 -46.72 13.34 42.42
N GLN F 125 -45.75 14.23 42.62
CA GLN F 125 -45.69 15.04 43.81
C GLN F 125 -45.78 16.52 43.48
N PRO F 126 -46.06 17.34 44.49
CA PRO F 126 -46.13 18.80 44.43
C PRO F 126 -44.74 19.40 44.58
N GLY F 127 -44.60 20.63 44.13
CA GLY F 127 -43.33 21.33 44.21
C GLY F 127 -43.50 22.81 43.92
N ILE F 128 -42.39 23.51 43.73
CA ILE F 128 -42.43 24.96 43.54
C ILE F 128 -43.35 25.39 42.40
N ILE F 129 -43.12 24.83 41.21
CA ILE F 129 -43.86 25.27 40.04
C ILE F 129 -45.28 24.74 40.05
N PHE F 130 -45.44 23.47 40.40
CA PHE F 130 -46.75 22.83 40.42
C PHE F 130 -47.70 23.55 41.35
N LEU F 131 -47.25 23.79 42.58
CA LEU F 131 -48.09 24.43 43.58
C LEU F 131 -48.35 25.89 43.24
N ALA F 132 -47.38 26.53 42.59
CA ALA F 132 -47.56 27.89 42.10
C ALA F 132 -48.77 27.98 41.21
N MET F 133 -48.85 27.07 40.24
CA MET F 133 -49.95 27.05 39.31
C MET F 133 -51.22 26.50 39.95
N GLU F 134 -51.09 25.48 40.77
CA GLU F 134 -52.25 24.90 41.44
C GLU F 134 -52.99 25.97 42.23
N GLU F 135 -52.27 26.67 43.09
CA GLU F 135 -52.85 27.71 43.93
C GLU F 135 -53.37 28.87 43.10
N LEU F 136 -52.54 29.35 42.17
CA LEU F 136 -52.91 30.49 41.35
C LEU F 136 -54.13 30.20 40.52
N PHE F 137 -54.15 29.05 39.86
CA PHE F 137 -55.25 28.67 38.99
C PHE F 137 -56.57 28.59 39.74
N ASN F 138 -56.52 28.06 40.97
CA ASN F 138 -57.71 28.03 41.80
C ASN F 138 -58.18 29.43 42.10
N LYS F 139 -57.24 30.33 42.40
CA LYS F 139 -57.56 31.72 42.63
C LYS F 139 -58.09 32.38 41.36
N ILE F 140 -57.56 31.99 40.20
CA ILE F 140 -58.01 32.52 38.93
C ILE F 140 -59.45 32.18 38.66
N THR F 141 -59.80 30.90 38.83
CA THR F 141 -61.15 30.45 38.52
C THR F 141 -62.15 30.87 39.59
N ASP F 142 -61.67 31.13 40.79
CA ASP F 142 -62.53 31.67 41.84
C ASP F 142 -62.78 33.16 41.62
N LEU F 143 -61.76 33.86 41.15
CA LEU F 143 -61.85 35.30 40.95
C LEU F 143 -62.11 35.69 39.50
N LYS F 144 -62.35 34.68 38.65
CA LYS F 144 -62.62 34.91 37.22
C LYS F 144 -63.88 35.71 36.99
N ASP F 145 -64.76 35.73 37.99
CA ASP F 145 -66.02 36.45 37.89
C ASP F 145 -65.88 37.89 38.37
N GLU F 146 -64.69 38.24 38.87
CA GLU F 146 -64.43 39.58 39.37
C GLU F 146 -63.48 40.34 38.46
N LYS F 147 -62.40 39.69 38.06
CA LYS F 147 -61.37 40.33 37.24
C LYS F 147 -61.07 39.54 35.98
N ASP F 148 -60.55 40.23 34.97
CA ASP F 148 -60.10 39.57 33.75
C ASP F 148 -58.66 39.14 33.92
N PHE F 149 -58.32 37.93 33.47
CA PHE F 149 -56.98 37.40 33.66
C PHE F 149 -56.22 37.28 32.35
N GLU F 150 -55.20 38.12 32.19
CA GLU F 150 -54.28 37.99 31.08
C GLU F 150 -52.88 37.70 31.61
N ILE F 151 -52.58 36.44 31.78
CA ILE F 151 -51.30 36.02 32.36
C ILE F 151 -50.43 35.37 31.31
N SER F 152 -49.15 35.75 31.31
CA SER F 152 -48.19 35.17 30.35
C SER F 152 -46.97 34.62 31.06
N LEU F 153 -46.27 33.73 30.38
CA LEU F 153 -45.13 33.05 30.95
C LEU F 153 -43.85 33.33 30.18
N SER F 154 -42.80 33.69 30.90
CA SER F 154 -41.49 33.93 30.32
C SER F 154 -40.50 32.87 30.77
N TYR F 155 -39.77 32.31 29.81
CA TYR F 155 -38.86 31.23 30.08
C TYR F 155 -37.41 31.64 29.77
N LEU F 156 -36.48 31.18 30.59
CA LEU F 156 -35.11 31.67 30.49
C LEU F 156 -34.08 30.74 31.11
N GLU F 157 -32.98 30.51 30.41
CA GLU F 157 -31.83 29.77 30.96
C GLU F 157 -30.57 30.60 30.91
N ILE F 158 -29.71 30.46 31.93
CA ILE F 158 -28.39 31.11 31.89
C ILE F 158 -27.28 30.08 31.91
N TYR F 159 -26.47 30.09 30.86
CA TYR F 159 -25.39 29.12 30.74
C TYR F 159 -24.19 29.79 30.08
N ASN F 160 -23.03 29.72 30.71
CA ASN F 160 -21.84 30.44 30.24
C ASN F 160 -22.09 31.93 30.10
N GLU F 161 -22.82 32.52 31.05
CA GLU F 161 -23.17 33.93 31.00
C GLU F 161 -24.01 34.27 29.77
N ARG F 162 -24.66 33.26 29.18
CA ARG F 162 -25.46 33.44 27.99
C ARG F 162 -26.92 33.19 28.30
N ILE F 163 -27.78 34.05 27.77
CA ILE F 163 -29.20 33.86 27.96
C ILE F 163 -29.74 33.00 26.84
N ARG F 164 -30.39 31.90 27.21
CA ARG F 164 -30.96 31.00 26.23
C ARG F 164 -32.46 30.98 26.33
N ASP F 165 -33.12 30.87 25.19
CA ASP F 165 -34.54 30.64 25.18
C ASP F 165 -34.81 29.21 25.60
N LEU F 166 -35.34 29.06 26.81
CA LEU F 166 -35.48 27.79 27.45
C LEU F 166 -36.28 26.79 26.62
N LEU F 167 -37.27 27.29 25.90
CA LEU F 167 -38.18 26.42 25.17
C LEU F 167 -37.84 26.30 23.70
N LYS F 168 -37.25 27.35 23.15
CA LYS F 168 -36.82 27.34 21.76
C LYS F 168 -35.36 27.78 21.61
N PRO F 169 -34.40 26.84 21.78
CA PRO F 169 -32.96 27.06 21.62
C PRO F 169 -32.59 27.33 20.17
N GLU F 170 -33.54 27.12 19.28
CA GLU F 170 -33.39 27.44 17.87
C GLU F 170 -33.15 28.93 17.64
N THR F 171 -33.62 29.76 18.57
CA THR F 171 -33.37 31.21 18.50
C THR F 171 -32.01 31.54 19.16
N PRO F 172 -31.20 32.37 18.50
CA PRO F 172 -29.88 32.74 18.96
C PRO F 172 -29.94 33.62 20.21
N SER F 173 -28.92 33.50 21.05
CA SER F 173 -28.86 34.23 22.32
C SER F 173 -28.76 35.74 22.12
N LYS F 174 -28.30 36.15 20.95
CA LYS F 174 -28.25 37.56 20.59
C LYS F 174 -29.63 38.20 20.56
N ARG F 175 -30.67 37.37 20.45
CA ARG F 175 -32.04 37.85 20.38
C ARG F 175 -32.67 38.01 21.75
N LEU F 176 -31.89 37.75 22.80
CA LEU F 176 -32.39 37.88 24.15
C LEU F 176 -31.62 38.95 24.91
N VAL F 177 -32.29 40.07 25.16
CA VAL F 177 -31.70 41.18 25.88
C VAL F 177 -32.52 41.48 27.11
N ILE F 178 -31.85 41.56 28.25
CA ILE F 178 -32.55 41.78 29.51
C ILE F 178 -32.54 43.24 29.93
N ARG F 179 -33.72 43.85 29.88
CA ARG F 179 -33.90 45.23 30.31
C ARG F 179 -35.05 45.32 31.31
N GLU F 180 -35.15 46.46 31.99
CA GLU F 180 -36.27 46.72 32.89
C GLU F 180 -36.75 48.16 32.75
N ASP F 181 -38.01 48.41 33.06
CA ASP F 181 -38.58 49.75 32.95
C ASP F 181 -38.44 50.55 34.24
N THR F 182 -38.81 51.82 34.16
CA THR F 182 -38.98 52.66 35.34
C THR F 182 -40.29 52.31 36.05
N GLN F 183 -41.16 51.60 35.34
CA GLN F 183 -42.37 51.03 35.90
C GLN F 183 -42.13 49.61 36.43
N ASN F 184 -40.88 49.16 36.35
CA ASN F 184 -40.51 47.81 36.74
C ASN F 184 -41.15 46.75 35.85
N HIS F 185 -41.36 47.10 34.58
CA HIS F 185 -41.82 46.15 33.60
C HIS F 185 -40.64 45.35 33.06
N ILE F 186 -40.86 44.06 32.86
CA ILE F 186 -39.81 43.16 32.38
C ILE F 186 -39.64 43.27 30.88
N LYS F 187 -38.52 43.83 30.45
CA LYS F 187 -38.30 44.06 29.04
C LYS F 187 -37.26 43.11 28.46
N VAL F 188 -37.72 41.93 28.06
CA VAL F 188 -36.85 40.97 27.41
C VAL F 188 -37.17 40.84 25.93
N ALA F 189 -36.13 40.82 25.11
CA ALA F 189 -36.27 40.78 23.65
C ALA F 189 -36.88 39.45 23.16
N ASN F 190 -36.80 39.21 21.85
CA ASN F 190 -37.52 38.11 21.20
C ASN F 190 -37.40 36.81 21.94
N LEU F 191 -38.49 36.37 22.54
CA LEU F 191 -38.51 35.17 23.36
C LEU F 191 -39.81 34.41 23.14
N SER F 192 -39.73 33.09 23.14
CA SER F 192 -40.94 32.29 22.98
C SER F 192 -41.80 32.37 24.23
N TYR F 193 -42.70 33.36 24.26
CA TYR F 193 -43.62 33.54 25.37
C TYR F 193 -44.84 32.64 25.22
N HIS F 194 -45.40 32.21 26.34
CA HIS F 194 -46.56 31.32 26.34
C HIS F 194 -47.55 31.72 27.41
N HIS F 195 -48.66 30.99 27.49
CA HIS F 195 -49.69 31.30 28.46
C HIS F 195 -50.09 30.06 29.25
N PRO F 196 -50.43 30.24 30.54
CA PRO F 196 -50.77 29.24 31.54
C PRO F 196 -52.19 28.73 31.36
N ASN F 197 -52.45 28.10 30.21
CA ASN F 197 -53.76 27.58 29.89
C ASN F 197 -54.16 26.47 30.85
N THR F 198 -53.20 25.64 31.22
CA THR F 198 -53.40 24.60 32.22
C THR F 198 -52.05 24.06 32.68
N VAL F 199 -52.02 23.58 33.92
CA VAL F 199 -50.77 23.24 34.58
C VAL F 199 -50.08 22.10 33.89
N GLU F 200 -50.86 21.27 33.21
CA GLU F 200 -50.30 20.18 32.45
C GLU F 200 -49.39 20.69 31.35
N ASP F 201 -49.90 21.59 30.54
CA ASP F 201 -49.13 22.21 29.47
C ASP F 201 -47.99 23.06 30.01
N VAL F 202 -48.25 23.75 31.14
CA VAL F 202 -47.21 24.53 31.79
C VAL F 202 -46.04 23.65 32.19
N MET F 203 -46.34 22.56 32.87
CA MET F 203 -45.32 21.63 33.33
C MET F 203 -44.66 20.91 32.17
N ASP F 204 -45.41 20.66 31.09
CA ASP F 204 -44.83 20.07 29.88
C ASP F 204 -43.79 20.99 29.28
N LEU F 205 -44.05 22.30 29.30
CA LEU F 205 -43.08 23.27 28.84
C LEU F 205 -41.88 23.33 29.80
N VAL F 206 -42.15 23.23 31.10
CA VAL F 206 -41.09 23.15 32.09
C VAL F 206 -40.16 21.97 31.83
N VAL F 207 -40.75 20.81 31.53
CA VAL F 207 -39.98 19.63 31.17
C VAL F 207 -39.22 19.84 29.88
N GLN F 208 -39.87 20.42 28.87
CA GLN F 208 -39.23 20.77 27.62
C GLN F 208 -38.03 21.68 27.86
N GLY F 209 -38.20 22.61 28.78
CA GLY F 209 -37.13 23.48 29.19
C GLY F 209 -36.00 22.71 29.82
N ASN F 210 -36.34 21.83 30.76
CA ASN F 210 -35.35 21.03 31.47
C ASN F 210 -34.59 20.11 30.52
N ILE F 211 -35.26 19.64 29.47
CA ILE F 211 -34.62 18.91 28.40
C ILE F 211 -33.60 19.79 27.66
N ASN F 212 -33.99 21.03 27.41
CA ASN F 212 -33.15 21.97 26.66
C ASN F 212 -32.00 22.52 27.48
N ARG F 213 -32.09 22.45 28.81
CA ARG F 213 -31.01 22.91 29.67
C ARG F 213 -29.73 22.13 29.42
N THR F 214 -28.60 22.84 29.34
CA THR F 214 -27.31 22.22 29.00
C THR F 214 -26.61 21.71 30.25
N THR F 215 -26.38 20.40 30.30
CA THR F 215 -26.02 19.72 31.54
C THR F 215 -24.59 19.24 31.61
N SER F 216 -24.20 18.78 32.80
CA SER F 216 -22.94 18.08 33.03
C SER F 216 -22.99 16.65 32.52
N PRO F 217 -21.88 16.16 32.00
CA PRO F 217 -21.74 14.73 31.73
C PRO F 217 -20.60 14.13 32.54
N THR F 218 -20.44 14.59 33.78
CA THR F 218 -19.26 14.20 34.55
C THR F 218 -19.59 13.43 35.83
N GLU F 219 -20.10 14.13 36.84
CA GLU F 219 -20.31 13.56 38.17
C GLU F 219 -21.46 12.56 38.24
N ALA F 220 -21.68 12.03 39.46
CA ALA F 220 -22.76 11.08 39.71
C ALA F 220 -24.12 11.71 39.40
N ASN F 221 -24.27 13.00 39.72
CA ASN F 221 -25.35 13.77 39.12
C ASN F 221 -24.88 14.07 37.70
N GLU F 222 -25.36 13.28 36.76
CA GLU F 222 -24.97 13.42 35.35
C GLU F 222 -26.17 13.86 34.54
N VAL F 223 -27.33 13.90 35.18
CA VAL F 223 -28.42 14.68 34.67
C VAL F 223 -28.11 16.13 34.97
N SER F 224 -27.71 16.39 36.22
CA SER F 224 -26.96 17.59 36.61
C SER F 224 -27.14 18.77 35.70
N SER F 225 -28.34 19.29 35.70
CA SER F 225 -28.73 20.53 35.05
C SER F 225 -27.57 21.45 34.66
N ARG F 226 -26.76 21.85 35.63
CA ARG F 226 -25.59 22.70 35.38
C ARG F 226 -25.91 23.99 34.64
N SER F 227 -27.07 24.57 34.92
CA SER F 227 -27.40 25.88 34.37
C SER F 227 -28.47 26.56 35.20
N HIS F 228 -28.53 27.87 35.11
CA HIS F 228 -29.54 28.61 35.85
C HIS F 228 -30.77 28.75 35.00
N ALA F 229 -31.87 29.10 35.61
CA ALA F 229 -33.09 29.31 34.84
C ALA F 229 -34.06 30.17 35.60
N VAL F 230 -34.81 30.99 34.88
CA VAL F 230 -35.81 31.81 35.50
C VAL F 230 -37.14 31.75 34.76
N LEU F 231 -38.19 31.39 35.50
CA LEU F 231 -39.54 31.33 34.93
C LEU F 231 -40.38 32.44 35.51
N GLN F 232 -40.82 33.35 34.67
CA GLN F 232 -41.49 34.54 35.18
C GLN F 232 -42.95 34.56 34.75
N ILE F 233 -43.82 34.73 35.73
CA ILE F 233 -45.25 34.82 35.48
C ILE F 233 -45.66 36.28 35.44
N HIS F 234 -46.13 36.74 34.29
CA HIS F 234 -46.52 38.12 34.14
C HIS F 234 -48.03 38.27 34.16
N ILE F 235 -48.54 38.79 35.26
CA ILE F 235 -49.98 38.86 35.48
C ILE F 235 -50.54 40.23 35.15
N MET F 236 -51.31 40.30 34.07
CA MET F 236 -51.98 41.53 33.68
C MET F 236 -53.49 41.40 33.79
N GLN F 237 -54.01 41.50 35.00
CA GLN F 237 -55.44 41.45 35.18
C GLN F 237 -56.06 42.80 34.92
N THR F 238 -57.33 42.81 34.51
CA THR F 238 -58.02 44.07 34.29
C THR F 238 -59.39 44.07 34.94
N ASN F 239 -60.01 45.24 34.99
CA ASN F 239 -61.30 45.39 35.66
C ASN F 239 -62.46 45.04 34.75
N LYS F 240 -63.53 44.54 35.34
CA LYS F 240 -64.77 44.29 34.61
C LYS F 240 -65.77 45.44 34.79
N LEU F 241 -65.42 46.39 35.65
CA LEU F 241 -66.30 47.51 35.96
C LEU F 241 -65.74 48.83 35.47
N VAL F 242 -66.64 49.78 35.22
CA VAL F 242 -66.23 51.12 34.80
C VAL F 242 -66.44 52.13 35.91
N ASP F 243 -65.36 52.77 36.32
CA ASP F 243 -65.43 53.79 37.35
C ASP F 243 -64.24 54.75 37.26
N LEU F 244 -64.21 55.75 38.13
CA LEU F 244 -63.21 56.81 38.07
C LEU F 244 -61.79 56.30 38.32
N THR F 245 -61.65 55.14 38.95
CA THR F 245 -60.34 54.63 39.31
C THR F 245 -59.99 53.37 38.54
N SER F 246 -60.83 52.99 37.57
CA SER F 246 -60.62 51.76 36.81
C SER F 246 -59.30 51.75 36.03
N GLN F 247 -58.20 51.49 36.73
CA GLN F 247 -56.90 51.37 36.11
C GLN F 247 -56.10 50.25 36.76
N HIS F 248 -56.45 49.01 36.44
CA HIS F 248 -55.81 47.86 37.04
C HIS F 248 -54.35 47.77 36.61
N THR F 249 -53.46 47.64 37.59
CA THR F 249 -52.02 47.54 37.32
C THR F 249 -51.61 46.10 37.08
N PHE F 250 -50.35 45.90 36.74
CA PHE F 250 -49.82 44.56 36.48
C PHE F 250 -48.57 44.28 37.31
N ALA F 251 -48.23 43.01 37.45
CA ALA F 251 -47.05 42.61 38.23
C ALA F 251 -46.65 41.18 37.90
N THR F 252 -45.47 40.77 38.36
CA THR F 252 -44.93 39.48 37.93
C THR F 252 -44.42 38.63 39.10
N LEU F 253 -44.16 37.35 38.82
CA LEU F 253 -43.55 36.43 39.78
C LEU F 253 -42.38 35.68 39.16
N SER F 254 -41.17 35.95 39.64
CA SER F 254 -39.98 35.29 39.08
C SER F 254 -39.65 34.00 39.85
N ILE F 255 -39.46 32.92 39.12
CA ILE F 255 -39.02 31.66 39.72
C ILE F 255 -37.55 31.42 39.39
N ILE F 256 -36.70 31.57 40.39
CA ILE F 256 -35.26 31.57 40.17
C ILE F 256 -34.64 30.22 40.40
N ASP F 257 -33.84 29.78 39.43
CA ASP F 257 -33.14 28.51 39.53
C ASP F 257 -31.65 28.71 39.28
N LEU F 258 -30.84 27.85 39.91
CA LEU F 258 -29.39 27.93 39.83
C LEU F 258 -28.80 26.62 39.32
N ALA F 259 -27.61 26.73 38.72
CA ALA F 259 -26.90 25.59 38.16
C ALA F 259 -26.51 24.55 39.18
N GLY F 260 -26.08 25.01 40.34
CA GLY F 260 -25.47 24.13 41.33
C GLY F 260 -23.96 24.28 41.30
N SER F 261 -23.33 24.24 42.47
CA SER F 261 -21.88 24.43 42.53
C SER F 261 -21.18 23.41 43.39
N GLU F 262 -20.21 22.73 42.80
CA GLU F 262 -19.39 21.75 43.48
C GLU F 262 -18.23 22.40 44.22
N ARG F 263 -17.49 21.60 45.00
CA ARG F 263 -16.29 22.07 45.69
C ARG F 263 -15.36 22.80 44.73
N ALA F 264 -14.71 23.85 45.23
CA ALA F 264 -13.84 24.74 44.45
C ALA F 264 -13.18 24.04 43.26
N ALA F 265 -12.59 22.88 43.48
CA ALA F 265 -12.01 22.11 42.40
C ALA F 265 -12.29 20.63 42.55
N ALA F 266 -12.94 20.07 41.54
CA ALA F 266 -13.22 18.65 41.49
C ALA F 266 -12.04 17.88 40.92
N THR F 267 -12.04 16.56 41.13
CA THR F 267 -10.91 15.71 40.75
C THR F 267 -10.74 15.59 39.24
N ARG F 268 -11.77 15.95 38.48
CA ARG F 268 -11.69 15.92 37.03
C ARG F 268 -12.14 17.24 36.43
N ASN F 269 -11.94 18.32 37.16
CA ASN F 269 -12.41 19.63 36.71
C ASN F 269 -11.51 20.19 35.60
N ARG F 270 -11.83 19.85 34.35
CA ARG F 270 -11.03 20.29 33.20
C ARG F 270 -11.87 20.97 32.10
N GLY F 271 -11.24 21.92 31.40
CA GLY F 271 -11.80 22.47 30.16
C GLY F 271 -13.08 23.25 30.39
N ILE F 272 -14.15 22.80 29.74
CA ILE F 272 -15.46 23.44 29.85
C ILE F 272 -16.01 23.34 31.26
N ARG F 273 -15.55 22.33 32.01
CA ARG F 273 -15.99 22.17 33.37
C ARG F 273 -15.46 23.31 34.24
N LEU F 274 -14.21 23.69 34.00
CA LEU F 274 -13.63 24.86 34.64
C LEU F 274 -14.34 26.13 34.20
N HIS F 275 -14.63 26.21 32.91
CA HIS F 275 -15.18 27.42 32.33
C HIS F 275 -16.59 27.70 32.83
N GLU F 276 -17.48 26.72 32.71
CA GLU F 276 -18.83 26.91 33.18
C GLU F 276 -18.88 26.99 34.69
N GLY F 277 -18.03 26.21 35.36
CA GLY F 277 -17.95 26.25 36.81
C GLY F 277 -17.62 27.65 37.30
N ALA F 278 -16.69 28.31 36.63
CA ALA F 278 -16.36 29.69 36.93
C ALA F 278 -17.56 30.59 36.69
N ASN F 279 -18.22 30.40 35.55
CA ASN F 279 -19.37 31.21 35.19
C ASN F 279 -20.51 31.05 36.20
N ILE F 280 -20.68 29.83 36.71
CA ILE F 280 -21.67 29.57 37.73
C ILE F 280 -21.33 30.29 39.02
N ASN F 281 -20.09 30.14 39.47
CA ASN F 281 -19.68 30.73 40.72
C ASN F 281 -19.66 32.25 40.65
N ARG F 282 -19.33 32.79 39.48
CA ARG F 282 -19.41 34.22 39.26
C ARG F 282 -20.83 34.72 39.36
N SER F 283 -21.76 33.94 38.80
CA SER F 283 -23.17 34.27 38.87
C SER F 283 -23.67 34.23 40.31
N LEU F 284 -23.22 33.22 41.06
CA LEU F 284 -23.59 33.09 42.45
C LEU F 284 -23.01 34.23 43.28
N LEU F 285 -21.78 34.62 42.95
CA LEU F 285 -21.15 35.78 43.56
C LEU F 285 -21.96 37.03 43.31
N ALA F 286 -22.39 37.21 42.06
CA ALA F 286 -23.17 38.38 41.69
C ALA F 286 -24.44 38.47 42.52
N LEU F 287 -25.09 37.34 42.73
CA LEU F 287 -26.26 37.30 43.59
C LEU F 287 -25.90 37.67 45.00
N GLY F 288 -24.81 37.10 45.51
CA GLY F 288 -24.35 37.39 46.85
C GLY F 288 -24.06 38.88 47.01
N ASN F 289 -23.44 39.48 46.01
CA ASN F 289 -23.13 40.89 46.05
C ASN F 289 -24.39 41.74 46.13
N CYS F 290 -25.36 41.43 45.28
CA CYS F 290 -26.59 42.20 45.23
C CYS F 290 -27.44 42.00 46.48
N ILE F 291 -27.52 40.76 46.95
CA ILE F 291 -28.30 40.45 48.14
C ILE F 291 -27.72 41.12 49.37
N ASN F 292 -26.40 41.01 49.54
CA ASN F 292 -25.73 41.60 50.67
C ASN F 292 -25.77 43.11 50.60
N ALA F 293 -25.57 43.67 49.42
CA ALA F 293 -25.67 45.11 49.23
C ALA F 293 -27.07 45.59 49.57
N LEU F 294 -28.07 44.86 49.07
CA LEU F 294 -29.47 45.22 49.30
C LEU F 294 -29.80 45.27 50.78
N CYS F 295 -29.52 44.18 51.49
CA CYS F 295 -29.86 44.07 52.90
C CYS F 295 -29.10 45.09 53.74
N LEU F 296 -27.81 45.22 53.49
CA LEU F 296 -27.00 46.15 54.25
C LEU F 296 -27.41 47.59 53.96
N ASN F 297 -27.78 47.87 52.71
CA ASN F 297 -28.18 49.21 52.34
C ASN F 297 -29.61 49.52 52.73
N ASP F 298 -30.40 48.48 53.01
CA ASP F 298 -31.69 48.67 53.66
C ASP F 298 -31.50 49.09 55.11
N GLY F 299 -30.44 48.58 55.73
CA GLY F 299 -30.03 49.04 57.05
C GLY F 299 -29.52 50.49 56.99
N SER F 300 -28.90 50.85 55.87
CA SER F 300 -28.40 52.21 55.66
C SER F 300 -29.45 53.10 54.97
N ARG F 301 -28.99 54.18 54.36
CA ARG F 301 -29.87 55.14 53.72
C ARG F 301 -29.81 55.08 52.20
N SER F 302 -28.65 54.75 51.66
CA SER F 302 -28.45 54.74 50.21
C SER F 302 -28.19 53.33 49.69
N CYS F 303 -28.84 52.99 48.59
CA CYS F 303 -28.78 51.63 48.07
C CYS F 303 -28.19 51.56 46.67
N HIS F 304 -26.86 51.52 46.60
CA HIS F 304 -26.19 51.24 45.34
C HIS F 304 -25.92 49.76 45.22
N ILE F 305 -26.64 49.11 44.32
CA ILE F 305 -26.56 47.66 44.18
C ILE F 305 -25.99 47.29 42.80
N PRO F 306 -25.04 46.34 42.77
CA PRO F 306 -24.24 45.97 41.61
C PRO F 306 -25.00 45.02 40.69
N TYR F 307 -26.07 45.52 40.10
CA TYR F 307 -26.93 44.74 39.23
C TYR F 307 -26.29 44.39 37.90
N ARG F 308 -25.11 44.96 37.63
CA ARG F 308 -24.42 44.71 36.39
C ARG F 308 -23.36 43.61 36.51
N ASP F 309 -23.26 43.00 37.69
CA ASP F 309 -22.33 41.88 37.86
C ASP F 309 -22.74 40.67 37.02
N SER F 310 -24.03 40.44 36.90
CA SER F 310 -24.53 39.35 36.07
C SER F 310 -25.81 39.73 35.36
N LYS F 311 -26.08 39.01 34.28
CA LYS F 311 -27.33 39.19 33.56
C LYS F 311 -28.51 38.76 34.42
N LEU F 312 -28.25 37.86 35.37
CA LEU F 312 -29.26 37.46 36.32
C LEU F 312 -29.62 38.59 37.26
N THR F 313 -28.61 39.36 37.67
CA THR F 313 -28.84 40.48 38.56
C THR F 313 -29.52 41.63 37.81
N ARG F 314 -29.30 41.71 36.50
CA ARG F 314 -30.11 42.59 35.66
C ARG F 314 -31.54 42.08 35.59
N LEU F 315 -31.69 40.78 35.42
CA LEU F 315 -32.99 40.14 35.35
C LEU F 315 -33.77 40.32 36.64
N LEU F 316 -33.05 40.31 37.76
CA LEU F 316 -33.64 40.47 39.07
C LEU F 316 -33.47 41.89 39.59
N LYS F 317 -33.22 42.83 38.69
CA LYS F 317 -32.96 44.22 39.06
C LYS F 317 -34.03 44.79 39.97
N PHE F 318 -35.28 44.39 39.76
CA PHE F 318 -36.36 44.88 40.59
C PHE F 318 -37.04 43.76 41.35
N SER F 319 -37.06 42.55 40.76
CA SER F 319 -37.58 41.38 41.46
C SER F 319 -36.83 41.19 42.79
N LEU F 320 -35.52 41.44 42.78
CA LEU F 320 -34.74 41.50 44.01
C LEU F 320 -34.19 42.90 44.23
N GLY F 321 -34.94 43.75 44.91
CA GLY F 321 -34.42 45.05 45.29
C GLY F 321 -35.47 46.14 45.39
N GLY F 322 -36.55 46.01 44.61
CA GLY F 322 -37.58 47.03 44.60
C GLY F 322 -38.48 46.92 45.81
N ASN F 323 -39.61 47.62 45.77
CA ASN F 323 -40.57 47.58 46.88
C ASN F 323 -41.33 46.28 46.85
N CYS F 324 -40.66 45.20 47.24
CA CYS F 324 -41.20 43.86 47.07
C CYS F 324 -40.65 42.88 48.07
N LYS F 325 -41.19 41.67 48.05
CA LYS F 325 -40.82 40.64 49.00
C LYS F 325 -40.41 39.35 48.31
N THR F 326 -39.54 38.59 48.95
CA THR F 326 -39.06 37.33 48.42
C THR F 326 -38.62 36.37 49.51
N VAL F 327 -38.57 35.08 49.15
CA VAL F 327 -38.08 34.07 50.06
C VAL F 327 -36.84 33.36 49.50
N MET F 328 -35.80 33.31 50.32
CA MET F 328 -34.60 32.57 49.99
C MET F 328 -34.78 31.12 50.37
N ILE F 329 -34.49 30.22 49.45
CA ILE F 329 -34.59 28.78 49.74
C ILE F 329 -33.23 28.12 49.61
N VAL F 330 -32.84 27.40 50.65
CA VAL F 330 -31.56 26.71 50.60
C VAL F 330 -31.73 25.22 50.89
N CYS F 331 -31.13 24.40 50.04
CA CYS F 331 -31.15 22.95 50.21
C CYS F 331 -29.95 22.49 51.01
N ILE F 332 -30.22 21.71 52.05
CA ILE F 332 -29.21 21.32 53.01
C ILE F 332 -28.97 19.81 53.03
N SER F 333 -27.70 19.41 53.11
CA SER F 333 -27.35 18.00 53.27
C SER F 333 -26.87 17.69 54.69
N PRO F 334 -27.34 16.57 55.25
CA PRO F 334 -26.94 16.14 56.60
C PRO F 334 -25.68 15.29 56.59
N SER F 335 -25.12 15.03 55.41
CA SER F 335 -23.93 14.21 55.31
C SER F 335 -22.66 15.03 55.51
N SER F 336 -21.68 14.43 56.17
CA SER F 336 -20.37 15.05 56.36
C SER F 336 -19.58 15.08 55.05
N SER F 337 -20.05 14.34 54.05
CA SER F 337 -19.49 14.43 52.70
C SER F 337 -19.78 15.79 52.06
N HIS F 338 -20.76 16.51 52.62
CA HIS F 338 -21.05 17.86 52.21
C HIS F 338 -20.79 18.84 53.35
N TYR F 339 -19.88 18.45 54.25
CA TYR F 339 -19.60 19.23 55.47
C TYR F 339 -19.24 20.67 55.15
N ASP F 340 -18.28 20.86 54.26
CA ASP F 340 -17.82 22.19 53.94
C ASP F 340 -18.84 22.94 53.11
N GLU F 341 -19.41 22.24 52.13
CA GLU F 341 -20.34 22.86 51.21
C GLU F 341 -21.59 23.32 51.95
N THR F 342 -22.17 22.42 52.73
CA THR F 342 -23.37 22.73 53.48
C THR F 342 -23.14 23.83 54.49
N LEU F 343 -22.04 23.71 55.24
CA LEU F 343 -21.72 24.70 56.25
C LEU F 343 -21.53 26.08 55.65
N ASN F 344 -20.82 26.16 54.54
CA ASN F 344 -20.56 27.42 53.89
C ASN F 344 -21.82 28.04 53.30
N THR F 345 -22.69 27.21 52.72
CA THR F 345 -23.95 27.69 52.16
C THR F 345 -24.93 28.09 53.27
N LEU F 346 -24.82 27.46 54.43
CA LEU F 346 -25.58 27.90 55.61
C LEU F 346 -25.18 29.28 56.06
N LYS F 347 -23.87 29.51 56.13
CA LYS F 347 -23.37 30.83 56.49
C LYS F 347 -23.80 31.87 55.48
N TYR F 348 -23.76 31.50 54.20
CA TYR F 348 -24.23 32.37 53.12
C TYR F 348 -25.66 32.82 53.36
N ALA F 349 -26.53 31.86 53.65
CA ALA F 349 -27.94 32.15 53.89
C ALA F 349 -28.10 33.09 55.07
N ASN F 350 -27.31 32.88 56.11
CA ASN F 350 -27.38 33.71 57.30
C ASN F 350 -26.89 35.14 57.00
N ARG F 351 -25.85 35.25 56.17
CA ARG F 351 -25.37 36.56 55.75
C ARG F 351 -26.41 37.26 54.89
N ALA F 352 -27.08 36.49 54.03
CA ALA F 352 -28.16 37.01 53.21
C ALA F 352 -29.30 37.51 54.08
N LYS F 353 -29.57 36.79 55.17
CA LYS F 353 -30.61 37.16 56.13
C LYS F 353 -30.29 38.52 56.77
N GLU F 354 -29.03 38.71 57.16
CA GLU F 354 -28.58 39.95 57.77
C GLU F 354 -27.91 40.85 56.74
N ARG G 2 45.40 -46.22 -19.60
CA ARG G 2 44.52 -45.27 -18.94
C ARG G 2 44.13 -44.10 -19.86
N GLU G 3 44.27 -44.30 -21.17
CA GLU G 3 44.08 -43.22 -22.13
C GLU G 3 42.72 -43.30 -22.81
N CYS G 4 42.27 -42.19 -23.39
CA CYS G 4 40.94 -42.15 -24.02
C CYS G 4 40.91 -41.30 -25.28
N ILE G 5 39.85 -41.46 -26.07
CA ILE G 5 39.69 -40.73 -27.33
C ILE G 5 38.37 -39.97 -27.38
N SER G 6 38.43 -38.68 -27.72
CA SER G 6 37.24 -37.84 -27.76
C SER G 6 36.72 -37.66 -29.20
N ILE G 7 35.40 -37.61 -29.34
CA ILE G 7 34.79 -37.47 -30.67
C ILE G 7 33.75 -36.36 -30.69
N HIS G 8 33.80 -35.53 -31.73
CA HIS G 8 32.94 -34.35 -31.82
C HIS G 8 32.22 -34.30 -33.17
N VAL G 9 30.89 -34.13 -33.14
CA VAL G 9 30.11 -34.13 -34.39
C VAL G 9 29.18 -32.91 -34.55
N GLY G 10 28.82 -32.60 -35.80
CA GLY G 10 27.97 -31.44 -36.14
C GLY G 10 28.66 -30.15 -35.70
N GLN G 11 27.86 -29.24 -35.18
CA GLN G 11 28.38 -27.99 -34.62
C GLN G 11 28.47 -28.07 -33.09
N ALA G 12 27.42 -28.60 -32.47
CA ALA G 12 27.32 -28.66 -31.02
C ALA G 12 28.45 -29.46 -30.41
N GLY G 13 28.75 -30.62 -30.98
CA GLY G 13 29.78 -31.48 -30.44
C GLY G 13 31.12 -30.77 -30.49
N VAL G 14 31.32 -29.99 -31.54
CA VAL G 14 32.56 -29.27 -31.73
C VAL G 14 32.68 -28.12 -30.74
N GLN G 15 31.61 -27.34 -30.61
CA GLN G 15 31.61 -26.19 -29.72
C GLN G 15 31.80 -26.62 -28.27
N ILE G 16 31.15 -27.72 -27.89
CA ILE G 16 31.36 -28.27 -26.57
C ILE G 16 32.80 -28.72 -26.41
N GLY G 17 33.32 -29.37 -27.45
CA GLY G 17 34.70 -29.81 -27.47
C GLY G 17 35.64 -28.65 -27.24
N ASN G 18 35.36 -27.51 -27.84
CA ASN G 18 36.21 -26.35 -27.67
C ASN G 18 36.37 -26.02 -26.21
N ALA G 19 35.26 -26.01 -25.48
CA ALA G 19 35.29 -25.75 -24.05
C ALA G 19 36.10 -26.83 -23.31
N CYS G 20 35.90 -28.08 -23.69
CA CYS G 20 36.57 -29.19 -23.03
C CYS G 20 38.08 -29.10 -23.16
N TRP G 21 38.53 -28.85 -24.38
CA TRP G 21 39.95 -28.84 -24.66
C TRP G 21 40.62 -27.58 -24.15
N GLU G 22 39.84 -26.50 -24.05
CA GLU G 22 40.31 -25.32 -23.33
C GLU G 22 40.59 -25.65 -21.88
N LEU G 23 39.67 -26.37 -21.25
CA LEU G 23 39.83 -26.75 -19.85
C LEU G 23 41.05 -27.62 -19.65
N TYR G 24 41.22 -28.60 -20.53
CA TYR G 24 42.33 -29.53 -20.40
C TYR G 24 43.64 -28.80 -20.54
N CYS G 25 43.69 -27.84 -21.46
CA CYS G 25 44.87 -27.00 -21.61
C CYS G 25 45.15 -26.22 -20.34
N LEU G 26 44.10 -25.63 -19.77
CA LEU G 26 44.24 -24.87 -18.53
C LEU G 26 44.75 -25.75 -17.41
N GLU G 27 44.25 -26.98 -17.36
CA GLU G 27 44.63 -27.92 -16.31
C GLU G 27 46.07 -28.35 -16.40
N HIS G 28 46.55 -28.55 -17.61
CA HIS G 28 47.90 -29.06 -17.80
C HIS G 28 48.89 -27.98 -18.19
N GLY G 29 48.40 -26.75 -18.36
CA GLY G 29 49.27 -25.63 -18.68
C GLY G 29 49.66 -25.63 -20.16
N ILE G 30 48.89 -26.34 -20.97
CA ILE G 30 49.20 -26.53 -22.37
C ILE G 30 48.77 -25.33 -23.20
N GLN G 31 49.67 -24.89 -24.06
CA GLN G 31 49.44 -23.68 -24.84
C GLN G 31 48.62 -23.97 -26.09
N PRO G 32 48.24 -22.92 -26.79
CA PRO G 32 47.37 -23.00 -27.96
C PRO G 32 48.04 -23.70 -29.15
N ASP G 33 49.36 -23.78 -29.12
CA ASP G 33 50.07 -24.54 -30.14
C ASP G 33 50.47 -25.93 -29.65
N GLY G 34 49.92 -26.34 -28.51
CA GLY G 34 50.17 -27.67 -27.96
C GLY G 34 51.35 -27.70 -27.01
N GLN G 35 52.14 -26.62 -26.98
CA GLN G 35 53.35 -26.59 -26.18
C GLN G 35 53.05 -26.65 -24.70
N MET G 36 53.70 -27.56 -24.00
CA MET G 36 53.64 -27.55 -22.54
C MET G 36 54.87 -26.87 -21.97
N PRO G 37 54.65 -25.92 -21.07
CA PRO G 37 55.77 -25.33 -20.31
C PRO G 37 55.60 -25.58 -18.82
N PHE G 49 48.57 -36.39 -18.25
CA PHE G 49 48.07 -35.58 -19.34
C PHE G 49 48.04 -36.37 -20.63
N ASN G 50 48.79 -37.47 -20.66
CA ASN G 50 48.96 -38.27 -21.86
C ASN G 50 47.69 -39.01 -22.26
N THR G 51 46.68 -38.96 -21.41
CA THR G 51 45.42 -39.62 -21.67
C THR G 51 44.52 -38.76 -22.53
N PHE G 52 44.88 -37.49 -22.67
CA PHE G 52 44.18 -36.58 -23.55
C PHE G 52 45.08 -36.07 -24.65
N PHE G 53 46.36 -35.95 -24.34
CA PHE G 53 47.30 -35.41 -25.31
C PHE G 53 48.38 -36.42 -25.66
N SER G 54 48.49 -36.72 -26.94
CA SER G 54 49.56 -37.58 -27.40
C SER G 54 50.90 -36.90 -27.20
N GLU G 55 51.84 -37.63 -26.62
CA GLU G 55 53.13 -37.06 -26.29
C GLU G 55 53.90 -36.68 -27.54
N THR G 56 54.38 -35.45 -27.57
CA THR G 56 55.18 -34.95 -28.67
C THR G 56 56.58 -34.60 -28.20
N GLY G 57 57.59 -35.06 -28.93
CA GLY G 57 58.99 -34.87 -28.57
C GLY G 57 59.39 -33.39 -28.49
N ALA G 58 58.77 -32.57 -29.32
CA ALA G 58 59.00 -31.11 -29.31
C ALA G 58 58.31 -30.43 -28.13
N GLY G 59 57.45 -31.15 -27.42
CA GLY G 59 56.71 -30.59 -26.30
C GLY G 59 55.29 -30.19 -26.71
N LYS G 60 55.01 -30.25 -28.00
CA LYS G 60 53.73 -29.82 -28.52
C LYS G 60 52.73 -30.95 -28.52
N HIS G 61 52.20 -31.25 -27.35
CA HIS G 61 51.33 -32.40 -27.18
C HIS G 61 49.97 -32.16 -27.84
N VAL G 62 49.46 -33.17 -28.52
CA VAL G 62 48.30 -32.98 -29.38
C VAL G 62 47.10 -33.80 -28.92
N PRO G 63 45.90 -33.23 -28.98
CA PRO G 63 44.66 -33.78 -28.48
C PRO G 63 44.28 -35.07 -29.16
N ARG G 64 43.88 -36.04 -28.36
CA ARG G 64 43.36 -37.29 -28.90
C ARG G 64 41.89 -37.12 -29.24
N ALA G 65 41.62 -36.50 -30.39
CA ALA G 65 40.25 -36.14 -30.73
C ALA G 65 39.96 -36.26 -32.22
N VAL G 66 38.70 -36.58 -32.52
CA VAL G 66 38.21 -36.59 -33.90
C VAL G 66 37.09 -35.59 -34.06
N PHE G 67 37.25 -34.66 -34.99
CA PHE G 67 36.22 -33.66 -35.24
C PHE G 67 35.54 -33.92 -36.57
N VAL G 68 34.21 -34.01 -36.54
CA VAL G 68 33.45 -34.26 -37.75
C VAL G 68 32.36 -33.22 -37.97
N ASP G 69 32.35 -32.61 -39.15
CA ASP G 69 31.22 -31.80 -39.56
C ASP G 69 31.07 -31.79 -41.07
N LEU G 70 29.91 -32.21 -41.53
CA LEU G 70 29.62 -32.37 -42.94
C LEU G 70 29.56 -31.02 -43.68
N GLU G 71 29.52 -29.92 -42.92
CA GLU G 71 29.77 -28.59 -43.46
C GLU G 71 30.80 -27.85 -42.63
N PRO G 72 32.02 -27.79 -43.13
CA PRO G 72 33.23 -27.41 -42.39
C PRO G 72 33.10 -26.18 -41.50
N THR G 73 32.17 -25.28 -41.84
CA THR G 73 31.88 -24.05 -41.06
C THR G 73 32.48 -24.03 -39.65
N VAL G 74 31.89 -24.77 -38.70
CA VAL G 74 32.35 -24.73 -37.30
C VAL G 74 33.78 -25.21 -37.16
N ILE G 75 34.19 -26.12 -38.04
CA ILE G 75 35.55 -26.61 -38.02
C ILE G 75 36.47 -25.56 -38.58
N ASP G 76 36.00 -24.80 -39.55
CA ASP G 76 36.74 -23.68 -40.09
C ASP G 76 36.97 -22.62 -39.02
N GLU G 77 35.99 -22.46 -38.14
CA GLU G 77 36.15 -21.58 -36.99
C GLU G 77 37.32 -22.06 -36.14
N VAL G 78 37.41 -23.37 -35.95
CA VAL G 78 38.53 -23.97 -35.23
C VAL G 78 39.83 -23.82 -36.02
N ARG G 79 39.76 -24.06 -37.33
CA ARG G 79 40.93 -24.01 -38.20
C ARG G 79 41.53 -22.62 -38.27
N THR G 80 40.67 -21.60 -38.14
CA THR G 80 41.13 -20.23 -38.25
C THR G 80 41.26 -19.56 -36.90
N GLY G 81 40.60 -20.10 -35.89
CA GLY G 81 40.62 -19.50 -34.57
C GLY G 81 41.75 -20.07 -33.71
N THR G 82 41.68 -19.77 -32.42
CA THR G 82 42.68 -20.24 -31.47
C THR G 82 42.58 -21.74 -31.31
N TYR G 83 43.73 -22.38 -31.12
CA TYR G 83 43.84 -23.83 -31.00
C TYR G 83 43.79 -24.53 -32.35
N ARG G 84 43.88 -23.76 -33.43
CA ARG G 84 44.17 -24.34 -34.73
C ARG G 84 45.55 -24.95 -34.74
N GLN G 85 46.42 -24.41 -33.90
CA GLN G 85 47.77 -24.93 -33.76
C GLN G 85 47.82 -26.10 -32.79
N LEU G 86 46.86 -26.15 -31.88
CA LEU G 86 46.74 -27.25 -30.94
C LEU G 86 46.37 -28.55 -31.61
N PHE G 87 45.28 -28.53 -32.37
CA PHE G 87 44.75 -29.73 -32.98
C PHE G 87 45.52 -30.11 -34.22
N HIS G 88 45.59 -31.42 -34.49
CA HIS G 88 46.22 -31.89 -35.71
C HIS G 88 45.26 -31.74 -36.88
N PRO G 89 45.77 -31.36 -38.04
CA PRO G 89 44.94 -31.10 -39.21
C PRO G 89 44.24 -32.36 -39.70
N GLU G 90 44.86 -33.51 -39.46
CA GLU G 90 44.29 -34.79 -39.86
C GLU G 90 43.00 -35.10 -39.11
N GLN G 91 42.83 -34.47 -37.95
CA GLN G 91 41.71 -34.75 -37.07
C GLN G 91 40.48 -33.95 -37.46
N LEU G 92 40.69 -32.91 -38.24
CA LEU G 92 39.61 -31.99 -38.55
C LEU G 92 38.87 -32.43 -39.80
N ILE G 93 38.04 -33.45 -39.64
CA ILE G 93 37.33 -34.06 -40.76
C ILE G 93 36.09 -33.29 -41.12
N THR G 94 35.99 -32.91 -42.38
CA THR G 94 34.82 -32.18 -42.83
C THR G 94 34.26 -32.72 -44.13
N GLY G 95 33.00 -32.43 -44.38
CA GLY G 95 32.34 -32.81 -45.62
C GLY G 95 32.19 -31.59 -46.54
N LYS G 96 31.27 -31.70 -47.49
CA LYS G 96 30.97 -30.60 -48.40
C LYS G 96 29.54 -30.14 -48.22
N GLU G 97 28.61 -31.10 -48.22
CA GLU G 97 27.19 -30.83 -48.04
C GLU G 97 26.72 -31.36 -46.68
N ASP G 98 26.01 -30.53 -45.94
CA ASP G 98 25.59 -30.89 -44.60
C ASP G 98 24.39 -31.85 -44.62
N ALA G 99 24.16 -32.53 -43.50
CA ALA G 99 23.01 -33.45 -43.36
C ALA G 99 21.71 -32.66 -43.24
N ALA G 100 21.81 -31.46 -42.68
CA ALA G 100 20.69 -30.54 -42.58
C ALA G 100 19.53 -31.08 -41.75
N ASN G 101 19.81 -31.44 -40.49
CA ASN G 101 18.76 -31.81 -39.56
C ASN G 101 17.99 -33.03 -40.05
N ASN G 102 18.71 -33.93 -40.70
CA ASN G 102 18.08 -35.14 -41.21
C ASN G 102 18.89 -36.34 -40.81
N TYR G 103 18.42 -37.04 -39.78
CA TYR G 103 19.08 -38.23 -39.27
C TYR G 103 19.41 -39.19 -40.39
N ALA G 104 18.51 -39.35 -41.35
CA ALA G 104 18.67 -40.36 -42.37
C ALA G 104 19.84 -40.01 -43.29
N ARG G 105 19.98 -38.74 -43.62
CA ARG G 105 21.07 -38.29 -44.47
C ARG G 105 22.40 -38.38 -43.77
N GLY G 106 22.40 -38.05 -42.48
CA GLY G 106 23.60 -38.18 -41.67
C GLY G 106 23.95 -39.65 -41.46
N HIS G 107 22.92 -40.48 -41.35
CA HIS G 107 23.11 -41.91 -41.19
C HIS G 107 23.61 -42.56 -42.46
N TYR G 108 23.14 -42.08 -43.60
CA TYR G 108 23.42 -42.76 -44.85
C TYR G 108 24.11 -41.88 -45.90
N THR G 109 23.33 -41.30 -46.82
CA THR G 109 23.90 -40.72 -48.03
C THR G 109 25.09 -39.82 -47.81
N ILE G 110 25.02 -38.95 -46.83
CA ILE G 110 26.06 -37.97 -46.66
C ILE G 110 27.15 -38.51 -45.73
N GLY G 111 26.73 -38.98 -44.55
CA GLY G 111 27.67 -39.42 -43.52
C GLY G 111 28.57 -40.56 -43.98
N LYS G 112 28.00 -41.50 -44.74
CA LYS G 112 28.73 -42.70 -45.16
C LYS G 112 29.90 -42.38 -46.08
N GLU G 113 29.93 -41.17 -46.61
CA GLU G 113 30.98 -40.77 -47.53
C GLU G 113 32.27 -40.43 -46.82
N ILE G 114 32.18 -40.15 -45.52
CA ILE G 114 33.38 -39.80 -44.77
C ILE G 114 33.64 -40.78 -43.64
N ILE G 115 32.66 -41.63 -43.34
CA ILE G 115 32.79 -42.55 -42.22
C ILE G 115 34.02 -43.43 -42.33
N ASP G 116 34.42 -43.75 -43.56
CA ASP G 116 35.62 -44.56 -43.77
C ASP G 116 36.85 -43.82 -43.28
N LEU G 117 36.95 -42.54 -43.65
CA LEU G 117 38.03 -41.70 -43.18
C LEU G 117 38.02 -41.57 -41.68
N VAL G 118 36.83 -41.36 -41.13
CA VAL G 118 36.67 -41.19 -39.69
C VAL G 118 37.19 -42.39 -38.94
N LEU G 119 36.81 -43.58 -39.38
CA LEU G 119 37.24 -44.81 -38.75
C LEU G 119 38.73 -45.02 -38.90
N ASP G 120 39.28 -44.61 -40.03
CA ASP G 120 40.71 -44.72 -40.26
C ASP G 120 41.49 -43.81 -39.32
N ARG G 121 40.97 -42.61 -39.09
CA ARG G 121 41.61 -41.68 -38.16
C ARG G 121 41.53 -42.21 -36.74
N ILE G 122 40.39 -42.80 -36.40
CA ILE G 122 40.23 -43.42 -35.10
C ILE G 122 41.21 -44.56 -34.92
N ARG G 123 41.34 -45.40 -35.94
CA ARG G 123 42.26 -46.52 -35.90
C ARG G 123 43.67 -46.07 -35.62
N LYS G 124 44.11 -45.02 -36.32
CA LYS G 124 45.42 -44.45 -36.09
C LYS G 124 45.59 -44.05 -34.63
N LEU G 125 44.60 -43.35 -34.09
CA LEU G 125 44.65 -42.94 -32.70
C LEU G 125 44.70 -44.14 -31.77
N ALA G 126 43.91 -45.16 -32.08
CA ALA G 126 43.85 -46.36 -31.27
C ALA G 126 45.13 -47.17 -31.37
N ASP G 127 45.79 -47.11 -32.51
CA ASP G 127 47.07 -47.78 -32.69
C ASP G 127 48.17 -47.06 -31.92
N GLN G 128 48.07 -45.73 -31.85
CA GLN G 128 48.98 -44.94 -31.04
C GLN G 128 48.73 -45.17 -29.57
N CYS G 129 47.46 -45.26 -29.19
CA CYS G 129 47.08 -45.43 -27.80
C CYS G 129 47.40 -46.82 -27.28
N THR G 130 48.16 -46.88 -26.19
CA THR G 130 48.44 -48.14 -25.52
C THR G 130 47.21 -48.63 -24.73
N GLY G 131 47.09 -48.18 -23.48
CA GLY G 131 46.01 -48.61 -22.61
C GLY G 131 44.72 -47.83 -22.87
N LEU G 132 44.08 -48.10 -24.00
CA LEU G 132 42.81 -47.45 -24.32
C LEU G 132 41.71 -47.91 -23.38
N GLN G 133 41.12 -46.96 -22.67
CA GLN G 133 39.98 -47.26 -21.81
C GLN G 133 38.69 -47.19 -22.58
N GLY G 134 38.54 -46.15 -23.39
CA GLY G 134 37.30 -45.96 -24.10
C GLY G 134 37.23 -44.61 -24.82
N PHE G 135 36.01 -44.25 -25.23
CA PHE G 135 35.77 -43.07 -26.03
C PHE G 135 34.79 -42.12 -25.36
N SER G 136 34.82 -40.86 -25.76
CA SER G 136 33.89 -39.87 -25.24
C SER G 136 33.29 -39.05 -26.38
N VAL G 137 32.03 -39.34 -26.71
CA VAL G 137 31.38 -38.75 -27.86
C VAL G 137 30.52 -37.56 -27.47
N PHE G 138 30.70 -36.45 -28.18
CA PHE G 138 29.90 -35.26 -27.94
C PHE G 138 29.00 -34.97 -29.10
N HIS G 139 27.69 -35.07 -28.88
CA HIS G 139 26.73 -34.94 -29.96
C HIS G 139 25.41 -34.38 -29.48
N SER G 140 24.52 -34.13 -30.41
CA SER G 140 23.18 -33.67 -30.10
C SER G 140 22.14 -34.69 -30.54
N PHE G 141 20.89 -34.30 -30.51
CA PHE G 141 19.82 -35.09 -31.10
C PHE G 141 19.13 -34.30 -32.19
N GLY G 142 19.40 -32.99 -32.23
CA GLY G 142 18.71 -32.10 -33.16
C GLY G 142 19.18 -32.30 -34.59
N GLY G 143 20.45 -32.05 -34.84
CA GLY G 143 20.98 -32.11 -36.19
C GLY G 143 21.18 -33.54 -36.64
N GLY G 144 21.20 -33.74 -37.95
CA GLY G 144 21.41 -35.06 -38.51
C GLY G 144 22.88 -35.40 -38.51
N THR G 145 23.72 -34.37 -38.66
CA THR G 145 25.17 -34.55 -38.63
C THR G 145 25.64 -34.94 -37.26
N GLY G 146 24.86 -34.61 -36.24
CA GLY G 146 25.14 -35.09 -34.91
C GLY G 146 24.43 -36.41 -34.69
N SER G 147 23.12 -36.39 -34.84
CA SER G 147 22.28 -37.54 -34.52
C SER G 147 22.53 -38.73 -35.45
N GLY G 148 22.34 -38.51 -36.74
CA GLY G 148 22.42 -39.58 -37.72
C GLY G 148 23.83 -40.09 -37.89
N PHE G 149 24.78 -39.17 -38.03
CA PHE G 149 26.15 -39.57 -38.18
C PHE G 149 26.65 -40.35 -36.99
N THR G 150 26.33 -39.87 -35.78
CA THR G 150 26.73 -40.58 -34.58
C THR G 150 26.20 -41.98 -34.57
N SER G 151 24.94 -42.14 -34.98
CA SER G 151 24.35 -43.46 -35.06
C SER G 151 25.19 -44.39 -35.94
N LEU G 152 25.57 -43.89 -37.11
CA LEU G 152 26.44 -44.61 -38.02
C LEU G 152 27.78 -44.96 -37.37
N LEU G 153 28.42 -43.93 -36.81
CA LEU G 153 29.74 -44.09 -36.24
C LEU G 153 29.76 -45.05 -35.07
N MET G 154 28.79 -44.92 -34.17
CA MET G 154 28.76 -45.76 -32.98
C MET G 154 28.62 -47.22 -33.34
N GLU G 155 27.81 -47.51 -34.35
CA GLU G 155 27.70 -48.88 -34.83
C GLU G 155 29.04 -49.40 -35.32
N ARG G 156 29.72 -48.59 -36.14
CA ARG G 156 31.00 -48.99 -36.71
C ARG G 156 32.07 -49.13 -35.63
N LEU G 157 32.07 -48.19 -34.69
CA LEU G 157 33.05 -48.16 -33.63
C LEU G 157 32.85 -49.33 -32.69
N SER G 158 31.58 -49.66 -32.43
CA SER G 158 31.20 -50.79 -31.59
C SER G 158 31.73 -52.09 -32.15
N VAL G 159 31.65 -52.25 -33.46
CA VAL G 159 32.20 -53.43 -34.13
C VAL G 159 33.71 -53.54 -33.93
N ASP G 160 34.41 -52.44 -34.14
CA ASP G 160 35.87 -52.45 -34.04
C ASP G 160 36.35 -52.60 -32.61
N TYR G 161 35.70 -51.94 -31.67
CA TYR G 161 36.13 -51.96 -30.29
C TYR G 161 35.03 -52.38 -29.34
N GLY G 162 34.64 -53.66 -29.43
CA GLY G 162 33.60 -54.20 -28.57
C GLY G 162 34.04 -54.26 -27.10
N LYS G 163 35.35 -54.20 -26.87
CA LYS G 163 35.87 -54.29 -25.52
C LYS G 163 36.20 -52.93 -24.90
N LYS G 164 35.91 -51.85 -25.60
CA LYS G 164 36.25 -50.52 -25.09
C LYS G 164 35.00 -49.74 -24.69
N SER G 165 35.15 -48.93 -23.65
CA SER G 165 34.01 -48.20 -23.10
C SER G 165 33.60 -47.03 -23.98
N LYS G 166 32.32 -46.93 -24.27
CA LYS G 166 31.81 -45.86 -25.11
C LYS G 166 30.87 -44.93 -24.35
N LEU G 167 31.39 -43.74 -24.02
CA LEU G 167 30.60 -42.72 -23.36
C LEU G 167 29.97 -41.80 -24.39
N GLU G 168 28.71 -41.45 -24.17
CA GLU G 168 28.03 -40.51 -25.04
C GLU G 168 27.46 -39.35 -24.25
N PHE G 169 27.97 -38.16 -24.51
CA PHE G 169 27.46 -36.96 -23.89
C PHE G 169 26.57 -36.21 -24.87
N SER G 170 25.27 -36.33 -24.67
CA SER G 170 24.33 -35.83 -25.65
C SER G 170 23.58 -34.61 -25.16
N ILE G 171 23.22 -33.73 -26.10
CA ILE G 171 22.35 -32.61 -25.77
C ILE G 171 20.90 -32.96 -26.03
N TYR G 172 20.20 -33.21 -24.94
CA TYR G 172 18.84 -33.70 -24.96
C TYR G 172 17.88 -32.66 -25.54
N PRO G 173 17.17 -32.99 -26.65
CA PRO G 173 16.03 -32.20 -27.12
C PRO G 173 15.19 -31.72 -25.94
N ALA G 174 15.33 -30.46 -25.59
CA ALA G 174 14.66 -29.91 -24.42
C ALA G 174 13.14 -29.96 -24.58
N PRO G 175 12.43 -30.22 -23.49
CA PRO G 175 10.99 -30.36 -23.51
C PRO G 175 10.28 -29.03 -23.71
N GLN G 176 10.82 -27.98 -23.12
CA GLN G 176 10.16 -26.69 -23.19
C GLN G 176 10.38 -25.99 -24.53
N VAL G 177 11.63 -25.93 -24.96
CA VAL G 177 11.99 -25.13 -26.13
C VAL G 177 13.06 -25.79 -26.95
N SER G 178 13.02 -25.59 -28.25
CA SER G 178 14.05 -26.13 -29.13
C SER G 178 14.28 -25.20 -30.31
N THR G 179 15.10 -25.62 -31.26
CA THR G 179 15.46 -24.73 -32.35
C THR G 179 15.12 -25.32 -33.71
N ALA G 180 14.98 -26.64 -33.78
CA ALA G 180 14.51 -27.30 -34.99
C ALA G 180 13.19 -27.98 -34.72
N VAL G 181 12.39 -28.17 -35.76
CA VAL G 181 11.05 -28.67 -35.57
C VAL G 181 10.96 -30.16 -35.85
N VAL G 182 12.04 -30.73 -36.40
CA VAL G 182 12.08 -32.15 -36.70
C VAL G 182 12.98 -32.90 -35.73
N GLU G 183 13.19 -32.31 -34.57
CA GLU G 183 14.05 -32.92 -33.56
C GLU G 183 13.52 -34.27 -33.06
N PRO G 184 12.26 -34.34 -32.56
CA PRO G 184 11.58 -35.59 -32.16
C PRO G 184 11.97 -36.78 -33.03
N TYR G 185 11.99 -36.58 -34.34
CA TYR G 185 12.35 -37.64 -35.27
C TYR G 185 13.80 -38.06 -35.10
N ASN G 186 14.68 -37.09 -35.13
CA ASN G 186 16.11 -37.39 -35.06
C ASN G 186 16.45 -38.00 -33.69
N SER G 187 15.78 -37.52 -32.66
CA SER G 187 15.98 -38.00 -31.31
C SER G 187 15.56 -39.46 -31.15
N ILE G 188 14.38 -39.78 -31.64
CA ILE G 188 13.83 -41.11 -31.44
C ILE G 188 14.59 -42.14 -32.26
N LEU G 189 15.09 -41.72 -33.41
CA LEU G 189 15.89 -42.60 -34.25
C LEU G 189 17.24 -42.87 -33.61
N THR G 190 17.79 -41.88 -32.93
CA THR G 190 19.07 -42.06 -32.25
C THR G 190 18.96 -43.06 -31.11
N THR G 191 17.87 -42.97 -30.36
CA THR G 191 17.68 -43.74 -29.13
C THR G 191 18.02 -45.21 -29.27
N HIS G 192 17.52 -45.86 -30.33
CA HIS G 192 17.70 -47.28 -30.47
C HIS G 192 19.12 -47.68 -30.87
N THR G 193 19.94 -46.70 -31.24
CA THR G 193 21.35 -46.96 -31.49
C THR G 193 22.16 -46.78 -30.22
N THR G 194 21.94 -45.67 -29.53
CA THR G 194 22.62 -45.38 -28.28
C THR G 194 22.36 -46.45 -27.25
N LEU G 195 21.09 -46.79 -27.06
CA LEU G 195 20.73 -47.82 -26.11
C LEU G 195 21.36 -49.16 -26.47
N GLU G 196 21.54 -49.41 -27.75
CA GLU G 196 22.13 -50.64 -28.24
C GLU G 196 23.65 -50.68 -28.07
N HIS G 197 24.34 -49.63 -28.49
CA HIS G 197 25.79 -49.69 -28.64
C HIS G 197 26.57 -48.97 -27.55
N SER G 198 25.96 -48.00 -26.89
CA SER G 198 26.69 -47.20 -25.89
C SER G 198 26.87 -48.00 -24.59
N ASP G 199 27.87 -47.61 -23.82
CA ASP G 199 28.08 -48.18 -22.50
C ASP G 199 27.55 -47.28 -21.42
N CYS G 200 27.57 -45.98 -21.67
CA CYS G 200 26.98 -45.02 -20.74
C CYS G 200 26.69 -43.70 -21.43
N ALA G 201 25.43 -43.26 -21.33
CA ALA G 201 25.01 -42.05 -22.00
C ALA G 201 24.57 -40.99 -21.01
N PHE G 202 24.80 -39.73 -21.36
CA PHE G 202 24.36 -38.61 -20.55
C PHE G 202 23.44 -37.72 -21.36
N MET G 203 22.40 -37.23 -20.72
CA MET G 203 21.44 -36.36 -21.39
C MET G 203 21.38 -35.01 -20.72
N VAL G 204 21.64 -33.96 -21.49
CA VAL G 204 21.70 -32.62 -20.95
C VAL G 204 20.72 -31.67 -21.62
N ASP G 205 19.97 -30.93 -20.82
CA ASP G 205 19.00 -29.99 -21.36
C ASP G 205 19.53 -28.55 -21.29
N ASN G 206 19.66 -27.93 -22.46
CA ASN G 206 20.15 -26.56 -22.55
C ASN G 206 19.33 -25.60 -21.71
N GLU G 207 18.03 -25.85 -21.66
CA GLU G 207 17.10 -24.98 -21.00
C GLU G 207 17.26 -25.09 -19.49
N ALA G 208 17.50 -26.31 -19.02
CA ALA G 208 17.81 -26.50 -17.61
C ALA G 208 19.08 -25.76 -17.25
N ILE G 209 20.05 -25.74 -18.15
CA ILE G 209 21.28 -25.03 -17.89
C ILE G 209 21.08 -23.54 -17.86
N TYR G 210 20.36 -23.02 -18.84
CA TYR G 210 20.07 -21.61 -18.89
C TYR G 210 19.40 -21.15 -17.62
N ASP G 211 18.51 -21.98 -17.12
CA ASP G 211 17.86 -21.76 -15.85
C ASP G 211 18.86 -21.73 -14.69
N ILE G 212 19.82 -22.65 -14.70
CA ILE G 212 20.89 -22.67 -13.72
C ILE G 212 21.74 -21.41 -13.79
N CYS G 213 22.03 -20.95 -14.99
CA CYS G 213 22.79 -19.72 -15.18
C CYS G 213 22.07 -18.54 -14.57
N ARG G 214 20.75 -18.48 -14.77
CA ARG G 214 19.93 -17.43 -14.19
C ARG G 214 19.91 -17.46 -12.67
N ARG G 215 19.69 -18.64 -12.10
CA ARG G 215 19.49 -18.76 -10.66
C ARG G 215 20.78 -18.76 -9.86
N ASN G 216 21.77 -19.51 -10.32
CA ASN G 216 22.98 -19.70 -9.54
C ASN G 216 24.08 -18.73 -9.95
N LEU G 217 24.32 -18.61 -11.26
CA LEU G 217 25.33 -17.69 -11.75
C LEU G 217 24.81 -16.26 -11.89
N ASP G 218 23.51 -16.08 -11.71
CA ASP G 218 22.89 -14.77 -11.77
C ASP G 218 23.05 -14.13 -13.14
N ILE G 219 22.81 -14.91 -14.19
CA ILE G 219 22.98 -14.43 -15.56
C ILE G 219 21.64 -14.25 -16.27
N GLU G 220 21.34 -13.01 -16.63
CA GLU G 220 20.09 -12.70 -17.33
C GLU G 220 20.16 -13.03 -18.82
N ARG G 221 21.37 -13.06 -19.35
CA ARG G 221 21.59 -13.28 -20.77
C ARG G 221 22.65 -14.35 -21.01
N PRO G 222 22.24 -15.61 -21.06
CA PRO G 222 23.18 -16.72 -21.17
C PRO G 222 23.18 -17.27 -22.58
N THR G 223 24.34 -17.79 -22.97
CA THR G 223 24.53 -18.29 -24.32
C THR G 223 25.31 -19.59 -24.32
N TYR G 224 25.58 -20.10 -25.51
CA TYR G 224 26.20 -21.40 -25.66
C TYR G 224 27.61 -21.42 -25.09
N THR G 225 28.31 -20.30 -25.18
CA THR G 225 29.66 -20.21 -24.65
C THR G 225 29.74 -20.63 -23.18
N ASN G 226 28.95 -19.98 -22.35
CA ASN G 226 28.98 -20.26 -20.92
C ASN G 226 28.31 -21.59 -20.62
N LEU G 227 27.24 -21.88 -21.35
CA LEU G 227 26.54 -23.14 -21.22
C LEU G 227 27.47 -24.33 -21.45
N ASN G 228 28.26 -24.25 -22.52
CA ASN G 228 29.18 -25.31 -22.87
C ASN G 228 30.27 -25.46 -21.83
N ARG G 229 30.74 -24.33 -21.30
CA ARG G 229 31.79 -24.35 -20.30
C ARG G 229 31.37 -25.14 -19.07
N LEU G 230 30.11 -24.99 -18.66
CA LEU G 230 29.58 -25.77 -17.56
C LEU G 230 29.58 -27.26 -17.87
N ILE G 231 29.12 -27.61 -19.06
CA ILE G 231 29.10 -29.01 -19.47
C ILE G 231 30.49 -29.60 -19.49
N GLY G 232 31.43 -28.87 -20.06
CA GLY G 232 32.81 -29.31 -20.13
C GLY G 232 33.39 -29.50 -18.74
N GLN G 233 33.05 -28.59 -17.83
CA GLN G 233 33.55 -28.66 -16.46
C GLN G 233 33.11 -29.94 -15.79
N ILE G 234 31.89 -30.36 -16.07
CA ILE G 234 31.39 -31.64 -15.57
C ILE G 234 32.22 -32.79 -16.09
N VAL G 235 32.48 -32.79 -17.39
CA VAL G 235 33.24 -33.86 -18.00
C VAL G 235 34.64 -33.96 -17.43
N SER G 236 35.25 -32.81 -17.18
CA SER G 236 36.56 -32.78 -16.51
C SER G 236 36.52 -33.50 -15.18
N SER G 237 35.49 -33.23 -14.39
CA SER G 237 35.34 -33.89 -13.10
C SER G 237 35.07 -35.37 -13.24
N ILE G 238 34.36 -35.77 -14.29
CA ILE G 238 34.10 -37.18 -14.54
C ILE G 238 35.36 -37.94 -14.92
N THR G 239 36.15 -37.36 -15.80
CA THR G 239 37.23 -38.07 -16.45
C THR G 239 38.60 -37.58 -15.98
N ALA G 240 38.99 -36.41 -16.47
CA ALA G 240 40.31 -35.85 -16.19
C ALA G 240 40.64 -35.90 -14.71
N SER G 241 39.64 -35.65 -13.87
CA SER G 241 39.80 -35.72 -12.43
C SER G 241 40.51 -36.99 -11.99
N LEU G 242 40.11 -38.11 -12.57
CA LEU G 242 40.67 -39.40 -12.21
C LEU G 242 42.14 -39.44 -12.56
N ARG G 243 42.49 -38.78 -13.64
CA ARG G 243 43.84 -38.82 -14.16
C ARG G 243 44.80 -37.87 -13.45
N PHE G 244 44.35 -37.25 -12.36
CA PHE G 244 45.23 -36.43 -11.56
C PHE G 244 45.68 -37.14 -10.29
N ASP G 245 45.21 -38.36 -10.08
CA ASP G 245 45.58 -39.16 -8.92
C ASP G 245 45.01 -38.61 -7.61
N GLY G 246 43.83 -39.07 -7.25
CA GLY G 246 43.18 -38.66 -6.02
C GLY G 246 43.20 -39.75 -4.98
N ALA G 247 42.44 -39.55 -3.91
CA ALA G 247 42.32 -40.54 -2.85
C ALA G 247 41.56 -41.77 -3.34
N LEU G 248 40.52 -41.54 -4.11
CA LEU G 248 39.70 -42.61 -4.62
C LEU G 248 39.57 -42.50 -6.14
N ASN G 249 40.47 -43.16 -6.85
CA ASN G 249 40.48 -43.08 -8.32
C ASN G 249 39.51 -44.05 -8.93
N VAL G 250 38.25 -43.68 -8.94
CA VAL G 250 37.21 -44.55 -9.48
C VAL G 250 37.32 -44.67 -10.99
N ASP G 251 37.57 -45.87 -11.48
CA ASP G 251 37.75 -46.08 -12.91
C ASP G 251 36.47 -45.82 -13.68
N LEU G 252 36.60 -45.57 -14.98
CA LEU G 252 35.45 -45.35 -15.85
C LEU G 252 34.58 -46.61 -15.92
N THR G 253 35.22 -47.77 -15.87
CA THR G 253 34.47 -49.03 -15.87
C THR G 253 33.98 -49.32 -14.47
N GLU G 254 34.66 -48.76 -13.48
CA GLU G 254 34.23 -48.85 -12.09
C GLU G 254 32.96 -48.04 -11.87
N PHE G 255 32.86 -46.91 -12.58
CA PHE G 255 31.60 -46.16 -12.62
C PHE G 255 30.49 -47.05 -13.08
N GLN G 256 30.72 -47.74 -14.18
CA GLN G 256 29.74 -48.63 -14.76
C GLN G 256 29.41 -49.78 -13.83
N THR G 257 30.43 -50.32 -13.17
CA THR G 257 30.24 -51.39 -12.19
C THR G 257 29.17 -51.03 -11.18
N ASN G 258 29.25 -49.81 -10.65
CA ASN G 258 28.39 -49.42 -9.54
C ASN G 258 27.16 -48.65 -9.98
N LEU G 259 27.26 -47.89 -11.06
CA LEU G 259 26.15 -47.09 -11.52
C LEU G 259 25.11 -47.90 -12.27
N VAL G 260 25.56 -48.91 -13.00
CA VAL G 260 24.66 -49.68 -13.86
C VAL G 260 24.36 -51.06 -13.26
N PRO G 261 23.08 -51.34 -12.98
CA PRO G 261 22.64 -52.60 -12.36
C PRO G 261 22.21 -53.63 -13.39
N TYR G 262 21.86 -53.15 -14.57
CA TYR G 262 21.35 -54.02 -15.60
C TYR G 262 22.16 -53.92 -16.88
N PRO G 263 21.75 -54.65 -17.89
CA PRO G 263 22.33 -54.54 -19.22
C PRO G 263 21.94 -53.23 -19.89
N ARG G 264 20.83 -52.65 -19.44
CA ARG G 264 20.40 -51.34 -19.88
C ARG G 264 20.32 -50.36 -18.72
N GLY G 265 19.71 -49.20 -18.95
CA GLY G 265 19.62 -48.18 -17.92
C GLY G 265 20.85 -47.29 -17.93
N HIS G 266 21.39 -47.04 -19.11
CA HIS G 266 22.65 -46.31 -19.26
C HIS G 266 22.44 -44.82 -19.33
N PHE G 267 21.68 -44.27 -18.39
CA PHE G 267 21.31 -42.86 -18.45
C PHE G 267 21.44 -42.16 -17.12
N PRO G 268 22.66 -41.80 -16.74
CA PRO G 268 22.96 -41.04 -15.53
C PRO G 268 22.86 -39.57 -15.78
N LEU G 269 22.43 -38.83 -14.77
CA LEU G 269 22.39 -37.40 -14.85
C LEU G 269 23.62 -36.84 -14.18
N ALA G 270 24.25 -35.86 -14.83
CA ALA G 270 25.50 -35.33 -14.33
C ALA G 270 25.33 -33.90 -13.88
N THR G 271 25.46 -33.68 -12.58
CA THR G 271 25.24 -32.35 -12.02
C THR G 271 26.51 -31.78 -11.44
N TYR G 272 26.54 -30.46 -11.27
CA TYR G 272 27.67 -29.77 -10.70
C TYR G 272 27.17 -28.79 -9.66
N ALA G 273 27.58 -28.99 -8.41
CA ALA G 273 26.93 -28.31 -7.30
C ALA G 273 27.72 -27.12 -6.73
N PRO G 274 28.87 -26.79 -7.31
CA PRO G 274 29.56 -25.55 -6.91
C PRO G 274 29.29 -24.39 -7.84
N VAL G 275 28.16 -24.42 -8.55
CA VAL G 275 27.84 -23.33 -9.45
C VAL G 275 27.60 -22.06 -8.66
N ILE G 276 28.40 -21.04 -8.93
CA ILE G 276 28.45 -19.88 -8.05
C ILE G 276 28.98 -18.66 -8.77
N SER G 277 28.42 -17.50 -8.43
CA SER G 277 28.86 -16.24 -9.01
C SER G 277 30.05 -15.67 -8.25
N ALA G 278 30.73 -14.71 -8.85
CA ALA G 278 31.89 -14.07 -8.23
C ALA G 278 31.50 -13.36 -6.95
N GLU G 279 30.33 -12.74 -6.93
CA GLU G 279 29.83 -12.08 -5.73
C GLU G 279 29.60 -13.08 -4.62
N LYS G 280 28.91 -14.17 -4.95
CA LYS G 280 28.60 -15.20 -3.98
C LYS G 280 29.85 -15.85 -3.45
N ALA G 281 30.90 -15.90 -4.27
CA ALA G 281 32.18 -16.48 -3.84
C ALA G 281 32.75 -15.79 -2.60
N TYR G 282 32.31 -14.55 -2.34
CA TYR G 282 32.80 -13.83 -1.18
C TYR G 282 31.90 -14.06 0.03
N HIS G 283 30.60 -14.02 -0.18
CA HIS G 283 29.66 -14.14 0.93
C HIS G 283 29.41 -15.59 1.31
N GLU G 284 29.26 -16.44 0.30
CA GLU G 284 28.98 -17.85 0.52
C GLU G 284 30.16 -18.58 1.11
N GLN G 285 29.92 -19.33 2.17
CA GLN G 285 30.92 -20.24 2.70
C GLN G 285 30.51 -21.68 2.45
N LEU G 286 31.15 -22.30 1.47
CA LEU G 286 30.83 -23.66 1.09
C LEU G 286 31.67 -24.67 1.84
N SER G 287 31.16 -25.89 1.91
CA SER G 287 31.90 -27.03 2.41
C SER G 287 31.30 -28.31 1.89
N VAL G 288 31.82 -29.43 2.36
CA VAL G 288 31.47 -30.73 1.80
C VAL G 288 29.99 -31.01 1.88
N ALA G 289 29.40 -30.82 3.05
CA ALA G 289 27.99 -31.11 3.24
C ALA G 289 27.11 -30.14 2.46
N GLU G 290 27.47 -28.87 2.49
CA GLU G 290 26.69 -27.84 1.82
C GLU G 290 26.57 -28.11 0.34
N ILE G 291 27.71 -28.38 -0.29
CA ILE G 291 27.75 -28.60 -1.71
C ILE G 291 27.08 -29.93 -2.05
N THR G 292 27.36 -30.95 -1.26
CA THR G 292 26.74 -32.25 -1.46
C THR G 292 25.23 -32.17 -1.38
N ASN G 293 24.73 -31.40 -0.43
CA ASN G 293 23.30 -31.23 -0.29
C ASN G 293 22.71 -30.55 -1.51
N ALA G 294 23.42 -29.55 -2.02
CA ALA G 294 22.94 -28.78 -3.17
C ALA G 294 22.71 -29.67 -4.39
N CYS G 295 23.54 -30.70 -4.56
CA CYS G 295 23.46 -31.54 -5.75
C CYS G 295 22.22 -32.44 -5.74
N PHE G 296 21.57 -32.57 -4.60
CA PHE G 296 20.34 -33.35 -4.53
C PHE G 296 19.10 -32.47 -4.54
N GLU G 297 19.30 -31.18 -4.77
CA GLU G 297 18.17 -30.27 -4.91
C GLU G 297 17.76 -30.15 -6.37
N PRO G 298 16.49 -30.44 -6.67
CA PRO G 298 15.86 -30.42 -7.99
C PRO G 298 15.93 -29.04 -8.66
N ALA G 299 17.14 -28.57 -8.89
CA ALA G 299 17.38 -27.24 -9.40
C ALA G 299 18.64 -27.23 -10.23
N ASN G 300 19.61 -28.03 -9.80
CA ASN G 300 20.88 -28.15 -10.52
C ASN G 300 20.94 -29.47 -11.28
N GLN G 301 19.80 -29.97 -11.72
CA GLN G 301 19.71 -31.28 -12.33
C GLN G 301 20.37 -31.34 -13.70
N MET G 302 20.55 -30.18 -14.34
CA MET G 302 21.11 -30.11 -15.69
C MET G 302 20.16 -30.71 -16.73
N VAL G 303 18.93 -31.00 -16.30
CA VAL G 303 17.91 -31.56 -17.17
C VAL G 303 16.53 -31.30 -16.60
N LYS G 304 15.55 -31.11 -17.46
CA LYS G 304 14.17 -30.89 -17.03
C LYS G 304 13.59 -32.12 -16.38
N CYS G 305 13.98 -32.37 -15.12
CA CYS G 305 13.53 -33.52 -14.38
C CYS G 305 13.52 -33.23 -12.89
N ASP G 306 12.52 -33.73 -12.19
CA ASP G 306 12.39 -33.51 -10.76
C ASP G 306 12.47 -34.83 -10.01
N PRO G 307 13.68 -35.22 -9.59
CA PRO G 307 14.03 -36.46 -8.86
C PRO G 307 13.02 -36.87 -7.80
N ARG G 308 12.30 -35.90 -7.24
CA ARG G 308 11.41 -36.17 -6.13
C ARG G 308 10.19 -36.99 -6.55
N HIS G 309 9.97 -37.10 -7.86
CA HIS G 309 8.87 -37.89 -8.37
C HIS G 309 9.33 -39.24 -8.91
N GLY G 310 10.56 -39.64 -8.59
CA GLY G 310 11.04 -40.97 -8.96
C GLY G 310 11.89 -41.57 -7.84
N LYS G 311 12.75 -42.52 -8.20
CA LYS G 311 13.65 -43.13 -7.23
C LYS G 311 15.09 -43.12 -7.71
N TYR G 312 16.01 -43.13 -6.75
CA TYR G 312 17.43 -43.20 -7.06
C TYR G 312 17.90 -44.64 -7.17
N MET G 313 18.44 -44.97 -8.33
CA MET G 313 18.99 -46.30 -8.57
C MET G 313 20.43 -46.38 -8.11
N ALA G 314 21.19 -45.34 -8.43
CA ALA G 314 22.60 -45.27 -8.06
C ALA G 314 23.11 -43.84 -8.14
N CYS G 315 24.10 -43.53 -7.34
CA CYS G 315 24.60 -42.17 -7.25
C CYS G 315 26.07 -42.11 -6.91
N CYS G 316 26.88 -41.73 -7.88
CA CYS G 316 28.30 -41.55 -7.65
C CYS G 316 28.63 -40.08 -7.42
N LEU G 317 29.29 -39.80 -6.32
CA LEU G 317 29.66 -38.44 -5.98
C LEU G 317 31.16 -38.24 -6.13
N LEU G 318 31.54 -37.32 -6.99
CA LEU G 318 32.95 -37.07 -7.27
C LEU G 318 33.41 -35.76 -6.67
N TYR G 319 34.39 -35.83 -5.80
CA TYR G 319 34.86 -34.66 -5.10
C TYR G 319 36.21 -34.19 -5.60
N ARG G 320 36.42 -32.88 -5.57
CA ARG G 320 37.68 -32.30 -5.97
C ARG G 320 38.20 -31.33 -4.93
N GLY G 321 39.51 -31.12 -4.93
CA GLY G 321 40.14 -30.14 -4.05
C GLY G 321 40.07 -30.53 -2.57
N ASP G 322 39.72 -29.56 -1.74
CA ASP G 322 39.87 -29.69 -0.29
C ASP G 322 38.70 -30.41 0.38
N VAL G 323 38.70 -31.73 0.25
CA VAL G 323 37.68 -32.55 0.88
C VAL G 323 38.29 -33.66 1.71
N VAL G 324 37.54 -34.16 2.68
CA VAL G 324 37.95 -35.34 3.42
C VAL G 324 36.82 -36.36 3.47
N PRO G 325 37.17 -37.64 3.58
CA PRO G 325 36.22 -38.74 3.47
C PRO G 325 35.22 -38.75 4.61
N LYS G 326 35.65 -38.28 5.77
CA LYS G 326 34.80 -38.25 6.95
C LYS G 326 33.57 -37.39 6.72
N ASP G 327 33.79 -36.20 6.19
CA ASP G 327 32.71 -35.27 5.94
C ASP G 327 31.81 -35.77 4.84
N VAL G 328 32.40 -36.40 3.83
CA VAL G 328 31.63 -36.96 2.75
C VAL G 328 30.68 -38.03 3.25
N ASN G 329 31.19 -38.92 4.08
CA ASN G 329 30.38 -39.98 4.65
C ASN G 329 29.26 -39.41 5.50
N ALA G 330 29.59 -38.39 6.28
CA ALA G 330 28.62 -37.75 7.14
C ALA G 330 27.50 -37.11 6.35
N ALA G 331 27.86 -36.44 5.26
CA ALA G 331 26.89 -35.80 4.40
C ALA G 331 25.95 -36.85 3.81
N ILE G 332 26.50 -37.97 3.38
CA ILE G 332 25.68 -39.05 2.83
C ILE G 332 24.75 -39.63 3.87
N ALA G 333 25.25 -39.81 5.08
CA ALA G 333 24.42 -40.29 6.18
C ALA G 333 23.26 -39.35 6.42
N THR G 334 23.54 -38.05 6.35
CA THR G 334 22.51 -37.04 6.50
C THR G 334 21.46 -37.15 5.41
N ILE G 335 21.91 -37.42 4.19
CA ILE G 335 21.00 -37.58 3.06
C ILE G 335 20.08 -38.77 3.26
N LYS G 336 20.65 -39.90 3.68
CA LYS G 336 19.88 -41.09 3.94
C LYS G 336 18.95 -40.88 5.14
N THR G 337 19.39 -40.04 6.08
CA THR G 337 18.56 -39.64 7.21
C THR G 337 17.40 -38.76 6.77
N LYS G 338 17.67 -37.84 5.84
CA LYS G 338 16.65 -36.94 5.32
C LYS G 338 15.46 -37.72 4.79
N ARG G 339 15.72 -38.75 3.99
CA ARG G 339 14.69 -39.66 3.51
C ARG G 339 13.61 -38.99 2.65
N THR G 340 13.83 -37.74 2.26
CA THR G 340 12.89 -37.06 1.38
C THR G 340 12.93 -37.64 -0.02
N ILE G 341 14.14 -37.83 -0.51
CA ILE G 341 14.34 -38.47 -1.79
C ILE G 341 14.29 -39.97 -1.63
N GLN G 342 13.67 -40.65 -2.59
CA GLN G 342 13.45 -42.06 -2.48
C GLN G 342 14.47 -42.85 -3.25
N PHE G 343 14.82 -44.01 -2.72
CA PHE G 343 15.78 -44.90 -3.35
C PHE G 343 15.12 -46.20 -3.70
N VAL G 344 15.69 -46.89 -4.67
CA VAL G 344 15.16 -48.17 -5.06
C VAL G 344 15.21 -49.16 -3.90
N ASP G 345 14.07 -49.78 -3.63
CA ASP G 345 13.88 -50.57 -2.41
C ASP G 345 14.80 -51.76 -2.34
N TRP G 346 15.13 -52.32 -3.50
CA TRP G 346 16.01 -53.47 -3.56
C TRP G 346 17.47 -53.07 -3.83
N CYS G 347 17.79 -51.81 -3.57
CA CYS G 347 19.17 -51.34 -3.65
C CYS G 347 19.64 -50.83 -2.29
N PRO G 348 20.00 -51.76 -1.38
CA PRO G 348 20.56 -51.48 -0.03
C PRO G 348 21.21 -50.11 0.06
N THR G 349 22.17 -49.86 -0.81
CA THR G 349 22.77 -48.56 -0.94
C THR G 349 22.89 -48.19 -2.39
N GLY G 350 23.33 -46.97 -2.63
CA GLY G 350 23.50 -46.48 -3.98
C GLY G 350 24.58 -45.43 -4.04
N PHE G 351 25.31 -45.26 -2.95
CA PHE G 351 26.29 -44.20 -2.88
C PHE G 351 27.69 -44.68 -3.12
N LYS G 352 28.37 -44.02 -4.06
CA LYS G 352 29.77 -44.27 -4.31
C LYS G 352 30.53 -42.96 -4.36
N VAL G 353 31.77 -42.98 -3.91
CA VAL G 353 32.51 -41.74 -3.78
C VAL G 353 33.85 -41.78 -4.50
N GLY G 354 34.09 -40.74 -5.31
CA GLY G 354 35.41 -40.52 -5.86
C GLY G 354 36.00 -39.24 -5.29
N ILE G 355 37.30 -39.24 -5.06
CA ILE G 355 37.93 -38.07 -4.43
C ILE G 355 39.23 -37.72 -5.08
N ASN G 356 39.34 -36.45 -5.50
CA ASN G 356 40.58 -35.91 -6.04
C ASN G 356 41.37 -35.17 -4.98
N TYR G 357 42.60 -34.83 -5.32
CA TYR G 357 43.41 -33.92 -4.52
C TYR G 357 43.54 -32.60 -5.24
N GLU G 358 43.47 -32.65 -6.57
CA GLU G 358 43.55 -31.45 -7.38
C GLU G 358 42.28 -30.65 -7.29
N PRO G 359 42.41 -29.34 -7.14
CA PRO G 359 41.32 -28.39 -7.11
C PRO G 359 40.54 -28.42 -8.42
N PRO G 360 39.35 -27.81 -8.41
CA PRO G 360 38.47 -27.43 -9.51
C PRO G 360 39.17 -26.55 -10.53
N THR G 361 38.78 -26.68 -11.78
CA THR G 361 39.39 -25.93 -12.88
C THR G 361 38.73 -24.57 -13.04
N VAL G 362 39.54 -23.54 -13.21
CA VAL G 362 39.03 -22.18 -13.37
C VAL G 362 39.25 -21.66 -14.78
N VAL G 363 38.18 -21.13 -15.37
CA VAL G 363 38.25 -20.58 -16.72
C VAL G 363 38.43 -19.06 -16.69
N PRO G 364 39.63 -18.58 -17.01
CA PRO G 364 39.85 -17.17 -17.25
C PRO G 364 38.89 -16.66 -18.32
N GLY G 365 38.11 -15.65 -17.97
CA GLY G 365 37.11 -15.11 -18.89
C GLY G 365 35.78 -15.84 -18.73
N GLY G 366 35.66 -16.66 -17.69
CA GLY G 366 34.42 -17.37 -17.40
C GLY G 366 33.60 -16.65 -16.34
N ASP G 367 32.78 -17.41 -15.61
CA ASP G 367 31.93 -16.84 -14.57
C ASP G 367 32.01 -17.68 -13.31
N LEU G 368 31.73 -18.98 -13.45
CA LEU G 368 31.96 -19.96 -12.39
C LEU G 368 33.17 -19.61 -11.53
N ALA G 369 32.92 -18.96 -10.41
CA ALA G 369 33.99 -18.42 -9.59
C ALA G 369 34.85 -19.52 -8.98
N LYS G 370 36.11 -19.20 -8.73
CA LYS G 370 37.05 -20.14 -8.15
C LYS G 370 36.63 -20.60 -6.77
N VAL G 371 36.60 -21.90 -6.58
CA VAL G 371 36.28 -22.50 -5.28
C VAL G 371 37.38 -23.48 -4.86
N GLN G 372 37.39 -23.83 -3.58
CA GLN G 372 38.44 -24.68 -3.03
C GLN G 372 38.13 -26.16 -3.15
N ARG G 373 36.91 -26.46 -3.59
CA ARG G 373 36.47 -27.84 -3.70
C ARG G 373 35.28 -27.94 -4.63
N ALA G 374 35.02 -29.13 -5.14
CA ALA G 374 33.89 -29.29 -6.04
C ALA G 374 33.28 -30.65 -5.98
N VAL G 375 32.00 -30.73 -6.34
CA VAL G 375 31.28 -31.98 -6.34
C VAL G 375 30.53 -32.20 -7.65
N CYS G 376 30.73 -33.36 -8.25
CA CYS G 376 29.90 -33.80 -9.36
C CYS G 376 29.09 -35.00 -8.97
N MET G 377 27.88 -35.07 -9.45
CA MET G 377 27.04 -36.23 -9.17
C MET G 377 26.61 -36.93 -10.42
N LEU G 378 26.87 -38.23 -10.48
CA LEU G 378 26.42 -39.05 -11.58
C LEU G 378 25.34 -39.99 -11.09
N SER G 379 24.09 -39.66 -11.38
CA SER G 379 22.99 -40.37 -10.76
C SER G 379 22.06 -41.05 -11.74
N ASN G 380 21.75 -42.30 -11.46
CA ASN G 380 20.73 -43.02 -12.18
C ASN G 380 19.43 -42.98 -11.41
N THR G 381 18.35 -42.66 -12.10
CA THR G 381 17.05 -42.50 -11.47
C THR G 381 15.94 -42.90 -12.41
N THR G 382 14.78 -43.17 -11.82
CA THR G 382 13.61 -43.51 -12.61
C THR G 382 12.83 -42.26 -13.01
N ALA G 383 13.16 -41.14 -12.37
CA ALA G 383 12.47 -39.89 -12.65
C ALA G 383 12.72 -39.41 -14.08
N ILE G 384 13.95 -39.60 -14.55
CA ILE G 384 14.35 -39.10 -15.87
C ILE G 384 13.56 -39.74 -16.99
N ALA G 385 13.07 -40.94 -16.76
CA ALA G 385 12.32 -41.67 -17.77
C ALA G 385 11.09 -40.88 -18.23
N GLU G 386 10.56 -40.04 -17.36
CA GLU G 386 9.37 -39.25 -17.67
C GLU G 386 9.62 -38.28 -18.82
N ALA G 387 10.87 -37.87 -18.99
CA ALA G 387 11.24 -36.92 -20.02
C ALA G 387 10.99 -37.48 -21.42
N TRP G 388 11.10 -38.80 -21.55
CA TRP G 388 10.96 -39.45 -22.84
C TRP G 388 9.51 -39.49 -23.25
N ALA G 389 8.62 -39.51 -22.27
CA ALA G 389 7.20 -39.48 -22.54
C ALA G 389 6.85 -38.20 -23.27
N ARG G 390 7.45 -37.09 -22.84
CA ARG G 390 7.23 -35.81 -23.50
C ARG G 390 7.68 -35.86 -24.95
N LEU G 391 8.83 -36.49 -25.19
CA LEU G 391 9.31 -36.67 -26.55
C LEU G 391 8.40 -37.60 -27.33
N ASP G 392 7.86 -38.61 -26.66
CA ASP G 392 6.96 -39.54 -27.31
C ASP G 392 5.75 -38.82 -27.84
N HIS G 393 5.21 -37.90 -27.06
CA HIS G 393 4.04 -37.15 -27.48
C HIS G 393 4.35 -36.29 -28.68
N LYS G 394 5.50 -35.63 -28.65
CA LYS G 394 5.91 -34.78 -29.75
C LYS G 394 6.08 -35.59 -31.01
N PHE G 395 6.73 -36.73 -30.88
CA PHE G 395 6.90 -37.64 -31.99
C PHE G 395 5.59 -38.17 -32.49
N ASP G 396 4.78 -38.71 -31.59
CA ASP G 396 3.51 -39.33 -31.96
C ASP G 396 2.66 -38.38 -32.74
N LEU G 397 2.63 -37.12 -32.31
CA LEU G 397 1.81 -36.11 -32.93
C LEU G 397 2.24 -35.84 -34.36
N MET G 398 3.52 -35.52 -34.55
CA MET G 398 4.03 -35.23 -35.87
C MET G 398 4.00 -36.47 -36.74
N TYR G 399 4.27 -37.61 -36.13
CA TYR G 399 4.24 -38.88 -36.82
C TYR G 399 2.86 -39.18 -37.32
N ALA G 400 1.85 -38.95 -36.49
CA ALA G 400 0.46 -39.19 -36.87
C ALA G 400 0.10 -38.47 -38.17
N LYS G 401 0.61 -37.25 -38.32
CA LYS G 401 0.36 -36.48 -39.53
C LYS G 401 1.42 -36.76 -40.60
N ARG G 402 2.41 -37.57 -40.27
CA ARG G 402 3.54 -37.84 -41.12
C ARG G 402 4.21 -36.55 -41.58
N ALA G 403 4.24 -35.57 -40.69
CA ALA G 403 4.82 -34.28 -41.02
C ALA G 403 6.30 -34.43 -41.25
N PHE G 404 6.78 -33.87 -42.34
CA PHE G 404 8.20 -33.90 -42.69
C PHE G 404 8.71 -35.31 -42.99
N VAL G 405 7.82 -36.29 -43.07
CA VAL G 405 8.24 -37.67 -43.27
C VAL G 405 8.97 -37.84 -44.59
N HIS G 406 8.63 -37.00 -45.57
CA HIS G 406 9.17 -37.14 -46.91
C HIS G 406 10.64 -36.78 -46.99
N TRP G 407 11.17 -36.13 -45.96
CA TRP G 407 12.57 -35.82 -45.92
C TRP G 407 13.39 -37.04 -45.54
N TYR G 408 12.76 -37.98 -44.86
CA TYR G 408 13.43 -39.19 -44.45
C TYR G 408 13.17 -40.29 -45.46
N VAL G 409 11.97 -40.29 -46.02
CA VAL G 409 11.63 -41.18 -47.11
C VAL G 409 12.44 -40.86 -48.36
N GLY G 410 12.68 -39.57 -48.58
CA GLY G 410 13.53 -39.15 -49.69
C GLY G 410 14.94 -39.74 -49.58
N GLU G 411 15.41 -39.95 -48.36
CA GLU G 411 16.64 -40.70 -48.14
C GLU G 411 16.41 -42.18 -48.39
N GLY G 412 15.26 -42.66 -47.96
CA GLY G 412 14.92 -44.07 -48.08
C GLY G 412 14.63 -44.68 -46.72
N MET G 413 14.65 -43.86 -45.69
CA MET G 413 14.39 -44.35 -44.35
C MET G 413 13.03 -44.99 -44.26
N GLU G 414 13.03 -46.29 -43.96
CA GLU G 414 11.81 -47.06 -43.86
C GLU G 414 10.86 -46.49 -42.81
N GLU G 415 9.62 -46.24 -43.21
CA GLU G 415 8.59 -45.74 -42.31
C GLU G 415 8.49 -46.60 -41.05
N GLY G 416 8.55 -47.91 -41.24
CA GLY G 416 8.50 -48.86 -40.14
C GLY G 416 9.63 -48.65 -39.12
N GLU G 417 10.76 -48.09 -39.57
CA GLU G 417 11.87 -47.80 -38.68
C GLU G 417 11.48 -46.83 -37.60
N PHE G 418 10.58 -45.90 -37.93
CA PHE G 418 10.12 -44.93 -36.97
C PHE G 418 9.26 -45.58 -35.92
N SER G 419 8.41 -46.51 -36.34
CA SER G 419 7.59 -47.23 -35.39
C SER G 419 8.44 -48.13 -34.50
N GLU G 420 9.49 -48.71 -35.09
CA GLU G 420 10.40 -49.54 -34.33
C GLU G 420 11.19 -48.74 -33.32
N ALA G 421 11.62 -47.54 -33.73
CA ALA G 421 12.37 -46.66 -32.85
C ALA G 421 11.55 -46.31 -31.63
N ARG G 422 10.28 -46.00 -31.85
CA ARG G 422 9.37 -45.70 -30.76
C ARG G 422 9.24 -46.86 -29.79
N GLU G 423 9.09 -48.07 -30.32
CA GLU G 423 8.88 -49.22 -29.48
C GLU G 423 10.09 -49.47 -28.59
N ASP G 424 11.28 -49.22 -29.13
CA ASP G 424 12.51 -49.36 -28.36
C ASP G 424 12.59 -48.33 -27.25
N MET G 425 12.20 -47.09 -27.56
CA MET G 425 12.13 -46.05 -26.54
C MET G 425 11.11 -46.41 -25.47
N ALA G 426 9.96 -46.91 -25.89
CA ALA G 426 8.91 -47.29 -24.97
C ALA G 426 9.35 -48.44 -24.07
N ALA G 427 10.14 -49.36 -24.62
CA ALA G 427 10.70 -50.45 -23.84
C ALA G 427 11.57 -49.92 -22.73
N LEU G 428 12.39 -48.93 -23.06
CA LEU G 428 13.28 -48.31 -22.11
C LEU G 428 12.50 -47.66 -20.98
N GLU G 429 11.45 -46.93 -21.35
CA GLU G 429 10.56 -46.33 -20.35
C GLU G 429 9.97 -47.39 -19.42
N LYS G 430 9.51 -48.48 -20.02
CA LYS G 430 8.91 -49.58 -19.27
C LYS G 430 9.88 -50.17 -18.25
N ASP G 431 11.13 -50.34 -18.65
CA ASP G 431 12.14 -50.90 -17.77
C ASP G 431 12.30 -50.06 -16.51
N TYR G 432 12.33 -48.74 -16.65
CA TYR G 432 12.47 -47.87 -15.49
C TYR G 432 11.26 -47.94 -14.58
N GLU G 433 10.08 -48.09 -15.17
CA GLU G 433 8.87 -48.27 -14.39
C GLU G 433 8.96 -49.51 -13.51
N GLU G 434 9.45 -50.61 -14.09
CA GLU G 434 9.59 -51.86 -13.36
C GLU G 434 10.61 -51.77 -12.24
N VAL G 435 11.71 -51.06 -12.49
CA VAL G 435 12.73 -50.86 -11.48
C VAL G 435 12.17 -50.22 -10.21
N GLY G 436 11.40 -49.16 -10.39
CA GLY G 436 10.86 -48.42 -9.25
C GLY G 436 9.80 -49.23 -8.50
N VAL G 437 8.94 -49.92 -9.25
CA VAL G 437 7.82 -50.64 -8.65
C VAL G 437 8.23 -51.93 -7.95
N ASP G 438 9.02 -52.75 -8.64
CA ASP G 438 9.36 -54.07 -8.14
C ASP G 438 10.20 -54.01 -6.86
N SER G 439 10.09 -55.04 -6.04
CA SER G 439 10.86 -55.16 -4.82
C SER G 439 10.89 -56.59 -4.32
N ARG H 2 30.37 -23.98 -50.48
CA ARG H 2 29.57 -24.36 -51.64
C ARG H 2 29.19 -23.13 -52.45
N GLU H 3 28.49 -23.36 -53.57
CA GLU H 3 28.11 -22.28 -54.45
C GLU H 3 26.63 -22.32 -54.83
N ILE H 4 26.03 -21.15 -55.03
CA ILE H 4 24.64 -21.05 -55.42
C ILE H 4 24.48 -20.18 -56.66
N VAL H 5 23.68 -20.66 -57.61
CA VAL H 5 23.45 -19.94 -58.85
C VAL H 5 22.26 -19.02 -58.74
N HIS H 6 22.43 -17.75 -59.12
CA HIS H 6 21.33 -16.80 -59.07
C HIS H 6 20.87 -16.39 -60.46
N ILE H 7 19.67 -16.77 -60.82
CA ILE H 7 19.15 -16.44 -62.14
C ILE H 7 18.06 -15.40 -62.04
N GLN H 8 18.16 -14.36 -62.86
CA GLN H 8 17.15 -13.32 -62.89
C GLN H 8 16.36 -13.41 -64.18
N ALA H 9 15.04 -13.27 -64.09
CA ALA H 9 14.19 -13.42 -65.27
C ALA H 9 13.14 -12.32 -65.35
N GLY H 10 13.24 -11.50 -66.38
CA GLY H 10 12.27 -10.43 -66.61
C GLY H 10 12.70 -9.14 -65.93
N GLN H 11 12.11 -8.02 -66.34
CA GLN H 11 12.47 -6.70 -65.82
C GLN H 11 12.34 -6.64 -64.32
N CYS H 12 11.21 -7.09 -63.82
CA CYS H 12 10.96 -7.14 -62.38
C CYS H 12 12.07 -7.86 -61.67
N GLY H 13 12.34 -9.08 -62.09
CA GLY H 13 13.34 -9.90 -61.46
C GLY H 13 14.72 -9.28 -61.59
N ASN H 14 14.97 -8.65 -62.72
CA ASN H 14 16.26 -8.04 -62.96
C ASN H 14 16.49 -6.82 -62.08
N GLN H 15 15.46 -6.03 -61.88
CA GLN H 15 15.56 -4.85 -61.04
C GLN H 15 15.75 -5.25 -59.59
N ILE H 16 15.02 -6.26 -59.16
CA ILE H 16 15.19 -6.77 -57.80
C ILE H 16 16.57 -7.34 -57.61
N GLY H 17 17.01 -8.14 -58.56
CA GLY H 17 18.32 -8.75 -58.50
C GLY H 17 19.43 -7.72 -58.50
N ALA H 18 19.28 -6.68 -59.32
CA ALA H 18 20.27 -5.61 -59.36
C ALA H 18 20.45 -5.00 -57.98
N LYS H 19 19.33 -4.78 -57.29
CA LYS H 19 19.39 -4.25 -55.93
C LYS H 19 19.99 -5.28 -54.98
N PHE H 20 19.63 -6.54 -55.18
CA PHE H 20 20.17 -7.64 -54.38
C PHE H 20 21.68 -7.70 -54.44
N TRP H 21 22.21 -7.64 -55.64
CA TRP H 21 23.65 -7.73 -55.83
C TRP H 21 24.35 -6.48 -55.32
N GLU H 22 23.67 -5.34 -55.34
CA GLU H 22 24.17 -4.16 -54.64
C GLU H 22 24.36 -4.46 -53.18
N VAL H 23 23.33 -5.01 -52.56
CA VAL H 23 23.31 -5.25 -51.13
C VAL H 23 24.39 -6.20 -50.69
N ILE H 24 24.47 -7.36 -51.33
CA ILE H 24 25.39 -8.38 -50.87
C ILE H 24 26.83 -8.09 -51.29
N SER H 25 27.01 -7.33 -52.37
CA SER H 25 28.34 -6.89 -52.73
C SER H 25 28.85 -5.91 -51.68
N ASP H 26 27.97 -5.04 -51.21
CA ASP H 26 28.30 -4.15 -50.11
C ASP H 26 28.59 -4.95 -48.85
N GLU H 27 27.75 -5.94 -48.58
CA GLU H 27 27.93 -6.81 -47.43
C GLU H 27 29.30 -7.46 -47.42
N HIS H 28 29.77 -7.87 -48.59
CA HIS H 28 31.05 -8.55 -48.70
C HIS H 28 32.20 -7.66 -49.17
N GLY H 29 32.03 -6.34 -49.04
CA GLY H 29 33.15 -5.41 -49.22
C GLY H 29 33.60 -5.29 -50.67
N ILE H 30 32.70 -5.51 -51.60
CA ILE H 30 33.05 -5.51 -53.01
C ILE H 30 32.65 -4.20 -53.67
N ASP H 31 33.61 -3.54 -54.32
CA ASP H 31 33.35 -2.28 -54.96
C ASP H 31 32.86 -2.48 -56.39
N PRO H 32 32.62 -1.38 -57.12
CA PRO H 32 32.05 -1.43 -58.47
C PRO H 32 33.03 -1.88 -59.56
N THR H 33 34.22 -2.33 -59.17
CA THR H 33 35.13 -2.94 -60.13
C THR H 33 35.13 -4.44 -59.95
N GLY H 34 34.61 -4.90 -58.82
CA GLY H 34 34.68 -6.30 -58.46
C GLY H 34 35.83 -6.56 -57.49
N SER H 35 36.56 -5.50 -57.12
CA SER H 35 37.68 -5.64 -56.20
C SER H 35 37.19 -5.69 -54.76
N TYR H 36 37.89 -6.46 -53.94
CA TYR H 36 37.56 -6.56 -52.53
C TYR H 36 38.31 -5.54 -51.70
N HIS H 37 37.57 -4.74 -50.96
CA HIS H 37 38.17 -3.77 -50.05
C HIS H 37 37.42 -3.74 -48.73
N GLY H 38 37.01 -4.91 -48.27
CA GLY H 38 36.30 -5.03 -47.00
C GLY H 38 37.26 -5.05 -45.83
N ASP H 39 36.72 -4.95 -44.63
CA ASP H 39 37.54 -4.87 -43.42
C ASP H 39 37.62 -6.19 -42.66
N SER H 40 36.73 -7.12 -42.97
CA SER H 40 36.73 -8.41 -42.29
C SER H 40 37.36 -9.49 -43.14
N ASP H 41 37.67 -10.60 -42.52
CA ASP H 41 38.20 -11.74 -43.21
C ASP H 41 37.08 -12.71 -43.57
N LEU H 42 35.98 -12.61 -42.83
CA LEU H 42 34.86 -13.52 -43.01
C LEU H 42 34.07 -13.20 -44.27
N GLN H 43 34.25 -11.98 -44.77
CA GLN H 43 33.66 -11.58 -46.05
C GLN H 43 34.23 -12.41 -47.21
N LEU H 44 35.46 -12.91 -47.04
CA LEU H 44 36.08 -13.76 -48.05
C LEU H 44 35.97 -15.23 -47.72
N GLU H 45 35.39 -15.55 -46.57
CA GLU H 45 35.31 -16.93 -46.11
C GLU H 45 34.34 -17.72 -46.96
N ARG H 46 33.28 -17.07 -47.41
CA ARG H 46 32.30 -17.72 -48.24
C ARG H 46 31.94 -16.88 -49.45
N ILE H 47 32.86 -16.03 -49.89
CA ILE H 47 32.64 -15.20 -51.07
C ILE H 47 32.40 -16.04 -52.31
N ASN H 48 32.94 -17.26 -52.31
CA ASN H 48 32.77 -18.18 -53.41
C ASN H 48 31.32 -18.56 -53.65
N VAL H 49 30.47 -18.41 -52.63
CA VAL H 49 29.07 -18.75 -52.75
C VAL H 49 28.40 -17.99 -53.87
N TYR H 50 28.75 -16.71 -54.01
CA TYR H 50 28.10 -15.86 -54.97
C TYR H 50 29.05 -15.24 -55.98
N TYR H 51 30.34 -15.50 -55.85
CA TYR H 51 31.27 -14.87 -56.77
C TYR H 51 32.33 -15.82 -57.28
N ASN H 52 32.59 -15.74 -58.58
CA ASN H 52 33.77 -16.33 -59.15
C ASN H 52 34.97 -15.45 -58.85
N GLU H 53 36.11 -16.04 -58.56
CA GLU H 53 37.31 -15.27 -58.33
C GLU H 53 38.16 -15.24 -59.59
N ALA H 54 37.98 -14.19 -60.39
CA ALA H 54 38.69 -14.07 -61.65
C ALA H 54 40.07 -13.49 -61.44
N ALA H 55 40.93 -13.66 -62.42
CA ALA H 55 42.31 -13.21 -62.31
C ALA H 55 42.36 -11.73 -61.96
N GLY H 56 43.18 -11.40 -60.96
CA GLY H 56 43.24 -10.05 -60.46
C GLY H 56 42.32 -9.85 -59.26
N ASN H 57 41.74 -10.96 -58.78
CA ASN H 57 40.84 -10.93 -57.64
C ASN H 57 39.59 -10.14 -57.96
N LYS H 58 39.07 -10.33 -59.17
CA LYS H 58 37.84 -9.69 -59.58
C LYS H 58 36.69 -10.62 -59.31
N TYR H 59 35.80 -10.22 -58.43
CA TYR H 59 34.75 -11.11 -57.99
C TYR H 59 33.51 -10.97 -58.84
N VAL H 60 33.12 -12.07 -59.46
CA VAL H 60 32.10 -12.03 -60.50
C VAL H 60 30.85 -12.82 -60.11
N PRO H 61 29.78 -12.11 -59.72
CA PRO H 61 28.42 -12.67 -59.57
C PRO H 61 28.22 -13.98 -60.27
N ARG H 62 27.98 -15.01 -59.49
CA ARG H 62 27.55 -16.30 -60.01
C ARG H 62 26.09 -16.23 -60.40
N ALA H 63 25.81 -15.45 -61.44
CA ALA H 63 24.44 -15.11 -61.78
C ALA H 63 24.21 -15.08 -63.28
N ILE H 64 23.00 -15.39 -63.69
CA ILE H 64 22.63 -15.38 -65.09
C ILE H 64 21.49 -14.41 -65.32
N LEU H 65 21.70 -13.51 -66.26
CA LEU H 65 20.73 -12.45 -66.50
C LEU H 65 19.88 -12.76 -67.73
N VAL H 66 18.63 -13.14 -67.50
CA VAL H 66 17.76 -13.56 -68.59
C VAL H 66 16.65 -12.57 -68.86
N ASP H 67 16.52 -12.16 -70.10
CA ASP H 67 15.42 -11.31 -70.50
C ASP H 67 15.13 -11.44 -71.98
N LEU H 68 13.93 -11.08 -72.37
CA LEU H 68 13.57 -11.09 -73.77
C LEU H 68 13.33 -9.70 -74.28
N GLU H 69 13.58 -8.70 -73.45
CA GLU H 69 13.41 -7.32 -73.88
C GLU H 69 14.69 -6.50 -73.72
N PRO H 70 15.64 -6.67 -74.65
CA PRO H 70 16.74 -5.72 -74.87
C PRO H 70 16.28 -4.31 -74.50
N GLY H 71 17.11 -3.61 -73.74
CA GLY H 71 16.74 -2.30 -73.25
C GLY H 71 16.76 -2.31 -71.73
N THR H 72 16.08 -3.29 -71.16
CA THR H 72 16.18 -3.53 -69.72
C THR H 72 17.57 -4.04 -69.41
N MET H 73 18.03 -4.96 -70.25
CA MET H 73 19.37 -5.50 -70.16
C MET H 73 20.40 -4.41 -70.38
N ASP H 74 20.05 -3.44 -71.24
CA ASP H 74 20.91 -2.31 -71.50
C ASP H 74 21.03 -1.44 -70.27
N SER H 75 19.92 -1.24 -69.56
CA SER H 75 19.91 -0.43 -68.36
C SER H 75 20.73 -1.07 -67.26
N VAL H 76 20.81 -2.40 -67.27
CA VAL H 76 21.67 -3.11 -66.35
C VAL H 76 23.13 -2.85 -66.67
N ARG H 77 23.50 -2.97 -67.95
CA ARG H 77 24.87 -2.71 -68.36
C ARG H 77 25.27 -1.26 -68.13
N SER H 78 24.31 -0.35 -68.27
CA SER H 78 24.58 1.07 -68.06
C SER H 78 24.59 1.45 -66.59
N GLY H 79 24.15 0.54 -65.73
CA GLY H 79 24.13 0.81 -64.30
C GLY H 79 25.48 0.49 -63.67
N PRO H 80 25.63 0.79 -62.38
CA PRO H 80 26.85 0.64 -61.59
C PRO H 80 27.45 -0.76 -61.63
N PHE H 81 26.65 -1.77 -62.00
CA PHE H 81 27.12 -3.14 -62.00
C PHE H 81 27.36 -3.66 -63.41
N GLY H 82 27.41 -2.75 -64.38
CA GLY H 82 27.86 -3.11 -65.72
C GLY H 82 29.34 -3.52 -65.71
N GLN H 83 30.07 -3.05 -64.69
CA GLN H 83 31.47 -3.42 -64.51
C GLN H 83 31.61 -4.66 -63.63
N ILE H 84 30.49 -5.17 -63.14
CA ILE H 84 30.47 -6.28 -62.20
C ILE H 84 30.03 -7.57 -62.87
N PHE H 85 28.88 -7.54 -63.52
CA PHE H 85 28.35 -8.74 -64.16
C PHE H 85 29.14 -9.10 -65.40
N ARG H 86 29.28 -10.40 -65.65
CA ARG H 86 30.01 -10.90 -66.80
C ARG H 86 29.16 -10.84 -68.07
N PRO H 87 29.75 -10.42 -69.20
CA PRO H 87 29.03 -10.10 -70.41
C PRO H 87 28.36 -11.29 -71.03
N ASP H 88 28.93 -12.47 -70.84
CA ASP H 88 28.36 -13.68 -71.41
C ASP H 88 27.24 -14.23 -70.55
N ASN H 89 26.93 -13.56 -69.45
CA ASN H 89 25.79 -13.90 -68.64
C ASN H 89 24.59 -13.04 -68.99
N PHE H 90 24.76 -12.13 -69.95
CA PHE H 90 23.65 -11.31 -70.42
C PHE H 90 22.95 -11.98 -71.58
N VAL H 91 21.86 -12.69 -71.28
CA VAL H 91 21.16 -13.46 -72.29
C VAL H 91 19.87 -12.78 -72.72
N PHE H 92 19.83 -12.32 -73.96
CA PHE H 92 18.62 -11.72 -74.52
C PHE H 92 18.65 -11.77 -76.05
N GLY H 93 17.47 -11.68 -76.66
CA GLY H 93 17.39 -11.73 -78.12
C GLY H 93 16.15 -11.01 -78.65
N GLN H 94 15.28 -11.77 -79.33
CA GLN H 94 14.00 -11.28 -79.83
C GLN H 94 13.22 -10.57 -78.74
N SER H 95 12.41 -9.60 -79.14
CA SER H 95 11.60 -8.78 -78.23
C SER H 95 10.73 -9.62 -77.30
N GLY H 96 10.30 -8.97 -76.21
CA GLY H 96 9.68 -9.68 -75.08
C GLY H 96 8.27 -10.17 -75.36
N ALA H 97 7.75 -10.95 -74.43
CA ALA H 97 6.46 -11.59 -74.59
C ALA H 97 5.31 -10.57 -74.67
N GLY H 98 5.44 -9.47 -73.95
CA GLY H 98 4.36 -8.50 -73.90
C GLY H 98 3.23 -9.00 -73.02
N ASN H 99 3.60 -9.54 -71.86
CA ASN H 99 2.65 -10.15 -70.94
C ASN H 99 1.98 -11.39 -71.53
N ASN H 100 2.68 -12.09 -72.41
CA ASN H 100 2.15 -13.30 -72.99
C ASN H 100 2.93 -14.52 -72.50
N TRP H 101 2.38 -15.18 -71.49
CA TRP H 101 3.05 -16.32 -70.86
C TRP H 101 3.50 -17.36 -71.88
N ALA H 102 2.65 -17.62 -72.87
CA ALA H 102 2.97 -18.62 -73.88
C ALA H 102 4.18 -18.21 -74.69
N LYS H 103 4.29 -16.93 -75.01
CA LYS H 103 5.50 -16.46 -75.67
C LYS H 103 6.72 -16.64 -74.81
N GLY H 104 6.59 -16.36 -73.51
CA GLY H 104 7.72 -16.47 -72.58
C GLY H 104 8.14 -17.92 -72.35
N HIS H 105 7.18 -18.81 -72.18
CA HIS H 105 7.47 -20.20 -71.84
C HIS H 105 7.42 -21.12 -73.03
N TYR H 106 6.33 -21.04 -73.77
CA TYR H 106 5.97 -22.07 -74.73
C TYR H 106 6.69 -21.92 -76.06
N THR H 107 6.77 -20.69 -76.57
CA THR H 107 7.30 -20.47 -77.93
C THR H 107 8.58 -19.65 -77.95
N GLU H 108 8.42 -18.33 -78.07
CA GLU H 108 9.55 -17.43 -78.35
C GLU H 108 10.68 -17.59 -77.34
N GLY H 109 10.32 -17.68 -76.07
CA GLY H 109 11.31 -17.89 -75.02
C GLY H 109 11.94 -19.27 -75.10
N ALA H 110 11.14 -20.26 -75.51
CA ALA H 110 11.63 -21.63 -75.61
C ALA H 110 12.79 -21.72 -76.58
N GLU H 111 12.74 -20.91 -77.63
CA GLU H 111 13.78 -20.90 -78.64
C GLU H 111 15.16 -20.53 -78.07
N LEU H 112 15.18 -19.77 -76.97
CA LEU H 112 16.42 -19.27 -76.43
C LEU H 112 16.85 -19.98 -75.14
N VAL H 113 16.18 -21.09 -74.82
CA VAL H 113 16.50 -21.82 -73.60
C VAL H 113 17.94 -22.28 -73.55
N ASP H 114 18.41 -22.84 -74.64
CA ASP H 114 19.76 -23.41 -74.69
C ASP H 114 20.82 -22.35 -74.43
N SER H 115 20.56 -21.12 -74.87
CA SER H 115 21.51 -20.04 -74.67
C SER H 115 21.66 -19.70 -73.19
N VAL H 116 20.65 -20.05 -72.40
CA VAL H 116 20.73 -19.91 -70.97
C VAL H 116 21.42 -21.11 -70.35
N LEU H 117 20.97 -22.30 -70.75
CA LEU H 117 21.44 -23.53 -70.15
C LEU H 117 22.93 -23.74 -70.37
N ASP H 118 23.44 -23.29 -71.51
CA ASP H 118 24.86 -23.35 -71.74
C ASP H 118 25.62 -22.57 -70.70
N VAL H 119 25.10 -21.39 -70.35
CA VAL H 119 25.70 -20.57 -69.32
C VAL H 119 25.57 -21.24 -67.96
N VAL H 120 24.42 -21.88 -67.73
CA VAL H 120 24.20 -22.63 -66.50
C VAL H 120 25.27 -23.69 -66.31
N ARG H 121 25.56 -24.44 -67.37
CA ARG H 121 26.59 -25.46 -67.34
C ARG H 121 27.96 -24.86 -67.07
N LYS H 122 28.25 -23.76 -67.74
CA LYS H 122 29.52 -23.08 -67.55
C LYS H 122 29.70 -22.65 -66.11
N GLU H 123 28.62 -22.17 -65.52
CA GLU H 123 28.64 -21.77 -64.13
C GLU H 123 28.82 -22.97 -63.22
N SER H 124 28.07 -24.03 -63.51
CA SER H 124 28.13 -25.26 -62.72
C SER H 124 29.53 -25.83 -62.66
N GLU H 125 30.22 -25.84 -63.79
CA GLU H 125 31.55 -26.44 -63.87
C GLU H 125 32.65 -25.55 -63.28
N SER H 126 32.31 -24.32 -62.92
CA SER H 126 33.25 -23.46 -62.23
C SER H 126 33.11 -23.59 -60.72
N CYS H 127 32.14 -24.40 -60.29
CA CYS H 127 31.84 -24.57 -58.88
C CYS H 127 32.56 -25.76 -58.30
N ASP H 128 32.76 -25.73 -56.99
CA ASP H 128 33.35 -26.85 -56.28
C ASP H 128 32.25 -27.75 -55.74
N CYS H 129 31.14 -27.13 -55.36
CA CYS H 129 29.96 -27.87 -54.97
C CYS H 129 28.71 -27.03 -55.13
N LEU H 130 27.93 -27.33 -56.16
CA LEU H 130 26.68 -26.64 -56.39
C LEU H 130 25.63 -27.08 -55.41
N GLN H 131 25.07 -26.13 -54.68
CA GLN H 131 24.02 -26.43 -53.74
C GLN H 131 22.63 -26.34 -54.35
N GLY H 132 22.39 -25.29 -55.12
CA GLY H 132 21.08 -25.09 -55.72
C GLY H 132 21.00 -23.79 -56.51
N PHE H 133 19.78 -23.45 -56.90
CA PHE H 133 19.52 -22.31 -57.75
C PHE H 133 18.54 -21.36 -57.09
N GLN H 134 18.72 -20.07 -57.33
CA GLN H 134 17.76 -19.09 -56.91
C GLN H 134 17.25 -18.32 -58.11
N LEU H 135 15.94 -18.33 -58.29
CA LEU H 135 15.34 -17.60 -59.39
C LEU H 135 14.60 -16.36 -58.89
N THR H 136 14.84 -15.23 -59.52
CA THR H 136 14.15 -14.01 -59.17
C THR H 136 13.30 -13.53 -60.34
N HIS H 137 12.00 -13.40 -60.13
CA HIS H 137 11.07 -13.09 -61.22
C HIS H 137 9.72 -12.63 -60.72
N SER H 138 8.88 -12.16 -61.64
CA SER H 138 7.49 -11.85 -61.32
C SER H 138 6.57 -13.01 -61.65
N LEU H 139 5.37 -12.99 -61.09
CA LEU H 139 4.38 -14.03 -61.33
C LEU H 139 3.18 -13.50 -62.09
N GLY H 140 3.43 -12.95 -63.27
CA GLY H 140 2.37 -12.36 -64.06
C GLY H 140 2.93 -11.53 -65.21
N GLY H 141 4.24 -11.27 -65.16
CA GLY H 141 4.90 -10.46 -66.15
C GLY H 141 4.80 -11.01 -67.56
N GLY H 142 4.86 -12.34 -67.70
CA GLY H 142 4.84 -12.95 -69.02
C GLY H 142 6.17 -13.61 -69.33
N THR H 143 7.21 -12.79 -69.52
CA THR H 143 8.56 -13.29 -69.75
C THR H 143 9.17 -13.82 -68.47
N GLY H 144 9.10 -13.03 -67.40
CA GLY H 144 9.65 -13.44 -66.13
C GLY H 144 8.94 -14.68 -65.59
N SER H 145 7.63 -14.74 -65.82
CA SER H 145 6.83 -15.87 -65.36
C SER H 145 6.88 -17.02 -66.36
N GLY H 146 7.01 -16.70 -67.64
CA GLY H 146 7.11 -17.70 -68.70
C GLY H 146 8.47 -18.37 -68.70
N MET H 147 9.53 -17.58 -68.91
CA MET H 147 10.88 -18.07 -68.88
C MET H 147 11.21 -18.65 -67.51
N GLY H 148 10.57 -18.09 -66.48
CA GLY H 148 10.78 -18.58 -65.12
C GLY H 148 10.53 -20.06 -65.02
N THR H 149 9.28 -20.49 -65.23
CA THR H 149 8.93 -21.89 -65.08
C THR H 149 9.52 -22.75 -66.17
N LEU H 150 9.76 -22.16 -67.32
CA LEU H 150 10.44 -22.81 -68.40
C LEU H 150 11.82 -23.26 -67.98
N LEU H 151 12.59 -22.32 -67.46
CA LEU H 151 13.94 -22.61 -67.03
C LEU H 151 13.98 -23.48 -65.79
N ILE H 152 13.02 -23.28 -64.89
CA ILE H 152 12.93 -24.14 -63.70
C ILE H 152 12.80 -25.60 -64.08
N SER H 153 11.94 -25.90 -65.03
CA SER H 153 11.78 -27.25 -65.50
C SER H 153 13.08 -27.78 -66.08
N LYS H 154 13.71 -26.98 -66.94
CA LYS H 154 14.93 -27.38 -67.61
C LYS H 154 16.05 -27.63 -66.63
N ILE H 155 16.19 -26.73 -65.66
CA ILE H 155 17.25 -26.82 -64.68
C ILE H 155 17.10 -28.03 -63.79
N ARG H 156 15.87 -28.30 -63.35
CA ARG H 156 15.63 -29.48 -62.53
C ARG H 156 15.94 -30.77 -63.28
N GLU H 157 15.67 -30.78 -64.58
CA GLU H 157 16.01 -31.94 -65.38
C GLU H 157 17.51 -32.19 -65.37
N GLU H 158 18.28 -31.10 -65.35
CA GLU H 158 19.72 -31.21 -65.23
C GLU H 158 20.16 -31.52 -63.81
N TYR H 159 19.53 -30.86 -62.83
CA TYR H 159 19.95 -30.97 -61.45
C TYR H 159 18.79 -31.30 -60.51
N PRO H 160 18.14 -32.43 -60.74
CA PRO H 160 16.98 -32.91 -60.00
C PRO H 160 17.21 -33.03 -58.49
N ASP H 161 18.47 -33.15 -58.08
CA ASP H 161 18.79 -33.35 -56.68
C ASP H 161 19.28 -32.08 -56.00
N ARG H 162 19.28 -30.97 -56.73
CA ARG H 162 19.68 -29.69 -56.15
C ARG H 162 18.46 -28.89 -55.73
N ILE H 163 18.70 -27.81 -54.99
CA ILE H 163 17.60 -27.04 -54.41
C ILE H 163 17.08 -25.97 -55.35
N MET H 164 15.79 -26.04 -55.68
CA MET H 164 15.18 -24.99 -56.49
C MET H 164 14.45 -23.98 -55.64
N ASN H 165 15.07 -22.82 -55.48
CA ASN H 165 14.50 -21.72 -54.73
C ASN H 165 14.09 -20.59 -55.67
N THR H 166 12.96 -19.96 -55.38
CA THR H 166 12.58 -18.79 -56.15
C THR H 166 11.91 -17.72 -55.31
N PHE H 167 12.14 -16.47 -55.70
CA PHE H 167 11.46 -15.33 -55.12
C PHE H 167 10.52 -14.73 -56.13
N SER H 168 9.23 -14.93 -55.93
CA SER H 168 8.23 -14.60 -56.93
C SER H 168 7.34 -13.44 -56.50
N VAL H 169 7.25 -12.43 -57.35
CA VAL H 169 6.37 -11.29 -57.09
C VAL H 169 4.94 -11.60 -57.49
N VAL H 170 4.07 -11.64 -56.50
CA VAL H 170 2.70 -12.10 -56.67
C VAL H 170 1.75 -10.95 -57.01
N PRO H 171 1.06 -11.01 -58.17
CA PRO H 171 -0.19 -10.29 -58.43
C PRO H 171 -0.86 -9.79 -57.17
N SER H 172 -0.92 -8.48 -57.01
CA SER H 172 -1.52 -7.88 -55.82
C SER H 172 -2.93 -7.32 -56.11
N PRO H 173 -3.92 -7.73 -55.32
CA PRO H 173 -5.30 -7.20 -55.34
C PRO H 173 -5.44 -5.81 -55.97
N LYS H 174 -4.71 -4.83 -55.42
CA LYS H 174 -4.91 -3.42 -55.74
C LYS H 174 -3.74 -2.79 -56.48
N VAL H 175 -2.73 -3.59 -56.81
CA VAL H 175 -1.60 -3.07 -57.56
C VAL H 175 -1.40 -3.88 -58.81
N SER H 176 -1.80 -3.31 -59.94
CA SER H 176 -1.80 -4.01 -61.20
C SER H 176 -0.95 -3.30 -62.23
N ASP H 177 -1.23 -3.62 -63.48
CA ASP H 177 -0.49 -3.16 -64.66
C ASP H 177 -0.69 -4.15 -65.81
N THR H 178 -1.69 -5.01 -65.68
CA THR H 178 -2.05 -5.97 -66.72
C THR H 178 -3.35 -6.64 -66.37
N VAL H 179 -4.10 -6.99 -67.38
CA VAL H 179 -5.41 -7.57 -67.19
C VAL H 179 -5.39 -9.07 -67.38
N VAL H 180 -4.23 -9.61 -67.74
CA VAL H 180 -4.08 -11.05 -67.89
C VAL H 180 -3.15 -11.59 -66.82
N GLU H 181 -3.06 -10.84 -65.73
CA GLU H 181 -2.23 -11.19 -64.59
C GLU H 181 -2.63 -12.56 -64.02
N PRO H 182 -3.91 -12.93 -64.09
CA PRO H 182 -4.38 -14.22 -63.61
C PRO H 182 -4.04 -15.33 -64.57
N TYR H 183 -4.09 -15.05 -65.85
CA TYR H 183 -3.73 -16.04 -66.84
C TYR H 183 -2.28 -16.41 -66.72
N ASN H 184 -1.43 -15.40 -66.61
CA ASN H 184 0.00 -15.63 -66.54
C ASN H 184 0.38 -16.29 -65.24
N ALA H 185 -0.22 -15.83 -64.14
CA ALA H 185 0.05 -16.41 -62.83
C ALA H 185 -0.40 -17.85 -62.75
N THR H 186 -1.59 -18.14 -63.27
CA THR H 186 -2.15 -19.48 -63.18
C THR H 186 -1.35 -20.47 -64.00
N LEU H 187 -1.01 -20.07 -65.22
CA LEU H 187 -0.20 -20.91 -66.07
C LEU H 187 1.18 -21.14 -65.48
N SER H 188 1.71 -20.10 -64.84
CA SER H 188 3.02 -20.20 -64.20
C SER H 188 3.00 -21.13 -63.01
N VAL H 189 2.14 -20.84 -62.02
CA VAL H 189 2.14 -21.61 -60.78
C VAL H 189 1.87 -23.08 -61.03
N HIS H 190 1.09 -23.37 -62.08
CA HIS H 190 0.81 -24.74 -62.48
C HIS H 190 2.09 -25.56 -62.61
N GLN H 191 3.12 -24.95 -63.19
CA GLN H 191 4.39 -25.64 -63.39
C GLN H 191 5.36 -25.34 -62.26
N LEU H 192 5.13 -24.24 -61.57
CA LEU H 192 5.99 -23.83 -60.47
C LEU H 192 5.98 -24.86 -59.37
N VAL H 193 4.80 -25.20 -58.88
CA VAL H 193 4.65 -26.12 -57.76
C VAL H 193 5.39 -27.41 -58.00
N GLU H 194 5.15 -28.00 -59.16
CA GLU H 194 5.62 -29.32 -59.48
C GLU H 194 7.15 -29.39 -59.54
N ASN H 195 7.78 -28.26 -59.82
CA ASN H 195 9.20 -28.27 -60.08
C ASN H 195 9.98 -27.38 -59.12
N THR H 196 9.37 -27.00 -58.00
CA THR H 196 10.03 -26.09 -57.07
C THR H 196 10.11 -26.66 -55.66
N ASP H 197 11.24 -26.42 -54.98
CA ASP H 197 11.44 -26.91 -53.62
C ASP H 197 11.02 -25.89 -52.57
N GLU H 198 11.26 -24.63 -52.87
CA GLU H 198 10.74 -23.56 -52.03
C GLU H 198 10.48 -22.29 -52.83
N THR H 199 9.39 -21.62 -52.52
CA THR H 199 9.06 -20.37 -53.21
C THR H 199 8.56 -19.33 -52.24
N TYR H 200 8.94 -18.09 -52.48
CA TYR H 200 8.54 -16.98 -51.63
C TYR H 200 7.56 -16.09 -52.35
N CYS H 201 6.50 -15.72 -51.65
CA CYS H 201 5.44 -14.92 -52.24
C CYS H 201 5.47 -13.50 -51.72
N ILE H 202 5.78 -12.57 -52.61
CA ILE H 202 5.88 -11.17 -52.23
C ILE H 202 4.90 -10.32 -53.01
N ASP H 203 4.11 -9.54 -52.30
CA ASP H 203 3.17 -8.62 -52.92
C ASP H 203 3.68 -7.20 -52.94
N ASN H 204 3.59 -6.56 -54.09
CA ASN H 204 3.96 -5.15 -54.21
C ASN H 204 3.05 -4.29 -53.35
N GLU H 205 1.78 -4.67 -53.26
CA GLU H 205 0.83 -3.97 -52.41
C GLU H 205 1.24 -4.00 -50.96
N ALA H 206 1.65 -5.17 -50.49
CA ALA H 206 2.08 -5.33 -49.12
C ALA H 206 3.29 -4.48 -48.84
N LEU H 207 4.23 -4.45 -49.79
CA LEU H 207 5.41 -3.64 -49.66
C LEU H 207 5.07 -2.17 -49.69
N TYR H 208 4.10 -1.79 -50.54
CA TYR H 208 3.63 -0.42 -50.59
C TYR H 208 3.08 0.02 -49.25
N ASP H 209 2.40 -0.90 -48.56
CA ASP H 209 1.89 -0.60 -47.23
C ASP H 209 3.04 -0.48 -46.23
N ILE H 210 3.94 -1.45 -46.22
CA ILE H 210 5.06 -1.46 -45.29
C ILE H 210 5.95 -0.24 -45.43
N CYS H 211 6.25 0.13 -46.66
CA CYS H 211 7.17 1.20 -46.95
C CYS H 211 6.61 2.57 -46.56
N PHE H 212 5.32 2.63 -46.26
CA PHE H 212 4.76 3.84 -45.72
C PHE H 212 4.42 3.67 -44.27
N ARG H 213 3.67 2.63 -43.94
CA ARG H 213 3.22 2.42 -42.58
C ARG H 213 4.37 2.39 -41.58
N THR H 214 5.49 1.77 -41.96
CA THR H 214 6.61 1.65 -41.05
C THR H 214 7.75 2.59 -41.43
N LEU H 215 8.00 2.75 -42.73
CA LEU H 215 9.13 3.54 -43.18
C LEU H 215 8.73 4.98 -43.53
N LYS H 216 7.43 5.26 -43.56
CA LYS H 216 6.93 6.61 -43.78
C LYS H 216 7.52 7.27 -45.01
N LEU H 217 7.66 6.52 -46.10
CA LEU H 217 8.21 7.07 -47.32
C LEU H 217 7.18 7.89 -48.07
N THR H 218 7.54 9.12 -48.39
CA THR H 218 6.66 10.00 -49.16
C THR H 218 6.44 9.47 -50.56
N THR H 219 7.53 9.07 -51.21
CA THR H 219 7.46 8.55 -52.57
C THR H 219 8.13 7.19 -52.67
N PRO H 220 7.49 6.15 -52.14
CA PRO H 220 7.94 4.79 -52.30
C PRO H 220 8.06 4.42 -53.77
N THR H 221 9.29 4.19 -54.23
CA THR H 221 9.51 3.80 -55.61
C THR H 221 9.79 2.31 -55.69
N TYR H 222 9.83 1.78 -56.91
CA TYR H 222 10.15 0.37 -57.10
C TYR H 222 11.52 0.03 -56.53
N GLY H 223 12.45 0.97 -56.63
CA GLY H 223 13.80 0.77 -56.08
C GLY H 223 13.78 0.60 -54.56
N ASP H 224 12.73 1.09 -53.92
CA ASP H 224 12.59 0.98 -52.48
C ASP H 224 11.88 -0.32 -52.12
N LEU H 225 10.96 -0.74 -52.98
CA LEU H 225 10.23 -1.97 -52.74
C LEU H 225 11.15 -3.16 -52.99
N ASN H 226 11.98 -3.04 -54.03
CA ASN H 226 12.95 -4.06 -54.36
C ASN H 226 14.01 -4.15 -53.28
N HIS H 227 14.30 -3.01 -52.68
CA HIS H 227 15.24 -2.94 -51.58
C HIS H 227 14.76 -3.76 -50.39
N LEU H 228 13.49 -3.61 -50.05
CA LEU H 228 12.89 -4.44 -49.01
C LEU H 228 13.02 -5.92 -49.33
N VAL H 229 12.75 -6.28 -50.59
CA VAL H 229 12.87 -7.66 -51.02
C VAL H 229 14.27 -8.17 -50.88
N SER H 230 15.24 -7.38 -51.33
CA SER H 230 16.64 -7.78 -51.33
C SER H 230 17.14 -8.07 -49.93
N ALA H 231 16.63 -7.33 -48.95
CA ALA H 231 17.01 -7.53 -47.56
C ALA H 231 16.63 -8.93 -47.12
N THR H 232 15.43 -9.38 -47.49
CA THR H 232 14.98 -10.70 -47.10
C THR H 232 15.68 -11.78 -47.90
N MET H 233 15.98 -11.49 -49.16
CA MET H 233 16.71 -12.44 -50.00
C MET H 233 18.05 -12.75 -49.40
N SER H 234 18.74 -11.73 -48.92
CA SER H 234 20.02 -11.92 -48.29
C SER H 234 19.89 -12.78 -47.06
N GLY H 235 18.91 -12.45 -46.21
CA GLY H 235 18.70 -13.15 -44.95
C GLY H 235 18.52 -14.65 -45.14
N VAL H 236 17.81 -15.04 -46.19
CA VAL H 236 17.57 -16.45 -46.48
C VAL H 236 18.87 -17.26 -46.56
N THR H 237 19.93 -16.67 -47.12
CA THR H 237 21.17 -17.40 -47.36
C THR H 237 22.36 -16.81 -46.60
N THR H 238 22.12 -15.77 -45.82
CA THR H 238 23.19 -15.07 -45.12
C THR H 238 23.90 -15.97 -44.13
N CYS H 239 23.17 -16.93 -43.59
CA CYS H 239 23.70 -17.93 -42.67
C CYS H 239 24.78 -18.80 -43.30
N LEU H 240 24.80 -18.85 -44.62
CA LEU H 240 25.75 -19.69 -45.33
C LEU H 240 27.06 -18.99 -45.56
N ARG H 241 27.10 -17.70 -45.27
CA ARG H 241 28.24 -16.91 -45.70
C ARG H 241 29.11 -16.43 -44.54
N PHE H 242 28.78 -16.84 -43.33
CA PHE H 242 29.63 -16.55 -42.18
C PHE H 242 29.19 -17.32 -40.93
N PRO H 243 29.97 -17.20 -39.86
CA PRO H 243 29.78 -17.94 -38.61
C PRO H 243 28.52 -17.54 -37.86
N GLY H 244 28.05 -18.45 -37.00
CA GLY H 244 26.84 -18.21 -36.23
C GLY H 244 26.65 -19.28 -35.16
N GLN H 245 25.84 -18.95 -34.15
CA GLN H 245 25.58 -19.86 -33.04
C GLN H 245 24.77 -21.05 -33.51
N LEU H 246 23.80 -20.78 -34.37
CA LEU H 246 23.06 -21.82 -35.04
C LEU H 246 23.09 -21.59 -36.52
N ASN H 247 23.66 -22.53 -37.25
CA ASN H 247 23.75 -22.44 -38.68
C ASN H 247 22.39 -22.69 -39.31
N ALA H 248 22.29 -22.38 -40.59
CA ALA H 248 21.07 -22.62 -41.32
C ALA H 248 21.40 -22.79 -42.78
N ASP H 249 20.41 -23.21 -43.54
CA ASP H 249 20.62 -23.54 -44.93
C ASP H 249 19.32 -23.63 -45.68
N LEU H 250 19.38 -23.56 -46.99
CA LEU H 250 18.20 -23.71 -47.82
C LEU H 250 17.61 -25.09 -47.61
N ARG H 251 18.48 -26.09 -47.51
CA ARG H 251 18.06 -27.44 -47.24
C ARG H 251 17.51 -27.56 -45.83
N LYS H 252 18.22 -26.97 -44.88
CA LYS H 252 17.82 -27.01 -43.48
C LYS H 252 16.47 -26.38 -43.29
N LEU H 253 16.26 -25.26 -43.96
CA LEU H 253 14.98 -24.59 -43.91
C LEU H 253 13.92 -25.47 -44.49
N ALA H 254 14.17 -25.99 -45.69
CA ALA H 254 13.19 -26.86 -46.34
C ALA H 254 12.81 -28.02 -45.43
N VAL H 255 13.81 -28.63 -44.82
CA VAL H 255 13.58 -29.73 -43.90
C VAL H 255 12.70 -29.32 -42.72
N ASN H 256 12.83 -28.08 -42.27
CA ASN H 256 12.05 -27.60 -41.14
C ASN H 256 10.89 -26.68 -41.54
N MET H 257 10.70 -26.46 -42.85
CA MET H 257 9.69 -25.52 -43.30
C MET H 257 8.64 -26.18 -44.18
N VAL H 258 8.98 -27.30 -44.79
CA VAL H 258 8.00 -28.06 -45.54
C VAL H 258 7.64 -29.35 -44.82
N PRO H 259 6.42 -29.43 -44.28
CA PRO H 259 5.94 -30.62 -43.59
C PRO H 259 5.19 -31.49 -44.54
N PHE H 260 4.63 -30.88 -45.55
CA PHE H 260 3.91 -31.59 -46.57
C PHE H 260 4.43 -31.18 -47.93
N PRO H 261 5.12 -32.10 -48.61
CA PRO H 261 5.88 -31.85 -49.86
C PRO H 261 5.45 -30.56 -50.60
N ARG H 262 4.16 -30.46 -50.90
CA ARG H 262 3.66 -29.48 -51.83
C ARG H 262 3.53 -28.09 -51.22
N LEU H 263 3.37 -28.02 -49.91
CA LEU H 263 3.12 -26.75 -49.25
C LEU H 263 4.41 -26.04 -48.94
N HIS H 264 5.04 -25.51 -49.98
CA HIS H 264 6.32 -24.85 -49.84
C HIS H 264 6.26 -23.41 -50.30
N PHE H 265 5.16 -22.75 -49.97
CA PHE H 265 5.01 -21.32 -50.24
C PHE H 265 5.18 -20.54 -48.97
N PHE H 266 6.04 -19.54 -49.01
CA PHE H 266 6.38 -18.85 -47.78
C PHE H 266 6.15 -17.37 -47.85
N MET H 267 5.79 -16.80 -46.71
CA MET H 267 5.73 -15.37 -46.56
C MET H 267 7.04 -14.88 -45.97
N PRO H 268 7.59 -13.80 -46.52
CA PRO H 268 8.85 -13.27 -46.00
C PRO H 268 8.63 -12.00 -45.20
N GLY H 269 9.49 -11.78 -44.21
CA GLY H 269 9.47 -10.56 -43.45
C GLY H 269 10.88 -10.16 -43.04
N PHE H 270 11.01 -8.95 -42.53
CA PHE H 270 12.29 -8.43 -42.10
C PHE H 270 12.13 -7.66 -40.81
N ALA H 271 13.03 -7.88 -39.87
CA ALA H 271 13.04 -7.13 -38.62
C ALA H 271 13.32 -5.64 -38.87
N PRO H 272 14.09 -5.01 -37.98
CA PRO H 272 13.90 -3.57 -37.67
C PRO H 272 13.39 -2.77 -38.86
N LEU H 273 12.08 -2.54 -38.88
CA LEU H 273 11.45 -1.64 -39.85
C LEU H 273 11.01 -0.36 -39.18
N THR H 274 11.78 0.71 -39.37
CA THR H 274 11.46 1.96 -38.70
C THR H 274 12.00 3.13 -39.51
N SER H 275 11.30 4.26 -39.45
CA SER H 275 11.73 5.44 -40.21
C SER H 275 12.96 6.05 -39.57
N ARG H 276 13.68 6.87 -40.33
CA ARG H 276 14.94 7.45 -39.87
C ARG H 276 14.77 8.44 -38.72
N GLY H 277 13.56 8.95 -38.55
CA GLY H 277 13.28 9.84 -37.43
C GLY H 277 12.82 9.06 -36.19
N SER H 278 12.44 7.81 -36.40
CA SER H 278 11.94 6.98 -35.31
C SER H 278 12.98 5.99 -34.80
N GLN H 279 14.08 5.85 -35.55
CA GLN H 279 15.13 4.92 -35.17
C GLN H 279 15.73 5.23 -33.80
N GLN H 280 15.70 6.51 -33.41
CA GLN H 280 16.25 6.93 -32.13
C GLN H 280 15.41 6.46 -30.94
N TYR H 281 14.21 5.97 -31.22
CA TYR H 281 13.34 5.48 -30.16
C TYR H 281 13.37 3.95 -30.08
N ARG H 282 14.25 3.33 -30.87
CA ARG H 282 14.33 1.88 -30.89
C ARG H 282 15.12 1.32 -29.72
N ALA H 283 14.67 0.19 -29.21
CA ALA H 283 15.35 -0.49 -28.12
C ALA H 283 16.44 -1.42 -28.64
N LEU H 284 16.22 -1.96 -29.84
CA LEU H 284 17.16 -2.90 -30.46
C LEU H 284 17.36 -4.16 -29.63
N THR H 285 16.26 -4.70 -29.11
CA THR H 285 16.32 -5.92 -28.31
C THR H 285 15.65 -7.06 -29.05
N VAL H 286 15.95 -8.29 -28.65
CA VAL H 286 15.37 -9.46 -29.28
C VAL H 286 13.83 -9.46 -29.19
N PRO H 287 13.23 -9.15 -28.02
CA PRO H 287 11.83 -8.87 -27.79
C PRO H 287 11.28 -7.94 -28.86
N GLU H 288 11.91 -6.77 -29.01
CA GLU H 288 11.47 -5.80 -30.00
C GLU H 288 11.44 -6.39 -31.40
N LEU H 289 12.49 -7.12 -31.74
CA LEU H 289 12.60 -7.70 -33.08
C LEU H 289 11.47 -8.68 -33.34
N THR H 290 11.16 -9.51 -32.35
CA THR H 290 10.12 -10.53 -32.52
C THR H 290 8.73 -9.92 -32.57
N GLN H 291 8.56 -8.79 -31.89
CA GLN H 291 7.31 -8.06 -31.99
C GLN H 291 7.06 -7.64 -33.43
N GLN H 292 8.12 -7.21 -34.11
CA GLN H 292 8.01 -6.84 -35.49
C GLN H 292 7.89 -8.05 -36.41
N MET H 293 8.70 -9.08 -36.14
CA MET H 293 8.73 -10.27 -36.99
C MET H 293 7.41 -10.99 -37.02
N PHE H 294 6.72 -11.01 -35.89
CA PHE H 294 5.42 -11.66 -35.82
C PHE H 294 4.27 -10.66 -35.93
N ASP H 295 4.57 -9.47 -36.42
CA ASP H 295 3.53 -8.48 -36.73
C ASP H 295 3.02 -8.70 -38.14
N ALA H 296 1.73 -8.99 -38.25
CA ALA H 296 1.10 -9.25 -39.54
C ALA H 296 1.33 -8.12 -40.53
N LYS H 297 1.41 -6.89 -40.02
CA LYS H 297 1.53 -5.71 -40.86
C LYS H 297 2.91 -5.62 -41.51
N ASN H 298 3.87 -6.37 -40.99
CA ASN H 298 5.22 -6.34 -41.53
C ASN H 298 5.49 -7.51 -42.46
N MET H 299 4.45 -8.24 -42.83
CA MET H 299 4.59 -9.34 -43.76
C MET H 299 4.54 -8.86 -45.20
N MET H 300 5.44 -9.37 -46.03
CA MET H 300 5.57 -8.87 -47.39
C MET H 300 4.64 -9.59 -48.36
N ALA H 301 3.87 -10.55 -47.85
CA ALA H 301 2.72 -11.06 -48.58
C ALA H 301 1.48 -10.27 -48.18
N ALA H 302 0.58 -10.04 -49.13
CA ALA H 302 -0.60 -9.21 -48.88
C ALA H 302 -1.53 -9.87 -47.87
N CYS H 303 -1.62 -11.19 -47.90
CA CYS H 303 -2.55 -11.87 -47.02
C CYS H 303 -2.11 -11.75 -45.57
N ASP H 304 -3.05 -11.38 -44.71
CA ASP H 304 -2.78 -11.21 -43.29
C ASP H 304 -2.85 -12.56 -42.56
N PRO H 305 -1.69 -13.11 -42.15
CA PRO H 305 -1.47 -14.40 -41.50
C PRO H 305 -2.53 -14.78 -40.46
N ARG H 306 -3.15 -13.78 -39.84
CA ARG H 306 -4.04 -14.04 -38.72
C ARG H 306 -5.41 -14.56 -39.16
N HIS H 307 -5.61 -14.66 -40.47
CA HIS H 307 -6.78 -15.33 -41.01
C HIS H 307 -6.51 -16.82 -41.23
N GLY H 308 -5.29 -17.25 -40.95
CA GLY H 308 -4.90 -18.64 -41.12
C GLY H 308 -4.11 -19.12 -39.92
N ARG H 309 -3.29 -20.16 -40.14
CA ARG H 309 -2.47 -20.70 -39.06
C ARG H 309 -1.04 -20.93 -39.53
N TYR H 310 -0.12 -21.04 -38.59
CA TYR H 310 1.27 -21.26 -38.93
C TYR H 310 1.64 -22.73 -38.91
N LEU H 311 1.88 -23.30 -40.08
CA LEU H 311 2.35 -24.67 -40.18
C LEU H 311 3.75 -24.78 -39.61
N THR H 312 4.58 -23.78 -39.92
CA THR H 312 5.92 -23.70 -39.38
C THR H 312 6.55 -22.35 -39.70
N VAL H 313 7.40 -21.87 -38.79
CA VAL H 313 8.03 -20.57 -38.90
C VAL H 313 9.53 -20.66 -38.77
N ALA H 314 10.25 -19.94 -39.63
CA ALA H 314 11.70 -19.81 -39.45
C ALA H 314 12.05 -18.40 -39.02
N ALA H 315 12.84 -18.31 -37.95
CA ALA H 315 13.28 -17.03 -37.44
C ALA H 315 14.79 -16.98 -37.42
N VAL H 316 15.36 -16.29 -38.40
CA VAL H 316 16.80 -16.22 -38.52
C VAL H 316 17.32 -14.87 -38.04
N PHE H 317 18.16 -14.90 -37.02
CA PHE H 317 18.60 -13.70 -36.36
C PHE H 317 20.04 -13.34 -36.72
N ARG H 318 20.36 -12.07 -36.60
CA ARG H 318 21.65 -11.55 -37.02
C ARG H 318 22.33 -10.75 -35.92
N GLY H 319 23.54 -11.14 -35.56
CA GLY H 319 24.36 -10.36 -34.63
C GLY H 319 24.48 -11.04 -33.28
N ARG H 320 25.28 -10.44 -32.41
CA ARG H 320 25.47 -10.99 -31.08
C ARG H 320 24.21 -10.90 -30.25
N MET H 321 23.82 -12.03 -29.66
CA MET H 321 22.66 -12.05 -28.78
C MET H 321 22.64 -13.31 -27.93
N SER H 322 21.86 -13.27 -26.85
CA SER H 322 21.70 -14.43 -26.00
C SER H 322 20.81 -15.47 -26.62
N MET H 323 21.26 -16.71 -26.59
CA MET H 323 20.49 -17.80 -27.15
C MET H 323 19.25 -18.06 -26.30
N LYS H 324 19.40 -17.92 -24.98
CA LYS H 324 18.28 -18.04 -24.07
C LYS H 324 17.25 -16.96 -24.31
N GLU H 325 17.72 -15.73 -24.46
CA GLU H 325 16.83 -14.61 -24.73
C GLU H 325 15.96 -14.87 -25.94
N VAL H 326 16.56 -15.36 -27.01
CA VAL H 326 15.81 -15.70 -28.21
C VAL H 326 14.80 -16.79 -27.93
N ASP H 327 15.26 -17.87 -27.29
CA ASP H 327 14.39 -19.00 -26.99
C ASP H 327 13.20 -18.57 -26.15
N GLU H 328 13.43 -17.70 -25.17
CA GLU H 328 12.37 -17.17 -24.34
C GLU H 328 11.31 -16.47 -25.16
N GLN H 329 11.74 -15.64 -26.10
CA GLN H 329 10.80 -14.90 -26.92
C GLN H 329 10.01 -15.82 -27.82
N MET H 330 10.64 -16.86 -28.34
CA MET H 330 9.95 -17.83 -29.17
C MET H 330 8.85 -18.50 -28.39
N LEU H 331 9.15 -18.84 -27.15
CA LEU H 331 8.18 -19.45 -26.26
C LEU H 331 7.02 -18.52 -25.98
N ASN H 332 7.35 -17.27 -25.67
CA ASN H 332 6.35 -16.27 -25.37
C ASN H 332 5.38 -16.10 -26.53
N VAL H 333 5.92 -16.07 -27.74
CA VAL H 333 5.10 -15.92 -28.94
C VAL H 333 4.13 -17.06 -29.14
N GLN H 334 4.61 -18.29 -29.01
CA GLN H 334 3.75 -19.44 -29.21
C GLN H 334 2.72 -19.57 -28.10
N ASN H 335 3.08 -19.13 -26.91
CA ASN H 335 2.13 -19.08 -25.80
C ASN H 335 1.09 -17.99 -26.03
N LYS H 336 1.53 -16.85 -26.55
CA LYS H 336 0.66 -15.72 -26.80
C LYS H 336 -0.44 -16.06 -27.80
N ASN H 337 -0.06 -16.69 -28.90
CA ASN H 337 -1.01 -16.98 -29.96
C ASN H 337 -1.07 -18.45 -30.29
N SER H 338 -1.41 -19.27 -29.31
CA SER H 338 -1.52 -20.71 -29.50
C SER H 338 -2.59 -21.06 -30.52
N SER H 339 -3.56 -20.17 -30.70
CA SER H 339 -4.62 -20.38 -31.68
C SER H 339 -4.12 -20.15 -33.11
N TYR H 340 -3.02 -19.41 -33.26
CA TYR H 340 -2.50 -19.11 -34.58
C TYR H 340 -1.58 -20.22 -35.06
N PHE H 341 -0.81 -20.77 -34.14
CA PHE H 341 0.11 -21.83 -34.51
C PHE H 341 -0.60 -23.17 -34.64
N VAL H 342 -0.18 -23.96 -35.62
CA VAL H 342 -0.76 -25.27 -35.83
C VAL H 342 -0.30 -26.25 -34.77
N GLU H 343 -1.26 -26.75 -34.01
CA GLU H 343 -1.00 -27.57 -32.84
C GLU H 343 -0.33 -28.89 -33.15
N TRP H 344 -0.44 -29.34 -34.39
CA TRP H 344 0.18 -30.59 -34.83
C TRP H 344 1.70 -30.53 -34.75
N ILE H 345 2.26 -29.34 -34.67
CA ILE H 345 3.68 -29.18 -34.51
C ILE H 345 4.00 -28.75 -33.08
N PRO H 346 4.96 -29.43 -32.45
CA PRO H 346 5.34 -29.19 -31.07
C PRO H 346 6.04 -27.87 -30.93
N ASN H 347 7.20 -27.75 -31.53
CA ASN H 347 7.84 -26.45 -31.65
C ASN H 347 7.57 -25.89 -33.02
N ASN H 348 6.74 -24.87 -33.07
CA ASN H 348 6.32 -24.33 -34.35
C ASN H 348 7.36 -23.42 -34.98
N VAL H 349 8.38 -23.04 -34.21
CA VAL H 349 9.35 -22.10 -34.71
C VAL H 349 10.74 -22.68 -34.78
N LYS H 350 11.30 -22.66 -35.98
CA LYS H 350 12.69 -22.99 -36.22
C LYS H 350 13.53 -21.74 -36.11
N THR H 351 14.61 -21.80 -35.35
CA THR H 351 15.44 -20.62 -35.17
C THR H 351 16.85 -20.81 -35.70
N ALA H 352 17.50 -19.69 -35.98
CA ALA H 352 18.91 -19.68 -36.31
C ALA H 352 19.50 -18.36 -35.92
N VAL H 353 20.76 -18.36 -35.54
CA VAL H 353 21.41 -17.13 -35.10
C VAL H 353 22.79 -17.01 -35.70
N CYS H 354 23.01 -15.95 -36.45
CA CYS H 354 24.29 -15.71 -37.06
C CYS H 354 25.03 -14.62 -36.30
N ASP H 355 26.35 -14.69 -36.31
CA ASP H 355 27.16 -13.80 -35.48
C ASP H 355 27.30 -12.39 -36.04
N ILE H 356 26.94 -12.20 -37.31
CA ILE H 356 27.14 -10.91 -37.95
C ILE H 356 25.82 -10.28 -38.40
N PRO H 357 25.39 -9.19 -37.72
CA PRO H 357 24.34 -8.30 -38.16
C PRO H 357 24.72 -7.65 -39.48
N PRO H 358 23.72 -7.20 -40.25
CA PRO H 358 23.82 -6.36 -41.42
C PRO H 358 24.63 -5.14 -41.08
N ARG H 359 25.62 -4.83 -41.92
CA ARG H 359 26.50 -3.70 -41.65
C ARG H 359 25.71 -2.44 -41.36
N GLY H 360 25.93 -1.86 -40.19
CA GLY H 360 25.24 -0.64 -39.79
C GLY H 360 24.15 -0.92 -38.75
N LEU H 361 23.68 -2.15 -38.68
CA LEU H 361 22.73 -2.54 -37.65
C LEU H 361 23.43 -3.25 -36.52
N LYS H 362 22.96 -3.02 -35.30
CA LYS H 362 23.52 -3.69 -34.15
C LYS H 362 22.98 -5.11 -34.02
N MET H 363 21.77 -5.32 -34.54
CA MET H 363 21.12 -6.62 -34.44
C MET H 363 19.86 -6.66 -35.28
N SER H 364 19.73 -7.70 -36.09
CA SER H 364 18.61 -7.82 -37.02
C SER H 364 18.06 -9.23 -37.08
N ALA H 365 17.19 -9.46 -38.06
CA ALA H 365 16.59 -10.77 -38.25
C ALA H 365 15.74 -10.80 -39.50
N THR H 366 15.37 -12.00 -39.92
CA THR H 366 14.44 -12.16 -41.04
C THR H 366 13.46 -13.29 -40.75
N PHE H 367 12.28 -13.17 -41.33
CA PHE H 367 11.17 -14.04 -40.99
C PHE H 367 10.66 -14.80 -42.19
N ILE H 368 10.54 -16.11 -42.05
CA ILE H 368 9.94 -16.93 -43.09
C ILE H 368 8.78 -17.73 -42.53
N GLY H 369 7.58 -17.49 -43.03
CA GLY H 369 6.41 -18.13 -42.47
C GLY H 369 5.75 -19.06 -43.45
N ASN H 370 5.49 -20.30 -43.02
CA ASN H 370 4.64 -21.19 -43.77
C ASN H 370 3.24 -21.17 -43.16
N SER H 371 2.43 -20.20 -43.57
CA SER H 371 1.08 -20.07 -43.05
C SER H 371 0.07 -20.64 -44.01
N THR H 372 -1.09 -21.00 -43.47
CA THR H 372 -2.18 -21.50 -44.28
C THR H 372 -2.98 -20.35 -44.88
N ALA H 373 -2.77 -19.14 -44.34
CA ALA H 373 -3.50 -17.96 -44.78
C ALA H 373 -3.23 -17.65 -46.24
N ILE H 374 -2.05 -18.00 -46.72
CA ILE H 374 -1.63 -17.69 -48.09
C ILE H 374 -2.59 -18.24 -49.14
N GLN H 375 -3.37 -19.26 -48.77
CA GLN H 375 -4.36 -19.84 -49.64
C GLN H 375 -5.32 -18.78 -50.21
N GLU H 376 -5.54 -17.71 -49.44
CA GLU H 376 -6.48 -16.68 -49.81
C GLU H 376 -6.00 -15.87 -51.01
N LEU H 377 -4.67 -15.77 -51.17
CA LEU H 377 -4.12 -15.08 -52.32
C LEU H 377 -4.36 -15.89 -53.56
N PHE H 378 -4.21 -17.19 -53.42
CA PHE H 378 -4.46 -18.10 -54.52
C PHE H 378 -5.93 -18.08 -54.91
N LYS H 379 -6.81 -18.01 -53.91
CA LYS H 379 -8.24 -17.93 -54.16
C LYS H 379 -8.59 -16.70 -54.96
N ARG H 380 -8.11 -15.56 -54.50
CA ARG H 380 -8.40 -14.29 -55.15
C ARG H 380 -8.01 -14.32 -56.62
N ILE H 381 -6.78 -14.75 -56.89
CA ILE H 381 -6.29 -14.84 -58.25
C ILE H 381 -7.11 -15.83 -59.06
N SER H 382 -7.44 -16.97 -58.46
CA SER H 382 -8.22 -17.99 -59.13
C SER H 382 -9.59 -17.46 -59.54
N GLU H 383 -10.19 -16.66 -58.67
CA GLU H 383 -11.49 -16.06 -58.96
C GLU H 383 -11.40 -15.10 -60.14
N GLN H 384 -10.35 -14.28 -60.18
CA GLN H 384 -10.15 -13.36 -61.28
C GLN H 384 -9.94 -14.12 -62.58
N PHE H 385 -9.15 -15.18 -62.49
CA PHE H 385 -8.90 -16.05 -63.61
C PHE H 385 -10.18 -16.64 -64.12
N THR H 386 -10.97 -17.18 -63.20
CA THR H 386 -12.23 -17.80 -63.54
C THR H 386 -13.13 -16.86 -64.29
N ALA H 387 -13.32 -15.66 -63.73
CA ALA H 387 -14.25 -14.69 -64.31
C ALA H 387 -13.92 -14.40 -65.76
N MET H 388 -12.64 -14.25 -66.05
CA MET H 388 -12.19 -14.03 -67.41
C MET H 388 -12.32 -15.29 -68.25
N PHE H 389 -11.88 -16.41 -67.68
CA PHE H 389 -11.83 -17.67 -68.39
C PHE H 389 -13.20 -18.13 -68.81
N ARG H 390 -14.22 -17.84 -68.00
CA ARG H 390 -15.59 -18.20 -68.33
C ARG H 390 -16.05 -17.58 -69.65
N ARG H 391 -15.41 -16.48 -70.04
CA ARG H 391 -15.73 -15.83 -71.30
C ARG H 391 -14.64 -16.04 -72.34
N LYS H 392 -13.67 -16.90 -72.01
CA LYS H 392 -12.50 -17.11 -72.84
C LYS H 392 -11.84 -15.78 -73.19
N ALA H 393 -11.82 -14.87 -72.23
CA ALA H 393 -11.29 -13.55 -72.45
C ALA H 393 -9.81 -13.61 -72.70
N PHE H 394 -9.34 -12.86 -73.70
CA PHE H 394 -7.92 -12.79 -74.03
C PHE H 394 -7.31 -14.14 -74.44
N LEU H 395 -8.13 -15.17 -74.59
CA LEU H 395 -7.63 -16.51 -74.79
C LEU H 395 -6.89 -16.64 -76.10
N HIS H 396 -7.32 -15.86 -77.09
CA HIS H 396 -6.74 -15.93 -78.42
C HIS H 396 -5.27 -15.54 -78.45
N TRP H 397 -4.82 -14.81 -77.43
CA TRP H 397 -3.42 -14.45 -77.33
C TRP H 397 -2.56 -15.65 -77.04
N TYR H 398 -3.15 -16.65 -76.42
CA TYR H 398 -2.42 -17.86 -76.09
C TYR H 398 -2.77 -18.96 -77.09
N THR H 399 -3.99 -18.92 -77.61
CA THR H 399 -4.40 -19.82 -78.68
C THR H 399 -3.50 -19.66 -79.88
N GLY H 400 -3.16 -18.43 -80.21
CA GLY H 400 -2.28 -18.13 -81.34
C GLY H 400 -0.86 -18.67 -81.13
N GLU H 401 -0.51 -18.97 -79.89
CA GLU H 401 0.79 -19.53 -79.58
C GLU H 401 0.74 -21.06 -79.51
N GLY H 402 -0.45 -21.62 -79.67
CA GLY H 402 -0.61 -23.07 -79.64
C GLY H 402 -1.13 -23.59 -78.30
N MET H 403 -1.58 -22.68 -77.42
CA MET H 403 -2.10 -23.09 -76.14
C MET H 403 -3.59 -23.37 -76.22
N ASP H 404 -4.00 -24.51 -75.69
CA ASP H 404 -5.39 -24.91 -75.72
C ASP H 404 -6.11 -24.52 -74.43
N GLU H 405 -7.40 -24.81 -74.36
CA GLU H 405 -8.21 -24.57 -73.18
C GLU H 405 -7.89 -25.56 -72.07
N MET H 406 -7.50 -26.77 -72.46
CA MET H 406 -7.30 -27.85 -71.52
C MET H 406 -6.24 -27.50 -70.50
N GLU H 407 -5.17 -26.86 -70.96
CA GLU H 407 -4.13 -26.41 -70.06
C GLU H 407 -4.67 -25.47 -69.00
N PHE H 408 -5.54 -24.56 -69.40
CA PHE H 408 -6.06 -23.56 -68.50
C PHE H 408 -6.98 -24.18 -67.45
N THR H 409 -7.81 -25.14 -67.88
CA THR H 409 -8.72 -25.81 -66.96
C THR H 409 -7.96 -26.72 -66.03
N GLU H 410 -6.91 -27.34 -66.56
CA GLU H 410 -6.07 -28.23 -65.78
C GLU H 410 -5.30 -27.46 -64.74
N ALA H 411 -4.78 -26.31 -65.13
CA ALA H 411 -4.04 -25.47 -64.22
C ALA H 411 -4.89 -25.02 -63.06
N GLU H 412 -6.09 -24.53 -63.37
CA GLU H 412 -7.02 -24.06 -62.35
C GLU H 412 -7.42 -25.18 -61.41
N SER H 413 -7.70 -26.35 -61.97
CA SER H 413 -8.04 -27.51 -61.17
C SER H 413 -6.90 -27.81 -60.20
N ASN H 414 -5.68 -27.72 -60.69
CA ASN H 414 -4.51 -27.99 -59.90
C ASN H 414 -4.23 -26.85 -58.90
N MET H 415 -4.63 -25.63 -59.24
CA MET H 415 -4.56 -24.51 -58.30
C MET H 415 -5.52 -24.70 -57.15
N ASN H 416 -6.69 -25.26 -57.44
CA ASN H 416 -7.67 -25.52 -56.42
C ASN H 416 -7.16 -26.54 -55.42
N ASP H 417 -6.44 -27.54 -55.93
CA ASP H 417 -5.84 -28.54 -55.07
C ASP H 417 -4.90 -27.91 -54.06
N LEU H 418 -4.09 -26.96 -54.52
CA LEU H 418 -3.15 -26.26 -53.64
C LEU H 418 -3.87 -25.57 -52.49
N VAL H 419 -4.92 -24.81 -52.83
CA VAL H 419 -5.70 -24.12 -51.83
C VAL H 419 -6.37 -25.10 -50.88
N SER H 420 -6.94 -26.14 -51.46
CA SER H 420 -7.63 -27.17 -50.70
C SER H 420 -6.71 -27.80 -49.67
N GLU H 421 -5.46 -28.05 -50.05
CA GLU H 421 -4.47 -28.64 -49.17
C GLU H 421 -4.15 -27.71 -48.00
N TYR H 422 -3.99 -26.43 -48.27
CA TYR H 422 -3.77 -25.47 -47.19
C TYR H 422 -4.96 -25.40 -46.25
N GLN H 423 -6.17 -25.46 -46.83
CA GLN H 423 -7.38 -25.51 -46.03
C GLN H 423 -7.50 -26.81 -45.25
N GLN H 424 -7.07 -27.92 -45.85
CA GLN H 424 -7.06 -29.20 -45.14
C GLN H 424 -6.30 -29.10 -43.85
N TYR H 425 -5.20 -28.36 -43.87
CA TYR H 425 -4.35 -28.24 -42.71
C TYR H 425 -4.61 -26.95 -41.94
N GLN H 426 -5.83 -26.41 -42.03
CA GLN H 426 -6.26 -25.30 -41.19
C GLN H 426 -7.61 -25.61 -40.53
N ASP H 427 -7.78 -25.15 -39.30
CA ASP H 427 -9.06 -25.26 -38.62
C ASP H 427 -9.85 -23.96 -38.72
N SER I 9 -16.65 -50.39 -51.71
CA SER I 9 -16.44 -49.53 -50.55
C SER I 9 -15.12 -49.85 -49.85
N SER I 10 -15.15 -50.75 -48.88
CA SER I 10 -13.96 -51.13 -48.12
C SER I 10 -13.01 -51.98 -48.96
N ILE I 11 -11.72 -51.80 -48.74
CA ILE I 11 -10.71 -52.53 -49.51
C ILE I 11 -10.35 -53.85 -48.84
N VAL I 12 -9.73 -54.73 -49.61
CA VAL I 12 -9.33 -56.05 -49.12
C VAL I 12 -7.82 -56.24 -49.18
N VAL I 13 -7.23 -56.69 -48.08
CA VAL I 13 -5.79 -56.95 -48.06
C VAL I 13 -5.48 -58.45 -48.11
N ALA I 14 -4.75 -58.84 -49.16
CA ALA I 14 -4.38 -60.23 -49.39
C ALA I 14 -2.86 -60.39 -49.54
N ILE I 15 -2.34 -61.54 -49.11
CA ILE I 15 -0.90 -61.71 -49.01
C ILE I 15 -0.43 -63.11 -49.40
N ARG I 16 0.75 -63.19 -50.02
CA ARG I 16 1.34 -64.49 -50.39
C ARG I 16 2.88 -64.39 -50.46
N VAL I 17 3.55 -65.55 -50.41
CA VAL I 17 5.03 -65.60 -50.44
C VAL I 17 5.55 -66.15 -51.77
N ARG I 18 6.81 -65.82 -52.11
CA ARG I 18 7.61 -66.60 -53.08
C ARG I 18 7.74 -68.08 -52.59
N PRO I 19 8.93 -68.67 -52.66
CA PRO I 19 9.18 -69.83 -51.79
C PRO I 19 10.53 -69.76 -51.19
N PHE I 20 10.94 -70.86 -50.59
CA PHE I 20 12.31 -71.03 -50.24
C PHE I 20 12.92 -72.08 -51.15
N THR I 21 14.14 -71.85 -51.59
CA THR I 21 14.77 -72.67 -52.60
C THR I 21 15.94 -73.39 -52.00
N SER I 22 16.77 -73.99 -52.85
CA SER I 22 17.96 -74.67 -52.39
C SER I 22 18.94 -73.71 -51.71
N MET I 23 18.81 -72.41 -52.01
CA MET I 23 19.63 -71.40 -51.35
C MET I 23 19.25 -71.27 -49.88
N GLU I 24 17.99 -71.52 -49.57
CA GLU I 24 17.48 -71.46 -48.20
C GLU I 24 17.52 -72.84 -47.55
N LYS I 25 17.35 -73.89 -48.35
CA LYS I 25 17.42 -75.26 -47.86
C LYS I 25 18.84 -75.61 -47.43
N THR I 26 19.82 -75.12 -48.20
CA THR I 26 21.23 -75.29 -47.86
C THR I 26 21.53 -74.68 -46.51
N ARG I 27 20.89 -73.55 -46.23
CA ARG I 27 21.06 -72.87 -44.95
C ARG I 27 20.28 -73.57 -43.86
N LEU I 28 20.77 -74.72 -43.43
CA LEU I 28 20.10 -75.51 -42.41
C LEU I 28 20.01 -74.75 -41.10
N VAL I 29 21.09 -74.06 -40.75
CA VAL I 29 21.13 -73.28 -39.52
C VAL I 29 20.46 -71.92 -39.71
N ILE I 30 19.13 -71.93 -39.69
CA ILE I 30 18.36 -70.69 -39.71
C ILE I 30 16.94 -70.93 -39.22
N ARG I 31 16.40 -69.96 -38.51
CA ARG I 31 15.03 -70.03 -38.05
C ARG I 31 14.12 -69.15 -38.88
N LYS I 32 13.04 -69.73 -39.41
CA LYS I 32 12.10 -69.00 -40.25
C LYS I 32 11.43 -67.88 -39.48
N ILE I 33 11.09 -66.80 -40.18
CA ILE I 33 10.43 -65.66 -39.56
C ILE I 33 8.97 -65.52 -39.99
N VAL I 34 8.57 -66.29 -41.00
CA VAL I 34 7.19 -66.29 -41.46
C VAL I 34 6.51 -67.61 -41.20
N ASP I 35 5.36 -67.56 -40.56
CA ASP I 35 4.58 -68.76 -40.32
C ASP I 35 3.09 -68.47 -40.37
N CYS I 36 2.47 -68.73 -41.52
CA CYS I 36 1.03 -68.65 -41.64
C CYS I 36 0.39 -69.83 -40.91
N VAL I 37 -0.35 -69.53 -39.86
CA VAL I 37 -0.91 -70.60 -39.03
C VAL I 37 -2.35 -70.91 -39.39
N ASP I 38 -3.02 -69.96 -40.01
CA ASP I 38 -4.37 -70.19 -40.52
C ASP I 38 -4.69 -69.22 -41.62
N ASP I 39 -5.83 -69.41 -42.26
CA ASP I 39 -6.30 -68.46 -43.24
C ASP I 39 -6.50 -67.11 -42.57
N ARG I 40 -5.92 -66.07 -43.16
CA ARG I 40 -5.98 -64.71 -42.61
C ARG I 40 -5.14 -64.52 -41.34
N MET I 41 -4.38 -65.54 -40.93
CA MET I 41 -3.63 -65.46 -39.67
C MET I 41 -2.13 -65.71 -39.87
N LEU I 42 -1.36 -64.63 -39.82
CA LEU I 42 0.08 -64.73 -39.95
C LEU I 42 0.78 -64.49 -38.63
N ILE I 43 1.64 -65.43 -38.25
CA ILE I 43 2.47 -65.24 -37.08
C ILE I 43 3.90 -64.93 -37.49
N PHE I 44 4.42 -63.82 -36.96
CA PHE I 44 5.79 -63.48 -37.22
C PHE I 44 6.70 -64.19 -36.22
N ASP I 45 7.50 -65.11 -36.75
CA ASP I 45 8.45 -65.87 -35.96
C ASP I 45 9.74 -65.08 -35.78
N PRO I 46 10.59 -65.49 -34.82
CA PRO I 46 10.43 -66.71 -34.01
C PRO I 46 10.39 -66.41 -32.54
N ALA I 47 10.43 -65.12 -32.20
CA ALA I 47 10.55 -64.62 -30.82
C ALA I 47 12.02 -64.36 -30.51
N ASP I 48 12.55 -65.05 -29.48
CA ASP I 48 13.95 -64.96 -29.15
C ASP I 48 14.34 -66.00 -28.11
N ARG I 49 14.90 -67.11 -28.60
CA ARG I 49 15.49 -68.12 -27.74
C ARG I 49 16.94 -68.32 -28.14
N ASN I 50 17.59 -67.20 -28.47
CA ASN I 50 18.91 -67.24 -29.09
C ASN I 50 20.00 -67.72 -28.14
N SER I 51 21.01 -68.35 -28.72
CA SER I 51 22.20 -68.75 -27.98
C SER I 51 23.30 -67.69 -28.08
N ASN I 52 22.94 -66.54 -28.64
CA ASN I 52 23.87 -65.43 -28.84
C ASN I 52 23.77 -64.39 -27.72
N ALA I 53 23.10 -64.75 -26.62
CA ALA I 53 22.91 -63.84 -25.50
C ALA I 53 22.54 -64.63 -24.24
N THR I 54 21.42 -64.28 -23.60
CA THR I 54 20.96 -65.02 -22.42
C THR I 54 19.49 -65.41 -22.57
N ASN I 55 18.60 -64.53 -22.12
CA ASN I 55 17.16 -64.73 -22.23
C ASN I 55 16.71 -66.04 -21.56
N LYS I 56 17.17 -66.26 -20.34
CA LYS I 56 16.80 -67.46 -19.57
C LYS I 56 16.06 -67.07 -18.31
N PHE I 57 15.15 -66.10 -18.44
CA PHE I 57 14.43 -65.54 -17.32
C PHE I 57 13.22 -64.78 -17.81
N SER I 58 12.39 -64.30 -16.89
CA SER I 58 11.18 -63.58 -17.25
C SER I 58 11.51 -62.41 -18.18
N SER I 59 10.92 -62.44 -19.37
CA SER I 59 11.30 -61.53 -20.44
C SER I 59 11.06 -60.07 -20.08
N GLN I 60 12.07 -59.26 -20.35
CA GLN I 60 11.93 -57.80 -20.27
C GLN I 60 12.12 -57.18 -21.65
N ARG I 61 11.92 -57.99 -22.69
CA ARG I 61 12.11 -57.54 -24.07
C ARG I 61 10.83 -56.93 -24.62
N ARG I 62 10.97 -56.02 -25.57
CA ARG I 62 9.81 -55.34 -26.15
C ARG I 62 9.01 -56.29 -27.03
N ARG I 63 9.67 -56.87 -28.00
CA ARG I 63 9.04 -57.86 -28.86
C ARG I 63 9.95 -59.04 -29.14
N HIS I 64 11.23 -58.90 -28.80
CA HIS I 64 12.18 -59.98 -28.99
C HIS I 64 12.01 -61.01 -27.89
N GLY I 65 11.06 -61.91 -28.10
CA GLY I 65 10.65 -62.82 -27.04
C GLY I 65 9.20 -63.24 -27.24
N GLY I 66 8.42 -62.39 -27.90
CA GLY I 66 7.05 -62.74 -28.26
C GLY I 66 6.91 -62.93 -29.76
N GLU I 67 5.69 -63.13 -30.23
CA GLU I 67 5.42 -63.28 -31.65
C GLU I 67 4.45 -62.22 -32.11
N ILE I 68 4.56 -61.78 -33.36
CA ILE I 68 3.71 -60.71 -33.83
C ILE I 68 2.57 -61.27 -34.68
N LYS I 69 1.35 -60.99 -34.27
CA LYS I 69 0.18 -61.52 -34.96
C LYS I 69 -0.37 -60.52 -35.97
N PHE I 70 -0.33 -60.90 -37.24
CA PHE I 70 -0.90 -60.09 -38.30
C PHE I 70 -2.16 -60.74 -38.86
N VAL I 71 -3.26 -59.99 -38.89
CA VAL I 71 -4.52 -60.52 -39.40
C VAL I 71 -5.01 -59.74 -40.60
N PHE I 72 -5.26 -60.46 -41.69
CA PHE I 72 -5.63 -59.84 -42.96
C PHE I 72 -6.98 -60.30 -43.43
N ASP I 73 -7.40 -59.84 -44.60
CA ASP I 73 -8.70 -60.21 -45.12
C ASP I 73 -8.61 -61.52 -45.88
N LYS I 74 -7.51 -61.71 -46.60
CA LYS I 74 -7.24 -62.98 -47.27
C LYS I 74 -5.75 -63.29 -47.31
N LEU I 75 -5.23 -63.86 -46.24
CA LEU I 75 -3.84 -64.27 -46.20
C LEU I 75 -3.66 -65.64 -46.81
N PHE I 76 -2.73 -65.73 -47.75
CA PHE I 76 -2.38 -66.96 -48.40
C PHE I 76 -0.92 -67.30 -48.14
N ASP I 77 -0.47 -68.41 -48.69
CA ASP I 77 0.92 -68.82 -48.57
C ASP I 77 1.37 -69.59 -49.81
N GLU I 78 2.55 -70.21 -49.74
CA GLU I 78 3.11 -70.95 -50.86
C GLU I 78 2.25 -72.16 -51.25
N THR I 79 1.42 -72.63 -50.32
CA THR I 79 0.55 -73.76 -50.58
C THR I 79 -0.53 -73.42 -51.61
N SER I 80 -1.06 -72.21 -51.54
CA SER I 80 -2.18 -71.84 -52.39
C SER I 80 -1.71 -71.39 -53.76
N SER I 81 -2.28 -71.98 -54.81
CA SER I 81 -1.94 -71.64 -56.18
C SER I 81 -2.46 -70.28 -56.56
N GLN I 82 -1.71 -69.57 -57.39
CA GLN I 82 -2.10 -68.25 -57.85
C GLN I 82 -3.35 -68.30 -58.72
N ALA I 83 -3.66 -69.49 -59.24
CA ALA I 83 -4.88 -69.68 -60.01
C ALA I 83 -6.11 -69.42 -59.15
N ARG I 84 -6.00 -69.72 -57.86
CA ARG I 84 -7.07 -69.46 -56.93
C ARG I 84 -6.87 -68.16 -56.19
N VAL I 85 -5.63 -67.89 -55.78
CA VAL I 85 -5.34 -66.67 -55.04
C VAL I 85 -5.77 -65.45 -55.82
N TYR I 86 -5.44 -65.43 -57.10
CA TYR I 86 -5.83 -64.34 -57.96
C TYR I 86 -7.34 -64.25 -58.09
N LYS I 87 -7.98 -65.33 -58.52
CA LYS I 87 -9.42 -65.30 -58.80
C LYS I 87 -10.24 -65.11 -57.53
N GLU I 88 -9.82 -65.74 -56.45
CA GLU I 88 -10.44 -65.55 -55.14
C GLU I 88 -10.55 -64.07 -54.78
N THR I 89 -9.59 -63.27 -55.22
CA THR I 89 -9.49 -61.89 -54.82
C THR I 89 -9.93 -60.92 -55.92
N THR I 90 -9.69 -61.29 -57.17
CA THR I 90 -9.84 -60.34 -58.28
C THR I 90 -10.98 -60.70 -59.23
N SER I 91 -11.47 -61.93 -59.15
CA SER I 91 -12.62 -62.33 -59.96
C SER I 91 -13.82 -61.40 -59.69
N PRO I 92 -13.99 -60.95 -58.43
CA PRO I 92 -15.01 -59.99 -58.04
C PRO I 92 -14.62 -58.57 -58.41
N LEU I 93 -13.32 -58.30 -58.47
CA LEU I 93 -12.88 -56.98 -58.91
C LEU I 93 -13.21 -56.79 -60.38
N LEU I 94 -13.03 -57.85 -61.16
CA LEU I 94 -13.37 -57.82 -62.58
C LEU I 94 -14.88 -57.65 -62.76
N ASP I 95 -15.66 -58.35 -61.93
CA ASP I 95 -17.10 -58.18 -61.93
C ASP I 95 -17.49 -56.80 -61.43
N SER I 96 -16.74 -56.29 -60.44
CA SER I 96 -16.99 -54.95 -59.89
C SER I 96 -16.88 -53.88 -60.96
N VAL I 97 -15.89 -54.04 -61.85
CA VAL I 97 -15.75 -53.15 -63.01
C VAL I 97 -17.05 -53.03 -63.80
N LEU I 98 -17.81 -54.11 -63.87
CA LEU I 98 -18.98 -54.15 -64.69
C LEU I 98 -20.27 -53.91 -63.87
N ASP I 99 -20.10 -53.44 -62.63
CA ASP I 99 -21.23 -53.12 -61.76
C ASP I 99 -21.54 -51.62 -61.72
N GLY I 100 -20.97 -50.86 -62.65
CA GLY I 100 -21.26 -49.43 -62.77
C GLY I 100 -20.11 -48.56 -62.23
N PHE I 101 -19.01 -49.18 -61.86
CA PHE I 101 -17.87 -48.46 -61.32
C PHE I 101 -16.59 -49.25 -61.57
N ASN I 102 -15.45 -48.59 -61.54
CA ASN I 102 -14.18 -49.22 -61.92
C ASN I 102 -13.54 -50.02 -60.79
N SER I 103 -12.37 -50.60 -61.06
CA SER I 103 -11.61 -51.30 -60.04
C SER I 103 -10.12 -51.32 -60.34
N THR I 104 -9.35 -52.02 -59.50
CA THR I 104 -7.90 -52.01 -59.61
C THR I 104 -7.20 -53.08 -58.74
N VAL I 105 -6.02 -53.50 -59.20
CA VAL I 105 -5.22 -54.53 -58.52
C VAL I 105 -3.85 -53.97 -58.07
N PHE I 106 -3.49 -54.21 -56.80
CA PHE I 106 -2.23 -53.71 -56.23
C PHE I 106 -1.17 -54.78 -56.04
N ALA I 107 0.04 -54.34 -55.67
CA ALA I 107 1.17 -55.22 -55.36
C ALA I 107 2.13 -54.51 -54.39
N TYR I 108 3.06 -55.26 -53.76
CA TYR I 108 3.98 -54.65 -52.78
C TYR I 108 5.14 -55.60 -52.42
N GLY I 109 6.33 -55.02 -52.18
CA GLY I 109 7.46 -55.82 -51.67
C GLY I 109 8.84 -55.19 -51.96
N ALA I 110 9.89 -55.82 -51.43
CA ALA I 110 11.27 -55.41 -51.68
C ALA I 110 11.79 -56.03 -52.98
N THR I 111 12.88 -55.49 -53.52
CA THR I 111 13.40 -56.00 -54.78
C THR I 111 13.87 -57.43 -54.67
N GLY I 112 13.26 -58.25 -55.49
CA GLY I 112 13.60 -59.64 -55.67
C GLY I 112 12.48 -60.49 -55.12
N CYS I 113 11.49 -59.83 -54.50
CA CYS I 113 10.35 -60.52 -53.90
C CYS I 113 9.18 -60.73 -54.86
N GLY I 114 9.45 -61.26 -56.04
CA GLY I 114 8.42 -61.94 -56.79
C GLY I 114 7.45 -61.08 -57.59
N LYS I 115 7.62 -59.79 -57.60
CA LYS I 115 6.86 -59.03 -58.56
C LYS I 115 7.53 -59.34 -59.89
N THR I 116 6.89 -59.13 -61.01
CA THR I 116 7.38 -59.71 -62.28
C THR I 116 7.12 -61.26 -62.36
N TYR I 117 7.61 -62.04 -61.37
CA TYR I 117 7.26 -63.47 -61.32
C TYR I 117 5.75 -63.69 -61.00
N THR I 118 5.21 -62.99 -60.00
CA THR I 118 3.82 -63.23 -59.57
C THR I 118 2.78 -62.65 -60.53
N VAL I 119 3.16 -61.64 -61.31
CA VAL I 119 2.25 -61.08 -62.31
C VAL I 119 2.08 -62.03 -63.50
N SER I 120 3.02 -62.97 -63.64
CA SER I 120 3.05 -63.90 -64.76
C SER I 120 3.90 -65.12 -64.44
N GLY I 121 5.19 -64.88 -64.21
CA GLY I 121 6.10 -65.96 -63.84
C GLY I 121 6.74 -66.58 -65.06
N THR I 122 7.23 -67.80 -64.90
CA THR I 122 7.80 -68.53 -66.01
C THR I 122 6.69 -68.80 -67.03
N PRO I 123 6.98 -68.57 -68.32
CA PRO I 123 6.06 -68.60 -69.46
C PRO I 123 5.40 -69.96 -69.70
N SER I 124 4.75 -70.49 -68.68
CA SER I 124 3.95 -71.69 -68.76
C SER I 124 2.91 -71.71 -67.63
N GLN I 125 2.91 -70.66 -66.81
CA GLN I 125 2.06 -70.59 -65.65
C GLN I 125 1.10 -69.40 -65.74
N PRO I 126 0.06 -69.42 -64.92
CA PRO I 126 -0.93 -68.36 -64.77
C PRO I 126 -0.44 -67.29 -63.81
N GLY I 127 -1.03 -66.11 -63.91
CA GLY I 127 -0.65 -64.99 -63.06
C GLY I 127 -1.66 -63.87 -63.16
N ILE I 128 -1.32 -62.72 -62.62
CA ILE I 128 -2.25 -61.59 -62.56
C ILE I 128 -2.82 -61.22 -63.93
N ILE I 129 -1.93 -60.97 -64.89
CA ILE I 129 -2.37 -60.48 -66.19
C ILE I 129 -3.00 -61.60 -67.02
N PHE I 130 -2.36 -62.75 -67.01
CA PHE I 130 -2.83 -63.89 -67.78
C PHE I 130 -4.25 -64.28 -67.39
N LEU I 131 -4.48 -64.45 -66.10
CA LEU I 131 -5.78 -64.87 -65.60
C LEU I 131 -6.82 -63.78 -65.78
N ALA I 132 -6.38 -62.51 -65.71
CA ALA I 132 -7.28 -61.39 -65.99
C ALA I 132 -7.89 -61.54 -67.37
N MET I 133 -7.05 -61.79 -68.36
CA MET I 133 -7.50 -61.94 -69.72
C MET I 133 -8.19 -63.26 -69.95
N GLU I 134 -7.66 -64.33 -69.35
CA GLU I 134 -8.28 -65.64 -69.49
C GLU I 134 -9.73 -65.61 -69.07
N GLU I 135 -9.97 -65.13 -67.86
CA GLU I 135 -11.31 -65.06 -67.30
C GLU I 135 -12.18 -64.09 -68.07
N LEU I 136 -11.66 -62.89 -68.33
CA LEU I 136 -12.42 -61.87 -69.02
C LEU I 136 -12.81 -62.32 -70.41
N PHE I 137 -11.87 -62.86 -71.15
CA PHE I 137 -12.10 -63.30 -72.52
C PHE I 137 -13.16 -64.37 -72.60
N ASN I 138 -13.14 -65.30 -71.65
CA ASN I 138 -14.18 -66.31 -71.59
C ASN I 138 -15.53 -65.66 -71.35
N LYS I 139 -15.57 -64.67 -70.46
CA LYS I 139 -16.79 -63.92 -70.21
C LYS I 139 -17.22 -63.13 -71.44
N ILE I 140 -16.24 -62.61 -72.19
CA ILE I 140 -16.52 -61.86 -73.39
C ILE I 140 -17.19 -62.73 -74.45
N THR I 141 -16.62 -63.90 -74.69
CA THR I 141 -17.15 -64.78 -75.74
C THR I 141 -18.44 -65.46 -75.31
N ASP I 142 -18.65 -65.59 -74.01
CA ASP I 142 -19.90 -66.12 -73.51
C ASP I 142 -21.01 -65.07 -73.58
N LEU I 143 -20.64 -63.82 -73.32
CA LEU I 143 -21.60 -62.73 -73.29
C LEU I 143 -21.59 -61.90 -74.59
N LYS I 144 -20.83 -62.36 -75.58
CA LYS I 144 -20.74 -61.68 -76.88
C LYS I 144 -22.07 -61.63 -77.61
N ASP I 145 -22.98 -62.53 -77.24
CA ASP I 145 -24.29 -62.60 -77.87
C ASP I 145 -25.29 -61.69 -77.16
N GLU I 146 -24.86 -61.06 -76.05
CA GLU I 146 -25.73 -60.19 -75.29
C GLU I 146 -25.32 -58.73 -75.42
N LYS I 147 -24.02 -58.48 -75.29
CA LYS I 147 -23.51 -57.11 -75.32
C LYS I 147 -22.39 -56.95 -76.35
N ASP I 148 -22.20 -55.72 -76.82
CA ASP I 148 -21.08 -55.41 -77.69
C ASP I 148 -19.86 -55.07 -76.85
N PHE I 149 -18.69 -55.57 -77.26
CA PHE I 149 -17.48 -55.36 -76.48
C PHE I 149 -16.49 -54.46 -77.19
N GLU I 150 -16.30 -53.26 -76.64
CA GLU I 150 -15.26 -52.36 -77.10
C GLU I 150 -14.27 -52.10 -75.97
N ILE I 151 -13.28 -52.96 -75.87
CA ILE I 151 -12.31 -52.88 -74.79
C ILE I 151 -10.96 -52.43 -75.30
N SER I 152 -10.33 -51.50 -74.57
CA SER I 152 -9.02 -51.00 -74.96
C SER I 152 -8.02 -51.10 -73.82
N LEU I 153 -6.74 -51.08 -74.16
CA LEU I 153 -5.69 -51.26 -73.18
C LEU I 153 -4.76 -50.06 -73.11
N SER I 154 -4.51 -49.60 -71.88
CA SER I 154 -3.60 -48.49 -71.64
C SER I 154 -2.35 -48.97 -70.93
N TYR I 155 -1.20 -48.55 -71.43
CA TYR I 155 0.07 -49.00 -70.89
C TYR I 155 0.86 -47.84 -70.32
N LEU I 156 1.56 -48.06 -69.22
CA LEU I 156 2.20 -46.96 -68.51
C LEU I 156 3.33 -47.42 -67.59
N GLU I 157 4.45 -46.69 -67.63
CA GLU I 157 5.55 -46.90 -66.68
C GLU I 157 5.88 -45.63 -65.92
N ILE I 158 6.25 -45.77 -64.65
CA ILE I 158 6.72 -44.61 -63.89
C ILE I 158 8.17 -44.81 -63.45
N TYR I 159 9.03 -43.92 -63.89
CA TYR I 159 10.45 -44.00 -63.58
C TYR I 159 11.02 -42.60 -63.39
N ASN I 160 11.67 -42.37 -62.26
CA ASN I 160 12.14 -41.02 -61.91
C ASN I 160 11.02 -39.99 -61.92
N GLU I 161 9.84 -40.37 -61.42
CA GLU I 161 8.66 -39.50 -61.42
C GLU I 161 8.23 -39.11 -62.83
N ARG I 162 8.66 -39.90 -63.82
CA ARG I 162 8.35 -39.63 -65.21
C ARG I 162 7.43 -40.69 -65.77
N ILE I 163 6.43 -40.27 -66.52
CA ILE I 163 5.53 -41.21 -67.15
C ILE I 163 6.07 -41.60 -68.51
N ARG I 164 6.26 -42.89 -68.71
CA ARG I 164 6.76 -43.37 -69.97
C ARG I 164 5.72 -44.22 -70.68
N ASP I 165 5.69 -44.10 -72.00
CA ASP I 165 4.87 -44.99 -72.80
C ASP I 165 5.52 -46.35 -72.81
N LEU I 166 4.89 -47.28 -72.12
CA LEU I 166 5.45 -48.58 -71.86
C LEU I 166 5.82 -49.32 -73.14
N LEU I 167 5.04 -49.13 -74.18
CA LEU I 167 5.21 -49.90 -75.42
C LEU I 167 5.97 -49.13 -76.48
N LYS I 168 5.83 -47.81 -76.45
CA LYS I 168 6.56 -46.96 -77.38
C LYS I 168 7.31 -45.83 -76.67
N PRO I 169 8.53 -46.10 -76.17
CA PRO I 169 9.41 -45.14 -75.50
C PRO I 169 9.92 -44.08 -76.48
N GLU I 170 9.69 -44.32 -77.77
CA GLU I 170 10.01 -43.35 -78.81
C GLU I 170 9.25 -42.03 -78.63
N THR I 171 8.09 -42.10 -77.98
CA THR I 171 7.32 -40.89 -77.66
C THR I 171 7.82 -40.26 -76.34
N PRO I 172 8.02 -38.94 -76.34
CA PRO I 172 8.53 -38.22 -75.18
C PRO I 172 7.53 -38.18 -74.04
N SER I 173 8.04 -38.13 -72.81
CA SER I 173 7.22 -38.17 -71.61
C SER I 173 6.34 -36.93 -71.48
N LYS I 174 6.74 -35.86 -72.15
CA LYS I 174 5.94 -34.63 -72.20
C LYS I 174 4.58 -34.86 -72.85
N ARG I 175 4.45 -35.93 -73.62
CA ARG I 175 3.23 -36.25 -74.32
C ARG I 175 2.28 -37.08 -73.48
N LEU I 176 2.67 -37.36 -72.24
CA LEU I 176 1.82 -38.14 -71.35
C LEU I 176 1.40 -37.33 -70.14
N VAL I 177 0.13 -36.96 -70.12
CA VAL I 177 -0.43 -36.19 -69.02
C VAL I 177 -1.55 -36.96 -68.37
N ILE I 178 -1.50 -37.08 -67.06
CA ILE I 178 -2.50 -37.86 -66.34
C ILE I 178 -3.58 -37.00 -65.76
N ARG I 179 -4.78 -37.12 -66.31
CA ARG I 179 -5.97 -36.41 -65.83
C ARG I 179 -7.11 -37.38 -65.59
N GLU I 180 -8.14 -36.93 -64.89
CA GLU I 180 -9.35 -37.71 -64.68
C GLU I 180 -10.59 -36.84 -64.83
N ASP I 181 -11.71 -37.46 -65.19
CA ASP I 181 -12.95 -36.72 -65.37
C ASP I 181 -13.79 -36.66 -64.09
N THR I 182 -14.87 -35.88 -64.14
CA THR I 182 -15.90 -35.90 -63.12
C THR I 182 -16.77 -37.15 -63.28
N GLN I 183 -16.68 -37.77 -64.45
CA GLN I 183 -17.30 -39.06 -64.70
C GLN I 183 -16.34 -40.21 -64.36
N ASN I 184 -15.16 -39.88 -63.84
CA ASN I 184 -14.12 -40.85 -63.53
C ASN I 184 -13.59 -41.54 -64.79
N HIS I 185 -13.59 -40.80 -65.89
CA HIS I 185 -12.97 -41.26 -67.12
C HIS I 185 -11.47 -41.01 -67.07
N ILE I 186 -10.69 -41.97 -67.57
CA ILE I 186 -9.23 -41.87 -67.55
C ILE I 186 -8.74 -41.00 -68.70
N LYS I 187 -8.21 -39.84 -68.37
CA LYS I 187 -7.80 -38.90 -69.40
C LYS I 187 -6.28 -38.80 -69.49
N VAL I 188 -5.69 -39.71 -70.26
CA VAL I 188 -4.25 -39.67 -70.49
C VAL I 188 -3.94 -39.25 -71.92
N ALA I 189 -2.97 -38.35 -72.06
CA ALA I 189 -2.60 -37.77 -73.35
C ALA I 189 -1.98 -38.83 -74.30
N ASN I 190 -1.37 -38.35 -75.39
CA ASN I 190 -0.94 -39.21 -76.49
C ASN I 190 -0.19 -40.44 -76.01
N LEU I 191 -0.84 -41.59 -76.16
CA LEU I 191 -0.30 -42.85 -75.68
C LEU I 191 -0.61 -43.97 -76.67
N SER I 192 0.33 -44.90 -76.84
CA SER I 192 0.08 -46.01 -77.75
C SER I 192 -0.94 -46.97 -77.13
N TYR I 193 -2.22 -46.72 -77.44
CA TYR I 193 -3.31 -47.57 -76.96
C TYR I 193 -3.49 -48.77 -77.88
N HIS I 194 -3.92 -49.88 -77.31
CA HIS I 194 -4.12 -51.12 -78.07
C HIS I 194 -5.39 -51.82 -77.63
N HIS I 195 -5.68 -52.95 -78.26
CA HIS I 195 -6.88 -53.69 -77.94
C HIS I 195 -6.56 -55.17 -77.70
N PRO I 196 -7.30 -55.81 -76.78
CA PRO I 196 -7.17 -57.17 -76.29
C PRO I 196 -7.73 -58.17 -77.27
N ASN I 197 -7.14 -58.24 -78.46
CA ASN I 197 -7.61 -59.13 -79.51
C ASN I 197 -7.42 -60.59 -79.10
N THR I 198 -6.32 -60.87 -78.41
CA THR I 198 -6.07 -62.19 -77.85
C THR I 198 -4.93 -62.11 -76.84
N VAL I 199 -4.96 -63.01 -75.87
CA VAL I 199 -4.08 -62.94 -74.71
C VAL I 199 -2.64 -63.09 -75.11
N GLU I 200 -2.42 -63.78 -76.22
CA GLU I 200 -1.07 -63.95 -76.74
C GLU I 200 -0.46 -62.60 -77.09
N ASP I 201 -1.18 -61.82 -77.89
CA ASP I 201 -0.73 -60.49 -78.27
C ASP I 201 -0.71 -59.55 -77.09
N VAL I 202 -1.67 -59.70 -76.18
CA VAL I 202 -1.67 -58.90 -74.96
C VAL I 202 -0.41 -59.14 -74.15
N MET I 203 -0.10 -60.40 -73.92
CA MET I 203 1.08 -60.76 -73.15
C MET I 203 2.37 -60.42 -73.89
N ASP I 204 2.34 -60.48 -75.21
CA ASP I 204 3.49 -60.06 -76.01
C ASP I 204 3.77 -58.59 -75.81
N LEU I 205 2.71 -57.78 -75.73
CA LEU I 205 2.86 -56.36 -75.44
C LEU I 205 3.35 -56.16 -74.00
N VAL I 206 2.85 -56.96 -73.08
CA VAL I 206 3.33 -56.93 -71.70
C VAL I 206 4.82 -57.21 -71.62
N VAL I 207 5.28 -58.21 -72.36
CA VAL I 207 6.71 -58.52 -72.45
C VAL I 207 7.48 -57.38 -73.09
N GLN I 208 6.95 -56.83 -74.18
CA GLN I 208 7.53 -55.66 -74.83
C GLN I 208 7.67 -54.51 -73.85
N GLY I 209 6.65 -54.33 -73.02
CA GLY I 209 6.67 -53.35 -71.98
C GLY I 209 7.77 -53.63 -70.98
N ASN I 210 7.85 -54.88 -70.51
CA ASN I 210 8.84 -55.28 -69.53
C ASN I 210 10.25 -55.13 -70.08
N ILE I 211 10.42 -55.32 -71.38
CA ILE I 211 11.68 -55.04 -72.05
C ILE I 211 12.00 -53.55 -71.99
N ASN I 212 10.99 -52.71 -72.21
CA ASN I 212 11.16 -51.26 -72.24
C ASN I 212 11.33 -50.65 -70.85
N ARG I 213 10.92 -51.37 -69.81
CA ARG I 213 11.08 -50.88 -68.43
C ARG I 213 12.55 -50.68 -68.10
N THR I 214 12.87 -49.56 -67.46
CA THR I 214 14.26 -49.20 -67.16
C THR I 214 14.71 -49.78 -65.83
N THR I 215 15.72 -50.65 -65.88
CA THR I 215 16.04 -51.54 -64.77
C THR I 215 17.32 -51.19 -64.03
N SER I 216 17.53 -51.88 -62.90
CA SER I 216 18.78 -51.85 -62.16
C SER I 216 19.85 -52.68 -62.84
N PRO I 217 21.10 -52.23 -62.77
CA PRO I 217 22.23 -53.09 -63.16
C PRO I 217 23.16 -53.32 -61.98
N THR I 218 22.59 -53.47 -60.78
CA THR I 218 23.41 -53.51 -59.58
C THR I 218 23.33 -54.83 -58.80
N GLU I 219 22.20 -55.04 -58.12
CA GLU I 219 22.03 -56.18 -57.21
C GLU I 219 21.90 -57.52 -57.91
N ALA I 220 21.74 -58.58 -57.11
CA ALA I 220 21.56 -59.94 -57.62
C ALA I 220 20.31 -60.03 -58.49
N ASN I 221 19.24 -59.32 -58.10
CA ASN I 221 18.18 -59.03 -59.05
C ASN I 221 18.73 -57.91 -59.92
N GLU I 222 19.22 -58.29 -61.09
CA GLU I 222 19.80 -57.35 -62.05
C GLU I 222 18.94 -57.26 -63.29
N VAL I 223 17.93 -58.11 -63.35
CA VAL I 223 16.83 -57.86 -64.23
C VAL I 223 15.98 -56.79 -63.58
N SER I 224 15.70 -56.97 -62.29
CA SER I 224 15.30 -55.90 -61.37
C SER I 224 14.65 -54.71 -62.04
N SER I 225 13.50 -54.95 -62.59
CA SER I 225 12.59 -53.94 -63.13
C SER I 225 12.89 -52.51 -62.71
N ARG I 226 12.89 -52.24 -61.40
CA ARG I 226 13.19 -50.92 -60.85
C ARG I 226 12.33 -49.79 -61.43
N SER I 227 11.08 -50.09 -61.72
CA SER I 227 10.14 -49.06 -62.13
C SER I 227 8.72 -49.49 -61.90
N HIS I 228 7.82 -48.53 -61.79
CA HIS I 228 6.42 -48.84 -61.58
C HIS I 228 5.74 -48.97 -62.93
N ALA I 229 4.57 -49.55 -62.94
CA ALA I 229 3.84 -49.67 -64.18
C ALA I 229 2.37 -49.88 -63.93
N VAL I 230 1.53 -49.34 -64.80
CA VAL I 230 0.12 -49.54 -64.68
C VAL I 230 -0.52 -49.93 -66.00
N LEU I 231 -1.22 -51.04 -66.00
CA LEU I 231 -1.93 -51.51 -67.18
C LEU I 231 -3.42 -51.40 -66.97
N GLN I 232 -4.08 -50.57 -67.76
CA GLN I 232 -5.47 -50.29 -67.50
C GLN I 232 -6.36 -50.81 -68.62
N ILE I 233 -7.36 -51.58 -68.23
CA ILE I 233 -8.31 -52.12 -69.18
C ILE I 233 -9.56 -51.25 -69.20
N HIS I 234 -9.84 -50.63 -70.33
CA HIS I 234 -10.99 -49.75 -70.44
C HIS I 234 -12.12 -50.42 -71.19
N ILE I 235 -13.15 -50.81 -70.46
CA ILE I 235 -14.23 -51.58 -71.03
C ILE I 235 -15.43 -50.72 -71.38
N MET I 236 -15.67 -50.56 -72.67
CA MET I 236 -16.83 -49.83 -73.15
C MET I 236 -17.81 -50.74 -73.88
N GLN I 237 -18.59 -51.50 -73.13
CA GLN I 237 -19.59 -52.35 -73.74
C GLN I 237 -20.83 -51.55 -74.06
N THR I 238 -21.58 -51.99 -75.07
CA THR I 238 -22.83 -51.33 -75.43
C THR I 238 -23.96 -52.32 -75.61
N ASN I 239 -25.17 -51.82 -75.70
CA ASN I 239 -26.35 -52.65 -75.79
C ASN I 239 -26.63 -53.08 -77.23
N LYS I 240 -27.22 -54.26 -77.37
CA LYS I 240 -27.67 -54.74 -78.68
C LYS I 240 -29.17 -54.49 -78.87
N LEU I 241 -29.82 -54.02 -77.81
CA LEU I 241 -31.26 -53.80 -77.84
C LEU I 241 -31.62 -52.34 -77.74
N VAL I 242 -32.79 -51.97 -78.26
CA VAL I 242 -33.27 -50.60 -78.20
C VAL I 242 -34.42 -50.48 -77.21
N ASP I 243 -34.23 -49.66 -76.19
CA ASP I 243 -35.28 -49.41 -75.21
C ASP I 243 -35.08 -48.09 -74.51
N LEU I 244 -35.99 -47.75 -73.60
CA LEU I 244 -36.00 -46.44 -72.94
C LEU I 244 -34.77 -46.20 -72.07
N THR I 245 -34.09 -47.27 -71.66
CA THR I 245 -32.97 -47.14 -70.75
C THR I 245 -31.65 -47.52 -71.41
N SER I 246 -31.68 -47.78 -72.73
CA SER I 246 -30.49 -48.21 -73.46
C SER I 246 -29.34 -47.20 -73.41
N GLN I 247 -28.64 -47.15 -72.28
CA GLN I 247 -27.47 -46.28 -72.13
C GLN I 247 -26.38 -47.00 -71.35
N HIS I 248 -25.70 -47.93 -72.01
CA HIS I 248 -24.67 -48.72 -71.35
C HIS I 248 -23.49 -47.85 -70.96
N THR I 249 -23.10 -47.93 -69.69
CA THR I 249 -21.97 -47.16 -69.17
C THR I 249 -20.65 -47.89 -69.38
N PHE I 250 -19.56 -47.24 -69.03
CA PHE I 250 -18.22 -47.81 -69.19
C PHE I 250 -17.44 -47.77 -67.88
N ALA I 251 -16.40 -48.59 -67.79
CA ALA I 251 -15.57 -48.63 -66.58
C ALA I 251 -14.24 -49.33 -66.88
N THR I 252 -13.30 -49.25 -65.94
CA THR I 252 -11.95 -49.71 -66.21
C THR I 252 -11.38 -50.61 -65.10
N LEU I 253 -10.27 -51.28 -65.41
CA LEU I 253 -9.53 -52.08 -64.43
C LEU I 253 -8.04 -51.74 -64.46
N SER I 254 -7.55 -51.16 -63.38
CA SER I 254 -6.13 -50.78 -63.31
C SER I 254 -5.27 -51.89 -62.72
N ILE I 255 -4.20 -52.26 -63.41
CA ILE I 255 -3.23 -53.22 -62.87
C ILE I 255 -1.99 -52.50 -62.41
N ILE I 256 -1.81 -52.42 -61.09
CA ILE I 256 -0.76 -51.58 -60.53
C ILE I 256 0.50 -52.36 -60.22
N ASP I 257 1.63 -51.83 -60.68
CA ASP I 257 2.92 -52.43 -60.43
C ASP I 257 3.89 -51.42 -59.82
N LEU I 258 4.81 -51.93 -59.02
CA LEU I 258 5.77 -51.11 -58.31
C LEU I 258 7.20 -51.52 -58.63
N ALA I 259 8.12 -50.57 -58.47
CA ALA I 259 9.54 -50.77 -58.77
C ALA I 259 10.18 -51.79 -57.86
N GLY I 260 9.82 -51.78 -56.59
CA GLY I 260 10.52 -52.56 -55.59
C GLY I 260 11.46 -51.67 -54.80
N SER I 261 11.56 -51.92 -53.50
CA SER I 261 12.40 -51.07 -52.65
C SER I 261 13.30 -51.87 -51.73
N GLU I 262 14.60 -51.60 -51.82
CA GLU I 262 15.61 -52.21 -50.98
C GLU I 262 15.74 -51.49 -49.64
N ARG I 263 16.53 -52.05 -48.74
CA ARG I 263 16.83 -51.42 -47.45
C ARG I 263 17.27 -49.98 -47.64
N ALA I 264 16.86 -49.11 -46.71
CA ALA I 264 17.10 -47.66 -46.76
C ALA I 264 18.37 -47.28 -47.52
N ALA I 265 19.49 -47.94 -47.20
CA ALA I 265 20.72 -47.69 -47.93
C ALA I 265 21.48 -48.98 -48.19
N ALA I 266 21.70 -49.26 -49.46
CA ALA I 266 22.48 -50.42 -49.88
C ALA I 266 23.96 -50.10 -49.86
N THR I 267 24.77 -51.16 -49.90
CA THR I 267 26.22 -51.05 -49.76
C THR I 267 26.89 -50.34 -50.95
N ARG I 268 26.18 -50.25 -52.07
CA ARG I 268 26.69 -49.55 -53.24
C ARG I 268 25.69 -48.55 -53.77
N ASN I 269 24.87 -48.00 -52.86
CA ASN I 269 23.82 -47.08 -53.29
C ASN I 269 24.39 -45.71 -53.64
N ARG I 270 24.77 -45.53 -54.91
CA ARG I 270 25.37 -44.28 -55.37
C ARG I 270 24.68 -43.71 -56.63
N GLY I 271 24.70 -42.37 -56.73
CA GLY I 271 24.31 -41.68 -57.96
C GLY I 271 22.85 -41.87 -58.32
N ILE I 272 22.62 -42.44 -59.50
CA ILE I 272 21.28 -42.69 -60.01
C ILE I 272 20.54 -43.69 -59.13
N ARG I 273 21.29 -44.53 -58.42
CA ARG I 273 20.69 -45.52 -57.55
C ARG I 273 20.03 -44.82 -56.36
N LEU I 274 20.70 -43.79 -55.84
CA LEU I 274 20.12 -42.93 -54.81
C LEU I 274 18.92 -42.18 -55.34
N HIS I 275 19.06 -41.67 -56.57
CA HIS I 275 18.05 -40.80 -57.14
C HIS I 275 16.76 -41.53 -57.43
N GLU I 276 16.85 -42.64 -58.16
CA GLU I 276 15.65 -43.42 -58.44
C GLU I 276 15.11 -44.08 -57.19
N GLY I 277 16.01 -44.52 -56.31
CA GLY I 277 15.59 -45.13 -55.05
C GLY I 277 14.74 -44.16 -54.25
N ALA I 278 15.14 -42.90 -54.21
CA ALA I 278 14.36 -41.87 -53.57
C ALA I 278 13.01 -41.71 -54.25
N ASN I 279 13.03 -41.66 -55.58
CA ASN I 279 11.81 -41.48 -56.35
C ASN I 279 10.84 -42.64 -56.14
N ILE I 280 11.38 -43.85 -56.00
CA ILE I 280 10.57 -45.02 -55.71
C ILE I 280 9.93 -44.91 -54.34
N ASN I 281 10.73 -44.61 -53.35
CA ASN I 281 10.26 -44.54 -51.98
C ASN I 281 9.27 -43.40 -51.79
N ARG I 282 9.49 -42.29 -52.50
CA ARG I 282 8.55 -41.18 -52.49
C ARG I 282 7.23 -41.60 -53.08
N SER I 283 7.28 -42.37 -54.16
CA SER I 283 6.07 -42.88 -54.80
C SER I 283 5.32 -43.84 -53.87
N LEU I 284 6.08 -44.69 -53.17
CA LEU I 284 5.49 -45.61 -52.21
C LEU I 284 4.88 -44.87 -51.04
N LEU I 285 5.55 -43.80 -50.60
CA LEU I 285 5.02 -42.93 -49.57
C LEU I 285 3.72 -42.30 -50.01
N ALA I 286 3.68 -41.82 -51.24
CA ALA I 286 2.49 -41.20 -51.79
C ALA I 286 1.31 -42.16 -51.74
N LEU I 287 1.55 -43.41 -52.10
CA LEU I 287 0.52 -44.43 -52.00
C LEU I 287 0.09 -44.63 -50.56
N GLY I 288 1.07 -44.72 -49.67
CA GLY I 288 0.78 -44.89 -48.25
C GLY I 288 -0.07 -43.75 -47.73
N ASN I 289 0.26 -42.54 -48.14
CA ASN I 289 -0.49 -41.36 -47.72
C ASN I 289 -1.93 -41.43 -48.18
N CYS I 290 -2.13 -41.75 -49.45
CA CYS I 290 -3.46 -41.80 -50.02
C CYS I 290 -4.28 -42.94 -49.46
N ILE I 291 -3.66 -44.10 -49.30
CA ILE I 291 -4.34 -45.27 -48.77
C ILE I 291 -4.77 -45.05 -47.34
N ASN I 292 -3.84 -44.54 -46.53
CA ASN I 292 -4.13 -44.29 -45.12
C ASN I 292 -5.14 -43.19 -44.96
N ALA I 293 -5.02 -42.13 -45.75
CA ALA I 293 -5.99 -41.06 -45.73
C ALA I 293 -7.36 -41.57 -46.12
N LEU I 294 -7.41 -42.38 -47.17
CA LEU I 294 -8.67 -42.92 -47.66
C LEU I 294 -9.38 -43.75 -46.59
N CYS I 295 -8.67 -44.72 -46.03
CA CYS I 295 -9.25 -45.62 -45.04
C CYS I 295 -9.68 -44.89 -43.78
N LEU I 296 -8.81 -44.03 -43.27
CA LEU I 296 -9.10 -43.28 -42.07
C LEU I 296 -10.25 -42.31 -42.29
N ASN I 297 -10.31 -41.72 -43.49
CA ASN I 297 -11.37 -40.77 -43.79
C ASN I 297 -12.67 -41.46 -44.17
N ASP I 298 -12.60 -42.74 -44.52
CA ASP I 298 -13.80 -43.56 -44.64
C ASP I 298 -14.38 -43.83 -43.26
N GLY I 299 -13.51 -43.95 -42.26
CA GLY I 299 -13.95 -44.01 -40.87
C GLY I 299 -14.54 -42.67 -40.41
N SER I 300 -14.03 -41.58 -40.97
CA SER I 300 -14.52 -40.25 -40.66
C SER I 300 -15.62 -39.80 -41.64
N ARG I 301 -15.84 -38.50 -41.73
CA ARG I 301 -16.90 -37.95 -42.58
C ARG I 301 -16.35 -37.26 -43.83
N SER I 302 -15.17 -36.66 -43.72
CA SER I 302 -14.60 -35.90 -44.82
C SER I 302 -13.33 -36.56 -45.34
N CYS I 303 -13.20 -36.63 -46.66
CA CYS I 303 -12.11 -37.35 -47.29
C CYS I 303 -11.22 -36.45 -48.15
N HIS I 304 -10.28 -35.78 -47.51
CA HIS I 304 -9.26 -35.06 -48.26
C HIS I 304 -8.05 -35.95 -48.46
N ILE I 305 -7.82 -36.37 -49.69
CA ILE I 305 -6.77 -37.31 -50.00
C ILE I 305 -5.72 -36.67 -50.91
N PRO I 306 -4.43 -36.85 -50.59
CA PRO I 306 -3.28 -36.18 -51.19
C PRO I 306 -2.89 -36.83 -52.51
N TYR I 307 -3.78 -36.74 -53.48
CA TYR I 307 -3.57 -37.35 -54.80
C TYR I 307 -2.50 -36.66 -55.62
N ARG I 308 -2.01 -35.53 -55.13
CA ARG I 308 -1.00 -34.78 -55.84
C ARG I 308 0.42 -35.09 -55.37
N ASP I 309 0.55 -36.03 -54.43
CA ASP I 309 1.88 -36.45 -53.96
C ASP I 309 2.66 -37.15 -55.07
N SER I 310 1.96 -37.93 -55.90
CA SER I 310 2.60 -38.59 -57.03
C SER I 310 1.69 -38.63 -58.24
N LYS I 311 2.30 -38.79 -59.40
CA LYS I 311 1.57 -38.97 -60.63
C LYS I 311 0.78 -40.28 -60.60
N LEU I 312 1.27 -41.24 -59.81
CA LEU I 312 0.56 -42.48 -59.62
C LEU I 312 -0.72 -42.27 -58.84
N THR I 313 -0.67 -41.39 -57.85
CA THR I 313 -1.84 -41.10 -57.05
C THR I 313 -2.85 -40.27 -57.85
N ARG I 314 -2.36 -39.49 -58.81
CA ARG I 314 -3.23 -38.88 -59.80
C ARG I 314 -3.85 -39.95 -60.69
N LEU I 315 -3.03 -40.89 -61.12
CA LEU I 315 -3.47 -41.98 -61.97
C LEU I 315 -4.51 -42.84 -61.27
N LEU I 316 -4.36 -42.99 -59.96
CA LEU I 316 -5.26 -43.78 -59.15
C LEU I 316 -6.25 -42.91 -58.40
N LYS I 317 -6.42 -41.67 -58.86
CA LYS I 317 -7.29 -40.69 -58.20
C LYS I 317 -8.68 -41.25 -57.91
N PHE I 318 -9.19 -42.07 -58.82
CA PHE I 318 -10.51 -42.65 -58.62
C PHE I 318 -10.46 -44.16 -58.52
N SER I 319 -9.49 -44.78 -59.21
CA SER I 319 -9.27 -46.22 -59.08
C SER I 319 -9.04 -46.59 -57.61
N LEU I 320 -8.29 -45.74 -56.89
CA LEU I 320 -8.18 -45.87 -55.45
C LEU I 320 -8.81 -44.67 -54.74
N GLY I 321 -10.09 -44.75 -54.44
CA GLY I 321 -10.71 -43.70 -53.64
C GLY I 321 -12.19 -43.50 -53.94
N GLY I 322 -12.60 -43.78 -55.17
CA GLY I 322 -13.99 -43.55 -55.57
C GLY I 322 -14.90 -44.66 -55.04
N ASN I 323 -16.13 -44.70 -55.56
CA ASN I 323 -17.08 -45.72 -55.15
C ASN I 323 -16.72 -47.05 -55.79
N CYS I 324 -15.66 -47.68 -55.28
CA CYS I 324 -15.09 -48.84 -55.93
C CYS I 324 -14.35 -49.74 -54.95
N LYS I 325 -13.92 -50.89 -55.46
CA LYS I 325 -13.27 -51.89 -54.63
C LYS I 325 -11.91 -52.29 -55.20
N THR I 326 -11.00 -52.70 -54.31
CA THR I 326 -9.67 -53.13 -54.72
C THR I 326 -9.06 -54.11 -53.74
N VAL I 327 -8.07 -54.85 -54.21
CA VAL I 327 -7.32 -55.76 -53.36
C VAL I 327 -5.86 -55.40 -53.29
N MET I 328 -5.35 -55.28 -52.07
CA MET I 328 -3.94 -55.06 -51.83
C MET I 328 -3.21 -56.38 -51.84
N ILE I 329 -2.13 -56.47 -52.60
CA ILE I 329 -1.33 -57.69 -52.63
C ILE I 329 0.06 -57.42 -52.13
N VAL I 330 0.51 -58.22 -51.18
CA VAL I 330 1.86 -58.07 -50.65
C VAL I 330 2.64 -59.35 -50.75
N CYS I 331 3.86 -59.26 -51.28
CA CYS I 331 4.75 -60.41 -51.38
C CYS I 331 5.63 -60.50 -50.15
N ILE I 332 5.66 -61.69 -49.54
CA ILE I 332 6.32 -61.90 -48.27
C ILE I 332 7.49 -62.89 -48.38
N SER I 333 8.60 -62.57 -47.70
CA SER I 333 9.74 -63.50 -47.61
C SER I 333 9.82 -64.14 -46.23
N PRO I 334 10.08 -65.44 -46.19
CA PRO I 334 10.24 -66.18 -44.93
C PRO I 334 11.67 -66.14 -44.39
N SER I 335 12.58 -65.51 -45.13
CA SER I 335 13.97 -65.45 -44.72
C SER I 335 14.22 -64.30 -43.76
N SER I 336 15.09 -64.56 -42.78
CA SER I 336 15.51 -63.52 -41.83
C SER I 336 16.42 -62.49 -42.50
N SER I 337 16.90 -62.81 -43.72
CA SER I 337 17.63 -61.84 -44.52
C SER I 337 16.72 -60.70 -44.98
N HIS I 338 15.41 -60.94 -44.92
CA HIS I 338 14.43 -59.91 -45.20
C HIS I 338 13.61 -59.59 -43.96
N TYR I 339 14.21 -59.82 -42.78
CA TYR I 339 13.52 -59.68 -41.50
C TYR I 339 12.89 -58.31 -41.34
N ASP I 340 13.69 -57.27 -41.55
CA ASP I 340 13.22 -55.91 -41.35
C ASP I 340 12.28 -55.51 -42.47
N GLU I 341 12.65 -55.84 -43.69
CA GLU I 341 11.88 -55.45 -44.85
C GLU I 341 10.50 -56.09 -44.83
N THR I 342 10.46 -57.40 -44.63
CA THR I 342 9.22 -58.13 -44.58
C THR I 342 8.34 -57.69 -43.43
N LEU I 343 8.93 -57.55 -42.25
CA LEU I 343 8.20 -57.14 -41.07
C LEU I 343 7.58 -55.76 -41.25
N ASN I 344 8.36 -54.83 -41.80
CA ASN I 344 7.89 -53.47 -41.99
C ASN I 344 6.79 -53.38 -43.05
N THR I 345 6.93 -54.17 -44.12
CA THR I 345 5.91 -54.20 -45.18
C THR I 345 4.65 -54.92 -44.72
N LEU I 346 4.79 -55.86 -43.78
CA LEU I 346 3.62 -56.47 -43.14
C LEU I 346 2.84 -55.47 -42.33
N LYS I 347 3.54 -54.67 -41.54
CA LYS I 347 2.92 -53.62 -40.76
C LYS I 347 2.23 -52.61 -41.66
N TYR I 348 2.88 -52.27 -42.76
CA TYR I 348 2.31 -51.39 -43.77
C TYR I 348 0.97 -51.89 -44.26
N ALA I 349 0.93 -53.17 -44.63
CA ALA I 349 -0.29 -53.78 -45.12
C ALA I 349 -1.40 -53.72 -44.08
N ASN I 350 -1.03 -53.96 -42.83
CA ASN I 350 -1.98 -53.92 -41.73
C ASN I 350 -2.51 -52.51 -41.50
N ARG I 351 -1.63 -51.52 -41.63
CA ARG I 351 -2.05 -50.13 -41.51
C ARG I 351 -2.96 -49.75 -42.66
N ALA I 352 -2.65 -50.24 -43.85
CA ALA I 352 -3.48 -50.04 -45.02
C ALA I 352 -4.86 -50.67 -44.82
N LYS I 353 -4.89 -51.83 -44.17
CA LYS I 353 -6.13 -52.52 -43.85
C LYS I 353 -7.02 -51.67 -42.94
N GLU I 354 -6.41 -51.07 -41.91
CA GLU I 354 -7.11 -50.23 -40.97
C GLU I 354 -6.94 -48.75 -41.33
N ARG J 2 -9.44 20.19 -42.52
CA ARG J 2 -9.79 21.48 -41.92
C ARG J 2 -10.05 22.55 -42.97
N GLU J 3 -10.31 22.14 -44.21
CA GLU J 3 -10.41 23.07 -45.34
C GLU J 3 -11.87 23.36 -45.69
N CYS J 4 -12.10 24.47 -46.40
CA CYS J 4 -13.47 24.85 -46.75
C CYS J 4 -13.57 25.49 -48.14
N ILE J 5 -14.80 25.58 -48.64
CA ILE J 5 -15.05 26.14 -49.97
C ILE J 5 -16.05 27.30 -49.92
N SER J 6 -15.70 28.42 -50.54
CA SER J 6 -16.56 29.60 -50.53
C SER J 6 -17.34 29.73 -51.84
N ILE J 7 -18.58 30.21 -51.73
CA ILE J 7 -19.44 30.35 -52.91
C ILE J 7 -20.08 31.75 -52.96
N HIS J 8 -20.05 32.35 -54.15
CA HIS J 8 -20.52 33.72 -54.32
C HIS J 8 -21.52 33.83 -55.47
N VAL J 9 -22.68 34.44 -55.22
CA VAL J 9 -23.72 34.52 -56.27
C VAL J 9 -24.25 35.96 -56.50
N GLY J 10 -24.82 36.19 -57.70
CA GLY J 10 -25.35 37.51 -58.10
C GLY J 10 -24.23 38.53 -58.10
N GLN J 11 -24.55 39.73 -57.65
CA GLN J 11 -23.55 40.79 -57.48
C GLN J 11 -23.10 40.90 -56.03
N ALA J 12 -24.06 40.85 -55.11
CA ALA J 12 -23.79 41.04 -53.69
C ALA J 12 -22.83 40.00 -53.15
N GLY J 13 -23.06 38.74 -53.50
CA GLY J 13 -22.22 37.67 -53.01
C GLY J 13 -20.79 37.86 -53.47
N VAL J 14 -20.64 38.37 -54.68
CA VAL J 14 -19.34 38.59 -55.26
C VAL J 14 -18.63 39.76 -54.60
N GLN J 15 -19.35 40.87 -54.44
CA GLN J 15 -18.77 42.06 -53.83
C GLN J 15 -18.36 41.81 -52.40
N ILE J 16 -19.18 41.07 -51.66
CA ILE J 16 -18.82 40.66 -50.32
C ILE J 16 -17.59 39.78 -50.36
N GLY J 17 -17.57 38.85 -51.31
CA GLY J 17 -16.44 37.97 -51.50
C GLY J 17 -15.16 38.76 -51.73
N ASN J 18 -15.24 39.83 -52.51
CA ASN J 18 -14.07 40.65 -52.76
C ASN J 18 -13.45 41.10 -51.45
N ALA J 19 -14.29 41.59 -50.54
CA ALA J 19 -13.80 42.02 -49.24
C ALA J 19 -13.19 40.86 -48.46
N CYS J 20 -13.84 39.71 -48.50
CA CYS J 20 -13.38 38.54 -47.77
C CYS J 20 -12.00 38.10 -48.22
N TRP J 21 -11.83 38.00 -49.53
CA TRP J 21 -10.59 37.48 -50.07
C TRP J 21 -9.48 38.51 -49.99
N GLU J 22 -9.85 39.78 -49.97
CA GLU J 22 -8.88 40.82 -49.64
C GLU J 22 -8.34 40.63 -48.24
N LEU J 23 -9.24 40.37 -47.29
CA LEU J 23 -8.84 40.15 -45.91
C LEU J 23 -7.93 38.96 -45.77
N TYR J 24 -8.29 37.86 -46.43
CA TYR J 24 -7.51 36.65 -46.32
C TYR J 24 -6.12 36.86 -46.88
N CYS J 25 -6.03 37.59 -47.97
CA CYS J 25 -4.75 37.96 -48.53
C CYS J 25 -3.92 38.76 -47.55
N LEU J 26 -4.56 39.75 -46.92
CA LEU J 26 -3.89 40.59 -45.93
C LEU J 26 -3.39 39.75 -44.77
N GLU J 27 -4.20 38.79 -44.35
CA GLU J 27 -3.86 37.94 -43.22
C GLU J 27 -2.69 37.03 -43.50
N HIS J 28 -2.62 36.51 -44.71
CA HIS J 28 -1.59 35.54 -45.03
C HIS J 28 -0.45 36.16 -45.84
N GLY J 29 -0.57 37.44 -46.18
CA GLY J 29 0.47 38.15 -46.90
C GLY J 29 0.45 37.80 -48.39
N ILE J 30 -0.69 37.29 -48.85
CA ILE J 30 -0.81 36.81 -50.22
C ILE J 30 -1.07 37.95 -51.18
N GLN J 31 -0.33 37.95 -52.28
CA GLN J 31 -0.38 39.02 -53.24
C GLN J 31 -1.55 38.85 -54.21
N PRO J 32 -1.77 39.87 -55.04
CA PRO J 32 -2.89 39.92 -55.97
C PRO J 32 -2.80 38.87 -57.08
N ASP J 33 -1.59 38.35 -57.30
CA ASP J 33 -1.43 37.26 -58.25
C ASP J 33 -1.35 35.90 -57.55
N GLY J 34 -1.68 35.87 -56.27
CA GLY J 34 -1.70 34.63 -55.50
C GLY J 34 -0.37 34.33 -54.82
N GLN J 35 0.67 35.06 -55.19
CA GLN J 35 2.00 34.79 -54.66
C GLN J 35 2.08 35.05 -53.18
N MET J 36 2.60 34.09 -52.44
CA MET J 36 2.92 34.33 -51.04
C MET J 36 4.40 34.62 -50.88
N PRO J 37 4.72 35.71 -50.18
CA PRO J 37 6.12 35.99 -49.81
C PRO J 37 6.27 36.02 -48.29
N PHE J 49 -3.26 28.44 -43.99
CA PHE J 49 -3.75 29.21 -45.12
C PHE J 49 -4.36 28.30 -46.17
N ASN J 50 -4.00 27.02 -46.10
CA ASN J 50 -4.39 26.05 -47.11
C ASN J 50 -5.88 25.74 -47.09
N THR J 51 -6.57 26.24 -46.08
CA THR J 51 -8.00 26.03 -45.94
C THR J 51 -8.79 27.01 -46.77
N PHE J 52 -8.12 28.05 -47.25
CA PHE J 52 -8.72 29.00 -48.15
C PHE J 52 -8.02 29.02 -49.49
N PHE J 53 -6.72 28.75 -49.48
CA PHE J 53 -5.96 28.78 -50.71
C PHE J 53 -5.35 27.44 -51.03
N SER J 54 -5.66 26.93 -52.21
CA SER J 54 -5.06 25.70 -52.69
C SER J 54 -3.58 25.91 -52.89
N GLU J 55 -2.78 25.00 -52.37
CA GLU J 55 -1.33 25.13 -52.44
C GLU J 55 -0.83 25.04 -53.87
N THR J 56 -0.04 26.03 -54.26
CA THR J 56 0.56 26.06 -55.58
C THR J 56 2.08 25.97 -55.49
N GLY J 57 2.66 25.10 -56.29
CA GLY J 57 4.12 24.85 -56.24
C GLY J 57 4.94 26.10 -56.58
N ALA J 58 4.39 26.97 -57.43
CA ALA J 58 5.04 28.22 -57.78
C ALA J 58 4.92 29.27 -56.67
N GLY J 59 4.09 28.99 -55.66
CA GLY J 59 3.86 29.92 -54.57
C GLY J 59 2.58 30.72 -54.77
N LYS J 60 1.98 30.57 -55.94
CA LYS J 60 0.79 31.34 -56.28
C LYS J 60 -0.47 30.63 -55.83
N HIS J 61 -0.74 30.70 -54.53
CA HIS J 61 -1.84 29.95 -53.95
C HIS J 61 -3.18 30.55 -54.37
N VAL J 62 -4.13 29.68 -54.69
CA VAL J 62 -5.37 30.12 -55.33
C VAL J 62 -6.59 29.83 -54.47
N PRO J 63 -7.53 30.77 -54.42
CA PRO J 63 -8.72 30.75 -53.57
C PRO J 63 -9.62 29.58 -53.86
N ARG J 64 -10.08 28.93 -52.82
CA ARG J 64 -11.07 27.87 -52.95
C ARG J 64 -12.45 28.48 -53.02
N ALA J 65 -12.82 28.98 -54.20
CA ALA J 65 -14.06 29.74 -54.33
C ALA J 65 -14.74 29.50 -55.67
N VAL J 66 -16.06 29.59 -55.65
CA VAL J 66 -16.87 29.55 -56.86
C VAL J 66 -17.66 30.85 -57.01
N PHE J 67 -17.47 31.53 -58.14
CA PHE J 67 -18.19 32.77 -58.39
C PHE J 67 -19.23 32.57 -59.47
N VAL J 68 -20.47 32.94 -59.16
CA VAL J 68 -21.56 32.80 -60.10
C VAL J 68 -22.31 34.10 -60.32
N ASP J 69 -22.44 34.50 -61.59
CA ASP J 69 -23.35 35.59 -61.94
C ASP J 69 -23.87 35.42 -63.35
N LEU J 70 -25.19 35.36 -63.47
CA LEU J 70 -25.86 35.12 -64.73
C LEU J 70 -25.70 36.29 -65.71
N GLU J 71 -25.21 37.43 -65.23
CA GLU J 71 -24.74 38.50 -66.08
C GLU J 71 -23.35 38.95 -65.65
N PRO J 72 -22.34 38.53 -66.38
CA PRO J 72 -20.92 38.58 -66.00
C PRO J 72 -20.45 39.90 -65.40
N THR J 73 -21.12 41.00 -65.73
CA THR J 73 -20.83 42.35 -65.19
C THR J 73 -19.90 42.36 -63.95
N VAL J 74 -20.43 42.01 -62.79
CA VAL J 74 -19.63 42.09 -61.55
C VAL J 74 -18.41 41.17 -61.60
N ILE J 75 -18.53 40.07 -62.31
CA ILE J 75 -17.43 39.16 -62.46
C ILE J 75 -16.41 39.73 -63.40
N ASP J 76 -16.88 40.47 -64.40
CA ASP J 76 -15.99 41.18 -65.31
C ASP J 76 -15.20 42.23 -64.56
N GLU J 77 -15.82 42.85 -63.56
CA GLU J 77 -15.11 43.77 -62.70
C GLU J 77 -13.97 43.05 -62.00
N VAL J 78 -14.22 41.83 -61.55
CA VAL J 78 -13.18 40.99 -60.96
C VAL J 78 -12.15 40.57 -62.00
N ARG J 79 -12.62 40.19 -63.19
CA ARG J 79 -11.76 39.72 -64.25
C ARG J 79 -10.81 40.80 -64.74
N THR J 80 -11.25 42.05 -64.67
CA THR J 80 -10.46 43.15 -65.18
C THR J 80 -9.78 43.93 -64.05
N GLY J 81 -10.30 43.79 -62.84
CA GLY J 81 -9.76 44.53 -61.71
C GLY J 81 -8.67 43.74 -60.99
N THR J 82 -8.32 44.22 -59.80
CA THR J 82 -7.29 43.59 -58.99
C THR J 82 -7.78 42.25 -58.50
N TYR J 83 -6.87 41.28 -58.40
CA TYR J 83 -7.17 39.92 -58.00
C TYR J 83 -7.77 39.09 -59.12
N ARG J 84 -7.73 39.62 -60.34
CA ARG J 84 -7.98 38.80 -61.51
C ARG J 84 -6.89 37.75 -61.66
N GLN J 85 -5.71 38.08 -61.14
CA GLN J 85 -4.59 37.16 -61.17
C GLN J 85 -4.64 36.20 -59.99
N LEU J 86 -5.32 36.61 -58.93
CA LEU J 86 -5.50 35.76 -57.76
C LEU J 86 -6.41 34.58 -58.04
N PHE J 87 -7.59 34.87 -58.56
CA PHE J 87 -8.60 33.84 -58.77
C PHE J 87 -8.32 33.05 -60.03
N HIS J 88 -8.71 31.77 -60.02
CA HIS J 88 -8.58 30.94 -61.21
C HIS J 88 -9.73 31.24 -62.17
N PRO J 89 -9.45 31.26 -63.46
CA PRO J 89 -10.43 31.61 -64.48
C PRO J 89 -11.57 30.62 -64.52
N GLU J 90 -11.28 29.37 -64.16
CA GLU J 90 -12.30 28.32 -64.15
C GLU J 90 -13.38 28.58 -63.11
N GLN J 91 -13.04 29.38 -62.11
CA GLN J 91 -13.93 29.63 -60.99
C GLN J 91 -14.93 30.72 -61.29
N LEU J 92 -14.63 31.52 -62.30
CA LEU J 92 -15.43 32.69 -62.60
C LEU J 92 -16.55 32.36 -63.54
N ILE J 93 -17.58 31.71 -63.01
CA ILE J 93 -18.70 31.23 -63.79
C ILE J 93 -19.71 32.32 -64.07
N THR J 94 -20.02 32.53 -65.34
CA THR J 94 -20.99 33.54 -65.70
C THR J 94 -22.00 33.04 -66.70
N GLY J 95 -23.14 33.71 -66.76
CA GLY J 95 -24.17 33.40 -67.74
C GLY J 95 -24.20 34.45 -68.84
N LYS J 96 -25.32 34.53 -69.55
CA LYS J 96 -25.50 35.53 -70.59
C LYS J 96 -26.65 36.47 -70.25
N GLU J 97 -27.77 35.89 -69.85
CA GLU J 97 -28.94 36.64 -69.45
C GLU J 97 -29.19 36.50 -67.95
N ASP J 98 -29.41 37.63 -67.28
CA ASP J 98 -29.56 37.63 -65.82
C ASP J 98 -30.95 37.14 -65.41
N ALA J 99 -31.07 36.74 -64.14
CA ALA J 99 -32.36 36.30 -63.59
C ALA J 99 -33.29 37.49 -63.38
N ALA J 100 -32.70 38.66 -63.13
CA ALA J 100 -33.42 39.91 -63.01
C ALA J 100 -34.45 39.92 -61.88
N ASN J 101 -33.97 39.67 -60.66
CA ASN J 101 -34.80 39.80 -59.47
C ASN J 101 -36.00 38.86 -59.52
N ASN J 102 -35.78 37.69 -60.09
CA ASN J 102 -36.84 36.71 -60.18
C ASN J 102 -36.35 35.37 -59.70
N TYR J 103 -36.72 35.04 -58.46
CA TYR J 103 -36.34 33.78 -57.86
C TYR J 103 -36.61 32.61 -58.78
N ALA J 104 -37.73 32.64 -59.48
CA ALA J 104 -38.15 31.50 -60.26
C ALA J 104 -37.22 31.29 -61.46
N ARG J 105 -36.79 32.37 -62.08
CA ARG J 105 -35.88 32.30 -63.21
C ARG J 105 -34.49 31.86 -62.77
N GLY J 106 -34.06 32.36 -61.63
CA GLY J 106 -32.78 31.94 -61.05
C GLY J 106 -32.84 30.49 -60.60
N HIS J 107 -34.01 30.08 -60.11
CA HIS J 107 -34.22 28.71 -59.68
C HIS J 107 -34.28 27.76 -60.85
N TYR J 108 -34.87 28.20 -61.96
CA TYR J 108 -35.15 27.29 -63.06
C TYR J 108 -34.51 27.72 -64.38
N THR J 109 -35.30 28.40 -65.23
CA THR J 109 -34.91 28.57 -66.64
C THR J 109 -33.49 29.03 -66.85
N ILE J 110 -33.05 30.02 -66.09
CA ILE J 110 -31.75 30.58 -66.35
C ILE J 110 -30.67 29.85 -65.56
N GLY J 111 -30.89 29.72 -64.25
CA GLY J 111 -29.89 29.15 -63.35
C GLY J 111 -29.53 27.71 -63.72
N LYS J 112 -30.52 26.92 -64.13
CA LYS J 112 -30.31 25.50 -64.41
C LYS J 112 -29.38 25.27 -65.59
N GLU J 113 -29.13 26.31 -66.38
CA GLU J 113 -28.29 26.18 -67.54
C GLU J 113 -26.81 26.18 -67.19
N ILE J 114 -26.48 26.65 -66.00
CA ILE J 114 -25.07 26.66 -65.59
C ILE J 114 -24.84 25.83 -64.35
N ILE J 115 -25.90 25.41 -63.68
CA ILE J 115 -25.77 24.68 -62.43
C ILE J 115 -24.94 23.42 -62.59
N ASP J 116 -24.98 22.81 -63.77
CA ASP J 116 -24.17 21.64 -64.05
C ASP J 116 -22.70 21.96 -63.97
N LEU J 117 -22.32 23.06 -64.63
CA LEU J 117 -20.95 23.55 -64.59
C LEU J 117 -20.54 23.89 -63.17
N VAL J 118 -21.42 24.56 -62.45
CA VAL J 118 -21.15 24.97 -61.09
C VAL J 118 -20.84 23.79 -60.21
N LEU J 119 -21.66 22.76 -60.30
CA LEU J 119 -21.47 21.56 -59.51
C LEU J 119 -20.19 20.84 -59.90
N ASP J 120 -19.87 20.88 -61.18
CA ASP J 120 -18.64 20.25 -61.66
C ASP J 120 -17.41 20.96 -61.11
N ARG J 121 -17.46 22.29 -61.05
CA ARG J 121 -16.37 23.06 -60.50
C ARG J 121 -16.22 22.81 -59.01
N ILE J 122 -17.37 22.68 -58.33
CA ILE J 122 -17.36 22.35 -56.91
C ILE J 122 -16.75 20.99 -56.69
N ARG J 123 -17.14 20.02 -57.51
CA ARG J 123 -16.63 18.67 -57.40
C ARG J 123 -15.12 18.65 -57.53
N LYS J 124 -14.59 19.37 -58.50
CA LYS J 124 -13.15 19.48 -58.66
C LYS J 124 -12.50 20.00 -57.40
N LEU J 125 -13.06 21.07 -56.84
CA LEU J 125 -12.54 21.63 -55.60
C LEU J 125 -12.60 20.63 -54.47
N ALA J 126 -13.72 19.91 -54.38
CA ALA J 126 -13.92 18.93 -53.33
C ALA J 126 -13.00 17.73 -53.50
N ASP J 127 -12.68 17.40 -54.74
CA ASP J 127 -11.74 16.32 -55.02
C ASP J 127 -10.32 16.73 -54.65
N GLN J 128 -10.00 18.00 -54.85
CA GLN J 128 -8.72 18.54 -54.44
C GLN J 128 -8.63 18.61 -52.92
N CYS J 129 -9.73 19.02 -52.29
CA CYS J 129 -9.79 19.19 -50.86
C CYS J 129 -9.76 17.86 -50.12
N THR J 130 -8.80 17.71 -49.22
CA THR J 130 -8.75 16.53 -48.35
C THR J 130 -9.82 16.62 -47.25
N GLY J 131 -9.47 17.24 -46.14
CA GLY J 131 -10.36 17.35 -44.99
C GLY J 131 -11.38 18.47 -45.15
N LEU J 132 -12.35 18.27 -46.05
CA LEU J 132 -13.40 19.26 -46.24
C LEU J 132 -14.30 19.34 -45.03
N GLN J 133 -14.38 20.53 -44.44
CA GLN J 133 -15.29 20.75 -43.33
C GLN J 133 -16.67 21.15 -43.82
N GLY J 134 -16.70 22.05 -44.80
CA GLY J 134 -17.97 22.55 -45.27
C GLY J 134 -17.83 23.74 -46.24
N PHE J 135 -18.94 24.42 -46.47
CA PHE J 135 -19.02 25.48 -47.45
C PHE J 135 -19.46 26.79 -46.81
N SER J 136 -19.17 27.90 -47.47
CA SER J 136 -19.59 29.21 -47.02
C SER J 136 -20.20 30.02 -48.17
N VAL J 137 -21.52 30.12 -48.16
CA VAL J 137 -22.25 30.74 -49.27
C VAL J 137 -22.58 32.19 -48.99
N PHE J 138 -22.26 33.06 -49.94
CA PHE J 138 -22.58 34.47 -49.82
C PHE J 138 -23.64 34.88 -50.82
N HIS J 139 -24.79 35.27 -50.32
CA HIS J 139 -25.92 35.55 -51.18
C HIS J 139 -26.85 36.59 -50.58
N SER J 140 -27.84 37.00 -51.36
CA SER J 140 -28.85 37.92 -50.89
C SER J 140 -30.21 37.26 -50.89
N PHE J 141 -31.25 38.06 -50.70
CA PHE J 141 -32.61 37.60 -50.88
C PHE J 141 -33.30 38.42 -51.96
N GLY J 142 -32.67 39.53 -52.35
CA GLY J 142 -33.28 40.47 -53.28
C GLY J 142 -33.28 39.92 -54.69
N GLY J 143 -32.10 39.69 -55.24
CA GLY J 143 -31.98 39.26 -56.63
C GLY J 143 -32.34 37.79 -56.78
N GLY J 144 -32.73 37.42 -57.98
CA GLY J 144 -33.06 36.04 -58.28
C GLY J 144 -31.81 35.21 -58.50
N THR J 145 -30.77 35.87 -59.03
CA THR J 145 -29.49 35.22 -59.26
C THR J 145 -28.81 34.88 -57.95
N GLY J 146 -29.17 35.61 -56.90
CA GLY J 146 -28.71 35.25 -55.58
C GLY J 146 -29.70 34.31 -54.93
N SER J 147 -30.94 34.74 -54.81
CA SER J 147 -31.97 34.00 -54.09
C SER J 147 -32.33 32.69 -54.77
N GLY J 148 -32.78 32.76 -56.02
CA GLY J 148 -33.28 31.61 -56.74
C GLY J 148 -32.17 30.63 -57.07
N PHE J 149 -31.06 31.14 -57.58
CA PHE J 149 -29.96 30.28 -57.92
C PHE J 149 -29.41 29.56 -56.71
N THR J 150 -29.27 30.28 -55.60
CA THR J 150 -28.79 29.65 -54.37
C THR J 150 -29.70 28.53 -53.96
N SER J 151 -31.00 28.75 -54.06
CA SER J 151 -31.95 27.71 -53.73
C SER J 151 -31.69 26.45 -54.53
N LEU J 152 -31.50 26.62 -55.84
CA LEU J 152 -31.15 25.52 -56.72
C LEU J 152 -29.85 24.84 -56.29
N LEU J 153 -28.81 25.64 -56.10
CA LEU J 153 -27.50 25.13 -55.78
C LEU J 153 -27.45 24.41 -54.46
N MET J 154 -28.08 24.97 -53.44
CA MET J 154 -28.05 24.38 -52.12
C MET J 154 -28.72 23.02 -52.11
N GLU J 155 -29.80 22.88 -52.85
CA GLU J 155 -30.43 21.58 -52.99
C GLU J 155 -29.48 20.57 -53.61
N ARG J 156 -28.83 20.97 -54.70
CA ARG J 156 -27.91 20.08 -55.41
C ARG J 156 -26.70 19.75 -54.55
N LEU J 157 -26.17 20.75 -53.87
CA LEU J 157 -24.99 20.59 -53.05
C LEU J 157 -25.28 19.70 -51.86
N SER J 158 -26.47 19.87 -51.29
CA SER J 158 -26.94 19.07 -50.18
C SER J 158 -26.98 17.59 -50.52
N VAL J 159 -27.44 17.28 -51.73
CA VAL J 159 -27.46 15.91 -52.21
C VAL J 159 -26.06 15.33 -52.30
N ASP J 160 -25.14 16.07 -52.87
CA ASP J 160 -23.79 15.58 -53.07
C ASP J 160 -23.01 15.48 -51.76
N TYR J 161 -23.18 16.46 -50.89
CA TYR J 161 -22.42 16.50 -49.64
C TYR J 161 -23.31 16.60 -48.43
N GLY J 162 -24.07 15.54 -48.16
CA GLY J 162 -24.97 15.51 -47.01
C GLY J 162 -24.21 15.52 -45.69
N LYS J 163 -22.93 15.17 -45.72
CA LYS J 163 -22.11 15.09 -44.52
C LYS J 163 -21.26 16.32 -44.29
N LYS J 164 -21.38 17.34 -45.15
CA LYS J 164 -20.54 18.52 -45.02
C LYS J 164 -21.35 19.73 -44.56
N SER J 165 -20.72 20.59 -43.76
CA SER J 165 -21.39 21.74 -43.17
C SER J 165 -21.66 22.83 -44.20
N LYS J 166 -22.88 23.32 -44.23
CA LYS J 166 -23.24 24.36 -45.18
C LYS J 166 -23.63 25.66 -44.47
N LEU J 167 -22.73 26.64 -44.51
CA LEU J 167 -22.98 27.95 -43.95
C LEU J 167 -23.55 28.87 -45.00
N GLU J 168 -24.54 29.66 -44.62
CA GLU J 168 -25.11 30.64 -45.53
C GLU J 168 -25.09 32.02 -44.92
N PHE J 169 -24.34 32.92 -45.53
CA PHE J 169 -24.29 34.30 -45.09
C PHE J 169 -25.13 35.14 -46.02
N SER J 170 -26.31 35.52 -45.55
CA SER J 170 -27.29 36.16 -46.41
C SER J 170 -27.50 37.62 -46.05
N ILE J 171 -27.80 38.42 -47.07
CA ILE J 171 -28.18 39.80 -46.83
C ILE J 171 -29.68 39.94 -46.71
N TYR J 172 -30.12 40.09 -45.48
CA TYR J 172 -31.53 40.11 -45.11
C TYR J 172 -32.25 41.32 -45.72
N PRO J 173 -33.28 41.09 -46.56
CA PRO J 173 -34.22 42.14 -46.96
C PRO J 173 -34.54 43.04 -45.77
N ALA J 174 -33.94 44.22 -45.73
CA ALA J 174 -34.10 45.12 -44.61
C ALA J 174 -35.55 45.56 -44.45
N PRO J 175 -35.99 45.73 -43.20
CA PRO J 175 -37.37 46.09 -42.92
C PRO J 175 -37.69 47.53 -43.25
N GLN J 176 -36.72 48.41 -43.03
CA GLN J 176 -36.96 49.83 -43.25
C GLN J 176 -36.90 50.20 -44.72
N VAL J 177 -35.84 49.78 -45.40
CA VAL J 177 -35.58 50.24 -46.76
C VAL J 177 -35.00 49.13 -47.61
N SER J 178 -35.31 49.15 -48.89
CA SER J 178 -34.76 48.17 -49.81
C SER J 178 -34.57 48.79 -51.19
N THR J 179 -34.19 47.98 -52.17
CA THR J 179 -33.87 48.53 -53.49
C THR J 179 -34.72 47.92 -54.58
N ALA J 180 -35.26 46.72 -54.33
CA ALA J 180 -36.19 46.10 -55.25
C ALA J 180 -37.54 45.96 -54.59
N VAL J 181 -38.60 45.90 -55.37
CA VAL J 181 -39.94 45.92 -54.82
C VAL J 181 -40.52 44.52 -54.74
N VAL J 182 -39.85 43.56 -55.34
CA VAL J 182 -40.31 42.17 -55.34
C VAL J 182 -39.45 41.32 -54.44
N GLU J 183 -38.78 41.95 -53.49
CA GLU J 183 -37.92 41.23 -52.56
C GLU J 183 -38.68 40.23 -51.69
N PRO J 184 -39.72 40.66 -50.94
CA PRO J 184 -40.62 39.79 -50.16
C PRO J 184 -40.83 38.43 -50.81
N TYR J 185 -41.10 38.42 -52.12
CA TYR J 185 -41.32 37.18 -52.83
C TYR J 185 -40.08 36.32 -52.86
N ASN J 186 -38.97 36.91 -53.28
CA ASN J 186 -37.74 36.16 -53.42
C ASN J 186 -37.25 35.68 -52.06
N SER J 187 -37.46 36.50 -51.05
CA SER J 187 -37.06 36.18 -49.68
C SER J 187 -37.84 34.99 -49.13
N ILE J 188 -39.15 35.02 -49.30
CA ILE J 188 -40.00 34.00 -48.70
C ILE J 188 -39.82 32.67 -49.41
N LEU J 189 -39.53 32.72 -50.71
CA LEU J 189 -39.27 31.51 -51.47
C LEU J 189 -37.94 30.89 -51.07
N THR J 190 -36.96 31.73 -50.74
CA THR J 190 -35.67 31.21 -50.31
C THR J 190 -35.78 30.48 -48.98
N THR J 191 -36.56 31.05 -48.07
CA THR J 191 -36.63 30.57 -46.69
C THR J 191 -36.81 29.06 -46.57
N HIS J 192 -37.73 28.49 -47.34
CA HIS J 192 -38.02 27.08 -47.19
C HIS J 192 -36.94 26.17 -47.77
N THR J 193 -35.99 26.75 -48.49
CA THR J 193 -34.83 26.00 -48.96
C THR J 193 -33.71 26.06 -47.95
N THR J 194 -33.41 27.28 -47.49
CA THR J 194 -32.36 27.48 -46.49
C THR J 194 -32.66 26.72 -45.21
N LEU J 195 -33.87 26.87 -44.70
CA LEU J 195 -34.28 26.17 -43.50
C LEU J 195 -34.18 24.65 -43.69
N GLU J 196 -34.42 24.18 -44.90
CA GLU J 196 -34.37 22.77 -45.21
C GLU J 196 -32.94 22.23 -45.33
N HIS J 197 -32.11 22.92 -46.10
CA HIS J 197 -30.83 22.35 -46.52
C HIS J 197 -29.61 22.92 -45.79
N SER J 198 -29.71 24.13 -45.24
CA SER J 198 -28.56 24.74 -44.61
C SER J 198 -28.29 24.14 -43.24
N ASP J 199 -27.05 24.27 -42.79
CA ASP J 199 -26.69 23.84 -41.44
C ASP J 199 -26.64 25.03 -40.49
N CYS J 200 -26.28 26.19 -41.02
CA CYS J 200 -26.31 27.41 -40.23
C CYS J 200 -26.37 28.64 -41.12
N ALA J 201 -27.37 29.49 -40.87
CA ALA J 201 -27.57 30.67 -41.69
C ALA J 201 -27.39 31.95 -40.89
N PHE J 202 -26.91 32.97 -41.54
CA PHE J 202 -26.76 34.29 -40.93
C PHE J 202 -27.56 35.31 -41.71
N MET J 203 -28.20 36.22 -40.99
CA MET J 203 -29.00 37.25 -41.64
C MET J 203 -28.49 38.63 -41.29
N VAL J 204 -28.14 39.40 -42.30
CA VAL J 204 -27.53 40.71 -42.09
C VAL J 204 -28.34 41.82 -42.75
N ASP J 205 -28.59 42.88 -42.00
CA ASP J 205 -29.34 44.01 -42.52
C ASP J 205 -28.43 45.18 -42.88
N ASN J 206 -28.41 45.53 -44.15
CA ASN J 206 -27.57 46.64 -44.64
C ASN J 206 -27.83 47.92 -43.88
N GLU J 207 -29.09 48.14 -43.53
CA GLU J 207 -29.51 49.37 -42.89
C GLU J 207 -29.01 49.42 -41.47
N ALA J 208 -29.02 48.28 -40.79
CA ALA J 208 -28.43 48.19 -39.47
C ALA J 208 -26.95 48.50 -39.53
N ILE J 209 -26.29 48.06 -40.59
CA ILE J 209 -24.87 48.34 -40.74
C ILE J 209 -24.62 49.80 -40.99
N TYR J 210 -25.38 50.38 -41.90
CA TYR J 210 -25.23 51.79 -42.21
C TYR J 210 -25.38 52.62 -40.96
N ASP J 211 -26.33 52.22 -40.12
CA ASP J 211 -26.53 52.83 -38.83
C ASP J 211 -25.30 52.69 -37.93
N ILE J 212 -24.70 51.50 -37.93
CA ILE J 212 -23.46 51.26 -37.19
C ILE J 212 -22.32 52.12 -37.70
N CYS J 213 -22.23 52.28 -39.01
CA CYS J 213 -21.22 53.14 -39.61
C CYS J 213 -21.37 54.57 -39.14
N ARG J 214 -22.62 55.05 -39.10
CA ARG J 214 -22.91 56.39 -38.61
C ARG J 214 -22.54 56.58 -37.13
N ARG J 215 -22.95 55.64 -36.28
CA ARG J 215 -22.80 55.80 -34.85
C ARG J 215 -21.40 55.48 -34.34
N ASN J 216 -20.84 54.38 -34.82
CA ASN J 216 -19.58 53.91 -34.27
C ASN J 216 -18.39 54.37 -35.09
N LEU J 217 -18.48 54.22 -36.41
CA LEU J 217 -17.38 54.65 -37.28
C LEU J 217 -17.49 56.14 -37.62
N ASP J 218 -18.58 56.77 -37.23
CA ASP J 218 -18.78 58.20 -37.45
C ASP J 218 -18.79 58.54 -38.94
N ILE J 219 -19.52 57.75 -39.72
CA ILE J 219 -19.57 57.94 -41.16
C ILE J 219 -20.93 58.46 -41.62
N GLU J 220 -20.94 59.67 -42.18
CA GLU J 220 -22.17 60.29 -42.67
C GLU J 220 -22.59 59.74 -44.03
N ARG J 221 -21.61 59.23 -44.77
CA ARG J 221 -21.85 58.74 -46.12
C ARG J 221 -21.27 57.36 -46.33
N PRO J 222 -22.02 56.31 -46.01
CA PRO J 222 -21.52 54.95 -46.06
C PRO J 222 -22.04 54.23 -47.29
N THR J 223 -21.23 53.31 -47.79
CA THR J 223 -21.55 52.58 -49.00
C THR J 223 -21.21 51.11 -48.88
N TYR J 224 -21.43 50.38 -49.95
CA TYR J 224 -21.27 48.93 -49.93
C TYR J 224 -19.84 48.51 -49.67
N THR J 225 -18.89 49.31 -50.13
CA THR J 225 -17.49 49.02 -49.91
C THR J 225 -17.17 48.79 -48.44
N ASN J 226 -17.48 49.79 -47.62
CA ASN J 226 -17.17 49.72 -46.21
C ASN J 226 -18.10 48.75 -45.49
N LEU J 227 -19.35 48.74 -45.91
CA LEU J 227 -20.34 47.84 -45.38
C LEU J 227 -19.90 46.38 -45.52
N ASN J 228 -19.43 46.03 -46.71
CA ASN J 228 -18.99 44.68 -46.99
C ASN J 228 -17.75 44.33 -46.19
N ARG J 229 -16.86 45.28 -46.02
CA ARG J 229 -15.63 45.05 -45.26
C ARG J 229 -15.94 44.64 -43.84
N LEU J 230 -16.95 45.26 -43.24
CA LEU J 230 -17.38 44.88 -41.90
C LEU J 230 -17.90 43.44 -41.88
N ILE J 231 -18.74 43.10 -42.84
CA ILE J 231 -19.28 41.76 -42.93
C ILE J 231 -18.19 40.73 -43.09
N GLY J 232 -17.25 41.01 -43.98
CA GLY J 232 -16.13 40.13 -44.22
C GLY J 232 -15.29 39.94 -42.97
N GLN J 233 -15.09 41.03 -42.23
CA GLN J 233 -14.30 40.99 -41.01
C GLN J 233 -14.92 40.05 -40.00
N ILE J 234 -16.25 40.03 -39.93
CA ILE J 234 -16.95 39.09 -39.09
C ILE J 234 -16.67 37.66 -39.49
N VAL J 235 -16.76 37.38 -40.78
CA VAL J 235 -16.54 36.04 -41.28
C VAL J 235 -15.14 35.56 -41.00
N SER J 236 -14.16 36.45 -41.13
CA SER J 236 -12.78 36.14 -40.76
C SER J 236 -12.69 35.67 -39.31
N SER J 237 -13.35 36.38 -38.42
CA SER J 237 -13.35 36.01 -37.01
C SER J 237 -14.08 34.70 -36.76
N ILE J 238 -15.11 34.42 -37.54
CA ILE J 238 -15.84 33.16 -37.42
C ILE J 238 -15.00 31.98 -37.86
N THR J 239 -14.34 32.12 -39.00
CA THR J 239 -13.71 31.00 -39.67
C THR J 239 -12.19 31.05 -39.60
N ALA J 240 -11.61 31.94 -40.39
CA ALA J 240 -10.16 32.05 -40.52
C ALA J 240 -9.49 32.10 -39.16
N SER J 241 -10.12 32.79 -38.21
CA SER J 241 -9.62 32.89 -36.85
C SER J 241 -9.23 31.52 -36.30
N LEU J 242 -10.08 30.53 -36.53
CA LEU J 242 -9.86 29.20 -36.01
C LEU J 242 -8.61 28.60 -36.62
N ARG J 243 -8.36 28.95 -37.87
CA ARG J 243 -7.26 28.38 -38.63
C ARG J 243 -5.92 29.03 -38.34
N PHE J 244 -5.87 29.91 -37.34
CA PHE J 244 -4.60 30.49 -36.94
C PHE J 244 -4.07 29.86 -35.66
N ASP J 245 -4.83 28.92 -35.10
CA ASP J 245 -4.41 28.21 -33.87
C ASP J 245 -4.44 29.10 -32.64
N GLY J 246 -5.57 29.13 -31.97
CA GLY J 246 -5.72 29.91 -30.76
C GLY J 246 -5.77 29.03 -29.52
N ALA J 247 -6.13 29.64 -28.39
CA ALA J 247 -6.27 28.90 -27.13
C ALA J 247 -7.44 27.96 -27.19
N LEU J 248 -8.54 28.42 -27.78
CA LEU J 248 -9.74 27.62 -27.87
C LEU J 248 -10.21 27.55 -29.31
N ASN J 249 -9.78 26.53 -30.04
CA ASN J 249 -10.11 26.39 -31.44
C ASN J 249 -11.45 25.73 -31.63
N VAL J 250 -12.52 26.50 -31.47
CA VAL J 250 -13.86 25.97 -31.59
C VAL J 250 -14.18 25.61 -33.03
N ASP J 251 -14.43 24.33 -33.28
CA ASP J 251 -14.70 23.87 -34.64
C ASP J 251 -16.01 24.45 -35.19
N LEU J 252 -16.14 24.45 -36.50
CA LEU J 252 -17.35 24.91 -37.15
C LEU J 252 -18.55 24.04 -36.78
N THR J 253 -18.30 22.75 -36.61
CA THR J 253 -19.35 21.84 -36.18
C THR J 253 -19.53 21.92 -34.67
N GLU J 254 -18.48 22.35 -33.99
CA GLU J 254 -18.54 22.61 -32.56
C GLU J 254 -19.42 23.83 -32.28
N PHE J 255 -19.37 24.81 -33.18
CA PHE J 255 -20.30 25.94 -33.13
C PHE J 255 -21.71 25.41 -33.15
N GLN J 256 -21.99 24.55 -34.10
CA GLN J 256 -23.31 23.97 -34.27
C GLN J 256 -23.71 23.15 -33.06
N THR J 257 -22.76 22.39 -32.52
CA THR J 257 -23.00 21.60 -31.32
C THR J 257 -23.61 22.44 -30.21
N ASN J 258 -23.04 23.62 -29.98
CA ASN J 258 -23.43 24.43 -28.84
C ASN J 258 -24.45 25.51 -29.19
N LEU J 259 -24.40 26.02 -30.40
CA LEU J 259 -25.31 27.09 -30.79
C LEU J 259 -26.70 26.57 -31.14
N VAL J 260 -26.77 25.38 -31.70
CA VAL J 260 -28.04 24.85 -32.17
C VAL J 260 -28.58 23.76 -31.24
N PRO J 261 -29.77 23.96 -30.66
CA PRO J 261 -30.38 23.03 -29.71
C PRO J 261 -31.35 22.08 -30.37
N TYR J 262 -31.84 22.47 -31.54
CA TYR J 262 -32.84 21.69 -32.24
C TYR J 262 -32.39 21.33 -33.64
N PRO J 263 -33.24 20.64 -34.37
CA PRO J 263 -33.03 20.36 -35.77
C PRO J 263 -33.16 21.62 -36.62
N ARG J 264 -33.90 22.60 -36.09
CA ARG J 264 -34.01 23.90 -36.73
C ARG J 264 -33.49 25.00 -35.82
N GLY J 265 -33.77 26.25 -36.16
CA GLY J 265 -33.29 27.38 -35.38
C GLY J 265 -31.89 27.79 -35.83
N HIS J 266 -31.62 27.67 -37.12
CA HIS J 266 -30.29 27.89 -37.67
C HIS J 266 -30.06 29.35 -38.03
N PHE J 267 -30.35 30.24 -37.10
CA PHE J 267 -30.29 31.67 -37.39
C PHE J 267 -29.62 32.47 -36.28
N PRO J 268 -28.29 32.44 -36.25
CA PRO J 268 -27.49 33.21 -35.33
C PRO J 268 -27.20 34.59 -35.87
N LEU J 269 -27.11 35.55 -34.97
CA LEU J 269 -26.73 36.90 -35.35
C LEU J 269 -25.28 37.09 -35.08
N ALA J 270 -24.58 37.69 -36.03
CA ALA J 270 -23.14 37.83 -35.94
C ALA J 270 -22.76 39.29 -35.77
N THR J 271 -22.24 39.63 -34.60
CA THR J 271 -21.90 41.02 -34.31
C THR J 271 -20.40 41.20 -34.14
N TYR J 272 -19.96 42.44 -34.27
CA TYR J 272 -18.56 42.78 -34.09
C TYR J 272 -18.45 44.01 -33.21
N ALA J 273 -17.82 43.86 -32.07
CA ALA J 273 -17.92 44.87 -31.02
C ALA J 273 -16.70 45.79 -30.91
N PRO J 274 -15.69 45.63 -31.76
CA PRO J 274 -14.59 46.59 -31.77
C PRO J 274 -14.73 47.64 -32.87
N VAL J 275 -15.95 47.89 -33.31
CA VAL J 275 -16.16 48.89 -34.35
C VAL J 275 -15.80 50.26 -33.83
N ILE J 276 -14.83 50.90 -34.46
CA ILE J 276 -14.22 52.08 -33.88
C ILE J 276 -13.55 52.94 -34.94
N SER J 277 -13.64 54.25 -34.77
CA SER J 277 -13.00 55.19 -35.67
C SER J 277 -11.56 55.42 -35.31
N ALA J 278 -10.80 56.00 -36.23
CA ALA J 278 -9.39 56.29 -36.00
C ALA J 278 -9.20 57.27 -34.85
N GLU J 279 -10.09 58.25 -34.74
CA GLU J 279 -10.04 59.20 -33.64
C GLU J 279 -10.27 58.51 -32.32
N LYS J 280 -11.30 57.68 -32.26
CA LYS J 280 -11.64 56.96 -31.05
C LYS J 280 -10.54 56.01 -30.65
N ALA J 281 -9.81 55.49 -31.62
CA ALA J 281 -8.70 54.58 -31.34
C ALA J 281 -7.65 55.21 -30.42
N TYR J 282 -7.61 56.53 -30.35
CA TYR J 282 -6.65 57.21 -29.50
C TYR J 282 -7.23 57.48 -28.12
N HIS J 283 -8.47 57.93 -28.07
CA HIS J 283 -9.08 58.28 -26.81
C HIS J 283 -9.65 57.07 -26.07
N GLU J 284 -10.29 56.20 -26.82
CA GLU J 284 -10.91 55.01 -26.24
C GLU J 284 -9.89 54.01 -25.75
N GLN J 285 -10.07 53.56 -24.53
CA GLN J 285 -9.27 52.45 -24.02
C GLN J 285 -10.14 51.20 -23.86
N LEU J 286 -10.00 50.28 -24.79
CA LEU J 286 -10.79 49.05 -24.79
C LEU J 286 -10.13 47.94 -24.02
N SER J 287 -10.95 47.00 -23.58
CA SER J 287 -10.46 45.75 -23.01
C SER J 287 -11.54 44.69 -23.10
N VAL J 288 -11.27 43.54 -22.51
CA VAL J 288 -12.11 42.38 -22.69
C VAL J 288 -13.55 42.63 -22.27
N ALA J 289 -13.73 43.17 -21.08
CA ALA J 289 -15.07 43.41 -20.55
C ALA J 289 -15.78 44.50 -21.32
N GLU J 290 -15.07 45.57 -21.66
CA GLU J 290 -15.66 46.69 -22.37
C GLU J 290 -16.23 46.26 -23.70
N ILE J 291 -15.42 45.55 -24.46
CA ILE J 291 -15.81 45.11 -25.78
C ILE J 291 -16.92 44.08 -25.68
N THR J 292 -16.76 43.13 -24.76
CA THR J 292 -17.76 42.10 -24.55
C THR J 292 -19.11 42.70 -24.18
N ASN J 293 -19.09 43.72 -23.35
CA ASN J 293 -20.32 44.40 -22.96
C ASN J 293 -20.97 45.06 -24.17
N ALA J 294 -20.16 45.67 -25.02
CA ALA J 294 -20.67 46.38 -26.19
C ALA J 294 -21.46 45.46 -27.11
N CYS J 295 -21.04 44.19 -27.21
CA CYS J 295 -21.68 43.27 -28.14
C CYS J 295 -23.08 42.86 -27.70
N PHE J 296 -23.42 43.11 -26.45
CA PHE J 296 -24.77 42.83 -25.97
C PHE J 296 -25.65 44.06 -25.93
N GLU J 297 -25.15 45.16 -26.47
CA GLU J 297 -25.94 46.36 -26.58
C GLU J 297 -26.66 46.41 -27.92
N PRO J 298 -28.00 46.53 -27.88
CA PRO J 298 -28.91 46.58 -29.03
C PRO J 298 -28.61 47.74 -29.98
N ALA J 299 -27.41 47.73 -30.55
CA ALA J 299 -26.94 48.82 -31.38
C ALA J 299 -25.98 48.28 -32.42
N ASN J 300 -25.22 47.26 -32.04
CA ASN J 300 -24.28 46.62 -32.94
C ASN J 300 -24.79 45.27 -33.38
N GLN J 301 -26.12 45.13 -33.47
CA GLN J 301 -26.75 43.85 -33.75
C GLN J 301 -26.52 43.37 -35.18
N MET J 302 -26.16 44.30 -36.08
CA MET J 302 -25.98 43.99 -37.50
C MET J 302 -27.31 43.60 -38.17
N VAL J 303 -28.41 43.82 -37.46
CA VAL J 303 -29.73 43.52 -37.97
C VAL J 303 -30.77 44.31 -37.21
N LYS J 304 -31.84 44.69 -37.87
CA LYS J 304 -32.93 45.44 -37.23
C LYS J 304 -33.67 44.57 -36.23
N CYS J 305 -33.06 44.40 -35.06
CA CYS J 305 -33.61 43.58 -34.00
C CYS J 305 -33.15 44.06 -32.64
N ASP J 306 -34.05 44.05 -31.67
CA ASP J 306 -33.73 44.49 -30.32
C ASP J 306 -33.86 43.34 -29.33
N PRO J 307 -32.75 42.62 -29.08
CA PRO J 307 -32.61 41.46 -28.18
C PRO J 307 -33.39 41.58 -26.88
N ARG J 308 -33.61 42.80 -26.41
CA ARG J 308 -34.22 43.01 -25.12
C ARG J 308 -35.69 42.61 -25.10
N HIS J 309 -36.27 42.39 -26.28
CA HIS J 309 -37.64 41.96 -26.37
C HIS J 309 -37.77 40.46 -26.70
N GLY J 310 -36.67 39.72 -26.55
CA GLY J 310 -36.72 38.28 -26.70
C GLY J 310 -35.83 37.59 -25.67
N LYS J 311 -35.41 36.36 -25.97
CA LYS J 311 -34.52 35.62 -25.09
C LYS J 311 -33.32 35.07 -25.83
N TYR J 312 -32.22 34.88 -25.10
CA TYR J 312 -31.02 34.30 -25.66
C TYR J 312 -31.05 32.79 -25.54
N MET J 313 -30.94 32.12 -26.68
CA MET J 313 -30.89 30.67 -26.73
C MET J 313 -29.48 30.17 -26.57
N ALA J 314 -28.54 30.84 -27.25
CA ALA J 314 -27.14 30.47 -27.19
C ALA J 314 -26.27 31.61 -27.68
N CYS J 315 -25.06 31.68 -27.17
CA CYS J 315 -24.17 32.79 -27.49
C CYS J 315 -22.71 32.39 -27.47
N CYS J 316 -22.10 32.32 -28.64
CA CYS J 316 -20.69 32.05 -28.73
C CYS J 316 -19.89 33.33 -28.91
N LEU J 317 -18.91 33.53 -28.05
CA LEU J 317 -18.08 34.71 -28.09
C LEU J 317 -16.68 34.36 -28.58
N LEU J 318 -16.28 34.98 -29.67
CA LEU J 318 -14.99 34.69 -30.27
C LEU J 318 -14.02 35.84 -30.08
N TYR J 319 -12.91 35.55 -29.43
CA TYR J 319 -11.95 36.59 -29.10
C TYR J 319 -10.71 36.50 -29.95
N ARG J 320 -10.11 37.64 -30.25
CA ARG J 320 -8.87 37.69 -31.01
C ARG J 320 -7.85 38.56 -30.32
N GLY J 321 -6.58 38.32 -30.64
CA GLY J 321 -5.49 39.14 -30.12
C GLY J 321 -5.29 39.01 -28.61
N ASP J 322 -5.10 40.15 -27.96
CA ASP J 322 -4.63 40.20 -26.58
C ASP J 322 -5.76 40.01 -25.57
N VAL J 323 -6.17 38.77 -25.39
CA VAL J 323 -7.20 38.44 -24.40
C VAL J 323 -6.74 37.31 -23.50
N VAL J 324 -7.34 37.24 -22.31
CA VAL J 324 -7.11 36.12 -21.42
C VAL J 324 -8.45 35.56 -20.93
N PRO J 325 -8.48 34.26 -20.61
CA PRO J 325 -9.70 33.55 -20.28
C PRO J 325 -10.32 34.04 -19.00
N LYS J 326 -9.49 34.50 -18.08
CA LYS J 326 -9.95 34.99 -16.79
C LYS J 326 -10.89 36.16 -16.95
N ASP J 327 -10.48 37.12 -17.77
CA ASP J 327 -11.26 38.32 -18.00
C ASP J 327 -12.52 38.01 -18.76
N VAL J 328 -12.42 37.07 -19.70
CA VAL J 328 -13.58 36.67 -20.46
C VAL J 328 -14.64 36.06 -19.56
N ASN J 329 -14.22 35.19 -18.67
CA ASN J 329 -15.13 34.55 -17.74
C ASN J 329 -15.77 35.58 -16.83
N ALA J 330 -14.96 36.52 -16.37
CA ALA J 330 -15.45 37.58 -15.49
C ALA J 330 -16.49 38.44 -16.18
N ALA J 331 -16.24 38.79 -17.43
CA ALA J 331 -17.17 39.58 -18.20
C ALA J 331 -18.50 38.85 -18.34
N ILE J 332 -18.43 37.56 -18.62
CA ILE J 332 -19.64 36.76 -18.75
C ILE J 332 -20.41 36.69 -17.44
N ALA J 333 -19.69 36.52 -16.35
CA ALA J 333 -20.31 36.50 -15.03
C ALA J 333 -21.04 37.81 -14.77
N THR J 334 -20.42 38.91 -15.18
CA THR J 334 -21.02 40.23 -15.06
C THR J 334 -22.30 40.32 -15.86
N ILE J 335 -22.28 39.75 -17.07
CA ILE J 335 -23.46 39.74 -17.92
C ILE J 335 -24.61 38.98 -17.29
N LYS J 336 -24.31 37.80 -16.76
CA LYS J 336 -25.30 37.00 -16.09
C LYS J 336 -25.78 37.67 -14.81
N THR J 337 -24.89 38.44 -14.18
CA THR J 337 -25.24 39.25 -13.03
C THR J 337 -26.15 40.40 -13.41
N LYS J 338 -25.88 41.03 -14.55
CA LYS J 338 -26.69 42.14 -15.05
C LYS J 338 -28.14 41.74 -15.14
N ARG J 339 -28.41 40.59 -15.74
CA ARG J 339 -29.76 40.02 -15.80
C ARG J 339 -30.77 40.89 -16.55
N THR J 340 -30.31 41.92 -17.25
CA THR J 340 -31.20 42.75 -18.04
C THR J 340 -31.68 41.99 -19.25
N ILE J 341 -30.76 41.33 -19.93
CA ILE J 341 -31.10 40.49 -21.05
C ILE J 341 -31.55 39.13 -20.55
N GLN J 342 -32.56 38.58 -21.20
CA GLN J 342 -33.17 37.36 -20.74
C GLN J 342 -32.65 36.17 -21.51
N PHE J 343 -32.54 35.04 -20.82
CA PHE J 343 -32.08 33.81 -21.42
C PHE J 343 -33.16 32.77 -21.34
N VAL J 344 -33.09 31.81 -22.22
CA VAL J 344 -34.06 30.73 -22.21
C VAL J 344 -34.00 29.96 -20.90
N ASP J 345 -35.17 29.81 -20.28
CA ASP J 345 -35.27 29.31 -18.91
C ASP J 345 -34.75 27.90 -18.76
N TRP J 346 -34.92 27.11 -19.81
CA TRP J 346 -34.47 25.73 -19.80
C TRP J 346 -33.08 25.57 -20.42
N CYS J 347 -32.34 26.67 -20.52
CA CYS J 347 -30.95 26.62 -20.97
C CYS J 347 -30.01 27.13 -19.88
N PRO J 348 -29.72 26.27 -18.87
CA PRO J 348 -28.79 26.54 -17.76
C PRO J 348 -27.75 27.60 -18.09
N THR J 349 -27.02 27.37 -19.18
CA THR J 349 -26.12 28.37 -19.70
C THR J 349 -26.27 28.47 -21.20
N GLY J 350 -25.57 29.41 -21.77
CA GLY J 350 -25.62 29.62 -23.20
C GLY J 350 -24.33 30.23 -23.70
N PHE J 351 -23.32 30.29 -22.84
CA PHE J 351 -22.09 30.95 -23.21
C PHE J 351 -21.00 30.00 -23.61
N LYS J 352 -20.43 30.24 -24.77
CA LYS J 352 -19.27 29.50 -25.24
C LYS J 352 -18.21 30.45 -25.72
N VAL J 353 -16.95 30.08 -25.54
CA VAL J 353 -15.87 30.99 -25.83
C VAL J 353 -14.85 30.40 -26.78
N GLY J 354 -14.51 31.16 -27.81
CA GLY J 354 -13.38 30.85 -28.66
C GLY J 354 -12.32 31.91 -28.50
N ILE J 355 -11.06 31.51 -28.54
CA ILE J 355 -9.97 32.47 -28.32
C ILE J 355 -8.84 32.27 -29.29
N ASN J 356 -8.46 33.35 -29.98
CA ASN J 356 -7.32 33.34 -30.86
C ASN J 356 -6.08 33.91 -30.16
N TYR J 357 -4.94 33.76 -30.81
CA TYR J 357 -3.72 34.44 -30.40
C TYR J 357 -3.40 35.53 -31.41
N GLU J 358 -3.82 35.32 -32.65
CA GLU J 358 -3.60 36.29 -33.70
C GLU J 358 -4.51 37.48 -33.53
N PRO J 359 -3.96 38.68 -33.70
CA PRO J 359 -4.68 39.93 -33.67
C PRO J 359 -5.74 39.99 -34.77
N PRO J 360 -6.64 40.96 -34.65
CA PRO J 360 -7.62 41.45 -35.61
C PRO J 360 -6.97 41.89 -36.91
N THR J 361 -7.70 41.73 -38.01
CA THR J 361 -7.20 42.06 -39.34
C THR J 361 -7.45 43.52 -39.67
N VAL J 362 -6.44 44.18 -40.21
CA VAL J 362 -6.55 45.59 -40.56
C VAL J 362 -6.56 45.81 -42.05
N VAL J 363 -7.55 46.57 -42.53
CA VAL J 363 -7.66 46.87 -43.95
C VAL J 363 -7.04 48.22 -44.29
N PRO J 364 -5.87 48.22 -44.94
CA PRO J 364 -5.30 49.42 -45.53
C PRO J 364 -6.31 50.06 -46.46
N GLY J 365 -6.63 51.32 -46.21
CA GLY J 365 -7.64 52.03 -46.99
C GLY J 365 -9.04 51.83 -46.43
N GLY J 366 -9.12 51.26 -45.22
CA GLY J 366 -10.39 51.06 -44.54
C GLY J 366 -10.66 52.16 -43.53
N ASP J 367 -11.45 51.84 -42.51
CA ASP J 367 -11.80 52.80 -41.48
C ASP J 367 -11.65 52.17 -40.10
N LEU J 368 -12.33 51.05 -39.89
CA LEU J 368 -12.13 50.20 -38.71
C LEU J 368 -10.70 50.25 -38.21
N ALA J 369 -10.44 51.09 -37.22
CA ALA J 369 -9.09 51.34 -36.77
C ALA J 369 -8.47 50.12 -36.12
N LYS J 370 -7.15 50.02 -36.19
CA LYS J 370 -6.42 48.90 -35.62
C LYS J 370 -6.58 48.82 -34.12
N VAL J 371 -6.95 47.64 -33.64
CA VAL J 371 -7.08 47.38 -32.21
C VAL J 371 -6.25 46.16 -31.81
N GLN J 372 -6.01 46.01 -30.51
CA GLN J 372 -5.16 44.94 -30.01
C GLN J 372 -5.92 43.66 -29.74
N ARG J 373 -7.24 43.72 -29.86
CA ARG J 373 -8.09 42.57 -29.58
C ARG J 373 -9.45 42.75 -30.21
N ALA J 374 -10.18 41.67 -30.38
CA ALA J 374 -11.50 41.78 -30.99
C ALA J 374 -12.45 40.72 -30.50
N VAL J 375 -13.73 41.04 -30.58
CA VAL J 375 -14.78 40.11 -30.17
C VAL J 375 -15.86 39.98 -31.22
N CYS J 376 -16.17 38.75 -31.57
CA CYS J 376 -17.35 38.47 -32.38
C CYS J 376 -18.36 37.68 -31.59
N MET J 377 -19.63 37.96 -31.79
CA MET J 377 -20.66 37.21 -31.10
C MET J 377 -21.58 36.52 -32.07
N LEU J 378 -21.74 35.21 -31.88
CA LEU J 378 -22.69 34.45 -32.66
C LEU J 378 -23.83 34.01 -31.78
N SER J 379 -24.96 34.71 -31.88
CA SER J 379 -26.02 34.51 -30.91
C SER J 379 -27.33 34.07 -31.51
N ASN J 380 -27.91 33.04 -30.91
CA ASN J 380 -29.26 32.61 -31.24
C ASN J 380 -30.24 33.19 -30.25
N THR J 381 -31.31 33.76 -30.78
CA THR J 381 -32.30 34.45 -29.96
C THR J 381 -33.68 34.33 -30.54
N THR J 382 -34.68 34.55 -29.70
CA THR J 382 -36.06 34.52 -30.14
C THR J 382 -36.50 35.88 -30.64
N ALA J 383 -35.71 36.92 -30.35
CA ALA J 383 -36.04 38.27 -30.75
C ALA J 383 -36.03 38.43 -32.26
N ILE J 384 -35.08 37.76 -32.91
CA ILE J 384 -34.91 37.90 -34.36
C ILE J 384 -36.11 37.42 -35.14
N ALA J 385 -36.86 36.50 -34.56
CA ALA J 385 -38.02 35.93 -35.22
C ALA J 385 -39.03 37.02 -35.59
N GLU J 386 -39.06 38.11 -34.83
CA GLU J 386 -40.00 39.19 -35.07
C GLU J 386 -39.77 39.86 -36.43
N ALA J 387 -38.55 39.79 -36.93
CA ALA J 387 -38.19 40.40 -38.19
C ALA J 387 -38.94 39.76 -39.36
N TRP J 388 -39.28 38.48 -39.22
CA TRP J 388 -39.93 37.74 -40.29
C TRP J 388 -41.38 38.13 -40.37
N ALA J 389 -41.94 38.56 -39.26
CA ALA J 389 -43.32 39.04 -39.24
C ALA J 389 -43.45 40.25 -40.15
N ARG J 390 -42.46 41.12 -40.10
CA ARG J 390 -42.44 42.29 -40.97
C ARG J 390 -42.42 41.88 -42.43
N LEU J 391 -41.61 40.89 -42.75
CA LEU J 391 -41.57 40.35 -44.10
C LEU J 391 -42.89 39.70 -44.47
N ASP J 392 -43.51 39.03 -43.50
CA ASP J 392 -44.79 38.38 -43.75
C ASP J 392 -45.82 39.38 -44.17
N HIS J 393 -45.85 40.53 -43.51
CA HIS J 393 -46.81 41.56 -43.84
C HIS J 393 -46.58 42.10 -45.24
N LYS J 394 -45.31 42.32 -45.59
CA LYS J 394 -44.97 42.81 -46.90
C LYS J 394 -45.37 41.83 -47.97
N PHE J 395 -45.08 40.56 -47.72
CA PHE J 395 -45.48 39.50 -48.62
C PHE J 395 -46.98 39.38 -48.72
N ASP J 396 -47.64 39.29 -47.58
CA ASP J 396 -49.09 39.09 -47.54
C ASP J 396 -49.80 40.16 -48.33
N LEU J 397 -49.34 41.39 -48.19
CA LEU J 397 -49.95 42.51 -48.85
C LEU J 397 -49.84 42.42 -50.36
N MET J 398 -48.63 42.26 -50.87
CA MET J 398 -48.41 42.17 -52.29
C MET J 398 -49.03 40.91 -52.84
N TYR J 399 -48.96 39.84 -52.06
CA TYR J 399 -49.54 38.57 -52.43
C TYR J 399 -51.04 38.68 -52.58
N ALA J 400 -51.68 39.36 -51.63
CA ALA J 400 -53.13 39.55 -51.67
C ALA J 400 -53.58 40.16 -52.99
N LYS J 401 -52.79 41.11 -53.50
CA LYS J 401 -53.09 41.73 -54.78
C LYS J 401 -52.49 40.96 -55.96
N ARG J 402 -51.73 39.91 -55.66
CA ARG J 402 -50.98 39.15 -56.65
C ARG J 402 -50.11 40.07 -57.49
N ALA J 403 -49.56 41.09 -56.86
CA ALA J 403 -48.73 42.05 -57.56
C ALA J 403 -47.48 41.37 -58.05
N PHE J 404 -47.15 41.57 -59.31
CA PHE J 404 -45.94 41.01 -59.91
C PHE J 404 -45.97 39.49 -60.00
N VAL J 405 -47.10 38.88 -59.69
CA VAL J 405 -47.17 37.42 -59.66
C VAL J 405 -46.90 36.81 -61.02
N HIS J 406 -47.20 37.57 -62.07
CA HIS J 406 -47.10 37.08 -63.43
C HIS J 406 -45.66 36.89 -63.88
N TRP J 407 -44.73 37.46 -63.14
CA TRP J 407 -43.32 37.29 -63.45
C TRP J 407 -42.83 35.93 -62.98
N TYR J 408 -43.52 35.37 -62.00
CA TYR J 408 -43.17 34.06 -61.48
C TYR J 408 -43.99 32.99 -62.16
N VAL J 409 -45.23 33.32 -62.45
CA VAL J 409 -46.09 32.46 -63.23
C VAL J 409 -45.57 32.29 -64.64
N GLY J 410 -45.02 33.37 -65.19
CA GLY J 410 -44.40 33.33 -66.51
C GLY J 410 -43.26 32.31 -66.56
N GLU J 411 -42.57 32.14 -65.44
CA GLU J 411 -41.61 31.05 -65.31
C GLU J 411 -42.32 29.72 -65.18
N GLY J 412 -43.41 29.71 -64.43
CA GLY J 412 -44.17 28.51 -64.17
C GLY J 412 -44.28 28.23 -62.69
N MET J 413 -43.74 29.13 -61.87
CA MET J 413 -43.77 28.96 -60.43
C MET J 413 -45.19 28.83 -59.95
N GLU J 414 -45.51 27.68 -59.38
CA GLU J 414 -46.83 27.39 -58.87
C GLU J 414 -47.26 28.39 -57.81
N GLU J 415 -48.43 28.99 -58.00
CA GLU J 415 -49.00 29.93 -57.04
C GLU J 415 -49.02 29.34 -55.63
N GLY J 416 -49.40 28.08 -55.54
CA GLY J 416 -49.44 27.37 -54.27
C GLY J 416 -48.09 27.32 -53.57
N GLU J 417 -47.00 27.39 -54.34
CA GLU J 417 -45.65 27.41 -53.78
C GLU J 417 -45.46 28.61 -52.87
N PHE J 418 -46.09 29.73 -53.22
CA PHE J 418 -45.97 30.93 -52.42
C PHE J 418 -46.68 30.76 -51.10
N SER J 419 -47.85 30.12 -51.13
CA SER J 419 -48.59 29.87 -49.91
C SER J 419 -47.83 28.87 -49.03
N GLU J 420 -47.18 27.90 -49.67
CA GLU J 420 -46.40 26.91 -48.94
C GLU J 420 -45.17 27.54 -48.31
N ALA J 421 -44.54 28.44 -49.05
CA ALA J 421 -43.36 29.13 -48.56
C ALA J 421 -43.69 29.91 -47.30
N ARG J 422 -44.82 30.60 -47.31
CA ARG J 422 -45.29 31.34 -46.16
C ARG J 422 -45.50 30.45 -44.96
N GLU J 423 -46.14 29.30 -45.18
CA GLU J 423 -46.45 28.41 -44.08
C GLU J 423 -45.19 27.89 -43.42
N ASP J 424 -44.15 27.66 -44.22
CA ASP J 424 -42.87 27.21 -43.69
C ASP J 424 -42.20 28.31 -42.88
N MET J 425 -42.27 29.54 -43.36
CA MET J 425 -41.77 30.68 -42.61
C MET J 425 -42.53 30.84 -41.31
N ALA J 426 -43.85 30.71 -41.37
CA ALA J 426 -44.70 30.84 -40.20
C ALA J 426 -44.39 29.76 -39.18
N ALA J 427 -44.09 28.55 -39.66
CA ALA J 427 -43.69 27.46 -38.78
C ALA J 427 -42.45 27.82 -38.01
N LEU J 428 -41.48 28.40 -38.70
CA LEU J 428 -40.23 28.82 -38.11
C LEU J 428 -40.47 29.85 -37.02
N GLU J 429 -41.31 30.83 -37.30
CA GLU J 429 -41.69 31.84 -36.33
C GLU J 429 -42.31 31.19 -35.10
N LYS J 430 -43.21 30.24 -35.32
CA LYS J 430 -43.88 29.53 -34.25
C LYS J 430 -42.92 28.80 -33.34
N ASP J 431 -41.92 28.15 -33.94
CA ASP J 431 -40.92 27.41 -33.17
C ASP J 431 -40.21 28.31 -32.17
N TYR J 432 -39.82 29.51 -32.61
CA TYR J 432 -39.14 30.44 -31.72
C TYR J 432 -40.03 30.91 -30.59
N GLU J 433 -41.32 31.09 -30.89
CA GLU J 433 -42.29 31.45 -29.86
C GLU J 433 -42.34 30.39 -28.76
N GLU J 434 -42.36 29.13 -29.18
CA GLU J 434 -42.43 28.02 -28.24
C GLU J 434 -41.17 27.92 -27.39
N VAL J 435 -40.01 28.16 -28.00
CA VAL J 435 -38.75 28.14 -27.27
C VAL J 435 -38.75 29.11 -26.10
N GLY J 436 -39.18 30.34 -26.35
CA GLY J 436 -39.18 31.37 -25.32
C GLY J 436 -40.20 31.08 -24.21
N VAL J 437 -41.38 30.62 -24.60
CA VAL J 437 -42.48 30.43 -23.65
C VAL J 437 -42.30 29.18 -22.78
N ASP J 438 -42.00 28.06 -23.43
CA ASP J 438 -41.93 26.78 -22.72
C ASP J 438 -40.82 26.73 -21.69
N SER J 439 -41.02 25.93 -20.65
CA SER J 439 -40.02 25.74 -19.61
C SER J 439 -40.30 24.46 -18.82
N ARG K 2 -24.62 41.59 -73.91
CA ARG K 2 -25.77 41.35 -74.79
C ARG K 2 -25.97 42.50 -75.75
N GLU K 3 -26.96 42.37 -76.63
CA GLU K 3 -27.23 43.39 -77.63
C GLU K 3 -28.69 43.78 -77.69
N ILE K 4 -28.94 45.04 -78.01
CA ILE K 4 -30.30 45.56 -78.14
C ILE K 4 -30.51 46.25 -79.49
N VAL K 5 -31.62 45.94 -80.13
CA VAL K 5 -31.94 46.51 -81.44
C VAL K 5 -32.74 47.79 -81.30
N HIS K 6 -32.31 48.85 -81.96
CA HIS K 6 -33.02 50.12 -81.90
C HIS K 6 -33.67 50.46 -83.23
N ILE K 7 -34.99 50.46 -83.26
CA ILE K 7 -35.71 50.75 -84.48
C ILE K 7 -36.37 52.11 -84.40
N GLN K 8 -36.19 52.92 -85.42
CA GLN K 8 -36.82 54.23 -85.48
C GLN K 8 -37.91 54.23 -86.54
N ALA K 9 -39.05 54.82 -86.23
CA ALA K 9 -40.18 54.80 -87.15
C ALA K 9 -40.84 56.18 -87.25
N GLY K 10 -40.77 56.75 -88.44
CA GLY K 10 -41.41 58.04 -88.70
C GLY K 10 -40.45 59.20 -88.42
N GLN K 11 -40.77 60.38 -88.94
CA GLN K 11 -39.91 61.55 -88.80
C GLN K 11 -39.63 61.88 -87.37
N CYS K 12 -40.67 61.92 -86.55
CA CYS K 12 -40.54 62.16 -85.13
C CYS K 12 -39.55 61.20 -84.51
N GLY K 13 -39.78 59.91 -84.71
CA GLY K 13 -38.93 58.90 -84.11
C GLY K 13 -37.52 58.99 -84.64
N ASN K 14 -37.38 59.33 -85.91
CA ASN K 14 -36.08 59.44 -86.53
C ASN K 14 -35.28 60.60 -86.00
N GLN K 15 -35.95 61.72 -85.78
CA GLN K 15 -35.29 62.90 -85.26
C GLN K 15 -34.86 62.68 -83.81
N ILE K 16 -35.71 62.04 -83.04
CA ILE K 16 -35.37 61.70 -81.67
C ILE K 16 -34.21 60.74 -81.63
N GLY K 17 -34.29 59.70 -82.46
CA GLY K 17 -33.25 58.70 -82.53
C GLY K 17 -31.93 59.29 -82.96
N ALA K 18 -31.97 60.19 -83.94
CA ALA K 18 -30.75 60.83 -84.41
C ALA K 18 -30.04 61.54 -83.27
N LYS K 19 -30.82 62.22 -82.44
CA LYS K 19 -30.27 62.89 -81.26
C LYS K 19 -29.78 61.86 -80.24
N PHE K 20 -30.53 60.78 -80.09
CA PHE K 20 -30.16 59.70 -79.19
C PHE K 20 -28.81 59.11 -79.53
N TRP K 21 -28.61 58.82 -80.81
CA TRP K 21 -27.36 58.23 -81.25
C TRP K 21 -26.21 59.21 -81.17
N GLU K 22 -26.51 60.51 -81.30
CA GLU K 22 -25.52 61.53 -81.00
C GLU K 22 -25.05 61.39 -79.56
N VAL K 23 -26.01 61.32 -78.66
CA VAL K 23 -25.72 61.31 -77.23
C VAL K 23 -24.89 60.11 -76.81
N ILE K 24 -25.33 58.92 -77.19
CA ILE K 24 -24.67 57.72 -76.71
C ILE K 24 -23.37 57.45 -77.46
N SER K 25 -23.27 57.94 -78.68
CA SER K 25 -22.00 57.85 -79.39
C SER K 25 -20.97 58.72 -78.71
N ASP K 26 -21.40 59.91 -78.28
CA ASP K 26 -20.54 60.77 -77.49
C ASP K 26 -20.19 60.12 -76.16
N GLU K 27 -21.19 59.52 -75.52
CA GLU K 27 -20.99 58.81 -74.27
C GLU K 27 -19.90 57.75 -74.38
N HIS K 28 -19.90 57.04 -75.51
CA HIS K 28 -18.96 55.95 -75.71
C HIS K 28 -17.76 56.33 -76.58
N GLY K 29 -17.49 57.63 -76.72
CA GLY K 29 -16.23 58.08 -77.31
C GLY K 29 -16.15 57.84 -78.81
N ILE K 30 -17.29 57.80 -79.48
CA ILE K 30 -17.33 57.49 -80.90
C ILE K 30 -17.48 58.75 -81.73
N ASP K 31 -16.57 58.93 -82.68
CA ASP K 31 -16.60 60.11 -83.53
C ASP K 31 -17.48 59.89 -84.75
N PRO K 32 -17.55 60.88 -85.64
CA PRO K 32 -18.45 60.84 -86.81
C PRO K 32 -17.95 59.94 -87.95
N THR K 33 -16.90 59.17 -87.72
CA THR K 33 -16.49 58.16 -88.67
C THR K 33 -16.89 56.78 -88.18
N GLY K 34 -17.21 56.70 -86.89
CA GLY K 34 -17.47 55.42 -86.25
C GLY K 34 -16.24 54.93 -85.50
N SER K 35 -15.17 55.71 -85.52
CA SER K 35 -13.94 55.34 -84.83
C SER K 35 -14.03 55.67 -83.35
N TYR K 36 -13.40 54.83 -82.54
CA TYR K 36 -13.37 55.05 -81.10
C TYR K 36 -12.17 55.85 -80.68
N HIS K 37 -12.41 56.96 -79.99
CA HIS K 37 -11.35 57.78 -79.46
C HIS K 37 -11.68 58.26 -78.06
N GLY K 38 -12.28 57.36 -77.28
CA GLY K 38 -12.65 57.68 -75.91
C GLY K 38 -11.47 57.50 -74.97
N ASP K 39 -11.63 57.95 -73.73
CA ASP K 39 -10.55 57.92 -72.76
C ASP K 39 -10.66 56.78 -71.76
N SER K 40 -11.85 56.16 -71.68
CA SER K 40 -12.04 55.07 -70.75
C SER K 40 -12.01 53.73 -71.45
N ASP K 41 -11.87 52.68 -70.67
CA ASP K 41 -11.92 51.33 -71.19
C ASP K 41 -13.32 50.76 -71.10
N LEU K 42 -14.12 51.34 -70.20
CA LEU K 42 -15.47 50.84 -69.95
C LEU K 42 -16.41 51.24 -71.07
N GLN K 43 -16.02 52.24 -71.85
CA GLN K 43 -16.77 52.63 -73.03
C GLN K 43 -16.80 51.49 -74.08
N LEU K 44 -15.78 50.64 -74.05
CA LEU K 44 -15.71 49.50 -74.96
C LEU K 44 -16.16 48.21 -74.30
N GLU K 45 -16.49 48.27 -73.00
CA GLU K 45 -16.86 47.08 -72.26
C GLU K 45 -18.20 46.55 -72.71
N ARG K 46 -19.10 47.45 -73.06
CA ARG K 46 -20.42 47.06 -73.52
C ARG K 46 -20.81 47.81 -74.79
N ILE K 47 -19.82 48.21 -75.57
CA ILE K 47 -20.09 48.90 -76.84
C ILE K 47 -20.87 48.01 -77.79
N ASN K 48 -20.74 46.71 -77.64
CA ASN K 48 -21.44 45.74 -78.46
C ASN K 48 -22.96 45.86 -78.31
N VAL K 49 -23.43 46.42 -77.20
CA VAL K 49 -24.85 46.57 -76.96
C VAL K 49 -25.53 47.35 -78.07
N TYR K 50 -24.87 48.40 -78.55
CA TYR K 50 -25.46 49.28 -79.53
C TYR K 50 -24.67 49.38 -80.81
N TYR K 51 -23.52 48.72 -80.89
CA TYR K 51 -22.71 48.85 -82.09
C TYR K 51 -22.16 47.53 -82.58
N ASN K 52 -22.23 47.34 -83.88
CA ASN K 52 -21.46 46.31 -84.54
C ASN K 52 -20.02 46.77 -84.69
N GLU K 53 -19.08 45.87 -84.51
CA GLU K 53 -17.68 46.21 -84.69
C GLU K 53 -17.22 45.78 -86.07
N ALA K 54 -17.28 46.69 -87.02
CA ALA K 54 -16.92 46.38 -88.40
C ALA K 54 -15.42 46.49 -88.58
N ALA K 55 -14.93 45.89 -89.67
CA ALA K 55 -13.50 45.86 -89.92
C ALA K 55 -12.93 47.27 -89.92
N GLY K 56 -11.83 47.44 -89.21
CA GLY K 56 -11.23 48.74 -89.04
C GLY K 56 -11.71 49.40 -87.75
N ASN K 57 -12.45 48.64 -86.94
CA ASN K 57 -12.97 49.15 -85.68
C ASN K 57 -13.98 50.25 -85.91
N LYS K 58 -14.82 50.08 -86.92
CA LYS K 58 -15.86 51.03 -87.21
C LYS K 58 -17.13 50.60 -86.52
N TYR K 59 -17.60 51.40 -85.58
CA TYR K 59 -18.71 50.99 -84.76
C TYR K 59 -20.03 51.43 -85.36
N VAL K 60 -20.88 50.45 -85.65
CA VAL K 60 -22.07 50.68 -86.44
C VAL K 60 -23.36 50.43 -85.65
N PRO K 61 -24.03 51.50 -85.22
CA PRO K 61 -25.40 51.48 -84.68
C PRO K 61 -26.16 50.22 -85.03
N ARG K 62 -26.48 49.45 -84.01
CA ARG K 62 -27.39 48.34 -84.13
C ARG K 62 -28.82 48.83 -84.24
N ALA K 63 -29.12 49.50 -85.35
CA ALA K 63 -30.37 50.24 -85.48
C ALA K 63 -30.94 50.14 -86.87
N ILE K 64 -32.26 50.20 -86.95
CA ILE K 64 -32.96 50.14 -88.21
C ILE K 64 -33.78 51.39 -88.43
N LEU K 65 -33.57 52.03 -89.57
CA LEU K 65 -34.20 53.30 -89.84
C LEU K 65 -35.39 53.12 -90.78
N VAL K 66 -36.59 53.24 -90.23
CA VAL K 66 -37.80 52.98 -91.00
C VAL K 66 -38.59 54.25 -91.25
N ASP K 67 -38.92 54.49 -92.51
CA ASP K 67 -39.78 55.62 -92.86
C ASP K 67 -40.46 55.37 -94.18
N LEU K 68 -41.56 56.05 -94.40
CA LEU K 68 -42.26 55.97 -95.66
C LEU K 68 -42.19 57.28 -96.41
N GLU K 69 -41.44 58.23 -95.88
CA GLU K 69 -41.31 59.51 -96.56
C GLU K 69 -39.85 59.87 -96.84
N PRO K 70 -39.27 59.26 -97.88
CA PRO K 70 -38.03 59.73 -98.50
C PRO K 70 -37.93 61.24 -98.38
N GLY K 71 -36.77 61.72 -97.97
CA GLY K 71 -36.59 63.14 -97.71
C GLY K 71 -36.19 63.35 -96.26
N THR K 72 -36.95 62.74 -95.36
CA THR K 72 -36.56 62.69 -93.96
C THR K 72 -35.36 61.79 -93.83
N MET K 73 -35.43 60.65 -94.52
CA MET K 73 -34.34 59.71 -94.58
C MET K 73 -33.12 60.34 -95.24
N ASP K 74 -33.37 61.23 -96.19
CA ASP K 74 -32.31 61.95 -96.86
C ASP K 74 -31.62 62.91 -95.90
N SER K 75 -32.41 63.57 -95.05
CA SER K 75 -31.86 64.51 -94.07
C SER K 75 -31.01 63.78 -93.04
N VAL K 76 -31.34 62.51 -92.79
CA VAL K 76 -30.53 61.69 -91.92
C VAL K 76 -29.18 61.39 -92.57
N ARG K 77 -29.21 60.98 -93.83
CA ARG K 77 -27.98 60.69 -94.56
C ARG K 77 -27.12 61.93 -94.74
N SER K 78 -27.77 63.08 -94.88
CA SER K 78 -27.05 64.34 -95.04
C SER K 78 -26.55 64.90 -93.71
N GLY K 79 -27.00 64.33 -92.61
CA GLY K 79 -26.57 64.78 -91.31
C GLY K 79 -25.26 64.11 -90.90
N PRO K 80 -24.70 64.52 -89.76
CA PRO K 80 -23.43 64.10 -89.21
C PRO K 80 -23.29 62.57 -89.06
N PHE K 81 -24.41 61.86 -89.04
CA PHE K 81 -24.41 60.43 -88.84
C PHE K 81 -24.70 59.66 -90.11
N GLY K 82 -24.63 60.35 -91.25
CA GLY K 82 -24.67 59.68 -92.54
C GLY K 82 -23.43 58.80 -92.74
N GLN K 83 -22.36 59.11 -92.01
CA GLN K 83 -21.13 58.33 -92.03
C GLN K 83 -21.14 57.26 -90.94
N ILE K 84 -22.19 57.23 -90.14
CA ILE K 84 -22.30 56.34 -89.00
C ILE K 84 -23.26 55.20 -89.27
N PHE K 85 -24.47 55.52 -89.67
CA PHE K 85 -25.49 54.51 -89.92
C PHE K 85 -25.19 53.72 -91.18
N ARG K 86 -25.51 52.43 -91.16
CA ARG K 86 -25.28 51.55 -92.30
C ARG K 86 -26.38 51.71 -93.35
N PRO K 87 -25.99 51.74 -94.63
CA PRO K 87 -26.87 52.11 -95.72
C PRO K 87 -28.02 51.14 -95.92
N ASP K 88 -27.78 49.88 -95.59
CA ASP K 88 -28.82 48.88 -95.77
C ASP K 88 -29.80 48.86 -94.60
N ASN K 89 -29.59 49.75 -93.63
CA ASN K 89 -30.54 49.93 -92.56
C ASN K 89 -31.48 51.09 -92.85
N PHE K 90 -31.29 51.75 -94.00
CA PHE K 90 -32.19 52.82 -94.41
C PHE K 90 -33.34 52.27 -95.22
N VAL K 91 -34.46 52.02 -94.57
CA VAL K 91 -35.59 51.41 -95.23
C VAL K 91 -36.70 52.41 -95.53
N PHE K 92 -36.92 52.68 -96.81
CA PHE K 92 -37.99 53.56 -97.24
C PHE K 92 -38.37 53.29 -98.69
N GLY K 93 -39.59 53.69 -99.07
CA GLY K 93 -40.05 53.47 -100.43
C GLY K 93 -41.12 54.48 -100.85
N GLN K 94 -42.32 53.96 -101.16
CA GLN K 94 -43.48 54.78 -101.50
C GLN K 94 -43.70 55.87 -100.46
N SER K 95 -44.27 56.99 -100.90
CA SER K 95 -44.53 58.15 -100.04
C SER K 95 -45.34 57.81 -98.80
N GLY K 96 -45.27 58.70 -97.81
CA GLY K 96 -45.75 58.42 -96.45
C GLY K 96 -47.26 58.40 -96.34
N ALA K 97 -47.74 57.99 -95.17
CA ALA K 97 -49.16 57.81 -94.93
C ALA K 97 -49.93 59.13 -95.01
N GLY K 98 -49.30 60.22 -94.57
CA GLY K 98 -49.99 61.49 -94.53
C GLY K 98 -50.95 61.53 -93.35
N ASN K 99 -50.48 61.07 -92.21
CA ASN K 99 -51.29 60.96 -91.00
C ASN K 99 -52.41 59.95 -91.16
N ASN K 100 -52.21 58.95 -91.99
CA ASN K 100 -53.21 57.92 -92.17
C ASN K 100 -52.73 56.59 -91.59
N TRP K 101 -53.17 56.29 -90.38
CA TRP K 101 -52.73 55.10 -89.67
C TRP K 101 -52.89 53.84 -90.49
N ALA K 102 -53.99 53.74 -91.22
CA ALA K 102 -54.26 52.56 -92.02
C ALA K 102 -53.23 52.40 -93.12
N LYS K 103 -52.84 53.52 -93.74
CA LYS K 103 -51.77 53.46 -94.71
C LYS K 103 -50.46 52.99 -94.08
N GLY K 104 -50.17 53.49 -92.89
CA GLY K 104 -48.93 53.13 -92.20
C GLY K 104 -48.91 51.67 -91.74
N HIS K 105 -50.01 51.20 -91.19
CA HIS K 105 -50.07 49.86 -90.62
C HIS K 105 -50.70 48.85 -91.55
N TYR K 106 -51.87 49.18 -92.06
CA TYR K 106 -52.75 48.22 -92.68
C TYR K 106 -52.39 47.92 -94.13
N THR K 107 -52.07 48.96 -94.90
CA THR K 107 -51.88 48.79 -96.35
C THR K 107 -50.46 49.13 -96.81
N GLU K 108 -50.24 50.39 -97.17
CA GLU K 108 -49.01 50.79 -97.86
C GLU K 108 -47.76 50.41 -97.09
N GLY K 109 -47.80 50.61 -95.78
CA GLY K 109 -46.67 50.25 -94.93
C GLY K 109 -46.53 48.74 -94.83
N ALA K 110 -47.66 48.03 -94.84
CA ALA K 110 -47.64 46.57 -94.73
C ALA K 110 -46.85 45.96 -95.87
N GLU K 111 -46.93 46.58 -97.04
CA GLU K 111 -46.23 46.09 -98.21
C GLU K 111 -44.71 46.04 -98.02
N LEU K 112 -44.18 46.90 -97.15
CA LEU K 112 -42.74 47.02 -96.98
C LEU K 112 -42.24 46.39 -95.68
N VAL K 113 -43.09 45.63 -94.99
CA VAL K 113 -42.70 45.02 -93.72
C VAL K 113 -41.50 44.12 -93.86
N ASP K 114 -41.51 43.27 -94.88
CA ASP K 114 -40.46 42.29 -95.08
C ASP K 114 -39.10 42.94 -95.26
N SER K 115 -39.09 44.11 -95.90
CA SER K 115 -37.83 44.82 -96.14
C SER K 115 -37.23 45.30 -94.83
N VAL K 116 -38.05 45.43 -93.79
CA VAL K 116 -37.57 45.74 -92.47
C VAL K 116 -37.13 44.48 -91.75
N LEU K 117 -37.99 43.46 -91.79
CA LEU K 117 -37.77 42.24 -91.04
C LEU K 117 -36.53 41.51 -91.50
N ASP K 118 -36.22 41.60 -92.78
CA ASP K 118 -34.99 41.02 -93.28
C ASP K 118 -33.79 41.64 -92.59
N VAL K 119 -33.83 42.97 -92.43
CA VAL K 119 -32.77 43.66 -91.73
C VAL K 119 -32.74 43.28 -90.27
N VAL K 120 -33.92 43.11 -89.67
CA VAL K 120 -34.03 42.66 -88.30
C VAL K 120 -33.32 41.34 -88.10
N ARG K 121 -33.55 40.40 -89.01
CA ARG K 121 -32.89 39.11 -88.95
C ARG K 121 -31.40 39.23 -89.10
N LYS K 122 -30.96 40.07 -90.04
CA LYS K 122 -29.54 40.28 -90.25
C LYS K 122 -28.88 40.83 -89.00
N GLU K 123 -29.58 41.73 -88.32
CA GLU K 123 -29.08 42.29 -87.09
C GLU K 123 -29.05 41.24 -86.00
N SER K 124 -30.12 40.47 -85.89
CA SER K 124 -30.22 39.42 -84.88
C SER K 124 -29.08 38.42 -84.98
N GLU K 125 -28.75 38.01 -86.19
CA GLU K 125 -27.73 36.99 -86.40
C GLU K 125 -26.30 37.52 -86.25
N SER K 126 -26.16 38.85 -86.10
CA SER K 126 -24.86 39.42 -85.82
C SER K 126 -24.64 39.56 -84.32
N CYS K 127 -25.66 39.19 -83.55
CA CYS K 127 -25.62 39.36 -82.11
C CYS K 127 -25.16 38.08 -81.43
N ASP K 128 -24.63 38.23 -80.22
CA ASP K 128 -24.23 37.09 -79.41
C ASP K 128 -25.37 36.70 -78.49
N CYS K 129 -26.11 37.70 -78.04
CA CYS K 129 -27.32 37.47 -77.27
C CYS K 129 -28.24 38.66 -77.37
N LEU K 130 -29.33 38.49 -78.12
CA LEU K 130 -30.33 39.53 -78.24
C LEU K 130 -31.18 39.62 -77.01
N GLN K 131 -31.22 40.80 -76.41
CA GLN K 131 -32.03 41.01 -75.23
C GLN K 131 -33.44 41.47 -75.57
N GLY K 132 -33.54 42.43 -76.48
CA GLY K 132 -34.84 42.97 -76.83
C GLY K 132 -34.74 44.08 -77.86
N PHE K 133 -35.86 44.76 -78.07
CA PHE K 133 -35.98 45.80 -79.08
C PHE K 133 -36.43 47.11 -78.46
N GLN K 134 -35.95 48.21 -79.01
CA GLN K 134 -36.43 49.51 -78.63
C GLN K 134 -36.98 50.22 -79.84
N LEU K 135 -38.23 50.65 -79.76
CA LEU K 135 -38.85 51.37 -80.85
C LEU K 135 -39.03 52.83 -80.50
N THR K 136 -38.63 53.71 -81.40
CA THR K 136 -38.82 55.15 -81.19
C THR K 136 -39.76 55.71 -82.24
N HIS K 137 -40.87 56.30 -81.81
CA HIS K 137 -41.90 56.74 -82.74
C HIS K 137 -42.89 57.71 -82.09
N SER K 138 -43.76 58.29 -82.91
CA SER K 138 -44.85 59.10 -82.40
C SER K 138 -46.12 58.29 -82.28
N LEU K 139 -47.08 58.79 -81.51
CA LEU K 139 -48.36 58.13 -81.32
C LEU K 139 -49.50 58.93 -81.92
N GLY K 140 -49.42 59.18 -83.22
CA GLY K 140 -50.42 59.99 -83.89
C GLY K 140 -49.95 60.40 -85.28
N GLY K 141 -48.67 60.20 -85.54
CA GLY K 141 -48.07 60.60 -86.81
C GLY K 141 -48.69 59.91 -88.01
N GLY K 142 -49.06 58.63 -87.86
CA GLY K 142 -49.61 57.88 -88.99
C GLY K 142 -48.66 56.78 -89.41
N THR K 143 -47.51 57.17 -89.97
CA THR K 143 -46.47 56.21 -90.35
C THR K 143 -45.74 55.68 -89.14
N GLY K 144 -45.29 56.59 -88.28
CA GLY K 144 -44.58 56.20 -87.07
C GLY K 144 -45.47 55.37 -86.15
N SER K 145 -46.74 55.74 -86.08
CA SER K 145 -47.69 55.02 -85.26
C SER K 145 -48.25 53.78 -85.96
N GLY K 146 -48.37 53.86 -87.29
CA GLY K 146 -48.85 52.75 -88.09
C GLY K 146 -47.79 51.66 -88.21
N MET K 147 -46.64 52.01 -88.81
CA MET K 147 -45.53 51.08 -88.93
C MET K 147 -45.05 50.64 -87.56
N GLY K 148 -45.20 51.52 -86.57
CA GLY K 148 -44.81 51.20 -85.21
C GLY K 148 -45.46 49.91 -84.73
N THR K 149 -46.77 49.91 -84.60
CA THR K 149 -47.49 48.74 -84.08
C THR K 149 -47.48 47.59 -85.05
N LEU K 150 -47.38 47.90 -86.34
CA LEU K 150 -47.23 46.90 -87.35
C LEU K 150 -45.98 46.08 -87.13
N LEU K 151 -44.86 46.76 -86.98
CA LEU K 151 -43.58 46.10 -86.78
C LEU K 151 -43.49 45.45 -85.41
N ILE K 152 -44.09 46.08 -84.40
CA ILE K 152 -44.12 45.49 -83.07
C ILE K 152 -44.76 44.12 -83.08
N SER K 153 -45.90 44.00 -83.75
CA SER K 153 -46.56 42.72 -83.87
C SER K 153 -45.67 41.72 -84.58
N LYS K 154 -45.09 42.13 -85.69
CA LYS K 154 -44.25 41.24 -86.49
C LYS K 154 -43.03 40.77 -85.71
N ILE K 155 -42.40 41.70 -85.02
CA ILE K 155 -41.20 41.39 -84.27
C ILE K 155 -41.46 40.45 -83.13
N ARG K 156 -42.56 40.67 -82.40
CA ARG K 156 -42.92 39.76 -81.31
C ARG K 156 -43.21 38.37 -81.80
N GLU K 157 -43.80 38.26 -82.99
CA GLU K 157 -44.03 36.95 -83.57
C GLU K 157 -42.73 36.22 -83.80
N GLU K 158 -41.69 36.96 -84.18
CA GLU K 158 -40.37 36.39 -84.33
C GLU K 158 -39.68 36.15 -82.98
N TYR K 159 -39.82 37.12 -82.06
CA TYR K 159 -39.12 37.08 -80.80
C TYR K 159 -40.03 37.29 -79.61
N PRO K 160 -41.02 36.42 -79.46
CA PRO K 160 -42.04 36.49 -78.41
C PRO K 160 -41.47 36.52 -76.99
N ASP K 161 -40.24 36.03 -76.82
CA ASP K 161 -39.65 35.92 -75.50
C ASP K 161 -38.65 37.05 -75.22
N ARG K 162 -38.51 37.98 -76.17
CA ARG K 162 -37.60 39.11 -75.97
C ARG K 162 -38.38 40.33 -75.50
N ILE K 163 -37.66 41.36 -75.07
CA ILE K 163 -38.29 42.53 -74.48
C ILE K 163 -38.70 43.56 -75.51
N MET K 164 -39.98 43.89 -75.55
CA MET K 164 -40.45 44.95 -76.43
C MET K 164 -40.58 46.27 -75.69
N ASN K 165 -39.63 47.15 -75.92
CA ASN K 165 -39.64 48.48 -75.33
C ASN K 165 -39.92 49.54 -76.39
N THR K 166 -40.70 50.54 -76.03
CA THR K 166 -40.91 51.65 -76.95
C THR K 166 -40.99 53.00 -76.25
N PHE K 167 -40.50 54.02 -76.94
CA PHE K 167 -40.64 55.40 -76.50
C PHE K 167 -41.58 56.13 -77.41
N SER K 168 -42.78 56.41 -76.92
CA SER K 168 -43.85 56.92 -77.75
C SER K 168 -44.22 58.36 -77.42
N VAL K 169 -44.23 59.21 -78.44
CA VAL K 169 -44.62 60.60 -78.25
C VAL K 169 -46.14 60.75 -78.28
N VAL K 170 -46.70 61.15 -77.16
CA VAL K 170 -48.13 61.17 -76.95
C VAL K 170 -48.75 62.51 -77.34
N PRO K 171 -49.71 62.52 -78.30
CA PRO K 171 -50.72 63.58 -78.46
C PRO K 171 -50.84 64.45 -77.22
N SER K 172 -50.48 65.72 -77.35
CA SER K 172 -50.54 66.65 -76.23
C SER K 172 -51.73 67.60 -76.34
N PRO K 173 -52.58 67.66 -75.31
CA PRO K 173 -53.70 68.63 -75.17
C PRO K 173 -53.57 69.89 -76.05
N LYS K 174 -52.46 70.61 -75.87
CA LYS K 174 -52.33 71.95 -76.46
C LYS K 174 -51.24 72.03 -77.53
N VAL K 175 -50.64 70.90 -77.87
CA VAL K 175 -49.64 70.88 -78.92
C VAL K 175 -50.02 69.90 -79.99
N SER K 176 -50.50 70.40 -81.11
CA SER K 176 -51.04 69.56 -82.15
C SER K 176 -50.32 69.79 -83.46
N ASP K 177 -50.98 69.41 -84.53
CA ASP K 177 -50.48 69.42 -85.91
C ASP K 177 -51.26 68.40 -86.75
N THR K 178 -52.40 67.95 -86.24
CA THR K 178 -53.27 67.04 -86.95
C THR K 178 -54.57 66.92 -86.21
N VAL K 179 -55.63 66.69 -86.96
CA VAL K 179 -56.97 66.64 -86.39
C VAL K 179 -57.44 65.20 -86.24
N VAL K 180 -56.62 64.26 -86.71
CA VAL K 180 -56.95 62.84 -86.57
C VAL K 180 -55.98 62.19 -85.60
N GLU K 181 -55.39 63.01 -84.74
CA GLU K 181 -54.45 62.56 -83.74
C GLU K 181 -55.06 61.50 -82.82
N PRO K 182 -56.37 61.58 -82.56
CA PRO K 182 -57.07 60.62 -81.71
C PRO K 182 -57.33 59.33 -82.45
N TYR K 183 -57.62 59.43 -83.74
CA TYR K 183 -57.84 58.24 -84.54
C TYR K 183 -56.59 57.42 -84.62
N ASN K 184 -55.48 58.08 -84.91
CA ASN K 184 -54.22 57.39 -85.08
C ASN K 184 -53.72 56.83 -83.76
N ALA K 185 -53.86 57.62 -82.69
CA ALA K 185 -53.44 57.18 -81.37
C ALA K 185 -54.26 56.01 -80.89
N THR K 186 -55.57 56.07 -81.09
CA THR K 186 -56.46 55.03 -80.60
C THR K 186 -56.23 53.72 -81.32
N LEU K 187 -56.11 53.79 -82.64
CA LEU K 187 -55.85 52.61 -83.44
C LEU K 187 -54.49 52.02 -83.09
N SER K 188 -53.52 52.89 -82.82
CA SER K 188 -52.19 52.45 -82.45
C SER K 188 -52.17 51.77 -81.09
N VAL K 189 -52.62 52.47 -80.04
CA VAL K 189 -52.54 51.92 -78.70
C VAL K 189 -53.29 50.61 -78.56
N HIS K 190 -54.36 50.46 -79.33
CA HIS K 190 -55.12 49.23 -79.37
C HIS K 190 -54.23 48.01 -79.56
N GLN K 191 -53.25 48.14 -80.45
CA GLN K 191 -52.34 47.04 -80.75
C GLN K 191 -51.07 47.15 -79.92
N LEU K 192 -50.78 48.36 -79.46
CA LEU K 192 -49.58 48.60 -78.67
C LEU K 192 -49.60 47.80 -77.39
N VAL K 193 -50.67 47.95 -76.62
CA VAL K 193 -50.78 47.30 -75.32
C VAL K 193 -50.55 45.82 -75.40
N GLU K 194 -51.24 45.19 -76.34
CA GLU K 194 -51.28 43.76 -76.45
C GLU K 194 -49.92 43.17 -76.79
N ASN K 195 -49.07 43.97 -77.43
CA ASN K 195 -47.84 43.44 -77.96
C ASN K 195 -46.61 44.13 -77.40
N THR K 196 -46.77 44.85 -76.28
CA THR K 196 -45.65 45.62 -75.73
C THR K 196 -45.38 45.25 -74.26
N ASP K 197 -44.10 45.19 -73.89
CA ASP K 197 -43.71 44.85 -72.53
C ASP K 197 -43.52 46.09 -71.67
N GLU K 198 -43.00 47.16 -72.28
CA GLU K 198 -42.94 48.44 -71.60
C GLU K 198 -43.01 49.58 -72.60
N THR K 199 -43.73 50.64 -72.24
CA THR K 199 -43.84 51.81 -73.09
C THR K 199 -43.74 53.08 -72.29
N TYR K 200 -43.09 54.06 -72.88
CA TYR K 200 -42.92 55.34 -72.22
C TYR K 200 -43.74 56.41 -72.91
N CYS K 201 -44.42 57.22 -72.11
CA CYS K 201 -45.30 58.24 -72.64
C CYS K 201 -44.72 59.62 -72.45
N ILE K 202 -44.39 60.25 -73.57
CA ILE K 202 -43.79 61.56 -73.54
C ILE K 202 -44.64 62.59 -74.28
N ASP K 203 -44.95 63.69 -73.61
CA ASP K 203 -45.71 64.76 -74.22
C ASP K 203 -44.82 65.92 -74.65
N ASN K 204 -45.01 66.38 -75.87
CA ASN K 204 -44.28 67.54 -76.36
C ASN K 204 -44.64 68.78 -75.56
N GLU K 205 -45.89 68.86 -75.13
CA GLU K 205 -46.35 69.96 -74.29
C GLU K 205 -45.59 70.00 -72.97
N ALA K 206 -45.45 68.83 -72.35
CA ALA K 206 -44.74 68.74 -71.09
C ALA K 206 -43.31 69.15 -71.25
N LEU K 207 -42.69 68.73 -72.35
CA LEU K 207 -41.32 69.10 -72.63
C LEU K 207 -41.21 70.59 -72.92
N TYR K 208 -42.20 71.14 -73.62
CA TYR K 208 -42.25 72.57 -73.88
C TYR K 208 -42.28 73.36 -72.57
N ASP K 209 -42.99 72.83 -71.59
CA ASP K 209 -43.03 73.46 -70.29
C ASP K 209 -41.68 73.34 -69.58
N ILE K 210 -41.13 72.12 -69.54
CA ILE K 210 -39.87 71.87 -68.86
C ILE K 210 -38.73 72.69 -69.44
N CYS K 211 -38.66 72.74 -70.76
CA CYS K 211 -37.57 73.39 -71.46
C CYS K 211 -37.58 74.90 -71.27
N PHE K 212 -38.67 75.43 -70.74
CA PHE K 212 -38.68 76.83 -70.39
C PHE K 212 -38.68 77.01 -68.88
N ARG K 213 -39.59 76.33 -68.20
CA ARG K 213 -39.71 76.48 -66.76
C ARG K 213 -38.40 76.20 -66.03
N THR K 214 -37.66 75.20 -66.48
CA THR K 214 -36.42 74.84 -65.81
C THR K 214 -35.20 75.26 -66.60
N LEU K 215 -35.26 75.14 -67.92
CA LEU K 215 -34.09 75.43 -68.75
C LEU K 215 -34.12 76.86 -69.32
N LYS K 216 -35.25 77.55 -69.15
CA LYS K 216 -35.36 78.95 -69.55
C LYS K 216 -34.94 79.19 -71.00
N LEU K 217 -35.32 78.28 -71.90
CA LEU K 217 -34.96 78.44 -73.30
C LEU K 217 -35.86 79.44 -73.98
N THR K 218 -35.25 80.42 -74.64
CA THR K 218 -36.00 81.42 -75.38
C THR K 218 -36.72 80.82 -76.57
N THR K 219 -36.01 79.98 -77.31
CA THR K 219 -36.57 79.32 -78.49
C THR K 219 -36.38 77.81 -78.42
N PRO K 220 -37.14 77.14 -77.56
CA PRO K 220 -37.17 75.70 -77.50
C PRO K 220 -37.55 75.11 -78.85
N THR K 221 -36.61 74.41 -79.49
CA THR K 221 -36.87 73.76 -80.77
C THR K 221 -37.08 72.28 -80.57
N TYR K 222 -37.52 71.60 -81.62
CA TYR K 222 -37.69 70.16 -81.56
C TYR K 222 -36.38 69.46 -81.21
N GLY K 223 -35.27 70.00 -81.69
CA GLY K 223 -33.96 69.44 -81.40
C GLY K 223 -33.63 69.51 -79.90
N ASP K 224 -34.29 70.40 -79.18
CA ASP K 224 -34.08 70.55 -77.75
C ASP K 224 -35.02 69.65 -76.99
N LEU K 225 -36.21 69.45 -77.54
CA LEU K 225 -37.19 68.58 -76.91
C LEU K 225 -36.77 67.13 -77.06
N ASN K 226 -36.24 66.81 -78.24
CA ASN K 226 -35.73 65.49 -78.53
C ASN K 226 -34.50 65.18 -77.69
N HIS K 227 -33.74 66.23 -77.41
CA HIS K 227 -32.57 66.14 -76.57
C HIS K 227 -32.95 65.71 -75.16
N LEU K 228 -33.99 66.33 -74.61
CA LEU K 228 -34.52 65.90 -73.32
C LEU K 228 -34.92 64.44 -73.34
N VAL K 229 -35.59 64.03 -74.40
CA VAL K 229 -36.02 62.64 -74.54
C VAL K 229 -34.83 61.70 -74.57
N SER K 230 -33.82 62.05 -75.36
CA SER K 230 -32.66 61.20 -75.54
C SER K 230 -31.92 60.96 -74.25
N ALA K 231 -31.92 61.96 -73.37
CA ALA K 231 -31.28 61.83 -72.08
C ALA K 231 -31.92 60.72 -71.27
N THR K 232 -33.25 60.67 -71.29
CA THR K 232 -33.96 59.65 -70.54
C THR K 232 -33.84 58.29 -71.21
N MET K 233 -33.81 58.28 -72.54
CA MET K 233 -33.63 57.03 -73.28
C MET K 233 -32.34 56.36 -72.89
N SER K 234 -31.27 57.15 -72.81
CA SER K 234 -29.99 56.63 -72.41
C SER K 234 -30.06 56.05 -71.01
N GLY K 235 -30.63 56.81 -70.08
CA GLY K 235 -30.71 56.41 -68.69
C GLY K 235 -31.37 55.05 -68.50
N VAL K 236 -32.40 54.78 -69.29
CA VAL K 236 -33.12 53.50 -69.20
C VAL K 236 -32.19 52.29 -69.36
N THR K 237 -31.18 52.42 -70.24
CA THR K 237 -30.32 51.28 -70.55
C THR K 237 -28.86 51.53 -70.19
N THR K 238 -28.57 52.69 -69.63
CA THR K 238 -27.20 53.07 -69.32
C THR K 238 -26.56 52.13 -68.32
N CYS K 239 -27.37 51.56 -67.45
CA CYS K 239 -26.95 50.60 -66.46
C CYS K 239 -26.37 49.32 -67.07
N LEU K 240 -26.70 49.08 -68.34
CA LEU K 240 -26.27 47.88 -69.02
C LEU K 240 -24.91 48.05 -69.65
N ARG K 241 -24.42 49.27 -69.66
CA ARG K 241 -23.26 49.56 -70.46
C ARG K 241 -22.01 49.87 -69.65
N PHE K 242 -22.12 49.78 -68.33
CA PHE K 242 -20.96 49.92 -67.46
C PHE K 242 -21.27 49.54 -66.00
N PRO K 243 -20.23 49.53 -65.17
CA PRO K 243 -20.30 49.10 -63.77
C PRO K 243 -21.15 50.00 -62.89
N GLY K 244 -21.63 49.43 -61.79
CA GLY K 244 -22.48 50.17 -60.85
C GLY K 244 -22.69 49.40 -59.56
N GLN K 245 -23.08 50.12 -58.51
CA GLN K 245 -23.30 49.52 -57.20
C GLN K 245 -24.52 48.64 -57.23
N LEU K 246 -25.56 49.09 -57.92
CA LEU K 246 -26.72 48.27 -58.18
C LEU K 246 -27.00 48.27 -59.66
N ASN K 247 -26.94 47.09 -60.26
CA ASN K 247 -27.21 46.95 -61.67
C ASN K 247 -28.69 47.10 -61.94
N ALA K 248 -29.02 47.22 -63.20
CA ALA K 248 -30.41 47.31 -63.62
C ALA K 248 -30.54 46.84 -65.04
N ASP K 249 -31.76 46.68 -65.49
CA ASP K 249 -32.03 46.10 -66.78
C ASP K 249 -33.44 46.36 -67.21
N LEU K 250 -33.70 46.21 -68.49
CA LEU K 250 -35.04 46.35 -69.01
C LEU K 250 -35.94 45.30 -68.41
N ARG K 251 -35.41 44.09 -68.26
CA ARG K 251 -36.13 43.02 -67.62
C ARG K 251 -36.30 43.30 -66.15
N LYS K 252 -35.23 43.73 -65.50
CA LYS K 252 -35.26 44.04 -64.07
C LYS K 252 -36.26 45.10 -63.77
N LEU K 253 -36.30 46.12 -64.61
CA LEU K 253 -37.26 47.18 -64.46
C LEU K 253 -38.64 46.65 -64.62
N ALA K 254 -38.89 45.91 -65.69
CA ALA K 254 -40.20 45.35 -65.93
C ALA K 254 -40.66 44.52 -64.73
N VAL K 255 -39.77 43.70 -64.21
CA VAL K 255 -40.07 42.89 -63.05
C VAL K 255 -40.44 43.74 -61.84
N ASN K 256 -39.85 44.91 -61.70
CA ASN K 256 -40.13 45.78 -60.58
C ASN K 256 -41.03 46.98 -60.93
N MET K 257 -41.47 47.06 -62.18
CA MET K 257 -42.24 48.21 -62.63
C MET K 257 -43.63 47.83 -63.11
N VAL K 258 -43.80 46.59 -63.52
CA VAL K 258 -45.13 46.11 -63.89
C VAL K 258 -45.65 45.13 -62.84
N PRO K 259 -46.66 45.55 -62.06
CA PRO K 259 -47.27 44.70 -61.04
C PRO K 259 -48.48 44.00 -61.61
N PHE K 260 -49.07 44.63 -62.60
CA PHE K 260 -50.20 44.06 -63.28
C PHE K 260 -49.96 44.08 -64.77
N PRO K 261 -49.77 42.89 -65.36
CA PRO K 261 -49.32 42.70 -66.76
C PRO K 261 -49.52 43.92 -67.66
N ARG K 262 -50.75 44.42 -67.71
CA ARG K 262 -51.16 45.38 -68.71
C ARG K 262 -50.71 46.80 -68.42
N LEU K 263 -50.50 47.10 -67.14
CA LEU K 263 -50.18 48.45 -66.73
C LEU K 263 -48.70 48.72 -66.86
N HIS K 264 -48.23 48.86 -68.09
CA HIS K 264 -46.82 49.04 -68.35
C HIS K 264 -46.58 50.34 -69.10
N PHE K 265 -47.30 51.38 -68.72
CA PHE K 265 -47.09 52.71 -69.25
C PHE K 265 -46.38 53.57 -68.24
N PHE K 266 -45.30 54.20 -68.67
CA PHE K 266 -44.46 54.89 -67.71
C PHE K 266 -44.25 56.34 -68.06
N MET K 267 -44.12 57.16 -67.02
CA MET K 267 -43.71 58.53 -67.18
C MET K 267 -42.20 58.62 -66.98
N PRO K 268 -41.52 59.36 -67.84
CA PRO K 268 -40.07 59.50 -67.72
C PRO K 268 -39.69 60.87 -67.19
N GLY K 269 -38.58 60.92 -66.47
CA GLY K 269 -38.04 62.17 -65.98
C GLY K 269 -36.51 62.13 -65.96
N PHE K 270 -35.91 63.28 -65.78
CA PHE K 270 -34.47 63.38 -65.73
C PHE K 270 -34.06 64.34 -64.63
N ALA K 271 -33.05 63.96 -63.87
CA ALA K 271 -32.49 64.83 -62.84
C ALA K 271 -31.86 66.09 -63.45
N PRO K 272 -30.73 66.53 -62.90
CA PRO K 272 -30.40 67.97 -62.87
C PRO K 272 -30.94 68.73 -64.09
N LEU K 273 -32.08 69.39 -63.90
CA LEU K 273 -32.64 70.30 -64.89
C LEU K 273 -32.50 71.74 -64.44
N THR K 274 -31.52 72.44 -65.01
CA THR K 274 -31.27 73.80 -64.58
C THR K 274 -30.64 74.59 -65.73
N SER K 275 -30.92 75.89 -65.78
CA SER K 275 -30.37 76.74 -66.84
C SER K 275 -28.89 76.98 -66.61
N ARG K 276 -28.19 77.38 -67.65
CA ARG K 276 -26.75 77.55 -67.58
C ARG K 276 -26.31 78.71 -66.67
N GLY K 277 -27.22 79.62 -66.38
CA GLY K 277 -26.93 80.69 -65.45
C GLY K 277 -27.27 80.31 -64.01
N SER K 278 -28.04 79.24 -63.85
CA SER K 278 -28.46 78.80 -62.53
C SER K 278 -27.67 77.59 -62.05
N GLN K 279 -26.89 76.98 -62.94
CA GLN K 279 -26.10 75.81 -62.59
C GLN K 279 -25.11 76.09 -61.47
N GLN K 280 -24.66 77.34 -61.36
CA GLN K 280 -23.69 77.74 -60.34
C GLN K 280 -24.29 77.75 -58.93
N TYR K 281 -25.61 77.66 -58.85
CA TYR K 281 -26.30 77.65 -57.57
C TYR K 281 -26.69 76.23 -57.16
N ARG K 282 -26.28 75.24 -57.94
CA ARG K 282 -26.64 73.87 -57.68
C ARG K 282 -25.77 73.25 -56.59
N ALA K 283 -26.39 72.41 -55.77
CA ALA K 283 -25.69 71.71 -54.71
C ALA K 283 -25.10 70.41 -55.23
N LEU K 284 -25.76 69.80 -56.21
CA LEU K 284 -25.34 68.53 -56.77
C LEU K 284 -25.31 67.41 -55.74
N THR K 285 -26.35 67.35 -54.91
CA THR K 285 -26.45 66.30 -53.90
C THR K 285 -27.60 65.37 -54.22
N VAL K 286 -27.58 64.17 -53.63
CA VAL K 286 -28.64 63.21 -53.86
C VAL K 286 -30.02 63.74 -53.47
N PRO K 287 -30.17 64.39 -52.30
CA PRO K 287 -31.33 65.16 -51.87
C PRO K 287 -31.83 66.07 -52.98
N GLU K 288 -30.95 66.92 -53.50
CA GLU K 288 -31.31 67.84 -54.58
C GLU K 288 -31.87 67.09 -55.78
N LEU K 289 -31.22 66.01 -56.16
CA LEU K 289 -31.63 65.25 -57.33
C LEU K 289 -33.03 64.68 -57.14
N THR K 290 -33.32 64.15 -55.95
CA THR K 290 -34.61 63.53 -55.69
C THR K 290 -35.71 64.56 -55.58
N GLN K 291 -35.37 65.77 -55.15
CA GLN K 291 -36.33 66.87 -55.17
C GLN K 291 -36.81 67.13 -56.58
N GLN K 292 -35.88 67.08 -57.52
CA GLN K 292 -36.22 67.26 -58.92
C GLN K 292 -36.92 66.04 -59.50
N MET K 293 -36.42 64.84 -59.18
CA MET K 293 -36.96 63.61 -59.75
C MET K 293 -38.40 63.39 -59.34
N PHE K 294 -38.75 63.76 -58.13
CA PHE K 294 -40.12 63.61 -57.66
C PHE K 294 -40.91 64.91 -57.76
N ASP K 295 -40.42 65.85 -58.54
CA ASP K 295 -41.16 67.07 -58.85
C ASP K 295 -42.06 66.85 -60.05
N ALA K 296 -43.36 66.99 -59.84
CA ALA K 296 -44.34 66.78 -60.89
C ALA K 296 -44.05 67.63 -62.13
N LYS K 297 -43.49 68.81 -61.92
CA LYS K 297 -43.24 69.74 -63.01
C LYS K 297 -42.12 69.27 -63.93
N ASN K 298 -41.31 68.32 -63.45
CA ASN K 298 -40.20 67.81 -64.23
C ASN K 298 -40.54 66.50 -64.93
N MET K 299 -41.80 66.12 -64.91
CA MET K 299 -42.25 64.91 -65.60
C MET K 299 -42.51 65.19 -67.06
N MET K 300 -42.05 64.28 -67.92
CA MET K 300 -42.14 64.50 -69.35
C MET K 300 -43.46 64.02 -69.94
N ALA K 301 -44.32 63.45 -69.10
CA ALA K 301 -45.72 63.28 -69.46
C ALA K 301 -46.52 64.48 -69.00
N ALA K 302 -47.52 64.87 -69.78
CA ALA K 302 -48.30 66.07 -69.48
C ALA K 302 -49.09 65.93 -68.20
N CYS K 303 -49.58 64.73 -67.92
CA CYS K 303 -50.40 64.53 -66.74
C CYS K 303 -49.59 64.70 -65.47
N ASP K 304 -50.11 65.49 -64.54
CA ASP K 304 -49.46 65.75 -63.28
C ASP K 304 -49.73 64.63 -62.28
N PRO K 305 -48.72 63.78 -62.00
CA PRO K 305 -48.74 62.59 -61.13
C PRO K 305 -49.55 62.75 -59.84
N ARG K 306 -49.67 63.98 -59.34
CA ARG K 306 -50.27 64.20 -58.04
C ARG K 306 -51.80 64.12 -58.08
N HIS K 307 -52.36 63.91 -59.27
CA HIS K 307 -53.77 63.61 -59.41
C HIS K 307 -54.03 62.10 -59.34
N GLY K 308 -52.94 61.33 -59.23
CA GLY K 308 -53.05 59.87 -59.15
C GLY K 308 -52.15 59.32 -58.06
N ARG K 309 -51.78 58.06 -58.20
CA ARG K 309 -50.89 57.43 -57.22
C ARG K 309 -49.78 56.66 -57.91
N TYR K 310 -48.72 56.38 -57.16
CA TYR K 310 -47.59 55.65 -57.72
C TYR K 310 -47.68 54.17 -57.44
N LEU K 311 -47.93 53.39 -58.49
CA LEU K 311 -47.93 51.94 -58.37
C LEU K 311 -46.52 51.44 -58.09
N THR K 312 -45.56 52.04 -58.77
CA THR K 312 -44.15 51.74 -58.53
C THR K 312 -43.25 52.73 -59.26
N VAL K 313 -42.11 53.02 -58.65
CA VAL K 313 -41.16 54.01 -59.17
C VAL K 313 -39.77 53.43 -59.33
N ALA K 314 -39.12 53.73 -60.44
CA ALA K 314 -37.72 53.39 -60.59
C ALA K 314 -36.86 54.64 -60.55
N ALA K 315 -35.83 54.59 -59.72
CA ALA K 315 -34.91 55.71 -59.59
C ALA K 315 -33.50 55.25 -59.88
N VAL K 316 -33.02 55.56 -61.08
CA VAL K 316 -31.71 55.13 -61.50
C VAL K 316 -30.71 56.26 -61.43
N PHE K 317 -29.69 56.09 -60.62
CA PHE K 317 -28.75 57.16 -60.34
C PHE K 317 -27.43 56.96 -61.05
N ARG K 318 -26.71 58.05 -61.27
CA ARG K 318 -25.47 58.03 -62.04
C ARG K 318 -24.32 58.69 -61.29
N GLY K 319 -23.23 57.96 -61.11
CA GLY K 319 -22.02 58.55 -60.56
C GLY K 319 -21.76 58.08 -59.14
N ARG K 320 -20.62 58.47 -58.60
CA ARG K 320 -20.26 58.08 -57.24
C ARG K 320 -21.19 58.72 -56.22
N MET K 321 -21.72 57.90 -55.33
CA MET K 321 -22.58 58.38 -54.26
C MET K 321 -22.74 57.35 -53.17
N SER K 322 -23.16 57.80 -51.99
CA SER K 322 -23.43 56.90 -50.89
C SER K 322 -24.73 56.14 -51.08
N MET K 323 -24.68 54.85 -50.87
CA MET K 323 -25.86 54.01 -51.00
C MET K 323 -26.86 54.31 -49.90
N LYS K 324 -26.33 54.58 -48.70
CA LYS K 324 -27.16 54.98 -47.58
C LYS K 324 -27.84 56.29 -47.85
N GLU K 325 -27.09 57.26 -48.35
CA GLU K 325 -27.64 58.57 -48.67
C GLU K 325 -28.84 58.44 -49.60
N VAL K 326 -28.70 57.64 -50.64
CA VAL K 326 -29.80 57.41 -51.55
C VAL K 326 -30.98 56.77 -50.85
N ASP K 327 -30.72 55.71 -50.10
CA ASP K 327 -31.77 54.99 -49.40
C ASP K 327 -32.53 55.92 -48.45
N GLU K 328 -31.80 56.78 -47.75
CA GLU K 328 -32.41 57.76 -46.86
C GLU K 328 -33.38 58.66 -47.59
N GLN K 329 -32.99 59.15 -48.75
CA GLN K 329 -33.83 60.04 -49.51
C GLN K 329 -35.07 59.33 -50.02
N MET K 330 -34.92 58.07 -50.40
CA MET K 330 -36.07 57.29 -50.86
C MET K 330 -37.08 57.13 -49.75
N LEU K 331 -36.59 56.90 -48.54
CA LEU K 331 -37.43 56.78 -47.37
C LEU K 331 -38.14 58.08 -47.07
N ASN K 332 -37.40 59.18 -47.12
CA ASN K 332 -37.94 60.49 -46.85
C ASN K 332 -39.08 60.82 -47.80
N VAL K 333 -38.89 60.48 -49.08
CA VAL K 333 -39.90 60.73 -50.10
C VAL K 333 -41.19 59.98 -49.85
N GLN K 334 -41.08 58.69 -49.55
CA GLN K 334 -42.27 57.87 -49.31
C GLN K 334 -42.96 58.27 -48.03
N ASN K 335 -42.20 58.73 -47.05
CA ASN K 335 -42.76 59.25 -45.82
C ASN K 335 -43.45 60.59 -46.06
N LYS K 336 -42.85 61.42 -46.90
CA LYS K 336 -43.38 62.74 -47.21
C LYS K 336 -44.74 62.66 -47.88
N ASN K 337 -44.87 61.78 -48.87
CA ASN K 337 -46.10 61.68 -49.63
C ASN K 337 -46.68 60.29 -49.61
N SER K 338 -46.98 59.79 -48.42
CA SER K 338 -47.56 58.46 -48.27
C SER K 338 -48.91 58.34 -48.96
N SER K 339 -49.59 59.48 -49.13
CA SER K 339 -50.87 59.51 -49.82
C SER K 339 -50.71 59.36 -51.33
N TYR K 340 -49.53 59.63 -51.85
CA TYR K 340 -49.29 59.55 -53.27
C TYR K 340 -48.90 58.14 -53.67
N PHE K 341 -48.13 57.50 -52.83
CA PHE K 341 -47.69 56.15 -53.12
C PHE K 341 -48.76 55.13 -52.83
N VAL K 342 -48.87 54.12 -53.68
CA VAL K 342 -49.85 53.06 -53.48
C VAL K 342 -49.43 52.15 -52.34
N GLU K 343 -50.27 52.11 -51.31
CA GLU K 343 -49.97 51.43 -50.06
C GLU K 343 -49.83 49.93 -50.21
N TRP K 344 -50.39 49.37 -51.28
CA TRP K 344 -50.30 47.94 -51.55
C TRP K 344 -48.87 47.48 -51.79
N ILE K 345 -47.98 48.42 -52.08
CA ILE K 345 -46.58 48.10 -52.23
C ILE K 345 -45.79 48.59 -51.03
N PRO K 346 -44.94 47.73 -50.47
CA PRO K 346 -44.18 48.01 -49.28
C PRO K 346 -43.10 49.03 -49.56
N ASN K 347 -42.15 48.66 -50.40
CA ASN K 347 -41.21 49.63 -50.92
C ASN K 347 -41.65 50.05 -52.30
N ASN K 348 -42.12 51.27 -52.42
CA ASN K 348 -42.68 51.74 -53.67
C ASN K 348 -41.61 52.13 -54.67
N VAL K 349 -40.37 52.25 -54.21
CA VAL K 349 -39.33 52.73 -55.09
C VAL K 349 -38.23 51.70 -55.32
N LYS K 350 -38.02 51.37 -56.58
CA LYS K 350 -36.90 50.54 -57.01
C LYS K 350 -35.73 51.43 -57.34
N THR K 351 -34.55 51.12 -56.81
CA THR K 351 -33.40 51.97 -57.07
C THR K 351 -32.30 51.24 -57.80
N ALA K 352 -31.45 52.01 -58.44
CA ALA K 352 -30.23 51.49 -59.04
C ALA K 352 -29.18 52.58 -59.07
N VAL K 353 -27.93 52.20 -58.97
CA VAL K 353 -26.86 53.18 -58.94
C VAL K 353 -25.71 52.74 -59.81
N CYS K 354 -25.40 53.56 -60.81
CA CYS K 354 -24.29 53.25 -61.69
C CYS K 354 -23.10 54.12 -61.35
N ASP K 355 -21.90 53.61 -61.62
CA ASP K 355 -20.68 54.28 -61.17
C ASP K 355 -20.28 55.46 -62.04
N ILE K 356 -20.88 55.58 -63.22
CA ILE K 356 -20.48 56.62 -64.15
C ILE K 356 -21.63 57.60 -64.45
N PRO K 357 -21.51 58.85 -63.97
CA PRO K 357 -22.33 59.97 -64.38
C PRO K 357 -22.14 60.26 -65.85
N PRO K 358 -23.11 60.90 -66.49
CA PRO K 358 -23.07 61.48 -67.81
C PRO K 358 -21.88 62.39 -67.91
N ARG K 359 -21.10 62.22 -68.97
CA ARG K 359 -19.88 63.01 -69.15
C ARG K 359 -20.16 64.49 -68.97
N GLY K 360 -19.47 65.12 -68.03
CA GLY K 360 -19.65 66.55 -67.78
C GLY K 360 -20.47 66.81 -66.52
N LEU K 361 -21.25 65.83 -66.09
CA LEU K 361 -21.98 65.94 -64.83
C LEU K 361 -21.24 65.20 -63.73
N LYS K 362 -21.30 65.75 -62.52
CA LYS K 362 -20.69 65.10 -61.38
C LYS K 362 -21.57 63.98 -60.85
N MET K 363 -22.88 64.13 -61.05
CA MET K 363 -23.83 63.16 -60.55
C MET K 363 -25.22 63.43 -61.09
N SER K 364 -25.87 62.38 -61.61
CA SER K 364 -27.16 62.53 -62.25
C SER K 364 -28.09 61.39 -61.90
N ALA K 365 -29.23 61.34 -62.61
CA ALA K 365 -30.22 60.30 -62.39
C ALA K 365 -31.33 60.38 -63.40
N THR K 366 -32.14 59.32 -63.48
CA THR K 366 -33.33 59.33 -64.32
C THR K 366 -34.49 58.66 -63.61
N PHE K 367 -35.68 59.08 -63.96
CA PHE K 367 -36.87 58.70 -63.22
C PHE K 367 -37.88 58.00 -64.10
N ILE K 368 -38.35 56.84 -63.65
CA ILE K 368 -39.41 56.14 -64.35
C ILE K 368 -40.57 55.86 -63.41
N GLY K 369 -41.72 56.43 -63.70
CA GLY K 369 -42.85 56.31 -62.79
C GLY K 369 -44.00 55.53 -63.40
N ASN K 370 -44.48 54.53 -62.67
CA ASN K 370 -45.73 53.89 -63.02
C ASN K 370 -46.83 54.47 -62.17
N SER K 371 -47.40 55.58 -62.62
CA SER K 371 -48.47 56.24 -61.88
C SER K 371 -49.82 55.92 -62.46
N THR K 372 -50.85 56.05 -61.65
CA THR K 372 -52.22 55.84 -62.10
C THR K 372 -52.77 57.10 -62.76
N ALA K 373 -52.07 58.23 -62.54
CA ALA K 373 -52.49 59.52 -63.08
C ALA K 373 -52.55 59.51 -64.60
N ILE K 374 -51.68 58.71 -65.22
CA ILE K 374 -51.56 58.66 -66.67
C ILE K 374 -52.88 58.33 -67.37
N GLN K 375 -53.80 57.69 -66.63
CA GLN K 375 -55.11 57.38 -67.16
C GLN K 375 -55.83 58.60 -67.73
N GLU K 376 -55.51 59.77 -67.19
CA GLU K 376 -56.16 61.00 -67.58
C GLU K 376 -55.78 61.41 -69.00
N LEU K 377 -54.58 61.05 -69.43
CA LEU K 377 -54.16 61.33 -70.79
C LEU K 377 -54.94 60.48 -71.76
N PHE K 378 -55.17 59.24 -71.36
CA PHE K 378 -55.95 58.32 -72.17
C PHE K 378 -57.39 58.79 -72.26
N LYS K 379 -57.92 59.29 -71.14
CA LYS K 379 -59.27 59.82 -71.11
C LYS K 379 -59.44 60.96 -72.08
N ARG K 380 -58.54 61.94 -71.99
CA ARG K 380 -58.61 63.12 -72.83
C ARG K 380 -58.63 62.74 -74.30
N ILE K 381 -57.70 61.89 -74.70
CA ILE K 381 -57.62 61.45 -76.08
C ILE K 381 -58.89 60.70 -76.48
N SER K 382 -59.36 59.83 -75.59
CA SER K 382 -60.56 59.05 -75.85
C SER K 382 -61.76 59.95 -76.09
N GLU K 383 -61.86 61.03 -75.32
CA GLU K 383 -62.94 61.99 -75.47
C GLU K 383 -62.88 62.68 -76.83
N GLN K 384 -61.69 63.07 -77.24
CA GLN K 384 -61.51 63.70 -78.55
C GLN K 384 -61.87 62.74 -79.65
N PHE K 385 -61.44 61.50 -79.50
CA PHE K 385 -61.75 60.45 -80.43
C PHE K 385 -63.25 60.26 -80.53
N THR K 386 -63.90 60.16 -79.38
CA THR K 386 -65.33 59.96 -79.32
C THR K 386 -66.06 61.05 -80.07
N ALA K 387 -65.74 62.30 -79.76
CA ALA K 387 -66.45 63.43 -80.33
C ALA K 387 -66.45 63.38 -81.85
N MET K 388 -65.30 63.05 -82.42
CA MET K 388 -65.17 62.91 -83.85
C MET K 388 -65.88 61.66 -84.35
N PHE K 389 -65.66 60.56 -83.65
CA PHE K 389 -66.17 59.26 -84.06
C PHE K 389 -67.69 59.23 -84.09
N ARG K 390 -68.31 59.97 -83.18
CA ARG K 390 -69.77 60.05 -83.15
C ARG K 390 -70.34 60.59 -84.45
N ARG K 391 -69.54 61.35 -85.20
CA ARG K 391 -69.97 61.89 -86.47
C ARG K 391 -69.30 61.16 -87.63
N LYS K 392 -68.58 60.08 -87.32
CA LYS K 392 -67.77 59.38 -88.30
C LYS K 392 -66.85 60.33 -89.06
N ALA K 393 -66.33 61.32 -88.35
CA ALA K 393 -65.50 62.33 -88.95
C ALA K 393 -64.22 61.73 -89.47
N PHE K 394 -63.83 62.13 -90.68
CA PHE K 394 -62.59 61.66 -91.30
C PHE K 394 -62.53 60.15 -91.51
N LEU K 395 -63.63 59.44 -91.25
CA LEU K 395 -63.62 58.00 -91.25
C LEU K 395 -63.32 57.44 -92.63
N HIS K 396 -63.72 58.17 -93.66
CA HIS K 396 -63.57 57.72 -95.04
C HIS K 396 -62.11 57.58 -95.45
N TRP K 397 -61.22 58.25 -94.70
CA TRP K 397 -59.79 58.13 -94.98
C TRP K 397 -59.28 56.75 -94.60
N TYR K 398 -59.97 56.11 -93.67
CA TYR K 398 -59.58 54.79 -93.24
C TYR K 398 -60.46 53.75 -93.87
N THR K 399 -61.71 54.13 -94.14
CA THR K 399 -62.63 53.28 -94.89
C THR K 399 -62.07 52.93 -96.25
N GLY K 400 -61.47 53.93 -96.91
CA GLY K 400 -60.88 53.74 -98.22
C GLY K 400 -59.67 52.78 -98.19
N GLU K 401 -59.11 52.56 -97.00
CA GLU K 401 -58.01 51.64 -96.84
C GLU K 401 -58.49 50.25 -96.43
N GLY K 402 -59.80 50.11 -96.22
CA GLY K 402 -60.37 48.83 -95.85
C GLY K 402 -60.65 48.71 -94.35
N MET K 403 -60.56 49.83 -93.63
CA MET K 403 -60.84 49.81 -92.20
C MET K 403 -62.31 50.04 -91.92
N ASP K 404 -62.89 49.20 -91.09
CA ASP K 404 -64.29 49.30 -90.75
C ASP K 404 -64.50 50.09 -89.47
N GLU K 405 -65.77 50.26 -89.08
CA GLU K 405 -66.13 50.93 -87.84
C GLU K 405 -65.84 50.06 -86.64
N MET K 406 -65.95 48.75 -86.82
CA MET K 406 -65.84 47.80 -85.72
C MET K 406 -64.49 47.93 -85.03
N GLU K 407 -63.44 48.08 -85.82
CA GLU K 407 -62.11 48.28 -85.27
C GLU K 407 -62.07 49.48 -84.35
N PHE K 408 -62.69 50.57 -84.77
CA PHE K 408 -62.65 51.81 -84.02
C PHE K 408 -63.41 51.70 -82.71
N THR K 409 -64.56 51.03 -82.74
CA THR K 409 -65.36 50.84 -81.52
C THR K 409 -64.69 49.86 -80.60
N GLU K 410 -64.04 48.85 -81.17
CA GLU K 410 -63.34 47.85 -80.40
C GLU K 410 -62.13 48.46 -79.72
N ALA K 411 -61.41 49.30 -80.45
CA ALA K 411 -60.24 49.95 -79.92
C ALA K 411 -60.61 50.83 -78.73
N GLU K 412 -61.64 51.65 -78.90
CA GLU K 412 -62.09 52.54 -77.84
C GLU K 412 -62.55 51.77 -76.61
N SER K 413 -63.30 50.70 -76.85
CA SER K 413 -63.74 49.85 -75.76
C SER K 413 -62.54 49.32 -74.99
N ASN K 414 -61.52 48.92 -75.72
CA ASN K 414 -60.32 48.39 -75.13
C ASN K 414 -59.46 49.49 -74.50
N MET K 415 -59.56 50.71 -75.01
CA MET K 415 -58.92 51.85 -74.37
C MET K 415 -59.56 52.18 -73.03
N ASN K 416 -60.87 52.02 -72.96
CA ASN K 416 -61.60 52.25 -71.73
C ASN K 416 -61.16 51.27 -70.66
N ASP K 417 -60.94 50.02 -71.06
CA ASP K 417 -60.45 49.00 -70.14
C ASP K 417 -59.14 49.42 -69.49
N LEU K 418 -58.22 49.95 -70.30
CA LEU K 418 -56.93 50.42 -69.81
C LEU K 418 -57.10 51.47 -68.72
N VAL K 419 -57.92 52.48 -68.99
CA VAL K 419 -58.18 53.53 -68.03
C VAL K 419 -58.83 52.98 -66.78
N SER K 420 -59.82 52.12 -67.00
CA SER K 420 -60.55 51.51 -65.90
C SER K 420 -59.64 50.76 -64.97
N GLU K 421 -58.67 50.05 -65.54
CA GLU K 421 -57.70 49.30 -64.76
C GLU K 421 -56.83 50.21 -63.90
N TYR K 422 -56.36 51.31 -64.47
CA TYR K 422 -55.60 52.29 -63.69
C TYR K 422 -56.45 52.88 -62.58
N GLN K 423 -57.71 53.15 -62.87
CA GLN K 423 -58.64 53.63 -61.86
C GLN K 423 -58.94 52.58 -60.81
N GLN K 424 -59.01 51.32 -61.22
CA GLN K 424 -59.21 50.22 -60.28
C GLN K 424 -58.14 50.23 -59.20
N TYR K 425 -56.92 50.55 -59.60
CA TYR K 425 -55.80 50.54 -58.68
C TYR K 425 -55.45 51.94 -58.18
N GLN K 426 -56.45 52.83 -58.14
CA GLN K 426 -56.30 54.14 -57.50
C GLN K 426 -57.45 54.42 -56.54
N ASP K 427 -57.15 55.07 -55.43
CA ASP K 427 -58.19 55.49 -54.50
C ASP K 427 -58.57 56.95 -54.72
N SER L 9 -76.02 32.85 -60.01
CA SER L 9 -75.26 33.75 -59.14
C SER L 9 -73.96 33.10 -58.66
N SER L 10 -74.02 32.40 -57.53
CA SER L 10 -72.83 31.77 -56.97
C SER L 10 -72.43 30.52 -57.76
N ILE L 11 -71.13 30.29 -57.85
CA ILE L 11 -70.61 29.16 -58.62
C ILE L 11 -70.51 27.90 -57.77
N VAL L 12 -70.39 26.76 -58.43
CA VAL L 12 -70.29 25.46 -57.76
C VAL L 12 -68.98 24.76 -58.07
N VAL L 13 -68.28 24.31 -57.03
CA VAL L 13 -67.03 23.58 -57.25
C VAL L 13 -67.20 22.08 -57.04
N ALA L 14 -66.91 21.31 -58.09
CA ALA L 14 -67.05 19.85 -58.07
C ALA L 14 -65.75 19.18 -58.48
N ILE L 15 -65.50 18.00 -57.93
CA ILE L 15 -64.19 17.35 -58.08
C ILE L 15 -64.28 15.84 -58.24
N ARG L 16 -63.37 15.27 -59.05
CA ARG L 16 -63.31 13.82 -59.24
C ARG L 16 -61.89 13.37 -59.63
N VAL L 17 -61.60 12.08 -59.45
CA VAL L 17 -60.27 11.53 -59.77
C VAL L 17 -60.30 10.64 -61.02
N ARG L 18 -59.12 10.47 -61.67
CA ARG L 18 -58.88 9.34 -62.59
C ARG L 18 -59.06 7.99 -61.81
N PRO L 19 -58.17 7.03 -61.99
CA PRO L 19 -58.06 5.99 -60.96
C PRO L 19 -56.64 5.67 -60.66
N PHE L 20 -56.42 4.60 -59.93
CA PHE L 20 -55.12 4.03 -59.83
C PHE L 20 -55.12 2.71 -60.59
N THR L 21 -54.04 2.46 -61.30
CA THR L 21 -53.97 1.33 -62.21
C THR L 21 -52.95 0.34 -61.71
N SER L 22 -52.59 -0.61 -62.55
CA SER L 22 -51.57 -1.59 -62.21
C SER L 22 -50.21 -0.92 -61.97
N MET L 23 -50.03 0.28 -62.50
CA MET L 23 -48.80 1.03 -62.26
C MET L 23 -48.73 1.50 -60.80
N GLU L 24 -49.90 1.74 -60.21
CA GLU L 24 -49.98 2.15 -58.82
C GLU L 24 -50.19 0.96 -57.89
N LYS L 25 -50.86 -0.08 -58.40
CA LYS L 25 -51.07 -1.30 -57.64
C LYS L 25 -49.76 -2.05 -57.45
N THR L 26 -48.92 -2.05 -58.48
CA THR L 26 -47.57 -2.63 -58.39
C THR L 26 -46.77 -1.97 -57.29
N ARG L 27 -46.95 -0.66 -57.14
CA ARG L 27 -46.28 0.10 -56.11
C ARG L 27 -46.92 -0.14 -54.75
N LEU L 28 -46.69 -1.32 -54.18
CA LEU L 28 -47.28 -1.67 -52.91
C LEU L 28 -46.80 -0.75 -51.81
N VAL L 29 -45.51 -0.43 -51.84
CA VAL L 29 -44.92 0.46 -50.85
C VAL L 29 -45.19 1.93 -51.18
N ILE L 30 -46.40 2.37 -50.91
CA ILE L 30 -46.75 3.78 -51.04
C ILE L 30 -47.99 4.11 -50.23
N ARG L 31 -48.03 5.30 -49.66
CA ARG L 31 -49.19 5.76 -48.93
C ARG L 31 -49.97 6.78 -49.75
N LYS L 32 -51.28 6.52 -49.91
CA LYS L 32 -52.15 7.41 -50.69
C LYS L 32 -52.23 8.78 -50.05
N ILE L 33 -52.39 9.80 -50.90
CA ILE L 33 -52.51 11.19 -50.42
C ILE L 33 -53.93 11.73 -50.58
N VAL L 34 -54.78 11.02 -51.30
CA VAL L 34 -56.17 11.42 -51.46
C VAL L 34 -57.11 10.46 -50.79
N ASP L 35 -58.00 10.99 -49.97
CA ASP L 35 -59.01 10.17 -49.33
C ASP L 35 -60.31 10.95 -49.13
N CYS L 36 -61.24 10.75 -50.05
CA CYS L 36 -62.58 11.29 -49.90
C CYS L 36 -63.32 10.52 -48.83
N VAL L 37 -63.65 11.19 -47.73
CA VAL L 37 -64.26 10.52 -46.59
C VAL L 37 -65.77 10.67 -46.59
N ASP L 38 -66.27 11.69 -47.26
CA ASP L 38 -67.71 11.86 -47.42
C ASP L 38 -68.01 12.72 -48.63
N ASP L 39 -69.27 12.84 -48.97
CA ASP L 39 -69.67 13.74 -50.03
C ASP L 39 -69.29 15.15 -49.64
N ARG L 40 -68.60 15.85 -50.54
CA ARG L 40 -68.10 17.21 -50.30
C ARG L 40 -66.95 17.28 -49.29
N MET L 41 -66.44 16.13 -48.82
CA MET L 41 -65.41 16.12 -47.80
C MET L 41 -64.16 15.35 -48.23
N LEU L 42 -63.11 16.10 -48.57
CA LEU L 42 -61.85 15.51 -48.95
C LEU L 42 -60.80 15.67 -47.88
N ILE L 43 -60.19 14.57 -47.50
CA ILE L 43 -59.07 14.63 -46.59
C ILE L 43 -57.76 14.38 -47.32
N PHE L 44 -56.82 15.29 -47.15
CA PHE L 44 -55.52 15.11 -47.75
C PHE L 44 -54.64 14.28 -46.82
N ASP L 45 -54.31 13.09 -47.28
CA ASP L 45 -53.47 12.17 -46.55
C ASP L 45 -51.99 12.49 -46.81
N PRO L 46 -51.09 11.95 -45.97
CA PRO L 46 -51.40 10.99 -44.90
C PRO L 46 -50.95 11.49 -43.54
N ALA L 47 -50.46 12.72 -43.51
CA ALA L 47 -49.83 13.35 -42.33
C ALA L 47 -48.32 13.12 -42.38
N ASP L 48 -47.78 12.46 -41.35
CA ASP L 48 -46.38 12.11 -41.33
C ASP L 48 -46.06 11.16 -40.19
N ARG L 49 -46.00 9.87 -40.51
CA ARG L 49 -45.55 8.85 -39.59
C ARG L 49 -44.37 8.12 -40.22
N ASN L 50 -43.52 8.88 -40.91
CA ASN L 50 -42.48 8.31 -41.75
C ASN L 50 -41.38 7.64 -40.96
N SER L 51 -40.78 6.62 -41.56
CA SER L 51 -39.61 5.94 -41.01
C SER L 51 -38.32 6.55 -41.56
N ASN L 52 -38.45 7.67 -42.28
CA ASN L 52 -37.32 8.34 -42.89
C ASN L 52 -36.81 9.50 -42.02
N ALA L 53 -37.24 9.55 -40.77
CA ALA L 53 -36.87 10.62 -39.85
C ALA L 53 -37.11 10.19 -38.40
N THR L 54 -37.87 10.99 -37.64
CA THR L 54 -38.21 10.63 -36.27
C THR L 54 -39.72 10.75 -36.04
N ASN L 55 -40.16 11.94 -35.62
CA ASN L 55 -41.57 12.22 -35.39
C ASN L 55 -42.20 11.25 -34.39
N LYS L 56 -41.53 11.06 -33.25
CA LYS L 56 -42.03 10.19 -32.19
C LYS L 56 -42.27 10.98 -30.92
N PHE L 57 -42.84 12.16 -31.09
CA PHE L 57 -43.05 13.09 -29.98
C PHE L 57 -44.08 14.14 -30.39
N SER L 58 -44.46 14.99 -29.44
CA SER L 58 -45.45 16.03 -29.71
C SER L 58 -45.04 16.87 -30.92
N SER L 59 -45.90 16.88 -31.93
CA SER L 59 -45.54 17.44 -33.22
C SER L 59 -45.24 18.92 -33.17
N GLN L 60 -44.14 19.31 -33.80
CA GLN L 60 -43.82 20.71 -34.01
C GLN L 60 -43.81 21.03 -35.50
N ARG L 61 -44.51 20.19 -36.28
CA ARG L 61 -44.56 20.36 -37.72
C ARG L 61 -45.70 21.28 -38.14
N ARG L 62 -45.54 21.94 -39.28
CA ARG L 62 -46.56 22.88 -39.75
C ARG L 62 -47.80 22.15 -40.21
N ARG L 63 -47.61 21.24 -41.16
CA ARG L 63 -48.72 20.43 -41.62
C ARG L 63 -48.30 18.97 -41.82
N HIS L 64 -46.99 18.72 -41.77
CA HIS L 64 -46.48 17.36 -41.92
C HIS L 64 -46.67 16.62 -40.61
N GLY L 65 -47.85 16.07 -40.42
CA GLY L 65 -48.24 15.52 -39.13
C GLY L 65 -49.74 15.59 -38.94
N GLY L 66 -50.38 16.55 -39.60
CA GLY L 66 -51.83 16.65 -39.60
C GLY L 66 -52.40 16.30 -40.96
N GLU L 67 -53.71 16.46 -41.12
CA GLU L 67 -54.37 16.22 -42.40
C GLU L 67 -55.07 17.47 -42.87
N ILE L 68 -55.16 17.66 -44.18
CA ILE L 68 -55.75 18.88 -44.70
C ILE L 68 -57.16 18.63 -45.18
N LYS L 69 -58.10 19.36 -44.60
CA LYS L 69 -59.51 19.17 -44.91
C LYS L 69 -59.98 20.14 -45.99
N PHE L 70 -60.39 19.59 -47.13
CA PHE L 70 -60.96 20.39 -48.20
C PHE L 70 -62.45 20.13 -48.33
N VAL L 71 -63.25 21.20 -48.32
CA VAL L 71 -64.68 21.06 -48.44
C VAL L 71 -65.21 21.79 -49.67
N PHE L 72 -65.94 21.05 -50.50
CA PHE L 72 -66.41 21.57 -51.77
C PHE L 72 -67.92 21.53 -51.85
N ASP L 73 -68.47 21.94 -52.98
CA ASP L 73 -69.90 21.96 -53.15
C ASP L 73 -70.41 20.60 -53.60
N LYS L 74 -69.64 19.95 -54.47
CA LYS L 74 -69.96 18.58 -54.89
C LYS L 74 -68.68 17.78 -55.16
N LEU L 75 -68.10 17.23 -54.10
CA LEU L 75 -66.93 16.37 -54.25
C LEU L 75 -67.32 14.96 -54.57
N PHE L 76 -66.75 14.43 -55.64
CA PHE L 76 -66.96 13.06 -56.05
C PHE L 76 -65.65 12.29 -56.03
N ASP L 77 -65.71 11.03 -56.40
CA ASP L 77 -64.52 10.19 -56.47
C ASP L 77 -64.65 9.15 -57.57
N GLU L 78 -63.74 8.19 -57.60
CA GLU L 78 -63.73 7.14 -58.62
C GLU L 78 -64.98 6.25 -58.56
N THR L 79 -65.64 6.23 -57.41
CA THR L 79 -66.85 5.44 -57.24
C THR L 79 -68.00 5.98 -58.07
N SER L 80 -68.11 7.30 -58.17
CA SER L 80 -69.25 7.90 -58.84
C SER L 80 -69.04 7.96 -60.35
N SER L 81 -70.02 7.45 -61.10
CA SER L 81 -69.95 7.46 -62.55
C SER L 81 -70.12 8.85 -63.11
N GLN L 82 -69.43 9.13 -64.21
CA GLN L 82 -69.52 10.43 -64.87
C GLN L 82 -70.91 10.67 -65.44
N ALA L 83 -71.68 9.61 -65.60
CA ALA L 83 -73.06 9.74 -66.06
C ALA L 83 -73.88 10.51 -65.06
N ARG L 84 -73.54 10.38 -63.78
CA ARG L 84 -74.22 11.12 -62.73
C ARG L 84 -73.45 12.36 -62.36
N VAL L 85 -72.13 12.26 -62.26
CA VAL L 85 -71.30 13.40 -61.88
C VAL L 85 -71.53 14.58 -62.81
N TYR L 86 -71.56 14.29 -64.10
CA TYR L 86 -71.82 15.31 -65.09
C TYR L 86 -73.22 15.90 -64.92
N LYS L 87 -74.24 15.05 -64.98
CA LYS L 87 -75.61 15.52 -64.97
C LYS L 87 -75.99 16.16 -63.63
N GLU L 88 -75.52 15.59 -62.55
CA GLU L 88 -75.68 16.16 -61.21
C GLU L 88 -75.26 17.62 -61.17
N THR L 89 -74.24 17.97 -61.96
CA THR L 89 -73.65 19.28 -61.89
C THR L 89 -74.04 20.18 -63.07
N THR L 90 -74.25 19.57 -64.24
CA THR L 90 -74.41 20.35 -65.46
C THR L 90 -75.80 20.28 -66.07
N SER L 91 -76.59 19.31 -65.63
CA SER L 91 -77.97 19.21 -66.09
C SER L 91 -78.74 20.52 -65.80
N PRO L 92 -78.43 21.18 -64.66
CA PRO L 92 -78.98 22.47 -64.29
C PRO L 92 -78.30 23.60 -65.03
N LEU L 93 -77.04 23.42 -65.41
CA LEU L 93 -76.36 24.43 -66.21
C LEU L 93 -76.98 24.50 -67.59
N LEU L 94 -77.34 23.34 -68.14
CA LEU L 94 -78.01 23.29 -69.43
C LEU L 94 -79.39 23.92 -69.34
N ASP L 95 -80.10 23.65 -68.24
CA ASP L 95 -81.37 24.30 -68.00
C ASP L 95 -81.20 25.80 -67.73
N SER L 96 -80.10 26.16 -67.06
CA SER L 96 -79.79 27.56 -66.77
C SER L 96 -79.64 28.36 -68.05
N VAL L 97 -79.02 27.76 -69.06
CA VAL L 97 -78.92 28.37 -70.40
C VAL L 97 -80.28 28.81 -70.92
N LEU L 98 -81.32 28.06 -70.58
CA LEU L 98 -82.62 28.31 -71.14
C LEU L 98 -83.51 29.07 -70.15
N ASP L 99 -82.90 29.64 -69.11
CA ASP L 99 -83.62 30.44 -68.12
C ASP L 99 -83.45 31.95 -68.35
N GLY L 100 -82.95 32.33 -69.53
CA GLY L 100 -82.82 33.73 -69.88
C GLY L 100 -81.38 34.24 -69.79
N PHE L 101 -80.44 33.33 -69.51
CA PHE L 101 -79.03 33.69 -69.39
C PHE L 101 -78.17 32.48 -69.71
N ASN L 102 -76.90 32.73 -70.04
CA ASN L 102 -76.03 31.65 -70.53
C ASN L 102 -75.39 30.85 -69.39
N SER L 103 -74.56 29.88 -69.76
CA SER L 103 -73.80 29.10 -68.78
C SER L 103 -72.51 28.54 -69.35
N THR L 104 -71.79 27.75 -68.54
CA THR L 104 -70.48 27.25 -68.94
C THR L 104 -69.94 26.14 -68.02
N VAL L 105 -69.09 25.27 -68.60
CA VAL L 105 -68.48 24.14 -67.88
C VAL L 105 -66.95 24.26 -67.84
N PHE L 106 -66.36 24.10 -66.64
CA PHE L 106 -64.90 24.23 -66.47
C PHE L 106 -64.20 22.89 -66.26
N ALA L 107 -62.86 22.94 -66.24
CA ALA L 107 -62.00 21.78 -65.98
C ALA L 107 -60.64 22.25 -65.39
N TYR L 108 -59.86 21.33 -64.81
CA TYR L 108 -58.59 21.72 -64.20
C TYR L 108 -57.71 20.50 -63.87
N GLY L 109 -56.37 20.67 -63.99
CA GLY L 109 -55.44 19.61 -63.57
C GLY L 109 -54.06 19.69 -64.25
N ALA L 110 -53.15 18.82 -63.81
CA ALA L 110 -51.83 18.69 -64.41
C ALA L 110 -51.87 17.76 -65.62
N THR L 111 -50.84 17.82 -66.47
CA THR L 111 -50.84 16.98 -67.67
C THR L 111 -50.80 15.51 -67.35
N GLY L 112 -51.82 14.83 -67.83
CA GLY L 112 -51.96 13.40 -67.77
C GLY L 112 -53.12 13.07 -66.82
N CYS L 113 -53.66 14.11 -66.18
CA CYS L 113 -54.76 13.94 -65.23
C CYS L 113 -56.15 14.01 -65.88
N GLY L 114 -56.36 13.25 -66.95
CA GLY L 114 -57.71 12.87 -67.31
C GLY L 114 -58.55 13.87 -68.06
N LYS L 115 -58.01 15.02 -68.39
CA LYS L 115 -58.73 15.86 -69.33
C LYS L 115 -58.55 15.14 -70.65
N THR L 116 -59.36 15.41 -71.65
CA THR L 116 -59.42 14.52 -72.83
C THR L 116 -60.13 13.15 -72.51
N TYR L 117 -59.64 12.40 -71.50
CA TYR L 117 -60.39 11.20 -71.07
C TYR L 117 -61.77 11.56 -70.42
N THR L 118 -61.80 12.53 -69.52
CA THR L 118 -63.03 12.84 -68.78
C THR L 118 -64.07 13.60 -69.61
N VAL L 119 -63.62 14.29 -70.64
CA VAL L 119 -64.54 14.98 -71.55
C VAL L 119 -65.29 13.99 -72.45
N SER L 120 -64.74 12.77 -72.56
CA SER L 120 -65.28 11.74 -73.43
C SER L 120 -64.77 10.37 -73.03
N GLY L 121 -63.46 10.17 -73.11
CA GLY L 121 -62.85 8.91 -72.71
C GLY L 121 -62.76 7.95 -73.87
N THR L 122 -62.62 6.68 -73.54
CA THR L 122 -62.60 5.65 -74.56
C THR L 122 -63.96 5.63 -75.25
N PRO L 123 -63.96 5.55 -76.59
CA PRO L 123 -65.11 5.68 -77.49
C PRO L 123 -66.19 4.60 -77.29
N SER L 124 -66.68 4.48 -76.08
CA SER L 124 -67.80 3.62 -75.73
C SER L 124 -68.47 4.12 -74.45
N GLN L 125 -67.94 5.21 -73.88
CA GLN L 125 -68.41 5.74 -72.63
C GLN L 125 -68.95 7.15 -72.78
N PRO L 126 -69.70 7.61 -71.79
CA PRO L 126 -70.26 8.95 -71.68
C PRO L 126 -69.25 9.92 -71.10
N GLY L 127 -69.46 11.20 -71.33
CA GLY L 127 -68.56 12.22 -70.83
C GLY L 127 -69.19 13.59 -70.98
N ILE L 128 -68.39 14.63 -70.78
CA ILE L 128 -68.90 16.00 -70.79
C ILE L 128 -69.66 16.33 -72.07
N ILE L 129 -69.02 16.15 -73.21
CA ILE L 129 -69.62 16.56 -74.48
C ILE L 129 -70.73 15.62 -74.90
N PHE L 130 -70.49 14.33 -74.76
CA PHE L 130 -71.46 13.32 -75.16
C PHE L 130 -72.78 13.49 -74.43
N LEU L 131 -72.71 13.60 -73.11
CA LEU L 131 -73.89 13.72 -72.28
C LEU L 131 -74.57 15.06 -72.48
N ALA L 132 -73.78 16.10 -72.78
CA ALA L 132 -74.34 17.40 -73.11
C ALA L 132 -75.31 17.28 -74.27
N MET L 133 -74.86 16.62 -75.34
CA MET L 133 -75.67 16.45 -76.51
C MET L 133 -76.76 15.42 -76.31
N GLU L 134 -76.44 14.33 -75.61
CA GLU L 134 -77.43 13.30 -75.34
C GLU L 134 -78.65 13.88 -74.65
N GLU L 135 -78.41 14.58 -73.55
CA GLU L 135 -79.47 15.19 -72.77
C GLU L 135 -80.19 16.27 -73.54
N LEU L 136 -79.42 17.18 -74.16
CA LEU L 136 -80.01 18.29 -74.89
C LEU L 136 -80.85 17.80 -76.04
N PHE L 137 -80.33 16.86 -76.82
CA PHE L 137 -81.03 16.34 -77.98
C PHE L 137 -82.34 15.70 -77.62
N ASN L 138 -82.36 14.97 -76.50
CA ASN L 138 -83.59 14.39 -76.02
C ASN L 138 -84.59 15.48 -75.67
N LYS L 139 -84.10 16.54 -75.03
CA LYS L 139 -84.93 17.70 -74.72
C LYS L 139 -85.41 18.40 -75.99
N ILE L 140 -84.55 18.44 -76.99
CA ILE L 140 -84.89 19.06 -78.27
C ILE L 140 -86.04 18.34 -78.95
N THR L 141 -85.94 17.02 -79.04
CA THR L 141 -86.94 16.23 -79.74
C THR L 141 -88.23 16.09 -78.92
N ASP L 142 -88.11 16.22 -77.61
CA ASP L 142 -89.30 16.24 -76.77
C ASP L 142 -90.02 17.58 -76.84
N LEU L 143 -89.24 18.65 -76.95
CA LEU L 143 -89.80 20.00 -76.96
C LEU L 143 -89.88 20.58 -78.38
N LYS L 144 -89.57 19.75 -79.39
CA LYS L 144 -89.61 20.17 -80.80
C LYS L 144 -91.02 20.56 -81.24
N ASP L 145 -92.02 20.09 -80.51
CA ASP L 145 -93.40 20.39 -80.84
C ASP L 145 -93.87 21.67 -80.16
N GLU L 146 -93.02 22.26 -79.32
CA GLU L 146 -93.36 23.48 -78.61
C GLU L 146 -92.58 24.67 -79.14
N LYS L 147 -91.27 24.49 -79.33
CA LYS L 147 -90.41 25.59 -79.76
C LYS L 147 -89.60 25.21 -80.99
N ASP L 148 -89.17 26.22 -81.75
CA ASP L 148 -88.27 26.00 -82.88
C ASP L 148 -86.84 26.01 -82.39
N PHE L 149 -86.02 25.10 -82.90
CA PHE L 149 -84.64 24.99 -82.44
C PHE L 149 -83.64 25.39 -83.51
N GLU L 150 -82.98 26.52 -83.29
CA GLU L 150 -81.87 26.93 -84.13
C GLU L 150 -80.60 27.01 -83.30
N ILE L 151 -79.90 25.88 -83.21
CA ILE L 151 -78.71 25.78 -82.39
C ILE L 151 -77.47 25.67 -83.24
N SER L 152 -76.43 26.42 -82.88
CA SER L 152 -75.17 26.39 -83.61
C SER L 152 -74.00 26.12 -82.69
N LEU L 153 -72.89 25.65 -83.27
CA LEU L 153 -71.73 25.26 -82.52
C LEU L 153 -70.51 26.08 -82.89
N SER L 154 -69.82 26.60 -81.87
CA SER L 154 -68.59 27.35 -82.07
C SER L 154 -67.41 26.59 -81.52
N TYR L 155 -66.35 26.50 -82.32
CA TYR L 155 -65.18 25.73 -81.96
C TYR L 155 -63.96 26.63 -81.83
N LEU L 156 -63.09 26.34 -80.86
CA LEU L 156 -61.99 27.25 -80.55
C LEU L 156 -60.86 26.56 -79.80
N GLU L 157 -59.62 26.85 -80.21
CA GLU L 157 -58.43 26.41 -79.48
C GLU L 157 -57.56 27.59 -79.09
N ILE L 158 -56.92 27.52 -77.92
CA ILE L 158 -55.95 28.55 -77.54
C ILE L 158 -54.57 27.93 -77.36
N TYR L 159 -53.63 28.41 -78.15
CA TYR L 159 -52.26 27.89 -78.12
C TYR L 159 -51.28 29.02 -78.36
N ASN L 160 -50.31 29.18 -77.46
CA ASN L 160 -49.39 30.32 -77.51
C ASN L 160 -50.12 31.66 -77.52
N GLU L 161 -51.18 31.77 -76.72
CA GLU L 161 -52.01 32.98 -76.68
C GLU L 161 -52.65 33.29 -78.03
N ARG L 162 -52.76 32.27 -78.88
CA ARG L 162 -53.32 32.44 -80.22
C ARG L 162 -54.62 31.68 -80.34
N ILE L 163 -55.61 32.31 -80.94
CA ILE L 163 -56.88 31.64 -81.16
C ILE L 163 -56.85 30.91 -82.48
N ARG L 164 -57.11 29.62 -82.43
CA ARG L 164 -57.12 28.82 -83.64
C ARG L 164 -58.51 28.29 -83.92
N ASP L 165 -58.84 28.22 -85.20
CA ASP L 165 -60.06 27.56 -85.61
C ASP L 165 -59.88 26.07 -85.45
N LEU L 166 -60.55 25.52 -84.46
CA LEU L 166 -60.35 24.15 -84.04
C LEU L 166 -60.57 23.15 -85.17
N LEU L 167 -61.50 23.45 -86.06
CA LEU L 167 -61.89 22.51 -87.10
C LEU L 167 -61.23 22.81 -88.43
N LYS L 168 -60.96 24.08 -88.68
CA LYS L 168 -60.27 24.50 -89.89
C LYS L 168 -59.07 25.39 -89.60
N PRO L 169 -57.90 24.80 -89.31
CA PRO L 169 -56.63 25.49 -89.06
C PRO L 169 -56.10 26.17 -90.32
N GLU L 170 -56.71 25.85 -91.46
CA GLU L 170 -56.41 26.48 -92.73
C GLU L 170 -56.68 27.99 -92.69
N THR L 171 -57.59 28.42 -91.83
CA THR L 171 -57.86 29.84 -91.62
C THR L 171 -56.88 30.45 -90.61
N PRO L 172 -56.29 31.61 -90.94
CA PRO L 172 -55.30 32.27 -90.09
C PRO L 172 -55.92 32.80 -88.81
N SER L 173 -55.12 32.84 -87.74
CA SER L 173 -55.57 33.27 -86.42
C SER L 173 -55.98 34.74 -86.40
N LYS L 174 -55.47 35.51 -87.36
CA LYS L 174 -55.85 36.90 -87.50
C LYS L 174 -57.34 37.07 -87.80
N ARG L 175 -57.97 36.00 -88.29
CA ARG L 175 -59.38 36.02 -88.65
C ARG L 175 -60.28 35.70 -87.48
N LEU L 176 -59.69 35.47 -86.31
CA LEU L 176 -60.45 35.17 -85.11
C LEU L 176 -60.30 36.24 -84.05
N VAL L 177 -61.35 37.01 -83.85
CA VAL L 177 -61.35 38.08 -82.86
C VAL L 177 -62.44 37.84 -81.86
N ILE L 178 -62.09 37.89 -80.59
CA ILE L 178 -63.06 37.60 -79.54
C ILE L 178 -63.65 38.87 -78.95
N ARG L 179 -64.94 39.08 -79.22
CA ARG L 179 -65.68 40.20 -78.68
C ARG L 179 -66.96 39.73 -78.01
N GLU L 180 -67.59 40.60 -77.24
CA GLU L 180 -68.89 40.30 -76.63
C GLU L 180 -69.80 41.52 -76.71
N ASP L 181 -71.11 41.29 -76.70
CA ASP L 181 -72.08 42.37 -76.79
C ASP L 181 -72.50 42.88 -75.42
N THR L 182 -73.28 43.96 -75.42
CA THR L 182 -73.97 44.45 -74.23
C THR L 182 -75.17 43.56 -73.94
N GLN L 183 -75.58 42.78 -74.94
CA GLN L 183 -76.60 41.76 -74.78
C GLN L 183 -75.97 40.41 -74.39
N ASN L 184 -74.65 40.39 -74.21
CA ASN L 184 -73.91 39.18 -73.90
C ASN L 184 -73.94 38.19 -75.06
N HIS L 185 -74.02 38.71 -76.27
CA HIS L 185 -73.89 37.89 -77.47
C HIS L 185 -72.43 37.63 -77.78
N ILE L 186 -72.12 36.40 -78.19
CA ILE L 186 -70.75 36.00 -78.49
C ILE L 186 -70.34 36.47 -79.87
N LYS L 187 -69.43 37.43 -79.92
CA LYS L 187 -69.03 38.01 -81.18
C LYS L 187 -67.63 37.57 -81.59
N VAL L 188 -67.55 36.42 -82.25
CA VAL L 188 -66.28 35.93 -82.76
C VAL L 188 -66.23 36.01 -84.28
N ALA L 189 -65.11 36.50 -84.80
CA ALA L 189 -64.94 36.72 -86.24
C ALA L 189 -64.91 35.41 -87.04
N ASN L 190 -64.50 35.48 -88.30
CA ASN L 190 -64.65 34.38 -89.25
C ASN L 190 -64.21 33.04 -88.67
N LEU L 191 -65.17 32.18 -88.44
CA LEU L 191 -64.94 30.89 -87.80
C LEU L 191 -65.80 29.82 -88.44
N SER L 192 -65.26 28.62 -88.59
CA SER L 192 -66.05 27.53 -89.17
C SER L 192 -67.11 27.07 -88.17
N TYR L 193 -68.29 27.70 -88.25
CA TYR L 193 -69.42 27.35 -87.40
C TYR L 193 -70.18 26.17 -87.98
N HIS L 194 -70.76 25.35 -87.10
CA HIS L 194 -71.50 24.17 -87.52
C HIS L 194 -72.77 24.01 -86.71
N HIS L 195 -73.53 22.97 -87.00
CA HIS L 195 -74.78 22.73 -86.31
C HIS L 195 -74.87 21.29 -85.80
N PRO L 196 -75.50 21.07 -84.64
CA PRO L 196 -75.65 19.84 -83.90
C PRO L 196 -76.73 18.95 -84.50
N ASN L 197 -76.50 18.53 -85.74
CA ASN L 197 -77.47 17.70 -86.46
C ASN L 197 -77.63 16.34 -85.78
N THR L 198 -76.51 15.80 -85.28
CA THR L 198 -76.53 14.57 -84.52
C THR L 198 -75.21 14.40 -83.79
N VAL L 199 -75.25 13.71 -82.66
CA VAL L 199 -74.12 13.65 -81.74
C VAL L 199 -72.94 12.96 -82.37
N GLU L 200 -73.22 12.08 -83.33
CA GLU L 200 -72.18 11.39 -84.06
C GLU L 200 -71.30 12.38 -84.80
N ASP L 201 -71.94 13.24 -85.60
CA ASP L 201 -71.23 14.27 -86.35
C ASP L 201 -70.62 15.30 -85.42
N VAL L 202 -71.32 15.63 -84.32
CA VAL L 202 -70.77 16.54 -83.33
C VAL L 202 -69.47 16.01 -82.77
N MET L 203 -69.49 14.75 -82.32
CA MET L 203 -68.32 14.13 -81.73
C MET L 203 -67.23 13.91 -82.77
N ASP L 204 -67.61 13.67 -84.03
CA ASP L 204 -66.64 13.56 -85.11
C ASP L 204 -65.89 14.86 -85.30
N LEU L 205 -66.60 15.98 -85.19
CA LEU L 205 -65.97 17.29 -85.24
C LEU L 205 -65.09 17.52 -84.02
N VAL L 206 -65.55 17.07 -82.85
CA VAL L 206 -64.75 17.13 -81.64
C VAL L 206 -63.43 16.38 -81.79
N VAL L 207 -63.50 15.19 -82.38
CA VAL L 207 -62.30 14.41 -82.68
C VAL L 207 -61.42 15.11 -83.69
N GLN L 208 -62.03 15.65 -84.75
CA GLN L 208 -61.31 16.44 -85.75
C GLN L 208 -60.59 17.60 -85.09
N GLY L 209 -61.26 18.23 -84.13
CA GLY L 209 -60.68 19.28 -83.35
C GLY L 209 -59.50 18.79 -82.55
N ASN L 210 -59.68 17.67 -81.86
CA ASN L 210 -58.63 17.10 -81.03
C ASN L 210 -57.42 16.68 -81.85
N ILE L 211 -57.67 16.27 -83.09
CA ILE L 211 -56.59 16.01 -84.05
C ILE L 211 -55.84 17.30 -84.37
N ASN L 212 -56.58 18.38 -84.56
CA ASN L 212 -56.00 19.66 -84.94
C ASN L 212 -55.30 20.37 -83.78
N ARG L 213 -55.63 19.99 -82.54
CA ARG L 213 -54.98 20.59 -81.38
C ARG L 213 -53.48 20.32 -81.39
N THR L 214 -52.69 21.35 -81.09
CA THR L 214 -51.22 21.26 -81.16
C THR L 214 -50.65 20.74 -79.84
N THR L 215 -49.98 19.59 -79.91
CA THR L 215 -49.66 18.81 -78.71
C THR L 215 -48.19 18.80 -78.34
N SER L 216 -47.92 18.25 -77.15
CA SER L 216 -46.56 17.96 -76.69
C SER L 216 -46.00 16.73 -77.38
N PRO L 217 -44.70 16.73 -77.65
CA PRO L 217 -44.02 15.50 -78.05
C PRO L 217 -42.93 15.13 -77.06
N THR L 218 -43.19 15.35 -75.78
CA THR L 218 -42.13 15.21 -74.77
C THR L 218 -42.40 14.12 -73.73
N GLU L 219 -43.33 14.41 -72.82
CA GLU L 219 -43.59 13.53 -71.65
C GLU L 219 -44.29 12.23 -72.01
N ALA L 220 -44.53 11.42 -70.99
CA ALA L 220 -45.24 10.14 -71.14
C ALA L 220 -46.65 10.37 -71.71
N ASN L 221 -47.31 11.43 -71.27
CA ASN L 221 -48.44 11.93 -72.03
C ASN L 221 -47.84 12.67 -73.21
N GLU L 222 -47.80 11.98 -74.36
CA GLU L 222 -47.23 12.52 -75.59
C GLU L 222 -48.32 12.72 -76.62
N VAL L 223 -49.51 12.26 -76.29
CA VAL L 223 -50.68 12.74 -76.97
C VAL L 223 -50.98 14.12 -76.42
N SER L 224 -50.96 14.23 -75.08
CA SER L 224 -50.77 15.49 -74.37
C SER L 224 -51.18 16.72 -75.13
N SER L 225 -52.46 16.82 -75.38
CA SER L 225 -53.13 17.98 -75.93
C SER L 225 -52.31 19.27 -75.90
N ARG L 226 -51.91 19.71 -74.70
CA ARG L 226 -51.09 20.92 -74.54
C ARG L 226 -51.70 22.16 -75.17
N SER L 227 -53.01 22.28 -75.13
CA SER L 227 -53.67 23.50 -75.57
C SER L 227 -55.05 23.61 -74.97
N HIS L 228 -55.57 24.83 -74.89
CA HIS L 228 -56.89 25.05 -74.35
C HIS L 228 -57.90 24.97 -75.47
N ALA L 229 -59.15 24.81 -75.13
CA ALA L 229 -60.18 24.78 -76.15
C ALA L 229 -61.52 25.12 -75.57
N VAL L 230 -62.36 25.79 -76.35
CA VAL L 230 -63.69 26.10 -75.91
C VAL L 230 -64.73 25.77 -76.96
N LEU L 231 -65.71 24.96 -76.59
CA LEU L 231 -66.80 24.61 -77.47
C LEU L 231 -68.08 25.24 -77.00
N GLN L 232 -68.65 26.13 -77.80
CA GLN L 232 -69.78 26.91 -77.34
C GLN L 232 -71.03 26.55 -78.12
N ILE L 233 -72.09 26.24 -77.38
CA ILE L 233 -73.38 25.93 -77.99
C ILE L 233 -74.26 27.15 -77.94
N HIS L 234 -74.62 27.67 -79.10
CA HIS L 234 -75.44 28.87 -79.17
C HIS L 234 -76.87 28.52 -79.52
N ILE L 235 -77.75 28.61 -78.54
CA ILE L 235 -79.12 28.17 -78.70
C ILE L 235 -80.07 29.33 -78.99
N MET L 236 -80.58 29.38 -80.21
CA MET L 236 -81.55 30.39 -80.60
C MET L 236 -82.90 29.77 -80.89
N GLN L 237 -83.66 29.44 -79.86
CA GLN L 237 -84.98 28.90 -80.06
C GLN L 237 -85.97 30.02 -80.29
N THR L 238 -87.05 29.72 -81.01
CA THR L 238 -88.09 30.71 -81.25
C THR L 238 -89.47 30.14 -80.99
N ASN L 239 -90.46 31.02 -80.95
CA ASN L 239 -91.83 30.62 -80.62
C ASN L 239 -92.57 30.11 -81.84
N LYS L 240 -93.50 29.19 -81.61
CA LYS L 240 -94.40 28.73 -82.66
C LYS L 240 -95.74 29.43 -82.60
N LEU L 241 -95.95 30.24 -81.56
CA LEU L 241 -97.21 30.94 -81.35
C LEU L 241 -97.06 32.44 -81.51
N VAL L 242 -98.17 33.09 -81.86
CA VAL L 242 -98.19 34.55 -82.00
C VAL L 242 -98.96 35.18 -80.86
N ASP L 243 -98.28 36.04 -80.10
CA ASP L 243 -98.92 36.75 -79.00
C ASP L 243 -98.15 38.02 -78.66
N LEU L 244 -98.67 38.77 -77.69
CA LEU L 244 -98.12 40.08 -77.35
C LEU L 244 -96.68 40.01 -76.82
N THR L 245 -96.27 38.85 -76.32
CA THR L 245 -94.96 38.71 -75.70
C THR L 245 -94.04 37.82 -76.51
N SER L 246 -94.48 37.41 -77.71
CA SER L 246 -93.70 36.49 -78.54
C SER L 246 -92.33 37.05 -78.94
N GLN L 247 -91.38 37.01 -78.02
CA GLN L 247 -90.02 37.44 -78.30
C GLN L 247 -89.02 36.53 -77.60
N HIS L 248 -88.84 35.34 -78.17
CA HIS L 248 -87.97 34.34 -77.56
C HIS L 248 -86.50 34.81 -77.61
N THR L 249 -85.85 34.78 -76.46
CA THR L 249 -84.45 35.19 -76.36
C THR L 249 -83.51 34.02 -76.66
N PHE L 250 -82.21 34.31 -76.69
CA PHE L 250 -81.21 33.30 -76.98
C PHE L 250 -80.13 33.26 -75.88
N ALA L 251 -79.40 32.16 -75.82
CA ALA L 251 -78.33 32.00 -74.83
C ALA L 251 -77.40 30.87 -75.22
N THR L 252 -76.26 30.75 -74.53
CA THR L 252 -75.23 29.82 -74.95
C THR L 252 -74.68 28.96 -73.81
N LEU L 253 -73.95 27.91 -74.18
CA LEU L 253 -73.25 27.06 -73.22
C LEU L 253 -71.79 26.86 -73.61
N SER L 254 -70.88 27.38 -72.80
CA SER L 254 -69.45 27.26 -73.11
C SER L 254 -68.84 26.03 -72.45
N ILE L 255 -68.13 25.22 -73.25
CA ILE L 255 -67.40 24.08 -72.72
C ILE L 255 -65.92 24.39 -72.67
N ILE L 256 -65.39 24.58 -71.48
CA ILE L 256 -64.04 25.09 -71.33
C ILE L 256 -63.03 23.97 -71.12
N ASP L 257 -61.96 24.03 -71.89
CA ASP L 257 -60.88 23.05 -71.78
C ASP L 257 -59.54 23.75 -71.60
N LEU L 258 -58.63 23.09 -70.91
CA LEU L 258 -57.31 23.63 -70.60
C LEU L 258 -56.21 22.71 -71.09
N ALA L 259 -55.04 23.30 -71.34
CA ALA L 259 -53.86 22.59 -71.86
C ALA L 259 -53.35 21.55 -70.90
N GLY L 260 -53.35 21.87 -69.62
CA GLY L 260 -52.67 21.04 -68.63
C GLY L 260 -51.35 21.66 -68.25
N SER L 261 -50.99 21.58 -66.97
CA SER L 261 -49.74 22.20 -66.52
C SER L 261 -48.92 21.29 -65.64
N GLU L 262 -47.67 21.09 -66.04
CA GLU L 262 -46.70 20.29 -65.30
C GLU L 262 -46.02 21.11 -64.21
N ARG L 263 -45.22 20.45 -63.37
CA ARG L 263 -44.43 21.12 -62.35
C ARG L 263 -43.65 22.29 -62.93
N ALA L 264 -43.53 23.36 -62.14
CA ALA L 264 -42.90 24.62 -62.56
C ALA L 264 -41.81 24.43 -63.61
N ALA L 265 -40.90 23.48 -63.39
CA ALA L 265 -39.88 23.19 -64.38
C ALA L 265 -39.64 21.70 -64.50
N ALA L 266 -39.83 21.18 -65.71
CA ALA L 266 -39.57 19.78 -66.00
C ALA L 266 -38.10 19.56 -66.35
N THR L 267 -37.68 18.31 -66.31
CA THR L 267 -36.28 17.95 -66.49
C THR L 267 -35.77 18.21 -67.91
N ARG L 268 -36.69 18.37 -68.85
CA ARG L 268 -36.31 18.67 -70.23
C ARG L 268 -37.07 19.88 -70.75
N ASN L 269 -37.43 20.79 -69.86
CA ASN L 269 -38.23 21.95 -70.25
C ASN L 269 -37.38 22.97 -71.00
N ARG L 270 -37.31 22.82 -72.32
CA ARG L 270 -36.51 23.72 -73.17
C ARG L 270 -37.29 24.31 -74.35
N GLY L 271 -36.92 25.53 -74.75
CA GLY L 271 -37.37 26.14 -76.00
C GLY L 271 -38.87 26.39 -76.01
N ILE L 272 -39.55 25.78 -76.97
CA ILE L 272 -41.00 25.93 -77.12
C ILE L 272 -41.75 25.37 -75.93
N ARG L 273 -41.12 24.43 -75.22
CA ARG L 273 -41.74 23.86 -74.05
C ARG L 273 -41.83 24.90 -72.93
N LEU L 274 -40.77 25.70 -72.79
CA LEU L 274 -40.79 26.84 -71.88
C LEU L 274 -41.80 27.87 -72.32
N HIS L 275 -41.84 28.13 -73.63
CA HIS L 275 -42.65 29.19 -74.17
C HIS L 275 -44.14 28.91 -74.03
N GLU L 276 -44.58 27.75 -74.49
CA GLU L 276 -45.98 27.39 -74.36
C GLU L 276 -46.34 27.14 -72.91
N GLY L 277 -45.42 26.55 -72.15
CA GLY L 277 -45.66 26.31 -70.74
C GLY L 277 -45.96 27.60 -70.01
N ALA L 278 -45.21 28.65 -70.33
CA ALA L 278 -45.46 29.97 -69.79
C ALA L 278 -46.83 30.48 -70.21
N ASN L 279 -47.13 30.33 -71.50
CA ASN L 279 -48.40 30.79 -72.03
C ASN L 279 -49.58 30.08 -71.39
N ILE L 280 -49.40 28.79 -71.09
CA ILE L 280 -50.42 28.02 -70.40
C ILE L 280 -50.63 28.53 -68.99
N ASN L 281 -49.54 28.68 -68.25
CA ASN L 281 -49.61 29.10 -66.88
C ASN L 281 -50.12 30.52 -66.75
N ARG L 282 -49.78 31.37 -67.71
CA ARG L 282 -50.31 32.72 -67.76
C ARG L 282 -51.81 32.71 -67.97
N SER L 283 -52.27 31.81 -68.85
CA SER L 283 -53.69 31.67 -69.10
C SER L 283 -54.42 31.17 -67.86
N LEU L 284 -53.80 30.23 -67.16
CA LEU L 284 -54.37 29.69 -65.92
C LEU L 284 -54.41 30.76 -64.85
N LEU L 285 -53.36 31.58 -64.78
CA LEU L 285 -53.32 32.72 -63.90
C LEU L 285 -54.45 33.69 -64.19
N ALA L 286 -54.66 33.97 -65.47
CA ALA L 286 -55.70 34.87 -65.89
C ALA L 286 -57.06 34.40 -65.40
N LEU L 287 -57.31 33.09 -65.51
CA LEU L 287 -58.53 32.51 -65.00
C LEU L 287 -58.62 32.68 -63.50
N GLY L 288 -57.52 32.39 -62.81
CA GLY L 288 -57.46 32.53 -61.37
C GLY L 288 -57.77 33.95 -60.95
N ASN L 289 -57.21 34.92 -61.67
CA ASN L 289 -57.44 36.32 -61.38
C ASN L 289 -58.90 36.68 -61.52
N CYS L 290 -59.51 36.26 -62.62
CA CYS L 290 -60.90 36.60 -62.89
C CYS L 290 -61.85 35.89 -61.94
N ILE L 291 -61.58 34.62 -61.66
CA ILE L 291 -62.42 33.84 -60.76
C ILE L 291 -62.37 34.40 -59.35
N ASN L 292 -61.16 34.67 -58.87
CA ASN L 292 -60.98 35.19 -57.53
C ASN L 292 -61.55 36.60 -57.41
N ALA L 293 -61.32 37.42 -58.44
CA ALA L 293 -61.90 38.75 -58.45
C ALA L 293 -63.41 38.69 -58.43
N LEU L 294 -63.97 37.80 -59.25
CA LEU L 294 -65.41 37.65 -59.35
C LEU L 294 -66.03 37.29 -58.02
N CYS L 295 -65.52 36.22 -57.40
CA CYS L 295 -66.08 35.72 -56.15
C CYS L 295 -65.92 36.72 -55.02
N LEU L 296 -64.73 37.30 -54.90
CA LEU L 296 -64.48 38.26 -53.85
C LEU L 296 -65.30 39.53 -54.05
N ASN L 297 -65.49 39.92 -55.30
CA ASN L 297 -66.26 41.12 -55.60
C ASN L 297 -67.75 40.87 -55.55
N ASP L 298 -68.16 39.60 -55.63
CA ASP L 298 -69.53 39.24 -55.32
C ASP L 298 -69.80 39.39 -53.82
N GLY L 299 -68.77 39.12 -53.01
CA GLY L 299 -68.82 39.40 -51.58
C GLY L 299 -68.86 40.91 -51.33
N SER L 300 -68.20 41.68 -52.19
CA SER L 300 -68.19 43.13 -52.09
C SER L 300 -69.32 43.77 -52.91
N ARG L 301 -69.16 45.05 -53.24
CA ARG L 301 -70.18 45.80 -53.96
C ARG L 301 -69.81 46.07 -55.41
N SER L 302 -68.52 46.24 -55.67
CA SER L 302 -68.04 46.59 -57.01
C SER L 302 -67.21 45.48 -57.61
N CYS L 303 -67.46 45.19 -58.88
CA CYS L 303 -66.82 44.06 -59.54
C CYS L 303 -65.97 44.47 -60.73
N HIS L 304 -64.73 44.87 -60.46
CA HIS L 304 -63.77 45.08 -61.53
C HIS L 304 -62.98 43.81 -61.78
N ILE L 305 -63.22 43.17 -62.90
CA ILE L 305 -62.60 41.89 -63.20
C ILE L 305 -61.68 42.01 -64.41
N PRO L 306 -60.47 41.44 -64.32
CA PRO L 306 -59.36 41.59 -65.27
C PRO L 306 -59.54 40.66 -66.46
N TYR L 307 -60.58 40.91 -67.24
CA TYR L 307 -60.92 40.09 -68.40
C TYR L 307 -59.94 40.25 -69.55
N ARG L 308 -59.02 41.20 -69.43
CA ARG L 308 -58.05 41.46 -70.47
C ARG L 308 -56.72 40.75 -70.23
N ASP L 309 -56.63 39.96 -69.16
CA ASP L 309 -55.42 39.19 -68.89
C ASP L 309 -55.20 38.11 -69.94
N SER L 310 -56.27 37.52 -70.43
CA SER L 310 -56.19 36.52 -71.49
C SER L 310 -57.34 36.61 -72.45
N LYS L 311 -57.12 36.10 -73.65
CA LYS L 311 -58.18 36.01 -74.64
C LYS L 311 -59.27 35.07 -74.18
N LEU L 312 -58.92 34.12 -73.31
CA LEU L 312 -59.88 33.22 -72.71
C LEU L 312 -60.80 33.97 -71.76
N THR L 313 -60.23 34.91 -71.02
CA THR L 313 -61.01 35.70 -70.08
C THR L 313 -61.90 36.70 -70.82
N ARG L 314 -61.47 37.12 -72.01
CA ARG L 314 -62.34 37.84 -72.92
C ARG L 314 -63.46 36.94 -73.41
N LEU L 315 -63.09 35.72 -73.79
CA LEU L 315 -64.04 34.73 -74.27
C LEU L 315 -65.08 34.38 -73.20
N LEU L 316 -64.63 34.37 -71.95
CA LEU L 316 -65.49 34.06 -70.83
C LEU L 316 -65.95 35.32 -70.10
N LYS L 317 -65.87 36.46 -70.78
CA LYS L 317 -66.21 37.76 -70.19
C LYS L 317 -67.57 37.76 -69.52
N PHE L 318 -68.52 37.04 -70.10
CA PHE L 318 -69.85 36.97 -69.52
C PHE L 318 -70.23 35.56 -69.10
N SER L 319 -69.71 34.57 -69.83
CA SER L 319 -69.89 33.17 -69.44
C SER L 319 -69.41 32.95 -68.00
N LEU L 320 -68.30 33.59 -67.64
CA LEU L 320 -67.85 33.64 -66.25
C LEU L 320 -67.88 35.07 -65.71
N GLY L 321 -69.02 35.48 -65.16
CA GLY L 321 -69.07 36.77 -64.49
C GLY L 321 -70.44 37.42 -64.54
N GLY L 322 -71.22 37.13 -65.58
CA GLY L 322 -72.53 37.76 -65.73
C GLY L 322 -73.55 37.11 -64.81
N ASN L 323 -74.82 37.42 -65.04
CA ASN L 323 -75.91 36.84 -64.24
C ASN L 323 -76.13 35.40 -64.63
N CYS L 324 -75.22 34.53 -64.22
CA CYS L 324 -75.20 33.17 -64.70
C CYS L 324 -74.55 32.21 -63.72
N LYS L 325 -74.61 30.92 -64.03
CA LYS L 325 -74.10 29.89 -63.15
C LYS L 325 -73.12 28.98 -63.87
N THR L 326 -72.18 28.41 -63.12
CA THR L 326 -71.19 27.50 -63.67
C THR L 326 -70.66 26.53 -62.64
N VAL L 327 -70.10 25.43 -63.13
CA VAL L 327 -69.46 24.45 -62.27
C VAL L 327 -67.98 24.30 -62.57
N MET L 328 -67.17 24.41 -61.52
CA MET L 328 -65.75 24.18 -61.62
C MET L 328 -65.47 22.70 -61.49
N ILE L 329 -64.69 22.14 -62.42
CA ILE L 329 -64.33 20.73 -62.34
C ILE L 329 -62.84 20.57 -62.19
N VAL L 330 -62.42 19.80 -61.19
CA VAL L 330 -61.00 19.58 -60.99
C VAL L 330 -60.68 18.09 -60.95
N CYS L 331 -59.67 17.70 -61.73
CA CYS L 331 -59.22 16.31 -61.74
C CYS L 331 -58.12 16.09 -60.72
N ILE L 332 -58.29 15.08 -59.89
CA ILE L 332 -57.42 14.83 -58.76
C ILE L 332 -56.67 13.50 -58.87
N SER L 333 -55.38 13.51 -58.52
CA SER L 333 -54.58 12.28 -58.46
C SER L 333 -54.33 11.86 -57.01
N PRO L 334 -54.48 10.56 -56.74
CA PRO L 334 -54.23 10.00 -55.40
C PRO L 334 -52.76 9.62 -55.19
N SER L 335 -51.93 9.80 -56.21
CA SER L 335 -50.53 9.43 -56.10
C SER L 335 -49.70 10.55 -55.48
N SER L 336 -48.72 10.17 -54.67
CA SER L 336 -47.79 11.11 -54.07
C SER L 336 -46.81 11.66 -55.12
N SER L 337 -46.79 11.04 -56.30
CA SER L 337 -46.03 11.57 -57.42
C SER L 337 -46.66 12.87 -57.94
N HIS L 338 -47.92 13.12 -57.56
CA HIS L 338 -48.58 14.36 -57.87
C HIS L 338 -48.92 15.11 -56.58
N TYR L 339 -48.14 14.86 -55.53
CA TYR L 339 -48.39 15.41 -54.21
C TYR L 339 -48.52 16.92 -54.22
N ASP L 340 -47.53 17.58 -54.81
CA ASP L 340 -47.52 19.03 -54.82
C ASP L 340 -48.54 19.57 -55.79
N GLU L 341 -48.62 18.96 -56.96
CA GLU L 341 -49.52 19.42 -58.00
C GLU L 341 -50.96 19.30 -57.57
N THR L 342 -51.34 18.12 -57.08
CA THR L 342 -52.69 17.87 -56.63
C THR L 342 -53.07 18.75 -55.46
N LEU L 343 -52.17 18.83 -54.48
CA LEU L 343 -52.42 19.65 -53.29
C LEU L 343 -52.63 21.11 -53.65
N ASN L 344 -51.78 21.63 -54.53
CA ASN L 344 -51.86 23.03 -54.92
C ASN L 344 -53.12 23.33 -55.73
N THR L 345 -53.49 22.40 -56.61
CA THR L 345 -54.71 22.57 -57.41
C THR L 345 -55.98 22.39 -56.56
N LEU L 346 -55.88 21.60 -55.48
CA LEU L 346 -56.96 21.52 -54.51
C LEU L 346 -57.18 22.84 -53.79
N LYS L 347 -56.09 23.46 -53.36
CA LYS L 347 -56.16 24.75 -52.72
C LYS L 347 -56.73 25.79 -53.67
N TYR L 348 -56.30 25.73 -54.93
CA TYR L 348 -56.82 26.61 -55.96
C TYR L 348 -58.33 26.53 -56.06
N ALA L 349 -58.85 25.30 -56.12
CA ALA L 349 -60.28 25.07 -56.22
C ALA L 349 -61.00 25.65 -55.01
N ASN L 350 -60.42 25.48 -53.83
CA ASN L 350 -61.00 25.99 -52.61
C ASN L 350 -61.01 27.52 -52.59
N ARG L 351 -59.93 28.12 -53.10
CA ARG L 351 -59.88 29.58 -53.21
C ARG L 351 -60.90 30.09 -54.22
N ALA L 352 -61.07 29.34 -55.31
CA ALA L 352 -62.08 29.66 -56.31
C ALA L 352 -63.48 29.57 -55.70
N LYS L 353 -63.68 28.58 -54.83
CA LYS L 353 -64.94 28.42 -54.12
C LYS L 353 -65.27 29.64 -53.26
N GLU L 354 -64.26 30.12 -52.54
CA GLU L 354 -64.42 31.29 -51.68
C GLU L 354 -63.92 32.56 -52.38
N ARG M 2 56.40 -66.08 83.07
CA ARG M 2 56.06 -64.79 83.68
C ARG M 2 55.81 -63.71 82.63
N GLU M 3 55.53 -64.12 81.39
CA GLU M 3 55.43 -63.18 80.27
C GLU M 3 53.97 -62.88 79.92
N CYS M 4 53.75 -61.77 79.22
CA CYS M 4 52.38 -61.36 78.89
C CYS M 4 52.28 -60.73 77.50
N ILE M 5 51.04 -60.63 77.00
CA ILE M 5 50.79 -60.06 75.66
C ILE M 5 49.80 -58.90 75.73
N SER M 6 50.16 -57.78 75.11
CA SER M 6 49.30 -56.60 75.12
C SER M 6 48.52 -56.44 73.82
N ILE M 7 47.28 -55.96 73.94
CA ILE M 7 46.41 -55.81 72.76
C ILE M 7 45.79 -54.41 72.72
N HIS M 8 45.82 -53.79 71.53
CA HIS M 8 45.36 -52.42 71.37
C HIS M 8 44.36 -52.31 70.21
N VAL M 9 43.20 -51.69 70.47
CA VAL M 9 42.15 -51.59 69.44
C VAL M 9 41.63 -50.15 69.22
N GLY M 10 41.07 -49.91 68.02
CA GLY M 10 40.54 -48.59 67.62
C GLY M 10 41.68 -47.59 67.61
N GLN M 11 41.37 -46.38 68.07
CA GLN M 11 42.37 -45.33 68.23
C GLN M 11 42.84 -45.22 69.67
N ALA M 12 41.88 -45.26 70.61
CA ALA M 12 42.17 -45.09 72.02
C ALA M 12 43.11 -46.13 72.56
N GLY M 13 42.88 -47.38 72.20
CA GLY M 13 43.70 -48.47 72.69
C GLY M 13 45.14 -48.29 72.23
N VAL M 14 45.28 -47.78 71.01
CA VAL M 14 46.58 -47.57 70.42
C VAL M 14 47.30 -46.40 71.07
N GLN M 15 46.60 -45.29 71.24
CA GLN M 15 47.18 -44.11 71.84
C GLN M 15 47.61 -44.36 73.28
N ILE M 16 46.78 -45.09 74.01
CA ILE M 16 47.16 -45.51 75.35
C ILE M 16 48.37 -46.41 75.31
N GLY M 17 48.38 -47.33 74.35
CA GLY M 17 49.51 -48.22 74.15
C GLY M 17 50.78 -47.45 73.93
N ASN M 18 50.71 -46.37 73.16
CA ASN M 18 51.88 -45.57 72.88
C ASN M 18 52.52 -45.12 74.18
N ALA M 19 51.70 -44.62 75.10
CA ALA M 19 52.19 -44.20 76.40
C ALA M 19 52.79 -45.36 77.17
N CYS M 20 52.13 -46.51 77.13
CA CYS M 20 52.60 -47.69 77.87
C CYS M 20 53.96 -48.14 77.41
N TRP M 21 54.13 -48.24 76.10
CA TRP M 21 55.36 -48.77 75.54
C TRP M 21 56.48 -47.75 75.61
N GLU M 22 56.13 -46.47 75.64
CA GLU M 22 57.10 -45.44 75.96
C GLU M 22 57.65 -45.64 77.36
N LEU M 23 56.76 -45.90 78.31
CA LEU M 23 57.16 -46.12 79.69
C LEU M 23 58.06 -47.33 79.82
N TYR M 24 57.69 -48.41 79.17
CA TYR M 24 58.45 -49.63 79.27
C TYR M 24 59.84 -49.44 78.71
N CYS M 25 59.93 -48.70 77.61
CA CYS M 25 61.21 -48.35 77.05
C CYS M 25 62.05 -47.55 78.02
N LEU M 26 61.43 -46.56 78.65
CA LEU M 26 62.11 -45.73 79.63
C LEU M 26 62.61 -46.57 80.80
N GLU M 27 61.80 -47.52 81.22
CA GLU M 27 62.13 -48.38 82.35
C GLU M 27 63.30 -49.29 82.07
N HIS M 28 63.36 -49.82 80.85
CA HIS M 28 64.37 -50.79 80.52
C HIS M 28 65.51 -50.19 79.69
N GLY M 29 65.40 -48.91 79.36
CA GLY M 29 66.45 -48.21 78.63
C GLY M 29 66.41 -48.55 77.15
N ILE M 30 65.26 -49.05 76.69
CA ILE M 30 65.13 -49.53 75.33
C ILE M 30 64.88 -48.39 74.36
N GLN M 31 65.60 -48.40 73.26
CA GLN M 31 65.55 -47.32 72.30
C GLN M 31 64.38 -47.48 71.34
N PRO M 32 64.16 -46.46 70.51
CA PRO M 32 63.04 -46.40 69.59
C PRO M 32 63.11 -47.44 68.48
N ASP M 33 64.31 -47.97 68.24
CA ASP M 33 64.45 -49.07 67.30
C ASP M 33 64.53 -50.43 67.99
N GLY M 34 64.20 -50.46 69.28
CA GLY M 34 64.18 -51.70 70.05
C GLY M 34 65.51 -52.01 70.72
N GLN M 35 66.55 -51.28 70.35
CA GLN M 35 67.89 -51.57 70.86
C GLN M 35 67.97 -51.31 72.34
N MET M 36 68.49 -52.28 73.08
CA MET M 36 68.83 -52.05 74.48
C MET M 36 70.31 -51.77 74.63
N PRO M 37 70.65 -50.69 75.32
CA PRO M 37 72.05 -50.42 75.69
C PRO M 37 72.21 -50.39 77.20
N PHE M 49 62.64 -57.89 81.56
CA PHE M 49 62.14 -57.10 80.44
C PHE M 49 61.53 -58.01 79.39
N ASN M 50 61.88 -59.28 79.45
CA ASN M 50 61.47 -60.26 78.45
C ASN M 50 59.97 -60.56 78.49
N THR M 51 59.29 -60.04 79.50
CA THR M 51 57.87 -60.25 79.64
C THR M 51 57.08 -59.25 78.82
N PHE M 52 57.76 -58.22 78.34
CA PHE M 52 57.16 -57.27 77.44
C PHE M 52 57.86 -57.25 76.10
N PHE M 53 59.14 -57.54 76.10
CA PHE M 53 59.90 -57.51 74.87
C PHE M 53 60.49 -58.86 74.54
N SER M 54 60.16 -59.37 73.36
CA SER M 54 60.76 -60.60 72.88
C SER M 54 62.24 -60.40 72.66
N GLU M 55 63.03 -61.33 73.18
CA GLU M 55 64.48 -61.22 73.10
C GLU M 55 64.96 -61.29 71.67
N THR M 56 65.77 -60.33 71.28
CA THR M 56 66.36 -60.29 69.95
C THR M 56 67.87 -60.39 70.03
N GLY M 57 68.45 -61.27 69.22
CA GLY M 57 69.90 -61.53 69.25
C GLY M 57 70.73 -60.30 68.92
N ALA M 58 70.18 -59.42 68.08
CA ALA M 58 70.84 -58.17 67.71
C ALA M 58 70.74 -57.12 68.83
N GLY M 59 69.91 -57.39 69.84
CA GLY M 59 69.71 -56.46 70.94
C GLY M 59 68.43 -55.65 70.75
N LYS M 60 67.81 -55.79 69.58
CA LYS M 60 66.63 -55.01 69.25
C LYS M 60 65.37 -55.72 69.71
N HIS M 61 65.11 -55.64 71.00
CA HIS M 61 64.00 -56.38 71.59
C HIS M 61 62.66 -55.77 71.19
N VAL M 62 61.70 -56.63 70.88
CA VAL M 62 60.46 -56.17 70.24
C VAL M 62 59.24 -56.45 71.11
N PRO M 63 58.31 -55.50 71.17
CA PRO M 63 57.14 -55.51 72.03
C PRO M 63 56.23 -56.67 71.73
N ARG M 64 55.77 -57.32 72.79
CA ARG M 64 54.76 -58.37 72.67
C ARG M 64 53.38 -57.76 72.60
N ALA M 65 53.02 -57.25 71.42
CA ALA M 65 51.79 -56.48 71.30
C ALA M 65 51.09 -56.69 69.98
N VAL M 66 49.76 -56.60 70.00
CA VAL M 66 48.95 -56.62 68.79
C VAL M 66 48.17 -55.33 68.65
N PHE M 67 48.35 -54.65 67.52
CA PHE M 67 47.66 -53.41 67.27
C PHE M 67 46.60 -53.59 66.21
N VAL M 68 45.37 -53.20 66.52
CA VAL M 68 44.27 -53.33 65.59
C VAL M 68 43.53 -52.02 65.37
N ASP M 69 43.40 -51.62 64.12
CA ASP M 69 42.49 -50.53 63.77
C ASP M 69 41.96 -50.68 62.36
N LEU M 70 40.65 -50.73 62.25
CA LEU M 70 39.96 -50.97 60.99
C LEU M 70 40.12 -49.81 60.01
N GLU M 71 40.63 -48.67 60.49
CA GLU M 71 41.10 -47.60 59.64
C GLU M 71 42.49 -47.16 60.06
N PRO M 72 43.50 -47.59 59.32
CA PRO M 72 44.92 -47.57 59.69
C PRO M 72 45.41 -46.24 60.30
N THR M 73 44.75 -45.13 59.96
CA THR M 73 45.06 -43.80 60.50
C THR M 73 45.99 -43.79 61.73
N VAL M 74 45.47 -44.14 62.91
CA VAL M 74 46.28 -44.05 64.14
C VAL M 74 47.48 -44.99 64.08
N ILE M 75 47.34 -46.10 63.37
CA ILE M 75 48.44 -47.02 63.21
C ILE M 75 49.46 -46.45 62.25
N ASP M 76 48.99 -45.71 61.26
CA ASP M 76 49.88 -45.01 60.35
C ASP M 76 50.69 -43.96 61.09
N GLU M 77 50.07 -43.34 62.10
CA GLU M 77 50.80 -42.43 62.96
C GLU M 77 51.95 -43.15 63.64
N VAL M 78 51.68 -44.38 64.10
CA VAL M 78 52.72 -45.22 64.67
C VAL M 78 53.74 -45.66 63.63
N ARG M 79 53.26 -46.03 62.46
CA ARG M 79 54.11 -46.50 61.37
C ARG M 79 55.05 -45.43 60.88
N THR M 80 54.63 -44.18 60.94
CA THR M 80 55.43 -43.08 60.44
C THR M 80 56.12 -42.31 61.56
N GLY M 81 55.62 -42.45 62.78
CA GLY M 81 56.17 -41.72 63.90
C GLY M 81 57.25 -42.52 64.61
N THR M 82 57.63 -42.05 65.80
CA THR M 82 58.65 -42.69 66.60
C THR M 82 58.14 -44.02 67.11
N TYR M 83 59.05 -44.99 67.20
CA TYR M 83 58.74 -46.36 67.60
C TYR M 83 58.12 -47.17 66.47
N ARG M 84 58.16 -46.64 65.25
CA ARG M 84 57.89 -47.47 64.09
C ARG M 84 58.97 -48.52 63.94
N GLN M 85 60.16 -48.21 64.43
CA GLN M 85 61.27 -49.13 64.40
C GLN M 85 61.22 -50.09 65.58
N LEU M 86 60.56 -49.68 66.65
CA LEU M 86 60.37 -50.53 67.82
C LEU M 86 59.45 -51.71 67.54
N PHE M 87 58.27 -51.40 67.04
CA PHE M 87 57.25 -52.41 66.83
C PHE M 87 57.52 -53.22 65.57
N HIS M 88 57.11 -54.48 65.58
CA HIS M 88 57.22 -55.31 64.38
C HIS M 88 56.07 -55.00 63.44
N PRO M 89 56.34 -54.98 62.14
CA PRO M 89 55.36 -54.62 61.14
C PRO M 89 54.20 -55.61 61.10
N GLU M 90 54.48 -56.86 61.45
CA GLU M 90 53.46 -57.90 61.48
C GLU M 90 52.39 -57.63 62.52
N GLN M 91 52.74 -56.83 63.52
CA GLN M 91 51.87 -56.58 64.65
C GLN M 91 50.88 -55.46 64.35
N LEU M 92 51.18 -54.67 63.33
CA LEU M 92 50.39 -53.49 63.05
C LEU M 92 49.24 -53.82 62.11
N ILE M 93 48.21 -54.46 62.66
CA ILE M 93 47.09 -54.94 61.87
C ILE M 93 46.09 -53.83 61.61
N THR M 94 45.76 -53.61 60.34
CA THR M 94 44.80 -52.59 59.99
C THR M 94 43.78 -53.09 59.00
N GLY M 95 42.65 -52.40 58.95
CA GLY M 95 41.60 -52.70 57.98
C GLY M 95 41.58 -51.65 56.87
N LYS M 96 40.45 -51.56 56.17
CA LYS M 96 40.28 -50.56 55.13
C LYS M 96 39.15 -49.61 55.49
N GLU M 97 38.02 -50.18 55.89
CA GLU M 97 36.86 -49.41 56.30
C GLU M 97 36.62 -49.55 57.79
N ASP M 98 36.42 -48.42 58.47
CA ASP M 98 36.28 -48.43 59.93
C ASP M 98 34.88 -48.91 60.35
N ALA M 99 34.77 -49.30 61.63
CA ALA M 99 33.47 -49.73 62.18
C ALA M 99 32.55 -48.53 62.39
N ALA M 100 33.16 -47.38 62.65
CA ALA M 100 32.44 -46.11 62.77
C ALA M 100 31.44 -46.10 63.91
N ASN M 101 31.92 -46.34 65.13
CA ASN M 101 31.10 -46.21 66.33
C ASN M 101 29.90 -47.13 66.28
N ASN M 102 30.10 -48.31 65.71
CA ASN M 102 29.02 -49.28 65.62
C ASN M 102 29.50 -50.62 66.10
N TYR M 103 29.14 -50.95 67.34
CA TYR M 103 29.52 -52.22 67.94
C TYR M 103 29.23 -53.39 67.01
N ALA M 104 28.10 -53.35 66.32
CA ALA M 104 27.67 -54.48 65.54
C ALA M 104 28.59 -54.70 64.35
N ARG M 105 29.02 -53.62 63.72
CA ARG M 105 29.93 -53.69 62.59
C ARG M 105 31.31 -54.14 63.01
N GLY M 106 31.75 -53.66 64.16
CA GLY M 106 33.03 -54.08 64.73
C GLY M 106 32.95 -55.54 65.17
N HIS M 107 31.79 -55.94 65.67
CA HIS M 107 31.57 -57.31 66.10
C HIS M 107 31.49 -58.26 64.92
N TYR M 108 30.90 -57.80 63.83
CA TYR M 108 30.62 -58.71 62.73
C TYR M 108 31.23 -58.28 61.40
N THR M 109 30.45 -57.60 60.55
CA THR M 109 30.84 -57.43 59.15
C THR M 109 32.26 -56.98 58.92
N ILE M 110 32.71 -56.00 59.68
CA ILE M 110 34.01 -55.45 59.41
C ILE M 110 35.09 -56.18 60.19
N GLY M 111 34.89 -56.32 61.50
CA GLY M 111 35.88 -56.91 62.39
C GLY M 111 36.24 -58.35 62.02
N LYS M 112 35.22 -59.13 61.63
CA LYS M 112 35.42 -60.55 61.34
C LYS M 112 36.34 -60.78 60.14
N GLU M 113 36.59 -59.75 59.37
CA GLU M 113 37.42 -59.88 58.19
C GLU M 113 38.90 -59.90 58.53
N ILE M 114 39.26 -59.44 59.72
CA ILE M 114 40.65 -59.43 60.12
C ILE M 114 40.89 -60.27 61.36
N ILE M 115 39.83 -60.67 62.03
CA ILE M 115 39.96 -61.42 63.29
C ILE M 115 40.79 -62.69 63.12
N ASP M 116 40.73 -63.28 61.93
CA ASP M 116 41.52 -64.47 61.65
C ASP M 116 43.00 -64.15 61.72
N LEU M 117 43.39 -63.06 61.05
CA LEU M 117 44.76 -62.59 61.10
C LEU M 117 45.19 -62.25 62.51
N VAL M 118 44.31 -61.57 63.22
CA VAL M 118 44.60 -61.16 64.59
C VAL M 118 44.91 -62.35 65.47
N LEU M 119 44.07 -63.37 65.40
CA LEU M 119 44.26 -64.58 66.18
C LEU M 119 45.52 -65.31 65.78
N ASP M 120 45.84 -65.28 64.49
CA ASP M 120 47.06 -65.91 64.00
C ASP M 120 48.30 -65.21 64.54
N ARG M 121 48.26 -63.89 64.60
CA ARG M 121 49.36 -63.12 65.15
C ARG M 121 49.51 -63.39 66.63
N ILE M 122 48.38 -63.49 67.32
CA ILE M 122 48.39 -63.83 68.74
C ILE M 122 48.99 -65.19 68.96
N ARG M 123 48.58 -66.16 68.14
CA ARG M 123 49.09 -67.52 68.24
C ARG M 123 50.59 -67.55 68.11
N LYS M 124 51.12 -66.83 67.12
CA LYS M 124 52.56 -66.74 66.96
C LYS M 124 53.23 -66.22 68.22
N LEU M 125 52.67 -65.15 68.79
CA LEU M 125 53.22 -64.59 70.02
C LEU M 125 53.15 -65.60 71.16
N ALA M 126 52.03 -66.30 71.24
CA ALA M 126 51.83 -67.28 72.30
C ALA M 126 52.73 -68.49 72.12
N ASP M 127 53.04 -68.83 70.87
CA ASP M 127 53.96 -69.91 70.59
C ASP M 127 55.39 -69.52 70.95
N GLN M 128 55.73 -68.25 70.74
CA GLN M 128 57.01 -67.72 71.15
C GLN M 128 57.11 -67.65 72.66
N CYS M 129 56.03 -67.24 73.30
CA CYS M 129 55.98 -67.06 74.74
C CYS M 129 55.99 -68.40 75.47
N THR M 130 56.96 -68.56 76.36
CA THR M 130 57.00 -69.73 77.23
C THR M 130 55.95 -69.64 78.34
N GLY M 131 56.31 -69.02 79.45
CA GLY M 131 55.43 -68.91 80.60
C GLY M 131 54.41 -67.78 80.45
N LEU M 132 53.45 -67.97 79.56
CA LEU M 132 52.40 -66.97 79.38
C LEU M 132 51.50 -66.88 80.60
N GLN M 133 51.44 -65.69 81.18
CA GLN M 133 50.54 -65.46 82.31
C GLN M 133 49.16 -65.04 81.83
N GLY M 134 49.13 -64.14 80.85
CA GLY M 134 47.86 -63.63 80.38
C GLY M 134 48.02 -62.45 79.42
N PHE M 135 46.91 -61.75 79.20
CA PHE M 135 46.83 -60.69 78.22
C PHE M 135 46.40 -59.37 78.86
N SER M 136 46.71 -58.27 78.19
CA SER M 136 46.29 -56.95 78.66
C SER M 136 45.69 -56.14 77.51
N VAL M 137 44.37 -56.02 77.52
CA VAL M 137 43.64 -55.39 76.42
C VAL M 137 43.32 -53.95 76.71
N PHE M 138 43.64 -53.08 75.76
CA PHE M 138 43.34 -51.66 75.88
C PHE M 138 42.28 -51.24 74.88
N HIS M 139 41.13 -50.85 75.40
CA HIS M 139 40.00 -50.54 74.54
C HIS M 139 39.09 -49.50 75.14
N SER M 140 38.09 -49.09 74.38
CA SER M 140 37.10 -48.15 74.86
C SER M 140 35.71 -48.80 74.86
N PHE M 141 34.70 -47.99 75.06
CA PHE M 141 33.33 -48.43 74.89
C PHE M 141 32.63 -47.61 73.82
N GLY M 142 33.27 -46.50 73.43
CA GLY M 142 32.68 -45.57 72.50
C GLY M 142 32.65 -46.10 71.08
N GLY M 143 33.83 -46.36 70.53
CA GLY M 143 33.94 -46.78 69.15
C GLY M 143 33.57 -48.24 69.00
N GLY M 144 33.16 -48.62 67.79
CA GLY M 144 32.81 -49.99 67.50
C GLY M 144 34.05 -50.82 67.27
N THR M 145 35.09 -50.18 66.73
CA THR M 145 36.37 -50.84 66.50
C THR M 145 37.06 -51.18 67.80
N GLY M 146 36.71 -50.46 68.85
CA GLY M 146 37.17 -50.82 70.17
C GLY M 146 36.18 -51.76 70.82
N SER M 147 34.94 -51.31 70.95
CA SER M 147 33.91 -52.04 71.67
C SER M 147 33.54 -53.36 71.00
N GLY M 148 33.08 -53.27 69.76
CA GLY M 148 32.57 -54.42 69.03
C GLY M 148 33.66 -55.41 68.70
N PHE M 149 34.76 -54.91 68.17
CA PHE M 149 35.86 -55.78 67.82
C PHE M 149 36.41 -56.50 69.03
N THR M 150 36.58 -55.78 70.15
CA THR M 150 37.05 -56.42 71.37
C THR M 150 36.13 -57.53 71.79
N SER M 151 34.83 -57.29 71.70
CA SER M 151 33.87 -58.33 72.04
C SER M 151 34.12 -59.60 71.21
N LEU M 152 34.30 -59.43 69.91
CA LEU M 152 34.64 -60.54 69.03
C LEU M 152 35.93 -61.22 69.46
N LEU M 153 36.97 -60.43 69.64
CA LEU M 153 38.29 -60.95 69.94
C LEU M 153 38.33 -61.68 71.27
N MET M 154 37.72 -61.10 72.29
CA MET M 154 37.76 -61.71 73.62
C MET M 154 37.08 -63.05 73.63
N GLU M 155 35.99 -63.19 72.89
CA GLU M 155 35.34 -64.47 72.76
C GLU M 155 36.27 -65.49 72.13
N ARG M 156 36.93 -65.10 71.03
CA ARG M 156 37.83 -66.00 70.32
C ARG M 156 39.05 -66.35 71.17
N LEU M 157 39.58 -65.35 71.84
CA LEU M 157 40.77 -65.51 72.65
C LEU M 157 40.48 -66.40 73.85
N SER M 158 39.29 -66.22 74.42
CA SER M 158 38.83 -67.02 75.55
C SER M 158 38.78 -68.50 75.20
N VAL M 159 38.29 -68.80 73.99
CA VAL M 159 38.27 -70.17 73.51
C VAL M 159 39.66 -70.77 73.41
N ASP M 160 40.58 -70.03 72.82
CA ASP M 160 41.93 -70.53 72.62
C ASP M 160 42.71 -70.65 73.92
N TYR M 161 42.56 -69.66 74.81
CA TYR M 161 43.33 -69.64 76.04
C TYR M 161 42.44 -69.53 77.26
N GLY M 162 41.68 -70.58 77.54
CA GLY M 162 40.79 -70.61 78.69
C GLY M 162 41.56 -70.61 80.01
N LYS M 163 42.84 -70.96 79.96
CA LYS M 163 43.65 -71.05 81.16
C LYS M 163 44.53 -69.82 81.38
N LYS M 164 44.41 -68.82 80.53
CA LYS M 164 45.25 -67.63 80.66
C LYS M 164 44.46 -66.42 81.12
N SER M 165 45.11 -65.57 81.91
CA SER M 165 44.45 -64.41 82.50
C SER M 165 44.19 -63.32 81.49
N LYS M 166 42.97 -62.82 81.47
CA LYS M 166 42.60 -61.77 80.52
C LYS M 166 42.24 -60.47 81.24
N LEU M 167 43.15 -59.51 81.18
CA LEU M 167 42.92 -58.19 81.74
C LEU M 167 42.35 -57.26 80.70
N GLU M 168 41.37 -56.46 81.09
CA GLU M 168 40.81 -55.48 80.19
C GLU M 168 40.84 -54.09 80.80
N PHE M 169 41.59 -53.20 80.18
CA PHE M 169 41.66 -51.82 80.62
C PHE M 169 40.82 -50.97 79.70
N SER M 170 39.64 -50.58 80.19
CA SER M 170 38.67 -49.93 79.33
C SER M 170 38.48 -48.47 79.68
N ILE M 171 38.17 -47.67 78.68
CA ILE M 171 37.81 -46.28 78.91
C ILE M 171 36.31 -46.13 79.04
N TYR M 172 35.88 -45.97 80.28
CA TYR M 172 34.48 -45.95 80.65
C TYR M 172 33.76 -44.73 80.05
N PRO M 173 32.73 -44.95 79.22
CA PRO M 173 31.80 -43.88 78.83
C PRO M 173 31.49 -42.99 80.02
N ALA M 174 32.10 -41.81 80.05
CA ALA M 174 31.96 -40.90 81.18
C ALA M 174 30.51 -40.45 81.35
N PRO M 175 30.08 -40.29 82.60
CA PRO M 175 28.71 -39.92 82.89
C PRO M 175 28.41 -38.46 82.57
N GLN M 176 29.38 -37.59 82.78
CA GLN M 176 29.15 -36.18 82.57
C GLN M 176 29.20 -35.80 81.09
N VAL M 177 30.26 -36.23 80.41
CA VAL M 177 30.51 -35.78 79.05
C VAL M 177 31.08 -36.89 78.19
N SER M 178 30.76 -36.87 76.91
CA SER M 178 31.29 -37.84 75.98
C SER M 178 31.47 -37.23 74.61
N THR M 179 31.84 -38.04 73.62
CA THR M 179 32.16 -37.49 72.31
C THR M 179 31.30 -38.10 71.21
N ALA M 180 30.75 -39.29 71.47
CA ALA M 180 29.80 -39.90 70.55
C ALA M 180 28.46 -40.03 71.23
N VAL M 181 27.40 -40.08 70.45
CA VAL M 181 26.07 -40.05 71.02
C VAL M 181 25.46 -41.44 71.10
N VAL M 182 26.12 -42.41 70.48
CA VAL M 182 25.64 -43.79 70.49
C VAL M 182 26.51 -44.66 71.39
N GLU M 183 27.19 -44.03 72.34
CA GLU M 183 28.05 -44.75 73.25
C GLU M 183 27.28 -45.75 74.13
N PRO M 184 26.25 -45.31 74.89
CA PRO M 184 25.35 -46.17 75.68
C PRO M 184 25.12 -47.53 75.02
N TYR M 185 24.84 -47.53 73.73
CA TYR M 185 24.60 -48.78 73.00
C TYR M 185 25.84 -49.65 72.97
N ASN M 186 26.95 -49.07 72.54
CA ASN M 186 28.17 -49.82 72.39
C ASN M 186 28.68 -50.32 73.74
N SER M 187 28.47 -49.49 74.77
CA SER M 187 28.87 -49.82 76.12
C SER M 187 28.09 -51.00 76.68
N ILE M 188 26.78 -50.96 76.52
CA ILE M 188 25.92 -51.98 77.13
C ILE M 188 26.08 -53.31 76.41
N LEU M 189 26.37 -53.25 75.11
CA LEU M 189 26.61 -54.46 74.35
C LEU M 189 27.93 -55.10 74.73
N THR M 190 28.92 -54.27 75.06
CA THR M 190 30.21 -54.79 75.48
C THR M 190 30.11 -55.52 76.81
N THR M 191 29.33 -54.96 77.73
CA THR M 191 29.27 -55.44 79.11
C THR M 191 29.08 -56.94 79.23
N HIS M 192 28.16 -57.50 78.46
CA HIS M 192 27.85 -58.92 78.62
C HIS M 192 28.92 -59.83 78.03
N THR M 193 29.87 -59.26 77.29
CA THR M 193 31.01 -60.01 76.82
C THR M 193 32.15 -59.96 77.82
N THR M 194 32.45 -58.76 78.28
CA THR M 194 33.51 -58.56 79.27
C THR M 194 33.21 -59.31 80.55
N LEU M 195 32.00 -59.16 81.07
CA LEU M 195 31.61 -59.86 82.27
C LEU M 195 31.69 -61.38 82.09
N GLU M 196 31.43 -61.84 80.88
CA GLU M 196 31.47 -63.26 80.56
C GLU M 196 32.89 -63.80 80.44
N HIS M 197 33.73 -63.12 79.65
CA HIS M 197 35.00 -63.71 79.23
C HIS M 197 36.22 -63.15 79.96
N SER M 198 36.13 -61.95 80.51
CA SER M 198 37.31 -61.33 81.13
C SER M 198 37.58 -61.95 82.49
N ASP M 199 38.82 -61.84 82.94
CA ASP M 199 39.18 -62.26 84.28
C ASP M 199 39.27 -61.07 85.23
N CYS M 200 39.62 -59.91 84.70
CA CYS M 200 39.61 -58.69 85.49
C CYS M 200 39.55 -57.46 84.61
N ALA M 201 38.57 -56.60 84.86
CA ALA M 201 38.37 -55.43 84.05
C ALA M 201 38.56 -54.15 84.85
N PHE M 202 39.05 -53.12 84.18
CA PHE M 202 39.22 -51.82 84.80
C PHE M 202 38.43 -50.79 84.03
N MET M 203 37.80 -49.87 84.75
CA MET M 203 37.00 -48.83 84.11
C MET M 203 37.53 -47.45 84.46
N VAL M 204 37.88 -46.68 83.44
CA VAL M 204 38.50 -45.39 83.65
C VAL M 204 37.70 -44.27 82.99
N ASP M 205 37.47 -43.20 83.75
CA ASP M 205 36.72 -42.07 83.24
C ASP M 205 37.65 -40.91 82.88
N ASN M 206 37.66 -40.54 81.59
CA ASN M 206 38.50 -39.45 81.10
C ASN M 206 38.26 -38.16 81.86
N GLU M 207 37.01 -37.94 82.23
CA GLU M 207 36.60 -36.71 82.86
C GLU M 207 37.12 -36.66 84.29
N ALA M 208 37.09 -37.81 84.96
CA ALA M 208 37.68 -37.90 86.29
C ALA M 208 39.17 -37.61 86.21
N ILE M 209 39.82 -38.05 85.13
CA ILE M 209 41.24 -37.79 84.98
C ILE M 209 41.51 -36.32 84.73
N TYR M 210 40.75 -35.74 83.83
CA TYR M 210 40.90 -34.33 83.52
C TYR M 210 40.77 -33.49 84.78
N ASP M 211 39.83 -33.88 85.62
CA ASP M 211 39.64 -33.28 86.91
C ASP M 211 40.88 -33.43 87.82
N ILE M 212 41.46 -34.62 87.80
CA ILE M 212 42.71 -34.88 88.53
C ILE M 212 43.86 -34.02 88.01
N CYS M 213 43.94 -33.87 86.70
CA CYS M 213 44.95 -33.02 86.09
C CYS M 213 44.81 -31.57 86.57
N ARG M 214 43.58 -31.09 86.62
CA ARG M 214 43.30 -29.75 87.11
C ARG M 214 43.68 -29.56 88.58
N ARG M 215 43.27 -30.50 89.43
CA ARG M 215 43.43 -30.35 90.87
C ARG M 215 44.82 -30.68 91.37
N ASN M 216 45.38 -31.79 90.88
CA ASN M 216 46.64 -32.27 91.42
C ASN M 216 47.82 -31.82 90.59
N LEU M 217 47.72 -31.97 89.27
CA LEU M 217 48.82 -31.54 88.40
C LEU M 217 48.73 -30.05 88.06
N ASP M 218 47.63 -29.41 88.46
CA ASP M 218 47.45 -27.98 88.24
C ASP M 218 47.43 -27.63 86.75
N ILE M 219 46.70 -28.43 85.97
CA ILE M 219 46.64 -28.22 84.53
C ILE M 219 45.28 -27.70 84.09
N GLU M 220 45.27 -26.49 83.53
CA GLU M 220 44.04 -25.85 83.04
C GLU M 220 43.62 -26.40 81.69
N ARG M 221 44.57 -26.92 80.93
CA ARG M 221 44.32 -27.40 79.59
C ARG M 221 44.90 -28.79 79.38
N PRO M 222 44.14 -29.83 79.70
CA PRO M 222 44.63 -31.20 79.65
C PRO M 222 44.10 -31.90 78.42
N THR M 223 44.88 -32.84 77.92
CA THR M 223 44.55 -33.56 76.70
C THR M 223 44.87 -35.03 76.83
N TYR M 224 44.64 -35.77 75.75
CA TYR M 224 44.78 -37.21 75.76
C TYR M 224 46.21 -37.65 76.03
N THR M 225 47.16 -36.86 75.56
CA THR M 225 48.57 -37.17 75.77
C THR M 225 48.90 -37.39 77.24
N ASN M 226 48.60 -36.39 78.06
CA ASN M 226 48.91 -36.46 79.47
C ASN M 226 47.99 -37.43 80.19
N LEU M 227 46.73 -37.42 79.77
CA LEU M 227 45.73 -38.33 80.32
C LEU M 227 46.17 -39.78 80.17
N ASN M 228 46.62 -40.14 78.97
CA ASN M 228 47.05 -41.49 78.68
C ASN M 228 48.27 -41.86 79.48
N ARG M 229 49.19 -40.91 79.64
CA ARG M 229 50.41 -41.15 80.39
C ARG M 229 50.12 -41.56 81.82
N LEU M 230 49.12 -40.93 82.43
CA LEU M 230 48.69 -41.31 83.76
C LEU M 230 48.15 -42.73 83.80
N ILE M 231 47.31 -43.07 82.83
CA ILE M 231 46.75 -44.41 82.75
C ILE M 231 47.84 -45.46 82.58
N GLY M 232 48.78 -45.18 81.69
CA GLY M 232 49.89 -46.08 81.43
C GLY M 232 50.73 -46.27 82.68
N GLN M 233 50.94 -45.18 83.42
CA GLN M 233 51.73 -45.22 84.63
C GLN M 233 51.12 -46.17 85.65
N ILE M 234 49.80 -46.17 85.72
CA ILE M 234 49.09 -47.11 86.58
C ILE M 234 49.36 -48.54 86.17
N VAL M 235 49.26 -48.81 84.88
CA VAL M 235 49.45 -50.16 84.37
C VAL M 235 50.86 -50.66 84.65
N SER M 236 51.84 -49.77 84.52
CA SER M 236 53.21 -50.10 84.87
C SER M 236 53.32 -50.57 86.32
N SER M 237 52.67 -49.85 87.22
CA SER M 237 52.68 -50.22 88.62
C SER M 237 51.94 -51.54 88.88
N ILE M 238 50.90 -51.80 88.10
CA ILE M 238 50.16 -53.05 88.23
C ILE M 238 50.97 -54.24 87.78
N THR M 239 51.64 -54.10 86.64
CA THR M 239 52.25 -55.23 85.96
C THR M 239 53.77 -55.19 86.02
N ALA M 240 54.35 -54.31 85.22
CA ALA M 240 55.81 -54.21 85.09
C ALA M 240 56.48 -54.17 86.44
N SER M 241 55.86 -53.46 87.40
CA SER M 241 56.37 -53.38 88.76
C SER M 241 56.76 -54.75 89.30
N LEU M 242 55.90 -55.73 89.08
CA LEU M 242 56.10 -57.07 89.59
C LEU M 242 57.35 -57.68 88.98
N ARG M 243 57.59 -57.33 87.72
CA ARG M 243 58.68 -57.91 86.96
C ARG M 243 60.03 -57.27 87.24
N PHE M 244 60.10 -56.38 88.22
CA PHE M 244 61.37 -55.83 88.63
C PHE M 244 61.90 -56.47 89.90
N ASP M 245 61.14 -57.40 90.48
CA ASP M 245 61.56 -58.11 91.69
C ASP M 245 61.55 -57.22 92.92
N GLY M 246 60.42 -57.18 93.60
CA GLY M 246 60.28 -56.40 94.82
C GLY M 246 60.23 -57.28 96.06
N ALA M 247 59.89 -56.68 97.19
CA ALA M 247 59.76 -57.41 98.44
C ALA M 247 58.58 -58.34 98.39
N LEU M 248 57.48 -57.87 97.82
CA LEU M 248 56.27 -58.66 97.72
C LEU M 248 55.78 -58.71 96.29
N ASN M 249 56.20 -59.74 95.57
CA ASN M 249 55.86 -59.88 94.16
C ASN M 249 54.51 -60.53 93.98
N VAL M 250 53.46 -59.74 94.15
CA VAL M 250 52.11 -60.26 94.04
C VAL M 250 51.77 -60.62 92.60
N ASP M 251 51.50 -61.89 92.35
CA ASP M 251 51.22 -62.35 90.99
C ASP M 251 49.92 -61.76 90.46
N LEU M 252 49.78 -61.75 89.14
CA LEU M 252 48.56 -61.28 88.51
C LEU M 252 47.37 -62.15 88.89
N THR M 253 47.60 -63.44 89.06
CA THR M 253 46.55 -64.34 89.48
C THR M 253 46.37 -64.25 90.99
N GLU M 254 47.43 -63.83 91.68
CA GLU M 254 47.38 -63.57 93.10
C GLU M 254 46.52 -62.35 93.39
N PHE M 255 46.58 -61.36 92.49
CA PHE M 255 45.65 -60.24 92.55
C PHE M 255 44.25 -60.75 92.54
N GLN M 256 43.95 -61.61 91.58
CA GLN M 256 42.63 -62.16 91.43
C GLN M 256 42.22 -62.99 92.64
N THR M 257 43.17 -63.75 93.18
CA THR M 257 42.93 -64.55 94.38
C THR M 257 42.33 -63.70 95.49
N ASN M 258 42.91 -62.53 95.71
CA ASN M 258 42.54 -61.71 96.86
C ASN M 258 41.54 -60.62 96.52
N LEU M 259 41.57 -60.11 95.30
CA LEU M 259 40.67 -59.04 94.91
C LEU M 259 39.28 -59.53 94.58
N VAL M 260 39.19 -60.73 94.02
CA VAL M 260 37.91 -61.24 93.56
C VAL M 260 37.37 -62.34 94.49
N PRO M 261 36.18 -62.11 95.09
CA PRO M 261 35.57 -63.05 96.05
C PRO M 261 34.59 -63.98 95.38
N TYR M 262 34.10 -63.59 94.22
CA TYR M 262 33.08 -64.36 93.53
C TYR M 262 33.51 -64.73 92.12
N PRO M 263 32.65 -65.41 91.39
CA PRO M 263 32.86 -65.69 89.99
C PRO M 263 32.72 -64.43 89.15
N ARG M 264 32.01 -63.44 89.68
CA ARG M 264 31.90 -62.14 89.04
C ARG M 264 32.43 -61.03 89.96
N GLY M 265 32.17 -59.79 89.60
CA GLY M 265 32.66 -58.66 90.39
C GLY M 265 34.07 -58.27 89.94
N HIS M 266 34.32 -58.39 88.63
CA HIS M 266 35.64 -58.17 88.07
C HIS M 266 35.89 -56.72 87.72
N PHE M 267 35.63 -55.82 88.66
CA PHE M 267 35.69 -54.40 88.36
C PHE M 267 36.38 -53.61 89.46
N PRO M 268 37.70 -53.65 89.49
CA PRO M 268 38.52 -52.88 90.42
C PRO M 268 38.82 -51.51 89.86
N LEU M 269 38.92 -50.55 90.75
CA LEU M 269 39.31 -49.22 90.38
C LEU M 269 40.77 -49.03 90.64
N ALA M 270 41.47 -48.43 89.68
CA ALA M 270 42.91 -48.31 89.78
C ALA M 270 43.31 -46.86 89.93
N THR M 271 43.84 -46.52 91.10
CA THR M 271 44.19 -45.13 91.38
C THR M 271 45.69 -44.96 91.55
N TYR M 272 46.15 -43.74 91.42
CA TYR M 272 47.55 -43.41 91.59
C TYR M 272 47.67 -42.18 92.46
N ALA M 273 48.32 -42.33 93.60
CA ALA M 273 48.23 -41.33 94.65
C ALA M 273 49.47 -40.41 94.77
N PRO M 274 50.46 -40.59 93.90
CA PRO M 274 51.57 -39.63 93.88
C PRO M 274 51.43 -38.59 92.79
N VAL M 275 50.21 -38.31 92.36
CA VAL M 275 50.01 -37.32 91.32
C VAL M 275 50.39 -35.95 91.84
N ILE M 276 51.35 -35.31 91.19
CA ILE M 276 51.98 -34.15 91.77
C ILE M 276 52.65 -33.29 90.71
N SER M 277 52.57 -31.98 90.88
CA SER M 277 53.22 -31.04 89.96
C SER M 277 54.67 -30.83 90.33
N ALA M 278 55.43 -30.26 89.40
CA ALA M 278 56.84 -29.99 89.61
C ALA M 278 57.05 -29.01 90.76
N GLU M 279 56.16 -28.03 90.88
CA GLU M 279 56.23 -27.07 91.98
C GLU M 279 56.00 -27.76 93.31
N LYS M 280 54.96 -28.58 93.37
CA LYS M 280 54.62 -29.29 94.59
C LYS M 280 55.72 -30.26 94.98
N ALA M 281 56.44 -30.78 94.01
CA ALA M 281 57.54 -31.70 94.28
C ALA M 281 58.61 -31.09 95.19
N TYR M 282 58.65 -29.76 95.25
CA TYR M 282 59.62 -29.09 96.10
C TYR M 282 59.06 -28.82 97.49
N HIS M 283 57.83 -28.36 97.54
CA HIS M 283 57.23 -27.99 98.82
C HIS M 283 56.65 -29.20 99.55
N GLU M 284 56.00 -30.08 98.81
CA GLU M 284 55.37 -31.26 99.38
C GLU M 284 56.39 -32.26 99.86
N GLN M 285 56.21 -32.72 101.10
CA GLN M 285 56.99 -33.84 101.59
C GLN M 285 56.11 -35.07 101.76
N LEU M 286 56.24 -36.01 100.83
CA LEU M 286 55.44 -37.21 100.83
C LEU M 286 56.10 -38.34 101.59
N SER M 287 55.28 -39.27 102.04
CA SER M 287 55.75 -40.51 102.61
C SER M 287 54.67 -41.57 102.52
N VAL M 288 54.93 -42.72 103.12
CA VAL M 288 54.07 -43.88 102.94
C VAL M 288 52.64 -43.62 103.36
N ALA M 289 52.48 -43.07 104.57
CA ALA M 289 51.15 -42.82 105.11
C ALA M 289 50.43 -41.73 104.33
N GLU M 290 51.16 -40.66 104.00
CA GLU M 290 50.57 -39.53 103.29
C GLU M 290 49.99 -39.96 101.96
N ILE M 291 50.79 -40.68 101.20
CA ILE M 291 50.37 -41.11 99.88
C ILE M 291 49.27 -42.14 99.98
N THR M 292 49.41 -43.08 100.91
CA THR M 292 48.41 -44.11 101.12
C THR M 292 47.07 -43.49 101.50
N ASN M 293 47.10 -42.47 102.34
CA ASN M 293 45.88 -41.79 102.73
C ASN M 293 45.22 -41.11 101.53
N ALA M 294 46.05 -40.51 100.68
CA ALA M 294 45.53 -39.80 99.50
C ALA M 294 44.73 -40.71 98.59
N CYS M 295 45.14 -41.98 98.48
CA CYS M 295 44.48 -42.89 97.55
C CYS M 295 43.08 -43.29 98.00
N PHE M 296 42.75 -43.03 99.27
CA PHE M 296 41.40 -43.31 99.75
C PHE M 296 40.54 -42.06 99.80
N GLU M 297 41.05 -40.97 99.25
CA GLU M 297 40.26 -39.76 99.15
C GLU M 297 39.53 -39.71 97.82
N PRO M 298 38.19 -39.57 97.87
CA PRO M 298 37.28 -39.50 96.72
C PRO M 298 37.59 -38.35 95.77
N ALA M 299 38.76 -38.37 95.19
CA ALA M 299 39.26 -37.29 94.37
C ALA M 299 40.20 -37.84 93.32
N ASN M 300 40.95 -38.86 93.69
CA ASN M 300 41.87 -39.51 92.78
C ASN M 300 41.35 -40.87 92.35
N GLN M 301 40.02 -40.98 92.25
CA GLN M 301 39.38 -42.26 91.98
C GLN M 301 39.59 -42.73 90.55
N MET M 302 39.95 -41.81 89.66
CA MET M 302 40.11 -42.12 88.23
C MET M 302 38.78 -42.50 87.57
N VAL M 303 37.69 -42.27 88.29
CA VAL M 303 36.36 -42.57 87.79
C VAL M 303 35.33 -41.76 88.57
N LYS M 304 34.26 -41.37 87.90
CA LYS M 304 33.19 -40.61 88.55
C LYS M 304 32.44 -41.47 89.57
N CYS M 305 33.06 -41.65 90.73
CA CYS M 305 32.51 -42.46 91.79
C CYS M 305 32.98 -41.98 93.14
N ASP M 306 32.09 -41.99 94.12
CA ASP M 306 32.42 -41.56 95.46
C ASP M 306 32.29 -42.70 96.46
N PRO M 307 33.40 -43.43 96.70
CA PRO M 307 33.54 -44.59 97.59
C PRO M 307 32.76 -44.48 98.90
N ARG M 308 32.56 -43.25 99.37
CA ARG M 308 31.95 -43.04 100.67
C ARG M 308 30.48 -43.42 100.69
N HIS M 309 29.90 -43.64 99.51
CA HIS M 309 28.52 -44.05 99.43
C HIS M 309 28.37 -45.55 99.12
N GLY M 310 29.47 -46.29 99.26
CA GLY M 310 29.40 -47.74 99.10
C GLY M 310 30.29 -48.44 100.12
N LYS M 311 30.70 -49.68 99.81
CA LYS M 311 31.59 -50.42 100.69
C LYS M 311 32.78 -50.98 99.94
N TYR M 312 33.88 -51.18 100.67
CA TYR M 312 35.07 -51.77 100.10
C TYR M 312 35.04 -53.29 100.21
N MET M 313 35.12 -53.95 99.07
CA MET M 313 35.16 -55.40 99.02
C MET M 313 36.57 -55.91 99.18
N ALA M 314 37.50 -55.26 98.48
CA ALA M 314 38.90 -55.64 98.53
C ALA M 314 39.78 -54.50 98.05
N CYS M 315 41.00 -54.44 98.54
CA CYS M 315 41.89 -53.35 98.22
C CYS M 315 43.35 -53.76 98.23
N CYS M 316 43.95 -53.82 97.05
CA CYS M 316 45.36 -54.12 96.94
C CYS M 316 46.17 -52.85 96.77
N LEU M 317 47.15 -52.66 97.62
CA LEU M 317 48.00 -51.49 97.58
C LEU M 317 49.39 -51.84 97.09
N LEU M 318 49.79 -51.23 95.98
CA LEU M 318 51.08 -51.54 95.37
C LEU M 318 52.05 -50.40 95.56
N TYR M 319 53.16 -50.69 96.20
CA TYR M 319 54.14 -49.66 96.53
C TYR M 319 55.38 -49.77 95.67
N ARG M 320 55.98 -48.63 95.37
CA ARG M 320 57.21 -48.59 94.59
C ARG M 320 58.25 -47.73 95.27
N GLY M 321 59.51 -47.97 94.95
CA GLY M 321 60.62 -47.17 95.46
C GLY M 321 60.82 -47.30 96.96
N ASP M 322 61.03 -46.16 97.61
CA ASP M 322 61.51 -46.13 99.00
C ASP M 322 60.40 -46.30 100.01
N VAL M 323 59.96 -47.55 100.19
CA VAL M 323 58.95 -47.85 101.19
C VAL M 323 59.39 -48.99 102.10
N VAL M 324 58.81 -49.06 103.28
CA VAL M 324 59.02 -50.20 104.17
C VAL M 324 57.69 -50.74 104.66
N PRO M 325 57.65 -52.03 104.99
CA PRO M 325 56.42 -52.73 105.32
C PRO M 325 55.81 -52.24 106.62
N LYS M 326 56.65 -51.79 107.53
CA LYS M 326 56.20 -51.29 108.82
C LYS M 326 55.27 -50.11 108.66
N ASP M 327 55.69 -49.15 107.85
CA ASP M 327 54.92 -47.94 107.63
C ASP M 327 53.66 -48.25 106.87
N VAL M 328 53.74 -49.18 105.93
CA VAL M 328 52.57 -49.58 105.18
C VAL M 328 51.51 -50.17 106.07
N ASN M 329 51.93 -51.06 106.97
CA ASN M 329 51.03 -51.68 107.91
C ASN M 329 50.39 -50.65 108.82
N ALA M 330 51.21 -49.71 109.27
CA ALA M 330 50.75 -48.65 110.16
C ALA M 330 49.70 -47.78 109.48
N ALA M 331 49.96 -47.43 108.23
CA ALA M 331 49.02 -46.63 107.47
C ALA M 331 47.69 -47.34 107.33
N ILE M 332 47.74 -48.64 107.05
CA ILE M 332 46.53 -49.43 106.93
C ILE M 332 45.76 -49.50 108.24
N ALA M 333 46.49 -49.67 109.33
CA ALA M 333 45.88 -49.68 110.65
C ALA M 333 45.17 -48.37 110.91
N THR M 334 45.80 -47.27 110.51
CA THR M 334 45.20 -45.95 110.64
C THR M 334 43.92 -45.85 109.83
N ILE M 335 43.92 -46.42 108.64
CA ILE M 335 42.74 -46.41 107.78
C ILE M 335 41.58 -47.16 108.43
N LYS M 336 41.88 -48.34 108.95
CA LYS M 336 40.88 -49.14 109.63
C LYS M 336 40.42 -48.47 110.92
N THR M 337 41.32 -47.71 111.53
CA THR M 337 40.99 -46.89 112.69
C THR M 337 40.07 -45.73 112.31
N LYS M 338 40.36 -45.11 111.17
CA LYS M 338 39.56 -43.99 110.69
C LYS M 338 38.10 -44.36 110.61
N ARG M 339 37.81 -45.52 110.00
CA ARG M 339 36.47 -46.08 109.96
C ARG M 339 35.45 -45.20 109.21
N THR M 340 35.91 -44.17 108.52
CA THR M 340 35.04 -43.33 107.72
C THR M 340 34.53 -44.08 106.52
N ILE M 341 35.45 -44.75 105.84
CA ILE M 341 35.09 -45.59 104.71
C ILE M 341 34.63 -46.95 105.20
N GLN M 342 33.60 -47.48 104.57
CA GLN M 342 32.99 -48.70 105.03
C GLN M 342 33.49 -49.89 104.25
N PHE M 343 33.59 -51.02 104.94
CA PHE M 343 34.03 -52.25 104.34
C PHE M 343 32.95 -53.28 104.44
N VAL M 344 33.00 -54.25 103.54
CA VAL M 344 32.02 -55.31 103.57
C VAL M 344 32.08 -56.08 104.88
N ASP M 345 30.92 -56.23 105.51
CA ASP M 345 30.83 -56.72 106.88
C ASP M 345 31.32 -58.14 107.02
N TRP M 346 31.15 -58.94 105.97
CA TRP M 346 31.58 -60.32 105.99
C TRP M 346 32.97 -60.49 105.34
N CYS M 347 33.71 -59.39 105.25
CA CYS M 347 35.10 -59.46 104.78
C CYS M 347 36.05 -58.96 105.87
N PRO M 348 36.33 -59.82 106.87
CA PRO M 348 37.29 -59.57 107.98
C PRO M 348 38.32 -58.51 107.64
N THR M 349 39.05 -58.74 106.55
CA THR M 349 39.96 -57.76 106.02
C THR M 349 39.79 -57.65 104.53
N GLY M 350 40.50 -56.72 103.94
CA GLY M 350 40.45 -56.51 102.52
C GLY M 350 41.74 -55.91 102.01
N PHE M 351 42.75 -55.86 102.86
CA PHE M 351 43.98 -55.20 102.48
C PHE M 351 45.06 -56.18 102.08
N LYS M 352 45.62 -55.93 100.91
CA LYS M 352 46.77 -56.69 100.43
C LYS M 352 47.84 -55.75 99.94
N VAL M 353 49.10 -56.13 100.12
CA VAL M 353 50.19 -55.23 99.82
C VAL M 353 51.20 -55.82 98.86
N GLY M 354 51.53 -55.07 97.83
CA GLY M 354 52.65 -55.40 96.96
C GLY M 354 53.72 -54.34 97.12
N ILE M 355 54.98 -54.75 97.08
CA ILE M 355 56.08 -53.81 97.28
C ILE M 355 57.21 -54.02 96.31
N ASN M 356 57.58 -52.95 95.62
CA ASN M 356 58.73 -52.96 94.73
C ASN M 356 59.97 -52.40 95.42
N TYR M 357 61.11 -52.56 94.77
CA TYR M 357 62.34 -51.89 95.16
C TYR M 357 62.66 -50.81 94.15
N GLU M 358 62.23 -51.01 92.92
CA GLU M 358 62.45 -50.04 91.87
C GLU M 358 61.55 -48.84 92.04
N PRO M 359 62.12 -47.65 91.86
CA PRO M 359 61.40 -46.39 91.90
C PRO M 359 60.34 -46.33 90.82
N PRO M 360 59.45 -45.34 90.94
CA PRO M 360 58.46 -44.84 89.99
C PRO M 360 59.11 -44.40 88.68
N THR M 361 58.36 -44.57 87.59
CA THR M 361 58.86 -44.23 86.26
C THR M 361 58.62 -42.77 85.93
N VAL M 362 59.64 -42.12 85.38
CA VAL M 362 59.54 -40.70 85.04
C VAL M 362 59.52 -40.48 83.54
N VAL M 363 58.54 -39.71 83.07
CA VAL M 363 58.42 -39.41 81.65
C VAL M 363 59.05 -38.07 81.31
N PRO M 364 60.21 -38.07 80.65
CA PRO M 364 60.79 -36.89 80.06
C PRO M 364 59.78 -36.23 79.13
N GLY M 365 59.47 -34.96 79.39
CA GLY M 365 58.46 -34.26 78.61
C GLY M 365 57.07 -34.43 79.19
N GLY M 366 56.99 -35.01 80.39
CA GLY M 366 55.72 -35.20 81.08
C GLY M 366 55.46 -34.10 82.10
N ASP M 367 54.68 -34.41 83.12
CA ASP M 367 54.36 -33.44 84.17
C ASP M 367 54.50 -34.08 85.54
N LEU M 368 53.82 -35.20 85.75
CA LEU M 368 54.01 -36.04 86.92
C LEU M 368 55.45 -36.02 87.41
N ALA M 369 55.72 -35.18 88.39
CA ALA M 369 57.08 -34.94 88.85
C ALA M 369 57.69 -36.16 89.49
N LYS M 370 59.01 -36.28 89.40
CA LYS M 370 59.74 -37.40 89.97
C LYS M 370 59.58 -37.48 91.48
N VAL M 371 59.21 -38.66 91.95
CA VAL M 371 59.09 -38.92 93.38
C VAL M 371 59.91 -40.15 93.77
N GLN M 372 60.15 -40.30 95.07
CA GLN M 372 61.00 -41.37 95.57
C GLN M 372 60.22 -42.66 95.86
N ARG M 373 58.91 -42.58 95.74
CA ARG M 373 58.05 -43.72 96.03
C ARG M 373 56.69 -43.53 95.41
N ALA M 374 55.95 -44.60 95.24
CA ALA M 374 54.63 -44.48 94.65
C ALA M 374 53.68 -45.52 95.13
N VAL M 375 52.38 -45.20 95.06
CA VAL M 375 51.34 -46.11 95.48
C VAL M 375 50.24 -46.23 94.43
N CYS M 376 49.91 -47.45 94.08
CA CYS M 376 48.74 -47.72 93.29
C CYS M 376 47.72 -48.51 94.09
N MET M 377 46.45 -48.22 93.89
CA MET M 377 45.42 -48.96 94.59
C MET M 377 44.48 -49.63 93.62
N LEU M 378 44.31 -50.94 93.81
CA LEU M 378 43.35 -51.69 93.03
C LEU M 378 42.21 -52.13 93.93
N SER M 379 41.09 -51.42 93.84
CA SER M 379 40.03 -51.60 94.81
C SER M 379 38.72 -52.04 94.21
N ASN M 380 38.13 -53.06 94.82
CA ASN M 380 36.78 -53.48 94.50
C ASN M 380 35.81 -52.88 95.49
N THR M 381 34.74 -52.31 94.97
CA THR M 381 33.77 -51.61 95.81
C THR M 381 32.37 -51.72 95.24
N THR M 382 31.38 -51.49 96.09
CA THR M 382 30.01 -51.50 95.65
C THR M 382 29.57 -50.13 95.15
N ALA M 383 30.38 -49.12 95.45
CA ALA M 383 30.05 -47.75 95.05
C ALA M 383 30.05 -47.59 93.53
N ILE M 384 30.99 -48.26 92.87
CA ILE M 384 31.16 -48.13 91.43
C ILE M 384 29.95 -48.60 90.65
N ALA M 385 29.19 -49.51 91.24
CA ALA M 385 28.02 -50.06 90.59
C ALA M 385 27.00 -48.97 90.23
N GLU M 386 27.01 -47.88 91.00
CA GLU M 386 26.07 -46.79 90.75
C GLU M 386 26.29 -46.13 89.39
N ALA M 387 27.51 -46.21 88.89
CA ALA M 387 27.87 -45.60 87.62
C ALA M 387 27.10 -46.23 86.46
N TRP M 388 26.76 -47.51 86.61
CA TRP M 388 26.09 -48.22 85.54
C TRP M 388 24.65 -47.83 85.46
N ALA M 389 24.08 -47.40 86.58
CA ALA M 389 22.72 -46.91 86.61
C ALA M 389 22.60 -45.70 85.70
N ARG M 390 23.60 -44.83 85.74
CA ARG M 390 23.62 -43.66 84.88
C ARG M 390 23.62 -44.07 83.42
N LEU M 391 24.42 -45.08 83.10
CA LEU M 391 24.44 -45.61 81.74
C LEU M 391 23.12 -46.25 81.38
N ASP M 392 22.50 -46.92 82.35
CA ASP M 392 21.22 -47.55 82.12
C ASP M 392 20.18 -46.54 81.70
N HIS M 393 20.18 -45.39 82.37
CA HIS M 393 19.22 -44.35 82.03
C HIS M 393 19.45 -43.81 80.64
N LYS M 394 20.72 -43.60 80.28
CA LYS M 394 21.06 -43.11 78.96
C LYS M 394 20.63 -44.09 77.90
N PHE M 395 20.91 -45.36 78.14
CA PHE M 395 20.50 -46.42 77.25
C PHE M 395 19.00 -46.51 77.16
N ASP M 396 18.33 -46.61 78.31
CA ASP M 396 16.89 -46.79 78.35
C ASP M 396 16.18 -45.72 77.56
N LEU M 397 16.66 -44.49 77.71
CA LEU M 397 16.06 -43.35 77.06
C LEU M 397 16.15 -43.45 75.54
N MET M 398 17.36 -43.63 75.04
CA MET M 398 17.57 -43.72 73.60
C MET M 398 16.92 -44.97 73.05
N TYR M 399 16.99 -46.04 73.84
CA TYR M 399 16.40 -47.30 73.46
C TYR M 399 14.90 -47.17 73.33
N ALA M 400 14.28 -46.49 74.28
CA ALA M 400 12.82 -46.29 74.25
C ALA M 400 12.38 -45.67 72.94
N LYS M 401 13.17 -44.74 72.42
CA LYS M 401 12.86 -44.11 71.14
C LYS M 401 13.45 -44.88 69.96
N ARG M 402 14.20 -45.94 70.26
CA ARG M 402 14.94 -46.70 69.26
C ARG M 402 15.81 -45.80 68.42
N ALA M 403 16.37 -44.77 69.04
CA ALA M 403 17.20 -43.83 68.33
C ALA M 403 18.44 -44.52 67.84
N PHE M 404 18.77 -44.32 66.58
CA PHE M 404 19.97 -44.89 65.97
C PHE M 404 19.93 -46.41 65.88
N VAL M 405 18.79 -47.02 66.19
CA VAL M 405 18.70 -48.48 66.22
C VAL M 405 18.96 -49.08 64.85
N HIS M 406 18.66 -48.32 63.80
CA HIS M 406 18.74 -48.81 62.44
C HIS M 406 20.18 -49.00 61.98
N TRP M 407 21.13 -48.45 62.73
CA TRP M 407 22.53 -48.64 62.40
C TRP M 407 23.01 -50.00 62.87
N TYR M 408 22.32 -50.56 63.86
CA TYR M 408 22.67 -51.87 64.37
C TYR M 408 21.84 -52.93 63.70
N VAL M 409 20.58 -52.58 63.41
CA VAL M 409 19.71 -53.44 62.64
C VAL M 409 20.22 -53.60 61.22
N GLY M 410 20.78 -52.54 60.67
CA GLY M 410 21.39 -52.58 59.34
C GLY M 410 22.51 -53.61 59.28
N GLU M 411 23.21 -53.79 60.40
CA GLU M 411 24.16 -54.88 60.52
C GLU M 411 23.44 -56.21 60.66
N GLY M 412 22.36 -56.21 61.42
CA GLY M 412 21.59 -57.41 61.68
C GLY M 412 21.49 -57.69 63.16
N MET M 413 22.04 -56.78 63.97
CA MET M 413 22.03 -56.96 65.41
C MET M 413 20.60 -57.07 65.91
N GLU M 414 20.29 -58.22 66.48
CA GLU M 414 18.96 -58.50 66.99
C GLU M 414 18.55 -57.51 68.06
N GLU M 415 17.38 -56.89 67.88
CA GLU M 415 16.83 -55.94 68.84
C GLU M 415 16.81 -56.53 70.25
N GLY M 416 16.42 -57.79 70.35
CA GLY M 416 16.38 -58.50 71.61
C GLY M 416 17.74 -58.57 72.31
N GLU M 417 18.81 -58.50 71.53
CA GLU M 417 20.17 -58.51 72.08
C GLU M 417 20.38 -57.31 72.99
N PHE M 418 19.77 -56.18 72.64
CA PHE M 418 19.88 -54.98 73.44
C PHE M 418 19.20 -55.14 74.77
N SER M 419 18.02 -55.77 74.74
CA SER M 419 17.29 -56.02 75.97
C SER M 419 18.04 -57.02 76.84
N GLU M 420 18.67 -58.00 76.20
CA GLU M 420 19.45 -59.00 76.92
C GLU M 420 20.69 -58.38 77.54
N ALA M 421 21.33 -57.48 76.80
CA ALA M 421 22.51 -56.81 77.29
C ALA M 421 22.20 -56.03 78.55
N ARG M 422 21.08 -55.33 78.54
CA ARG M 422 20.63 -54.59 79.70
C ARG M 422 20.41 -55.47 80.90
N GLU M 423 19.76 -56.61 80.68
CA GLU M 423 19.46 -57.49 81.78
C GLU M 423 20.72 -58.02 82.43
N ASP M 424 21.75 -58.27 81.63
CA ASP M 424 23.02 -58.74 82.15
C ASP M 424 23.71 -57.65 82.96
N MET M 425 23.65 -56.41 82.47
CA MET M 425 24.16 -55.28 83.23
C MET M 425 23.42 -55.11 84.54
N ALA M 426 22.10 -55.22 84.48
CA ALA M 426 21.25 -55.09 85.65
C ALA M 426 21.56 -56.18 86.67
N ALA M 427 21.85 -57.38 86.19
CA ALA M 427 22.24 -58.48 87.07
C ALA M 427 23.50 -58.13 87.83
N LEU M 428 24.46 -57.56 87.12
CA LEU M 428 25.71 -57.15 87.71
C LEU M 428 25.50 -56.12 88.81
N GLU M 429 24.66 -55.14 88.52
CA GLU M 429 24.30 -54.13 89.51
C GLU M 429 23.69 -54.77 90.75
N LYS M 430 22.77 -55.71 90.52
CA LYS M 430 22.09 -56.41 91.61
C LYS M 430 23.07 -57.15 92.50
N ASP M 431 24.05 -57.81 91.90
CA ASP M 431 25.05 -58.55 92.66
C ASP M 431 25.78 -57.67 93.65
N TYR M 432 26.18 -56.48 93.21
CA TYR M 432 26.87 -55.55 94.09
C TYR M 432 25.98 -55.07 95.22
N GLU M 433 24.70 -54.88 94.94
CA GLU M 433 23.74 -54.51 95.98
C GLU M 433 23.69 -55.57 97.07
N GLU M 434 23.65 -56.83 96.66
CA GLU M 434 23.58 -57.95 97.59
C GLU M 434 24.85 -58.05 98.44
N VAL M 435 26.00 -57.82 97.81
CA VAL M 435 27.27 -57.85 98.53
C VAL M 435 27.29 -56.89 99.71
N GLY M 436 26.87 -55.65 99.47
CA GLY M 436 26.89 -54.63 100.50
C GLY M 436 25.88 -54.90 101.61
N VAL M 437 24.67 -55.35 101.23
CA VAL M 437 23.59 -55.55 102.19
C VAL M 437 23.77 -56.78 103.05
N ASP M 438 24.05 -57.91 102.41
CA ASP M 438 24.11 -59.19 103.11
C ASP M 438 25.23 -59.24 104.14
N SER M 439 25.02 -60.05 105.18
CA SER M 439 26.03 -60.26 106.20
C SER M 439 25.74 -61.53 106.99
N ARG N 2 41.19 -44.50 51.80
CA ARG N 2 40.04 -44.74 50.94
C ARG N 2 39.83 -43.58 49.98
N GLU N 3 38.84 -43.71 49.11
CA GLU N 3 38.58 -42.69 48.11
C GLU N 3 37.11 -42.28 48.06
N ILE N 4 36.88 -41.01 47.74
CA ILE N 4 35.53 -40.47 47.62
C ILE N 4 35.31 -39.79 46.29
N VAL N 5 34.19 -40.09 45.65
CA VAL N 5 33.87 -39.51 44.35
C VAL N 5 33.08 -38.23 44.50
N HIS N 6 33.52 -37.16 43.82
CA HIS N 6 32.81 -35.89 43.88
C HIS N 6 32.16 -35.54 42.56
N ILE N 7 30.85 -35.53 42.54
CA ILE N 7 30.12 -35.23 41.33
C ILE N 7 29.46 -33.86 41.41
N GLN N 8 29.65 -33.06 40.39
CA GLN N 8 29.03 -31.74 40.34
C GLN N 8 27.94 -31.73 39.28
N ALA N 9 26.81 -31.13 39.60
CA ALA N 9 25.67 -31.13 38.69
C ALA N 9 25.03 -29.76 38.60
N GLY N 10 25.08 -29.17 37.41
CA GLY N 10 24.46 -27.87 37.14
C GLY N 10 25.43 -26.74 37.43
N GLN N 11 25.12 -25.55 36.90
CA GLN N 11 25.99 -24.38 37.04
C GLN N 11 26.29 -24.07 38.48
N CYS N 12 25.24 -24.02 39.30
CA CYS N 12 25.40 -23.78 40.72
C CYS N 12 26.38 -24.73 41.34
N GLY N 13 26.14 -26.02 41.14
CA GLY N 13 26.98 -27.05 41.72
C GLY N 13 28.39 -26.97 41.18
N ASN N 14 28.51 -26.63 39.92
CA ASN N 14 29.81 -26.54 39.27
C ASN N 14 30.63 -25.38 39.80
N GLN N 15 29.97 -24.25 40.04
CA GLN N 15 30.65 -23.08 40.56
C GLN N 15 31.09 -23.31 41.99
N ILE N 16 30.23 -23.94 42.78
CA ILE N 16 30.59 -24.28 44.15
C ILE N 16 31.74 -25.26 44.17
N GLY N 17 31.64 -26.29 43.35
CA GLY N 17 32.67 -27.31 43.27
C GLY N 17 34.00 -26.73 42.82
N ALA N 18 33.95 -25.83 41.85
CA ALA N 18 35.17 -25.19 41.37
C ALA N 18 35.89 -24.49 42.50
N LYS N 19 35.13 -23.81 43.34
CA LYS N 19 35.70 -23.15 44.52
C LYS N 19 36.18 -24.18 45.53
N PHE N 20 35.43 -25.25 45.69
CA PHE N 20 35.79 -26.34 46.58
C PHE N 20 37.13 -26.94 46.22
N TRP N 21 37.32 -27.23 44.95
CA TRP N 21 38.56 -27.84 44.51
C TRP N 21 39.72 -26.86 44.58
N GLU N 22 39.43 -25.57 44.45
CA GLU N 22 40.44 -24.55 44.75
C GLU N 22 40.92 -24.69 46.17
N VAL N 23 39.96 -24.75 47.09
CA VAL N 23 40.25 -24.78 48.51
C VAL N 23 41.07 -25.97 48.92
N ILE N 24 40.63 -27.16 48.55
CA ILE N 24 41.28 -28.37 49.03
C ILE N 24 42.56 -28.66 48.27
N SER N 25 42.67 -28.16 47.04
CA SER N 25 43.93 -28.26 46.32
C SER N 25 44.97 -27.40 47.00
N ASP N 26 44.56 -26.21 47.44
CA ASP N 26 45.43 -25.36 48.22
C ASP N 26 45.79 -26.01 49.54
N GLU N 27 44.79 -26.61 50.19
CA GLU N 27 44.99 -27.31 51.44
C GLU N 27 46.05 -28.40 51.31
N HIS N 28 46.05 -29.10 50.19
CA HIS N 28 46.98 -30.20 49.97
C HIS N 28 48.18 -29.83 49.10
N GLY N 29 48.46 -28.54 48.97
CA GLY N 29 49.72 -28.09 48.36
C GLY N 29 49.79 -28.33 46.85
N ILE N 30 48.63 -28.36 46.21
CA ILE N 30 48.58 -28.67 44.78
C ILE N 30 48.44 -27.41 43.94
N ASP N 31 49.34 -27.23 42.99
CA ASP N 31 49.32 -26.05 42.15
C ASP N 31 48.43 -26.27 40.93
N PRO N 32 48.36 -25.28 40.04
CA PRO N 32 47.46 -25.31 38.88
C PRO N 32 47.93 -26.20 37.74
N THR N 33 48.98 -26.99 37.97
CA THR N 33 49.37 -28.00 37.01
C THR N 33 48.98 -29.38 37.50
N GLY N 34 48.65 -29.46 38.79
CA GLY N 34 48.39 -30.73 39.43
C GLY N 34 49.62 -31.25 40.17
N SER N 35 50.70 -30.47 40.14
CA SER N 35 51.92 -30.85 40.82
C SER N 35 51.85 -30.52 42.31
N TYR N 36 52.48 -31.37 43.12
CA TYR N 36 52.52 -31.14 44.55
C TYR N 36 53.74 -30.35 44.96
N HIS N 37 53.51 -29.25 45.65
CA HIS N 37 54.58 -28.43 46.18
C HIS N 37 54.26 -27.97 47.58
N GLY N 38 53.66 -28.85 48.36
CA GLY N 38 53.30 -28.53 49.74
C GLY N 38 54.48 -28.72 50.67
N ASP N 39 54.34 -28.27 51.91
CA ASP N 39 55.44 -28.31 52.87
C ASP N 39 55.31 -29.45 53.87
N SER N 40 54.13 -30.06 53.96
CA SER N 40 53.93 -31.15 54.90
C SER N 40 53.94 -32.48 54.19
N ASP N 41 54.06 -33.54 54.97
CA ASP N 41 54.00 -34.89 54.44
C ASP N 41 52.60 -35.43 54.55
N LEU N 42 51.81 -34.86 55.46
CA LEU N 42 50.47 -35.34 55.71
C LEU N 42 49.51 -34.94 54.60
N GLN N 43 49.91 -33.95 53.82
CA GLN N 43 49.15 -33.55 52.64
C GLN N 43 49.11 -34.67 51.60
N LEU N 44 50.12 -35.53 51.61
CA LEU N 44 50.17 -36.69 50.71
C LEU N 44 49.72 -37.97 51.38
N GLU N 45 49.39 -37.90 52.66
CA GLU N 45 49.01 -39.09 53.42
C GLU N 45 47.66 -39.61 52.97
N ARG N 46 46.78 -38.70 52.62
CA ARG N 46 45.45 -39.07 52.17
C ARG N 46 45.06 -38.33 50.90
N ILE N 47 46.04 -37.93 50.11
CA ILE N 47 45.78 -37.24 48.86
C ILE N 47 44.98 -38.12 47.90
N ASN N 48 45.10 -39.43 48.06
CA ASN N 48 44.37 -40.38 47.24
C ASN N 48 42.86 -40.24 47.40
N VAL N 49 42.42 -39.68 48.51
CA VAL N 49 40.99 -39.52 48.76
C VAL N 49 40.31 -38.74 47.66
N TYR N 50 40.99 -37.70 47.17
CA TYR N 50 40.38 -36.81 46.20
C TYR N 50 41.17 -36.72 44.91
N TYR N 51 42.31 -37.38 44.82
CA TYR N 51 43.12 -37.25 43.63
C TYR N 51 43.65 -38.58 43.12
N ASN N 52 43.56 -38.77 41.82
CA ASN N 52 44.32 -39.81 41.16
C ASN N 52 45.76 -39.35 41.01
N GLU N 53 46.70 -40.28 41.18
CA GLU N 53 48.10 -39.94 40.99
C GLU N 53 48.56 -40.38 39.61
N ALA N 54 48.49 -39.47 38.64
CA ALA N 54 48.84 -39.77 37.27
C ALA N 54 50.34 -39.69 37.07
N ALA N 55 50.81 -40.29 35.99
CA ALA N 55 52.24 -40.33 35.72
C ALA N 55 52.82 -38.93 35.71
N GLY N 56 53.93 -38.77 36.42
CA GLY N 56 54.54 -37.47 36.59
C GLY N 56 54.09 -36.81 37.88
N ASN N 57 53.34 -37.56 38.70
CA ASN N 57 52.82 -37.06 39.97
C ASN N 57 51.83 -35.94 39.74
N LYS N 58 50.98 -36.10 38.74
CA LYS N 58 49.94 -35.13 38.46
C LYS N 58 48.67 -35.55 39.16
N TYR N 59 48.22 -34.76 40.09
CA TYR N 59 47.12 -35.15 40.92
C TYR N 59 45.80 -34.70 40.33
N VAL N 60 44.93 -35.67 40.05
CA VAL N 60 43.74 -35.43 39.26
C VAL N 60 42.45 -35.67 40.07
N PRO N 61 41.80 -34.59 40.50
CA PRO N 61 40.43 -34.61 41.06
C PRO N 61 39.65 -35.84 40.71
N ARG N 62 39.34 -36.62 41.73
CA ARG N 62 38.41 -37.72 41.61
C ARG N 62 36.99 -37.20 41.52
N ALA N 63 36.68 -36.54 40.41
CA ALA N 63 35.45 -35.80 40.28
C ALA N 63 34.87 -35.88 38.91
N ILE N 64 33.54 -35.80 38.83
CA ILE N 64 32.83 -35.87 37.58
C ILE N 64 32.03 -34.60 37.36
N LEU N 65 32.23 -33.97 36.23
CA LEU N 65 31.61 -32.69 35.96
C LEU N 65 30.42 -32.85 35.03
N VAL N 66 29.22 -32.73 35.58
CA VAL N 66 28.00 -32.97 34.81
C VAL N 66 27.22 -31.70 34.58
N ASP N 67 26.88 -31.45 33.32
CA ASP N 67 26.04 -30.32 32.99
C ASP N 67 25.34 -30.56 31.66
N LEU N 68 24.24 -29.86 31.45
CA LEU N 68 23.54 -29.94 30.20
C LEU N 68 23.61 -28.63 29.46
N GLU N 69 24.38 -27.68 29.97
CA GLU N 69 24.52 -26.40 29.29
C GLU N 69 25.97 -26.07 29.00
N PRO N 70 26.54 -26.69 27.96
CA PRO N 70 27.78 -26.21 27.32
C PRO N 70 27.89 -24.71 27.46
N GLY N 71 29.06 -24.24 27.86
CA GLY N 71 29.26 -22.82 28.11
C GLY N 71 29.67 -22.62 29.56
N THR N 72 28.91 -23.22 30.46
CA THR N 72 29.31 -23.28 31.86
C THR N 72 30.49 -24.20 31.98
N MET N 73 30.42 -25.32 31.29
CA MET N 73 31.51 -26.27 31.22
C MET N 73 32.72 -25.65 30.56
N ASP N 74 32.47 -24.76 29.61
CA ASP N 74 33.54 -24.05 28.93
C ASP N 74 34.24 -23.11 29.89
N SER N 75 33.47 -22.43 30.75
CA SER N 75 34.03 -21.51 31.72
C SER N 75 34.88 -22.24 32.74
N VAL N 76 34.54 -23.50 33.00
CA VAL N 76 35.35 -24.34 33.86
C VAL N 76 36.68 -24.65 33.20
N ARG N 77 36.64 -25.05 31.93
CA ARG N 77 37.87 -25.36 31.20
C ARG N 77 38.74 -24.12 31.02
N SER N 78 38.10 -22.96 30.88
CA SER N 78 38.83 -21.71 30.72
C SER N 78 39.35 -21.16 32.04
N GLY N 79 38.89 -21.73 33.15
CA GLY N 79 39.34 -21.27 34.45
C GLY N 79 40.64 -21.96 34.84
N PRO N 80 41.22 -21.55 35.97
CA PRO N 80 42.50 -22.00 36.52
C PRO N 80 42.62 -23.53 36.67
N PHE N 81 41.48 -24.22 36.69
CA PHE N 81 41.49 -25.66 36.89
C PHE N 81 41.18 -26.42 35.62
N GLY N 82 41.23 -25.74 34.48
CA GLY N 82 41.18 -26.40 33.20
C GLY N 82 42.41 -27.30 32.98
N GLN N 83 43.48 -26.99 33.71
CA GLN N 83 44.71 -27.78 33.68
C GLN N 83 44.70 -28.86 34.77
N ILE N 84 43.66 -28.87 35.57
CA ILE N 84 43.54 -29.76 36.72
C ILE N 84 42.57 -30.91 36.45
N PHE N 85 41.35 -30.56 36.05
CA PHE N 85 40.33 -31.57 35.82
C PHE N 85 40.62 -32.36 34.56
N ARG N 86 40.28 -33.65 34.58
CA ARG N 86 40.49 -34.52 33.44
C ARG N 86 39.40 -34.36 32.39
N PRO N 87 39.76 -34.33 31.11
CA PRO N 87 38.88 -33.94 30.02
C PRO N 87 37.73 -34.90 29.83
N ASP N 88 37.95 -36.17 30.15
CA ASP N 88 36.91 -37.16 29.98
C ASP N 88 35.95 -37.17 31.16
N ASN N 89 36.17 -36.28 32.13
CA ASN N 89 35.23 -36.09 33.21
C ASN N 89 34.29 -34.92 32.93
N PHE N 90 34.48 -34.27 31.78
CA PHE N 90 33.59 -33.18 31.38
C PHE N 90 32.42 -33.72 30.56
N VAL N 91 31.31 -33.96 31.23
CA VAL N 91 30.17 -34.57 30.57
C VAL N 91 29.07 -33.55 30.28
N PHE N 92 28.84 -33.29 29.00
CA PHE N 92 27.77 -32.40 28.59
C PHE N 92 27.38 -32.66 27.13
N GLY N 93 26.17 -32.24 26.76
CA GLY N 93 25.68 -32.46 25.40
C GLY N 93 24.62 -31.44 25.01
N GLN N 94 23.42 -31.94 24.69
CA GLN N 94 22.27 -31.11 24.37
C GLN N 94 22.06 -30.02 25.41
N SER N 95 21.50 -28.90 24.97
CA SER N 95 21.26 -27.74 25.83
C SER N 95 20.45 -28.07 27.08
N GLY N 96 20.54 -27.18 28.08
CA GLY N 96 20.06 -27.46 29.43
C GLY N 96 18.56 -27.47 29.55
N ALA N 97 18.08 -27.87 30.73
CA ALA N 97 16.66 -28.03 30.98
C ALA N 97 15.92 -26.71 30.91
N GLY N 98 16.55 -25.62 31.34
CA GLY N 98 15.88 -24.34 31.39
C GLY N 98 14.92 -24.30 32.57
N ASN N 99 15.40 -24.76 33.72
CA ASN N 99 14.59 -24.87 34.93
C ASN N 99 13.45 -25.86 34.77
N ASN N 100 13.64 -26.87 33.94
CA ASN N 100 12.64 -27.89 33.76
C ASN N 100 13.09 -29.23 34.34
N TRP N 101 12.67 -29.51 35.56
CA TRP N 101 13.10 -30.72 36.27
C TRP N 101 12.93 -31.98 35.44
N ALA N 102 11.81 -32.06 34.72
CA ALA N 102 11.52 -33.24 33.92
C ALA N 102 12.55 -33.40 32.81
N LYS N 103 12.95 -32.29 32.19
CA LYS N 103 14.01 -32.36 31.22
C LYS N 103 15.31 -32.85 31.83
N GLY N 104 15.62 -32.36 33.03
CA GLY N 104 16.87 -32.72 33.71
C GLY N 104 16.88 -34.18 34.15
N HIS N 105 15.78 -34.64 34.71
CA HIS N 105 15.70 -35.98 35.29
C HIS N 105 15.06 -36.98 34.36
N TYR N 106 13.89 -36.63 33.86
CA TYR N 106 13.00 -37.60 33.25
C TYR N 106 13.35 -37.89 31.79
N THR N 107 13.66 -36.86 31.02
CA THR N 107 13.84 -37.03 29.58
C THR N 107 15.26 -36.70 29.11
N GLU N 108 15.49 -35.44 28.73
CA GLU N 108 16.72 -35.05 28.05
C GLU N 108 17.97 -35.45 28.81
N GLY N 109 17.96 -35.24 30.12
CA GLY N 109 19.07 -35.62 30.96
C GLY N 109 19.21 -37.13 31.06
N ALA N 110 18.08 -37.83 31.05
CA ALA N 110 18.07 -39.28 31.15
C ALA N 110 18.84 -39.91 30.01
N GLU N 111 18.77 -39.28 28.84
CA GLU N 111 19.45 -39.78 27.66
C GLU N 111 20.98 -39.83 27.85
N LEU N 112 21.52 -38.99 28.73
CA LEU N 112 22.96 -38.88 28.88
C LEU N 112 23.48 -39.52 30.17
N VAL N 113 22.61 -40.26 30.87
CA VAL N 113 23.01 -40.88 32.13
C VAL N 113 24.20 -41.80 31.98
N ASP N 114 24.17 -42.64 30.96
CA ASP N 114 25.21 -43.63 30.76
C ASP N 114 26.57 -43.00 30.55
N SER N 115 26.60 -41.82 29.92
CA SER N 115 27.85 -41.13 29.68
C SER N 115 28.48 -40.66 30.98
N VAL N 116 27.65 -40.53 32.02
CA VAL N 116 28.15 -40.22 33.35
C VAL N 116 28.58 -41.49 34.06
N LEU N 117 27.71 -42.49 34.03
CA LEU N 117 27.92 -43.71 34.78
C LEU N 117 29.16 -44.45 34.31
N ASP N 118 29.46 -44.36 33.03
CA ASP N 118 30.68 -44.96 32.51
C ASP N 118 31.89 -44.35 33.19
N VAL N 119 31.87 -43.03 33.36
CA VAL N 119 32.94 -42.34 34.05
C VAL N 119 32.98 -42.73 35.52
N VAL N 120 31.79 -42.89 36.11
CA VAL N 120 31.69 -43.34 37.50
C VAL N 120 32.40 -44.66 37.69
N ARG N 121 32.15 -45.59 36.78
CA ARG N 121 32.79 -46.90 36.83
C ARG N 121 34.29 -46.78 36.67
N LYS N 122 34.73 -45.96 35.73
CA LYS N 122 36.15 -45.75 35.50
C LYS N 122 36.82 -45.21 36.74
N GLU N 123 36.14 -44.31 37.43
CA GLU N 123 36.66 -43.75 38.66
C GLU N 123 36.68 -44.80 39.76
N SER N 124 35.60 -45.57 39.87
CA SER N 124 35.50 -46.61 40.87
C SER N 124 36.63 -47.63 40.77
N GLU N 125 36.95 -48.03 39.55
CA GLU N 125 37.96 -49.07 39.34
C GLU N 125 39.38 -48.55 39.48
N SER N 126 39.55 -47.23 39.63
CA SER N 126 40.86 -46.66 39.90
C SER N 126 41.08 -46.53 41.40
N CYS N 127 40.07 -46.88 42.18
CA CYS N 127 40.11 -46.73 43.61
C CYS N 127 40.57 -48.01 44.30
N ASP N 128 41.11 -47.86 45.50
CA ASP N 128 41.50 -49.01 46.30
C ASP N 128 40.36 -49.39 47.23
N CYS N 129 39.63 -48.38 47.69
CA CYS N 129 38.44 -48.59 48.47
C CYS N 129 37.51 -47.40 48.37
N LEU N 130 36.43 -47.55 47.63
CA LEU N 130 35.44 -46.51 47.51
C LEU N 130 34.59 -46.41 48.76
N GLN N 131 34.56 -45.24 49.36
CA GLN N 131 33.77 -45.02 50.54
C GLN N 131 32.36 -44.53 50.22
N GLY N 132 32.26 -43.59 49.30
CA GLY N 132 30.97 -43.02 48.96
C GLY N 132 31.08 -41.91 47.93
N PHE N 133 29.96 -41.22 47.73
CA PHE N 133 29.84 -40.18 46.73
C PHE N 133 29.40 -38.87 47.35
N GLN N 134 29.90 -37.78 46.80
CA GLN N 134 29.43 -36.46 47.18
C GLN N 134 28.88 -35.75 45.97
N LEU N 135 27.63 -35.32 46.06
CA LEU N 135 27.01 -34.58 44.98
C LEU N 135 26.85 -33.12 45.34
N THR N 136 27.25 -32.24 44.43
CA THR N 136 27.07 -30.81 44.64
C THR N 136 26.13 -30.24 43.60
N HIS N 137 25.03 -29.63 44.04
CA HIS N 137 24.00 -29.18 43.12
C HIS N 137 23.02 -28.21 43.77
N SER N 138 22.15 -27.61 42.96
CA SER N 138 21.07 -26.79 43.48
C SER N 138 19.79 -27.60 43.61
N LEU N 139 18.85 -27.08 44.39
CA LEU N 139 17.55 -27.73 44.58
C LEU N 139 16.42 -26.92 43.99
N GLY N 140 16.49 -26.68 42.70
CA GLY N 140 15.50 -25.85 42.03
C GLY N 140 15.96 -25.45 40.64
N GLY N 141 17.25 -25.66 40.36
CA GLY N 141 17.84 -25.26 39.10
C GLY N 141 17.20 -25.95 37.90
N GLY N 142 16.82 -27.22 38.04
CA GLY N 142 16.25 -27.96 36.92
C GLY N 142 17.19 -29.07 36.49
N THR N 143 18.34 -28.70 35.93
CA THR N 143 19.36 -29.66 35.54
C THR N 143 20.10 -30.20 36.75
N GLY N 144 20.56 -29.30 37.61
CA GLY N 144 21.28 -29.69 38.80
C GLY N 144 20.40 -30.51 39.73
N SER N 145 19.12 -30.14 39.80
CA SER N 145 18.17 -30.86 40.64
C SER N 145 17.60 -32.08 39.94
N GLY N 146 17.47 -32.00 38.61
CA GLY N 146 16.97 -33.11 37.81
C GLY N 146 18.02 -34.20 37.68
N MET N 147 19.17 -33.87 37.08
CA MET N 147 20.27 -34.80 36.95
C MET N 147 20.76 -35.25 38.31
N GLY N 148 20.61 -34.38 39.30
CA GLY N 148 21.01 -34.70 40.66
C GLY N 148 20.37 -35.98 41.14
N THR N 149 19.03 -35.97 41.29
CA THR N 149 18.33 -37.13 41.81
C THR N 149 18.31 -38.28 40.83
N LEU N 150 18.41 -37.96 39.55
CA LEU N 150 18.53 -38.97 38.54
C LEU N 150 19.78 -39.80 38.75
N LEU N 151 20.91 -39.13 38.88
CA LEU N 151 22.18 -39.80 39.08
C LEU N 151 22.28 -40.46 40.45
N ILE N 152 21.69 -39.82 41.46
CA ILE N 152 21.67 -40.41 42.80
C ILE N 152 21.01 -41.78 42.80
N SER N 153 19.88 -41.88 42.13
CA SER N 153 19.19 -43.15 42.00
C SER N 153 20.06 -44.16 41.30
N LYS N 154 20.65 -43.76 40.18
CA LYS N 154 21.47 -44.66 39.38
C LYS N 154 22.68 -45.14 40.14
N ILE N 155 23.34 -44.22 40.83
CA ILE N 155 24.54 -44.54 41.57
C ILE N 155 24.28 -45.48 42.72
N ARG N 156 23.19 -45.25 43.45
CA ARG N 156 22.83 -46.15 44.54
C ARG N 156 22.52 -47.54 44.04
N GLU N 157 21.92 -47.64 42.87
CA GLU N 157 21.66 -48.94 42.28
C GLU N 157 22.96 -49.69 42.04
N GLU N 158 24.01 -48.96 41.66
CA GLU N 158 25.33 -49.55 41.50
C GLU N 158 26.01 -49.79 42.85
N TYR N 159 25.89 -48.82 43.76
CA TYR N 159 26.61 -48.87 45.02
C TYR N 159 25.70 -48.65 46.21
N PRO N 160 24.70 -49.50 46.38
CA PRO N 160 23.69 -49.44 47.43
C PRO N 160 24.27 -49.42 48.85
N ASP N 161 25.50 -49.91 49.01
CA ASP N 161 26.10 -50.02 50.33
C ASP N 161 27.11 -48.91 50.60
N ARG N 162 27.26 -47.98 49.66
CA ARG N 162 28.17 -46.86 49.84
C ARG N 162 27.41 -45.63 50.32
N ILE N 163 28.14 -44.61 50.74
CA ILE N 163 27.53 -43.44 51.34
C ILE N 163 27.13 -42.40 50.31
N MET N 164 25.85 -42.06 50.28
CA MET N 164 25.39 -40.99 49.40
C MET N 164 25.26 -39.68 50.15
N ASN N 165 26.22 -38.80 49.91
CA ASN N 165 26.23 -37.48 50.51
C ASN N 165 25.95 -36.41 49.45
N THR N 166 25.19 -35.39 49.81
CA THR N 166 24.98 -34.29 48.90
C THR N 166 24.91 -32.94 49.60
N PHE N 167 25.40 -31.92 48.91
CA PHE N 167 25.30 -30.54 49.35
C PHE N 167 24.35 -29.79 48.44
N SER N 168 23.15 -29.51 48.94
CA SER N 168 22.08 -28.99 48.12
C SER N 168 21.73 -27.54 48.46
N VAL N 169 21.72 -26.69 47.44
CA VAL N 169 21.34 -25.30 47.63
C VAL N 169 19.83 -25.14 47.60
N VAL N 170 19.29 -24.73 48.73
CA VAL N 170 17.86 -24.71 48.95
C VAL N 170 17.23 -23.35 48.57
N PRO N 171 16.28 -23.34 47.61
CA PRO N 171 15.28 -22.27 47.46
C PRO N 171 15.16 -21.40 48.71
N SER N 172 15.54 -20.13 48.57
CA SER N 172 15.49 -19.21 49.69
C SER N 172 14.31 -18.24 49.59
N PRO N 173 13.48 -18.16 50.64
CA PRO N 173 12.36 -17.19 50.78
C PRO N 173 12.50 -15.94 49.91
N LYS N 174 13.61 -15.21 50.07
CA LYS N 174 13.76 -13.88 49.48
C LYS N 174 14.84 -13.81 48.40
N VAL N 175 15.43 -14.95 48.06
CA VAL N 175 16.42 -14.96 47.00
C VAL N 175 16.02 -15.96 45.94
N SER N 176 15.53 -15.44 44.82
CA SER N 176 14.99 -16.28 43.78
C SER N 176 15.71 -16.05 42.46
N ASP N 177 15.02 -16.43 41.40
CA ASP N 177 15.51 -16.43 40.01
C ASP N 177 14.73 -17.43 39.18
N THR N 178 13.59 -17.86 39.70
CA THR N 178 12.70 -18.77 39.00
C THR N 178 11.39 -18.89 39.73
N VAL N 179 10.32 -19.09 39.00
CA VAL N 179 9.00 -19.15 39.59
C VAL N 179 8.51 -20.57 39.73
N VAL N 180 9.32 -21.52 39.26
CA VAL N 180 8.98 -22.93 39.40
C VAL N 180 9.94 -23.60 40.36
N GLU N 181 10.55 -22.78 41.21
CA GLU N 181 11.50 -23.25 42.21
C GLU N 181 10.88 -24.29 43.14
N PRO N 182 9.57 -24.20 43.41
CA PRO N 182 8.87 -25.17 44.26
C PRO N 182 8.60 -26.45 43.52
N TYR N 183 8.30 -26.35 42.24
CA TYR N 183 8.06 -27.53 41.43
C TYR N 183 9.31 -28.37 41.34
N ASN N 184 10.42 -27.72 41.05
CA ASN N 184 11.67 -28.41 40.87
C ASN N 184 12.17 -28.97 42.18
N ALA N 185 12.05 -28.19 43.25
CA ALA N 185 12.48 -28.63 44.57
C ALA N 185 11.65 -29.81 45.05
N THR N 186 10.33 -29.73 44.87
CA THR N 186 9.43 -30.75 45.36
C THR N 186 9.65 -32.06 44.63
N LEU N 187 9.76 -32.00 43.31
CA LEU N 187 10.01 -33.17 42.51
C LEU N 187 11.36 -33.78 42.85
N SER N 188 12.34 -32.93 43.12
CA SER N 188 13.67 -33.36 43.48
C SER N 188 13.69 -34.06 44.83
N VAL N 189 13.26 -33.36 45.87
CA VAL N 189 13.35 -33.90 47.23
C VAL N 189 12.58 -35.21 47.37
N HIS N 190 11.50 -35.34 46.60
CA HIS N 190 10.73 -36.57 46.59
C HIS N 190 11.61 -37.80 46.37
N GLN N 191 12.58 -37.67 45.48
CA GLN N 191 13.48 -38.78 45.17
C GLN N 191 14.76 -38.69 45.99
N LEU N 192 15.07 -37.48 46.45
CA LEU N 192 16.27 -37.25 47.24
C LEU N 192 16.25 -38.05 48.51
N VAL N 193 15.19 -37.90 49.29
CA VAL N 193 15.07 -38.54 50.60
C VAL N 193 15.30 -40.02 50.51
N GLU N 194 14.59 -40.64 49.57
CA GLU N 194 14.54 -42.08 49.46
C GLU N 194 15.89 -42.68 49.11
N ASN N 195 16.74 -41.89 48.46
CA ASN N 195 17.96 -42.44 47.92
C ASN N 195 19.21 -41.75 48.49
N THR N 196 19.06 -41.03 49.60
CA THR N 196 20.19 -40.28 50.15
C THR N 196 20.46 -40.65 51.60
N ASP N 197 21.74 -40.72 51.96
CA ASP N 197 22.15 -41.07 53.33
C ASP N 197 22.36 -39.82 54.19
N GLU N 198 22.87 -38.76 53.58
CA GLU N 198 22.96 -37.48 54.25
C GLU N 198 22.89 -36.34 53.27
N THR N 199 22.18 -35.27 53.63
CA THR N 199 22.08 -34.11 52.77
C THR N 199 22.19 -32.83 53.57
N TYR N 200 22.86 -31.85 52.99
CA TYR N 200 23.05 -30.58 53.64
C TYR N 200 22.22 -29.50 52.95
N CYS N 201 21.56 -28.70 53.76
CA CYS N 201 20.68 -27.67 53.24
C CYS N 201 21.28 -26.29 53.41
N ILE N 202 21.60 -25.65 52.30
CA ILE N 202 22.21 -24.35 52.33
C ILE N 202 21.38 -23.31 51.60
N ASP N 203 21.08 -22.22 52.26
CA ASP N 203 20.33 -21.13 51.67
C ASP N 203 21.22 -19.99 51.23
N ASN N 204 21.04 -19.52 50.01
CA ASN N 204 21.76 -18.36 49.52
C ASN N 204 21.43 -17.13 50.33
N GLU N 205 20.18 -17.04 50.76
CA GLU N 205 19.75 -15.92 51.60
C GLU N 205 20.49 -15.90 52.92
N ALA N 206 20.64 -17.07 53.54
CA ALA N 206 21.35 -17.16 54.80
C ALA N 206 22.80 -16.76 54.62
N LEU N 207 23.39 -17.20 53.51
CA LEU N 207 24.76 -16.83 53.23
C LEU N 207 24.89 -15.35 52.93
N TYR N 208 23.90 -14.79 52.25
CA TYR N 208 23.86 -13.36 51.99
C TYR N 208 23.85 -12.57 53.29
N ASP N 209 23.14 -13.09 54.29
CA ASP N 209 23.12 -12.45 55.59
C ASP N 209 24.47 -12.59 56.29
N ILE N 210 25.00 -13.82 56.32
CA ILE N 210 26.27 -14.09 56.98
C ILE N 210 27.42 -13.28 56.40
N CYS N 211 27.48 -13.23 55.08
CA CYS N 211 28.57 -12.58 54.38
C CYS N 211 28.57 -11.07 54.57
N PHE N 212 27.50 -10.53 55.11
CA PHE N 212 27.50 -9.13 55.46
C PHE N 212 27.52 -8.95 56.96
N ARG N 213 26.60 -9.63 57.66
CA ARG N 213 26.49 -9.47 59.10
C ARG N 213 27.80 -9.77 59.82
N THR N 214 28.54 -10.78 59.35
CA THR N 214 29.77 -11.15 60.02
C THR N 214 30.99 -10.75 59.23
N LEU N 215 30.92 -10.86 57.90
CA LEU N 215 32.08 -10.57 57.06
C LEU N 215 32.06 -9.15 56.50
N LYS N 216 30.95 -8.45 56.67
CA LYS N 216 30.84 -7.05 56.27
C LYS N 216 31.26 -6.81 54.82
N LEU N 217 30.87 -7.71 53.93
CA LEU N 217 31.22 -7.56 52.53
C LEU N 217 30.31 -6.54 51.85
N THR N 218 30.93 -5.57 51.19
CA THR N 218 30.19 -4.56 50.45
C THR N 218 29.45 -5.16 49.26
N THR N 219 30.15 -6.01 48.52
CA THR N 219 29.58 -6.66 47.35
C THR N 219 29.75 -8.16 47.42
N PRO N 220 28.99 -8.83 48.28
CA PRO N 220 28.94 -10.28 48.33
C PRO N 220 28.55 -10.86 46.98
N THR N 221 29.48 -11.56 46.35
CA THR N 221 29.20 -12.21 45.07
C THR N 221 28.97 -13.69 45.26
N TYR N 222 28.53 -14.36 44.22
CA TYR N 222 28.35 -15.80 44.27
C TYR N 222 29.64 -16.52 44.61
N GLY N 223 30.77 -15.99 44.12
CA GLY N 223 32.07 -16.56 44.41
C GLY N 223 32.41 -16.50 45.90
N ASP N 224 31.76 -15.60 46.63
CA ASP N 224 31.99 -15.45 48.05
C ASP N 224 31.04 -16.35 48.83
N LEU N 225 29.85 -16.54 48.29
CA LEU N 225 28.86 -17.40 48.93
C LEU N 225 29.27 -18.85 48.76
N ASN N 226 29.79 -19.17 47.59
CA ASN N 226 30.28 -20.51 47.29
C ASN N 226 31.51 -20.81 48.12
N HIS N 227 32.28 -19.78 48.40
CA HIS N 227 33.47 -19.88 49.22
C HIS N 227 33.09 -20.30 50.63
N LEU N 228 32.06 -19.68 51.20
CA LEU N 228 31.53 -20.09 52.49
C LEU N 228 31.12 -21.55 52.48
N VAL N 229 30.44 -21.97 51.41
CA VAL N 229 30.00 -23.35 51.28
C VAL N 229 31.17 -24.30 51.25
N SER N 230 32.18 -23.96 50.44
CA SER N 230 33.33 -24.83 50.24
C SER N 230 34.08 -25.07 51.54
N ALA N 231 34.10 -24.06 52.41
CA ALA N 231 34.75 -24.20 53.71
C ALA N 231 34.10 -25.30 54.52
N THR N 232 32.76 -25.34 54.51
CA THR N 232 32.05 -26.36 55.27
C THR N 232 32.14 -27.72 54.59
N MET N 233 32.18 -27.73 53.26
CA MET N 233 32.33 -28.98 52.52
C MET N 233 33.63 -29.66 52.88
N SER N 234 34.70 -28.88 52.97
CA SER N 234 35.98 -29.41 53.36
C SER N 234 35.92 -30.00 54.76
N GLY N 235 35.35 -29.23 55.68
CA GLY N 235 35.28 -29.63 57.09
C GLY N 235 34.61 -30.98 57.27
N VAL N 236 33.57 -31.24 56.50
CA VAL N 236 32.84 -32.52 56.59
C VAL N 236 33.77 -33.73 56.42
N THR N 237 34.76 -33.62 55.53
CA THR N 237 35.61 -34.77 55.22
C THR N 237 37.07 -34.53 55.57
N THR N 238 37.38 -33.37 56.13
CA THR N 238 38.76 -33.00 56.43
C THR N 238 39.40 -33.95 57.43
N CYS N 239 38.58 -34.51 58.30
CA CYS N 239 39.01 -35.48 59.28
C CYS N 239 39.57 -36.75 58.66
N LEU N 240 39.22 -37.00 57.41
CA LEU N 240 39.64 -38.20 56.72
C LEU N 240 40.99 -38.05 56.07
N ARG N 241 41.51 -36.82 56.06
CA ARG N 241 42.66 -36.54 55.25
C ARG N 241 43.91 -36.24 56.07
N PHE N 242 43.81 -36.35 57.38
CA PHE N 242 44.98 -36.21 58.24
C PHE N 242 44.68 -36.60 59.69
N PRO N 243 45.72 -36.61 60.53
CA PRO N 243 45.66 -37.05 61.92
C PRO N 243 44.83 -36.15 62.81
N GLY N 244 44.34 -36.70 63.91
CA GLY N 244 43.51 -35.95 64.85
C GLY N 244 43.30 -36.72 66.15
N GLN N 245 42.92 -36.00 67.20
CA GLN N 245 42.71 -36.60 68.51
C GLN N 245 41.47 -37.48 68.50
N LEU N 246 40.45 -37.00 67.81
CA LEU N 246 39.27 -37.82 67.56
C LEU N 246 38.98 -37.82 66.09
N ASN N 247 39.03 -38.99 65.49
CA ASN N 247 38.74 -39.13 64.07
C ASN N 247 37.26 -38.98 63.81
N ALA N 248 36.92 -38.83 62.55
CA ALA N 248 35.54 -38.73 62.15
C ALA N 248 35.38 -39.20 60.73
N ASP N 249 34.16 -39.35 60.29
CA ASP N 249 33.89 -39.93 58.99
C ASP N 249 32.47 -39.66 58.57
N LEU N 250 32.20 -39.80 57.30
CA LEU N 250 30.85 -39.64 56.78
C LEU N 250 29.95 -40.69 57.40
N ARG N 251 30.47 -41.90 57.54
CA ARG N 251 29.74 -42.98 58.18
C ARG N 251 29.58 -42.70 59.66
N LYS N 252 30.66 -42.26 60.29
CA LYS N 252 30.65 -41.97 61.72
C LYS N 252 29.66 -40.88 62.04
N LEU N 253 29.62 -39.87 61.20
CA LEU N 253 28.68 -38.80 61.36
C LEU N 253 27.28 -39.32 61.20
N ALA N 254 27.03 -40.06 60.14
CA ALA N 254 25.70 -40.61 59.90
C ALA N 254 25.25 -41.43 61.10
N VAL N 255 26.13 -42.26 61.62
CA VAL N 255 25.84 -43.07 62.79
C VAL N 255 25.47 -42.23 64.00
N ASN N 256 26.09 -41.05 64.13
CA ASN N 256 25.82 -40.18 65.26
C ASN N 256 24.93 -38.97 64.91
N MET N 257 24.48 -38.89 63.66
CA MET N 257 23.72 -37.73 63.23
C MET N 257 22.33 -38.09 62.75
N VAL N 258 22.13 -39.34 62.34
CA VAL N 258 20.80 -39.80 61.99
C VAL N 258 20.27 -40.77 63.03
N PRO N 259 19.28 -40.35 63.82
CA PRO N 259 18.66 -41.19 64.85
C PRO N 259 17.45 -41.87 64.28
N PHE N 260 16.86 -41.24 63.29
CA PHE N 260 15.72 -41.79 62.63
C PHE N 260 15.95 -41.78 61.14
N PRO N 261 16.12 -42.96 60.55
CA PRO N 261 16.56 -43.16 59.14
C PRO N 261 16.36 -41.94 58.24
N ARG N 262 15.14 -41.43 58.20
CA ARG N 262 14.73 -40.47 57.20
C ARG N 262 15.20 -39.05 57.49
N LEU N 263 15.42 -38.76 58.76
CA LEU N 263 15.75 -37.40 59.17
C LEU N 263 17.23 -37.15 59.03
N HIS N 264 17.69 -37.02 57.80
CA HIS N 264 19.10 -36.84 57.53
C HIS N 264 19.36 -35.55 56.78
N PHE N 265 18.65 -34.51 57.18
CA PHE N 265 18.86 -33.18 56.64
C PHE N 265 19.60 -32.33 57.64
N PHE N 266 20.68 -31.71 57.21
CA PHE N 266 21.53 -31.01 58.16
C PHE N 266 21.74 -29.57 57.82
N MET N 267 21.90 -28.76 58.85
CA MET N 267 22.31 -27.39 58.69
C MET N 267 23.82 -27.31 58.88
N PRO N 268 24.50 -26.58 58.01
CA PRO N 268 25.96 -26.45 58.13
C PRO N 268 26.36 -25.09 58.65
N GLY N 269 27.47 -25.05 59.36
CA GLY N 269 28.02 -23.80 59.84
C GLY N 269 29.55 -23.86 59.86
N PHE N 270 30.17 -22.72 60.05
CA PHE N 270 31.61 -22.62 60.08
C PHE N 270 32.04 -21.68 61.17
N ALA N 271 33.06 -22.07 61.93
CA ALA N 271 33.62 -21.20 62.96
C ALA N 271 34.26 -19.95 62.34
N PRO N 272 35.40 -19.51 62.88
CA PRO N 272 35.74 -18.08 62.91
C PRO N 272 35.20 -17.31 61.70
N LEU N 273 34.07 -16.65 61.90
CA LEU N 273 33.51 -15.73 60.91
C LEU N 273 33.68 -14.29 61.35
N THR N 274 34.65 -13.60 60.79
CA THR N 274 34.92 -12.24 61.20
C THR N 274 35.55 -11.45 60.06
N SER N 275 35.28 -10.16 60.01
CA SER N 275 35.83 -9.32 58.95
C SER N 275 37.31 -9.08 59.17
N ARG N 276 38.01 -8.68 58.11
CA ARG N 276 39.46 -8.53 58.18
C ARG N 276 39.91 -7.38 59.09
N GLY N 277 39.01 -6.46 59.38
CA GLY N 277 39.33 -5.38 60.31
C GLY N 277 38.99 -5.77 61.75
N SER N 278 38.21 -6.84 61.92
CA SER N 278 37.79 -7.28 63.24
C SER N 278 38.57 -8.48 63.72
N GLN N 279 39.33 -9.11 62.82
CA GLN N 279 40.12 -10.28 63.17
C GLN N 279 41.12 -10.01 64.29
N GLN N 280 41.58 -8.76 64.38
CA GLN N 280 42.56 -8.38 65.40
C GLN N 280 41.98 -8.36 66.81
N TYR N 281 40.65 -8.44 66.90
CA TYR N 281 39.98 -8.44 68.19
C TYR N 281 39.57 -9.85 68.60
N ARG N 282 39.97 -10.85 67.81
CA ARG N 282 39.60 -12.22 68.09
C ARG N 282 40.46 -12.85 69.16
N ALA N 283 39.85 -13.68 69.99
CA ALA N 283 40.55 -14.39 71.04
C ALA N 283 41.13 -15.70 70.52
N LEU N 284 40.44 -16.30 69.54
CA LEU N 284 40.86 -17.58 68.97
C LEU N 284 40.88 -18.69 70.00
N THR N 285 39.84 -18.74 70.84
CA THR N 285 39.74 -19.79 71.85
C THR N 285 38.58 -20.71 71.54
N VAL N 286 38.60 -21.90 72.13
CA VAL N 286 37.53 -22.86 71.90
C VAL N 286 36.15 -22.32 72.31
N PRO N 287 36.01 -21.66 73.48
CA PRO N 287 34.87 -20.89 73.92
C PRO N 287 34.37 -19.98 72.81
N GLU N 288 35.25 -19.13 72.29
CA GLU N 288 34.89 -18.22 71.21
C GLU N 288 34.32 -18.95 70.01
N LEU N 289 34.95 -20.04 69.62
CA LEU N 289 34.52 -20.80 68.46
C LEU N 289 33.12 -21.36 68.66
N THR N 290 32.85 -21.88 69.85
CA THR N 290 31.55 -22.48 70.12
C THR N 290 30.45 -21.45 70.23
N GLN N 291 30.82 -20.24 70.66
CA GLN N 291 29.87 -19.14 70.66
C GLN N 291 29.38 -18.87 69.24
N GLN N 292 30.30 -18.93 68.30
CA GLN N 292 29.95 -18.74 66.91
C GLN N 292 29.22 -19.96 66.33
N MET N 293 29.72 -21.15 66.64
CA MET N 293 29.16 -22.38 66.08
C MET N 293 27.72 -22.59 66.49
N PHE N 294 27.38 -22.21 67.71
CA PHE N 294 26.03 -22.35 68.19
C PHE N 294 25.24 -21.05 68.10
N ASP N 295 25.75 -20.10 67.31
CA ASP N 295 25.01 -18.88 67.00
C ASP N 295 24.10 -19.09 65.82
N ALA N 296 22.80 -18.93 66.03
CA ALA N 296 21.80 -19.13 64.98
C ALA N 296 22.09 -18.29 63.75
N LYS N 297 22.68 -17.11 63.95
CA LYS N 297 22.93 -16.19 62.87
C LYS N 297 24.03 -16.67 61.94
N ASN N 298 24.83 -17.63 62.40
CA ASN N 298 25.94 -18.15 61.62
C ASN N 298 25.58 -19.45 60.92
N MET N 299 24.31 -19.82 60.95
CA MET N 299 23.85 -21.02 60.26
C MET N 299 23.58 -20.75 58.80
N MET N 300 24.01 -21.66 57.94
CA MET N 300 23.92 -21.43 56.51
C MET N 300 22.60 -21.90 55.94
N ALA N 301 21.73 -22.46 56.78
CA ALA N 301 20.34 -22.63 56.43
C ALA N 301 19.55 -21.41 56.89
N ALA N 302 18.54 -21.01 56.12
CA ALA N 302 17.79 -19.81 56.42
C ALA N 302 17.00 -19.94 57.71
N CYS N 303 16.50 -21.13 58.00
CA CYS N 303 15.69 -21.32 59.18
C CYS N 303 16.51 -21.17 60.45
N ASP N 304 15.99 -20.37 61.38
CA ASP N 304 16.67 -20.12 62.64
C ASP N 304 16.39 -21.24 63.65
N PRO N 305 17.39 -22.09 63.91
CA PRO N 305 17.37 -23.29 64.78
C PRO N 305 16.57 -23.12 66.07
N ARG N 306 16.47 -21.89 66.58
CA ARG N 306 15.87 -21.65 67.88
C ARG N 306 14.35 -21.73 67.85
N HIS N 307 13.78 -21.93 66.66
CA HIS N 307 12.37 -22.21 66.54
C HIS N 307 12.10 -23.72 66.60
N GLY N 308 13.16 -24.51 66.71
CA GLY N 308 13.04 -25.96 66.78
C GLY N 308 13.94 -26.52 67.87
N ARG N 309 14.32 -27.79 67.72
CA ARG N 309 15.20 -28.43 68.69
C ARG N 309 16.30 -29.21 68.01
N TYR N 310 17.36 -29.51 68.74
CA TYR N 310 18.48 -30.24 68.18
C TYR N 310 18.37 -31.73 68.45
N LEU N 311 18.11 -32.50 67.41
CA LEU N 311 18.09 -33.95 67.52
C LEU N 311 19.50 -34.46 67.79
N THR N 312 20.47 -33.87 67.11
CA THR N 312 21.87 -34.18 67.33
C THR N 312 22.77 -33.20 66.60
N VAL N 313 23.93 -32.92 67.20
CA VAL N 313 24.88 -31.94 66.68
C VAL N 313 26.26 -32.54 66.50
N ALA N 314 26.91 -32.24 65.39
CA ALA N 314 28.31 -32.59 65.24
C ALA N 314 29.18 -31.35 65.27
N ALA N 315 30.21 -31.40 66.09
CA ALA N 315 31.14 -30.30 66.22
C ALA N 315 32.55 -30.77 65.91
N VAL N 316 33.02 -30.46 64.71
CA VAL N 316 34.33 -30.91 64.28
C VAL N 316 35.33 -29.78 64.34
N PHE N 317 36.37 -29.97 65.14
CA PHE N 317 37.32 -28.91 65.42
C PHE N 317 38.63 -29.13 64.70
N ARG N 318 39.35 -28.05 64.48
CA ARG N 318 40.59 -28.08 63.70
C ARG N 318 41.74 -27.41 64.44
N GLY N 319 42.83 -28.16 64.61
CA GLY N 319 44.05 -27.58 65.15
C GLY N 319 44.32 -28.06 66.57
N ARG N 320 45.47 -27.68 67.10
CA ARG N 320 45.84 -28.07 68.46
C ARG N 320 44.92 -27.43 69.48
N MET N 321 44.38 -28.25 70.38
CA MET N 321 43.54 -27.75 71.46
C MET N 321 43.37 -28.78 72.55
N SER N 322 42.97 -28.33 73.73
CA SER N 322 42.69 -29.23 74.83
C SER N 322 41.39 -29.97 74.65
N MET N 323 41.42 -31.27 74.86
CA MET N 323 40.24 -32.09 74.74
C MET N 323 39.26 -31.78 75.84
N LYS N 324 39.79 -31.52 77.04
CA LYS N 324 38.97 -31.12 78.17
C LYS N 324 38.30 -29.79 77.90
N GLU N 325 39.05 -28.83 77.39
CA GLU N 325 38.52 -27.52 77.07
C GLU N 325 37.31 -27.63 76.16
N VAL N 326 37.44 -28.44 75.12
CA VAL N 326 36.32 -28.66 74.22
C VAL N 326 35.14 -29.28 74.92
N ASP N 327 35.40 -30.35 75.68
CA ASP N 327 34.35 -31.05 76.38
C ASP N 327 33.61 -30.13 77.34
N GLU N 328 34.35 -29.27 78.03
CA GLU N 328 33.76 -28.28 78.93
C GLU N 328 32.79 -27.39 78.21
N GLN N 329 33.18 -26.89 77.04
CA GLN N 329 32.33 -25.99 76.29
C GLN N 329 31.08 -26.69 75.80
N MET N 330 31.21 -27.96 75.41
CA MET N 330 30.06 -28.72 74.96
C MET N 330 29.05 -28.85 76.07
N LEU N 331 29.55 -29.10 77.28
CA LEU N 331 28.72 -29.21 78.46
C LEU N 331 28.02 -27.90 78.76
N ASN N 332 28.78 -26.82 78.71
CA ASN N 332 28.24 -25.50 78.98
C ASN N 332 27.12 -25.15 78.03
N VAL N 333 27.28 -25.50 76.77
CA VAL N 333 26.27 -25.23 75.75
C VAL N 333 24.98 -25.98 76.01
N GLN N 334 25.08 -27.27 76.30
CA GLN N 334 23.89 -28.07 76.54
C GLN N 334 23.20 -27.67 77.84
N ASN N 335 23.98 -27.22 78.81
CA ASN N 335 23.43 -26.69 80.04
C ASN N 335 22.75 -25.35 79.81
N LYS N 336 23.36 -24.52 78.96
CA LYS N 336 22.83 -23.20 78.65
C LYS N 336 21.46 -23.27 78.00
N ASN N 337 21.32 -24.15 77.02
CA ASN N 337 20.07 -24.22 76.26
C ASN N 337 19.49 -25.61 76.28
N SER N 338 19.19 -26.12 77.47
CA SER N 338 18.60 -27.44 77.63
C SER N 338 17.24 -27.54 76.95
N SER N 339 16.57 -26.40 76.78
CA SER N 339 15.29 -26.36 76.10
C SER N 339 15.43 -26.51 74.59
N TYR N 340 16.63 -26.25 74.06
CA TYR N 340 16.84 -26.34 72.63
C TYR N 340 17.21 -27.74 72.23
N PHE N 341 18.00 -28.40 73.07
CA PHE N 341 18.41 -29.74 72.77
C PHE N 341 17.33 -30.75 73.07
N VAL N 342 17.20 -31.76 72.23
CA VAL N 342 16.23 -32.82 72.43
C VAL N 342 16.64 -33.74 73.56
N GLU N 343 15.81 -33.76 74.59
CA GLU N 343 16.10 -34.45 75.85
C GLU N 343 16.24 -35.94 75.70
N TRP N 344 15.66 -36.50 74.63
CA TRP N 344 15.74 -37.93 74.36
C TRP N 344 17.16 -38.40 74.11
N ILE N 345 18.05 -37.47 73.81
CA ILE N 345 19.45 -37.81 73.65
C ILE N 345 20.25 -37.32 74.85
N PRO N 346 21.10 -38.19 75.39
CA PRO N 346 21.88 -37.92 76.59
C PRO N 346 22.97 -36.91 76.30
N ASN N 347 23.90 -37.29 75.45
CA ASN N 347 24.84 -36.33 74.92
C ASN N 347 24.40 -35.90 73.55
N ASN N 348 23.95 -34.67 73.44
CA ASN N 348 23.38 -34.20 72.19
C ASN N 348 24.45 -33.82 71.18
N VAL N 349 25.69 -33.71 71.63
CA VAL N 349 26.73 -33.25 70.73
C VAL N 349 27.81 -34.28 70.51
N LYS N 350 28.01 -34.62 69.24
CA LYS N 350 29.12 -35.45 68.82
C LYS N 350 30.30 -34.56 68.47
N THR N 351 31.47 -34.89 68.99
CA THR N 351 32.63 -34.06 68.72
C THR N 351 33.72 -34.80 67.98
N ALA N 352 34.59 -34.03 67.33
CA ALA N 352 35.79 -34.56 66.72
C ALA N 352 36.84 -33.48 66.69
N VAL N 353 38.09 -33.88 66.79
CA VAL N 353 39.18 -32.90 66.80
C VAL N 353 40.31 -33.35 65.93
N CYS N 354 40.62 -32.55 64.93
CA CYS N 354 41.72 -32.86 64.04
C CYS N 354 42.92 -32.00 64.36
N ASP N 355 44.11 -32.52 64.10
CA ASP N 355 45.35 -31.87 64.54
C ASP N 355 45.75 -30.69 63.66
N ILE N 356 45.14 -30.57 62.48
CA ILE N 356 45.55 -29.52 61.56
C ILE N 356 44.41 -28.54 61.26
N PRO N 357 44.53 -27.29 61.75
CA PRO N 357 43.73 -26.16 61.34
C PRO N 357 43.92 -25.87 59.86
N PRO N 358 42.94 -25.23 59.24
CA PRO N 358 42.97 -24.64 57.91
C PRO N 358 44.18 -23.73 57.80
N ARG N 359 44.95 -23.91 56.73
CA ARG N 359 46.17 -23.14 56.56
C ARG N 359 45.90 -21.65 56.73
N GLY N 360 46.61 -21.04 57.67
CA GLY N 360 46.44 -19.60 57.92
C GLY N 360 45.64 -19.33 59.19
N LEU N 361 44.85 -20.30 59.62
CA LEU N 361 44.13 -20.20 60.89
C LEU N 361 44.87 -20.93 61.99
N LYS N 362 44.83 -20.38 63.19
CA LYS N 362 45.44 -21.05 64.33
C LYS N 362 44.54 -22.15 64.86
N MET N 363 43.24 -22.00 64.67
CA MET N 363 42.28 -22.96 65.19
C MET N 363 40.89 -22.67 64.64
N SER N 364 40.24 -23.71 64.14
CA SER N 364 38.93 -23.55 63.50
C SER N 364 37.99 -24.68 63.85
N ALA N 365 36.86 -24.73 63.16
CA ALA N 365 35.86 -25.76 63.39
C ALA N 365 34.74 -25.66 62.37
N THR N 366 33.92 -26.70 62.31
CA THR N 366 32.73 -26.68 61.48
C THR N 366 31.57 -27.35 62.19
N PHE N 367 30.37 -26.92 61.86
CA PHE N 367 29.19 -27.28 62.60
C PHE N 367 28.17 -27.98 61.73
N ILE N 368 27.68 -29.13 62.18
CA ILE N 368 26.61 -29.82 61.48
C ILE N 368 25.46 -30.09 62.44
N GLY N 369 24.31 -29.51 62.15
CA GLY N 369 23.18 -29.62 63.06
C GLY N 369 22.03 -30.39 62.47
N ASN N 370 21.55 -31.38 63.20
CA ASN N 370 20.28 -32.02 62.86
C ASN N 370 19.19 -31.43 63.72
N SER N 371 18.64 -30.30 63.28
CA SER N 371 17.58 -29.64 64.02
C SER N 371 16.22 -29.95 63.45
N THR N 372 15.19 -29.80 64.27
CA THR N 372 13.82 -30.00 63.84
C THR N 372 13.28 -28.73 63.17
N ALA N 373 13.98 -27.62 63.38
CA ALA N 373 13.57 -26.32 62.85
C ALA N 373 13.51 -26.33 61.33
N ILE N 374 14.37 -27.13 60.71
CA ILE N 374 14.47 -27.19 59.25
C ILE N 374 13.14 -27.50 58.57
N GLN N 375 12.22 -28.13 59.31
CA GLN N 375 10.90 -28.44 58.79
C GLN N 375 10.20 -27.21 58.23
N GLU N 376 10.54 -26.04 58.76
CA GLU N 376 9.89 -24.80 58.37
C GLU N 376 10.26 -24.39 56.96
N LEU N 377 11.46 -24.77 56.52
CA LEU N 377 11.87 -24.48 55.15
C LEU N 377 11.07 -25.32 54.19
N PHE N 378 10.84 -26.57 54.58
CA PHE N 378 10.04 -27.48 53.79
C PHE N 378 8.60 -27.00 53.71
N LYS N 379 8.09 -26.49 54.83
CA LYS N 379 6.74 -25.95 54.87
C LYS N 379 6.58 -24.80 53.91
N ARG N 380 7.49 -23.84 53.99
CA ARG N 380 7.42 -22.66 53.15
C ARG N 380 7.39 -23.02 51.69
N ILE N 381 8.31 -23.89 51.27
CA ILE N 381 8.37 -24.33 49.89
C ILE N 381 7.10 -25.07 49.50
N SER N 382 6.62 -25.93 50.39
CA SER N 382 5.41 -26.70 50.13
C SER N 382 4.21 -25.78 49.91
N GLU N 383 4.13 -24.71 50.68
CA GLU N 383 3.06 -23.74 50.54
C GLU N 383 3.11 -23.05 49.18
N GLN N 384 4.31 -22.67 48.76
CA GLN N 384 4.49 -22.04 47.45
C GLN N 384 4.10 -22.99 46.35
N PHE N 385 4.53 -24.23 46.50
CA PHE N 385 4.19 -25.29 45.58
C PHE N 385 2.70 -25.46 45.48
N THR N 386 2.05 -25.56 46.64
CA THR N 386 0.62 -25.75 46.71
C THR N 386 -0.11 -24.65 45.97
N ALA N 387 0.23 -23.40 46.28
CA ALA N 387 -0.48 -22.25 45.70
C ALA N 387 -0.48 -22.31 44.19
N MET N 388 0.67 -22.65 43.61
CA MET N 388 0.78 -22.80 42.17
C MET N 388 0.05 -24.04 41.68
N PHE N 389 0.27 -25.14 42.38
CA PHE N 389 -0.26 -26.42 41.97
C PHE N 389 -1.78 -26.44 41.95
N ARG N 390 -2.39 -25.70 42.86
CA ARG N 390 -3.84 -25.61 42.92
C ARG N 390 -4.42 -25.06 41.62
N ARG N 391 -3.61 -24.31 40.85
CA ARG N 391 -4.05 -23.77 39.59
C ARG N 391 -3.39 -24.49 38.42
N LYS N 392 -2.69 -25.57 38.72
CA LYS N 392 -1.89 -26.29 37.74
C LYS N 392 -0.97 -25.35 36.98
N ALA N 393 -0.42 -24.37 37.68
CA ALA N 393 0.41 -23.37 37.08
C ALA N 393 1.68 -23.97 36.55
N PHE N 394 2.06 -23.58 35.34
CA PHE N 394 3.30 -24.06 34.70
C PHE N 394 3.34 -25.58 34.50
N LEU N 395 2.24 -26.26 34.76
CA LEU N 395 2.23 -27.71 34.76
C LEU N 395 2.52 -28.27 33.38
N HIS N 396 2.11 -27.53 32.35
CA HIS N 396 2.24 -27.99 30.97
C HIS N 396 3.71 -28.13 30.56
N TRP N 397 4.61 -27.49 31.29
CA TRP N 397 6.03 -27.61 31.01
C TRP N 397 6.54 -29.00 31.38
N TYR N 398 5.86 -29.64 32.31
CA TYR N 398 6.23 -30.97 32.75
C TYR N 398 5.32 -31.99 32.10
N THR N 399 4.08 -31.60 31.85
CA THR N 399 3.14 -32.43 31.12
C THR N 399 3.70 -32.79 29.75
N GLY N 400 4.29 -31.79 29.08
CA GLY N 400 4.88 -32.00 27.77
C GLY N 400 6.08 -32.95 27.79
N GLU N 401 6.64 -33.19 28.97
CA GLU N 401 7.74 -34.12 29.13
C GLU N 401 7.25 -35.51 29.54
N GLY N 402 5.94 -35.63 29.76
CA GLY N 402 5.35 -36.91 30.13
C GLY N 402 5.09 -37.02 31.63
N MET N 403 5.19 -35.91 32.35
CA MET N 403 4.93 -35.93 33.78
C MET N 403 3.46 -35.68 34.07
N ASP N 404 2.88 -36.52 34.92
CA ASP N 404 1.47 -36.40 35.26
C ASP N 404 1.29 -35.61 36.55
N GLU N 405 0.02 -35.43 36.94
CA GLU N 405 -0.32 -34.76 38.18
C GLU N 405 -0.03 -35.64 39.39
N MET N 406 -0.16 -36.94 39.20
CA MET N 406 -0.04 -37.89 40.30
C MET N 406 1.31 -37.78 40.98
N GLU N 407 2.36 -37.63 40.19
CA GLU N 407 3.69 -37.45 40.73
C GLU N 407 3.75 -36.25 41.65
N PHE N 408 3.13 -35.15 41.23
CA PHE N 408 3.20 -33.91 41.99
C PHE N 408 2.44 -34.02 43.30
N THR N 409 1.29 -34.68 43.28
CA THR N 409 0.50 -34.86 44.48
C THR N 409 1.16 -35.85 45.42
N GLU N 410 1.79 -36.86 44.84
CA GLU N 410 2.49 -37.86 45.60
C GLU N 410 3.71 -37.28 46.27
N ALA N 411 4.43 -36.45 45.53
CA ALA N 411 5.62 -35.80 46.07
C ALA N 411 5.27 -34.92 47.25
N GLU N 412 4.24 -34.10 47.09
CA GLU N 412 3.81 -33.19 48.16
C GLU N 412 3.34 -33.96 49.38
N SER N 413 2.58 -35.03 49.15
CA SER N 413 2.14 -35.88 50.24
C SER N 413 3.34 -36.42 51.01
N ASN N 414 4.35 -36.83 50.26
CA ASN N 414 5.56 -37.36 50.84
C ASN N 414 6.43 -36.28 51.49
N MET N 415 6.34 -35.05 50.97
CA MET N 415 7.00 -33.91 51.61
C MET N 415 6.38 -33.59 52.95
N ASN N 416 5.06 -33.73 53.03
CA ASN N 416 4.34 -33.49 54.26
C ASN N 416 4.76 -34.47 55.33
N ASP N 417 4.98 -35.73 54.93
CA ASP N 417 5.47 -36.75 55.84
C ASP N 417 6.79 -36.35 56.48
N LEU N 418 7.69 -35.82 55.66
CA LEU N 418 8.99 -35.37 56.15
C LEU N 418 8.85 -34.31 57.24
N VAL N 419 8.03 -33.31 56.97
CA VAL N 419 7.79 -32.25 57.94
C VAL N 419 7.14 -32.79 59.19
N SER N 420 6.14 -33.64 58.98
CA SER N 420 5.41 -34.25 60.07
C SER N 420 6.33 -35.01 61.01
N GLU N 421 7.29 -35.73 60.44
CA GLU N 421 8.26 -36.49 61.21
C GLU N 421 9.14 -35.59 62.06
N TYR N 422 9.62 -34.49 61.49
CA TYR N 422 10.39 -33.53 62.26
C TYR N 422 9.57 -32.91 63.38
N GLN N 423 8.30 -32.64 63.10
CA GLN N 423 7.38 -32.14 64.11
C GLN N 423 7.08 -33.19 65.17
N GLN N 424 6.99 -34.46 64.75
CA GLN N 424 6.79 -35.55 65.70
C GLN N 424 7.86 -35.55 66.76
N TYR N 425 9.08 -35.24 66.35
CA TYR N 425 10.20 -35.27 67.26
C TYR N 425 10.57 -33.87 67.77
N GLN N 426 9.59 -32.97 67.82
CA GLN N 426 9.75 -31.67 68.46
C GLN N 426 8.61 -31.39 69.43
N ASP N 427 8.93 -30.73 70.54
CA ASP N 427 7.89 -30.30 71.47
C ASP N 427 7.54 -28.84 71.25
N SER O 9 -10.18 -52.77 66.06
CA SER O 9 -9.41 -51.88 66.93
C SER O 9 -8.11 -52.54 67.41
N SER O 10 -8.17 -53.23 68.53
CA SER O 10 -6.99 -53.89 69.09
C SER O 10 -6.61 -55.12 68.29
N ILE O 11 -5.30 -55.38 68.20
CA ILE O 11 -4.81 -56.51 67.42
C ILE O 11 -4.70 -57.77 68.27
N VAL O 12 -4.61 -58.91 67.61
CA VAL O 12 -4.52 -60.21 68.27
C VAL O 12 -3.20 -60.92 67.96
N VAL O 13 -2.51 -61.39 68.99
CA VAL O 13 -1.27 -62.12 68.77
C VAL O 13 -1.45 -63.62 68.97
N ALA O 14 -1.18 -64.39 67.91
CA ALA O 14 -1.33 -65.84 67.93
C ALA O 14 -0.03 -66.54 67.51
N ILE O 15 0.21 -67.72 68.07
CA ILE O 15 1.51 -68.37 67.90
C ILE O 15 1.41 -69.88 67.74
N ARG O 16 2.30 -70.46 66.93
CA ARG O 16 2.34 -71.92 66.73
C ARG O 16 3.76 -72.38 66.34
N VAL O 17 4.04 -73.67 66.51
CA VAL O 17 5.36 -74.24 66.18
C VAL O 17 5.32 -75.12 64.93
N ARG O 18 6.49 -75.30 64.27
CA ARG O 18 6.71 -76.43 63.35
C ARG O 18 6.53 -77.78 64.13
N PRO O 19 7.41 -78.75 63.95
CA PRO O 19 7.51 -79.79 64.97
C PRO O 19 8.94 -80.12 65.27
N PHE O 20 9.14 -81.20 65.99
CA PHE O 20 10.44 -81.79 66.08
C PHE O 20 10.41 -83.11 65.32
N THR O 21 11.49 -83.37 64.60
CA THR O 21 11.55 -84.49 63.69
C THR O 21 12.56 -85.49 64.18
N SER O 22 12.90 -86.44 63.33
CA SER O 22 13.91 -87.43 63.68
C SER O 22 15.28 -86.78 63.90
N MET O 23 15.47 -85.58 63.36
CA MET O 23 16.71 -84.84 63.60
C MET O 23 16.80 -84.38 65.05
N GLU O 24 15.64 -84.13 65.67
CA GLU O 24 15.57 -83.71 67.05
C GLU O 24 15.36 -84.90 67.98
N LYS O 25 14.68 -85.94 67.48
CA LYS O 25 14.45 -87.16 68.23
C LYS O 25 15.75 -87.92 68.43
N THR O 26 16.59 -87.92 67.39
CA THR O 26 17.93 -88.51 67.46
C THR O 26 18.74 -87.87 68.55
N ARG O 27 18.58 -86.55 68.71
CA ARG O 27 19.27 -85.81 69.74
C ARG O 27 18.63 -86.03 71.09
N LEU O 28 18.85 -87.22 71.66
CA LEU O 28 18.27 -87.57 72.94
C LEU O 28 18.77 -86.65 74.04
N VAL O 29 20.06 -86.33 74.00
CA VAL O 29 20.66 -85.46 74.98
C VAL O 29 20.42 -83.99 74.66
N ILE O 30 19.20 -83.53 74.94
CA ILE O 30 18.86 -82.11 74.81
C ILE O 30 17.63 -81.78 75.62
N ARG O 31 17.62 -80.59 76.20
CA ARG O 31 16.46 -80.12 76.94
C ARG O 31 15.68 -79.10 76.13
N LYS O 32 14.37 -79.34 75.97
CA LYS O 32 13.52 -78.45 75.20
C LYS O 32 13.44 -77.07 75.84
N ILE O 33 13.28 -76.04 75.00
CA ILE O 33 13.19 -74.66 75.47
C ILE O 33 11.78 -74.10 75.33
N VAL O 34 10.92 -74.81 74.62
CA VAL O 34 9.53 -74.39 74.47
C VAL O 34 8.57 -75.34 75.13
N ASP O 35 7.69 -74.80 75.97
CA ASP O 35 6.69 -75.61 76.61
C ASP O 35 5.40 -74.83 76.82
N CYS O 36 4.45 -75.01 75.91
CA CYS O 36 3.12 -74.46 76.07
C CYS O 36 2.38 -75.22 77.15
N VAL O 37 2.06 -74.54 78.25
CA VAL O 37 1.45 -75.22 79.39
C VAL O 37 -0.06 -75.05 79.40
N ASP O 38 -0.54 -74.02 78.73
CA ASP O 38 -1.99 -73.85 78.58
C ASP O 38 -2.28 -72.98 77.38
N ASP O 39 -3.56 -72.85 77.04
CA ASP O 39 -3.95 -71.94 76.00
C ASP O 39 -3.56 -70.54 76.38
N ARG O 40 -2.85 -69.85 75.47
CA ARG O 40 -2.35 -68.49 75.71
C ARG O 40 -1.18 -68.44 76.71
N MET O 41 -0.69 -69.59 77.17
CA MET O 41 0.36 -69.60 78.19
C MET O 41 1.59 -70.38 77.76
N LEU O 42 2.64 -69.65 77.41
CA LEU O 42 3.90 -70.25 77.02
C LEU O 42 4.95 -70.10 78.08
N ILE O 43 5.56 -71.21 78.46
CA ILE O 43 6.69 -71.16 79.36
C ILE O 43 7.99 -71.42 78.62
N PHE O 44 8.93 -70.52 78.78
CA PHE O 44 10.23 -70.71 78.18
C PHE O 44 11.11 -71.54 79.09
N ASP O 45 11.42 -72.73 78.62
CA ASP O 45 12.26 -73.68 79.34
C ASP O 45 13.73 -73.37 79.09
N PRO O 46 14.64 -73.92 79.92
CA PRO O 46 14.34 -74.87 80.99
C PRO O 46 14.80 -74.38 82.34
N ALA O 47 15.30 -73.15 82.37
CA ALA O 47 15.94 -72.53 83.55
C ALA O 47 17.45 -72.77 83.50
N ASP O 48 17.98 -73.44 84.51
CA ASP O 48 19.40 -73.80 84.53
C ASP O 48 19.71 -74.76 85.66
N ARG O 49 19.75 -76.04 85.33
CA ARG O 49 20.20 -77.08 86.26
C ARG O 49 21.37 -77.82 85.62
N ASN O 50 22.22 -77.06 84.92
CA ASN O 50 23.24 -77.64 84.06
C ASN O 50 24.34 -78.32 84.85
N SER O 51 24.93 -79.34 84.24
CA SER O 51 26.10 -80.03 84.79
C SER O 51 27.40 -79.44 84.23
N ASN O 52 27.27 -78.32 83.52
CA ASN O 52 28.41 -77.65 82.90
C ASN O 52 28.93 -76.50 83.76
N ALA O 53 28.49 -76.45 85.01
CA ALA O 53 28.90 -75.37 85.93
C ALA O 53 28.66 -75.81 87.38
N THR O 54 27.91 -75.01 88.14
CA THR O 54 27.57 -75.36 89.53
C THR O 54 26.08 -75.23 89.76
N ASN O 55 25.65 -74.05 90.18
CA ASN O 55 24.24 -73.75 90.43
C ASN O 55 23.60 -74.71 91.43
N LYS O 56 24.28 -74.91 92.56
CA LYS O 56 23.79 -75.78 93.62
C LYS O 56 23.56 -74.98 94.90
N PHE O 57 22.99 -73.80 94.74
CA PHE O 57 22.81 -72.87 95.84
C PHE O 57 21.79 -71.80 95.45
N SER O 58 21.43 -70.94 96.40
CA SER O 58 20.44 -69.89 96.13
C SER O 58 20.85 -69.06 94.92
N SER O 59 19.98 -69.05 93.92
CA SER O 59 20.33 -68.49 92.63
C SER O 59 20.64 -67.00 92.69
N GLN O 60 21.75 -66.63 92.04
CA GLN O 60 22.08 -65.23 91.83
C GLN O 60 22.08 -64.91 90.35
N ARG O 61 21.37 -65.73 89.57
CA ARG O 61 21.31 -65.58 88.12
C ARG O 61 20.18 -64.64 87.72
N ARG O 62 20.34 -63.97 86.57
CA ARG O 62 19.32 -63.03 86.11
C ARG O 62 18.07 -63.74 85.66
N ARG O 63 18.23 -64.66 84.72
CA ARG O 63 17.13 -65.47 84.25
C ARG O 63 17.53 -66.92 84.06
N HIS O 64 18.84 -67.19 84.08
CA HIS O 64 19.32 -68.55 83.94
C HIS O 64 19.15 -69.30 85.25
N GLY O 65 17.96 -69.82 85.45
CA GLY O 65 17.58 -70.38 86.74
C GLY O 65 16.07 -70.30 86.94
N GLY O 66 15.44 -69.32 86.29
CA GLY O 66 13.99 -69.22 86.30
C GLY O 66 13.41 -69.55 84.93
N GLU O 67 12.11 -69.38 84.79
CA GLU O 67 11.44 -69.62 83.51
C GLU O 67 10.74 -68.35 83.05
N ILE O 68 10.65 -68.16 81.74
CA ILE O 68 10.07 -66.93 81.22
C ILE O 68 8.63 -67.18 80.76
N LYS O 69 7.70 -66.43 81.34
CA LYS O 69 6.30 -66.62 81.04
C LYS O 69 5.83 -65.64 79.97
N PHE O 70 5.40 -66.18 78.83
CA PHE O 70 4.85 -65.37 77.76
C PHE O 70 3.35 -65.62 77.64
N VAL O 71 2.57 -64.55 77.66
CA VAL O 71 1.12 -64.68 77.55
C VAL O 71 0.59 -63.94 76.33
N PHE O 72 -0.15 -64.67 75.51
CA PHE O 72 -0.63 -64.14 74.24
C PHE O 72 -2.14 -64.17 74.17
N ASP O 73 -2.69 -63.75 73.04
CA ASP O 73 -4.13 -63.72 72.88
C ASP O 73 -4.65 -65.07 72.42
N LYS O 74 -3.89 -65.74 71.56
CA LYS O 74 -4.22 -67.10 71.15
C LYS O 74 -2.95 -67.90 70.87
N LEU O 75 -2.37 -68.46 71.91
CA LEU O 75 -1.22 -69.33 71.75
C LEU O 75 -1.63 -70.74 71.43
N PHE O 76 -1.06 -71.28 70.36
CA PHE O 76 -1.29 -72.65 69.94
C PHE O 76 0.02 -73.42 69.97
N ASP O 77 -0.06 -74.69 69.60
CA ASP O 77 1.12 -75.53 69.51
C ASP O 77 0.97 -76.58 68.41
N GLU O 78 1.88 -77.55 68.37
CA GLU O 78 1.86 -78.60 67.35
C GLU O 78 0.61 -79.47 67.42
N THR O 79 -0.04 -79.49 68.58
CA THR O 79 -1.26 -80.27 68.76
C THR O 79 -2.41 -79.72 67.93
N SER O 80 -2.50 -78.40 67.83
CA SER O 80 -3.64 -77.78 67.17
C SER O 80 -3.45 -77.72 65.66
N SER O 81 -4.43 -78.21 64.92
CA SER O 81 -4.38 -78.21 63.47
C SER O 81 -4.54 -76.82 62.90
N GLN O 82 -3.85 -76.54 61.80
CA GLN O 82 -3.93 -75.25 61.15
C GLN O 82 -5.33 -74.99 60.60
N ALA O 83 -6.11 -76.05 60.43
CA ALA O 83 -7.49 -75.90 59.98
C ALA O 83 -8.30 -75.11 60.99
N ARG O 84 -7.95 -75.25 62.27
CA ARG O 84 -8.61 -74.51 63.31
C ARG O 84 -7.83 -73.27 63.69
N VAL O 85 -6.51 -73.39 63.77
CA VAL O 85 -5.68 -72.26 64.15
C VAL O 85 -5.89 -71.08 63.23
N TYR O 86 -5.93 -71.36 61.93
CA TYR O 86 -6.19 -70.34 60.95
C TYR O 86 -7.57 -69.74 61.13
N LYS O 87 -8.60 -70.58 61.08
CA LYS O 87 -9.98 -70.10 61.10
C LYS O 87 -10.34 -69.44 62.43
N GLU O 88 -9.86 -70.04 63.52
CA GLU O 88 -10.02 -69.45 64.85
C GLU O 88 -9.58 -68.00 64.90
N THR O 89 -8.57 -67.66 64.10
CA THR O 89 -7.96 -66.36 64.16
C THR O 89 -8.35 -65.46 62.99
N THR O 90 -8.58 -66.05 61.82
CA THR O 90 -8.74 -65.27 60.59
C THR O 90 -10.13 -65.34 60.00
N SER O 91 -10.93 -66.30 60.45
CA SER O 91 -12.31 -66.37 60.00
C SER O 91 -13.06 -65.06 60.30
N PRO O 92 -12.74 -64.41 61.44
CA PRO O 92 -13.28 -63.11 61.80
C PRO O 92 -12.59 -61.99 61.06
N LEU O 93 -11.34 -62.19 60.68
CA LEU O 93 -10.65 -61.18 59.87
C LEU O 93 -11.28 -61.10 58.50
N LEU O 94 -11.65 -62.25 57.95
CA LEU O 94 -12.34 -62.30 56.66
C LEU O 94 -13.71 -61.65 56.76
N ASP O 95 -14.41 -61.91 57.86
CA ASP O 95 -15.68 -61.25 58.12
C ASP O 95 -15.49 -59.76 58.38
N SER O 96 -14.38 -59.40 59.05
CA SER O 96 -14.06 -58.00 59.33
C SER O 96 -13.91 -57.20 58.05
N VAL O 97 -13.29 -57.82 57.04
CA VAL O 97 -13.21 -57.22 55.70
C VAL O 97 -14.56 -56.75 55.19
N LEU O 98 -15.60 -57.49 55.52
CA LEU O 98 -16.92 -57.23 54.98
C LEU O 98 -17.79 -56.46 55.98
N ASP O 99 -17.17 -55.90 57.03
CA ASP O 99 -17.87 -55.09 58.02
C ASP O 99 -17.69 -53.59 57.78
N GLY O 100 -17.19 -53.21 56.61
CA GLY O 100 -17.04 -51.80 56.24
C GLY O 100 -15.59 -51.31 56.34
N PHE O 101 -14.67 -52.23 56.60
CA PHE O 101 -13.26 -51.89 56.72
C PHE O 101 -12.40 -53.10 56.39
N ASN O 102 -11.14 -52.87 56.05
CA ASN O 102 -10.28 -53.95 55.55
C ASN O 102 -9.64 -54.76 56.68
N SER O 103 -8.82 -55.75 56.31
CA SER O 103 -8.07 -56.53 57.29
C SER O 103 -6.78 -57.10 56.70
N THR O 104 -6.07 -57.90 57.50
CA THR O 104 -4.77 -58.41 57.09
C THR O 104 -4.23 -59.52 58.00
N VAL O 105 -3.40 -60.39 57.43
CA VAL O 105 -2.79 -61.53 58.14
C VAL O 105 -1.25 -61.43 58.17
N PHE O 106 -0.66 -61.60 59.36
CA PHE O 106 0.80 -61.49 59.53
C PHE O 106 1.49 -62.84 59.73
N ALA O 107 2.84 -62.80 59.74
CA ALA O 107 3.69 -63.97 59.99
C ALA O 107 5.05 -63.50 60.57
N TYR O 108 5.83 -64.43 61.14
CA TYR O 108 7.11 -64.06 61.76
C TYR O 108 7.98 -65.29 62.07
N GLY O 109 9.31 -65.13 61.94
CA GLY O 109 10.23 -66.19 62.36
C GLY O 109 11.61 -66.13 61.66
N ALA O 110 12.52 -67.00 62.10
CA ALA O 110 13.83 -67.15 61.48
C ALA O 110 13.78 -68.09 60.27
N THR O 111 14.79 -68.04 59.41
CA THR O 111 14.79 -68.87 58.21
C THR O 111 14.81 -70.34 58.54
N GLY O 112 13.79 -71.00 58.07
CA GLY O 112 13.63 -72.44 58.13
C GLY O 112 12.48 -72.76 59.08
N CYS O 113 11.94 -71.71 59.73
CA CYS O 113 10.86 -71.87 60.68
C CYS O 113 9.46 -71.79 60.05
N GLY O 114 9.24 -72.54 58.97
CA GLY O 114 7.88 -72.91 58.63
C GLY O 114 7.04 -71.90 57.88
N LYS O 115 7.60 -70.76 57.55
CA LYS O 115 6.87 -69.92 56.62
C LYS O 115 7.04 -70.63 55.29
N THR O 116 6.21 -70.36 54.30
CA THR O 116 6.16 -71.25 53.12
C THR O 116 5.43 -72.61 53.44
N TYR O 117 5.90 -73.37 54.44
CA TYR O 117 5.16 -74.56 54.89
C TYR O 117 3.79 -74.18 55.54
N THR O 118 3.77 -73.21 56.45
CA THR O 118 2.54 -72.89 57.20
C THR O 118 1.51 -72.12 56.37
N VAL O 119 1.97 -71.43 55.33
CA VAL O 119 1.04 -70.73 54.44
C VAL O 119 0.28 -71.72 53.55
N SER O 120 0.82 -72.94 53.43
CA SER O 120 0.25 -73.96 52.56
C SER O 120 0.75 -75.34 52.96
N GLY O 121 2.06 -75.54 52.86
CA GLY O 121 2.66 -76.81 53.26
C GLY O 121 2.73 -77.77 52.11
N THR O 122 2.87 -79.06 52.43
CA THR O 122 2.86 -80.08 51.40
C THR O 122 1.50 -80.09 50.73
N PRO O 123 1.49 -80.17 49.39
CA PRO O 123 0.33 -80.02 48.50
C PRO O 123 -0.76 -81.09 48.70
N SER O 124 -1.23 -81.21 49.92
CA SER O 124 -2.36 -82.06 50.27
C SER O 124 -3.01 -81.56 51.56
N GLN O 125 -2.47 -80.47 52.12
CA GLN O 125 -2.92 -79.94 53.38
C GLN O 125 -3.45 -78.53 53.23
N PRO O 126 -4.20 -78.06 54.23
CA PRO O 126 -4.75 -76.72 54.35
C PRO O 126 -3.71 -75.76 54.92
N GLY O 127 -3.92 -74.47 54.68
CA GLY O 127 -3.00 -73.45 55.18
C GLY O 127 -3.62 -72.08 55.04
N ILE O 128 -2.81 -71.05 55.24
CA ILE O 128 -3.30 -69.68 55.23
C ILE O 128 -4.07 -69.32 53.96
N ILE O 129 -3.45 -69.52 52.81
CA ILE O 129 -4.05 -69.11 51.54
C ILE O 129 -5.18 -70.03 51.13
N PHE O 130 -4.94 -71.33 51.26
CA PHE O 130 -5.93 -72.33 50.88
C PHE O 130 -7.23 -72.15 51.62
N LEU O 131 -7.15 -72.03 52.95
CA LEU O 131 -8.33 -71.90 53.78
C LEU O 131 -9.00 -70.56 53.57
N ALA O 132 -8.21 -69.52 53.27
CA ALA O 132 -8.75 -68.21 52.94
C ALA O 132 -9.73 -68.32 51.79
N MET O 133 -9.29 -68.99 50.72
CA MET O 133 -10.11 -69.15 49.55
C MET O 133 -11.20 -70.18 49.77
N GLU O 134 -10.90 -71.27 50.47
CA GLU O 134 -11.90 -72.29 50.74
C GLU O 134 -13.10 -71.69 51.44
N GLU O 135 -12.85 -71.00 52.54
CA GLU O 135 -13.90 -70.38 53.32
C GLU O 135 -14.62 -69.29 52.55
N LEU O 136 -13.85 -68.40 51.94
CA LEU O 136 -14.42 -67.28 51.21
C LEU O 136 -15.28 -67.76 50.06
N PHE O 137 -14.76 -68.70 49.28
CA PHE O 137 -15.48 -69.21 48.12
C PHE O 137 -16.80 -69.83 48.50
N ASN O 138 -16.82 -70.56 49.61
CA ASN O 138 -18.06 -71.14 50.10
C ASN O 138 -19.03 -70.03 50.46
N LYS O 139 -18.53 -68.98 51.10
CA LYS O 139 -19.36 -67.82 51.42
C LYS O 139 -19.83 -67.11 50.15
N ILE O 140 -18.97 -67.08 49.13
CA ILE O 140 -19.32 -66.46 47.87
C ILE O 140 -20.47 -67.16 47.19
N THR O 141 -20.39 -68.49 47.11
CA THR O 141 -21.40 -69.26 46.41
C THR O 141 -22.69 -69.40 47.24
N ASP O 142 -22.56 -69.26 48.55
CA ASP O 142 -23.74 -69.23 49.40
C ASP O 142 -24.45 -67.89 49.32
N LEU O 143 -23.66 -66.82 49.22
CA LEU O 143 -24.21 -65.47 49.21
C LEU O 143 -24.30 -64.89 47.79
N LYS O 144 -23.99 -65.72 46.78
CA LYS O 144 -24.06 -65.30 45.37
C LYS O 144 -25.45 -64.90 44.94
N ASP O 145 -26.45 -65.36 45.67
CA ASP O 145 -27.83 -65.05 45.36
C ASP O 145 -28.29 -63.76 46.04
N GLU O 146 -27.42 -63.18 46.87
CA GLU O 146 -27.75 -61.96 47.59
C GLU O 146 -26.96 -60.76 47.06
N LYS O 147 -25.65 -60.96 46.86
CA LYS O 147 -24.78 -59.87 46.42
C LYS O 147 -23.99 -60.26 45.18
N ASP O 148 -23.56 -59.26 44.43
CA ASP O 148 -22.67 -59.48 43.28
C ASP O 148 -21.24 -59.48 43.76
N PHE O 149 -20.42 -60.40 43.25
CA PHE O 149 -19.04 -60.52 43.70
C PHE O 149 -18.05 -60.13 42.63
N GLU O 150 -17.37 -59.01 42.84
CA GLU O 150 -16.26 -58.61 41.99
C GLU O 150 -14.99 -58.55 42.81
N ILE O 151 -14.31 -59.68 42.89
CA ILE O 151 -13.11 -59.79 43.71
C ILE O 151 -11.87 -59.92 42.84
N SER O 152 -10.82 -59.18 43.20
CA SER O 152 -9.57 -59.21 42.46
C SER O 152 -8.39 -59.50 43.37
N LEU O 153 -7.30 -59.97 42.78
CA LEU O 153 -6.13 -60.38 43.54
C LEU O 153 -4.90 -59.57 43.14
N SER O 154 -4.20 -59.06 44.16
CA SER O 154 -2.97 -58.32 43.96
C SER O 154 -1.79 -59.09 44.49
N TYR O 155 -0.74 -59.19 43.68
CA TYR O 155 0.42 -59.97 44.04
C TYR O 155 1.67 -59.08 44.16
N LEU O 156 2.53 -59.39 45.13
CA LEU O 156 3.64 -58.48 45.43
C LEU O 156 4.78 -59.18 46.17
N GLU O 157 6.01 -58.90 45.75
CA GLU O 157 7.20 -59.36 46.47
C GLU O 157 8.10 -58.18 46.85
N ILE O 158 8.73 -58.26 48.02
CA ILE O 158 9.72 -57.25 48.40
C ILE O 158 11.09 -57.87 48.56
N TYR O 159 12.04 -57.41 47.77
CA TYR O 159 13.39 -57.94 47.79
C TYR O 159 14.39 -56.81 47.55
N ASN O 160 15.36 -56.66 48.44
CA ASN O 160 16.29 -55.53 48.38
C ASN O 160 15.58 -54.19 48.38
N GLU O 161 14.52 -54.06 49.19
CA GLU O 161 13.70 -52.85 49.24
C GLU O 161 13.05 -52.53 47.88
N ARG O 162 12.94 -53.54 47.03
CA ARG O 162 12.37 -53.38 45.70
C ARG O 162 11.06 -54.12 45.58
N ILE O 163 10.07 -53.48 44.99
CA ILE O 163 8.80 -54.14 44.78
C ILE O 163 8.81 -54.87 43.47
N ARG O 164 8.53 -56.16 43.51
CA ARG O 164 8.51 -56.97 42.31
C ARG O 164 7.11 -57.47 42.03
N ASP O 165 6.76 -57.54 40.76
CA ASP O 165 5.54 -58.19 40.35
C ASP O 165 5.70 -59.68 40.51
N LEU O 166 5.04 -60.23 41.50
CA LEU O 166 5.23 -61.59 41.92
C LEU O 166 5.00 -62.59 40.79
N LEU O 167 4.05 -62.28 39.91
CA LEU O 167 3.66 -63.22 38.87
C LEU O 167 4.30 -62.92 37.53
N LYS O 168 4.59 -61.65 37.30
CA LYS O 168 5.26 -61.25 36.07
C LYS O 168 6.48 -60.35 36.35
N PRO O 169 7.64 -60.97 36.64
CA PRO O 169 8.92 -60.29 36.88
C PRO O 169 9.45 -59.62 35.62
N GLU O 170 8.83 -59.94 34.48
CA GLU O 170 9.13 -59.29 33.21
C GLU O 170 8.88 -57.78 33.25
N THR O 171 7.98 -57.35 34.12
CA THR O 171 7.73 -55.93 34.32
C THR O 171 8.72 -55.33 35.33
N PRO O 172 9.31 -54.17 35.01
CA PRO O 172 10.31 -53.51 35.84
C PRO O 172 9.71 -52.98 37.13
N SER O 173 10.52 -52.95 38.18
CA SER O 173 10.07 -52.52 39.51
C SER O 173 9.68 -51.05 39.54
N LYS O 174 10.19 -50.29 38.58
CA LYS O 174 9.83 -48.87 38.44
C LYS O 174 8.33 -48.70 38.14
N ARG O 175 7.69 -49.77 37.67
CA ARG O 175 6.28 -49.73 37.31
C ARG O 175 5.38 -50.05 38.50
N LEU O 176 5.98 -50.27 39.66
CA LEU O 176 5.22 -50.58 40.85
C LEU O 176 5.40 -49.51 41.91
N VAL O 177 4.35 -48.73 42.13
CA VAL O 177 4.37 -47.66 43.11
C VAL O 177 3.28 -47.88 44.12
N ILE O 178 3.64 -47.84 45.39
CA ILE O 178 2.68 -48.12 46.45
C ILE O 178 2.11 -46.85 47.05
N ARG O 179 0.82 -46.62 46.79
CA ARG O 179 0.08 -45.50 47.34
C ARG O 179 -1.20 -45.96 48.01
N GLU O 180 -1.81 -45.07 48.79
CA GLU O 180 -3.10 -45.36 49.41
C GLU O 180 -4.00 -44.14 49.33
N ASP O 181 -5.31 -44.36 49.34
CA ASP O 181 -6.28 -43.27 49.27
C ASP O 181 -6.68 -42.75 50.65
N THR O 182 -7.44 -41.66 50.65
CA THR O 182 -8.12 -41.18 51.84
C THR O 182 -9.33 -42.05 52.15
N GLN O 183 -9.75 -42.83 51.15
CA GLN O 183 -10.78 -43.84 51.32
C GLN O 183 -10.18 -45.19 51.70
N ASN O 184 -8.85 -45.22 51.88
CA ASN O 184 -8.11 -46.45 52.17
C ASN O 184 -8.16 -47.44 51.01
N HIS O 185 -8.24 -46.92 49.80
CA HIS O 185 -8.13 -47.73 48.61
C HIS O 185 -6.67 -48.01 48.27
N ILE O 186 -6.39 -49.24 47.87
CA ILE O 186 -5.02 -49.65 47.56
C ILE O 186 -4.61 -49.18 46.18
N LYS O 187 -3.69 -48.24 46.12
CA LYS O 187 -3.30 -47.66 44.85
C LYS O 187 -1.91 -48.11 44.43
N VAL O 188 -1.84 -49.26 43.78
CA VAL O 188 -0.58 -49.76 43.25
C VAL O 188 -0.54 -49.67 41.74
N ALA O 189 0.58 -49.20 41.21
CA ALA O 189 0.75 -48.97 39.76
C ALA O 189 0.75 -50.30 38.97
N ASN O 190 1.16 -50.22 37.70
CA ASN O 190 0.99 -51.32 36.75
C ASN O 190 1.43 -52.65 37.33
N LEU O 191 0.45 -53.52 37.58
CA LEU O 191 0.68 -54.81 38.20
C LEU O 191 -0.21 -55.87 37.56
N SER O 192 0.33 -57.08 37.41
CA SER O 192 -0.47 -58.16 36.84
C SER O 192 -1.54 -58.60 37.84
N TYR O 193 -2.71 -57.96 37.77
CA TYR O 193 -3.84 -58.31 38.63
C TYR O 193 -4.62 -59.49 38.06
N HIS O 194 -5.19 -60.29 38.93
CA HIS O 194 -5.95 -61.46 38.53
C HIS O 194 -7.21 -61.61 39.35
N HIS O 195 -7.98 -62.65 39.05
CA HIS O 195 -9.24 -62.87 39.77
C HIS O 195 -9.33 -64.32 40.26
N PRO O 196 -9.95 -64.53 41.42
CA PRO O 196 -10.11 -65.77 42.17
C PRO O 196 -11.20 -66.64 41.57
N ASN O 197 -10.99 -67.07 40.33
CA ASN O 197 -11.97 -67.89 39.62
C ASN O 197 -12.13 -69.23 40.29
N THR O 198 -11.03 -69.79 40.79
CA THR O 198 -11.04 -71.02 41.55
C THR O 198 -9.72 -71.20 42.27
N VAL O 199 -9.77 -71.90 43.40
CA VAL O 199 -8.63 -71.97 44.31
C VAL O 199 -7.47 -72.67 43.67
N GLU O 200 -7.75 -73.54 42.72
CA GLU O 200 -6.72 -74.24 41.98
C GLU O 200 -5.84 -73.26 41.23
N ASP O 201 -6.48 -72.40 40.44
CA ASP O 201 -5.76 -71.38 39.69
C ASP O 201 -5.13 -70.34 40.61
N VAL O 202 -5.82 -70.02 41.72
CA VAL O 202 -5.26 -69.10 42.70
C VAL O 202 -3.97 -69.64 43.26
N MET O 203 -3.99 -70.90 43.70
CA MET O 203 -2.82 -71.54 44.27
C MET O 203 -1.74 -71.77 43.23
N ASP O 204 -2.14 -72.01 41.98
CA ASP O 204 -1.17 -72.13 40.89
C ASP O 204 -0.41 -70.83 40.70
N LEU O 205 -1.11 -69.70 40.82
CA LEU O 205 -0.46 -68.40 40.76
C LEU O 205 0.43 -68.18 41.98
N VAL O 206 -0.03 -68.62 43.15
CA VAL O 206 0.78 -68.57 44.35
C VAL O 206 2.08 -69.34 44.19
N VAL O 207 2.01 -70.53 43.60
CA VAL O 207 3.19 -71.32 43.29
C VAL O 207 4.07 -70.63 42.27
N GLN O 208 3.46 -70.08 41.22
CA GLN O 208 4.18 -69.29 40.22
C GLN O 208 4.91 -68.14 40.88
N GLY O 209 4.25 -67.51 41.84
CA GLY O 209 4.85 -66.45 42.62
C GLY O 209 6.04 -66.96 43.40
N ASN O 210 5.86 -68.08 44.10
CA ASN O 210 6.90 -68.66 44.92
C ASN O 210 8.10 -69.09 44.09
N ILE O 211 7.84 -69.51 42.85
CA ILE O 211 8.91 -69.77 41.88
C ILE O 211 9.67 -68.49 41.56
N ASN O 212 8.94 -67.40 41.37
CA ASN O 212 9.53 -66.13 40.99
C ASN O 212 10.24 -65.42 42.14
N ARG O 213 9.92 -65.79 43.38
CA ARG O 213 10.59 -65.21 44.55
C ARG O 213 12.08 -65.50 44.52
N THR O 214 12.88 -64.46 44.81
CA THR O 214 14.34 -64.58 44.74
C THR O 214 14.92 -65.10 46.05
N THR O 215 15.58 -66.26 45.98
CA THR O 215 15.90 -67.04 47.17
C THR O 215 17.37 -67.07 47.53
N SER O 216 17.65 -67.62 48.72
CA SER O 216 19.00 -67.93 49.17
C SER O 216 19.55 -69.17 48.48
N PRO O 217 20.84 -69.17 48.19
CA PRO O 217 21.51 -70.41 47.79
C PRO O 217 22.61 -70.78 48.77
N THR O 218 22.36 -70.57 50.07
CA THR O 218 23.43 -70.71 51.05
C THR O 218 23.15 -71.81 52.10
N GLU O 219 22.23 -71.51 53.02
CA GLU O 219 21.98 -72.38 54.17
C GLU O 219 21.26 -73.68 53.83
N ALA O 220 21.01 -74.49 54.86
CA ALA O 220 20.30 -75.75 54.71
C ALA O 220 18.89 -75.52 54.15
N ASN O 221 18.24 -74.44 54.59
CA ASN O 221 17.10 -73.94 53.83
C ASN O 221 17.70 -73.21 52.65
N GLU O 222 17.73 -73.89 51.50
CA GLU O 222 18.30 -73.35 50.27
C GLU O 222 17.21 -73.15 49.25
N VAL O 223 16.01 -73.59 49.58
CA VAL O 223 14.84 -73.10 48.92
C VAL O 223 14.55 -71.72 49.47
N SER O 224 14.59 -71.62 50.80
CA SER O 224 14.79 -70.35 51.52
C SER O 224 14.40 -69.12 50.76
N SER O 225 13.11 -69.01 50.52
CA SER O 225 12.46 -67.84 49.97
C SER O 225 13.28 -66.55 50.00
N ARG O 226 13.69 -66.12 51.19
CA ARG O 226 14.52 -64.92 51.35
C ARG O 226 13.92 -63.67 50.73
N SER O 227 12.61 -63.54 50.79
CA SER O 227 11.96 -62.31 50.34
C SER O 227 10.58 -62.19 50.96
N HIS O 228 10.08 -60.97 51.04
CA HIS O 228 8.77 -60.73 51.58
C HIS O 228 7.76 -60.81 50.48
N ALA O 229 6.50 -60.95 50.83
CA ALA O 229 5.46 -60.97 49.81
C ALA O 229 4.12 -60.62 50.41
N VAL O 230 3.29 -59.94 49.63
CA VAL O 230 1.96 -59.62 50.08
C VAL O 230 0.92 -59.94 49.03
N LEU O 231 -0.07 -60.74 49.42
CA LEU O 231 -1.17 -61.08 48.54
C LEU O 231 -2.45 -60.43 49.02
N GLN O 232 -3.00 -59.54 48.22
CA GLN O 232 -4.12 -58.76 48.70
C GLN O 232 -5.39 -59.09 47.92
N ILE O 233 -6.45 -59.41 48.66
CA ILE O 233 -7.74 -59.70 48.07
C ILE O 233 -8.61 -58.47 48.12
N HIS O 234 -8.99 -57.95 46.96
CA HIS O 234 -9.78 -56.74 46.90
C HIS O 234 -11.22 -57.08 46.56
N ILE O 235 -12.09 -56.97 47.55
CA ILE O 235 -13.47 -57.39 47.41
C ILE O 235 -14.40 -56.23 47.12
N MET O 236 -14.92 -56.17 45.90
CA MET O 236 -15.89 -55.16 45.52
C MET O 236 -17.25 -55.77 45.23
N GLN O 237 -17.99 -56.09 46.27
CA GLN O 237 -19.32 -56.61 46.08
C GLN O 237 -20.31 -55.48 45.85
N THR O 238 -21.39 -55.77 45.14
CA THR O 238 -22.43 -54.77 44.91
C THR O 238 -23.81 -55.33 45.20
N ASN O 239 -24.79 -54.44 45.24
CA ASN O 239 -26.16 -54.82 45.58
C ASN O 239 -26.92 -55.33 44.36
N LYS O 240 -27.85 -56.24 44.59
CA LYS O 240 -28.76 -56.70 43.55
C LYS O 240 -30.10 -55.97 43.63
N LEU O 241 -30.28 -55.17 44.66
CA LEU O 241 -31.55 -54.46 44.87
C LEU O 241 -31.39 -52.96 44.73
N VAL O 242 -32.48 -52.29 44.38
CA VAL O 242 -32.50 -50.85 44.24
C VAL O 242 -33.25 -50.20 45.40
N ASP O 243 -32.56 -49.35 46.15
CA ASP O 243 -33.18 -48.63 47.25
C ASP O 243 -32.40 -47.37 47.58
N LEU O 244 -32.90 -46.62 48.56
CA LEU O 244 -32.33 -45.31 48.90
C LEU O 244 -30.89 -45.39 49.42
N THR O 245 -30.49 -46.56 49.91
CA THR O 245 -29.19 -46.71 50.52
C THR O 245 -28.27 -47.61 49.71
N SER O 246 -28.72 -48.02 48.51
CA SER O 246 -27.96 -48.94 47.68
C SER O 246 -26.59 -48.39 47.26
N GLN O 247 -25.64 -48.43 48.18
CA GLN O 247 -24.27 -48.02 47.89
C GLN O 247 -23.27 -48.95 48.58
N HIS O 248 -23.11 -50.14 48.01
CA HIS O 248 -22.24 -51.15 48.61
C HIS O 248 -20.78 -50.69 48.55
N THR O 249 -20.11 -50.73 49.69
CA THR O 249 -18.71 -50.34 49.78
C THR O 249 -17.79 -51.51 49.48
N PHE O 250 -16.48 -51.23 49.44
CA PHE O 250 -15.49 -52.25 49.14
C PHE O 250 -14.41 -52.30 50.23
N ALA O 251 -13.68 -53.41 50.29
CA ALA O 251 -12.61 -53.58 51.27
C ALA O 251 -11.69 -54.72 50.87
N THR O 252 -10.56 -54.84 51.55
CA THR O 252 -9.53 -55.79 51.12
C THR O 252 -8.99 -56.66 52.26
N LEU O 253 -8.26 -57.72 51.88
CA LEU O 253 -7.57 -58.57 52.84
C LEU O 253 -6.11 -58.78 52.44
N SER O 254 -5.19 -58.28 53.24
CA SER O 254 -3.77 -58.40 52.92
C SER O 254 -3.16 -59.65 53.57
N ILE O 255 -2.47 -60.46 52.77
CA ILE O 255 -1.74 -61.62 53.30
C ILE O 255 -0.25 -61.32 53.33
N ILE O 256 0.28 -61.13 54.52
CA ILE O 256 1.64 -60.64 54.66
C ILE O 256 2.64 -61.75 54.87
N ASP O 257 3.71 -61.72 54.08
CA ASP O 257 4.78 -62.70 54.18
C ASP O 257 6.13 -62.01 54.36
N LEU O 258 7.04 -62.69 55.04
CA LEU O 258 8.35 -62.15 55.34
C LEU O 258 9.46 -63.08 54.84
N ALA O 259 10.63 -62.50 54.58
CA ALA O 259 11.78 -63.22 54.06
C ALA O 259 12.30 -64.28 55.01
N GLY O 260 12.32 -63.96 56.29
CA GLY O 260 12.98 -64.79 57.28
C GLY O 260 14.32 -64.19 57.65
N SER O 261 14.69 -64.26 58.92
CA SER O 261 15.93 -63.66 59.37
C SER O 261 16.77 -64.58 60.25
N GLU O 262 18.00 -64.79 59.82
CA GLU O 262 18.97 -65.60 60.56
C GLU O 262 19.67 -64.78 61.65
N ARG O 263 20.47 -65.46 62.47
CA ARG O 263 21.27 -64.79 63.50
C ARG O 263 22.06 -63.64 62.92
N ALA O 264 22.19 -62.56 63.70
CA ALA O 264 22.84 -61.31 63.28
C ALA O 264 23.92 -61.51 62.21
N ALA O 265 24.82 -62.47 62.43
CA ALA O 265 25.83 -62.76 61.43
C ALA O 265 26.06 -64.26 61.31
N ALA O 266 25.85 -64.78 60.11
CA ALA O 266 26.09 -66.18 59.81
C ALA O 266 27.55 -66.40 59.46
N THR O 267 27.96 -67.67 59.48
CA THR O 267 29.36 -68.05 59.29
C THR O 267 29.86 -67.79 57.87
N ARG O 268 28.94 -67.62 56.93
CA ARG O 268 29.32 -67.31 55.55
C ARG O 268 28.56 -66.10 55.03
N ASN O 269 28.22 -65.19 55.94
CA ASN O 269 27.42 -64.03 55.55
C ASN O 269 28.27 -63.00 54.80
N ARG O 270 28.34 -63.15 53.47
CA ARG O 270 29.14 -62.26 52.63
C ARG O 270 28.36 -61.66 51.45
N GLY O 271 28.74 -60.45 51.05
CA GLY O 271 28.28 -59.84 49.80
C GLY O 271 26.78 -59.56 49.80
N ILE O 272 26.08 -60.16 48.85
CA ILE O 272 24.64 -60.00 48.70
C ILE O 272 23.90 -60.55 49.90
N ARG O 273 24.53 -61.50 50.60
CA ARG O 273 23.90 -62.08 51.79
C ARG O 273 23.83 -61.03 52.90
N LEU O 274 24.89 -60.24 53.03
CA LEU O 274 24.90 -59.10 53.94
C LEU O 274 23.90 -58.06 53.51
N HIS O 275 23.85 -57.80 52.21
CA HIS O 275 23.04 -56.72 51.67
C HIS O 275 21.55 -56.99 51.82
N GLU O 276 21.10 -58.15 51.36
CA GLU O 276 19.70 -58.50 51.50
C GLU O 276 19.34 -58.75 52.95
N GLY O 277 20.25 -59.36 53.70
CA GLY O 277 20.03 -59.59 55.13
C GLY O 277 19.75 -58.29 55.86
N ALA O 278 20.51 -57.25 55.53
CA ALA O 278 20.28 -55.92 56.07
C ALA O 278 18.92 -55.41 55.66
N ASN O 279 18.60 -55.56 54.38
CA ASN O 279 17.33 -55.08 53.86
C ASN O 279 16.14 -55.78 54.51
N ILE O 280 16.31 -57.07 54.80
CA ILE O 280 15.29 -57.83 55.50
C ILE O 280 15.10 -57.32 56.91
N ASN O 281 16.19 -57.18 57.63
CA ASN O 281 16.14 -56.75 59.01
C ASN O 281 15.64 -55.34 59.15
N ARG O 282 15.99 -54.49 58.18
CA ARG O 282 15.47 -53.13 58.13
C ARG O 282 13.96 -53.13 57.94
N SER O 283 13.49 -54.02 57.06
CA SER O 283 12.07 -54.15 56.82
C SER O 283 11.34 -54.65 58.06
N LEU O 284 11.95 -55.60 58.76
CA LEU O 284 11.40 -56.12 60.00
C LEU O 284 11.37 -55.06 61.08
N LEU O 285 12.42 -54.25 61.13
CA LEU O 285 12.48 -53.10 62.03
C LEU O 285 11.36 -52.14 61.74
N ALA O 286 11.15 -51.84 60.47
CA ALA O 286 10.10 -50.93 60.05
C ALA O 286 8.75 -51.40 60.55
N LEU O 287 8.49 -52.70 60.44
CA LEU O 287 7.26 -53.26 60.96
C LEU O 287 7.19 -53.10 62.46
N GLY O 288 8.29 -53.40 63.14
CA GLY O 288 8.36 -53.27 64.58
C GLY O 288 8.07 -51.84 65.00
N ASN O 289 8.63 -50.87 64.28
CA ASN O 289 8.42 -49.47 64.58
C ASN O 289 6.96 -49.09 64.45
N CYS O 290 6.33 -49.50 63.35
CA CYS O 290 4.95 -49.16 63.09
C CYS O 290 4.00 -49.86 64.03
N ILE O 291 4.26 -51.13 64.32
CA ILE O 291 3.43 -51.90 65.22
C ILE O 291 3.48 -51.35 66.64
N ASN O 292 4.70 -51.09 67.11
CA ASN O 292 4.88 -50.56 68.45
C ASN O 292 4.34 -49.16 68.56
N ALA O 293 4.56 -48.34 67.55
CA ALA O 293 4.00 -47.00 67.54
C ALA O 293 2.50 -47.05 67.56
N LEU O 294 1.92 -47.93 66.74
CA LEU O 294 0.48 -48.07 66.65
C LEU O 294 -0.14 -48.42 68.00
N CYS O 295 0.35 -49.50 68.61
CA CYS O 295 -0.19 -49.99 69.86
C CYS O 295 -0.01 -49.00 70.99
N LEU O 296 1.17 -48.42 71.10
CA LEU O 296 1.46 -47.46 72.15
C LEU O 296 0.64 -46.20 71.96
N ASN O 297 0.44 -45.79 70.70
CA ASN O 297 -0.31 -44.59 70.42
C ASN O 297 -1.81 -44.83 70.48
N ASP O 298 -2.23 -46.09 70.40
CA ASP O 298 -3.61 -46.45 70.72
C ASP O 298 -3.86 -46.30 72.22
N GLY O 299 -2.83 -46.56 73.01
CA GLY O 299 -2.87 -46.28 74.45
C GLY O 299 -2.90 -44.79 74.72
N SER O 300 -2.24 -44.02 73.84
CA SER O 300 -2.21 -42.56 73.94
C SER O 300 -3.33 -41.92 73.13
N ARG O 301 -3.17 -40.64 72.81
CA ARG O 301 -4.19 -39.88 72.09
C ARG O 301 -3.82 -39.60 70.64
N SER O 302 -2.53 -39.45 70.37
CA SER O 302 -2.05 -39.09 69.03
C SER O 302 -1.23 -40.22 68.41
N CYS O 303 -1.49 -40.51 67.15
CA CYS O 303 -0.88 -41.65 66.48
C CYS O 303 -0.03 -41.24 65.29
N HIS O 304 1.22 -40.85 65.55
CA HIS O 304 2.17 -40.65 64.47
C HIS O 304 2.95 -41.92 64.22
N ILE O 305 2.70 -42.56 63.10
CA ILE O 305 3.29 -43.84 62.79
C ILE O 305 4.21 -43.74 61.57
N PRO O 306 5.42 -44.32 61.66
CA PRO O 306 6.51 -44.18 60.69
C PRO O 306 6.32 -45.10 59.51
N TYR O 307 5.28 -44.84 58.73
CA TYR O 307 4.93 -45.66 57.58
C TYR O 307 5.90 -45.50 56.41
N ARG O 308 6.82 -44.57 56.54
CA ARG O 308 7.79 -44.32 55.49
C ARG O 308 9.12 -45.05 55.73
N ASP O 309 9.20 -45.83 56.80
CA ASP O 309 10.41 -46.61 57.06
C ASP O 309 10.62 -47.69 56.00
N SER O 310 9.52 -48.28 55.51
CA SER O 310 9.60 -49.27 54.46
C SER O 310 8.44 -49.17 53.50
N LYS O 311 8.64 -49.69 52.30
CA LYS O 311 7.58 -49.76 51.32
C LYS O 311 6.48 -50.70 51.79
N LEU O 312 6.84 -51.65 52.65
CA LEU O 312 5.86 -52.54 53.26
C LEU O 312 4.96 -51.78 54.21
N THR O 313 5.55 -50.85 54.96
CA THR O 313 4.78 -50.06 55.90
C THR O 313 3.89 -49.05 55.16
N ARG O 314 4.32 -48.63 53.97
CA ARG O 314 3.44 -47.89 53.08
C ARG O 314 2.32 -48.78 52.58
N LEU O 315 2.67 -50.01 52.21
CA LEU O 315 1.70 -50.99 51.73
C LEU O 315 0.68 -51.33 52.80
N LEU O 316 1.13 -51.34 54.05
CA LEU O 316 0.27 -51.64 55.18
C LEU O 316 -0.17 -50.38 55.91
N LYS O 317 -0.08 -49.24 55.23
CA LYS O 317 -0.40 -47.94 55.82
C LYS O 317 -1.75 -47.93 56.50
N PHE O 318 -2.72 -48.64 55.93
CA PHE O 318 -4.04 -48.69 56.52
C PHE O 318 -4.43 -50.10 56.94
N SER O 319 -3.92 -51.10 56.21
CA SER O 319 -4.12 -52.50 56.60
C SER O 319 -3.63 -52.72 58.04
N LEU O 320 -2.50 -52.09 58.39
CA LEU O 320 -2.06 -52.04 59.77
C LEU O 320 -2.07 -50.62 60.31
N GLY O 321 -3.20 -50.21 60.87
CA GLY O 321 -3.23 -48.91 61.54
C GLY O 321 -4.59 -48.24 61.51
N GLY O 322 -5.39 -48.53 60.48
CA GLY O 322 -6.69 -47.89 60.34
C GLY O 322 -7.71 -48.53 61.26
N ASN O 323 -8.99 -48.20 61.04
CA ASN O 323 -10.06 -48.76 61.84
C ASN O 323 -10.31 -50.21 61.46
N CYS O 324 -9.40 -51.09 61.86
CA CYS O 324 -9.40 -52.46 61.38
C CYS O 324 -8.74 -53.41 62.36
N LYS O 325 -8.82 -54.70 62.04
CA LYS O 325 -8.31 -55.74 62.92
C LYS O 325 -7.35 -56.66 62.18
N THR O 326 -6.42 -57.23 62.94
CA THR O 326 -5.43 -58.15 62.38
C THR O 326 -4.91 -59.14 63.39
N VAL O 327 -4.36 -60.24 62.91
CA VAL O 327 -3.72 -61.22 63.76
C VAL O 327 -2.25 -61.38 63.44
N MET O 328 -1.43 -61.29 64.49
CA MET O 328 -0.01 -61.54 64.37
C MET O 328 0.26 -63.02 64.51
N ILE O 329 1.02 -63.58 63.57
CA ILE O 329 1.37 -64.99 63.65
C ILE O 329 2.86 -65.17 63.79
N VAL O 330 3.27 -65.94 64.78
CA VAL O 330 4.70 -66.18 64.97
C VAL O 330 5.00 -67.67 65.00
N CYS O 331 6.00 -68.08 64.23
CA CYS O 331 6.44 -69.46 64.21
C CYS O 331 7.55 -69.69 65.22
N ILE O 332 7.36 -70.70 66.05
CA ILE O 332 8.25 -70.97 67.18
C ILE O 332 8.98 -72.30 67.06
N SER O 333 10.28 -72.30 67.40
CA SER O 333 11.06 -73.54 67.45
C SER O 333 11.32 -73.97 68.90
N PRO O 334 11.17 -75.27 69.17
CA PRO O 334 11.42 -75.82 70.51
C PRO O 334 12.88 -76.22 70.71
N SER O 335 13.71 -76.05 69.68
CA SER O 335 15.11 -76.42 69.79
C SER O 335 15.95 -75.33 70.39
N SER O 336 16.92 -75.71 71.20
CA SER O 336 17.88 -74.77 71.80
C SER O 336 18.85 -74.24 70.73
N SER O 337 18.86 -74.86 69.56
CA SER O 337 19.62 -74.33 68.42
C SER O 337 19.00 -73.02 67.92
N HIS O 338 17.75 -72.77 68.31
CA HIS O 338 17.09 -71.52 68.01
C HIS O 338 16.77 -70.76 69.29
N TYR O 339 17.56 -71.03 70.33
CA TYR O 339 17.31 -70.47 71.67
C TYR O 339 17.20 -68.97 71.64
N ASP O 340 18.19 -68.31 71.06
CA ASP O 340 18.23 -66.86 71.04
C ASP O 340 17.20 -66.31 70.09
N GLU O 341 17.10 -66.92 68.91
CA GLU O 341 16.20 -66.45 67.88
C GLU O 341 14.75 -66.56 68.32
N THR O 342 14.38 -67.73 68.82
CA THR O 342 13.03 -67.97 69.28
C THR O 342 12.67 -67.09 70.45
N LEU O 343 13.57 -67.01 71.42
CA LEU O 343 13.32 -66.20 72.61
C LEU O 343 13.13 -64.74 72.26
N ASN O 344 13.98 -64.22 71.37
CA ASN O 344 13.92 -62.83 70.98
C ASN O 344 12.65 -62.51 70.19
N THR O 345 12.26 -63.44 69.30
CA THR O 345 11.04 -63.25 68.52
C THR O 345 9.78 -63.42 69.37
N LEU O 346 9.88 -64.21 70.44
CA LEU O 346 8.80 -64.28 71.42
C LEU O 346 8.61 -62.96 72.15
N LYS O 347 9.70 -62.35 72.57
CA LYS O 347 9.64 -61.06 73.22
C LYS O 347 9.09 -60.01 72.27
N TYR O 348 9.50 -60.08 71.01
CA TYR O 348 8.98 -59.19 69.97
C TYR O 348 7.47 -59.27 69.89
N ALA O 349 6.94 -60.48 69.83
CA ALA O 349 5.50 -60.69 69.75
C ALA O 349 4.80 -60.11 70.96
N ASN O 350 5.40 -60.29 72.13
CA ASN O 350 4.82 -59.77 73.36
C ASN O 350 4.83 -58.24 73.37
N ARG O 351 5.90 -57.65 72.85
CA ARG O 351 5.97 -56.20 72.75
C ARG O 351 4.95 -55.68 71.76
N ALA O 352 4.77 -56.42 70.66
CA ALA O 352 3.75 -56.09 69.68
C ALA O 352 2.36 -56.17 70.28
N LYS O 353 2.15 -57.14 71.16
CA LYS O 353 0.89 -57.31 71.88
C LYS O 353 0.58 -56.09 72.74
N GLU O 354 1.60 -55.61 73.46
CA GLU O 354 1.46 -54.45 74.31
C GLU O 354 1.97 -53.18 73.63
N ARG P 2 12.85 -2.66 -82.53
CA ARG P 2 11.96 -1.72 -81.86
C ARG P 2 11.56 -0.55 -82.77
N GLU P 3 11.70 -0.75 -84.08
CA GLU P 3 11.51 0.34 -85.05
C GLU P 3 10.14 0.26 -85.73
N CYS P 4 9.68 1.37 -86.30
CA CYS P 4 8.36 1.39 -86.92
C CYS P 4 8.33 2.26 -88.18
N ILE P 5 7.27 2.08 -88.98
CA ILE P 5 7.10 2.83 -90.23
C ILE P 5 5.78 3.59 -90.27
N SER P 6 5.83 4.87 -90.60
CA SER P 6 4.63 5.70 -90.65
C SER P 6 4.11 5.89 -92.07
N ILE P 7 2.80 5.93 -92.23
CA ILE P 7 2.18 6.07 -93.54
C ILE P 7 1.13 7.18 -93.56
N HIS P 8 1.18 8.02 -94.60
CA HIS P 8 0.32 9.19 -94.68
C HIS P 8 -0.41 9.24 -96.03
N VAL P 9 -1.74 9.41 -96.00
CA VAL P 9 -2.52 9.40 -97.26
C VAL P 9 -3.45 10.63 -97.40
N GLY P 10 -3.82 10.94 -98.65
CA GLY P 10 -4.67 12.10 -98.99
C GLY P 10 -4.00 13.38 -98.55
N GLN P 11 -4.80 14.29 -98.01
CA GLN P 11 -4.28 15.53 -97.45
C GLN P 11 -4.19 15.46 -95.93
N ALA P 12 -5.24 14.91 -95.30
CA ALA P 12 -5.33 14.84 -93.86
C ALA P 12 -4.20 14.05 -93.24
N GLY P 13 -3.91 12.90 -93.83
CA GLY P 13 -2.87 12.03 -93.29
C GLY P 13 -1.53 12.75 -93.33
N VAL P 14 -1.33 13.53 -94.38
CA VAL P 14 -0.09 14.26 -94.56
C VAL P 14 0.02 15.42 -93.58
N GLN P 15 -1.05 16.18 -93.45
CA GLN P 15 -1.06 17.33 -92.55
C GLN P 15 -0.87 16.90 -91.10
N ILE P 16 -1.51 15.80 -90.72
CA ILE P 16 -1.30 15.23 -89.41
C ILE P 16 0.14 14.79 -89.26
N GLY P 17 0.66 14.15 -90.29
CA GLY P 17 2.05 13.73 -90.32
C GLY P 17 2.98 14.88 -90.07
N ASN P 18 2.69 16.03 -90.68
CA ASN P 18 3.53 17.19 -90.51
C ASN P 18 3.70 17.51 -89.04
N ALA P 19 2.59 17.51 -88.31
CA ALA P 19 2.62 17.76 -86.88
C ALA P 19 3.43 16.70 -86.15
N CYS P 20 3.23 15.44 -86.53
CA CYS P 20 3.92 14.34 -85.87
C CYS P 20 5.43 14.43 -86.02
N TRP P 21 5.88 14.68 -87.23
CA TRP P 21 7.30 14.71 -87.50
C TRP P 21 7.95 15.98 -87.00
N GLU P 22 7.16 17.05 -86.88
CA GLU P 22 7.64 18.23 -86.16
C GLU P 22 7.91 17.89 -84.71
N LEU P 23 7.00 17.16 -84.08
CA LEU P 23 7.16 16.78 -82.69
C LEU P 23 8.39 15.91 -82.50
N TYR P 24 8.56 14.93 -83.37
CA TYR P 24 9.67 14.01 -83.24
C TYR P 24 10.99 14.75 -83.39
N CYS P 25 11.03 15.71 -84.30
CA CYS P 25 12.20 16.56 -84.45
C CYS P 25 12.48 17.33 -83.18
N LEU P 26 11.43 17.91 -82.60
CA LEU P 26 11.56 18.67 -81.37
C LEU P 26 12.08 17.79 -80.23
N GLU P 27 11.59 16.55 -80.19
CA GLU P 27 11.96 15.62 -79.15
C GLU P 27 13.42 15.20 -79.24
N HIS P 28 13.89 15.00 -80.46
CA HIS P 28 15.24 14.49 -80.64
C HIS P 28 16.23 15.58 -81.04
N GLY P 29 15.74 16.81 -81.20
CA GLY P 29 16.60 17.94 -81.52
C GLY P 29 16.99 17.95 -83.00
N ILE P 30 16.22 17.23 -83.81
CA ILE P 30 16.53 17.05 -85.21
C ILE P 30 16.10 18.26 -86.02
N GLN P 31 16.99 18.71 -86.88
CA GLN P 31 16.75 19.92 -87.66
C GLN P 31 15.94 19.63 -88.91
N PRO P 32 15.54 20.68 -89.61
CA PRO P 32 14.68 20.60 -90.79
C PRO P 32 15.35 19.92 -91.97
N ASP P 33 16.68 19.84 -91.94
CA ASP P 33 17.39 19.08 -92.97
C ASP P 33 17.79 17.69 -92.48
N GLY P 34 17.24 17.28 -91.34
CA GLY P 34 17.51 15.95 -90.80
C GLY P 34 18.70 15.92 -89.85
N GLN P 35 19.47 17.00 -89.82
CA GLN P 35 20.68 17.03 -89.01
C GLN P 35 20.38 16.96 -87.54
N MET P 36 21.04 16.06 -86.84
CA MET P 36 20.98 16.06 -85.39
C MET P 36 22.20 16.75 -84.80
N PRO P 37 21.98 17.70 -83.90
CA PRO P 37 23.09 18.29 -83.14
C PRO P 37 22.93 18.03 -81.65
N PHE P 49 15.96 7.17 -81.12
CA PHE P 49 15.45 7.98 -82.22
C PHE P 49 15.42 7.20 -83.51
N ASN P 50 16.17 6.10 -83.54
CA ASN P 50 16.35 5.31 -84.74
C ASN P 50 15.09 4.57 -85.15
N THR P 51 14.08 4.60 -84.31
CA THR P 51 12.82 3.94 -84.57
C THR P 51 11.92 4.81 -85.43
N PHE P 52 12.27 6.07 -85.55
CA PHE P 52 11.57 6.98 -86.43
C PHE P 52 12.47 7.51 -87.53
N PHE P 53 13.75 7.64 -87.22
CA PHE P 53 14.68 8.18 -88.18
C PHE P 53 15.77 7.18 -88.54
N SER P 54 15.88 6.88 -89.82
CA SER P 54 16.95 6.04 -90.29
C SER P 54 18.29 6.72 -90.08
N GLU P 55 19.23 6.00 -89.50
CA GLU P 55 20.52 6.57 -89.18
C GLU P 55 21.29 6.96 -90.42
N THR P 56 21.75 8.20 -90.44
CA THR P 56 22.56 8.70 -91.55
C THR P 56 23.95 9.06 -91.08
N GLY P 57 24.97 8.61 -91.82
CA GLY P 57 26.37 8.80 -91.44
C GLY P 57 26.76 10.28 -91.37
N ALA P 58 26.12 11.11 -92.18
CA ALA P 58 26.36 12.55 -92.17
C ALA P 58 25.66 13.23 -90.98
N GLY P 59 24.80 12.50 -90.28
CA GLY P 59 24.06 13.06 -89.16
C GLY P 59 22.65 13.45 -89.55
N LYS P 60 22.37 13.40 -90.86
CA LYS P 60 21.08 13.82 -91.38
C LYS P 60 20.08 12.68 -91.38
N HIS P 61 19.55 12.37 -90.20
CA HIS P 61 18.69 11.23 -90.04
C HIS P 61 17.33 11.46 -90.70
N VAL P 62 16.82 10.45 -91.38
CA VAL P 62 15.66 10.62 -92.25
C VAL P 62 14.47 9.80 -91.78
N PRO P 63 13.27 10.38 -91.84
CA PRO P 63 12.03 9.81 -91.34
C PRO P 63 11.67 8.53 -92.03
N ARG P 64 11.26 7.54 -91.25
CA ARG P 64 10.75 6.30 -91.77
C ARG P 64 9.27 6.46 -92.13
N ALA P 65 9.00 7.08 -93.27
CA ALA P 65 7.64 7.44 -93.61
C ALA P 65 7.33 7.32 -95.09
N VAL P 66 6.09 6.99 -95.41
CA VAL P 66 5.60 7.00 -96.77
C VAL P 66 4.47 7.98 -96.94
N PHE P 67 4.62 8.92 -97.86
CA PHE P 67 3.59 9.91 -98.11
C PHE P 67 2.91 9.66 -99.44
N VAL P 68 1.59 9.56 -99.40
CA VAL P 68 0.81 9.31 -100.61
C VAL P 68 -0.28 10.35 -100.83
N ASP P 69 -0.29 10.96 -102.01
CA ASP P 69 -1.43 11.77 -102.42
C ASP P 69 -1.58 11.78 -103.92
N LEU P 70 -2.73 11.36 -104.38
CA LEU P 70 -3.02 11.21 -105.80
C LEU P 70 -3.10 12.56 -106.53
N GLU P 71 -3.13 13.65 -105.76
CA GLU P 71 -2.90 14.99 -106.30
C GLU P 71 -1.87 15.72 -105.46
N PRO P 72 -0.65 15.81 -105.96
CA PRO P 72 0.57 16.18 -105.22
C PRO P 72 0.41 17.42 -104.33
N THR P 73 -0.50 18.31 -104.66
CA THR P 73 -0.80 19.53 -103.88
C THR P 73 -0.20 19.54 -102.46
N VAL P 74 -0.80 18.80 -101.52
CA VAL P 74 -0.33 18.84 -100.13
C VAL P 74 1.09 18.36 -99.99
N ILE P 75 1.51 17.45 -100.86
CA ILE P 75 2.88 16.97 -100.86
C ILE P 75 3.80 18.03 -101.41
N ASP P 76 3.31 18.79 -102.38
CA ASP P 76 4.05 19.93 -102.91
C ASP P 76 4.27 20.97 -101.84
N GLU P 77 3.29 21.13 -100.95
CA GLU P 77 3.46 22.01 -99.81
C GLU P 77 4.62 21.53 -98.95
N VAL P 78 4.71 20.22 -98.76
CA VAL P 78 5.84 19.62 -98.05
C VAL P 78 7.14 19.77 -98.84
N ARG P 79 7.07 19.55 -100.15
CA ARG P 79 8.24 19.61 -101.01
C ARG P 79 8.83 21.01 -101.08
N THR P 80 7.98 22.01 -100.95
CA THR P 80 8.42 23.39 -101.05
C THR P 80 8.55 24.06 -99.69
N GLY P 81 7.90 23.50 -98.69
CA GLY P 81 7.92 24.10 -97.36
C GLY P 81 9.04 23.54 -96.51
N THR P 82 8.97 23.81 -95.22
CA THR P 82 9.97 23.36 -94.27
C THR P 82 9.88 21.86 -94.12
N TYR P 83 11.03 21.21 -93.93
CA TYR P 83 11.15 19.77 -93.83
C TYR P 83 11.11 19.07 -95.17
N ARG P 84 11.20 19.85 -96.25
CA ARG P 84 11.49 19.27 -97.56
C ARG P 84 12.87 18.66 -97.57
N GLN P 85 13.74 19.21 -96.72
CA GLN P 85 15.09 18.71 -96.59
C GLN P 85 15.15 17.53 -95.62
N LEU P 86 14.18 17.46 -94.71
CA LEU P 86 14.07 16.36 -93.78
C LEU P 86 13.70 15.05 -94.45
N PHE P 87 12.61 15.09 -95.21
CA PHE P 87 12.09 13.88 -95.83
C PHE P 87 12.87 13.51 -97.07
N HIS P 88 12.95 12.21 -97.35
CA HIS P 88 13.58 11.75 -98.57
C HIS P 88 12.62 11.89 -99.74
N PRO P 89 13.11 12.28 -100.90
CA PRO P 89 12.30 12.54 -102.07
C PRO P 89 11.60 11.28 -102.56
N GLU P 90 12.22 10.13 -102.33
CA GLU P 90 11.66 8.85 -102.72
C GLU P 90 10.37 8.53 -101.98
N GLN P 91 10.20 9.15 -100.81
CA GLN P 91 9.09 8.87 -99.94
C GLN P 91 7.85 9.65 -100.33
N LEU P 92 8.05 10.71 -101.10
CA LEU P 92 6.98 11.62 -101.41
C LEU P 92 6.24 11.18 -102.66
N ILE P 93 5.41 10.15 -102.51
CA ILE P 93 4.70 9.54 -103.62
C ILE P 93 3.46 10.31 -103.98
N THR P 94 3.35 10.69 -105.24
CA THR P 94 2.18 11.42 -105.69
C THR P 94 1.62 10.88 -106.99
N GLY P 95 0.35 11.17 -107.23
CA GLY P 95 -0.30 10.80 -108.49
C GLY P 95 -0.46 12.00 -109.39
N LYS P 96 -1.38 11.90 -110.34
CA LYS P 96 -1.69 13.01 -111.24
C LYS P 96 -3.13 13.46 -111.06
N GLU P 97 -4.04 12.49 -111.07
CA GLU P 97 -5.46 12.75 -110.88
C GLU P 97 -5.92 12.22 -109.54
N ASP P 98 -6.65 13.03 -108.78
CA ASP P 98 -7.07 12.67 -107.44
C ASP P 98 -8.26 11.70 -107.47
N ALA P 99 -8.48 11.01 -106.35
CA ALA P 99 -9.62 10.09 -106.22
C ALA P 99 -10.93 10.87 -106.10
N ALA P 100 -10.83 12.06 -105.52
CA ALA P 100 -11.96 12.98 -105.42
C ALA P 100 -13.12 12.44 -104.60
N ASN P 101 -12.83 12.08 -103.35
CA ASN P 101 -13.89 11.68 -102.41
C ASN P 101 -14.65 10.46 -102.90
N ASN P 102 -13.92 9.57 -103.56
CA ASN P 102 -14.55 8.36 -104.07
C ASN P 102 -13.74 7.16 -103.68
N TYR P 103 -14.20 6.46 -102.64
CA TYR P 103 -13.53 5.27 -102.16
C TYR P 103 -13.19 4.31 -103.28
N ALA P 104 -14.09 4.16 -104.22
CA ALA P 104 -13.93 3.15 -105.26
C ALA P 104 -12.76 3.50 -106.17
N ARG P 105 -12.63 4.78 -106.50
CA ARG P 105 -11.54 5.24 -107.36
C ARG P 105 -10.20 5.16 -106.64
N GLY P 106 -10.21 5.48 -105.36
CA GLY P 106 -9.01 5.35 -104.55
C GLY P 106 -8.65 3.88 -104.35
N HIS P 107 -9.67 3.04 -104.25
CA HIS P 107 -9.47 1.62 -104.09
C HIS P 107 -8.98 0.99 -105.36
N TYR P 108 -9.45 1.47 -106.51
CA TYR P 108 -9.17 0.78 -107.75
C TYR P 108 -8.48 1.68 -108.80
N THR P 109 -9.27 2.25 -109.71
CA THR P 109 -8.70 2.85 -110.93
C THR P 109 -7.51 3.74 -110.70
N ILE P 110 -7.60 4.62 -109.72
CA ILE P 110 -6.54 5.60 -109.54
C ILE P 110 -5.46 5.07 -108.61
N GLY P 111 -5.88 4.59 -107.44
CA GLY P 111 -4.93 4.16 -106.41
C GLY P 111 -4.03 3.01 -106.87
N LYS P 112 -4.59 2.06 -107.64
CA LYS P 112 -3.85 0.89 -108.06
C LYS P 112 -2.69 1.22 -108.98
N GLU P 113 -2.66 2.44 -109.51
CA GLU P 113 -1.62 2.83 -110.43
C GLU P 113 -0.33 3.18 -109.71
N ILE P 114 -0.42 3.45 -108.41
CA ILE P 114 0.78 3.79 -107.66
C ILE P 114 1.04 2.82 -106.53
N ILE P 115 0.07 1.96 -106.23
CA ILE P 115 0.21 1.04 -105.12
C ILE P 115 1.45 0.16 -105.23
N ASP P 116 1.84 -0.15 -106.46
CA ASP P 116 3.04 -0.94 -106.68
C ASP P 116 4.27 -0.20 -106.19
N LEU P 117 4.37 1.08 -106.56
CA LEU P 117 5.45 1.94 -106.09
C LEU P 117 5.43 2.04 -104.57
N VAL P 118 4.24 2.24 -104.03
CA VAL P 118 4.08 2.41 -102.60
C VAL P 118 4.61 1.20 -101.85
N LEU P 119 4.22 0.02 -102.29
CA LEU P 119 4.66 -1.21 -101.67
C LEU P 119 6.16 -1.41 -101.80
N ASP P 120 6.70 -0.99 -102.95
CA ASP P 120 8.13 -1.09 -103.18
C ASP P 120 8.91 -0.19 -102.23
N ARG P 121 8.39 1.01 -102.00
CA ARG P 121 9.02 1.93 -101.07
C ARG P 121 8.94 1.40 -99.65
N ILE P 122 7.81 0.81 -99.31
CA ILE P 122 7.65 0.17 -98.01
C ILE P 122 8.64 -0.95 -97.83
N ARG P 123 8.77 -1.79 -98.86
CA ARG P 123 9.69 -2.91 -98.82
C ARG P 123 11.10 -2.45 -98.55
N LYS P 124 11.54 -1.39 -99.24
CA LYS P 124 12.85 -0.82 -99.01
C LYS P 124 13.01 -0.43 -97.55
N LEU P 125 12.02 0.26 -97.00
CA LEU P 125 12.07 0.67 -95.60
C LEU P 125 12.13 -0.53 -94.68
N ALA P 126 11.34 -1.56 -95.00
CA ALA P 126 11.29 -2.76 -94.19
C ALA P 126 12.58 -3.56 -94.29
N ASP P 127 13.24 -3.49 -95.45
CA ASP P 127 14.52 -4.15 -95.62
C ASP P 127 15.61 -3.43 -94.85
N GLN P 128 15.51 -2.10 -94.77
CA GLN P 128 16.41 -1.31 -93.96
C GLN P 128 16.17 -1.55 -92.48
N CYS P 129 14.90 -1.65 -92.11
CA CYS P 129 14.51 -1.83 -90.72
C CYS P 129 14.84 -3.23 -90.22
N THR P 130 15.60 -3.28 -89.12
CA THR P 130 15.88 -4.55 -88.46
C THR P 130 14.66 -5.03 -87.67
N GLY P 131 14.55 -4.60 -86.43
CA GLY P 131 13.46 -5.03 -85.54
C GLY P 131 12.17 -4.26 -85.80
N LEU P 132 11.53 -4.53 -86.93
CA LEU P 132 10.26 -3.90 -87.25
C LEU P 132 9.16 -4.36 -86.31
N GLN P 133 8.56 -3.42 -85.59
CA GLN P 133 7.44 -3.72 -84.74
C GLN P 133 6.13 -3.66 -85.51
N GLY P 134 5.98 -2.62 -86.32
CA GLY P 134 4.73 -2.43 -87.03
C GLY P 134 4.65 -1.07 -87.74
N PHE P 135 3.44 -0.72 -88.14
CA PHE P 135 3.19 0.46 -88.95
C PHE P 135 2.20 1.39 -88.26
N SER P 136 2.22 2.66 -88.65
CA SER P 136 1.29 3.65 -88.14
C SER P 136 0.69 4.47 -89.27
N VAL P 137 -0.56 4.17 -89.60
CA VAL P 137 -1.22 4.77 -90.75
C VAL P 137 -2.09 5.96 -90.36
N PHE P 138 -1.91 7.06 -91.05
CA PHE P 138 -2.71 8.25 -90.81
C PHE P 138 -3.63 8.54 -91.98
N HIS P 139 -4.93 8.43 -91.74
CA HIS P 139 -5.89 8.56 -92.82
C HIS P 139 -7.21 9.11 -92.33
N SER P 140 -8.11 9.36 -93.28
CA SER P 140 -9.46 9.80 -92.94
C SER P 140 -10.48 8.78 -93.41
N PHE P 141 -11.74 9.17 -93.37
CA PHE P 141 -12.80 8.37 -93.97
C PHE P 141 -13.50 9.17 -95.05
N GLY P 142 -13.23 10.46 -95.10
CA GLY P 142 -13.92 11.37 -96.01
C GLY P 142 -13.46 11.18 -97.44
N GLY P 143 -12.18 11.44 -97.69
CA GLY P 143 -11.66 11.39 -99.04
C GLY P 143 -11.46 9.95 -99.50
N GLY P 144 -11.44 9.76 -100.80
CA GLY P 144 -11.21 8.45 -101.38
C GLY P 144 -9.75 8.11 -101.38
N THR P 145 -8.91 9.14 -101.52
CA THR P 145 -7.46 8.99 -101.50
C THR P 145 -6.98 8.58 -100.13
N GLY P 146 -7.77 8.91 -99.12
CA GLY P 146 -7.48 8.42 -97.78
C GLY P 146 -8.19 7.10 -97.56
N SER P 147 -9.50 7.11 -97.71
CA SER P 147 -10.34 5.96 -97.40
C SER P 147 -10.08 4.77 -98.33
N GLY P 148 -10.27 4.99 -99.62
CA GLY P 148 -10.18 3.93 -100.62
C GLY P 148 -8.77 3.43 -100.78
N PHE P 149 -7.83 4.35 -100.91
CA PHE P 149 -6.45 3.97 -101.07
C PHE P 149 -5.94 3.19 -99.88
N THR P 150 -6.28 3.65 -98.68
CA THR P 150 -5.86 2.94 -97.48
C THR P 150 -6.38 1.53 -97.48
N SER P 151 -7.64 1.37 -97.88
CA SER P 151 -8.22 0.03 -97.96
C SER P 151 -7.38 -0.87 -98.86
N LEU P 152 -7.01 -0.36 -100.02
CA LEU P 152 -6.13 -1.09 -100.93
C LEU P 152 -4.79 -1.42 -100.28
N LEU P 153 -4.16 -0.40 -99.71
CA LEU P 153 -2.83 -0.55 -99.15
C LEU P 153 -2.81 -1.51 -97.98
N MET P 154 -3.78 -1.39 -97.08
CA MET P 154 -3.80 -2.24 -95.90
C MET P 154 -3.94 -3.70 -96.25
N GLU P 155 -4.74 -3.99 -97.27
CA GLU P 155 -4.85 -5.34 -97.76
C GLU P 155 -3.51 -5.85 -98.26
N ARG P 156 -2.83 -5.06 -99.08
CA ARG P 156 -1.55 -5.44 -99.64
C ARG P 156 -0.48 -5.58 -98.56
N LEU P 157 -0.48 -4.65 -97.62
CA LEU P 157 0.49 -4.61 -96.55
C LEU P 157 0.30 -5.79 -95.62
N SER P 158 -0.96 -6.13 -95.37
CA SER P 158 -1.33 -7.26 -94.54
C SER P 158 -0.79 -8.56 -95.09
N VAL P 159 -0.87 -8.71 -96.41
CA VAL P 159 -0.32 -9.89 -97.08
C VAL P 159 1.18 -9.99 -96.88
N ASP P 160 1.89 -8.88 -97.09
CA ASP P 160 3.33 -8.89 -97.00
C ASP P 160 3.83 -9.04 -95.56
N TYR P 161 3.16 -8.39 -94.62
CA TYR P 161 3.60 -8.40 -93.24
C TYR P 161 2.50 -8.84 -92.29
N GLY P 162 2.13 -10.12 -92.39
CA GLY P 162 1.09 -10.68 -91.52
C GLY P 162 1.52 -10.74 -90.06
N LYS P 163 2.82 -10.66 -89.82
CA LYS P 163 3.36 -10.76 -88.47
C LYS P 163 3.68 -9.41 -87.85
N LYS P 164 3.38 -8.32 -88.55
CA LYS P 164 3.71 -7.00 -88.03
C LYS P 164 2.47 -6.23 -87.63
N SER P 165 2.60 -5.41 -86.59
CA SER P 165 1.47 -4.69 -86.03
C SER P 165 1.04 -3.52 -86.91
N LYS P 166 -0.24 -3.43 -87.19
CA LYS P 166 -0.75 -2.36 -88.03
C LYS P 166 -1.69 -1.44 -87.27
N LEU P 167 -1.18 -0.25 -86.94
CA LEU P 167 -1.99 0.77 -86.26
C LEU P 167 -2.62 1.70 -87.29
N GLU P 168 -3.88 2.04 -87.07
CA GLU P 168 -4.56 2.98 -87.94
C GLU P 168 -5.14 4.13 -87.14
N PHE P 169 -4.64 5.32 -87.39
CA PHE P 169 -5.16 6.52 -86.77
C PHE P 169 -6.04 7.26 -87.75
N SER P 170 -7.35 7.14 -87.55
CA SER P 170 -8.29 7.64 -88.52
C SER P 170 -9.05 8.85 -88.02
N ILE P 171 -9.41 9.72 -88.95
CA ILE P 171 -10.29 10.84 -88.63
C ILE P 171 -11.73 10.49 -88.88
N TYR P 172 -12.44 10.23 -87.80
CA TYR P 172 -13.79 9.73 -87.82
C TYR P 172 -14.76 10.76 -88.39
N PRO P 173 -15.46 10.44 -89.50
CA PRO P 173 -16.61 11.23 -89.96
C PRO P 173 -17.45 11.68 -88.79
N ALA P 174 -17.31 12.95 -88.43
CA ALA P 174 -17.99 13.50 -87.27
C ALA P 174 -19.50 13.43 -87.43
N PRO P 175 -20.21 13.17 -86.32
CA PRO P 175 -21.66 13.02 -86.35
C PRO P 175 -22.37 14.34 -86.53
N GLN P 176 -21.83 15.40 -85.96
CA GLN P 176 -22.51 16.69 -86.02
C GLN P 176 -22.29 17.39 -87.35
N VAL P 177 -21.04 17.46 -87.79
CA VAL P 177 -20.69 18.27 -88.95
C VAL P 177 -19.61 17.62 -89.77
N SER P 178 -19.65 17.82 -91.08
CA SER P 178 -18.63 17.29 -91.95
C SER P 178 -18.40 18.23 -93.12
N THR P 179 -17.57 17.82 -94.08
CA THR P 179 -17.21 18.72 -95.17
C THR P 179 -17.57 18.12 -96.53
N ALA P 180 -17.70 16.81 -96.60
CA ALA P 180 -18.16 16.15 -97.82
C ALA P 180 -19.48 15.47 -97.55
N VAL P 181 -20.28 15.27 -98.59
CA VAL P 181 -21.62 14.76 -98.40
C VAL P 181 -21.70 13.28 -98.68
N VAL P 182 -20.61 12.72 -99.23
CA VAL P 182 -20.56 11.30 -99.55
C VAL P 182 -19.66 10.55 -98.59
N GLU P 183 -19.44 11.13 -97.42
CA GLU P 183 -18.59 10.52 -96.41
C GLU P 183 -19.11 9.17 -95.93
N PRO P 184 -20.37 9.08 -95.42
CA PRO P 184 -21.04 7.84 -95.02
C PRO P 184 -20.64 6.65 -95.91
N TYR P 185 -20.63 6.85 -97.22
CA TYR P 185 -20.26 5.80 -98.15
C TYR P 185 -18.81 5.39 -97.97
N ASN P 186 -17.93 6.36 -98.00
CA ASN P 186 -16.50 6.07 -97.93
C ASN P 186 -16.15 5.46 -96.58
N SER P 187 -16.84 5.93 -95.54
CA SER P 187 -16.63 5.45 -94.19
C SER P 187 -17.03 3.99 -94.04
N ILE P 188 -18.22 3.66 -94.53
CA ILE P 188 -18.76 2.32 -94.33
C ILE P 188 -18.00 1.30 -95.15
N LEU P 189 -17.50 1.73 -96.31
CA LEU P 189 -16.69 0.86 -97.15
C LEU P 189 -15.34 0.59 -96.51
N THR P 190 -14.79 1.59 -95.82
CA THR P 190 -13.52 1.41 -95.14
C THR P 190 -13.62 0.40 -94.01
N THR P 191 -14.71 0.48 -93.27
CA THR P 191 -14.89 -0.30 -92.04
C THR P 191 -14.54 -1.77 -92.19
N HIS P 192 -15.03 -2.40 -93.24
CA HIS P 192 -14.85 -3.84 -93.39
C HIS P 192 -13.43 -4.22 -93.79
N THR P 193 -12.61 -3.23 -94.16
CA THR P 193 -11.20 -3.48 -94.41
C THR P 193 -10.39 -3.30 -93.15
N THR P 194 -10.63 -2.20 -92.45
CA THR P 194 -9.94 -1.91 -91.20
C THR P 194 -10.20 -2.99 -90.17
N LEU P 195 -11.46 -3.33 -89.97
CA LEU P 195 -11.82 -4.37 -89.03
C LEU P 195 -11.18 -5.71 -89.40
N GLU P 196 -11.00 -5.95 -90.69
CA GLU P 196 -10.40 -7.18 -91.18
C GLU P 196 -8.88 -7.22 -91.01
N HIS P 197 -8.20 -6.15 -91.43
CA HIS P 197 -6.75 -6.21 -91.57
C HIS P 197 -5.98 -5.49 -90.48
N SER P 198 -6.59 -4.51 -89.81
CA SER P 198 -5.87 -3.74 -88.81
C SER P 198 -5.67 -4.52 -87.53
N ASP P 199 -4.68 -4.13 -86.75
CA ASP P 199 -4.46 -4.71 -85.43
C ASP P 199 -5.01 -3.81 -84.34
N CYS P 200 -4.98 -2.51 -84.59
CA CYS P 200 -5.58 -1.56 -83.66
C CYS P 200 -5.89 -0.24 -84.35
N ALA P 201 -7.14 0.19 -84.24
CA ALA P 201 -7.57 1.40 -84.90
C ALA P 201 -8.01 2.46 -83.90
N PHE P 202 -7.80 3.71 -84.25
CA PHE P 202 -8.23 4.83 -83.43
C PHE P 202 -9.17 5.72 -84.23
N MET P 203 -10.21 6.20 -83.59
CA MET P 203 -11.18 7.07 -84.26
C MET P 203 -11.25 8.42 -83.59
N VAL P 204 -10.99 9.46 -84.35
CA VAL P 204 -10.93 10.81 -83.81
C VAL P 204 -11.92 11.75 -84.48
N ASP P 205 -12.67 12.49 -83.67
CA ASP P 205 -13.65 13.43 -84.20
C ASP P 205 -13.13 14.86 -84.13
N ASN P 206 -12.99 15.49 -85.30
CA ASN P 206 -12.52 16.87 -85.38
C ASN P 206 -13.36 17.81 -84.54
N GLU P 207 -14.65 17.56 -84.49
CA GLU P 207 -15.58 18.43 -83.81
C GLU P 207 -15.41 18.31 -82.32
N ALA P 208 -15.17 17.09 -81.84
CA ALA P 208 -14.86 16.89 -80.44
C ALA P 208 -13.59 17.63 -80.06
N ILE P 209 -12.62 17.66 -80.98
CA ILE P 209 -11.39 18.38 -80.71
C ILE P 209 -11.61 19.86 -80.67
N TYR P 210 -12.33 20.39 -81.65
CA TYR P 210 -12.62 21.81 -81.70
C TYR P 210 -13.29 22.25 -80.42
N ASP P 211 -14.19 21.40 -79.92
CA ASP P 211 -14.83 21.62 -78.66
C ASP P 211 -13.83 21.66 -77.49
N ILE P 212 -12.87 20.74 -77.51
CA ILE P 212 -11.80 20.72 -76.52
C ILE P 212 -10.95 21.99 -76.58
N CYS P 213 -10.66 22.45 -77.79
CA CYS P 213 -9.91 23.68 -77.98
C CYS P 213 -10.64 24.86 -77.36
N ARG P 214 -11.96 24.92 -77.56
CA ARG P 214 -12.79 25.96 -76.97
C ARG P 214 -12.80 25.91 -75.45
N ARG P 215 -13.02 24.74 -74.88
CA ARG P 215 -13.22 24.60 -73.45
C ARG P 215 -11.92 24.61 -72.65
N ASN P 216 -10.94 23.87 -73.12
CA ASN P 216 -9.72 23.69 -72.34
C ASN P 216 -8.63 24.67 -72.75
N LEU P 217 -8.39 24.79 -74.05
CA LEU P 217 -7.37 25.72 -74.53
C LEU P 217 -7.92 27.14 -74.67
N ASP P 218 -9.22 27.31 -74.48
CA ASP P 218 -9.85 28.62 -74.54
C ASP P 218 -9.69 29.27 -75.91
N ILE P 219 -9.92 28.49 -76.97
CA ILE P 219 -9.75 28.98 -78.33
C ILE P 219 -11.09 29.15 -79.03
N GLU P 220 -11.41 30.39 -79.40
CA GLU P 220 -12.66 30.70 -80.09
C GLU P 220 -12.58 30.38 -81.58
N ARG P 221 -11.37 30.36 -82.11
CA ARG P 221 -11.16 30.14 -83.54
C ARG P 221 -10.09 29.08 -83.78
N PRO P 222 -10.49 27.81 -83.83
CA PRO P 222 -9.54 26.71 -83.95
C PRO P 222 -9.54 26.18 -85.36
N THR P 223 -8.38 25.66 -85.77
CA THR P 223 -8.19 25.17 -87.11
C THR P 223 -7.39 23.88 -87.11
N TYR P 224 -7.13 23.37 -88.31
CA TYR P 224 -6.49 22.08 -88.46
C TYR P 224 -5.08 22.07 -87.90
N THR P 225 -4.40 23.18 -87.97
CA THR P 225 -3.04 23.28 -87.45
C THR P 225 -2.97 22.85 -85.99
N ASN P 226 -3.76 23.50 -85.14
CA ASN P 226 -3.73 23.20 -83.72
C ASN P 226 -4.39 21.87 -83.43
N LEU P 227 -5.44 21.58 -84.15
CA LEU P 227 -6.14 20.31 -84.03
C LEU P 227 -5.21 19.14 -84.26
N ASN P 228 -4.42 19.22 -85.33
CA ASN P 228 -3.50 18.17 -85.69
C ASN P 228 -2.40 18.02 -84.65
N ARG P 229 -1.94 19.15 -84.12
CA ARG P 229 -0.89 19.13 -83.12
C ARG P 229 -1.31 18.33 -81.89
N LEU P 230 -2.57 18.48 -81.49
CA LEU P 230 -3.08 17.69 -80.38
C LEU P 230 -3.08 16.20 -80.70
N ILE P 231 -3.54 15.85 -81.89
CA ILE P 231 -3.56 14.46 -82.31
C ILE P 231 -2.16 13.86 -82.33
N GLY P 232 -1.22 14.61 -82.90
CA GLY P 232 0.16 14.18 -82.97
C GLY P 232 0.74 13.99 -81.58
N GLN P 233 0.39 14.89 -80.66
CA GLN P 233 0.89 14.81 -79.30
C GLN P 233 0.47 13.52 -78.64
N ILE P 234 -0.76 13.09 -78.92
CA ILE P 234 -1.24 11.82 -78.43
C ILE P 234 -0.42 10.67 -78.94
N VAL P 235 -0.14 10.68 -80.24
CA VAL P 235 0.61 9.61 -80.87
C VAL P 235 2.01 9.52 -80.29
N SER P 236 2.62 10.67 -80.03
CA SER P 236 3.92 10.71 -79.38
C SER P 236 3.89 9.98 -78.04
N SER P 237 2.86 10.25 -77.26
CA SER P 237 2.71 9.59 -75.96
C SER P 237 2.45 8.09 -76.10
N ILE P 238 1.75 7.69 -77.17
CA ILE P 238 1.50 6.29 -77.42
C ILE P 238 2.75 5.53 -77.80
N THR P 239 3.54 6.12 -78.68
CA THR P 239 4.64 5.42 -79.34
C THR P 239 5.99 5.92 -78.87
N ALA P 240 6.38 7.09 -79.35
CA ALA P 240 7.70 7.66 -79.07
C ALA P 240 8.02 7.61 -77.59
N SER P 241 7.02 7.84 -76.74
CA SER P 241 7.18 7.78 -75.30
C SER P 241 7.91 6.50 -74.87
N LEU P 242 7.50 5.38 -75.46
CA LEU P 242 8.07 4.09 -75.11
C LEU P 242 9.54 4.06 -75.45
N ARG P 243 9.90 4.74 -76.53
CA ARG P 243 11.25 4.70 -77.06
C ARG P 243 12.20 5.65 -76.34
N PHE P 244 11.75 6.26 -75.24
CA PHE P 244 12.63 7.08 -74.44
C PHE P 244 13.09 6.37 -73.17
N ASP P 245 12.60 5.15 -72.97
CA ASP P 245 12.99 4.34 -71.81
C ASP P 245 12.41 4.89 -70.50
N GLY P 246 11.23 4.42 -70.14
CA GLY P 246 10.59 4.83 -68.91
C GLY P 246 10.60 3.72 -67.88
N ALA P 247 9.85 3.92 -66.80
CA ALA P 247 9.73 2.91 -65.75
C ALA P 247 8.99 1.70 -66.24
N LEU P 248 7.94 1.92 -67.01
CA LEU P 248 7.13 0.84 -67.53
C LEU P 248 7.00 0.96 -69.04
N ASN P 249 7.90 0.31 -69.77
CA ASN P 249 7.91 0.39 -71.22
C ASN P 249 6.95 -0.59 -71.84
N VAL P 250 5.68 -0.22 -71.86
CA VAL P 250 4.64 -1.09 -72.39
C VAL P 250 4.75 -1.20 -73.91
N ASP P 251 5.01 -2.40 -74.40
CA ASP P 251 5.19 -2.61 -75.83
C ASP P 251 3.90 -2.35 -76.61
N LEU P 252 4.05 -2.08 -77.90
CA LEU P 252 2.90 -1.88 -78.76
C LEU P 252 2.03 -3.13 -78.85
N THR P 253 2.67 -4.29 -78.81
CA THR P 253 1.93 -5.54 -78.80
C THR P 253 1.45 -5.86 -77.40
N GLU P 254 2.12 -5.30 -76.41
CA GLU P 254 1.69 -5.40 -75.02
C GLU P 254 0.41 -4.59 -74.81
N PHE P 255 0.30 -3.46 -75.50
CA PHE P 255 -0.95 -2.72 -75.54
C PHE P 255 -2.06 -3.62 -76.00
N GLN P 256 -1.82 -4.30 -77.11
CA GLN P 256 -2.81 -5.18 -77.69
C GLN P 256 -3.13 -6.34 -76.77
N THR P 257 -2.11 -6.88 -76.11
CA THR P 257 -2.28 -7.95 -75.14
C THR P 257 -3.36 -7.60 -74.12
N ASN P 258 -3.29 -6.39 -73.58
CA ASN P 258 -4.14 -6.01 -72.47
C ASN P 258 -5.39 -5.24 -72.91
N LEU P 259 -5.29 -4.48 -73.99
CA LEU P 259 -6.41 -3.68 -74.44
C LEU P 259 -7.43 -4.49 -75.20
N VAL P 260 -6.98 -5.49 -75.94
CA VAL P 260 -7.87 -6.27 -76.79
C VAL P 260 -8.17 -7.65 -76.19
N PRO P 261 -9.45 -7.94 -75.93
CA PRO P 261 -9.88 -9.21 -75.31
C PRO P 261 -10.30 -10.23 -76.34
N TYR P 262 -10.66 -9.75 -77.52
CA TYR P 262 -11.16 -10.62 -78.56
C TYR P 262 -10.35 -10.51 -79.84
N PRO P 263 -10.76 -11.24 -80.85
CA PRO P 263 -10.19 -11.12 -82.18
C PRO P 263 -10.58 -9.81 -82.83
N ARG P 264 -11.69 -9.23 -82.38
CA ARG P 264 -12.13 -7.92 -82.83
C ARG P 264 -12.21 -6.95 -81.66
N GLY P 265 -12.83 -5.79 -81.89
CA GLY P 265 -12.93 -4.77 -80.85
C GLY P 265 -11.70 -3.88 -80.85
N HIS P 266 -11.16 -3.62 -82.03
CA HIS P 266 -9.92 -2.89 -82.18
C HIS P 266 -10.13 -1.39 -82.24
N PHE P 267 -10.89 -0.85 -81.30
CA PHE P 267 -11.27 0.55 -81.35
C PHE P 267 -11.15 1.25 -80.01
N PRO P 268 -9.93 1.61 -79.63
CA PRO P 268 -9.63 2.36 -78.42
C PRO P 268 -9.73 3.85 -78.67
N LEU P 269 -10.16 4.57 -77.66
CA LEU P 269 -10.20 6.00 -77.72
C LEU P 269 -8.98 6.57 -77.05
N ALA P 270 -8.37 7.55 -77.69
CA ALA P 270 -7.12 8.09 -77.20
C ALA P 270 -7.30 9.52 -76.74
N THR P 271 -7.16 9.73 -75.44
CA THR P 271 -7.39 11.06 -74.87
C THR P 271 -6.12 11.63 -74.29
N TYR P 272 -6.11 12.94 -74.12
CA TYR P 272 -4.98 13.64 -73.54
C TYR P 272 -5.48 14.63 -72.50
N ALA P 273 -5.07 14.41 -71.25
CA ALA P 273 -5.71 15.08 -70.13
C ALA P 273 -4.93 16.28 -69.57
N PRO P 274 -3.79 16.61 -70.14
CA PRO P 274 -3.11 17.86 -69.74
C PRO P 274 -3.38 19.02 -70.66
N VAL P 275 -4.52 18.99 -71.36
CA VAL P 275 -4.84 20.08 -72.27
C VAL P 275 -5.09 21.34 -71.47
N ILE P 276 -4.30 22.37 -71.74
CA ILE P 276 -4.25 23.52 -70.85
C ILE P 276 -3.72 24.75 -71.56
N SER P 277 -4.29 25.90 -71.23
CA SER P 277 -3.85 27.18 -71.79
C SER P 277 -2.67 27.74 -71.02
N ALA P 278 -2.00 28.71 -71.63
CA ALA P 278 -0.85 29.35 -71.01
C ALA P 278 -1.23 30.06 -69.72
N GLU P 279 -2.42 30.67 -69.70
CA GLU P 279 -2.91 31.32 -68.49
C GLU P 279 -3.14 30.31 -67.39
N LYS P 280 -3.83 29.22 -67.72
CA LYS P 280 -4.13 28.19 -66.76
C LYS P 280 -2.87 27.54 -66.23
N ALA P 281 -1.82 27.50 -67.04
CA ALA P 281 -0.54 26.93 -66.62
C ALA P 281 0.02 27.61 -65.38
N TYR P 282 -0.41 28.84 -65.11
CA TYR P 282 0.06 29.56 -63.95
C TYR P 282 -0.82 29.34 -62.74
N HIS P 283 -2.14 29.37 -62.96
CA HIS P 283 -3.06 29.23 -61.85
C HIS P 283 -3.31 27.77 -61.48
N GLU P 284 -3.45 26.94 -62.49
CA GLU P 284 -3.73 25.52 -62.27
C GLU P 284 -2.54 24.79 -61.68
N GLN P 285 -2.78 24.04 -60.63
CA GLN P 285 -1.77 23.13 -60.10
C GLN P 285 -2.18 21.68 -60.36
N LEU P 286 -1.54 21.07 -61.34
CA LEU P 286 -1.84 19.71 -61.72
C LEU P 286 -1.00 18.71 -60.98
N SER P 287 -1.51 17.49 -60.92
CA SER P 287 -0.76 16.35 -60.42
C SER P 287 -1.35 15.07 -60.95
N VAL P 288 -0.83 13.95 -60.48
CA VAL P 288 -1.16 12.65 -61.04
C VAL P 288 -2.65 12.35 -60.98
N ALA P 289 -3.24 12.54 -59.80
CA ALA P 289 -4.65 12.24 -59.61
C ALA P 289 -5.53 13.20 -60.38
N GLU P 290 -5.18 14.49 -60.35
CA GLU P 290 -5.98 15.51 -61.01
C GLU P 290 -6.09 15.24 -62.50
N ILE P 291 -4.94 14.99 -63.12
CA ILE P 291 -4.90 14.76 -64.54
C ILE P 291 -5.57 13.45 -64.90
N THR P 292 -5.29 12.42 -64.11
CA THR P 292 -5.89 11.11 -64.32
C THR P 292 -7.40 11.18 -64.24
N ASN P 293 -7.90 11.94 -63.28
CA ASN P 293 -9.33 12.12 -63.13
C ASN P 293 -9.93 12.80 -64.35
N ALA P 294 -9.23 13.81 -64.87
CA ALA P 294 -9.71 14.57 -66.01
C ALA P 294 -9.94 13.69 -67.23
N CYS P 295 -9.09 12.66 -67.40
CA CYS P 295 -9.18 11.83 -68.60
C CYS P 295 -10.41 10.92 -68.60
N PHE P 296 -11.07 10.78 -67.45
CA PHE P 296 -12.29 10.00 -67.39
C PHE P 296 -13.53 10.87 -67.39
N GLU P 297 -13.34 12.16 -67.61
CA GLU P 297 -14.47 13.05 -67.75
C GLU P 297 -14.88 13.18 -69.21
N PRO P 298 -16.15 12.89 -69.51
CA PRO P 298 -16.79 12.92 -70.83
C PRO P 298 -16.72 14.29 -71.49
N ALA P 299 -15.52 14.77 -71.73
CA ALA P 299 -15.28 16.11 -72.23
C ALA P 299 -14.02 16.13 -73.06
N ASN P 300 -13.04 15.32 -72.64
CA ASN P 300 -11.79 15.22 -73.36
C ASN P 300 -11.70 13.90 -74.11
N GLN P 301 -12.85 13.41 -74.56
CA GLN P 301 -12.93 12.10 -75.18
C GLN P 301 -12.27 12.04 -76.55
N MET P 302 -12.09 13.21 -77.18
CA MET P 302 -11.55 13.29 -78.54
C MET P 302 -12.49 12.68 -79.57
N VAL P 303 -13.72 12.39 -79.15
CA VAL P 303 -14.73 11.83 -80.03
C VAL P 303 -16.11 12.09 -79.44
N LYS P 304 -17.09 12.26 -80.31
CA LYS P 304 -18.47 12.48 -79.87
C LYS P 304 -19.04 11.24 -79.22
N CYS P 305 -18.66 11.00 -77.98
CA CYS P 305 -19.09 9.84 -77.23
C CYS P 305 -19.10 10.12 -75.74
N ASP P 306 -20.11 9.61 -75.05
CA ASP P 306 -20.23 9.81 -73.62
C ASP P 306 -20.15 8.49 -72.88
N PRO P 307 -18.94 8.11 -72.45
CA PRO P 307 -18.57 6.87 -71.73
C PRO P 307 -19.59 6.45 -70.67
N ARG P 308 -20.31 7.41 -70.10
CA ARG P 308 -21.20 7.13 -69.00
C ARG P 308 -22.41 6.31 -69.43
N HIS P 309 -22.62 6.20 -70.73
CA HIS P 309 -23.73 5.40 -71.24
C HIS P 309 -23.26 4.06 -71.80
N GLY P 310 -22.02 3.67 -71.47
CA GLY P 310 -21.54 2.34 -71.85
C GLY P 310 -20.69 1.74 -70.74
N LYS P 311 -19.82 0.79 -71.10
CA LYS P 311 -18.92 0.18 -70.13
C LYS P 311 -17.48 0.21 -70.60
N TYR P 312 -16.56 0.20 -69.66
CA TYR P 312 -15.14 0.14 -69.96
C TYR P 312 -14.66 -1.29 -70.07
N MET P 313 -14.12 -1.62 -71.24
CA MET P 313 -13.57 -2.94 -71.49
C MET P 313 -12.12 -3.02 -71.03
N ALA P 314 -11.37 -1.97 -71.35
CA ALA P 314 -9.96 -1.90 -70.98
C ALA P 314 -9.47 -0.47 -71.04
N CYS P 315 -8.47 -0.15 -70.24
CA CYS P 315 -7.99 1.21 -70.15
C CYS P 315 -6.51 1.28 -69.81
N CYS P 316 -5.69 1.66 -70.79
CA CYS P 316 -4.28 1.85 -70.55
C CYS P 316 -3.96 3.32 -70.32
N LEU P 317 -3.30 3.60 -69.22
CA LEU P 317 -2.93 4.95 -68.86
C LEU P 317 -1.43 5.16 -69.02
N LEU P 318 -1.06 6.11 -69.87
CA LEU P 318 0.34 6.36 -70.15
C LEU P 318 0.79 7.67 -69.55
N TYR P 319 1.78 7.60 -68.68
CA TYR P 319 2.24 8.77 -67.96
C TYR P 319 3.59 9.25 -68.47
N ARG P 320 3.80 10.55 -68.42
CA ARG P 320 5.06 11.15 -68.82
C ARG P 320 5.57 12.11 -67.79
N GLY P 321 6.87 12.34 -67.79
CA GLY P 321 7.50 13.31 -66.89
C GLY P 321 7.42 12.91 -65.42
N ASP P 322 7.07 13.88 -64.58
CA ASP P 322 7.22 13.76 -63.13
C ASP P 322 6.06 13.01 -62.48
N VAL P 323 6.06 11.70 -62.61
CA VAL P 323 5.04 10.86 -61.97
C VAL P 323 5.68 9.75 -61.16
N VAL P 324 4.92 9.24 -60.19
CA VAL P 324 5.33 8.07 -59.45
C VAL P 324 4.21 7.03 -59.41
N PRO P 325 4.57 5.76 -59.30
CA PRO P 325 3.63 4.66 -59.41
C PRO P 325 2.64 4.63 -58.27
N LYS P 326 3.06 5.11 -57.11
CA LYS P 326 2.21 5.13 -55.94
C LYS P 326 0.97 5.97 -56.16
N ASP P 327 1.18 7.17 -56.68
CA ASP P 327 0.10 8.09 -56.93
C ASP P 327 -0.80 7.60 -58.03
N VAL P 328 -0.20 6.97 -59.03
CA VAL P 328 -0.97 6.41 -60.13
C VAL P 328 -1.92 5.34 -59.64
N ASN P 329 -1.40 4.45 -58.81
CA ASN P 329 -2.20 3.38 -58.24
C ASN P 329 -3.32 3.94 -57.39
N ALA P 330 -2.99 4.95 -56.60
CA ALA P 330 -3.97 5.58 -55.73
C ALA P 330 -5.09 6.23 -56.53
N ALA P 331 -4.74 6.91 -57.62
CA ALA P 331 -5.73 7.53 -58.48
C ALA P 331 -6.66 6.49 -59.07
N ILE P 332 -6.10 5.37 -59.50
CA ILE P 332 -6.90 4.29 -60.06
C ILE P 332 -7.84 3.70 -59.02
N ALA P 333 -7.34 3.52 -57.81
CA ALA P 333 -8.16 3.02 -56.72
C ALA P 333 -9.33 3.95 -56.47
N THR P 334 -9.06 5.26 -56.53
CA THR P 334 -10.09 6.27 -56.38
C THR P 334 -11.15 6.15 -57.47
N ILE P 335 -10.70 5.89 -58.69
CA ILE P 335 -11.60 5.73 -59.82
C ILE P 335 -12.52 4.54 -59.62
N LYS P 336 -11.93 3.41 -59.21
CA LYS P 336 -12.71 2.21 -58.94
C LYS P 336 -13.62 2.41 -57.75
N THR P 337 -13.20 3.26 -56.82
CA THR P 337 -14.03 3.64 -55.68
C THR P 337 -15.19 4.52 -56.12
N LYS P 338 -14.93 5.44 -57.04
CA LYS P 338 -15.95 6.33 -57.56
C LYS P 338 -17.14 5.56 -58.08
N ARG P 339 -16.87 4.54 -58.89
CA ARG P 339 -17.89 3.62 -59.37
C ARG P 339 -18.98 4.28 -60.23
N THR P 340 -18.77 5.54 -60.63
CA THR P 340 -19.72 6.22 -61.49
C THR P 340 -19.66 5.64 -62.89
N ILE P 341 -18.45 5.46 -63.39
CA ILE P 341 -18.26 4.82 -64.68
C ILE P 341 -18.29 3.32 -64.52
N GLN P 342 -18.91 2.65 -65.48
CA GLN P 342 -19.13 1.23 -65.38
C GLN P 342 -18.09 0.46 -66.15
N PHE P 343 -17.74 -0.70 -65.63
CA PHE P 343 -16.79 -1.58 -66.27
C PHE P 343 -17.43 -2.89 -66.61
N VAL P 344 -16.86 -3.56 -67.58
CA VAL P 344 -17.38 -4.85 -67.99
C VAL P 344 -17.32 -5.84 -66.83
N ASP P 345 -18.45 -6.48 -66.56
CA ASP P 345 -18.65 -7.27 -65.34
C ASP P 345 -17.71 -8.46 -65.28
N TRP P 346 -17.38 -9.01 -66.45
CA TRP P 346 -16.50 -10.16 -66.51
C TRP P 346 -15.05 -9.74 -66.78
N CYS P 347 -14.73 -8.48 -66.51
CA CYS P 347 -13.36 -8.01 -66.59
C CYS P 347 -12.88 -7.50 -65.23
N PRO P 348 -12.52 -8.43 -64.32
CA PRO P 348 -11.96 -8.16 -62.97
C PRO P 348 -11.32 -6.78 -62.88
N THR P 349 -10.36 -6.53 -63.75
CA THR P 349 -9.77 -5.22 -63.87
C THR P 349 -9.65 -4.84 -65.32
N GLY P 350 -9.22 -3.63 -65.55
CA GLY P 350 -9.06 -3.12 -66.89
C GLY P 350 -7.98 -2.07 -66.95
N PHE P 351 -7.25 -1.89 -65.86
CA PHE P 351 -6.28 -0.82 -65.80
C PHE P 351 -4.87 -1.30 -66.03
N LYS P 352 -4.20 -0.64 -66.96
CA LYS P 352 -2.79 -0.88 -67.21
C LYS P 352 -2.04 0.44 -67.26
N VAL P 353 -0.80 0.42 -66.81
CA VAL P 353 -0.06 1.67 -66.68
C VAL P 353 1.27 1.65 -67.40
N GLY P 354 1.51 2.67 -68.19
CA GLY P 354 2.83 2.91 -68.77
C GLY P 354 3.40 4.19 -68.18
N ILE P 355 4.70 4.20 -67.94
CA ILE P 355 5.33 5.37 -67.32
C ILE P 355 6.63 5.74 -67.97
N ASN P 356 6.73 7.00 -68.37
CA ASN P 356 7.96 7.55 -68.92
C ASN P 356 8.76 8.29 -67.85
N TYR P 357 9.99 8.64 -68.19
CA TYR P 357 10.79 9.55 -67.39
C TYR P 357 10.91 10.87 -68.11
N GLU P 358 10.84 10.84 -69.43
CA GLU P 358 10.91 12.04 -70.24
C GLU P 358 9.63 12.83 -70.14
N PRO P 359 9.76 14.14 -69.98
CA PRO P 359 8.66 15.07 -69.96
C PRO P 359 7.88 15.06 -71.27
N PRO P 360 6.70 15.66 -71.24
CA PRO P 360 5.81 16.03 -72.34
C PRO P 360 6.52 16.93 -73.35
N THR P 361 6.11 16.80 -74.61
CA THR P 361 6.72 17.56 -75.70
C THR P 361 6.06 18.91 -75.87
N VAL P 362 6.86 19.96 -76.03
CA VAL P 362 6.34 21.31 -76.18
C VAL P 362 6.55 21.84 -77.59
N VAL P 363 5.48 22.36 -78.18
CA VAL P 363 5.55 22.92 -79.53
C VAL P 363 5.72 24.43 -79.49
N PRO P 364 6.92 24.93 -79.80
CA PRO P 364 7.13 26.34 -80.04
C PRO P 364 6.17 26.84 -81.11
N GLY P 365 5.39 27.85 -80.75
CA GLY P 365 4.38 28.39 -81.67
C GLY P 365 3.05 27.66 -81.52
N GLY P 366 2.93 26.83 -80.47
CA GLY P 366 1.71 26.11 -80.18
C GLY P 366 0.88 26.82 -79.12
N ASP P 367 0.06 26.06 -78.40
CA ASP P 367 -0.78 26.61 -77.36
C ASP P 367 -0.70 25.77 -76.10
N LEU P 368 -0.98 24.47 -76.24
CA LEU P 368 -0.75 23.49 -75.19
C LEU P 368 0.47 23.84 -74.34
N ALA P 369 0.22 24.49 -73.20
CA ALA P 369 1.28 25.02 -72.38
C ALA P 369 2.14 23.93 -71.78
N LYS P 370 3.40 24.25 -71.53
CA LYS P 370 4.35 23.31 -70.95
C LYS P 370 3.93 22.85 -69.57
N VAL P 371 3.91 21.53 -69.38
CA VAL P 371 3.61 20.94 -68.09
C VAL P 371 4.70 19.97 -67.68
N GLN P 372 4.72 19.60 -66.40
CA GLN P 372 5.77 18.76 -65.84
C GLN P 372 5.46 17.27 -65.97
N ARG P 373 4.26 16.96 -66.42
CA ARG P 373 3.82 15.59 -66.54
C ARG P 373 2.63 15.49 -67.47
N ALA P 374 2.37 14.30 -67.98
CA ALA P 374 1.24 14.14 -68.88
C ALA P 374 0.64 12.77 -68.83
N VAL P 375 -0.64 12.69 -69.19
CA VAL P 375 -1.36 11.43 -69.21
C VAL P 375 -2.11 11.21 -70.51
N CYS P 376 -1.89 10.06 -71.10
CA CYS P 376 -2.72 9.63 -72.22
C CYS P 376 -3.52 8.41 -71.84
N MET P 377 -4.74 8.34 -72.33
CA MET P 377 -5.57 7.18 -72.04
C MET P 377 -5.99 6.48 -73.31
N LEU P 378 -5.72 5.18 -73.36
CA LEU P 378 -6.17 4.36 -74.46
C LEU P 378 -7.24 3.40 -73.98
N SER P 379 -8.50 3.74 -74.26
CA SER P 379 -9.60 3.02 -73.65
C SER P 379 -10.53 2.34 -74.63
N ASN P 380 -10.82 1.08 -74.35
CA ASN P 380 -11.85 0.36 -75.09
C ASN P 380 -13.14 0.38 -74.31
N THR P 381 -14.22 0.70 -75.01
CA THR P 381 -15.52 0.86 -74.38
C THR P 381 -16.63 0.46 -75.30
N THR P 382 -17.79 0.17 -74.73
CA THR P 382 -18.97 -0.17 -75.52
C THR P 382 -19.74 1.08 -75.91
N ALA P 383 -19.42 2.20 -75.27
CA ALA P 383 -20.13 3.45 -75.54
C ALA P 383 -19.87 3.94 -76.96
N ILE P 384 -18.65 3.75 -77.43
CA ILE P 384 -18.25 4.26 -78.74
C ILE P 384 -19.03 3.63 -79.87
N ALA P 385 -19.52 2.42 -79.65
CA ALA P 385 -20.26 1.70 -80.67
C ALA P 385 -21.50 2.48 -81.12
N GLU P 386 -22.04 3.31 -80.24
CA GLU P 386 -23.23 4.08 -80.55
C GLU P 386 -22.99 5.07 -81.70
N ALA P 387 -21.73 5.49 -81.86
CA ALA P 387 -21.37 6.45 -82.89
C ALA P 387 -21.61 5.89 -84.29
N TRP P 388 -21.50 4.57 -84.43
CA TRP P 388 -21.63 3.94 -85.72
C TRP P 388 -23.09 3.88 -86.13
N ALA P 389 -23.97 3.85 -85.15
CA ALA P 389 -25.40 3.88 -85.42
C ALA P 389 -25.75 5.16 -86.15
N ARG P 390 -25.16 6.26 -85.71
CA ARG P 390 -25.38 7.54 -86.36
C ARG P 390 -24.94 7.50 -87.81
N LEU P 391 -23.78 6.89 -88.06
CA LEU P 391 -23.31 6.70 -89.42
C LEU P 391 -24.21 5.78 -90.20
N ASP P 392 -24.73 4.77 -89.54
CA ASP P 392 -25.63 3.84 -90.19
C ASP P 392 -26.85 4.55 -90.72
N HIS P 393 -27.40 5.45 -89.93
CA HIS P 393 -28.57 6.20 -90.34
C HIS P 393 -28.27 7.08 -91.54
N LYS P 394 -27.12 7.74 -91.51
CA LYS P 394 -26.71 8.60 -92.61
C LYS P 394 -26.54 7.80 -93.87
N PHE P 395 -25.88 6.66 -93.75
CA PHE P 395 -25.70 5.75 -94.86
C PHE P 395 -27.02 5.22 -95.37
N ASP P 396 -27.82 4.67 -94.46
CA ASP P 396 -29.09 4.05 -94.84
C ASP P 396 -29.95 5.00 -95.62
N LEU P 397 -29.98 6.25 -95.18
CA LEU P 397 -30.80 7.27 -95.80
C LEU P 397 -30.38 7.54 -97.23
N MET P 398 -29.11 7.87 -97.42
CA MET P 398 -28.60 8.17 -98.73
C MET P 398 -28.62 6.94 -99.61
N TYR P 399 -28.34 5.80 -99.00
CA TYR P 399 -28.36 4.53 -99.70
C TYR P 399 -29.75 4.21 -100.20
N ALA P 400 -30.76 4.45 -99.37
CA ALA P 400 -32.14 4.19 -99.75
C ALA P 400 -32.51 4.91 -101.04
N LYS P 401 -32.01 6.14 -101.19
CA LYS P 401 -32.25 6.91 -102.40
C LYS P 401 -31.20 6.65 -103.48
N ARG P 402 -30.21 5.83 -103.14
CA ARG P 402 -29.06 5.58 -104.00
C ARG P 402 -28.41 6.88 -104.44
N ALA P 403 -28.39 7.86 -103.56
CA ALA P 403 -27.82 9.14 -103.87
C ALA P 403 -26.34 9.00 -104.10
N PHE P 404 -25.85 9.57 -105.19
CA PHE P 404 -24.43 9.55 -105.53
C PHE P 404 -23.91 8.15 -105.86
N VAL P 405 -24.81 7.16 -105.94
CA VAL P 405 -24.38 5.79 -106.15
C VAL P 405 -23.64 5.62 -107.46
N HIS P 406 -23.99 6.46 -108.43
CA HIS P 406 -23.45 6.34 -109.78
C HIS P 406 -21.98 6.71 -109.86
N TRP P 407 -21.46 7.34 -108.83
CA TRP P 407 -20.05 7.68 -108.78
C TRP P 407 -19.22 6.46 -108.41
N TYR P 408 -19.85 5.51 -107.73
CA TYR P 408 -19.18 4.30 -107.33
C TYR P 408 -19.43 3.21 -108.35
N VAL P 409 -20.62 3.20 -108.91
CA VAL P 409 -20.97 2.32 -110.00
C VAL P 409 -20.16 2.64 -111.24
N GLY P 410 -19.92 3.93 -111.47
CA GLY P 410 -19.08 4.37 -112.57
C GLY P 410 -17.67 3.78 -112.47
N GLU P 411 -17.19 3.57 -111.25
CA GLU P 411 -15.97 2.84 -111.03
C GLU P 411 -16.18 1.35 -111.29
N GLY P 412 -17.32 0.86 -110.85
CA GLY P 412 -17.66 -0.55 -110.99
C GLY P 412 -17.95 -1.18 -109.63
N MET P 413 -17.93 -0.36 -108.58
CA MET P 413 -18.18 -0.85 -107.25
C MET P 413 -19.54 -1.50 -107.17
N GLU P 414 -19.53 -2.80 -106.87
CA GLU P 414 -20.75 -3.58 -106.78
C GLU P 414 -21.69 -3.02 -105.73
N GLU P 415 -22.95 -2.77 -106.13
CA GLU P 415 -23.98 -2.28 -105.22
C GLU P 415 -24.07 -3.15 -103.97
N GLY P 416 -24.01 -4.46 -104.16
CA GLY P 416 -24.05 -5.41 -103.06
C GLY P 416 -22.92 -5.20 -102.05
N GLU P 417 -21.80 -4.64 -102.50
CA GLU P 417 -20.68 -4.36 -101.60
C GLU P 417 -21.08 -3.38 -100.51
N PHE P 418 -21.98 -2.46 -100.84
CA PHE P 418 -22.45 -1.49 -99.88
C PHE P 418 -23.31 -2.15 -98.82
N SER P 419 -24.15 -3.08 -99.26
CA SER P 419 -24.98 -3.81 -98.32
C SER P 419 -24.12 -4.71 -97.43
N GLU P 420 -23.06 -5.28 -98.01
CA GLU P 420 -22.14 -6.12 -97.27
C GLU P 420 -21.36 -5.31 -96.24
N ALA P 421 -20.94 -4.11 -96.65
CA ALA P 421 -20.20 -3.24 -95.77
C ALA P 421 -21.01 -2.89 -94.55
N ARG P 422 -22.29 -2.59 -94.77
CA ARG P 422 -23.19 -2.30 -93.67
C ARG P 422 -23.31 -3.46 -92.71
N GLU P 423 -23.47 -4.67 -93.25
CA GLU P 423 -23.66 -5.83 -92.40
C GLU P 423 -22.44 -6.07 -91.53
N ASP P 424 -21.26 -5.81 -92.06
CA ASP P 424 -20.04 -5.95 -91.29
C ASP P 424 -19.95 -4.92 -90.17
N MET P 425 -20.35 -3.69 -90.47
CA MET P 425 -20.43 -2.65 -89.46
C MET P 425 -21.44 -3.02 -88.38
N ALA P 426 -22.59 -3.52 -88.81
CA ALA P 426 -23.64 -3.92 -87.89
C ALA P 426 -23.19 -5.06 -87.00
N ALA P 427 -22.41 -5.98 -87.55
CA ALA P 427 -21.84 -7.07 -86.78
C ALA P 427 -20.97 -6.53 -85.66
N LEU P 428 -20.15 -5.55 -86.00
CA LEU P 428 -19.26 -4.92 -85.03
C LEU P 428 -20.05 -4.28 -83.91
N GLU P 429 -21.11 -3.57 -84.26
CA GLU P 429 -22.00 -2.97 -83.27
C GLU P 429 -22.58 -4.03 -82.34
N LYS P 430 -23.04 -5.12 -82.94
CA LYS P 430 -23.62 -6.23 -82.19
C LYS P 430 -22.65 -6.81 -81.18
N ASP P 431 -21.40 -6.99 -81.59
CA ASP P 431 -20.38 -7.53 -80.71
C ASP P 431 -20.24 -6.71 -79.44
N TYR P 432 -20.21 -5.39 -79.58
CA TYR P 432 -20.07 -4.52 -78.42
C TYR P 432 -21.29 -4.61 -77.50
N GLU P 433 -22.47 -4.75 -78.09
CA GLU P 433 -23.68 -4.95 -77.31
C GLU P 433 -23.58 -6.19 -76.43
N GLU P 434 -23.08 -7.28 -77.02
CA GLU P 434 -22.93 -8.53 -76.31
C GLU P 434 -21.91 -8.43 -75.18
N VAL P 435 -20.82 -7.73 -75.43
CA VAL P 435 -19.80 -7.53 -74.42
C VAL P 435 -20.36 -6.90 -73.15
N GLY P 436 -21.13 -5.83 -73.31
CA GLY P 436 -21.69 -5.11 -72.19
C GLY P 436 -22.74 -5.92 -71.43
N VAL P 437 -23.60 -6.62 -72.17
CA VAL P 437 -24.71 -7.35 -71.59
C VAL P 437 -24.29 -8.63 -70.89
N ASP P 438 -23.50 -9.44 -71.59
CA ASP P 438 -23.14 -10.77 -71.09
C ASP P 438 -22.30 -10.71 -69.82
N SER P 439 -22.42 -11.75 -69.00
CA SER P 439 -21.64 -11.86 -67.77
C SER P 439 -21.61 -13.31 -67.29
N ARG Q 2 -2.33 19.63 -113.30
CA ARG Q 2 -3.12 19.26 -114.47
C ARG Q 2 -3.52 20.48 -115.26
N GLU Q 3 -4.20 20.25 -116.38
CA GLU Q 3 -4.60 21.35 -117.26
C GLU Q 3 -6.07 21.29 -117.64
N ILE Q 4 -6.67 22.46 -117.83
CA ILE Q 4 -8.07 22.56 -118.22
C ILE Q 4 -8.24 23.43 -119.46
N VAL Q 5 -9.03 22.95 -120.41
CA VAL Q 5 -9.26 23.68 -121.65
C VAL Q 5 -10.46 24.59 -121.54
N HIS Q 6 -10.30 25.85 -121.91
CA HIS Q 6 -11.41 26.80 -121.85
C HIS Q 6 -11.86 27.22 -123.24
N ILE Q 7 -13.06 26.83 -123.61
CA ILE Q 7 -13.58 27.17 -124.91
C ILE Q 7 -14.68 28.20 -124.81
N GLN Q 8 -14.59 29.24 -125.62
CA GLN Q 8 -15.61 30.27 -125.65
C GLN Q 8 -16.40 30.19 -126.95
N ALA Q 9 -17.72 30.32 -126.85
CA ALA Q 9 -18.56 30.17 -128.03
C ALA Q 9 -19.62 31.27 -128.10
N GLY Q 10 -19.53 32.09 -129.13
CA GLY Q 10 -20.51 33.15 -129.35
C GLY Q 10 -20.08 34.45 -128.67
N GLN Q 11 -20.68 35.57 -129.08
CA GLN Q 11 -20.32 36.89 -128.54
C GLN Q 11 -20.45 36.94 -127.04
N CYS Q 12 -21.58 36.48 -126.55
CA CYS Q 12 -21.83 36.42 -125.12
C CYS Q 12 -20.72 35.70 -124.40
N GLY Q 13 -20.44 34.48 -124.84
CA GLY Q 13 -19.43 33.66 -124.21
C GLY Q 13 -18.06 34.29 -124.33
N ASN Q 14 -17.80 34.93 -125.46
CA ASN Q 14 -16.52 35.56 -125.70
C ASN Q 14 -16.30 36.76 -124.82
N GLN Q 15 -17.34 37.55 -124.61
CA GLN Q 15 -17.24 38.73 -123.77
C GLN Q 15 -17.05 38.33 -122.32
N ILE Q 16 -17.77 37.30 -121.88
CA ILE Q 16 -17.60 36.78 -120.54
C ILE Q 16 -16.22 36.23 -120.34
N GLY Q 17 -15.77 35.43 -121.30
CA GLY Q 17 -14.46 34.83 -121.25
C GLY Q 17 -13.36 35.88 -121.23
N ALA Q 18 -13.52 36.91 -122.05
CA ALA Q 18 -12.53 37.99 -122.09
C ALA Q 18 -12.36 38.60 -120.71
N LYS Q 19 -13.46 38.81 -120.01
CA LYS Q 19 -13.41 39.33 -118.66
C LYS Q 19 -12.81 38.30 -117.70
N PHE Q 20 -13.15 37.04 -117.91
CA PHE Q 20 -12.62 35.93 -117.12
C PHE Q 20 -11.11 35.88 -117.17
N TRP Q 21 -10.57 35.96 -118.38
CA TRP Q 21 -9.14 35.88 -118.56
C TRP Q 21 -8.44 37.12 -118.05
N GLU Q 22 -9.13 38.26 -118.07
CA GLU Q 22 -8.63 39.43 -117.37
C GLU Q 22 -8.43 39.13 -115.90
N VAL Q 23 -9.47 38.57 -115.29
CA VAL Q 23 -9.48 38.33 -113.86
C VAL Q 23 -8.40 37.37 -113.42
N ILE Q 24 -8.31 36.22 -114.06
CA ILE Q 24 -7.39 35.21 -113.61
C ILE Q 24 -5.96 35.51 -114.03
N SER Q 25 -5.78 36.27 -115.11
CA SER Q 25 -4.45 36.73 -115.46
C SER Q 25 -3.94 37.69 -114.42
N ASP Q 26 -4.83 38.56 -113.94
CA ASP Q 26 -4.49 39.44 -112.84
C ASP Q 26 -4.21 38.65 -111.58
N GLU Q 27 -5.04 37.66 -111.31
CA GLU Q 27 -4.86 36.78 -110.16
C GLU Q 27 -3.48 36.14 -110.16
N HIS Q 28 -3.00 35.72 -111.33
CA HIS Q 28 -1.73 35.05 -111.44
C HIS Q 28 -0.59 35.96 -111.91
N GLY Q 29 -0.76 37.27 -111.77
CA GLY Q 29 0.35 38.21 -111.94
C GLY Q 29 0.81 38.34 -113.40
N ILE Q 30 -0.09 38.12 -114.33
CA ILE Q 30 0.25 38.13 -115.75
C ILE Q 30 -0.15 39.44 -116.40
N ASP Q 31 0.80 40.09 -117.04
CA ASP Q 31 0.54 41.37 -117.69
C ASP Q 31 0.04 41.17 -119.11
N PRO Q 32 -0.19 42.27 -119.83
CA PRO Q 32 -0.77 42.22 -121.19
C PRO Q 32 0.22 41.80 -122.28
N THR Q 33 1.41 41.35 -121.89
CA THR Q 33 2.32 40.75 -122.85
C THR Q 33 2.33 39.25 -122.68
N GLY Q 34 1.82 38.78 -121.55
CA GLY Q 34 1.89 37.38 -121.19
C GLY Q 34 3.04 37.12 -120.23
N SER Q 35 3.76 38.18 -119.86
CA SER Q 35 4.87 38.04 -118.93
C SER Q 35 4.40 37.98 -117.49
N TYR Q 36 5.11 37.22 -116.67
CA TYR Q 36 4.76 37.10 -115.26
C TYR Q 36 5.51 38.12 -114.44
N HIS Q 37 4.77 38.91 -113.68
CA HIS Q 37 5.37 39.89 -112.78
C HIS Q 37 4.62 39.90 -111.45
N GLY Q 38 4.22 38.73 -111.00
CA GLY Q 38 3.50 38.60 -109.73
C GLY Q 38 4.47 38.57 -108.56
N ASP Q 39 3.92 38.67 -107.36
CA ASP Q 39 4.73 38.76 -106.15
C ASP Q 39 4.82 37.44 -105.40
N SER Q 40 3.94 36.49 -105.71
CA SER Q 40 3.96 35.20 -105.04
C SER Q 40 4.59 34.14 -105.89
N ASP Q 41 4.91 33.03 -105.27
CA ASP Q 41 5.44 31.87 -105.98
C ASP Q 41 4.33 30.91 -106.33
N LEU Q 42 3.22 31.00 -105.60
CA LEU Q 42 2.11 30.08 -105.79
C LEU Q 42 1.32 30.41 -107.04
N GLN Q 43 1.49 31.63 -107.54
CA GLN Q 43 0.91 32.03 -108.80
C GLN Q 43 1.48 31.22 -109.97
N LEU Q 44 2.71 30.71 -109.81
CA LEU Q 44 3.33 29.88 -110.83
C LEU Q 44 3.24 28.40 -110.50
N GLU Q 45 2.66 28.07 -109.35
CA GLU Q 45 2.58 26.69 -108.89
C GLU Q 45 1.62 25.89 -109.76
N ARG Q 46 0.55 26.54 -110.20
CA ARG Q 46 -0.43 25.89 -111.03
C ARG Q 46 -0.80 26.74 -112.23
N ILE Q 47 0.13 27.59 -112.67
CA ILE Q 47 -0.11 28.43 -113.84
C ILE Q 47 -0.34 27.59 -115.09
N ASN Q 48 0.21 26.38 -115.09
CA ASN Q 48 0.05 25.46 -116.21
C ASN Q 48 -1.41 25.08 -116.44
N VAL Q 49 -2.24 25.21 -115.42
CA VAL Q 49 -3.65 24.87 -115.54
C VAL Q 49 -4.32 25.63 -116.66
N TYR Q 50 -3.97 26.90 -116.79
CA TYR Q 50 -4.64 27.77 -117.75
C TYR Q 50 -3.70 28.40 -118.76
N TYR Q 51 -2.40 28.14 -118.62
CA TYR Q 51 -1.47 28.77 -119.54
C TYR Q 51 -0.41 27.82 -120.06
N ASN Q 52 -0.15 27.92 -121.36
CA ASN Q 52 1.04 27.34 -121.94
C ASN Q 52 2.22 28.23 -121.63
N GLU Q 53 3.37 27.64 -121.35
CA GLU Q 53 4.58 28.42 -121.11
C GLU Q 53 5.42 28.47 -122.37
N ALA Q 54 5.23 29.51 -123.16
CA ALA Q 54 5.94 29.63 -124.43
C ALA Q 54 7.31 30.23 -124.20
N ALA Q 55 8.19 30.06 -125.19
CA ALA Q 55 9.56 30.53 -125.08
C ALA Q 55 9.59 32.00 -124.72
N GLY Q 56 10.40 32.33 -123.73
CA GLY Q 56 10.47 33.68 -123.21
C GLY Q 56 9.56 33.87 -122.01
N ASN Q 57 8.97 32.75 -121.55
CA ASN Q 57 8.07 32.78 -120.40
C ASN Q 57 6.81 33.56 -120.72
N LYS Q 58 6.31 33.37 -121.92
CA LYS Q 58 5.06 34.00 -122.33
C LYS Q 58 3.92 33.06 -122.07
N TYR Q 59 3.02 33.45 -121.18
CA TYR Q 59 1.99 32.56 -120.75
C TYR Q 59 0.74 32.70 -121.59
N VAL Q 60 0.35 31.60 -122.23
CA VAL Q 60 -0.66 31.64 -123.27
C VAL Q 60 -1.92 30.84 -122.88
N PRO Q 61 -2.98 31.54 -122.48
CA PRO Q 61 -4.33 30.97 -122.33
C PRO Q 61 -4.54 29.67 -123.04
N ARG Q 62 -4.76 28.62 -122.26
CA ARG Q 62 -5.19 27.34 -122.79
C ARG Q 62 -6.65 27.40 -123.18
N ALA Q 63 -6.94 28.18 -124.22
CA ALA Q 63 -8.30 28.52 -124.56
C ALA Q 63 -8.53 28.57 -126.05
N ILE Q 64 -9.75 28.25 -126.46
CA ILE Q 64 -10.12 28.26 -127.86
C ILE Q 64 -11.26 29.22 -128.09
N LEU Q 65 -11.06 30.12 -129.02
CA LEU Q 65 -12.03 31.18 -129.27
C LEU Q 65 -12.88 30.87 -130.49
N VAL Q 66 -14.12 30.49 -130.27
CA VAL Q 66 -14.99 30.07 -131.36
C VAL Q 66 -16.11 31.05 -131.62
N ASP Q 67 -16.25 31.47 -132.86
CA ASP Q 67 -17.36 32.32 -133.25
C ASP Q 67 -17.63 32.19 -134.73
N LEU Q 68 -18.84 32.55 -135.13
CA LEU Q 68 -19.20 32.53 -136.52
C LEU Q 68 -19.44 33.94 -137.02
N GLU Q 69 -19.20 34.93 -136.19
CA GLU Q 69 -19.38 36.30 -136.62
C GLU Q 69 -18.11 37.13 -136.45
N PRO Q 70 -17.17 36.97 -137.39
CA PRO Q 70 -16.06 37.93 -137.59
C PRO Q 70 -16.52 39.33 -137.23
N GLY Q 71 -15.70 40.03 -136.46
CA GLY Q 71 -16.07 41.34 -135.96
C GLY Q 71 -16.06 41.34 -134.44
N THR Q 72 -16.73 40.34 -133.87
CA THR Q 72 -16.63 40.10 -132.44
C THR Q 72 -15.24 39.59 -132.14
N MET Q 73 -14.78 38.68 -132.97
CA MET Q 73 -13.43 38.15 -132.89
C MET Q 73 -12.41 39.25 -133.10
N ASP Q 74 -12.76 40.21 -133.94
CA ASP Q 74 -11.90 41.34 -134.20
C ASP Q 74 -11.79 42.22 -132.97
N SER Q 75 -12.90 42.40 -132.27
CA SER Q 75 -12.92 43.22 -131.06
C SER Q 75 -12.09 42.57 -129.96
N VAL Q 76 -12.01 41.24 -129.98
CA VAL Q 76 -11.15 40.52 -129.07
C VAL Q 76 -9.69 40.80 -129.39
N ARG Q 77 -9.32 40.69 -130.66
CA ARG Q 77 -7.94 40.95 -131.08
C ARG Q 77 -7.56 42.41 -130.84
N SER Q 78 -8.52 43.31 -130.97
CA SER Q 78 -8.27 44.73 -130.76
C SER Q 78 -8.25 45.10 -129.28
N GLY Q 79 -8.69 44.18 -128.43
CA GLY Q 79 -8.70 44.45 -127.01
C GLY Q 79 -7.35 44.13 -126.38
N PRO Q 80 -7.20 44.43 -125.08
CA PRO Q 80 -5.98 44.28 -124.29
C PRO Q 80 -5.37 42.88 -124.33
N PHE Q 81 -6.16 41.88 -124.71
CA PHE Q 81 -5.69 40.51 -124.73
C PHE Q 81 -5.45 40.00 -126.13
N GLY Q 82 -5.40 40.91 -127.10
CA GLY Q 82 -4.95 40.56 -128.44
C GLY Q 82 -3.47 40.16 -128.44
N GLN Q 83 -2.74 40.62 -127.41
CA GLN Q 83 -1.34 40.26 -127.24
C GLN Q 83 -1.19 39.02 -126.35
N ILE Q 84 -2.31 38.51 -125.86
CA ILE Q 84 -2.32 37.39 -124.93
C ILE Q 84 -2.75 36.09 -125.60
N PHE Q 85 -3.90 36.13 -126.26
CA PHE Q 85 -4.43 34.93 -126.91
C PHE Q 85 -3.64 34.58 -128.15
N ARG Q 86 -3.49 33.28 -128.40
CA ARG Q 86 -2.75 32.78 -129.56
C ARG Q 86 -3.60 32.84 -130.82
N PRO Q 87 -3.02 33.27 -131.95
CA PRO Q 87 -3.74 33.61 -133.16
C PRO Q 87 -4.42 32.41 -133.79
N ASP Q 88 -3.83 31.23 -133.60
CA ASP Q 88 -4.40 30.03 -134.18
C ASP Q 88 -5.51 29.45 -133.33
N ASN Q 89 -5.82 30.13 -132.21
CA ASN Q 89 -6.97 29.77 -131.41
C ASN Q 89 -8.18 30.63 -131.76
N PHE Q 90 -8.00 31.55 -132.71
CA PHE Q 90 -9.13 32.36 -133.18
C PHE Q 90 -9.83 31.68 -134.34
N VAL Q 91 -10.90 30.97 -134.04
CA VAL Q 91 -11.59 30.21 -135.06
C VAL Q 91 -12.89 30.88 -135.47
N PHE Q 92 -12.94 31.34 -136.72
CA PHE Q 92 -14.14 31.94 -137.28
C PHE Q 92 -14.12 31.90 -138.79
N GLY Q 93 -15.29 31.98 -139.42
CA GLY Q 93 -15.38 31.95 -140.88
C GLY Q 93 -16.63 32.65 -141.39
N GLN Q 94 -17.49 31.89 -142.08
CA GLN Q 94 -18.77 32.38 -142.58
C GLN Q 94 -19.56 33.08 -141.50
N SER Q 95 -20.38 34.05 -141.89
CA SER Q 95 -21.18 34.86 -140.98
C SER Q 95 -22.05 34.02 -140.04
N GLY Q 96 -22.48 34.63 -138.95
CA GLY Q 96 -23.10 33.93 -137.83
C GLY Q 96 -24.50 33.43 -138.11
N ALA Q 97 -25.03 32.65 -137.17
CA ALA Q 97 -26.32 32.00 -137.34
C ALA Q 97 -27.46 33.01 -137.42
N GLY Q 98 -27.34 34.12 -136.69
CA GLY Q 98 -28.43 35.08 -136.64
C GLY Q 98 -29.55 34.56 -135.76
N ASN Q 99 -29.18 34.02 -134.60
CA ASN Q 99 -30.13 33.40 -133.69
C ASN Q 99 -30.79 32.16 -134.28
N ASN Q 100 -30.09 31.48 -135.17
CA ASN Q 100 -30.61 30.26 -135.75
C ASN Q 100 -29.83 29.04 -135.26
N TRP Q 101 -30.37 28.36 -134.25
CA TRP Q 101 -29.69 27.23 -133.64
C TRP Q 101 -29.24 26.20 -134.65
N ALA Q 102 -30.08 25.94 -135.65
CA ALA Q 102 -29.76 24.95 -136.66
C ALA Q 102 -28.55 25.36 -137.47
N LYS Q 103 -28.45 26.65 -137.79
CA LYS Q 103 -27.25 27.14 -138.45
C LYS Q 103 -26.02 26.95 -137.58
N GLY Q 104 -26.15 27.22 -136.29
CA GLY Q 104 -25.03 27.12 -135.36
C GLY Q 104 -24.59 25.68 -135.14
N HIS Q 105 -25.55 24.78 -134.97
CA HIS Q 105 -25.26 23.39 -134.62
C HIS Q 105 -25.30 22.47 -135.84
N TYR Q 106 -26.39 22.55 -136.57
CA TYR Q 106 -26.74 21.52 -137.52
C TYR Q 106 -26.02 21.68 -138.87
N THR Q 107 -25.94 22.92 -139.37
CA THR Q 107 -25.42 23.13 -140.72
C THR Q 107 -24.14 23.98 -140.74
N GLU Q 108 -24.31 25.30 -140.86
CA GLU Q 108 -23.19 26.20 -141.13
C GLU Q 108 -22.06 26.04 -140.12
N GLY Q 109 -22.41 25.93 -138.85
CA GLY Q 109 -21.43 25.74 -137.80
C GLY Q 109 -20.79 24.36 -137.90
N ALA Q 110 -21.58 23.37 -138.30
CA ALA Q 110 -21.08 22.00 -138.41
C ALA Q 110 -19.93 21.91 -139.38
N GLU Q 111 -19.98 22.73 -140.42
CA GLU Q 111 -18.93 22.75 -141.44
C GLU Q 111 -17.56 23.12 -140.86
N LEU Q 112 -17.55 23.88 -139.76
CA LEU Q 112 -16.30 24.39 -139.22
C LEU Q 112 -15.87 23.67 -137.94
N VAL Q 113 -16.53 22.56 -137.62
CA VAL Q 113 -16.21 21.81 -136.39
C VAL Q 113 -14.77 21.37 -136.35
N ASP Q 114 -14.29 20.81 -137.44
CA ASP Q 114 -12.95 20.27 -137.50
C ASP Q 114 -11.89 21.32 -137.24
N SER Q 115 -12.16 22.56 -137.67
CA SER Q 115 -11.20 23.64 -137.47
C SER Q 115 -11.07 23.97 -135.99
N VAL Q 116 -12.07 23.61 -135.20
CA VAL Q 116 -11.99 23.74 -133.76
C VAL Q 116 -11.30 22.55 -133.15
N LEU Q 117 -11.73 21.35 -133.55
CA LEU Q 117 -11.26 20.12 -132.95
C LEU Q 117 -9.77 19.92 -133.18
N ASP Q 118 -9.27 20.38 -134.31
CA ASP Q 118 -7.84 20.32 -134.56
C ASP Q 118 -7.09 21.12 -133.50
N VAL Q 119 -7.61 22.29 -133.16
CA VAL Q 119 -7.01 23.10 -132.12
C VAL Q 119 -7.15 22.42 -130.76
N VAL Q 120 -8.28 21.78 -130.53
CA VAL Q 120 -8.51 21.01 -129.31
C VAL Q 120 -7.43 19.97 -129.12
N ARG Q 121 -7.13 19.23 -130.19
CA ARG Q 121 -6.11 18.21 -130.16
C ARG Q 121 -4.75 18.81 -129.89
N LYS Q 122 -4.45 19.92 -130.55
CA LYS Q 122 -3.18 20.60 -130.36
C LYS Q 122 -3.00 21.03 -128.92
N GLU Q 123 -4.08 21.51 -128.32
CA GLU Q 123 -4.06 21.90 -126.93
C GLU Q 123 -3.89 20.68 -126.02
N SER Q 124 -4.63 19.63 -126.32
CA SER Q 124 -4.56 18.41 -125.54
C SER Q 124 -3.15 17.83 -125.48
N GLU Q 125 -2.46 17.84 -126.62
CA GLU Q 125 -1.14 17.23 -126.70
C GLU Q 125 -0.04 18.12 -126.11
N SER Q 126 -0.39 19.35 -125.73
CA SER Q 126 0.55 20.23 -125.04
C SER Q 126 0.40 20.08 -123.54
N CYS Q 127 -0.56 19.26 -123.12
CA CYS Q 127 -0.85 19.09 -121.70
C CYS Q 127 -0.13 17.90 -121.12
N ASP Q 128 0.07 17.93 -119.81
CA ASP Q 128 0.68 16.81 -119.11
C ASP Q 128 -0.42 15.90 -118.58
N CYS Q 129 -1.53 16.50 -118.19
CA CYS Q 129 -2.71 15.76 -117.81
C CYS Q 129 -3.96 16.60 -117.97
N LEU Q 130 -4.74 16.29 -118.99
CA LEU Q 130 -6.00 16.98 -119.22
C LEU Q 130 -7.05 16.53 -118.24
N GLN Q 131 -7.61 17.47 -117.51
CA GLN Q 131 -8.65 17.16 -116.55
C GLN Q 131 -10.05 17.25 -117.18
N GLY Q 132 -10.29 18.30 -117.94
CA GLY Q 132 -11.60 18.50 -118.53
C GLY Q 132 -11.70 19.79 -119.33
N PHE Q 133 -12.91 20.13 -119.72
CA PHE Q 133 -13.19 21.28 -120.55
C PHE Q 133 -14.17 22.22 -119.89
N GLN Q 134 -13.99 23.51 -120.13
CA GLN Q 134 -14.96 24.50 -119.70
C GLN Q 134 -15.48 25.25 -120.90
N LEU Q 135 -16.78 25.25 -121.08
CA LEU Q 135 -17.40 25.97 -122.18
C LEU Q 135 -18.13 27.20 -121.67
N THR Q 136 -17.90 28.34 -122.30
CA THR Q 136 -18.61 29.56 -121.94
C THR Q 136 -19.45 30.04 -123.10
N HIS Q 137 -20.76 30.15 -122.89
CA HIS Q 137 -21.68 30.47 -123.98
C HIS Q 137 -23.04 30.92 -123.47
N SER Q 138 -23.89 31.38 -124.40
CA SER Q 138 -25.27 31.69 -124.07
C SER Q 138 -26.18 30.52 -124.41
N LEU Q 139 -27.38 30.53 -123.84
CA LEU Q 139 -28.37 29.49 -124.10
C LEU Q 139 -29.57 30.02 -124.85
N GLY Q 140 -29.33 30.56 -126.02
CA GLY Q 140 -30.39 31.17 -126.81
C GLY Q 140 -29.83 32.00 -127.96
N GLY Q 141 -28.52 32.25 -127.91
CA GLY Q 141 -27.87 33.09 -128.89
C GLY Q 141 -27.97 32.53 -130.31
N GLY Q 142 -27.89 31.21 -130.45
CA GLY Q 142 -27.92 30.60 -131.78
C GLY Q 142 -26.58 29.96 -132.10
N THR Q 143 -25.56 30.79 -132.27
CA THR Q 143 -24.20 30.29 -132.51
C THR Q 143 -23.58 29.76 -131.24
N GLY Q 144 -23.66 30.54 -130.17
CA GLY Q 144 -23.10 30.12 -128.89
C GLY Q 144 -23.81 28.89 -128.36
N SER Q 145 -25.12 28.82 -128.58
CA SER Q 145 -25.91 27.69 -128.14
C SER Q 145 -25.86 26.53 -129.14
N GLY Q 146 -25.73 26.86 -130.42
CA GLY Q 146 -25.63 25.87 -131.47
C GLY Q 146 -24.25 25.20 -131.48
N MET Q 147 -23.21 26.00 -131.70
CA MET Q 147 -21.84 25.51 -131.66
C MET Q 147 -21.51 24.94 -130.30
N GLY Q 148 -22.15 25.48 -129.26
CA GLY Q 148 -21.95 25.00 -127.91
C GLY Q 148 -22.19 23.50 -127.81
N THR Q 149 -23.43 23.07 -128.02
CA THR Q 149 -23.78 21.67 -127.88
C THR Q 149 -23.19 20.82 -128.98
N LEU Q 150 -22.95 21.42 -130.12
CA LEU Q 150 -22.27 20.77 -131.20
C LEU Q 150 -20.88 20.33 -130.79
N LEU Q 151 -20.11 21.27 -130.26
CA LEU Q 151 -18.76 21.00 -129.83
C LEU Q 151 -18.72 20.11 -128.59
N ILE Q 152 -19.68 20.30 -127.70
CA ILE Q 152 -19.76 19.43 -126.52
C ILE Q 152 -19.88 17.98 -126.89
N SER Q 153 -20.75 17.68 -127.85
CA SER Q 153 -20.89 16.33 -128.33
C SER Q 153 -19.60 15.82 -128.91
N LYS Q 154 -18.97 16.62 -129.77
CA LYS Q 154 -17.75 16.22 -130.44
C LYS Q 154 -16.63 15.99 -129.45
N ILE Q 155 -16.49 16.87 -128.49
CA ILE Q 155 -15.44 16.78 -127.51
C ILE Q 155 -15.57 15.57 -126.62
N ARG Q 156 -16.80 15.28 -126.19
CA ARG Q 156 -17.03 14.10 -125.37
C ARG Q 156 -16.72 12.83 -126.12
N GLU Q 157 -16.99 12.82 -127.42
CA GLU Q 157 -16.65 11.67 -128.23
C GLU Q 157 -15.14 11.42 -128.22
N GLU Q 158 -14.37 12.52 -128.19
CA GLU Q 158 -12.92 12.41 -128.08
C GLU Q 158 -12.49 12.10 -126.65
N TYR Q 159 -13.13 12.74 -125.68
CA TYR Q 159 -12.72 12.64 -124.29
C TYR Q 159 -13.87 12.30 -123.36
N PRO Q 160 -14.50 11.15 -123.60
CA PRO Q 160 -15.67 10.67 -122.86
C PRO Q 160 -15.43 10.55 -121.35
N ASP Q 161 -14.17 10.43 -120.93
CA ASP Q 161 -13.84 10.22 -119.53
C ASP Q 161 -13.37 11.50 -118.85
N ARG Q 162 -13.37 12.62 -119.58
CA ARG Q 162 -12.98 13.89 -118.99
C ARG Q 162 -14.20 14.68 -118.57
N ILE Q 163 -13.98 15.76 -117.81
CA ILE Q 163 -15.08 16.52 -117.24
C ILE Q 163 -15.60 17.59 -118.18
N MET Q 164 -16.89 17.52 -118.51
CA MET Q 164 -17.51 18.56 -119.31
C MET Q 164 -18.23 19.56 -118.44
N ASN Q 165 -17.63 20.72 -118.28
CA ASN Q 165 -18.21 21.82 -117.53
C ASN Q 165 -18.62 22.95 -118.46
N THR Q 166 -19.75 23.58 -118.18
CA THR Q 166 -20.15 24.75 -118.95
C THR Q 166 -20.82 25.81 -118.09
N PHE Q 167 -20.59 27.06 -118.48
CA PHE Q 167 -21.28 28.20 -117.88
C PHE Q 167 -22.22 28.80 -118.91
N SER Q 168 -23.51 28.59 -118.70
CA SER Q 168 -24.51 28.93 -119.69
C SER Q 168 -25.41 30.07 -119.26
N VAL Q 169 -25.51 31.09 -120.11
CA VAL Q 169 -26.39 32.21 -119.83
C VAL Q 169 -27.82 31.90 -120.24
N VAL Q 170 -28.70 31.85 -119.25
CA VAL Q 170 -30.06 31.40 -119.43
C VAL Q 170 -31.02 32.54 -119.76
N PRO Q 171 -31.71 32.47 -120.91
CA PRO Q 171 -32.97 33.19 -121.17
C PRO Q 171 -33.63 33.68 -119.90
N SER Q 172 -33.71 35.00 -119.74
CA SER Q 172 -34.31 35.58 -118.55
C SER Q 172 -35.71 36.13 -118.84
N PRO Q 173 -36.70 35.71 -118.04
CA PRO Q 173 -38.09 36.24 -118.07
C PRO Q 173 -38.24 37.64 -118.68
N LYS Q 174 -37.52 38.60 -118.13
CA LYS Q 174 -37.72 40.02 -118.45
C LYS Q 174 -36.55 40.65 -119.19
N VAL Q 175 -35.55 39.86 -119.52
CA VAL Q 175 -34.41 40.39 -120.27
C VAL Q 175 -34.20 39.60 -121.52
N SER Q 176 -34.62 40.17 -122.65
CA SER Q 176 -34.60 39.47 -123.91
C SER Q 176 -33.76 40.19 -124.94
N ASP Q 177 -34.04 39.87 -126.20
CA ASP Q 177 -33.30 40.34 -127.38
C ASP Q 177 -33.50 39.35 -128.53
N THR Q 178 -34.49 38.48 -128.40
CA THR Q 178 -34.84 37.54 -129.44
C THR Q 178 -36.14 36.86 -129.10
N VAL Q 179 -36.89 36.51 -130.12
CA VAL Q 179 -38.20 35.92 -129.91
C VAL Q 179 -38.17 34.42 -130.12
N VAL Q 180 -37.00 33.89 -130.49
CA VAL Q 180 -36.84 32.45 -130.64
C VAL Q 180 -35.92 31.92 -129.57
N GLU Q 181 -35.83 32.66 -128.47
CA GLU Q 181 -35.01 32.30 -127.34
C GLU Q 181 -35.39 30.93 -126.77
N PRO Q 182 -36.67 30.56 -126.85
CA PRO Q 182 -37.14 29.26 -126.37
C PRO Q 182 -36.79 28.15 -127.32
N TYR Q 183 -36.84 28.45 -128.61
CA TYR Q 183 -36.47 27.46 -129.61
C TYR Q 183 -35.02 27.10 -129.49
N ASN Q 184 -34.17 28.11 -129.37
CA ASN Q 184 -32.75 27.88 -129.31
C ASN Q 184 -32.35 27.22 -128.01
N ALA Q 185 -32.96 27.67 -126.91
CA ALA Q 185 -32.68 27.10 -125.61
C ALA Q 185 -33.13 25.65 -125.54
N THR Q 186 -34.32 25.36 -126.04
CA THR Q 186 -34.87 24.02 -125.97
C THR Q 186 -34.06 23.03 -126.79
N LEU Q 187 -33.72 23.43 -128.01
CA LEU Q 187 -32.91 22.60 -128.87
C LEU Q 187 -31.53 22.38 -128.27
N SER Q 188 -31.00 23.42 -127.63
CA SER Q 188 -29.70 23.33 -127.00
C SER Q 188 -29.71 22.39 -125.80
N VAL Q 189 -30.57 22.67 -124.82
CA VAL Q 189 -30.56 21.90 -123.58
C VAL Q 189 -30.83 20.42 -123.84
N HIS Q 190 -31.61 20.13 -124.88
CA HIS Q 190 -31.88 18.76 -125.29
C HIS Q 190 -30.60 17.95 -125.42
N GLN Q 191 -29.57 18.56 -126.01
CA GLN Q 191 -28.30 17.89 -126.21
C GLN Q 191 -27.33 18.19 -125.08
N LEU Q 192 -27.57 19.29 -124.39
CA LEU Q 192 -26.71 19.70 -123.29
C LEU Q 192 -26.71 18.66 -122.18
N VAL Q 193 -27.89 18.30 -121.70
CA VAL Q 193 -28.03 17.38 -120.58
C VAL Q 193 -27.29 16.10 -120.82
N GLU Q 194 -27.52 15.52 -121.98
CA GLU Q 194 -27.04 14.20 -122.31
C GLU Q 194 -25.52 14.14 -122.37
N ASN Q 195 -24.89 15.27 -122.64
CA ASN Q 195 -23.48 15.28 -122.91
C ASN Q 195 -22.70 16.15 -121.95
N THR Q 196 -23.31 16.53 -120.82
CA THR Q 196 -22.65 17.44 -119.89
C THR Q 196 -22.57 16.86 -118.48
N ASP Q 197 -21.45 17.11 -117.80
CA ASP Q 197 -21.24 16.60 -116.44
C ASP Q 197 -21.66 17.62 -115.40
N GLU Q 198 -21.43 18.90 -115.68
CA GLU Q 198 -21.95 19.95 -114.84
C GLU Q 198 -22.21 21.22 -115.64
N THR Q 199 -23.31 21.89 -115.32
CA THR Q 199 -23.64 23.13 -115.99
C THR Q 199 -24.16 24.17 -115.02
N TYR Q 200 -23.77 25.42 -115.26
CA TYR Q 200 -24.19 26.51 -114.41
C TYR Q 200 -25.19 27.40 -115.13
N CYS Q 201 -26.24 27.76 -114.41
CA CYS Q 201 -27.31 28.56 -115.00
C CYS Q 201 -27.28 29.97 -114.48
N ILE Q 202 -26.98 30.91 -115.36
CA ILE Q 202 -26.88 32.31 -114.99
C ILE Q 202 -27.86 33.16 -115.76
N ASP Q 203 -28.66 33.94 -115.04
CA ASP Q 203 -29.61 34.84 -115.66
C ASP Q 203 -29.11 36.28 -115.66
N ASN Q 204 -29.20 36.93 -116.82
CA ASN Q 204 -28.84 38.33 -116.92
C ASN Q 204 -29.75 39.18 -116.07
N GLU Q 205 -31.02 38.78 -115.97
CA GLU Q 205 -31.97 39.49 -115.13
C GLU Q 205 -31.56 39.45 -113.67
N ALA Q 206 -31.15 38.27 -113.21
CA ALA Q 206 -30.71 38.12 -111.84
C ALA Q 206 -29.50 38.98 -111.56
N LEU Q 207 -28.58 39.01 -112.51
CA LEU Q 207 -27.40 39.83 -112.37
C LEU Q 207 -27.75 41.30 -112.40
N TYR Q 208 -28.71 41.67 -113.25
CA TYR Q 208 -29.19 43.04 -113.29
C TYR Q 208 -29.75 43.47 -111.94
N ASP Q 209 -30.42 42.55 -111.26
CA ASP Q 209 -30.93 42.84 -109.93
C ASP Q 209 -29.78 42.97 -108.93
N ILE Q 210 -28.87 42.00 -108.93
CA ILE Q 210 -27.76 41.99 -107.99
C ILE Q 210 -26.88 43.22 -108.12
N CYS Q 211 -26.58 43.58 -109.36
CA CYS Q 211 -25.66 44.67 -109.63
C CYS Q 211 -26.23 46.03 -109.26
N PHE Q 212 -27.52 46.08 -108.95
CA PHE Q 212 -28.08 47.29 -108.41
C PHE Q 212 -28.43 47.12 -106.94
N ARG Q 213 -29.17 46.06 -106.63
CA ARG Q 213 -29.62 45.84 -105.26
C ARG Q 213 -28.46 45.81 -104.27
N THR Q 214 -27.34 45.21 -104.65
CA THR Q 214 -26.21 45.09 -103.75
C THR Q 214 -25.08 46.02 -104.12
N LEU Q 215 -24.83 46.19 -105.42
CA LEU Q 215 -23.71 47.01 -105.86
C LEU Q 215 -24.12 48.44 -106.20
N LYS Q 216 -25.42 48.71 -106.23
CA LYS Q 216 -25.94 50.06 -106.44
C LYS Q 216 -25.34 50.74 -107.68
N LEU Q 217 -25.20 49.98 -108.77
CA LEU Q 217 -24.65 50.55 -109.99
C LEU Q 217 -25.69 51.36 -110.73
N THR Q 218 -25.33 52.60 -111.06
CA THR Q 218 -26.22 53.48 -111.80
C THR Q 218 -26.45 52.96 -113.21
N THR Q 219 -25.35 52.56 -113.87
CA THR Q 219 -25.41 52.04 -115.23
C THR Q 219 -24.73 50.68 -115.33
N PRO Q 220 -25.36 49.65 -114.81
CA PRO Q 220 -24.91 48.28 -114.98
C PRO Q 220 -24.79 47.93 -116.46
N THR Q 221 -23.56 47.71 -116.91
CA THR Q 221 -23.33 47.31 -118.29
C THR Q 221 -23.05 45.83 -118.38
N TYR Q 222 -23.01 45.31 -119.60
CA TYR Q 222 -22.68 43.90 -119.80
C TYR Q 222 -21.31 43.57 -119.24
N GLY Q 223 -20.38 44.51 -119.32
CA GLY Q 223 -19.04 44.32 -118.78
C GLY Q 223 -19.05 44.15 -117.25
N ASP Q 224 -20.10 44.62 -116.61
CA ASP Q 224 -20.24 44.50 -115.17
C ASP Q 224 -20.95 43.20 -114.81
N LEU Q 225 -21.86 42.78 -115.68
CA LEU Q 225 -22.58 41.54 -115.45
C LEU Q 225 -21.66 40.36 -115.71
N ASN Q 226 -20.84 40.48 -116.74
CA ASN Q 226 -19.86 39.47 -117.08
C ASN Q 226 -18.79 39.38 -116.01
N HIS Q 227 -18.51 40.52 -115.39
CA HIS Q 227 -17.57 40.59 -114.29
C HIS Q 227 -18.04 39.77 -113.11
N LEU Q 228 -19.32 39.90 -112.77
CA LEU Q 228 -19.91 39.07 -111.73
C LEU Q 228 -19.78 37.59 -112.06
N VAL Q 229 -20.03 37.25 -113.32
CA VAL Q 229 -19.92 35.86 -113.76
C VAL Q 229 -18.50 35.35 -113.62
N SER Q 230 -17.55 36.15 -114.07
CA SER Q 230 -16.15 35.76 -114.07
C SER Q 230 -15.65 35.47 -112.67
N ALA Q 231 -16.16 36.21 -111.69
CA ALA Q 231 -15.78 35.99 -110.31
C ALA Q 231 -16.14 34.59 -109.86
N THR Q 232 -17.34 34.14 -110.23
CA THR Q 232 -17.79 32.81 -109.85
C THR Q 232 -17.08 31.74 -110.66
N MET Q 233 -16.78 32.03 -111.92
CA MET Q 233 -16.05 31.09 -112.76
C MET Q 233 -14.70 30.78 -112.16
N SER Q 234 -14.01 31.81 -111.69
CA SER Q 234 -12.73 31.63 -111.04
C SER Q 234 -12.87 30.75 -109.81
N GLY Q 235 -13.84 31.08 -108.97
CA GLY Q 235 -14.05 30.37 -107.71
C GLY Q 235 -14.23 28.87 -107.91
N VAL Q 236 -14.93 28.49 -108.97
CA VAL Q 236 -15.15 27.07 -109.25
C VAL Q 236 -13.86 26.27 -109.35
N THR Q 237 -12.80 26.87 -109.90
CA THR Q 237 -11.56 26.15 -110.14
C THR Q 237 -10.38 26.73 -109.38
N THR Q 238 -10.62 27.78 -108.60
CA THR Q 238 -9.55 28.48 -107.89
C THR Q 238 -8.83 27.58 -106.91
N CYS Q 239 -9.56 26.61 -106.37
CA CYS Q 239 -9.03 25.61 -105.46
C CYS Q 239 -7.94 24.75 -106.09
N LEU Q 240 -7.91 24.70 -107.41
CA LEU Q 240 -6.96 23.88 -108.12
C LEU Q 240 -5.66 24.58 -108.35
N ARG Q 241 -5.62 25.88 -108.06
CA ARG Q 241 -4.50 26.67 -108.48
C ARG Q 241 -3.63 27.15 -107.33
N PHE Q 242 -3.95 26.73 -106.12
CA PHE Q 242 -3.10 27.02 -104.97
C PHE Q 242 -3.53 26.24 -103.72
N PRO Q 243 -2.76 26.36 -102.63
CA PRO Q 243 -2.93 25.62 -101.40
C PRO Q 243 -4.20 26.00 -100.64
N GLY Q 244 -4.67 25.09 -99.80
CA GLY Q 244 -5.88 25.31 -99.01
C GLY Q 244 -6.06 24.24 -97.95
N GLN Q 245 -6.87 24.56 -96.95
CA GLN Q 245 -7.13 23.63 -95.84
C GLN Q 245 -7.94 22.45 -96.31
N LEU Q 246 -8.90 22.72 -97.17
CA LEU Q 246 -9.63 21.67 -97.84
C LEU Q 246 -9.60 21.92 -99.33
N ASN Q 247 -9.02 20.98 -100.06
CA ASN Q 247 -8.95 21.08 -101.49
C ASN Q 247 -10.29 20.83 -102.11
N ALA Q 248 -10.41 21.14 -103.39
CA ALA Q 248 -11.63 20.90 -104.13
C ALA Q 248 -11.30 20.73 -105.58
N ASP Q 249 -12.28 20.32 -106.36
CA ASP Q 249 -12.07 19.99 -107.75
C ASP Q 249 -13.38 19.91 -108.49
N LEU Q 250 -13.31 19.98 -109.80
CA LEU Q 250 -14.48 19.82 -110.62
C LEU Q 250 -15.07 18.44 -110.43
N ARG Q 251 -14.19 17.45 -110.33
CA ARG Q 251 -14.61 16.09 -110.06
C ARG Q 251 -15.15 15.96 -108.67
N LYS Q 252 -14.45 16.55 -107.70
CA LYS Q 252 -14.85 16.50 -106.31
C LYS Q 252 -16.20 17.12 -106.12
N LEU Q 253 -16.42 18.24 -106.78
CA LEU Q 253 -17.69 18.91 -106.73
C LEU Q 253 -18.76 18.02 -107.31
N ALA Q 254 -18.52 17.51 -108.52
CA ALA Q 254 -19.49 16.65 -109.15
C ALA Q 254 -19.86 15.47 -108.26
N VAL Q 255 -18.85 14.86 -107.66
CA VAL Q 255 -19.08 13.76 -106.73
C VAL Q 255 -19.95 14.15 -105.56
N ASN Q 256 -19.83 15.39 -105.10
CA ASN Q 256 -20.62 15.86 -103.98
C ASN Q 256 -21.79 16.79 -104.37
N MET Q 257 -21.97 17.01 -105.67
CA MET Q 257 -22.99 17.95 -106.11
C MET Q 257 -24.04 17.29 -106.99
N VAL Q 258 -23.69 16.17 -107.62
CA VAL Q 258 -24.67 15.42 -108.37
C VAL Q 258 -25.02 14.11 -107.65
N PRO Q 259 -26.24 14.02 -107.12
CA PRO Q 259 -26.71 12.82 -106.42
C PRO Q 259 -27.46 11.95 -107.38
N PHE Q 260 -28.02 12.57 -108.39
CA PHE Q 260 -28.73 11.86 -109.41
C PHE Q 260 -28.22 12.28 -110.76
N PRO Q 261 -27.53 11.36 -111.46
CA PRO Q 261 -26.78 11.63 -112.71
C PRO Q 261 -27.20 12.90 -113.44
N ARG Q 262 -28.49 13.01 -113.73
CA ARG Q 262 -29.00 14.00 -114.66
C ARG Q 262 -29.14 15.39 -114.05
N LEU Q 263 -29.29 15.44 -112.74
CA LEU Q 263 -29.55 16.71 -112.07
C LEU Q 263 -28.26 17.43 -111.76
N HIS Q 264 -27.64 17.97 -112.80
CA HIS Q 264 -26.36 18.63 -112.65
C HIS Q 264 -26.43 20.06 -113.11
N PHE Q 265 -27.53 20.73 -112.77
CA PHE Q 265 -27.70 22.14 -113.05
C PHE Q 265 -27.53 22.92 -111.77
N PHE Q 266 -26.68 23.93 -111.80
CA PHE Q 266 -26.34 24.62 -110.57
C PHE Q 266 -26.58 26.10 -110.63
N MET Q 267 -26.95 26.65 -109.49
CA MET Q 267 -27.02 28.09 -109.34
C MET Q 267 -25.70 28.59 -108.74
N PRO Q 268 -25.16 29.66 -109.27
CA PRO Q 268 -23.90 30.20 -108.76
C PRO Q 268 -24.13 31.46 -107.97
N GLY Q 269 -23.27 31.69 -106.97
CA GLY Q 269 -23.29 32.91 -106.19
C GLY Q 269 -21.89 33.31 -105.79
N PHE Q 270 -21.76 34.52 -105.27
CA PHE Q 270 -20.49 35.04 -104.83
C PHE Q 270 -20.65 35.80 -103.55
N ALA Q 271 -19.75 35.59 -102.61
CA ALA Q 271 -19.74 36.33 -101.35
C ALA Q 271 -19.47 37.83 -101.60
N PRO Q 272 -18.70 38.45 -100.71
CA PRO Q 272 -18.90 39.88 -100.39
C PRO Q 272 -19.41 40.69 -101.58
N LEU Q 273 -20.72 40.93 -101.59
CA LEU Q 273 -21.37 41.81 -102.56
C LEU Q 273 -21.81 43.09 -101.88
N THR Q 274 -21.05 44.16 -102.06
CA THR Q 274 -21.37 45.41 -101.40
C THR Q 274 -20.84 46.58 -102.20
N SER Q 275 -21.54 47.72 -102.14
CA SER Q 275 -21.12 48.90 -102.88
C SER Q 275 -19.89 49.52 -102.24
N ARG Q 276 -19.18 50.34 -103.00
CA ARG Q 276 -17.92 50.92 -102.53
C ARG Q 276 -18.10 51.91 -101.38
N GLY Q 277 -19.32 52.42 -101.21
CA GLY Q 277 -19.59 53.30 -100.08
C GLY Q 277 -20.06 52.51 -98.85
N SER Q 278 -20.42 51.26 -99.06
CA SER Q 278 -20.92 50.42 -97.97
C SER Q 278 -19.87 49.43 -97.48
N GLN Q 279 -18.78 49.30 -98.22
CA GLN Q 279 -17.71 48.37 -97.85
C GLN Q 279 -17.11 48.69 -96.48
N GLN Q 280 -17.16 49.96 -96.08
CA GLN Q 280 -16.61 50.38 -94.80
C GLN Q 280 -17.44 49.90 -93.62
N TYR Q 281 -18.64 49.40 -93.89
CA TYR Q 281 -19.51 48.90 -92.84
C TYR Q 281 -19.48 47.37 -92.76
N ARG Q 282 -18.59 46.76 -93.54
CA ARG Q 282 -18.50 45.31 -93.59
C ARG Q 282 -17.70 44.76 -92.41
N ALA Q 283 -18.15 43.62 -91.91
CA ALA Q 283 -17.47 42.93 -90.82
C ALA Q 283 -16.37 42.02 -91.35
N LEU Q 284 -16.58 41.47 -92.55
CA LEU Q 284 -15.64 40.55 -93.17
C LEU Q 284 -15.43 39.29 -92.34
N THR Q 285 -16.53 38.73 -91.83
CA THR Q 285 -16.47 37.51 -91.04
C THR Q 285 -17.13 36.37 -91.78
N VAL Q 286 -16.81 35.15 -91.39
CA VAL Q 286 -17.41 33.98 -92.02
C VAL Q 286 -18.94 33.96 -91.93
N PRO Q 287 -19.53 34.26 -90.76
CA PRO Q 287 -20.93 34.53 -90.53
C PRO Q 287 -21.49 35.46 -91.59
N GLU Q 288 -20.87 36.64 -91.73
CA GLU Q 288 -21.32 37.62 -92.73
C GLU Q 288 -21.34 37.04 -94.13
N LEU Q 289 -20.28 36.31 -94.48
CA LEU Q 289 -20.17 35.74 -95.81
C LEU Q 289 -21.30 34.75 -96.08
N THR Q 290 -21.61 33.91 -95.09
CA THR Q 290 -22.64 32.89 -95.27
C THR Q 290 -24.03 33.50 -95.31
N GLN Q 291 -24.21 34.62 -94.63
CA GLN Q 291 -25.46 35.34 -94.74
C GLN Q 291 -25.72 35.77 -96.16
N GLN Q 292 -24.67 36.20 -96.84
CA GLN Q 292 -24.77 36.58 -98.22
C GLN Q 292 -24.87 35.37 -99.14
N MET Q 293 -24.07 34.34 -98.88
CA MET Q 293 -24.03 33.17 -99.74
C MET Q 293 -25.35 32.43 -99.77
N PHE Q 294 -26.04 32.40 -98.64
CA PHE Q 294 -27.34 31.74 -98.57
C PHE Q 294 -28.50 32.73 -98.67
N ASP Q 295 -28.21 33.94 -99.16
CA ASP Q 295 -29.25 34.91 -99.47
C ASP Q 295 -29.76 34.70 -100.88
N ALA Q 296 -31.05 34.40 -100.99
CA ALA Q 296 -31.68 34.14 -102.29
C ALA Q 296 -31.45 35.29 -103.27
N LYS Q 297 -31.38 36.51 -102.76
CA LYS Q 297 -31.26 37.69 -103.59
C LYS Q 297 -29.89 37.79 -104.24
N ASN Q 298 -28.91 37.05 -103.72
CA ASN Q 298 -27.57 37.09 -104.25
C ASN Q 298 -27.29 35.93 -105.20
N MET Q 299 -28.33 35.19 -105.57
CA MET Q 299 -28.18 34.09 -106.50
C MET Q 299 -28.24 34.59 -107.94
N MET Q 300 -27.33 34.08 -108.77
CA MET Q 300 -27.20 34.58 -110.12
C MET Q 300 -28.14 33.87 -111.10
N ALA Q 301 -28.89 32.89 -110.61
CA ALA Q 301 -30.04 32.39 -111.33
C ALA Q 301 -31.29 33.16 -110.93
N ALA Q 302 -32.18 33.40 -111.87
CA ALA Q 302 -33.37 34.21 -111.62
C ALA Q 302 -34.30 33.56 -110.61
N CYS Q 303 -34.39 32.23 -110.65
CA CYS Q 303 -35.31 31.54 -109.77
C CYS Q 303 -34.87 31.66 -108.32
N ASP Q 304 -35.81 32.02 -107.47
CA ASP Q 304 -35.54 32.18 -106.04
C ASP Q 304 -35.60 30.83 -105.32
N PRO Q 305 -34.43 30.29 -104.91
CA PRO Q 305 -34.21 28.99 -104.27
C PRO Q 305 -35.26 28.60 -103.23
N ARG Q 306 -35.89 29.59 -102.60
CA ARG Q 306 -36.78 29.33 -101.48
C ARG Q 306 -38.15 28.80 -101.92
N HIS Q 307 -38.35 28.70 -103.23
CA HIS Q 307 -39.51 28.03 -103.78
C HIS Q 307 -39.25 26.55 -104.01
N GLY Q 308 -38.01 26.12 -103.73
CA GLY Q 308 -37.62 24.73 -103.90
C GLY Q 308 -36.82 24.25 -102.70
N ARG Q 309 -36.00 23.21 -102.92
CA ARG Q 309 -35.17 22.68 -101.86
C ARG Q 309 -33.76 22.45 -102.32
N TYR Q 310 -32.83 22.34 -101.38
CA TYR Q 310 -31.43 22.13 -101.72
C TYR Q 310 -31.06 20.67 -101.71
N LEU Q 311 -30.81 20.11 -102.89
CA LEU Q 311 -30.34 18.73 -102.99
C LEU Q 311 -28.93 18.64 -102.42
N THR Q 312 -28.11 19.64 -102.74
CA THR Q 312 -26.77 19.73 -102.19
C THR Q 312 -26.14 21.08 -102.51
N VAL Q 313 -25.31 21.55 -101.59
CA VAL Q 313 -24.68 22.87 -101.69
C VAL Q 313 -23.18 22.78 -101.57
N ALA Q 314 -22.46 23.51 -102.42
CA ALA Q 314 -21.02 23.65 -102.24
C ALA Q 314 -20.68 25.05 -101.80
N ALA Q 315 -19.88 25.14 -100.74
CA ALA Q 315 -19.45 26.42 -100.22
C ALA Q 315 -17.94 26.48 -100.20
N VAL Q 316 -17.37 27.19 -101.17
CA VAL Q 316 -15.93 27.27 -101.29
C VAL Q 316 -15.43 28.60 -100.81
N PHE Q 317 -14.58 28.57 -99.80
CA PHE Q 317 -14.14 29.79 -99.13
C PHE Q 317 -12.72 30.16 -99.49
N ARG Q 318 -12.40 31.43 -99.36
CA ARG Q 318 -11.10 31.95 -99.77
C ARG Q 318 -10.43 32.75 -98.67
N GLY Q 319 -9.22 32.36 -98.31
CA GLY Q 319 -8.40 33.15 -97.39
C GLY Q 319 -8.28 32.47 -96.04
N ARG Q 320 -7.48 33.05 -95.16
CA ARG Q 320 -7.29 32.50 -93.83
C ARG Q 320 -8.55 32.58 -93.01
N MET Q 321 -8.94 31.45 -92.41
CA MET Q 321 -10.09 31.41 -91.54
C MET Q 321 -10.11 30.16 -90.70
N SER Q 322 -10.88 30.19 -89.61
CA SER Q 322 -11.03 29.02 -88.76
C SER Q 322 -11.92 27.98 -89.40
N MET Q 323 -11.47 26.74 -89.37
CA MET Q 323 -12.24 25.64 -89.93
C MET Q 323 -13.47 25.37 -89.09
N LYS Q 324 -13.32 25.52 -87.77
CA LYS Q 324 -14.44 25.39 -86.85
C LYS Q 324 -15.47 26.46 -87.10
N GLU Q 325 -15.01 27.69 -87.25
CA GLU Q 325 -15.90 28.81 -87.50
C GLU Q 325 -16.78 28.55 -88.70
N VAL Q 326 -16.17 28.07 -89.79
CA VAL Q 326 -16.92 27.73 -90.98
C VAL Q 326 -17.92 26.63 -90.71
N ASP Q 327 -17.47 25.55 -90.07
CA ASP Q 327 -18.32 24.42 -89.77
C ASP Q 327 -19.52 24.83 -88.94
N GLU Q 328 -19.29 25.70 -87.96
CA GLU Q 328 -20.35 26.22 -87.12
C GLU Q 328 -21.41 26.91 -87.93
N GLN Q 329 -21.00 27.75 -88.87
CA GLN Q 329 -21.93 28.50 -89.68
C GLN Q 329 -22.73 27.58 -90.59
N MET Q 330 -22.08 26.54 -91.11
CA MET Q 330 -22.77 25.58 -91.95
C MET Q 330 -23.87 24.88 -91.17
N LEU Q 331 -23.57 24.54 -89.93
CA LEU Q 331 -24.53 23.92 -89.04
C LEU Q 331 -25.69 24.84 -88.75
N ASN Q 332 -25.38 26.10 -88.45
CA ASN Q 332 -26.39 27.09 -88.14
C ASN Q 332 -27.34 27.27 -89.30
N VAL Q 333 -26.82 27.30 -90.52
CA VAL Q 333 -27.62 27.45 -91.71
C VAL Q 333 -28.60 26.31 -91.92
N GLN Q 334 -28.11 25.07 -91.80
CA GLN Q 334 -28.96 23.92 -92.01
C GLN Q 334 -29.99 23.78 -90.90
N ASN Q 335 -29.64 24.22 -89.70
CA ASN Q 335 -30.58 24.27 -88.59
C ASN Q 335 -31.62 25.35 -88.80
N LYS Q 336 -31.19 26.48 -89.33
CA LYS Q 336 -32.08 27.61 -89.57
C LYS Q 336 -33.16 27.28 -90.57
N ASN Q 337 -32.78 26.65 -91.67
CA ASN Q 337 -33.74 26.36 -92.73
C ASN Q 337 -33.79 24.89 -93.07
N SER Q 338 -34.12 24.06 -92.09
CA SER Q 338 -34.22 22.63 -92.29
C SER Q 338 -35.29 22.27 -93.32
N SER Q 339 -36.28 23.15 -93.49
CA SER Q 339 -37.32 22.95 -94.48
C SER Q 339 -36.83 23.19 -95.90
N TYR Q 340 -35.74 23.94 -96.04
CA TYR Q 340 -35.21 24.24 -97.36
C TYR Q 340 -34.29 23.14 -97.84
N PHE Q 341 -33.52 22.58 -96.94
CA PHE Q 341 -32.60 21.53 -97.30
C PHE Q 341 -33.29 20.20 -97.44
N VAL Q 342 -32.87 19.42 -98.43
CA VAL Q 342 -33.43 18.11 -98.64
C VAL Q 342 -32.96 17.12 -97.59
N GLU Q 343 -33.93 16.61 -96.83
CA GLU Q 343 -33.67 15.79 -95.66
C GLU Q 343 -32.99 14.47 -95.98
N TRP Q 344 -33.09 14.03 -97.23
CA TRP Q 344 -32.46 12.79 -97.67
C TRP Q 344 -30.95 12.85 -97.59
N ILE Q 345 -30.40 14.04 -97.51
CA ILE Q 345 -28.98 14.20 -97.34
C ILE Q 345 -28.66 14.63 -95.92
N PRO Q 346 -27.70 13.96 -95.29
CA PRO Q 346 -27.32 14.19 -93.91
C PRO Q 346 -26.63 15.52 -93.75
N ASN Q 347 -25.46 15.65 -94.36
CA ASN Q 347 -24.84 16.95 -94.47
C ASN Q 347 -25.11 17.51 -95.84
N ASN Q 348 -25.94 18.53 -95.89
CA ASN Q 348 -26.37 19.08 -97.16
C ASN Q 348 -25.33 19.99 -97.78
N VAL Q 349 -24.32 20.37 -97.01
CA VAL Q 349 -23.34 21.32 -97.51
C VAL Q 349 -21.95 20.75 -97.59
N LYS Q 350 -21.39 20.78 -98.79
CA LYS Q 350 -20.00 20.45 -99.03
C LYS Q 350 -19.17 21.71 -98.91
N THR Q 351 -18.09 21.65 -98.15
CA THR Q 351 -17.26 22.84 -97.98
C THR Q 351 -15.86 22.66 -98.49
N ALA Q 352 -15.22 23.78 -98.77
CA ALA Q 352 -13.80 23.81 -99.11
C ALA Q 352 -13.21 25.13 -98.70
N VAL Q 353 -11.95 25.14 -98.32
CA VAL Q 353 -11.31 26.36 -97.89
C VAL Q 353 -9.94 26.49 -98.48
N CYS Q 354 -9.73 27.56 -99.23
CA CYS Q 354 -8.44 27.81 -99.82
C CYS Q 354 -7.71 28.89 -99.08
N ASP Q 355 -6.39 28.84 -99.09
CA ASP Q 355 -5.58 29.72 -98.25
C ASP Q 355 -5.45 31.14 -98.80
N ILE Q 356 -5.81 31.33 -100.07
CA ILE Q 356 -5.62 32.63 -100.69
C ILE Q 356 -6.95 33.25 -101.15
N PRO Q 357 -7.38 34.33 -100.47
CA PRO Q 357 -8.43 35.22 -100.90
C PRO Q 357 -8.06 35.88 -102.22
N PRO Q 358 -9.05 36.32 -102.99
CA PRO Q 358 -8.96 37.17 -104.16
C PRO Q 358 -8.16 38.41 -103.81
N ARG Q 359 -7.18 38.72 -104.64
CA ARG Q 359 -6.31 39.84 -104.38
C ARG Q 359 -7.10 41.10 -104.08
N GLY Q 360 -6.87 41.68 -102.90
CA GLY Q 360 -7.58 42.88 -102.50
C GLY Q 360 -8.67 42.61 -101.46
N LEU Q 361 -9.13 41.37 -101.40
CA LEU Q 361 -10.08 40.96 -100.37
C LEU Q 361 -9.37 40.27 -99.23
N LYS Q 362 -9.85 40.47 -98.02
CA LYS Q 362 -9.29 39.80 -96.87
C LYS Q 362 -9.81 38.39 -96.76
N MET Q 363 -11.03 38.17 -97.26
CA MET Q 363 -11.67 36.86 -97.17
C MET Q 363 -12.93 36.83 -98.02
N SER Q 364 -13.06 35.78 -98.83
CA SER Q 364 -14.18 35.67 -99.75
C SER Q 364 -14.71 34.26 -99.84
N ALA Q 365 -15.57 34.02 -100.81
CA ALA Q 365 -16.17 32.71 -101.00
C ALA Q 365 -17.02 32.68 -102.25
N THR Q 366 -17.39 31.48 -102.68
CA THR Q 366 -18.32 31.32 -103.79
C THR Q 366 -19.29 30.19 -103.52
N PHE Q 367 -20.46 30.30 -104.10
CA PHE Q 367 -21.57 29.42 -103.75
C PHE Q 367 -22.08 28.66 -104.96
N ILE Q 368 -22.19 27.34 -104.83
CA ILE Q 368 -22.79 26.54 -105.87
C ILE Q 368 -23.94 25.72 -105.31
N GLY Q 369 -25.14 25.97 -105.80
CA GLY Q 369 -26.31 25.31 -105.25
C GLY Q 369 -26.98 24.38 -106.25
N ASN Q 370 -27.21 23.14 -105.82
CA ASN Q 370 -28.07 22.25 -106.57
C ASN Q 370 -29.45 22.25 -105.96
N SER Q 371 -30.27 23.22 -106.36
CA SER Q 371 -31.62 23.35 -105.84
C SER Q 371 -32.64 22.77 -106.80
N THR Q 372 -33.80 22.40 -106.27
CA THR Q 372 -34.88 21.90 -107.08
C THR Q 372 -35.69 23.05 -107.67
N ALA Q 373 -35.49 24.25 -107.12
CA ALA Q 373 -36.21 25.44 -107.55
C ALA Q 373 -35.96 25.76 -109.02
N ILE Q 374 -34.76 25.42 -109.50
CA ILE Q 374 -34.36 25.74 -110.87
C ILE Q 374 -35.32 25.19 -111.92
N GLN Q 375 -36.09 24.16 -111.55
CA GLN Q 375 -37.08 23.58 -112.44
C GLN Q 375 -38.04 24.62 -112.99
N GLU Q 376 -38.26 25.69 -112.23
CA GLU Q 376 -39.21 26.73 -112.59
C GLU Q 376 -38.73 27.54 -113.78
N LEU Q 377 -37.40 27.66 -113.94
CA LEU Q 377 -36.85 28.36 -115.09
C LEU Q 377 -37.09 27.55 -116.33
N PHE Q 378 -36.94 26.24 -116.20
CA PHE Q 378 -37.18 25.33 -117.29
C PHE Q 378 -38.65 25.35 -117.69
N LYS Q 379 -39.53 25.41 -116.69
CA LYS Q 379 -40.97 25.48 -116.93
C LYS Q 379 -41.32 26.72 -117.73
N ARG Q 380 -40.85 27.87 -117.27
CA ARG Q 380 -41.15 29.13 -117.91
C ARG Q 380 -40.75 29.10 -119.38
N ILE Q 381 -39.53 28.68 -119.65
CA ILE Q 381 -39.04 28.60 -121.01
C ILE Q 381 -39.85 27.62 -121.83
N SER Q 382 -40.16 26.47 -121.23
CA SER Q 382 -40.95 25.45 -121.90
C SER Q 382 -42.32 25.97 -122.31
N GLU Q 383 -42.93 26.77 -121.44
CA GLU Q 383 -44.23 27.37 -121.73
C GLU Q 383 -44.15 28.32 -122.91
N GLN Q 384 -43.10 29.14 -122.93
CA GLN Q 384 -42.90 30.07 -124.04
C GLN Q 384 -42.69 29.32 -125.33
N PHE Q 385 -41.89 28.27 -125.26
CA PHE Q 385 -41.63 27.41 -126.38
C PHE Q 385 -42.92 26.81 -126.89
N THR Q 386 -43.70 26.26 -125.97
CA THR Q 386 -44.96 25.62 -126.31
C THR Q 386 -45.86 26.59 -127.06
N ALA Q 387 -46.06 27.77 -126.50
CA ALA Q 387 -46.99 28.74 -127.07
C ALA Q 387 -46.67 29.04 -128.52
N MET Q 388 -45.39 29.20 -128.81
CA MET Q 388 -44.95 29.43 -130.17
C MET Q 388 -45.07 28.17 -131.02
N PHE Q 389 -44.62 27.06 -130.45
CA PHE Q 389 -44.56 25.80 -131.17
C PHE Q 389 -45.94 25.32 -131.59
N ARG Q 390 -46.95 25.61 -130.78
CA ARG Q 390 -48.32 25.24 -131.10
C ARG Q 390 -48.78 25.86 -132.42
N ARG Q 391 -48.15 26.97 -132.81
CA ARG Q 391 -48.48 27.63 -134.06
C ARG Q 391 -47.38 27.42 -135.10
N LYS Q 392 -46.42 26.56 -134.78
CA LYS Q 392 -45.24 26.37 -135.61
C LYS Q 392 -44.57 27.70 -135.95
N ALA Q 393 -44.57 28.62 -135.00
CA ALA Q 393 -44.04 29.94 -135.21
C ALA Q 393 -42.57 29.88 -135.45
N PHE Q 394 -42.10 30.63 -136.45
CA PHE Q 394 -40.68 30.72 -136.79
C PHE Q 394 -40.06 29.38 -137.20
N LEU Q 395 -40.88 28.34 -137.35
CA LEU Q 395 -40.38 27.00 -137.56
C LEU Q 395 -39.64 26.89 -138.87
N HIS Q 396 -40.06 27.67 -139.85
CA HIS Q 396 -39.49 27.61 -141.20
C HIS Q 396 -38.02 28.01 -141.23
N TRP Q 397 -37.57 28.73 -140.19
CA TRP Q 397 -36.17 29.11 -140.10
C TRP Q 397 -35.31 27.90 -139.82
N TYR Q 398 -35.88 26.89 -139.19
CA TYR Q 398 -35.16 25.69 -138.86
C TYR Q 398 -35.50 24.59 -139.87
N THR Q 399 -36.72 24.63 -140.39
CA THR Q 399 -37.13 23.74 -141.46
C THR Q 399 -36.22 23.90 -142.66
N GLY Q 400 -35.90 25.14 -142.99
CA GLY Q 400 -35.01 25.44 -144.12
C GLY Q 400 -33.60 24.91 -143.92
N GLU Q 401 -33.23 24.60 -142.67
CA GLU Q 401 -31.93 24.05 -142.37
C GLU Q 401 -31.98 22.52 -142.31
N GLY Q 402 -33.17 21.95 -142.47
CA GLY Q 402 -33.32 20.50 -142.44
C GLY Q 402 -33.83 19.98 -141.10
N MET Q 403 -34.28 20.88 -140.23
CA MET Q 403 -34.81 20.46 -138.93
C MET Q 403 -36.30 20.17 -139.03
N ASP Q 404 -36.70 19.02 -138.50
CA ASP Q 404 -38.09 18.63 -138.52
C ASP Q 404 -38.81 19.01 -137.24
N GLU Q 405 -40.10 18.70 -137.18
CA GLU Q 405 -40.90 18.93 -135.99
C GLU Q 405 -40.58 17.93 -134.89
N MET Q 406 -40.19 16.73 -135.29
CA MET Q 406 -39.97 15.64 -134.34
C MET Q 406 -38.92 16.01 -133.32
N GLU Q 407 -37.85 16.64 -133.78
CA GLU Q 407 -36.81 17.11 -132.88
C GLU Q 407 -37.36 18.03 -131.81
N PHE Q 408 -38.22 18.94 -132.21
CA PHE Q 408 -38.77 19.93 -131.31
C PHE Q 408 -39.69 19.30 -130.26
N THR Q 409 -40.50 18.35 -130.68
CA THR Q 409 -41.40 17.67 -129.77
C THR Q 409 -40.64 16.74 -128.85
N GLU Q 410 -39.58 16.13 -129.38
CA GLU Q 410 -38.74 15.25 -128.60
C GLU Q 410 -37.98 16.02 -127.56
N ALA Q 411 -37.46 17.18 -127.95
CA ALA Q 411 -36.72 18.02 -127.03
C ALA Q 411 -37.59 18.46 -125.88
N GLU Q 412 -38.78 18.94 -126.18
CA GLU Q 412 -39.71 19.40 -125.15
C GLU Q 412 -40.12 18.27 -124.22
N SER Q 413 -40.39 17.11 -124.79
CA SER Q 413 -40.71 15.93 -123.99
C SER Q 413 -39.58 15.63 -123.02
N ASN Q 414 -38.36 15.73 -123.51
CA ASN Q 414 -37.19 15.48 -122.72
C ASN Q 414 -36.91 16.60 -121.73
N MET Q 415 -37.32 17.83 -122.06
CA MET Q 415 -37.25 18.94 -121.11
C MET Q 415 -38.21 18.74 -119.96
N ASN Q 416 -39.37 18.19 -120.26
CA ASN Q 416 -40.36 17.91 -119.23
C ASN Q 416 -39.84 16.88 -118.24
N ASP Q 417 -39.12 15.89 -118.75
CA ASP Q 417 -38.50 14.89 -117.89
C ASP Q 417 -37.57 15.52 -116.88
N LEU Q 418 -36.76 16.48 -117.33
CA LEU Q 418 -35.83 17.18 -116.45
C LEU Q 418 -36.56 17.87 -115.31
N VAL Q 419 -37.61 18.61 -115.64
CA VAL Q 419 -38.40 19.29 -114.63
C VAL Q 419 -39.06 18.31 -113.70
N SER Q 420 -39.62 17.27 -114.28
CA SER Q 420 -40.30 16.24 -113.52
C SER Q 420 -39.38 15.60 -112.49
N GLU Q 421 -38.13 15.36 -112.89
CA GLU Q 421 -37.14 14.78 -112.00
C GLU Q 421 -36.82 15.70 -110.82
N TYR Q 422 -36.66 16.98 -111.09
CA TYR Q 422 -36.45 17.94 -110.01
C TYR Q 422 -37.65 18.00 -109.07
N GLN Q 423 -38.85 17.93 -109.64
CA GLN Q 423 -40.07 17.87 -108.84
C GLN Q 423 -40.17 16.57 -108.06
N GLN Q 424 -39.73 15.46 -108.67
CA GLN Q 424 -39.71 14.18 -107.98
C GLN Q 424 -38.96 14.27 -106.67
N TYR Q 425 -37.87 15.02 -106.70
CA TYR Q 425 -37.02 15.15 -105.53
C TYR Q 425 -37.28 16.44 -104.75
N GLN Q 426 -38.50 16.95 -104.84
CA GLN Q 426 -38.95 18.06 -104.01
C GLN Q 426 -40.28 17.75 -103.34
N ASP Q 427 -40.45 18.21 -102.10
CA ASP Q 427 -41.74 18.07 -101.43
C ASP Q 427 -42.54 19.37 -101.52
N SER R 9 -49.19 -7.04 -114.64
CA SER R 9 -48.99 -6.18 -113.47
C SER R 9 -47.66 -6.49 -112.77
N SER R 10 -47.70 -7.40 -111.80
CA SER R 10 -46.50 -7.78 -111.05
C SER R 10 -45.55 -8.62 -111.90
N ILE R 11 -44.26 -8.44 -111.67
CA ILE R 11 -43.23 -9.15 -112.44
C ILE R 11 -42.87 -10.47 -111.79
N VAL R 12 -42.25 -11.35 -112.56
CA VAL R 12 -41.84 -12.68 -112.08
C VAL R 12 -40.33 -12.85 -112.14
N VAL R 13 -39.74 -13.30 -111.04
CA VAL R 13 -38.30 -13.55 -111.02
C VAL R 13 -37.98 -15.04 -111.08
N ALA R 14 -37.25 -15.42 -112.13
CA ALA R 14 -36.87 -16.82 -112.36
C ALA R 14 -35.35 -16.97 -112.52
N ILE R 15 -34.83 -18.11 -112.09
CA ILE R 15 -33.38 -18.28 -111.99
C ILE R 15 -32.90 -19.67 -112.39
N ARG R 16 -31.72 -19.75 -113.01
CA ARG R 16 -31.12 -21.03 -113.39
C ARG R 16 -29.58 -20.93 -113.46
N VAL R 17 -28.90 -22.08 -113.41
CA VAL R 17 -27.44 -22.12 -113.44
C VAL R 17 -26.91 -22.67 -114.78
N ARG R 18 -25.64 -22.32 -115.12
CA ARG R 18 -24.85 -23.11 -116.10
C ARG R 18 -24.70 -24.58 -115.60
N PRO R 19 -23.52 -25.16 -115.67
CA PRO R 19 -23.26 -26.32 -114.82
C PRO R 19 -21.90 -26.25 -114.21
N PHE R 20 -21.49 -27.35 -113.62
CA PHE R 20 -20.11 -27.52 -113.27
C PHE R 20 -19.51 -28.57 -114.19
N THR R 21 -18.28 -28.32 -114.62
CA THR R 21 -17.65 -29.13 -115.64
C THR R 21 -16.48 -29.86 -115.04
N SER R 22 -15.65 -30.44 -115.89
CA SER R 22 -14.45 -31.11 -115.43
C SER R 22 -13.47 -30.15 -114.77
N MET R 23 -13.62 -28.86 -115.05
CA MET R 23 -12.79 -27.85 -114.39
C MET R 23 -13.18 -27.71 -112.91
N GLU R 24 -14.45 -27.98 -112.61
CA GLU R 24 -14.94 -27.94 -111.25
C GLU R 24 -14.90 -29.31 -110.59
N LYS R 25 -15.06 -30.35 -111.40
CA LYS R 25 -14.98 -31.72 -110.91
C LYS R 25 -13.55 -32.08 -110.49
N THR R 26 -12.58 -31.59 -111.25
CA THR R 26 -11.17 -31.74 -110.91
C THR R 26 -10.87 -31.13 -109.56
N ARG R 27 -11.52 -30.01 -109.27
CA ARG R 27 -11.35 -29.34 -108.00
C ARG R 27 -12.14 -30.05 -106.90
N LEU R 28 -11.63 -31.20 -106.48
CA LEU R 28 -12.30 -31.99 -105.47
C LEU R 28 -12.39 -31.23 -104.15
N VAL R 29 -11.32 -30.54 -103.79
CA VAL R 29 -11.28 -29.77 -102.57
C VAL R 29 -11.96 -28.41 -102.74
N ILE R 30 -13.29 -28.43 -102.73
CA ILE R 30 -14.08 -27.19 -102.74
C ILE R 30 -15.48 -27.44 -102.25
N ARG R 31 -16.03 -26.48 -101.53
CA ARG R 31 -17.40 -26.56 -101.07
C ARG R 31 -18.31 -25.68 -101.91
N LYS R 32 -19.39 -26.27 -102.45
CA LYS R 32 -20.34 -25.53 -103.27
C LYS R 32 -21.01 -24.42 -102.49
N ILE R 33 -21.36 -23.34 -103.19
CA ILE R 33 -22.02 -22.20 -102.56
C ILE R 33 -23.49 -22.08 -102.99
N VAL R 34 -23.88 -22.85 -104.00
CA VAL R 34 -25.26 -22.84 -104.47
C VAL R 34 -25.93 -24.17 -104.22
N ASP R 35 -27.10 -24.13 -103.58
CA ASP R 35 -27.86 -25.34 -103.34
C ASP R 35 -29.35 -25.05 -103.38
N CYS R 36 -29.96 -25.32 -104.54
CA CYS R 36 -31.41 -25.25 -104.65
C CYS R 36 -32.03 -26.43 -103.94
N VAL R 37 -32.78 -26.14 -102.87
CA VAL R 37 -33.34 -27.21 -102.05
C VAL R 37 -34.77 -27.53 -102.41
N ASP R 38 -35.46 -26.58 -103.04
CA ASP R 38 -36.80 -26.82 -103.53
C ASP R 38 -37.13 -25.84 -104.64
N ASP R 39 -38.27 -26.04 -105.28
CA ASP R 39 -38.74 -25.08 -106.26
C ASP R 39 -38.95 -23.74 -105.58
N ARG R 40 -38.38 -22.70 -106.16
CA ARG R 40 -38.44 -21.34 -105.61
C ARG R 40 -37.60 -21.15 -104.33
N MET R 41 -36.84 -22.17 -103.93
CA MET R 41 -36.08 -22.09 -102.68
C MET R 41 -34.59 -22.33 -102.87
N LEU R 42 -33.82 -21.24 -102.82
CA LEU R 42 -32.37 -21.34 -102.95
C LEU R 42 -31.68 -21.10 -101.63
N ILE R 43 -30.82 -22.04 -101.25
CA ILE R 43 -29.99 -21.84 -100.09
C ILE R 43 -28.56 -21.52 -100.49
N PHE R 44 -28.04 -20.43 -99.95
CA PHE R 44 -26.67 -20.06 -100.21
C PHE R 44 -25.76 -20.77 -99.23
N ASP R 45 -24.96 -21.68 -99.75
CA ASP R 45 -24.01 -22.44 -98.98
C ASP R 45 -22.72 -21.66 -98.78
N PRO R 46 -21.87 -22.07 -97.83
CA PRO R 46 -22.02 -23.29 -97.02
C PRO R 46 -22.05 -23.00 -95.54
N ALA R 47 -22.03 -21.70 -95.20
CA ALA R 47 -21.91 -21.20 -93.82
C ALA R 47 -20.43 -20.95 -93.51
N ASP R 48 -19.91 -21.63 -92.49
CA ASP R 48 -18.49 -21.54 -92.15
C ASP R 48 -18.10 -22.58 -91.12
N ARG R 49 -17.54 -23.68 -91.61
CA ARG R 49 -16.96 -24.70 -90.76
C ARG R 49 -15.50 -24.89 -91.16
N ASN R 50 -14.85 -23.77 -91.49
CA ASN R 50 -13.53 -23.79 -92.11
C ASN R 50 -12.45 -24.26 -91.16
N SER R 51 -11.43 -24.89 -91.73
CA SER R 51 -10.23 -25.29 -91.00
C SER R 51 -9.14 -24.22 -91.10
N ASN R 52 -9.50 -23.06 -91.66
CA ASN R 52 -8.58 -21.95 -91.85
C ASN R 52 -8.68 -20.92 -90.72
N ALA R 53 -9.35 -21.28 -89.63
CA ALA R 53 -9.55 -20.38 -88.50
C ALA R 53 -9.91 -21.18 -87.24
N THR R 54 -11.03 -20.84 -86.60
CA THR R 54 -11.48 -21.59 -85.42
C THR R 54 -12.96 -21.98 -85.58
N ASN R 55 -13.86 -21.10 -85.12
CA ASN R 55 -15.30 -21.32 -85.23
C ASN R 55 -15.74 -22.64 -84.57
N LYS R 56 -15.28 -22.86 -83.35
CA LYS R 56 -15.64 -24.06 -82.59
C LYS R 56 -16.38 -23.68 -81.32
N PHE R 57 -17.28 -22.72 -81.45
CA PHE R 57 -18.01 -22.18 -80.33
C PHE R 57 -19.24 -21.41 -80.81
N SER R 58 -20.07 -20.94 -79.88
CA SER R 58 -21.29 -20.23 -80.25
C SER R 58 -20.96 -19.05 -81.17
N SER R 59 -21.55 -19.08 -82.36
CA SER R 59 -21.17 -18.16 -83.42
C SER R 59 -21.42 -16.71 -83.07
N GLN R 60 -20.42 -15.88 -83.33
CA GLN R 60 -20.56 -14.43 -83.24
C GLN R 60 -20.38 -13.81 -84.62
N ARG R 61 -20.58 -14.61 -85.66
CA ARG R 61 -20.38 -14.15 -87.03
C ARG R 61 -21.67 -13.55 -87.59
N ARG R 62 -21.53 -12.62 -88.53
CA ARG R 62 -22.69 -11.96 -89.11
C ARG R 62 -23.49 -12.90 -89.99
N ARG R 63 -22.83 -13.48 -90.97
CA ARG R 63 -23.46 -14.47 -91.83
C ARG R 63 -22.54 -15.64 -92.11
N HIS R 64 -21.25 -15.49 -91.77
CA HIS R 64 -20.30 -16.57 -91.97
C HIS R 64 -20.46 -17.60 -90.88
N GLY R 65 -21.41 -18.52 -91.08
CA GLY R 65 -21.81 -19.43 -90.03
C GLY R 65 -23.27 -19.85 -90.24
N GLY R 66 -24.05 -19.01 -90.89
CA GLY R 66 -25.42 -19.36 -91.24
C GLY R 66 -25.55 -19.54 -92.75
N GLU R 67 -26.78 -19.75 -93.21
CA GLU R 67 -27.04 -19.89 -94.64
C GLU R 67 -28.03 -18.83 -95.09
N ILE R 68 -27.91 -18.40 -96.34
CA ILE R 68 -28.78 -17.32 -96.82
C ILE R 68 -29.90 -17.88 -97.66
N LYS R 69 -31.13 -17.60 -97.25
CA LYS R 69 -32.29 -18.14 -97.95
C LYS R 69 -32.84 -17.14 -98.95
N PHE R 70 -32.81 -17.52 -100.22
CA PHE R 70 -33.39 -16.70 -101.27
C PHE R 70 -34.65 -17.36 -101.83
N VAL R 71 -35.75 -16.62 -101.86
CA VAL R 71 -36.99 -17.15 -102.38
C VAL R 71 -37.49 -16.37 -103.58
N PHE R 72 -37.75 -17.08 -104.66
CA PHE R 72 -38.11 -16.47 -105.93
C PHE R 72 -39.47 -16.93 -106.40
N ASP R 73 -39.88 -16.46 -107.57
CA ASP R 73 -41.19 -16.83 -108.10
C ASP R 73 -41.09 -18.14 -108.86
N LYS R 74 -39.99 -18.33 -109.58
CA LYS R 74 -39.71 -19.59 -110.25
C LYS R 74 -38.22 -19.89 -110.30
N LEU R 75 -37.70 -20.46 -109.23
CA LEU R 75 -36.31 -20.87 -109.20
C LEU R 75 -36.12 -22.23 -109.82
N PHE R 76 -35.19 -22.30 -110.76
CA PHE R 76 -34.83 -23.55 -111.40
C PHE R 76 -33.37 -23.87 -111.15
N ASP R 77 -32.92 -24.98 -111.71
CA ASP R 77 -31.52 -25.37 -111.60
C ASP R 77 -31.07 -26.14 -112.83
N GLU R 78 -29.89 -26.75 -112.76
CA GLU R 78 -29.32 -27.49 -113.89
C GLU R 78 -30.17 -28.70 -114.29
N THR R 79 -31.00 -29.18 -113.36
CA THR R 79 -31.87 -30.32 -113.62
C THR R 79 -32.95 -29.98 -114.64
N SER R 80 -33.48 -28.76 -114.57
CA SER R 80 -34.61 -28.39 -115.42
C SER R 80 -34.14 -27.94 -116.79
N SER R 81 -34.71 -28.54 -117.84
CA SER R 81 -34.37 -28.18 -119.21
C SER R 81 -34.90 -26.81 -119.58
N GLN R 82 -34.14 -26.11 -120.41
CA GLN R 82 -34.55 -24.78 -120.87
C GLN R 82 -35.80 -24.85 -121.73
N ALA R 83 -36.11 -26.03 -122.26
CA ALA R 83 -37.32 -26.23 -123.03
C ALA R 83 -38.54 -25.97 -122.17
N ARG R 84 -38.43 -26.28 -120.88
CA ARG R 84 -39.52 -26.03 -119.94
C ARG R 84 -39.32 -24.73 -119.20
N VAL R 85 -38.08 -24.45 -118.79
CA VAL R 85 -37.79 -23.23 -118.05
C VAL R 85 -38.23 -22.00 -118.82
N TYR R 86 -37.90 -21.98 -120.10
CA TYR R 86 -38.30 -20.89 -120.96
C TYR R 86 -39.81 -20.81 -121.07
N LYS R 87 -40.44 -21.89 -121.52
CA LYS R 87 -41.87 -21.87 -121.80
C LYS R 87 -42.70 -21.69 -120.53
N GLU R 88 -42.29 -22.33 -119.46
CA GLU R 88 -42.89 -22.13 -118.14
C GLU R 88 -43.02 -20.66 -117.77
N THR R 89 -42.06 -19.86 -118.21
CA THR R 89 -41.97 -18.49 -117.80
C THR R 89 -42.41 -17.51 -118.89
N THR R 90 -42.17 -17.87 -120.16
CA THR R 90 -42.34 -16.91 -121.26
C THR R 90 -43.47 -17.27 -122.20
N SER R 91 -43.95 -18.51 -122.14
CA SER R 91 -45.10 -18.91 -122.94
C SER R 91 -46.30 -17.99 -122.66
N PRO R 92 -46.48 -17.54 -121.40
CA PRO R 92 -47.50 -16.59 -121.02
C PRO R 92 -47.12 -15.17 -121.37
N LEU R 93 -45.82 -14.89 -121.43
CA LEU R 93 -45.39 -13.57 -121.86
C LEU R 93 -45.72 -13.37 -123.34
N LEU R 94 -45.54 -14.43 -124.13
CA LEU R 94 -45.88 -14.40 -125.54
C LEU R 94 -47.39 -14.24 -125.72
N ASP R 95 -48.16 -14.95 -124.90
CA ASP R 95 -49.60 -14.78 -124.90
C ASP R 95 -50.01 -13.40 -124.38
N SER R 96 -49.26 -12.88 -123.40
CA SER R 96 -49.51 -11.56 -122.84
C SER R 96 -49.41 -10.49 -123.90
N VAL R 97 -48.42 -10.63 -124.80
CA VAL R 97 -48.27 -9.74 -125.94
C VAL R 97 -49.57 -9.62 -126.74
N LEU R 98 -50.33 -10.70 -126.80
CA LEU R 98 -51.51 -10.74 -127.63
C LEU R 98 -52.79 -10.52 -126.81
N ASP R 99 -52.63 -10.05 -125.57
CA ASP R 99 -53.75 -9.75 -124.69
C ASP R 99 -54.07 -8.24 -124.65
N GLY R 100 -53.51 -7.48 -125.59
CA GLY R 100 -53.81 -6.05 -125.69
C GLY R 100 -52.68 -5.17 -125.15
N PHE R 101 -51.57 -5.79 -124.78
CA PHE R 101 -50.42 -5.07 -124.24
C PHE R 101 -49.14 -5.85 -124.50
N ASN R 102 -48.01 -5.18 -124.46
CA ASN R 102 -46.73 -5.80 -124.84
C ASN R 102 -46.10 -6.60 -123.72
N SER R 103 -44.92 -7.18 -123.99
CA SER R 103 -44.16 -7.88 -122.97
C SER R 103 -42.66 -7.88 -123.26
N THR R 104 -41.89 -8.59 -122.44
CA THR R 104 -40.44 -8.57 -122.54
C THR R 104 -39.73 -9.64 -121.69
N VAL R 105 -38.55 -10.05 -122.14
CA VAL R 105 -37.74 -11.08 -121.47
C VAL R 105 -36.38 -10.52 -121.01
N PHE R 106 -36.02 -10.76 -119.74
CA PHE R 106 -34.75 -10.24 -119.18
C PHE R 106 -33.68 -11.32 -118.99
N ALA R 107 -32.48 -10.88 -118.62
CA ALA R 107 -31.35 -11.75 -118.32
C ALA R 107 -30.38 -11.04 -117.34
N TYR R 108 -29.46 -11.78 -116.72
CA TYR R 108 -28.54 -11.17 -115.74
C TYR R 108 -27.37 -12.12 -115.38
N GLY R 109 -26.18 -11.53 -115.13
CA GLY R 109 -25.05 -12.33 -114.64
C GLY R 109 -23.68 -11.69 -114.92
N ALA R 110 -22.62 -12.32 -114.39
CA ALA R 110 -21.25 -11.90 -114.64
C ALA R 110 -20.72 -12.52 -115.94
N THR R 111 -19.64 -11.96 -116.48
CA THR R 111 -19.11 -12.46 -117.74
C THR R 111 -18.63 -13.89 -117.64
N GLY R 112 -19.24 -14.72 -118.46
CA GLY R 112 -18.89 -16.10 -118.66
C GLY R 112 -20.01 -16.96 -118.09
N CYS R 113 -21.00 -16.31 -117.48
CA CYS R 113 -22.14 -17.00 -116.88
C CYS R 113 -23.31 -17.21 -117.84
N GLY R 114 -23.03 -17.73 -119.03
CA GLY R 114 -24.07 -18.42 -119.78
C GLY R 114 -25.04 -17.57 -120.57
N LYS R 115 -24.87 -16.27 -120.58
CA LYS R 115 -25.64 -15.50 -121.54
C LYS R 115 -24.97 -15.81 -122.86
N THR R 116 -25.62 -15.60 -123.98
CA THR R 116 -25.12 -16.17 -125.25
C THR R 116 -25.36 -17.72 -125.33
N TYR R 117 -24.86 -18.50 -124.36
CA TYR R 117 -25.21 -19.94 -124.31
C TYR R 117 -26.73 -20.16 -124.00
N THR R 118 -27.27 -19.47 -123.00
CA THR R 118 -28.66 -19.72 -122.57
C THR R 118 -29.71 -19.14 -123.52
N VAL R 119 -29.32 -18.13 -124.29
CA VAL R 119 -30.24 -17.57 -125.29
C VAL R 119 -30.40 -18.51 -126.49
N SER R 120 -29.46 -19.45 -126.63
CA SER R 120 -29.43 -20.36 -127.76
C SER R 120 -28.57 -21.58 -127.44
N GLY R 121 -27.28 -21.35 -127.21
CA GLY R 121 -26.36 -22.43 -126.85
C GLY R 121 -25.72 -23.03 -128.07
N THR R 122 -25.21 -24.24 -127.91
CA THR R 122 -24.64 -24.97 -129.03
C THR R 122 -25.75 -25.24 -130.04
N PRO R 123 -25.46 -25.01 -131.34
CA PRO R 123 -26.38 -25.03 -132.47
C PRO R 123 -27.04 -26.40 -132.73
N SER R 124 -27.69 -26.93 -131.70
CA SER R 124 -28.48 -28.13 -131.79
C SER R 124 -29.52 -28.17 -130.66
N GLN R 125 -29.52 -27.12 -129.83
CA GLN R 125 -30.38 -27.06 -128.67
C GLN R 125 -31.34 -25.88 -128.76
N PRO R 126 -32.38 -25.90 -127.94
CA PRO R 126 -33.38 -24.86 -127.78
C PRO R 126 -32.89 -23.78 -126.82
N GLY R 127 -33.48 -22.60 -126.92
CA GLY R 127 -33.12 -21.49 -126.06
C GLY R 127 -34.14 -20.38 -126.15
N ILE R 128 -33.80 -19.23 -125.60
CA ILE R 128 -34.74 -18.11 -125.54
C ILE R 128 -35.31 -17.73 -126.91
N ILE R 129 -34.42 -17.46 -127.87
CA ILE R 129 -34.87 -16.98 -129.17
C ILE R 129 -35.49 -18.09 -130.00
N PHE R 130 -34.84 -19.24 -130.00
CA PHE R 130 -35.30 -20.38 -130.78
C PHE R 130 -36.72 -20.79 -130.39
N LEU R 131 -36.94 -20.95 -129.09
CA LEU R 131 -38.24 -21.38 -128.60
C LEU R 131 -39.28 -20.30 -128.77
N ALA R 132 -38.86 -19.03 -128.70
CA ALA R 132 -39.77 -17.92 -128.97
C ALA R 132 -40.38 -18.06 -130.35
N MET R 133 -39.52 -18.30 -131.33
CA MET R 133 -39.98 -18.44 -132.70
C MET R 133 -40.66 -19.77 -132.94
N GLU R 134 -40.13 -20.84 -132.35
CA GLU R 134 -40.74 -22.16 -132.49
C GLU R 134 -42.20 -22.13 -132.07
N GLU R 135 -42.43 -21.66 -130.86
CA GLU R 135 -43.77 -21.60 -130.30
C GLU R 135 -44.66 -20.63 -131.06
N LEU R 136 -44.15 -19.43 -131.32
CA LEU R 136 -44.91 -18.41 -132.01
C LEU R 136 -45.30 -18.85 -133.39
N PHE R 137 -44.34 -19.40 -134.14
CA PHE R 137 -44.58 -19.82 -135.51
C PHE R 137 -45.63 -20.89 -135.59
N ASN R 138 -45.61 -21.83 -134.64
CA ASN R 138 -46.64 -22.84 -134.58
C ASN R 138 -48.00 -22.20 -134.35
N LYS R 139 -48.05 -21.22 -133.46
CA LYS R 139 -49.27 -20.47 -133.21
C LYS R 139 -49.70 -19.68 -134.43
N ILE R 140 -48.72 -19.16 -135.17
CA ILE R 140 -49.01 -18.40 -136.38
C ILE R 140 -49.67 -19.26 -137.43
N THR R 141 -49.10 -20.44 -137.69
CA THR R 141 -49.62 -21.31 -138.73
C THR R 141 -50.91 -22.01 -138.30
N ASP R 142 -51.12 -22.15 -137.00
CA ASP R 142 -52.37 -22.68 -136.50
C ASP R 142 -53.48 -21.63 -136.57
N LEU R 143 -53.11 -20.38 -136.31
CA LEU R 143 -54.08 -19.30 -136.27
C LEU R 143 -54.08 -18.48 -137.56
N LYS R 144 -53.31 -18.92 -138.57
CA LYS R 144 -53.22 -18.23 -139.86
C LYS R 144 -54.56 -18.19 -140.58
N ASP R 145 -55.46 -19.09 -140.22
CA ASP R 145 -56.77 -19.16 -140.85
C ASP R 145 -57.78 -18.26 -140.13
N GLU R 146 -57.35 -17.64 -139.03
CA GLU R 146 -58.23 -16.78 -138.26
C GLU R 146 -57.82 -15.31 -138.38
N LYS R 147 -56.53 -15.06 -138.25
CA LYS R 147 -56.02 -13.68 -138.28
C LYS R 147 -54.91 -13.51 -139.30
N ASP R 148 -54.72 -12.28 -139.77
CA ASP R 148 -53.60 -11.96 -140.64
C ASP R 148 -52.38 -11.62 -139.80
N PHE R 149 -51.22 -12.10 -140.21
CA PHE R 149 -50.01 -11.89 -139.43
C PHE R 149 -49.01 -10.98 -140.13
N GLU R 150 -48.84 -9.79 -139.58
CA GLU R 150 -47.79 -8.89 -140.04
C GLU R 150 -46.81 -8.62 -138.90
N ILE R 151 -45.81 -9.47 -138.81
CA ILE R 151 -44.84 -9.39 -137.73
C ILE R 151 -43.49 -8.93 -138.24
N SER R 152 -42.87 -8.01 -137.51
CA SER R 152 -41.56 -7.49 -137.89
C SER R 152 -40.57 -7.59 -136.75
N LEU R 153 -39.29 -7.56 -137.09
CA LEU R 153 -38.23 -7.75 -136.11
C LEU R 153 -37.32 -6.53 -136.04
N SER R 154 -37.07 -6.08 -134.81
CA SER R 154 -36.16 -4.97 -134.57
C SER R 154 -34.91 -5.44 -133.85
N TYR R 155 -33.77 -5.02 -134.36
CA TYR R 155 -32.49 -5.47 -133.82
C TYR R 155 -31.70 -4.30 -133.24
N LEU R 156 -31.00 -4.52 -132.13
CA LEU R 156 -30.37 -3.42 -131.43
C LEU R 156 -29.23 -3.88 -130.51
N GLU R 157 -28.11 -3.15 -130.54
CA GLU R 157 -27.01 -3.35 -129.60
C GLU R 157 -26.70 -2.08 -128.83
N ILE R 158 -26.33 -2.23 -127.56
CA ILE R 158 -25.86 -1.07 -126.79
C ILE R 158 -24.41 -1.26 -126.35
N TYR R 159 -23.55 -0.36 -126.79
CA TYR R 159 -22.14 -0.44 -126.48
C TYR R 159 -21.57 0.96 -126.29
N ASN R 160 -20.92 1.20 -125.16
CA ASN R 160 -20.46 2.55 -124.80
C ASN R 160 -21.59 3.58 -124.81
N GLU R 161 -22.76 3.18 -124.30
CA GLU R 161 -23.95 4.04 -124.30
C GLU R 161 -24.37 4.44 -125.71
N ARG R 162 -23.95 3.65 -126.70
CA ARG R 162 -24.26 3.93 -128.09
C ARG R 162 -25.17 2.87 -128.66
N ILE R 163 -26.18 3.28 -129.40
CA ILE R 163 -27.07 2.34 -130.05
C ILE R 163 -26.53 1.96 -131.39
N ARG R 164 -26.34 0.67 -131.61
CA ARG R 164 -25.83 0.19 -132.87
C ARG R 164 -26.87 -0.64 -133.59
N ASP R 165 -26.89 -0.52 -134.90
CA ASP R 165 -27.71 -1.41 -135.71
C ASP R 165 -27.05 -2.77 -135.73
N LEU R 166 -27.67 -3.70 -135.04
CA LEU R 166 -27.10 -5.00 -134.78
C LEU R 166 -26.73 -5.75 -136.06
N LEU R 167 -27.52 -5.55 -137.12
CA LEU R 167 -27.34 -6.31 -138.35
C LEU R 167 -26.59 -5.53 -139.40
N LYS R 168 -26.73 -4.21 -139.37
CA LYS R 168 -26.01 -3.36 -140.30
C LYS R 168 -25.27 -2.22 -139.57
N PRO R 169 -24.05 -2.49 -139.08
CA PRO R 169 -23.17 -1.53 -138.42
C PRO R 169 -22.67 -0.46 -139.38
N GLU R 170 -22.89 -0.68 -140.68
CA GLU R 170 -22.59 0.28 -141.71
C GLU R 170 -23.35 1.59 -141.52
N THR R 171 -24.52 1.53 -140.87
CA THR R 171 -25.29 2.72 -140.55
C THR R 171 -24.80 3.34 -139.23
N PRO R 172 -24.60 4.67 -139.21
CA PRO R 172 -24.09 5.39 -138.07
C PRO R 172 -25.10 5.41 -136.91
N SER R 173 -24.57 5.46 -135.70
CA SER R 173 -25.40 5.42 -134.49
C SER R 173 -26.29 6.65 -134.35
N LYS R 174 -25.90 7.74 -135.02
CA LYS R 174 -26.69 8.95 -135.05
C LYS R 174 -28.06 8.72 -135.70
N ARG R 175 -28.18 7.65 -136.49
CA ARG R 175 -29.40 7.33 -137.19
C ARG R 175 -30.35 6.48 -136.35
N LEU R 176 -29.96 6.19 -135.11
CA LEU R 176 -30.80 5.41 -134.22
C LEU R 176 -31.22 6.22 -133.01
N VAL R 177 -32.50 6.57 -132.98
CA VAL R 177 -33.06 7.33 -131.89
C VAL R 177 -34.18 6.57 -131.24
N ILE R 178 -34.12 6.43 -129.92
CA ILE R 178 -35.12 5.64 -129.22
C ILE R 178 -36.22 6.50 -128.62
N ARG R 179 -37.41 6.37 -129.18
CA ARG R 179 -38.59 7.07 -128.70
C ARG R 179 -39.73 6.09 -128.46
N GLU R 180 -40.76 6.54 -127.75
CA GLU R 180 -41.97 5.74 -127.56
C GLU R 180 -43.22 6.61 -127.70
N ASP R 181 -44.33 6.00 -128.06
CA ASP R 181 -45.58 6.72 -128.23
C ASP R 181 -46.42 6.77 -126.95
N THR R 182 -47.50 7.54 -127.00
CA THR R 182 -48.53 7.51 -125.98
C THR R 182 -49.39 6.26 -126.14
N GLN R 183 -49.29 5.64 -127.32
CA GLN R 183 -49.90 4.35 -127.57
C GLN R 183 -48.95 3.20 -127.23
N ASN R 184 -47.76 3.54 -126.72
CA ASN R 184 -46.72 2.57 -126.41
C ASN R 184 -46.19 1.90 -127.67
N HIS R 185 -46.19 2.64 -128.78
CA HIS R 185 -45.56 2.19 -130.01
C HIS R 185 -44.06 2.45 -129.96
N ILE R 186 -43.29 1.50 -130.45
CA ILE R 186 -41.83 1.61 -130.45
C ILE R 186 -41.34 2.47 -131.58
N LYS R 187 -40.83 3.64 -131.25
CA LYS R 187 -40.41 4.59 -132.27
C LYS R 187 -38.90 4.68 -132.36
N VAL R 188 -38.30 3.79 -133.14
CA VAL R 188 -36.86 3.85 -133.37
C VAL R 188 -36.55 4.28 -134.80
N ALA R 189 -35.59 5.18 -134.93
CA ALA R 189 -35.22 5.76 -136.22
C ALA R 189 -34.59 4.72 -137.17
N ASN R 190 -33.98 5.20 -138.27
CA ASN R 190 -33.55 4.35 -139.37
C ASN R 190 -32.81 3.11 -138.90
N LEU R 191 -33.45 1.97 -139.05
CA LEU R 191 -32.90 0.71 -138.58
C LEU R 191 -33.20 -0.41 -139.57
N SER R 192 -32.26 -1.33 -139.75
CA SER R 192 -32.49 -2.44 -140.66
C SER R 192 -33.51 -3.40 -140.06
N TYR R 193 -34.78 -3.16 -140.34
CA TYR R 193 -35.87 -4.02 -139.87
C TYR R 193 -36.05 -5.22 -140.80
N HIS R 194 -36.47 -6.34 -140.22
CA HIS R 194 -36.67 -7.56 -140.99
C HIS R 194 -37.93 -8.27 -140.57
N HIS R 195 -38.21 -9.41 -141.21
CA HIS R 195 -39.41 -10.16 -140.90
C HIS R 195 -39.09 -11.64 -140.65
N PRO R 196 -39.82 -12.28 -139.73
CA PRO R 196 -39.68 -13.64 -139.24
C PRO R 196 -40.25 -14.65 -140.23
N ASN R 197 -39.66 -14.71 -141.42
CA ASN R 197 -40.11 -15.59 -142.47
C ASN R 197 -39.92 -17.05 -142.07
N THR R 198 -38.81 -17.33 -141.39
CA THR R 198 -38.55 -18.65 -140.84
C THR R 198 -37.43 -18.57 -139.82
N VAL R 199 -37.45 -19.49 -138.86
CA VAL R 199 -36.57 -19.41 -137.70
C VAL R 199 -35.12 -19.55 -138.10
N GLU R 200 -34.89 -20.23 -139.21
CA GLU R 200 -33.55 -20.39 -139.74
C GLU R 200 -32.94 -19.04 -140.07
N ASP R 201 -33.66 -18.26 -140.88
CA ASP R 201 -33.23 -16.93 -141.26
C ASP R 201 -33.20 -15.99 -140.05
N VAL R 202 -34.17 -16.15 -139.14
CA VAL R 202 -34.18 -15.36 -137.93
C VAL R 202 -32.91 -15.58 -137.12
N MET R 203 -32.59 -16.85 -136.89
CA MET R 203 -31.41 -17.21 -136.12
C MET R 203 -30.13 -16.85 -136.86
N ASP R 204 -30.15 -16.91 -138.19
CA ASP R 204 -29.01 -16.48 -138.98
C ASP R 204 -28.73 -15.00 -138.78
N LEU R 205 -29.79 -14.20 -138.69
CA LEU R 205 -29.65 -12.79 -138.40
C LEU R 205 -29.17 -12.58 -136.96
N VAL R 206 -29.67 -13.41 -136.04
CA VAL R 206 -29.19 -13.38 -134.66
C VAL R 206 -27.69 -13.64 -134.57
N VAL R 207 -27.23 -14.64 -135.32
CA VAL R 207 -25.81 -14.93 -135.42
C VAL R 207 -25.03 -13.78 -136.05
N GLN R 208 -25.58 -13.23 -137.15
CA GLN R 208 -24.99 -12.06 -137.79
C GLN R 208 -24.86 -10.91 -136.80
N GLY R 209 -25.88 -10.75 -135.97
CA GLY R 209 -25.86 -9.77 -134.93
C GLY R 209 -24.76 -10.05 -133.92
N ASN R 210 -24.68 -11.30 -133.47
CA ASN R 210 -23.68 -11.70 -132.49
C ASN R 210 -22.27 -11.54 -133.04
N ILE R 211 -22.10 -11.72 -134.33
CA ILE R 211 -20.85 -11.43 -135.01
C ILE R 211 -20.53 -9.93 -134.93
N ASN R 212 -21.55 -9.11 -135.15
CA ASN R 212 -21.39 -7.66 -135.17
C ASN R 212 -21.22 -7.05 -133.78
N ARG R 213 -21.63 -7.78 -132.74
CA ARG R 213 -21.46 -7.29 -131.38
C ARG R 213 -19.99 -7.09 -131.03
N THR R 214 -19.70 -5.96 -130.39
CA THR R 214 -18.29 -5.60 -130.09
C THR R 214 -17.85 -6.19 -128.76
N THR R 215 -16.83 -7.05 -128.82
CA THR R 215 -16.50 -7.93 -127.71
C THR R 215 -15.22 -7.60 -126.97
N SER R 216 -15.01 -8.28 -125.84
CA SER R 216 -13.75 -8.24 -125.10
C SER R 216 -12.68 -9.07 -125.78
N PRO R 217 -11.44 -8.62 -125.72
CA PRO R 217 -10.30 -9.46 -126.10
C PRO R 217 -9.37 -9.68 -124.93
N THR R 218 -9.94 -9.85 -123.73
CA THR R 218 -9.12 -9.89 -122.52
C THR R 218 -9.20 -11.21 -121.76
N GLU R 219 -10.32 -11.44 -121.08
CA GLU R 219 -10.48 -12.58 -120.17
C GLU R 219 -10.61 -13.92 -120.89
N ALA R 220 -10.76 -14.98 -120.09
CA ALA R 220 -10.93 -16.34 -120.60
C ALA R 220 -12.19 -16.43 -121.48
N ASN R 221 -13.25 -15.73 -121.07
CA ASN R 221 -14.32 -15.44 -122.02
C ASN R 221 -13.78 -14.31 -122.89
N GLU R 222 -13.29 -14.69 -124.07
CA GLU R 222 -12.70 -13.73 -125.01
C GLU R 222 -13.57 -13.65 -126.26
N VAL R 223 -14.57 -14.51 -126.33
CA VAL R 223 -15.68 -14.26 -127.21
C VAL R 223 -16.54 -13.20 -126.55
N SER R 224 -16.81 -13.38 -125.26
CA SER R 224 -17.22 -12.32 -124.33
C SER R 224 -17.86 -11.13 -124.99
N SER R 225 -19.03 -11.37 -125.54
CA SER R 225 -19.93 -10.37 -126.08
C SER R 225 -19.64 -8.93 -125.64
N ARG R 226 -19.65 -8.68 -124.34
CA ARG R 226 -19.35 -7.35 -123.79
C ARG R 226 -20.21 -6.24 -124.36
N SER R 227 -21.47 -6.53 -124.65
CA SER R 227 -22.41 -5.50 -125.06
C SER R 227 -23.84 -5.95 -124.83
N HIS R 228 -24.75 -4.99 -124.71
CA HIS R 228 -26.13 -5.30 -124.51
C HIS R 228 -26.81 -5.43 -125.84
N ALA R 229 -27.99 -6.02 -125.87
CA ALA R 229 -28.71 -6.14 -127.11
C ALA R 229 -30.18 -6.36 -126.86
N VAL R 230 -31.02 -5.82 -127.72
CA VAL R 230 -32.44 -6.02 -127.61
C VAL R 230 -33.07 -6.41 -128.93
N LEU R 231 -33.77 -7.53 -128.94
CA LEU R 231 -34.47 -8.00 -130.12
C LEU R 231 -35.97 -7.90 -129.90
N GLN R 232 -36.62 -7.06 -130.69
CA GLN R 232 -38.02 -6.80 -130.43
C GLN R 232 -38.90 -7.32 -131.55
N ILE R 233 -39.90 -8.10 -131.17
CA ILE R 233 -40.86 -8.63 -132.12
C ILE R 233 -42.11 -7.78 -132.13
N HIS R 234 -42.39 -7.15 -133.27
CA HIS R 234 -43.54 -6.27 -133.36
C HIS R 234 -44.66 -6.95 -134.11
N ILE R 235 -45.70 -7.34 -133.38
CA ILE R 235 -46.78 -8.12 -133.96
C ILE R 235 -47.98 -7.26 -134.31
N MET R 236 -48.22 -7.10 -135.60
CA MET R 236 -49.39 -6.37 -136.08
C MET R 236 -50.36 -7.28 -136.81
N GLN R 237 -51.14 -8.05 -136.05
CA GLN R 237 -52.13 -8.90 -136.68
C GLN R 237 -53.38 -8.11 -136.99
N THR R 238 -54.13 -8.55 -138.00
CA THR R 238 -55.37 -7.89 -138.35
C THR R 238 -56.50 -8.90 -138.54
N ASN R 239 -57.72 -8.39 -138.63
CA ASN R 239 -58.89 -9.24 -138.72
C ASN R 239 -59.17 -9.66 -140.16
N LYS R 240 -59.75 -10.85 -140.32
CA LYS R 240 -60.20 -11.31 -141.62
C LYS R 240 -61.70 -11.08 -141.81
N LEU R 241 -62.36 -10.62 -140.75
CA LEU R 241 -63.80 -10.41 -140.78
C LEU R 241 -64.16 -8.93 -140.67
N VAL R 242 -65.33 -8.59 -141.19
CA VAL R 242 -65.83 -7.21 -141.12
C VAL R 242 -66.97 -7.11 -140.13
N ASP R 243 -66.79 -6.29 -139.11
CA ASP R 243 -67.84 -6.06 -138.12
C ASP R 243 -67.64 -4.73 -137.42
N LEU R 244 -68.55 -4.40 -136.51
CA LEU R 244 -68.57 -3.10 -135.85
C LEU R 244 -67.34 -2.84 -134.97
N THR R 245 -66.66 -3.92 -134.58
CA THR R 245 -65.53 -3.79 -133.66
C THR R 245 -64.22 -4.16 -134.32
N SER R 246 -64.25 -4.41 -135.64
CA SER R 246 -63.05 -4.83 -136.37
C SER R 246 -61.91 -3.81 -136.32
N GLN R 247 -61.21 -3.76 -135.20
CA GLN R 247 -60.05 -2.90 -135.04
C GLN R 247 -58.95 -3.60 -134.26
N HIS R 248 -58.26 -4.52 -134.92
CA HIS R 248 -57.23 -5.31 -134.26
C HIS R 248 -56.05 -4.44 -133.86
N THR R 249 -55.65 -4.52 -132.60
CA THR R 249 -54.54 -3.75 -132.07
C THR R 249 -53.22 -4.48 -132.29
N PHE R 250 -52.12 -3.81 -131.94
CA PHE R 250 -50.78 -4.38 -132.10
C PHE R 250 -50.01 -4.34 -130.79
N ALA R 251 -48.96 -5.15 -130.70
CA ALA R 251 -48.12 -5.20 -129.50
C ALA R 251 -46.80 -5.88 -129.80
N THR R 252 -45.86 -5.80 -128.86
CA THR R 252 -44.50 -6.26 -129.14
C THR R 252 -43.93 -7.16 -128.03
N LEU R 253 -42.82 -7.82 -128.34
CA LEU R 253 -42.07 -8.62 -127.37
C LEU R 253 -40.59 -8.27 -127.41
N SER R 254 -40.09 -7.70 -126.31
CA SER R 254 -38.68 -7.31 -126.25
C SER R 254 -37.82 -8.42 -125.65
N ILE R 255 -36.74 -8.77 -126.34
CA ILE R 255 -35.77 -9.73 -125.82
C ILE R 255 -34.52 -9.02 -125.35
N ILE R 256 -34.35 -8.94 -124.04
CA ILE R 256 -33.30 -8.10 -123.46
C ILE R 256 -32.04 -8.87 -123.16
N ASP R 257 -30.92 -8.33 -123.62
CA ASP R 257 -29.62 -8.93 -123.38
C ASP R 257 -28.66 -7.92 -122.75
N LEU R 258 -27.73 -8.42 -121.96
CA LEU R 258 -26.77 -7.59 -121.24
C LEU R 258 -25.34 -8.00 -121.56
N ALA R 259 -24.42 -7.03 -121.41
CA ALA R 259 -23.01 -7.23 -121.70
C ALA R 259 -22.35 -8.26 -120.80
N GLY R 260 -22.72 -8.25 -119.54
CA GLY R 260 -22.01 -9.04 -118.54
C GLY R 260 -21.08 -8.14 -117.74
N SER R 261 -20.98 -8.40 -116.44
CA SER R 261 -20.14 -7.55 -115.59
C SER R 261 -19.23 -8.34 -114.66
N GLU R 262 -17.94 -8.06 -114.76
CA GLU R 262 -16.92 -8.68 -113.92
C GLU R 262 -16.80 -7.96 -112.58
N ARG R 263 -16.00 -8.52 -111.68
CA ARG R 263 -15.71 -7.89 -110.39
C ARG R 263 -15.27 -6.45 -110.57
N ALA R 264 -15.69 -5.59 -109.64
CA ALA R 264 -15.46 -4.14 -109.68
C ALA R 264 -14.19 -3.74 -110.44
N ALA R 265 -13.07 -4.40 -110.12
CA ALA R 265 -11.84 -4.15 -110.86
C ALA R 265 -11.08 -5.43 -111.13
N ALA R 266 -10.85 -5.70 -112.40
CA ALA R 266 -10.06 -6.85 -112.82
C ALA R 266 -8.58 -6.53 -112.80
N THR R 267 -7.76 -7.57 -112.85
CA THR R 267 -6.32 -7.45 -112.70
C THR R 267 -5.66 -6.75 -113.89
N ARG R 268 -6.38 -6.66 -115.01
CA ARG R 268 -5.86 -5.95 -116.17
C ARG R 268 -6.87 -4.94 -116.70
N ASN R 269 -7.69 -4.40 -115.80
CA ASN R 269 -8.74 -3.49 -116.21
C ASN R 269 -8.17 -2.11 -116.56
N ARG R 270 -7.79 -1.93 -117.82
CA ARG R 270 -7.20 -0.67 -118.29
C ARG R 270 -7.90 -0.09 -119.53
N GLY R 271 -7.89 1.24 -119.63
CA GLY R 271 -8.28 1.94 -120.86
C GLY R 271 -9.74 1.73 -121.22
N ILE R 272 -9.97 1.17 -122.41
CA ILE R 272 -11.31 0.92 -122.90
C ILE R 272 -12.04 -0.10 -122.04
N ARG R 273 -11.28 -0.94 -121.33
CA ARG R 273 -11.89 -1.92 -120.46
C ARG R 273 -12.55 -1.23 -119.26
N LEU R 274 -11.88 -0.20 -118.74
CA LEU R 274 -12.47 0.64 -117.72
C LEU R 274 -13.66 1.40 -118.24
N HIS R 275 -13.53 1.91 -119.46
CA HIS R 275 -14.54 2.78 -120.03
C HIS R 275 -15.84 2.04 -120.33
N GLU R 276 -15.74 0.93 -121.06
CA GLU R 276 -16.94 0.15 -121.34
C GLU R 276 -17.47 -0.52 -120.10
N GLY R 277 -16.57 -0.96 -119.22
CA GLY R 277 -16.98 -1.58 -117.97
C GLY R 277 -17.84 -0.62 -117.15
N ALA R 278 -17.45 0.65 -117.11
CA ALA R 278 -18.24 1.68 -116.47
C ALA R 278 -19.59 1.83 -117.14
N ASN R 279 -19.57 1.88 -118.47
CA ASN R 279 -20.78 2.06 -119.24
C ASN R 279 -21.75 0.88 -119.04
N ILE R 280 -21.20 -0.32 -118.90
CA ILE R 280 -22.01 -1.49 -118.62
C ILE R 280 -22.65 -1.40 -117.25
N ASN R 281 -21.84 -1.09 -116.25
CA ASN R 281 -22.33 -1.03 -114.88
C ASN R 281 -23.31 0.10 -114.69
N ARG R 282 -23.09 1.21 -115.40
CA ARG R 282 -24.04 2.31 -115.39
C ARG R 282 -25.37 1.90 -115.97
N SER R 283 -25.31 1.12 -117.06
CA SER R 283 -26.52 0.61 -117.69
C SER R 283 -27.26 -0.35 -116.77
N LEU R 284 -26.50 -1.19 -116.08
CA LEU R 284 -27.08 -2.13 -115.13
C LEU R 284 -27.69 -1.40 -113.94
N LEU R 285 -27.03 -0.33 -113.50
CA LEU R 285 -27.56 0.54 -112.47
C LEU R 285 -28.87 1.16 -112.90
N ALA R 286 -28.91 1.65 -114.14
CA ALA R 286 -30.11 2.27 -114.68
C ALA R 286 -31.28 1.30 -114.64
N LEU R 287 -31.03 0.05 -115.00
CA LEU R 287 -32.05 -0.98 -114.91
C LEU R 287 -32.49 -1.18 -113.48
N GLY R 288 -31.52 -1.27 -112.58
CA GLY R 288 -31.79 -1.46 -111.16
C GLY R 288 -32.65 -0.32 -110.63
N ASN R 289 -32.33 0.90 -111.04
CA ASN R 289 -33.08 2.06 -110.61
C ASN R 289 -34.52 2.00 -111.07
N CYS R 290 -34.72 1.67 -112.34
CA CYS R 290 -36.06 1.62 -112.91
C CYS R 290 -36.87 0.47 -112.36
N ILE R 291 -36.24 -0.68 -112.21
CA ILE R 291 -36.91 -1.86 -111.67
C ILE R 291 -37.33 -1.65 -110.24
N ASN R 292 -36.42 -1.14 -109.43
CA ASN R 292 -36.70 -0.89 -108.02
C ASN R 292 -37.72 0.21 -107.85
N ALA R 293 -37.60 1.26 -108.64
CA ALA R 293 -38.58 2.33 -108.62
C ALA R 293 -39.95 1.81 -109.00
N LEU R 294 -39.99 1.01 -110.06
CA LEU R 294 -41.25 0.46 -110.55
C LEU R 294 -41.95 -0.37 -109.48
N CYS R 295 -41.25 -1.34 -108.93
CA CYS R 295 -41.83 -2.26 -107.95
C CYS R 295 -42.25 -1.54 -106.68
N LEU R 296 -41.38 -0.66 -106.18
CA LEU R 296 -41.68 0.07 -104.96
C LEU R 296 -42.84 1.04 -105.19
N ASN R 297 -42.91 1.64 -106.37
CA ASN R 297 -43.96 2.58 -106.67
C ASN R 297 -45.26 1.88 -107.06
N ASP R 298 -45.18 0.60 -107.42
CA ASP R 298 -46.38 -0.22 -107.54
C ASP R 298 -46.96 -0.49 -106.15
N GLY R 299 -46.09 -0.62 -105.16
CA GLY R 299 -46.52 -0.69 -103.76
C GLY R 299 -47.12 0.64 -103.30
N SER R 300 -46.62 1.74 -103.85
CA SER R 300 -47.12 3.08 -103.54
C SER R 300 -48.22 3.51 -104.52
N ARG R 301 -48.45 4.82 -104.60
CA ARG R 301 -49.51 5.36 -105.45
C ARG R 301 -48.97 6.06 -106.70
N SER R 302 -47.78 6.66 -106.57
CA SER R 302 -47.22 7.43 -107.68
C SER R 302 -45.94 6.79 -108.20
N CYS R 303 -45.82 6.72 -109.52
CA CYS R 303 -44.72 6.01 -110.16
C CYS R 303 -43.85 6.91 -111.02
N HIS R 304 -42.90 7.60 -110.37
CA HIS R 304 -41.88 8.33 -111.12
C HIS R 304 -40.67 7.44 -111.32
N ILE R 305 -40.45 7.03 -112.56
CA ILE R 305 -39.39 6.09 -112.87
C ILE R 305 -38.34 6.75 -113.78
N PRO R 306 -37.05 6.56 -113.46
CA PRO R 306 -35.90 7.25 -114.06
C PRO R 306 -35.51 6.60 -115.37
N TYR R 307 -36.40 6.70 -116.35
CA TYR R 307 -36.19 6.10 -117.66
C TYR R 307 -35.13 6.80 -118.48
N ARG R 308 -34.64 7.92 -117.99
CA ARG R 308 -33.62 8.69 -118.70
C ARG R 308 -32.21 8.37 -118.22
N ASP R 309 -32.07 7.43 -117.29
CA ASP R 309 -30.75 7.02 -116.83
C ASP R 309 -29.96 6.33 -117.94
N SER R 310 -30.65 5.56 -118.78
CA SER R 310 -30.02 4.90 -119.91
C SER R 310 -30.91 4.85 -121.11
N LYS R 311 -30.31 4.70 -122.28
CA LYS R 311 -31.05 4.53 -123.51
C LYS R 311 -31.82 3.22 -123.49
N LEU R 312 -31.33 2.26 -122.70
CA LEU R 312 -32.04 1.01 -122.52
C LEU R 312 -33.31 1.21 -121.73
N THR R 313 -33.26 2.08 -120.74
CA THR R 313 -34.43 2.36 -119.94
C THR R 313 -35.45 3.20 -120.73
N ARG R 314 -34.96 3.99 -121.69
CA ARG R 314 -35.85 4.59 -122.67
C ARG R 314 -36.46 3.53 -123.57
N LEU R 315 -35.63 2.60 -124.01
CA LEU R 315 -36.07 1.50 -124.86
C LEU R 315 -37.10 0.63 -124.16
N LEU R 316 -36.94 0.47 -122.86
CA LEU R 316 -37.84 -0.32 -122.05
C LEU R 316 -38.83 0.54 -121.29
N LYS R 317 -39.02 1.78 -121.76
CA LYS R 317 -39.90 2.74 -121.08
C LYS R 317 -41.27 2.18 -120.80
N PHE R 318 -41.78 1.36 -121.70
CA PHE R 318 -43.10 0.77 -121.51
C PHE R 318 -43.04 -0.74 -121.42
N SER R 319 -42.07 -1.35 -122.11
CA SER R 319 -41.84 -2.78 -121.99
C SER R 319 -41.60 -3.17 -120.53
N LEU R 320 -40.88 -2.32 -119.80
CA LEU R 320 -40.75 -2.45 -118.36
C LEU R 320 -41.38 -1.26 -117.65
N GLY R 321 -42.67 -1.35 -117.35
CA GLY R 321 -43.29 -0.31 -116.53
C GLY R 321 -44.77 -0.11 -116.83
N GLY R 322 -45.19 -0.39 -118.07
CA GLY R 322 -46.57 -0.16 -118.46
C GLY R 322 -47.47 -1.27 -117.94
N ASN R 323 -48.70 -1.33 -118.45
CA ASN R 323 -49.65 -2.35 -118.05
C ASN R 323 -49.28 -3.69 -118.70
N CYS R 324 -48.22 -4.30 -118.19
CA CYS R 324 -47.64 -5.46 -118.85
C CYS R 324 -46.91 -6.35 -117.88
N LYS R 325 -46.45 -7.50 -118.39
CA LYS R 325 -45.80 -8.50 -117.57
C LYS R 325 -44.44 -8.89 -118.14
N THR R 326 -43.54 -9.30 -117.26
CA THR R 326 -42.20 -9.72 -117.66
C THR R 326 -41.59 -10.70 -116.68
N VAL R 327 -40.59 -11.44 -117.15
CA VAL R 327 -39.84 -12.35 -116.32
C VAL R 327 -38.37 -11.96 -116.24
N MET R 328 -37.87 -11.86 -115.02
CA MET R 328 -36.47 -11.63 -114.78
C MET R 328 -35.73 -12.95 -114.80
N ILE R 329 -34.64 -13.02 -115.56
CA ILE R 329 -33.84 -14.24 -115.60
C ILE R 329 -32.44 -13.97 -115.10
N VAL R 330 -31.99 -14.78 -114.14
CA VAL R 330 -30.64 -14.61 -113.62
C VAL R 330 -29.85 -15.89 -113.72
N CYS R 331 -28.63 -15.79 -114.24
CA CYS R 331 -27.74 -16.93 -114.35
C CYS R 331 -26.85 -17.03 -113.13
N ILE R 332 -26.83 -18.21 -112.54
CA ILE R 332 -26.16 -18.43 -111.26
C ILE R 332 -24.99 -19.42 -111.36
N SER R 333 -23.88 -19.09 -110.69
CA SER R 333 -22.74 -20.01 -110.61
C SER R 333 -22.65 -20.65 -109.23
N PRO R 334 -22.37 -21.96 -109.20
CA PRO R 334 -22.22 -22.70 -107.94
C PRO R 334 -20.79 -22.66 -107.41
N SER R 335 -19.89 -22.02 -108.14
CA SER R 335 -18.49 -21.95 -107.73
C SER R 335 -18.24 -20.81 -106.75
N SER R 336 -17.37 -21.06 -105.78
CA SER R 336 -16.96 -20.03 -104.83
C SER R 336 -16.05 -19.00 -105.49
N SER R 337 -15.57 -19.30 -106.71
CA SER R 337 -14.84 -18.32 -107.51
C SER R 337 -15.77 -17.19 -107.97
N HIS R 338 -17.08 -17.43 -107.90
CA HIS R 338 -18.06 -16.40 -108.18
C HIS R 338 -18.88 -16.10 -106.94
N TYR R 339 -18.28 -16.33 -105.76
CA TYR R 339 -18.97 -16.20 -104.47
C TYR R 339 -19.60 -14.84 -104.31
N ASP R 340 -18.81 -13.79 -104.51
CA ASP R 340 -19.29 -12.44 -104.32
C ASP R 340 -20.23 -12.03 -105.43
N GLU R 341 -19.86 -12.36 -106.66
CA GLU R 341 -20.64 -11.97 -107.81
C GLU R 341 -22.01 -12.61 -107.78
N THR R 342 -22.04 -13.93 -107.59
CA THR R 342 -23.28 -14.67 -107.55
C THR R 342 -24.16 -14.23 -106.40
N LEU R 343 -23.57 -14.09 -105.22
CA LEU R 343 -24.31 -13.70 -104.04
C LEU R 343 -24.93 -12.32 -104.22
N ASN R 344 -24.16 -11.39 -104.76
CA ASN R 344 -24.63 -10.02 -104.94
C ASN R 344 -25.74 -9.94 -106.01
N THR R 345 -25.59 -10.71 -107.08
CA THR R 345 -26.61 -10.75 -108.13
C THR R 345 -27.87 -11.47 -107.67
N LEU R 346 -27.72 -12.43 -106.74
CA LEU R 346 -28.88 -13.04 -106.10
C LEU R 346 -29.67 -12.05 -105.28
N LYS R 347 -28.97 -11.24 -104.49
CA LYS R 347 -29.61 -10.21 -103.70
C LYS R 347 -30.31 -9.20 -104.61
N TYR R 348 -29.65 -8.85 -105.71
CA TYR R 348 -30.22 -7.96 -106.71
C TYR R 348 -31.56 -8.47 -107.20
N ALA R 349 -31.60 -9.75 -107.57
CA ALA R 349 -32.81 -10.36 -108.07
C ALA R 349 -33.92 -10.32 -107.02
N ASN R 350 -33.55 -10.56 -105.78
CA ASN R 350 -34.50 -10.53 -104.67
C ASN R 350 -35.04 -9.12 -104.43
N ARG R 351 -34.17 -8.13 -104.56
CA ARG R 351 -34.58 -6.74 -104.44
C ARG R 351 -35.51 -6.35 -105.59
N ALA R 352 -35.19 -6.85 -106.78
CA ALA R 352 -36.03 -6.64 -107.95
C ALA R 352 -37.40 -7.27 -107.75
N LYS R 353 -37.43 -8.44 -107.11
CA LYS R 353 -38.67 -9.14 -106.79
C LYS R 353 -39.55 -8.30 -105.88
N GLU R 354 -38.94 -7.71 -104.85
CA GLU R 354 -39.65 -6.86 -103.90
C GLU R 354 -39.49 -5.39 -104.25
N ARG S 2 77.87 -89.85 43.21
CA ARG S 2 77.00 -88.89 43.88
C ARG S 2 76.60 -87.73 42.96
N GLU S 3 76.74 -87.93 41.66
CA GLU S 3 76.56 -86.85 40.69
C GLU S 3 75.19 -86.93 40.02
N CYS S 4 74.74 -85.81 39.43
CA CYS S 4 73.42 -85.77 38.81
C CYS S 4 73.38 -84.92 37.54
N ILE S 5 72.31 -85.08 36.75
CA ILE S 5 72.16 -84.34 35.50
C ILE S 5 70.85 -83.57 35.46
N SER S 6 70.91 -82.29 35.11
CA SER S 6 69.72 -81.44 35.07
C SER S 6 69.21 -81.25 33.64
N ILE S 7 67.89 -81.20 33.49
CA ILE S 7 67.27 -81.07 32.18
C ILE S 7 66.23 -79.94 32.15
N HIS S 8 66.29 -79.11 31.12
CA HIS S 8 65.43 -77.93 31.02
C HIS S 8 64.70 -77.88 29.68
N VAL S 9 63.38 -77.70 29.70
CA VAL S 9 62.60 -77.70 28.47
C VAL S 9 61.68 -76.47 28.30
N GLY S 10 61.31 -76.16 27.05
CA GLY S 10 60.47 -75.00 26.71
C GLY S 10 61.16 -73.72 27.15
N GLN S 11 60.37 -72.78 27.67
CA GLN S 11 60.91 -71.56 28.22
C GLN S 11 61.01 -71.62 29.74
N ALA S 12 59.96 -72.14 30.37
CA ALA S 12 59.86 -72.20 31.83
C ALA S 12 60.99 -73.01 32.44
N GLY S 13 61.27 -74.16 31.87
CA GLY S 13 62.30 -75.03 32.40
C GLY S 13 63.65 -74.34 32.35
N VAL S 14 63.85 -73.57 31.30
CA VAL S 14 65.10 -72.85 31.10
C VAL S 14 65.23 -71.69 32.07
N GLN S 15 64.16 -70.91 32.20
CA GLN S 15 64.18 -69.76 33.10
C GLN S 15 64.37 -70.17 34.55
N ILE S 16 63.72 -71.26 34.94
CA ILE S 16 63.93 -71.83 36.26
C ILE S 16 65.35 -72.28 36.40
N GLY S 17 65.86 -72.94 35.36
CA GLY S 17 67.24 -73.39 35.34
C GLY S 17 68.21 -72.24 35.57
N ASN S 18 67.92 -71.10 34.95
CA ASN S 18 68.78 -69.93 35.12
C ASN S 18 68.95 -69.61 36.58
N ALA S 19 67.85 -69.59 37.32
CA ALA S 19 67.89 -69.33 38.75
C ALA S 19 68.69 -70.39 39.48
N CYS S 20 68.48 -71.66 39.12
CA CYS S 20 69.15 -72.77 39.78
C CYS S 20 70.65 -72.68 39.63
N TRP S 21 71.11 -72.44 38.42
CA TRP S 21 72.52 -72.45 38.12
C TRP S 21 73.20 -71.19 38.62
N GLU S 22 72.43 -70.10 38.73
CA GLU S 22 72.91 -68.93 39.44
C GLU S 22 73.19 -69.25 40.89
N LEU S 23 72.27 -69.96 41.53
CA LEU S 23 72.44 -70.34 42.92
C LEU S 23 73.65 -71.22 43.13
N TYR S 24 73.81 -72.21 42.25
CA TYR S 24 74.91 -73.14 42.38
C TYR S 24 76.24 -72.42 42.23
N CYS S 25 76.28 -71.47 41.31
CA CYS S 25 77.46 -70.64 41.15
C CYS S 25 77.76 -69.85 42.41
N LEU S 26 76.72 -69.25 42.98
CA LEU S 26 76.87 -68.49 44.22
C LEU S 26 77.37 -69.37 45.34
N GLU S 27 76.87 -70.59 45.40
CA GLU S 27 77.24 -71.53 46.45
C GLU S 27 78.69 -71.98 46.35
N HIS S 28 79.16 -72.19 45.14
CA HIS S 28 80.50 -72.71 44.96
C HIS S 28 81.50 -71.64 44.55
N GLY S 29 81.02 -70.41 44.37
CA GLY S 29 81.89 -69.29 44.04
C GLY S 29 82.28 -69.30 42.57
N ILE S 30 81.50 -70.01 41.77
CA ILE S 30 81.80 -70.20 40.37
C ILE S 30 81.37 -69.01 39.54
N GLN S 31 82.27 -68.57 38.67
CA GLN S 31 82.06 -67.36 37.89
C GLN S 31 81.22 -67.65 36.64
N PRO S 32 80.84 -66.60 35.93
CA PRO S 32 79.97 -66.68 34.78
C PRO S 32 80.62 -67.39 33.58
N ASP S 33 81.95 -67.48 33.60
CA ASP S 33 82.64 -68.25 32.58
C ASP S 33 83.04 -69.63 33.08
N GLY S 34 82.49 -70.04 34.22
CA GLY S 34 82.74 -71.37 34.77
C GLY S 34 83.92 -71.40 35.72
N GLN S 35 84.72 -70.33 35.74
CA GLN S 35 85.93 -70.31 36.54
C GLN S 35 85.63 -70.36 38.02
N MET S 36 86.28 -71.27 38.72
CA MET S 36 86.23 -71.26 40.17
C MET S 36 87.47 -70.58 40.74
N PRO S 37 87.26 -69.62 41.64
CA PRO S 37 88.39 -69.04 42.39
C PRO S 37 88.22 -69.29 43.88
N PHE S 49 81.10 -80.04 44.53
CA PHE S 49 80.61 -79.23 43.43
C PHE S 49 80.56 -80.03 42.14
N ASN S 50 81.30 -81.13 42.12
CA ASN S 50 81.47 -81.94 40.92
C ASN S 50 80.19 -82.67 40.52
N THR S 51 79.19 -82.61 41.38
CA THR S 51 77.92 -83.26 41.13
C THR S 51 77.03 -82.40 40.27
N PHE S 52 77.39 -81.13 40.12
CA PHE S 52 76.69 -80.22 39.24
C PHE S 52 77.60 -79.71 38.14
N PHE S 53 78.88 -79.60 38.44
CA PHE S 53 79.82 -79.07 37.47
C PHE S 53 80.89 -80.09 37.11
N SER S 54 81.00 -80.41 35.83
CA SER S 54 82.05 -81.27 35.36
C SER S 54 83.40 -80.59 35.57
N GLU S 55 84.33 -81.33 36.15
CA GLU S 55 85.63 -80.77 36.46
C GLU S 55 86.40 -80.41 35.21
N THR S 56 86.89 -79.16 35.18
CA THR S 56 87.68 -78.69 34.06
C THR S 56 89.09 -78.34 34.53
N GLY S 57 90.08 -78.81 33.79
CA GLY S 57 91.50 -78.63 34.15
C GLY S 57 91.91 -77.16 34.22
N ALA S 58 91.28 -76.33 33.39
CA ALA S 58 91.53 -74.89 33.39
C ALA S 58 90.85 -74.19 34.58
N GLY S 59 89.98 -74.90 35.29
CA GLY S 59 89.25 -74.34 36.41
C GLY S 59 87.84 -73.92 36.02
N LYS S 60 87.56 -73.98 34.72
CA LYS S 60 86.27 -73.54 34.20
C LYS S 60 85.26 -74.66 34.21
N HIS S 61 84.74 -74.96 35.39
CA HIS S 61 83.85 -76.10 35.56
C HIS S 61 82.50 -75.85 34.92
N VAL S 62 81.97 -76.86 34.24
CA VAL S 62 80.81 -76.68 33.38
C VAL S 62 79.61 -77.48 33.85
N PRO S 63 78.41 -76.89 33.80
CA PRO S 63 77.18 -77.43 34.31
C PRO S 63 76.79 -78.72 33.63
N ARG S 64 76.37 -79.68 34.43
CA ARG S 64 75.84 -80.93 33.91
C ARG S 64 74.37 -80.76 33.56
N ALA S 65 74.10 -80.15 32.42
CA ALA S 65 72.73 -79.78 32.08
C ALA S 65 72.43 -79.89 30.60
N VAL S 66 71.18 -80.21 30.30
CA VAL S 66 70.68 -80.22 28.93
C VAL S 66 69.56 -79.21 28.76
N PHE S 67 69.73 -78.28 27.83
CA PHE S 67 68.70 -77.28 27.57
C PHE S 67 68.01 -77.53 26.25
N VAL S 68 66.69 -77.61 26.29
CA VAL S 68 65.91 -77.86 25.09
C VAL S 68 64.83 -76.81 24.87
N ASP S 69 64.83 -76.21 23.69
CA ASP S 69 63.69 -75.40 23.27
C ASP S 69 63.54 -75.39 21.77
N LEU S 70 62.37 -75.81 21.31
CA LEU S 70 62.08 -75.96 19.90
C LEU S 70 62.02 -74.61 19.17
N GLU S 71 62.00 -73.52 19.92
CA GLU S 71 62.25 -72.19 19.37
C GLU S 71 63.29 -71.46 20.20
N PRO S 72 64.52 -71.40 19.70
CA PRO S 72 65.73 -71.03 20.43
C PRO S 72 65.61 -69.79 21.30
N THR S 73 64.69 -68.89 20.97
CA THR S 73 64.41 -67.66 21.75
C THR S 73 65.01 -67.64 23.16
N VAL S 74 64.42 -68.37 24.11
CA VAL S 74 64.89 -68.32 25.50
C VAL S 74 66.32 -68.82 25.64
N ILE S 75 66.72 -69.73 24.77
CA ILE S 75 68.06 -70.23 24.77
C ILE S 75 69.00 -69.19 24.21
N ASP S 76 68.52 -68.43 23.23
CA ASP S 76 69.28 -67.32 22.69
C ASP S 76 69.52 -66.26 23.76
N GLU S 77 68.54 -66.08 24.65
CA GLU S 77 68.72 -65.20 25.78
C GLU S 77 69.88 -65.69 26.64
N VAL S 78 69.96 -67.00 26.83
CA VAL S 78 71.09 -67.60 27.55
C VAL S 78 72.38 -67.46 26.75
N ARG S 79 72.30 -67.71 25.44
CA ARG S 79 73.47 -67.67 24.57
C ARG S 79 74.08 -66.28 24.49
N THR S 80 73.24 -65.26 24.62
CA THR S 80 73.69 -63.89 24.50
C THR S 80 73.84 -63.22 25.85
N GLY S 81 73.18 -63.75 26.86
CA GLY S 81 73.22 -63.15 28.18
C GLY S 81 74.34 -63.72 29.04
N THR S 82 74.28 -63.43 30.33
CA THR S 82 75.28 -63.89 31.28
C THR S 82 75.17 -65.39 31.43
N TYR S 83 76.31 -66.04 31.63
CA TYR S 83 76.41 -67.49 31.75
C TYR S 83 76.35 -68.20 30.40
N ARG S 84 76.45 -67.43 29.31
CA ARG S 84 76.72 -68.02 28.02
C ARG S 84 78.10 -68.65 28.01
N GLN S 85 78.98 -68.11 28.85
CA GLN S 85 80.32 -68.62 28.97
C GLN S 85 80.37 -69.79 29.95
N LEU S 86 79.40 -69.83 30.86
CA LEU S 86 79.29 -70.93 31.81
C LEU S 86 78.90 -72.24 31.14
N PHE S 87 77.81 -72.19 30.40
CA PHE S 87 77.27 -73.41 29.79
C PHE S 87 78.04 -73.80 28.54
N HIS S 88 78.09 -75.10 28.28
CA HIS S 88 78.72 -75.58 27.05
C HIS S 88 77.75 -75.43 25.89
N PRO S 89 78.26 -75.06 24.72
CA PRO S 89 77.43 -74.80 23.56
C PRO S 89 76.72 -76.05 23.09
N GLU S 90 77.32 -77.21 23.32
CA GLU S 90 76.74 -78.49 22.93
C GLU S 90 75.45 -78.78 23.69
N GLN S 91 75.29 -78.15 24.85
CA GLN S 91 74.18 -78.41 25.74
C GLN S 91 72.95 -77.61 25.34
N LEU S 92 73.16 -76.57 24.56
CA LEU S 92 72.10 -75.64 24.25
C LEU S 92 71.35 -76.08 23.00
N ILE S 93 70.52 -77.10 23.17
CA ILE S 93 69.79 -77.71 22.06
C ILE S 93 68.55 -76.93 21.70
N THR S 94 68.43 -76.55 20.43
CA THR S 94 67.28 -75.81 19.98
C THR S 94 66.71 -76.36 18.70
N GLY S 95 65.45 -76.05 18.46
CA GLY S 95 64.78 -76.43 17.21
C GLY S 95 64.63 -75.23 16.30
N LYS S 96 63.71 -75.32 15.35
CA LYS S 96 63.41 -74.23 14.45
C LYS S 96 61.98 -73.76 14.61
N GLU S 97 61.06 -74.71 14.63
CA GLU S 97 59.64 -74.43 14.82
C GLU S 97 59.17 -74.95 16.17
N ASP S 98 58.46 -74.11 16.92
CA ASP S 98 58.05 -74.47 18.27
C ASP S 98 56.84 -75.42 18.25
N ALA S 99 56.61 -76.09 19.38
CA ALA S 99 55.46 -76.99 19.52
C ALA S 99 54.16 -76.21 19.64
N ALA S 100 54.28 -75.00 20.20
CA ALA S 100 53.17 -74.07 20.31
C ALA S 100 52.00 -74.59 21.13
N ASN S 101 52.29 -74.94 22.40
CA ASN S 101 51.23 -75.32 23.34
C ASN S 101 50.46 -76.53 22.86
N ASN S 102 51.16 -77.44 22.20
CA ASN S 102 50.53 -78.64 21.71
C ASN S 102 51.33 -79.85 22.11
N TYR S 103 50.85 -80.54 23.14
CA TYR S 103 51.51 -81.74 23.64
C TYR S 103 51.84 -82.70 22.52
N ALA S 104 50.92 -82.85 21.58
CA ALA S 104 51.07 -83.87 20.56
C ALA S 104 52.23 -83.54 19.63
N ARG S 105 52.38 -82.26 19.30
CA ARG S 105 53.47 -81.82 18.44
C ARG S 105 54.81 -81.91 19.14
N GLY S 106 54.82 -81.59 20.42
CA GLY S 106 56.02 -81.73 21.23
C GLY S 106 56.36 -83.19 21.43
N HIS S 107 55.32 -84.03 21.56
CA HIS S 107 55.51 -85.45 21.73
C HIS S 107 55.99 -86.10 20.45
N TYR S 108 55.52 -85.62 19.30
CA TYR S 108 55.78 -86.32 18.06
C TYR S 108 56.48 -85.44 17.01
N THR S 109 55.70 -84.87 16.09
CA THR S 109 56.27 -84.29 14.86
C THR S 109 57.47 -83.40 15.09
N ILE S 110 57.40 -82.52 16.07
CA ILE S 110 58.47 -81.55 16.22
C ILE S 110 59.55 -82.10 17.16
N GLY S 111 59.13 -82.56 18.33
CA GLY S 111 60.07 -83.00 19.36
C GLY S 111 60.97 -84.15 18.90
N LYS S 112 60.38 -85.09 18.15
CA LYS S 112 61.11 -86.29 17.73
C LYS S 112 62.27 -85.98 16.80
N GLU S 113 62.30 -84.77 16.27
CA GLU S 113 63.35 -84.40 15.34
C GLU S 113 64.65 -84.06 16.05
N ILE S 114 64.57 -83.77 17.34
CA ILE S 114 65.78 -83.44 18.09
C ILE S 114 66.03 -84.40 19.23
N ILE S 115 65.05 -85.25 19.54
CA ILE S 115 65.18 -86.17 20.66
C ILE S 115 66.40 -87.06 20.54
N ASP S 116 66.79 -87.39 19.31
CA ASP S 116 67.98 -88.20 19.09
C ASP S 116 69.21 -87.47 19.57
N LEU S 117 69.33 -86.20 19.20
CA LEU S 117 70.42 -85.35 19.66
C LEU S 117 70.41 -85.22 21.16
N VAL S 118 69.24 -85.00 21.72
CA VAL S 118 69.08 -84.83 23.15
C VAL S 118 69.59 -86.03 23.91
N LEU S 119 69.19 -87.22 23.47
CA LEU S 119 69.62 -88.44 24.12
C LEU S 119 71.11 -88.66 23.97
N ASP S 120 71.65 -88.27 22.82
CA ASP S 120 73.08 -88.38 22.58
C ASP S 120 73.87 -87.48 23.51
N ARG S 121 73.37 -86.27 23.74
CA ARG S 121 74.02 -85.36 24.66
C ARG S 121 73.94 -85.87 26.08
N ILE S 122 72.80 -86.46 26.43
CA ILE S 122 72.64 -87.07 27.74
C ILE S 122 73.61 -88.21 27.93
N ARG S 123 73.73 -89.05 26.90
CA ARG S 123 74.64 -90.19 26.94
C ARG S 123 76.06 -89.74 27.20
N LYS S 124 76.50 -88.70 26.50
CA LYS S 124 77.82 -88.14 26.73
C LYS S 124 78.00 -87.74 28.17
N LEU S 125 77.02 -87.03 28.72
CA LEU S 125 77.07 -86.61 30.12
C LEU S 125 77.12 -87.81 31.05
N ALA S 126 76.33 -88.83 30.74
CA ALA S 126 76.26 -90.02 31.56
C ALA S 126 77.53 -90.84 31.46
N ASP S 127 78.18 -90.79 30.30
CA ASP S 127 79.46 -91.46 30.13
C ASP S 127 80.57 -90.75 30.89
N GLN S 128 80.47 -89.43 30.95
CA GLN S 128 81.39 -88.63 31.76
C GLN S 128 81.16 -88.86 33.24
N CYS S 129 79.89 -88.94 33.62
CA CYS S 129 79.51 -89.10 35.01
C CYS S 129 79.82 -90.50 35.53
N THR S 130 80.58 -90.55 36.62
CA THR S 130 80.85 -91.82 37.30
C THR S 130 79.63 -92.29 38.08
N GLY S 131 79.52 -91.84 39.33
CA GLY S 131 78.43 -92.25 40.22
C GLY S 131 77.16 -91.47 39.96
N LEU S 132 76.51 -91.74 38.84
CA LEU S 132 75.24 -91.08 38.52
C LEU S 132 74.14 -91.53 39.47
N GLN S 133 73.56 -90.57 40.17
CA GLN S 133 72.43 -90.86 41.04
C GLN S 133 71.13 -90.78 40.28
N GLY S 134 70.99 -89.75 39.46
CA GLY S 134 69.74 -89.54 38.75
C GLY S 134 69.67 -88.19 38.04
N PHE S 135 68.46 -87.82 37.63
CA PHE S 135 68.22 -86.65 36.83
C PHE S 135 67.25 -85.70 37.50
N SER S 136 67.28 -84.44 37.10
CA SER S 136 66.36 -83.43 37.62
C SER S 136 65.78 -82.61 36.48
N VAL S 137 64.51 -82.89 36.15
CA VAL S 137 63.86 -82.30 35.00
C VAL S 137 63.01 -81.10 35.39
N PHE S 138 63.20 -80.00 34.69
CA PHE S 138 62.41 -78.80 34.91
C PHE S 138 61.50 -78.51 33.75
N HIS S 139 60.20 -78.60 33.99
CA HIS S 139 59.24 -78.47 32.91
C HIS S 139 57.91 -77.90 33.40
N SER S 140 57.03 -77.64 32.46
CA SER S 140 55.68 -77.18 32.80
C SER S 140 54.64 -78.19 32.35
N PHE S 141 53.39 -77.78 32.39
CA PHE S 141 52.31 -78.57 31.80
C PHE S 141 51.61 -77.78 30.72
N GLY S 142 51.90 -76.48 30.66
CA GLY S 142 51.23 -75.58 29.74
C GLY S 142 51.67 -75.78 28.31
N GLY S 143 52.95 -75.55 28.05
CA GLY S 143 53.47 -75.62 26.70
C GLY S 143 53.67 -77.05 26.25
N GLY S 144 53.67 -77.26 24.94
CA GLY S 144 53.86 -78.58 24.39
C GLY S 144 55.34 -78.94 24.38
N THR S 145 56.18 -77.92 24.22
CA THR S 145 57.63 -78.09 24.25
C THR S 145 58.11 -78.49 25.62
N GLY S 146 57.33 -78.15 26.63
CA GLY S 146 57.62 -78.62 27.96
C GLY S 146 56.89 -79.93 28.20
N SER S 147 55.58 -79.91 28.06
CA SER S 147 54.73 -81.05 28.38
C SER S 147 54.97 -82.24 27.46
N GLY S 148 54.78 -82.03 26.16
CA GLY S 148 54.85 -83.10 25.17
C GLY S 148 56.25 -83.63 25.02
N PHE S 149 57.19 -82.72 24.87
CA PHE S 149 58.58 -83.12 24.71
C PHE S 149 59.08 -83.89 25.90
N THR S 150 58.76 -83.42 27.10
CA THR S 150 59.17 -84.12 28.31
C THR S 150 58.62 -85.53 28.32
N SER S 151 57.37 -85.67 27.93
CA SER S 151 56.77 -86.99 27.85
C SER S 151 57.59 -87.92 26.97
N LEU S 152 57.96 -87.43 25.80
CA LEU S 152 58.83 -88.17 24.88
C LEU S 152 60.16 -88.52 25.53
N LEU S 153 60.82 -87.50 26.08
CA LEU S 153 62.14 -87.67 26.65
C LEU S 153 62.16 -88.62 27.82
N MET S 154 61.20 -88.48 28.72
CA MET S 154 61.17 -89.31 29.92
C MET S 154 61.00 -90.77 29.56
N GLU S 155 60.20 -91.06 28.56
CA GLU S 155 60.07 -92.42 28.09
C GLU S 155 61.41 -92.95 27.58
N ARG S 156 62.09 -92.17 26.76
CA ARG S 156 63.36 -92.57 26.20
C ARG S 156 64.43 -92.72 27.27
N LEU S 157 64.45 -91.77 28.20
CA LEU S 157 65.43 -91.75 29.26
C LEU S 157 65.22 -92.91 30.21
N SER S 158 63.95 -93.23 30.47
CA SER S 158 63.57 -94.36 31.31
C SER S 158 64.10 -95.67 30.76
N VAL S 159 64.00 -95.84 29.45
CA VAL S 159 64.54 -97.02 28.78
C VAL S 159 66.05 -97.14 28.98
N ASP S 160 66.76 -96.04 28.76
CA ASP S 160 68.21 -96.07 28.84
C ASP S 160 68.71 -96.22 30.28
N TYR S 161 68.05 -95.54 31.21
CA TYR S 161 68.51 -95.55 32.60
C TYR S 161 67.40 -95.97 33.55
N GLY S 162 67.01 -97.24 33.47
CA GLY S 162 65.97 -97.78 34.34
C GLY S 162 66.41 -97.83 35.80
N LYS S 163 67.71 -97.77 36.03
CA LYS S 163 68.24 -97.87 37.38
C LYS S 163 68.59 -96.51 38.00
N LYS S 164 68.30 -95.43 37.28
CA LYS S 164 68.65 -94.10 37.79
C LYS S 164 67.42 -93.32 38.19
N SER S 165 67.57 -92.50 39.23
CA SER S 165 66.44 -91.76 39.78
C SER S 165 66.04 -90.59 38.90
N LYS S 166 64.75 -90.48 38.62
CA LYS S 166 64.25 -89.41 37.77
C LYS S 166 63.32 -88.47 38.53
N LEU S 167 63.85 -87.28 38.86
CA LEU S 167 63.06 -86.25 39.52
C LEU S 167 62.44 -85.33 38.49
N GLU S 168 61.19 -84.97 38.72
CA GLU S 168 60.51 -84.03 37.84
C GLU S 168 59.95 -82.86 38.64
N PHE S 169 60.46 -81.68 38.36
CA PHE S 169 59.96 -80.47 38.98
C PHE S 169 59.09 -79.72 38.00
N SER S 170 57.79 -79.82 38.21
CA SER S 170 56.84 -79.33 37.23
C SER S 170 56.10 -78.10 37.72
N ILE S 171 55.75 -77.22 36.79
CA ILE S 171 54.89 -76.10 37.11
C ILE S 171 53.44 -76.43 36.87
N TYR S 172 52.73 -76.68 37.96
CA TYR S 172 51.37 -77.15 37.95
C TYR S 172 50.41 -76.10 37.37
N PRO S 173 49.70 -76.43 36.26
CA PRO S 173 48.56 -75.64 35.80
C PRO S 173 47.74 -75.16 36.97
N ALA S 174 47.88 -73.89 37.32
CA ALA S 174 47.23 -73.33 38.49
C ALA S 174 45.71 -73.37 38.34
N PRO S 175 45.00 -73.62 39.44
CA PRO S 175 43.55 -73.75 39.42
C PRO S 175 42.85 -72.42 39.22
N GLN S 176 43.40 -71.36 39.79
CA GLN S 176 42.75 -70.06 39.72
C GLN S 176 42.97 -69.38 38.39
N VAL S 177 44.23 -69.32 37.95
CA VAL S 177 44.58 -68.54 36.78
C VAL S 177 45.65 -69.21 35.95
N SER S 178 45.60 -69.01 34.64
CA SER S 178 46.61 -69.56 33.77
C SER S 178 46.85 -68.64 32.59
N THR S 179 47.67 -69.07 31.64
CA THR S 179 48.02 -68.19 30.53
C THR S 179 47.67 -68.78 29.18
N ALA S 180 47.52 -70.10 29.12
CA ALA S 180 47.04 -70.75 27.91
C ALA S 180 45.71 -71.42 28.19
N VAL S 181 44.91 -71.61 27.15
CA VAL S 181 43.57 -72.10 27.36
C VAL S 181 43.47 -73.60 27.08
N VAL S 182 44.54 -74.17 26.53
CA VAL S 182 44.56 -75.59 26.24
C VAL S 182 45.47 -76.35 27.20
N GLU S 183 45.69 -75.75 28.36
CA GLU S 183 46.54 -76.37 29.36
C GLU S 183 46.01 -77.72 29.87
N PRO S 184 44.75 -77.77 30.38
CA PRO S 184 44.06 -79.01 30.78
C PRO S 184 44.45 -80.21 29.91
N TYR S 185 44.45 -80.02 28.59
CA TYR S 185 44.80 -81.08 27.67
C TYR S 185 46.24 -81.51 27.84
N ASN S 186 47.15 -80.55 27.81
CA ASN S 186 48.56 -80.86 27.88
C ASN S 186 48.91 -81.46 29.23
N SER S 187 48.25 -80.97 30.27
CA SER S 187 48.45 -81.45 31.62
C SER S 187 48.02 -82.90 31.78
N ILE S 188 46.83 -83.22 31.30
CA ILE S 188 46.27 -84.55 31.52
C ILE S 188 47.02 -85.59 30.69
N LEU S 189 47.53 -85.17 29.53
CA LEU S 189 48.31 -86.05 28.70
C LEU S 189 49.67 -86.34 29.34
N THR S 190 50.24 -85.35 30.01
CA THR S 190 51.51 -85.54 30.68
C THR S 190 51.39 -86.53 31.82
N THR S 191 50.30 -86.44 32.57
CA THR S 191 50.13 -87.20 33.81
C THR S 191 50.45 -88.67 33.67
N HIS S 192 49.95 -89.31 32.62
CA HIS S 192 50.10 -90.76 32.49
C HIS S 192 51.52 -91.16 32.08
N THR S 193 52.35 -90.18 31.71
CA THR S 193 53.76 -90.45 31.45
C THR S 193 54.57 -90.27 32.71
N THR S 194 54.35 -89.16 33.40
CA THR S 194 55.05 -88.88 34.65
C THR S 194 54.79 -89.93 35.69
N LEU S 195 53.52 -90.27 35.89
CA LEU S 195 53.15 -91.30 36.84
C LEU S 195 53.78 -92.64 36.48
N GLU S 196 53.95 -92.89 35.19
CA GLU S 196 54.52 -94.13 34.70
C GLU S 196 56.04 -94.19 34.87
N HIS S 197 56.73 -93.13 34.45
CA HIS S 197 58.19 -93.21 34.29
C HIS S 197 58.98 -92.48 35.38
N SER S 198 58.38 -91.51 36.04
CA SER S 198 59.11 -90.72 37.03
C SER S 198 59.30 -91.50 38.31
N ASP S 199 60.30 -91.12 39.09
CA ASP S 199 60.53 -91.69 40.41
C ASP S 199 60.00 -90.78 41.50
N CYS S 200 60.04 -89.48 41.24
CA CYS S 200 59.44 -88.51 42.16
C CYS S 200 59.16 -87.19 41.47
N ALA S 201 57.92 -86.75 41.57
CA ALA S 201 57.49 -85.53 40.90
C ALA S 201 57.07 -84.47 41.90
N PHE S 202 57.30 -83.21 41.54
CA PHE S 202 56.88 -82.09 42.34
C PHE S 202 55.95 -81.19 41.54
N MET S 203 54.92 -80.69 42.18
CA MET S 203 53.97 -79.82 41.52
C MET S 203 53.91 -78.46 42.17
N VAL S 204 54.18 -77.42 41.40
CA VAL S 204 54.26 -76.08 41.93
C VAL S 204 53.28 -75.13 41.26
N ASP S 205 52.55 -74.37 42.07
CA ASP S 205 51.58 -73.42 41.53
C ASP S 205 52.11 -72.00 41.59
N ASN S 206 52.25 -71.38 40.41
CA ASN S 206 52.75 -70.01 40.32
C ASN S 206 51.93 -69.05 41.16
N GLU S 207 50.64 -69.29 41.21
CA GLU S 207 49.71 -68.40 41.89
C GLU S 207 49.88 -68.51 43.39
N ALA S 208 50.12 -69.72 43.87
CA ALA S 208 50.43 -69.92 45.27
C ALA S 208 51.71 -69.20 45.63
N ILE S 209 52.67 -69.18 44.71
CA ILE S 209 53.92 -68.48 44.97
C ILE S 209 53.71 -66.99 45.00
N TYR S 210 52.99 -66.47 44.01
CA TYR S 210 52.73 -65.04 43.96
C TYR S 210 52.07 -64.59 45.24
N ASP S 211 51.16 -65.40 45.74
CA ASP S 211 50.52 -65.17 47.02
C ASP S 211 51.53 -65.14 48.17
N ILE S 212 52.47 -66.07 48.16
CA ILE S 212 53.55 -66.10 49.14
C ILE S 212 54.42 -64.85 49.06
N CYS S 213 54.71 -64.40 47.85
CA CYS S 213 55.47 -63.17 47.65
C CYS S 213 54.76 -61.98 48.27
N ARG S 214 53.45 -61.91 48.07
CA ARG S 214 52.63 -60.85 48.65
C ARG S 214 52.63 -60.88 50.18
N ARG S 215 52.39 -62.05 50.74
CA ARG S 215 52.19 -62.17 52.19
C ARG S 215 53.49 -62.17 52.98
N ASN S 216 54.48 -62.93 52.52
CA ASN S 216 55.69 -63.12 53.29
C ASN S 216 56.79 -62.16 52.87
N LEU S 217 57.03 -62.05 51.56
CA LEU S 217 58.05 -61.14 51.06
C LEU S 217 57.53 -59.71 50.93
N ASP S 218 56.23 -59.53 51.11
CA ASP S 218 55.62 -58.21 51.05
C ASP S 218 55.79 -57.57 49.67
N ILE S 219 55.53 -58.35 48.62
CA ILE S 219 55.70 -57.87 47.26
C ILE S 219 54.36 -57.70 46.56
N GLU S 220 54.06 -56.45 46.18
CA GLU S 220 52.81 -56.13 45.50
C GLU S 220 52.88 -56.47 44.01
N ARG S 221 54.09 -56.51 43.47
CA ARG S 221 54.29 -56.75 42.05
C ARG S 221 55.34 -57.82 41.81
N PRO S 222 54.93 -59.08 41.77
CA PRO S 222 55.86 -60.19 41.65
C PRO S 222 55.85 -60.75 40.25
N THR S 223 56.99 -61.28 39.85
CA THR S 223 57.18 -61.78 38.50
C THR S 223 57.96 -63.08 38.51
N TYR S 224 58.21 -63.60 37.31
CA TYR S 224 58.83 -64.91 37.17
C TYR S 224 60.23 -64.94 37.73
N THR S 225 60.93 -63.82 37.64
CA THR S 225 62.30 -63.74 38.16
C THR S 225 62.37 -64.16 39.61
N ASN S 226 61.59 -63.50 40.46
CA ASN S 226 61.62 -63.77 41.89
C ASN S 226 60.96 -65.10 42.20
N LEU S 227 59.88 -65.38 41.48
CA LEU S 227 59.17 -66.64 41.61
C LEU S 227 60.09 -67.82 41.38
N ASN S 228 60.87 -67.76 40.31
CA ASN S 228 61.78 -68.83 39.96
C ASN S 228 62.87 -68.98 40.99
N ARG S 229 63.36 -67.86 41.52
CA ARG S 229 64.41 -67.89 42.51
C ARG S 229 63.99 -68.66 43.74
N LEU S 230 62.74 -68.50 44.15
CA LEU S 230 62.21 -69.28 45.27
C LEU S 230 62.19 -70.77 44.96
N ILE S 231 61.73 -71.12 43.77
CA ILE S 231 61.69 -72.51 43.36
C ILE S 231 63.07 -73.12 43.35
N GLY S 232 64.02 -72.39 42.77
CA GLY S 232 65.40 -72.85 42.70
C GLY S 232 65.98 -73.03 44.08
N GLN S 233 65.66 -72.12 44.99
CA GLN S 233 66.16 -72.19 46.36
C GLN S 233 65.71 -73.47 47.03
N ILE S 234 64.48 -73.88 46.76
CA ILE S 234 63.98 -75.14 47.27
C ILE S 234 64.79 -76.31 46.74
N VAL S 235 65.06 -76.32 45.45
CA VAL S 235 65.80 -77.40 44.84
C VAL S 235 67.21 -77.51 45.40
N SER S 236 67.84 -76.36 45.64
CA SER S 236 69.12 -76.33 46.30
C SER S 236 69.10 -77.04 47.64
N SER S 237 68.08 -76.76 48.43
CA SER S 237 67.92 -77.42 49.72
C SER S 237 67.64 -78.91 49.60
N ILE S 238 66.93 -79.30 48.54
CA ILE S 238 66.65 -80.71 48.31
C ILE S 238 67.91 -81.48 47.92
N THR S 239 68.69 -80.91 47.03
CA THR S 239 69.78 -81.63 46.38
C THR S 239 71.14 -81.15 46.84
N ALA S 240 71.55 -79.98 46.35
CA ALA S 240 72.86 -79.43 46.62
C ALA S 240 73.20 -79.48 48.10
N SER S 241 72.21 -79.22 48.95
CA SER S 241 72.37 -79.28 50.39
C SER S 241 73.08 -80.56 50.82
N LEU S 242 72.66 -81.67 50.25
CA LEU S 242 73.21 -82.96 50.60
C LEU S 242 74.69 -83.02 50.26
N ARG S 243 75.04 -82.37 49.17
CA ARG S 243 76.39 -82.41 48.64
C ARG S 243 77.35 -81.48 49.35
N PHE S 244 76.91 -80.85 50.44
CA PHE S 244 77.81 -80.04 51.22
C PHE S 244 78.27 -80.75 52.50
N ASP S 245 77.77 -81.96 52.72
CA ASP S 245 78.14 -82.76 53.88
C ASP S 245 77.59 -82.20 55.19
N GLY S 246 76.40 -82.65 55.56
CA GLY S 246 75.76 -82.23 56.78
C GLY S 246 75.77 -83.32 57.83
N ALA S 247 75.02 -83.10 58.91
CA ALA S 247 74.90 -84.10 59.97
C ALA S 247 74.13 -85.31 59.49
N LEU S 248 73.09 -85.07 58.71
CA LEU S 248 72.27 -86.15 58.21
C LEU S 248 72.13 -86.04 56.70
N ASN S 249 73.01 -86.71 55.97
CA ASN S 249 73.03 -86.64 54.52
C ASN S 249 72.04 -87.61 53.91
N VAL S 250 70.77 -87.23 53.91
CA VAL S 250 69.74 -88.08 53.37
C VAL S 250 69.83 -88.20 51.86
N ASP S 251 70.07 -89.42 51.38
CA ASP S 251 70.25 -89.64 49.95
C ASP S 251 68.96 -89.37 49.17
N LEU S 252 69.09 -89.11 47.88
CA LEU S 252 67.94 -88.90 47.01
C LEU S 252 67.07 -90.14 46.95
N THR S 253 67.69 -91.32 46.99
CA THR S 253 66.94 -92.56 47.01
C THR S 253 66.44 -92.85 48.42
N GLU S 254 67.13 -92.30 49.41
CA GLU S 254 66.71 -92.37 50.79
C GLU S 254 65.45 -91.56 51.01
N PHE S 255 65.35 -90.42 50.30
CA PHE S 255 64.10 -89.66 50.26
C PHE S 255 62.98 -90.55 49.82
N GLN S 256 63.20 -91.24 48.71
CA GLN S 256 62.20 -92.12 48.14
C GLN S 256 61.87 -93.27 49.08
N THR S 257 62.90 -93.82 49.74
CA THR S 257 62.70 -94.88 50.71
C THR S 257 61.64 -94.51 51.73
N ASN S 258 61.73 -93.30 52.26
CA ASN S 258 60.88 -92.90 53.37
C ASN S 258 59.64 -92.11 52.93
N LEU S 259 59.76 -91.36 51.85
CA LEU S 259 58.64 -90.54 51.39
C LEU S 259 57.60 -91.36 50.65
N VAL S 260 58.04 -92.37 49.92
CA VAL S 260 57.13 -93.13 49.08
C VAL S 260 56.81 -94.51 49.68
N PRO S 261 55.53 -94.78 49.95
CA PRO S 261 55.09 -96.03 50.59
C PRO S 261 54.65 -97.06 49.58
N TYR S 262 54.29 -96.59 48.39
CA TYR S 262 53.77 -97.46 47.36
C TYR S 262 54.58 -97.37 46.07
N PRO S 263 54.16 -98.10 45.07
CA PRO S 263 54.73 -98.00 43.74
C PRO S 263 54.35 -96.68 43.07
N ARG S 264 53.24 -96.10 43.52
CA ARG S 264 52.83 -94.78 43.07
C ARG S 264 52.76 -93.80 44.23
N GLY S 265 52.15 -92.64 44.00
CA GLY S 265 52.07 -91.60 45.03
C GLY S 265 53.32 -90.73 45.02
N HIS S 266 53.84 -90.48 43.82
CA HIS S 266 55.11 -89.77 43.66
C HIS S 266 54.91 -88.27 43.59
N PHE S 267 54.17 -87.72 44.55
CA PHE S 267 53.80 -86.31 44.48
C PHE S 267 53.94 -85.61 45.81
N PRO S 268 55.17 -85.25 46.18
CA PRO S 268 55.48 -84.49 47.37
C PRO S 268 55.39 -83.01 47.11
N LEU S 269 54.98 -82.28 48.13
CA LEU S 269 54.95 -80.84 48.05
C LEU S 269 56.18 -80.29 48.70
N ALA S 270 56.81 -79.33 48.06
CA ALA S 270 58.07 -78.80 48.54
C ALA S 270 57.91 -77.36 48.99
N THR S 271 58.05 -77.14 50.29
CA THR S 271 57.84 -75.81 50.84
C THR S 271 59.12 -75.24 51.42
N TYR S 272 59.15 -73.93 51.58
CA TYR S 272 60.29 -73.24 52.16
C TYR S 272 59.81 -72.24 53.19
N ALA S 273 60.23 -72.45 54.42
CA ALA S 273 59.60 -71.76 55.55
C ALA S 273 60.39 -70.57 56.10
N PRO S 274 61.54 -70.25 55.51
CA PRO S 274 62.23 -69.02 55.91
C PRO S 274 61.97 -67.86 54.98
N VAL S 275 60.84 -67.88 54.28
CA VAL S 275 60.53 -66.79 53.37
C VAL S 275 60.30 -65.52 54.16
N ILE S 276 61.11 -64.51 53.88
CA ILE S 276 61.17 -63.35 54.76
C ILE S 276 61.71 -62.12 54.04
N SER S 277 61.15 -60.96 54.37
CA SER S 277 61.61 -59.71 53.78
C SER S 277 62.79 -59.15 54.54
N ALA S 278 63.48 -58.19 53.93
CA ALA S 278 64.64 -57.57 54.54
C ALA S 278 64.27 -56.84 55.82
N GLU S 279 63.10 -56.22 55.84
CA GLU S 279 62.62 -55.54 57.04
C GLU S 279 62.37 -56.55 58.16
N LYS S 280 61.68 -57.63 57.83
CA LYS S 280 61.37 -58.66 58.81
C LYS S 280 62.62 -59.31 59.35
N ALA S 281 63.66 -59.37 58.52
CA ALA S 281 64.94 -59.96 58.94
C ALA S 281 65.52 -59.27 60.17
N TYR S 282 65.10 -58.03 60.44
CA TYR S 282 65.58 -57.30 61.59
C TYR S 282 64.70 -57.52 62.80
N HIS S 283 63.40 -57.47 62.59
CA HIS S 283 62.46 -57.59 63.71
C HIS S 283 62.20 -59.03 64.10
N GLU S 284 62.05 -59.88 63.09
CA GLU S 284 61.75 -61.29 63.32
C GLU S 284 62.94 -62.02 63.90
N GLN S 285 62.69 -62.77 64.98
CA GLN S 285 63.68 -63.69 65.49
C GLN S 285 63.26 -65.12 65.26
N LEU S 286 63.89 -65.76 64.28
CA LEU S 286 63.56 -67.11 63.91
C LEU S 286 64.39 -68.13 64.64
N SER S 287 63.87 -69.35 64.73
CA SER S 287 64.61 -70.48 65.23
C SER S 287 63.99 -71.76 64.71
N VAL S 288 64.51 -72.88 65.19
CA VAL S 288 64.16 -74.18 64.64
C VAL S 288 62.67 -74.45 64.71
N ALA S 289 62.08 -74.25 65.89
CA ALA S 289 60.67 -74.53 66.09
C ALA S 289 59.80 -73.56 65.32
N GLU S 290 60.17 -72.28 65.33
CA GLU S 290 59.38 -71.25 64.66
C GLU S 290 59.26 -71.53 63.19
N ILE S 291 60.39 -71.80 62.56
CA ILE S 291 60.42 -72.05 61.14
C ILE S 291 59.74 -73.35 60.80
N THR S 292 60.01 -74.39 61.59
CA THR S 292 59.40 -75.68 61.39
C THR S 292 57.88 -75.59 61.49
N ASN S 293 57.40 -74.81 62.45
CA ASN S 293 55.96 -74.62 62.59
C ASN S 293 55.37 -73.94 61.37
N ALA S 294 56.09 -72.95 60.84
CA ALA S 294 55.61 -72.19 59.70
C ALA S 294 55.37 -73.08 58.48
N CYS S 295 56.19 -74.12 58.32
CA CYS S 295 56.09 -74.96 57.12
C CYS S 295 54.85 -75.85 57.13
N PHE S 296 54.20 -75.98 58.29
CA PHE S 296 52.97 -76.74 58.37
C PHE S 296 51.74 -75.85 58.35
N GLU S 297 51.94 -74.56 58.13
CA GLU S 297 50.82 -73.65 57.98
C GLU S 297 50.41 -73.53 56.52
N PRO S 298 49.13 -73.81 56.24
CA PRO S 298 48.50 -73.79 54.92
C PRO S 298 48.57 -72.41 54.25
N ALA S 299 49.78 -71.96 54.00
CA ALA S 299 50.03 -70.63 53.48
C ALA S 299 51.29 -70.63 52.65
N ASN S 300 52.26 -71.44 53.07
CA ASN S 300 53.51 -71.57 52.35
C ASN S 300 53.58 -72.89 51.60
N GLN S 301 52.42 -73.38 51.17
CA GLN S 301 52.32 -74.69 50.56
C GLN S 301 52.97 -74.76 49.19
N MET S 302 53.16 -73.61 48.55
CA MET S 302 53.71 -73.55 47.18
C MET S 302 52.74 -74.14 46.16
N VAL S 303 51.52 -74.42 46.59
CA VAL S 303 50.50 -74.98 45.72
C VAL S 303 49.12 -74.70 46.31
N LYS S 304 48.14 -74.52 45.44
CA LYS S 304 46.77 -74.28 45.89
C LYS S 304 46.17 -75.51 46.55
N CYS S 305 46.57 -75.74 47.79
CA CYS S 305 46.11 -76.90 48.55
C CYS S 305 46.12 -76.59 50.04
N ASP S 306 45.10 -77.08 50.74
CA ASP S 306 44.99 -76.86 52.16
C ASP S 306 45.06 -78.19 52.93
N PRO S 307 46.27 -78.59 53.35
CA PRO S 307 46.61 -79.81 54.08
C PRO S 307 45.61 -80.22 55.14
N ARG S 308 44.90 -79.24 55.70
CA ARG S 308 44.01 -79.50 56.82
C ARG S 308 42.79 -80.30 56.40
N HIS S 309 42.56 -80.42 55.09
CA HIS S 309 41.45 -81.21 54.59
C HIS S 309 41.90 -82.57 54.06
N GLY S 310 43.12 -82.97 54.37
CA GLY S 310 43.60 -84.30 54.00
C GLY S 310 44.44 -84.90 55.12
N LYS S 311 45.29 -85.87 54.76
CA LYS S 311 46.19 -86.48 55.73
C LYS S 311 47.63 -86.48 55.25
N TYR S 312 48.56 -86.50 56.20
CA TYR S 312 49.98 -86.58 55.88
C TYR S 312 50.43 -88.02 55.78
N MET S 313 50.97 -88.37 54.61
CA MET S 313 51.50 -89.69 54.37
C MET S 313 52.94 -89.78 54.82
N ALA S 314 53.72 -88.75 54.50
CA ALA S 314 55.12 -88.69 54.87
C ALA S 314 55.64 -87.27 54.78
N CYS S 315 56.64 -86.95 55.58
CA CYS S 315 57.15 -85.60 55.66
C CYS S 315 58.62 -85.55 55.99
N CYS S 316 59.44 -85.18 55.01
CA CYS S 316 60.85 -85.01 55.23
C CYS S 316 61.20 -83.55 55.45
N LEU S 317 61.87 -83.27 56.55
CA LEU S 317 62.25 -81.91 56.89
C LEU S 317 63.74 -81.73 56.73
N LEU S 318 64.14 -80.80 55.86
CA LEU S 318 65.54 -80.56 55.58
C LEU S 318 66.00 -79.26 56.17
N TYR S 319 67.00 -79.33 57.04
CA TYR S 319 67.48 -78.15 57.73
C TYR S 319 68.82 -77.70 57.23
N ARG S 320 69.04 -76.40 57.25
CA ARG S 320 70.32 -75.83 56.84
C ARG S 320 70.84 -74.86 57.88
N GLY S 321 72.15 -74.66 57.86
CA GLY S 321 72.80 -73.68 58.74
C GLY S 321 72.72 -74.07 60.22
N ASP S 322 72.39 -73.09 61.06
CA ASP S 322 72.55 -73.21 62.50
C ASP S 322 71.37 -73.92 63.16
N VAL S 323 71.36 -75.24 63.05
CA VAL S 323 70.33 -76.05 63.70
C VAL S 323 70.95 -77.16 64.52
N VAL S 324 70.19 -77.66 65.49
CA VAL S 324 70.61 -78.84 66.23
C VAL S 324 69.47 -79.85 66.29
N PRO S 325 69.81 -81.13 66.42
CA PRO S 325 68.85 -82.22 66.32
C PRO S 325 67.86 -82.22 67.46
N LYS S 326 68.29 -81.74 68.61
CA LYS S 326 67.45 -81.71 69.79
C LYS S 326 66.22 -80.85 69.57
N ASP S 327 66.45 -79.65 69.02
CA ASP S 327 65.37 -78.72 68.78
C ASP S 327 64.46 -79.21 67.68
N VAL S 328 65.04 -79.85 66.68
CA VAL S 328 64.27 -80.42 65.60
C VAL S 328 63.31 -81.47 66.11
N ASN S 329 63.82 -82.36 66.94
CA ASN S 329 63.01 -83.41 67.51
C ASN S 329 61.89 -82.84 68.37
N ALA S 330 62.24 -81.81 69.15
CA ALA S 330 61.28 -81.17 70.02
C ALA S 330 60.15 -80.52 69.22
N ALA S 331 60.52 -79.85 68.12
CA ALA S 331 59.54 -79.21 67.27
C ALA S 331 58.59 -80.25 66.69
N ILE S 332 59.13 -81.38 66.26
CA ILE S 332 58.31 -82.45 65.72
C ILE S 332 57.37 -83.02 66.77
N ALA S 333 57.88 -83.20 67.97
CA ALA S 333 57.05 -83.68 69.07
C ALA S 333 55.90 -82.73 69.32
N THR S 334 56.18 -81.43 69.25
CA THR S 334 55.16 -80.41 69.40
C THR S 334 54.11 -80.52 68.31
N ILE S 335 54.55 -80.79 67.09
CA ILE S 335 53.63 -80.96 65.97
C ILE S 335 52.70 -82.13 66.17
N LYS S 336 53.27 -83.25 66.59
CA LYS S 336 52.48 -84.44 66.88
C LYS S 336 51.57 -84.23 68.07
N THR S 337 52.02 -83.39 69.00
CA THR S 337 51.20 -82.98 70.13
C THR S 337 50.05 -82.08 69.69
N LYS S 338 50.32 -81.17 68.76
CA LYS S 338 49.30 -80.28 68.24
C LYS S 338 48.10 -81.04 67.72
N ARG S 339 48.35 -82.07 66.92
CA ARG S 339 47.31 -82.99 66.46
C ARG S 339 46.24 -82.31 65.60
N THR S 340 46.46 -81.06 65.19
CA THR S 340 45.51 -80.37 64.32
C THR S 340 45.55 -80.97 62.93
N ILE S 341 46.76 -81.16 62.43
CA ILE S 341 46.94 -81.81 61.15
C ILE S 341 46.88 -83.31 61.32
N GLN S 342 46.26 -83.98 60.37
CA GLN S 342 46.01 -85.40 60.48
C GLN S 342 47.04 -86.20 59.71
N PHE S 343 47.37 -87.36 60.23
CA PHE S 343 48.33 -88.24 59.61
C PHE S 343 47.66 -89.55 59.27
N VAL S 344 48.22 -90.24 58.30
CA VAL S 344 47.68 -91.52 57.91
C VAL S 344 47.73 -92.50 59.07
N ASP S 345 46.59 -93.12 59.35
CA ASP S 345 46.39 -93.90 60.57
C ASP S 345 47.31 -95.10 60.64
N TRP S 346 47.63 -95.67 59.48
CA TRP S 346 48.50 -96.83 59.43
C TRP S 346 49.95 -96.43 59.15
N CYS S 347 50.29 -95.18 59.40
CA CYS S 347 51.67 -94.73 59.32
C CYS S 347 52.15 -94.21 60.67
N PRO S 348 52.52 -95.14 61.58
CA PRO S 348 53.08 -94.86 62.93
C PRO S 348 53.74 -93.49 63.01
N THR S 349 54.70 -93.26 62.14
CA THR S 349 55.30 -91.96 61.98
C THR S 349 55.42 -91.59 60.54
N GLY S 350 55.86 -90.38 60.30
CA GLY S 350 56.03 -89.89 58.94
C GLY S 350 57.12 -88.84 58.88
N PHE S 351 57.86 -88.68 59.97
CA PHE S 351 58.85 -87.62 60.02
C PHE S 351 60.25 -88.11 59.77
N LYS S 352 60.92 -87.47 58.84
CA LYS S 352 62.32 -87.73 58.58
C LYS S 352 63.08 -86.43 58.53
N VAL S 353 64.33 -86.45 58.97
CA VAL S 353 65.09 -85.22 59.09
C VAL S 353 66.41 -85.27 58.36
N GLY S 354 66.67 -84.24 57.56
CA GLY S 354 67.98 -84.03 56.98
C GLY S 354 68.58 -82.76 57.56
N ILE S 355 69.88 -82.76 57.79
CA ILE S 355 70.52 -81.60 58.39
C ILE S 355 71.83 -81.25 57.73
N ASN S 356 71.95 -79.99 57.32
CA ASN S 356 73.18 -79.47 56.77
C ASN S 356 73.99 -78.72 57.82
N TYR S 357 75.22 -78.39 57.48
CA TYR S 357 76.04 -77.49 58.27
C TYR S 357 76.17 -76.17 57.54
N GLU S 358 76.10 -76.22 56.21
CA GLU S 358 76.18 -75.03 55.40
C GLU S 358 74.91 -74.22 55.49
N PRO S 359 75.05 -72.91 55.64
CA PRO S 359 73.97 -71.95 55.67
C PRO S 359 73.18 -71.98 54.36
N PRO S 360 72.01 -71.35 54.38
CA PRO S 360 71.13 -70.98 53.27
C PRO S 360 71.83 -70.10 52.26
N THR S 361 71.43 -70.23 51.00
CA THR S 361 72.03 -69.49 49.90
C THR S 361 71.38 -68.13 49.73
N VAL S 362 72.20 -67.10 49.56
CA VAL S 362 71.71 -65.75 49.40
C VAL S 362 71.91 -65.22 47.99
N VAL S 363 70.84 -64.70 47.39
CA VAL S 363 70.91 -64.15 46.05
C VAL S 363 71.11 -62.64 46.07
N PRO S 364 72.31 -62.16 45.74
CA PRO S 364 72.55 -60.76 45.48
C PRO S 364 71.58 -60.24 44.43
N GLY S 365 70.82 -59.22 44.78
CA GLY S 365 69.81 -58.68 43.87
C GLY S 365 68.47 -59.39 44.03
N GLY S 366 68.35 -60.21 45.07
CA GLY S 366 67.11 -60.91 45.38
C GLY S 366 66.30 -60.18 46.44
N ASP S 367 65.48 -60.93 47.17
CA ASP S 367 64.64 -60.36 48.21
C ASP S 367 64.72 -61.19 49.47
N LEU S 368 64.43 -62.48 49.35
CA LEU S 368 64.65 -63.46 50.40
C LEU S 368 65.87 -63.12 51.25
N ALA S 369 65.64 -62.46 52.37
CA ALA S 369 66.71 -61.93 53.19
C ALA S 369 67.55 -63.03 53.80
N LYS S 370 68.82 -62.72 54.04
CA LYS S 370 69.76 -63.68 54.61
C LYS S 370 69.34 -64.12 56.01
N VAL S 371 69.31 -65.43 56.21
CA VAL S 371 68.99 -66.01 57.50
C VAL S 371 70.09 -67.00 57.92
N GLN S 372 70.10 -67.35 59.20
CA GLN S 372 71.15 -68.20 59.75
C GLN S 372 70.81 -69.68 59.64
N ARG S 373 69.60 -69.98 59.20
CA ARG S 373 69.15 -71.36 59.10
C ARG S 373 67.95 -71.45 58.18
N ALA S 374 67.67 -72.64 57.67
CA ALA S 374 66.54 -72.78 56.77
C ALA S 374 65.93 -74.15 56.84
N VAL S 375 64.64 -74.22 56.49
CA VAL S 375 63.90 -75.46 56.49
C VAL S 375 63.16 -75.68 55.19
N CYS S 376 63.34 -76.85 54.60
CA CYS S 376 62.51 -77.27 53.50
C CYS S 376 61.69 -78.48 53.89
N MET S 377 60.46 -78.54 53.41
CA MET S 377 59.63 -79.68 53.70
C MET S 377 59.19 -80.38 52.45
N LEU S 378 59.44 -81.69 52.40
CA LEU S 378 58.98 -82.52 51.30
C LEU S 378 57.89 -83.44 51.80
N SER S 379 56.64 -83.10 51.52
CA SER S 379 55.54 -83.80 52.15
C SER S 379 54.60 -84.47 51.18
N ASN S 380 54.29 -85.72 51.46
CA ASN S 380 53.26 -86.44 50.75
C ASN S 380 51.96 -86.39 51.53
N THR S 381 50.88 -86.07 50.84
CA THR S 381 49.59 -85.89 51.46
C THR S 381 48.46 -86.28 50.55
N THR S 382 47.30 -86.54 51.13
CA THR S 382 46.12 -86.88 50.35
C THR S 382 45.36 -85.62 49.96
N ALA S 383 45.69 -84.51 50.58
CA ALA S 383 45.01 -83.24 50.30
C ALA S 383 45.26 -82.78 48.88
N ILE S 384 46.49 -82.98 48.39
CA ILE S 384 46.89 -82.49 47.08
C ILE S 384 46.08 -83.11 45.96
N ALA S 385 45.58 -84.32 46.20
CA ALA S 385 44.82 -85.04 45.19
C ALA S 385 43.61 -84.25 44.73
N GLU S 386 43.07 -83.40 45.62
CA GLU S 386 41.89 -82.61 45.30
C GLU S 386 42.14 -81.63 44.14
N ALA S 387 43.39 -81.24 43.97
CA ALA S 387 43.77 -80.29 42.93
C ALA S 387 43.51 -80.86 41.54
N TRP S 388 43.61 -82.19 41.41
CA TRP S 388 43.46 -82.83 40.12
C TRP S 388 42.00 -82.87 39.72
N ALA S 389 41.12 -82.87 40.70
CA ALA S 389 39.70 -82.84 40.44
C ALA S 389 39.35 -81.55 39.71
N ARG S 390 39.97 -80.45 40.13
CA ARG S 390 39.76 -79.17 39.47
C ARG S 390 40.19 -79.23 38.02
N LEU S 391 41.34 -79.86 37.77
CA LEU S 391 41.81 -80.06 36.42
C LEU S 391 40.89 -80.97 35.64
N ASP S 392 40.36 -81.99 36.30
CA ASP S 392 39.44 -82.91 35.67
C ASP S 392 38.23 -82.19 35.13
N HIS S 393 37.70 -81.26 35.92
CA HIS S 393 36.53 -80.50 35.51
C HIS S 393 36.84 -79.64 34.31
N LYS S 394 38.00 -79.00 34.33
CA LYS S 394 38.41 -78.15 33.21
C LYS S 394 38.56 -78.96 31.96
N PHE S 395 39.22 -80.11 32.09
CA PHE S 395 39.38 -81.02 30.99
C PHE S 395 38.05 -81.54 30.49
N ASP S 396 37.24 -82.08 31.40
CA ASP S 396 35.97 -82.68 31.04
C ASP S 396 35.12 -81.73 30.25
N LEU S 397 35.10 -80.48 30.68
CA LEU S 397 34.29 -79.46 30.06
C LEU S 397 34.71 -79.20 28.62
N MET S 398 35.98 -78.89 28.43
CA MET S 398 36.49 -78.61 27.11
C MET S 398 36.46 -79.84 26.24
N TYR S 399 36.72 -80.99 26.86
CA TYR S 399 36.68 -82.26 26.17
C TYR S 399 35.29 -82.55 25.68
N ALA S 400 34.28 -82.31 26.52
CA ALA S 400 32.90 -82.55 26.14
C ALA S 400 32.53 -81.82 24.85
N LYS S 401 33.05 -80.61 24.68
CA LYS S 401 32.81 -79.84 23.47
C LYS S 401 33.85 -80.14 22.39
N ARG S 402 34.84 -80.95 22.73
CA ARG S 402 35.97 -81.24 21.86
C ARG S 402 36.64 -79.95 21.40
N ALA S 403 36.68 -78.96 22.28
CA ALA S 403 37.27 -77.68 21.95
C ALA S 403 38.74 -77.85 21.73
N PHE S 404 39.23 -77.29 20.62
CA PHE S 404 40.64 -77.33 20.28
C PHE S 404 41.15 -78.74 19.97
N VAL S 405 40.24 -79.73 19.89
CA VAL S 405 40.65 -81.10 19.70
C VAL S 405 41.38 -81.29 18.38
N HIS S 406 41.04 -80.45 17.39
CA HIS S 406 41.57 -80.59 16.05
C HIS S 406 43.04 -80.25 15.96
N TRP S 407 43.58 -79.60 16.99
CA TRP S 407 44.99 -79.29 17.02
C TRP S 407 45.81 -80.52 17.40
N TYR S 408 45.16 -81.45 18.09
CA TYR S 408 45.82 -82.67 18.50
C TYR S 408 45.56 -83.76 17.49
N VAL S 409 44.35 -83.76 16.93
CA VAL S 409 44.00 -84.66 15.85
C VAL S 409 44.80 -84.35 14.61
N GLY S 410 45.07 -83.06 14.37
CA GLY S 410 45.91 -82.64 13.26
C GLY S 410 47.31 -83.25 13.35
N GLU S 411 47.78 -83.45 14.58
CA GLU S 411 49.00 -84.21 14.79
C GLU S 411 48.77 -85.69 14.55
N GLY S 412 47.61 -86.17 15.00
CA GLY S 412 47.26 -87.57 14.87
C GLY S 412 46.97 -88.18 16.24
N MET S 413 47.01 -87.36 17.28
CA MET S 413 46.76 -87.83 18.63
C MET S 413 45.39 -88.47 18.71
N GLU S 414 45.38 -89.76 19.02
CA GLU S 414 44.15 -90.52 19.12
C GLU S 414 43.22 -89.94 20.18
N GLU S 415 41.97 -89.68 19.78
CA GLU S 415 40.95 -89.17 20.69
C GLU S 415 40.85 -90.02 21.95
N GLY S 416 40.90 -91.34 21.76
CA GLY S 416 40.85 -92.28 22.87
C GLY S 416 41.98 -92.07 23.87
N GLU S 417 43.11 -91.54 23.42
CA GLU S 417 44.24 -91.26 24.30
C GLU S 417 43.86 -90.26 25.39
N PHE S 418 42.96 -89.34 25.05
CA PHE S 418 42.50 -88.35 26.01
C PHE S 418 41.65 -88.99 27.07
N SER S 419 40.80 -89.92 26.66
CA SER S 419 39.97 -90.64 27.61
C SER S 419 40.82 -91.53 28.49
N GLU S 420 41.87 -92.12 27.92
CA GLU S 420 42.77 -92.96 28.67
C GLU S 420 43.58 -92.16 29.68
N ALA S 421 44.00 -90.97 29.26
CA ALA S 421 44.76 -90.09 30.12
C ALA S 421 43.95 -89.73 31.35
N ARG S 422 42.69 -89.42 31.14
CA ARG S 422 41.79 -89.10 32.23
C ARG S 422 41.65 -90.25 33.20
N GLU S 423 41.49 -91.47 32.68
CA GLU S 423 41.28 -92.61 33.52
C GLU S 423 42.49 -92.87 34.41
N ASP S 424 43.68 -92.63 33.86
CA ASP S 424 44.90 -92.78 34.63
C ASP S 424 45.01 -91.73 35.74
N MET S 425 44.62 -90.51 35.42
CA MET S 425 44.56 -89.45 36.43
C MET S 425 43.55 -89.81 37.51
N ALA S 426 42.39 -90.29 37.10
CA ALA S 426 41.34 -90.67 38.02
C ALA S 426 41.77 -91.82 38.92
N ALA S 427 42.55 -92.75 38.37
CA ALA S 427 43.11 -93.84 39.16
C ALA S 427 43.99 -93.30 40.27
N LEU S 428 44.82 -92.33 39.92
CA LEU S 428 45.71 -91.70 40.87
C LEU S 428 44.95 -91.05 42.00
N GLU S 429 43.89 -90.31 41.64
CA GLU S 429 43.02 -89.70 42.63
C GLU S 429 42.43 -90.75 43.57
N LYS S 430 41.96 -91.85 42.98
CA LYS S 430 41.35 -92.93 43.74
C LYS S 430 42.32 -93.52 44.76
N ASP S 431 43.58 -93.71 44.34
CA ASP S 431 44.59 -94.27 45.23
C ASP S 431 44.76 -93.43 46.48
N TYR S 432 44.79 -92.12 46.33
CA TYR S 432 44.95 -91.24 47.48
C TYR S 432 43.74 -91.30 48.41
N GLU S 433 42.55 -91.44 47.82
CA GLU S 433 41.34 -91.61 48.62
C GLU S 433 41.43 -92.85 49.50
N GLU S 434 41.91 -93.95 48.92
CA GLU S 434 42.04 -95.20 49.65
C GLU S 434 43.07 -95.11 50.77
N VAL S 435 44.18 -94.42 50.50
CA VAL S 435 45.20 -94.22 51.51
C VAL S 435 44.65 -93.57 52.78
N GLY S 436 43.89 -92.50 52.61
CA GLY S 436 43.36 -91.76 53.73
C GLY S 436 42.30 -92.55 54.50
N VAL S 437 41.42 -93.25 53.76
CA VAL S 437 40.30 -93.95 54.37
C VAL S 437 40.71 -95.25 55.06
N ASP S 438 41.48 -96.07 54.38
CA ASP S 438 41.82 -97.40 54.88
C ASP S 438 42.67 -97.33 56.14
N SER S 439 42.55 -98.36 56.98
CA SER S 439 43.33 -98.48 58.20
C SER S 439 43.34 -99.92 58.69
N ARG T 2 62.86 -67.60 12.33
CA ARG T 2 62.04 -67.98 11.17
C ARG T 2 61.66 -66.75 10.36
N GLU T 3 60.97 -66.98 9.26
CA GLU T 3 60.58 -65.90 8.36
C GLU T 3 59.11 -65.94 7.99
N ILE T 4 58.53 -64.76 7.80
CA ILE T 4 57.12 -64.65 7.42
C ILE T 4 56.96 -63.78 6.17
N VAL T 5 56.17 -64.26 5.23
CA VAL T 5 55.93 -63.54 3.98
C VAL T 5 54.74 -62.62 4.09
N HIS T 6 54.92 -61.35 3.71
CA HIS T 6 53.83 -60.39 3.76
C HIS T 6 53.37 -59.97 2.37
N ILE T 7 52.17 -60.35 2.01
CA ILE T 7 51.64 -60.02 0.71
C ILE T 7 50.56 -58.97 0.80
N GLN T 8 50.66 -57.94 -0.01
CA GLN T 8 49.65 -56.90 -0.04
C GLN T 8 48.86 -56.98 -1.34
N ALA T 9 47.54 -56.83 -1.23
CA ALA T 9 46.69 -56.98 -2.41
C ALA T 9 45.64 -55.87 -2.48
N GLY T 10 45.74 -55.05 -3.53
CA GLY T 10 44.78 -53.98 -3.76
C GLY T 10 45.22 -52.69 -3.08
N GLN T 11 44.64 -51.56 -3.50
CA GLN T 11 45.01 -50.25 -2.98
C GLN T 11 44.89 -50.17 -1.48
N CYS T 12 43.75 -50.62 -0.97
CA CYS T 12 43.52 -50.65 0.46
C CYS T 12 44.62 -51.39 1.18
N GLY T 13 44.88 -52.62 0.75
CA GLY T 13 45.88 -53.44 1.39
C GLY T 13 47.27 -52.83 1.25
N ASN T 14 47.52 -52.21 0.12
CA ASN T 14 48.81 -51.60 -0.14
C ASN T 14 49.05 -50.40 0.73
N GLN T 15 48.02 -49.58 0.94
CA GLN T 15 48.14 -48.40 1.77
C GLN T 15 48.33 -48.79 3.23
N ILE T 16 47.60 -49.80 3.67
CA ILE T 16 47.76 -50.32 5.02
C ILE T 16 49.15 -50.88 5.21
N GLY T 17 49.58 -51.69 4.26
CA GLY T 17 50.88 -52.31 4.32
C GLY T 17 51.99 -51.28 4.30
N ALA T 18 51.85 -50.25 3.49
CA ALA T 18 52.85 -49.19 3.44
C ALA T 18 53.04 -48.58 4.82
N LYS T 19 51.93 -48.34 5.52
CA LYS T 19 51.99 -47.82 6.87
C LYS T 19 52.59 -48.84 7.82
N PHE T 20 52.22 -50.11 7.63
CA PHE T 20 52.76 -51.20 8.43
C PHE T 20 54.26 -51.28 8.36
N TRP T 21 54.79 -51.22 7.15
CA TRP T 21 56.22 -51.32 6.96
C TRP T 21 56.94 -50.08 7.46
N GLU T 22 56.27 -48.94 7.44
CA GLU T 22 56.78 -47.75 8.14
C GLU T 22 56.98 -48.04 9.60
N VAL T 23 55.94 -48.60 10.22
CA VAL T 23 55.93 -48.83 11.65
C VAL T 23 57.01 -49.79 12.09
N ILE T 24 57.07 -50.95 11.45
CA ILE T 24 57.99 -51.97 11.91
C ILE T 24 59.43 -51.70 11.49
N SER T 25 59.61 -50.94 10.40
CA SER T 25 60.94 -50.50 10.04
C SER T 25 61.46 -49.54 11.08
N ASP T 26 60.58 -48.65 11.55
CA ASP T 26 60.94 -47.76 12.64
C ASP T 26 61.22 -48.55 13.90
N GLU T 27 60.38 -49.54 14.18
CA GLU T 27 60.55 -50.40 15.33
C GLU T 27 61.92 -51.07 15.34
N HIS T 28 62.38 -51.49 14.17
CA HIS T 28 63.66 -52.19 14.06
C HIS T 28 64.81 -51.30 13.58
N GLY T 29 64.65 -49.98 13.70
CA GLY T 29 65.78 -49.06 13.52
C GLY T 29 66.23 -48.94 12.06
N ILE T 30 65.31 -49.17 11.13
CA ILE T 30 65.65 -49.17 9.72
C ILE T 30 65.27 -47.85 9.06
N ASP T 31 66.23 -47.22 8.41
CA ASP T 31 65.97 -45.94 7.76
C ASP T 31 65.47 -46.16 6.33
N PRO T 32 65.25 -45.06 5.60
CA PRO T 32 64.67 -45.11 4.26
C PRO T 32 65.64 -45.55 3.16
N THR T 33 66.82 -46.01 3.54
CA THR T 33 67.72 -46.63 2.60
C THR T 33 67.73 -48.14 2.77
N GLY T 34 67.21 -48.59 3.91
CA GLY T 34 67.26 -49.99 4.28
C GLY T 34 68.41 -50.25 5.23
N SER T 35 69.15 -49.20 5.59
CA SER T 35 70.26 -49.34 6.51
C SER T 35 69.79 -49.38 7.96
N TYR T 36 70.49 -50.15 8.79
CA TYR T 36 70.16 -50.24 10.19
C TYR T 36 70.92 -49.23 11.00
N HIS T 37 70.20 -48.42 11.76
CA HIS T 37 70.81 -47.45 12.65
C HIS T 37 70.07 -47.42 13.98
N GLY T 38 69.65 -48.58 14.45
CA GLY T 38 68.94 -48.69 15.71
C GLY T 38 69.91 -48.72 16.88
N ASP T 39 69.37 -48.61 18.09
CA ASP T 39 70.19 -48.52 19.29
C ASP T 39 70.27 -49.84 20.06
N SER T 40 69.37 -50.77 19.75
CA SER T 40 69.37 -52.05 20.44
C SER T 40 69.98 -53.14 19.59
N ASP T 41 70.29 -54.25 20.22
CA ASP T 41 70.81 -55.40 19.51
C ASP T 41 69.68 -56.35 19.18
N LEU T 42 68.58 -56.25 19.92
CA LEU T 42 67.46 -57.15 19.75
C LEU T 42 66.67 -56.82 18.49
N GLN T 43 66.85 -55.61 17.98
CA GLN T 43 66.26 -55.22 16.72
C GLN T 43 66.81 -56.05 15.55
N LEU T 44 68.04 -56.56 15.71
CA LEU T 44 68.65 -57.41 14.70
C LEU T 44 68.53 -58.89 15.04
N GLU T 45 67.96 -59.20 16.20
CA GLU T 45 67.86 -60.58 16.66
C GLU T 45 66.90 -61.37 15.81
N ARG T 46 65.83 -60.71 15.37
CA ARG T 46 64.83 -61.35 14.54
C ARG T 46 64.48 -60.51 13.33
N ILE T 47 65.41 -59.68 12.89
CA ILE T 47 65.19 -58.85 11.72
C ILE T 47 64.93 -59.69 10.47
N ASN T 48 65.47 -60.91 10.48
CA ASN T 48 65.29 -61.83 9.37
C ASN T 48 63.83 -62.19 9.13
N VAL T 49 62.99 -62.05 10.17
CA VAL T 49 61.58 -62.37 10.05
C VAL T 49 60.91 -61.61 8.92
N TYR T 50 61.27 -60.34 8.79
CA TYR T 50 60.62 -59.48 7.82
C TYR T 50 61.57 -58.87 6.82
N TYR T 51 62.86 -59.14 6.94
CA TYR T 51 63.80 -58.52 6.01
C TYR T 51 64.84 -59.49 5.49
N ASN T 52 65.09 -59.41 4.20
CA ASN T 52 66.28 -60.02 3.62
C ASN T 52 67.47 -59.13 3.92
N GLU T 53 68.62 -59.74 4.20
CA GLU T 53 69.82 -58.97 4.42
C GLU T 53 70.67 -58.95 3.16
N ALA T 54 70.48 -57.91 2.36
CA ALA T 54 71.19 -57.80 1.09
C ALA T 54 72.57 -57.23 1.31
N ALA T 55 73.45 -57.41 0.31
CA ALA T 55 74.82 -56.97 0.42
C ALA T 55 74.88 -55.49 0.76
N GLY T 56 75.70 -55.16 1.74
CA GLY T 56 75.78 -53.80 2.24
C GLY T 56 74.87 -53.61 3.45
N ASN T 57 74.29 -54.69 3.93
CA ASN T 57 73.39 -54.66 5.08
C ASN T 57 72.14 -53.87 4.75
N LYS T 58 71.62 -54.05 3.56
CA LYS T 58 70.39 -53.40 3.15
C LYS T 58 69.23 -54.33 3.43
N TYR T 59 68.34 -53.92 4.31
CA TYR T 59 67.30 -54.80 4.76
C TYR T 59 66.05 -54.65 3.92
N VAL T 60 65.65 -55.75 3.29
CA VAL T 60 64.62 -55.70 2.26
C VAL T 60 63.36 -56.49 2.66
N PRO T 61 62.30 -55.77 3.05
CA PRO T 61 60.95 -56.31 3.22
C PRO T 61 60.73 -57.62 2.52
N ARG T 62 60.50 -58.65 3.30
CA ARG T 62 60.05 -59.93 2.79
C ARG T 62 58.58 -59.85 2.41
N ALA T 63 58.30 -59.09 1.36
CA ALA T 63 56.94 -58.74 1.03
C ALA T 63 56.71 -58.70 -0.46
N ILE T 64 55.49 -59.01 -0.87
CA ILE T 64 55.11 -59.01 -2.26
C ILE T 64 53.98 -58.02 -2.49
N LEU T 65 54.17 -57.13 -3.45
CA LEU T 65 53.23 -56.06 -3.68
C LEU T 65 52.37 -56.37 -4.90
N VAL T 66 51.12 -56.74 -4.68
CA VAL T 66 50.24 -57.15 -5.76
C VAL T 66 49.13 -56.16 -6.01
N ASP T 67 49.00 -55.75 -7.27
CA ASP T 67 47.90 -54.89 -7.66
C ASP T 67 47.61 -55.03 -9.13
N LEU T 68 46.40 -54.67 -9.53
CA LEU T 68 46.04 -54.68 -10.92
C LEU T 68 45.81 -53.28 -11.43
N GLU T 69 46.08 -52.28 -10.61
CA GLU T 69 45.91 -50.91 -11.04
C GLU T 69 47.19 -50.09 -10.89
N PRO T 70 48.13 -50.27 -11.83
CA PRO T 70 49.25 -49.33 -12.05
C PRO T 70 48.81 -47.92 -11.69
N GLY T 71 49.64 -47.23 -10.93
CA GLY T 71 49.29 -45.90 -10.44
C GLY T 71 49.30 -45.90 -8.93
N THR T 72 48.62 -46.88 -8.34
CA THR T 72 48.73 -47.12 -6.91
C THR T 72 50.11 -47.64 -6.61
N MET T 73 50.57 -48.56 -7.44
CA MET T 73 51.89 -49.11 -7.36
C MET T 73 52.93 -48.03 -7.58
N ASP T 74 52.59 -47.07 -8.45
CA ASP T 74 53.46 -45.94 -8.72
C ASP T 74 53.59 -45.06 -7.48
N SER T 75 52.48 -44.86 -6.78
CA SER T 75 52.48 -44.03 -5.57
C SER T 75 53.31 -44.68 -4.48
N VAL T 76 53.37 -46.01 -4.50
CA VAL T 76 54.23 -46.73 -3.57
C VAL T 76 55.70 -46.48 -3.90
N ARG T 77 56.05 -46.60 -5.17
CA ARG T 77 57.43 -46.36 -5.60
C ARG T 77 57.85 -44.91 -5.37
N SER T 78 56.89 -43.99 -5.51
CA SER T 78 57.16 -42.57 -5.31
C SER T 78 57.19 -42.19 -3.83
N GLY T 79 56.74 -43.10 -2.97
CA GLY T 79 56.73 -42.82 -1.55
C GLY T 79 58.09 -43.15 -0.93
N PRO T 80 58.24 -42.85 0.36
CA PRO T 80 59.46 -43.00 1.16
C PRO T 80 60.06 -44.40 1.11
N PHE T 81 59.25 -45.40 0.75
CA PHE T 81 59.71 -46.78 0.75
C PHE T 81 59.94 -47.31 -0.65
N GLY T 82 59.99 -46.41 -1.63
CA GLY T 82 60.43 -46.77 -2.97
C GLY T 82 61.90 -47.19 -2.96
N GLN T 83 62.64 -46.73 -1.96
CA GLN T 83 64.04 -47.11 -1.78
C GLN T 83 64.18 -48.34 -0.88
N ILE T 84 63.06 -48.84 -0.38
CA ILE T 84 63.03 -49.95 0.55
C ILE T 84 62.57 -51.24 -0.11
N PHE T 85 61.42 -51.20 -0.76
CA PHE T 85 60.88 -52.39 -1.39
C PHE T 85 61.66 -52.76 -2.63
N ARG T 86 61.79 -54.07 -2.87
CA ARG T 86 62.51 -54.58 -4.03
C ARG T 86 61.66 -54.52 -5.30
N PRO T 87 62.25 -54.12 -6.42
CA PRO T 87 61.53 -53.78 -7.64
C PRO T 87 60.84 -54.98 -8.25
N ASP T 88 61.40 -56.16 -8.06
CA ASP T 88 60.82 -57.36 -8.64
C ASP T 88 59.69 -57.91 -7.76
N ASN T 89 59.40 -57.22 -6.65
CA ASN T 89 58.26 -57.56 -5.84
C ASN T 89 57.06 -56.69 -6.18
N PHE T 90 57.24 -55.78 -7.15
CA PHE T 90 56.13 -54.96 -7.62
C PHE T 90 55.42 -55.62 -8.77
N VAL T 91 54.33 -56.32 -8.46
CA VAL T 91 53.62 -57.08 -9.47
C VAL T 91 52.33 -56.41 -9.90
N PHE T 92 52.29 -55.95 -11.14
CA PHE T 92 51.09 -55.34 -11.70
C PHE T 92 51.10 -55.40 -13.21
N GLY T 93 49.93 -55.30 -13.83
CA GLY T 93 49.83 -55.35 -15.29
C GLY T 93 48.59 -54.63 -15.80
N GLN T 94 47.72 -55.38 -16.49
CA GLN T 94 46.44 -54.88 -16.98
C GLN T 94 45.67 -54.16 -15.89
N SER T 95 44.86 -53.19 -16.30
CA SER T 95 44.07 -52.36 -15.39
C SER T 95 43.19 -53.18 -14.44
N GLY T 96 42.77 -52.55 -13.34
CA GLY T 96 42.16 -53.23 -12.22
C GLY T 96 40.74 -53.72 -12.50
N ALA T 97 40.21 -54.49 -11.55
CA ALA T 97 38.91 -55.12 -11.71
C ALA T 97 37.79 -54.10 -11.79
N GLY T 98 37.92 -52.99 -11.07
CA GLY T 98 36.85 -52.01 -11.02
C GLY T 98 35.72 -52.51 -10.13
N ASN T 99 36.09 -53.05 -8.97
CA ASN T 99 35.14 -53.64 -8.04
C ASN T 99 34.46 -54.87 -8.62
N ASN T 100 35.15 -55.58 -9.50
CA ASN T 100 34.61 -56.79 -10.07
C ASN T 100 35.37 -58.02 -9.58
N TRP T 101 34.83 -58.68 -8.57
CA TRP T 101 35.50 -59.82 -7.95
C TRP T 101 35.93 -60.86 -8.96
N ALA T 102 35.08 -61.12 -9.94
CA ALA T 102 35.38 -62.13 -10.95
C ALA T 102 36.60 -61.73 -11.77
N LYS T 103 36.72 -60.45 -12.10
CA LYS T 103 37.91 -59.98 -12.77
C LYS T 103 39.15 -60.18 -11.91
N GLY T 104 39.02 -59.89 -10.62
CA GLY T 104 40.15 -60.00 -9.70
C GLY T 104 40.57 -61.46 -9.45
N HIS T 105 39.60 -62.34 -9.28
CA HIS T 105 39.88 -63.73 -8.92
C HIS T 105 39.81 -64.65 -10.12
N TYR T 106 38.72 -64.57 -10.86
CA TYR T 106 38.35 -65.60 -11.80
C TYR T 106 39.07 -65.45 -13.15
N THR T 107 39.16 -64.23 -13.66
CA THR T 107 39.68 -64.03 -15.02
C THR T 107 40.97 -63.20 -15.05
N GLU T 108 40.82 -61.88 -15.17
CA GLU T 108 41.96 -61.00 -15.46
C GLU T 108 43.08 -61.16 -14.45
N GLY T 109 42.74 -61.25 -13.18
CA GLY T 109 43.72 -61.46 -12.14
C GLY T 109 44.34 -62.84 -12.21
N ALA T 110 43.54 -63.82 -12.61
CA ALA T 110 44.02 -65.20 -12.72
C ALA T 110 45.17 -65.31 -13.70
N GLU T 111 45.12 -64.50 -14.74
CA GLU T 111 46.15 -64.49 -15.76
C GLU T 111 47.54 -64.14 -15.19
N LEU T 112 47.57 -63.38 -14.10
CA LEU T 112 48.82 -62.89 -13.57
C LEU T 112 49.25 -63.60 -12.28
N VAL T 113 48.57 -64.69 -11.94
CA VAL T 113 48.89 -65.43 -10.72
C VAL T 113 50.33 -65.90 -10.67
N ASP T 114 50.79 -66.46 -11.77
CA ASP T 114 52.12 -67.04 -11.82
C ASP T 114 53.20 -65.99 -11.58
N SER T 115 52.95 -64.76 -12.02
CA SER T 115 53.91 -63.68 -11.83
C SER T 115 54.07 -63.34 -10.35
N VAL T 116 53.06 -63.68 -9.55
CA VAL T 116 53.15 -63.54 -8.11
C VAL T 116 53.83 -64.74 -7.50
N LEU T 117 53.38 -65.92 -7.90
CA LEU T 117 53.84 -67.16 -7.28
C LEU T 117 55.32 -67.39 -7.51
N ASP T 118 55.82 -66.93 -8.65
CA ASP T 118 57.25 -67.02 -8.91
C ASP T 118 58.02 -66.22 -7.86
N VAL T 119 57.51 -65.04 -7.52
CA VAL T 119 58.12 -64.23 -6.49
C VAL T 119 57.98 -64.90 -5.14
N VAL T 120 56.84 -65.53 -4.89
CA VAL T 120 56.62 -66.27 -3.67
C VAL T 120 57.68 -67.33 -3.48
N ARG T 121 57.95 -68.08 -4.54
CA ARG T 121 58.98 -69.12 -4.50
C ARG T 121 60.35 -68.53 -4.24
N LYS T 122 60.66 -67.42 -4.91
CA LYS T 122 61.94 -66.77 -4.73
C LYS T 122 62.12 -66.32 -3.30
N GLU T 123 61.05 -65.83 -2.69
CA GLU T 123 61.08 -65.44 -1.31
C GLU T 123 61.24 -66.64 -0.40
N SER T 124 60.49 -67.69 -0.67
CA SER T 124 60.54 -68.91 0.12
C SER T 124 61.95 -69.50 0.17
N GLU T 125 62.63 -69.51 -0.96
CA GLU T 125 63.95 -70.13 -1.05
C GLU T 125 65.06 -69.25 -0.47
N SER T 126 64.73 -68.01 -0.12
CA SER T 126 65.68 -67.15 0.57
C SER T 126 65.54 -67.28 2.08
N CYS T 127 64.57 -68.08 2.52
CA CYS T 127 64.27 -68.23 3.93
C CYS T 127 64.99 -69.43 4.52
N ASP T 128 65.20 -69.39 5.82
CA ASP T 128 65.78 -70.52 6.54
C ASP T 128 64.69 -71.40 7.07
N CYS T 129 63.58 -70.78 7.46
CA CYS T 129 62.39 -71.51 7.86
C CYS T 129 61.15 -70.65 7.70
N LEU T 130 60.37 -70.96 6.68
CA LEU T 130 59.12 -70.26 6.45
C LEU T 130 58.06 -70.69 7.44
N GLN T 131 57.52 -69.73 8.16
CA GLN T 131 56.47 -70.02 9.12
C GLN T 131 55.08 -69.93 8.51
N GLY T 132 54.85 -68.87 7.73
CA GLY T 132 53.54 -68.65 7.15
C GLY T 132 53.46 -67.37 6.35
N PHE T 133 52.24 -67.03 5.95
CA PHE T 133 51.98 -65.87 5.12
C PHE T 133 51.01 -64.92 5.77
N GLN T 134 51.20 -63.64 5.52
CA GLN T 134 50.25 -62.63 5.95
C GLN T 134 49.74 -61.88 4.75
N LEU T 135 48.43 -61.87 4.58
CA LEU T 135 47.83 -61.14 3.47
C LEU T 135 47.10 -59.90 3.98
N THR T 136 47.35 -58.77 3.33
CA THR T 136 46.66 -57.54 3.69
C THR T 136 45.82 -57.05 2.52
N HIS T 137 44.51 -56.92 2.73
CA HIS T 137 43.59 -56.61 1.65
C HIS T 137 42.24 -56.14 2.15
N SER T 138 41.40 -55.66 1.23
CA SER T 138 40.02 -55.34 1.56
C SER T 138 39.09 -56.50 1.23
N LEU T 139 37.90 -56.47 1.81
CA LEU T 139 36.89 -57.50 1.57
C LEU T 139 35.69 -56.96 0.82
N GLY T 140 35.93 -56.43 -0.36
CA GLY T 140 34.88 -55.82 -1.15
C GLY T 140 35.45 -55.00 -2.31
N GLY T 141 36.75 -54.76 -2.27
CA GLY T 141 37.42 -53.94 -3.26
C GLY T 141 37.30 -54.51 -4.67
N GLY T 142 37.35 -55.84 -4.80
CA GLY T 142 37.32 -56.45 -6.12
C GLY T 142 38.65 -57.12 -6.44
N THR T 143 39.68 -56.30 -6.63
CA THR T 143 41.03 -56.82 -6.87
C THR T 143 41.65 -57.35 -5.60
N GLY T 144 41.60 -56.55 -4.53
CA GLY T 144 42.14 -56.96 -3.25
C GLY T 144 41.42 -58.19 -2.71
N SER T 145 40.11 -58.24 -2.92
CA SER T 145 39.32 -59.37 -2.47
C SER T 145 39.34 -60.53 -3.46
N GLY T 146 39.47 -60.21 -4.74
CA GLY T 146 39.56 -61.22 -5.79
C GLY T 146 40.91 -61.90 -5.80
N MET T 147 41.97 -61.10 -6.03
CA MET T 147 43.33 -61.62 -5.99
C MET T 147 43.66 -62.19 -4.63
N GLY T 148 43.03 -61.62 -3.59
CA GLY T 148 43.23 -62.10 -2.23
C GLY T 148 42.98 -63.60 -2.13
N THR T 149 41.72 -64.01 -2.33
CA THR T 149 41.36 -65.41 -2.17
C THR T 149 41.93 -66.28 -3.26
N LEU T 150 42.18 -65.68 -4.42
CA LEU T 150 42.84 -66.36 -5.50
C LEU T 150 44.23 -66.81 -5.08
N LEU T 151 45.01 -65.87 -4.56
CA LEU T 151 46.36 -66.16 -4.14
C LEU T 151 46.40 -67.04 -2.89
N ILE T 152 45.44 -66.83 -1.99
CA ILE T 152 45.35 -67.69 -0.80
C ILE T 152 45.21 -69.14 -1.17
N SER T 153 44.34 -69.43 -2.12
CA SER T 153 44.17 -70.80 -2.60
C SER T 153 45.46 -71.33 -3.18
N LYS T 154 46.09 -70.54 -4.03
CA LYS T 154 47.31 -70.95 -4.71
C LYS T 154 48.43 -71.20 -3.73
N ILE T 155 48.58 -70.31 -2.77
CA ILE T 155 49.64 -70.40 -1.80
C ILE T 155 49.49 -71.60 -0.90
N ARG T 156 48.26 -71.87 -0.45
CA ARG T 156 48.02 -73.05 0.37
C ARG T 156 48.31 -74.33 -0.38
N GLU T 157 48.04 -74.34 -1.67
CA GLU T 157 48.36 -75.50 -2.47
C GLU T 157 49.86 -75.76 -2.47
N GLU T 158 50.65 -74.69 -2.45
CA GLU T 158 52.09 -74.81 -2.34
C GLU T 158 52.53 -75.11 -0.91
N TYR T 159 51.91 -74.45 0.06
CA TYR T 159 52.32 -74.56 1.44
C TYR T 159 51.17 -74.87 2.38
N PRO T 160 50.52 -76.01 2.16
CA PRO T 160 49.36 -76.47 2.90
C PRO T 160 49.59 -76.58 4.41
N ASP T 161 50.85 -76.71 4.82
CA ASP T 161 51.18 -76.92 6.22
C ASP T 161 51.68 -75.64 6.90
N ARG T 162 51.68 -74.53 6.16
CA ARG T 162 52.10 -73.26 6.74
C ARG T 162 50.89 -72.44 7.16
N ILE T 163 51.13 -71.37 7.89
CA ILE T 163 50.04 -70.58 8.48
C ILE T 163 49.52 -69.52 7.53
N MET T 164 48.24 -69.58 7.21
CA MET T 164 47.63 -68.53 6.40
C MET T 164 46.91 -67.51 7.26
N ASN T 165 47.55 -66.35 7.40
CA ASN T 165 46.98 -65.24 8.15
C ASN T 165 46.58 -64.12 7.21
N THR T 166 45.46 -63.48 7.50
CA THR T 166 45.07 -62.30 6.73
C THR T 166 44.41 -61.23 7.57
N PHE T 167 44.65 -59.99 7.17
CA PHE T 167 43.99 -58.83 7.75
C PHE T 167 43.05 -58.23 6.74
N SER T 168 41.75 -58.42 6.95
CA SER T 168 40.76 -58.08 5.96
C SER T 168 39.88 -56.91 6.38
N VAL T 169 39.79 -55.90 5.53
CA VAL T 169 38.93 -54.77 5.80
C VAL T 169 37.48 -55.06 5.41
N VAL T 170 36.61 -55.09 6.39
CA VAL T 170 35.25 -55.53 6.24
C VAL T 170 34.30 -54.37 5.89
N PRO T 171 33.61 -54.45 4.74
CA PRO T 171 32.36 -53.72 4.48
C PRO T 171 31.70 -53.21 5.75
N SER T 172 31.65 -51.88 5.90
CA SER T 172 31.06 -51.29 7.09
C SER T 172 29.66 -50.72 6.81
N PRO T 173 28.67 -51.12 7.60
CA PRO T 173 27.28 -50.58 7.58
C PRO T 173 27.15 -49.19 6.95
N LYS T 174 27.89 -48.21 7.50
CA LYS T 174 27.70 -46.80 7.17
C LYS T 174 28.87 -46.19 6.43
N VAL T 175 29.88 -46.99 6.09
CA VAL T 175 31.01 -46.49 5.33
C VAL T 175 31.19 -47.30 4.07
N SER T 176 30.79 -46.72 2.96
CA SER T 176 30.79 -47.43 1.70
C SER T 176 31.64 -46.73 0.66
N ASP T 177 31.35 -47.06 -0.60
CA ASP T 177 32.09 -46.61 -1.78
C ASP T 177 31.87 -47.60 -2.92
N THR T 178 30.86 -48.46 -2.78
CA THR T 178 30.50 -49.41 -3.81
C THR T 178 29.19 -50.07 -3.45
N VAL T 179 28.43 -50.42 -4.48
CA VAL T 179 27.12 -50.99 -4.27
C VAL T 179 27.13 -52.49 -4.45
N VAL T 180 28.28 -53.04 -4.82
CA VAL T 180 28.42 -54.48 -4.97
C VAL T 180 29.34 -55.02 -3.89
N GLU T 181 29.45 -54.26 -2.80
CA GLU T 181 30.28 -54.63 -1.67
C GLU T 181 29.89 -55.99 -1.09
N PRO T 182 28.59 -56.34 -1.16
CA PRO T 182 28.11 -57.63 -0.66
C PRO T 182 28.44 -58.75 -1.61
N TYR T 183 28.39 -58.47 -2.90
CA TYR T 183 28.74 -59.46 -3.90
C TYR T 183 30.18 -59.85 -3.77
N ASN T 184 31.04 -58.85 -3.67
CA ASN T 184 32.47 -59.08 -3.62
C ASN T 184 32.86 -59.74 -2.30
N ALA T 185 32.27 -59.28 -1.21
CA ALA T 185 32.54 -59.85 0.11
C ALA T 185 32.08 -61.29 0.19
N THR T 186 30.88 -61.57 -0.32
CA THR T 186 30.31 -62.90 -0.23
C THR T 186 31.09 -63.90 -1.05
N LEU T 187 31.44 -63.51 -2.27
CA LEU T 187 32.23 -64.37 -3.13
C LEU T 187 33.61 -64.60 -2.54
N SER T 188 34.17 -63.57 -1.91
CA SER T 188 35.46 -63.67 -1.28
C SER T 188 35.45 -64.59 -0.07
N VAL T 189 34.60 -64.30 0.92
CA VAL T 189 34.59 -65.06 2.16
C VAL T 189 34.31 -66.53 1.91
N HIS T 190 33.53 -66.82 0.87
CA HIS T 190 33.23 -68.19 0.49
C HIS T 190 34.51 -69.02 0.34
N GLN T 191 35.54 -68.42 -0.24
CA GLN T 191 36.79 -69.11 -0.45
C GLN T 191 37.77 -68.82 0.68
N LEU T 192 37.56 -67.71 1.36
CA LEU T 192 38.42 -67.30 2.46
C LEU T 192 38.42 -68.34 3.56
N VAL T 193 37.23 -68.67 4.06
CA VAL T 193 37.09 -69.59 5.19
C VAL T 193 37.82 -70.88 4.94
N GLU T 194 37.57 -71.47 3.79
CA GLU T 194 38.03 -72.79 3.48
C GLU T 194 39.55 -72.87 3.40
N ASN T 195 40.19 -71.75 3.12
CA ASN T 195 41.60 -71.77 2.84
C ASN T 195 42.39 -70.89 3.80
N THR T 196 41.80 -70.50 4.92
CA THR T 196 42.47 -69.58 5.84
C THR T 196 42.55 -70.16 7.26
N ASP T 197 43.68 -69.92 7.94
CA ASP T 197 43.89 -70.41 9.29
C ASP T 197 43.48 -69.38 10.33
N GLU T 198 43.72 -68.12 10.04
CA GLU T 198 43.23 -67.04 10.88
C GLU T 198 42.98 -65.77 10.07
N THR T 199 41.89 -65.09 10.39
CA THR T 199 41.56 -63.85 9.70
C THR T 199 41.07 -62.79 10.67
N TYR T 200 41.47 -61.56 10.42
CA TYR T 200 41.07 -60.45 11.26
C TYR T 200 40.09 -59.55 10.55
N CYS T 201 39.03 -59.17 11.25
CA CYS T 201 37.99 -58.37 10.67
C CYS T 201 38.03 -56.95 11.17
N ILE T 202 38.34 -56.03 10.29
CA ILE T 202 38.45 -54.62 10.66
C ILE T 202 37.47 -53.76 9.88
N ASP T 203 36.70 -52.97 10.59
CA ASP T 203 35.75 -52.05 9.97
C ASP T 203 36.27 -50.63 9.94
N ASN T 204 36.18 -50.00 8.79
CA ASN T 204 36.57 -48.60 8.67
C ASN T 204 35.67 -47.72 9.52
N GLU T 205 34.40 -48.10 9.62
CA GLU T 205 33.46 -47.38 10.47
C GLU T 205 33.87 -47.41 11.92
N ALA T 206 34.27 -48.58 12.39
CA ALA T 206 34.72 -48.74 13.77
C ALA T 206 35.93 -47.89 14.03
N LEU T 207 36.86 -47.88 13.08
CA LEU T 207 38.05 -47.08 13.21
C LEU T 207 37.72 -45.59 13.17
N TYR T 208 36.75 -45.23 12.33
CA TYR T 208 36.28 -43.85 12.26
C TYR T 208 35.75 -43.40 13.62
N ASP T 209 35.06 -44.31 14.31
CA ASP T 209 34.57 -44.00 15.63
C ASP T 209 35.71 -43.88 16.63
N ILE T 210 36.62 -44.86 16.63
CA ILE T 210 37.74 -44.88 17.57
C ILE T 210 38.63 -43.67 17.42
N CYS T 211 38.93 -43.31 16.18
CA CYS T 211 39.86 -42.24 15.88
C CYS T 211 39.31 -40.86 16.27
N PHE T 212 38.03 -40.80 16.58
CA PHE T 212 37.48 -39.58 17.10
C PHE T 212 37.13 -39.74 18.58
N ARG T 213 36.38 -40.77 18.91
CA ARG T 213 35.94 -40.97 20.27
C ARG T 213 37.10 -41.01 21.27
N THR T 214 38.20 -41.64 20.87
CA THR T 214 39.33 -41.76 21.78
C THR T 214 40.49 -40.85 21.39
N LEU T 215 40.72 -40.69 20.09
CA LEU T 215 41.85 -39.89 19.64
C LEU T 215 41.47 -38.46 19.29
N LYS T 216 40.17 -38.18 19.26
CA LYS T 216 39.67 -36.82 19.04
C LYS T 216 40.27 -36.16 17.80
N LEU T 217 40.39 -36.92 16.72
CA LEU T 217 40.95 -36.38 15.49
C LEU T 217 39.92 -35.56 14.74
N THR T 218 40.28 -34.33 14.41
CA THR T 218 39.40 -33.44 13.65
C THR T 218 39.18 -33.98 12.25
N THR T 219 40.25 -34.39 11.60
CA THR T 219 40.18 -34.92 10.24
C THR T 219 40.84 -36.28 10.14
N PRO T 220 40.20 -37.31 10.68
CA PRO T 220 40.63 -38.68 10.52
C PRO T 220 40.74 -39.05 9.04
N THR T 221 41.96 -39.28 8.58
CA THR T 221 42.19 -39.69 7.20
C THR T 221 42.45 -41.18 7.12
N TYR T 222 42.48 -41.71 5.91
CA TYR T 222 42.78 -43.13 5.72
C TYR T 222 44.15 -43.48 6.29
N GLY T 223 45.10 -42.54 6.19
CA GLY T 223 46.43 -42.75 6.72
C GLY T 223 46.43 -42.91 8.25
N ASP T 224 45.38 -42.42 8.89
CA ASP T 224 45.25 -42.53 10.33
C ASP T 224 44.53 -43.80 10.70
N LEU T 225 43.61 -44.23 9.85
CA LEU T 225 42.87 -45.45 10.09
C LEU T 225 43.77 -46.64 9.84
N ASN T 226 44.59 -46.54 8.80
CA ASN T 226 45.57 -47.56 8.46
C ASN T 226 46.63 -47.66 9.53
N HIS T 227 46.92 -46.53 10.15
CA HIS T 227 47.88 -46.45 11.24
C HIS T 227 47.41 -47.27 12.43
N LEU T 228 46.13 -47.11 12.77
CA LEU T 228 45.52 -47.93 13.82
C LEU T 228 45.64 -49.41 13.50
N VAL T 229 45.37 -49.76 12.25
CA VAL T 229 45.46 -51.15 11.82
C VAL T 229 46.87 -51.69 11.96
N SER T 230 47.85 -50.90 11.50
CA SER T 230 49.23 -51.31 11.50
C SER T 230 49.75 -51.59 12.89
N ALA T 231 49.24 -50.84 13.87
CA ALA T 231 49.62 -51.05 15.25
C ALA T 231 49.25 -52.44 15.71
N THR T 232 48.04 -52.88 15.34
CA THR T 232 47.58 -54.20 15.74
C THR T 232 48.26 -55.29 14.94
N MET T 233 48.56 -55.00 13.67
CA MET T 233 49.28 -55.96 12.84
C MET T 233 50.63 -56.29 13.43
N SER T 234 51.33 -55.26 13.91
CA SER T 234 52.61 -55.46 14.54
C SER T 234 52.47 -56.31 15.77
N GLY T 235 51.50 -55.98 16.62
CA GLY T 235 51.28 -56.67 17.88
C GLY T 235 51.09 -58.17 17.70
N VAL T 236 50.39 -58.56 16.65
CA VAL T 236 50.14 -59.97 16.36
C VAL T 236 51.43 -60.79 16.28
N THR T 237 52.48 -60.20 15.71
CA THR T 237 53.72 -60.94 15.48
C THR T 237 54.92 -60.36 16.23
N THR T 238 54.68 -59.31 17.00
CA THR T 238 55.77 -58.62 17.70
C THR T 238 56.48 -59.52 18.69
N CYS T 239 55.74 -60.49 19.23
CA CYS T 239 56.27 -61.47 20.15
C CYS T 239 57.34 -62.36 19.52
N LEU T 240 57.36 -62.42 18.21
CA LEU T 240 58.30 -63.27 17.50
C LEU T 240 59.61 -62.58 17.26
N ARG T 241 59.66 -61.28 17.54
CA ARG T 241 60.79 -60.51 17.10
C ARG T 241 61.68 -60.02 18.24
N PHE T 242 61.35 -60.43 19.47
CA PHE T 242 62.21 -60.15 20.61
C PHE T 242 61.77 -60.91 21.87
N PRO T 243 62.56 -60.79 22.94
CA PRO T 243 62.37 -61.52 24.19
C PRO T 243 61.12 -61.11 24.94
N GLY T 244 60.65 -62.01 25.80
CA GLY T 244 59.43 -61.77 26.58
C GLY T 244 59.24 -62.82 27.66
N GLN T 245 58.44 -62.50 28.66
CA GLN T 245 58.18 -63.40 29.78
C GLN T 245 57.35 -64.58 29.32
N LEU T 246 56.39 -64.29 28.47
CA LEU T 246 55.64 -65.34 27.80
C LEU T 246 55.66 -65.11 26.32
N ASN T 247 56.22 -66.06 25.60
CA ASN T 247 56.29 -65.98 24.15
C ASN T 247 54.94 -66.21 23.55
N ALA T 248 54.83 -65.91 22.27
CA ALA T 248 53.60 -66.15 21.54
C ALA T 248 53.91 -66.33 20.07
N ASP T 249 52.93 -66.73 19.32
CA ASP T 249 53.14 -67.07 17.93
C ASP T 249 51.82 -67.15 17.19
N LEU T 250 51.89 -67.09 15.87
CA LEU T 250 50.70 -67.24 15.06
C LEU T 250 50.10 -68.61 15.27
N ARG T 251 50.97 -69.61 15.37
CA ARG T 251 50.53 -70.97 15.65
C ARG T 251 49.99 -71.08 17.06
N LYS T 252 50.71 -70.48 18.01
CA LYS T 252 50.31 -70.52 19.40
C LYS T 252 48.97 -69.88 19.60
N LEU T 253 48.76 -68.76 18.92
CA LEU T 253 47.50 -68.08 18.98
C LEU T 253 46.42 -68.95 18.39
N ALA T 254 46.66 -69.48 17.20
CA ALA T 254 45.66 -70.33 16.57
C ALA T 254 45.29 -71.49 17.47
N VAL T 255 46.29 -72.11 18.09
CA VAL T 255 46.05 -73.21 19.02
C VAL T 255 45.19 -72.79 20.20
N ASN T 256 45.33 -71.55 20.64
CA ASN T 256 44.55 -71.06 21.77
C ASN T 256 43.39 -70.13 21.37
N MET T 257 43.20 -69.92 20.07
CA MET T 257 42.20 -68.96 19.61
C MET T 257 41.14 -69.62 18.75
N VAL T 258 41.47 -70.74 18.13
CA VAL T 258 40.47 -71.49 17.39
C VAL T 258 40.11 -72.78 18.11
N PRO T 259 38.90 -72.86 18.66
CA PRO T 259 38.42 -74.04 19.37
C PRO T 259 37.64 -74.91 18.42
N PHE T 260 37.08 -74.29 17.41
CA PHE T 260 36.36 -75.01 16.40
C PHE T 260 36.87 -74.61 15.03
N PRO T 261 37.55 -75.52 14.36
CA PRO T 261 38.30 -75.28 13.09
C PRO T 261 37.88 -74.00 12.36
N ARG T 262 36.59 -73.89 12.07
CA ARG T 262 36.09 -72.90 11.14
C ARG T 262 35.98 -71.51 11.74
N LEU T 263 35.83 -71.44 13.04
CA LEU T 263 35.59 -70.16 13.71
C LEU T 263 36.89 -69.46 14.00
N HIS T 264 37.52 -68.93 12.96
CA HIS T 264 38.81 -68.30 13.09
C HIS T 264 38.75 -66.86 12.63
N PHE T 265 37.66 -66.18 12.95
CA PHE T 265 37.51 -64.76 12.68
C PHE T 265 37.70 -63.98 13.95
N PHE T 266 38.56 -62.98 13.91
CA PHE T 266 38.92 -62.29 15.13
C PHE T 266 38.70 -60.80 15.05
N MET T 267 38.35 -60.23 16.20
CA MET T 267 38.29 -58.80 16.34
C MET T 267 39.61 -58.31 16.93
N PRO T 268 40.18 -57.25 16.37
CA PRO T 268 41.44 -56.72 16.87
C PRO T 268 41.23 -55.45 17.67
N GLY T 269 42.10 -55.23 18.65
CA GLY T 269 42.09 -54.01 19.42
C GLY T 269 43.50 -53.61 19.83
N PHE T 270 43.65 -52.40 20.31
CA PHE T 270 44.94 -51.89 20.75
C PHE T 270 44.77 -51.12 22.04
N ALA T 271 45.69 -51.34 22.97
CA ALA T 271 45.71 -50.59 24.22
C ALA T 271 46.00 -49.10 23.96
N PRO T 272 46.78 -48.47 24.84
CA PRO T 272 46.60 -47.04 25.15
C PRO T 272 46.09 -46.23 23.96
N LEU T 273 44.78 -45.98 23.95
CA LEU T 273 44.15 -45.09 22.98
C LEU T 273 43.72 -43.80 23.65
N THR T 274 44.50 -42.74 23.45
CA THR T 274 44.19 -41.48 24.12
C THR T 274 44.73 -40.33 23.29
N SER T 275 44.05 -39.18 23.34
CA SER T 275 44.48 -38.01 22.59
C SER T 275 45.73 -37.40 23.22
N ARG T 276 46.44 -36.59 22.45
CA ARG T 276 47.71 -36.04 22.90
C ARG T 276 47.55 -35.03 24.05
N GLY T 277 46.35 -34.50 24.23
CA GLY T 277 46.08 -33.61 25.35
C GLY T 277 45.62 -34.38 26.59
N SER T 278 45.23 -35.64 26.40
CA SER T 278 44.72 -36.45 27.49
C SER T 278 45.76 -37.45 27.99
N GLN T 279 46.85 -37.60 27.25
CA GLN T 279 47.91 -38.55 27.61
C GLN T 279 48.52 -38.22 28.98
N GLN T 280 48.49 -36.96 29.36
CA GLN T 280 49.06 -36.52 30.64
C GLN T 280 48.22 -36.99 31.83
N TYR T 281 47.01 -37.47 31.57
CA TYR T 281 46.14 -37.95 32.62
C TYR T 281 46.16 -39.48 32.72
N ARG T 282 47.03 -40.11 31.93
CA ARG T 282 47.10 -41.56 31.90
C ARG T 282 47.89 -42.12 33.08
N ALA T 283 47.44 -43.25 33.59
CA ALA T 283 48.12 -43.93 34.68
C ALA T 283 49.19 -44.86 34.16
N LEU T 284 48.97 -45.41 32.96
CA LEU T 284 49.90 -46.36 32.34
C LEU T 284 50.10 -47.61 33.18
N THR T 285 48.99 -48.14 33.71
CA THR T 285 49.04 -49.36 34.50
C THR T 285 48.36 -50.50 33.78
N VAL T 286 48.66 -51.73 34.18
CA VAL T 286 48.06 -52.89 33.55
C VAL T 286 46.53 -52.88 33.65
N PRO T 287 45.94 -52.57 34.82
CA PRO T 287 44.54 -52.28 35.06
C PRO T 287 43.99 -51.35 33.99
N GLU T 288 44.62 -50.18 33.84
CA GLU T 288 44.19 -49.21 32.85
C GLU T 288 44.15 -49.80 31.44
N LEU T 289 45.19 -50.54 31.09
CA LEU T 289 45.29 -51.13 29.77
C LEU T 289 44.15 -52.10 29.51
N THR T 290 43.84 -52.93 30.51
CA THR T 290 42.79 -53.94 30.34
C THR T 290 41.41 -53.32 30.30
N GLN T 291 41.24 -52.19 30.97
CA GLN T 291 40.00 -51.45 30.88
C GLN T 291 39.75 -51.04 29.44
N GLN T 292 40.80 -50.62 28.76
CA GLN T 292 40.70 -50.24 27.36
C GLN T 292 40.57 -51.47 26.46
N MET T 293 41.36 -52.50 26.72
CA MET T 293 41.38 -53.69 25.88
C MET T 293 40.05 -54.40 25.85
N PHE T 294 39.37 -54.41 26.99
CA PHE T 294 38.07 -55.05 27.07
C PHE T 294 36.92 -54.04 26.96
N ASP T 295 37.22 -52.85 26.47
CA ASP T 295 36.18 -51.86 26.16
C ASP T 295 35.68 -52.08 24.75
N ALA T 296 34.38 -52.36 24.64
CA ALA T 296 33.74 -52.62 23.36
C ALA T 296 33.98 -51.49 22.36
N LYS T 297 34.07 -50.27 22.87
CA LYS T 297 34.19 -49.10 22.03
C LYS T 297 35.57 -49.01 21.36
N ASN T 298 36.53 -49.77 21.88
CA ASN T 298 37.88 -49.75 21.35
C ASN T 298 38.14 -50.92 20.41
N MET T 299 37.08 -51.65 20.05
CA MET T 299 37.23 -52.76 19.12
C MET T 299 37.17 -52.27 17.68
N MET T 300 38.06 -52.80 16.85
CA MET T 300 38.19 -52.31 15.49
C MET T 300 37.24 -53.02 14.53
N ALA T 301 36.48 -53.98 15.03
CA ALA T 301 35.31 -54.46 14.31
C ALA T 301 34.08 -53.68 14.72
N ALA T 302 33.18 -53.44 13.77
CA ALA T 302 32.00 -52.60 14.04
C ALA T 302 31.07 -53.25 15.04
N CYS T 303 30.96 -54.56 15.01
CA CYS T 303 30.04 -55.24 15.91
C CYS T 303 30.49 -55.12 17.36
N ASP T 304 29.56 -54.73 18.22
CA ASP T 304 29.83 -54.56 19.63
C ASP T 304 29.76 -55.91 20.37
N PRO T 305 30.92 -56.46 20.77
CA PRO T 305 31.13 -57.77 21.43
C PRO T 305 30.07 -58.13 22.48
N ARG T 306 29.46 -57.13 23.10
CA ARG T 306 28.57 -57.37 24.23
C ARG T 306 27.20 -57.88 23.79
N HIS T 307 26.99 -57.98 22.48
CA HIS T 307 25.81 -58.64 21.94
C HIS T 307 26.06 -60.13 21.73
N GLY T 308 27.29 -60.58 22.00
CA GLY T 308 27.66 -61.98 21.85
C GLY T 308 28.46 -62.47 23.04
N ARG T 309 29.26 -63.50 22.83
CA ARG T 309 30.09 -64.03 23.90
C ARG T 309 31.51 -64.29 23.42
N TYR T 310 32.44 -64.40 24.36
CA TYR T 310 33.83 -64.64 24.01
C TYR T 310 34.18 -66.11 24.04
N LEU T 311 34.42 -66.67 22.86
CA LEU T 311 34.88 -68.05 22.77
C LEU T 311 36.28 -68.17 23.33
N THR T 312 37.11 -67.18 23.00
CA THR T 312 38.47 -67.10 23.54
C THR T 312 39.11 -65.76 23.22
N VAL T 313 39.95 -65.29 24.13
CA VAL T 313 40.60 -63.98 24.01
C VAL T 313 42.10 -64.09 24.13
N ALA T 314 42.82 -63.37 23.27
CA ALA T 314 44.26 -63.26 23.44
C ALA T 314 44.62 -61.84 23.87
N ALA T 315 45.43 -61.77 24.92
CA ALA T 315 45.88 -60.49 25.43
C ALA T 315 47.40 -60.45 25.44
N VAL T 316 47.96 -59.76 24.47
CA VAL T 316 49.40 -59.70 24.33
C VAL T 316 49.93 -58.36 24.80
N PHE T 317 50.77 -58.39 25.81
CA PHE T 317 51.23 -57.19 26.47
C PHE T 317 52.66 -56.84 26.10
N ARG T 318 53.00 -55.56 26.22
CA ARG T 318 54.29 -55.07 25.80
C ARG T 318 54.98 -54.26 26.89
N GLY T 319 56.19 -54.66 27.24
CA GLY T 319 57.01 -53.89 28.16
C GLY T 319 57.13 -54.55 29.51
N ARG T 320 57.95 -53.97 30.38
CA ARG T 320 58.15 -54.51 31.71
C ARG T 320 56.88 -54.42 32.55
N MET T 321 56.49 -55.53 33.14
CA MET T 321 55.32 -55.54 34.03
C MET T 321 55.31 -56.80 34.88
N SER T 322 54.54 -56.75 35.97
CA SER T 322 54.38 -57.91 36.82
C SER T 322 53.47 -58.94 36.21
N MET T 323 53.91 -60.19 36.25
CA MET T 323 53.12 -61.27 35.70
C MET T 323 51.89 -61.51 36.55
N LYS T 324 52.05 -61.38 37.86
CA LYS T 324 50.93 -61.48 38.79
C LYS T 324 49.91 -60.40 38.54
N GLU T 325 50.39 -59.17 38.37
CA GLU T 325 49.51 -58.04 38.11
C GLU T 325 48.62 -58.31 36.92
N VAL T 326 49.23 -58.80 35.84
CA VAL T 326 48.46 -59.13 34.65
C VAL T 326 47.45 -60.22 34.93
N ASP T 327 47.90 -61.29 35.58
CA ASP T 327 47.03 -62.42 35.88
C ASP T 327 45.83 -61.99 36.72
N GLU T 328 46.08 -61.11 37.70
CA GLU T 328 45.03 -60.57 38.54
C GLU T 328 43.96 -59.87 37.72
N GLN T 329 44.40 -59.04 36.77
CA GLN T 329 43.46 -58.29 35.96
C GLN T 329 42.65 -59.21 35.06
N MET T 330 43.29 -60.25 34.55
CA MET T 330 42.58 -61.22 33.72
C MET T 330 41.48 -61.89 34.51
N LEU T 331 41.77 -62.23 35.75
CA LEU T 331 40.81 -62.83 36.64
C LEU T 331 39.67 -61.90 36.94
N ASN T 332 40.00 -60.64 37.23
CA ASN T 332 39.00 -59.63 37.53
C ASN T 332 38.04 -59.44 36.37
N VAL T 333 38.57 -59.44 35.16
CA VAL T 333 37.76 -59.28 33.97
C VAL T 333 36.76 -60.42 33.77
N GLN T 334 37.24 -61.65 33.90
CA GLN T 334 36.37 -62.80 33.71
C GLN T 334 35.34 -62.91 34.82
N ASN T 335 35.71 -62.47 36.01
CA ASN T 335 34.77 -62.41 37.12
C ASN T 335 33.73 -61.31 36.91
N LYS T 336 34.19 -60.19 36.37
CA LYS T 336 33.31 -59.04 36.12
C LYS T 336 32.21 -59.38 35.14
N ASN T 337 32.58 -60.02 34.03
CA ASN T 337 31.62 -60.30 32.98
C ASN T 337 31.55 -61.78 32.65
N SER T 338 31.20 -62.58 33.64
CA SER T 338 31.08 -64.02 33.45
C SER T 338 30.01 -64.37 32.44
N SER T 339 29.04 -63.48 32.27
CA SER T 339 27.98 -63.68 31.28
C SER T 339 28.47 -63.45 29.85
N TYR T 340 29.57 -62.73 29.69
CA TYR T 340 30.10 -62.45 28.38
C TYR T 340 31.00 -63.55 27.90
N PHE T 341 31.77 -64.11 28.81
CA PHE T 341 32.68 -65.17 28.45
C PHE T 341 31.97 -66.51 28.32
N VAL T 342 32.37 -67.29 27.34
CA VAL T 342 31.79 -68.61 27.13
C VAL T 342 32.25 -69.59 28.20
N GLU T 343 31.29 -70.08 28.96
CA GLU T 343 31.54 -70.89 30.14
C GLU T 343 32.20 -72.22 29.82
N TRP T 344 32.08 -72.68 28.58
CA TRP T 344 32.69 -73.93 28.15
C TRP T 344 34.21 -73.89 28.22
N ILE T 345 34.78 -72.69 28.29
CA ILE T 345 36.20 -72.55 28.45
C ILE T 345 36.53 -72.13 29.88
N PRO T 346 37.49 -72.79 30.50
CA PRO T 346 37.87 -72.57 31.88
C PRO T 346 38.59 -71.24 32.02
N ASN T 347 39.75 -71.13 31.41
CA ASN T 347 40.39 -69.85 31.28
C ASN T 347 40.12 -69.29 29.91
N ASN T 348 39.29 -68.25 29.85
CA ASN T 348 38.87 -67.71 28.58
C ASN T 348 39.93 -66.83 27.95
N VAL T 349 40.94 -66.45 28.71
CA VAL T 349 41.92 -65.52 28.19
C VAL T 349 43.31 -66.10 28.12
N LYS T 350 43.86 -66.09 26.91
CA LYS T 350 45.25 -66.43 26.68
C LYS T 350 46.11 -65.19 26.78
N THR T 351 47.18 -65.26 27.53
CA THR T 351 48.03 -64.08 27.70
C THR T 351 49.42 -64.29 27.17
N ALA T 352 50.09 -63.18 26.88
CA ALA T 352 51.49 -63.17 26.54
C ALA T 352 52.09 -61.85 26.93
N VAL T 353 53.36 -61.86 27.30
CA VAL T 353 54.02 -60.64 27.74
C VAL T 353 55.40 -60.53 27.13
N CYS T 354 55.61 -59.47 26.37
CA CYS T 354 56.90 -59.24 25.76
C CYS T 354 57.64 -58.16 26.50
N ASP T 355 58.98 -58.24 26.48
CA ASP T 355 59.79 -57.35 27.31
C ASP T 355 59.94 -55.94 26.74
N ILE T 356 59.58 -55.76 25.48
CA ILE T 356 59.78 -54.47 24.84
C ILE T 356 58.46 -53.83 24.39
N PRO T 357 58.05 -52.74 25.07
CA PRO T 357 57.01 -51.84 24.62
C PRO T 357 57.38 -51.19 23.30
N PRO T 358 56.39 -50.74 22.53
CA PRO T 358 56.49 -49.90 21.37
C PRO T 358 57.30 -48.69 21.70
N ARG T 359 58.28 -48.39 20.86
CA ARG T 359 59.18 -47.28 21.10
C ARG T 359 58.40 -46.00 21.40
N GLY T 360 58.63 -45.43 22.57
CA GLY T 360 57.95 -44.20 22.97
C GLY T 360 56.86 -44.45 24.01
N LEU T 361 56.38 -45.69 24.09
CA LEU T 361 55.44 -46.07 25.12
C LEU T 361 56.13 -46.77 26.26
N LYS T 362 55.66 -46.54 27.47
CA LYS T 362 56.23 -47.21 28.63
C LYS T 362 55.67 -48.63 28.76
N MET T 363 54.47 -48.82 28.25
CA MET T 363 53.80 -50.11 28.36
C MET T 363 52.55 -50.16 27.52
N SER T 364 52.40 -51.20 26.71
CA SER T 364 51.27 -51.30 25.80
C SER T 364 50.72 -52.71 25.73
N ALA T 365 49.84 -52.95 24.77
CA ALA T 365 49.23 -54.25 24.59
C ALA T 365 48.37 -54.28 23.33
N THR T 366 47.99 -55.48 22.92
CA THR T 366 47.05 -55.64 21.82
C THR T 366 46.08 -56.76 22.10
N PHE T 367 44.89 -56.63 21.53
CA PHE T 367 43.78 -57.49 21.89
C PHE T 367 43.26 -58.25 20.68
N ILE T 368 43.12 -59.56 20.83
CA ILE T 368 42.51 -60.38 19.79
C ILE T 368 41.35 -61.17 20.36
N GLY T 369 40.15 -60.92 19.87
CA GLY T 369 38.97 -61.56 20.44
C GLY T 369 38.29 -62.49 19.45
N ASN T 370 38.04 -63.71 19.89
CA ASN T 370 37.17 -64.59 19.15
C ASN T 370 35.79 -64.57 19.77
N SER T 371 34.98 -63.60 19.37
CA SER T 371 33.64 -63.45 19.89
C SER T 371 32.61 -64.01 18.94
N THR T 372 31.45 -64.37 19.48
CA THR T 372 30.35 -64.87 18.67
C THR T 372 29.55 -63.71 18.07
N ALA T 373 29.77 -62.50 18.62
CA ALA T 373 29.07 -61.30 18.17
C ALA T 373 29.32 -61.00 16.70
N ILE T 374 30.50 -61.36 16.22
CA ILE T 374 30.90 -61.06 14.85
C ILE T 374 29.94 -61.61 13.81
N GLN T 375 29.15 -62.63 14.19
CA GLN T 375 28.15 -63.20 13.32
C GLN T 375 27.21 -62.14 12.76
N GLU T 376 27.01 -61.06 13.52
CA GLU T 376 26.06 -60.02 13.15
C GLU T 376 26.55 -59.22 11.96
N LEU T 377 27.87 -59.13 11.78
CA LEU T 377 28.43 -58.45 10.62
C LEU T 377 28.17 -59.26 9.39
N PHE T 378 28.31 -60.56 9.53
CA PHE T 378 28.05 -61.48 8.44
C PHE T 378 26.58 -61.45 8.05
N LYS T 379 25.71 -61.37 9.07
CA LYS T 379 24.27 -61.28 8.82
C LYS T 379 23.93 -60.05 8.02
N ARG T 380 24.41 -58.90 8.46
CA ARG T 380 24.13 -57.64 7.81
C ARG T 380 24.52 -57.68 6.35
N ILE T 381 25.74 -58.12 6.08
CA ILE T 381 26.22 -58.22 4.71
C ILE T 381 25.39 -59.20 3.90
N SER T 382 25.07 -60.33 4.51
CA SER T 382 24.26 -61.36 3.84
C SER T 382 22.91 -60.81 3.44
N GLU T 383 22.31 -60.01 4.31
CA GLU T 383 21.02 -59.39 4.02
C GLU T 383 21.10 -58.45 2.84
N GLN T 384 22.16 -57.64 2.79
CA GLN T 384 22.37 -56.72 1.69
C GLN T 384 22.56 -57.48 0.40
N PHE T 385 23.35 -58.54 0.48
CA PHE T 385 23.58 -59.43 -0.64
C PHE T 385 22.29 -60.01 -1.14
N THR T 386 21.51 -60.54 -0.21
CA THR T 386 20.24 -61.16 -0.55
C THR T 386 19.34 -60.20 -1.29
N ALA T 387 19.17 -59.01 -0.74
CA ALA T 387 18.25 -58.02 -1.32
C ALA T 387 18.56 -57.75 -2.77
N MET T 388 19.85 -57.60 -3.06
CA MET T 388 20.29 -57.39 -4.43
C MET T 388 20.15 -58.65 -5.26
N PHE T 389 20.58 -59.78 -4.69
CA PHE T 389 20.62 -61.04 -5.40
C PHE T 389 19.24 -61.51 -5.81
N ARG T 390 18.24 -61.19 -5.00
CA ARG T 390 16.86 -61.55 -5.31
C ARG T 390 16.40 -60.93 -6.64
N ARG T 391 17.04 -59.83 -7.05
CA ARG T 391 16.71 -59.19 -8.30
C ARG T 391 17.80 -59.40 -9.34
N LYS T 392 18.75 -60.27 -9.02
CA LYS T 392 19.93 -60.49 -9.84
C LYS T 392 20.61 -59.17 -10.21
N ALA T 393 20.63 -58.25 -9.25
CA ALA T 393 21.17 -56.93 -9.48
C ALA T 393 22.65 -57.01 -9.74
N PHE T 394 23.12 -56.27 -10.74
CA PHE T 394 24.54 -56.21 -11.08
C PHE T 394 25.14 -57.56 -11.48
N LEU T 395 24.30 -58.60 -11.61
CA LEU T 395 24.79 -59.94 -11.82
C LEU T 395 25.53 -60.08 -13.14
N HIS T 396 25.10 -59.29 -14.13
CA HIS T 396 25.67 -59.38 -15.47
C HIS T 396 27.14 -58.99 -15.50
N TRP T 397 27.61 -58.27 -14.48
CA TRP T 397 29.01 -57.91 -14.40
C TRP T 397 29.87 -59.13 -14.10
N TYR T 398 29.27 -60.12 -13.47
CA TYR T 398 29.98 -61.33 -13.14
C TYR T 398 29.62 -62.43 -14.13
N THR T 399 28.41 -62.38 -14.65
CA THR T 399 27.98 -63.28 -15.71
C THR T 399 28.88 -63.15 -16.91
N GLY T 400 29.23 -61.90 -17.26
CA GLY T 400 30.10 -61.63 -18.39
C GLY T 400 31.52 -62.17 -18.19
N GLU T 401 31.88 -62.47 -16.94
CA GLU T 401 33.18 -63.04 -16.65
C GLU T 401 33.12 -64.57 -16.57
N GLY T 402 31.91 -65.12 -16.72
CA GLY T 402 31.74 -66.57 -16.68
C GLY T 402 31.22 -67.07 -15.34
N MET T 403 30.79 -66.16 -14.47
CA MET T 403 30.26 -66.56 -13.17
C MET T 403 28.78 -66.84 -13.24
N ASP T 404 28.36 -67.97 -12.71
CA ASP T 404 26.96 -68.35 -12.72
C ASP T 404 26.25 -67.95 -11.44
N GLU T 405 24.97 -68.24 -11.37
CA GLU T 405 24.16 -67.99 -10.18
C GLU T 405 24.49 -68.98 -9.07
N MET T 406 24.85 -70.19 -9.46
CA MET T 406 25.06 -71.27 -8.51
C MET T 406 26.12 -70.91 -7.50
N GLU T 407 27.20 -70.30 -7.97
CA GLU T 407 28.25 -69.84 -7.07
C GLU T 407 27.71 -68.91 -6.02
N PHE T 408 26.86 -67.98 -6.42
CA PHE T 408 26.34 -66.97 -5.51
C PHE T 408 25.41 -67.58 -4.47
N THR T 409 24.58 -68.53 -4.88
CA THR T 409 23.68 -69.20 -3.95
C THR T 409 24.44 -70.12 -3.03
N GLU T 410 25.48 -70.75 -3.56
CA GLU T 410 26.31 -71.63 -2.77
C GLU T 410 27.09 -70.87 -1.74
N ALA T 411 27.62 -69.72 -2.13
CA ALA T 411 28.37 -68.88 -1.24
C ALA T 411 27.52 -68.43 -0.08
N GLU T 412 26.33 -67.93 -0.38
CA GLU T 412 25.41 -67.44 0.64
C GLU T 412 25.00 -68.56 1.59
N SER T 413 24.71 -69.73 1.03
CA SER T 413 24.38 -70.89 1.84
C SER T 413 25.50 -71.19 2.80
N ASN T 414 26.73 -71.12 2.30
CA ASN T 414 27.89 -71.39 3.10
C ASN T 414 28.20 -70.25 4.08
N MET T 415 27.80 -69.02 3.75
CA MET T 415 27.89 -67.90 4.67
C MET T 415 26.93 -68.08 5.83
N ASN T 416 25.76 -68.62 5.54
CA ASN T 416 24.77 -68.88 6.58
C ASN T 416 25.28 -69.89 7.57
N ASP T 417 25.99 -70.92 7.07
CA ASP T 417 26.59 -71.92 7.93
C ASP T 417 27.54 -71.28 8.94
N LEU T 418 28.36 -70.35 8.48
CA LEU T 418 29.30 -69.65 9.34
C LEU T 418 28.59 -68.95 10.49
N VAL T 419 27.55 -68.19 10.15
CA VAL T 419 26.77 -67.48 11.16
C VAL T 419 26.11 -68.45 12.11
N SER T 420 25.53 -69.49 11.54
CA SER T 420 24.84 -70.51 12.31
C SER T 420 25.76 -71.14 13.34
N GLU T 421 27.00 -71.41 12.93
CA GLU T 421 27.98 -72.00 13.83
C GLU T 421 28.32 -71.07 14.99
N TYR T 422 28.49 -69.79 14.72
CA TYR T 422 28.73 -68.83 15.79
C TYR T 422 27.53 -68.75 16.73
N GLN T 423 26.33 -68.81 16.16
CA GLN T 423 25.11 -68.84 16.96
C GLN T 423 24.98 -70.14 17.75
N GLN T 424 25.41 -71.24 17.16
CA GLN T 424 25.42 -72.53 17.86
C GLN T 424 26.18 -72.43 19.16
N TYR T 425 27.28 -71.70 19.12
CA TYR T 425 28.14 -71.58 20.28
C TYR T 425 27.89 -70.28 21.05
N GLN T 426 26.67 -69.74 20.96
CA GLN T 426 26.25 -68.62 21.80
C GLN T 426 24.92 -68.91 22.47
N ASP T 427 24.76 -68.44 23.70
CA ASP T 427 23.47 -68.55 24.39
C ASP T 427 22.69 -67.25 24.28
N SER U 9 15.64 -93.67 11.42
CA SER U 9 15.85 -92.80 12.57
C SER U 9 17.18 -93.13 13.27
N SER U 10 17.13 -94.04 14.24
CA SER U 10 18.33 -94.41 14.99
C SER U 10 19.27 -95.28 14.16
N ILE U 11 20.57 -95.11 14.37
CA ILE U 11 21.57 -95.84 13.61
C ILE U 11 21.92 -97.17 14.27
N VAL U 12 22.53 -98.05 13.51
CA VAL U 12 22.92 -99.38 13.99
C VAL U 12 24.43 -99.58 13.93
N VAL U 13 25.03 -100.03 15.03
CA VAL U 13 26.47 -100.30 15.04
C VAL U 13 26.76 -101.79 14.99
N ALA U 14 27.49 -102.19 13.94
CA ALA U 14 27.84 -103.60 13.72
C ALA U 14 29.35 -103.77 13.56
N ILE U 15 29.87 -104.91 13.99
CA ILE U 15 31.31 -105.10 14.08
C ILE U 15 31.76 -106.50 13.70
N ARG U 16 32.95 -106.60 13.07
CA ARG U 16 33.52 -107.89 12.70
C ARG U 16 35.06 -107.81 12.62
N VAL U 17 35.73 -108.97 12.68
CA VAL U 17 37.19 -109.03 12.64
C VAL U 17 37.71 -109.60 11.31
N ARG U 18 38.98 -109.27 10.96
CA ARG U 18 39.76 -110.07 9.98
C ARG U 18 39.89 -111.54 10.50
N PRO U 19 41.06 -112.14 10.42
CA PRO U 19 41.31 -113.30 11.28
C PRO U 19 42.67 -113.24 11.88
N PHE U 20 43.08 -114.34 12.48
CA PHE U 20 44.46 -114.52 12.83
C PHE U 20 45.04 -115.58 11.92
N THR U 21 46.26 -115.35 11.47
CA THR U 21 46.88 -116.19 10.46
C THR U 21 48.04 -116.92 11.06
N SER U 22 48.86 -117.51 10.21
CA SER U 22 50.06 -118.21 10.66
C SER U 22 51.04 -117.26 11.32
N MET U 23 50.92 -115.96 11.03
CA MET U 23 51.75 -114.95 11.68
C MET U 23 51.38 -114.81 13.15
N GLU U 24 50.11 -115.05 13.46
CA GLU U 24 49.62 -114.99 14.83
C GLU U 24 49.66 -116.36 15.50
N LYS U 25 49.48 -117.40 14.70
CA LYS U 25 49.53 -118.78 15.19
C LYS U 25 50.95 -119.14 15.61
N THR U 26 51.94 -118.66 14.85
CA THR U 26 53.34 -118.84 15.18
C THR U 26 53.65 -118.22 16.53
N ARG U 27 53.03 -117.09 16.81
CA ARG U 27 53.20 -116.41 18.07
C ARG U 27 52.42 -117.10 19.18
N LEU U 28 52.91 -118.26 19.61
CA LEU U 28 52.23 -119.03 20.63
C LEU U 28 52.16 -118.26 21.94
N VAL U 29 53.25 -117.58 22.28
CA VAL U 29 53.29 -116.79 23.50
C VAL U 29 52.64 -115.44 23.33
N ILE U 30 51.31 -115.43 23.34
CA ILE U 30 50.54 -114.18 23.33
C ILE U 30 49.13 -114.42 23.83
N ARG U 31 48.60 -113.44 24.54
CA ARG U 31 47.23 -113.50 25.00
C ARG U 31 46.32 -112.61 24.16
N LYS U 32 45.24 -113.19 23.64
CA LYS U 32 44.30 -112.45 22.80
C LYS U 32 43.63 -111.32 23.58
N ILE U 33 43.30 -110.25 22.88
CA ILE U 33 42.65 -109.09 23.50
C ILE U 33 41.19 -108.96 23.07
N VAL U 34 40.79 -109.72 22.07
CA VAL U 34 39.40 -109.71 21.61
C VAL U 34 38.72 -111.02 21.88
N ASP U 35 37.56 -110.96 22.53
CA ASP U 35 36.78 -112.16 22.77
C ASP U 35 35.28 -111.86 22.74
N CYS U 36 34.67 -112.12 21.58
CA CYS U 36 33.22 -112.03 21.47
C CYS U 36 32.58 -113.19 22.21
N VAL U 37 31.84 -112.89 23.27
CA VAL U 37 31.28 -113.95 24.10
C VAL U 37 29.84 -114.25 23.74
N ASP U 38 29.17 -113.29 23.12
CA ASP U 38 27.82 -113.53 22.63
C ASP U 38 27.50 -112.54 21.52
N ASP U 39 26.36 -112.73 20.89
CA ASP U 39 25.89 -111.78 19.90
C ASP U 39 25.69 -110.43 20.57
N ARG U 40 26.28 -109.40 19.98
CA ARG U 40 26.24 -108.04 20.52
C ARG U 40 27.08 -107.85 21.79
N MET U 41 27.84 -108.87 22.20
CA MET U 41 28.59 -108.80 23.44
C MET U 41 30.08 -109.05 23.24
N LEU U 42 30.88 -107.98 23.29
CA LEU U 42 32.32 -108.09 23.15
C LEU U 42 33.02 -107.86 24.47
N ILE U 43 33.87 -108.80 24.84
CA ILE U 43 34.71 -108.61 26.00
C ILE U 43 36.14 -108.31 25.59
N PHE U 44 36.67 -107.21 26.11
CA PHE U 44 38.05 -106.88 25.85
C PHE U 44 38.96 -107.59 26.84
N ASP U 45 39.75 -108.50 26.32
CA ASP U 45 40.69 -109.28 27.10
C ASP U 45 41.99 -108.50 27.28
N PRO U 46 42.83 -108.92 28.23
CA PRO U 46 42.67 -110.13 29.04
C PRO U 46 42.65 -109.83 30.53
N ALA U 47 42.69 -108.53 30.85
CA ALA U 47 42.83 -108.03 32.22
C ALA U 47 44.30 -107.79 32.54
N ASP U 48 44.81 -108.47 33.56
CA ASP U 48 46.23 -108.39 33.89
C ASP U 48 46.62 -109.43 34.93
N ARG U 49 47.16 -110.54 34.44
CA ARG U 49 47.75 -111.56 35.30
C ARG U 49 49.19 -111.77 34.89
N ASN U 50 49.85 -110.66 34.56
CA ASN U 50 51.16 -110.70 33.93
C ASN U 50 52.25 -111.18 34.87
N SER U 51 53.27 -111.83 34.30
CA SER U 51 54.46 -112.24 35.03
C SER U 51 55.56 -111.18 34.91
N ASN U 52 55.20 -110.03 34.35
CA ASN U 52 56.15 -108.93 34.16
C ASN U 52 56.06 -107.89 35.27
N ALA U 53 55.39 -108.24 36.37
CA ALA U 53 55.21 -107.32 37.49
C ALA U 53 54.85 -108.10 38.76
N THR U 54 53.74 -107.74 39.40
CA THR U 54 53.27 -108.48 40.59
C THR U 54 51.80 -108.86 40.44
N ASN U 55 50.91 -107.96 40.89
CA ASN U 55 49.47 -108.15 40.80
C ASN U 55 49.02 -109.46 41.47
N LYS U 56 49.48 -109.68 42.69
CA LYS U 56 49.10 -110.87 43.46
C LYS U 56 48.37 -110.48 44.73
N PHE U 57 47.48 -109.51 44.59
CA PHE U 57 46.77 -108.93 45.72
C PHE U 57 45.55 -108.16 45.22
N SER U 58 44.73 -107.67 46.15
CA SER U 58 43.52 -106.94 45.79
C SER U 58 43.85 -105.78 44.86
N SER U 59 43.26 -105.81 43.67
CA SER U 59 43.65 -104.91 42.60
C SER U 59 43.42 -103.45 42.95
N GLN U 60 44.43 -102.63 42.67
CA GLN U 60 44.30 -101.18 42.75
C GLN U 60 44.49 -100.57 41.37
N ARG U 61 44.28 -101.38 40.32
CA ARG U 61 44.47 -100.93 38.95
C ARG U 61 43.19 -100.33 38.40
N ARG U 62 43.32 -99.41 37.44
CA ARG U 62 42.18 -98.72 36.87
C ARG U 62 41.36 -99.67 36.00
N ARG U 63 42.02 -100.27 35.03
CA ARG U 63 41.37 -101.25 34.19
C ARG U 63 42.28 -102.45 33.90
N HIS U 64 43.56 -102.30 34.22
CA HIS U 64 44.50 -103.40 34.03
C HIS U 64 44.33 -104.42 35.14
N GLY U 65 43.37 -105.31 34.94
CA GLY U 65 42.96 -106.22 36.00
C GLY U 65 41.50 -106.63 35.81
N GLY U 66 40.72 -105.77 35.16
CA GLY U 66 39.35 -106.11 34.81
C GLY U 66 39.21 -106.30 33.30
N GLU U 67 37.98 -106.50 32.84
CA GLU U 67 37.70 -106.65 31.42
C GLU U 67 36.72 -105.59 30.96
N ILE U 68 36.85 -105.16 29.72
CA ILE U 68 35.99 -104.08 29.24
C ILE U 68 34.85 -104.63 28.39
N LYS U 69 33.64 -104.34 28.80
CA LYS U 69 32.47 -104.86 28.13
C LYS U 69 31.92 -103.86 27.12
N PHE U 70 31.94 -104.25 25.85
CA PHE U 70 31.36 -103.44 24.80
C PHE U 70 30.10 -104.08 24.24
N VAL U 71 29.01 -103.32 24.21
CA VAL U 71 27.75 -103.85 23.71
C VAL U 71 27.26 -103.06 22.51
N PHE U 72 26.99 -103.78 21.43
CA PHE U 72 26.63 -103.16 20.16
C PHE U 72 25.27 -103.62 19.69
N ASP U 73 24.85 -103.16 18.52
CA ASP U 73 23.54 -103.52 18.00
C ASP U 73 23.62 -104.83 17.25
N LYS U 74 24.71 -105.04 16.52
CA LYS U 74 24.96 -106.32 15.86
C LYS U 74 26.46 -106.63 15.81
N LEU U 75 26.98 -107.20 16.89
CA LEU U 75 28.37 -107.62 16.92
C LEU U 75 28.53 -109.00 16.31
N PHE U 76 29.44 -109.09 15.36
CA PHE U 76 29.79 -110.34 14.72
C PHE U 76 31.25 -110.68 14.97
N ASP U 77 31.69 -111.80 14.41
CA ASP U 77 33.08 -112.22 14.53
C ASP U 77 33.51 -113.00 13.30
N GLU U 78 34.69 -113.62 13.37
CA GLU U 78 35.23 -114.37 12.25
C GLU U 78 34.38 -115.57 11.86
N THR U 79 33.55 -116.04 12.79
CA THR U 79 32.65 -117.16 12.55
C THR U 79 31.58 -116.82 11.53
N SER U 80 31.06 -115.60 11.59
CA SER U 80 29.94 -115.23 10.75
C SER U 80 30.41 -114.78 9.36
N SER U 81 29.82 -115.39 8.33
CA SER U 81 30.16 -115.05 6.95
C SER U 81 29.65 -113.68 6.57
N GLN U 82 30.41 -112.98 5.74
CA GLN U 82 30.02 -111.66 5.26
C GLN U 82 28.77 -111.71 4.41
N ALA U 83 28.44 -112.90 3.90
CA ALA U 83 27.22 -113.08 3.13
C ALA U 83 26.00 -112.80 4.00
N ARG U 84 26.11 -113.10 5.29
CA ARG U 84 25.04 -112.84 6.22
C ARG U 84 25.26 -111.53 6.95
N VAL U 85 26.50 -111.26 7.36
CA VAL U 85 26.80 -110.04 8.10
C VAL U 85 26.38 -108.81 7.31
N TYR U 86 26.70 -108.81 6.02
CA TYR U 86 26.32 -107.72 5.17
C TYR U 86 24.80 -107.62 5.06
N LYS U 87 24.16 -108.70 4.61
CA LYS U 87 22.72 -108.66 4.35
C LYS U 87 21.90 -108.45 5.62
N GLU U 88 22.32 -109.09 6.70
CA GLU U 88 21.71 -108.88 8.02
C GLU U 88 21.61 -107.41 8.37
N THR U 89 22.58 -106.62 7.92
CA THR U 89 22.68 -105.24 8.32
C THR U 89 22.26 -104.27 7.22
N THR U 90 22.48 -104.64 5.96
CA THR U 90 22.33 -103.69 4.85
C THR U 90 21.19 -104.04 3.91
N SER U 91 20.69 -105.28 4.00
CA SER U 91 19.53 -105.66 3.19
C SER U 91 18.35 -104.73 3.47
N PRO U 92 18.18 -104.27 4.73
CA PRO U 92 17.17 -103.30 5.11
C PRO U 92 17.57 -101.89 4.75
N LEU U 93 18.87 -101.62 4.67
CA LEU U 93 19.32 -100.31 4.22
C LEU U 93 18.99 -100.12 2.75
N LEU U 94 19.14 -101.18 1.98
CA LEU U 94 18.80 -101.16 0.56
C LEU U 94 17.29 -100.99 0.39
N ASP U 95 16.52 -101.68 1.21
CA ASP U 95 15.07 -101.49 1.22
C ASP U 95 14.69 -100.10 1.72
N SER U 96 15.46 -99.59 2.70
CA SER U 96 15.21 -98.26 3.25
C SER U 96 15.33 -97.19 2.18
N VAL U 97 16.31 -97.35 1.29
CA VAL U 97 16.47 -96.49 0.12
C VAL U 97 15.16 -96.35 -0.66
N LEU U 98 14.38 -97.42 -0.72
CA LEU U 98 13.20 -97.45 -1.54
C LEU U 98 11.93 -97.21 -0.72
N ASP U 99 12.11 -96.73 0.52
CA ASP U 99 10.99 -96.40 1.39
C ASP U 99 10.69 -94.90 1.44
N GLY U 100 11.26 -94.15 0.49
CA GLY U 100 10.98 -92.71 0.38
C GLY U 100 12.12 -91.84 0.91
N PHE U 101 13.23 -92.48 1.28
CA PHE U 101 14.39 -91.77 1.81
C PHE U 101 15.65 -92.56 1.55
N ASN U 102 16.80 -91.91 1.58
CA ASN U 102 18.05 -92.54 1.19
C ASN U 102 18.69 -93.35 2.32
N SER U 103 19.86 -93.94 2.04
CA SER U 103 20.62 -94.65 3.07
C SER U 103 22.12 -94.67 2.76
N THR U 104 22.87 -95.38 3.59
CA THR U 104 24.33 -95.38 3.49
C THR U 104 25.03 -96.45 4.35
N VAL U 105 26.20 -96.89 3.90
CA VAL U 105 27.01 -97.91 4.57
C VAL U 105 28.37 -97.37 5.01
N PHE U 106 28.73 -97.61 6.28
CA PHE U 106 30.00 -97.10 6.84
C PHE U 106 31.06 -98.19 7.03
N ALA U 107 32.28 -97.76 7.39
CA ALA U 107 33.40 -98.65 7.70
C ALA U 107 34.37 -97.93 8.66
N TYR U 108 35.30 -98.69 9.29
CA TYR U 108 36.23 -98.08 10.26
C TYR U 108 37.38 -99.04 10.62
N GLY U 109 38.57 -98.47 10.86
CA GLY U 109 39.70 -99.27 11.36
C GLY U 109 41.08 -98.66 11.06
N ALA U 110 42.13 -99.29 11.60
CA ALA U 110 43.52 -98.91 11.33
C ALA U 110 44.02 -99.53 10.04
N THR U 111 45.11 -98.99 9.48
CA THR U 111 45.62 -99.51 8.22
C THR U 111 46.09 -100.94 8.34
N GLY U 112 45.47 -101.77 7.53
CA GLY U 112 45.80 -103.16 7.34
C GLY U 112 44.67 -104.01 7.91
N CYS U 113 43.68 -103.33 8.53
CA CYS U 113 42.55 -104.01 9.14
C CYS U 113 41.36 -104.21 8.18
N GLY U 114 41.64 -104.74 7.00
CA GLY U 114 40.58 -105.43 6.26
C GLY U 114 39.62 -104.57 5.47
N LYS U 115 39.80 -103.28 5.44
CA LYS U 115 39.05 -102.50 4.48
C LYS U 115 39.70 -102.83 3.16
N THR U 116 39.05 -102.61 2.04
CA THR U 116 39.54 -103.20 0.78
C THR U 116 39.27 -104.75 0.70
N TYR U 117 39.77 -105.53 1.69
CA TYR U 117 39.40 -106.97 1.75
C TYR U 117 37.89 -107.16 2.07
N THR U 118 37.36 -106.46 3.06
CA THR U 118 35.97 -106.69 3.51
C THR U 118 34.92 -106.10 2.55
N VAL U 119 35.31 -105.10 1.76
CA VAL U 119 34.40 -104.53 0.77
C VAL U 119 34.22 -105.48 -0.42
N SER U 120 35.15 -106.44 -0.56
CA SER U 120 35.16 -107.37 -1.69
C SER U 120 36.01 -108.59 -1.36
N GLY U 121 37.30 -108.36 -1.13
CA GLY U 121 38.21 -109.45 -0.77
C GLY U 121 38.83 -110.08 -1.98
N THR U 122 39.32 -111.30 -1.82
CA THR U 122 39.88 -112.04 -2.94
C THR U 122 38.77 -112.30 -3.94
N PRO U 123 39.05 -112.08 -5.24
CA PRO U 123 38.12 -112.10 -6.37
C PRO U 123 37.45 -113.47 -6.61
N SER U 124 36.80 -113.98 -5.58
CA SER U 124 35.98 -115.17 -5.66
C SER U 124 34.96 -115.18 -4.53
N GLN U 125 34.97 -114.13 -3.70
CA GLN U 125 34.12 -114.06 -2.54
C GLN U 125 33.18 -112.86 -2.63
N PRO U 126 32.14 -112.86 -1.80
CA PRO U 126 31.16 -111.80 -1.65
C PRO U 126 31.66 -110.73 -0.71
N GLY U 127 31.08 -109.54 -0.80
CA GLY U 127 31.47 -108.43 0.05
C GLY U 127 30.45 -107.30 -0.05
N ILE U 128 30.82 -106.15 0.48
CA ILE U 128 29.89 -105.02 0.54
C ILE U 128 29.33 -104.65 -0.83
N ILE U 129 30.21 -104.39 -1.79
CA ILE U 129 29.76 -103.91 -3.10
C ILE U 129 29.13 -105.02 -3.92
N PHE U 130 29.76 -106.19 -3.90
CA PHE U 130 29.27 -107.32 -4.67
C PHE U 130 27.86 -107.70 -4.28
N LEU U 131 27.64 -107.86 -2.98
CA LEU U 131 26.33 -108.27 -2.47
C LEU U 131 25.30 -107.18 -2.65
N ALA U 132 25.74 -105.92 -2.60
CA ALA U 132 24.86 -104.79 -2.87
C ALA U 132 24.24 -104.94 -4.24
N MET U 133 25.08 -105.20 -5.24
CA MET U 133 24.62 -105.34 -6.59
C MET U 133 23.91 -106.67 -6.81
N GLU U 134 24.43 -107.73 -6.22
CA GLU U 134 23.81 -109.04 -6.36
C GLU U 134 22.35 -108.99 -5.92
N GLU U 135 22.13 -108.51 -4.70
CA GLU U 135 20.80 -108.43 -4.15
C GLU U 135 19.92 -107.46 -4.92
N LEU U 136 20.44 -106.26 -5.18
CA LEU U 136 19.69 -105.24 -5.87
C LEU U 136 19.29 -105.69 -7.25
N PHE U 137 20.24 -106.25 -8.00
CA PHE U 137 19.99 -106.68 -9.37
C PHE U 137 18.91 -107.74 -9.44
N ASN U 138 18.93 -108.66 -8.48
CA ASN U 138 17.89 -109.67 -8.41
C ASN U 138 16.54 -109.02 -8.18
N LYS U 139 16.51 -108.03 -7.29
CA LYS U 139 15.30 -107.26 -7.04
C LYS U 139 14.87 -106.47 -8.27
N ILE U 140 15.85 -105.96 -9.02
CA ILE U 140 15.57 -105.21 -10.22
C ILE U 140 14.90 -106.07 -11.27
N THR U 141 15.45 -107.26 -11.52
CA THR U 141 14.91 -108.13 -12.56
C THR U 141 13.62 -108.81 -12.12
N ASP U 142 13.42 -108.93 -10.81
CA ASP U 142 12.16 -109.45 -10.31
C ASP U 142 11.06 -108.39 -10.38
N LEU U 143 11.44 -107.14 -10.12
CA LEU U 143 10.49 -106.04 -10.10
C LEU U 143 10.49 -105.22 -11.39
N LYS U 144 11.25 -105.69 -12.39
CA LYS U 144 11.34 -105.01 -13.70
C LYS U 144 10.01 -104.96 -14.41
N ASP U 145 9.10 -105.85 -14.04
CA ASP U 145 7.79 -105.90 -14.66
C ASP U 145 6.79 -104.99 -13.95
N GLU U 146 7.23 -104.37 -12.85
CA GLU U 146 6.36 -103.49 -12.09
C GLU U 146 6.79 -102.03 -12.22
N LYS U 147 8.09 -101.78 -12.10
CA LYS U 147 8.61 -100.41 -12.14
C LYS U 147 9.72 -100.27 -13.17
N ASP U 148 9.92 -99.04 -13.64
CA ASP U 148 11.05 -98.74 -14.53
C ASP U 148 12.27 -98.42 -13.69
N PHE U 149 13.42 -98.92 -14.10
CA PHE U 149 14.65 -98.72 -13.32
C PHE U 149 15.65 -97.82 -14.04
N GLU U 150 15.84 -96.63 -13.51
CA GLU U 150 16.89 -95.74 -13.97
C GLU U 150 17.88 -95.49 -12.85
N ILE U 151 18.88 -96.35 -12.75
CA ILE U 151 19.85 -96.27 -11.67
C ILE U 151 21.21 -95.83 -12.19
N SER U 152 21.84 -94.90 -11.48
CA SER U 152 23.15 -94.41 -11.86
C SER U 152 24.15 -94.52 -10.72
N LEU U 153 25.43 -94.51 -11.07
CA LEU U 153 26.48 -94.70 -10.10
C LEU U 153 27.42 -93.49 -10.03
N SER U 154 27.68 -93.04 -8.82
CA SER U 154 28.60 -91.94 -8.59
C SER U 154 29.85 -92.42 -7.87
N TYR U 155 31.00 -92.02 -8.39
CA TYR U 155 32.27 -92.47 -7.85
C TYR U 155 33.07 -91.30 -7.29
N LEU U 156 33.78 -91.54 -6.18
CA LEU U 156 34.43 -90.44 -5.48
C LEU U 156 35.56 -90.91 -4.57
N GLU U 157 36.69 -90.19 -4.61
CA GLU U 157 37.80 -90.41 -3.67
C GLU U 157 38.13 -89.13 -2.91
N ILE U 158 38.50 -89.27 -1.64
CA ILE U 158 38.98 -88.11 -0.88
C ILE U 158 40.43 -88.32 -0.45
N TYR U 159 41.30 -87.42 -0.90
CA TYR U 159 42.72 -87.52 -0.60
C TYR U 159 43.31 -86.13 -0.42
N ASN U 160 43.96 -85.89 0.71
CA ASN U 160 44.44 -84.54 1.05
C ASN U 160 43.32 -83.51 1.05
N GLU U 161 42.16 -83.88 1.56
CA GLU U 161 40.98 -83.00 1.56
C GLU U 161 40.55 -82.61 0.14
N ARG U 162 40.95 -83.40 -0.85
CA ARG U 162 40.65 -83.14 -2.24
C ARG U 162 39.72 -84.19 -2.79
N ILE U 163 38.71 -83.77 -3.53
CA ILE U 163 37.81 -84.71 -4.16
C ILE U 163 38.34 -85.10 -5.51
N ARG U 164 38.52 -86.40 -5.72
CA ARG U 164 39.01 -86.89 -6.98
C ARG U 164 37.96 -87.72 -7.69
N ASP U 165 37.92 -87.62 -9.01
CA ASP U 165 37.10 -88.50 -9.79
C ASP U 165 37.72 -89.86 -9.81
N LEU U 166 37.10 -90.79 -9.10
CA LEU U 166 37.65 -92.09 -8.84
C LEU U 166 38.01 -92.85 -10.11
N LEU U 167 37.22 -92.65 -11.16
CA LEU U 167 37.38 -93.42 -12.38
C LEU U 167 38.14 -92.66 -13.45
N LYS U 168 38.02 -91.35 -13.43
CA LYS U 168 38.75 -90.50 -14.37
C LYS U 168 39.51 -89.38 -13.67
N PRO U 169 40.73 -89.66 -13.17
CA PRO U 169 41.62 -88.70 -12.51
C PRO U 169 42.13 -87.64 -13.50
N GLU U 170 41.90 -87.87 -14.79
CA GLU U 170 42.21 -86.92 -15.83
C GLU U 170 41.46 -85.60 -15.66
N THR U 171 40.30 -85.65 -14.99
CA THR U 171 39.55 -84.43 -14.68
C THR U 171 40.05 -83.81 -13.38
N PRO U 172 40.26 -82.49 -13.37
CA PRO U 172 40.79 -81.76 -12.22
C PRO U 172 39.79 -81.72 -11.07
N SER U 173 40.32 -81.68 -9.85
CA SER U 173 39.50 -81.70 -8.64
C SER U 173 38.63 -80.45 -8.51
N LYS U 174 39.03 -79.38 -9.19
CA LYS U 174 38.25 -78.14 -9.23
C LYS U 174 36.88 -78.37 -9.87
N ARG U 175 36.74 -79.45 -10.64
CA ARG U 175 35.51 -79.75 -11.34
C ARG U 175 34.56 -80.58 -10.49
N LEU U 176 34.95 -80.86 -9.25
CA LEU U 176 34.11 -81.62 -8.35
C LEU U 176 33.69 -80.80 -7.15
N VAL U 177 32.42 -80.44 -7.11
CA VAL U 177 31.88 -79.65 -6.02
C VAL U 177 30.75 -80.40 -5.37
N ILE U 178 30.81 -80.52 -4.05
CA ILE U 178 29.81 -81.30 -3.33
C ILE U 178 28.73 -80.42 -2.73
N ARG U 179 27.52 -80.54 -3.29
CA ARG U 179 26.35 -79.82 -2.80
C ARG U 179 25.20 -80.78 -2.55
N GLU U 180 24.18 -80.31 -1.85
CA GLU U 180 22.96 -81.10 -1.64
C GLU U 180 21.73 -80.20 -1.78
N ASP U 181 20.60 -80.82 -2.13
CA ASP U 181 19.36 -80.07 -2.30
C ASP U 181 18.53 -80.00 -1.03
N THR U 182 17.46 -79.21 -1.07
CA THR U 182 16.43 -79.23 -0.04
C THR U 182 15.56 -80.47 -0.19
N GLN U 183 15.64 -81.09 -1.36
CA GLN U 183 15.01 -82.38 -1.61
C GLN U 183 15.95 -83.54 -1.26
N ASN U 184 17.14 -83.21 -0.76
CA ASN U 184 18.17 -84.19 -0.45
C ASN U 184 18.69 -84.88 -1.71
N HIS U 185 18.70 -84.15 -2.81
CA HIS U 185 19.31 -84.62 -4.04
C HIS U 185 20.81 -84.38 -4.00
N ILE U 186 21.58 -85.35 -4.50
CA ILE U 186 23.04 -85.25 -4.49
C ILE U 186 23.53 -84.40 -5.63
N LYS U 187 24.07 -83.23 -5.32
CA LYS U 187 24.48 -82.31 -6.35
C LYS U 187 25.99 -82.22 -6.45
N VAL U 188 26.59 -83.13 -7.22
CA VAL U 188 28.02 -83.11 -7.46
C VAL U 188 28.33 -82.68 -8.89
N ALA U 189 29.31 -81.79 -9.04
CA ALA U 189 29.67 -81.23 -10.34
C ALA U 189 30.29 -82.29 -11.28
N ASN U 190 30.90 -81.82 -12.38
CA ASN U 190 31.31 -82.70 -13.48
C ASN U 190 32.04 -83.92 -13.00
N LEU U 191 31.39 -85.08 -13.14
CA LEU U 191 31.93 -86.33 -12.66
C LEU U 191 31.60 -87.45 -13.63
N SER U 192 32.54 -88.38 -13.82
CA SER U 192 32.28 -89.50 -14.71
C SER U 192 31.25 -90.46 -14.10
N TYR U 193 29.97 -90.19 -14.38
CA TYR U 193 28.88 -91.03 -13.90
C TYR U 193 28.68 -92.23 -14.82
N HIS U 194 28.25 -93.35 -14.24
CA HIS U 194 28.04 -94.58 -14.99
C HIS U 194 26.75 -95.27 -14.56
N HIS U 195 26.47 -96.40 -15.18
CA HIS U 195 25.26 -97.14 -14.86
C HIS U 195 25.56 -98.61 -14.61
N PRO U 196 24.82 -99.24 -13.67
CA PRO U 196 24.95 -100.60 -13.18
C PRO U 196 24.37 -101.60 -14.16
N ASN U 197 24.95 -101.68 -15.35
CA ASN U 197 24.48 -102.58 -16.39
C ASN U 197 24.66 -104.03 -15.97
N THR U 198 25.76 -104.32 -15.29
CA THR U 198 26.01 -105.63 -14.74
C THR U 198 27.14 -105.56 -13.73
N VAL U 199 27.11 -106.47 -12.75
CA VAL U 199 28.00 -106.39 -11.60
C VAL U 199 29.43 -106.56 -12.01
N GLU U 200 29.65 -107.25 -13.11
CA GLU U 200 30.98 -107.43 -13.64
C GLU U 200 31.61 -106.10 -13.99
N ASP U 201 30.90 -105.31 -14.79
CA ASP U 201 31.35 -103.98 -15.19
C ASP U 201 31.39 -103.03 -14.00
N VAL U 202 30.43 -103.18 -13.08
CA VAL U 202 30.43 -102.37 -11.86
C VAL U 202 31.70 -102.61 -11.07
N MET U 203 32.00 -103.88 -10.83
CA MET U 203 33.19 -104.25 -10.06
C MET U 203 34.47 -103.91 -10.81
N ASP U 204 34.43 -103.99 -12.14
CA ASP U 204 35.58 -103.58 -12.94
C ASP U 204 35.88 -102.10 -12.75
N LEU U 205 34.83 -101.29 -12.67
CA LEU U 205 35.00 -99.87 -12.37
C LEU U 205 35.48 -99.66 -10.95
N VAL U 206 34.98 -100.46 -10.01
CA VAL U 206 35.47 -100.43 -8.64
C VAL U 206 36.96 -100.72 -8.56
N VAL U 207 37.41 -101.72 -9.31
CA VAL U 207 38.83 -102.04 -9.41
C VAL U 207 39.61 -100.91 -10.05
N GLN U 208 39.07 -100.36 -11.14
CA GLN U 208 39.66 -99.19 -11.80
C GLN U 208 39.81 -98.04 -10.82
N GLY U 209 38.80 -97.87 -9.99
CA GLY U 209 38.83 -96.88 -8.95
C GLY U 209 39.93 -97.17 -7.95
N ASN U 210 40.00 -98.40 -7.48
CA ASN U 210 40.99 -98.81 -6.51
C ASN U 210 42.42 -98.67 -7.05
N ILE U 211 42.57 -98.87 -8.36
CA ILE U 211 43.83 -98.60 -9.04
C ILE U 211 44.17 -97.11 -8.98
N ASN U 212 43.15 -96.27 -9.20
CA ASN U 212 43.33 -94.83 -9.24
C ASN U 212 43.52 -94.20 -7.85
N ARG U 213 43.10 -94.91 -6.80
CA ARG U 213 43.28 -94.42 -5.44
C ARG U 213 44.75 -94.24 -5.10
N THR U 214 45.07 -93.11 -4.47
CA THR U 214 46.47 -92.77 -4.18
C THR U 214 46.92 -93.35 -2.85
N THR U 215 47.93 -94.22 -2.90
CA THR U 215 48.26 -95.10 -1.79
C THR U 215 49.55 -94.77 -1.06
N SER U 216 49.74 -95.45 0.08
CA SER U 216 51.00 -95.43 0.81
C SER U 216 52.06 -96.27 0.12
N PRO U 217 53.31 -95.84 0.18
CA PRO U 217 54.44 -96.69 -0.20
C PRO U 217 55.37 -96.92 0.98
N THR U 218 54.80 -97.08 2.17
CA THR U 218 55.64 -97.11 3.37
C THR U 218 55.54 -98.43 4.15
N GLU U 219 54.42 -98.64 4.84
CA GLU U 219 54.24 -99.76 5.76
C GLU U 219 54.10 -101.11 5.06
N ALA U 220 53.94 -102.16 5.87
CA ALA U 220 53.74 -103.52 5.35
C ALA U 220 52.48 -103.61 4.49
N ASN U 221 51.43 -102.89 4.90
CA ASN U 221 50.37 -102.59 3.95
C ASN U 221 50.91 -101.48 3.07
N GLU U 222 51.39 -101.87 1.89
CA GLU U 222 51.98 -100.93 0.94
C GLU U 222 51.12 -100.84 -0.30
N VAL U 223 50.10 -101.69 -0.36
CA VAL U 223 48.99 -101.43 -1.24
C VAL U 223 48.15 -100.35 -0.59
N SER U 224 47.88 -100.53 0.71
CA SER U 224 47.50 -99.45 1.63
C SER U 224 46.85 -98.26 0.96
N SER U 225 45.69 -98.50 0.42
CA SER U 225 44.80 -97.47 -0.12
C SER U 225 45.11 -96.04 0.30
N ARG U 226 45.11 -95.77 1.60
CA ARG U 226 45.43 -94.45 2.14
C ARG U 226 44.57 -93.32 1.56
N SER U 227 43.31 -93.61 1.29
CA SER U 227 42.38 -92.56 0.86
C SER U 227 40.95 -92.99 1.11
N HIS U 228 40.07 -92.03 1.22
CA HIS U 228 38.66 -92.32 1.43
C HIS U 228 37.98 -92.45 0.10
N ALA U 229 36.81 -93.03 0.09
CA ALA U 229 36.06 -93.15 -1.15
C ALA U 229 34.60 -93.34 -0.89
N VAL U 230 33.76 -92.79 -1.76
CA VAL U 230 32.34 -92.99 -1.62
C VAL U 230 31.70 -93.37 -2.95
N LEU U 231 30.99 -94.49 -2.94
CA LEU U 231 30.27 -94.95 -4.12
C LEU U 231 28.78 -94.83 -3.90
N GLN U 232 28.13 -93.99 -4.69
CA GLN U 232 26.73 -93.70 -4.42
C GLN U 232 25.84 -94.22 -5.54
N ILE U 233 24.83 -94.98 -5.15
CA ILE U 233 23.86 -95.52 -6.09
C ILE U 233 22.64 -94.65 -6.10
N HIS U 234 22.35 -94.03 -7.24
CA HIS U 234 21.22 -93.13 -7.34
C HIS U 234 20.08 -93.80 -8.08
N ILE U 235 19.04 -94.17 -7.34
CA ILE U 235 17.95 -94.95 -7.90
C ILE U 235 16.76 -94.08 -8.26
N MET U 236 16.51 -93.92 -9.55
CA MET U 236 15.35 -93.17 -10.02
C MET U 236 14.36 -94.08 -10.74
N GLN U 237 13.58 -94.83 -9.99
CA GLN U 237 12.57 -95.68 -10.59
C GLN U 237 11.33 -94.87 -10.91
N THR U 238 10.58 -95.31 -11.91
CA THR U 238 9.33 -94.63 -12.26
C THR U 238 8.19 -95.63 -12.44
N ASN U 239 6.98 -95.11 -12.52
CA ASN U 239 5.79 -95.94 -12.61
C ASN U 239 5.51 -96.37 -14.04
N LYS U 240 4.92 -97.56 -14.19
CA LYS U 240 4.45 -98.02 -15.48
C LYS U 240 2.96 -97.76 -15.66
N LEU U 241 2.30 -97.29 -14.60
CA LEU U 241 0.87 -97.06 -14.64
C LEU U 241 0.53 -95.58 -14.54
N VAL U 242 -0.64 -95.22 -15.06
CA VAL U 242 -1.12 -93.85 -14.99
C VAL U 242 -2.27 -93.72 -14.00
N ASP U 243 -2.07 -92.89 -12.98
CA ASP U 243 -3.10 -92.64 -11.99
C ASP U 243 -2.89 -91.30 -11.30
N LEU U 244 -3.79 -90.96 -10.39
CA LEU U 244 -3.78 -89.65 -9.74
C LEU U 244 -2.55 -89.41 -8.88
N THR U 245 -1.88 -90.48 -8.47
CA THR U 245 -0.75 -90.36 -7.56
C THR U 245 0.56 -90.75 -8.23
N SER U 246 0.52 -91.01 -9.54
CA SER U 246 1.70 -91.46 -10.27
C SER U 246 2.86 -90.46 -10.23
N GLN U 247 3.57 -90.41 -9.11
CA GLN U 247 4.74 -89.55 -8.97
C GLN U 247 5.83 -90.27 -8.18
N HIS U 248 6.51 -91.20 -8.85
CA HIS U 248 7.53 -92.01 -8.19
C HIS U 248 8.72 -91.13 -7.81
N THR U 249 9.11 -91.21 -6.54
CA THR U 249 10.25 -90.45 -6.03
C THR U 249 11.56 -91.20 -6.24
N PHE U 250 12.67 -90.55 -5.90
CA PHE U 250 14.00 -91.13 -6.06
C PHE U 250 14.78 -91.10 -4.75
N ALA U 251 15.82 -91.93 -4.66
CA ALA U 251 16.66 -91.97 -3.47
C ALA U 251 17.98 -92.68 -3.76
N THR U 252 18.93 -92.59 -2.83
CA THR U 252 20.28 -93.07 -3.11
C THR U 252 20.84 -93.97 -2.00
N LEU U 253 21.94 -94.65 -2.32
CA LEU U 253 22.68 -95.45 -1.34
C LEU U 253 24.17 -95.11 -1.38
N SER U 254 24.68 -94.54 -0.29
CA SER U 254 26.09 -94.17 -0.24
C SER U 254 26.95 -95.29 0.37
N ILE U 255 28.01 -95.66 -0.33
CA ILE U 255 28.97 -96.64 0.20
C ILE U 255 30.23 -95.92 0.67
N ILE U 256 30.41 -95.85 1.97
CA ILE U 256 31.47 -95.01 2.53
C ILE U 256 32.73 -95.80 2.83
N ASP U 257 33.85 -95.28 2.36
CA ASP U 257 35.15 -95.90 2.61
C ASP U 257 36.12 -94.89 3.22
N LEU U 258 37.04 -95.39 4.01
CA LEU U 258 38.02 -94.58 4.72
C LEU U 258 39.44 -95.00 4.40
N ALA U 259 40.36 -94.05 4.54
CA ALA U 259 41.78 -94.26 4.24
C ALA U 259 42.43 -95.29 5.14
N GLY U 260 42.07 -95.27 6.41
CA GLY U 260 42.77 -96.06 7.42
C GLY U 260 43.72 -95.17 8.20
N SER U 261 43.83 -95.42 9.51
CA SER U 261 44.67 -94.57 10.34
C SER U 261 45.56 -95.37 11.27
N GLU U 262 46.87 -95.11 11.16
CA GLU U 262 47.88 -95.73 12.01
C GLU U 262 48.03 -94.99 13.34
N ARG U 263 48.82 -95.56 14.24
CA ARG U 263 49.13 -94.93 15.52
C ARG U 263 49.58 -93.49 15.32
N ALA U 264 49.17 -92.62 16.26
CA ALA U 264 49.42 -91.18 16.20
C ALA U 264 50.69 -90.81 15.43
N ALA U 265 51.81 -91.47 15.74
CA ALA U 265 53.04 -91.24 15.01
C ALA U 265 53.78 -92.54 14.75
N ALA U 266 54.00 -92.82 13.48
CA ALA U 266 54.77 -93.98 13.06
C ALA U 266 56.26 -93.68 13.08
N THR U 267 57.06 -94.74 13.04
CA THR U 267 58.51 -94.63 13.18
C THR U 267 59.17 -93.95 11.98
N ARG U 268 58.45 -93.86 10.86
CA ARG U 268 58.97 -93.17 9.69
C ARG U 268 57.97 -92.15 9.16
N ASN U 269 57.16 -91.59 10.06
CA ASN U 269 56.12 -90.67 9.65
C ASN U 269 56.70 -89.31 9.28
N ARG U 270 57.07 -89.13 8.01
CA ARG U 270 57.68 -87.89 7.53
C ARG U 270 56.99 -87.31 6.29
N GLY U 271 57.01 -85.97 6.18
CA GLY U 271 56.63 -85.28 4.94
C GLY U 271 55.16 -85.46 4.59
N ILE U 272 54.93 -86.03 3.40
CA ILE U 272 53.57 -86.28 2.92
C ILE U 272 52.84 -87.28 3.80
N ARG U 273 53.58 -88.12 4.51
CA ARG U 273 52.97 -89.09 5.39
C ARG U 273 52.33 -88.38 6.58
N LEU U 274 53.02 -87.36 7.09
CA LEU U 274 52.44 -86.49 8.12
C LEU U 274 51.25 -85.73 7.60
N HIS U 275 51.38 -85.24 6.37
CA HIS U 275 50.39 -84.36 5.79
C HIS U 275 49.08 -85.08 5.51
N GLU U 276 49.15 -86.19 4.80
CA GLU U 276 47.95 -86.96 4.51
C GLU U 276 47.41 -87.61 5.77
N GLY U 277 48.31 -88.06 6.64
CA GLY U 277 47.90 -88.66 7.91
C GLY U 277 47.05 -87.69 8.71
N ALA U 278 47.46 -86.42 8.74
CA ALA U 278 46.69 -85.38 9.38
C ALA U 278 45.34 -85.22 8.71
N ASN U 279 45.36 -85.18 7.38
CA ASN U 279 44.13 -84.99 6.61
C ASN U 279 43.16 -86.14 6.83
N ILE U 280 43.69 -87.35 6.98
CA ILE U 280 42.87 -88.51 7.27
C ILE U 280 42.24 -88.40 8.64
N ASN U 281 43.05 -88.10 9.63
CA ASN U 281 42.58 -88.02 11.01
C ASN U 281 41.60 -86.87 11.19
N ARG U 282 41.83 -85.77 10.48
CA ARG U 282 40.90 -84.65 10.48
C ARG U 282 39.56 -85.06 9.90
N SER U 283 39.60 -85.85 8.83
CA SER U 283 38.40 -86.35 8.20
C SER U 283 37.64 -87.28 9.14
N LEU U 284 38.40 -88.13 9.83
CA LEU U 284 37.81 -89.06 10.79
C LEU U 284 37.20 -88.31 11.97
N LEU U 285 37.89 -87.25 12.40
CA LEU U 285 37.36 -86.36 13.42
C LEU U 285 36.07 -85.73 13.00
N ALA U 286 36.02 -85.25 11.76
CA ALA U 286 34.84 -84.62 11.22
C ALA U 286 33.65 -85.57 11.28
N LEU U 287 33.88 -86.82 10.92
CA LEU U 287 32.84 -87.84 11.02
C LEU U 287 32.42 -88.03 12.46
N GLY U 288 33.40 -88.13 13.36
CA GLY U 288 33.12 -88.28 14.77
C GLY U 288 32.28 -87.14 15.30
N ASN U 289 32.61 -85.92 14.88
CA ASN U 289 31.88 -84.74 15.30
C ASN U 289 30.44 -84.80 14.85
N CYS U 290 30.23 -85.14 13.58
CA CYS U 290 28.89 -85.17 13.02
C CYS U 290 28.06 -86.30 13.58
N ILE U 291 28.68 -87.47 13.74
CA ILE U 291 28.00 -88.63 14.28
C ILE U 291 27.58 -88.41 15.72
N ASN U 292 28.50 -87.90 16.53
CA ASN U 292 28.24 -87.64 17.92
C ASN U 292 27.23 -86.53 18.09
N ALA U 293 27.35 -85.48 17.29
CA ALA U 293 26.39 -84.40 17.32
C ALA U 293 25.01 -84.90 16.95
N LEU U 294 24.95 -85.71 15.89
CA LEU U 294 23.69 -86.25 15.41
C LEU U 294 22.98 -87.06 16.48
N CYS U 295 23.68 -88.04 17.04
CA CYS U 295 23.09 -88.93 18.04
C CYS U 295 22.68 -88.19 19.30
N LEU U 296 23.56 -87.33 19.79
CA LEU U 296 23.27 -86.58 21.00
C LEU U 296 22.13 -85.60 20.78
N ASN U 297 22.07 -85.02 19.59
CA ASN U 297 21.02 -84.06 19.28
C ASN U 297 19.71 -84.75 18.90
N ASP U 298 19.78 -86.03 18.55
CA ASP U 298 18.57 -86.83 18.45
C ASP U 298 17.99 -87.10 19.84
N GLY U 299 18.86 -87.21 20.84
CA GLY U 299 18.44 -87.27 22.22
C GLY U 299 17.85 -85.93 22.68
N SER U 300 18.37 -84.84 22.12
CA SER U 300 17.89 -83.50 22.43
C SER U 300 16.79 -83.05 21.44
N ARG U 301 16.58 -81.75 21.35
CA ARG U 301 15.52 -81.20 20.51
C ARG U 301 16.07 -80.52 19.25
N SER U 302 17.25 -79.93 19.35
CA SER U 302 17.83 -79.17 18.25
C SER U 302 19.10 -79.84 17.73
N CYS U 303 19.20 -79.91 16.40
CA CYS U 303 20.29 -80.65 15.77
C CYS U 303 21.18 -79.76 14.91
N HIS U 304 22.14 -79.09 15.54
CA HIS U 304 23.15 -78.38 14.78
C HIS U 304 24.36 -79.28 14.58
N ILE U 305 24.57 -79.71 13.34
CA ILE U 305 25.62 -80.66 13.03
C ILE U 305 26.66 -80.02 12.12
N PRO U 306 27.95 -80.22 12.44
CA PRO U 306 29.11 -79.55 11.83
C PRO U 306 29.49 -80.22 10.51
N TYR U 307 28.59 -80.11 9.53
CA TYR U 307 28.78 -80.74 8.23
C TYR U 307 29.86 -80.05 7.39
N ARG U 308 30.37 -78.93 7.88
CA ARG U 308 31.38 -78.19 7.16
C ARG U 308 32.80 -78.51 7.63
N ASP U 309 32.92 -79.45 8.57
CA ASP U 309 34.25 -79.87 9.02
C ASP U 309 35.02 -80.58 7.92
N SER U 310 34.32 -81.35 7.10
CA SER U 310 34.95 -82.03 5.97
C SER U 310 34.03 -82.07 4.77
N LYS U 311 34.63 -82.24 3.60
CA LYS U 311 33.88 -82.41 2.38
C LYS U 311 33.10 -83.71 2.40
N LEU U 312 33.58 -84.67 3.20
CA LEU U 312 32.86 -85.92 3.40
C LEU U 312 31.59 -85.69 4.18
N THR U 313 31.65 -84.81 5.17
CA THR U 313 30.49 -84.50 5.97
C THR U 313 29.48 -83.66 5.18
N ARG U 314 29.98 -82.89 4.22
CA ARG U 314 29.09 -82.28 3.23
C ARG U 314 28.46 -83.35 2.34
N LEU U 315 29.28 -84.29 1.91
CA LEU U 315 28.82 -85.39 1.06
C LEU U 315 27.78 -86.24 1.78
N LEU U 316 27.94 -86.38 3.08
CA LEU U 316 27.04 -87.17 3.89
C LEU U 316 26.05 -86.28 4.66
N LYS U 317 25.89 -85.05 4.19
CA LYS U 317 25.03 -84.07 4.85
C LYS U 317 23.64 -84.61 5.15
N PHE U 318 23.11 -85.43 4.25
CA PHE U 318 21.79 -86.00 4.46
C PHE U 318 21.84 -87.52 4.55
N SER U 319 22.79 -88.14 3.86
CA SER U 319 23.01 -89.58 4.00
C SER U 319 23.25 -89.95 5.46
N LEU U 320 23.99 -89.11 6.18
CA LEU U 320 24.11 -89.23 7.62
C LEU U 320 23.50 -88.02 8.33
N GLY U 321 22.22 -88.09 8.63
CA GLY U 321 21.61 -87.04 9.43
C GLY U 321 20.13 -86.82 9.14
N GLY U 322 19.71 -87.10 7.91
CA GLY U 322 18.33 -86.86 7.53
C GLY U 322 17.41 -87.96 8.06
N ASN U 323 16.18 -87.99 7.55
CA ASN U 323 15.23 -89.01 7.96
C ASN U 323 15.57 -90.35 7.33
N CYS U 324 16.62 -90.97 7.84
CA CYS U 324 17.18 -92.14 7.19
C CYS U 324 17.92 -93.05 8.16
N LYS U 325 18.35 -94.20 7.66
CA LYS U 325 19.00 -95.20 8.49
C LYS U 325 20.33 -95.62 7.91
N THR U 326 21.24 -96.02 8.79
CA THR U 326 22.57 -96.47 8.39
C THR U 326 23.17 -97.45 9.37
N VAL U 327 24.16 -98.21 8.90
CA VAL U 327 24.91 -99.12 9.74
C VAL U 327 26.38 -98.76 9.80
N MET U 328 26.89 -98.65 11.03
CA MET U 328 28.30 -98.44 11.26
C MET U 328 29.02 -99.76 11.25
N ILE U 329 30.10 -99.86 10.48
CA ILE U 329 30.89 -101.08 10.45
C ILE U 329 32.29 -100.83 10.94
N VAL U 330 32.73 -101.63 11.90
CA VAL U 330 34.09 -101.48 12.42
C VAL U 330 34.86 -102.77 12.32
N CYS U 331 36.08 -102.68 11.79
CA CYS U 331 36.95 -103.84 11.69
C CYS U 331 37.86 -103.94 12.91
N ILE U 332 37.86 -105.12 13.52
CA ILE U 332 38.53 -105.34 14.79
C ILE U 332 39.69 -106.34 14.68
N SER U 333 40.81 -106.02 15.35
CA SER U 333 41.94 -106.95 15.43
C SER U 333 42.03 -107.59 16.82
N PRO U 334 42.28 -108.89 16.86
CA PRO U 334 42.43 -109.63 18.13
C PRO U 334 43.87 -109.61 18.66
N SER U 335 44.77 -108.99 17.91
CA SER U 335 46.17 -108.93 18.32
C SER U 335 46.43 -107.79 19.28
N SER U 336 47.31 -108.03 20.26
CA SER U 336 47.74 -107.00 21.19
C SER U 336 48.66 -105.98 20.51
N SER U 337 49.13 -106.31 19.30
CA SER U 337 49.86 -105.34 18.48
C SER U 337 48.95 -104.21 18.02
N HIS U 338 47.64 -104.44 18.10
CA HIS U 338 46.66 -103.40 17.81
C HIS U 338 45.86 -103.07 19.07
N TYR U 339 46.46 -103.30 20.23
CA TYR U 339 45.78 -103.14 21.52
C TYR U 339 45.16 -101.77 21.68
N ASP U 340 45.97 -100.74 21.47
CA ASP U 340 45.51 -99.38 21.66
C ASP U 340 44.57 -98.97 20.54
N GLU U 341 44.93 -99.32 19.31
CA GLU U 341 44.15 -98.92 18.16
C GLU U 341 42.77 -99.55 18.19
N THR U 342 42.73 -100.86 18.40
CA THR U 342 41.47 -101.58 18.45
C THR U 342 40.61 -101.12 19.60
N LEU U 343 41.21 -100.98 20.78
CA LEU U 343 40.47 -100.56 21.96
C LEU U 343 39.87 -99.18 21.77
N ASN U 344 40.65 -98.26 21.22
CA ASN U 344 40.19 -96.90 21.02
C ASN U 344 39.08 -96.82 19.98
N THR U 345 39.22 -97.60 18.90
CA THR U 345 38.20 -97.63 17.85
C THR U 345 36.92 -98.33 18.33
N LEU U 346 37.07 -99.27 19.26
CA LEU U 346 35.90 -99.87 19.91
C LEU U 346 35.13 -98.86 20.73
N LYS U 347 35.85 -98.06 21.51
CA LYS U 347 35.23 -97.01 22.29
C LYS U 347 34.53 -95.99 21.38
N TYR U 348 35.20 -95.66 20.27
CA TYR U 348 34.62 -94.78 19.27
C TYR U 348 33.27 -95.27 18.79
N ALA U 349 33.22 -96.55 18.42
CA ALA U 349 31.99 -97.16 17.94
C ALA U 349 30.90 -97.08 18.99
N ASN U 350 31.26 -97.33 20.25
CA ASN U 350 30.32 -97.28 21.35
C ASN U 350 29.80 -95.86 21.57
N ARG U 351 30.68 -94.87 21.44
CA ARG U 351 30.28 -93.48 21.55
C ARG U 351 29.36 -93.10 20.40
N ALA U 352 29.67 -93.59 19.21
CA ALA U 352 28.82 -93.39 18.04
C ALA U 352 27.45 -94.00 18.26
N LYS U 353 27.42 -95.16 18.91
CA LYS U 353 26.17 -95.84 19.23
C LYS U 353 25.30 -94.99 20.14
N GLU U 354 25.92 -94.40 21.16
CA GLU U 354 25.23 -93.53 22.12
C GLU U 354 25.40 -92.06 21.75
N ARG V 2 -12.69 54.45 -4.80
CA ARG V 2 -12.46 55.83 -4.43
C ARG V 2 -12.62 56.80 -5.60
N GLU V 3 -13.31 56.35 -6.64
CA GLU V 3 -13.40 57.10 -7.90
C GLU V 3 -14.74 57.84 -8.02
N CYS V 4 -14.78 58.86 -8.87
CA CYS V 4 -16.00 59.66 -9.01
C CYS V 4 -16.26 60.11 -10.45
N ILE V 5 -17.48 60.56 -10.73
CA ILE V 5 -17.87 61.00 -12.06
C ILE V 5 -18.41 62.42 -12.05
N SER V 6 -17.90 63.26 -12.95
CA SER V 6 -18.32 64.66 -13.02
C SER V 6 -19.33 64.90 -14.14
N ILE V 7 -20.29 65.79 -13.90
CA ILE V 7 -21.33 66.07 -14.88
C ILE V 7 -21.50 67.59 -15.09
N HIS V 8 -21.57 67.99 -16.36
CA HIS V 8 -21.62 69.40 -16.71
C HIS V 8 -22.79 69.70 -17.65
N VAL V 9 -23.61 70.71 -17.31
CA VAL V 9 -24.80 71.02 -18.12
C VAL V 9 -24.89 72.51 -18.53
N GLY V 10 -25.64 72.77 -19.61
CA GLY V 10 -25.82 74.12 -20.17
C GLY V 10 -24.47 74.68 -20.60
N GLN V 11 -24.27 75.96 -20.35
CA GLN V 11 -22.99 76.62 -20.60
C GLN V 11 -22.18 76.75 -19.32
N ALA V 12 -22.84 77.16 -18.24
CA ALA V 12 -22.17 77.41 -16.97
C ALA V 12 -21.48 76.19 -16.42
N GLY V 13 -22.17 75.05 -16.47
CA GLY V 13 -21.61 73.82 -15.94
C GLY V 13 -20.37 73.44 -16.70
N VAL V 14 -20.38 73.70 -17.99
CA VAL V 14 -19.27 73.38 -18.85
C VAL V 14 -18.09 74.30 -18.60
N GLN V 15 -18.35 75.60 -18.53
CA GLN V 15 -17.30 76.59 -18.30
C GLN V 15 -16.63 76.39 -16.96
N ILE V 16 -17.43 76.08 -15.94
CA ILE V 16 -16.88 75.74 -14.64
C ILE V 16 -16.04 74.49 -14.74
N GLY V 17 -16.56 73.50 -15.47
CA GLY V 17 -15.84 72.26 -15.70
C GLY V 17 -14.48 72.51 -16.31
N ASN V 18 -14.42 73.44 -17.26
CA ASN V 18 -13.17 73.76 -17.91
C ASN V 18 -12.12 74.13 -16.88
N ALA V 19 -12.50 74.98 -15.94
CA ALA V 19 -11.59 75.39 -14.87
C ALA V 19 -11.20 74.19 -14.01
N CYS V 20 -12.16 73.34 -13.68
CA CYS V 20 -11.91 72.19 -12.82
C CYS V 20 -10.91 71.24 -13.44
N TRP V 21 -11.10 70.91 -14.70
CA TRP V 21 -10.28 69.93 -15.37
C TRP V 21 -8.93 70.50 -15.73
N GLU V 22 -8.85 71.83 -15.89
CA GLU V 22 -7.56 72.49 -15.99
C GLU V 22 -6.77 72.30 -14.70
N LEU V 23 -7.44 72.49 -13.56
CA LEU V 23 -6.79 72.32 -12.28
C LEU V 23 -6.29 70.92 -12.07
N TYR V 24 -7.12 69.94 -12.40
CA TYR V 24 -6.77 68.55 -12.21
C TYR V 24 -5.57 68.19 -13.05
N CYS V 25 -5.53 68.70 -14.27
CA CYS V 25 -4.38 68.52 -15.13
C CYS V 25 -3.13 69.11 -14.52
N LEU V 26 -3.25 70.33 -13.99
CA LEU V 26 -2.13 70.99 -13.35
C LEU V 26 -1.63 70.19 -12.16
N GLU V 27 -2.56 69.63 -11.41
CA GLU V 27 -2.23 68.87 -10.21
C GLU V 27 -1.51 67.58 -10.53
N HIS V 28 -1.92 66.92 -11.59
CA HIS V 28 -1.35 65.62 -11.91
C HIS V 28 -0.33 65.68 -13.04
N GLY V 29 -0.14 66.87 -13.60
CA GLY V 29 0.86 67.08 -14.65
C GLY V 29 0.36 66.56 -15.99
N ILE V 30 -0.95 66.43 -16.11
CA ILE V 30 -1.57 65.86 -17.29
C ILE V 30 -1.70 66.88 -18.40
N GLN V 31 -1.30 66.49 -19.59
CA GLN V 31 -1.26 67.38 -20.73
C GLN V 31 -2.62 67.51 -21.40
N PRO V 32 -2.73 68.42 -22.35
CA PRO V 32 -3.97 68.74 -23.04
C PRO V 32 -4.49 67.60 -23.90
N ASP V 33 -3.62 66.67 -24.25
CA ASP V 33 -4.04 65.47 -24.96
C ASP V 33 -4.22 64.27 -24.03
N GLY V 34 -4.20 64.53 -22.73
CA GLY V 34 -4.41 63.47 -21.74
C GLY V 34 -3.12 62.82 -21.27
N GLN V 35 -2.02 63.09 -21.99
CA GLN V 35 -0.76 62.44 -21.70
C GLN V 35 -0.23 62.84 -20.34
N MET V 36 0.14 61.85 -19.53
CA MET V 36 0.86 62.14 -18.30
C MET V 36 2.35 61.92 -18.51
N PRO V 37 3.16 62.90 -18.12
CA PRO V 37 4.61 62.72 -18.09
C PRO V 37 5.15 62.89 -16.67
N PHE V 49 -4.84 59.75 -9.12
CA PHE V 49 -5.34 60.49 -10.27
C PHE V 49 -6.45 59.73 -10.96
N ASN V 50 -6.49 58.43 -10.71
CA ASN V 50 -7.41 57.53 -11.40
C ASN V 50 -8.86 57.76 -11.02
N THR V 51 -9.09 58.61 -10.02
CA THR V 51 -10.43 58.92 -9.57
C THR V 51 -11.06 60.00 -10.41
N PHE V 52 -10.24 60.68 -11.21
CA PHE V 52 -10.72 61.66 -12.15
C PHE V 52 -10.42 61.26 -13.57
N PHE V 53 -9.31 60.54 -13.77
CA PHE V 53 -8.90 60.15 -15.10
C PHE V 53 -8.86 58.66 -15.26
N SER V 54 -9.61 58.14 -16.23
CA SER V 54 -9.55 56.74 -16.54
C SER V 54 -8.18 56.38 -17.08
N GLU V 55 -7.60 55.32 -16.54
CA GLU V 55 -6.26 54.92 -16.92
C GLU V 55 -6.20 54.49 -18.36
N THR V 56 -5.26 55.07 -19.10
CA THR V 56 -5.04 54.72 -20.49
C THR V 56 -3.65 54.12 -20.69
N GLY V 57 -3.58 53.01 -21.39
CA GLY V 57 -2.33 52.27 -21.59
C GLY V 57 -1.27 53.09 -22.32
N ALA V 58 -1.71 53.99 -23.20
CA ALA V 58 -0.82 54.88 -23.93
C ALA V 58 -0.32 56.04 -23.05
N GLY V 59 -0.92 56.19 -21.87
CA GLY V 59 -0.55 57.28 -20.97
C GLY V 59 -1.52 58.45 -21.06
N LYS V 60 -2.42 58.38 -22.04
CA LYS V 60 -3.36 59.46 -22.29
C LYS V 60 -4.61 59.29 -21.47
N HIS V 61 -4.51 59.62 -20.19
CA HIS V 61 -5.61 59.38 -19.26
C HIS V 61 -6.75 60.35 -19.52
N VAL V 62 -7.97 59.85 -19.46
CA VAL V 62 -9.13 60.61 -19.92
C VAL V 62 -10.13 60.88 -18.80
N PRO V 63 -10.68 62.09 -18.76
CA PRO V 63 -11.55 62.59 -17.71
C PRO V 63 -12.82 61.78 -17.58
N ARG V 64 -13.18 61.47 -16.34
CA ARG V 64 -14.44 60.83 -16.05
C ARG V 64 -15.54 61.86 -15.98
N ALA V 65 -16.02 62.31 -17.14
CA ALA V 65 -16.95 63.43 -17.18
C ALA V 65 -17.99 63.29 -18.27
N VAL V 66 -19.17 63.84 -18.02
CA VAL V 66 -20.23 63.93 -19.02
C VAL V 66 -20.58 65.38 -19.27
N PHE V 67 -20.48 65.81 -20.52
CA PHE V 67 -20.82 67.17 -20.89
C PHE V 67 -22.12 67.23 -21.66
N VAL V 68 -23.05 68.04 -21.20
CA VAL V 68 -24.33 68.17 -21.87
C VAL V 68 -24.67 69.62 -22.21
N ASP V 69 -24.99 69.87 -23.46
CA ASP V 69 -25.58 71.15 -23.84
C ASP V 69 -26.46 71.01 -25.06
N LEU V 70 -27.71 71.40 -24.91
CA LEU V 70 -28.72 71.25 -25.93
C LEU V 70 -28.47 72.16 -27.14
N GLU V 71 -27.54 73.09 -27.01
CA GLU V 71 -26.99 73.82 -28.14
C GLU V 71 -25.47 73.81 -28.09
N PRO V 72 -24.86 72.97 -28.91
CA PRO V 72 -23.45 72.55 -28.82
C PRO V 72 -22.45 73.70 -28.61
N THR V 73 -22.80 74.91 -29.03
CA THR V 73 -21.98 76.12 -28.86
C THR V 73 -20.82 75.97 -27.85
N VAL V 74 -21.11 75.99 -26.55
CA VAL V 74 -20.03 75.94 -25.54
C VAL V 74 -19.22 74.65 -25.63
N ILE V 75 -19.86 73.58 -26.06
CA ILE V 75 -19.17 72.32 -26.24
C ILE V 75 -18.30 72.38 -27.47
N ASP V 76 -18.75 73.10 -28.49
CA ASP V 76 -17.95 73.33 -29.67
C ASP V 76 -16.70 74.12 -29.33
N GLU V 77 -16.83 75.04 -28.38
CA GLU V 77 -15.67 75.75 -27.88
C GLU V 77 -14.66 74.78 -27.28
N VAL V 78 -15.17 73.80 -26.55
CA VAL V 78 -14.33 72.72 -26.02
C VAL V 78 -13.78 71.85 -27.13
N ARG V 79 -14.62 71.51 -28.09
CA ARG V 79 -14.25 70.62 -29.19
C ARG V 79 -13.18 71.23 -30.07
N THR V 80 -13.18 72.56 -30.17
CA THR V 80 -12.24 73.24 -31.04
C THR V 80 -11.09 73.87 -30.26
N GLY V 81 -11.30 74.07 -28.96
CA GLY V 81 -10.28 74.71 -28.14
C GLY V 81 -9.35 73.68 -27.50
N THR V 82 -8.57 74.15 -26.53
CA THR V 82 -7.63 73.30 -25.83
C THR V 82 -8.37 72.30 -24.98
N TYR V 83 -7.81 71.10 -24.87
CA TYR V 83 -8.40 69.99 -24.14
C TYR V 83 -9.49 69.29 -24.93
N ARG V 84 -9.60 69.62 -26.21
CA ARG V 84 -10.39 68.79 -27.11
C ARG V 84 -9.76 67.42 -27.25
N GLN V 85 -8.44 67.37 -27.07
CA GLN V 85 -7.71 66.13 -27.12
C GLN V 85 -7.76 65.40 -25.79
N LEU V 86 -7.98 66.16 -24.71
CA LEU V 86 -8.11 65.58 -23.38
C LEU V 86 -9.39 64.76 -23.24
N PHE V 87 -10.51 65.39 -23.56
CA PHE V 87 -11.81 64.76 -23.35
C PHE V 87 -12.12 63.76 -24.45
N HIS V 88 -12.86 62.72 -24.10
CA HIS V 88 -13.32 61.76 -25.10
C HIS V 88 -14.51 62.31 -25.85
N PRO V 89 -14.58 62.07 -27.16
CA PRO V 89 -15.63 62.60 -28.00
C PRO V 89 -16.99 62.08 -27.62
N GLU V 90 -17.04 60.87 -27.07
CA GLU V 90 -18.28 60.24 -26.64
C GLU V 90 -18.92 61.00 -25.49
N GLN V 91 -18.11 61.76 -24.76
CA GLN V 91 -18.56 62.44 -23.56
C GLN V 91 -19.21 63.77 -23.89
N LEU V 92 -18.94 64.28 -25.08
CA LEU V 92 -19.38 65.60 -25.44
C LEU V 92 -20.76 65.58 -26.05
N ILE V 93 -21.77 65.40 -25.21
CA ILE V 93 -23.14 65.25 -25.65
C ILE V 93 -23.79 66.58 -25.93
N THR V 94 -24.34 66.72 -27.12
CA THR V 94 -25.00 67.95 -27.49
C THR V 94 -26.35 67.72 -28.15
N GLY V 95 -27.19 68.73 -28.12
CA GLY V 95 -28.49 68.69 -28.79
C GLY V 95 -28.46 69.52 -30.06
N LYS V 96 -29.64 69.90 -30.53
CA LYS V 96 -29.76 70.76 -31.70
C LYS V 96 -30.42 72.07 -31.34
N GLU V 97 -31.54 71.98 -30.62
CA GLU V 97 -32.27 73.15 -30.15
C GLU V 97 -32.16 73.29 -28.65
N ASP V 98 -31.84 74.49 -28.19
CA ASP V 98 -31.60 74.73 -26.77
C ASP V 98 -32.93 74.82 -26.00
N ALA V 99 -32.84 74.66 -24.67
CA ALA V 99 -34.02 74.78 -23.80
C ALA V 99 -34.45 76.23 -23.66
N ALA V 100 -33.47 77.13 -23.77
CA ALA V 100 -33.73 78.57 -23.77
C ALA V 100 -34.36 79.08 -22.49
N ASN V 101 -33.69 78.84 -21.36
CA ASN V 101 -34.11 79.40 -20.10
C ASN V 101 -35.51 78.95 -19.71
N ASN V 102 -35.82 77.71 -20.06
CA ASN V 102 -37.12 77.16 -19.74
C ASN V 102 -36.98 75.81 -19.10
N TYR V 103 -37.10 75.78 -17.77
CA TYR V 103 -36.99 74.55 -17.01
C TYR V 103 -37.83 73.45 -17.60
N ALA V 104 -39.03 73.79 -18.06
CA ALA V 104 -39.97 72.77 -18.49
C ALA V 104 -39.48 72.10 -19.77
N ARG V 105 -38.91 72.89 -20.67
CA ARG V 105 -38.38 72.35 -21.92
C ARG V 105 -37.13 71.51 -21.68
N GLY V 106 -36.30 71.97 -20.77
CA GLY V 106 -35.12 71.20 -20.39
C GLY V 106 -35.51 69.93 -19.65
N HIS V 107 -36.59 70.02 -18.86
CA HIS V 107 -37.09 68.88 -18.13
C HIS V 107 -37.74 67.87 -19.04
N TYR V 108 -38.42 68.35 -20.09
CA TYR V 108 -39.23 67.46 -20.88
C TYR V 108 -38.87 67.47 -22.38
N THR V 109 -39.58 68.26 -23.18
CA THR V 109 -39.53 68.12 -24.64
C THR V 109 -38.14 68.01 -25.22
N ILE V 110 -37.24 68.87 -24.77
CA ILE V 110 -35.95 68.90 -25.40
C ILE V 110 -34.98 67.95 -24.70
N GLY V 111 -34.89 68.07 -23.37
CA GLY V 111 -33.92 67.29 -22.59
C GLY V 111 -34.13 65.79 -22.72
N LYS V 112 -35.39 65.36 -22.75
CA LYS V 112 -35.71 63.93 -22.78
C LYS V 112 -35.23 63.24 -24.05
N GLU V 113 -34.88 64.03 -25.05
CA GLU V 113 -34.46 63.46 -26.32
C GLU V 113 -33.01 62.97 -26.26
N ILE V 114 -32.25 63.44 -25.28
CA ILE V 114 -30.86 63.02 -25.17
C ILE V 114 -30.58 62.32 -23.86
N ILE V 115 -31.53 62.40 -22.92
CA ILE V 115 -31.32 61.82 -21.59
C ILE V 115 -30.98 60.34 -21.66
N ASP V 116 -31.51 59.64 -22.67
CA ASP V 116 -31.22 58.24 -22.84
C ASP V 116 -29.74 58.04 -23.13
N LEU V 117 -29.22 58.83 -24.06
CA LEU V 117 -27.80 58.81 -24.38
C LEU V 117 -26.96 59.16 -23.17
N VAL V 118 -27.37 60.19 -22.45
CA VAL V 118 -26.65 60.64 -21.28
C VAL V 118 -26.51 59.55 -20.25
N LEU V 119 -27.61 58.87 -19.97
CA LEU V 119 -27.60 57.79 -19.00
C LEU V 119 -26.76 56.63 -19.48
N ASP V 120 -26.78 56.38 -20.78
CA ASP V 120 -25.97 55.31 -21.36
C ASP V 120 -24.48 55.61 -21.21
N ARG V 121 -24.10 56.86 -21.43
CA ARG V 121 -22.72 57.27 -21.26
C ARG V 121 -22.29 57.17 -19.81
N ILE V 122 -23.20 57.54 -18.91
CA ILE V 122 -22.94 57.41 -17.48
C ILE V 122 -22.74 55.96 -17.10
N ARG V 123 -23.61 55.10 -17.62
CA ARG V 123 -23.53 53.67 -17.34
C ARG V 123 -22.19 53.11 -17.75
N LYS V 124 -21.73 53.47 -18.94
CA LYS V 124 -20.42 53.05 -19.40
C LYS V 124 -19.33 53.46 -18.42
N LEU V 125 -19.38 54.72 -17.99
CA LEU V 125 -18.40 55.22 -17.03
C LEU V 125 -18.49 54.46 -15.71
N ALA V 126 -19.71 54.18 -15.27
CA ALA V 126 -19.94 53.48 -14.01
C ALA V 126 -19.52 52.03 -14.12
N ASP V 127 -19.64 51.45 -15.30
CA ASP V 127 -19.18 50.08 -15.53
C ASP V 127 -17.67 50.01 -15.55
N GLN V 128 -17.03 51.05 -16.07
CA GLN V 128 -15.58 51.15 -16.03
C GLN V 128 -15.09 51.39 -14.61
N CYS V 129 -15.82 52.22 -13.87
CA CYS V 129 -15.44 52.59 -12.52
C CYS V 129 -15.65 51.43 -11.54
N THR V 130 -14.59 51.07 -10.84
CA THR V 130 -14.69 50.08 -9.78
C THR V 130 -15.36 50.66 -8.53
N GLY V 131 -14.56 51.27 -7.66
CA GLY V 131 -15.06 51.82 -6.40
C GLY V 131 -15.68 53.20 -6.59
N LEU V 132 -16.86 53.23 -7.21
CA LEU V 132 -17.56 54.50 -7.40
C LEU V 132 -18.05 55.05 -6.07
N GLN V 133 -17.60 56.26 -5.74
CA GLN V 133 -18.08 56.93 -4.54
C GLN V 133 -19.34 57.71 -4.82
N GLY V 134 -19.35 58.44 -5.94
CA GLY V 134 -20.47 59.29 -6.25
C GLY V 134 -20.21 60.21 -7.45
N PHE V 135 -21.07 61.21 -7.59
CA PHE V 135 -21.06 62.10 -8.73
C PHE V 135 -20.91 63.55 -8.30
N SER V 136 -20.46 64.39 -9.23
CA SER V 136 -20.32 65.82 -8.97
C SER V 136 -20.92 66.62 -10.12
N VAL V 137 -22.09 67.18 -9.88
CA VAL V 137 -22.84 67.87 -10.92
C VAL V 137 -22.62 69.38 -10.88
N PHE V 138 -22.31 69.95 -12.03
CA PHE V 138 -22.13 71.39 -12.15
C PHE V 138 -23.21 72.01 -12.98
N HIS V 139 -24.04 72.83 -12.35
CA HIS V 139 -25.19 73.39 -13.02
C HIS V 139 -25.56 74.75 -12.48
N SER V 140 -26.55 75.39 -13.11
CA SER V 140 -27.06 76.66 -12.65
C SER V 140 -28.52 76.52 -12.24
N PHE V 141 -29.17 77.65 -12.02
CA PHE V 141 -30.61 77.68 -11.84
C PHE V 141 -31.26 78.55 -12.90
N GLY V 142 -30.44 79.31 -13.62
CA GLY V 142 -30.93 80.27 -14.59
C GLY V 142 -31.47 79.58 -15.84
N GLY V 143 -30.60 78.88 -16.55
CA GLY V 143 -30.97 78.27 -17.81
C GLY V 143 -31.79 77.01 -17.59
N GLY V 144 -32.58 76.65 -18.59
CA GLY V 144 -33.39 75.44 -18.52
C GLY V 144 -32.56 74.21 -18.81
N THR V 145 -31.54 74.39 -19.65
CA THR V 145 -30.62 73.31 -19.99
C THR V 145 -29.77 72.92 -18.80
N GLY V 146 -29.60 73.85 -17.87
CA GLY V 146 -28.96 73.53 -16.63
C GLY V 146 -30.00 73.08 -15.61
N SER V 147 -30.97 73.94 -15.35
CA SER V 147 -31.95 73.71 -14.30
C SER V 147 -32.87 72.52 -14.61
N GLY V 148 -33.57 72.60 -15.73
CA GLY V 148 -34.58 71.61 -16.09
C GLY V 148 -33.95 70.28 -16.42
N PHE V 149 -32.91 70.29 -17.24
CA PHE V 149 -32.25 69.06 -17.61
C PHE V 149 -31.67 68.36 -16.40
N THR V 150 -31.03 69.11 -15.51
CA THR V 150 -30.47 68.53 -14.30
C THR V 150 -31.55 67.85 -13.49
N SER V 151 -32.69 68.50 -13.38
CA SER V 151 -33.81 67.91 -12.66
C SER V 151 -34.18 66.55 -13.23
N LEU V 152 -34.28 66.47 -14.55
CA LEU V 152 -34.52 65.21 -15.24
C LEU V 152 -33.43 64.19 -14.94
N LEU V 153 -32.19 64.60 -15.13
CA LEU V 153 -31.06 63.69 -14.98
C LEU V 153 -30.91 63.17 -13.57
N MET V 154 -31.04 64.05 -12.59
CA MET V 154 -30.87 63.65 -11.20
C MET V 154 -31.90 62.63 -10.77
N GLU V 155 -33.12 62.78 -11.26
CA GLU V 155 -34.15 61.78 -11.00
C GLU V 155 -33.74 60.44 -11.57
N ARG V 156 -33.30 60.43 -12.83
CA ARG V 156 -32.92 59.20 -13.50
C ARG V 156 -31.69 58.57 -12.85
N LEU V 157 -30.73 59.40 -12.51
CA LEU V 157 -29.48 58.95 -11.92
C LEU V 157 -29.73 58.38 -10.53
N SER V 158 -30.62 59.02 -9.79
CA SER V 158 -31.02 58.59 -8.46
C SER V 158 -31.60 57.19 -8.48
N VAL V 159 -32.43 56.92 -9.48
CA VAL V 159 -32.99 55.58 -9.66
C VAL V 159 -31.91 54.54 -9.90
N ASP V 160 -30.98 54.84 -10.80
CA ASP V 160 -29.94 53.88 -11.15
C ASP V 160 -28.94 53.67 -10.03
N TYR V 161 -28.56 54.75 -9.35
CA TYR V 161 -27.54 54.67 -8.32
C TYR V 161 -28.02 55.25 -6.99
N GLY V 162 -28.97 54.55 -6.37
CA GLY V 162 -29.51 54.99 -5.09
C GLY V 162 -28.48 54.90 -3.96
N LYS V 163 -27.42 54.13 -4.19
CA LYS V 163 -26.40 53.92 -3.17
C LYS V 163 -25.17 54.79 -3.38
N LYS V 164 -25.18 55.66 -4.38
CA LYS V 164 -24.02 56.49 -4.66
C LYS V 164 -24.26 57.95 -4.32
N SER V 165 -23.21 58.62 -3.86
CA SER V 165 -23.33 59.99 -3.39
C SER V 165 -23.48 60.98 -4.55
N LYS V 166 -24.46 61.85 -4.43
CA LYS V 166 -24.70 62.83 -5.48
C LYS V 166 -24.47 64.26 -5.00
N LEU V 167 -23.35 64.84 -5.42
CA LEU V 167 -23.03 66.22 -5.10
C LEU V 167 -23.54 67.14 -6.19
N GLU V 168 -24.10 68.27 -5.79
CA GLU V 168 -24.55 69.26 -6.75
C GLU V 168 -23.94 70.62 -6.45
N PHE V 169 -23.13 71.11 -7.36
CA PHE V 169 -22.54 72.43 -7.24
C PHE V 169 -23.28 73.39 -8.14
N SER V 170 -24.14 74.21 -7.54
CA SER V 170 -25.04 75.04 -8.30
C SER V 170 -24.69 76.51 -8.22
N ILE V 171 -24.98 77.24 -9.29
CA ILE V 171 -24.83 78.67 -9.28
C ILE V 171 -26.13 79.35 -8.89
N TYR V 172 -26.18 79.81 -7.66
CA TYR V 172 -27.37 80.35 -7.04
C TYR V 172 -27.80 81.65 -7.72
N PRO V 173 -29.02 81.69 -8.28
CA PRO V 173 -29.65 82.96 -8.69
C PRO V 173 -29.38 84.04 -7.67
N ALA V 174 -28.46 84.94 -8.00
CA ALA V 174 -28.02 85.97 -7.08
C ALA V 174 -29.17 86.92 -6.73
N PRO V 175 -29.22 87.39 -5.48
CA PRO V 175 -30.29 88.23 -5.00
C PRO V 175 -30.21 89.64 -5.55
N GLN V 176 -29.00 90.14 -5.72
CA GLN V 176 -28.84 91.52 -6.18
C GLN V 176 -29.03 91.66 -7.68
N VAL V 177 -28.36 90.80 -8.44
CA VAL V 177 -28.33 90.96 -9.89
C VAL V 177 -28.36 89.63 -10.60
N SER V 178 -28.97 89.60 -11.77
CA SER V 178 -29.01 88.38 -12.56
C SER V 178 -28.98 88.71 -14.04
N THR V 179 -29.14 87.70 -14.90
CA THR V 179 -29.01 87.94 -16.33
C THR V 179 -30.27 87.51 -17.09
N ALA V 180 -31.06 86.64 -16.49
CA ALA V 180 -32.35 86.26 -17.07
C ALA V 180 -33.46 86.69 -16.13
N VAL V 181 -34.64 86.91 -16.67
CA VAL V 181 -35.72 87.47 -15.88
C VAL V 181 -36.67 86.38 -15.40
N VAL V 182 -36.51 85.18 -15.93
CA VAL V 182 -37.36 84.06 -15.54
C VAL V 182 -36.61 83.07 -14.66
N GLU V 183 -35.56 83.55 -14.02
CA GLU V 183 -34.76 82.71 -13.15
C GLU V 183 -35.55 82.14 -11.95
N PRO V 184 -36.18 83.01 -11.13
CA PRO V 184 -37.06 82.62 -10.02
C PRO V 184 -37.85 81.35 -10.32
N TYR V 185 -38.44 81.27 -11.51
CA TYR V 185 -39.21 80.10 -11.91
C TYR V 185 -38.35 78.86 -12.00
N ASN V 186 -37.26 78.97 -12.75
CA ASN V 186 -36.39 77.82 -12.96
C ASN V 186 -35.74 77.38 -11.66
N SER V 187 -35.43 78.34 -10.81
CA SER V 187 -34.82 78.08 -9.52
C SER V 187 -35.75 77.32 -8.60
N ILE V 188 -37.00 77.79 -8.50
CA ILE V 188 -37.94 77.20 -7.56
C ILE V 188 -38.37 75.82 -7.99
N LEU V 189 -38.42 75.60 -9.31
CA LEU V 189 -38.74 74.30 -9.84
C LEU V 189 -37.62 73.30 -9.59
N THR V 190 -36.38 73.78 -9.64
CA THR V 190 -35.25 72.91 -9.37
C THR V 190 -35.24 72.43 -7.93
N THR V 191 -35.55 73.34 -7.01
CA THR V 191 -35.41 73.10 -5.58
C THR V 191 -36.01 71.78 -5.12
N HIS V 192 -37.22 71.48 -5.57
CA HIS V 192 -37.90 70.28 -5.07
C HIS V 192 -37.34 68.99 -5.66
N THR V 193 -36.47 69.10 -6.66
CA THR V 193 -35.77 67.94 -7.17
C THR V 193 -34.46 67.74 -6.44
N THR V 194 -33.69 68.82 -6.31
CA THR V 194 -32.41 68.77 -5.60
C THR V 194 -32.60 68.33 -4.16
N LEU V 195 -33.53 68.95 -3.47
CA LEU V 195 -33.81 68.59 -2.09
C LEU V 195 -34.24 67.13 -1.97
N GLU V 196 -34.92 66.62 -2.99
CA GLU V 196 -35.40 65.26 -3.01
C GLU V 196 -34.28 64.24 -3.29
N HIS V 197 -33.50 64.49 -4.33
CA HIS V 197 -32.62 63.46 -4.87
C HIS V 197 -31.14 63.65 -4.52
N SER V 198 -30.72 64.87 -4.23
CA SER V 198 -29.31 65.13 -3.97
C SER V 198 -28.90 64.64 -2.60
N ASP V 199 -27.61 64.38 -2.43
CA ASP V 199 -27.07 64.03 -1.12
C ASP V 199 -26.41 65.24 -0.47
N CYS V 200 -25.86 66.12 -1.29
CA CYS V 200 -25.30 67.36 -0.77
C CYS V 200 -25.20 68.41 -1.86
N ALA V 201 -25.78 69.58 -1.61
CA ALA V 201 -25.80 70.64 -2.59
C ALA V 201 -25.05 71.87 -2.11
N PHE V 202 -24.44 72.57 -3.05
CA PHE V 202 -23.76 73.81 -2.76
C PHE V 202 -24.36 74.94 -3.56
N MET V 203 -24.49 76.11 -2.94
CA MET V 203 -25.06 77.26 -3.62
C MET V 203 -24.07 78.40 -3.66
N VAL V 204 -23.77 78.87 -4.86
CA VAL V 204 -22.75 79.89 -5.05
C VAL V 204 -23.30 81.12 -5.75
N ASP V 205 -23.02 82.29 -5.20
CA ASP V 205 -23.48 83.54 -5.78
C ASP V 205 -22.37 84.25 -6.54
N ASN V 206 -22.57 84.42 -7.85
CA ASN V 206 -21.59 85.09 -8.70
C ASN V 206 -21.23 86.47 -8.19
N GLU V 207 -22.23 87.15 -7.64
CA GLU V 207 -22.06 88.51 -7.21
C GLU V 207 -21.22 88.57 -5.95
N ALA V 208 -21.42 87.60 -5.07
CA ALA V 208 -20.58 87.49 -3.89
C ALA V 208 -19.14 87.23 -4.31
N ILE V 209 -18.94 86.46 -5.37
CA ILE V 209 -17.60 86.20 -5.84
C ILE V 209 -16.97 87.44 -6.44
N TYR V 210 -17.72 88.13 -7.28
CA TYR V 210 -17.22 89.35 -7.89
C TYR V 210 -16.77 90.33 -6.83
N ASP V 211 -17.56 90.40 -5.76
CA ASP V 211 -17.22 91.19 -4.61
C ASP V 211 -15.91 90.74 -3.95
N ILE V 212 -15.73 89.44 -3.83
CA ILE V 212 -14.48 88.88 -3.32
C ILE V 212 -13.30 89.21 -4.21
N CYS V 213 -13.50 89.16 -5.52
CA CYS V 213 -12.46 89.52 -6.47
C CYS V 213 -12.04 90.96 -6.28
N ARG V 214 -13.00 91.85 -6.08
CA ARG V 214 -12.74 93.26 -5.84
C ARG V 214 -11.97 93.50 -4.54
N ARG V 215 -12.42 92.88 -3.46
CA ARG V 215 -11.87 93.14 -2.13
C ARG V 215 -10.56 92.43 -1.86
N ASN V 216 -10.50 91.15 -2.20
CA ASN V 216 -9.36 90.33 -1.83
C ASN V 216 -8.33 90.24 -2.95
N LEU V 217 -8.80 89.96 -4.16
CA LEU V 217 -7.88 89.88 -5.29
C LEU V 217 -7.60 91.24 -5.92
N ASP V 218 -8.31 92.27 -5.45
CA ASP V 218 -8.11 93.64 -5.92
C ASP V 218 -8.39 93.77 -7.41
N ILE V 219 -9.50 93.19 -7.85
CA ILE V 219 -9.85 93.20 -9.27
C ILE V 219 -11.05 94.10 -9.55
N GLU V 220 -10.82 95.15 -10.32
CA GLU V 220 -11.89 96.10 -10.68
C GLU V 220 -12.78 95.57 -11.79
N ARG V 221 -12.24 94.66 -12.59
CA ARG V 221 -12.96 94.11 -13.73
C ARG V 221 -12.90 92.59 -13.76
N PRO V 222 -13.84 91.94 -13.09
CA PRO V 222 -13.81 90.49 -12.97
C PRO V 222 -14.82 89.85 -13.89
N THR V 223 -14.51 88.65 -14.34
CA THR V 223 -15.33 87.93 -15.29
C THR V 223 -15.44 86.46 -14.93
N TYR V 224 -16.15 85.72 -15.76
CA TYR V 224 -16.45 84.33 -15.49
C TYR V 224 -15.21 83.48 -15.42
N THR V 225 -14.21 83.82 -16.22
CA THR V 225 -12.95 83.08 -16.22
C THR V 225 -12.36 82.96 -14.83
N ASN V 226 -12.12 84.09 -14.19
CA ASN V 226 -11.51 84.10 -12.87
C ASN V 226 -12.48 83.61 -11.82
N LEU V 227 -13.74 83.98 -11.97
CA LEU V 227 -14.78 83.56 -11.07
C LEU V 227 -14.86 82.04 -11.00
N ASN V 228 -14.85 81.40 -12.16
CA ASN V 228 -14.94 79.95 -12.25
C ASN V 228 -13.72 79.29 -11.64
N ARG V 229 -12.55 79.89 -11.86
CA ARG V 229 -11.31 79.34 -11.32
C ARG V 229 -11.36 79.25 -9.81
N LEU V 230 -11.94 80.26 -9.17
CA LEU V 230 -12.11 80.21 -7.72
C LEU V 230 -13.02 79.08 -7.29
N ILE V 231 -14.15 78.92 -7.99
CA ILE V 231 -15.09 77.86 -7.69
C ILE V 231 -14.44 76.50 -7.85
N GLY V 232 -13.72 76.32 -8.95
CA GLY V 232 -13.04 75.07 -9.22
C GLY V 232 -12.00 74.78 -8.14
N GLN V 233 -11.30 75.81 -7.69
CA GLN V 233 -10.28 75.65 -6.67
C GLN V 233 -10.88 75.11 -5.39
N ILE V 234 -12.08 75.57 -5.06
CA ILE V 234 -12.79 75.05 -3.92
C ILE V 234 -13.09 73.58 -4.06
N VAL V 235 -13.59 73.19 -5.23
CA VAL V 235 -13.94 71.81 -5.47
C VAL V 235 -12.72 70.89 -5.38
N SER V 236 -11.59 71.37 -5.88
CA SER V 236 -10.33 70.64 -5.72
C SER V 236 -10.03 70.36 -4.27
N SER V 237 -10.17 71.37 -3.42
CA SER V 237 -9.93 71.19 -2.00
C SER V 237 -10.95 70.26 -1.35
N ILE V 238 -12.18 70.27 -1.84
CA ILE V 238 -13.21 69.37 -1.32
C ILE V 238 -12.92 67.92 -1.67
N THR V 239 -12.56 67.68 -2.91
CA THR V 239 -12.51 66.33 -3.45
C THR V 239 -11.09 65.86 -3.70
N ALA V 240 -10.47 66.38 -4.76
CA ALA V 240 -9.15 65.95 -5.18
C ALA V 240 -8.17 65.94 -4.01
N SER V 241 -8.29 66.92 -3.12
CA SER V 241 -7.46 67.00 -1.93
C SER V 241 -7.38 65.67 -1.20
N LEU V 242 -8.53 65.04 -1.05
CA LEU V 242 -8.62 63.77 -0.33
C LEU V 242 -7.80 62.71 -1.04
N ARG V 243 -7.78 62.79 -2.36
CA ARG V 243 -7.15 61.77 -3.18
C ARG V 243 -5.65 61.95 -3.31
N PHE V 244 -5.08 62.87 -2.54
CA PHE V 244 -3.63 63.02 -2.51
C PHE V 244 -3.02 62.41 -1.26
N ASP V 245 -3.86 61.87 -0.38
CA ASP V 245 -3.40 61.22 0.85
C ASP V 245 -2.82 62.21 1.85
N GLY V 246 -3.67 62.72 2.72
CA GLY V 246 -3.27 63.66 3.75
C GLY V 246 -3.27 63.02 5.13
N ALA V 247 -3.12 63.84 6.15
CA ALA V 247 -3.16 63.36 7.53
C ALA V 247 -4.54 62.89 7.91
N LEU V 248 -5.54 63.64 7.47
CA LEU V 248 -6.93 63.30 7.77
C LEU V 248 -7.74 63.23 6.50
N ASN V 249 -7.84 62.03 5.93
CA ASN V 249 -8.55 61.84 4.67
C ASN V 249 -10.04 61.68 4.90
N VAL V 250 -10.72 62.78 5.10
CA VAL V 250 -12.15 62.75 5.35
C VAL V 250 -12.94 62.35 4.11
N ASP V 251 -13.62 61.22 4.19
CA ASP V 251 -14.35 60.72 3.04
C ASP V 251 -15.51 61.63 2.65
N LEU V 252 -15.96 61.52 1.41
CA LEU V 252 -17.11 62.30 0.94
C LEU V 252 -18.37 61.94 1.71
N THR V 253 -18.50 60.68 2.09
CA THR V 253 -19.63 60.26 2.89
C THR V 253 -19.40 60.60 4.35
N GLU V 254 -18.13 60.72 4.72
CA GLU V 254 -17.74 61.16 6.05
C GLU V 254 -18.09 62.63 6.23
N PHE V 255 -17.96 63.41 5.15
CA PHE V 255 -18.46 64.78 5.16
C PHE V 255 -19.91 64.79 5.52
N GLN V 256 -20.68 63.96 4.84
CA GLN V 256 -22.10 63.87 5.06
C GLN V 256 -22.42 63.40 6.48
N THR V 257 -21.65 62.44 6.96
CA THR V 257 -21.81 61.94 8.32
C THR V 257 -21.82 63.07 9.33
N ASN V 258 -20.88 64.00 9.19
CA ASN V 258 -20.69 65.03 10.20
C ASN V 258 -21.38 66.35 9.85
N LEU V 259 -21.49 66.65 8.56
CA LEU V 259 -22.09 67.91 8.14
C LEU V 259 -23.60 67.87 8.19
N VAL V 260 -24.19 66.72 7.91
CA VAL V 260 -25.64 66.62 7.83
C VAL V 260 -26.24 65.91 9.05
N PRO V 261 -27.11 66.59 9.79
CA PRO V 261 -27.71 66.06 11.02
C PRO V 261 -29.06 65.43 10.77
N TYR V 262 -29.69 65.82 9.67
CA TYR V 262 -31.03 65.37 9.35
C TYR V 262 -31.09 64.69 8.00
N PRO V 263 -32.27 64.26 7.61
CA PRO V 263 -32.51 63.74 6.28
C PRO V 263 -32.46 64.85 5.23
N ARG V 264 -32.69 66.09 5.68
CA ARG V 264 -32.55 67.25 4.82
C ARG V 264 -31.50 68.21 5.38
N GLY V 265 -31.46 69.43 4.84
CA GLY V 265 -30.47 70.41 5.25
C GLY V 265 -29.17 70.23 4.47
N HIS V 266 -29.30 69.86 3.20
CA HIS V 266 -28.15 69.54 2.36
C HIS V 266 -27.57 70.75 1.68
N PHE V 267 -27.32 71.81 2.45
CA PHE V 267 -26.90 73.07 1.86
C PHE V 267 -25.75 73.72 2.62
N PRO V 268 -24.53 73.24 2.40
CA PRO V 268 -23.32 73.78 2.98
C PRO V 268 -22.77 74.89 2.11
N LEU V 269 -22.16 75.86 2.75
CA LEU V 269 -21.49 76.93 2.05
C LEU V 269 -20.03 76.63 1.97
N ALA V 270 -19.44 76.83 0.80
CA ALA V 270 -18.06 76.46 0.58
C ALA V 270 -17.21 77.70 0.36
N THR V 271 -16.32 77.98 1.31
CA THR V 271 -15.51 79.19 1.23
C THR V 271 -14.04 78.85 1.07
N TYR V 272 -13.28 79.83 0.61
CA TYR V 272 -11.85 79.68 0.43
C TYR V 272 -11.15 80.90 1.00
N ALA V 273 -10.32 80.68 2.00
CA ALA V 273 -9.83 81.78 2.82
C ALA V 273 -8.40 82.22 2.50
N PRO V 274 -7.74 81.61 1.52
CA PRO V 274 -6.43 82.12 1.09
C PRO V 274 -6.52 83.00 -0.14
N VAL V 275 -7.67 83.61 -0.38
CA VAL V 275 -7.82 84.46 -1.54
C VAL V 275 -6.93 85.68 -1.38
N ILE V 276 -6.00 85.86 -2.33
CA ILE V 276 -4.93 86.81 -2.13
C ILE V 276 -4.31 87.24 -3.46
N SER V 277 -3.95 88.51 -3.54
CA SER V 277 -3.30 89.04 -4.73
C SER V 277 -1.81 88.79 -4.71
N ALA V 278 -1.17 88.94 -5.86
CA ALA V 278 0.27 88.74 -5.98
C ALA V 278 1.04 89.74 -5.12
N GLU V 279 0.55 90.97 -5.04
CA GLU V 279 1.18 91.96 -4.19
C GLU V 279 1.10 91.57 -2.73
N LYS V 280 -0.10 91.18 -2.31
CA LYS V 280 -0.32 90.79 -0.93
C LYS V 280 0.49 89.57 -0.56
N ALA V 281 0.75 88.71 -1.53
CA ALA V 281 1.56 87.51 -1.30
C ALA V 281 2.94 87.83 -0.74
N TYR V 282 3.41 89.06 -0.96
CA TYR V 282 4.71 89.46 -0.47
C TYR V 282 4.62 90.09 0.91
N HIS V 283 3.64 90.94 1.11
CA HIS V 283 3.51 91.66 2.37
C HIS V 283 2.80 90.82 3.43
N GLU V 284 1.75 90.14 3.02
CA GLU V 284 0.96 89.34 3.94
C GLU V 284 1.71 88.11 4.41
N GLN V 285 1.71 87.90 5.71
CA GLN V 285 2.22 86.66 6.28
C GLN V 285 1.08 85.84 6.86
N LEU V 286 0.69 84.81 6.13
CA LEU V 286 -0.42 83.95 6.53
C LEU V 286 0.04 82.78 7.37
N SER V 287 -0.90 82.24 8.14
CA SER V 287 -0.69 81.00 8.85
C SER V 287 -2.03 80.38 9.20
N VAL V 288 -1.99 79.30 9.95
CA VAL V 288 -3.18 78.49 10.18
C VAL V 288 -4.31 79.27 10.81
N ALA V 289 -4.00 79.99 11.88
CA ALA V 289 -5.00 80.75 12.60
C ALA V 289 -5.52 81.91 11.77
N GLU V 290 -4.62 82.61 11.09
CA GLU V 290 -5.00 83.78 10.30
C GLU V 290 -5.98 83.41 9.22
N ILE V 291 -5.66 82.36 8.48
CA ILE V 291 -6.50 81.93 7.38
C ILE V 291 -7.81 81.36 7.90
N THR V 292 -7.72 80.55 8.96
CA THR V 292 -8.90 79.97 9.57
C THR V 292 -9.85 81.06 10.05
N ASN V 293 -9.31 82.10 10.65
CA ASN V 293 -10.13 83.20 11.11
C ASN V 293 -10.82 83.90 9.96
N ALA V 294 -10.11 84.08 8.86
CA ALA V 294 -10.64 84.75 7.69
C ALA V 294 -11.89 84.06 7.14
N CYS V 295 -11.94 82.73 7.23
CA CYS V 295 -13.04 81.98 6.65
C CYS V 295 -14.34 82.15 7.43
N PHE V 296 -14.25 82.67 8.65
CA PHE V 296 -15.45 82.92 9.43
C PHE V 296 -15.86 84.39 9.39
N GLU V 297 -15.20 85.17 8.55
CA GLU V 297 -15.58 86.55 8.35
C GLU V 297 -16.56 86.67 7.19
N PRO V 298 -17.74 87.26 7.46
CA PRO V 298 -18.85 87.49 6.53
C PRO V 298 -18.45 88.33 5.33
N ALA V 299 -17.52 87.82 4.55
CA ALA V 299 -16.94 88.56 3.44
C ALA V 299 -16.51 87.59 2.37
N ASN V 300 -16.02 86.43 2.80
CA ASN V 300 -15.59 85.39 1.87
C ASN V 300 -16.60 84.26 1.83
N GLN V 301 -17.88 84.59 2.02
CA GLN V 301 -18.92 83.59 2.14
C GLN V 301 -19.23 82.89 0.83
N MET V 302 -18.83 83.51 -0.29
CA MET V 302 -19.14 82.98 -1.62
C MET V 302 -20.64 83.00 -1.92
N VAL V 303 -21.40 83.67 -1.07
CA VAL V 303 -22.83 83.79 -1.24
C VAL V 303 -23.35 84.99 -0.47
N LYS V 304 -24.39 85.64 -0.98
CA LYS V 304 -24.98 86.79 -0.30
C LYS V 304 -25.67 86.37 1.00
N CYS V 305 -24.87 86.15 2.03
CA CYS V 305 -25.36 85.72 3.32
C CYS V 305 -24.44 86.18 4.42
N ASP V 306 -25.02 86.60 5.54
CA ASP V 306 -24.24 87.07 6.67
C ASP V 306 -24.47 86.18 7.89
N PRO V 307 -23.62 85.15 8.06
CA PRO V 307 -23.62 84.14 9.13
C PRO V 307 -23.97 84.68 10.51
N ARG V 308 -23.67 85.95 10.76
CA ARG V 308 -23.83 86.53 12.06
C ARG V 308 -25.31 86.68 12.45
N HIS V 309 -26.19 86.52 11.47
CA HIS V 309 -27.61 86.59 11.75
C HIS V 309 -28.28 85.21 11.78
N GLY V 310 -27.46 84.16 11.85
CA GLY V 310 -28.00 82.81 12.01
C GLY V 310 -27.14 81.99 12.96
N LYS V 311 -27.22 80.67 12.85
CA LYS V 311 -26.40 79.78 13.67
C LYS V 311 -25.65 78.76 12.84
N TYR V 312 -24.54 78.30 13.36
CA TYR V 312 -23.76 77.25 12.70
C TYR V 312 -24.22 75.87 13.14
N MET V 313 -24.62 75.08 12.16
CA MET V 313 -25.05 73.71 12.39
C MET V 313 -23.86 72.77 12.39
N ALA V 314 -22.97 72.97 11.40
CA ALA V 314 -21.79 72.14 11.27
C ALA V 314 -20.76 72.84 10.40
N CYS V 315 -19.49 72.54 10.62
CA CYS V 315 -18.42 73.22 9.93
C CYS V 315 -17.20 72.34 9.73
N CYS V 316 -16.97 71.91 8.50
CA CYS V 316 -15.78 71.15 8.19
C CYS V 316 -14.70 72.04 7.60
N LEU V 317 -13.52 71.98 8.20
CA LEU V 317 -12.40 72.79 7.76
C LEU V 317 -11.36 71.91 7.08
N LEU V 318 -11.07 72.20 5.82
CA LEU V 318 -10.13 71.40 5.05
C LEU V 318 -8.85 72.15 4.81
N TYR V 319 -7.75 71.58 5.28
CA TYR V 319 -6.46 72.25 5.20
C TYR V 319 -5.57 71.61 4.15
N ARG V 320 -4.75 72.43 3.52
CA ARG V 320 -3.79 71.95 2.53
C ARG V 320 -2.40 72.48 2.80
N GLY V 321 -1.39 71.78 2.31
CA GLY V 321 -0.01 72.21 2.41
C GLY V 321 0.51 72.22 3.85
N ASP V 322 1.21 73.29 4.21
CA ASP V 322 2.01 73.33 5.42
C ASP V 322 1.18 73.68 6.66
N VAL V 323 0.44 72.71 7.16
CA VAL V 323 -0.33 72.89 8.39
C VAL V 323 -0.03 71.80 9.39
N VAL V 324 -0.30 72.09 10.66
CA VAL V 324 -0.23 71.08 11.70
C VAL V 324 -1.49 71.09 12.54
N PRO V 325 -1.84 69.94 13.13
CA PRO V 325 -3.10 69.75 13.81
C PRO V 325 -3.19 70.59 15.08
N LYS V 326 -2.05 70.85 15.70
CA LYS V 326 -2.01 71.62 16.92
C LYS V 326 -2.54 73.02 16.72
N ASP V 327 -2.06 73.66 15.66
CA ASP V 327 -2.46 75.02 15.34
C ASP V 327 -3.91 75.08 14.92
N VAL V 328 -4.34 74.05 14.20
CA VAL V 328 -5.73 73.98 13.78
C VAL V 328 -6.66 73.92 14.97
N ASN V 329 -6.32 73.06 15.92
CA ASN V 329 -7.11 72.91 17.12
C ASN V 329 -7.15 74.20 17.91
N ALA V 330 -5.99 74.86 18.00
CA ALA V 330 -5.89 76.11 18.72
C ALA V 330 -6.74 77.19 18.09
N ALA V 331 -6.73 77.27 16.77
CA ALA V 331 -7.53 78.24 16.05
C ALA V 331 -9.00 78.01 16.33
N ILE V 332 -9.43 76.75 16.31
CA ILE V 332 -10.81 76.42 16.59
C ILE V 332 -11.21 76.79 18.01
N ALA V 333 -10.32 76.51 18.95
CA ALA V 333 -10.56 76.88 20.34
C ALA V 333 -10.75 78.38 20.46
N THR V 334 -9.94 79.14 19.72
CA THR V 334 -10.06 80.59 19.69
C THR V 334 -11.41 81.02 19.15
N ILE V 335 -11.88 80.33 18.12
CA ILE V 335 -13.16 80.63 17.52
C ILE V 335 -14.29 80.40 18.51
N LYS V 336 -14.25 79.27 19.20
CA LYS V 336 -15.25 78.96 20.21
C LYS V 336 -15.15 79.92 21.39
N THR V 337 -13.94 80.40 21.65
CA THR V 337 -13.71 81.41 22.66
C THR V 337 -14.29 82.77 22.24
N LYS V 338 -14.12 83.10 20.96
CA LYS V 338 -14.64 84.35 20.42
C LYS V 338 -16.12 84.49 20.70
N ARG V 339 -16.88 83.43 20.41
CA ARG V 339 -18.30 83.37 20.74
C ARG V 339 -19.15 84.43 20.05
N THR V 340 -18.58 85.14 19.06
CA THR V 340 -19.34 86.12 18.31
C THR V 340 -20.33 85.43 17.40
N ILE V 341 -19.86 84.42 16.70
CA ILE V 341 -20.73 83.61 15.88
C ILE V 341 -21.44 82.57 16.71
N GLN V 342 -22.70 82.33 16.40
CA GLN V 342 -23.52 81.47 17.21
C GLN V 342 -23.61 80.09 16.62
N PHE V 343 -23.68 79.09 17.48
CA PHE V 343 -23.80 77.71 17.08
C PHE V 343 -25.09 77.13 17.59
N VAL V 344 -25.56 76.10 16.92
CA VAL V 344 -26.77 75.45 17.34
C VAL V 344 -26.63 74.88 18.74
N ASP V 345 -27.59 75.23 19.61
CA ASP V 345 -27.48 74.98 21.04
C ASP V 345 -27.42 73.51 21.37
N TRP V 346 -28.07 72.69 20.56
CA TRP V 346 -28.08 71.26 20.77
C TRP V 346 -27.03 70.54 19.93
N CYS V 347 -26.03 71.30 19.46
CA CYS V 347 -24.90 70.71 18.77
C CYS V 347 -23.60 70.99 19.54
N PRO V 348 -23.35 70.22 20.61
CA PRO V 348 -22.12 70.27 21.44
C PRO V 348 -20.93 70.86 20.70
N THR V 349 -20.60 70.25 19.57
CA THR V 349 -19.60 70.78 18.68
C THR V 349 -20.09 70.74 17.26
N GLY V 350 -19.30 71.30 16.37
CA GLY V 350 -19.64 71.34 14.96
C GLY V 350 -18.40 71.37 14.11
N PHE V 351 -17.24 71.19 14.73
CA PHE V 351 -16.00 71.33 13.99
C PHE V 351 -15.41 70.00 13.59
N LYS V 352 -15.11 69.88 12.32
CA LYS V 352 -14.40 68.73 11.79
C LYS V 352 -13.25 69.17 10.92
N VAL V 353 -12.17 68.42 10.93
CA VAL V 353 -10.96 68.84 10.25
C VAL V 353 -10.44 67.82 9.25
N GLY V 354 -10.18 68.28 8.05
CA GLY V 354 -9.46 67.47 7.07
C GLY V 354 -8.10 68.11 6.80
N ILE V 355 -7.08 67.30 6.60
CA ILE V 355 -5.74 67.83 6.40
C ILE V 355 -5.00 67.12 5.29
N ASN V 356 -4.51 67.89 4.33
CA ASN V 356 -3.68 67.38 3.26
C ASN V 356 -2.19 67.56 3.57
N TYR V 357 -1.35 66.94 2.76
CA TYR V 357 0.07 67.20 2.76
C TYR V 357 0.45 67.96 1.52
N GLU V 358 -0.32 67.76 0.45
CA GLU V 358 -0.08 68.45 -0.80
C GLU V 358 -0.50 69.90 -0.71
N PRO V 359 0.34 70.79 -1.23
CA PRO V 359 0.08 72.21 -1.31
C PRO V 359 -1.17 72.50 -2.16
N PRO V 360 -1.65 73.74 -2.07
CA PRO V 360 -2.64 74.41 -2.90
C PRO V 360 -2.25 74.42 -4.37
N THR V 361 -3.24 74.39 -5.24
CA THR V 361 -3.01 74.35 -6.68
C THR V 361 -2.87 75.76 -7.24
N VAL V 362 -1.88 75.95 -8.11
CA VAL V 362 -1.62 77.25 -8.70
C VAL V 362 -1.95 77.26 -10.19
N VAL V 363 -2.73 78.26 -10.60
CA VAL V 363 -3.11 78.39 -12.01
C VAL V 363 -2.20 79.39 -12.73
N PRO V 364 -1.31 78.89 -13.59
CA PRO V 364 -0.56 79.73 -14.50
C PRO V 364 -1.53 80.56 -15.33
N GLY V 365 -1.36 81.88 -15.28
CA GLY V 365 -2.26 82.78 -15.98
C GLY V 365 -3.45 83.16 -15.13
N GLY V 366 -3.40 82.81 -13.84
CA GLY V 366 -4.46 83.17 -12.90
C GLY V 366 -4.10 84.41 -12.10
N ASP V 367 -4.67 84.51 -10.90
CA ASP V 367 -4.41 85.66 -10.03
C ASP V 367 -4.13 85.21 -8.62
N LEU V 368 -5.05 84.42 -8.05
CA LEU V 368 -4.84 83.72 -6.79
C LEU V 368 -3.38 83.32 -6.59
N ALA V 369 -2.63 84.13 -5.87
CA ALA V 369 -1.19 83.95 -5.75
C ALA V 369 -0.86 82.68 -5.00
N LYS V 370 0.31 82.12 -5.32
CA LYS V 370 0.78 80.90 -4.68
C LYS V 370 0.98 81.07 -3.19
N VAL V 371 0.41 80.16 -2.42
CA VAL V 371 0.57 80.14 -0.97
C VAL V 371 1.05 78.78 -0.50
N GLN V 372 1.54 78.71 0.73
CA GLN V 372 2.13 77.49 1.27
C GLN V 372 1.10 76.60 1.94
N ARG V 373 -0.12 77.10 2.07
CA ARG V 373 -1.18 76.38 2.74
C ARG V 373 -2.53 76.95 2.37
N ALA V 374 -3.59 76.17 2.57
CA ALA V 374 -4.90 76.66 2.23
C ALA V 374 -5.98 76.07 3.09
N VAL V 375 -7.09 76.81 3.21
CA VAL V 375 -8.22 76.37 3.99
C VAL V 375 -9.52 76.49 3.23
N CYS V 376 -10.29 75.43 3.20
CA CYS V 376 -11.65 75.47 2.72
C CYS V 376 -12.62 75.19 3.84
N MET V 377 -13.74 75.87 3.83
CA MET V 377 -14.75 75.62 4.85
C MET V 377 -16.05 75.18 4.25
N LEU V 378 -16.56 74.06 4.73
CA LEU V 378 -17.86 73.58 4.32
C LEU V 378 -18.82 73.68 5.49
N SER V 379 -19.66 74.71 5.47
CA SER V 379 -20.44 75.03 6.65
C SER V 379 -21.94 75.00 6.42
N ASN V 380 -22.64 74.32 7.32
CA ASN V 380 -24.09 74.36 7.35
C ASN V 380 -24.56 75.37 8.37
N THR V 381 -25.49 76.21 7.97
CA THR V 381 -25.98 77.30 8.81
C THR V 381 -27.42 77.59 8.55
N THR V 382 -28.05 78.27 9.50
CA THR V 382 -29.44 78.66 9.36
C THR V 382 -29.55 80.02 8.68
N ALA V 383 -28.42 80.72 8.60
CA ALA V 383 -28.40 82.06 8.00
C ALA V 383 -28.73 82.00 6.52
N ILE V 384 -28.24 80.97 5.84
CA ILE V 384 -28.40 80.86 4.39
C ILE V 384 -29.85 80.74 3.98
N ALA V 385 -30.69 80.22 4.87
CA ALA V 385 -32.09 80.03 4.58
C ALA V 385 -32.77 81.34 4.20
N GLU V 386 -32.26 82.45 4.72
CA GLU V 386 -32.84 83.76 4.45
C GLU V 386 -32.79 84.13 2.96
N ALA V 387 -31.80 83.57 2.25
CA ALA V 387 -31.61 83.85 0.84
C ALA V 387 -32.79 83.37 0.01
N TRP V 388 -33.45 82.31 0.48
CA TRP V 388 -34.55 81.73 -0.27
C TRP V 388 -35.80 82.58 -0.15
N ALA V 389 -35.90 83.33 0.95
CA ALA V 389 -36.99 84.25 1.13
C ALA V 389 -36.98 85.30 0.04
N ARG V 390 -35.77 85.77 -0.30
CA ARG V 390 -35.62 86.74 -1.37
C ARG V 390 -36.09 86.17 -2.69
N LEU V 391 -35.75 84.91 -2.94
CA LEU V 391 -36.23 84.24 -4.14
C LEU V 391 -37.73 84.05 -4.10
N ASP V 392 -38.25 83.76 -2.91
CA ASP V 392 -39.69 83.58 -2.75
C ASP V 392 -40.44 84.82 -3.17
N HIS V 393 -39.93 85.98 -2.76
CA HIS V 393 -40.58 87.24 -3.11
C HIS V 393 -40.56 87.47 -4.61
N LYS V 394 -39.41 87.19 -5.23
CA LYS V 394 -39.27 87.36 -6.66
C LYS V 394 -40.24 86.45 -7.41
N PHE V 395 -40.29 85.20 -6.96
CA PHE V 395 -41.21 84.25 -7.53
C PHE V 395 -42.65 84.65 -7.31
N ASP V 396 -43.01 84.94 -6.06
CA ASP V 396 -44.38 85.28 -5.71
C ASP V 396 -44.90 86.41 -6.54
N LEU V 397 -44.05 87.41 -6.74
CA LEU V 397 -44.42 88.59 -7.48
C LEU V 397 -44.74 88.27 -8.94
N MET V 398 -43.81 87.63 -9.62
CA MET V 398 -44.00 87.28 -11.02
C MET V 398 -45.11 86.27 -11.17
N TYR V 399 -45.17 85.34 -10.21
CA TYR V 399 -46.19 84.33 -10.20
C TYR V 399 -47.56 84.94 -10.06
N ALA V 400 -47.70 85.92 -9.17
CA ALA V 400 -48.98 86.60 -8.95
C ALA V 400 -49.53 87.16 -10.26
N LYS V 401 -48.64 87.68 -11.10
CA LYS V 401 -49.06 88.21 -12.40
C LYS V 401 -49.05 87.13 -13.49
N ARG V 402 -48.60 85.93 -13.12
CA ARG V 402 -48.41 84.84 -14.07
C ARG V 402 -47.54 85.27 -15.23
N ALA V 403 -46.55 86.12 -14.95
CA ALA V 403 -45.68 86.61 -15.98
C ALA V 403 -44.86 85.48 -16.55
N PHE V 404 -44.82 85.40 -17.87
CA PHE V 404 -44.04 84.38 -18.56
C PHE V 404 -44.56 82.96 -18.34
N VAL V 405 -45.72 82.83 -17.69
CA VAL V 405 -46.23 81.51 -17.34
C VAL V 405 -46.51 80.69 -18.59
N HIS V 406 -46.83 81.36 -19.69
CA HIS V 406 -47.23 80.69 -20.91
C HIS V 406 -46.08 79.96 -21.58
N TRP V 407 -44.85 80.26 -21.17
CA TRP V 407 -43.71 79.55 -21.71
C TRP V 407 -43.57 78.18 -21.08
N TYR V 408 -44.12 78.03 -19.89
CA TYR V 408 -44.06 76.76 -19.19
C TYR V 408 -45.32 75.97 -19.46
N VAL V 409 -46.44 76.67 -19.57
CA VAL V 409 -47.69 76.07 -19.97
C VAL V 409 -47.63 75.56 -21.39
N GLY V 410 -46.92 76.30 -22.25
CA GLY V 410 -46.71 75.88 -23.62
C GLY V 410 -45.99 74.53 -23.68
N GLU V 411 -45.14 74.27 -22.71
CA GLU V 411 -44.56 72.94 -22.56
C GLU V 411 -45.59 71.96 -22.01
N GLY V 412 -46.40 72.44 -21.08
CA GLY V 412 -47.41 71.62 -20.44
C GLY V 412 -47.21 71.58 -18.93
N MET V 413 -46.24 72.35 -18.44
CA MET V 413 -45.95 72.37 -17.03
C MET V 413 -47.17 72.82 -16.25
N GLU V 414 -47.66 71.93 -15.40
CA GLU V 414 -48.83 72.19 -14.60
C GLU V 414 -48.64 73.40 -13.71
N GLU V 415 -49.59 74.34 -13.78
CA GLU V 415 -49.57 75.53 -12.94
C GLU V 415 -49.41 75.18 -11.47
N GLY V 416 -50.13 74.15 -11.04
CA GLY V 416 -50.07 73.67 -9.67
C GLY V 416 -48.66 73.24 -9.26
N GLU V 417 -47.85 72.83 -10.22
CA GLU V 417 -46.47 72.44 -9.96
C GLU V 417 -45.67 73.59 -9.38
N PHE V 418 -45.99 74.80 -9.81
CA PHE V 418 -45.31 75.99 -9.31
C PHE V 418 -45.67 76.25 -7.88
N SER V 419 -46.94 76.06 -7.55
CA SER V 419 -47.39 76.24 -6.17
C SER V 419 -46.79 75.16 -5.29
N GLU V 420 -46.66 73.95 -5.82
CA GLU V 420 -46.07 72.85 -5.07
C GLU V 420 -44.59 73.08 -4.84
N ALA V 421 -43.92 73.60 -5.85
CA ALA V 421 -42.49 73.89 -5.75
C ALA V 421 -42.23 74.89 -4.64
N ARG V 422 -43.06 75.92 -4.58
CA ARG V 422 -42.96 76.92 -3.53
C ARG V 422 -43.13 76.33 -2.16
N GLU V 423 -44.12 75.46 -2.00
CA GLU V 423 -44.40 74.87 -0.71
C GLU V 423 -43.24 74.04 -0.22
N ASP V 424 -42.58 73.35 -1.14
CA ASP V 424 -41.40 72.56 -0.79
C ASP V 424 -40.24 73.44 -0.37
N MET V 425 -40.05 74.55 -1.08
CA MET V 425 -39.04 75.53 -0.68
C MET V 425 -39.35 76.10 0.69
N ALA V 426 -40.61 76.44 0.90
CA ALA V 426 -41.05 77.01 2.17
C ALA V 426 -40.86 76.02 3.31
N ALA V 427 -41.08 74.73 3.04
CA ALA V 427 -40.82 73.69 4.03
C ALA V 427 -39.38 73.69 4.45
N LEU V 428 -38.50 73.81 3.47
CA LEU V 428 -37.06 73.83 3.71
C LEU V 428 -36.68 75.01 4.59
N GLU V 429 -37.23 76.18 4.28
CA GLU V 429 -37.00 77.37 5.09
C GLU V 429 -37.45 77.14 6.53
N LYS V 430 -38.64 76.55 6.68
CA LYS V 430 -39.21 76.27 7.99
C LYS V 430 -38.31 75.35 8.81
N ASP V 431 -37.76 74.33 8.18
CA ASP V 431 -36.88 73.39 8.87
C ASP V 431 -35.70 74.11 9.50
N TYR V 432 -35.08 75.02 8.76
CA TYR V 432 -33.93 75.76 9.29
C TYR V 432 -34.32 76.66 10.44
N GLU V 433 -35.52 77.24 10.38
CA GLU V 433 -36.03 78.04 11.49
C GLU V 433 -36.13 77.21 12.76
N GLU V 434 -36.65 75.99 12.63
CA GLU V 434 -36.82 75.10 13.76
C GLU V 434 -35.48 74.69 14.36
N VAL V 435 -34.50 74.42 13.49
CA VAL V 435 -33.17 74.05 13.95
C VAL V 435 -32.56 75.10 14.87
N GLY V 436 -32.64 76.36 14.47
CA GLY V 436 -32.05 77.44 15.25
C GLY V 436 -32.79 77.67 16.56
N VAL V 437 -34.12 77.62 16.52
CA VAL V 437 -34.94 77.94 17.68
C VAL V 437 -34.94 76.84 18.74
N ASP V 438 -35.18 75.60 18.30
CA ASP V 438 -35.35 74.48 19.22
C ASP V 438 -34.07 74.18 19.99
N SER V 439 -34.25 73.64 21.20
CA SER V 439 -33.13 73.24 22.04
C SER V 439 -33.58 72.25 23.11
N ARG W 2 -27.91 75.66 -36.31
CA ARG W 2 -29.26 75.72 -36.86
C ARG W 2 -29.34 76.74 -37.99
N GLU W 3 -30.51 76.85 -38.61
CA GLU W 3 -30.68 77.76 -39.73
C GLU W 3 -31.92 78.63 -39.58
N ILE W 4 -31.83 79.85 -40.10
CA ILE W 4 -32.95 80.80 -40.06
C ILE W 4 -33.27 81.33 -41.45
N VAL W 5 -34.54 81.35 -41.78
CA VAL W 5 -34.99 81.83 -43.09
C VAL W 5 -35.29 83.32 -43.05
N HIS W 6 -34.73 84.06 -44.00
CA HIS W 6 -34.98 85.50 -44.07
C HIS W 6 -35.81 85.88 -45.29
N ILE W 7 -37.02 86.33 -45.05
CA ILE W 7 -37.89 86.71 -46.14
C ILE W 7 -38.06 88.21 -46.20
N GLN W 8 -37.90 88.76 -47.39
CA GLN W 8 -38.09 90.19 -47.60
C GLN W 8 -39.35 90.44 -48.40
N ALA W 9 -40.13 91.44 -47.99
CA ALA W 9 -41.41 91.70 -48.65
C ALA W 9 -41.61 93.18 -48.91
N GLY W 10 -41.67 93.55 -50.18
CA GLY W 10 -41.92 94.94 -50.58
C GLY W 10 -40.60 95.71 -50.72
N GLN W 11 -40.66 96.85 -51.41
CA GLN W 11 -39.48 97.66 -51.68
C GLN W 11 -38.74 98.04 -50.42
N CYS W 12 -39.49 98.54 -49.45
CA CYS W 12 -38.93 98.90 -48.16
C CYS W 12 -38.16 97.75 -47.55
N GLY W 13 -38.82 96.61 -47.43
CA GLY W 13 -38.21 95.44 -46.83
C GLY W 13 -37.02 94.96 -47.63
N ASN W 14 -37.12 95.07 -48.96
CA ASN W 14 -36.05 94.63 -49.82
C ASN W 14 -34.83 95.50 -49.71
N GLN W 15 -35.04 96.81 -49.59
CA GLN W 15 -33.92 97.73 -49.46
C GLN W 15 -33.23 97.56 -48.13
N ILE W 16 -34.01 97.37 -47.07
CA ILE W 16 -33.45 97.10 -45.76
C ILE W 16 -32.68 95.81 -45.76
N GLY W 17 -33.29 94.77 -46.33
CA GLY W 17 -32.67 93.47 -46.38
C GLY W 17 -31.38 93.49 -47.19
N ALA W 18 -31.39 94.22 -48.30
CA ALA W 18 -30.19 94.33 -49.12
C ALA W 18 -29.04 94.88 -48.31
N LYS W 19 -29.32 95.90 -47.49
CA LYS W 19 -28.31 96.46 -46.62
C LYS W 19 -27.92 95.47 -45.53
N PHE W 20 -28.91 94.75 -45.01
CA PHE W 20 -28.68 93.72 -44.00
C PHE W 20 -27.71 92.67 -44.47
N TRP W 21 -27.94 92.16 -45.68
CA TRP W 21 -27.10 91.12 -46.22
C TRP W 21 -25.72 91.64 -46.57
N GLU W 22 -25.62 92.93 -46.91
CA GLU W 22 -24.32 93.57 -47.02
C GLU W 22 -23.56 93.46 -45.71
N VAL W 23 -24.23 93.84 -44.63
CA VAL W 23 -23.62 93.91 -43.32
C VAL W 23 -23.13 92.56 -42.84
N ILE W 24 -23.99 91.56 -42.87
CA ILE W 24 -23.64 90.28 -42.30
C ILE W 24 -22.73 89.48 -43.21
N SER W 25 -22.79 89.74 -44.51
CA SER W 25 -21.84 89.13 -45.42
C SER W 25 -20.45 89.66 -45.14
N ASP W 26 -20.36 90.96 -44.88
CA ASP W 26 -19.10 91.56 -44.48
C ASP W 26 -18.66 91.00 -43.15
N GLU W 27 -19.58 90.88 -42.21
CA GLU W 27 -19.30 90.31 -40.90
C GLU W 27 -18.68 88.93 -41.01
N HIS W 28 -19.18 88.12 -41.94
CA HIS W 28 -18.71 86.75 -42.10
C HIS W 28 -17.72 86.57 -43.25
N GLY W 29 -17.10 87.67 -43.70
CA GLY W 29 -15.96 87.57 -44.60
C GLY W 29 -16.34 87.12 -46.02
N ILE W 30 -17.57 87.41 -46.42
CA ILE W 30 -18.06 86.96 -47.71
C ILE W 30 -18.02 88.07 -48.73
N ASP W 31 -17.37 87.80 -49.86
CA ASP W 31 -17.24 88.80 -50.91
C ASP W 31 -18.43 88.74 -51.87
N PRO W 32 -18.42 89.58 -52.91
CA PRO W 32 -19.55 89.71 -53.83
C PRO W 32 -19.66 88.55 -54.84
N THR W 33 -18.87 87.50 -54.67
CA THR W 33 -19.06 86.29 -55.46
C THR W 33 -19.72 85.22 -54.62
N GLY W 34 -19.72 85.42 -53.31
CA GLY W 34 -20.19 84.41 -52.38
C GLY W 34 -19.04 83.61 -51.81
N SER W 35 -17.81 83.96 -52.21
CA SER W 35 -16.63 83.27 -51.69
C SER W 35 -16.23 83.79 -50.33
N TYR W 36 -15.71 82.90 -49.50
CA TYR W 36 -15.25 83.27 -48.17
C TYR W 36 -13.78 83.65 -48.18
N HIS W 37 -13.49 84.85 -47.69
CA HIS W 37 -12.12 85.31 -47.57
C HIS W 37 -11.92 86.03 -46.25
N GLY W 38 -12.55 85.53 -45.20
CA GLY W 38 -12.44 86.12 -43.89
C GLY W 38 -11.18 85.66 -43.17
N ASP W 39 -10.87 86.29 -42.05
CA ASP W 39 -9.64 86.01 -41.33
C ASP W 39 -9.85 85.11 -40.12
N SER W 40 -11.10 84.96 -39.68
CA SER W 40 -11.39 84.13 -38.52
C SER W 40 -11.95 82.80 -38.92
N ASP W 41 -11.96 81.87 -37.98
CA ASP W 41 -12.56 80.57 -38.20
C ASP W 41 -13.99 80.55 -37.72
N LEU W 42 -14.31 81.48 -36.82
CA LEU W 42 -15.64 81.52 -36.21
C LEU W 42 -16.67 82.08 -37.18
N GLN W 43 -16.19 82.77 -38.21
CA GLN W 43 -17.06 83.24 -39.28
C GLN W 43 -17.70 82.07 -40.04
N LEU W 44 -17.02 80.92 -40.05
CA LEU W 44 -17.56 79.73 -40.68
C LEU W 44 -18.20 78.77 -39.70
N GLU W 45 -18.16 79.11 -38.41
CA GLU W 45 -18.68 78.23 -37.37
C GLU W 45 -20.19 78.15 -37.43
N ARG W 46 -20.81 79.27 -37.78
CA ARG W 46 -22.25 79.31 -37.89
C ARG W 46 -22.71 79.97 -39.18
N ILE W 47 -21.88 79.89 -40.21
CA ILE W 47 -22.22 80.46 -41.51
C ILE W 47 -23.47 79.80 -42.09
N ASN W 48 -23.71 78.55 -41.70
CA ASN W 48 -24.87 77.81 -42.14
C ASN W 48 -26.18 78.47 -41.73
N VAL W 49 -26.15 79.30 -40.68
CA VAL W 49 -27.35 79.97 -40.21
C VAL W 49 -28.01 80.79 -41.30
N TYR W 50 -27.19 81.46 -42.10
CA TYR W 50 -27.71 82.37 -43.11
C TYR W 50 -27.28 82.02 -44.52
N TYR W 51 -26.46 81.00 -44.68
CA TYR W 51 -25.98 80.68 -46.01
C TYR W 51 -26.01 79.21 -46.32
N ASN W 52 -26.47 78.88 -47.52
CA ASN W 52 -26.25 77.56 -48.09
C ASN W 52 -24.83 77.48 -48.60
N GLU W 53 -24.20 76.33 -48.43
CA GLU W 53 -22.86 76.13 -48.96
C GLU W 53 -22.92 75.39 -50.27
N ALA W 54 -22.94 76.14 -51.37
CA ALA W 54 -23.06 75.55 -52.69
C ALA W 54 -21.70 75.10 -53.19
N ALA W 55 -21.71 74.24 -54.20
CA ALA W 55 -20.48 73.68 -54.74
C ALA W 55 -19.52 74.78 -55.12
N GLY W 56 -18.28 74.64 -54.69
CA GLY W 56 -17.27 75.68 -54.91
C GLY W 56 -17.18 76.61 -53.72
N ASN W 57 -17.89 76.27 -52.64
CA ASN W 57 -17.89 77.08 -51.42
C ASN W 57 -18.52 78.43 -51.68
N LYS W 58 -19.60 78.43 -52.45
CA LYS W 58 -20.33 79.65 -52.71
C LYS W 58 -21.46 79.78 -51.71
N TYR W 59 -21.40 80.81 -50.90
CA TYR W 59 -22.33 80.92 -49.80
C TYR W 59 -23.55 81.71 -50.21
N VAL W 60 -24.71 81.07 -50.11
CA VAL W 60 -25.93 81.60 -50.68
C VAL W 60 -26.99 81.93 -49.62
N PRO W 61 -27.16 83.21 -49.30
CA PRO W 61 -28.29 83.72 -48.50
C PRO W 61 -29.46 82.80 -48.44
N ARG W 62 -29.73 82.32 -47.23
CA ARG W 62 -30.95 81.59 -46.95
C ARG W 62 -32.13 82.55 -46.87
N ALA W 63 -32.47 83.13 -48.02
CA ALA W 63 -33.42 84.22 -48.05
C ALA W 63 -34.33 84.16 -49.25
N ILE W 64 -35.53 84.67 -49.07
CA ILE W 64 -36.52 84.70 -50.14
C ILE W 64 -36.93 86.12 -50.44
N LEU W 65 -36.83 86.49 -51.70
CA LEU W 65 -37.08 87.86 -52.09
C LEU W 65 -38.46 88.00 -52.72
N VAL W 66 -39.39 88.59 -51.99
CA VAL W 66 -40.77 88.69 -52.44
C VAL W 66 -41.17 90.11 -52.79
N ASP W 67 -41.71 90.29 -53.98
CA ASP W 67 -42.23 91.59 -54.37
C ASP W 67 -43.27 91.43 -55.46
N LEU W 68 -44.12 92.43 -55.59
CA LEU W 68 -45.12 92.42 -56.65
C LEU W 68 -44.83 93.52 -57.64
N GLU W 69 -43.71 94.21 -57.48
CA GLU W 69 -43.37 95.27 -58.42
C GLU W 69 -42.00 95.05 -59.05
N PRO W 70 -41.92 94.15 -60.03
CA PRO W 70 -40.80 94.08 -60.98
C PRO W 70 -40.20 95.46 -61.18
N GLY W 71 -38.88 95.54 -61.12
CA GLY W 71 -38.21 96.83 -61.19
C GLY W 71 -37.41 97.07 -59.93
N THR W 72 -38.06 96.88 -58.80
CA THR W 72 -37.37 96.88 -57.52
C THR W 72 -36.53 95.63 -57.44
N MET W 73 -37.11 94.52 -57.86
CA MET W 73 -36.41 93.26 -57.94
C MET W 73 -35.27 93.33 -58.94
N ASP W 74 -35.47 94.12 -59.98
CA ASP W 74 -34.44 94.34 -60.98
C ASP W 74 -33.27 95.09 -60.39
N SER W 75 -33.57 96.10 -59.55
CA SER W 75 -32.53 96.89 -58.92
C SER W 75 -31.72 96.05 -57.95
N VAL W 76 -32.35 95.04 -57.38
CA VAL W 76 -31.63 94.09 -56.54
C VAL W 76 -30.67 93.26 -57.37
N ARG W 77 -31.15 92.73 -58.49
CA ARG W 77 -30.29 91.93 -59.36
C ARG W 77 -29.16 92.77 -59.96
N SER W 78 -29.43 94.04 -60.20
CA SER W 78 -28.43 94.93 -60.76
C SER W 78 -27.45 95.45 -59.70
N GLY W 79 -27.76 95.21 -58.44
CA GLY W 79 -26.89 95.66 -57.36
C GLY W 79 -25.80 94.62 -57.10
N PRO W 80 -24.87 94.95 -56.20
CA PRO W 80 -23.69 94.17 -55.83
C PRO W 80 -24.01 92.73 -55.41
N PHE W 81 -25.26 92.47 -55.02
CA PHE W 81 -25.64 91.16 -54.53
C PHE W 81 -26.47 90.38 -55.54
N GLY W 82 -26.48 90.86 -56.79
CA GLY W 82 -27.06 90.09 -57.88
C GLY W 82 -26.25 88.81 -58.12
N GLN W 83 -24.98 88.82 -57.70
CA GLN W 83 -24.11 87.66 -57.81
C GLN W 83 -24.17 86.80 -56.54
N ILE W 84 -24.94 87.26 -55.56
CA ILE W 84 -25.03 86.61 -54.26
C ILE W 84 -26.34 85.85 -54.10
N PHE W 85 -27.45 86.53 -54.31
CA PHE W 85 -28.75 85.91 -54.14
C PHE W 85 -29.05 84.91 -55.24
N ARG W 86 -29.74 83.84 -54.89
CA ARG W 86 -30.09 82.79 -55.85
C ARG W 86 -31.32 83.19 -56.67
N PRO W 87 -31.28 82.92 -57.99
CA PRO W 87 -32.24 83.44 -58.94
C PRO W 87 -33.65 82.92 -58.71
N ASP W 88 -33.74 81.70 -58.18
CA ASP W 88 -35.05 81.11 -57.94
C ASP W 88 -35.64 81.58 -56.62
N ASN W 89 -34.93 82.47 -55.91
CA ASN W 89 -35.47 83.10 -54.74
C ASN W 89 -36.04 84.47 -55.07
N PHE W 90 -35.97 84.87 -56.33
CA PHE W 90 -36.55 86.13 -56.78
C PHE W 90 -37.98 85.92 -57.22
N VAL W 91 -38.93 86.16 -56.33
CA VAL W 91 -40.32 85.91 -56.61
C VAL W 91 -41.10 87.18 -56.88
N PHE W 92 -41.54 87.35 -58.13
CA PHE W 92 -42.36 88.49 -58.50
C PHE W 92 -43.16 88.19 -59.77
N GLY W 93 -44.24 88.94 -59.97
CA GLY W 93 -45.09 88.73 -61.14
C GLY W 93 -45.85 89.99 -61.53
N GLN W 94 -47.18 89.89 -61.49
CA GLN W 94 -48.08 91.02 -61.76
C GLN W 94 -47.69 92.23 -60.94
N SER W 95 -47.97 93.42 -61.49
CA SER W 95 -47.63 94.70 -60.85
C SER W 95 -48.16 94.82 -59.42
N GLY W 96 -47.56 95.75 -58.66
CA GLY W 96 -47.74 95.83 -57.23
C GLY W 96 -49.11 96.35 -56.81
N ALA W 97 -49.37 96.29 -55.51
CA ALA W 97 -50.67 96.65 -54.96
C ALA W 97 -50.98 98.13 -55.16
N GLY W 98 -49.95 98.97 -55.10
CA GLY W 98 -50.18 100.41 -55.18
C GLY W 98 -50.74 100.93 -53.87
N ASN W 99 -50.16 100.48 -52.76
CA ASN W 99 -50.64 100.81 -51.42
C ASN W 99 -52.02 100.27 -51.16
N ASN W 100 -52.36 99.15 -51.78
CA ASN W 100 -53.64 98.52 -51.55
C ASN W 100 -53.47 97.20 -50.81
N TRP W 101 -53.66 97.23 -49.49
CA TRP W 101 -53.44 96.05 -48.65
C TRP W 101 -54.19 94.84 -49.16
N ALA W 102 -55.42 95.04 -49.61
CA ALA W 102 -56.24 93.95 -50.09
C ALA W 102 -55.63 93.30 -51.33
N LYS W 103 -55.07 94.12 -52.22
CA LYS W 103 -54.35 93.56 -53.35
C LYS W 103 -53.15 92.74 -52.91
N GLY W 104 -52.42 93.25 -51.91
CA GLY W 104 -51.23 92.57 -51.43
C GLY W 104 -51.53 91.27 -50.70
N HIS W 105 -52.55 91.30 -49.86
CA HIS W 105 -52.88 90.14 -49.01
C HIS W 105 -54.01 89.31 -49.59
N TYR W 106 -55.11 89.97 -49.91
CA TYR W 106 -56.37 89.30 -50.12
C TYR W 106 -56.51 88.71 -51.53
N THR W 107 -56.08 89.47 -52.54
CA THR W 107 -56.33 89.06 -53.93
C THR W 107 -55.05 88.82 -54.72
N GLU W 108 -54.54 89.86 -55.37
CA GLU W 108 -53.47 89.72 -56.36
C GLU W 108 -52.25 89.02 -55.78
N GLY W 109 -51.88 89.39 -54.57
CA GLY W 109 -50.75 88.76 -53.89
C GLY W 109 -51.06 87.33 -53.52
N ALA W 110 -52.31 87.06 -53.17
CA ALA W 110 -52.73 85.73 -52.77
C ALA W 110 -52.50 84.73 -53.89
N GLU W 111 -52.67 85.19 -55.12
CA GLU W 111 -52.47 84.33 -56.28
C GLU W 111 -51.05 83.79 -56.38
N LEU W 112 -50.08 84.50 -55.82
CA LEU W 112 -48.68 84.13 -55.97
C LEU W 112 -48.08 83.53 -54.70
N VAL W 113 -48.93 83.23 -53.71
CA VAL W 113 -48.44 82.67 -52.46
C VAL W 113 -47.65 81.40 -52.63
N ASP W 114 -48.19 80.49 -53.44
CA ASP W 114 -47.58 79.19 -53.63
C ASP W 114 -46.19 79.30 -54.21
N SER W 115 -45.97 80.29 -55.07
CA SER W 115 -44.67 80.47 -55.69
C SER W 115 -43.62 80.87 -54.64
N VAL W 116 -44.07 81.41 -53.52
CA VAL W 116 -43.19 81.70 -52.41
C VAL W 116 -43.01 80.46 -51.55
N LEU W 117 -44.12 79.82 -51.21
CA LEU W 117 -44.10 78.71 -50.27
C LEU W 117 -43.31 77.53 -50.81
N ASP W 118 -43.34 77.34 -52.12
CA ASP W 118 -42.51 76.31 -52.71
C ASP W 118 -41.04 76.56 -52.42
N VAL W 119 -40.62 77.81 -52.53
CA VAL W 119 -39.26 78.18 -52.21
C VAL W 119 -38.98 78.00 -50.73
N VAL W 120 -39.97 78.32 -49.90
CA VAL W 120 -39.85 78.13 -48.47
C VAL W 120 -39.55 76.67 -48.15
N ARG W 121 -40.29 75.77 -48.78
CA ARG W 121 -40.09 74.35 -48.58
C ARG W 121 -38.71 73.91 -49.05
N LYS W 122 -38.29 74.41 -50.20
CA LYS W 122 -36.98 74.09 -50.74
C LYS W 122 -35.89 74.53 -49.78
N GLU W 123 -36.07 75.70 -49.18
CA GLU W 123 -35.12 76.19 -48.21
C GLU W 123 -35.14 75.35 -46.95
N SER W 124 -36.34 75.02 -46.48
CA SER W 124 -36.51 74.22 -45.28
C SER W 124 -35.80 72.87 -45.38
N GLU W 125 -35.92 72.23 -46.54
CA GLU W 125 -35.37 70.90 -46.72
C GLU W 125 -33.86 70.91 -46.97
N SER W 126 -33.27 72.09 -47.13
CA SER W 126 -31.83 72.21 -47.23
C SER W 126 -31.21 72.45 -45.87
N CYS W 127 -32.06 72.58 -44.85
CA CYS W 127 -31.61 72.89 -43.50
C CYS W 127 -31.41 71.64 -42.68
N ASP W 128 -30.57 71.73 -41.66
CA ASP W 128 -30.36 70.64 -40.73
C ASP W 128 -31.29 70.80 -39.54
N CYS W 129 -31.53 72.05 -39.18
CA CYS W 129 -32.52 72.35 -38.16
C CYS W 129 -33.03 73.78 -38.31
N LEU W 130 -34.26 73.90 -38.78
CA LEU W 130 -34.88 75.20 -38.92
C LEU W 130 -35.32 75.73 -37.58
N GLN W 131 -34.84 76.92 -37.24
CA GLN W 131 -35.21 77.55 -35.99
C GLN W 131 -36.44 78.43 -36.13
N GLY W 132 -36.47 79.23 -37.19
CA GLY W 132 -37.58 80.15 -37.38
C GLY W 132 -37.40 81.02 -38.61
N PHE W 133 -38.27 82.01 -38.74
CA PHE W 133 -38.31 82.89 -39.89
C PHE W 133 -38.15 84.34 -39.47
N GLN W 134 -37.51 85.12 -40.32
CA GLN W 134 -37.45 86.56 -40.14
C GLN W 134 -38.04 87.25 -41.34
N LEU W 135 -39.04 88.09 -41.10
CA LEU W 135 -39.65 88.84 -42.17
C LEU W 135 -39.27 90.31 -42.09
N THR W 136 -38.86 90.87 -43.22
CA THR W 136 -38.54 92.29 -43.27
C THR W 136 -39.48 93.02 -44.22
N HIS W 137 -40.21 94.01 -43.71
CA HIS W 137 -41.25 94.66 -44.49
C HIS W 137 -41.69 95.98 -43.87
N SER W 138 -42.51 96.73 -44.60
CA SER W 138 -43.12 97.93 -44.06
C SER W 138 -44.53 97.63 -43.54
N LEU W 139 -45.04 98.53 -42.71
CA LEU W 139 -46.38 98.40 -42.14
C LEU W 139 -47.32 99.46 -42.65
N GLY W 140 -47.50 99.50 -43.96
CA GLY W 140 -48.33 100.51 -44.58
C GLY W 140 -48.13 100.55 -46.08
N GLY W 141 -47.08 99.88 -46.55
CA GLY W 141 -46.73 99.89 -47.96
C GLY W 141 -47.82 99.31 -48.85
N GLY W 142 -48.53 98.28 -48.38
CA GLY W 142 -49.55 97.64 -49.20
C GLY W 142 -49.12 96.21 -49.56
N THR W 143 -48.10 96.11 -50.40
CA THR W 143 -47.54 94.81 -50.78
C THR W 143 -46.72 94.21 -49.64
N GLY W 144 -45.81 95.01 -49.10
CA GLY W 144 -44.98 94.55 -48.00
C GLY W 144 -45.81 94.21 -46.77
N SER W 145 -46.86 95.00 -46.54
CA SER W 145 -47.73 94.77 -45.41
C SER W 145 -48.81 93.74 -45.72
N GLY W 146 -49.23 93.69 -46.98
CA GLY W 146 -50.21 92.70 -47.43
C GLY W 146 -49.63 91.32 -47.53
N MET W 147 -48.61 91.17 -48.40
CA MET W 147 -47.92 89.91 -48.55
C MET W 147 -47.27 89.49 -47.24
N GLY W 148 -46.89 90.48 -46.44
CA GLY W 148 -46.27 90.22 -45.14
C GLY W 148 -47.15 89.32 -44.29
N THR W 149 -48.32 89.80 -43.91
CA THR W 149 -49.20 89.03 -43.03
C THR W 149 -49.80 87.84 -43.72
N LEU W 150 -49.94 87.92 -45.03
CA LEU W 150 -50.38 86.81 -45.84
C LEU W 150 -49.43 85.64 -45.70
N LEU W 151 -48.15 85.90 -45.92
CA LEU W 151 -47.14 84.86 -45.84
C LEU W 151 -46.91 84.41 -44.42
N ILE W 152 -47.00 85.33 -43.46
CA ILE W 152 -46.88 84.96 -42.04
C ILE W 152 -47.89 83.90 -41.65
N SER W 153 -49.13 84.12 -42.05
CA SER W 153 -50.18 83.16 -41.78
C SER W 153 -49.86 81.81 -42.42
N LYS W 154 -49.47 81.85 -43.68
CA LYS W 154 -49.20 80.63 -44.43
C LYS W 154 -48.03 79.87 -43.83
N ILE W 155 -46.98 80.58 -43.47
CA ILE W 155 -45.79 79.97 -42.94
C ILE W 155 -46.03 79.34 -41.59
N ARG W 156 -46.78 80.02 -40.72
CA ARG W 156 -47.10 79.45 -39.43
C ARG W 156 -47.94 78.19 -39.56
N GLU W 157 -48.81 78.15 -40.56
CA GLU W 157 -49.58 76.95 -40.80
C GLU W 157 -48.68 75.78 -41.12
N GLU W 158 -47.59 76.05 -41.84
CA GLU W 158 -46.60 75.04 -42.12
C GLU W 158 -45.70 74.75 -40.92
N TYR W 159 -45.31 75.81 -40.22
CA TYR W 159 -44.34 75.69 -39.13
C TYR W 159 -44.81 76.36 -37.86
N PRO W 160 -45.94 75.92 -37.33
CA PRO W 160 -46.60 76.46 -36.14
C PRO W 160 -45.71 76.48 -34.90
N ASP W 161 -44.68 75.61 -34.88
CA ASP W 161 -43.83 75.47 -33.71
C ASP W 161 -42.50 76.20 -33.87
N ARG W 162 -42.32 76.90 -35.00
CA ARG W 162 -41.09 77.65 -35.21
C ARG W 162 -41.31 79.12 -34.87
N ILE W 163 -40.22 79.87 -34.81
CA ILE W 163 -40.27 81.26 -34.35
C ILE W 163 -40.59 82.23 -35.47
N MET W 164 -41.67 82.98 -35.33
CA MET W 164 -41.99 84.01 -36.30
C MET W 164 -41.52 85.37 -35.83
N ASN W 165 -40.43 85.83 -36.42
CA ASN W 165 -39.87 87.14 -36.13
C ASN W 165 -40.08 88.09 -37.30
N THR W 166 -40.38 89.34 -37.02
CA THR W 166 -40.46 90.32 -38.08
C THR W 166 -39.94 91.68 -37.67
N PHE W 167 -39.34 92.38 -38.63
CA PHE W 167 -38.92 93.76 -38.47
C PHE W 167 -39.80 94.66 -39.32
N SER W 168 -40.68 95.40 -38.66
CA SER W 168 -41.71 96.15 -39.36
C SER W 168 -41.51 97.64 -39.26
N VAL W 169 -41.51 98.32 -40.41
CA VAL W 169 -41.40 99.77 -40.44
C VAL W 169 -42.74 100.43 -40.20
N VAL W 170 -42.85 101.14 -39.10
CA VAL W 170 -44.10 101.69 -38.62
C VAL W 170 -44.35 103.10 -39.15
N PRO W 171 -45.46 103.32 -39.88
CA PRO W 171 -46.10 104.64 -40.05
C PRO W 171 -45.63 105.65 -39.02
N SER W 172 -44.93 106.68 -39.48
CA SER W 172 -44.42 107.70 -38.58
C SER W 172 -45.24 108.99 -38.65
N PRO W 173 -45.72 109.48 -37.51
CA PRO W 173 -46.42 110.79 -37.35
C PRO W 173 -46.13 111.80 -38.47
N LYS W 174 -44.85 112.11 -38.67
CA LYS W 174 -44.45 113.22 -39.54
C LYS W 174 -43.71 112.78 -40.80
N VAL W 175 -43.60 111.48 -41.01
CA VAL W 175 -42.95 110.98 -42.21
C VAL W 175 -43.88 110.06 -42.95
N SER W 176 -44.45 110.56 -44.03
CA SER W 176 -45.46 109.84 -44.76
C SER W 176 -45.07 109.62 -46.21
N ASP W 177 -46.07 109.37 -47.02
CA ASP W 177 -45.96 109.02 -48.45
C ASP W 177 -47.20 108.25 -48.89
N THR W 178 -48.25 108.30 -48.08
CA THR W 178 -49.52 107.68 -48.40
C THR W 178 -50.57 108.10 -47.41
N VAL W 179 -51.80 108.18 -47.88
CA VAL W 179 -52.89 108.66 -47.05
C VAL W 179 -53.72 107.52 -46.53
N VAL W 180 -53.40 106.30 -46.93
CA VAL W 180 -54.10 105.12 -46.44
C VAL W 180 -53.17 104.30 -45.58
N GLU W 181 -52.16 104.96 -45.05
CA GLU W 181 -51.18 104.33 -44.18
C GLU W 181 -51.83 103.69 -42.95
N PRO W 182 -52.95 104.26 -42.46
CA PRO W 182 -53.67 103.71 -41.32
C PRO W 182 -54.49 102.52 -41.70
N TYR W 183 -55.06 102.54 -42.91
CA TYR W 183 -55.83 101.42 -43.39
C TYR W 183 -54.96 100.20 -43.54
N ASN W 184 -53.81 100.39 -44.17
CA ASN W 184 -52.91 99.29 -44.44
C ASN W 184 -52.30 98.77 -43.15
N ALA W 185 -51.91 99.68 -42.28
CA ALA W 185 -51.33 99.30 -41.00
C ALA W 185 -52.33 98.55 -40.13
N THR W 186 -53.55 99.05 -40.07
CA THR W 186 -54.57 98.46 -39.22
C THR W 186 -54.96 97.07 -39.69
N LEU W 187 -55.16 96.92 -40.99
CA LEU W 187 -55.48 95.63 -41.57
C LEU W 187 -54.34 94.65 -41.37
N SER W 188 -53.11 95.15 -41.49
CA SER W 188 -51.94 94.34 -41.30
C SER W 188 -51.79 93.87 -39.86
N VAL W 189 -51.72 94.80 -38.92
CA VAL W 189 -51.46 94.43 -37.53
C VAL W 189 -52.52 93.50 -36.98
N HIS W 190 -53.74 93.64 -37.48
CA HIS W 190 -54.84 92.76 -37.10
C HIS W 190 -54.45 91.30 -37.22
N GLN W 191 -53.74 90.95 -38.30
CA GLN W 191 -53.33 89.59 -38.53
C GLN W 191 -51.92 89.33 -38.02
N LEU W 192 -51.16 90.42 -37.88
CA LEU W 192 -49.79 90.33 -37.40
C LEU W 192 -49.72 89.74 -36.01
N VAL W 193 -50.46 90.36 -35.08
CA VAL W 193 -50.44 89.97 -33.68
C VAL W 193 -50.71 88.49 -33.51
N GLU W 194 -51.77 88.04 -34.14
CA GLU W 194 -52.28 86.70 -33.94
C GLU W 194 -51.32 85.64 -34.42
N ASN W 195 -50.45 85.99 -35.35
CA ASN W 195 -49.63 85.01 -36.01
C ASN W 195 -48.14 85.29 -35.84
N THR W 196 -47.78 86.16 -34.90
CA THR W 196 -46.37 86.54 -34.74
C THR W 196 -45.86 86.29 -33.32
N ASP W 197 -44.62 85.84 -33.20
CA ASP W 197 -44.02 85.55 -31.90
C ASP W 197 -43.24 86.75 -31.37
N GLU W 198 -42.59 87.48 -32.27
CA GLU W 198 -41.96 88.74 -31.90
C GLU W 198 -41.92 89.70 -33.08
N THR W 199 -42.16 90.97 -32.80
CA THR W 199 -42.11 91.97 -33.83
C THR W 199 -41.43 93.24 -33.35
N TYR W 200 -40.65 93.84 -34.24
CA TYR W 200 -39.94 95.05 -33.92
C TYR W 200 -40.54 96.24 -34.63
N CYS W 201 -40.71 97.32 -33.90
CA CYS W 201 -41.33 98.52 -34.44
C CYS W 201 -40.32 99.62 -34.66
N ILE W 202 -40.11 99.96 -35.93
CA ILE W 202 -39.14 100.97 -36.29
C ILE W 202 -39.78 102.12 -37.05
N ASP W 203 -39.55 103.33 -36.56
CA ASP W 203 -40.07 104.52 -37.22
C ASP W 203 -39.01 105.22 -38.04
N ASN W 204 -39.34 105.56 -39.27
CA ASN W 204 -38.43 106.33 -40.12
C ASN W 204 -38.17 107.70 -39.54
N GLU W 205 -39.19 108.27 -38.90
CA GLU W 205 -39.04 109.55 -38.24
C GLU W 205 -38.01 109.49 -37.12
N ALA W 206 -38.08 108.44 -36.31
CA ALA W 206 -37.15 108.26 -35.23
C ALA W 206 -35.74 108.12 -35.75
N LEU W 207 -35.59 107.37 -36.83
CA LEU W 207 -34.29 107.21 -37.45
C LEU W 207 -33.81 108.50 -38.05
N TYR W 208 -34.71 109.28 -38.64
CA TYR W 208 -34.38 110.59 -39.17
C TYR W 208 -33.82 111.49 -38.09
N ASP W 209 -34.40 111.38 -36.89
CA ASP W 209 -33.90 112.14 -35.76
C ASP W 209 -32.52 111.65 -35.32
N ILE W 210 -32.40 110.34 -35.15
CA ILE W 210 -31.14 109.73 -34.70
C ILE W 210 -29.99 110.02 -35.64
N CYS W 211 -30.25 109.88 -36.93
CA CYS W 211 -29.22 110.01 -37.94
C CYS W 211 -28.71 111.44 -38.07
N PHE W 212 -29.41 112.39 -37.46
CA PHE W 212 -28.89 113.73 -37.40
C PHE W 212 -28.45 114.09 -36.00
N ARG W 213 -29.32 113.86 -35.03
CA ARG W 213 -29.02 114.23 -33.66
C ARG W 213 -27.72 113.60 -33.16
N THR W 214 -27.48 112.35 -33.52
CA THR W 214 -26.29 111.67 -33.05
C THR W 214 -25.23 111.52 -34.14
N LEU W 215 -25.66 111.27 -35.37
CA LEU W 215 -24.71 111.03 -36.45
C LEU W 215 -24.45 112.29 -37.28
N LYS W 216 -25.22 113.34 -37.05
CA LYS W 216 -24.99 114.64 -37.69
C LYS W 216 -24.89 114.53 -39.21
N LEU W 217 -25.74 113.70 -39.81
CA LEU W 217 -25.72 113.54 -41.26
C LEU W 217 -26.42 114.71 -41.94
N THR W 218 -25.72 115.31 -42.89
CA THR W 218 -26.27 116.42 -43.66
C THR W 218 -27.43 115.95 -44.53
N THR W 219 -27.23 114.83 -45.22
CA THR W 219 -28.25 114.27 -46.10
C THR W 219 -28.53 112.82 -45.76
N PRO W 220 -29.21 112.57 -44.65
CA PRO W 220 -29.68 111.25 -44.30
C PRO W 220 -30.56 110.66 -45.39
N THR W 221 -30.07 109.60 -46.04
CA THR W 221 -30.84 108.94 -47.08
C THR W 221 -31.44 107.66 -46.54
N TYR W 222 -32.32 107.05 -47.33
CA TYR W 222 -32.92 105.77 -46.94
C TYR W 222 -31.85 104.71 -46.72
N GLY W 223 -30.78 104.77 -47.52
CA GLY W 223 -29.68 103.82 -47.37
C GLY W 223 -28.98 103.96 -46.02
N ASP W 224 -29.12 105.11 -45.39
CA ASP W 224 -28.52 105.35 -44.08
C ASP W 224 -29.47 104.94 -42.97
N LEU W 225 -30.75 105.10 -43.23
CA LEU W 225 -31.76 104.72 -42.25
C LEU W 225 -31.87 103.21 -42.19
N ASN W 226 -31.78 102.58 -43.35
CA ASN W 226 -31.81 101.13 -43.46
C ASN W 226 -30.57 100.53 -42.84
N HIS W 227 -29.47 101.27 -42.93
CA HIS W 227 -28.21 100.88 -42.34
C HIS W 227 -28.32 100.79 -40.82
N LEU W 228 -28.95 101.80 -40.22
CA LEU W 228 -29.24 101.76 -38.79
C LEU W 228 -30.07 100.54 -38.42
N VAL W 229 -31.09 100.25 -39.23
CA VAL W 229 -31.94 99.10 -38.99
C VAL W 229 -31.16 97.81 -39.06
N SER W 230 -30.33 97.68 -40.09
CA SER W 230 -29.58 96.46 -40.32
C SER W 230 -28.64 96.15 -39.17
N ALA W 231 -28.10 97.19 -38.54
CA ALA W 231 -27.23 97.00 -37.40
C ALA W 231 -27.95 96.30 -36.27
N THR W 232 -29.20 96.71 -36.02
CA THR W 232 -29.97 96.12 -34.95
C THR W 232 -30.46 94.73 -35.33
N MET W 233 -30.76 94.54 -36.61
CA MET W 233 -31.18 93.22 -37.09
C MET W 233 -30.11 92.20 -36.85
N SER W 234 -28.87 92.56 -37.14
CA SER W 234 -27.74 91.68 -36.90
C SER W 234 -27.64 91.35 -35.43
N GLY W 235 -27.70 92.37 -34.58
CA GLY W 235 -27.54 92.20 -33.15
C GLY W 235 -28.52 91.19 -32.56
N VAL W 236 -29.76 91.21 -33.05
CA VAL W 236 -30.78 90.28 -32.57
C VAL W 236 -30.34 88.82 -32.66
N THR W 237 -29.60 88.47 -33.72
CA THR W 237 -29.25 87.07 -33.95
C THR W 237 -27.75 86.83 -33.94
N THR W 238 -26.97 87.88 -33.70
CA THR W 238 -25.51 87.79 -33.76
C THR W 238 -24.96 86.82 -32.74
N CYS W 239 -25.67 86.69 -31.62
CA CYS W 239 -25.34 85.77 -30.56
C CYS W 239 -25.36 84.31 -31.00
N LEU W 240 -26.06 84.04 -32.08
CA LEU W 240 -26.21 82.69 -32.58
C LEU W 240 -25.08 82.29 -33.49
N ARG W 241 -24.24 83.25 -33.85
CA ARG W 241 -23.30 83.01 -34.91
C ARG W 241 -21.85 82.96 -34.43
N PHE W 242 -21.64 83.08 -33.12
CA PHE W 242 -20.31 82.92 -32.55
C PHE W 242 -20.35 82.85 -31.03
N PRO W 243 -19.19 82.59 -30.41
CA PRO W 243 -19.04 82.38 -28.97
C PRO W 243 -19.31 83.63 -28.15
N GLY W 244 -19.64 83.41 -26.88
CA GLY W 244 -19.95 84.52 -25.97
C GLY W 244 -20.06 84.04 -24.54
N GLN W 245 -19.93 84.98 -23.60
CA GLN W 245 -19.98 84.67 -22.18
C GLN W 245 -21.38 84.27 -21.78
N LEU W 246 -22.35 84.96 -22.33
CA LEU W 246 -23.74 84.58 -22.19
C LEU W 246 -24.37 84.49 -23.55
N ASN W 247 -24.84 83.31 -23.89
CA ASN W 247 -25.49 83.09 -25.17
C ASN W 247 -26.87 83.70 -25.16
N ALA W 248 -27.46 83.79 -26.33
CA ALA W 248 -28.80 84.30 -26.47
C ALA W 248 -29.43 83.73 -27.72
N ASP W 249 -30.72 83.95 -27.87
CA ASP W 249 -31.46 83.34 -28.94
C ASP W 249 -32.79 84.02 -29.13
N LEU W 250 -33.41 83.81 -30.28
CA LEU W 250 -34.72 84.35 -30.55
C LEU W 250 -35.72 83.77 -29.56
N ARG W 251 -35.57 82.48 -29.28
CA ARG W 251 -36.41 81.81 -28.31
C ARG W 251 -36.10 82.32 -26.91
N LYS W 252 -34.81 82.43 -26.60
CA LYS W 252 -34.38 82.90 -25.29
C LYS W 252 -34.88 84.30 -25.02
N LEU W 253 -34.82 85.14 -26.03
CA LEU W 253 -35.33 86.48 -25.91
C LEU W 253 -36.80 86.45 -25.68
N ALA W 254 -37.53 85.71 -26.51
CA ALA W 254 -38.97 85.63 -26.36
C ALA W 254 -39.35 85.18 -24.95
N VAL W 255 -38.65 84.16 -24.46
CA VAL W 255 -38.88 83.66 -23.12
C VAL W 255 -38.66 84.73 -22.06
N ASN W 256 -37.71 85.63 -22.29
CA ASN W 256 -37.41 86.68 -21.32
C ASN W 256 -37.95 88.06 -21.74
N MET W 257 -38.64 88.13 -22.88
CA MET W 257 -39.10 89.41 -23.38
C MET W 257 -40.61 89.49 -23.50
N VAL W 258 -41.27 88.35 -23.60
CA VAL W 258 -42.72 88.32 -23.59
C VAL W 258 -43.24 87.74 -22.29
N PRO W 259 -43.83 88.56 -21.43
CA PRO W 259 -44.40 88.12 -20.15
C PRO W 259 -45.86 87.83 -20.31
N PHE W 260 -46.46 88.49 -21.28
CA PHE W 260 -47.85 88.28 -21.59
C PHE W 260 -48.00 88.02 -23.07
N PRO W 261 -48.34 86.78 -23.43
CA PRO W 261 -48.35 86.26 -24.82
C PRO W 261 -48.39 87.35 -25.90
N ARG W 262 -49.37 88.24 -25.80
CA ARG W 262 -49.70 89.14 -26.88
C ARG W 262 -48.76 90.34 -26.98
N LEU W 263 -48.16 90.71 -25.87
CA LEU W 263 -47.34 91.90 -25.81
C LEU W 263 -45.93 91.62 -26.28
N HIS W 264 -45.78 91.43 -27.58
CA HIS W 264 -44.49 91.07 -28.14
C HIS W 264 -44.05 92.09 -29.17
N PHE W 265 -44.30 93.36 -28.88
CA PHE W 265 -43.82 94.46 -29.71
C PHE W 265 -42.64 95.11 -29.06
N PHE W 266 -41.57 95.28 -29.81
CA PHE W 266 -40.35 95.75 -29.19
C PHE W 266 -39.79 96.98 -29.87
N MET W 267 -39.15 97.81 -29.06
CA MET W 267 -38.39 98.93 -29.58
C MET W 267 -36.93 98.52 -29.70
N PRO W 268 -36.30 98.84 -30.82
CA PRO W 268 -34.89 98.48 -31.00
C PRO W 268 -33.98 99.68 -30.86
N GLY W 269 -32.77 99.43 -30.40
CA GLY W 269 -31.76 100.46 -30.31
C GLY W 269 -30.37 99.89 -30.57
N PHE W 270 -29.40 100.77 -30.75
CA PHE W 270 -28.04 100.36 -31.00
C PHE W 270 -27.10 101.25 -30.22
N ALA W 271 -26.10 100.64 -29.61
CA ALA W 271 -25.04 101.38 -28.92
C ALA W 271 -24.23 102.25 -29.88
N PRO W 272 -22.92 102.33 -29.67
CA PRO W 272 -22.16 103.56 -30.01
C PRO W 272 -22.74 104.29 -31.23
N LEU W 273 -23.52 105.33 -30.95
CA LEU W 273 -24.00 106.25 -31.98
C LEU W 273 -23.30 107.58 -31.88
N THR W 274 -22.34 107.82 -32.76
CA THR W 274 -21.58 109.05 -32.68
C THR W 274 -21.04 109.42 -34.06
N SER W 275 -20.92 110.72 -34.32
CA SER W 275 -20.41 111.17 -35.61
C SER W 275 -18.93 110.91 -35.74
N ARG W 276 -18.43 110.91 -36.97
CA ARG W 276 -17.03 110.55 -37.21
C ARG W 276 -16.04 111.59 -36.66
N GLY W 277 -16.51 112.80 -36.39
CA GLY W 277 -15.67 113.81 -35.78
C GLY W 277 -15.74 113.76 -34.26
N SER W 278 -16.74 113.05 -33.73
CA SER W 278 -16.93 112.96 -32.29
C SER W 278 -16.46 111.63 -31.73
N GLN W 279 -16.16 110.67 -32.61
CA GLN W 279 -15.71 109.35 -32.19
C GLN W 279 -14.42 109.41 -31.36
N GLN W 280 -13.60 110.43 -31.62
CA GLN W 280 -12.33 110.58 -30.91
C GLN W 280 -12.53 110.98 -29.44
N TYR W 281 -13.74 111.37 -29.09
CA TYR W 281 -14.04 111.77 -27.72
C TYR W 281 -14.74 110.65 -26.96
N ARG W 282 -14.87 109.48 -27.59
CA ARG W 282 -15.56 108.36 -26.97
C ARG W 282 -14.69 107.62 -25.98
N ALA W 283 -15.30 107.17 -24.89
CA ALA W 283 -14.61 106.39 -23.87
C ALA W 283 -14.60 104.92 -24.22
N LEU W 284 -15.66 104.47 -24.90
CA LEU W 284 -15.80 103.07 -25.27
C LEU W 284 -15.87 102.15 -24.05
N THR W 285 -16.63 102.56 -23.04
CA THR W 285 -16.79 101.77 -21.83
C THR W 285 -18.21 101.26 -21.73
N VAL W 286 -18.41 100.22 -20.92
CA VAL W 286 -19.75 99.67 -20.74
C VAL W 286 -20.74 100.68 -20.20
N PRO W 287 -20.38 101.50 -19.19
CA PRO W 287 -21.08 102.67 -18.69
C PRO W 287 -21.55 103.54 -19.85
N GLU W 288 -20.61 103.96 -20.70
CA GLU W 288 -20.94 104.80 -21.85
C GLU W 288 -21.99 104.17 -22.74
N LEU W 289 -21.81 102.87 -23.01
CA LEU W 289 -22.73 102.16 -23.88
C LEU W 289 -24.14 102.15 -23.32
N THR W 290 -24.27 101.91 -22.02
CA THR W 290 -25.57 101.83 -21.38
C THR W 290 -26.24 103.18 -21.28
N GLN W 291 -25.43 104.23 -21.19
CA GLN W 291 -25.98 105.59 -21.22
C GLN W 291 -26.68 105.82 -22.54
N GLN W 292 -26.10 105.33 -23.62
CA GLN W 292 -26.71 105.44 -24.93
C GLN W 292 -27.88 104.48 -25.10
N MET W 293 -27.72 103.24 -24.64
CA MET W 293 -28.73 102.21 -24.83
C MET W 293 -30.03 102.56 -24.11
N PHE W 294 -29.91 103.18 -22.95
CA PHE W 294 -31.10 103.58 -22.20
C PHE W 294 -31.44 105.06 -22.40
N ASP W 295 -30.89 105.66 -23.46
CA ASP W 295 -31.27 107.01 -23.85
C ASP W 295 -32.46 106.97 -24.78
N ALA W 296 -33.55 107.59 -24.35
CA ALA W 296 -34.80 107.61 -25.13
C ALA W 296 -34.59 108.13 -26.54
N LYS W 297 -33.64 109.04 -26.70
CA LYS W 297 -33.39 109.68 -27.98
C LYS W 297 -32.76 108.74 -28.98
N ASN W 298 -32.20 107.63 -28.49
CA ASN W 298 -31.53 106.68 -29.36
C ASN W 298 -32.43 105.49 -29.69
N MET W 299 -33.70 105.59 -29.34
CA MET W 299 -34.65 104.53 -29.66
C MET W 299 -35.19 104.69 -31.07
N MET W 300 -35.27 103.58 -31.80
CA MET W 300 -35.65 103.63 -33.20
C MET W 300 -37.15 103.58 -33.40
N ALA W 301 -37.90 103.47 -32.32
CA ALA W 301 -39.34 103.75 -32.34
C ALA W 301 -39.57 105.20 -31.99
N ALA W 302 -40.56 105.81 -32.62
CA ALA W 302 -40.82 107.24 -32.44
C ALA W 302 -41.27 107.56 -31.02
N CYS W 303 -42.02 106.64 -30.41
CA CYS W 303 -42.52 106.90 -29.08
C CYS W 303 -41.41 106.93 -28.05
N ASP W 304 -41.41 107.96 -27.23
CA ASP W 304 -40.41 108.14 -26.20
C ASP W 304 -40.75 107.32 -24.95
N PRO W 305 -40.01 106.21 -24.71
CA PRO W 305 -40.19 105.23 -23.63
C PRO W 305 -40.55 105.82 -22.27
N ARG W 306 -40.15 107.06 -22.02
CA ARG W 306 -40.30 107.65 -20.70
C ARG W 306 -41.73 108.10 -20.42
N HIS W 307 -42.60 107.96 -21.40
CA HIS W 307 -44.03 108.15 -21.20
C HIS W 307 -44.72 106.86 -20.78
N GLY W 308 -43.95 105.77 -20.72
CA GLY W 308 -44.48 104.48 -20.33
C GLY W 308 -43.56 103.78 -19.34
N ARG W 309 -43.63 102.46 -19.29
CA ARG W 309 -42.78 101.69 -18.40
C ARG W 309 -42.17 100.50 -19.11
N TYR W 310 -41.10 99.95 -18.54
CA TYR W 310 -40.42 98.82 -19.15
C TYR W 310 -40.91 97.51 -18.57
N LEU W 311 -41.64 96.74 -19.36
CA LEU W 311 -42.07 95.41 -18.95
C LEU W 311 -40.86 94.49 -18.86
N THR W 312 -39.96 94.62 -19.82
CA THR W 312 -38.70 93.88 -19.81
C THR W 312 -37.76 94.39 -20.88
N VAL W 313 -36.46 94.33 -20.58
CA VAL W 313 -35.43 94.85 -21.48
C VAL W 313 -34.37 93.81 -21.78
N ALA W 314 -33.96 93.71 -23.03
CA ALA W 314 -32.82 92.89 -23.39
C ALA W 314 -31.64 93.75 -23.77
N ALA W 315 -30.50 93.46 -23.17
CA ALA W 315 -29.28 94.18 -23.45
C ALA W 315 -28.20 93.22 -23.92
N VAL W 316 -27.97 93.19 -25.22
CA VAL W 316 -27.02 92.27 -25.80
C VAL W 316 -25.74 92.98 -26.16
N PHE W 317 -24.64 92.57 -25.54
CA PHE W 317 -23.38 93.27 -25.69
C PHE W 317 -22.41 92.52 -26.58
N ARG W 318 -21.48 93.26 -27.16
CA ARG W 318 -20.54 92.71 -28.13
C ARG W 318 -19.09 93.02 -27.79
N GLY W 319 -18.28 91.98 -27.67
CA GLY W 319 -16.84 92.16 -27.50
C GLY W 319 -16.39 91.81 -26.10
N ARG W 320 -15.09 91.85 -25.88
CA ARG W 320 -14.53 91.54 -24.58
C ARG W 320 -14.93 92.58 -23.54
N MET W 321 -15.44 92.12 -22.41
CA MET W 321 -15.80 93.01 -21.32
C MET W 321 -16.00 92.24 -20.03
N SER W 322 -15.95 92.95 -18.91
CA SER W 322 -16.19 92.35 -17.61
C SER W 322 -17.66 92.09 -17.38
N MET W 323 -17.97 90.89 -16.93
CA MET W 323 -19.33 90.52 -16.66
C MET W 323 -19.87 91.28 -15.46
N LYS W 324 -19.01 91.50 -14.47
CA LYS W 324 -19.35 92.31 -13.31
C LYS W 324 -19.64 93.73 -13.71
N GLU W 325 -18.79 94.29 -14.55
CA GLU W 325 -18.96 95.66 -15.01
C GLU W 325 -20.32 95.86 -15.63
N VAL W 326 -20.72 94.92 -16.49
CA VAL W 326 -22.03 94.98 -17.11
C VAL W 326 -23.13 94.90 -16.06
N ASP W 327 -23.03 93.92 -15.18
CA ASP W 327 -24.03 93.71 -14.16
C ASP W 327 -24.20 94.95 -13.29
N GLU W 328 -23.09 95.59 -12.94
CA GLU W 328 -23.10 96.81 -12.16
C GLU W 328 -23.91 97.90 -12.85
N GLN W 329 -23.68 98.07 -14.15
CA GLN W 329 -24.38 99.09 -14.89
C GLN W 329 -25.86 98.81 -14.98
N MET W 330 -26.22 97.53 -15.13
CA MET W 330 -27.62 97.16 -15.18
C MET W 330 -28.32 97.51 -13.88
N LEU W 331 -27.63 97.27 -12.77
CA LEU W 331 -28.14 97.61 -11.46
C LEU W 331 -28.31 99.11 -11.30
N ASN W 332 -27.30 99.85 -11.72
CA ASN W 332 -27.32 101.30 -11.63
C ASN W 332 -28.50 101.88 -12.39
N VAL W 333 -28.76 101.34 -13.57
CA VAL W 333 -29.86 101.80 -14.40
C VAL W 333 -31.21 101.58 -13.75
N GLN W 334 -31.45 100.38 -13.23
CA GLN W 334 -32.72 100.08 -12.61
C GLN W 334 -32.91 100.85 -11.32
N ASN W 335 -31.82 101.13 -10.62
CA ASN W 335 -31.86 101.97 -9.44
C ASN W 335 -32.13 103.43 -9.81
N LYS W 336 -31.53 103.88 -10.91
CA LYS W 336 -31.69 105.25 -11.37
C LYS W 336 -33.13 105.57 -11.72
N ASN W 337 -33.77 104.67 -12.46
CA ASN W 337 -35.13 104.92 -12.93
C ASN W 337 -36.09 103.82 -12.52
N SER W 338 -36.21 103.62 -11.21
CA SER W 338 -37.11 102.61 -10.68
C SER W 338 -38.57 102.89 -11.05
N SER W 339 -38.88 104.16 -11.32
CA SER W 339 -40.21 104.55 -11.73
C SER W 339 -40.51 104.16 -13.18
N TYR W 340 -39.47 103.94 -13.96
CA TYR W 340 -39.64 103.59 -15.37
C TYR W 340 -39.83 102.11 -15.53
N PHE W 341 -39.10 101.34 -14.75
CA PHE W 341 -39.19 99.89 -14.84
C PHE W 341 -40.42 99.36 -14.13
N VAL W 342 -41.05 98.35 -14.72
CA VAL W 342 -42.22 97.74 -14.11
C VAL W 342 -41.84 96.89 -12.91
N GLU W 343 -42.36 97.29 -11.76
CA GLU W 343 -41.98 96.71 -10.48
C GLU W 343 -42.35 95.25 -10.34
N TRP W 344 -43.31 94.79 -11.14
CA TRP W 344 -43.75 93.40 -11.12
C TRP W 344 -42.64 92.44 -11.54
N ILE W 345 -41.61 92.96 -12.19
CA ILE W 345 -40.46 92.15 -12.54
C ILE W 345 -39.28 92.49 -11.64
N PRO W 346 -38.63 91.46 -11.11
CA PRO W 346 -37.54 91.60 -10.17
C PRO W 346 -36.31 92.14 -10.86
N ASN W 347 -35.76 91.35 -11.77
CA ASN W 347 -34.74 91.86 -12.65
C ASN W 347 -35.36 92.22 -13.97
N ASN W 348 -35.44 93.50 -14.24
CA ASN W 348 -36.12 93.97 -15.43
C ASN W 348 -35.27 93.83 -16.69
N VAL W 349 -33.98 93.57 -16.52
CA VAL W 349 -33.11 93.53 -17.67
C VAL W 349 -32.48 92.17 -17.88
N LYS W 350 -32.71 91.63 -19.06
CA LYS W 350 -32.06 90.41 -19.52
C LYS W 350 -30.78 90.79 -20.25
N THR W 351 -29.68 90.15 -19.92
CA THR W 351 -28.42 90.50 -20.57
C THR W 351 -27.83 89.34 -21.34
N ALA W 352 -26.96 89.67 -22.28
CA ALA W 352 -26.17 88.70 -22.98
C ALA W 352 -24.88 89.33 -23.44
N VAL W 353 -23.82 88.55 -23.51
CA VAL W 353 -22.53 89.09 -23.89
C VAL W 353 -21.84 88.17 -24.87
N CYS W 354 -21.55 88.69 -26.05
CA CYS W 354 -20.86 87.91 -27.04
C CYS W 354 -19.42 88.33 -27.14
N ASP W 355 -18.55 87.41 -27.52
CA ASP W 355 -17.11 87.65 -27.47
C ASP W 355 -16.60 88.50 -28.63
N ILE W 356 -17.41 88.67 -29.67
CA ILE W 356 -16.95 89.38 -30.85
C ILE W 356 -17.77 90.65 -31.13
N PRO W 357 -17.15 91.83 -30.93
CA PRO W 357 -17.66 93.10 -31.39
C PRO W 357 -17.76 93.12 -32.91
N PRO W 358 -18.62 93.97 -33.46
CA PRO W 358 -18.74 94.34 -34.85
C PRO W 358 -17.39 94.75 -35.37
N ARG W 359 -17.00 94.18 -36.51
CA ARG W 359 -15.69 94.46 -37.07
C ARG W 359 -15.44 95.95 -37.16
N GLY W 360 -14.37 96.42 -36.52
CA GLY W 360 -14.02 97.83 -36.54
C GLY W 360 -14.37 98.53 -35.22
N LEU W 361 -15.28 97.95 -34.45
CA LEU W 361 -15.59 98.46 -33.12
C LEU W 361 -14.86 97.67 -32.06
N LYS W 362 -14.44 98.34 -31.01
CA LYS W 362 -13.79 97.67 -29.90
C LYS W 362 -14.81 97.01 -28.99
N MET W 363 -16.02 97.58 -28.95
CA MET W 363 -17.06 97.08 -28.08
C MET W 363 -18.40 97.75 -28.39
N SER W 364 -19.43 96.93 -28.55
CA SER W 364 -20.74 97.46 -28.93
C SER W 364 -21.86 96.77 -28.18
N ALA W 365 -23.08 97.01 -28.62
CA ALA W 365 -24.26 96.43 -28.00
C ALA W 365 -25.52 96.77 -28.78
N THR W 366 -26.61 96.07 -28.47
CA THR W 366 -27.90 96.38 -29.04
C THR W 366 -29.00 96.25 -28.01
N PHE W 367 -30.05 97.03 -28.18
CA PHE W 367 -31.07 97.19 -27.16
C PHE W 367 -32.43 96.78 -27.66
N ILE W 368 -33.11 95.92 -26.90
CA ILE W 368 -34.48 95.56 -27.23
C ILE W 368 -35.38 95.83 -26.04
N GLY W 369 -36.34 96.72 -26.20
CA GLY W 369 -37.18 97.12 -25.08
C GLY W 369 -38.62 96.72 -25.29
N ASN W 370 -39.19 96.06 -24.29
CA ASN W 370 -40.62 95.85 -24.25
C ASN W 370 -41.24 96.89 -23.32
N SER W 371 -41.52 98.07 -23.87
CA SER W 371 -42.11 99.14 -23.09
C SER W 371 -43.59 99.25 -23.33
N THR W 372 -44.29 99.84 -22.36
CA THR W 372 -45.72 100.07 -22.48
C THR W 372 -46.00 101.34 -23.27
N ALA W 373 -44.96 102.17 -23.43
CA ALA W 373 -45.08 103.45 -24.12
C ALA W 373 -45.52 103.26 -25.57
N ILE W 374 -45.13 102.14 -26.17
CA ILE W 374 -45.41 101.87 -27.57
C ILE W 374 -46.89 101.94 -27.92
N GLN W 375 -47.75 101.77 -26.90
CA GLN W 375 -49.18 101.86 -27.07
C GLN W 375 -49.59 103.17 -27.74
N GLU W 376 -48.80 104.22 -27.52
CA GLU W 376 -49.11 105.54 -28.03
C GLU W 376 -49.00 105.61 -29.54
N LEU W 377 -48.13 104.79 -30.12
CA LEU W 377 -48.00 104.74 -31.56
C LEU W 377 -49.23 104.11 -32.16
N PHE W 378 -49.72 103.08 -31.49
CA PHE W 378 -50.93 102.40 -31.92
C PHE W 378 -52.12 103.33 -31.81
N LYS W 379 -52.17 104.11 -30.74
CA LYS W 379 -53.24 105.09 -30.55
C LYS W 379 -53.28 106.09 -31.68
N ARG W 380 -52.12 106.68 -31.97
CA ARG W 380 -52.03 107.70 -33.01
C ARG W 380 -52.54 107.17 -34.34
N ILE W 381 -52.05 106.00 -34.73
CA ILE W 381 -52.48 105.39 -35.97
C ILE W 381 -53.97 105.08 -35.96
N SER W 382 -54.45 104.57 -34.84
CA SER W 382 -55.86 104.24 -34.69
C SER W 382 -56.74 105.46 -34.87
N GLU W 383 -56.29 106.59 -34.32
CA GLU W 383 -57.03 107.83 -34.45
C GLU W 383 -57.11 108.28 -35.91
N GLN W 384 -56.00 108.17 -36.62
CA GLN W 384 -55.97 108.53 -38.04
C GLN W 384 -56.88 107.64 -38.82
N PHE W 385 -56.83 106.35 -38.52
CA PHE W 385 -57.68 105.36 -39.13
C PHE W 385 -59.13 105.71 -38.89
N THR W 386 -59.47 105.98 -37.64
CA THR W 386 -60.83 106.30 -37.26
C THR W 386 -61.35 107.47 -38.05
N ALA W 387 -60.59 108.56 -38.08
CA ALA W 387 -61.03 109.79 -38.72
C ALA W 387 -61.42 109.55 -40.17
N MET W 388 -60.62 108.76 -40.87
CA MET W 388 -60.91 108.41 -42.24
C MET W 388 -62.08 107.44 -42.33
N PHE W 389 -62.04 106.43 -41.47
CA PHE W 389 -63.02 105.35 -41.50
C PHE W 389 -64.42 105.86 -41.22
N ARG W 390 -64.53 106.88 -40.38
CA ARG W 390 -65.83 107.47 -40.07
C ARG W 390 -66.52 108.01 -41.32
N ARG W 391 -65.75 108.32 -42.35
CA ARG W 391 -66.29 108.81 -43.60
C ARG W 391 -66.19 107.77 -44.70
N LYS W 392 -65.79 106.55 -44.32
CA LYS W 392 -65.53 105.48 -45.27
C LYS W 392 -64.58 105.95 -46.37
N ALA W 393 -63.61 106.77 -46.00
CA ALA W 393 -62.69 107.35 -46.95
C ALA W 393 -61.84 106.28 -47.57
N PHE W 394 -61.67 106.35 -48.88
CA PHE W 394 -60.83 105.41 -49.63
C PHE W 394 -61.30 103.94 -49.53
N LEU W 395 -62.46 103.71 -48.93
CA LEU W 395 -62.91 102.37 -48.63
C LEU W 395 -63.16 101.58 -49.90
N HIS W 396 -63.56 102.27 -50.96
CA HIS W 396 -63.91 101.62 -52.21
C HIS W 396 -62.72 100.92 -52.86
N TRP W 397 -61.51 101.32 -52.47
CA TRP W 397 -60.32 100.68 -52.98
C TRP W 397 -60.18 99.27 -52.45
N TYR W 398 -60.76 99.02 -51.28
CA TYR W 398 -60.71 97.72 -50.67
C TYR W 398 -62.02 96.99 -50.90
N THR W 399 -63.11 97.75 -50.99
CA THR W 399 -64.40 97.19 -51.34
C THR W 399 -64.34 96.50 -52.69
N GLY W 400 -63.66 97.12 -53.64
CA GLY W 400 -63.51 96.57 -54.98
C GLY W 400 -62.68 95.27 -54.99
N GLU W 401 -61.95 95.02 -53.91
CA GLU W 401 -61.17 93.79 -53.79
C GLU W 401 -61.95 92.73 -53.02
N GLY W 402 -63.14 93.08 -52.53
CA GLY W 402 -63.97 92.14 -51.80
C GLY W 402 -63.87 92.32 -50.28
N MET W 403 -63.26 93.42 -49.83
CA MET W 403 -63.16 93.68 -48.41
C MET W 403 -64.37 94.45 -47.90
N ASP W 404 -64.94 93.97 -46.81
CA ASP W 404 -66.11 94.61 -46.23
C ASP W 404 -65.72 95.57 -45.12
N GLU W 405 -66.74 96.22 -44.55
CA GLU W 405 -66.54 97.13 -43.41
C GLU W 405 -66.24 96.38 -42.14
N MET W 406 -66.80 95.17 -42.02
CA MET W 406 -66.71 94.40 -40.80
C MET W 406 -65.27 94.13 -40.43
N GLU W 407 -64.45 93.80 -41.43
CA GLU W 407 -63.04 93.59 -41.20
C GLU W 407 -62.38 94.80 -40.57
N PHE W 408 -62.72 95.98 -41.08
CA PHE W 408 -62.11 97.21 -40.62
C PHE W 408 -62.51 97.54 -39.19
N THR W 409 -63.78 97.32 -38.85
CA THR W 409 -64.25 97.58 -37.50
C THR W 409 -63.72 96.55 -36.53
N GLU W 410 -63.58 95.32 -37.01
CA GLU W 410 -63.06 94.24 -36.20
C GLU W 410 -61.59 94.46 -35.91
N ALA W 411 -60.85 94.90 -36.93
CA ALA W 411 -59.44 95.16 -36.77
C ALA W 411 -59.20 96.24 -35.75
N GLU W 412 -59.93 97.35 -35.87
CA GLU W 412 -59.78 98.47 -34.96
C GLU W 412 -60.14 98.07 -33.54
N SER W 413 -61.22 97.32 -33.38
CA SER W 413 -61.61 96.82 -32.09
C SER W 413 -60.49 96.01 -31.47
N ASN W 414 -59.87 95.17 -32.29
CA ASN W 414 -58.78 94.35 -31.86
C ASN W 414 -57.49 95.14 -31.63
N MET W 415 -57.32 96.25 -32.36
CA MET W 415 -56.22 97.16 -32.11
C MET W 415 -56.36 97.86 -30.76
N ASN W 416 -57.60 98.18 -30.41
CA ASN W 416 -57.87 98.81 -29.14
C ASN W 416 -57.52 97.89 -27.99
N ASP W 417 -57.80 96.59 -28.16
CA ASP W 417 -57.43 95.59 -27.17
C ASP W 417 -55.94 95.60 -26.90
N LEU W 418 -55.14 95.68 -27.96
CA LEU W 418 -53.69 95.71 -27.83
C LEU W 418 -53.24 96.89 -26.97
N VAL W 419 -53.75 98.07 -27.28
CA VAL W 419 -53.41 99.26 -26.53
C VAL W 419 -53.86 99.14 -25.09
N SER W 420 -55.09 98.67 -24.92
CA SER W 420 -55.67 98.49 -23.61
C SER W 420 -54.83 97.59 -22.73
N GLU W 421 -54.30 96.52 -23.33
CA GLU W 421 -53.45 95.58 -22.60
C GLU W 421 -52.16 96.23 -22.14
N TYR W 422 -51.54 97.02 -23.01
CA TYR W 422 -50.34 97.75 -22.62
C TYR W 422 -50.63 98.74 -21.51
N GLN W 423 -51.79 99.40 -21.59
CA GLN W 423 -52.23 100.30 -20.54
C GLN W 423 -52.56 99.57 -19.25
N GLN W 424 -53.13 98.36 -19.37
CA GLN W 424 -53.40 97.54 -18.21
C GLN W 424 -52.16 97.31 -17.39
N TYR W 425 -51.04 97.13 -18.07
CA TYR W 425 -49.79 96.85 -17.42
C TYR W 425 -48.90 98.08 -17.28
N GLN W 426 -49.52 99.26 -17.24
CA GLN W 426 -48.82 100.50 -16.92
C GLN W 426 -49.54 101.28 -15.83
N ASP W 427 -48.78 101.93 -14.96
CA ASP W 427 -49.37 102.80 -13.95
C ASP W 427 -49.31 104.26 -14.39
N SER X 9 -74.14 87.36 -11.08
CA SER X 9 -72.96 88.03 -10.58
C SER X 9 -71.84 87.04 -10.25
N SER X 10 -71.82 86.56 -9.00
CA SER X 10 -70.79 85.62 -8.56
C SER X 10 -71.02 84.23 -9.15
N ILE X 11 -69.92 83.53 -9.43
CA ILE X 11 -69.99 82.21 -10.05
C ILE X 11 -70.08 81.12 -8.99
N VAL X 12 -70.49 79.93 -9.41
CA VAL X 12 -70.64 78.78 -8.53
C VAL X 12 -69.72 77.64 -8.94
N VAL X 13 -68.97 77.09 -7.99
CA VAL X 13 -68.11 75.95 -8.28
C VAL X 13 -68.68 74.65 -7.74
N ALA X 14 -68.92 73.71 -8.65
CA ALA X 14 -69.50 72.41 -8.31
C ALA X 14 -68.62 71.27 -8.83
N ILE X 15 -68.62 70.15 -8.09
CA ILE X 15 -67.66 69.08 -8.37
C ILE X 15 -68.25 67.68 -8.19
N ARG X 16 -67.81 66.74 -9.02
CA ARG X 16 -68.25 65.34 -8.93
C ARG X 16 -67.19 64.37 -9.49
N VAL X 17 -67.27 63.10 -9.11
CA VAL X 17 -66.32 62.08 -9.56
C VAL X 17 -66.94 61.11 -10.57
N ARG X 18 -66.08 60.46 -11.39
CA ARG X 18 -66.44 59.20 -12.08
C ARG X 18 -66.83 58.11 -11.03
N PRO X 19 -66.36 56.88 -11.17
CA PRO X 19 -66.32 56.02 -9.99
C PRO X 19 -65.04 55.26 -9.93
N PHE X 20 -65.00 54.29 -9.04
CA PHE X 20 -63.96 53.31 -9.09
C PHE X 20 -64.56 51.98 -9.54
N THR X 21 -63.83 51.28 -10.39
CA THR X 21 -64.35 50.10 -11.05
C THR X 21 -63.61 48.90 -10.56
N SER X 22 -63.78 47.77 -11.25
CA SER X 22 -63.07 46.56 -10.91
C SER X 22 -61.55 46.72 -11.08
N MET X 23 -61.15 47.70 -11.89
CA MET X 23 -59.72 48.00 -12.05
C MET X 23 -59.15 48.59 -10.76
N GLU X 24 -59.98 49.30 -10.01
CA GLU X 24 -59.58 49.89 -8.74
C GLU X 24 -59.90 48.97 -7.57
N LYS X 25 -60.97 48.19 -7.72
CA LYS X 25 -61.35 47.21 -6.69
C LYS X 25 -60.34 46.09 -6.61
N THR X 26 -59.82 45.66 -7.76
CA THR X 26 -58.76 44.66 -7.82
C THR X 26 -57.54 45.13 -7.07
N ARG X 27 -57.26 46.42 -7.15
CA ARG X 27 -56.14 47.02 -6.45
C ARG X 27 -56.45 47.21 -4.98
N LEU X 28 -56.47 46.10 -4.24
CA LEU X 28 -56.79 46.14 -2.83
C LEU X 28 -55.79 46.96 -2.05
N VAL X 29 -54.51 46.81 -2.40
CA VAL X 29 -53.44 47.55 -1.75
C VAL X 29 -53.32 48.96 -2.32
N ILE X 30 -54.22 49.84 -1.91
CA ILE X 30 -54.13 51.26 -2.26
C ILE X 30 -54.97 52.09 -1.30
N ARG X 31 -54.48 53.28 -0.99
CA ARG X 31 -55.21 54.21 -0.16
C ARG X 31 -55.82 55.33 -1.01
N LYS X 32 -57.13 55.53 -0.85
CA LYS X 32 -57.85 56.55 -1.60
C LYS X 32 -57.34 57.95 -1.26
N ILE X 33 -57.38 58.84 -2.25
CA ILE X 33 -56.93 60.21 -2.06
C ILE X 33 -58.10 61.21 -2.04
N VAL X 34 -59.29 60.75 -2.41
CA VAL X 34 -60.47 61.60 -2.38
C VAL X 34 -61.48 61.12 -1.36
N ASP X 35 -61.91 62.03 -0.50
CA ASP X 35 -62.92 61.71 0.48
C ASP X 35 -63.83 62.91 0.77
N CYS X 36 -64.98 62.93 0.11
CA CYS X 36 -65.99 63.92 0.41
C CYS X 36 -66.64 63.60 1.74
N VAL X 37 -66.45 64.48 2.72
CA VAL X 37 -66.93 64.22 4.07
C VAL X 37 -68.27 64.89 4.33
N ASP X 38 -68.57 65.93 3.58
CA ASP X 38 -69.88 66.56 3.67
C ASP X 38 -70.18 67.31 2.39
N ASP X 39 -71.40 67.82 2.29
CA ASP X 39 -71.75 68.68 1.17
C ASP X 39 -70.86 69.90 1.19
N ARG X 40 -70.24 70.18 0.04
CA ARG X 40 -69.30 71.30 -0.11
C ARG X 40 -67.96 71.09 0.61
N MET X 41 -67.75 69.90 1.19
CA MET X 41 -66.54 69.66 1.99
C MET X 41 -65.74 68.46 1.49
N LEU X 42 -64.64 68.74 0.80
CA LEU X 42 -63.76 67.70 0.29
C LEU X 42 -62.49 67.61 1.09
N ILE X 43 -62.16 66.42 1.57
CA ILE X 43 -60.89 66.21 2.21
C ILE X 43 -59.97 65.42 1.30
N PHE X 44 -58.77 65.96 1.08
CA PHE X 44 -57.79 65.26 0.30
C PHE X 44 -57.01 64.31 1.17
N ASP X 45 -57.20 63.02 0.92
CA ASP X 45 -56.52 61.96 1.64
C ASP X 45 -55.14 61.71 1.04
N PRO X 46 -54.27 60.99 1.78
CA PRO X 46 -54.57 60.34 3.06
C PRO X 46 -53.67 60.83 4.18
N ALA X 47 -52.82 61.80 3.86
CA ALA X 47 -51.76 62.31 4.74
C ALA X 47 -50.45 61.57 4.44
N ASP X 48 -49.90 60.89 5.45
CA ASP X 48 -48.72 60.07 5.26
C ASP X 48 -48.43 59.22 6.50
N ARG X 49 -48.87 57.98 6.44
CA ARG X 49 -48.54 56.98 7.44
C ARG X 49 -47.85 55.81 6.76
N ASN X 50 -47.01 56.13 5.78
CA ASN X 50 -46.45 55.14 4.87
C ASN X 50 -45.45 54.22 5.56
N SER X 51 -45.37 52.99 5.07
CA SER X 51 -44.37 52.02 5.51
C SER X 51 -43.14 52.05 4.60
N ASN X 52 -43.09 53.05 3.71
CA ASN X 52 -42.00 53.21 2.76
C ASN X 52 -40.95 54.21 3.26
N ALA X 53 -41.02 54.57 4.54
CA ALA X 53 -40.10 55.55 5.11
C ALA X 53 -40.09 55.42 6.64
N THR X 54 -40.34 56.52 7.35
CA THR X 54 -40.42 56.48 8.81
C THR X 54 -41.70 57.15 9.30
N ASN X 55 -41.63 58.45 9.55
CA ASN X 55 -42.78 59.24 9.99
C ASN X 55 -43.40 58.70 11.28
N LYS X 56 -42.56 58.43 12.27
CA LYS X 56 -43.02 57.92 13.57
C LYS X 56 -42.66 58.90 14.67
N PHE X 57 -42.87 60.18 14.38
CA PHE X 57 -42.49 61.25 15.29
C PHE X 57 -43.19 62.54 14.89
N SER X 58 -43.03 63.59 15.69
CA SER X 58 -43.69 64.87 15.41
C SER X 58 -43.36 65.35 14.01
N SER X 59 -44.40 65.52 13.20
CA SER X 59 -44.23 65.76 11.77
C SER X 59 -43.49 67.04 11.47
N GLN X 60 -42.52 66.92 10.57
CA GLN X 60 -41.83 68.09 10.02
C GLN X 60 -42.11 68.19 8.52
N ARG X 61 -43.21 67.57 8.08
CA ARG X 61 -43.57 67.55 6.67
C ARG X 61 -44.43 68.74 6.31
N ARG X 62 -44.37 69.17 5.05
CA ARG X 62 -45.12 70.34 4.60
C ARG X 62 -46.61 70.04 4.55
N ARG X 63 -46.96 69.01 3.80
CA ARG X 63 -48.34 68.57 3.74
C ARG X 63 -48.46 67.05 3.77
N HIS X 64 -47.34 66.36 3.59
CA HIS X 64 -47.34 64.91 3.65
C HIS X 64 -47.40 64.45 5.09
N GLY X 65 -48.61 64.39 5.62
CA GLY X 65 -48.80 64.17 7.04
C GLY X 65 -50.11 64.79 7.50
N GLY X 66 -50.56 65.83 6.80
CA GLY X 66 -51.85 66.43 7.07
C GLY X 66 -52.84 66.13 5.94
N GLU X 67 -54.02 66.72 6.02
CA GLU X 67 -55.03 66.56 4.96
C GLU X 67 -55.40 67.91 4.39
N ILE X 68 -55.75 67.94 3.12
CA ILE X 68 -56.04 69.23 2.49
C ILE X 68 -57.54 69.43 2.36
N LYS X 69 -58.03 70.51 2.94
CA LYS X 69 -59.46 70.79 2.97
C LYS X 69 -59.85 71.71 1.83
N PHE X 70 -60.70 71.21 0.94
CA PHE X 70 -61.22 72.02 -0.15
C PHE X 70 -62.71 72.28 0.06
N VAL X 71 -63.10 73.54 0.01
CA VAL X 71 -64.50 73.91 0.21
C VAL X 71 -65.07 74.62 -1.01
N PHE X 72 -66.18 74.08 -1.51
CA PHE X 72 -66.78 74.56 -2.75
C PHE X 72 -68.19 75.05 -2.51
N ASP X 73 -68.85 75.47 -3.58
CA ASP X 73 -70.20 75.98 -3.47
C ASP X 73 -71.20 74.85 -3.52
N LYS X 74 -70.93 73.85 -4.37
CA LYS X 74 -71.74 72.64 -4.42
C LYS X 74 -70.89 71.42 -4.77
N LEU X 75 -70.26 70.83 -3.76
CA LEU X 75 -69.50 69.61 -3.96
C LEU X 75 -70.39 68.40 -3.90
N PHE X 76 -70.29 67.57 -4.92
CA PHE X 76 -71.02 66.33 -5.00
C PHE X 76 -70.04 65.15 -5.06
N ASP X 77 -70.59 63.95 -5.15
CA ASP X 77 -69.78 62.76 -5.29
C ASP X 77 -70.51 61.69 -6.10
N GLU X 78 -69.97 60.47 -6.10
CA GLU X 78 -70.56 59.37 -6.88
C GLU X 78 -71.96 58.99 -6.40
N THR X 79 -72.29 59.35 -5.15
CA THR X 79 -73.59 59.06 -4.58
C THR X 79 -74.69 59.86 -5.27
N SER X 80 -74.40 61.11 -5.62
CA SER X 80 -75.43 61.98 -6.16
C SER X 80 -75.60 61.77 -7.66
N SER X 81 -76.85 61.55 -8.07
CA SER X 81 -77.16 61.35 -9.49
C SER X 81 -77.02 62.63 -10.28
N GLN X 82 -76.58 62.51 -11.53
CA GLN X 82 -76.42 63.66 -12.40
C GLN X 82 -77.76 64.31 -12.72
N ALA X 83 -78.85 63.57 -12.51
CA ALA X 83 -80.18 64.11 -12.71
C ALA X 83 -80.43 65.26 -11.74
N ARG X 84 -79.84 65.17 -10.56
CA ARG X 84 -79.96 66.22 -9.57
C ARG X 84 -78.78 67.16 -9.61
N VAL X 85 -77.58 66.61 -9.78
CA VAL X 85 -76.38 67.43 -9.80
C VAL X 85 -76.45 68.48 -10.89
N TYR X 86 -76.90 68.07 -12.06
CA TYR X 86 -77.06 68.98 -13.16
C TYR X 86 -78.11 70.02 -12.85
N LYS X 87 -79.33 69.59 -12.53
CA LYS X 87 -80.44 70.51 -12.34
C LYS X 87 -80.25 71.41 -11.13
N GLU X 88 -79.71 70.84 -10.06
CA GLU X 88 -79.35 71.61 -8.87
C GLU X 88 -78.49 72.83 -9.20
N THR X 89 -77.66 72.69 -10.23
CA THR X 89 -76.69 73.70 -10.56
C THR X 89 -77.07 74.52 -11.80
N THR X 90 -77.75 73.89 -12.74
CA THR X 90 -77.95 74.51 -14.05
C THR X 90 -79.41 74.86 -14.34
N SER X 91 -80.33 74.29 -13.57
CA SER X 91 -81.74 74.63 -13.71
C SER X 91 -81.94 76.14 -13.56
N PRO X 92 -81.17 76.79 -12.65
CA PRO X 92 -81.19 78.23 -12.47
C PRO X 92 -80.40 78.94 -13.54
N LEU X 93 -79.40 78.27 -14.11
CA LEU X 93 -78.66 78.87 -15.22
C LEU X 93 -79.56 78.99 -16.44
N LEU X 94 -80.39 77.98 -16.65
CA LEU X 94 -81.35 78.00 -17.74
C LEU X 94 -82.39 79.08 -17.51
N ASP X 95 -82.84 79.22 -16.28
CA ASP X 95 -83.75 80.31 -15.93
C ASP X 95 -83.05 81.66 -16.01
N SER X 96 -81.76 81.70 -15.66
CA SER X 96 -80.97 82.92 -15.72
C SER X 96 -80.92 83.46 -17.15
N VAL X 97 -80.78 82.55 -18.12
CA VAL X 97 -80.84 82.90 -19.53
C VAL X 97 -82.08 83.73 -19.87
N LEU X 98 -83.18 83.43 -19.19
CA LEU X 98 -84.45 84.06 -19.51
C LEU X 98 -84.77 85.21 -18.55
N ASP X 99 -83.76 85.64 -17.78
CA ASP X 99 -83.92 86.77 -16.86
C ASP X 99 -83.35 88.07 -17.42
N GLY X 100 -83.08 88.10 -18.72
CA GLY X 100 -82.60 89.31 -19.39
C GLY X 100 -81.11 89.29 -19.68
N PHE X 101 -80.47 88.16 -19.42
CA PHE X 101 -79.03 88.01 -19.64
C PHE X 101 -78.69 86.54 -19.87
N ASN X 102 -77.55 86.29 -20.49
CA ASN X 102 -77.20 84.92 -20.90
C ASN X 102 -76.58 84.09 -19.78
N SER X 103 -76.22 82.85 -20.10
CA SER X 103 -75.52 81.99 -19.14
C SER X 103 -74.65 80.95 -19.84
N THR X 104 -74.04 80.06 -19.05
CA THR X 104 -73.10 79.09 -19.58
C THR X 104 -72.71 77.99 -18.57
N VAL X 105 -72.35 76.82 -19.11
CA VAL X 105 -71.97 75.64 -18.32
C VAL X 105 -70.51 75.21 -18.60
N PHE X 106 -69.73 75.01 -17.54
CA PHE X 106 -68.30 74.63 -17.67
C PHE X 106 -68.02 73.17 -17.34
N ALA X 107 -66.78 72.75 -17.60
CA ALA X 107 -66.29 71.41 -17.28
C ALA X 107 -64.75 71.45 -17.09
N TYR X 108 -64.17 70.39 -16.49
CA TYR X 108 -62.72 70.38 -16.23
C TYR X 108 -62.22 68.98 -15.84
N GLY X 109 -60.98 68.65 -16.25
CA GLY X 109 -60.35 67.41 -15.81
C GLY X 109 -59.24 66.91 -16.76
N ALA X 110 -58.55 65.84 -16.33
CA ALA X 110 -57.53 65.17 -17.15
C ALA X 110 -58.17 64.16 -18.10
N THR X 111 -57.43 63.75 -19.13
CA THR X 111 -58.00 62.82 -20.11
C THR X 111 -58.33 61.48 -19.50
N GLY X 112 -59.60 61.15 -19.62
CA GLY X 112 -60.17 59.88 -19.25
C GLY X 112 -61.08 60.10 -18.05
N CYS X 113 -61.10 61.34 -17.54
CA CYS X 113 -61.90 61.69 -16.38
C CYS X 113 -63.32 62.17 -16.73
N GLY X 114 -64.03 61.40 -17.57
CA GLY X 114 -65.47 61.47 -17.56
C GLY X 114 -66.12 62.60 -18.33
N LYS X 115 -65.35 63.43 -18.99
CA LYS X 115 -65.99 64.34 -19.92
C LYS X 115 -66.38 63.46 -21.08
N THR X 116 -67.31 63.85 -21.92
CA THR X 116 -67.92 62.90 -22.87
C THR X 116 -68.93 61.92 -22.14
N TYR X 117 -68.47 61.18 -21.10
CA TYR X 117 -69.41 60.38 -20.30
C TYR X 117 -70.39 61.28 -19.49
N THR X 118 -69.88 62.30 -18.81
CA THR X 118 -70.73 63.12 -17.92
C THR X 118 -71.65 64.08 -18.67
N VAL X 119 -71.29 64.44 -19.90
CA VAL X 119 -72.15 65.29 -20.72
C VAL X 119 -73.37 64.51 -21.24
N SER X 120 -73.28 63.18 -21.20
CA SER X 120 -74.32 62.31 -21.73
C SER X 120 -74.18 60.91 -21.15
N GLY X 121 -73.06 60.25 -21.45
CA GLY X 121 -72.79 58.93 -20.92
C GLY X 121 -73.30 57.85 -21.84
N THR X 122 -73.49 56.65 -21.31
CA THR X 122 -74.06 55.57 -22.08
C THR X 122 -75.48 55.94 -22.46
N PRO X 123 -75.85 55.70 -23.73
CA PRO X 123 -77.08 56.11 -24.39
C PRO X 123 -78.36 55.52 -23.77
N SER X 124 -78.53 55.72 -22.49
CA SER X 124 -79.74 55.37 -21.76
C SER X 124 -79.86 56.22 -20.50
N GLN X 125 -78.90 57.13 -20.29
CA GLN X 125 -78.85 57.94 -19.09
C GLN X 125 -78.94 59.41 -19.43
N PRO X 126 -79.23 60.23 -18.42
CA PRO X 126 -79.30 61.68 -18.48
C PRO X 126 -77.92 62.30 -18.32
N GLY X 127 -77.77 63.53 -18.78
CA GLY X 127 -76.50 64.24 -18.68
C GLY X 127 -76.69 65.71 -18.97
N ILE X 128 -75.58 66.42 -19.16
CA ILE X 128 -75.63 67.86 -19.34
C ILE X 128 -76.54 68.28 -20.49
N ILE X 129 -76.31 67.73 -21.67
CA ILE X 129 -77.05 68.16 -22.85
C ILE X 129 -78.47 67.63 -22.84
N PHE X 130 -78.62 66.36 -22.50
CA PHE X 130 -79.93 65.72 -22.48
C PHE X 130 -80.88 66.44 -21.56
N LEU X 131 -80.45 66.68 -20.32
CA LEU X 131 -81.29 67.31 -19.33
C LEU X 131 -81.54 68.77 -19.67
N ALA X 132 -80.57 69.42 -20.32
CA ALA X 132 -80.77 70.78 -20.79
C ALA X 132 -81.98 70.86 -21.70
N MET X 133 -82.04 69.96 -22.65
CA MET X 133 -83.15 69.93 -23.60
C MET X 133 -84.40 69.38 -22.97
N GLU X 134 -84.27 68.35 -22.14
CA GLU X 134 -85.44 67.77 -21.48
C GLU X 134 -86.19 68.83 -20.70
N GLU X 135 -85.48 69.54 -19.83
CA GLU X 135 -86.06 70.57 -18.99
C GLU X 135 -86.58 71.73 -19.82
N LEU X 136 -85.75 72.22 -20.75
CA LEU X 136 -86.12 73.36 -21.56
C LEU X 136 -87.35 73.06 -22.40
N PHE X 137 -87.35 71.92 -23.06
CA PHE X 137 -88.45 71.53 -23.93
C PHE X 137 -89.77 71.45 -23.18
N ASN X 138 -89.72 70.91 -21.96
CA ASN X 138 -90.91 70.87 -21.14
C ASN X 138 -91.40 72.28 -20.83
N LYS X 139 -90.46 73.17 -20.53
CA LYS X 139 -90.78 74.57 -20.31
C LYS X 139 -91.32 75.23 -21.57
N ILE X 140 -90.77 74.83 -22.73
CA ILE X 140 -91.22 75.37 -23.99
C ILE X 140 -92.66 75.02 -24.27
N THR X 141 -93.01 73.75 -24.12
CA THR X 141 -94.35 73.28 -24.42
C THR X 141 -95.36 73.70 -23.36
N ASP X 142 -94.88 73.96 -22.15
CA ASP X 142 -95.75 74.49 -21.11
C ASP X 142 -96.01 75.97 -21.32
N LEU X 143 -94.99 76.69 -21.79
CA LEU X 143 -95.08 78.12 -21.98
C LEU X 143 -95.34 78.51 -23.43
N LYS X 144 -95.58 77.51 -24.30
CA LYS X 144 -95.84 77.74 -25.72
C LYS X 144 -97.11 78.54 -25.94
N ASP X 145 -98.00 78.55 -24.96
CA ASP X 145 -99.24 79.26 -25.06
C ASP X 145 -99.11 80.70 -24.58
N GLU X 146 -97.93 81.06 -24.08
CA GLU X 146 -97.68 82.40 -23.57
C GLU X 146 -96.73 83.17 -24.47
N LYS X 147 -95.63 82.51 -24.88
CA LYS X 147 -94.61 83.16 -25.69
C LYS X 147 -94.31 82.38 -26.96
N ASP X 148 -93.79 83.07 -27.96
CA ASP X 148 -93.32 82.41 -29.17
C ASP X 148 -91.88 81.98 -29.00
N PHE X 149 -91.55 80.79 -29.46
CA PHE X 149 -90.20 80.26 -29.26
C PHE X 149 -89.43 80.14 -30.56
N GLU X 150 -88.42 80.99 -30.72
CA GLU X 150 -87.48 80.86 -31.83
C GLU X 150 -86.09 80.59 -31.30
N ILE X 151 -85.78 79.32 -31.12
CA ILE X 151 -84.51 78.92 -30.54
C ILE X 151 -83.63 78.26 -31.59
N SER X 152 -82.35 78.64 -31.60
CA SER X 152 -81.39 78.08 -32.54
C SER X 152 -80.17 77.53 -31.84
N LEU X 153 -79.46 76.64 -32.52
CA LEU X 153 -78.31 75.96 -31.93
C LEU X 153 -77.04 76.24 -32.70
N SER X 154 -76.00 76.61 -31.97
CA SER X 154 -74.68 76.86 -32.55
C SER X 154 -73.69 75.80 -32.10
N TYR X 155 -72.96 75.25 -33.07
CA TYR X 155 -72.03 74.16 -32.78
C TYR X 155 -70.60 74.59 -33.08
N LEU X 156 -69.65 74.13 -32.27
CA LEU X 156 -68.28 74.63 -32.37
C LEU X 156 -67.26 73.69 -31.73
N GLU X 157 -66.15 73.48 -32.44
CA GLU X 157 -65.01 72.74 -31.88
C GLU X 157 -63.74 73.58 -31.92
N ILE X 158 -62.89 73.44 -30.90
CA ILE X 158 -61.58 74.10 -30.94
C ILE X 158 -60.47 73.06 -30.91
N TYR X 159 -59.65 73.07 -31.96
CA TYR X 159 -58.56 72.11 -32.08
C TYR X 159 -57.36 72.79 -32.75
N ASN X 160 -56.20 72.71 -32.10
CA ASN X 160 -55.02 73.44 -32.56
C ASN X 160 -55.27 74.94 -32.71
N GLU X 161 -55.99 75.52 -31.76
CA GLU X 161 -56.37 76.94 -31.80
C GLU X 161 -57.21 77.28 -33.05
N ARG X 162 -57.84 76.27 -33.63
CA ARG X 162 -58.64 76.44 -34.82
C ARG X 162 -60.10 76.18 -34.53
N ILE X 163 -60.96 77.03 -35.05
CA ILE X 163 -62.39 76.84 -34.88
C ILE X 163 -62.92 75.97 -35.99
N ARG X 164 -63.56 74.87 -35.62
CA ARG X 164 -64.12 73.98 -36.61
C ARG X 164 -65.63 73.95 -36.51
N ASP X 165 -66.28 73.84 -37.65
CA ASP X 165 -67.71 73.60 -37.67
C ASP X 165 -67.97 72.17 -37.25
N LEU X 166 -68.50 72.02 -36.05
CA LEU X 166 -68.63 70.74 -35.40
C LEU X 166 -69.43 69.75 -36.24
N LEU X 167 -70.42 70.24 -36.98
CA LEU X 167 -71.33 69.36 -37.70
C LEU X 167 -70.98 69.25 -39.16
N LYS X 168 -70.39 70.31 -39.71
CA LYS X 168 -69.95 70.29 -41.10
C LYS X 168 -68.49 70.74 -41.25
N PRO X 169 -67.53 69.81 -41.08
CA PRO X 169 -66.10 70.04 -41.22
C PRO X 169 -65.72 70.32 -42.68
N GLU X 170 -66.67 70.09 -43.59
CA GLU X 170 -66.51 70.42 -44.99
C GLU X 170 -66.27 71.91 -45.21
N THR X 171 -66.75 72.74 -44.28
CA THR X 171 -66.50 74.18 -44.34
C THR X 171 -65.16 74.52 -43.68
N PRO X 172 -64.34 75.35 -44.34
CA PRO X 172 -63.02 75.73 -43.87
C PRO X 172 -63.10 76.61 -42.63
N SER X 173 -62.07 76.49 -41.78
CA SER X 173 -62.02 77.23 -40.51
C SER X 173 -61.93 78.73 -40.70
N LYS X 174 -61.47 79.15 -41.88
CA LYS X 174 -61.42 80.55 -42.24
C LYS X 174 -62.81 81.19 -42.27
N ARG X 175 -63.84 80.36 -42.38
CA ARG X 175 -65.21 80.83 -42.46
C ARG X 175 -65.84 80.99 -41.08
N LEU X 176 -65.07 80.73 -40.03
CA LEU X 176 -65.57 80.86 -38.68
C LEU X 176 -64.82 81.93 -37.92
N VAL X 177 -65.49 83.05 -37.67
CA VAL X 177 -64.91 84.15 -36.95
C VAL X 177 -65.73 84.45 -35.72
N ILE X 178 -65.06 84.53 -34.58
CA ILE X 178 -65.77 84.74 -33.33
C ILE X 178 -65.77 86.20 -32.90
N ARG X 179 -66.95 86.81 -32.94
CA ARG X 179 -67.14 88.19 -32.52
C ARG X 179 -68.30 88.28 -31.53
N GLU X 180 -68.41 89.41 -30.84
CA GLU X 180 -69.52 89.67 -29.95
C GLU X 180 -70.00 91.11 -30.10
N ASP X 181 -71.27 91.35 -29.78
CA ASP X 181 -71.85 92.68 -29.89
C ASP X 181 -71.72 93.48 -28.60
N THR X 182 -72.09 94.76 -28.68
CA THR X 182 -72.27 95.59 -27.49
C THR X 182 -73.58 95.23 -26.79
N GLN X 183 -74.45 94.52 -27.51
CA GLN X 183 -75.66 93.95 -26.95
C GLN X 183 -75.41 92.54 -26.42
N ASN X 184 -74.16 92.08 -26.49
CA ASN X 184 -73.78 90.73 -26.10
C ASN X 184 -74.42 89.67 -27.01
N HIS X 185 -74.62 90.03 -28.27
CA HIS X 185 -75.07 89.08 -29.27
C HIS X 185 -73.89 88.28 -29.79
N ILE X 186 -74.10 86.98 -30.00
CA ILE X 186 -73.05 86.09 -30.48
C ILE X 186 -72.87 86.21 -31.97
N LYS X 187 -71.75 86.77 -32.40
CA LYS X 187 -71.53 87.00 -33.81
C LYS X 187 -70.49 86.05 -34.38
N VAL X 188 -70.94 84.88 -34.79
CA VAL X 188 -70.06 83.91 -35.44
C VAL X 188 -70.38 83.78 -36.92
N ALA X 189 -69.33 83.77 -37.74
CA ALA X 189 -69.47 83.74 -39.20
C ALA X 189 -70.06 82.40 -39.69
N ASN X 190 -69.98 82.17 -41.00
CA ASN X 190 -70.71 81.08 -41.65
C ASN X 190 -70.57 79.76 -40.91
N LEU X 191 -71.67 79.32 -40.32
CA LEU X 191 -71.69 78.12 -39.50
C LEU X 191 -72.98 77.36 -39.72
N SER X 192 -72.90 76.02 -39.72
CA SER X 192 -74.10 75.23 -39.90
C SER X 192 -74.97 75.30 -38.63
N TYR X 193 -75.86 76.29 -38.61
CA TYR X 193 -76.79 76.47 -37.50
C TYR X 193 -78.01 75.56 -37.66
N HIS X 194 -78.56 75.13 -36.54
CA HIS X 194 -79.73 74.24 -36.55
C HIS X 194 -80.73 74.63 -35.50
N HIS X 195 -81.82 73.90 -35.41
CA HIS X 195 -82.87 74.20 -34.45
C HIS X 195 -83.27 72.96 -33.65
N PRO X 196 -83.60 73.13 -32.37
CA PRO X 196 -83.95 72.12 -31.37
C PRO X 196 -85.36 71.62 -31.56
N ASN X 197 -85.61 70.98 -32.71
CA ASN X 197 -86.93 70.46 -33.03
C ASN X 197 -87.33 69.33 -32.07
N THR X 198 -86.36 68.52 -31.71
CA THR X 198 -86.55 67.48 -30.71
C THR X 198 -85.21 66.94 -30.24
N VAL X 199 -85.18 66.46 -29.00
CA VAL X 199 -83.93 66.13 -28.33
C VAL X 199 -83.23 64.99 -29.03
N GLU X 200 -84.00 64.16 -29.71
CA GLU X 200 -83.45 63.06 -30.47
C GLU X 200 -82.52 63.58 -31.56
N ASP X 201 -83.04 64.49 -32.38
CA ASP X 201 -82.26 65.10 -33.44
C ASP X 201 -81.14 65.97 -32.88
N VAL X 202 -81.41 66.65 -31.77
CA VAL X 202 -80.36 67.44 -31.11
C VAL X 202 -79.19 66.56 -30.72
N MET X 203 -79.49 65.46 -30.02
CA MET X 203 -78.47 64.53 -29.57
C MET X 203 -77.80 63.81 -30.74
N ASP X 204 -78.55 63.57 -31.82
CA ASP X 204 -77.97 62.98 -33.01
C ASP X 204 -76.91 63.91 -33.61
N LEU X 205 -77.19 65.21 -33.59
CA LEU X 205 -76.21 66.20 -34.04
C LEU X 205 -75.04 66.26 -33.09
N VAL X 206 -75.30 66.15 -31.79
CA VAL X 206 -74.24 66.08 -30.79
C VAL X 206 -73.30 64.90 -31.05
N VAL X 207 -73.89 63.74 -31.35
CA VAL X 207 -73.12 62.56 -31.72
C VAL X 207 -72.34 62.78 -33.01
N GLN X 208 -73.00 63.35 -34.01
CA GLN X 208 -72.35 63.71 -35.27
C GLN X 208 -71.16 64.62 -35.01
N GLY X 209 -71.34 65.55 -34.09
CA GLY X 209 -70.28 66.44 -33.68
C GLY X 209 -69.15 65.66 -33.04
N ASN X 210 -69.49 64.77 -32.11
CA ASN X 210 -68.48 63.98 -31.40
C ASN X 210 -67.72 63.06 -32.35
N ILE X 211 -68.39 62.60 -33.40
CA ILE X 211 -67.73 61.87 -34.47
C ILE X 211 -66.73 62.74 -35.20
N ASN X 212 -67.11 63.99 -35.46
CA ASN X 212 -66.29 64.93 -36.20
C ASN X 212 -65.13 65.50 -35.38
N ARG X 213 -65.22 65.42 -34.05
CA ARG X 213 -64.15 65.88 -33.18
C ARG X 213 -62.86 65.11 -33.42
N THR X 214 -61.74 65.83 -33.51
CA THR X 214 -60.45 65.22 -33.84
C THR X 214 -59.74 64.71 -32.59
N THR X 215 -59.52 63.39 -32.54
CA THR X 215 -59.16 62.71 -31.30
C THR X 215 -57.72 62.23 -31.22
N SER X 216 -57.34 61.78 -30.03
CA SER X 216 -56.07 61.08 -29.80
C SER X 216 -56.12 59.66 -30.31
N PRO X 217 -55.00 59.18 -30.83
CA PRO X 217 -54.86 57.73 -31.10
C PRO X 217 -53.71 57.14 -30.28
N THR X 218 -53.57 57.59 -29.04
CA THR X 218 -52.38 57.22 -28.27
C THR X 218 -52.71 56.44 -26.99
N GLU X 219 -53.23 57.15 -25.99
CA GLU X 219 -53.44 56.57 -24.65
C GLU X 219 -54.58 55.57 -24.58
N ALA X 220 -54.80 55.03 -23.38
CA ALA X 220 -55.89 54.08 -23.13
C ALA X 220 -57.25 54.71 -23.44
N ASN X 221 -57.41 55.99 -23.11
CA ASN X 221 -58.49 56.75 -23.72
C ASN X 221 -58.01 57.06 -25.13
N GLU X 222 -58.48 56.27 -26.09
CA GLU X 222 -58.10 56.42 -27.49
C GLU X 222 -59.29 56.85 -28.32
N VAL X 223 -60.45 56.89 -27.67
CA VAL X 223 -61.54 57.66 -28.19
C VAL X 223 -61.24 59.11 -27.88
N SER X 224 -60.84 59.37 -26.63
CA SER X 224 -60.10 60.57 -26.24
C SER X 224 -60.29 61.76 -27.14
N SER X 225 -61.49 62.26 -27.14
CA SER X 225 -61.88 63.51 -27.79
C SER X 225 -60.72 64.42 -28.18
N ARG X 226 -59.91 64.83 -27.20
CA ARG X 226 -58.74 65.69 -27.45
C ARG X 226 -59.08 66.98 -28.19
N SER X 227 -60.23 67.56 -27.91
CA SER X 227 -60.57 68.86 -28.47
C SER X 227 -61.65 69.53 -27.64
N HIS X 228 -61.71 70.85 -27.72
CA HIS X 228 -62.72 71.59 -26.99
C HIS X 228 -63.95 71.72 -27.84
N ALA X 229 -65.06 72.06 -27.24
CA ALA X 229 -66.27 72.27 -28.01
C ALA X 229 -67.25 73.12 -27.25
N VAL X 230 -68.00 73.93 -27.98
CA VAL X 230 -69.02 74.75 -27.35
C VAL X 230 -70.34 74.69 -28.10
N LEU X 231 -71.39 74.31 -27.37
CA LEU X 231 -72.73 74.26 -27.93
C LEU X 231 -73.58 75.36 -27.36
N GLN X 232 -74.02 76.28 -28.20
CA GLN X 232 -74.70 77.45 -27.69
C GLN X 232 -76.16 77.47 -28.13
N ILE X 233 -77.03 77.64 -27.14
CA ILE X 233 -78.46 77.73 -27.41
C ILE X 233 -78.88 79.19 -27.44
N HIS X 234 -79.35 79.64 -28.59
CA HIS X 234 -79.74 81.03 -28.74
C HIS X 234 -81.24 81.17 -28.72
N ILE X 235 -81.77 81.68 -27.62
CA ILE X 235 -83.20 81.75 -27.42
C ILE X 235 -83.78 83.12 -27.75
N MET X 236 -84.55 83.19 -28.83
CA MET X 236 -85.21 84.42 -29.21
C MET X 236 -86.73 84.27 -29.11
N GLN X 237 -87.25 84.36 -27.90
CA GLN X 237 -88.68 84.31 -27.73
C GLN X 237 -89.30 85.66 -27.99
N THR X 238 -90.57 85.67 -28.40
CA THR X 238 -91.27 86.92 -28.63
C THR X 238 -92.64 86.92 -27.99
N ASN X 239 -93.27 88.08 -27.92
CA ASN X 239 -94.56 88.23 -27.27
C ASN X 239 -95.71 87.87 -28.19
N LYS X 240 -96.79 87.37 -27.59
CA LYS X 240 -98.01 87.12 -28.33
C LYS X 240 -99.02 88.26 -28.15
N LEU X 241 -98.69 89.21 -27.28
CA LEU X 241 -99.57 90.32 -26.98
C LEU X 241 -99.01 91.64 -27.47
N VAL X 242 -99.91 92.60 -27.71
CA VAL X 242 -99.51 93.93 -28.14
C VAL X 242 -99.73 94.94 -27.03
N ASP X 243 -98.65 95.59 -26.61
CA ASP X 243 -98.72 96.62 -25.58
C ASP X 243 -97.54 97.57 -25.67
N LEU X 244 -97.53 98.57 -24.79
CA LEU X 244 -96.53 99.63 -24.84
C LEU X 244 -95.10 99.13 -24.59
N THR X 245 -94.97 97.97 -23.96
CA THR X 245 -93.65 97.47 -23.60
C THR X 245 -93.29 96.21 -24.37
N SER X 246 -94.13 95.83 -25.35
CA SER X 246 -93.92 94.59 -26.11
C SER X 246 -92.59 94.59 -26.88
N GLN X 247 -91.50 94.35 -26.18
CA GLN X 247 -90.18 94.22 -26.79
C GLN X 247 -89.38 93.11 -26.14
N HIS X 248 -89.73 91.86 -26.47
CA HIS X 248 -89.08 90.72 -25.86
C HIS X 248 -87.62 90.63 -26.29
N THR X 249 -86.73 90.51 -25.31
CA THR X 249 -85.30 90.42 -25.57
C THR X 249 -84.87 88.97 -25.80
N PHE X 250 -83.61 88.78 -26.14
CA PHE X 250 -83.07 87.45 -26.42
C PHE X 250 -81.83 87.17 -25.57
N ALA X 251 -81.48 85.89 -25.42
CA ALA X 251 -80.30 85.50 -24.66
C ALA X 251 -79.90 84.08 -24.99
N THR X 252 -78.72 83.66 -24.52
CA THR X 252 -78.18 82.38 -24.94
C THR X 252 -77.65 81.53 -23.77
N LEU X 253 -77.40 80.25 -24.05
CA LEU X 253 -76.79 79.33 -23.09
C LEU X 253 -75.61 78.60 -23.72
N SER X 254 -74.40 78.86 -23.23
CA SER X 254 -73.21 78.21 -23.77
C SER X 254 -72.87 76.93 -23.01
N ILE X 255 -72.68 75.84 -23.75
CA ILE X 255 -72.23 74.58 -23.15
C ILE X 255 -70.76 74.35 -23.46
N ILE X 256 -69.92 74.50 -22.46
CA ILE X 256 -68.48 74.52 -22.68
C ILE X 256 -67.84 73.16 -22.45
N ASP X 257 -67.05 72.73 -23.42
CA ASP X 257 -66.33 71.47 -23.32
C ASP X 257 -64.84 71.67 -23.56
N LEU X 258 -64.04 70.80 -22.94
CA LEU X 258 -62.59 70.89 -23.01
C LEU X 258 -61.99 69.59 -23.52
N ALA X 259 -60.80 69.70 -24.11
CA ALA X 259 -60.08 68.57 -24.68
C ALA X 259 -59.68 67.53 -23.65
N GLY X 260 -59.26 67.99 -22.48
CA GLY X 260 -58.65 67.11 -21.50
C GLY X 260 -57.14 67.28 -21.52
N SER X 261 -56.52 67.23 -20.36
CA SER X 261 -55.07 67.44 -20.29
C SER X 261 -54.37 66.41 -19.42
N GLU X 262 -53.40 65.73 -20.02
CA GLU X 262 -52.56 64.75 -19.33
C GLU X 262 -51.41 65.41 -18.58
N ARG X 263 -50.68 64.61 -17.81
CA ARG X 263 -49.49 65.09 -17.11
C ARG X 263 -48.56 65.82 -18.07
N ALA X 264 -47.91 66.87 -17.56
CA ALA X 264 -47.04 67.77 -18.34
C ALA X 264 -46.38 67.08 -19.53
N ALA X 265 -45.78 65.91 -19.30
CA ALA X 265 -45.19 65.15 -20.39
C ALA X 265 -45.46 63.67 -20.24
N ALA X 266 -46.11 63.10 -21.25
CA ALA X 266 -46.38 61.68 -21.30
C ALA X 266 -45.19 60.92 -21.88
N THR X 267 -45.19 59.61 -21.67
CA THR X 267 -44.07 58.76 -22.04
C THR X 267 -43.88 58.63 -23.55
N ARG X 268 -44.91 58.98 -24.31
CA ARG X 268 -44.82 58.96 -25.77
C ARG X 268 -45.28 60.28 -26.36
N ASN X 269 -45.09 61.38 -25.63
CA ASN X 269 -45.56 62.66 -26.08
C ASN X 269 -44.65 63.24 -27.18
N ARG X 270 -44.98 62.90 -28.44
CA ARG X 270 -44.18 63.34 -29.58
C ARG X 270 -45.01 64.01 -30.68
N GLY X 271 -44.38 64.97 -31.39
CA GLY X 271 -44.94 65.53 -32.63
C GLY X 271 -46.23 66.30 -32.40
N ILE X 272 -47.29 65.85 -33.06
CA ILE X 272 -48.60 66.48 -32.95
C ILE X 272 -49.16 66.37 -31.54
N ARG X 273 -48.69 65.37 -30.79
CA ARG X 273 -49.15 65.20 -29.43
C ARG X 273 -48.62 66.34 -28.55
N LEU X 274 -47.37 66.73 -28.79
CA LEU X 274 -46.79 67.91 -28.15
C LEU X 274 -47.51 69.17 -28.59
N HIS X 275 -47.80 69.25 -29.88
CA HIS X 275 -48.35 70.45 -30.46
C HIS X 275 -49.77 70.74 -29.97
N GLU X 276 -50.65 69.75 -30.09
CA GLU X 276 -52.00 69.93 -29.62
C GLU X 276 -52.05 70.01 -28.11
N GLY X 277 -51.20 69.23 -27.44
CA GLY X 277 -51.13 69.27 -25.98
C GLY X 277 -50.81 70.68 -25.50
N ALA X 278 -49.87 71.33 -26.17
CA ALA X 278 -49.56 72.72 -25.87
C ALA X 278 -50.76 73.61 -26.11
N ASN X 279 -51.42 73.41 -27.25
CA ASN X 279 -52.57 74.23 -27.61
C ASN X 279 -53.71 74.06 -26.61
N ILE X 280 -53.87 72.84 -26.09
CA ILE X 280 -54.87 72.57 -25.07
C ILE X 280 -54.54 73.30 -23.78
N ASN X 281 -53.30 73.14 -23.33
CA ASN X 281 -52.89 73.74 -22.08
C ASN X 281 -52.88 75.26 -22.15
N ARG X 282 -52.55 75.80 -23.32
CA ARG X 282 -52.62 77.23 -23.54
C ARG X 282 -54.06 77.72 -23.43
N SER X 283 -54.98 76.93 -24.00
CA SER X 283 -56.39 77.27 -23.93
C SER X 283 -56.89 77.21 -22.50
N LEU X 284 -56.44 76.21 -21.75
CA LEU X 284 -56.81 76.08 -20.35
C LEU X 284 -56.24 77.21 -19.53
N LEU X 285 -55.02 77.62 -19.86
CA LEU X 285 -54.40 78.77 -19.24
C LEU X 285 -55.20 80.03 -19.50
N ALA X 286 -55.63 80.20 -20.74
CA ALA X 286 -56.41 81.36 -21.12
C ALA X 286 -57.68 81.45 -20.29
N LEU X 287 -58.34 80.31 -20.08
CA LEU X 287 -59.51 80.27 -19.23
C LEU X 287 -59.15 80.64 -17.81
N GLY X 288 -58.07 80.08 -17.30
CA GLY X 288 -57.60 80.37 -15.96
C GLY X 288 -57.34 81.86 -15.79
N ASN X 289 -56.71 82.46 -16.79
CA ASN X 289 -56.40 83.88 -16.75
C ASN X 289 -57.66 84.72 -16.67
N CYS X 290 -58.63 84.40 -17.53
CA CYS X 290 -59.87 85.17 -17.58
C CYS X 290 -60.72 84.96 -16.34
N ILE X 291 -60.80 83.72 -15.86
CA ILE X 291 -61.57 83.41 -14.68
C ILE X 291 -61.01 84.09 -13.45
N ASN X 292 -59.68 83.98 -13.28
CA ASN X 292 -59.02 84.57 -12.14
C ASN X 292 -59.07 86.08 -12.21
N ALA X 293 -58.87 86.64 -13.39
CA ALA X 293 -58.97 88.08 -13.56
C ALA X 293 -60.38 88.55 -13.24
N LEU X 294 -61.37 87.82 -13.75
CA LEU X 294 -62.77 88.17 -13.52
C LEU X 294 -63.11 88.22 -12.04
N CYS X 295 -62.82 87.13 -11.34
CA CYS X 295 -63.17 87.02 -9.92
C CYS X 295 -62.43 88.04 -9.08
N LEU X 296 -61.13 88.18 -9.31
CA LEU X 296 -60.32 89.11 -8.55
C LEU X 296 -60.73 90.54 -8.84
N ASN X 297 -61.11 90.82 -10.09
CA ASN X 297 -61.50 92.17 -10.47
C ASN X 297 -62.94 92.47 -10.07
N ASP X 298 -63.73 91.42 -9.81
CA ASP X 298 -65.03 91.61 -9.16
C ASP X 298 -64.84 92.02 -7.71
N GLY X 299 -63.77 91.52 -7.08
CA GLY X 299 -63.37 91.99 -5.76
C GLY X 299 -62.87 93.42 -5.81
N SER X 300 -62.26 93.80 -6.94
CA SER X 300 -61.76 95.16 -7.14
C SER X 300 -62.80 96.04 -7.83
N ARG X 301 -62.35 97.13 -8.44
CA ARG X 301 -63.23 98.09 -9.08
C ARG X 301 -63.17 98.03 -10.61
N SER X 302 -61.99 97.70 -11.14
CA SER X 302 -61.79 97.70 -12.59
C SER X 302 -61.52 96.30 -13.11
N CYS X 303 -62.17 95.94 -14.22
CA CYS X 303 -62.11 94.58 -14.74
C CYS X 303 -61.51 94.52 -16.13
N HIS X 304 -60.18 94.49 -16.19
CA HIS X 304 -59.51 94.21 -17.46
C HIS X 304 -59.24 92.73 -17.58
N ILE X 305 -59.94 92.08 -18.49
CA ILE X 305 -59.86 90.63 -18.63
C ILE X 305 -59.29 90.27 -19.99
N PRO X 306 -58.33 89.32 -20.03
CA PRO X 306 -57.52 88.96 -21.19
C PRO X 306 -58.27 88.00 -22.10
N TYR X 307 -59.34 88.51 -22.70
CA TYR X 307 -60.20 87.71 -23.58
C TYR X 307 -59.54 87.37 -24.91
N ARG X 308 -58.37 87.94 -25.16
CA ARG X 308 -57.67 87.71 -26.41
C ARG X 308 -56.62 86.61 -26.29
N ASP X 309 -56.51 85.99 -25.11
CA ASP X 309 -55.58 84.88 -24.94
C ASP X 309 -55.97 83.67 -25.77
N SER X 310 -57.28 83.43 -25.91
CA SER X 310 -57.76 82.35 -26.73
C SER X 310 -59.04 82.71 -27.45
N LYS X 311 -59.31 82.01 -28.54
CA LYS X 311 -60.56 82.16 -29.26
C LYS X 311 -61.73 81.73 -28.40
N LEU X 312 -61.47 80.84 -27.45
CA LEU X 312 -62.49 80.43 -26.50
C LEU X 312 -62.85 81.56 -25.56
N THR X 313 -61.85 82.33 -25.15
CA THR X 313 -62.09 83.45 -24.26
C THR X 313 -62.77 84.60 -25.01
N ARG X 314 -62.55 84.68 -26.32
CA ARG X 314 -63.35 85.56 -27.16
C ARG X 314 -64.79 85.04 -27.23
N LEU X 315 -64.93 83.74 -27.41
CA LEU X 315 -66.24 83.09 -27.48
C LEU X 315 -67.01 83.26 -26.19
N LEU X 316 -66.29 83.27 -25.08
CA LEU X 316 -66.90 83.42 -23.77
C LEU X 316 -66.73 84.84 -23.24
N LYS X 317 -66.47 85.78 -24.14
CA LYS X 317 -66.23 87.17 -23.77
C LYS X 317 -67.30 87.73 -22.86
N PHE X 318 -68.54 87.33 -23.08
CA PHE X 318 -69.64 87.81 -22.26
C PHE X 318 -70.31 86.69 -21.49
N SER X 319 -70.33 85.49 -22.09
CA SER X 319 -70.84 84.31 -21.38
C SER X 319 -70.10 84.12 -20.05
N LEU X 320 -68.79 84.37 -20.06
CA LEU X 320 -68.01 84.43 -18.82
C LEU X 320 -67.46 85.83 -18.60
N GLY X 321 -68.23 86.69 -17.93
CA GLY X 321 -67.71 87.99 -17.55
C GLY X 321 -68.76 89.07 -17.45
N GLY X 322 -69.84 88.94 -18.22
CA GLY X 322 -70.87 89.96 -18.25
C GLY X 322 -71.78 89.84 -17.03
N ASN X 323 -72.91 90.54 -17.07
CA ASN X 323 -73.87 90.49 -15.98
C ASN X 323 -74.63 89.17 -16.01
N CYS X 324 -73.96 88.10 -15.61
CA CYS X 324 -74.49 86.77 -15.79
C CYS X 324 -73.94 85.79 -14.79
N LYS X 325 -74.47 84.57 -14.81
CA LYS X 325 -74.10 83.54 -13.85
C LYS X 325 -73.68 82.26 -14.55
N THR X 326 -72.81 81.50 -13.90
CA THR X 326 -72.32 80.24 -14.43
C THR X 326 -71.89 79.29 -13.35
N VAL X 327 -71.83 78.00 -13.70
CA VAL X 327 -71.34 76.98 -12.80
C VAL X 327 -70.11 76.29 -13.36
N MET X 328 -69.06 76.24 -12.54
CA MET X 328 -67.86 75.50 -12.85
C MET X 328 -68.03 74.04 -12.48
N ILE X 329 -67.73 73.15 -13.41
CA ILE X 329 -67.82 71.72 -13.12
C ILE X 329 -66.46 71.06 -13.24
N VAL X 330 -66.06 70.34 -12.20
CA VAL X 330 -64.78 69.65 -12.24
C VAL X 330 -64.95 68.17 -11.97
N CYS X 331 -64.34 67.35 -12.82
CA CYS X 331 -64.37 65.90 -12.64
C CYS X 331 -63.17 65.44 -11.84
N ILE X 332 -63.44 64.67 -10.80
CA ILE X 332 -62.42 64.27 -9.83
C ILE X 332 -62.18 62.76 -9.81
N SER X 333 -60.91 62.36 -9.73
CA SER X 333 -60.55 60.95 -9.58
C SER X 333 -60.08 60.65 -8.16
N PRO X 334 -60.55 59.53 -7.60
CA PRO X 334 -60.15 59.09 -6.25
C PRO X 334 -58.88 58.25 -6.25
N SER X 335 -58.32 58.00 -7.43
CA SER X 335 -57.12 57.18 -7.53
C SER X 335 -55.86 58.00 -7.33
N SER X 336 -54.87 57.41 -6.66
CA SER X 336 -53.58 58.03 -6.47
C SER X 336 -52.77 58.07 -7.78
N SER X 337 -53.24 57.33 -8.78
CA SER X 337 -52.67 57.42 -10.12
C SER X 337 -52.97 58.78 -10.76
N HIS X 338 -53.94 59.49 -10.20
CA HIS X 338 -54.25 60.84 -10.62
C HIS X 338 -53.99 61.82 -9.47
N TYR X 339 -53.09 61.45 -8.56
CA TYR X 339 -52.82 62.22 -7.35
C TYR X 339 -52.47 63.65 -7.66
N ASP X 340 -51.50 63.85 -8.54
CA ASP X 340 -51.05 65.18 -8.87
C ASP X 340 -52.07 65.93 -9.70
N GLU X 341 -52.62 65.24 -10.68
CA GLU X 341 -53.57 65.85 -11.60
C GLU X 341 -54.81 66.30 -10.87
N THR X 342 -55.39 65.40 -10.09
CA THR X 342 -56.60 65.70 -9.34
C THR X 342 -56.37 66.79 -8.33
N LEU X 343 -55.28 66.69 -7.57
CA LEU X 343 -54.96 67.68 -6.57
C LEU X 343 -54.78 69.06 -7.17
N ASN X 344 -54.06 69.13 -8.27
CA ASN X 344 -53.80 70.41 -8.92
C ASN X 344 -55.07 71.02 -9.51
N THR X 345 -55.92 70.19 -10.10
CA THR X 345 -57.18 70.66 -10.66
C THR X 345 -58.18 71.05 -9.56
N LEU X 346 -58.07 70.43 -8.39
CA LEU X 346 -58.84 70.85 -7.22
C LEU X 346 -58.44 72.24 -6.76
N LYS X 347 -57.13 72.49 -6.69
CA LYS X 347 -56.64 73.80 -6.32
C LYS X 347 -57.07 74.85 -7.34
N TYR X 348 -57.02 74.47 -8.62
CA TYR X 348 -57.49 75.34 -9.69
C TYR X 348 -58.91 75.78 -9.46
N ALA X 349 -59.79 74.82 -9.18
CA ALA X 349 -61.20 75.10 -8.94
C ALA X 349 -61.38 76.04 -7.76
N ASN X 350 -60.59 75.83 -6.70
CA ASN X 350 -60.66 76.66 -5.52
C ASN X 350 -60.17 78.09 -5.81
N ARG X 351 -59.14 78.20 -6.65
CA ARG X 351 -58.65 79.52 -7.07
C ARG X 351 -59.70 80.23 -7.93
N ALA X 352 -60.36 79.46 -8.78
CA ALA X 352 -61.44 79.97 -9.61
C ALA X 352 -62.59 80.46 -8.74
N LYS X 353 -62.86 79.73 -7.66
CA LYS X 353 -63.89 80.11 -6.69
C LYS X 353 -63.59 81.46 -6.06
N GLU X 354 -62.34 81.65 -5.66
CA GLU X 354 -61.90 82.89 -5.05
C GLU X 354 -61.22 83.81 -6.07
N ARG Y 2 53.84 -31.84 120.54
CA ARG Y 2 54.08 -30.45 120.92
C ARG Y 2 53.92 -29.50 119.75
N GLU Y 3 53.22 -29.94 118.70
CA GLU Y 3 53.12 -29.19 117.45
C GLU Y 3 51.80 -28.44 117.34
N CYS Y 4 51.75 -27.42 116.48
CA CYS Y 4 50.53 -26.62 116.34
C CYS Y 4 50.28 -26.17 114.90
N ILE Y 5 49.05 -25.71 114.64
CA ILE Y 5 48.65 -25.28 113.30
C ILE Y 5 48.11 -23.84 113.32
N SER Y 6 48.63 -23.01 112.42
CA SER Y 6 48.22 -21.61 112.36
C SER Y 6 47.21 -21.36 111.24
N ILE Y 7 46.25 -20.47 111.49
CA ILE Y 7 45.21 -20.18 110.51
C ILE Y 7 45.05 -18.67 110.29
N HIS Y 8 44.96 -18.27 109.03
CA HIS Y 8 44.92 -16.86 108.67
C HIS Y 8 43.74 -16.55 107.74
N VAL Y 9 42.94 -15.53 108.09
CA VAL Y 9 41.75 -15.21 107.29
C VAL Y 9 41.66 -13.73 106.88
N GLY Y 10 40.90 -13.47 105.79
CA GLY Y 10 40.74 -12.11 105.23
C GLY Y 10 42.08 -11.56 104.79
N GLN Y 11 42.29 -10.28 105.04
CA GLN Y 11 43.57 -9.64 104.77
C GLN Y 11 44.40 -9.51 106.05
N ALA Y 12 43.75 -9.10 107.13
CA ALA Y 12 44.43 -8.84 108.41
C ALA Y 12 45.12 -10.08 108.94
N GLY Y 13 44.41 -11.20 108.91
CA GLY Y 13 44.97 -12.43 109.44
C GLY Y 13 46.22 -12.82 108.67
N VAL Y 14 46.19 -12.57 107.38
CA VAL Y 14 47.29 -12.90 106.50
C VAL Y 14 48.48 -11.99 106.74
N GLN Y 15 48.23 -10.68 106.82
CA GLN Y 15 49.29 -9.71 107.03
C GLN Y 15 49.96 -9.91 108.37
N ILE Y 16 49.17 -10.21 109.39
CA ILE Y 16 49.72 -10.55 110.69
C ILE Y 16 50.55 -11.81 110.59
N GLY Y 17 50.03 -12.79 109.87
CA GLY Y 17 50.74 -14.03 109.63
C GLY Y 17 52.09 -13.80 109.01
N ASN Y 18 52.15 -12.87 108.05
CA ASN Y 18 53.40 -12.57 107.40
C ASN Y 18 54.46 -12.20 108.42
N ALA Y 19 54.10 -11.34 109.36
CA ALA Y 19 55.01 -10.95 110.42
C ALA Y 19 55.41 -12.13 111.28
N CYS Y 20 54.44 -12.97 111.62
CA CYS Y 20 54.68 -14.12 112.48
C CYS Y 20 55.67 -15.09 111.85
N TRP Y 21 55.46 -15.41 110.59
CA TRP Y 21 56.28 -16.40 109.93
C TRP Y 21 57.64 -15.84 109.55
N GLU Y 22 57.72 -14.52 109.39
CA GLU Y 22 59.01 -13.87 109.28
C GLU Y 22 59.81 -14.06 110.56
N LEU Y 23 59.16 -13.86 111.70
CA LEU Y 23 59.82 -14.03 112.99
C LEU Y 23 60.30 -15.44 113.18
N TYR Y 24 59.46 -16.42 112.87
CA TYR Y 24 59.81 -17.80 113.07
C TYR Y 24 60.99 -18.18 112.20
N CYS Y 25 61.03 -17.67 110.99
CA CYS Y 25 62.17 -17.86 110.11
C CYS Y 25 63.42 -17.28 110.72
N LEU Y 26 63.32 -16.07 111.24
CA LEU Y 26 64.46 -15.41 111.87
C LEU Y 26 64.96 -16.20 113.06
N GLU Y 27 64.02 -16.75 113.82
CA GLU Y 27 64.35 -17.51 115.02
C GLU Y 27 65.07 -18.80 114.70
N HIS Y 28 64.65 -19.47 113.64
CA HIS Y 28 65.20 -20.78 113.32
C HIS Y 28 66.21 -20.72 112.18
N GLY Y 29 66.41 -19.53 111.62
CA GLY Y 29 67.40 -19.34 110.57
C GLY Y 29 66.89 -19.85 109.22
N ILE Y 30 65.57 -19.97 109.12
CA ILE Y 30 64.94 -20.54 107.94
C ILE Y 30 64.82 -19.52 106.83
N GLN Y 31 65.19 -19.93 105.63
CA GLN Y 31 65.24 -19.03 104.50
C GLN Y 31 63.87 -18.90 103.84
N PRO Y 32 63.77 -17.98 102.88
CA PRO Y 32 62.52 -17.65 102.21
C PRO Y 32 61.99 -18.79 101.35
N ASP Y 33 62.85 -19.74 101.00
CA ASP Y 33 62.41 -20.93 100.29
C ASP Y 33 62.23 -22.12 101.22
N GLY Y 34 62.26 -21.87 102.53
CA GLY Y 34 62.05 -22.92 103.52
C GLY Y 34 63.34 -23.58 103.97
N GLN Y 35 64.43 -23.31 103.26
CA GLN Y 35 65.70 -23.98 103.54
C GLN Y 35 66.24 -23.57 104.89
N MET Y 36 66.61 -24.56 105.70
CA MET Y 36 67.34 -24.28 106.92
C MET Y 36 68.83 -24.51 106.71
N PRO Y 37 69.64 -23.54 107.08
CA PRO Y 37 71.10 -23.72 107.10
C PRO Y 37 71.65 -23.56 108.51
N PHE Y 49 61.70 -26.62 116.15
CA PHE Y 49 61.19 -25.87 115.01
C PHE Y 49 60.08 -26.63 114.32
N ASN Y 50 60.02 -27.93 114.58
CA ASN Y 50 59.09 -28.81 113.89
C ASN Y 50 57.64 -28.57 114.29
N THR Y 51 57.43 -27.72 115.29
CA THR Y 51 56.10 -27.40 115.75
C THR Y 51 55.47 -26.31 114.91
N PHE Y 52 56.29 -25.66 114.10
CA PHE Y 52 55.80 -24.66 113.16
C PHE Y 52 56.10 -25.07 111.73
N PHE Y 53 57.19 -25.79 111.54
CA PHE Y 53 57.57 -26.19 110.20
C PHE Y 53 57.61 -27.69 110.05
N SER Y 54 56.86 -28.21 109.09
CA SER Y 54 56.90 -29.61 108.77
C SER Y 54 58.26 -29.97 108.23
N GLU Y 55 58.83 -31.04 108.76
CA GLU Y 55 60.17 -31.44 108.38
C GLU Y 55 60.23 -31.88 106.93
N THR Y 56 61.17 -31.31 106.18
CA THR Y 56 61.37 -31.67 104.79
C THR Y 56 62.75 -32.27 104.59
N GLY Y 57 62.80 -33.39 103.89
CA GLY Y 57 64.05 -34.14 103.69
C GLY Y 57 65.11 -33.32 102.94
N ALA Y 58 64.66 -32.42 102.06
CA ALA Y 58 65.56 -31.54 101.32
C ALA Y 58 66.08 -30.39 102.19
N GLY Y 59 65.49 -30.23 103.38
CA GLY Y 59 65.87 -29.14 104.28
C GLY Y 59 64.91 -27.97 104.19
N LYS Y 60 64.00 -28.03 103.21
CA LYS Y 60 63.07 -26.94 102.97
C LYS Y 60 61.82 -27.09 103.80
N HIS Y 61 61.93 -26.77 105.09
CA HIS Y 61 60.84 -26.99 106.02
C HIS Y 61 59.70 -26.01 105.77
N VAL Y 62 58.47 -26.52 105.84
CA VAL Y 62 57.32 -25.74 105.39
C VAL Y 62 56.33 -25.46 106.51
N PRO Y 63 55.79 -24.26 106.56
CA PRO Y 63 54.93 -23.74 107.61
C PRO Y 63 53.67 -24.54 107.76
N ARG Y 64 53.31 -24.84 108.99
CA ARG Y 64 52.04 -25.48 109.30
C ARG Y 64 50.95 -24.44 109.37
N ALA Y 65 50.47 -23.99 108.21
CA ALA Y 65 49.55 -22.86 108.19
C ALA Y 65 48.50 -23.00 107.09
N VAL Y 66 47.32 -22.44 107.37
CA VAL Y 66 46.26 -22.34 106.37
C VAL Y 66 45.91 -20.88 106.12
N PHE Y 67 46.00 -20.46 104.86
CA PHE Y 67 45.67 -19.09 104.50
C PHE Y 67 44.37 -19.04 103.73
N VAL Y 68 43.45 -18.21 104.19
CA VAL Y 68 42.16 -18.07 103.54
C VAL Y 68 41.84 -16.62 103.21
N ASP Y 69 41.51 -16.37 101.94
CA ASP Y 69 40.93 -15.09 101.56
C ASP Y 69 40.04 -15.23 100.35
N LEU Y 70 38.79 -14.83 100.52
CA LEU Y 70 37.77 -14.98 99.50
C LEU Y 70 38.01 -14.06 98.28
N GLU Y 71 38.95 -13.13 98.42
CA GLU Y 71 39.50 -12.42 97.27
C GLU Y 71 41.02 -12.44 97.31
N PRO Y 72 41.62 -13.29 96.49
CA PRO Y 72 43.02 -13.71 96.57
C PRO Y 72 44.03 -12.58 96.77
N THR Y 73 43.69 -11.36 96.35
CA THR Y 73 44.52 -10.16 96.52
C THR Y 73 45.69 -10.32 97.51
N VAL Y 74 45.41 -10.30 98.82
CA VAL Y 74 46.49 -10.35 99.81
C VAL Y 74 47.29 -11.64 99.72
N ILE Y 75 46.64 -12.71 99.30
CA ILE Y 75 47.31 -13.98 99.11
C ILE Y 75 48.19 -13.92 97.88
N ASP Y 76 47.73 -13.20 96.87
CA ASP Y 76 48.52 -12.98 95.67
C ASP Y 76 49.78 -12.20 96.00
N GLU Y 77 49.66 -11.28 96.96
CA GLU Y 77 50.83 -10.57 97.45
C GLU Y 77 51.84 -11.55 98.03
N VAL Y 78 51.33 -12.53 98.77
CA VAL Y 78 52.17 -13.60 99.30
C VAL Y 78 52.70 -14.49 98.19
N ARG Y 79 51.84 -14.83 97.23
CA ARG Y 79 52.20 -15.72 96.13
C ARG Y 79 53.28 -15.12 95.24
N THR Y 80 53.28 -13.80 95.13
CA THR Y 80 54.23 -13.11 94.27
C THR Y 80 55.37 -12.50 95.03
N GLY Y 81 55.19 -12.29 96.33
CA GLY Y 81 56.21 -11.66 97.14
C GLY Y 81 57.14 -12.68 97.78
N THR Y 82 57.93 -12.22 98.74
CA THR Y 82 58.88 -13.07 99.44
C THR Y 82 58.13 -14.06 100.30
N TYR Y 83 58.69 -15.27 100.40
CA TYR Y 83 58.09 -16.38 101.14
C TYR Y 83 56.98 -17.08 100.36
N ARG Y 84 56.86 -16.75 99.08
CA ARG Y 84 56.06 -17.57 98.18
C ARG Y 84 56.69 -18.95 98.04
N GLN Y 85 58.00 -19.00 98.22
CA GLN Y 85 58.73 -20.25 98.15
C GLN Y 85 58.69 -20.97 99.49
N LEU Y 86 58.48 -20.22 100.57
CA LEU Y 86 58.35 -20.79 101.90
C LEU Y 86 57.07 -21.60 102.07
N PHE Y 87 55.96 -20.96 101.74
CA PHE Y 87 54.65 -21.58 101.96
C PHE Y 87 54.32 -22.58 100.88
N HIS Y 88 53.57 -23.62 101.23
CA HIS Y 88 53.11 -24.58 100.24
C HIS Y 88 51.91 -24.02 99.50
N PRO Y 89 51.83 -24.26 98.19
CA PRO Y 89 50.79 -23.72 97.36
C PRO Y 89 49.41 -24.23 97.74
N GLU Y 90 49.37 -25.45 98.29
CA GLU Y 90 48.12 -26.06 98.73
C GLU Y 90 47.49 -25.30 99.90
N GLN Y 91 48.31 -24.55 100.62
CA GLN Y 91 47.88 -23.85 101.82
C GLN Y 91 47.24 -22.52 101.50
N LEU Y 92 47.50 -22.01 100.30
CA LEU Y 92 47.07 -20.68 99.93
C LEU Y 92 45.68 -20.71 99.33
N ILE Y 93 44.68 -20.87 100.19
CA ILE Y 93 43.30 -21.02 99.76
C ILE Y 93 42.65 -19.68 99.48
N THR Y 94 42.10 -19.54 98.29
CA THR Y 94 41.44 -18.30 97.92
C THR Y 94 40.09 -18.54 97.27
N GLY Y 95 39.26 -17.51 97.31
CA GLY Y 95 37.97 -17.54 96.64
C GLY Y 95 37.99 -16.71 95.37
N LYS Y 96 36.80 -16.33 94.92
CA LYS Y 96 36.68 -15.47 93.74
C LYS Y 96 36.02 -14.15 94.11
N GLU Y 97 34.92 -14.23 94.83
CA GLU Y 97 34.20 -13.05 95.30
C GLU Y 97 34.33 -12.91 96.80
N ASP Y 98 34.65 -11.71 97.26
CA ASP Y 98 34.90 -11.47 98.67
C ASP Y 98 33.59 -11.37 99.46
N ALA Y 99 33.68 -11.53 100.79
CA ALA Y 99 32.51 -11.40 101.67
C ALA Y 99 32.09 -9.95 101.80
N ALA Y 100 33.07 -9.06 101.68
CA ALA Y 100 32.83 -7.62 101.68
C ALA Y 100 32.20 -7.10 102.96
N ASN Y 101 32.89 -7.34 104.08
CA ASN Y 101 32.48 -6.76 105.36
C ASN Y 101 31.08 -7.21 105.75
N ASN Y 102 30.76 -8.45 105.41
CA ASN Y 102 29.46 -8.98 105.75
C ASN Y 102 29.60 -10.34 106.39
N TYR Y 103 29.49 -10.36 107.72
CA TYR Y 103 29.59 -11.59 108.48
C TYR Y 103 28.73 -12.69 107.90
N ALA Y 104 27.54 -12.34 107.45
CA ALA Y 104 26.59 -13.35 107.03
C ALA Y 104 27.06 -14.03 105.75
N ARG Y 105 27.62 -13.26 104.83
CA ARG Y 105 28.15 -13.79 103.59
C ARG Y 105 29.39 -14.64 103.81
N GLY Y 106 30.24 -14.19 104.73
CA GLY Y 106 31.41 -14.96 105.10
C GLY Y 106 31.01 -16.22 105.85
N HIS Y 107 29.95 -16.13 106.64
CA HIS Y 107 29.44 -17.26 107.38
C HIS Y 107 28.78 -18.27 106.46
N TYR Y 108 28.09 -17.79 105.43
CA TYR Y 108 27.27 -18.68 104.63
C TYR Y 108 27.62 -18.67 103.14
N THR Y 109 26.90 -17.87 102.35
CA THR Y 109 26.94 -18.03 100.89
C THR Y 109 28.33 -18.14 100.30
N ILE Y 110 29.24 -17.29 100.73
CA ILE Y 110 30.53 -17.27 100.09
C ILE Y 110 31.49 -18.22 100.79
N GLY Y 111 31.60 -18.10 102.12
CA GLY Y 111 32.56 -18.89 102.89
C GLY Y 111 32.34 -20.39 102.77
N LYS Y 112 31.08 -20.81 102.75
CA LYS Y 112 30.74 -22.23 102.73
C LYS Y 112 31.20 -22.93 101.46
N GLU Y 113 31.56 -22.15 100.44
CA GLU Y 113 31.98 -22.73 99.18
C GLU Y 113 33.41 -23.22 99.22
N ILE Y 114 34.19 -22.75 100.19
CA ILE Y 114 35.57 -23.18 100.30
C ILE Y 114 35.85 -23.88 101.61
N ILE Y 115 34.92 -23.80 102.55
CA ILE Y 115 35.13 -24.38 103.88
C ILE Y 115 35.45 -25.86 103.82
N ASP Y 116 34.92 -26.55 102.82
CA ASP Y 116 35.20 -27.96 102.65
C ASP Y 116 36.67 -28.17 102.34
N LEU Y 117 37.20 -27.38 101.41
CA LEU Y 117 38.61 -27.42 101.07
C LEU Y 117 39.47 -27.07 102.27
N VAL Y 118 39.05 -26.04 103.00
CA VAL Y 118 39.79 -25.58 104.16
C VAL Y 118 39.94 -26.68 105.19
N LEU Y 119 38.84 -27.35 105.49
CA LEU Y 119 38.84 -28.42 106.46
C LEU Y 119 39.67 -29.60 105.98
N ASP Y 120 39.64 -29.85 104.67
CA ASP Y 120 40.44 -30.92 104.10
C ASP Y 120 41.92 -30.64 104.23
N ARG Y 121 42.31 -29.38 104.01
CA ARG Y 121 43.71 -28.99 104.16
C ARG Y 121 44.14 -29.09 105.60
N ILE Y 122 43.24 -28.70 106.52
CA ILE Y 122 43.51 -28.83 107.93
C ILE Y 122 43.70 -30.29 108.32
N ARG Y 123 42.82 -31.14 107.81
CA ARG Y 123 42.89 -32.57 108.09
C ARG Y 123 44.23 -33.14 107.68
N LYS Y 124 44.68 -32.79 106.47
CA LYS Y 124 45.98 -33.22 106.02
C LYS Y 124 47.08 -32.81 106.98
N LEU Y 125 47.05 -31.55 107.41
CA LEU Y 125 48.03 -31.06 108.36
C LEU Y 125 47.95 -31.81 109.67
N ALA Y 126 46.73 -32.08 110.14
CA ALA Y 126 46.51 -32.78 111.38
C ALA Y 126 46.92 -34.24 111.29
N ASP Y 127 46.78 -34.82 110.10
CA ASP Y 127 47.23 -36.19 109.88
C ASP Y 127 48.74 -36.27 109.85
N GLN Y 128 49.39 -35.24 109.32
CA GLN Y 128 50.84 -35.14 109.35
C GLN Y 128 51.34 -34.92 110.76
N CYS Y 129 50.63 -34.06 111.50
CA CYS Y 129 51.01 -33.71 112.86
C CYS Y 129 50.80 -34.85 113.83
N THR Y 130 51.87 -35.23 114.53
CA THR Y 130 51.77 -36.21 115.59
C THR Y 130 51.11 -35.62 116.85
N GLY Y 131 51.92 -35.02 117.71
CA GLY Y 131 51.44 -34.46 118.97
C GLY Y 131 50.82 -33.07 118.79
N LEU Y 132 49.65 -33.03 118.17
CA LEU Y 132 48.96 -31.77 117.99
C LEU Y 132 48.47 -31.20 119.32
N GLN Y 133 48.93 -30.00 119.65
CA GLN Y 133 48.46 -29.33 120.84
C GLN Y 133 47.21 -28.53 120.57
N GLY Y 134 47.20 -27.81 119.46
CA GLY Y 134 46.09 -26.95 119.14
C GLY Y 134 46.34 -26.04 117.95
N PHE Y 135 45.49 -25.03 117.81
CA PHE Y 135 45.48 -24.14 116.66
C PHE Y 135 45.66 -22.69 117.09
N SER Y 136 46.12 -21.86 116.16
CA SER Y 136 46.26 -20.43 116.41
C SER Y 136 45.66 -19.62 115.27
N VAL Y 137 44.50 -19.04 115.51
CA VAL Y 137 43.74 -18.36 114.48
C VAL Y 137 43.96 -16.86 114.50
N PHE Y 138 44.28 -16.29 113.35
CA PHE Y 138 44.47 -14.85 113.24
C PHE Y 138 43.38 -14.22 112.40
N HIS Y 139 42.57 -13.38 113.04
CA HIS Y 139 41.41 -12.83 112.37
C HIS Y 139 41.05 -11.46 112.92
N SER Y 140 40.07 -10.83 112.29
CA SER Y 140 39.57 -9.55 112.76
C SER Y 140 38.11 -9.67 113.17
N PHE Y 141 37.47 -8.54 113.40
CA PHE Y 141 36.03 -8.49 113.60
C PHE Y 141 35.39 -7.62 112.54
N GLY Y 142 36.21 -6.88 111.80
CA GLY Y 142 35.71 -5.92 110.83
C GLY Y 142 35.16 -6.59 109.59
N GLY Y 143 36.02 -7.31 108.89
CA GLY Y 143 35.63 -7.92 107.63
C GLY Y 143 34.80 -9.17 107.86
N GLY Y 144 34.01 -9.53 106.86
CA GLY Y 144 33.19 -10.73 106.93
C GLY Y 144 34.01 -11.97 106.65
N THR Y 145 35.02 -11.80 105.80
CA THR Y 145 35.93 -12.88 105.46
C THR Y 145 36.78 -13.27 106.64
N GLY Y 146 36.96 -12.35 107.56
CA GLY Y 146 37.61 -12.67 108.81
C GLY Y 146 36.58 -13.11 109.83
N SER Y 147 35.62 -12.24 110.09
CA SER Y 147 34.64 -12.46 111.15
C SER Y 147 33.71 -13.64 110.86
N GLY Y 148 33.00 -13.56 109.73
CA GLY Y 148 31.99 -14.56 109.38
C GLY Y 148 32.61 -15.89 109.06
N PHE Y 149 33.64 -15.88 108.24
CA PHE Y 149 34.29 -17.12 107.86
C PHE Y 149 34.87 -17.82 109.06
N THR Y 150 35.52 -17.06 109.95
CA THR Y 150 36.09 -17.66 111.15
C THR Y 150 35.01 -18.32 111.97
N SER Y 151 33.87 -17.66 112.09
CA SER Y 151 32.76 -18.25 112.82
C SER Y 151 32.37 -19.61 112.26
N LEU Y 152 32.27 -19.69 110.94
CA LEU Y 152 32.00 -20.95 110.26
C LEU Y 152 33.09 -21.98 110.55
N LEU Y 153 34.34 -21.58 110.34
CA LEU Y 153 35.46 -22.49 110.49
C LEU Y 153 35.61 -23.01 111.90
N MET Y 154 35.49 -22.13 112.88
CA MET Y 154 35.67 -22.52 114.27
C MET Y 154 34.65 -23.53 114.70
N GLU Y 155 33.43 -23.38 114.23
CA GLU Y 155 32.40 -24.37 114.50
C GLU Y 155 32.78 -25.72 113.93
N ARG Y 156 33.21 -25.73 112.67
CA ARG Y 156 33.58 -26.96 111.99
C ARG Y 156 34.80 -27.60 112.63
N LEU Y 157 35.78 -26.78 112.97
CA LEU Y 157 37.02 -27.23 113.55
C LEU Y 157 36.78 -27.80 114.93
N SER Y 158 35.90 -27.15 115.69
CA SER Y 158 35.52 -27.58 117.02
C SER Y 158 34.92 -28.98 117.01
N VAL Y 159 34.08 -29.25 116.01
CA VAL Y 159 33.51 -30.57 115.84
C VAL Y 159 34.58 -31.63 115.60
N ASP Y 160 35.50 -31.34 114.70
CA ASP Y 160 36.53 -32.30 114.34
C ASP Y 160 37.55 -32.51 115.45
N TYR Y 161 37.94 -31.43 116.12
CA TYR Y 161 38.97 -31.52 117.14
C TYR Y 161 38.50 -30.94 118.47
N GLY Y 162 37.54 -31.61 119.10
CA GLY Y 162 37.02 -31.18 120.39
C GLY Y 162 38.07 -31.27 121.51
N LYS Y 163 39.12 -32.06 121.27
CA LYS Y 163 40.14 -32.27 122.29
C LYS Y 163 41.38 -31.40 122.06
N LYS Y 164 41.36 -30.54 121.05
CA LYS Y 164 42.53 -29.72 120.76
C LYS Y 164 42.30 -28.26 121.12
N SER Y 165 43.36 -27.59 121.56
CA SER Y 165 43.25 -26.21 122.03
C SER Y 165 43.10 -25.24 120.87
N LYS Y 166 42.13 -24.35 120.98
CA LYS Y 166 41.88 -23.37 119.94
C LYS Y 166 42.12 -21.95 120.42
N LEU Y 167 43.24 -21.38 119.99
CA LEU Y 167 43.58 -20.00 120.30
C LEU Y 167 43.08 -19.07 119.21
N GLU Y 168 42.52 -17.94 119.62
CA GLU Y 168 42.08 -16.94 118.65
C GLU Y 168 42.69 -15.60 118.95
N PHE Y 169 43.50 -15.11 118.03
CA PHE Y 169 44.09 -13.80 118.14
C PHE Y 169 43.36 -12.83 117.24
N SER Y 170 42.52 -12.00 117.86
CA SER Y 170 41.61 -11.17 117.10
C SER Y 170 41.98 -9.71 117.17
N ILE Y 171 41.68 -8.98 116.09
CA ILE Y 171 41.84 -7.54 116.10
C ILE Y 171 40.54 -6.86 116.50
N TYR Y 172 40.52 -6.40 117.74
CA TYR Y 172 39.33 -5.84 118.36
C TYR Y 172 38.90 -4.53 117.68
N PRO Y 173 37.68 -4.48 117.13
CA PRO Y 173 37.05 -3.23 116.72
C PRO Y 173 37.34 -2.12 117.73
N ALA Y 174 38.28 -1.25 117.39
CA ALA Y 174 38.72 -0.21 118.31
C ALA Y 174 37.57 0.74 118.66
N PRO Y 175 37.55 1.21 119.92
CA PRO Y 175 36.48 2.07 120.40
C PRO Y 175 36.58 3.48 119.84
N GLN Y 176 37.79 3.97 119.67
CA GLN Y 176 37.96 5.34 119.21
C GLN Y 176 37.75 5.48 117.70
N VAL Y 177 38.40 4.62 116.94
CA VAL Y 177 38.42 4.77 115.49
C VAL Y 177 38.38 3.43 114.78
N SER Y 178 37.76 3.40 113.62
CA SER Y 178 37.71 2.19 112.83
C SER Y 178 37.72 2.52 111.35
N THR Y 179 37.55 1.51 110.50
CA THR Y 179 37.67 1.74 109.07
C THR Y 179 36.42 1.32 108.32
N ALA Y 180 35.61 0.45 108.92
CA ALA Y 180 34.32 0.09 108.36
C ALA Y 180 33.22 0.52 109.30
N VAL Y 181 32.03 0.76 108.77
CA VAL Y 181 30.97 1.32 109.57
C VAL Y 181 30.01 0.25 110.06
N VAL Y 182 30.15 -0.97 109.54
CA VAL Y 182 29.30 -2.08 109.93
C VAL Y 182 30.04 -3.07 110.80
N GLU Y 183 31.11 -2.60 111.44
CA GLU Y 183 31.91 -3.45 112.30
C GLU Y 183 31.13 -4.00 113.50
N PRO Y 184 30.51 -3.13 114.34
CA PRO Y 184 29.63 -3.51 115.45
C PRO Y 184 28.83 -4.77 115.16
N TYR Y 185 28.24 -4.86 113.98
CA TYR Y 185 27.45 -6.02 113.59
C TYR Y 185 28.31 -7.26 113.48
N ASN Y 186 29.39 -7.16 112.74
CA ASN Y 186 30.24 -8.32 112.51
C ASN Y 186 30.90 -8.77 113.81
N SER Y 187 31.23 -7.80 114.66
CA SER Y 187 31.84 -8.07 115.94
C SER Y 187 30.91 -8.81 116.88
N ILE Y 188 29.67 -8.34 116.99
CA ILE Y 188 28.74 -8.91 117.94
C ILE Y 188 28.29 -10.29 117.49
N LEU Y 189 28.23 -10.51 116.20
CA LEU Y 189 27.89 -11.82 115.66
C LEU Y 189 29.01 -12.82 115.91
N THR Y 190 30.24 -12.36 115.85
CA THR Y 190 31.38 -13.23 116.11
C THR Y 190 31.40 -13.70 117.56
N THR Y 191 31.10 -12.79 118.47
CA THR Y 191 31.24 -13.03 119.90
C THR Y 191 30.65 -14.34 120.36
N HIS Y 192 29.43 -14.64 119.94
CA HIS Y 192 28.74 -15.83 120.44
C HIS Y 192 29.29 -17.12 119.85
N THR Y 193 30.15 -17.02 118.85
CA THR Y 193 30.85 -18.19 118.32
C THR Y 193 32.16 -18.40 119.05
N THR Y 194 32.93 -17.33 119.17
CA THR Y 194 34.21 -17.38 119.87
C THR Y 194 34.04 -17.82 121.31
N LEU Y 195 33.11 -17.19 122.01
CA LEU Y 195 32.83 -17.54 123.39
C LEU Y 195 32.40 -18.99 123.52
N GLU Y 196 31.71 -19.50 122.51
CA GLU Y 196 31.23 -20.87 122.49
C GLU Y 196 32.33 -21.89 122.20
N HIS Y 197 33.11 -21.65 121.15
CA HIS Y 197 33.97 -22.69 120.61
C HIS Y 197 35.45 -22.51 120.95
N SER Y 198 35.88 -21.28 121.24
CA SER Y 198 37.31 -21.05 121.48
C SER Y 198 37.72 -21.53 122.86
N ASP Y 199 39.01 -21.79 123.02
CA ASP Y 199 39.56 -22.14 124.31
C ASP Y 199 40.24 -20.95 124.97
N CYS Y 200 40.79 -20.07 124.13
CA CYS Y 200 41.35 -18.83 124.64
C CYS Y 200 41.45 -17.78 123.55
N ALA Y 201 40.88 -16.61 123.81
CA ALA Y 201 40.86 -15.55 122.82
C ALA Y 201 41.63 -14.33 123.29
N PHE Y 202 42.23 -13.62 122.34
CA PHE Y 202 42.93 -12.40 122.62
C PHE Y 202 42.33 -11.26 121.83
N MET Y 203 42.22 -10.09 122.45
CA MET Y 203 41.65 -8.94 121.77
C MET Y 203 42.65 -7.80 121.72
N VAL Y 204 42.95 -7.34 120.51
CA VAL Y 204 43.96 -6.32 120.32
C VAL Y 204 43.41 -5.10 119.62
N ASP Y 205 43.71 -3.93 120.16
CA ASP Y 205 43.25 -2.68 119.58
C ASP Y 205 44.36 -1.97 118.80
N ASN Y 206 44.16 -1.81 117.50
CA ASN Y 206 45.13 -1.15 116.64
C ASN Y 206 45.50 0.23 117.15
N GLU Y 207 44.53 0.92 117.70
CA GLU Y 207 44.69 2.28 118.13
C GLU Y 207 45.54 2.33 119.38
N ALA Y 208 45.35 1.37 120.27
CA ALA Y 208 46.20 1.24 121.44
C ALA Y 208 47.63 0.99 121.02
N ILE Y 209 47.81 0.22 119.95
CA ILE Y 209 49.15 -0.05 119.47
C ILE Y 209 49.79 1.17 118.86
N TYR Y 210 49.04 1.87 118.03
CA TYR Y 210 49.54 3.09 117.41
C TYR Y 210 50.00 4.06 118.46
N ASP Y 211 49.23 4.14 119.54
CA ASP Y 211 49.58 4.94 120.68
C ASP Y 211 50.89 4.49 121.33
N ILE Y 212 51.06 3.17 121.46
CA ILE Y 212 52.30 2.59 121.96
C ILE Y 212 53.49 2.92 121.06
N CYS Y 213 53.28 2.87 119.75
CA CYS Y 213 54.31 3.22 118.80
C CYS Y 213 54.75 4.67 118.98
N ARG Y 214 53.78 5.55 119.18
CA ARG Y 214 54.07 6.96 119.42
C ARG Y 214 54.85 7.20 120.72
N ARG Y 215 54.40 6.58 121.80
CA ARG Y 215 54.96 6.86 123.11
C ARG Y 215 56.27 6.12 123.38
N ASN Y 216 56.31 4.85 123.05
CA ASN Y 216 57.45 4.02 123.41
C ASN Y 216 58.46 3.92 122.29
N LEU Y 217 57.99 3.64 121.07
CA LEU Y 217 58.90 3.55 119.92
C LEU Y 217 59.19 4.91 119.31
N ASP Y 218 58.48 5.94 119.78
CA ASP Y 218 58.70 7.30 119.31
C ASP Y 218 58.41 7.44 117.81
N ILE Y 219 57.29 6.86 117.38
CA ILE Y 219 56.93 6.88 115.96
C ILE Y 219 55.73 7.78 115.69
N GLU Y 220 55.95 8.84 114.92
CA GLU Y 220 54.90 9.79 114.56
C GLU Y 220 53.99 9.26 113.46
N ARG Y 221 54.52 8.34 112.67
CA ARG Y 221 53.79 7.80 111.52
C ARG Y 221 53.84 6.28 111.49
N PRO Y 222 52.91 5.63 112.18
CA PRO Y 222 52.92 4.18 112.31
C PRO Y 222 51.89 3.55 111.38
N THR Y 223 52.20 2.34 110.94
CA THR Y 223 51.36 1.63 110.00
C THR Y 223 51.24 0.17 110.36
N TYR Y 224 50.52 -0.58 109.54
CA TYR Y 224 50.21 -1.96 109.82
C TYR Y 224 51.45 -2.82 109.87
N THR Y 225 52.45 -2.49 109.07
CA THR Y 225 53.69 -3.24 109.05
C THR Y 225 54.30 -3.37 110.44
N ASN Y 226 54.55 -2.23 111.08
CA ASN Y 226 55.17 -2.23 112.39
C ASN Y 226 54.22 -2.70 113.46
N LEU Y 227 52.95 -2.32 113.31
CA LEU Y 227 51.91 -2.74 114.22
C LEU Y 227 51.82 -4.25 114.29
N ASN Y 228 51.82 -4.90 113.14
CA ASN Y 228 51.72 -6.34 113.05
C ASN Y 228 52.94 -7.01 113.65
N ARG Y 229 54.11 -6.42 113.43
CA ARG Y 229 55.34 -6.98 113.96
C ARG Y 229 55.31 -7.07 115.47
N LEU Y 230 54.74 -6.06 116.12
CA LEU Y 230 54.59 -6.09 117.56
C LEU Y 230 53.67 -7.21 118.00
N ILE Y 231 52.54 -7.36 117.31
CA ILE Y 231 51.59 -8.42 117.62
C ILE Y 231 52.22 -9.79 117.46
N GLY Y 232 52.93 -9.98 116.36
CA GLY Y 232 53.61 -11.23 116.08
C GLY Y 232 54.65 -11.53 117.15
N GLN Y 233 55.36 -10.50 117.59
CA GLN Y 233 56.39 -10.67 118.61
C GLN Y 233 55.80 -11.20 119.90
N ILE Y 234 54.60 -10.72 120.23
CA ILE Y 234 53.89 -11.24 121.38
C ILE Y 234 53.58 -12.71 121.24
N VAL Y 235 53.08 -13.09 120.08
CA VAL Y 235 52.72 -14.48 119.84
C VAL Y 235 53.93 -15.40 119.94
N SER Y 236 55.05 -14.94 119.42
CA SER Y 236 56.30 -15.68 119.57
C SER Y 236 56.62 -15.95 121.02
N SER Y 237 56.49 -14.94 121.87
CA SER Y 237 56.74 -15.11 123.29
C SER Y 237 55.72 -16.04 123.95
N ILE Y 238 54.48 -16.03 123.47
CA ILE Y 238 53.46 -16.91 123.99
C ILE Y 238 53.72 -18.36 123.66
N THR Y 239 54.08 -18.61 122.41
CA THR Y 239 54.12 -19.96 121.86
C THR Y 239 55.53 -20.43 121.61
N ALA Y 240 56.14 -19.94 120.55
CA ALA Y 240 57.47 -20.36 120.11
C ALA Y 240 58.44 -20.38 121.27
N SER Y 241 58.35 -19.39 122.16
CA SER Y 241 59.18 -19.32 123.34
C SER Y 241 59.26 -20.64 124.07
N LEU Y 242 58.11 -21.28 124.23
CA LEU Y 242 58.02 -22.54 124.96
C LEU Y 242 58.81 -23.61 124.25
N ARG Y 243 58.82 -23.54 122.93
CA ARG Y 243 59.44 -24.55 122.10
C ARG Y 243 60.95 -24.40 121.97
N PHE Y 244 61.52 -23.47 122.72
CA PHE Y 244 62.98 -23.34 122.74
C PHE Y 244 63.59 -23.95 123.98
N ASP Y 245 62.76 -24.48 124.88
CA ASP Y 245 63.23 -25.13 126.11
C ASP Y 245 63.82 -24.14 127.10
N GLY Y 246 62.97 -23.61 127.98
CA GLY Y 246 63.40 -22.69 129.00
C GLY Y 246 63.40 -23.33 130.38
N ALA Y 247 63.55 -22.50 131.40
CA ALA Y 247 63.53 -22.97 132.78
C ALA Y 247 62.15 -23.43 133.17
N LEU Y 248 61.14 -22.68 132.74
CA LEU Y 248 59.76 -23.01 133.06
C LEU Y 248 58.94 -23.08 131.79
N ASN Y 249 58.82 -24.28 131.22
CA ASN Y 249 58.10 -24.46 129.97
C ASN Y 249 56.62 -24.61 130.21
N VAL Y 250 55.94 -23.50 130.42
CA VAL Y 250 54.52 -23.53 130.68
C VAL Y 250 53.73 -23.92 129.45
N ASP Y 251 53.02 -25.04 129.53
CA ASP Y 251 52.27 -25.55 128.38
C ASP Y 251 51.13 -24.61 128.00
N LEU Y 252 50.67 -24.74 126.77
CA LEU Y 252 49.53 -23.96 126.30
C LEU Y 252 48.27 -24.29 127.08
N THR Y 253 48.12 -25.56 127.47
CA THR Y 253 47.00 -25.96 128.28
C THR Y 253 47.24 -25.63 129.73
N GLU Y 254 48.52 -25.51 130.09
CA GLU Y 254 48.93 -25.07 131.41
C GLU Y 254 48.59 -23.60 131.60
N PHE Y 255 48.71 -22.82 130.53
CA PHE Y 255 48.23 -21.44 130.53
C PHE Y 255 46.77 -21.43 130.90
N GLN Y 256 45.99 -22.25 130.23
CA GLN Y 256 44.56 -22.33 130.46
C GLN Y 256 44.25 -22.79 131.87
N THR Y 257 45.03 -23.77 132.36
CA THR Y 257 44.88 -24.25 133.72
C THR Y 257 44.88 -23.12 134.72
N ASN Y 258 45.83 -22.20 134.58
CA ASN Y 258 46.03 -21.17 135.57
C ASN Y 258 45.35 -19.85 135.23
N LEU Y 259 45.23 -19.54 133.94
CA LEU Y 259 44.64 -18.29 133.53
C LEU Y 259 43.13 -18.31 133.60
N VAL Y 260 42.53 -19.46 133.32
CA VAL Y 260 41.08 -19.55 133.25
C VAL Y 260 40.49 -20.25 134.47
N PRO Y 261 39.62 -19.56 135.22
CA PRO Y 261 39.02 -20.08 136.46
C PRO Y 261 37.67 -20.70 136.21
N TYR Y 262 37.03 -20.31 135.12
CA TYR Y 262 35.69 -20.76 134.81
C TYR Y 262 35.62 -21.44 133.47
N PRO Y 263 34.43 -21.86 133.08
CA PRO Y 263 34.17 -22.37 131.75
C PRO Y 263 34.22 -21.27 130.71
N ARG Y 264 34.00 -20.03 131.15
CA ARG Y 264 34.15 -18.87 130.29
C ARG Y 264 35.21 -17.92 130.84
N GLY Y 265 35.26 -16.71 130.29
CA GLY Y 265 36.26 -15.74 130.70
C GLY Y 265 37.54 -15.92 129.91
N HIS Y 266 37.41 -16.29 128.64
CA HIS Y 266 38.54 -16.62 127.80
C HIS Y 266 39.13 -15.41 127.11
N PHE Y 267 39.40 -14.36 127.87
CA PHE Y 267 39.82 -13.10 127.28
C PHE Y 267 40.97 -12.46 128.02
N PRO Y 268 42.19 -12.95 127.80
CA PRO Y 268 43.41 -12.41 128.35
C PRO Y 268 43.97 -11.31 127.49
N LEU Y 269 44.58 -10.34 128.12
CA LEU Y 269 45.26 -9.28 127.40
C LEU Y 269 46.72 -9.60 127.32
N ALA Y 270 47.29 -9.41 126.15
CA ALA Y 270 48.68 -9.78 125.92
C ALA Y 270 49.53 -8.55 125.69
N THR Y 271 50.42 -8.27 126.63
CA THR Y 271 51.24 -7.07 126.54
C THR Y 271 52.71 -7.42 126.37
N TYR Y 272 53.47 -6.44 125.90
CA TYR Y 272 54.91 -6.61 125.71
C TYR Y 272 55.62 -5.40 126.27
N ALA Y 273 56.45 -5.62 127.27
CA ALA Y 273 56.95 -4.52 128.08
C ALA Y 273 58.40 -4.08 127.76
N PRO Y 274 59.03 -4.71 126.77
CA PRO Y 274 60.34 -4.21 126.32
C PRO Y 274 60.25 -3.33 125.08
N VAL Y 275 59.10 -2.72 124.86
CA VAL Y 275 58.96 -1.86 123.70
C VAL Y 275 59.85 -0.64 123.84
N ILE Y 276 60.77 -0.49 122.90
CA ILE Y 276 61.86 0.46 123.07
C ILE Y 276 62.47 0.89 121.75
N SER Y 277 62.84 2.16 121.66
CA SER Y 277 63.48 2.68 120.46
C SER Y 277 64.97 2.42 120.48
N ALA Y 278 65.60 2.57 119.31
CA ALA Y 278 67.04 2.35 119.18
C ALA Y 278 67.82 3.34 120.03
N GLU Y 279 67.35 4.58 120.11
CA GLU Y 279 67.99 5.57 120.96
C GLU Y 279 67.91 5.18 122.42
N LYS Y 280 66.71 4.80 122.86
CA LYS Y 280 66.50 4.42 124.23
C LYS Y 280 67.31 3.19 124.61
N ALA Y 281 67.55 2.33 123.63
CA ALA Y 281 68.35 1.12 123.86
C ALA Y 281 69.75 1.44 124.40
N TYR Y 282 70.22 2.66 124.17
CA TYR Y 282 71.53 3.06 124.66
C TYR Y 282 71.45 3.68 126.04
N HIS Y 283 70.47 4.55 126.24
CA HIS Y 283 70.36 5.26 127.50
C HIS Y 283 69.66 4.44 128.57
N GLU Y 284 68.60 3.76 128.16
CA GLU Y 284 67.81 2.96 129.10
C GLU Y 284 68.55 1.73 129.56
N GLN Y 285 68.57 1.53 130.88
CA GLN Y 285 69.06 0.28 131.43
C GLN Y 285 67.92 -0.53 132.02
N LEU Y 286 67.52 -1.57 131.29
CA LEU Y 286 66.41 -2.40 131.71
C LEU Y 286 66.87 -3.57 132.55
N SER Y 287 65.94 -4.10 133.33
CA SER Y 287 66.13 -5.35 134.04
C SER Y 287 64.79 -5.96 134.39
N VAL Y 288 64.83 -7.04 135.15
CA VAL Y 288 63.65 -7.84 135.40
C VAL Y 288 62.53 -7.04 136.03
N ALA Y 289 62.85 -6.32 137.10
CA ALA Y 289 61.85 -5.56 137.82
C ALA Y 289 61.33 -4.39 137.00
N GLU Y 290 62.23 -3.70 136.31
CA GLU Y 290 61.87 -2.54 135.52
C GLU Y 290 60.87 -2.90 134.45
N ILE Y 291 61.17 -3.95 133.71
CA ILE Y 291 60.32 -4.38 132.62
C ILE Y 291 59.02 -4.94 133.15
N THR Y 292 59.11 -5.75 134.20
CA THR Y 292 57.92 -6.32 134.82
C THR Y 292 56.99 -5.23 135.31
N ASN Y 293 57.54 -4.18 135.90
CA ASN Y 293 56.74 -3.07 136.38
C ASN Y 293 56.03 -2.38 135.22
N ALA Y 294 56.74 -2.21 134.11
CA ALA Y 294 56.20 -1.53 132.95
C ALA Y 294 54.94 -2.21 132.42
N CYS Y 295 54.90 -3.54 132.50
CA CYS Y 295 53.79 -4.28 131.93
C CYS Y 295 52.48 -4.11 132.72
N PHE Y 296 52.58 -3.59 133.94
CA PHE Y 296 51.39 -3.31 134.73
C PHE Y 296 51.00 -1.85 134.69
N GLU Y 297 51.66 -1.08 133.84
CA GLU Y 297 51.29 0.31 133.64
C GLU Y 297 50.30 0.43 132.49
N PRO Y 298 49.12 1.04 132.77
CA PRO Y 298 48.01 1.26 131.85
C PRO Y 298 48.40 2.10 130.64
N ALA Y 299 49.33 1.59 129.85
CA ALA Y 299 49.90 2.32 128.74
C ALA Y 299 50.33 1.34 127.67
N ASN Y 300 50.80 0.18 128.09
CA ASN Y 300 51.21 -0.86 127.17
C ASN Y 300 50.19 -1.99 127.14
N GLN Y 301 48.93 -1.65 127.34
CA GLN Y 301 47.87 -2.64 127.47
C GLN Y 301 47.55 -3.34 126.16
N MET Y 302 47.94 -2.73 125.04
CA MET Y 302 47.62 -3.26 123.71
C MET Y 302 46.12 -3.24 123.42
N VAL Y 303 45.36 -2.55 124.27
CA VAL Y 303 43.94 -2.43 124.12
C VAL Y 303 43.44 -1.22 124.90
N LYS Y 304 42.40 -0.56 124.40
CA LYS Y 304 41.82 0.60 125.07
C LYS Y 304 41.14 0.19 126.37
N CYS Y 305 41.95 -0.04 127.39
CA CYS Y 305 41.46 -0.46 128.69
C CYS Y 305 42.40 0.00 129.80
N ASP Y 306 41.83 0.42 130.91
CA ASP Y 306 42.61 0.89 132.04
C ASP Y 306 42.39 0.00 133.25
N PRO Y 307 43.24 -1.04 133.42
CA PRO Y 307 43.23 -2.04 134.50
C PRO Y 307 42.90 -1.49 135.87
N ARG Y 308 43.22 -0.22 136.11
CA ARG Y 308 43.06 0.36 137.42
C ARG Y 308 41.59 0.51 137.82
N HIS Y 309 40.69 0.37 136.85
CA HIS Y 309 39.28 0.45 137.13
C HIS Y 309 38.61 -0.92 137.18
N GLY Y 310 39.41 -1.99 137.25
CA GLY Y 310 38.87 -3.34 137.41
C GLY Y 310 39.73 -4.16 138.35
N LYS Y 311 39.64 -5.48 138.24
CA LYS Y 311 40.46 -6.37 139.06
C LYS Y 311 41.18 -7.40 138.23
N TYR Y 312 42.31 -7.87 138.74
CA TYR Y 312 43.07 -8.92 138.09
C TYR Y 312 42.60 -10.29 138.52
N MET Y 313 42.19 -11.09 137.55
CA MET Y 313 41.75 -12.45 137.79
C MET Y 313 42.94 -13.41 137.77
N ALA Y 314 43.81 -13.21 136.79
CA ALA Y 314 44.99 -14.04 136.64
C ALA Y 314 46.02 -13.35 135.77
N CYS Y 315 47.28 -13.67 135.98
CA CYS Y 315 48.36 -13.00 135.27
C CYS Y 315 49.56 -13.88 135.07
N CYS Y 316 49.79 -14.31 133.84
CA CYS Y 316 50.97 -15.09 133.52
C CYS Y 316 52.06 -14.22 132.92
N LEU Y 317 53.23 -14.28 133.51
CA LEU Y 317 54.36 -13.48 133.06
C LEU Y 317 55.39 -14.37 132.38
N LEU Y 318 55.68 -14.09 131.11
CA LEU Y 318 56.59 -14.89 130.34
C LEU Y 318 57.89 -14.15 130.09
N TYR Y 319 58.99 -14.72 130.54
CA TYR Y 319 60.28 -14.07 130.45
C TYR Y 319 61.15 -14.71 129.41
N ARG Y 320 61.98 -13.90 128.76
CA ARG Y 320 62.92 -14.39 127.77
C ARG Y 320 64.31 -13.86 128.02
N GLY Y 321 65.31 -14.58 127.52
CA GLY Y 321 66.70 -14.16 127.62
C GLY Y 321 67.23 -14.15 129.05
N ASP Y 322 67.94 -13.09 129.40
CA ASP Y 322 68.75 -13.04 130.61
C ASP Y 322 67.94 -12.68 131.85
N VAL Y 323 67.20 -13.66 132.37
CA VAL Y 323 66.43 -13.46 133.59
C VAL Y 323 66.72 -14.55 134.59
N VAL Y 324 66.47 -14.26 135.87
CA VAL Y 324 66.55 -15.27 136.91
C VAL Y 324 65.29 -15.25 137.76
N PRO Y 325 64.94 -16.39 138.35
CA PRO Y 325 63.68 -16.57 139.05
C PRO Y 325 63.60 -15.72 140.32
N LYS Y 326 64.75 -15.48 140.93
CA LYS Y 326 64.81 -14.70 142.15
C LYS Y 326 64.29 -13.30 141.94
N ASP Y 327 64.76 -12.65 140.87
CA ASP Y 327 64.37 -11.30 140.56
C ASP Y 327 62.92 -11.24 140.14
N VAL Y 328 62.48 -12.26 139.44
CA VAL Y 328 61.09 -12.32 139.03
C VAL Y 328 60.16 -12.37 140.23
N ASN Y 329 60.51 -13.23 141.18
CA ASN Y 329 59.72 -13.38 142.39
C ASN Y 329 59.70 -12.08 143.17
N ALA Y 330 60.86 -11.43 143.25
CA ALA Y 330 60.99 -10.17 143.97
C ALA Y 330 60.13 -9.09 143.34
N ALA Y 331 60.13 -9.02 142.01
CA ALA Y 331 59.33 -8.04 141.30
C ALA Y 331 57.86 -8.26 141.58
N ILE Y 332 57.43 -9.52 141.58
CA ILE Y 332 56.04 -9.84 141.87
C ILE Y 332 55.67 -9.47 143.29
N ALA Y 333 56.56 -9.74 144.22
CA ALA Y 333 56.32 -9.36 145.61
C ALA Y 333 56.15 -7.86 145.73
N THR Y 334 56.96 -7.12 144.99
CA THR Y 334 56.86 -5.67 144.95
C THR Y 334 55.51 -5.22 144.42
N ILE Y 335 55.03 -5.91 143.40
CA ILE Y 335 53.72 -5.61 142.81
C ILE Y 335 52.60 -5.82 143.81
N LYS Y 336 52.65 -6.95 144.50
CA LYS Y 336 51.66 -7.26 145.52
C LYS Y 336 51.77 -6.30 146.69
N THR Y 337 53.00 -5.82 146.95
CA THR Y 337 53.23 -4.80 147.96
C THR Y 337 52.66 -3.46 147.54
N LYS Y 338 52.82 -3.12 146.25
CA LYS Y 338 52.30 -1.87 145.71
C LYS Y 338 50.82 -1.72 146.01
N ARG Y 339 50.06 -2.78 145.72
CA ARG Y 339 48.64 -2.82 146.06
C ARG Y 339 47.79 -1.76 145.37
N THR Y 340 48.35 -1.05 144.39
CA THR Y 340 47.60 -0.07 143.63
C THR Y 340 46.60 -0.75 142.74
N ILE Y 341 47.05 -1.78 142.04
CA ILE Y 341 46.17 -2.57 141.21
C ILE Y 341 45.47 -3.61 142.06
N GLN Y 342 44.20 -3.83 141.76
CA GLN Y 342 43.38 -4.69 142.58
C GLN Y 342 43.28 -6.07 142.00
N PHE Y 343 43.20 -7.07 142.86
CA PHE Y 343 43.07 -8.45 142.46
C PHE Y 343 41.78 -9.01 142.97
N VAL Y 344 41.30 -10.04 142.31
CA VAL Y 344 40.08 -10.68 142.75
C VAL Y 344 40.23 -11.25 144.16
N ASP Y 345 39.28 -10.90 145.02
CA ASP Y 345 39.40 -11.14 146.46
C ASP Y 345 39.45 -12.62 146.79
N TRP Y 346 38.79 -13.43 145.99
CA TRP Y 346 38.77 -14.87 146.20
C TRP Y 346 39.81 -15.59 145.35
N CYS Y 347 40.81 -14.84 144.87
CA CYS Y 347 41.94 -15.44 144.18
C CYS Y 347 43.24 -15.17 144.92
N PRO Y 348 43.49 -15.94 146.01
CA PRO Y 348 44.73 -15.90 146.82
C PRO Y 348 45.92 -15.32 146.07
N THR Y 349 46.23 -15.94 144.94
CA THR Y 349 47.22 -15.40 144.04
C THR Y 349 46.73 -15.45 142.62
N GLY Y 350 47.51 -14.89 141.73
CA GLY Y 350 47.16 -14.86 140.33
C GLY Y 350 48.40 -14.83 139.46
N PHE Y 351 49.56 -15.02 140.07
CA PHE Y 351 50.80 -14.89 139.32
C PHE Y 351 51.38 -16.23 138.93
N LYS Y 352 51.67 -16.35 137.64
CA LYS Y 352 52.37 -17.51 137.12
C LYS Y 352 53.52 -17.08 136.24
N VAL Y 353 54.59 -17.84 136.24
CA VAL Y 353 55.79 -17.43 135.54
C VAL Y 353 56.29 -18.46 134.55
N GLY Y 354 56.56 -18.00 133.34
CA GLY Y 354 57.27 -18.82 132.36
C GLY Y 354 58.61 -18.19 132.07
N ILE Y 355 59.63 -19.01 131.87
CA ILE Y 355 60.97 -18.49 131.66
C ILE Y 355 61.69 -19.21 130.54
N ASN Y 356 62.19 -18.44 129.59
CA ASN Y 356 63.00 -18.96 128.51
C ASN Y 356 64.49 -18.79 128.81
N TYR Y 357 65.32 -19.41 127.99
CA TYR Y 357 66.75 -19.17 127.98
C TYR Y 357 67.13 -18.41 126.72
N GLU Y 358 66.35 -18.61 125.66
CA GLU Y 358 66.59 -17.92 124.42
C GLU Y 358 66.17 -16.48 124.51
N PRO Y 359 67.01 -15.58 123.99
CA PRO Y 359 66.76 -14.18 123.90
C PRO Y 359 65.52 -13.87 123.05
N PRO Y 360 65.04 -12.63 123.15
CA PRO Y 360 64.04 -11.96 122.32
C PRO Y 360 64.43 -11.94 120.85
N THR Y 361 63.43 -11.98 119.99
CA THR Y 361 63.64 -12.02 118.55
C THR Y 361 63.79 -10.62 117.98
N VAL Y 362 64.78 -10.44 117.11
CA VAL Y 362 65.04 -9.13 116.51
C VAL Y 362 64.70 -9.12 115.02
N VAL Y 363 63.92 -8.12 114.61
CA VAL Y 363 63.54 -7.99 113.21
C VAL Y 363 64.44 -7.00 112.48
N PRO Y 364 65.33 -7.51 111.62
CA PRO Y 364 66.08 -6.67 110.69
C PRO Y 364 65.11 -5.84 109.86
N GLY Y 365 65.29 -4.53 109.91
CA GLY Y 365 64.39 -3.61 109.22
C GLY Y 365 63.20 -3.22 110.08
N GLY Y 366 63.26 -3.57 111.37
CA GLY Y 366 62.22 -3.21 112.32
C GLY Y 366 62.59 -1.97 113.12
N ASP Y 367 62.03 -1.85 114.31
CA ASP Y 367 62.30 -0.71 115.18
C ASP Y 367 62.60 -1.16 116.59
N LEU Y 368 61.68 -1.93 117.17
CA LEU Y 368 61.89 -2.64 118.44
C LEU Y 368 63.34 -3.05 118.61
N ALA Y 369 64.11 -2.24 119.32
CA ALA Y 369 65.54 -2.43 119.43
C ALA Y 369 65.88 -3.70 120.19
N LYS Y 370 67.04 -4.27 119.86
CA LYS Y 370 67.51 -5.49 120.50
C LYS Y 370 67.73 -5.32 121.99
N VAL Y 371 67.14 -6.22 122.77
CA VAL Y 371 67.31 -6.23 124.21
C VAL Y 371 67.79 -7.60 124.68
N GLN Y 372 68.29 -7.66 125.91
CA GLN Y 372 68.87 -8.89 126.44
C GLN Y 372 67.83 -9.78 127.13
N ARG Y 373 66.63 -9.27 127.27
CA ARG Y 373 65.56 -9.98 127.95
C ARG Y 373 64.22 -9.41 127.58
N ALA Y 374 63.16 -10.18 127.79
CA ALA Y 374 61.84 -9.67 127.46
C ALA Y 374 60.77 -10.25 128.34
N VAL Y 375 59.67 -9.50 128.46
CA VAL Y 375 58.54 -9.93 129.26
C VAL Y 375 57.23 -9.80 128.50
N CYS Y 376 56.45 -10.87 128.48
CA CYS Y 376 55.09 -10.81 128.01
C CYS Y 376 54.13 -11.08 129.14
N MET Y 377 53.01 -10.40 129.13
CA MET Y 377 52.01 -10.63 130.17
C MET Y 377 50.70 -11.06 129.57
N LEU Y 378 50.19 -12.18 130.06
CA LEU Y 378 48.87 -12.65 129.67
C LEU Y 378 47.92 -12.54 130.84
N SER Y 379 47.10 -11.51 130.82
CA SER Y 379 46.32 -11.18 132.00
C SER Y 379 44.82 -11.20 131.78
N ASN Y 380 44.12 -11.87 132.70
CA ASN Y 380 42.68 -11.82 132.74
C ASN Y 380 42.23 -10.80 133.76
N THR Y 381 41.29 -9.96 133.36
CA THR Y 381 40.83 -8.87 134.20
C THR Y 381 39.38 -8.56 133.96
N THR Y 382 38.76 -7.89 134.92
CA THR Y 382 37.37 -7.48 134.78
C THR Y 382 37.28 -6.12 134.10
N ALA Y 383 38.40 -5.42 134.01
CA ALA Y 383 38.42 -4.09 133.41
C ALA Y 383 38.08 -4.14 131.93
N ILE Y 384 38.56 -5.18 131.24
CA ILE Y 384 38.39 -5.30 129.79
C ILE Y 384 36.94 -5.41 129.39
N ALA Y 385 36.11 -5.92 130.30
CA ALA Y 385 34.70 -6.10 130.02
C ALA Y 385 34.02 -4.80 129.65
N GLU Y 386 34.55 -3.67 130.14
CA GLU Y 386 33.97 -2.36 129.88
C GLU Y 386 34.03 -2.01 128.39
N ALA Y 387 35.00 -2.58 127.68
CA ALA Y 387 35.18 -2.29 126.27
C ALA Y 387 33.99 -2.77 125.44
N TRP Y 388 33.32 -3.82 125.92
CA TRP Y 388 32.20 -4.39 125.19
C TRP Y 388 30.98 -3.53 125.31
N ALA Y 389 30.89 -2.79 126.40
CA ALA Y 389 29.80 -1.86 126.60
C ALA Y 389 29.83 -0.80 125.50
N ARG Y 390 31.02 -0.35 125.16
CA ARG Y 390 31.18 0.62 124.09
C ARG Y 390 30.68 0.06 122.77
N LEU Y 391 31.02 -1.21 122.51
CA LEU Y 391 30.53 -1.88 121.33
C LEU Y 391 29.02 -2.06 121.38
N ASP Y 392 28.50 -2.34 122.56
CA ASP Y 392 27.07 -2.51 122.73
C ASP Y 392 26.33 -1.26 122.32
N HIS Y 393 26.84 -0.11 122.72
CA HIS Y 393 26.21 1.15 122.37
C HIS Y 393 26.22 1.38 120.87
N LYS Y 394 27.36 1.09 120.25
CA LYS Y 394 27.48 1.26 118.81
C LYS Y 394 26.51 0.36 118.08
N PHE Y 395 26.44 -0.90 118.52
CA PHE Y 395 25.51 -1.84 117.98
C PHE Y 395 24.09 -1.43 118.21
N ASP Y 396 23.74 -1.13 119.45
CA ASP Y 396 22.38 -0.79 119.82
C ASP Y 396 21.85 0.35 118.98
N LEU Y 397 22.71 1.34 118.77
CA LEU Y 397 22.34 2.53 118.03
C LEU Y 397 22.00 2.20 116.58
N MET Y 398 22.92 1.55 115.88
CA MET Y 398 22.72 1.21 114.49
C MET Y 398 21.61 0.19 114.36
N TYR Y 399 21.54 -0.72 115.31
CA TYR Y 399 20.51 -1.74 115.34
C TYR Y 399 19.14 -1.11 115.49
N ALA Y 400 19.02 -0.12 116.38
CA ALA Y 400 17.75 0.56 116.60
C ALA Y 400 17.20 1.12 115.30
N LYS Y 401 18.07 1.64 114.44
CA LYS Y 401 17.66 2.16 113.15
C LYS Y 401 17.66 1.09 112.07
N ARG Y 402 18.09 -0.11 112.43
CA ARG Y 402 18.27 -1.21 111.49
C ARG Y 402 19.13 -0.79 110.31
N ALA Y 403 20.13 0.05 110.58
CA ALA Y 403 21.00 0.53 109.54
C ALA Y 403 21.80 -0.59 108.98
N PHE Y 404 21.83 -0.69 107.65
CA PHE Y 404 22.60 -1.70 106.95
C PHE Y 404 22.08 -3.12 107.19
N VAL Y 405 20.92 -3.25 107.85
CA VAL Y 405 20.40 -4.56 108.21
C VAL Y 405 20.10 -5.39 106.96
N HIS Y 406 19.79 -4.72 105.86
CA HIS Y 406 19.37 -5.39 104.65
C HIS Y 406 20.51 -6.12 103.97
N TRP Y 407 21.74 -5.84 104.36
CA TRP Y 407 22.88 -6.55 103.82
C TRP Y 407 23.01 -7.93 104.45
N TYR Y 408 22.46 -8.07 105.65
CA TYR Y 408 22.52 -9.34 106.35
C TYR Y 408 21.25 -10.12 106.09
N VAL Y 409 20.14 -9.41 106.00
CA VAL Y 409 18.88 -10.00 105.60
C VAL Y 409 18.93 -10.51 104.17
N GLY Y 410 19.62 -9.78 103.31
CA GLY Y 410 19.83 -10.21 101.94
C GLY Y 410 20.53 -11.56 101.88
N GLU Y 411 21.40 -11.83 102.84
CA GLU Y 411 21.96 -13.16 102.99
C GLU Y 411 20.93 -14.13 103.54
N GLY Y 412 20.13 -13.64 104.49
CA GLY Y 412 19.12 -14.46 105.14
C GLY Y 412 19.33 -14.50 106.64
N MET Y 413 20.32 -13.74 107.12
CA MET Y 413 20.62 -13.71 108.54
C MET Y 413 19.41 -13.26 109.32
N GLU Y 414 18.91 -14.13 110.17
CA GLU Y 414 17.74 -13.87 110.98
C GLU Y 414 17.95 -12.65 111.87
N GLU Y 415 17.02 -11.70 111.81
CA GLU Y 415 17.05 -10.50 112.64
C GLU Y 415 17.22 -10.85 114.12
N GLY Y 416 16.50 -11.88 114.55
CA GLY Y 416 16.57 -12.36 115.93
C GLY Y 416 17.97 -12.79 116.33
N GLU Y 417 18.78 -13.22 115.35
CA GLU Y 417 20.16 -13.62 115.61
C GLU Y 417 20.97 -12.46 116.19
N PHE Y 418 20.64 -11.26 115.76
CA PHE Y 418 21.34 -10.07 116.23
C PHE Y 418 21.00 -9.81 117.68
N SER Y 419 19.71 -9.99 118.02
CA SER Y 419 19.29 -9.80 119.39
C SER Y 419 19.89 -10.88 120.28
N GLU Y 420 20.00 -12.09 119.75
CA GLU Y 420 20.60 -13.20 120.50
C GLU Y 420 22.07 -12.98 120.72
N ALA Y 421 22.75 -12.46 119.69
CA ALA Y 421 24.17 -12.18 119.78
C ALA Y 421 24.45 -11.19 120.89
N ARG Y 422 23.63 -10.15 120.95
CA ARG Y 422 23.75 -9.15 121.99
C ARG Y 422 23.58 -9.74 123.38
N GLU Y 423 22.58 -10.60 123.54
CA GLU Y 423 22.30 -11.18 124.84
C GLU Y 423 23.47 -12.02 125.32
N ASP Y 424 24.12 -12.71 124.39
CA ASP Y 424 25.28 -13.52 124.74
C ASP Y 424 26.46 -12.64 125.14
N MET Y 425 26.66 -11.54 124.44
CA MET Y 425 27.68 -10.56 124.81
C MET Y 425 27.38 -9.97 126.19
N ALA Y 426 26.12 -9.63 126.42
CA ALA Y 426 25.70 -9.07 127.69
C ALA Y 426 25.90 -10.04 128.82
N ALA Y 427 25.66 -11.33 128.56
CA ALA Y 427 25.91 -12.37 129.55
C ALA Y 427 27.37 -12.38 129.96
N LEU Y 428 28.24 -12.28 128.97
CA LEU Y 428 29.67 -12.26 129.20
C LEU Y 428 30.07 -11.08 130.08
N GLU Y 429 29.53 -9.91 129.77
CA GLU Y 429 29.76 -8.73 130.57
C GLU Y 429 29.32 -8.95 132.01
N LYS Y 430 28.14 -9.53 132.18
CA LYS Y 430 27.57 -9.81 133.49
C LYS Y 430 28.47 -10.72 134.31
N ASP Y 431 29.02 -11.74 133.67
CA ASP Y 431 29.89 -12.68 134.36
C ASP Y 431 31.09 -11.99 134.98
N TYR Y 432 31.71 -11.08 134.23
CA TYR Y 432 32.86 -10.35 134.75
C TYR Y 432 32.48 -9.45 135.91
N GLU Y 433 31.29 -8.85 135.85
CA GLU Y 433 30.80 -8.05 136.96
C GLU Y 433 30.70 -8.87 138.23
N GLU Y 434 30.17 -10.08 138.11
CA GLU Y 434 30.01 -10.98 139.25
C GLU Y 434 31.35 -11.39 139.83
N VAL Y 435 32.32 -11.67 138.96
CA VAL Y 435 33.65 -12.04 139.40
C VAL Y 435 34.27 -11.00 140.33
N GLY Y 436 34.20 -9.74 139.92
CA GLY Y 436 34.80 -8.67 140.69
C GLY Y 436 34.07 -8.42 142.01
N VAL Y 437 32.75 -8.47 141.98
CA VAL Y 437 31.94 -8.14 143.15
C VAL Y 437 31.94 -9.24 144.20
N ASP Y 438 31.69 -10.47 143.77
CA ASP Y 438 31.51 -11.58 144.70
C ASP Y 438 32.80 -11.89 145.47
N SER Y 439 32.62 -12.43 146.67
CA SER Y 439 33.75 -12.84 147.51
C SER Y 439 33.29 -13.82 148.58
N ARG Z 2 38.52 -10.60 89.11
CA ARG Z 2 37.17 -10.53 88.56
C ARG Z 2 37.09 -9.51 87.43
N GLU Z 3 35.93 -9.40 86.83
CA GLU Z 3 35.74 -8.49 85.70
C GLU Z 3 34.51 -7.60 85.86
N ILE Z 4 34.61 -6.38 85.33
CA ILE Z 4 33.50 -5.43 85.38
C ILE Z 4 33.17 -4.90 83.99
N VAL Z 5 31.89 -4.87 83.67
CA VAL Z 5 31.44 -4.39 82.37
C VAL Z 5 31.15 -2.89 82.40
N HIS Z 6 31.71 -2.16 81.45
CA HIS Z 6 31.48 -0.72 81.38
C HIS Z 6 30.65 -0.34 80.17
N ILE Z 7 29.43 0.12 80.41
CA ILE Z 7 28.55 0.51 79.33
C ILE Z 7 28.39 2.01 79.25
N GLN Z 8 28.55 2.56 78.07
CA GLN Z 8 28.37 3.98 77.87
C GLN Z 8 27.11 4.24 77.07
N ALA Z 9 26.34 5.24 77.49
CA ALA Z 9 25.05 5.52 76.83
C ALA Z 9 24.86 7.00 76.58
N GLY Z 10 24.79 7.37 75.30
CA GLY Z 10 24.56 8.76 74.91
C GLY Z 10 25.87 9.51 74.74
N GLN Z 11 25.81 10.65 74.05
CA GLN Z 11 27.01 11.45 73.78
C GLN Z 11 27.75 11.83 75.03
N CYS Z 12 27.01 12.34 76.01
CA CYS Z 12 27.59 12.70 77.29
C CYS Z 12 28.36 11.54 77.89
N GLY Z 13 27.68 10.41 78.02
CA GLY Z 13 28.30 9.24 78.62
C GLY Z 13 29.47 8.75 77.81
N ASN Z 14 29.36 8.86 76.49
CA ASN Z 14 30.41 8.40 75.61
C ASN Z 14 31.66 9.27 75.71
N GLN Z 15 31.46 10.57 75.83
CA GLN Z 15 32.58 11.49 75.95
C GLN Z 15 33.28 11.32 77.28
N ILE Z 16 32.50 11.13 78.34
CA ILE Z 16 33.07 10.86 79.65
C ILE Z 16 33.83 9.56 79.65
N GLY Z 17 33.21 8.53 79.09
CA GLY Z 17 33.82 7.22 79.03
C GLY Z 17 35.10 7.24 78.21
N ALA Z 18 35.09 7.96 77.10
CA ALA Z 18 36.28 8.06 76.27
C ALA Z 18 37.45 8.61 77.07
N LYS Z 19 37.18 9.62 77.89
CA LYS Z 19 38.19 10.19 78.75
C LYS Z 19 38.58 9.19 79.84
N PHE Z 20 37.60 8.47 80.37
CA PHE Z 20 37.83 7.46 81.38
C PHE Z 20 38.79 6.39 80.90
N TRP Z 21 38.54 5.88 79.71
CA TRP Z 21 39.37 4.84 79.15
C TRP Z 21 40.76 5.35 78.79
N GLU Z 22 40.85 6.63 78.45
CA GLU Z 22 42.17 7.26 78.33
C GLU Z 22 42.93 7.15 79.63
N VAL Z 23 42.27 7.54 80.71
CA VAL Z 23 42.89 7.61 82.02
C VAL Z 23 43.39 6.26 82.50
N ILE Z 24 42.51 5.26 82.48
CA ILE Z 24 42.86 3.98 83.06
C ILE Z 24 43.75 3.16 82.14
N SER Z 25 43.69 3.42 80.83
CA SER Z 25 44.63 2.80 79.92
C SER Z 25 46.02 3.33 80.19
N ASP Z 26 46.12 4.63 80.44
CA ASP Z 26 47.38 5.23 80.83
C ASP Z 26 47.85 4.66 82.16
N GLU Z 27 46.92 4.55 83.11
CA GLU Z 27 47.20 3.98 84.41
C GLU Z 27 47.81 2.59 84.30
N HIS Z 28 47.30 1.79 83.38
CA HIS Z 28 47.76 0.42 83.22
C HIS Z 28 48.74 0.23 82.07
N GLY Z 29 49.37 1.31 81.61
CA GLY Z 29 50.51 1.20 80.69
C GLY Z 29 50.11 0.76 79.28
N ILE Z 30 48.88 1.05 78.89
CA ILE Z 30 48.37 0.61 77.61
C ILE Z 30 48.42 1.71 76.57
N ASP Z 31 49.06 1.43 75.45
CA ASP Z 31 49.18 2.44 74.39
C ASP Z 31 47.97 2.38 73.45
N PRO Z 32 47.99 3.22 72.40
CA PRO Z 32 46.86 3.35 71.48
C PRO Z 32 46.72 2.20 70.48
N THR Z 33 47.50 1.13 70.65
CA THR Z 33 47.31 -0.06 69.87
C THR Z 33 46.64 -1.13 70.71
N GLY Z 34 46.65 -0.94 72.02
CA GLY Z 34 46.19 -1.94 72.96
C GLY Z 34 47.34 -2.75 73.52
N SER Z 35 48.56 -2.41 73.12
CA SER Z 35 49.74 -3.10 73.61
C SER Z 35 50.16 -2.58 74.98
N TYR Z 36 50.68 -3.47 75.80
CA TYR Z 36 51.15 -3.10 77.13
C TYR Z 36 52.61 -2.74 77.11
N HIS Z 37 52.93 -1.54 77.59
CA HIS Z 37 54.29 -1.09 77.71
C HIS Z 37 54.51 -0.36 79.02
N GLY Z 38 53.88 -0.86 80.07
CA GLY Z 38 54.01 -0.26 81.39
C GLY Z 38 55.27 -0.74 82.09
N ASP Z 39 55.60 -0.11 83.20
CA ASP Z 39 56.83 -0.40 83.92
C ASP Z 39 56.63 -1.28 85.14
N SER Z 40 55.38 -1.42 85.58
CA SER Z 40 55.10 -2.25 86.75
C SER Z 40 54.52 -3.58 86.35
N ASP Z 41 54.50 -4.50 87.30
CA ASP Z 41 53.90 -5.80 87.09
C ASP Z 41 52.47 -5.81 87.58
N LEU Z 42 52.16 -4.87 88.48
CA LEU Z 42 50.85 -4.81 89.09
C LEU Z 42 49.81 -4.25 88.13
N GLN Z 43 50.28 -3.58 87.10
CA GLN Z 43 49.41 -3.10 86.04
C GLN Z 43 48.75 -4.26 85.29
N LEU Z 44 49.42 -5.42 85.28
CA LEU Z 44 48.88 -6.61 84.64
C LEU Z 44 48.24 -7.56 85.64
N GLU Z 45 48.29 -7.22 86.92
CA GLU Z 45 47.77 -8.09 87.97
C GLU Z 45 46.27 -8.16 87.92
N ARG Z 46 45.64 -7.05 87.57
CA ARG Z 46 44.19 -6.99 87.48
C ARG Z 46 43.74 -6.34 86.19
N ILE Z 47 44.56 -6.42 85.15
CA ILE Z 47 44.21 -5.85 83.86
C ILE Z 47 42.96 -6.50 83.28
N ASN Z 48 42.71 -7.74 83.69
CA ASN Z 48 41.54 -8.48 83.24
C ASN Z 48 40.23 -7.81 83.66
N VAL Z 49 40.28 -6.97 84.71
CA VAL Z 49 39.09 -6.30 85.19
C VAL Z 49 38.43 -5.48 84.10
N TYR Z 50 39.25 -4.81 83.30
CA TYR Z 50 38.72 -3.91 82.30
C TYR Z 50 39.15 -4.26 80.88
N TYR Z 51 39.96 -5.29 80.71
CA TYR Z 51 40.42 -5.60 79.38
C TYR Z 51 40.37 -7.09 79.07
N ASN Z 52 39.90 -7.40 77.88
CA ASN Z 52 40.11 -8.73 77.31
C ASN Z 52 41.53 -8.83 76.78
N GLU Z 53 42.15 -9.98 76.96
CA GLU Z 53 43.48 -10.19 76.42
C GLU Z 53 43.41 -10.93 75.10
N ALA Z 54 43.38 -10.19 74.00
CA ALA Z 54 43.25 -10.77 72.69
C ALA Z 54 44.61 -11.24 72.19
N ALA Z 55 44.58 -12.11 71.17
CA ALA Z 55 45.80 -12.67 70.63
C ALA Z 55 46.77 -11.58 70.23
N GLY Z 56 48.01 -11.72 70.65
CA GLY Z 56 49.02 -10.71 70.42
C GLY Z 56 49.14 -9.77 71.61
N ASN Z 57 48.43 -10.10 72.70
CA ASN Z 57 48.43 -9.28 73.91
C ASN Z 57 47.82 -7.93 73.66
N LYS Z 58 46.73 -7.92 72.90
CA LYS Z 58 46.01 -6.70 72.63
C LYS Z 58 44.89 -6.56 73.64
N TYR Z 59 44.97 -5.53 74.46
CA TYR Z 59 44.04 -5.41 75.56
C TYR Z 59 42.82 -4.60 75.16
N VAL Z 60 41.65 -5.24 75.26
CA VAL Z 60 40.44 -4.70 74.69
C VAL Z 60 39.39 -4.37 75.77
N PRO Z 61 39.23 -3.08 76.09
CA PRO Z 61 38.12 -2.55 76.89
C PRO Z 61 36.93 -3.47 76.98
N ARG Z 62 36.67 -3.95 78.17
CA ARG Z 62 35.45 -4.67 78.47
C ARG Z 62 34.28 -3.70 78.56
N ALA Z 63 33.93 -3.13 77.42
CA ALA Z 63 32.99 -2.02 77.39
C ALA Z 63 32.07 -2.08 76.20
N ILE Z 64 30.86 -1.56 76.38
CA ILE Z 64 29.88 -1.53 75.33
C ILE Z 64 29.48 -0.10 75.03
N LEU Z 65 29.56 0.27 73.76
CA LEU Z 65 29.32 1.64 73.36
C LEU Z 65 27.94 1.78 72.74
N VAL Z 66 27.02 2.39 73.48
CA VAL Z 66 25.64 2.49 73.04
C VAL Z 66 25.24 3.91 72.70
N ASP Z 67 24.70 4.10 71.51
CA ASP Z 67 24.18 5.39 71.12
C ASP Z 67 23.13 5.25 70.05
N LEU Z 68 22.28 6.24 69.92
CA LEU Z 68 21.29 6.25 68.87
C LEU Z 68 21.57 7.35 67.86
N GLU Z 69 22.69 8.03 68.02
CA GLU Z 69 23.04 9.08 67.07
C GLU Z 69 24.41 8.85 66.43
N PRO Z 70 24.47 7.94 65.45
CA PRO Z 70 25.59 7.85 64.50
C PRO Z 70 26.19 9.24 64.29
N GLY Z 71 27.51 9.31 64.34
CA GLY Z 71 28.20 10.59 64.25
C GLY Z 71 29.00 10.83 65.51
N THR Z 72 28.35 10.65 66.66
CA THR Z 72 29.06 10.65 67.92
C THR Z 72 29.90 9.39 68.00
N MET Z 73 29.30 8.28 67.59
CA MET Z 73 29.98 7.01 67.51
C MET Z 73 31.12 7.08 66.50
N ASP Z 74 30.92 7.88 65.45
CA ASP Z 74 31.94 8.08 64.44
C ASP Z 74 33.12 8.82 65.03
N SER Z 75 32.84 9.83 65.86
CA SER Z 75 33.89 10.62 66.49
C SER Z 75 34.70 9.77 67.45
N VAL Z 76 34.07 8.76 68.02
CA VAL Z 76 34.78 7.82 68.86
C VAL Z 76 35.73 6.98 68.03
N ARG Z 77 35.24 6.45 66.92
CA ARG Z 77 36.08 5.64 66.03
C ARG Z 77 37.22 6.47 65.42
N SER Z 78 36.96 7.74 65.18
CA SER Z 78 37.96 8.63 64.61
C SER Z 78 38.94 9.14 65.66
N GLY Z 79 38.65 8.90 66.94
CA GLY Z 79 39.53 9.34 68.00
C GLY Z 79 40.61 8.30 68.25
N PRO Z 80 41.55 8.63 69.15
CA PRO Z 80 42.73 7.83 69.50
C PRO Z 80 42.40 6.40 69.94
N PHE Z 81 41.16 6.15 70.33
CA PHE Z 81 40.77 4.84 70.83
C PHE Z 81 39.92 4.08 69.83
N GLY Z 82 39.90 4.54 68.59
CA GLY Z 82 39.31 3.77 67.50
C GLY Z 82 40.11 2.49 67.25
N GLN Z 83 41.39 2.49 67.66
CA GLN Z 83 42.25 1.33 67.55
C GLN Z 83 42.19 0.48 68.82
N ILE Z 84 41.43 0.94 69.80
CA ILE Z 84 41.34 0.30 71.11
C ILE Z 84 40.03 -0.45 71.29
N PHE Z 85 38.93 0.23 71.07
CA PHE Z 85 37.62 -0.38 71.26
C PHE Z 85 37.31 -1.37 70.16
N ARG Z 86 36.62 -2.45 70.52
CA ARG Z 86 36.25 -3.49 69.57
C ARG Z 86 35.02 -3.08 68.75
N PRO Z 87 35.04 -3.36 67.44
CA PRO Z 87 34.07 -2.84 66.50
C PRO Z 87 32.67 -3.34 66.74
N ASP Z 88 32.57 -4.56 67.27
CA ASP Z 88 31.26 -5.14 67.52
C ASP Z 88 30.68 -4.65 68.84
N ASN Z 89 31.40 -3.78 69.54
CA ASN Z 89 30.87 -3.14 70.72
C ASN Z 89 30.32 -1.76 70.39
N PHE Z 90 30.39 -1.37 69.12
CA PHE Z 90 29.80 -0.11 68.68
C PHE Z 90 28.37 -0.32 68.25
N VAL Z 91 27.43 -0.06 69.15
CA VAL Z 91 26.03 -0.31 68.88
C VAL Z 91 25.27 0.98 68.61
N PHE Z 92 24.81 1.14 67.37
CA PHE Z 92 23.99 2.29 66.99
C PHE Z 92 23.19 2.00 65.74
N GLY Z 93 22.11 2.75 65.54
CA GLY Z 93 21.25 2.54 64.38
C GLY Z 93 20.49 3.80 63.99
N GLN Z 94 19.16 3.72 64.04
CA GLN Z 94 18.27 4.86 63.78
C GLN Z 94 18.67 6.06 64.59
N SER Z 95 18.41 7.26 64.05
CA SER Z 95 18.75 8.53 64.67
C SER Z 95 18.24 8.67 66.11
N GLY Z 96 18.86 9.58 66.86
CA GLY Z 96 18.68 9.67 68.31
C GLY Z 96 17.32 10.21 68.73
N ALA Z 97 17.07 10.15 70.02
CA ALA Z 97 15.79 10.53 70.58
C ALA Z 97 15.48 12.00 70.39
N GLY Z 98 16.51 12.84 70.44
CA GLY Z 98 16.30 14.28 70.35
C GLY Z 98 15.74 14.81 71.66
N ASN Z 99 16.33 14.36 72.77
CA ASN Z 99 15.87 14.70 74.11
C ASN Z 99 14.48 14.15 74.40
N ASN Z 100 14.13 13.04 73.77
CA ASN Z 100 12.85 12.42 74.02
C ASN Z 100 13.01 11.10 74.75
N TRP Z 101 12.84 11.13 76.08
CA TRP Z 101 13.06 9.96 76.91
C TRP Z 101 12.29 8.75 76.41
N ALA Z 102 11.06 8.97 75.97
CA ALA Z 102 10.23 7.87 75.51
C ALA Z 102 10.83 7.22 74.26
N LYS Z 103 11.38 8.02 73.37
CA LYS Z 103 12.08 7.46 72.23
C LYS Z 103 13.29 6.63 72.67
N GLY Z 104 14.03 7.14 73.65
CA GLY Z 104 15.22 6.45 74.13
C GLY Z 104 14.91 5.16 74.86
N HIS Z 105 13.89 5.18 75.72
CA HIS Z 105 13.57 4.04 76.57
C HIS Z 105 12.42 3.22 76.01
N TYR Z 106 11.33 3.88 75.69
CA TYR Z 106 10.07 3.22 75.48
C TYR Z 106 9.91 2.63 74.08
N THR Z 107 10.33 3.39 73.05
CA THR Z 107 10.07 2.97 71.67
C THR Z 107 11.35 2.72 70.88
N GLU Z 108 11.85 3.76 70.21
CA GLU Z 108 12.91 3.61 69.23
C GLU Z 108 14.14 2.90 69.79
N GLY Z 109 14.52 3.27 71.00
CA GLY Z 109 15.65 2.64 71.68
C GLY Z 109 15.33 1.20 72.05
N ALA Z 110 14.08 0.95 72.42
CA ALA Z 110 13.66 -0.39 72.82
C ALA Z 110 13.88 -1.38 71.70
N GLU Z 111 13.70 -0.93 70.47
CA GLU Z 111 13.87 -1.79 69.30
C GLU Z 111 15.30 -2.35 69.19
N LEU Z 112 16.27 -1.64 69.75
CA LEU Z 112 17.67 -2.02 69.59
C LEU Z 112 18.27 -2.62 70.86
N VAL Z 113 17.43 -2.91 71.85
CA VAL Z 113 17.93 -3.47 73.11
C VAL Z 113 18.69 -4.75 72.92
N ASP Z 114 18.15 -5.65 72.13
CA ASP Z 114 18.75 -6.96 71.94
C ASP Z 114 20.14 -6.87 71.34
N SER Z 115 20.36 -5.88 70.48
CA SER Z 115 21.66 -5.70 69.85
C SER Z 115 22.72 -5.32 70.88
N VAL Z 116 22.27 -4.77 72.02
CA VAL Z 116 23.16 -4.48 73.12
C VAL Z 116 23.35 -5.72 73.97
N LEU Z 117 22.23 -6.35 74.33
CA LEU Z 117 22.25 -7.46 75.27
C LEU Z 117 23.02 -8.65 74.73
N ASP Z 118 23.00 -8.84 73.42
CA ASP Z 118 23.80 -9.87 72.82
C ASP Z 118 25.28 -9.64 73.09
N VAL Z 119 25.71 -8.39 72.98
CA VAL Z 119 27.08 -8.03 73.28
C VAL Z 119 27.37 -8.21 74.76
N VAL Z 120 26.39 -7.87 75.60
CA VAL Z 120 26.50 -8.07 77.04
C VAL Z 120 26.80 -9.52 77.36
N ARG Z 121 26.05 -10.42 76.73
CA ARG Z 121 26.25 -11.84 76.93
C ARG Z 121 27.61 -12.29 76.46
N LYS Z 122 28.03 -11.79 75.30
CA LYS Z 122 29.34 -12.13 74.75
C LYS Z 122 30.44 -11.70 75.69
N GLU Z 123 30.26 -10.53 76.30
CA GLU Z 123 31.23 -10.04 77.26
C GLU Z 123 31.21 -10.88 78.52
N SER Z 124 30.02 -11.19 79.00
CA SER Z 124 29.86 -12.00 80.21
C SER Z 124 30.54 -13.35 80.10
N GLU Z 125 30.41 -13.99 78.95
CA GLU Z 125 30.95 -15.33 78.76
C GLU Z 125 32.46 -15.33 78.50
N SER Z 126 33.05 -14.15 78.34
CA SER Z 126 34.50 -14.04 78.22
C SER Z 126 35.13 -13.80 79.59
N CYS Z 127 34.29 -13.67 80.60
CA CYS Z 127 34.75 -13.35 81.95
C CYS Z 127 34.95 -14.61 82.77
N ASP Z 128 35.80 -14.51 83.79
CA ASP Z 128 36.01 -15.61 84.71
C ASP Z 128 35.09 -15.45 85.90
N CYS Z 129 34.85 -14.19 86.28
CA CYS Z 129 33.89 -13.87 87.31
C CYS Z 129 33.38 -12.45 87.16
N LEU Z 130 32.16 -12.32 86.69
CA LEU Z 130 31.52 -11.01 86.56
C LEU Z 130 31.11 -10.47 87.89
N GLN Z 131 31.60 -9.29 88.23
CA GLN Z 131 31.25 -8.65 89.48
C GLN Z 131 30.02 -7.76 89.34
N GLY Z 132 29.99 -6.96 88.28
CA GLY Z 132 28.88 -6.03 88.10
C GLY Z 132 29.06 -5.17 86.87
N PHE Z 133 28.20 -4.17 86.74
CA PHE Z 133 28.16 -3.29 85.60
C PHE Z 133 28.33 -1.84 86.00
N GLN Z 134 28.97 -1.07 85.14
CA GLN Z 134 29.04 0.36 85.33
C GLN Z 134 28.44 1.05 84.13
N LEU Z 135 27.46 1.90 84.38
CA LEU Z 135 26.83 2.67 83.31
C LEU Z 135 27.22 4.13 83.37
N THR Z 136 27.63 4.69 82.24
CA THR Z 136 27.97 6.10 82.19
C THR Z 136 27.02 6.83 81.25
N HIS Z 137 26.31 7.83 81.77
CA HIS Z 137 25.27 8.49 80.99
C HIS Z 137 24.84 9.81 81.60
N SER Z 138 24.01 10.57 80.88
CA SER Z 138 23.41 11.76 81.42
C SER Z 138 22.02 11.48 81.96
N LEU Z 139 21.52 12.39 82.79
CA LEU Z 139 20.18 12.27 83.37
C LEU Z 139 19.24 13.34 82.86
N GLY Z 140 19.06 13.37 81.55
CA GLY Z 140 18.22 14.39 80.94
C GLY Z 140 18.42 14.42 79.43
N GLY Z 141 19.46 13.74 78.95
CA GLY Z 141 19.79 13.74 77.54
C GLY Z 141 18.69 13.17 76.67
N GLY Z 142 17.99 12.15 77.15
CA GLY Z 142 16.96 11.51 76.34
C GLY Z 142 17.36 10.09 75.98
N THR Z 143 18.38 9.96 75.13
CA THR Z 143 18.92 8.66 74.75
C THR Z 143 19.74 8.07 75.87
N GLY Z 144 20.67 8.85 76.41
CA GLY Z 144 21.51 8.39 77.51
C GLY Z 144 20.69 8.06 78.74
N SER Z 145 19.65 8.86 78.99
CA SER Z 145 18.77 8.64 80.13
C SER Z 145 17.69 7.61 79.82
N GLY Z 146 17.25 7.56 78.56
CA GLY Z 146 16.25 6.59 78.12
C GLY Z 146 16.84 5.20 78.03
N MET Z 147 17.84 5.03 77.14
CA MET Z 147 18.53 3.76 76.99
C MET Z 147 19.19 3.35 78.30
N GLY Z 148 19.58 4.34 79.09
CA GLY Z 148 20.20 4.08 80.39
C GLY Z 148 19.33 3.18 81.24
N THR Z 149 18.16 3.67 81.64
CA THR Z 149 17.28 2.91 82.52
C THR Z 149 16.67 1.72 81.84
N LEU Z 150 16.52 1.81 80.52
CA LEU Z 150 16.06 0.71 79.73
C LEU Z 150 17.01 -0.48 79.86
N LEU Z 151 18.29 -0.23 79.63
CA LEU Z 151 19.29 -1.27 79.70
C LEU Z 151 19.52 -1.73 81.13
N ILE Z 152 19.45 -0.79 82.09
CA ILE Z 152 19.59 -1.18 83.49
C ILE Z 152 18.57 -2.22 83.91
N SER Z 153 17.32 -2.00 83.51
CA SER Z 153 16.27 -2.95 83.80
C SER Z 153 16.58 -4.29 83.15
N LYS Z 154 16.95 -4.27 81.88
CA LYS Z 154 17.22 -5.48 81.15
C LYS Z 154 18.39 -6.25 81.73
N ILE Z 155 19.44 -5.55 82.08
CA ILE Z 155 20.63 -6.17 82.61
C ILE Z 155 20.40 -6.80 83.96
N ARG Z 156 19.66 -6.11 84.83
CA ARG Z 156 19.34 -6.68 86.13
C ARG Z 156 18.49 -7.93 86.00
N GLU Z 157 17.61 -7.96 85.01
CA GLU Z 157 16.82 -9.15 84.79
C GLU Z 157 17.72 -10.33 84.45
N GLU Z 158 18.81 -10.07 83.73
CA GLU Z 158 19.79 -11.10 83.44
C GLU Z 158 20.69 -11.38 84.64
N TYR Z 159 21.11 -10.32 85.34
CA TYR Z 159 22.08 -10.46 86.42
C TYR Z 159 21.62 -9.78 87.69
N PRO Z 160 20.49 -10.20 88.22
CA PRO Z 160 19.85 -9.66 89.41
C PRO Z 160 20.75 -9.64 90.65
N ASP Z 161 21.76 -10.51 90.67
CA ASP Z 161 22.62 -10.65 91.84
C ASP Z 161 23.97 -9.95 91.66
N ARG Z 162 24.14 -9.25 90.53
CA ARG Z 162 25.37 -8.51 90.30
C ARG Z 162 25.17 -7.04 90.65
N ILE Z 163 26.27 -6.29 90.70
CA ILE Z 163 26.23 -4.91 91.15
C ILE Z 163 25.91 -3.94 90.02
N MET Z 164 24.83 -3.18 90.17
CA MET Z 164 24.51 -2.14 89.21
C MET Z 164 25.00 -0.79 89.67
N ASN Z 165 26.09 -0.34 89.07
CA ASN Z 165 26.65 0.97 89.35
C ASN Z 165 26.45 1.92 88.18
N THR Z 166 26.15 3.18 88.46
CA THR Z 166 26.08 4.16 87.39
C THR Z 166 26.61 5.52 87.80
N PHE Z 167 27.20 6.20 86.83
CA PHE Z 167 27.63 7.58 86.99
C PHE Z 167 26.75 8.49 86.15
N SER Z 168 25.88 9.23 86.80
CA SER Z 168 24.85 9.98 86.12
C SER Z 168 25.07 11.49 86.21
N VAL Z 169 25.06 12.15 85.06
CA VAL Z 169 25.18 13.60 85.03
C VAL Z 169 23.84 14.28 85.27
N VAL Z 170 23.76 14.99 86.36
CA VAL Z 170 22.51 15.54 86.86
C VAL Z 170 22.26 16.96 86.33
N PRO Z 171 21.15 17.18 85.61
CA PRO Z 171 20.53 18.51 85.44
C PRO Z 171 21.01 19.51 86.47
N SER Z 172 21.70 20.54 86.00
CA SER Z 172 22.23 21.57 86.89
C SER Z 172 21.42 22.87 86.82
N PRO Z 173 20.96 23.35 87.97
CA PRO Z 173 20.27 24.66 88.13
C PRO Z 173 20.56 25.67 87.00
N LYS Z 174 21.84 25.98 86.79
CA LYS Z 174 22.24 27.07 85.92
C LYS Z 174 22.96 26.63 84.65
N VAL Z 175 23.06 25.33 84.45
CA VAL Z 175 23.70 24.83 83.24
C VAL Z 175 22.76 23.91 82.51
N SER Z 176 22.18 24.41 81.43
CA SER Z 176 21.16 23.69 80.71
C SER Z 176 21.54 23.47 79.27
N ASP Z 177 20.53 23.22 78.46
CA ASP Z 177 20.62 22.87 77.04
C ASP Z 177 19.39 22.11 76.60
N THR Z 178 18.33 22.17 77.42
CA THR Z 178 17.06 21.55 77.10
C THR Z 178 16.02 21.99 78.10
N VAL Z 179 14.79 22.07 77.64
CA VAL Z 179 13.71 22.56 78.48
C VAL Z 179 12.87 21.43 79.01
N VAL Z 180 13.18 20.21 78.61
CA VAL Z 180 12.48 19.04 79.10
C VAL Z 180 13.40 18.21 79.97
N GLU Z 181 14.43 18.86 80.50
CA GLU Z 181 15.41 18.23 81.36
C GLU Z 181 14.76 17.59 82.59
N PRO Z 182 13.65 18.17 83.09
CA PRO Z 182 12.94 17.63 84.24
C PRO Z 182 12.10 16.43 83.86
N TYR Z 183 11.53 16.47 82.66
CA TYR Z 183 10.74 15.35 82.19
C TYR Z 183 11.60 14.13 82.03
N ASN Z 184 12.74 14.31 81.39
CA ASN Z 184 13.63 13.20 81.12
C ASN Z 184 14.25 12.68 82.40
N ALA Z 185 14.66 13.58 83.27
CA ALA Z 185 15.25 13.20 84.54
C ALA Z 185 14.25 12.46 85.42
N THR Z 186 13.03 12.98 85.49
CA THR Z 186 12.01 12.39 86.35
C THR Z 186 11.62 11.01 85.89
N LEU Z 187 11.40 10.86 84.59
CA LEU Z 187 11.06 9.57 84.02
C LEU Z 187 12.20 8.59 84.20
N SER Z 188 13.43 9.08 84.09
CA SER Z 188 14.60 8.24 84.26
C SER Z 188 14.76 7.77 85.70
N VAL Z 189 14.85 8.71 86.64
CA VAL Z 189 15.11 8.35 88.03
C VAL Z 189 14.04 7.42 88.58
N HIS Z 190 12.82 7.57 88.09
CA HIS Z 190 11.72 6.70 88.49
C HIS Z 190 12.10 5.23 88.36
N GLN Z 191 12.79 4.89 87.29
CA GLN Z 191 13.20 3.51 87.05
C GLN Z 191 14.60 3.26 87.56
N LEU Z 192 15.38 4.33 87.68
CA LEU Z 192 16.75 4.23 88.15
C LEU Z 192 16.82 3.65 89.54
N VAL Z 193 16.10 4.27 90.48
CA VAL Z 193 16.13 3.88 91.88
C VAL Z 193 15.85 2.41 92.06
N GLU Z 194 14.78 1.97 91.43
CA GLU Z 194 14.26 0.63 91.64
C GLU Z 194 15.22 -0.44 91.16
N ASN Z 195 16.07 -0.09 90.22
CA ASN Z 195 16.89 -1.09 89.56
C ASN Z 195 18.38 -0.82 89.71
N THR Z 196 18.76 0.06 90.65
CA THR Z 196 20.16 0.42 90.80
C THR Z 196 20.67 0.18 92.21
N ASP Z 197 21.92 -0.29 92.32
CA ASP Z 197 22.52 -0.57 93.62
C ASP Z 197 23.32 0.62 94.14
N GLU Z 198 23.97 1.34 93.24
CA GLU Z 198 24.61 2.59 93.60
C GLU Z 198 24.65 3.56 92.42
N THR Z 199 24.42 4.82 92.69
CA THR Z 199 24.47 5.84 91.65
C THR Z 199 25.16 7.09 92.12
N TYR Z 200 25.93 7.69 91.23
CA TYR Z 200 26.66 8.90 91.55
C TYR Z 200 26.07 10.08 90.83
N CYS Z 201 25.91 11.18 91.56
CA CYS Z 201 25.29 12.37 91.03
C CYS Z 201 26.30 13.46 90.79
N ILE Z 202 26.52 13.79 89.53
CA ILE Z 202 27.49 14.79 89.16
C ILE Z 202 26.85 15.95 88.41
N ASP Z 203 27.09 17.16 88.88
CA ASP Z 203 26.58 18.35 88.22
C ASP Z 203 27.64 19.04 87.39
N ASN Z 204 27.29 19.38 86.16
CA ASN Z 204 28.19 20.14 85.31
C ASN Z 204 28.47 21.51 85.89
N GLU Z 205 27.47 22.09 86.53
CA GLU Z 205 27.63 23.38 87.19
C GLU Z 205 28.66 23.31 88.29
N ALA Z 206 28.60 22.26 89.11
CA ALA Z 206 29.54 22.08 90.18
C ALA Z 206 30.94 21.93 89.65
N LEU Z 207 31.07 21.17 88.57
CA LEU Z 207 32.36 20.99 87.94
C LEU Z 207 32.87 22.29 87.33
N TYR Z 208 31.95 23.06 86.75
CA TYR Z 208 32.29 24.37 86.21
C TYR Z 208 32.86 25.28 87.29
N ASP Z 209 32.31 25.18 88.49
CA ASP Z 209 32.82 25.93 89.62
C ASP Z 209 34.18 25.43 90.04
N ILE Z 210 34.31 24.11 90.22
CA ILE Z 210 35.55 23.51 90.66
C ILE Z 210 36.70 23.78 89.71
N CYS Z 211 36.43 23.64 88.43
CA CYS Z 211 37.45 23.77 87.41
C CYS Z 211 37.97 25.19 87.26
N PHE Z 212 37.29 26.15 87.87
CA PHE Z 212 37.81 27.48 87.93
C PHE Z 212 38.28 27.83 89.33
N ARG Z 213 37.41 27.63 90.31
CA ARG Z 213 37.72 27.99 91.68
C ARG Z 213 39.02 27.36 92.17
N THR Z 214 39.26 26.10 91.80
CA THR Z 214 40.45 25.41 92.27
C THR Z 214 41.48 25.25 91.18
N LEU Z 215 41.04 25.00 89.95
CA LEU Z 215 41.98 24.76 88.86
C LEU Z 215 42.25 26.00 88.02
N LYS Z 216 41.49 27.07 88.26
CA LYS Z 216 41.72 28.36 87.61
C LYS Z 216 41.81 28.24 86.09
N LEU Z 217 40.94 27.42 85.49
CA LEU Z 217 40.95 27.26 84.05
C LEU Z 217 40.27 28.43 83.37
N THR Z 218 40.96 29.03 82.41
CA THR Z 218 40.40 30.13 81.65
C THR Z 218 39.24 29.67 80.78
N THR Z 219 39.42 28.55 80.10
CA THR Z 219 38.39 27.99 79.23
C THR Z 219 38.11 26.54 79.57
N PRO Z 220 37.43 26.30 80.69
CA PRO Z 220 36.94 24.99 81.05
C PRO Z 220 36.07 24.41 79.96
N THR Z 221 36.54 23.34 79.32
CA THR Z 221 35.76 22.68 78.28
C THR Z 221 35.14 21.40 78.82
N TYR Z 222 34.26 20.80 78.05
CA TYR Z 222 33.66 19.53 78.44
C TYR Z 222 34.72 18.46 78.65
N GLY Z 223 35.78 18.50 77.86
CA GLY Z 223 36.88 17.55 77.99
C GLY Z 223 37.59 17.68 79.34
N ASP Z 224 37.45 18.84 79.97
CA ASP Z 224 38.08 19.08 81.26
C ASP Z 224 37.13 18.68 82.38
N LEU Z 225 35.84 18.85 82.15
CA LEU Z 225 34.85 18.48 83.13
C LEU Z 225 34.73 16.97 83.19
N ASN Z 226 34.80 16.33 82.03
CA ASN Z 226 34.77 14.89 81.93
C ASN Z 226 36.00 14.28 82.54
N HIS Z 227 37.10 15.01 82.44
CA HIS Z 227 38.36 14.61 83.02
C HIS Z 227 38.26 14.53 84.54
N LEU Z 228 37.65 15.54 85.14
CA LEU Z 228 37.37 15.51 86.57
C LEU Z 228 36.54 14.30 86.95
N VAL Z 229 35.51 14.02 86.15
CA VAL Z 229 34.65 12.88 86.40
C VAL Z 229 35.42 11.57 86.33
N SER Z 230 36.24 11.42 85.29
CA SER Z 230 36.99 10.20 85.06
C SER Z 230 37.93 9.88 86.20
N ALA Z 231 38.47 10.93 86.82
CA ALA Z 231 39.37 10.74 87.96
C ALA Z 231 38.63 10.05 89.10
N THR Z 232 37.40 10.47 89.36
CA THR Z 232 36.63 9.88 90.43
C THR Z 232 36.12 8.50 90.06
N MET Z 233 35.81 8.30 88.78
CA MET Z 233 35.38 7.00 88.30
C MET Z 233 36.44 5.95 88.55
N SER Z 234 37.68 6.32 88.25
CA SER Z 234 38.80 5.42 88.48
C SER Z 234 38.92 5.09 89.94
N GLY Z 235 38.87 6.12 90.80
CA GLY Z 235 39.04 5.96 92.22
C GLY Z 235 38.07 4.96 92.83
N VAL Z 236 36.82 4.97 92.34
CA VAL Z 236 35.80 4.06 92.83
C VAL Z 236 36.22 2.59 92.74
N THR Z 237 36.94 2.23 91.68
CA THR Z 237 37.29 0.84 91.45
C THR Z 237 38.80 0.58 91.45
N THR Z 238 39.57 1.62 91.68
CA THR Z 238 41.03 1.53 91.61
C THR Z 238 41.58 0.55 92.64
N CYS Z 239 40.88 0.43 93.76
CA CYS Z 239 41.22 -0.49 94.82
C CYS Z 239 41.18 -1.95 94.37
N LEU Z 240 40.47 -2.22 93.30
CA LEU Z 240 40.31 -3.58 92.81
C LEU Z 240 41.43 -3.98 91.89
N ARG Z 241 42.27 -3.03 91.52
CA ARG Z 241 43.20 -3.28 90.46
C ARG Z 241 44.65 -3.33 90.92
N PHE Z 242 44.88 -3.21 92.22
CA PHE Z 242 46.21 -3.38 92.79
C PHE Z 242 46.18 -3.45 94.32
N PRO Z 243 47.35 -3.71 94.91
CA PRO Z 243 47.51 -3.92 96.35
C PRO Z 243 47.26 -2.67 97.18
N GLY Z 244 46.93 -2.87 98.45
CA GLY Z 244 46.64 -1.78 99.35
C GLY Z 244 46.53 -2.25 100.80
N GLN Z 245 46.68 -1.30 101.73
CA GLN Z 245 46.63 -1.62 103.16
C GLN Z 245 45.24 -2.00 103.57
N LEU Z 246 44.27 -1.30 103.02
CA LEU Z 246 42.88 -1.67 103.17
C LEU Z 246 42.23 -1.76 101.82
N ASN Z 247 41.75 -2.95 101.48
CA ASN Z 247 41.08 -3.16 100.22
C ASN Z 247 39.71 -2.54 100.23
N ALA Z 248 39.12 -2.44 99.06
CA ALA Z 248 37.77 -1.92 98.93
C ALA Z 248 37.13 -2.50 97.69
N ASP Z 249 35.85 -2.26 97.55
CA ASP Z 249 35.09 -2.87 96.48
C ASP Z 249 33.76 -2.18 96.31
N LEU Z 250 33.15 -2.39 95.16
CA LEU Z 250 31.83 -1.84 94.90
C LEU Z 250 30.83 -2.41 95.90
N ARG Z 251 30.97 -3.71 96.18
CA ARG Z 251 30.15 -4.36 97.16
C ARG Z 251 30.46 -3.85 98.55
N LYS Z 252 31.75 -3.75 98.86
CA LYS Z 252 32.20 -3.28 100.16
C LYS Z 252 31.71 -1.89 100.43
N LEU Z 253 31.77 -1.05 99.42
CA LEU Z 253 31.27 0.30 99.53
C LEU Z 253 29.79 0.28 99.78
N ALA Z 254 29.06 -0.45 98.96
CA ALA Z 254 27.62 -0.52 99.12
C ALA Z 254 27.26 -0.97 100.53
N VAL Z 255 27.94 -1.99 101.02
CA VAL Z 255 27.72 -2.48 102.36
C VAL Z 255 27.96 -1.41 103.42
N ASN Z 256 28.92 -0.52 103.17
CA ASN Z 256 29.23 0.53 104.14
C ASN Z 256 28.69 1.91 103.73
N MET Z 257 27.99 1.99 102.59
CA MET Z 257 27.54 3.27 102.09
C MET Z 257 26.02 3.36 101.98
N VAL Z 258 25.36 2.22 101.89
CA VAL Z 258 23.90 2.21 101.91
C VAL Z 258 23.40 1.62 103.23
N PRO Z 259 22.82 2.46 104.08
CA PRO Z 259 22.26 2.03 105.36
C PRO Z 259 20.79 1.75 105.21
N PHE Z 260 20.19 2.41 104.25
CA PHE Z 260 18.80 2.21 103.95
C PHE Z 260 18.63 1.95 102.47
N PRO Z 261 18.28 0.70 102.12
CA PRO Z 261 18.25 0.19 100.73
C PRO Z 261 18.22 1.27 99.65
N ARG Z 262 17.25 2.17 99.75
CA ARG Z 262 16.91 3.07 98.67
C ARG Z 262 17.85 4.26 98.57
N LEU Z 263 18.47 4.63 99.67
CA LEU Z 263 19.30 5.82 99.71
C LEU Z 263 20.70 5.52 99.24
N HIS Z 264 20.85 5.32 97.94
CA HIS Z 264 22.13 4.96 97.37
C HIS Z 264 22.56 5.97 96.33
N PHE Z 265 22.33 7.24 96.62
CA PHE Z 265 22.80 8.33 95.80
C PHE Z 265 24.00 8.98 96.43
N PHE Z 266 25.07 9.14 95.68
CA PHE Z 266 26.30 9.60 96.26
C PHE Z 266 26.86 10.82 95.59
N MET Z 267 27.50 11.65 96.39
CA MET Z 267 28.27 12.76 95.87
C MET Z 267 29.73 12.34 95.72
N PRO Z 268 30.35 12.66 94.61
CA PRO Z 268 31.76 12.29 94.41
C PRO Z 268 32.67 13.48 94.55
N GLY Z 269 33.89 13.22 95.00
CA GLY Z 269 34.91 14.25 95.08
C GLY Z 269 36.29 13.67 94.81
N PHE Z 270 37.26 14.53 94.63
CA PHE Z 270 38.61 14.12 94.35
C PHE Z 270 39.58 15.00 95.12
N ALA Z 271 40.58 14.39 95.73
CA ALA Z 271 41.63 15.12 96.42
C ALA Z 271 42.45 15.98 95.43
N PRO Z 272 43.76 16.06 95.64
CA PRO Z 272 44.53 17.27 95.30
C PRO Z 272 43.95 18.01 94.08
N LEU Z 273 43.18 19.06 94.35
CA LEU Z 273 42.69 19.97 93.34
C LEU Z 273 43.40 21.31 93.43
N THR Z 274 44.36 21.53 92.54
CA THR Z 274 45.13 22.76 92.61
C THR Z 274 45.65 23.12 91.23
N SER Z 275 45.80 24.42 90.95
CA SER Z 275 46.29 24.86 89.66
C SER Z 275 47.77 24.59 89.53
N ARG Z 276 48.26 24.58 88.30
CA ARG Z 276 49.65 24.23 88.03
C ARG Z 276 50.65 25.25 88.58
N GLY Z 277 50.19 26.46 88.85
CA GLY Z 277 51.05 27.47 89.45
C GLY Z 277 51.00 27.42 90.98
N SER Z 278 50.00 26.72 91.51
CA SER Z 278 49.81 26.63 92.95
C SER Z 278 50.28 25.30 93.51
N GLN Z 279 50.55 24.34 92.63
CA GLN Z 279 51.00 23.02 93.05
C GLN Z 279 52.30 23.06 93.86
N GLN Z 280 53.13 24.07 93.61
CA GLN Z 280 54.40 24.22 94.30
C GLN Z 280 54.23 24.63 95.76
N TYR Z 281 53.02 25.04 96.14
CA TYR Z 281 52.73 25.43 97.50
C TYR Z 281 52.02 24.31 98.27
N ARG Z 282 51.88 23.15 97.64
CA ARG Z 282 51.19 22.04 98.27
C ARG Z 282 52.07 21.29 99.26
N ALA Z 283 51.46 20.85 100.35
CA ALA Z 283 52.15 20.08 101.37
C ALA Z 283 52.14 18.60 101.02
N LEU Z 284 51.08 18.15 100.35
CA LEU Z 284 50.92 16.75 99.98
C LEU Z 284 50.86 15.84 101.20
N THR Z 285 50.11 16.26 102.22
CA THR Z 285 49.95 15.47 103.42
C THR Z 285 48.53 14.97 103.55
N VAL Z 286 48.33 13.93 104.36
CA VAL Z 286 46.99 13.38 104.56
C VAL Z 286 46.00 14.42 105.10
N PRO Z 287 46.38 15.23 106.11
CA PRO Z 287 45.69 16.41 106.60
C PRO Z 287 45.22 17.28 105.45
N GLU Z 288 46.16 17.69 104.60
CA GLU Z 288 45.83 18.53 103.44
C GLU Z 288 44.77 17.89 102.56
N LEU Z 289 44.92 16.59 102.30
CA LEU Z 289 44.00 15.89 101.43
C LEU Z 289 42.60 15.90 102.01
N THR Z 290 42.48 15.66 103.32
CA THR Z 290 41.18 15.59 103.96
C THR Z 290 40.52 16.95 104.06
N GLN Z 291 41.33 17.99 104.15
CA GLN Z 291 40.80 19.35 104.10
C GLN Z 291 40.08 19.59 102.79
N GLN Z 292 40.66 19.09 101.71
CA GLN Z 292 40.04 19.20 100.41
C GLN Z 292 38.85 18.25 100.25
N MET Z 293 39.02 17.01 100.71
CA MET Z 293 37.99 15.99 100.54
C MET Z 293 36.70 16.35 101.26
N PHE Z 294 36.83 16.98 102.41
CA PHE Z 294 35.66 17.38 103.17
C PHE Z 294 35.32 18.86 102.97
N ASP Z 295 35.87 19.46 101.91
CA ASP Z 295 35.50 20.81 101.51
C ASP Z 295 34.29 20.78 100.60
N ALA Z 296 33.21 21.40 101.03
CA ALA Z 296 31.96 21.43 100.27
C ALA Z 296 32.17 21.93 98.85
N LYS Z 297 33.12 22.85 98.68
CA LYS Z 297 33.35 23.50 97.40
C LYS Z 297 33.99 22.54 96.39
N ASN Z 298 34.54 21.43 96.89
CA ASN Z 298 35.18 20.46 96.01
C ASN Z 298 34.28 19.29 95.70
N MET Z 299 33.01 19.39 96.05
CA MET Z 299 32.05 18.34 95.74
C MET Z 299 31.50 18.51 94.33
N MET Z 300 31.41 17.39 93.61
CA MET Z 300 31.03 17.45 92.21
C MET Z 300 29.51 17.40 92.01
N ALA Z 301 28.77 17.29 93.12
CA ALA Z 301 27.34 17.58 93.10
C ALA Z 301 27.12 19.04 93.44
N ALA Z 302 26.12 19.67 92.82
CA ALA Z 302 25.87 21.09 93.01
C ALA Z 302 25.45 21.41 94.43
N CYS Z 303 24.70 20.50 95.05
CA CYS Z 303 24.20 20.77 96.38
C CYS Z 303 25.32 20.79 97.40
N ASP Z 304 25.33 21.84 98.22
CA ASP Z 304 26.35 22.00 99.24
C ASP Z 304 26.01 21.18 100.49
N PRO Z 305 26.74 20.07 100.74
CA PRO Z 305 26.57 19.09 101.82
C PRO Z 305 26.22 19.70 103.18
N ARG Z 306 26.63 20.93 103.42
CA ARG Z 306 26.49 21.52 104.74
C ARG Z 306 25.06 21.99 105.03
N HIS Z 307 24.18 21.84 104.05
CA HIS Z 307 22.76 22.06 104.26
C HIS Z 307 22.07 20.76 104.70
N GLY Z 308 22.83 19.67 104.75
CA GLY Z 308 22.29 18.38 105.15
C GLY Z 308 23.22 17.69 106.13
N ARG Z 309 23.14 16.36 106.18
CA ARG Z 309 24.00 15.59 107.08
C ARG Z 309 24.59 14.39 106.36
N TYR Z 310 25.66 13.84 106.92
CA TYR Z 310 26.31 12.69 106.31
C TYR Z 310 25.83 11.38 106.90
N LEU Z 311 25.08 10.62 106.11
CA LEU Z 311 24.65 9.30 106.52
C LEU Z 311 25.84 8.37 106.61
N THR Z 312 26.75 8.49 105.64
CA THR Z 312 28.00 7.75 105.65
C THR Z 312 28.94 8.24 104.56
N VAL Z 313 30.23 8.17 104.85
CA VAL Z 313 31.27 8.68 103.95
C VAL Z 313 32.30 7.63 103.64
N ALA Z 314 32.71 7.53 102.39
CA ALA Z 314 33.84 6.69 102.03
C ALA Z 314 35.03 7.55 101.63
N ALA Z 315 36.17 7.25 102.22
CA ALA Z 315 37.39 7.97 101.93
C ALA Z 315 38.46 7.00 101.46
N VAL Z 316 38.68 6.96 100.15
CA VAL Z 316 39.63 6.03 99.57
C VAL Z 316 40.91 6.74 99.20
N PHE Z 317 42.00 6.31 99.80
CA PHE Z 317 43.27 7.00 99.66
C PHE Z 317 44.23 6.24 98.75
N ARG Z 318 45.17 6.97 98.16
CA ARG Z 318 46.08 6.41 97.18
C ARG Z 318 47.53 6.72 97.52
N GLY Z 319 48.35 5.67 97.63
CA GLY Z 319 49.78 5.85 97.79
C GLY Z 319 50.24 5.50 99.19
N ARG Z 320 51.55 5.53 99.40
CA ARG Z 320 52.11 5.21 100.70
C ARG Z 320 51.74 6.26 101.74
N MET Z 321 51.22 5.80 102.87
CA MET Z 321 50.89 6.69 103.96
C MET Z 321 50.69 5.94 105.26
N SER Z 322 50.75 6.66 106.37
CA SER Z 322 50.51 6.05 107.67
C SER Z 322 49.05 5.80 107.90
N MET Z 323 48.74 4.61 108.38
CA MET Z 323 47.37 4.24 108.65
C MET Z 323 46.84 5.02 109.85
N LYS Z 324 47.71 5.23 110.84
CA LYS Z 324 47.39 6.04 111.99
C LYS Z 324 47.10 7.47 111.60
N GLU Z 325 47.96 8.03 110.76
CA GLU Z 325 47.79 9.39 110.29
C GLU Z 325 46.43 9.59 109.68
N VAL Z 326 46.01 8.66 108.83
CA VAL Z 326 44.69 8.72 108.22
C VAL Z 326 43.61 8.65 109.26
N ASP Z 327 43.71 7.67 110.15
CA ASP Z 327 42.71 7.48 111.19
C ASP Z 327 42.55 8.72 112.06
N GLU Z 328 43.68 9.35 112.38
CA GLU Z 328 43.68 10.58 113.17
C GLU Z 328 42.87 11.66 112.49
N GLN Z 329 43.09 11.83 111.18
CA GLN Z 329 42.40 12.86 110.44
C GLN Z 329 40.90 12.59 110.36
N MET Z 330 40.54 11.32 110.22
CA MET Z 330 39.14 10.95 110.19
C MET Z 330 38.46 11.32 111.49
N LEU Z 331 39.14 11.07 112.59
CA LEU Z 331 38.64 11.42 113.90
C LEU Z 331 38.49 12.91 114.06
N ASN Z 332 39.51 13.65 113.63
CA ASN Z 332 39.49 15.10 113.72
C ASN Z 332 38.32 15.69 112.96
N VAL Z 333 38.04 15.14 111.79
CA VAL Z 333 36.93 15.61 110.96
C VAL Z 333 35.59 15.40 111.63
N GLN Z 334 35.36 14.21 112.15
CA GLN Z 334 34.08 13.91 112.78
C GLN Z 334 33.91 14.69 114.08
N ASN Z 335 35.01 14.96 114.76
CA ASN Z 335 34.99 15.81 115.95
C ASN Z 335 34.72 17.26 115.58
N LYS Z 336 35.31 17.70 114.47
CA LYS Z 336 35.16 19.07 114.00
C LYS Z 336 33.71 19.41 113.66
N ASN Z 337 33.06 18.51 112.94
CA ASN Z 337 31.71 18.78 112.47
C ASN Z 337 30.74 17.68 112.90
N SER Z 338 30.62 17.48 114.20
CA SER Z 338 29.72 16.48 114.74
C SER Z 338 28.26 16.77 114.38
N SER Z 339 27.96 18.04 114.12
CA SER Z 339 26.63 18.44 113.71
C SER Z 339 26.32 18.05 112.27
N TYR Z 340 27.36 17.82 111.48
CA TYR Z 340 27.16 17.47 110.08
C TYR Z 340 26.97 15.99 109.91
N PHE Z 341 27.69 15.21 110.70
CA PHE Z 341 27.60 13.78 110.61
C PHE Z 341 26.36 13.26 111.33
N VAL Z 342 25.72 12.25 110.75
CA VAL Z 342 24.56 11.64 111.36
C VAL Z 342 24.94 10.79 112.55
N GLU Z 343 24.44 11.19 113.71
CA GLU Z 343 24.81 10.61 115.00
C GLU Z 343 24.44 9.16 115.14
N TRP Z 344 23.46 8.71 114.35
CA TRP Z 344 23.02 7.32 114.37
C TRP Z 344 24.12 6.35 113.95
N ILE Z 345 25.15 6.86 113.30
CA ILE Z 345 26.28 6.05 112.93
C ILE Z 345 27.47 6.37 113.82
N PRO Z 346 28.12 5.34 114.35
CA PRO Z 346 29.22 5.48 115.29
C PRO Z 346 30.45 6.00 114.59
N ASN Z 347 30.99 5.21 113.66
CA ASN Z 347 32.00 5.70 112.78
C ASN Z 347 31.38 6.07 111.46
N ASN Z 348 31.30 7.36 111.19
CA ASN Z 348 30.62 7.83 110.01
C ASN Z 348 31.45 7.68 108.75
N VAL Z 349 32.74 7.41 108.90
CA VAL Z 349 33.61 7.36 107.75
C VAL Z 349 34.22 6.00 107.53
N LYS Z 350 33.97 5.45 106.35
CA LYS Z 350 34.62 4.24 105.89
C LYS Z 350 35.89 4.60 105.15
N THR Z 351 36.99 3.95 105.48
CA THR Z 351 38.24 4.29 104.82
C THR Z 351 38.82 3.12 104.05
N ALA Z 352 39.68 3.44 103.10
CA ALA Z 352 40.47 2.46 102.39
C ALA Z 352 41.75 3.09 101.92
N VAL Z 353 42.81 2.31 101.84
CA VAL Z 353 44.10 2.83 101.45
C VAL Z 353 44.78 1.90 100.48
N CYS Z 354 45.06 2.41 99.29
CA CYS Z 354 45.74 1.62 98.29
C CYS Z 354 47.19 2.03 98.18
N ASP Z 355 48.04 1.11 97.79
CA ASP Z 355 49.49 1.34 97.83
C ASP Z 355 50.00 2.18 96.66
N ILE Z 356 49.18 2.35 95.63
CA ILE Z 356 49.64 3.06 94.45
C ILE Z 356 48.82 4.33 94.18
N PRO Z 357 49.44 5.51 94.37
CA PRO Z 357 48.95 6.78 93.90
C PRO Z 357 48.83 6.80 92.39
N PRO Z 358 47.97 7.65 91.84
CA PRO Z 358 47.85 8.02 90.45
C PRO Z 358 49.19 8.42 89.92
N ARG Z 359 49.57 7.85 88.78
CA ARG Z 359 50.89 8.11 88.20
C ARG Z 359 51.15 9.61 88.11
N GLY Z 360 52.22 10.06 88.75
CA GLY Z 360 52.57 11.48 88.73
C GLY Z 360 52.24 12.18 90.04
N LEU Z 361 51.34 11.61 90.81
CA LEU Z 361 51.04 12.12 92.14
C LEU Z 361 51.77 11.32 93.20
N LYS Z 362 52.21 12.00 94.25
CA LYS Z 362 52.86 11.32 95.36
C LYS Z 362 51.84 10.68 96.28
N MET Z 363 50.64 11.25 96.32
CA MET Z 363 49.59 10.76 97.20
C MET Z 363 48.27 11.44 96.89
N SER Z 364 47.22 10.64 96.75
CA SER Z 364 45.91 11.17 96.38
C SER Z 364 44.80 10.49 97.14
N ALA Z 365 43.57 10.75 96.71
CA ALA Z 365 42.39 10.16 97.34
C ALA Z 365 41.13 10.52 96.57
N THR Z 366 40.04 9.83 96.89
CA THR Z 366 38.74 10.15 96.32
C THR Z 366 37.66 10.03 97.38
N PHE Z 367 36.61 10.81 97.21
CA PHE Z 367 35.60 10.98 98.23
C PHE Z 367 34.23 10.58 97.74
N ILE Z 368 33.55 9.73 98.51
CA ILE Z 368 32.18 9.37 98.20
C ILE Z 368 31.28 9.65 99.39
N GLY Z 369 30.33 10.55 99.23
CA GLY Z 369 29.50 10.96 100.34
C GLY Z 369 28.05 10.57 100.16
N ASN Z 370 27.50 9.91 101.17
CA ASN Z 370 26.06 9.72 101.23
C ASN Z 370 25.46 10.76 102.15
N SER Z 371 25.18 11.94 101.60
CA SER Z 371 24.61 13.02 102.38
C SER Z 371 23.12 13.14 102.16
N THR Z 372 22.43 13.74 103.12
CA THR Z 372 21.01 13.97 103.02
C THR Z 372 20.73 15.25 102.23
N ALA Z 373 21.77 16.07 102.05
CA ALA Z 373 21.66 17.35 101.36
C ALA Z 373 21.21 17.16 99.92
N ILE Z 374 21.58 16.04 99.31
CA ILE Z 374 21.29 15.76 97.91
C ILE Z 374 19.80 15.84 97.59
N GLN Z 375 18.95 15.68 98.61
CA GLN Z 375 17.52 15.78 98.44
C GLN Z 375 17.11 17.09 97.78
N GLU Z 376 17.92 18.14 97.98
CA GLU Z 376 17.61 19.46 97.48
C GLU Z 376 17.71 19.53 95.96
N LEU Z 377 18.58 18.70 95.38
CA LEU Z 377 18.69 18.64 93.94
C LEU Z 377 17.45 18.02 93.36
N PHE Z 378 16.95 16.99 94.03
CA PHE Z 378 15.74 16.33 93.62
C PHE Z 378 14.55 17.26 93.73
N LYS Z 379 14.52 18.05 94.80
CA LYS Z 379 13.46 19.03 94.99
C LYS Z 379 13.42 20.03 93.86
N ARG Z 380 14.58 20.62 93.56
CA ARG Z 380 14.67 21.62 92.52
C ARG Z 380 14.14 21.10 91.19
N ILE Z 381 14.61 19.92 90.81
CA ILE Z 381 14.18 19.31 89.56
C ILE Z 381 12.69 19.02 89.59
N SER Z 382 12.20 18.50 90.71
CA SER Z 382 10.81 18.18 90.88
C SER Z 382 9.93 19.41 90.70
N GLU Z 383 10.39 20.54 91.24
CA GLU Z 383 9.66 21.80 91.12
C GLU Z 383 9.57 22.25 89.66
N GLN Z 384 10.68 22.12 88.93
CA GLN Z 384 10.70 22.48 87.53
C GLN Z 384 9.77 21.59 86.74
N PHE Z 385 9.82 20.31 87.05
CA PHE Z 385 8.95 19.32 86.45
C PHE Z 385 7.50 19.67 86.70
N THR Z 386 7.18 19.95 87.95
CA THR Z 386 5.83 20.29 88.34
C THR Z 386 5.31 21.46 87.55
N ALA Z 387 6.08 22.54 87.51
CA ALA Z 387 5.64 23.78 86.87
C ALA Z 387 5.24 23.53 85.43
N MET Z 388 6.03 22.75 84.72
CA MET Z 388 5.71 22.38 83.35
C MET Z 388 4.55 21.42 83.29
N PHE Z 389 4.59 20.40 84.13
CA PHE Z 389 3.59 19.34 84.12
C PHE Z 389 2.20 19.86 84.41
N ARG Z 390 2.10 20.88 85.25
CA ARG Z 390 0.82 21.47 85.56
C ARG Z 390 0.12 22.03 84.32
N ARG Z 391 0.90 22.33 83.28
CA ARG Z 391 0.34 22.82 82.03
C ARG Z 391 0.42 21.77 80.94
N LYS Z 392 0.81 20.55 81.32
CA LYS Z 392 1.06 19.48 80.36
C LYS Z 392 2.00 19.94 79.26
N ALA Z 393 2.98 20.75 79.63
CA ALA Z 393 3.90 21.32 78.66
C ALA Z 393 4.74 20.25 78.03
N PHE Z 394 4.90 20.31 76.72
CA PHE Z 394 5.72 19.36 75.97
C PHE Z 394 5.24 17.90 76.07
N LEU Z 395 4.07 17.68 76.69
CA LEU Z 395 3.63 16.34 76.99
C LEU Z 395 3.36 15.55 75.73
N HIS Z 396 2.96 16.24 74.67
CA HIS Z 396 2.59 15.58 73.42
C HIS Z 396 3.78 14.89 72.77
N TRP Z 397 4.99 15.28 73.15
CA TRP Z 397 6.18 14.62 72.63
C TRP Z 397 6.31 13.21 73.17
N TYR Z 398 5.73 12.98 74.33
CA TYR Z 398 5.78 11.67 74.95
C TYR Z 398 4.46 10.94 74.73
N THR Z 399 3.38 11.71 74.65
CA THR Z 399 2.07 11.17 74.31
C THR Z 399 2.13 10.47 72.96
N GLY Z 400 2.81 11.09 72.00
CA GLY Z 400 2.95 10.53 70.67
C GLY Z 400 3.75 9.23 70.65
N GLU Z 401 4.50 8.97 71.72
CA GLU Z 401 5.26 7.74 71.84
C GLU Z 401 4.48 6.68 72.62
N GLY Z 402 3.31 7.05 73.12
CA GLY Z 402 2.48 6.11 73.87
C GLY Z 402 2.58 6.30 75.38
N MET Z 403 3.20 7.39 75.81
CA MET Z 403 3.32 7.66 77.24
C MET Z 403 2.12 8.43 77.76
N ASP Z 404 1.55 7.96 78.85
CA ASP Z 404 0.39 8.61 79.43
C ASP Z 404 0.79 9.58 80.55
N GLU Z 405 -0.21 10.24 81.13
CA GLU Z 405 0.00 11.14 82.25
C GLU Z 405 0.30 10.39 83.52
N MET Z 406 -0.26 9.19 83.65
CA MET Z 406 -0.16 8.41 84.88
C MET Z 406 1.28 8.14 85.24
N GLU Z 407 2.08 7.80 84.24
CA GLU Z 407 3.50 7.58 84.45
C GLU Z 407 4.17 8.79 85.06
N PHE Z 408 3.82 9.96 84.56
CA PHE Z 408 4.45 11.19 85.01
C PHE Z 408 4.07 11.53 86.46
N THR Z 409 2.81 11.32 86.79
CA THR Z 409 2.34 11.59 88.14
C THR Z 409 2.88 10.56 89.12
N GLU Z 410 2.99 9.33 88.64
CA GLU Z 410 3.53 8.24 89.45
C GLU Z 410 5.00 8.46 89.72
N ALA Z 411 5.72 8.88 88.70
CA ALA Z 411 7.14 9.13 88.84
C ALA Z 411 7.40 10.22 89.86
N GLU Z 412 6.67 11.33 89.74
CA GLU Z 412 6.83 12.46 90.66
C GLU Z 412 6.48 12.06 92.07
N SER Z 413 5.40 11.31 92.24
CA SER Z 413 5.01 10.82 93.54
C SER Z 413 6.14 10.00 94.15
N ASN Z 414 6.75 9.17 93.32
CA ASN Z 414 7.83 8.33 93.75
C ASN Z 414 9.13 9.11 93.97
N MET Z 415 9.29 10.21 93.23
CA MET Z 415 10.42 11.13 93.48
C MET Z 415 10.28 11.82 94.82
N ASN Z 416 9.05 12.15 95.18
CA ASN Z 416 8.79 12.78 96.46
C ASN Z 416 9.15 11.86 97.61
N ASP Z 417 8.86 10.57 97.43
CA ASP Z 417 9.22 9.57 98.43
C ASP Z 417 10.72 9.57 98.69
N LEU Z 418 11.50 9.64 97.63
CA LEU Z 418 12.96 9.67 97.74
C LEU Z 418 13.43 10.84 98.60
N VAL Z 419 12.93 12.03 98.28
CA VAL Z 419 13.27 13.22 99.04
C VAL Z 419 12.83 13.10 100.47
N SER Z 420 11.61 12.63 100.66
CA SER Z 420 11.04 12.47 101.97
C SER Z 420 11.88 11.56 102.84
N GLU Z 421 12.39 10.49 102.25
CA GLU Z 421 13.24 9.55 102.96
C GLU Z 421 14.55 10.19 103.41
N TYR Z 422 15.17 10.97 102.54
CA TYR Z 422 16.37 11.69 102.92
C TYR Z 422 16.09 12.69 104.03
N GLN Z 423 14.94 13.36 103.96
CA GLN Z 423 14.51 14.26 105.01
C GLN Z 423 14.19 13.53 106.30
N GLN Z 424 13.61 12.34 106.19
CA GLN Z 424 13.34 11.51 107.35
C GLN Z 424 14.59 11.28 108.16
N TYR Z 425 15.69 11.09 107.47
CA TYR Z 425 16.95 10.78 108.12
C TYR Z 425 17.85 12.03 108.23
N GLN Z 426 17.23 13.21 108.29
CA GLN Z 426 17.95 14.45 108.60
C GLN Z 426 17.24 15.23 109.69
N ASP Z 427 18.02 15.87 110.56
CA ASP Z 427 17.44 16.76 111.57
C ASP Z 427 17.51 18.22 111.12
N SER AA 9 -7.41 1.51 114.66
CA SER AA 9 -6.22 2.17 115.16
C SER AA 9 -5.11 1.16 115.49
N SER AA 10 -5.09 0.68 116.73
CA SER AA 10 -4.07 -0.26 117.17
C SER AA 10 -4.30 -1.65 116.59
N ILE AA 11 -3.21 -2.35 116.29
CA ILE AA 11 -3.30 -3.67 115.68
C ILE AA 11 -3.37 -4.77 116.74
N VAL AA 12 -3.81 -5.95 116.33
CA VAL AA 12 -3.95 -7.10 117.22
C VAL AA 12 -3.06 -8.25 116.80
N VAL AA 13 -2.30 -8.79 117.75
CA VAL AA 13 -1.44 -9.94 117.44
C VAL AA 13 -2.02 -11.24 117.99
N ALA AA 14 -2.28 -12.18 117.08
CA ALA AA 14 -2.86 -13.48 117.44
C ALA AA 14 -1.99 -14.62 116.92
N ILE AA 15 -1.99 -15.73 117.65
CA ILE AA 15 -1.05 -16.82 117.37
C ILE AA 15 -1.65 -18.21 117.56
N ARG AA 16 -1.22 -19.16 116.72
CA ARG AA 16 -1.67 -20.54 116.83
C ARG AA 16 -0.62 -21.53 116.25
N VAL AA 17 -0.72 -22.80 116.64
CA VAL AA 17 0.23 -23.83 116.18
C VAL AA 17 -0.40 -24.80 115.18
N ARG AA 18 0.45 -25.46 114.36
CA ARG AA 18 0.07 -26.72 113.67
C ARG AA 18 -0.32 -27.80 114.73
N PRO AA 19 0.15 -29.03 114.59
CA PRO AA 19 0.18 -29.90 115.76
C PRO AA 19 1.46 -30.66 115.82
N PHE AA 20 1.49 -31.63 116.71
CA PHE AA 20 2.53 -32.63 116.65
C PHE AA 20 1.91 -33.94 116.21
N THR AA 21 2.63 -34.65 115.37
CA THR AA 21 2.10 -35.83 114.72
C THR AA 21 2.84 -37.04 115.19
N SER AA 22 2.65 -38.16 114.52
CA SER AA 22 3.36 -39.38 114.85
C SER AA 22 4.87 -39.24 114.66
N MET AA 23 5.29 -38.26 113.86
CA MET AA 23 6.70 -37.96 113.69
C MET AA 23 7.30 -37.38 114.97
N GLU AA 24 6.46 -36.66 115.72
CA GLU AA 24 6.89 -36.07 116.98
C GLU AA 24 6.57 -36.99 118.16
N LYS AA 25 5.49 -37.76 118.02
CA LYS AA 25 5.11 -38.72 119.06
C LYS AA 25 6.12 -39.86 119.13
N THR AA 26 6.62 -40.29 117.97
CA THR AA 26 7.67 -41.30 117.90
C THR AA 26 8.91 -40.84 118.65
N ARG AA 27 9.20 -39.55 118.57
CA ARG AA 27 10.32 -38.95 119.25
C ARG AA 27 10.03 -38.77 120.73
N LEU AA 28 10.01 -39.87 121.47
CA LEU AA 28 9.69 -39.82 122.89
C LEU AA 28 10.72 -39.01 123.65
N VAL AA 29 11.98 -39.17 123.29
CA VAL AA 29 13.05 -38.43 123.93
C VAL AA 29 13.19 -37.03 123.36
N ILE AA 30 12.30 -36.13 123.77
CA ILE AA 30 12.40 -34.72 123.43
C ILE AA 30 11.58 -33.87 124.38
N ARG AA 31 12.07 -32.69 124.68
CA ARG AA 31 11.35 -31.76 125.52
C ARG AA 31 10.74 -30.64 124.67
N LYS AA 32 9.43 -30.43 124.84
CA LYS AA 32 8.72 -29.40 124.09
C LYS AA 32 9.25 -28.02 124.42
N ILE AA 33 9.20 -27.12 123.44
CA ILE AA 33 9.66 -25.75 123.61
C ILE AA 33 8.50 -24.75 123.65
N VAL AA 34 7.31 -25.20 123.29
CA VAL AA 34 6.13 -24.34 123.32
C VAL AA 34 5.13 -24.81 124.36
N ASP AA 35 4.71 -23.89 125.21
CA ASP AA 35 3.70 -24.20 126.20
C ASP AA 35 2.82 -23.00 126.49
N CYS AA 36 1.66 -22.96 125.84
CA CYS AA 36 0.65 -21.96 126.15
C CYS AA 36 0.01 -22.27 127.48
N VAL AA 37 0.21 -21.39 128.46
CA VAL AA 37 -0.26 -21.66 129.81
C VAL AA 37 -1.59 -20.98 130.09
N ASP AA 38 -1.90 -19.94 129.33
CA ASP AA 38 -3.19 -19.29 129.44
C ASP AA 38 -3.50 -18.53 128.16
N ASP AA 39 -4.72 -18.02 128.06
CA ASP AA 39 -5.06 -17.17 126.95
C ASP AA 39 -4.17 -15.96 126.95
N ARG AA 40 -3.55 -15.69 125.80
CA ARG AA 40 -2.62 -14.57 125.64
C ARG AA 40 -1.27 -14.79 126.36
N MET AA 41 -1.05 -15.97 126.94
CA MET AA 41 0.16 -16.22 127.71
C MET AA 41 0.94 -17.43 127.21
N LEU AA 42 2.04 -17.16 126.52
CA LEU AA 42 2.91 -18.21 126.02
C LEU AA 42 4.19 -18.30 126.79
N ILE AA 43 4.50 -19.48 127.27
CA ILE AA 43 5.78 -19.72 127.90
C ILE AA 43 6.70 -20.51 126.99
N PHE AA 44 7.89 -19.98 126.75
CA PHE AA 44 8.86 -20.70 125.97
C PHE AA 44 9.64 -21.65 126.85
N ASP AA 45 9.44 -22.94 126.59
CA ASP AA 45 10.11 -23.99 127.31
C ASP AA 45 11.49 -24.27 126.71
N PRO AA 46 12.36 -24.98 127.44
CA PRO AA 46 12.06 -25.62 128.72
C PRO AA 46 12.97 -25.15 129.82
N ALA AA 47 13.84 -24.18 129.50
CA ALA AA 47 14.90 -23.67 130.37
C ALA AA 47 16.21 -24.42 130.07
N ASP AA 48 16.75 -25.10 131.07
CA ASP AA 48 17.93 -25.94 130.88
C ASP AA 48 18.21 -26.78 132.11
N ARG AA 49 17.77 -28.03 132.05
CA ARG AA 49 18.11 -29.02 133.06
C ARG AA 49 18.79 -30.20 132.37
N ASN AA 50 19.61 -29.89 131.39
CA ASN AA 50 20.16 -30.88 130.48
C ASN AA 50 21.16 -31.80 131.16
N SER AA 51 21.22 -33.04 130.67
CA SER AA 51 22.23 -34.01 131.11
C SER AA 51 23.44 -33.99 130.19
N ASN AA 52 23.49 -33.00 129.30
CA ASN AA 52 24.58 -32.86 128.34
C ASN AA 52 25.64 -31.85 128.82
N ALA AA 53 25.58 -31.49 130.10
CA ALA AA 53 26.51 -30.52 130.68
C ALA AA 53 26.53 -30.66 132.20
N THR AA 54 26.29 -29.54 132.91
CA THR AA 54 26.23 -29.58 134.38
C THR AA 54 24.96 -28.91 134.87
N ASN AA 55 25.05 -27.59 135.11
CA ASN AA 55 23.90 -26.80 135.57
C ASN AA 55 23.28 -27.34 136.85
N LYS AA 56 24.13 -27.61 137.84
CA LYS AA 56 23.68 -28.10 139.14
C LYS AA 56 24.05 -27.12 140.23
N PHE AA 57 23.86 -25.84 139.96
CA PHE AA 57 24.25 -24.78 140.85
C PHE AA 57 23.55 -23.48 140.45
N SER AA 58 23.72 -22.43 141.25
CA SER AA 58 23.08 -21.15 140.97
C SER AA 58 23.39 -20.68 139.56
N SER AA 59 22.35 -20.49 138.77
CA SER AA 59 22.51 -20.27 137.35
C SER AA 59 23.26 -18.99 137.03
N GLN AA 60 24.23 -19.11 136.12
CA GLN AA 60 24.90 -17.96 135.56
C GLN AA 60 24.62 -17.85 134.06
N ARG AA 61 23.52 -18.47 133.63
CA ARG AA 61 23.15 -18.49 132.23
C ARG AA 61 22.29 -17.29 131.87
N ARG AA 62 22.35 -16.86 130.61
CA ARG AA 62 21.59 -15.70 130.16
C ARG AA 62 20.11 -15.98 130.13
N ARG AA 63 19.74 -17.01 129.38
CA ARG AA 63 18.36 -17.44 129.33
C ARG AA 63 18.23 -18.96 129.36
N HIS AA 64 19.35 -19.65 129.19
CA HIS AA 64 19.34 -21.11 129.23
C HIS AA 64 19.28 -21.56 130.68
N GLY AA 65 18.07 -21.62 131.22
CA GLY AA 65 17.89 -21.83 132.65
C GLY AA 65 16.59 -21.20 133.12
N GLY AA 66 16.15 -20.16 132.42
CA GLY AA 66 14.86 -19.55 132.69
C GLY AA 66 13.87 -19.84 131.57
N GLU AA 67 12.68 -19.24 131.66
CA GLU AA 67 11.67 -19.41 130.62
C GLU AA 67 11.31 -18.05 130.04
N ILE AA 68 10.94 -18.02 128.77
CA ILE AA 68 10.65 -16.74 128.13
C ILE AA 68 9.15 -16.52 128.02
N LYS AA 69 8.68 -15.43 128.60
CA LYS AA 69 7.25 -15.14 128.64
C LYS AA 69 6.85 -14.22 127.50
N PHE AA 70 6.01 -14.71 126.61
CA PHE AA 70 5.47 -13.91 125.53
C PHE AA 70 3.99 -13.64 125.75
N VAL AA 71 3.61 -12.37 125.71
CA VAL AA 71 2.21 -12.00 125.91
C VAL AA 71 1.63 -11.29 124.70
N PHE AA 72 0.52 -11.81 124.20
CA PHE AA 72 -0.08 -11.33 122.98
C PHE AA 72 -1.49 -10.83 123.22
N ASP AA 73 -2.15 -10.40 122.15
CA ASP AA 73 -3.50 -9.89 122.29
C ASP AA 73 -4.51 -11.02 122.23
N LYS AA 74 -4.25 -12.01 121.39
CA LYS AA 74 -5.06 -13.22 121.34
C LYS AA 74 -4.23 -14.45 121.00
N LEU AA 75 -3.60 -15.03 121.99
CA LEU AA 75 -2.84 -16.26 121.79
C LEU AA 75 -3.75 -17.47 121.87
N PHE AA 76 -3.66 -18.29 120.84
CA PHE AA 76 -4.40 -19.54 120.77
C PHE AA 76 -3.44 -20.72 120.70
N ASP AA 77 -3.99 -21.92 120.62
CA ASP AA 77 -3.19 -23.12 120.48
C ASP AA 77 -3.94 -24.18 119.68
N GLU AA 78 -3.42 -25.41 119.67
CA GLU AA 78 -4.01 -26.50 118.91
C GLU AA 78 -5.41 -26.87 119.40
N THR AA 79 -5.72 -26.51 120.64
CA THR AA 79 -7.02 -26.79 121.22
C THR AA 79 -8.12 -25.98 120.55
N SER AA 80 -7.83 -24.74 120.20
CA SER AA 80 -8.85 -23.85 119.66
C SER AA 80 -9.05 -24.06 118.16
N SER AA 81 -10.29 -24.28 117.75
CA SER AA 81 -10.62 -24.48 116.34
C SER AA 81 -10.47 -23.20 115.55
N GLN AA 82 -10.04 -23.33 114.30
CA GLN AA 82 -9.88 -22.18 113.42
C GLN AA 82 -11.22 -21.52 113.12
N ALA AA 83 -12.32 -22.26 113.33
CA ALA AA 83 -13.64 -21.70 113.15
C ALA AA 83 -13.88 -20.55 114.11
N ARG AA 84 -13.28 -20.64 115.29
CA ARG AA 84 -13.39 -19.58 116.27
C ARG AA 84 -12.19 -18.66 116.21
N VAL AA 85 -11.00 -19.22 116.05
CA VAL AA 85 -9.78 -18.40 116.02
C VAL AA 85 -9.86 -17.36 114.93
N TYR AA 86 -10.32 -17.78 113.75
CA TYR AA 86 -10.49 -16.86 112.65
C TYR AA 86 -11.53 -15.81 112.97
N LYS AA 87 -12.75 -16.23 113.30
CA LYS AA 87 -13.85 -15.30 113.49
C LYS AA 87 -13.65 -14.40 114.70
N GLU AA 88 -13.10 -14.96 115.77
CA GLU AA 88 -12.72 -14.20 116.96
C GLU AA 88 -11.86 -13.00 116.61
N THR AA 89 -11.04 -13.14 115.58
CA THR AA 89 -10.06 -12.13 115.24
C THR AA 89 -10.44 -11.32 114.01
N THR AA 90 -11.14 -11.94 113.06
CA THR AA 90 -11.34 -11.32 111.75
C THR AA 90 -12.80 -10.98 111.48
N SER AA 91 -13.72 -11.53 112.26
CA SER AA 91 -15.12 -11.17 112.12
C SER AA 91 -15.33 -9.66 112.28
N PRO AA 92 -14.55 -9.02 113.17
CA PRO AA 92 -14.54 -7.57 113.36
C PRO AA 92 -13.75 -6.87 112.28
N LEU AA 93 -12.77 -7.55 111.70
CA LEU AA 93 -12.03 -6.96 110.59
C LEU AA 93 -12.94 -6.83 109.38
N LEU AA 94 -13.77 -7.85 109.17
CA LEU AA 94 -14.75 -7.82 108.09
C LEU AA 94 -15.78 -6.73 108.32
N ASP AA 95 -16.22 -6.59 109.56
CA ASP AA 95 -17.11 -5.49 109.92
C ASP AA 95 -16.41 -4.14 109.81
N SER AA 96 -15.12 -4.11 110.16
CA SER AA 96 -14.31 -2.89 110.08
C SER AA 96 -14.27 -2.37 108.67
N VAL AA 97 -14.15 -3.28 107.69
CA VAL AA 97 -14.22 -2.93 106.28
C VAL AA 97 -15.45 -2.09 105.95
N LEU AA 98 -16.55 -2.38 106.63
CA LEU AA 98 -17.81 -1.74 106.32
C LEU AA 98 -18.12 -0.59 107.29
N ASP AA 99 -17.11 -0.16 108.04
CA ASP AA 99 -17.25 0.96 108.97
C ASP AA 99 -16.67 2.27 108.40
N GLY AA 100 -16.40 2.29 107.10
CA GLY AA 100 -15.93 3.51 106.42
C GLY AA 100 -14.43 3.47 106.11
N PHE AA 101 -13.81 2.33 106.38
CA PHE AA 101 -12.37 2.17 106.14
C PHE AA 101 -12.05 0.70 105.91
N ASN AA 102 -10.91 0.43 105.29
CA ASN AA 102 -10.58 -0.94 104.87
C ASN AA 102 -9.95 -1.77 105.99
N SER AA 103 -9.60 -3.01 105.68
CA SER AA 103 -8.89 -3.87 106.63
C SER AA 103 -8.04 -4.93 105.93
N THR AA 104 -7.43 -5.82 106.72
CA THR AA 104 -6.51 -6.80 106.18
C THR AA 104 -6.12 -7.90 107.18
N VAL AA 105 -5.77 -9.07 106.65
CA VAL AA 105 -5.39 -10.25 107.45
C VAL AA 105 -3.94 -10.69 107.15
N PHE AA 106 -3.14 -10.89 108.20
CA PHE AA 106 -1.72 -11.27 108.06
C PHE AA 106 -1.45 -12.74 108.38
N ALA AA 107 -0.21 -13.17 108.12
CA ALA AA 107 0.28 -14.52 108.45
C ALA AA 107 1.80 -14.49 108.63
N TYR AA 108 2.38 -15.54 109.22
CA TYR AA 108 3.83 -15.57 109.47
C TYR AA 108 4.33 -16.97 109.86
N GLY AA 109 5.57 -17.31 109.44
CA GLY AA 109 6.20 -18.56 109.88
C GLY AA 109 7.30 -19.07 108.93
N ALA AA 110 7.97 -20.15 109.35
CA ALA AA 110 8.97 -20.82 108.53
C ALA AA 110 8.32 -21.83 107.58
N THR AA 111 9.05 -22.24 106.53
CA THR AA 111 8.48 -23.18 105.57
C THR AA 111 8.13 -24.51 106.19
N GLY AA 112 6.86 -24.83 106.08
CA GLY AA 112 6.30 -26.09 106.45
C GLY AA 112 5.39 -25.87 107.67
N CYS AA 113 5.39 -24.62 108.17
CA CYS AA 113 4.59 -24.26 109.33
C CYS AA 113 3.17 -23.79 108.98
N GLY AA 114 2.46 -24.55 108.16
CA GLY AA 114 1.01 -24.46 108.18
C GLY AA 114 0.36 -23.33 107.42
N LYS AA 115 1.13 -22.51 106.74
CA LYS AA 115 0.50 -21.60 105.82
C LYS AA 115 0.09 -22.49 104.67
N THR AA 116 -0.84 -22.08 103.83
CA THR AA 116 -1.47 -23.03 102.89
C THR AA 116 -2.47 -24.00 103.63
N TYR AA 117 -2.01 -24.74 104.66
CA TYR AA 117 -2.96 -25.54 105.48
C TYR AA 117 -3.93 -24.63 106.30
N THR AA 118 -3.40 -23.60 106.96
CA THR AA 118 -4.24 -22.77 107.86
C THR AA 118 -5.16 -21.81 107.11
N VAL AA 119 -4.81 -21.46 105.88
CA VAL AA 119 -5.67 -20.60 105.06
C VAL AA 119 -6.89 -21.37 104.56
N SER AA 120 -6.81 -22.70 104.60
CA SER AA 120 -7.86 -23.57 104.09
C SER AA 120 -7.72 -24.98 104.67
N GLY AA 121 -6.61 -25.64 104.35
CA GLY AA 121 -6.35 -26.97 104.89
C GLY AA 121 -6.87 -28.03 103.97
N THR AA 122 -7.07 -29.23 104.51
CA THR AA 122 -7.65 -30.31 103.75
C THR AA 122 -9.07 -29.93 103.37
N PRO AA 123 -9.45 -30.18 102.11
CA PRO AA 123 -10.70 -29.76 101.45
C PRO AA 123 -11.97 -30.34 102.08
N SER AA 124 -12.13 -30.12 103.37
CA SER AA 124 -13.34 -30.47 104.11
C SER AA 124 -13.44 -29.61 105.37
N GLN AA 125 -12.47 -28.72 105.57
CA GLN AA 125 -12.40 -27.91 106.76
C GLN AA 125 -12.49 -26.43 106.43
N PRO AA 126 -12.76 -25.60 107.44
CA PRO AA 126 -12.82 -24.15 107.37
C PRO AA 126 -11.44 -23.54 107.51
N GLY AA 127 -11.29 -22.31 107.06
CA GLY AA 127 -10.01 -21.62 107.15
C GLY AA 127 -10.18 -20.15 106.85
N ILE AA 128 -9.08 -19.45 106.65
CA ILE AA 128 -9.11 -18.00 106.47
C ILE AA 128 -10.04 -17.58 105.32
N ILE AA 129 -9.81 -18.12 104.14
CA ILE AA 129 -10.55 -17.70 102.96
C ILE AA 129 -11.98 -18.22 102.98
N PHE AA 130 -12.14 -19.49 103.34
CA PHE AA 130 -13.44 -20.12 103.36
C PHE AA 130 -14.39 -19.39 104.30
N LEU AA 131 -13.95 -19.15 105.53
CA LEU AA 131 -14.78 -18.51 106.53
C LEU AA 131 -15.03 -17.06 106.19
N ALA AA 132 -14.05 -16.41 105.53
CA ALA AA 132 -14.24 -15.05 105.05
C ALA AA 132 -15.45 -14.96 104.16
N MET AA 133 -15.54 -15.87 103.19
CA MET AA 133 -16.64 -15.88 102.26
C MET AA 133 -17.91 -16.43 102.90
N GLU AA 134 -17.77 -17.46 103.73
CA GLU AA 134 -18.94 -18.02 104.41
C GLU AA 134 -19.68 -16.96 105.19
N GLU AA 135 -18.95 -16.26 106.04
CA GLU AA 135 -19.52 -15.22 106.88
C GLU AA 135 -20.04 -14.05 106.06
N LEU AA 136 -19.22 -13.57 105.13
CA LEU AA 136 -19.58 -12.43 104.31
C LEU AA 136 -20.82 -12.72 103.49
N PHE AA 137 -20.84 -13.88 102.84
CA PHE AA 137 -21.95 -14.25 101.97
C PHE AA 137 -23.25 -14.33 102.73
N ASN AA 138 -23.20 -14.86 103.94
CA ASN AA 138 -24.39 -14.89 104.78
C ASN AA 138 -24.86 -13.47 105.08
N LYS AA 139 -23.91 -12.59 105.38
CA LYS AA 139 -24.21 -11.19 105.60
C LYS AA 139 -24.76 -10.53 104.34
N ILE AA 140 -24.23 -10.93 103.19
CA ILE AA 140 -24.68 -10.40 101.92
C ILE AA 140 -26.13 -10.73 101.65
N THR AA 141 -26.48 -12.01 101.82
CA THR AA 141 -27.84 -12.46 101.51
C THR AA 141 -28.83 -12.03 102.58
N ASP AA 142 -28.35 -11.77 103.79
CA ASP AA 142 -29.20 -11.23 104.84
C ASP AA 142 -29.44 -9.74 104.62
N LEU AA 143 -28.43 -9.03 104.14
CA LEU AA 143 -28.51 -7.60 103.95
C LEU AA 143 -28.78 -7.22 102.50
N LYS AA 144 -29.02 -8.22 101.64
CA LYS AA 144 -29.30 -7.99 100.21
C LYS AA 144 -30.56 -7.18 100.00
N ASP AA 145 -31.44 -7.17 101.00
CA ASP AA 145 -32.69 -6.44 100.90
C ASP AA 145 -32.53 -5.00 101.38
N GLU AA 146 -31.35 -4.65 101.87
CA GLU AA 146 -31.09 -3.32 102.37
C GLU AA 146 -30.13 -2.55 101.46
N LYS AA 147 -29.05 -3.22 101.05
CA LYS AA 147 -28.03 -2.57 100.23
C LYS AA 147 -27.74 -3.37 98.97
N ASP AA 148 -27.23 -2.68 97.95
CA ASP AA 148 -26.78 -3.35 96.74
C ASP AA 148 -25.33 -3.78 96.90
N PHE AA 149 -25.02 -4.99 96.44
CA PHE AA 149 -23.67 -5.53 96.62
C PHE AA 149 -22.91 -5.65 95.32
N GLU AA 150 -21.89 -4.81 95.15
CA GLU AA 150 -20.97 -4.94 94.04
C GLU AA 150 -19.57 -5.23 94.56
N ILE AA 151 -19.28 -6.51 94.74
CA ILE AA 151 -18.01 -6.92 95.31
C ILE AA 151 -17.13 -7.57 94.26
N SER AA 152 -15.85 -7.21 94.23
CA SER AA 152 -14.90 -7.77 93.29
C SER AA 152 -13.68 -8.34 93.99
N LEU AA 153 -12.98 -9.23 93.30
CA LEU AA 153 -11.84 -9.91 93.88
C LEU AA 153 -10.56 -9.64 93.10
N SER AA 154 -9.51 -9.28 93.82
CA SER AA 154 -8.21 -9.05 93.23
C SER AA 154 -7.22 -10.11 93.67
N TYR AA 155 -6.50 -10.67 92.70
CA TYR AA 155 -5.57 -11.76 92.97
C TYR AA 155 -4.14 -11.35 92.66
N LEU AA 156 -3.20 -11.81 93.48
CA LEU AA 156 -1.82 -11.32 93.37
C LEU AA 156 -0.80 -12.26 93.99
N GLU AA 157 0.31 -12.50 93.28
CA GLU AA 157 1.44 -13.24 93.84
C GLU AA 157 2.72 -12.40 93.78
N ILE AA 158 3.58 -12.54 94.79
CA ILE AA 158 4.89 -11.90 94.75
C ILE AA 158 5.99 -12.94 94.76
N TYR AA 159 6.81 -12.93 93.71
CA TYR AA 159 7.88 -13.90 93.58
C TYR AA 159 9.08 -13.24 92.91
N ASN AA 160 10.25 -13.32 93.54
CA ASN AA 160 11.44 -12.60 93.07
C ASN AA 160 11.19 -11.10 92.92
N GLU AA 161 10.47 -10.51 93.88
CA GLU AA 161 10.12 -9.10 93.83
C GLU AA 161 9.27 -8.76 92.60
N ARG AA 162 8.62 -9.76 92.02
CA ARG AA 162 7.82 -9.58 90.83
C ARG AA 162 6.36 -9.83 91.13
N ILE AA 163 5.50 -8.97 90.63
CA ILE AA 163 4.08 -9.16 90.81
C ILE AA 163 3.52 -10.02 89.70
N ARG AA 164 2.88 -11.11 90.07
CA ARG AA 164 2.30 -12.01 89.09
C ARG AA 164 0.80 -12.03 89.20
N ASP AA 165 0.13 -12.13 88.07
CA ASP AA 165 -1.30 -12.37 88.06
C ASP AA 165 -1.55 -13.79 88.49
N LEU AA 166 -2.08 -13.93 89.69
CA LEU AA 166 -2.23 -15.21 90.34
C LEU AA 166 -3.03 -16.21 89.51
N LEU AA 167 -4.02 -15.70 88.78
CA LEU AA 167 -4.94 -16.57 88.07
C LEU AA 167 -4.61 -16.69 86.60
N LYS AA 168 -4.01 -15.64 86.04
CA LYS AA 168 -3.59 -15.66 84.66
C LYS AA 168 -2.12 -15.23 84.50
N PRO AA 169 -1.17 -16.17 84.67
CA PRO AA 169 0.26 -15.95 84.51
C PRO AA 169 0.63 -15.68 83.05
N GLU AA 170 -0.32 -15.89 82.15
CA GLU AA 170 -0.17 -15.58 80.74
C GLU AA 170 0.06 -14.09 80.51
N THR AA 171 -0.40 -13.25 81.44
CA THR AA 171 -0.14 -11.81 81.38
C THR AA 171 1.22 -11.48 82.02
N PRO AA 172 2.03 -10.65 81.36
CA PRO AA 172 3.36 -10.28 81.82
C PRO AA 172 3.31 -9.41 83.06
N SER AA 173 4.33 -9.52 83.91
CA SER AA 173 4.40 -8.80 85.17
C SER AA 173 4.49 -7.29 84.97
N LYS AA 174 4.94 -6.87 83.79
CA LYS AA 174 5.02 -5.47 83.43
C LYS AA 174 3.62 -4.83 83.41
N ARG AA 175 2.58 -5.65 83.31
CA ARG AA 175 1.22 -5.17 83.24
C ARG AA 175 0.60 -5.00 84.61
N LEU AA 176 1.38 -5.27 85.66
CA LEU AA 176 0.89 -5.12 87.02
C LEU AA 176 1.66 -4.06 87.77
N VAL AA 177 0.99 -2.94 88.02
CA VAL AA 177 1.59 -1.83 88.74
C VAL AA 177 0.79 -1.52 89.97
N ILE AA 178 1.45 -1.44 91.10
CA ILE AA 178 0.75 -1.23 92.37
C ILE AA 178 0.77 0.23 92.78
N ARG AA 179 -0.41 0.85 92.74
CA ARG AA 179 -0.58 2.22 93.18
C ARG AA 179 -1.73 2.33 94.18
N GLU AA 180 -1.81 3.47 94.86
CA GLU AA 180 -2.93 3.74 95.76
C GLU AA 180 -3.40 5.17 95.61
N ASP AA 181 -4.66 5.42 95.94
CA ASP AA 181 -5.23 6.77 95.83
C ASP AA 181 -5.09 7.57 97.12
N THR AA 182 -5.46 8.85 97.04
CA THR AA 182 -5.62 9.68 98.21
C THR AA 182 -6.92 9.34 98.93
N GLN AA 183 -7.80 8.63 98.22
CA GLN AA 183 -9.01 8.08 98.79
C GLN AA 183 -8.77 6.65 99.33
N ASN AA 184 -7.52 6.18 99.24
CA ASN AA 184 -7.15 4.83 99.63
C ASN AA 184 -7.80 3.78 98.74
N HIS AA 185 -8.01 4.13 97.48
CA HIS AA 185 -8.48 3.18 96.49
C HIS AA 185 -7.31 2.37 95.95
N ILE AA 186 -7.53 1.07 95.75
CA ILE AA 186 -6.48 0.18 95.27
C ILE AA 186 -6.32 0.29 93.77
N LYS AA 187 -5.20 0.84 93.33
CA LYS AA 187 -4.98 1.08 91.93
C LYS AA 187 -3.96 0.11 91.34
N VAL AA 188 -4.42 -1.06 90.93
CA VAL AA 188 -3.55 -2.03 90.29
C VAL AA 188 -3.88 -2.15 88.81
N ALA AA 189 -2.85 -2.18 87.98
CA ALA AA 189 -2.99 -2.22 86.53
C ALA AA 189 -3.60 -3.55 86.04
N ASN AA 190 -3.53 -3.79 84.72
CA ASN AA 190 -4.27 -4.87 84.08
C ASN AA 190 -4.14 -6.20 84.83
N LEU AA 191 -5.23 -6.62 85.43
CA LEU AA 191 -5.25 -7.82 86.25
C LEU AA 191 -6.55 -8.57 86.04
N SER AA 192 -6.48 -9.91 86.04
CA SER AA 192 -7.69 -10.70 85.88
C SER AA 192 -8.55 -10.62 87.15
N TYR AA 193 -9.44 -9.62 87.17
CA TYR AA 193 -10.36 -9.43 88.29
C TYR AA 193 -11.58 -10.32 88.14
N HIS AA 194 -12.13 -10.76 89.27
CA HIS AA 194 -13.30 -11.64 89.27
C HIS AA 194 -14.29 -11.23 90.33
N HIS AA 195 -15.38 -11.96 90.43
CA HIS AA 195 -16.42 -11.65 91.41
C HIS AA 195 -16.82 -12.89 92.20
N PRO AA 196 -17.16 -12.71 93.48
CA PRO AA 196 -17.50 -13.70 94.48
C PRO AA 196 -18.92 -14.21 94.31
N ASN AA 197 -19.17 -14.84 93.17
CA ASN AA 197 -20.50 -15.36 92.86
C ASN AA 197 -20.90 -16.48 93.82
N THR AA 198 -19.93 -17.30 94.18
CA THR AA 198 -20.13 -18.34 95.18
C THR AA 198 -18.78 -18.87 95.65
N VAL AA 199 -18.76 -19.36 96.88
CA VAL AA 199 -17.50 -19.71 97.54
C VAL AA 199 -16.81 -20.84 96.84
N GLU AA 200 -17.59 -21.68 96.17
CA GLU AA 200 -17.05 -22.77 95.40
C GLU AA 200 -16.14 -22.27 94.30
N ASP AA 201 -16.65 -21.35 93.49
CA ASP AA 201 -15.88 -20.75 92.42
C ASP AA 201 -14.74 -19.89 92.96
N VAL AA 202 -14.99 -19.21 94.08
CA VAL AA 202 -13.94 -18.42 94.73
C VAL AA 202 -12.78 -19.31 95.12
N MET AA 203 -13.08 -20.40 95.81
CA MET AA 203 -12.06 -21.33 96.27
C MET AA 203 -11.40 -22.06 95.10
N ASP AA 204 -12.16 -22.30 94.03
CA ASP AA 204 -11.59 -22.89 92.83
C ASP AA 204 -10.54 -21.98 92.22
N LEU AA 205 -10.80 -20.67 92.24
CA LEU AA 205 -9.82 -19.70 91.77
C LEU AA 205 -8.64 -19.64 92.71
N VAL AA 206 -8.89 -19.75 94.01
CA VAL AA 206 -7.82 -19.82 95.01
C VAL AA 206 -6.90 -21.01 94.75
N VAL AA 207 -7.50 -22.16 94.45
CA VAL AA 207 -6.73 -23.35 94.08
C VAL AA 207 -5.97 -23.14 92.79
N GLN AA 208 -6.64 -22.56 91.79
CA GLN AA 208 -5.99 -22.22 90.53
C GLN AA 208 -4.79 -21.32 90.76
N GLY AA 209 -4.96 -20.38 91.69
CA GLY AA 209 -3.89 -19.50 92.09
C GLY AA 209 -2.75 -20.29 92.72
N ASN AA 210 -3.09 -21.17 93.66
CA ASN AA 210 -2.10 -21.96 94.36
C ASN AA 210 -1.35 -22.89 93.41
N ILE AA 211 -2.02 -23.35 92.36
CA ILE AA 211 -1.38 -24.09 91.28
C ILE AA 211 -0.37 -23.21 90.55
N ASN AA 212 -0.75 -21.97 90.29
CA ASN AA 212 0.08 -21.03 89.54
C ASN AA 212 1.25 -20.48 90.35
N ARG AA 213 1.16 -20.56 91.68
CA ARG AA 213 2.24 -20.10 92.54
C ARG AA 213 3.53 -20.89 92.29
N THR AA 214 4.65 -20.17 92.20
CA THR AA 214 5.93 -20.79 91.86
C THR AA 214 6.64 -21.31 93.11
N THR AA 215 6.87 -22.62 93.15
CA THR AA 215 7.22 -23.30 94.39
C THR AA 215 8.66 -23.80 94.45
N SER AA 216 9.05 -24.25 95.65
CA SER AA 216 10.31 -24.95 95.87
C SER AA 216 10.25 -26.37 95.36
N PRO AA 217 11.36 -26.87 94.83
CA PRO AA 217 11.49 -28.30 94.57
C PRO AA 217 12.63 -28.91 95.37
N THR AA 218 12.80 -28.46 96.62
CA THR AA 218 13.98 -28.83 97.38
C THR AA 218 13.66 -29.61 98.67
N GLU AA 219 13.15 -28.89 99.67
CA GLU AA 219 12.95 -29.47 101.01
C GLU AA 219 11.80 -30.46 101.09
N ALA AA 220 11.58 -31.00 102.30
CA ALA AA 220 10.50 -31.94 102.55
C ALA AA 220 9.13 -31.30 102.25
N ASN AA 221 8.99 -30.02 102.58
CA ASN AA 221 7.91 -29.25 101.97
C ASN AA 221 8.38 -28.95 100.56
N GLU AA 222 7.90 -29.74 99.61
CA GLU AA 222 8.27 -29.59 98.21
C GLU AA 222 7.07 -29.16 97.39
N VAL AA 223 5.93 -29.11 98.05
CA VAL AA 223 4.83 -28.33 97.53
C VAL AA 223 5.14 -26.88 97.84
N SER AA 224 5.55 -26.62 99.08
CA SER AA 224 6.31 -25.42 99.47
C SER AA 224 6.13 -24.24 98.56
N SER AA 225 4.92 -23.73 98.57
CA SER AA 225 4.55 -22.48 97.92
C SER AA 225 5.70 -21.56 97.51
N ARG AA 226 6.52 -21.16 98.48
CA ARG AA 226 7.69 -20.31 98.23
C ARG AA 226 7.37 -19.03 97.49
N SER AA 227 6.21 -18.44 97.77
CA SER AA 227 5.89 -17.14 97.22
C SER AA 227 4.82 -16.46 98.05
N HIS AA 228 4.76 -15.14 97.97
CA HIS AA 228 3.77 -14.39 98.71
C HIS AA 228 2.53 -14.25 97.87
N ALA AA 229 1.43 -13.90 98.48
CA ALA AA 229 0.20 -13.69 97.72
C ALA AA 229 -0.76 -12.81 98.48
N VAL AA 230 -1.51 -12.00 97.75
CA VAL AA 230 -2.51 -11.18 98.38
C VAL AA 230 -3.84 -11.24 97.65
N LEU AA 231 -4.89 -11.59 98.39
CA LEU AA 231 -6.23 -11.65 97.83
C LEU AA 231 -7.08 -10.53 98.42
N GLN AA 232 -7.51 -9.61 97.58
CA GLN AA 232 -8.18 -8.44 98.08
C GLN AA 232 -9.64 -8.41 97.66
N ILE AA 233 -10.51 -8.23 98.64
CA ILE AA 233 -11.93 -8.14 98.40
C ILE AA 233 -12.34 -6.68 98.37
N HIS AA 234 -12.82 -6.23 97.22
CA HIS AA 234 -13.21 -4.83 97.06
C HIS AA 234 -14.70 -4.68 97.10
N ILE AA 235 -15.22 -4.15 98.20
CA ILE AA 235 -16.65 -4.09 98.42
C ILE AA 235 -17.22 -2.71 98.09
N MET AA 236 -18.00 -2.64 97.01
CA MET AA 236 -18.65 -1.40 96.63
C MET AA 236 -20.17 -1.54 96.74
N GLN AA 237 -20.68 -1.44 97.95
CA GLN AA 237 -22.11 -1.48 98.14
C GLN AA 237 -22.72 -0.13 97.88
N THR AA 238 -23.99 -0.10 97.48
CA THR AA 238 -24.69 1.15 97.25
C THR AA 238 -26.05 1.16 97.91
N ASN AA 239 -26.67 2.32 97.97
CA ASN AA 239 -27.95 2.48 98.64
C ASN AA 239 -29.11 2.13 97.73
N LYS AA 240 -30.19 1.64 98.33
CA LYS AA 240 -31.43 1.39 97.60
C LYS AA 240 -32.42 2.54 97.78
N LEU AA 241 -32.07 3.50 98.66
CA LEU AA 241 -32.95 4.61 98.96
C LEU AA 241 -32.38 5.93 98.47
N VAL AA 242 -33.28 6.89 98.22
CA VAL AA 242 -32.87 8.22 97.79
C VAL AA 242 -33.07 9.24 98.91
N ASP AA 243 -31.99 9.87 99.31
CA ASP AA 243 -32.04 10.90 100.34
C ASP AA 243 -30.86 11.84 100.24
N LEU AA 244 -30.83 12.85 101.12
CA LEU AA 244 -29.83 13.91 101.06
C LEU AA 244 -28.40 13.40 101.29
N THR AA 245 -28.26 12.24 101.92
CA THR AA 245 -26.95 11.73 102.28
C THR AA 245 -26.60 10.46 101.50
N SER AA 246 -27.45 10.09 100.54
CA SER AA 246 -27.26 8.85 99.78
C SER AA 246 -25.94 8.83 99.00
N GLN AA 247 -24.84 8.58 99.69
CA GLN AA 247 -23.53 8.45 99.06
C GLN AA 247 -22.73 7.33 99.71
N HIS AA 248 -23.09 6.09 99.39
CA HIS AA 248 -22.45 4.94 100.00
C HIS AA 248 -20.98 4.84 99.56
N THR AA 249 -20.09 4.71 100.53
CA THR AA 249 -18.67 4.61 100.26
C THR AA 249 -18.25 3.16 100.03
N PHE AA 250 -16.99 2.95 99.68
CA PHE AA 250 -16.46 1.62 99.41
C PHE AA 250 -15.22 1.34 100.24
N ALA AA 251 -14.88 0.06 100.39
CA ALA AA 251 -13.70 -0.34 101.14
C ALA AA 251 -13.31 -1.77 100.82
N THR AA 252 -12.12 -2.19 101.28
CA THR AA 252 -11.59 -3.48 100.85
C THR AA 252 -11.08 -4.33 102.02
N LEU AA 253 -10.82 -5.62 101.74
CA LEU AA 253 -10.21 -6.53 102.70
C LEU AA 253 -9.05 -7.27 102.06
N SER AA 254 -7.83 -7.02 102.55
CA SER AA 254 -6.65 -7.68 101.99
C SER AA 254 -6.32 -8.97 102.75
N ILE AA 255 -6.14 -10.06 102.02
CA ILE AA 255 -5.69 -11.32 102.61
C ILE AA 255 -4.23 -11.56 102.29
N ILE AA 256 -3.37 -11.41 103.28
CA ILE AA 256 -1.94 -11.41 103.06
C ILE AA 256 -1.31 -12.77 103.27
N ASP AA 257 -0.53 -13.21 102.30
CA ASP AA 257 0.17 -14.48 102.41
C ASP AA 257 1.67 -14.29 102.16
N LEU AA 258 2.46 -15.15 102.77
CA LEU AA 258 3.92 -15.08 102.69
C LEU AA 258 4.50 -16.39 102.18
N ALA AA 259 5.70 -16.29 101.58
CA ALA AA 259 6.40 -17.42 101.00
C ALA AA 259 6.79 -18.46 102.02
N GLY AA 260 7.24 -18.00 103.19
CA GLY AA 260 7.84 -18.87 104.18
C GLY AA 260 9.35 -18.74 104.14
N SER AA 261 9.98 -18.77 105.31
CA SER AA 261 11.43 -18.58 105.36
C SER AA 261 12.13 -19.61 106.23
N GLU AA 262 13.10 -20.30 105.62
CA GLU AA 262 13.93 -21.29 106.30
C GLU AA 262 15.09 -20.63 107.04
N ARG AA 263 15.82 -21.43 107.81
CA ARG AA 263 17.03 -20.96 108.50
C ARG AA 263 17.95 -20.24 107.54
N ALA AA 264 18.61 -19.19 108.03
CA ALA AA 264 19.48 -18.30 107.25
C ALA AA 264 20.13 -19.00 106.05
N ALA AA 265 20.72 -20.18 106.28
CA ALA AA 265 21.30 -20.93 105.18
C ALA AA 265 21.02 -22.42 105.34
N ALA AA 266 20.35 -22.99 104.33
CA ALA AA 266 20.08 -24.41 104.29
C ALA AA 266 21.25 -25.18 103.71
N THR AA 267 21.25 -26.49 103.91
CA THR AA 267 22.36 -27.35 103.54
C THR AA 267 22.53 -27.47 102.02
N ARG AA 268 21.50 -27.11 101.28
CA ARG AA 268 21.57 -27.14 99.82
C ARG AA 268 21.13 -25.82 99.22
N ASN AA 269 21.33 -24.73 99.96
CA ASN AA 269 20.87 -23.43 99.50
C ASN AA 269 21.76 -22.88 98.40
N ARG AA 270 21.43 -23.21 97.14
CA ARG AA 270 22.23 -22.78 95.98
C ARG AA 270 21.39 -22.10 94.89
N GLY AA 271 22.01 -21.15 94.18
CA GLY AA 271 21.46 -20.59 92.95
C GLY AA 271 20.17 -19.81 93.19
N ILE AA 272 19.10 -20.26 92.54
CA ILE AA 272 17.80 -19.62 92.65
C ILE AA 272 17.25 -19.72 94.06
N ARG AA 273 17.71 -20.72 94.82
CA ARG AA 273 17.27 -20.88 96.18
C ARG AA 273 17.81 -19.74 97.04
N LEU AA 274 19.07 -19.36 96.80
CA LEU AA 274 19.65 -18.19 97.43
C LEU AA 274 18.95 -16.93 97.00
N HIS AA 275 18.65 -16.84 95.71
CA HIS AA 275 18.10 -15.64 95.13
C HIS AA 275 16.69 -15.35 95.62
N GLU AA 276 15.80 -16.33 95.51
CA GLU AA 276 14.44 -16.14 96.00
C GLU AA 276 14.41 -16.05 97.51
N GLY AA 277 15.26 -16.83 98.18
CA GLY AA 277 15.34 -16.79 99.63
C GLY AA 277 15.67 -15.39 100.12
N ALA AA 278 16.61 -14.73 99.43
CA ALA AA 278 16.94 -13.35 99.72
C ALA AA 278 15.74 -12.46 99.49
N ASN AA 279 15.08 -12.64 98.36
CA ASN AA 279 13.94 -11.83 98.00
C ASN AA 279 12.80 -11.98 99.01
N ILE AA 280 12.63 -13.20 99.53
CA ILE AA 280 11.63 -13.46 100.57
C ILE AA 280 11.98 -12.74 101.84
N ASN AA 281 13.22 -12.89 102.28
CA ASN AA 281 13.65 -12.30 103.53
C ASN AA 281 13.66 -10.79 103.46
N ARG AA 282 13.99 -10.25 102.29
CA ARG AA 282 13.93 -8.81 102.07
C ARG AA 282 12.50 -8.31 102.17
N SER AA 283 11.56 -9.09 101.62
CA SER AA 283 10.16 -8.75 101.69
C SER AA 283 9.66 -8.80 103.13
N LEU AA 284 10.11 -9.80 103.88
CA LEU AA 284 9.76 -9.92 105.29
C LEU AA 284 10.34 -8.79 106.11
N LEU AA 285 11.57 -8.40 105.77
CA LEU AA 285 12.20 -7.24 106.38
C LEU AA 285 11.41 -5.99 106.13
N ALA AA 286 10.97 -5.81 104.89
CA ALA AA 286 10.18 -4.65 104.51
C ALA AA 286 8.92 -4.55 105.34
N LEU AA 287 8.27 -5.68 105.56
CA LEU AA 287 7.09 -5.71 106.42
C LEU AA 287 7.46 -5.34 107.84
N GLY AA 288 8.56 -5.91 108.34
CA GLY AA 288 9.03 -5.61 109.68
C GLY AA 288 9.31 -4.14 109.84
N ASN AA 289 9.94 -3.54 108.83
CA ASN AA 289 10.25 -2.12 108.87
C ASN AA 289 8.99 -1.28 108.96
N CYS AA 290 8.01 -1.59 108.11
CA CYS AA 290 6.79 -0.82 108.07
C CYS AA 290 5.94 -1.01 109.30
N ILE AA 291 5.86 -2.24 109.79
CA ILE AA 291 5.09 -2.54 110.99
C ILE AA 291 5.68 -1.87 112.21
N ASN AA 292 6.99 -1.99 112.36
CA ASN AA 292 7.67 -1.40 113.50
C ASN AA 292 7.64 0.11 113.43
N ALA AA 293 7.83 0.66 112.24
CA ALA AA 293 7.73 2.10 112.06
C ALA AA 293 6.33 2.59 112.40
N LEU AA 294 5.33 1.86 111.91
CA LEU AA 294 3.94 2.23 112.14
C LEU AA 294 3.60 2.28 113.62
N CYS AA 295 3.89 1.20 114.33
CA CYS AA 295 3.56 1.09 115.74
C CYS AA 295 4.31 2.10 116.58
N LEU AA 296 5.61 2.23 116.33
CA LEU AA 296 6.43 3.16 117.08
C LEU AA 296 6.03 4.60 116.79
N ASN AA 297 5.66 4.87 115.55
CA ASN AA 297 5.26 6.21 115.17
C ASN AA 297 3.83 6.52 115.57
N ASP AA 298 3.03 5.49 115.85
CA ASP AA 298 1.75 5.69 116.50
C ASP AA 298 1.94 6.10 117.96
N GLY AA 299 3.01 5.60 118.57
CA GLY AA 299 3.43 6.06 119.89
C GLY AA 299 3.93 7.51 119.84
N SER AA 300 4.54 7.86 118.71
CA SER AA 300 5.05 9.21 118.49
C SER AA 300 4.00 10.10 117.81
N ARG AA 301 4.48 11.19 117.19
CA ARG AA 301 3.59 12.15 116.56
C ARG AA 301 3.64 12.09 115.03
N SER AA 302 4.81 11.75 114.49
CA SER AA 302 5.00 11.74 113.05
C SER AA 302 5.25 10.34 112.52
N CYS AA 303 4.59 9.99 111.42
CA CYS AA 303 4.64 8.63 110.90
C CYS AA 303 5.22 8.56 109.51
N HIS AA 304 6.56 8.51 109.43
CA HIS AA 304 7.22 8.24 108.16
C HIS AA 304 7.48 6.74 108.04
N ILE AA 305 6.76 6.10 107.14
CA ILE AA 305 6.83 4.65 107.00
C ILE AA 305 7.38 4.27 105.63
N PRO AA 306 8.33 3.33 105.59
CA PRO AA 306 9.14 2.95 104.42
C PRO AA 306 8.38 2.00 103.52
N TYR AA 307 7.30 2.51 102.92
CA TYR AA 307 6.42 1.72 102.06
C TYR AA 307 7.07 1.37 100.72
N ARG AA 308 8.24 1.94 100.46
CA ARG AA 308 8.93 1.70 99.21
C ARG AA 308 9.98 0.59 99.32
N ASP AA 309 10.09 -0.03 100.50
CA ASP AA 309 11.02 -1.14 100.67
C ASP AA 309 10.60 -2.35 99.84
N SER AA 310 9.31 -2.58 99.72
CA SER AA 310 8.79 -3.67 98.90
C SER AA 310 7.52 -3.29 98.19
N LYS AA 311 7.23 -4.01 97.11
CA LYS AA 311 5.98 -3.83 96.39
C LYS AA 311 4.81 -4.26 97.26
N LEU AA 312 5.07 -5.14 98.22
CA LEU AA 312 4.06 -5.55 99.17
C LEU AA 312 3.71 -4.41 100.10
N THR AA 313 4.73 -3.65 100.51
CA THR AA 313 4.51 -2.52 101.40
C THR AA 313 3.82 -1.37 100.66
N ARG AA 314 4.04 -1.29 99.34
CA ARG AA 314 3.23 -0.42 98.51
C ARG AA 314 1.79 -0.92 98.45
N LEU AA 315 1.65 -2.22 98.28
CA LEU AA 315 0.33 -2.86 98.21
C LEU AA 315 -0.44 -2.67 99.51
N LEU AA 316 0.29 -2.68 100.62
CA LEU AA 316 -0.30 -2.52 101.93
C LEU AA 316 -0.12 -1.10 102.46
N LYS AA 317 0.14 -0.16 101.55
CA LYS AA 317 0.39 1.23 101.92
C LYS AA 317 -0.67 1.80 102.83
N PHE AA 318 -1.92 1.40 102.63
CA PHE AA 318 -3.00 1.90 103.46
C PHE AA 318 -3.68 0.78 104.22
N SER AA 319 -3.71 -0.42 103.65
CA SER AA 319 -4.21 -1.60 104.35
C SER AA 319 -3.46 -1.79 105.67
N LEU AA 320 -2.16 -1.55 105.65
CA LEU AA 320 -1.37 -1.49 106.88
C LEU AA 320 -0.81 -0.09 107.09
N GLY AA 321 -1.56 0.77 107.77
CA GLY AA 321 -1.03 2.07 108.15
C GLY AA 321 -2.08 3.16 108.25
N GLY AA 322 -3.16 3.04 107.48
CA GLY AA 322 -4.19 4.06 107.46
C GLY AA 322 -5.09 3.95 108.69
N ASN AA 323 -6.21 4.67 108.66
CA ASN AA 323 -7.16 4.62 109.76
C ASN AA 323 -7.93 3.31 109.74
N CYS AA 324 -7.27 2.23 110.14
CA CYS AA 324 -7.82 0.90 109.96
C CYS AA 324 -7.26 -0.08 110.97
N LYS AA 325 -7.81 -1.29 110.94
CA LYS AA 325 -7.43 -2.32 111.90
C LYS AA 325 -7.02 -3.61 111.20
N THR AA 326 -6.15 -4.37 111.85
CA THR AA 326 -5.68 -5.64 111.31
C THR AA 326 -5.24 -6.60 112.40
N VAL AA 327 -5.19 -7.88 112.05
CA VAL AA 327 -4.71 -8.90 112.95
C VAL AA 327 -3.48 -9.60 112.38
N MET AA 328 -2.44 -9.66 113.20
CA MET AA 328 -1.24 -10.41 112.87
C MET AA 328 -1.42 -11.86 113.25
N ILE AA 329 -1.13 -12.76 112.32
CA ILE AA 329 -1.23 -14.19 112.63
C ILE AA 329 0.12 -14.86 112.50
N VAL AA 330 0.52 -15.58 113.53
CA VAL AA 330 1.80 -16.28 113.47
C VAL AA 330 1.63 -17.76 113.76
N CYS AA 331 2.22 -18.59 112.90
CA CYS AA 331 2.19 -20.03 113.08
C CYS AA 331 3.39 -20.50 113.87
N ILE AA 332 3.12 -21.27 114.92
CA ILE AA 332 4.14 -21.67 115.88
C ILE AA 332 4.37 -23.18 115.90
N SER AA 333 5.65 -23.59 115.97
CA SER AA 333 6.00 -25.00 116.12
C SER AA 333 6.47 -25.31 117.55
N PRO AA 334 6.00 -26.42 118.11
CA PRO AA 334 6.40 -26.86 119.46
C PRO AA 334 7.67 -27.70 119.45
N SER AA 335 8.22 -27.97 118.26
CA SER AA 335 9.41 -28.79 118.16
C SER AA 335 10.68 -27.98 118.35
N SER AA 336 11.66 -28.58 119.01
CA SER AA 336 12.97 -27.97 119.19
C SER AA 336 13.76 -27.94 117.88
N SER AA 337 13.28 -28.67 116.87
CA SER AA 337 13.84 -28.59 115.52
C SER AA 337 13.54 -27.23 114.89
N HIS AA 338 12.58 -26.51 115.46
CA HIS AA 338 12.28 -25.15 115.04
C HIS AA 338 12.55 -24.18 116.18
N TYR AA 339 13.47 -24.56 117.08
CA TYR AA 339 13.75 -23.79 118.29
C TYR AA 339 14.11 -22.35 117.98
N ASP AA 340 15.07 -22.16 117.08
CA ASP AA 340 15.54 -20.84 116.75
C ASP AA 340 14.51 -20.09 115.93
N GLU AA 341 13.94 -20.77 114.95
CA GLU AA 341 13.00 -20.16 114.04
C GLU AA 341 11.76 -19.70 114.77
N THR AA 342 11.17 -20.59 115.56
CA THR AA 342 9.98 -20.28 116.32
C THR AA 342 10.23 -19.18 117.33
N LEU AA 343 11.33 -19.30 118.07
CA LEU AA 343 11.66 -18.31 119.09
C LEU AA 343 11.84 -16.94 118.48
N ASN AA 344 12.55 -16.87 117.36
CA ASN AA 344 12.81 -15.59 116.70
C ASN AA 344 11.55 -14.97 116.12
N THR AA 345 10.68 -15.80 115.55
CA THR AA 345 9.42 -15.31 115.00
C THR AA 345 8.43 -14.92 116.11
N LEU AA 346 8.55 -15.54 117.28
CA LEU AA 346 7.80 -15.10 118.44
C LEU AA 346 8.20 -13.72 118.90
N LYS AA 347 9.52 -13.48 118.96
CA LYS AA 347 10.03 -12.18 119.31
C LYS AA 347 9.59 -11.14 118.31
N TYR AA 348 9.63 -11.50 117.03
CA TYR AA 348 9.16 -10.64 115.95
C TYR AA 348 7.73 -10.18 116.20
N ALA AA 349 6.85 -11.14 116.50
CA ALA AA 349 5.45 -10.84 116.74
C ALA AA 349 5.29 -9.90 117.92
N ASN AA 350 6.09 -10.12 118.96
CA ASN AA 350 6.03 -9.28 120.15
C ASN AA 350 6.52 -7.86 119.84
N ARG AA 351 7.55 -7.75 119.00
CA ARG AA 351 8.04 -6.44 118.58
C ARG AA 351 7.00 -5.73 117.73
N ALA AA 352 6.33 -6.50 116.87
CA ALA AA 352 5.24 -5.98 116.05
C ALA AA 352 4.10 -5.48 116.94
N LYS AA 353 3.84 -6.20 118.02
CA LYS AA 353 2.81 -5.82 118.98
C LYS AA 353 3.13 -4.47 119.62
N GLU AA 354 4.39 -4.28 120.01
CA GLU AA 354 4.84 -3.03 120.61
C GLU AA 354 5.52 -2.14 119.59
#